data_2Q4K
#
_entry.id   2Q4K
#
_cell.length_a   62.547
_cell.length_b   116.809
_cell.length_c   123.635
_cell.angle_alpha   90.000
_cell.angle_beta   90.000
_cell.angle_gamma   90.000
#
_symmetry.space_group_name_H-M   'P 21 21 21'
#
loop_
_entity.id
_entity.type
_entity.pdbx_description
1 polymer 'Uncharacterized protein C11orf68'
2 water water
#
_entity_poly.entity_id   1
_entity_poly.type   'polypeptide(L)'
_entity_poly.pdbx_seq_one_letter_code
;(MSE)EPGEELEEEGSPGGREDGFTAEHLAAEA(MSE)AAD(MSE)DPWLVFDARTTPATELDAWLAKYPPSQVTRYGDP
GSPNSEPVGWIAVYGQGYSPNSGDVQGLQAAWEALQTSGRPITPGTLRQLAITHHVLSGKWL(MSE)HLAPGFKLDHAWA
GIARAVVEGRLQVAKVSPRAKEGGRQVICVYTDDFTDRLGVLEADSAIRAAGIKCLLTYKPDVYTYLGIYRANRWHLCPT
LYESRFQLGGSARGSRVLDRANNVELT
;
_entity_poly.pdbx_strand_id   A,B,C
#
# COMPACT_ATOMS: atom_id res chain seq x y z
N GLU A 17 20.17 -4.01 51.51
CA GLU A 17 20.13 -2.55 51.21
C GLU A 17 20.61 -2.27 49.79
N ASP A 18 21.27 -3.26 49.20
CA ASP A 18 21.80 -3.18 47.84
C ASP A 18 20.86 -2.52 46.83
N GLY A 19 20.07 -3.35 46.16
CA GLY A 19 19.13 -2.86 45.16
C GLY A 19 18.15 -1.88 45.76
N PHE A 20 18.20 -1.73 47.08
CA PHE A 20 17.33 -0.82 47.79
C PHE A 20 17.77 0.63 47.65
N THR A 21 18.80 0.89 46.85
CA THR A 21 19.29 2.24 46.66
C THR A 21 18.40 3.02 45.70
N ALA A 22 18.47 4.35 45.80
CA ALA A 22 17.69 5.21 44.92
C ALA A 22 18.04 4.99 43.46
N GLU A 23 19.33 5.00 43.13
CA GLU A 23 19.77 4.80 41.76
C GLU A 23 19.29 3.48 41.18
N HIS A 24 19.48 2.39 41.93
CA HIS A 24 19.06 1.07 41.49
C HIS A 24 17.54 0.91 41.38
N LEU A 25 16.80 1.27 42.43
CA LEU A 25 15.35 1.16 42.41
C LEU A 25 14.74 2.01 41.31
N ALA A 26 15.46 3.03 40.87
CA ALA A 26 14.96 3.91 39.82
C ALA A 26 14.96 3.18 38.48
N ALA A 27 16.07 2.51 38.17
CA ALA A 27 16.20 1.78 36.92
C ALA A 27 15.40 0.48 36.97
N GLU A 28 15.11 0.01 38.17
CA GLU A 28 14.38 -1.22 38.35
C GLU A 28 12.89 -1.00 38.11
N ALA A 29 12.45 0.25 38.19
CA ALA A 29 11.05 0.58 38.00
C ALA A 29 10.67 0.93 36.56
N MSE A 30 11.66 1.05 35.69
CA MSE A 30 11.39 1.39 34.30
C MSE A 30 10.72 0.25 33.53
O MSE A 30 11.08 -0.92 33.69
CB MSE A 30 12.69 1.80 33.59
CG MSE A 30 13.35 3.04 34.17
SE MSE A 30 12.26 4.66 34.01
CE MSE A 30 13.09 5.45 32.44
N ALA A 31 9.72 0.61 32.72
CA ALA A 31 8.98 -0.36 31.92
C ALA A 31 8.86 0.14 30.49
N ALA A 32 8.47 -0.74 29.58
CA ALA A 32 8.31 -0.37 28.17
C ALA A 32 7.47 0.90 28.09
N ASP A 33 6.29 0.87 28.69
CA ASP A 33 5.40 2.05 28.71
C ASP A 33 4.79 2.26 30.09
N MSE A 34 4.91 3.48 30.60
CA MSE A 34 4.41 3.81 31.92
C MSE A 34 3.12 4.63 31.90
O MSE A 34 2.58 4.97 32.96
CB MSE A 34 5.49 4.55 32.70
CG MSE A 34 6.87 3.93 32.56
SE MSE A 34 8.16 4.60 33.86
CE MSE A 34 7.90 3.23 35.21
N ASP A 35 2.63 4.94 30.71
CA ASP A 35 1.44 5.76 30.58
C ASP A 35 0.14 4.99 30.77
N PRO A 36 -0.94 5.69 31.14
CA PRO A 36 -2.17 4.93 31.30
C PRO A 36 -2.66 4.44 29.93
N TRP A 37 -3.80 3.76 29.93
CA TRP A 37 -4.40 3.23 28.70
C TRP A 37 -5.87 3.62 28.64
N LEU A 38 -6.35 3.99 27.46
CA LEU A 38 -7.77 4.33 27.28
C LEU A 38 -8.47 3.00 27.01
N VAL A 39 -9.23 2.53 27.98
CA VAL A 39 -9.87 1.24 27.86
C VAL A 39 -11.37 1.23 28.04
N PHE A 40 -12.02 0.39 27.26
CA PHE A 40 -13.46 0.18 27.38
C PHE A 40 -13.57 -1.29 27.72
N ASP A 41 -14.01 -1.60 28.94
CA ASP A 41 -14.12 -2.99 29.35
C ASP A 41 -15.56 -3.49 29.22
N ALA A 42 -15.79 -4.44 28.32
CA ALA A 42 -17.13 -4.98 28.11
C ALA A 42 -17.61 -5.73 29.35
N ARG A 43 -16.67 -6.29 30.11
CA ARG A 43 -17.01 -7.02 31.32
C ARG A 43 -17.72 -6.07 32.28
N THR A 44 -16.99 -5.06 32.74
CA THR A 44 -17.52 -4.09 33.68
C THR A 44 -18.46 -3.08 33.04
N THR A 45 -18.36 -2.88 31.74
CA THR A 45 -19.20 -1.92 31.05
C THR A 45 -19.90 -2.51 29.82
N PRO A 46 -21.24 -2.54 29.82
CA PRO A 46 -22.09 -3.06 28.75
C PRO A 46 -21.89 -2.42 27.38
N ALA A 47 -22.82 -2.68 26.47
CA ALA A 47 -22.72 -2.15 25.11
C ALA A 47 -23.61 -0.94 24.85
N THR A 48 -24.04 -0.27 25.91
CA THR A 48 -24.87 0.91 25.73
C THR A 48 -24.01 2.16 25.88
N GLU A 49 -22.74 1.98 26.19
CA GLU A 49 -21.87 3.12 26.37
C GLU A 49 -20.82 3.26 25.26
N LEU A 50 -20.36 2.12 24.72
CA LEU A 50 -19.37 2.13 23.65
C LEU A 50 -19.62 3.28 22.69
N ASP A 51 -20.86 3.37 22.23
CA ASP A 51 -21.29 4.40 21.30
C ASP A 51 -20.68 5.77 21.67
N ALA A 52 -21.02 6.27 22.85
CA ALA A 52 -20.47 7.57 23.27
C ALA A 52 -18.95 7.47 23.48
N TRP A 53 -18.49 6.31 23.93
CA TRP A 53 -17.07 6.07 24.18
C TRP A 53 -16.28 6.26 22.88
N LEU A 54 -16.70 5.59 21.82
CA LEU A 54 -16.02 5.71 20.54
C LEU A 54 -15.98 7.16 20.07
N ALA A 55 -17.09 7.85 20.26
CA ALA A 55 -17.22 9.24 19.83
C ALA A 55 -16.50 10.17 20.80
N LYS A 56 -16.40 9.73 22.04
CA LYS A 56 -15.74 10.51 23.07
C LYS A 56 -14.21 10.41 23.03
N TYR A 57 -13.68 9.32 22.47
CA TYR A 57 -12.23 9.14 22.43
C TYR A 57 -11.67 8.54 21.14
N PRO A 58 -11.70 9.30 20.04
CA PRO A 58 -11.17 8.76 18.78
C PRO A 58 -9.63 8.82 18.70
N PRO A 59 -9.02 7.82 18.01
CA PRO A 59 -7.55 7.79 17.88
C PRO A 59 -6.91 8.95 17.11
N SER A 60 -7.64 9.55 16.18
CA SER A 60 -7.10 10.68 15.42
C SER A 60 -7.05 11.90 16.36
N GLN A 61 -7.88 11.84 17.40
CA GLN A 61 -7.97 12.90 18.38
C GLN A 61 -7.11 12.63 19.60
N VAL A 62 -7.32 11.47 20.24
CA VAL A 62 -6.57 11.06 21.42
C VAL A 62 -5.08 11.11 21.07
N THR A 63 -4.31 11.87 21.83
CA THR A 63 -2.88 11.99 21.54
C THR A 63 -1.94 11.27 22.49
N ARG A 64 -0.87 10.71 21.91
CA ARG A 64 0.14 9.99 22.67
C ARG A 64 0.63 10.73 23.90
N TYR A 65 0.65 12.05 23.85
CA TYR A 65 1.14 12.82 24.99
C TYR A 65 0.10 13.72 25.66
N GLY A 66 -1.14 13.66 25.20
CA GLY A 66 -2.18 14.48 25.79
C GLY A 66 -2.07 15.94 25.36
N ASP A 67 -1.80 16.15 24.08
CA ASP A 67 -1.66 17.49 23.51
C ASP A 67 -2.97 18.28 23.58
N PRO A 68 -2.86 19.61 23.66
CA PRO A 68 -4.03 20.49 23.71
C PRO A 68 -5.06 20.13 22.63
N GLY A 69 -6.34 20.33 22.93
CA GLY A 69 -7.39 20.02 21.97
C GLY A 69 -7.76 18.55 21.91
N SER A 70 -7.04 17.74 22.68
CA SER A 70 -7.30 16.30 22.72
C SER A 70 -8.24 15.92 23.87
N PRO A 71 -8.93 14.79 23.75
CA PRO A 71 -9.82 14.38 24.83
C PRO A 71 -8.97 13.92 26.02
N ASN A 72 -7.66 13.93 25.83
CA ASN A 72 -6.73 13.54 26.88
C ASN A 72 -5.65 14.60 27.06
N SER A 73 -5.56 15.16 28.25
CA SER A 73 -4.55 16.19 28.56
C SER A 73 -3.35 15.50 29.19
N GLU A 74 -3.21 14.21 28.90
CA GLU A 74 -2.14 13.39 29.43
C GLU A 74 -1.84 12.23 28.49
N PRO A 75 -0.57 11.79 28.44
CA PRO A 75 -0.14 10.70 27.59
C PRO A 75 -1.02 9.45 27.79
N VAL A 76 -1.32 8.78 26.69
CA VAL A 76 -2.14 7.57 26.70
C VAL A 76 -1.39 6.47 25.96
N GLY A 77 -1.06 5.41 26.70
CA GLY A 77 -0.33 4.30 26.11
C GLY A 77 -1.09 3.76 24.92
N TRP A 78 -2.26 3.21 25.18
CA TRP A 78 -3.11 2.65 24.13
C TRP A 78 -4.55 3.09 24.36
N ILE A 79 -5.40 2.64 23.43
CA ILE A 79 -6.83 2.81 23.44
C ILE A 79 -7.20 1.34 23.31
N ALA A 80 -7.84 0.78 24.32
CA ALA A 80 -8.17 -0.63 24.30
C ALA A 80 -9.61 -0.92 24.62
N VAL A 81 -10.08 -2.04 24.08
CA VAL A 81 -11.44 -2.52 24.31
C VAL A 81 -11.37 -3.99 24.65
N TYR A 82 -11.99 -4.37 25.77
CA TYR A 82 -12.02 -5.77 26.19
C TYR A 82 -13.45 -6.30 26.13
N GLY A 83 -13.60 -7.50 25.59
CA GLY A 83 -14.91 -8.11 25.50
C GLY A 83 -15.18 -9.00 26.69
N GLN A 84 -16.34 -9.63 26.70
CA GLN A 84 -16.72 -10.52 27.79
C GLN A 84 -15.73 -11.70 27.83
N GLY A 85 -14.72 -11.57 28.66
CA GLY A 85 -13.72 -12.62 28.78
C GLY A 85 -12.41 -12.22 28.12
N TYR A 86 -11.32 -12.34 28.87
CA TYR A 86 -9.99 -12.00 28.37
C TYR A 86 -8.90 -12.37 29.39
N SER A 87 -8.75 -13.66 29.64
CA SER A 87 -7.74 -14.11 30.59
C SER A 87 -6.43 -13.42 30.23
N PRO A 88 -5.75 -12.83 31.23
CA PRO A 88 -4.48 -12.14 30.98
C PRO A 88 -3.33 -13.12 30.73
N ASN A 89 -3.67 -14.31 30.25
CA ASN A 89 -2.68 -15.35 30.01
C ASN A 89 -1.73 -15.10 28.84
N SER A 90 -0.44 -15.19 29.15
CA SER A 90 0.63 -15.00 28.16
C SER A 90 1.31 -16.35 28.02
N GLY A 91 0.62 -17.38 28.51
CA GLY A 91 1.16 -18.73 28.46
C GLY A 91 2.08 -18.93 29.64
N ASP A 92 3.36 -19.14 29.35
CA ASP A 92 4.38 -19.35 30.37
C ASP A 92 5.71 -18.91 29.77
N VAL A 93 5.87 -17.59 29.67
CA VAL A 93 7.07 -17.00 29.09
C VAL A 93 8.34 -17.45 29.80
N GLN A 94 8.19 -17.83 31.07
CA GLN A 94 9.32 -18.27 31.88
C GLN A 94 10.21 -19.27 31.17
N GLY A 95 9.74 -20.50 31.05
CA GLY A 95 10.51 -21.54 30.40
C GLY A 95 10.88 -21.15 28.99
N LEU A 96 9.90 -20.61 28.26
CA LEU A 96 10.10 -20.16 26.89
C LEU A 96 11.31 -19.22 26.79
N GLN A 97 11.34 -18.21 27.65
CA GLN A 97 12.43 -17.25 27.65
C GLN A 97 13.73 -17.88 28.13
N ALA A 98 13.70 -19.19 28.35
CA ALA A 98 14.88 -19.93 28.78
C ALA A 98 15.28 -20.87 27.67
N ALA A 99 14.29 -21.52 27.06
CA ALA A 99 14.54 -22.46 25.96
C ALA A 99 15.20 -21.74 24.80
N TRP A 100 14.73 -20.52 24.53
CA TRP A 100 15.28 -19.70 23.45
C TRP A 100 16.76 -19.47 23.72
N GLU A 101 17.11 -19.26 24.98
CA GLU A 101 18.48 -19.02 25.36
C GLU A 101 19.35 -20.26 25.20
N ALA A 102 18.80 -21.41 25.58
CA ALA A 102 19.52 -22.68 25.49
C ALA A 102 19.85 -23.03 24.04
N LEU A 103 18.97 -22.63 23.12
CA LEU A 103 19.16 -22.91 21.70
C LEU A 103 20.25 -22.04 21.09
N GLN A 104 20.10 -20.73 21.21
CA GLN A 104 21.08 -19.79 20.66
C GLN A 104 22.48 -20.18 21.09
N THR A 105 22.68 -20.32 22.40
CA THR A 105 23.98 -20.69 22.94
C THR A 105 24.24 -22.17 22.70
N SER A 106 24.30 -22.54 21.41
CA SER A 106 24.53 -23.93 21.02
C SER A 106 24.79 -24.02 19.52
N GLY A 107 24.56 -22.92 18.81
CA GLY A 107 24.77 -22.92 17.37
C GLY A 107 23.67 -23.69 16.68
N ARG A 108 22.69 -24.12 17.48
CA ARG A 108 21.54 -24.89 16.99
C ARG A 108 20.85 -24.19 15.82
N PRO A 109 20.17 -24.97 14.96
CA PRO A 109 19.46 -24.42 13.80
C PRO A 109 18.17 -23.69 14.17
N ILE A 110 18.22 -22.36 14.13
CA ILE A 110 17.07 -21.53 14.46
C ILE A 110 16.25 -21.20 13.20
N THR A 111 15.08 -21.82 13.10
CA THR A 111 14.21 -21.61 11.96
C THR A 111 12.79 -21.34 12.44
N PRO A 112 11.93 -20.79 11.56
CA PRO A 112 10.54 -20.52 11.94
C PRO A 112 9.91 -21.79 12.46
N GLY A 113 10.51 -22.92 12.11
CA GLY A 113 10.00 -24.20 12.53
C GLY A 113 10.34 -24.51 13.98
N THR A 114 11.54 -24.11 14.41
CA THR A 114 11.94 -24.37 15.79
C THR A 114 11.26 -23.43 16.78
N LEU A 115 10.99 -22.20 16.33
CA LEU A 115 10.32 -21.23 17.18
C LEU A 115 8.86 -21.65 17.34
N ARG A 116 8.28 -22.19 16.27
CA ARG A 116 6.90 -22.64 16.30
C ARG A 116 6.78 -23.74 17.35
N GLN A 117 7.69 -24.69 17.30
CA GLN A 117 7.67 -25.80 18.26
C GLN A 117 7.89 -25.22 19.64
N LEU A 118 8.70 -24.19 19.74
CA LEU A 118 8.99 -23.54 21.02
C LEU A 118 7.71 -23.03 21.69
N ALA A 119 6.93 -22.25 20.94
CA ALA A 119 5.70 -21.71 21.46
C ALA A 119 4.73 -22.80 21.89
N ILE A 120 4.86 -23.97 21.29
CA ILE A 120 3.99 -25.09 21.62
C ILE A 120 4.51 -25.82 22.86
N THR A 121 5.82 -25.83 23.01
CA THR A 121 6.46 -26.48 24.15
C THR A 121 6.27 -25.67 25.43
N HIS A 122 5.51 -24.57 25.34
CA HIS A 122 5.26 -23.75 26.51
C HIS A 122 3.87 -23.11 26.57
N HIS A 123 2.93 -23.66 25.81
CA HIS A 123 1.55 -23.19 25.77
C HIS A 123 1.34 -21.69 25.74
N VAL A 124 2.19 -20.96 25.01
CA VAL A 124 2.06 -19.51 24.88
C VAL A 124 1.56 -19.31 23.44
N LEU A 125 0.28 -19.58 23.22
CA LEU A 125 -0.30 -19.50 21.88
C LEU A 125 -1.25 -18.34 21.57
N SER A 126 -0.71 -17.20 21.18
CA SER A 126 -1.52 -16.05 20.83
C SER A 126 -0.69 -15.05 20.04
N GLY A 127 -1.28 -14.54 18.98
CA GLY A 127 -0.59 -13.58 18.13
C GLY A 127 -1.48 -12.40 17.83
N LYS A 128 -0.98 -11.49 17.02
CA LYS A 128 -1.73 -10.29 16.69
C LYS A 128 -1.70 -9.87 15.23
N TRP A 129 -2.88 -9.56 14.71
CA TRP A 129 -3.05 -9.05 13.35
C TRP A 129 -2.77 -7.56 13.44
N LEU A 130 -1.78 -7.09 12.70
CA LEU A 130 -1.43 -5.68 12.70
C LEU A 130 -1.85 -5.02 11.40
N MSE A 131 -2.05 -3.71 11.46
CA MSE A 131 -2.44 -2.92 10.31
C MSE A 131 -2.15 -1.46 10.68
O MSE A 131 -2.28 -1.10 11.85
CB MSE A 131 -3.93 -3.07 10.01
CG MSE A 131 -4.82 -2.33 10.99
SE MSE A 131 -6.56 -1.94 10.27
CE MSE A 131 -7.54 -3.45 10.97
N HIS A 132 -1.74 -0.65 9.71
CA HIS A 132 -1.48 0.76 10.01
C HIS A 132 -2.26 1.63 9.03
N LEU A 133 -3.17 2.43 9.59
CA LEU A 133 -4.04 3.30 8.82
C LEU A 133 -3.68 4.76 8.95
N ALA A 134 -3.95 5.53 7.91
CA ALA A 134 -3.68 6.95 7.90
C ALA A 134 -4.67 7.64 8.81
N PRO A 135 -4.17 8.52 9.69
CA PRO A 135 -4.96 9.28 10.66
C PRO A 135 -6.18 9.94 10.04
N GLY A 136 -7.33 9.74 10.67
CA GLY A 136 -8.55 10.33 10.17
C GLY A 136 -9.67 9.32 10.07
N PHE A 137 -10.49 9.48 9.04
CA PHE A 137 -11.62 8.61 8.85
C PHE A 137 -11.28 7.14 8.71
N LYS A 138 -10.23 6.80 7.98
CA LYS A 138 -9.89 5.40 7.82
C LYS A 138 -9.66 4.74 9.16
N LEU A 139 -8.79 5.35 9.96
CA LEU A 139 -8.47 4.85 11.28
C LEU A 139 -9.71 4.95 12.18
N ASP A 140 -10.19 6.18 12.37
CA ASP A 140 -11.36 6.43 13.20
C ASP A 140 -12.55 5.55 12.84
N HIS A 141 -12.89 5.45 11.57
CA HIS A 141 -14.03 4.63 11.16
C HIS A 141 -13.74 3.14 11.26
N ALA A 142 -12.51 2.75 10.98
CA ALA A 142 -12.12 1.35 11.07
C ALA A 142 -12.15 0.98 12.56
N TRP A 143 -11.37 1.70 13.36
CA TRP A 143 -11.32 1.47 14.79
C TRP A 143 -12.75 1.46 15.36
N ALA A 144 -13.49 2.55 15.15
CA ALA A 144 -14.85 2.64 15.67
C ALA A 144 -15.56 1.32 15.38
N GLY A 145 -15.53 0.91 14.11
CA GLY A 145 -16.16 -0.32 13.70
C GLY A 145 -15.65 -1.51 14.47
N ILE A 146 -14.32 -1.65 14.48
CA ILE A 146 -13.66 -2.74 15.20
C ILE A 146 -14.06 -2.76 16.68
N ALA A 147 -14.11 -1.57 17.29
CA ALA A 147 -14.48 -1.48 18.70
C ALA A 147 -15.97 -1.71 18.84
N ARG A 148 -16.68 -1.68 17.72
CA ARG A 148 -18.11 -1.92 17.79
C ARG A 148 -18.31 -3.43 17.71
N ALA A 149 -17.27 -4.14 17.30
CA ALA A 149 -17.34 -5.59 17.21
C ALA A 149 -17.05 -6.14 18.60
N VAL A 150 -15.85 -5.81 19.11
CA VAL A 150 -15.44 -6.28 20.42
C VAL A 150 -16.62 -6.39 21.37
N VAL A 151 -17.21 -5.24 21.68
CA VAL A 151 -18.33 -5.17 22.60
C VAL A 151 -19.47 -6.16 22.32
N GLU A 152 -19.52 -6.70 21.10
CA GLU A 152 -20.55 -7.66 20.73
C GLU A 152 -20.11 -9.11 20.96
N GLY A 153 -18.82 -9.34 21.12
CA GLY A 153 -18.32 -10.68 21.41
C GLY A 153 -17.73 -11.53 20.30
N ARG A 154 -17.32 -10.93 19.19
CA ARG A 154 -16.74 -11.68 18.08
C ARG A 154 -15.22 -11.66 18.04
N LEU A 155 -14.63 -10.82 18.88
CA LEU A 155 -13.18 -10.68 19.01
C LEU A 155 -12.87 -10.61 20.50
N GLN A 156 -11.65 -10.95 20.90
CA GLN A 156 -11.30 -10.92 22.32
C GLN A 156 -10.93 -9.53 22.81
N VAL A 157 -9.96 -8.91 22.13
CA VAL A 157 -9.45 -7.58 22.49
C VAL A 157 -8.80 -6.94 21.28
N ALA A 158 -8.86 -5.61 21.21
CA ALA A 158 -8.25 -4.86 20.12
C ALA A 158 -7.87 -3.49 20.66
N LYS A 159 -6.83 -2.89 20.09
CA LYS A 159 -6.41 -1.57 20.55
C LYS A 159 -5.98 -0.70 19.36
N VAL A 160 -5.74 0.57 19.63
CA VAL A 160 -5.30 1.51 18.60
C VAL A 160 -4.51 2.66 19.24
N SER A 161 -3.25 2.80 18.84
CA SER A 161 -2.37 3.83 19.36
C SER A 161 -2.84 5.24 19.01
N PRO A 162 -2.76 6.17 19.97
CA PRO A 162 -3.18 7.55 19.74
C PRO A 162 -2.20 8.27 18.81
N ARG A 163 -2.65 9.35 18.21
CA ARG A 163 -1.80 10.12 17.30
C ARG A 163 -0.47 10.41 17.97
N ALA A 164 0.54 10.64 17.15
CA ALA A 164 1.87 10.94 17.65
C ALA A 164 2.41 12.20 16.98
N LYS A 165 2.63 13.24 17.80
CA LYS A 165 3.14 14.53 17.35
C LYS A 165 3.29 14.67 15.84
N GLU A 166 4.36 14.12 15.29
CA GLU A 166 4.58 14.21 13.85
C GLU A 166 3.81 13.13 13.10
N GLY A 167 2.51 13.10 13.32
CA GLY A 167 1.63 12.15 12.67
C GLY A 167 2.21 10.79 12.33
N GLY A 168 1.68 10.20 11.27
CA GLY A 168 2.13 8.90 10.84
C GLY A 168 1.06 7.86 11.08
N ARG A 169 0.72 7.08 10.06
CA ARG A 169 -0.29 6.05 10.18
C ARG A 169 -0.14 5.30 11.48
N GLN A 170 -1.08 5.55 12.39
CA GLN A 170 -1.10 4.93 13.71
C GLN A 170 -1.29 3.41 13.63
N VAL A 171 -1.30 2.74 14.78
CA VAL A 171 -1.47 1.29 14.79
C VAL A 171 -2.82 0.78 15.22
N ILE A 172 -3.14 -0.42 14.75
CA ILE A 172 -4.37 -1.12 15.14
C ILE A 172 -4.02 -2.60 15.07
N CYS A 173 -3.87 -3.20 16.26
CA CYS A 173 -3.54 -4.61 16.40
C CYS A 173 -4.75 -5.38 16.91
N VAL A 174 -5.07 -6.49 16.24
CA VAL A 174 -6.20 -7.33 16.64
C VAL A 174 -5.65 -8.64 17.25
N TYR A 175 -6.25 -9.06 18.36
CA TYR A 175 -5.76 -10.26 19.03
C TYR A 175 -6.66 -11.49 18.98
N THR A 176 -6.01 -12.65 18.88
CA THR A 176 -6.69 -13.94 18.88
C THR A 176 -5.84 -14.86 19.74
N ASP A 177 -6.46 -15.82 20.41
CA ASP A 177 -5.69 -16.72 21.26
C ASP A 177 -5.49 -18.12 20.71
N ASP A 178 -4.36 -18.32 20.04
CA ASP A 178 -3.93 -19.59 19.43
C ASP A 178 -3.63 -19.40 17.95
N PHE A 179 -2.41 -19.01 17.64
CA PHE A 179 -2.03 -18.77 16.24
C PHE A 179 -1.87 -20.06 15.44
N THR A 180 -1.49 -21.14 16.11
CA THR A 180 -1.30 -22.42 15.43
C THR A 180 -2.61 -22.82 14.76
N ASP A 181 -3.70 -22.19 15.18
CA ASP A 181 -5.02 -22.46 14.62
C ASP A 181 -5.42 -21.45 13.55
N ARG A 182 -5.09 -21.74 12.29
CA ARG A 182 -5.37 -20.85 11.18
C ARG A 182 -6.87 -20.49 11.10
N LEU A 183 -7.71 -21.41 11.55
CA LEU A 183 -9.15 -21.20 11.52
C LEU A 183 -9.52 -20.01 12.39
N GLY A 184 -9.02 -20.00 13.62
CA GLY A 184 -9.31 -18.92 14.54
C GLY A 184 -8.70 -17.62 14.04
N VAL A 185 -7.59 -17.73 13.32
CA VAL A 185 -6.91 -16.57 12.77
C VAL A 185 -7.79 -15.97 11.67
N LEU A 186 -8.37 -16.83 10.84
CA LEU A 186 -9.20 -16.39 9.72
C LEU A 186 -10.52 -15.75 10.17
N GLU A 187 -11.11 -16.25 11.24
CA GLU A 187 -12.35 -15.70 11.73
C GLU A 187 -12.11 -14.25 12.15
N ALA A 188 -10.91 -13.99 12.68
CA ALA A 188 -10.55 -12.64 13.10
C ALA A 188 -10.38 -11.82 11.82
N ASP A 189 -9.65 -12.38 10.86
CA ASP A 189 -9.46 -11.72 9.58
C ASP A 189 -10.84 -11.41 9.00
N SER A 190 -11.74 -12.39 9.12
CA SER A 190 -13.10 -12.25 8.64
C SER A 190 -13.80 -11.07 9.29
N ALA A 191 -13.72 -11.00 10.62
CA ALA A 191 -14.36 -9.90 11.34
C ALA A 191 -13.78 -8.57 10.89
N ILE A 192 -12.46 -8.49 10.79
CA ILE A 192 -11.83 -7.25 10.37
C ILE A 192 -12.34 -6.83 8.99
N ARG A 193 -12.43 -7.77 8.06
CA ARG A 193 -12.93 -7.45 6.72
C ARG A 193 -14.40 -7.02 6.74
N ALA A 194 -15.22 -7.69 7.55
CA ALA A 194 -16.63 -7.35 7.64
C ALA A 194 -16.81 -5.91 8.13
N ALA A 195 -15.80 -5.41 8.85
CA ALA A 195 -15.85 -4.04 9.36
C ALA A 195 -15.46 -3.08 8.25
N GLY A 196 -15.29 -3.63 7.04
CA GLY A 196 -14.94 -2.81 5.90
C GLY A 196 -13.51 -2.33 5.81
N ILE A 197 -12.58 -3.09 6.37
CA ILE A 197 -11.17 -2.71 6.34
C ILE A 197 -10.50 -3.32 5.10
N LYS A 198 -10.03 -2.44 4.23
CA LYS A 198 -9.39 -2.85 2.99
C LYS A 198 -7.86 -2.89 3.10
N CYS A 199 -7.34 -2.37 4.20
CA CYS A 199 -5.90 -2.35 4.41
C CYS A 199 -5.31 -3.76 4.45
N LEU A 200 -3.98 -3.83 4.49
CA LEU A 200 -3.26 -5.09 4.54
C LEU A 200 -3.09 -5.54 5.98
N LEU A 201 -3.34 -6.83 6.24
CA LEU A 201 -3.18 -7.36 7.59
C LEU A 201 -1.97 -8.30 7.62
N THR A 202 -1.21 -8.22 8.71
CA THR A 202 -0.03 -9.06 8.92
C THR A 202 -0.12 -9.59 10.34
N TYR A 203 -0.08 -10.91 10.48
CA TYR A 203 -0.19 -11.55 11.79
C TYR A 203 1.18 -11.83 12.40
N LYS A 204 1.33 -11.39 13.65
CA LYS A 204 2.58 -11.54 14.39
C LYS A 204 2.34 -12.23 15.74
N PRO A 205 2.89 -13.44 15.92
CA PRO A 205 2.76 -14.23 17.15
C PRO A 205 3.54 -13.57 18.30
N ASP A 206 3.02 -13.67 19.52
CA ASP A 206 3.69 -13.07 20.67
C ASP A 206 5.14 -13.52 20.84
N VAL A 207 5.41 -14.79 20.52
CA VAL A 207 6.77 -15.29 20.63
C VAL A 207 7.73 -14.36 19.88
N TYR A 208 7.35 -13.95 18.67
CA TYR A 208 8.19 -13.07 17.88
C TYR A 208 8.53 -11.80 18.66
N THR A 209 7.53 -11.01 19.01
CA THR A 209 7.75 -9.78 19.75
C THR A 209 8.45 -10.05 21.08
N TYR A 210 8.04 -11.11 21.77
CA TYR A 210 8.66 -11.48 23.04
C TYR A 210 10.15 -11.75 22.91
N LEU A 211 10.48 -12.89 22.31
CA LEU A 211 11.86 -13.29 22.13
C LEU A 211 12.67 -12.31 21.26
N GLY A 212 12.11 -11.13 21.01
CA GLY A 212 12.78 -10.12 20.22
C GLY A 212 13.23 -10.53 18.82
N ILE A 213 12.34 -10.30 17.85
CA ILE A 213 12.61 -10.63 16.46
C ILE A 213 12.38 -9.39 15.62
N TYR A 214 13.22 -8.38 15.82
CA TYR A 214 13.13 -7.11 15.10
C TYR A 214 13.06 -7.31 13.59
N ARG A 215 13.17 -6.20 12.86
CA ARG A 215 13.13 -6.25 11.40
C ARG A 215 14.54 -6.27 10.81
N ALA A 216 15.51 -5.76 11.55
CA ALA A 216 16.89 -5.75 11.08
C ALA A 216 17.56 -7.05 11.54
N ASN A 217 16.74 -8.06 11.78
CA ASN A 217 17.21 -9.36 12.24
C ASN A 217 18.44 -9.86 11.54
N ARG A 218 19.44 -10.26 12.34
CA ARG A 218 20.69 -10.78 11.83
C ARG A 218 20.52 -12.27 11.57
N TRP A 219 19.43 -12.83 12.09
CA TRP A 219 19.12 -14.25 11.95
C TRP A 219 18.11 -14.53 10.84
N HIS A 220 18.06 -13.65 9.84
CA HIS A 220 17.15 -13.78 8.70
C HIS A 220 15.78 -14.40 9.01
N LEU A 221 15.15 -13.95 10.09
CA LEU A 221 13.84 -14.44 10.49
C LEU A 221 12.85 -13.30 10.43
N CYS A 222 11.88 -13.40 9.52
CA CYS A 222 10.86 -12.36 9.37
C CYS A 222 9.98 -12.27 10.61
N PRO A 223 9.61 -11.05 11.01
CA PRO A 223 8.76 -10.82 12.18
C PRO A 223 7.28 -11.06 11.91
N THR A 224 6.96 -11.44 10.67
CA THR A 224 5.59 -11.71 10.25
C THR A 224 5.38 -13.18 9.95
N LEU A 225 4.17 -13.68 10.21
CA LEU A 225 3.85 -15.08 9.96
C LEU A 225 2.87 -15.20 8.80
N TYR A 226 1.73 -14.51 8.90
CA TYR A 226 0.70 -14.52 7.87
C TYR A 226 0.47 -13.11 7.36
N GLU A 227 -0.14 -13.01 6.18
CA GLU A 227 -0.48 -11.72 5.58
C GLU A 227 -1.86 -11.84 4.95
N SER A 228 -2.51 -10.71 4.70
CA SER A 228 -3.84 -10.70 4.13
C SER A 228 -4.11 -9.41 3.35
N ARG A 229 -4.57 -9.55 2.12
CA ARG A 229 -4.88 -8.40 1.29
C ARG A 229 -6.34 -8.42 0.85
N PHE A 230 -6.94 -7.23 0.80
CA PHE A 230 -8.33 -7.05 0.41
C PHE A 230 -8.59 -7.62 -0.98
N GLN A 231 -9.86 -7.84 -1.32
CA GLN A 231 -10.27 -8.38 -2.62
C GLN A 231 -11.77 -8.21 -2.84
N GLY A 238 -12.96 -9.28 -0.65
CA GLY A 238 -12.32 -10.56 -0.41
C GLY A 238 -11.17 -10.49 0.59
N SER A 239 -10.35 -11.54 0.60
CA SER A 239 -9.22 -11.61 1.52
C SER A 239 -8.22 -12.69 1.09
N ARG A 240 -7.02 -12.28 0.74
CA ARG A 240 -5.97 -13.23 0.33
C ARG A 240 -5.04 -13.44 1.52
N VAL A 241 -5.28 -14.51 2.27
CA VAL A 241 -4.47 -14.84 3.44
C VAL A 241 -3.34 -15.80 3.09
N LEU A 242 -2.12 -15.39 3.39
CA LEU A 242 -0.95 -16.20 3.08
C LEU A 242 -0.24 -16.75 4.32
N ASP A 243 0.62 -17.74 4.08
CA ASP A 243 1.41 -18.36 5.13
C ASP A 243 2.86 -18.06 4.75
N ARG A 244 3.36 -16.93 5.24
CA ARG A 244 4.73 -16.50 4.95
C ARG A 244 5.78 -17.49 5.46
N ALA A 245 5.34 -18.54 6.11
CA ALA A 245 6.25 -19.55 6.65
C ALA A 245 6.67 -20.57 5.60
N ASN A 246 5.69 -21.11 4.88
CA ASN A 246 5.92 -22.10 3.82
C ASN A 246 5.33 -21.57 2.53
N ASN A 247 5.10 -20.25 2.48
CA ASN A 247 4.50 -19.60 1.32
C ASN A 247 3.34 -20.45 0.78
N VAL A 248 2.21 -20.41 1.49
CA VAL A 248 1.03 -21.16 1.09
C VAL A 248 -0.22 -20.31 1.30
N GLU A 249 -1.19 -20.44 0.41
CA GLU A 249 -2.43 -19.68 0.52
C GLU A 249 -3.48 -20.42 1.34
N LEU A 250 -3.96 -19.78 2.41
CA LEU A 250 -4.97 -20.39 3.26
C LEU A 250 -6.35 -20.29 2.61
N GLU B 17 10.35 -5.83 26.48
CA GLU B 17 8.93 -5.39 26.58
C GLU B 17 8.70 -4.10 25.82
N ASP B 18 9.77 -3.54 25.28
CA ASP B 18 9.71 -2.31 24.50
C ASP B 18 9.06 -2.57 23.14
N GLY B 19 8.70 -3.83 22.89
CA GLY B 19 8.10 -4.20 21.62
C GLY B 19 6.59 -4.08 21.56
N PHE B 20 5.92 -4.32 22.68
CA PHE B 20 4.46 -4.24 22.75
C PHE B 20 3.97 -2.80 22.82
N THR B 21 4.91 -1.86 22.82
CA THR B 21 4.54 -0.46 22.89
C THR B 21 3.88 0.00 21.60
N ALA B 22 2.89 0.87 21.72
CA ALA B 22 2.19 1.38 20.55
C ALA B 22 3.21 1.86 19.52
N GLU B 23 3.98 2.88 19.87
CA GLU B 23 4.97 3.46 18.98
C GLU B 23 5.84 2.40 18.29
N HIS B 24 6.20 1.34 19.01
CA HIS B 24 7.03 0.30 18.40
C HIS B 24 6.27 -0.50 17.34
N LEU B 25 5.11 -1.03 17.72
CA LEU B 25 4.29 -1.83 16.81
C LEU B 25 3.98 -1.08 15.53
N ALA B 26 3.87 0.23 15.63
CA ALA B 26 3.61 1.04 14.46
C ALA B 26 4.75 0.73 13.49
N ALA B 27 5.97 0.93 13.98
CA ALA B 27 7.19 0.68 13.21
C ALA B 27 7.30 -0.75 12.71
N GLU B 28 7.01 -1.71 13.58
CA GLU B 28 7.10 -3.12 13.22
C GLU B 28 6.00 -3.51 12.23
N ALA B 29 4.91 -2.76 12.22
CA ALA B 29 3.79 -3.01 11.30
C ALA B 29 4.05 -2.26 9.99
N MSE B 30 4.63 -1.08 10.09
CA MSE B 30 4.93 -0.29 8.91
C MSE B 30 6.03 -0.94 8.09
O MSE B 30 6.15 -0.70 6.89
CB MSE B 30 5.34 1.13 9.30
CG MSE B 30 4.20 1.89 9.95
SE MSE B 30 4.57 3.73 10.31
CE MSE B 30 4.26 4.42 8.52
N ALA B 31 6.84 -1.78 8.73
CA ALA B 31 7.90 -2.47 8.02
C ALA B 31 7.30 -3.64 7.27
N ALA B 32 6.44 -4.40 7.96
CA ALA B 32 5.80 -5.57 7.36
C ALA B 32 5.00 -5.21 6.11
N ASP B 33 4.64 -3.93 5.98
CA ASP B 33 3.87 -3.49 4.83
C ASP B 33 4.74 -3.45 3.59
N MSE B 34 5.12 -4.64 3.11
CA MSE B 34 5.94 -4.79 1.92
C MSE B 34 5.16 -5.47 0.81
O MSE B 34 4.60 -6.55 1.02
CB MSE B 34 7.19 -5.63 2.22
CG MSE B 34 8.31 -4.86 2.89
SE MSE B 34 8.82 -3.39 1.74
CE MSE B 34 10.13 -4.28 0.65
N ASP B 35 5.13 -4.85 -0.37
CA ASP B 35 4.44 -5.45 -1.50
C ASP B 35 5.07 -6.80 -1.85
N PRO B 36 4.29 -7.69 -2.48
CA PRO B 36 4.78 -9.00 -2.88
C PRO B 36 5.72 -8.97 -4.08
N TRP B 37 6.49 -10.02 -4.25
CA TRP B 37 7.44 -10.13 -5.35
C TRP B 37 7.10 -11.31 -6.26
N LEU B 38 7.19 -11.11 -7.57
CA LEU B 38 6.96 -12.20 -8.50
C LEU B 38 8.28 -12.96 -8.41
N VAL B 39 8.25 -14.09 -7.72
CA VAL B 39 9.46 -14.84 -7.49
C VAL B 39 9.55 -16.23 -8.14
N PHE B 40 10.75 -16.55 -8.62
CA PHE B 40 11.01 -17.86 -9.19
C PHE B 40 12.19 -18.44 -8.41
N ASP B 41 11.89 -19.33 -7.47
CA ASP B 41 12.91 -19.94 -6.62
C ASP B 41 13.45 -21.22 -7.22
N ALA B 42 14.70 -21.18 -7.66
CA ALA B 42 15.34 -22.35 -8.25
C ALA B 42 15.67 -23.38 -7.17
N ARG B 43 15.51 -22.99 -5.91
CA ARG B 43 15.82 -23.91 -4.81
C ARG B 43 14.85 -25.10 -4.82
N THR B 44 13.59 -24.82 -5.17
CA THR B 44 12.56 -25.85 -5.19
C THR B 44 11.86 -26.04 -6.54
N THR B 45 11.58 -24.95 -7.23
CA THR B 45 10.90 -25.02 -8.52
C THR B 45 11.82 -25.57 -9.61
N PRO B 46 11.31 -26.49 -10.43
CA PRO B 46 12.12 -27.09 -11.50
C PRO B 46 12.69 -26.01 -12.43
N ALA B 47 13.93 -26.22 -12.85
CA ALA B 47 14.62 -25.28 -13.73
C ALA B 47 13.98 -25.19 -15.11
N THR B 48 13.18 -26.20 -15.46
CA THR B 48 12.53 -26.23 -16.75
C THR B 48 11.16 -25.59 -16.68
N GLU B 49 10.99 -24.63 -15.78
CA GLU B 49 9.72 -23.94 -15.62
C GLU B 49 9.92 -22.44 -15.91
N LEU B 50 11.17 -22.03 -16.11
CA LEU B 50 11.51 -20.64 -16.35
C LEU B 50 10.84 -19.95 -17.54
N ASP B 51 10.80 -20.62 -18.69
CA ASP B 51 10.19 -20.04 -19.90
C ASP B 51 8.83 -19.37 -19.66
N ALA B 52 7.84 -20.20 -19.35
CA ALA B 52 6.47 -19.73 -19.11
C ALA B 52 6.42 -18.51 -18.18
N TRP B 53 7.06 -18.64 -17.00
CA TRP B 53 7.09 -17.53 -16.05
C TRP B 53 7.64 -16.27 -16.74
N LEU B 54 8.72 -16.41 -17.50
CA LEU B 54 9.29 -15.27 -18.22
C LEU B 54 8.23 -14.84 -19.25
N ALA B 55 7.61 -15.84 -19.87
CA ALA B 55 6.58 -15.59 -20.88
C ALA B 55 5.23 -15.23 -20.22
N LYS B 56 5.22 -15.16 -18.89
CA LYS B 56 3.99 -14.85 -18.18
C LYS B 56 4.07 -13.51 -17.48
N TYR B 57 5.26 -13.12 -17.06
CA TYR B 57 5.43 -11.85 -16.37
C TYR B 57 6.75 -11.16 -16.70
N PRO B 58 6.87 -10.59 -17.91
CA PRO B 58 8.10 -9.89 -18.30
C PRO B 58 8.14 -8.51 -17.65
N PRO B 59 9.34 -7.93 -17.47
CA PRO B 59 9.40 -6.60 -16.85
C PRO B 59 8.89 -5.51 -17.80
N SER B 60 7.76 -5.80 -18.43
CA SER B 60 7.12 -4.88 -19.36
C SER B 60 5.63 -4.96 -19.12
N GLN B 61 5.12 -6.18 -19.18
CA GLN B 61 3.71 -6.48 -18.96
C GLN B 61 3.40 -6.45 -17.45
N VAL B 62 4.45 -6.23 -16.66
CA VAL B 62 4.29 -6.17 -15.21
C VAL B 62 4.70 -4.79 -14.74
N THR B 63 3.73 -4.00 -14.28
CA THR B 63 4.00 -2.65 -13.81
C THR B 63 3.94 -2.64 -12.30
N ARG B 64 4.39 -1.53 -11.72
CA ARG B 64 4.38 -1.42 -10.27
C ARG B 64 2.95 -1.19 -9.80
N TYR B 65 2.66 0.08 -9.49
CA TYR B 65 1.35 0.50 -9.01
C TYR B 65 0.20 -0.45 -9.36
N GLY B 66 0.12 -0.88 -10.62
CA GLY B 66 -0.92 -1.79 -11.01
C GLY B 66 -1.82 -1.30 -12.12
N ASP B 67 -2.00 -2.14 -13.14
CA ASP B 67 -2.83 -1.84 -14.31
C ASP B 67 -3.88 -2.93 -14.60
N PRO B 68 -5.08 -2.51 -15.03
CA PRO B 68 -6.23 -3.36 -15.37
C PRO B 68 -5.86 -4.61 -16.17
N GLY B 69 -6.44 -5.74 -15.78
CA GLY B 69 -6.18 -7.00 -16.47
C GLY B 69 -4.83 -7.03 -17.14
N SER B 70 -3.82 -7.52 -16.41
CA SER B 70 -2.45 -7.61 -16.91
C SER B 70 -1.80 -8.71 -16.08
N PRO B 71 -0.61 -9.20 -16.48
CA PRO B 71 0.05 -10.25 -15.69
C PRO B 71 -0.15 -10.08 -14.18
N ASN B 72 0.69 -9.26 -13.55
CA ASN B 72 0.57 -9.04 -12.11
C ASN B 72 -0.85 -8.61 -11.81
N SER B 73 -1.65 -9.52 -11.26
CA SER B 73 -3.02 -9.24 -10.93
C SER B 73 -3.10 -8.14 -9.88
N GLU B 74 -1.98 -7.85 -9.24
CA GLU B 74 -1.93 -6.83 -8.20
C GLU B 74 -0.55 -6.18 -8.15
N PRO B 75 -0.36 -5.19 -7.27
CA PRO B 75 0.94 -4.52 -7.16
C PRO B 75 2.09 -5.51 -6.93
N VAL B 76 3.22 -5.26 -7.59
CA VAL B 76 4.40 -6.12 -7.45
C VAL B 76 5.67 -5.30 -7.25
N GLY B 77 6.26 -5.43 -6.07
CA GLY B 77 7.48 -4.69 -5.77
C GLY B 77 8.66 -5.05 -6.66
N TRP B 78 9.03 -6.33 -6.70
CA TRP B 78 10.15 -6.78 -7.52
C TRP B 78 9.91 -8.19 -8.05
N ILE B 79 10.49 -8.47 -9.21
CA ILE B 79 10.40 -9.78 -9.81
C ILE B 79 11.79 -10.36 -9.59
N ALA B 80 11.88 -11.60 -9.13
CA ALA B 80 13.20 -12.14 -8.85
C ALA B 80 13.41 -13.63 -9.02
N VAL B 81 14.67 -13.99 -9.19
CA VAL B 81 15.03 -15.38 -9.31
C VAL B 81 16.05 -15.66 -8.22
N TYR B 82 16.06 -16.89 -7.72
CA TYR B 82 17.00 -17.30 -6.67
C TYR B 82 17.66 -18.59 -7.10
N GLY B 83 18.98 -18.63 -6.96
CA GLY B 83 19.70 -19.84 -7.32
C GLY B 83 20.26 -20.55 -6.12
N GLN B 84 21.11 -21.55 -6.38
CA GLN B 84 21.74 -22.32 -5.32
C GLN B 84 22.93 -21.54 -4.78
N GLY B 85 23.36 -20.54 -5.55
CA GLY B 85 24.48 -19.72 -5.14
C GLY B 85 24.08 -18.67 -4.12
N TYR B 86 22.78 -18.42 -4.01
CA TYR B 86 22.26 -17.45 -3.07
C TYR B 86 22.82 -17.70 -1.67
N SER B 87 23.40 -16.66 -1.09
CA SER B 87 23.97 -16.76 0.25
C SER B 87 23.98 -15.41 0.95
N PRO B 88 22.94 -15.13 1.75
CA PRO B 88 22.83 -13.86 2.47
C PRO B 88 24.01 -13.59 3.41
N ASN B 89 24.71 -12.48 3.16
CA ASN B 89 25.87 -12.11 3.96
C ASN B 89 25.56 -12.03 5.45
N SER B 90 24.28 -11.98 5.79
CA SER B 90 23.84 -11.90 7.18
C SER B 90 24.60 -10.88 8.02
N GLY B 91 23.96 -9.74 8.28
CA GLY B 91 24.62 -8.71 9.06
C GLY B 91 23.73 -7.93 10.00
N ASP B 92 24.34 -7.05 10.79
CA ASP B 92 23.63 -6.21 11.75
C ASP B 92 23.40 -4.81 11.23
N VAL B 93 22.31 -4.65 10.47
CA VAL B 93 21.94 -3.37 9.86
C VAL B 93 21.58 -2.32 10.90
N GLN B 94 20.69 -2.66 11.80
CA GLN B 94 20.26 -1.76 12.87
C GLN B 94 21.50 -1.12 13.49
N GLY B 95 22.47 -1.94 13.86
CA GLY B 95 23.68 -1.43 14.45
C GLY B 95 24.38 -0.47 13.51
N LEU B 96 24.46 -0.85 12.24
CA LEU B 96 25.11 -0.02 11.23
C LEU B 96 24.58 1.39 11.28
N GLN B 97 23.27 1.52 11.07
CA GLN B 97 22.60 2.81 11.09
C GLN B 97 22.93 3.57 12.37
N ALA B 98 23.12 2.83 13.46
CA ALA B 98 23.44 3.42 14.75
C ALA B 98 24.82 4.05 14.70
N ALA B 99 25.74 3.38 14.02
CA ALA B 99 27.10 3.88 13.87
C ALA B 99 27.04 5.03 12.89
N TRP B 100 26.35 4.83 11.77
CA TRP B 100 26.20 5.86 10.75
C TRP B 100 25.53 7.05 11.41
N GLU B 101 24.80 6.78 12.47
CA GLU B 101 24.11 7.83 13.22
C GLU B 101 25.18 8.64 13.95
N ALA B 102 26.06 7.92 14.63
CA ALA B 102 27.15 8.51 15.39
C ALA B 102 28.12 9.26 14.49
N LEU B 103 28.44 8.68 13.34
CA LEU B 103 29.36 9.30 12.39
C LEU B 103 28.89 10.68 11.93
N GLN B 104 27.62 10.77 11.56
CA GLN B 104 27.05 12.03 11.09
C GLN B 104 27.09 13.07 12.19
N THR B 105 26.82 12.65 13.43
CA THR B 105 26.83 13.54 14.57
C THR B 105 28.20 14.23 14.65
N SER B 106 29.20 13.47 15.07
CA SER B 106 30.56 13.97 15.18
C SER B 106 31.01 14.52 13.82
N GLY B 107 32.14 15.22 13.82
CA GLY B 107 32.62 15.79 12.58
C GLY B 107 33.76 15.05 11.89
N ARG B 108 33.92 13.77 12.18
CA ARG B 108 34.99 12.98 11.55
C ARG B 108 34.84 12.99 10.03
N PRO B 109 35.98 12.92 9.31
CA PRO B 109 36.01 12.92 7.83
C PRO B 109 35.23 11.79 7.16
N ILE B 110 33.90 11.93 7.12
CA ILE B 110 33.04 10.93 6.49
C ILE B 110 33.52 10.61 5.08
N THR B 111 34.18 9.47 4.93
CA THR B 111 34.73 9.07 3.66
C THR B 111 34.43 7.61 3.32
N PRO B 112 34.78 7.17 2.10
CA PRO B 112 34.54 5.79 1.68
C PRO B 112 34.99 4.79 2.74
N GLY B 113 36.28 4.81 3.05
CA GLY B 113 36.83 3.90 4.04
C GLY B 113 36.07 3.97 5.35
N THR B 114 35.46 5.11 5.60
CA THR B 114 34.67 5.31 6.81
C THR B 114 33.38 4.50 6.67
N LEU B 115 32.95 4.32 5.44
CA LEU B 115 31.73 3.56 5.15
C LEU B 115 32.07 2.08 5.07
N ARG B 116 33.20 1.79 4.47
CA ARG B 116 33.65 0.41 4.34
C ARG B 116 33.79 -0.15 5.73
N GLN B 117 34.31 0.67 6.65
CA GLN B 117 34.49 0.23 8.01
C GLN B 117 33.14 0.11 8.67
N LEU B 118 32.30 1.14 8.54
CA LEU B 118 30.98 1.10 9.13
C LEU B 118 30.30 -0.19 8.67
N ALA B 119 30.61 -0.62 7.45
CA ALA B 119 30.04 -1.83 6.87
C ALA B 119 30.63 -3.10 7.46
N ILE B 120 31.93 -3.09 7.70
CA ILE B 120 32.64 -4.24 8.27
C ILE B 120 32.27 -4.41 9.74
N THR B 121 31.83 -3.31 10.36
CA THR B 121 31.45 -3.31 11.77
C THR B 121 30.03 -3.83 11.95
N HIS B 122 29.37 -4.23 10.87
CA HIS B 122 28.00 -4.74 11.01
C HIS B 122 27.63 -5.87 10.06
N HIS B 123 28.61 -6.71 9.71
CA HIS B 123 28.39 -7.85 8.85
C HIS B 123 27.54 -7.59 7.58
N VAL B 124 27.56 -6.35 7.08
CA VAL B 124 26.81 -5.97 5.89
C VAL B 124 27.81 -5.83 4.74
N LEU B 125 28.10 -6.95 4.07
CA LEU B 125 29.10 -6.95 3.01
C LEU B 125 28.62 -7.10 1.57
N SER B 126 27.46 -7.72 1.37
CA SER B 126 26.96 -7.92 0.02
C SER B 126 26.81 -6.65 -0.80
N GLY B 127 26.85 -6.81 -2.13
CA GLY B 127 26.73 -5.68 -3.03
C GLY B 127 25.90 -5.97 -4.27
N LYS B 128 25.66 -4.95 -5.07
CA LYS B 128 24.85 -5.15 -6.25
C LYS B 128 25.30 -4.44 -7.52
N TRP B 129 25.36 -5.21 -8.60
CA TRP B 129 25.70 -4.70 -9.91
C TRP B 129 24.38 -4.11 -10.43
N LEU B 130 24.42 -2.82 -10.80
CA LEU B 130 23.24 -2.12 -11.31
C LEU B 130 23.35 -1.76 -12.79
N MSE B 131 22.28 -2.05 -13.53
CA MSE B 131 22.21 -1.77 -14.96
C MSE B 131 20.80 -1.34 -15.30
O MSE B 131 19.84 -1.92 -14.77
CB MSE B 131 22.58 -3.03 -15.76
CG MSE B 131 21.61 -4.19 -15.56
SE MSE B 131 22.48 -5.93 -15.61
CE MSE B 131 23.08 -5.95 -13.78
N HIS B 132 20.67 -0.35 -16.17
CA HIS B 132 19.37 0.16 -16.56
C HIS B 132 19.15 -0.08 -18.04
N LEU B 133 18.59 -1.24 -18.37
CA LEU B 133 18.32 -1.60 -19.76
C LEU B 133 17.19 -0.78 -20.33
N ALA B 134 17.27 -0.52 -21.63
CA ALA B 134 16.26 0.25 -22.34
C ALA B 134 14.96 -0.52 -22.34
N PRO B 135 13.83 0.19 -22.23
CA PRO B 135 12.53 -0.50 -22.21
C PRO B 135 12.28 -1.29 -23.50
N GLY B 136 11.25 -2.13 -23.45
CA GLY B 136 10.90 -2.94 -24.59
C GLY B 136 11.44 -4.35 -24.44
N PHE B 137 11.70 -4.99 -25.57
CA PHE B 137 12.20 -6.35 -25.55
C PHE B 137 13.65 -6.41 -25.11
N LYS B 138 14.32 -5.26 -25.08
CA LYS B 138 15.71 -5.21 -24.64
C LYS B 138 15.77 -5.37 -23.13
N LEU B 139 14.87 -4.69 -22.42
CA LEU B 139 14.83 -4.82 -20.97
C LEU B 139 14.50 -6.26 -20.61
N ASP B 140 13.54 -6.82 -21.35
CA ASP B 140 13.08 -8.18 -21.14
C ASP B 140 14.10 -9.22 -21.55
N HIS B 141 14.81 -8.92 -22.64
CA HIS B 141 15.82 -9.84 -23.14
C HIS B 141 17.00 -9.91 -22.18
N ALA B 142 17.35 -8.75 -21.61
CA ALA B 142 18.47 -8.70 -20.69
C ALA B 142 18.06 -9.39 -19.37
N TRP B 143 16.80 -9.21 -19.00
CA TRP B 143 16.28 -9.78 -17.76
C TRP B 143 16.21 -11.31 -17.85
N ALA B 144 15.87 -11.83 -19.03
CA ALA B 144 15.76 -13.28 -19.23
C ALA B 144 17.10 -13.99 -19.02
N GLY B 145 18.11 -13.58 -19.77
CA GLY B 145 19.42 -14.20 -19.62
C GLY B 145 19.96 -14.09 -18.21
N ILE B 146 19.56 -13.03 -17.51
CA ILE B 146 19.99 -12.82 -16.13
C ILE B 146 19.30 -13.85 -15.26
N ALA B 147 18.01 -14.05 -15.46
CA ALA B 147 17.25 -15.04 -14.72
C ALA B 147 17.90 -16.42 -14.89
N ARG B 148 18.16 -16.77 -16.15
CA ARG B 148 18.79 -18.05 -16.48
C ARG B 148 20.15 -18.11 -15.84
N ALA B 149 20.71 -16.94 -15.53
CA ALA B 149 22.02 -16.87 -14.89
C ALA B 149 21.89 -17.00 -13.37
N VAL B 150 20.66 -16.81 -12.87
CA VAL B 150 20.40 -16.92 -11.44
C VAL B 150 19.87 -18.32 -11.09
N VAL B 151 19.31 -19.02 -12.07
CA VAL B 151 18.80 -20.36 -11.83
C VAL B 151 19.93 -21.39 -11.89
N GLU B 152 20.83 -21.24 -12.86
CA GLU B 152 21.97 -22.16 -13.00
C GLU B 152 23.02 -21.95 -11.91
N GLY B 153 23.01 -20.79 -11.28
CA GLY B 153 23.97 -20.55 -10.23
C GLY B 153 25.19 -19.73 -10.63
N ARG B 154 25.18 -19.16 -11.82
CA ARG B 154 26.30 -18.36 -12.26
C ARG B 154 26.07 -16.94 -11.75
N LEU B 155 25.04 -16.81 -10.91
CA LEU B 155 24.66 -15.55 -10.27
C LEU B 155 23.77 -15.94 -9.10
N GLN B 156 23.83 -15.15 -8.02
CA GLN B 156 23.05 -15.46 -6.82
C GLN B 156 21.59 -15.03 -6.86
N VAL B 157 21.38 -13.75 -7.12
CA VAL B 157 20.04 -13.21 -7.13
C VAL B 157 20.02 -11.94 -8.00
N ALA B 158 18.91 -11.72 -8.71
CA ALA B 158 18.82 -10.56 -9.55
C ALA B 158 17.41 -10.02 -9.55
N LYS B 159 17.26 -8.74 -9.85
CA LYS B 159 15.94 -8.14 -9.86
C LYS B 159 15.81 -7.01 -10.87
N VAL B 160 14.57 -6.68 -11.23
CA VAL B 160 14.33 -5.62 -12.19
C VAL B 160 13.11 -4.78 -11.80
N SER B 161 13.16 -3.51 -12.18
CA SER B 161 12.08 -2.58 -11.90
C SER B 161 10.84 -2.94 -12.73
N PRO B 162 9.69 -3.10 -12.07
CA PRO B 162 8.50 -3.43 -12.87
C PRO B 162 8.06 -2.12 -13.56
N ARG B 163 7.36 -2.22 -14.68
CA ARG B 163 6.92 -1.03 -15.41
C ARG B 163 6.39 0.07 -14.47
N ALA B 164 7.04 1.23 -14.49
CA ALA B 164 6.65 2.35 -13.64
C ALA B 164 6.03 3.52 -14.41
N LYS B 165 5.96 4.68 -13.76
CA LYS B 165 5.36 5.87 -14.38
C LYS B 165 6.32 6.65 -15.28
N GLU B 166 7.41 7.14 -14.69
CA GLU B 166 8.39 7.93 -15.43
C GLU B 166 8.79 7.27 -16.76
N GLY B 167 8.49 5.99 -16.90
CA GLY B 167 8.81 5.27 -18.13
C GLY B 167 10.25 5.35 -18.59
N GLY B 168 10.57 4.59 -19.62
CA GLY B 168 11.93 4.59 -20.15
C GLY B 168 12.76 3.42 -19.63
N ARG B 169 13.97 3.71 -19.16
CA ARG B 169 14.87 2.69 -18.64
C ARG B 169 14.48 2.21 -17.24
N GLN B 170 14.57 0.89 -17.05
CA GLN B 170 14.28 0.25 -15.77
C GLN B 170 15.55 -0.45 -15.32
N VAL B 171 15.87 -0.30 -14.04
CA VAL B 171 17.09 -0.88 -13.48
C VAL B 171 17.01 -2.31 -13.01
N ILE B 172 18.09 -3.04 -13.27
CA ILE B 172 18.26 -4.43 -12.86
C ILE B 172 19.35 -4.45 -11.79
N CYS B 173 19.22 -5.40 -10.86
CA CYS B 173 20.18 -5.55 -9.77
C CYS B 173 20.70 -6.98 -9.69
N VAL B 174 22.02 -7.14 -9.73
CA VAL B 174 22.64 -8.46 -9.63
C VAL B 174 23.57 -8.45 -8.41
N TYR B 175 23.26 -9.30 -7.43
CA TYR B 175 24.04 -9.36 -6.19
C TYR B 175 25.16 -10.39 -6.11
N THR B 176 26.20 -10.03 -5.35
CA THR B 176 27.31 -10.93 -5.07
C THR B 176 27.37 -10.93 -3.54
N ASP B 177 28.09 -11.87 -2.94
CA ASP B 177 28.08 -11.94 -1.48
C ASP B 177 28.88 -10.89 -0.72
N ASP B 178 29.98 -10.42 -1.30
CA ASP B 178 30.82 -9.43 -0.62
C ASP B 178 31.44 -8.38 -1.55
N PHE B 179 31.19 -7.12 -1.26
CA PHE B 179 31.73 -6.06 -2.09
C PHE B 179 33.23 -5.86 -1.93
N THR B 180 33.86 -6.64 -1.05
CA THR B 180 35.30 -6.48 -0.86
C THR B 180 36.15 -7.45 -1.65
N ASP B 181 35.52 -8.42 -2.31
CA ASP B 181 36.26 -9.41 -3.10
C ASP B 181 36.19 -9.22 -4.63
N ARG B 182 37.36 -8.96 -5.22
CA ARG B 182 37.48 -8.73 -6.66
C ARG B 182 36.87 -9.85 -7.53
N LEU B 183 37.34 -11.08 -7.34
CA LEU B 183 36.83 -12.19 -8.13
C LEU B 183 35.32 -12.38 -7.96
N GLY B 184 34.80 -11.91 -6.85
CA GLY B 184 33.36 -12.01 -6.63
C GLY B 184 32.68 -11.08 -7.62
N VAL B 185 33.23 -9.89 -7.77
CA VAL B 185 32.67 -8.89 -8.69
C VAL B 185 32.83 -9.29 -10.17
N LEU B 186 34.04 -9.65 -10.58
CA LEU B 186 34.29 -10.03 -11.96
C LEU B 186 33.41 -11.18 -12.43
N GLU B 187 33.28 -12.18 -11.57
CA GLU B 187 32.47 -13.34 -11.91
C GLU B 187 31.07 -12.89 -12.33
N ALA B 188 30.40 -12.14 -11.45
CA ALA B 188 29.06 -11.64 -11.75
C ALA B 188 29.08 -10.86 -13.07
N ASP B 189 30.02 -9.91 -13.17
CA ASP B 189 30.17 -9.09 -14.37
C ASP B 189 30.20 -9.99 -15.60
N SER B 190 31.06 -11.00 -15.54
CA SER B 190 31.21 -11.96 -16.63
C SER B 190 29.90 -12.64 -17.01
N ALA B 191 29.09 -13.00 -16.01
CA ALA B 191 27.82 -13.65 -16.27
C ALA B 191 26.84 -12.66 -16.92
N ILE B 192 26.92 -11.41 -16.48
CA ILE B 192 26.04 -10.38 -17.03
C ILE B 192 26.41 -10.05 -18.48
N ARG B 193 27.69 -10.16 -18.83
CA ARG B 193 28.10 -9.84 -20.20
C ARG B 193 27.82 -11.01 -21.13
N ALA B 194 27.49 -12.16 -20.55
CA ALA B 194 27.19 -13.34 -21.32
C ALA B 194 25.69 -13.38 -21.63
N ALA B 195 24.90 -12.65 -20.84
CA ALA B 195 23.47 -12.59 -21.08
C ALA B 195 23.20 -11.57 -22.20
N GLY B 196 24.28 -11.04 -22.77
CA GLY B 196 24.14 -10.08 -23.85
C GLY B 196 24.04 -8.63 -23.45
N ILE B 197 24.21 -8.33 -22.16
CA ILE B 197 24.12 -6.94 -21.71
C ILE B 197 25.40 -6.18 -22.04
N LYS B 198 25.24 -4.98 -22.62
CA LYS B 198 26.39 -4.18 -23.03
C LYS B 198 26.46 -2.81 -22.40
N CYS B 199 25.41 -2.44 -21.69
CA CYS B 199 25.33 -1.15 -21.03
C CYS B 199 26.33 -1.04 -19.87
N LEU B 200 26.49 0.17 -19.37
CA LEU B 200 27.39 0.43 -18.26
C LEU B 200 26.83 -0.28 -17.03
N LEU B 201 27.74 -0.74 -16.17
CA LEU B 201 27.34 -1.40 -14.93
C LEU B 201 28.05 -0.71 -13.78
N THR B 202 27.31 -0.44 -12.70
CA THR B 202 27.90 0.19 -11.53
C THR B 202 27.55 -0.69 -10.35
N TYR B 203 28.56 -1.02 -9.54
CA TYR B 203 28.39 -1.88 -8.39
C TYR B 203 28.23 -1.08 -7.09
N LYS B 204 27.06 -1.19 -6.48
CA LYS B 204 26.78 -0.47 -5.25
C LYS B 204 26.69 -1.41 -4.05
N PRO B 205 27.39 -1.08 -2.96
CA PRO B 205 27.36 -1.93 -1.77
C PRO B 205 26.09 -1.75 -0.94
N ASP B 206 25.55 -2.84 -0.43
CA ASP B 206 24.35 -2.75 0.40
C ASP B 206 24.50 -1.74 1.55
N VAL B 207 25.70 -1.65 2.14
CA VAL B 207 25.92 -0.70 3.23
C VAL B 207 25.47 0.69 2.80
N TYR B 208 25.90 1.12 1.62
CA TYR B 208 25.51 2.44 1.13
C TYR B 208 23.98 2.52 1.04
N THR B 209 23.39 1.51 0.41
CA THR B 209 21.94 1.46 0.25
C THR B 209 21.22 1.50 1.60
N TYR B 210 21.58 0.59 2.50
CA TYR B 210 20.98 0.56 3.83
C TYR B 210 21.06 1.92 4.51
N LEU B 211 22.21 2.58 4.39
CA LEU B 211 22.38 3.90 5.00
C LEU B 211 21.71 4.97 4.17
N GLY B 212 20.98 4.54 3.15
CA GLY B 212 20.28 5.47 2.28
C GLY B 212 21.22 6.40 1.56
N ILE B 213 22.50 6.07 1.55
CA ILE B 213 23.50 6.89 0.89
C ILE B 213 23.31 6.84 -0.63
N TYR B 214 23.15 8.02 -1.23
CA TYR B 214 22.95 8.11 -2.67
C TYR B 214 23.86 9.18 -3.25
N ARG B 215 24.18 9.05 -4.54
CA ARG B 215 25.06 9.98 -5.24
C ARG B 215 25.01 11.42 -4.72
N ALA B 216 23.82 12.01 -4.69
CA ALA B 216 23.71 13.37 -4.18
C ALA B 216 23.70 13.29 -2.66
N ASN B 217 24.82 13.59 -2.04
CA ASN B 217 24.91 13.54 -0.58
C ASN B 217 25.82 14.62 -0.02
N ARG B 218 25.53 15.05 1.21
CA ARG B 218 26.28 16.09 1.89
C ARG B 218 27.79 15.87 1.84
N TRP B 219 28.17 14.60 1.90
CA TRP B 219 29.56 14.19 1.93
C TRP B 219 30.27 14.01 0.60
N HIS B 220 29.52 14.09 -0.50
CA HIS B 220 30.11 13.93 -1.82
C HIS B 220 30.76 12.56 -1.94
N LEU B 221 30.07 11.53 -1.49
CA LEU B 221 30.58 10.17 -1.57
C LEU B 221 30.22 9.54 -2.90
N CYS B 222 31.09 8.67 -3.40
CA CYS B 222 30.81 7.97 -4.65
C CYS B 222 30.05 6.72 -4.23
N PRO B 223 28.74 6.70 -4.48
CA PRO B 223 27.90 5.56 -4.12
C PRO B 223 28.23 4.26 -4.88
N THR B 224 29.23 4.32 -5.77
CA THR B 224 29.64 3.15 -6.54
C THR B 224 31.12 2.80 -6.35
N LEU B 225 31.38 1.53 -6.08
CA LEU B 225 32.75 1.08 -5.88
C LEU B 225 33.37 0.57 -7.18
N TYR B 226 32.57 -0.09 -8.01
CA TYR B 226 33.06 -0.62 -9.28
C TYR B 226 32.20 -0.23 -10.47
N GLU B 227 32.84 -0.15 -11.63
CA GLU B 227 32.19 0.20 -12.89
C GLU B 227 32.63 -0.78 -13.97
N SER B 228 31.73 -1.07 -14.90
CA SER B 228 32.04 -1.96 -15.99
C SER B 228 31.60 -1.38 -17.33
N ARG B 229 32.57 -0.99 -18.15
CA ARG B 229 32.29 -0.41 -19.46
C ARG B 229 32.45 -1.52 -20.50
N PHE B 230 31.43 -1.73 -21.32
CA PHE B 230 31.54 -2.76 -22.33
C PHE B 230 32.27 -2.18 -23.55
N GLN B 231 33.14 -2.99 -24.14
CA GLN B 231 33.90 -2.53 -25.28
C GLN B 231 33.60 -3.35 -26.54
N LEU B 232 33.10 -2.66 -27.56
CA LEU B 232 32.76 -3.28 -28.84
C LEU B 232 33.96 -3.17 -29.77
N GLY B 233 33.91 -3.89 -30.89
CA GLY B 233 34.99 -3.81 -31.86
C GLY B 233 35.81 -5.06 -32.11
N GLY B 234 36.27 -5.69 -31.04
CA GLY B 234 37.08 -6.90 -31.21
C GLY B 234 38.55 -6.62 -31.01
N SER B 235 38.89 -5.37 -30.70
CA SER B 235 40.27 -4.97 -30.46
C SER B 235 40.47 -4.60 -29.00
N ALA B 236 39.52 -5.05 -28.18
CA ALA B 236 39.51 -4.83 -26.75
C ALA B 236 38.72 -5.96 -26.11
N ARG B 237 38.99 -6.25 -24.85
CA ARG B 237 38.26 -7.31 -24.16
C ARG B 237 36.85 -6.81 -23.89
N GLY B 238 35.87 -7.58 -24.34
CA GLY B 238 34.47 -7.21 -24.17
C GLY B 238 34.15 -6.31 -22.99
N SER B 239 34.75 -6.57 -21.83
CA SER B 239 34.46 -5.77 -20.64
C SER B 239 35.67 -5.15 -19.93
N ARG B 240 35.49 -3.93 -19.43
CA ARG B 240 36.55 -3.22 -18.71
C ARG B 240 36.04 -2.80 -17.33
N VAL B 241 36.44 -3.55 -16.32
CA VAL B 241 36.02 -3.29 -14.94
C VAL B 241 37.04 -2.47 -14.17
N LEU B 242 36.58 -1.39 -13.56
CA LEU B 242 37.44 -0.50 -12.79
C LEU B 242 37.10 -0.44 -11.31
N ASP B 243 38.09 -0.66 -10.45
CA ASP B 243 37.91 -0.56 -9.02
C ASP B 243 38.09 0.93 -8.75
N ARG B 244 36.99 1.67 -8.71
CA ARG B 244 37.06 3.12 -8.51
C ARG B 244 37.59 3.50 -7.14
N ALA B 245 37.30 2.68 -6.13
CA ALA B 245 37.76 2.97 -4.79
C ALA B 245 39.29 3.02 -4.69
N ASN B 246 39.95 2.07 -5.33
CA ASN B 246 41.40 1.98 -5.29
C ASN B 246 42.13 2.35 -6.57
N ASN B 247 41.39 2.57 -7.65
CA ASN B 247 41.97 2.92 -8.94
C ASN B 247 42.77 1.73 -9.47
N VAL B 248 42.10 0.59 -9.57
CA VAL B 248 42.70 -0.64 -10.05
C VAL B 248 41.87 -1.26 -11.18
N GLU B 249 42.50 -1.48 -12.33
CA GLU B 249 41.78 -2.08 -13.44
C GLU B 249 41.76 -3.59 -13.21
N LEU B 250 40.64 -4.10 -12.72
CA LEU B 250 40.51 -5.53 -12.48
C LEU B 250 40.58 -6.20 -13.85
N THR B 251 40.54 -5.36 -14.88
CA THR B 251 40.57 -5.74 -16.29
C THR B 251 39.15 -5.99 -16.81
N MSE C 30 -39.58 2.35 -1.49
CA MSE C 30 -39.90 3.24 -2.63
C MSE C 30 -38.76 4.21 -2.92
O MSE C 30 -38.62 5.26 -2.27
CB MSE C 30 -41.18 4.05 -2.35
CG MSE C 30 -42.43 3.22 -2.13
SE MSE C 30 -42.99 2.16 -3.66
CE MSE C 30 -43.70 3.57 -4.79
N ALA C 31 -37.93 3.87 -3.91
CA ALA C 31 -36.81 4.71 -4.30
C ALA C 31 -37.10 5.32 -5.67
N ALA C 32 -36.43 6.43 -5.96
CA ALA C 32 -36.61 7.14 -7.21
C ALA C 32 -36.24 6.22 -8.38
N ASP C 33 -35.35 5.27 -8.12
CA ASP C 33 -34.91 4.32 -9.13
C ASP C 33 -34.67 2.95 -8.50
N MSE C 34 -35.57 2.02 -8.79
CA MSE C 34 -35.49 0.67 -8.26
C MSE C 34 -35.41 -0.35 -9.38
O MSE C 34 -35.77 -1.52 -9.20
CB MSE C 34 -36.72 0.37 -7.36
CG MSE C 34 -36.89 1.29 -6.15
SE MSE C 34 -38.12 0.59 -4.82
CE MSE C 34 -39.79 0.96 -5.72
N ASP C 35 -34.93 0.08 -10.53
CA ASP C 35 -34.83 -0.78 -11.71
C ASP C 35 -33.45 -1.39 -11.97
N PRO C 36 -33.37 -2.30 -12.96
CA PRO C 36 -32.11 -2.94 -13.33
C PRO C 36 -31.20 -1.94 -14.04
N TRP C 37 -29.90 -2.25 -14.02
CA TRP C 37 -28.90 -1.41 -14.66
C TRP C 37 -28.09 -2.26 -15.64
N LEU C 38 -27.73 -1.68 -16.77
CA LEU C 38 -26.90 -2.37 -17.76
C LEU C 38 -25.51 -2.02 -17.26
N VAL C 39 -24.78 -3.04 -16.81
CA VAL C 39 -23.47 -2.81 -16.23
C VAL C 39 -22.31 -3.56 -16.87
N PHE C 40 -21.15 -2.92 -16.86
CA PHE C 40 -19.93 -3.55 -17.32
C PHE C 40 -18.87 -3.23 -16.25
N ASP C 41 -18.47 -4.25 -15.50
CA ASP C 41 -17.48 -4.07 -14.46
C ASP C 41 -16.17 -4.67 -14.93
N ALA C 42 -15.21 -3.80 -15.25
CA ALA C 42 -13.91 -4.26 -15.71
C ALA C 42 -13.17 -4.93 -14.55
N ARG C 43 -13.72 -4.82 -13.35
CA ARG C 43 -13.09 -5.45 -12.19
C ARG C 43 -13.32 -6.94 -12.29
N THR C 44 -14.07 -7.38 -13.30
CA THR C 44 -14.36 -8.80 -13.44
C THR C 44 -14.71 -9.32 -14.83
N THR C 45 -14.70 -8.46 -15.85
CA THR C 45 -15.06 -8.90 -17.20
C THR C 45 -13.98 -8.73 -18.26
N PRO C 46 -13.85 -9.70 -19.17
CA PRO C 46 -12.86 -9.69 -20.26
C PRO C 46 -12.99 -8.41 -21.07
N ALA C 47 -11.99 -7.54 -20.92
CA ALA C 47 -11.95 -6.25 -21.61
C ALA C 47 -12.31 -6.35 -23.08
N THR C 48 -11.86 -7.41 -23.74
CA THR C 48 -12.15 -7.58 -25.16
C THR C 48 -13.64 -7.76 -25.42
N GLU C 49 -14.42 -7.76 -24.36
CA GLU C 49 -15.86 -7.92 -24.50
C GLU C 49 -16.53 -6.56 -24.61
N LEU C 50 -15.89 -5.54 -24.07
CA LEU C 50 -16.46 -4.18 -24.10
C LEU C 50 -17.12 -3.78 -25.41
N ASP C 51 -16.34 -3.75 -26.48
CA ASP C 51 -16.84 -3.35 -27.79
C ASP C 51 -18.19 -3.96 -28.19
N ALA C 52 -18.35 -5.26 -27.97
CA ALA C 52 -19.61 -5.92 -28.31
C ALA C 52 -20.74 -5.41 -27.41
N TRP C 53 -20.37 -5.06 -26.19
CA TRP C 53 -21.34 -4.55 -25.22
C TRP C 53 -21.84 -3.16 -25.62
N LEU C 54 -20.90 -2.26 -25.91
CA LEU C 54 -21.27 -0.90 -26.29
C LEU C 54 -22.19 -0.94 -27.50
N ALA C 55 -21.92 -1.87 -28.41
CA ALA C 55 -22.71 -2.02 -29.62
C ALA C 55 -24.11 -2.56 -29.36
N LYS C 56 -24.19 -3.60 -28.55
CA LYS C 56 -25.46 -4.21 -28.23
C LYS C 56 -26.37 -3.30 -27.40
N TYR C 57 -25.78 -2.50 -26.52
CA TYR C 57 -26.58 -1.62 -25.67
C TYR C 57 -26.21 -0.15 -25.77
N PRO C 58 -26.16 0.42 -26.98
CA PRO C 58 -25.80 1.83 -26.99
C PRO C 58 -26.86 2.64 -26.24
N PRO C 59 -26.44 3.64 -25.45
CA PRO C 59 -27.40 4.45 -24.68
C PRO C 59 -28.38 5.22 -25.55
N SER C 60 -27.87 5.90 -26.55
CA SER C 60 -28.73 6.70 -27.43
C SER C 60 -29.93 5.87 -27.90
N GLN C 61 -29.86 4.56 -27.73
CA GLN C 61 -30.94 3.68 -28.14
C GLN C 61 -31.64 3.03 -26.95
N VAL C 62 -30.85 2.68 -25.93
CA VAL C 62 -31.39 2.08 -24.72
C VAL C 62 -32.39 3.05 -24.09
N THR C 63 -33.61 2.58 -23.80
CA THR C 63 -34.62 3.45 -23.22
C THR C 63 -34.86 3.21 -21.74
N ARG C 64 -35.21 4.29 -21.05
CA ARG C 64 -35.46 4.24 -19.62
C ARG C 64 -36.49 3.17 -19.23
N TYR C 65 -37.56 3.03 -20.02
CA TYR C 65 -38.60 2.06 -19.69
C TYR C 65 -38.72 0.85 -20.60
N GLY C 66 -37.66 0.53 -21.31
CA GLY C 66 -37.71 -0.62 -22.19
C GLY C 66 -38.88 -0.59 -23.16
N ASP C 67 -39.08 0.56 -23.81
CA ASP C 67 -40.15 0.73 -24.79
C ASP C 67 -39.98 -0.25 -25.94
N PRO C 68 -41.09 -0.63 -26.61
CA PRO C 68 -41.01 -1.56 -27.73
C PRO C 68 -40.00 -1.01 -28.74
N GLY C 69 -39.05 -1.84 -29.17
CA GLY C 69 -38.06 -1.38 -30.11
C GLY C 69 -36.69 -1.22 -29.47
N SER C 70 -36.65 -1.21 -28.15
CA SER C 70 -35.40 -1.06 -27.40
C SER C 70 -34.59 -2.34 -27.32
N PRO C 71 -33.25 -2.22 -27.28
CA PRO C 71 -32.44 -3.43 -27.18
C PRO C 71 -32.72 -4.10 -25.84
N ASN C 72 -33.39 -3.37 -24.96
CA ASN C 72 -33.77 -3.83 -23.63
C ASN C 72 -35.30 -3.88 -23.48
N SER C 73 -35.81 -4.98 -22.92
CA SER C 73 -37.26 -5.11 -22.73
C SER C 73 -37.65 -4.73 -21.31
N GLU C 74 -36.67 -4.65 -20.42
CA GLU C 74 -36.90 -4.28 -19.03
C GLU C 74 -36.46 -2.84 -18.83
N PRO C 75 -37.09 -2.11 -17.90
CA PRO C 75 -36.70 -0.72 -17.65
C PRO C 75 -35.24 -0.73 -17.18
N VAL C 76 -34.53 0.35 -17.44
CA VAL C 76 -33.14 0.46 -17.03
C VAL C 76 -32.89 1.87 -16.47
N GLY C 77 -32.50 1.93 -15.20
CA GLY C 77 -32.27 3.21 -14.57
C GLY C 77 -30.98 3.88 -14.99
N TRP C 78 -29.96 3.07 -15.26
CA TRP C 78 -28.65 3.57 -15.68
C TRP C 78 -27.90 2.52 -16.47
N ILE C 79 -26.91 2.99 -17.24
CA ILE C 79 -26.00 2.16 -18.00
C ILE C 79 -24.68 2.56 -17.35
N ALA C 80 -23.91 1.59 -16.88
CA ALA C 80 -22.65 1.91 -16.19
C ALA C 80 -21.50 0.95 -16.43
N VAL C 81 -20.29 1.48 -16.25
CA VAL C 81 -19.08 0.68 -16.39
C VAL C 81 -18.20 0.88 -15.16
N TYR C 82 -17.92 -0.21 -14.45
CA TYR C 82 -17.07 -0.16 -13.26
C TYR C 82 -15.66 -0.56 -13.66
N GLY C 83 -14.67 0.16 -13.16
CA GLY C 83 -13.29 -0.15 -13.50
C GLY C 83 -12.57 -0.86 -12.38
N GLN C 84 -11.56 -1.65 -12.72
CA GLN C 84 -10.79 -2.38 -11.71
C GLN C 84 -10.39 -1.44 -10.57
N GLY C 85 -10.39 -2.00 -9.36
CA GLY C 85 -10.05 -1.21 -8.20
C GLY C 85 -11.26 -0.51 -7.62
N TYR C 86 -12.30 -0.32 -8.43
CA TYR C 86 -13.51 0.34 -7.96
C TYR C 86 -14.09 -0.38 -6.77
N SER C 87 -14.53 0.40 -5.78
CA SER C 87 -15.14 -0.16 -4.58
C SER C 87 -15.76 0.96 -3.75
N PRO C 88 -16.78 0.64 -2.94
CA PRO C 88 -17.37 1.70 -2.14
C PRO C 88 -16.38 2.24 -1.10
N ASN C 89 -16.07 3.52 -1.20
CA ASN C 89 -15.15 4.19 -0.27
C ASN C 89 -15.97 5.11 0.63
N SER C 90 -17.30 4.98 0.55
CA SER C 90 -18.23 5.78 1.32
C SER C 90 -17.80 6.16 2.74
N GLY C 91 -18.45 7.21 3.26
CA GLY C 91 -18.14 7.71 4.60
C GLY C 91 -19.27 7.69 5.59
N ASP C 92 -19.68 8.87 6.05
CA ASP C 92 -20.74 8.96 7.06
C ASP C 92 -21.82 9.98 6.71
N VAL C 93 -22.69 9.61 5.77
CA VAL C 93 -23.76 10.49 5.33
C VAL C 93 -24.73 10.83 6.47
N GLN C 94 -24.95 9.87 7.37
CA GLN C 94 -25.85 10.08 8.49
C GLN C 94 -25.33 11.27 9.31
N GLY C 95 -24.06 11.23 9.67
CA GLY C 95 -23.48 12.31 10.44
C GLY C 95 -23.58 13.62 9.68
N LEU C 96 -23.42 13.54 8.36
CA LEU C 96 -23.50 14.72 7.52
C LEU C 96 -24.83 15.44 7.69
N GLN C 97 -25.92 14.67 7.68
CA GLN C 97 -27.26 15.23 7.82
C GLN C 97 -27.39 16.02 9.13
N ALA C 98 -26.90 15.42 10.21
CA ALA C 98 -26.94 16.05 11.53
C ALA C 98 -26.17 17.36 11.57
N ALA C 99 -24.94 17.35 11.06
CA ALA C 99 -24.13 18.56 11.02
C ALA C 99 -24.82 19.58 10.13
N TRP C 100 -25.42 19.11 9.05
CA TRP C 100 -26.12 19.98 8.11
C TRP C 100 -27.45 20.45 8.70
N GLU C 101 -28.06 19.58 9.51
CA GLU C 101 -29.33 19.90 10.14
C GLU C 101 -29.12 21.02 11.15
N ALA C 102 -28.08 20.88 11.98
CA ALA C 102 -27.75 21.87 12.99
C ALA C 102 -27.38 23.16 12.30
N LEU C 103 -26.34 23.08 11.49
CA LEU C 103 -25.81 24.22 10.74
C LEU C 103 -26.92 25.15 10.24
N GLN C 104 -28.04 24.56 9.86
CA GLN C 104 -29.16 25.36 9.35
C GLN C 104 -29.84 26.14 10.48
N THR C 105 -30.57 25.43 11.32
CA THR C 105 -31.28 26.05 12.43
C THR C 105 -30.30 26.49 13.52
N SER C 106 -29.18 27.08 13.10
CA SER C 106 -28.17 27.56 14.04
C SER C 106 -27.87 29.04 13.85
N GLY C 107 -27.22 29.37 12.74
CA GLY C 107 -26.88 30.75 12.46
C GLY C 107 -25.51 30.88 11.80
N ARG C 108 -24.70 29.84 11.90
CA ARG C 108 -23.37 29.84 11.30
C ARG C 108 -23.49 30.10 9.80
N PRO C 109 -22.46 30.71 9.18
CA PRO C 109 -22.49 31.01 7.74
C PRO C 109 -22.54 29.80 6.81
N ILE C 110 -23.50 29.81 5.88
CA ILE C 110 -23.65 28.72 4.93
C ILE C 110 -22.99 29.08 3.61
N THR C 111 -21.81 28.55 3.36
CA THR C 111 -21.09 28.84 2.13
C THR C 111 -20.38 27.60 1.58
N PRO C 112 -19.81 27.71 0.37
CA PRO C 112 -19.11 26.57 -0.22
C PRO C 112 -18.02 26.05 0.71
N GLY C 113 -17.38 26.97 1.43
CA GLY C 113 -16.33 26.59 2.34
C GLY C 113 -16.81 25.79 3.55
N THR C 114 -17.88 26.26 4.19
CA THR C 114 -18.41 25.54 5.34
C THR C 114 -18.85 24.15 4.89
N LEU C 115 -19.53 24.07 3.76
CA LEU C 115 -19.98 22.80 3.24
C LEU C 115 -18.80 21.90 2.97
N ARG C 116 -17.70 22.49 2.52
CA ARG C 116 -16.50 21.72 2.22
C ARG C 116 -16.03 21.00 3.49
N GLN C 117 -15.94 21.75 4.58
CA GLN C 117 -15.50 21.17 5.86
C GLN C 117 -16.54 20.14 6.30
N LEU C 118 -17.81 20.41 5.99
CA LEU C 118 -18.89 19.49 6.31
C LEU C 118 -18.63 18.17 5.57
N ALA C 119 -17.89 18.24 4.46
CA ALA C 119 -17.57 17.05 3.68
C ALA C 119 -16.24 16.40 4.11
N ILE C 120 -15.40 17.21 4.74
CA ILE C 120 -14.11 16.73 5.22
C ILE C 120 -14.30 16.00 6.55
N THR C 121 -15.26 16.45 7.34
CA THR C 121 -15.55 15.84 8.63
C THR C 121 -16.13 14.43 8.55
N HIS C 122 -17.03 14.22 7.60
CA HIS C 122 -17.69 12.93 7.45
C HIS C 122 -17.15 12.09 6.31
N HIS C 123 -16.06 12.55 5.71
CA HIS C 123 -15.42 11.83 4.61
C HIS C 123 -16.36 11.56 3.42
N VAL C 124 -17.33 12.43 3.21
CA VAL C 124 -18.25 12.31 2.07
C VAL C 124 -17.66 13.33 1.09
N LEU C 125 -16.58 12.94 0.41
CA LEU C 125 -15.87 13.85 -0.49
C LEU C 125 -15.91 13.53 -1.98
N SER C 126 -16.48 12.38 -2.33
CA SER C 126 -16.56 11.99 -3.73
C SER C 126 -17.62 12.83 -4.44
N GLY C 127 -17.38 13.14 -5.71
CA GLY C 127 -18.31 13.94 -6.49
C GLY C 127 -18.34 13.42 -7.91
N LYS C 128 -18.86 14.20 -8.85
CA LYS C 128 -18.93 13.74 -10.22
C LYS C 128 -18.81 14.81 -11.31
N TRP C 129 -18.25 14.40 -12.44
CA TRP C 129 -18.09 15.23 -13.62
C TRP C 129 -19.34 14.92 -14.44
N LEU C 130 -20.16 15.94 -14.72
CA LEU C 130 -21.38 15.78 -15.50
C LEU C 130 -21.19 16.41 -16.89
N MSE C 131 -21.81 15.83 -17.90
CA MSE C 131 -21.70 16.36 -19.26
C MSE C 131 -22.88 15.92 -20.11
O MSE C 131 -23.48 14.86 -19.85
CB MSE C 131 -20.38 15.91 -19.89
CG MSE C 131 -20.28 14.40 -20.12
SE MSE C 131 -18.46 13.71 -20.04
CE MSE C 131 -18.39 13.49 -18.13
N HIS C 132 -23.22 16.72 -21.11
CA HIS C 132 -24.34 16.42 -22.00
C HIS C 132 -23.90 16.22 -23.45
N LEU C 133 -24.55 15.28 -24.13
CA LEU C 133 -24.20 15.02 -25.50
C LEU C 133 -25.40 14.94 -26.43
N ALA C 134 -25.23 15.52 -27.61
CA ALA C 134 -26.27 15.54 -28.63
C ALA C 134 -26.95 14.17 -28.68
N PRO C 135 -28.29 14.13 -28.69
CA PRO C 135 -28.98 12.84 -28.75
C PRO C 135 -28.66 12.17 -30.07
N GLY C 136 -27.66 11.30 -30.07
CA GLY C 136 -27.29 10.61 -31.29
C GLY C 136 -25.94 9.92 -31.27
N PHE C 137 -25.30 9.90 -32.44
CA PHE C 137 -24.02 9.24 -32.62
C PHE C 137 -22.87 9.86 -31.83
N LYS C 138 -22.94 11.15 -31.55
CA LYS C 138 -21.88 11.79 -30.79
C LYS C 138 -21.92 11.33 -29.33
N LEU C 139 -23.11 11.29 -28.75
CA LEU C 139 -23.25 10.84 -27.37
C LEU C 139 -22.70 9.41 -27.26
N ASP C 140 -23.06 8.55 -28.21
CA ASP C 140 -22.60 7.17 -28.16
C ASP C 140 -21.09 7.07 -28.36
N HIS C 141 -20.60 7.71 -29.41
CA HIS C 141 -19.17 7.69 -29.72
C HIS C 141 -18.30 8.03 -28.51
N ALA C 142 -18.79 8.95 -27.67
CA ALA C 142 -18.04 9.38 -26.49
C ALA C 142 -18.19 8.37 -25.35
N TRP C 143 -19.41 7.88 -25.16
CA TRP C 143 -19.66 6.91 -24.09
C TRP C 143 -18.71 5.75 -24.24
N ALA C 144 -18.42 5.38 -25.49
CA ALA C 144 -17.50 4.29 -25.80
C ALA C 144 -16.08 4.68 -25.36
N GLY C 145 -15.73 5.95 -25.54
CA GLY C 145 -14.41 6.42 -25.13
C GLY C 145 -14.30 6.49 -23.61
N ILE C 146 -15.37 6.95 -22.96
CA ILE C 146 -15.40 7.03 -21.51
C ILE C 146 -15.33 5.60 -20.98
N ALA C 147 -16.11 4.71 -21.57
CA ALA C 147 -16.13 3.31 -21.16
C ALA C 147 -14.74 2.70 -21.32
N ARG C 148 -14.15 2.92 -22.49
CA ARG C 148 -12.81 2.40 -22.75
C ARG C 148 -11.85 2.90 -21.66
N ALA C 149 -11.89 4.19 -21.37
CA ALA C 149 -11.00 4.75 -20.34
C ALA C 149 -11.15 4.06 -18.96
N VAL C 150 -12.40 3.77 -18.57
CA VAL C 150 -12.67 3.11 -17.29
C VAL C 150 -12.07 1.70 -17.30
N VAL C 151 -12.19 1.01 -18.43
CA VAL C 151 -11.63 -0.33 -18.53
C VAL C 151 -10.11 -0.31 -18.54
N GLU C 152 -9.50 0.69 -19.19
CA GLU C 152 -8.04 0.77 -19.23
C GLU C 152 -7.47 1.27 -17.90
N GLY C 153 -8.35 1.68 -16.99
CA GLY C 153 -7.93 2.16 -15.68
C GLY C 153 -7.68 3.66 -15.55
N ARG C 154 -8.14 4.45 -16.51
CA ARG C 154 -7.94 5.88 -16.45
C ARG C 154 -9.18 6.58 -15.91
N LEU C 155 -10.11 5.75 -15.42
CA LEU C 155 -11.36 6.20 -14.81
C LEU C 155 -11.86 5.03 -13.98
N GLN C 156 -12.50 5.32 -12.85
CA GLN C 156 -12.96 4.29 -11.94
C GLN C 156 -14.37 3.77 -12.24
N VAL C 157 -15.27 4.69 -12.58
CA VAL C 157 -16.65 4.32 -12.89
C VAL C 157 -17.28 5.44 -13.71
N ALA C 158 -18.30 5.09 -14.49
CA ALA C 158 -18.99 6.06 -15.33
C ALA C 158 -20.39 5.58 -15.66
N LYS C 159 -21.35 6.50 -15.59
CA LYS C 159 -22.74 6.16 -15.91
C LYS C 159 -23.27 7.07 -17.02
N VAL C 160 -24.18 6.52 -17.82
CA VAL C 160 -24.82 7.32 -18.87
C VAL C 160 -26.31 7.05 -18.79
N SER C 161 -27.09 8.12 -18.73
CA SER C 161 -28.54 8.00 -18.66
C SER C 161 -29.13 7.45 -19.96
N PRO C 162 -30.10 6.54 -19.86
CA PRO C 162 -30.72 5.95 -21.04
C PRO C 162 -31.68 6.97 -21.69
N ARG C 163 -32.14 6.65 -22.89
CA ARG C 163 -33.05 7.51 -23.65
C ARG C 163 -34.42 7.64 -22.97
N ALA C 164 -34.81 8.87 -22.66
CA ALA C 164 -36.10 9.12 -22.04
C ALA C 164 -37.16 9.37 -23.13
N LYS C 165 -38.36 8.86 -22.90
CA LYS C 165 -39.46 9.03 -23.86
C LYS C 165 -39.57 10.46 -24.39
N GLU C 166 -39.57 11.41 -23.47
CA GLU C 166 -39.67 12.83 -23.85
C GLU C 166 -38.44 13.26 -24.63
N GLY C 167 -37.60 12.28 -24.98
CA GLY C 167 -36.39 12.59 -25.72
C GLY C 167 -35.56 13.60 -24.94
N GLY C 168 -34.56 14.17 -25.59
CA GLY C 168 -33.73 15.16 -24.91
C GLY C 168 -32.31 14.69 -24.72
N ARG C 169 -31.55 15.42 -23.92
CA ARG C 169 -30.17 15.07 -23.68
C ARG C 169 -29.93 13.94 -22.68
N GLN C 170 -28.95 13.11 -22.99
CA GLN C 170 -28.57 12.00 -22.14
C GLN C 170 -27.25 12.40 -21.49
N VAL C 171 -27.25 12.46 -20.16
CA VAL C 171 -26.07 12.87 -19.41
C VAL C 171 -25.09 11.72 -19.10
N ILE C 172 -23.80 12.05 -19.16
CA ILE C 172 -22.75 11.09 -18.82
C ILE C 172 -22.12 11.59 -17.52
N CYS C 173 -21.88 10.67 -16.60
CA CYS C 173 -21.28 11.00 -15.31
C CYS C 173 -19.97 10.26 -15.10
N VAL C 174 -18.94 11.01 -14.73
CA VAL C 174 -17.62 10.41 -14.45
C VAL C 174 -17.29 10.76 -13.00
N TYR C 175 -17.09 9.72 -12.18
CA TYR C 175 -16.80 9.88 -10.76
C TYR C 175 -15.32 9.87 -10.38
N THR C 176 -14.98 10.59 -9.32
CA THR C 176 -13.62 10.65 -8.80
C THR C 176 -13.77 10.53 -7.28
N ASP C 177 -12.76 10.01 -6.59
CA ASP C 177 -12.88 9.79 -5.15
C ASP C 177 -12.79 10.98 -4.19
N ASP C 178 -11.85 11.88 -4.44
CA ASP C 178 -11.63 13.03 -3.57
C ASP C 178 -11.93 14.33 -4.32
N PHE C 179 -13.11 14.89 -4.11
CA PHE C 179 -13.47 16.12 -4.82
C PHE C 179 -12.53 17.25 -4.47
N THR C 180 -12.02 17.26 -3.24
CA THR C 180 -11.08 18.30 -2.80
C THR C 180 -9.66 18.01 -3.29
N ASP C 181 -9.49 16.90 -3.99
CA ASP C 181 -8.20 16.52 -4.54
C ASP C 181 -8.06 17.02 -5.97
N ARG C 182 -7.59 18.25 -6.12
CA ARG C 182 -7.45 18.87 -7.44
C ARG C 182 -6.76 18.04 -8.51
N LEU C 183 -5.69 17.33 -8.17
CA LEU C 183 -5.00 16.54 -9.16
C LEU C 183 -5.87 15.39 -9.63
N GLY C 184 -6.81 14.99 -8.78
CA GLY C 184 -7.71 13.92 -9.13
C GLY C 184 -8.74 14.38 -10.15
N VAL C 185 -9.29 15.56 -9.88
CA VAL C 185 -10.27 16.17 -10.76
C VAL C 185 -9.69 16.43 -12.15
N LEU C 186 -8.49 16.99 -12.22
CA LEU C 186 -7.86 17.28 -13.50
C LEU C 186 -7.53 16.03 -14.32
N GLU C 187 -7.00 15.00 -13.67
CA GLU C 187 -6.69 13.77 -14.39
C GLU C 187 -8.00 13.21 -14.97
N ALA C 188 -9.08 13.40 -14.23
CA ALA C 188 -10.39 12.97 -14.69
C ALA C 188 -10.79 13.82 -15.90
N ASP C 189 -10.74 15.14 -15.74
CA ASP C 189 -11.07 16.05 -16.82
C ASP C 189 -10.22 15.69 -18.03
N SER C 190 -8.93 15.49 -17.79
CA SER C 190 -8.02 15.13 -18.85
C SER C 190 -8.49 13.84 -19.51
N ALA C 191 -8.78 12.84 -18.69
CA ALA C 191 -9.23 11.57 -19.22
C ALA C 191 -10.38 11.79 -20.19
N ILE C 192 -11.36 12.58 -19.77
CA ILE C 192 -12.49 12.88 -20.64
C ILE C 192 -11.99 13.59 -21.89
N ARG C 193 -11.19 14.64 -21.72
CA ARG C 193 -10.69 15.37 -22.87
C ARG C 193 -9.89 14.43 -23.79
N ALA C 194 -9.19 13.47 -23.20
CA ALA C 194 -8.42 12.52 -24.00
C ALA C 194 -9.35 11.62 -24.80
N ALA C 195 -10.61 11.55 -24.37
CA ALA C 195 -11.59 10.72 -25.06
C ALA C 195 -12.25 11.50 -26.19
N GLY C 196 -11.84 12.74 -26.37
CA GLY C 196 -12.40 13.56 -27.44
C GLY C 196 -13.61 14.40 -27.11
N ILE C 197 -14.08 14.33 -25.87
CA ILE C 197 -15.25 15.10 -25.46
C ILE C 197 -14.94 16.59 -25.28
N LYS C 198 -15.67 17.42 -26.03
CA LYS C 198 -15.45 18.86 -26.01
C LYS C 198 -16.55 19.70 -25.38
N CYS C 199 -17.54 19.03 -24.80
CA CYS C 199 -18.66 19.72 -24.17
C CYS C 199 -18.29 20.31 -22.82
N LEU C 200 -19.15 21.18 -22.32
CA LEU C 200 -18.94 21.80 -21.02
C LEU C 200 -19.03 20.73 -19.94
N LEU C 201 -18.01 20.65 -19.10
CA LEU C 201 -17.99 19.69 -18.01
C LEU C 201 -18.16 20.38 -16.67
N THR C 202 -19.08 19.88 -15.85
CA THR C 202 -19.32 20.45 -14.53
C THR C 202 -19.11 19.35 -13.48
N TYR C 203 -18.51 19.72 -12.36
CA TYR C 203 -18.23 18.76 -11.29
C TYR C 203 -19.02 19.10 -10.05
N LYS C 204 -19.90 18.19 -9.63
CA LYS C 204 -20.73 18.36 -8.44
C LYS C 204 -20.43 17.32 -7.35
N PRO C 205 -19.99 17.78 -6.17
CA PRO C 205 -19.67 16.89 -5.05
C PRO C 205 -20.92 16.17 -4.55
N ASP C 206 -20.78 14.92 -4.14
CA ASP C 206 -21.95 14.18 -3.65
C ASP C 206 -22.63 14.87 -2.47
N VAL C 207 -21.83 15.58 -1.65
CA VAL C 207 -22.37 16.27 -0.50
C VAL C 207 -23.60 17.13 -0.81
N TYR C 208 -23.57 17.88 -1.91
CA TYR C 208 -24.75 18.69 -2.26
C TYR C 208 -25.92 17.77 -2.59
N THR C 209 -25.65 16.71 -3.32
CA THR C 209 -26.68 15.75 -3.70
C THR C 209 -27.28 15.15 -2.43
N TYR C 210 -26.41 14.67 -1.54
CA TYR C 210 -26.87 14.07 -0.29
C TYR C 210 -27.65 15.07 0.57
N LEU C 211 -27.22 16.32 0.55
CA LEU C 211 -27.89 17.34 1.35
C LEU C 211 -29.07 17.93 0.60
N GLY C 212 -29.17 17.63 -0.69
CA GLY C 212 -30.26 18.13 -1.51
C GLY C 212 -30.02 19.47 -2.16
N ILE C 213 -28.91 20.11 -1.84
CA ILE C 213 -28.56 21.42 -2.40
C ILE C 213 -28.50 21.36 -3.91
N TYR C 214 -29.60 21.74 -4.56
CA TYR C 214 -29.68 21.71 -6.02
C TYR C 214 -29.74 23.10 -6.62
N ARG C 215 -30.07 23.17 -7.90
CA ARG C 215 -30.18 24.44 -8.61
C ARG C 215 -31.32 25.25 -7.98
N ALA C 216 -31.12 26.56 -7.84
CA ALA C 216 -32.13 27.42 -7.25
C ALA C 216 -32.50 26.94 -5.85
N ASN C 217 -31.48 26.76 -5.01
CA ASN C 217 -31.67 26.32 -3.64
C ASN C 217 -31.84 27.52 -2.71
N ARG C 218 -32.44 27.27 -1.55
CA ARG C 218 -32.70 28.30 -0.55
C ARG C 218 -31.54 29.26 -0.30
N TRP C 219 -30.35 28.70 -0.21
CA TRP C 219 -29.15 29.48 0.09
C TRP C 219 -28.49 30.18 -1.10
N HIS C 220 -29.06 30.03 -2.29
CA HIS C 220 -28.48 30.64 -3.48
C HIS C 220 -26.99 30.36 -3.53
N LEU C 221 -26.61 29.12 -3.19
CA LEU C 221 -25.22 28.73 -3.23
C LEU C 221 -24.98 28.09 -4.59
N CYS C 222 -23.74 28.14 -5.07
CA CYS C 222 -23.42 27.54 -6.36
C CYS C 222 -23.81 26.05 -6.27
N PRO C 223 -24.42 25.50 -7.34
CA PRO C 223 -24.84 24.10 -7.37
C PRO C 223 -23.74 23.07 -7.65
N THR C 224 -22.65 23.51 -8.26
CA THR C 224 -21.54 22.63 -8.59
C THR C 224 -20.25 23.39 -8.35
N LEU C 225 -19.17 22.67 -8.09
CA LEU C 225 -17.87 23.28 -7.83
C LEU C 225 -17.08 23.64 -9.10
N TYR C 226 -15.92 22.99 -9.28
CA TYR C 226 -15.06 23.22 -10.43
C TYR C 226 -15.88 23.34 -11.69
N GLU C 227 -15.23 23.79 -12.75
CA GLU C 227 -15.87 23.93 -14.05
C GLU C 227 -14.80 23.66 -15.08
N SER C 228 -15.21 23.40 -16.31
CA SER C 228 -14.26 23.18 -17.38
C SER C 228 -14.78 23.82 -18.66
N ARG C 229 -13.89 23.98 -19.62
CA ARG C 229 -14.26 24.57 -20.88
C ARG C 229 -13.27 24.14 -21.97
N PHE C 230 -13.79 23.50 -22.99
CA PHE C 230 -12.95 23.08 -24.07
C PHE C 230 -12.71 24.30 -24.98
N GLN C 231 -11.51 24.84 -24.91
CA GLN C 231 -11.14 25.99 -25.71
C GLN C 231 -10.74 25.53 -27.10
N LEU C 232 -11.48 26.00 -28.10
CA LEU C 232 -11.20 25.68 -29.50
C LEU C 232 -10.24 26.70 -30.11
N GLY C 233 -9.72 26.35 -31.27
CA GLY C 233 -8.80 27.23 -31.98
C GLY C 233 -7.47 26.59 -32.28
N GLY C 234 -7.16 25.49 -31.59
CA GLY C 234 -5.90 24.82 -31.79
C GLY C 234 -4.77 25.70 -31.30
N SER C 235 -5.01 27.00 -31.38
CA SER C 235 -4.05 28.00 -30.94
C SER C 235 -4.41 28.41 -29.51
N ALA C 236 -4.58 27.41 -28.65
CA ALA C 236 -4.93 27.62 -27.24
C ALA C 236 -5.16 26.30 -26.50
N ARG C 237 -5.02 26.34 -25.18
CA ARG C 237 -5.22 25.16 -24.35
C ARG C 237 -6.64 24.67 -24.65
N GLY C 238 -6.77 23.37 -24.93
CA GLY C 238 -8.08 22.83 -25.24
C GLY C 238 -9.02 22.72 -24.05
N SER C 239 -8.50 22.91 -22.84
CA SER C 239 -9.35 22.81 -21.64
C SER C 239 -9.01 23.86 -20.58
N ARG C 240 -10.05 24.42 -19.94
CA ARG C 240 -9.88 25.42 -18.89
C ARG C 240 -10.76 25.11 -17.68
N VAL C 241 -10.14 24.61 -16.62
CA VAL C 241 -10.87 24.25 -15.40
C VAL C 241 -10.96 25.44 -14.47
N LEU C 242 -12.15 25.71 -13.97
CA LEU C 242 -12.34 26.85 -13.09
C LEU C 242 -13.20 26.53 -11.87
N ASP C 243 -12.86 27.14 -10.73
CA ASP C 243 -13.61 26.93 -9.49
C ASP C 243 -14.62 28.06 -9.31
N ARG C 244 -15.89 27.75 -9.59
CA ARG C 244 -16.95 28.74 -9.47
C ARG C 244 -16.89 29.52 -8.14
N ALA C 245 -16.40 28.87 -7.09
CA ALA C 245 -16.32 29.50 -5.78
C ALA C 245 -15.02 30.27 -5.59
N ASN C 246 -14.01 29.59 -5.05
CA ASN C 246 -12.69 30.18 -4.78
C ASN C 246 -12.06 30.92 -5.97
N ASN C 247 -12.79 30.99 -7.08
CA ASN C 247 -12.32 31.65 -8.30
C ASN C 247 -10.82 31.48 -8.55
N VAL C 248 -10.48 30.43 -9.29
CA VAL C 248 -9.09 30.13 -9.62
C VAL C 248 -9.01 29.01 -10.65
N GLU C 249 -8.26 29.25 -11.74
CA GLU C 249 -8.11 28.27 -12.80
C GLU C 249 -7.30 27.07 -12.29
N LEU C 250 -7.26 26.00 -13.08
CA LEU C 250 -6.52 24.81 -12.71
C LEU C 250 -5.75 24.21 -13.89
N GLU A 17 22.61 -4.64 50.58
CA GLU A 17 21.30 -3.94 50.44
C GLU A 17 21.35 -2.79 49.44
N ASP A 18 22.29 -2.88 48.49
CA ASP A 18 22.44 -1.84 47.49
C ASP A 18 21.27 -1.81 46.49
N GLY A 19 20.58 -2.93 46.36
CA GLY A 19 19.45 -3.00 45.45
C GLY A 19 18.31 -2.15 45.96
N PHE A 20 18.46 -1.68 47.20
CA PHE A 20 17.45 -0.85 47.84
C PHE A 20 17.75 0.63 47.71
N THR A 21 18.84 0.99 47.07
CA THR A 21 19.20 2.41 46.90
C THR A 21 18.35 3.11 45.86
N ALA A 22 18.40 4.44 45.90
CA ALA A 22 17.65 5.26 44.96
C ALA A 22 18.18 5.03 43.55
N GLU A 23 19.49 5.12 43.38
CA GLU A 23 20.14 4.93 42.09
C GLU A 23 19.65 3.67 41.38
N HIS A 24 19.65 2.54 42.10
CA HIS A 24 19.19 1.27 41.54
C HIS A 24 17.69 1.29 41.24
N LEU A 25 16.86 1.19 42.28
CA LEU A 25 15.41 1.19 42.11
C LEU A 25 14.94 2.13 41.00
N ALA A 26 15.59 3.27 40.86
CA ALA A 26 15.21 4.22 39.82
C ALA A 26 15.54 3.58 38.49
N ALA A 27 16.82 3.58 38.15
CA ALA A 27 17.28 2.99 36.89
C ALA A 27 17.20 1.48 37.00
N GLU A 28 16.00 0.95 36.80
CA GLU A 28 15.75 -0.49 36.86
C GLU A 28 14.32 -0.75 36.40
N ALA A 29 13.37 -0.20 37.13
CA ALA A 29 11.96 -0.37 36.80
C ALA A 29 11.51 0.60 35.72
N MSE A 30 12.21 0.61 34.59
CA MSE A 30 11.86 1.50 33.49
C MSE A 30 11.25 0.74 32.32
O MSE A 30 11.95 0.24 31.44
CB MSE A 30 13.09 2.27 33.01
CG MSE A 30 13.52 3.43 33.91
SE MSE A 30 12.31 4.96 33.85
CE MSE A 30 13.15 5.98 32.42
N ALA A 31 9.92 0.63 32.33
CA ALA A 31 9.19 -0.03 31.26
C ALA A 31 9.03 0.94 30.10
N ALA A 32 8.74 0.41 28.91
CA ALA A 32 8.57 1.25 27.73
C ALA A 32 7.24 2.02 27.81
N ASP A 33 6.15 1.29 28.04
CA ASP A 33 4.82 1.88 28.14
C ASP A 33 4.43 1.98 29.61
N MSE A 34 4.68 3.13 30.21
CA MSE A 34 4.39 3.32 31.62
C MSE A 34 3.29 4.34 31.90
O MSE A 34 3.17 4.86 33.01
CB MSE A 34 5.67 3.73 32.36
CG MSE A 34 6.82 2.73 32.15
SE MSE A 34 8.40 3.05 33.23
CE MSE A 34 7.77 2.25 34.87
N ASP A 35 2.47 4.62 30.89
CA ASP A 35 1.41 5.61 31.04
C ASP A 35 0.01 5.03 31.15
N PRO A 36 -0.97 5.87 31.55
CA PRO A 36 -2.33 5.35 31.64
C PRO A 36 -2.90 5.07 30.25
N TRP A 37 -3.96 4.28 30.19
CA TRP A 37 -4.61 3.96 28.92
C TRP A 37 -6.09 4.29 29.03
N LEU A 38 -6.74 4.34 27.87
CA LEU A 38 -8.18 4.60 27.77
C LEU A 38 -8.78 3.23 27.47
N VAL A 39 -9.60 2.73 28.38
CA VAL A 39 -10.14 1.40 28.18
C VAL A 39 -11.62 1.25 28.30
N PHE A 40 -12.22 0.57 27.32
CA PHE A 40 -13.64 0.30 27.39
C PHE A 40 -13.69 -1.18 27.74
N ASP A 41 -14.08 -1.49 28.97
CA ASP A 41 -14.15 -2.88 29.41
C ASP A 41 -15.56 -3.44 29.24
N ALA A 42 -15.72 -4.38 28.30
CA ALA A 42 -17.04 -4.97 28.05
C ALA A 42 -17.48 -5.86 29.21
N ARG A 43 -16.53 -6.29 30.03
CA ARG A 43 -16.81 -7.15 31.17
C ARG A 43 -17.53 -6.38 32.27
N THR A 44 -17.94 -5.15 31.98
CA THR A 44 -18.62 -4.31 32.95
C THR A 44 -19.45 -3.26 32.22
N THR A 45 -18.77 -2.27 31.65
CA THR A 45 -19.46 -1.20 30.92
C THR A 45 -20.41 -1.82 29.89
N PRO A 46 -21.67 -1.36 29.87
CA PRO A 46 -22.67 -1.88 28.94
C PRO A 46 -22.16 -1.92 27.50
N ALA A 47 -22.89 -2.60 26.61
CA ALA A 47 -22.48 -2.70 25.23
C ALA A 47 -22.90 -1.51 24.38
N THR A 48 -24.10 -0.98 24.62
CA THR A 48 -24.60 0.16 23.85
C THR A 48 -23.83 1.42 24.24
N GLU A 49 -22.80 1.24 25.07
CA GLU A 49 -21.97 2.34 25.54
C GLU A 49 -20.79 2.61 24.61
N LEU A 50 -20.38 1.58 23.86
CA LEU A 50 -19.25 1.70 22.94
C LEU A 50 -19.27 2.94 22.06
N ASP A 51 -20.42 3.23 21.46
CA ASP A 51 -20.52 4.39 20.57
C ASP A 51 -20.31 5.74 21.28
N ALA A 52 -20.75 5.86 22.53
CA ALA A 52 -20.56 7.12 23.23
C ALA A 52 -19.08 7.28 23.60
N TRP A 53 -18.45 6.16 23.96
CA TRP A 53 -17.04 6.15 24.32
C TRP A 53 -16.16 6.50 23.10
N LEU A 54 -16.51 5.94 21.95
CA LEU A 54 -15.76 6.21 20.73
C LEU A 54 -15.91 7.67 20.30
N ALA A 55 -17.14 8.15 20.32
CA ALA A 55 -17.45 9.52 19.92
C ALA A 55 -16.51 10.47 20.62
N LYS A 56 -16.21 10.16 21.88
CA LYS A 56 -15.32 11.01 22.65
C LYS A 56 -13.84 10.68 22.49
N TYR A 57 -13.52 9.38 22.39
CA TYR A 57 -12.13 8.97 22.28
C TYR A 57 -11.66 8.39 20.95
N PRO A 58 -11.87 9.12 19.85
CA PRO A 58 -11.41 8.54 18.58
C PRO A 58 -9.88 8.61 18.49
N PRO A 59 -9.25 7.57 17.91
CA PRO A 59 -7.78 7.59 17.82
C PRO A 59 -7.23 8.68 16.91
N SER A 60 -8.10 9.33 16.14
CA SER A 60 -7.65 10.40 15.26
C SER A 60 -7.48 11.70 16.07
N GLN A 61 -8.07 11.69 17.26
CA GLN A 61 -8.01 12.84 18.15
C GLN A 61 -7.20 12.56 19.42
N VAL A 62 -7.32 11.35 19.96
CA VAL A 62 -6.59 10.95 21.16
C VAL A 62 -5.10 11.04 20.88
N THR A 63 -4.36 11.77 21.71
CA THR A 63 -2.94 11.94 21.48
C THR A 63 -2.01 11.23 22.46
N ARG A 64 -0.94 10.65 21.93
CA ARG A 64 0.04 9.93 22.73
C ARG A 64 0.50 10.71 23.96
N TYR A 65 0.68 12.02 23.81
CA TYR A 65 1.16 12.82 24.93
C TYR A 65 0.17 13.87 25.47
N GLY A 66 -1.12 13.64 25.26
CA GLY A 66 -2.14 14.56 25.75
C GLY A 66 -1.92 16.01 25.32
N ASP A 67 -1.65 16.21 24.03
CA ASP A 67 -1.43 17.55 23.50
C ASP A 67 -2.65 18.44 23.72
N PRO A 68 -2.43 19.75 23.88
CA PRO A 68 -3.53 20.68 24.08
C PRO A 68 -4.55 20.54 22.95
N GLY A 69 -5.83 20.40 23.29
CA GLY A 69 -6.84 20.27 22.27
C GLY A 69 -7.28 18.83 22.05
N SER A 70 -6.66 17.91 22.79
CA SER A 70 -6.97 16.49 22.68
C SER A 70 -8.08 16.08 23.66
N PRO A 71 -8.81 15.01 23.35
CA PRO A 71 -9.86 14.59 24.29
C PRO A 71 -9.24 14.05 25.58
N ASN A 72 -7.91 14.05 25.66
CA ASN A 72 -7.19 13.58 26.83
C ASN A 72 -6.07 14.55 27.22
N SER A 73 -5.94 14.84 28.52
CA SER A 73 -4.91 15.75 29.01
C SER A 73 -3.75 14.94 29.59
N GLU A 74 -3.97 13.64 29.70
CA GLU A 74 -2.95 12.72 30.22
C GLU A 74 -2.32 11.95 29.06
N PRO A 75 -0.99 11.80 29.07
CA PRO A 75 -0.42 11.04 27.95
C PRO A 75 -1.03 9.63 28.00
N VAL A 76 -1.39 9.12 26.83
CA VAL A 76 -1.99 7.78 26.73
C VAL A 76 -1.10 6.92 25.83
N GLY A 77 -0.88 5.68 26.27
CA GLY A 77 -0.06 4.77 25.51
C GLY A 77 -0.83 3.78 24.66
N TRP A 78 -2.08 3.53 25.03
CA TRP A 78 -2.93 2.60 24.30
C TRP A 78 -4.41 2.88 24.46
N ILE A 79 -5.17 2.31 23.53
CA ILE A 79 -6.63 2.34 23.47
C ILE A 79 -6.86 0.87 23.11
N ALA A 80 -7.56 0.14 23.97
CA ALA A 80 -7.80 -1.28 23.72
C ALA A 80 -9.25 -1.63 23.84
N VAL A 81 -9.58 -2.85 23.46
CA VAL A 81 -10.95 -3.33 23.55
C VAL A 81 -10.90 -4.75 24.10
N TYR A 82 -11.48 -4.94 25.28
CA TYR A 82 -11.52 -6.24 25.94
C TYR A 82 -12.88 -6.91 25.84
N GLY A 83 -12.90 -8.12 25.27
CA GLY A 83 -14.15 -8.85 25.14
C GLY A 83 -14.70 -9.29 26.48
N GLN A 84 -16.03 -9.41 26.56
CA GLN A 84 -16.67 -9.81 27.81
C GLN A 84 -16.04 -11.07 28.43
N GLY A 85 -15.83 -11.01 29.73
CA GLY A 85 -15.23 -12.12 30.46
C GLY A 85 -13.72 -12.17 30.31
N TYR A 86 -13.19 -11.31 29.44
CA TYR A 86 -11.74 -11.25 29.17
C TYR A 86 -10.85 -11.52 30.38
N SER A 87 -9.78 -12.27 30.14
CA SER A 87 -8.82 -12.62 31.19
C SER A 87 -7.44 -12.84 30.59
N PRO A 88 -6.39 -12.71 31.42
CA PRO A 88 -5.03 -12.90 30.90
C PRO A 88 -4.84 -14.39 30.60
N ASN A 89 -4.50 -14.72 29.36
CA ASN A 89 -4.31 -16.11 28.98
C ASN A 89 -3.03 -16.35 28.20
N SER A 90 -1.99 -16.81 28.92
CA SER A 90 -0.70 -17.12 28.33
C SER A 90 -0.11 -18.32 29.07
N GLY A 91 1.09 -18.71 28.67
CA GLY A 91 1.74 -19.84 29.31
C GLY A 91 3.07 -19.50 29.95
N ASP A 92 3.92 -20.52 30.09
CA ASP A 92 5.23 -20.35 30.69
C ASP A 92 6.18 -19.53 29.83
N VAL A 93 6.11 -18.21 29.96
CA VAL A 93 6.99 -17.34 29.21
C VAL A 93 8.43 -17.52 29.67
N GLN A 94 8.62 -17.64 30.98
CA GLN A 94 9.94 -17.82 31.55
C GLN A 94 10.64 -19.02 30.93
N GLY A 95 9.94 -20.15 30.86
CA GLY A 95 10.51 -21.34 30.27
C GLY A 95 10.94 -21.06 28.84
N LEU A 96 10.05 -20.41 28.09
CA LEU A 96 10.32 -20.05 26.70
C LEU A 96 11.60 -19.22 26.64
N GLN A 97 11.71 -18.25 27.53
CA GLN A 97 12.89 -17.40 27.58
C GLN A 97 14.13 -18.21 27.91
N ALA A 98 13.95 -19.30 28.64
CA ALA A 98 15.06 -20.16 29.00
C ALA A 98 15.34 -21.08 27.82
N ALA A 99 14.30 -21.70 27.30
CA ALA A 99 14.41 -22.61 26.16
C ALA A 99 15.03 -21.90 24.97
N TRP A 100 14.81 -20.59 24.90
CA TRP A 100 15.35 -19.79 23.81
C TRP A 100 16.83 -19.53 24.00
N GLU A 101 17.23 -19.17 25.21
CA GLU A 101 18.62 -18.88 25.49
C GLU A 101 19.51 -20.07 25.14
N ALA A 102 18.93 -21.27 25.21
CA ALA A 102 19.64 -22.50 24.91
C ALA A 102 19.96 -22.68 23.42
N LEU A 103 18.99 -22.37 22.56
CA LEU A 103 19.18 -22.50 21.12
C LEU A 103 20.41 -21.78 20.61
N GLN A 104 20.59 -20.52 21.02
CA GLN A 104 21.75 -19.76 20.59
C GLN A 104 23.03 -20.50 20.97
N THR A 105 22.90 -21.40 21.94
CA THR A 105 24.03 -22.18 22.43
C THR A 105 23.93 -23.61 21.90
N SER A 106 22.82 -23.91 21.22
CA SER A 106 22.60 -25.23 20.66
C SER A 106 23.49 -25.50 19.46
N GLY A 107 23.64 -24.48 18.61
CA GLY A 107 24.45 -24.64 17.41
C GLY A 107 23.53 -25.15 16.32
N ARG A 108 22.40 -25.70 16.75
CA ARG A 108 21.38 -26.23 15.86
C ARG A 108 20.72 -25.11 15.07
N PRO A 109 19.97 -25.45 14.02
CA PRO A 109 19.29 -24.45 13.20
C PRO A 109 17.96 -24.03 13.83
N ILE A 110 17.56 -22.78 13.61
CA ILE A 110 16.32 -22.28 14.17
C ILE A 110 15.36 -21.86 13.05
N THR A 111 14.20 -22.51 13.00
CA THR A 111 13.21 -22.24 11.98
C THR A 111 11.86 -21.89 12.60
N PRO A 112 10.92 -21.37 11.79
CA PRO A 112 9.60 -21.00 12.30
C PRO A 112 8.98 -22.19 13.04
N GLY A 113 9.31 -23.38 12.58
CA GLY A 113 8.79 -24.59 13.20
C GLY A 113 9.29 -24.75 14.63
N THR A 114 10.61 -24.69 14.81
CA THR A 114 11.19 -24.83 16.13
C THR A 114 10.55 -23.83 17.09
N LEU A 115 10.27 -22.63 16.60
CA LEU A 115 9.63 -21.61 17.42
C LEU A 115 8.22 -22.10 17.75
N ARG A 116 7.53 -22.59 16.73
CA ARG A 116 6.18 -23.12 16.90
C ARG A 116 6.22 -24.14 18.04
N GLN A 117 7.18 -25.05 17.98
CA GLN A 117 7.33 -26.06 19.02
C GLN A 117 7.37 -25.37 20.37
N LEU A 118 8.29 -24.42 20.51
CA LEU A 118 8.46 -23.68 21.74
C LEU A 118 7.12 -23.18 22.29
N ALA A 119 6.43 -22.38 21.48
CA ALA A 119 5.14 -21.81 21.87
C ALA A 119 4.14 -22.87 22.27
N ILE A 120 4.12 -23.99 21.55
CA ILE A 120 3.19 -25.07 21.86
C ILE A 120 3.47 -25.67 23.23
N THR A 121 4.74 -25.95 23.48
CA THR A 121 5.18 -26.51 24.76
C THR A 121 4.91 -25.52 25.89
N HIS A 122 5.42 -24.31 25.74
CA HIS A 122 5.27 -23.29 26.77
C HIS A 122 3.90 -22.61 26.86
N HIS A 123 2.93 -23.13 26.11
CA HIS A 123 1.58 -22.57 26.14
C HIS A 123 1.54 -21.08 25.83
N VAL A 124 2.41 -20.63 24.93
CA VAL A 124 2.45 -19.23 24.52
C VAL A 124 2.02 -19.21 23.05
N LEU A 125 0.73 -19.46 22.83
CA LEU A 125 0.16 -19.55 21.49
C LEU A 125 -0.47 -18.29 20.87
N SER A 126 -1.10 -17.46 21.70
CA SER A 126 -1.74 -16.26 21.18
C SER A 126 -0.74 -15.44 20.39
N GLY A 127 -1.28 -14.54 19.59
CA GLY A 127 -0.47 -13.67 18.76
C GLY A 127 -1.29 -12.44 18.44
N LYS A 128 -1.29 -12.01 17.19
CA LYS A 128 -2.05 -10.82 16.82
C LYS A 128 -1.99 -10.38 15.37
N TRP A 129 -3.12 -9.87 14.88
CA TRP A 129 -3.25 -9.31 13.54
C TRP A 129 -2.98 -7.81 13.68
N LEU A 130 -2.06 -7.29 12.88
CA LEU A 130 -1.71 -5.87 12.91
C LEU A 130 -1.97 -5.20 11.57
N MSE A 131 -2.35 -3.93 11.61
CA MSE A 131 -2.61 -3.16 10.41
C MSE A 131 -2.29 -1.71 10.75
O MSE A 131 -2.34 -1.32 11.91
CB MSE A 131 -4.07 -3.28 10.01
CG MSE A 131 -5.00 -2.45 10.87
SE MSE A 131 -6.78 -3.15 10.87
CE MSE A 131 -6.48 -4.61 12.08
N HIS A 132 -1.95 -0.90 9.74
CA HIS A 132 -1.66 0.51 10.01
C HIS A 132 -2.30 1.43 8.97
N LEU A 133 -2.90 2.51 9.47
CA LEU A 133 -3.57 3.49 8.62
C LEU A 133 -3.10 4.90 8.98
N ALA A 134 -3.55 5.88 8.22
CA ALA A 134 -3.19 7.27 8.48
C ALA A 134 -4.31 7.89 9.31
N PRO A 135 -3.94 8.71 10.31
CA PRO A 135 -4.91 9.37 11.18
C PRO A 135 -5.98 10.11 10.40
N GLY A 136 -7.24 9.85 10.77
CA GLY A 136 -8.35 10.51 10.10
C GLY A 136 -9.62 9.69 10.17
N PHE A 137 -10.59 10.06 9.33
CA PHE A 137 -11.88 9.40 9.28
C PHE A 137 -11.80 7.89 9.16
N LYS A 138 -11.04 7.41 8.19
CA LYS A 138 -10.93 5.98 7.96
C LYS A 138 -10.33 5.22 9.12
N LEU A 139 -9.47 5.88 9.89
CA LEU A 139 -8.86 5.23 11.03
C LEU A 139 -9.92 4.97 12.09
N ASP A 140 -10.78 5.97 12.32
CA ASP A 140 -11.84 5.84 13.32
C ASP A 140 -12.91 4.81 12.94
N HIS A 141 -13.28 4.77 11.66
CA HIS A 141 -14.31 3.85 11.20
C HIS A 141 -13.80 2.41 11.36
N ALA A 142 -12.58 2.16 10.91
CA ALA A 142 -12.00 0.83 11.04
C ALA A 142 -11.99 0.44 12.53
N TRP A 143 -11.51 1.37 13.35
CA TRP A 143 -11.45 1.17 14.79
C TRP A 143 -12.85 0.86 15.34
N ALA A 144 -13.78 1.79 15.15
CA ALA A 144 -15.14 1.60 15.64
C ALA A 144 -15.68 0.20 15.32
N GLY A 145 -15.50 -0.24 14.08
CA GLY A 145 -15.98 -1.54 13.69
C GLY A 145 -15.32 -2.64 14.51
N ILE A 146 -14.00 -2.69 14.47
CA ILE A 146 -13.26 -3.68 15.23
C ILE A 146 -13.68 -3.73 16.71
N ALA A 147 -13.95 -2.58 17.30
CA ALA A 147 -14.36 -2.51 18.70
C ALA A 147 -15.69 -3.23 18.89
N ARG A 148 -16.66 -2.88 18.04
CA ARG A 148 -17.99 -3.47 18.11
C ARG A 148 -17.93 -5.00 17.98
N ALA A 149 -16.95 -5.49 17.23
CA ALA A 149 -16.78 -6.93 17.05
C ALA A 149 -16.28 -7.59 18.35
N VAL A 150 -15.30 -6.96 18.99
CA VAL A 150 -14.77 -7.48 20.24
C VAL A 150 -15.89 -7.51 21.28
N VAL A 151 -16.65 -6.42 21.37
CA VAL A 151 -17.74 -6.34 22.34
C VAL A 151 -18.78 -7.42 22.09
N GLU A 152 -18.98 -7.76 20.81
CA GLU A 152 -19.94 -8.80 20.42
C GLU A 152 -19.37 -10.19 20.61
N GLY A 153 -18.07 -10.29 20.87
CA GLY A 153 -17.46 -11.58 21.07
C GLY A 153 -16.93 -12.25 19.81
N ARG A 154 -16.77 -11.48 18.75
CA ARG A 154 -16.25 -12.01 17.49
C ARG A 154 -14.74 -11.80 17.43
N LEU A 155 -14.22 -11.15 18.48
CA LEU A 155 -12.81 -10.85 18.63
C LEU A 155 -12.57 -10.74 20.14
N GLN A 156 -11.34 -10.97 20.59
CA GLN A 156 -11.06 -10.88 22.03
C GLN A 156 -10.61 -9.49 22.47
N VAL A 157 -9.48 -9.04 21.93
CA VAL A 157 -8.91 -7.75 22.29
C VAL A 157 -8.29 -7.03 21.10
N ALA A 158 -8.56 -5.75 20.98
CA ALA A 158 -8.00 -4.94 19.91
C ALA A 158 -7.33 -3.69 20.49
N LYS A 159 -6.36 -3.15 19.78
CA LYS A 159 -5.68 -1.95 20.25
C LYS A 159 -5.39 -0.99 19.10
N VAL A 160 -5.43 0.31 19.38
CA VAL A 160 -5.11 1.32 18.39
C VAL A 160 -4.18 2.34 19.06
N SER A 161 -3.06 2.64 18.42
CA SER A 161 -2.08 3.58 18.95
C SER A 161 -2.59 5.02 18.88
N PRO A 162 -2.31 5.82 19.91
CA PRO A 162 -2.77 7.21 19.90
C PRO A 162 -2.04 8.07 18.86
N ARG A 163 -2.54 9.27 18.64
CA ARG A 163 -1.95 10.17 17.66
C ARG A 163 -0.67 10.85 18.12
N ALA A 164 0.33 10.79 17.25
CA ALA A 164 1.63 11.40 17.52
C ALA A 164 1.46 12.90 17.32
N LYS A 165 2.36 13.70 17.93
CA LYS A 165 2.29 15.15 17.80
C LYS A 165 2.20 15.60 16.35
N GLU A 166 2.66 14.77 15.43
CA GLU A 166 2.63 15.11 14.01
C GLU A 166 1.76 14.13 13.21
N GLY A 167 1.97 14.12 11.89
CA GLY A 167 1.21 13.23 11.04
C GLY A 167 1.38 11.79 11.49
N GLY A 168 2.41 11.13 11.00
CA GLY A 168 2.66 9.75 11.38
C GLY A 168 1.51 8.84 11.00
N ARG A 169 1.51 7.64 11.58
CA ARG A 169 0.47 6.66 11.33
C ARG A 169 0.24 5.82 12.57
N GLN A 170 -0.95 5.24 12.67
CA GLN A 170 -1.33 4.43 13.81
C GLN A 170 -1.73 3.01 13.42
N VAL A 171 -1.55 2.07 14.36
CA VAL A 171 -1.89 0.67 14.12
C VAL A 171 -3.05 0.17 14.94
N ILE A 172 -3.67 -0.88 14.44
CA ILE A 172 -4.76 -1.54 15.15
C ILE A 172 -4.28 -2.97 15.33
N CYS A 173 -4.42 -3.48 16.55
CA CYS A 173 -4.01 -4.84 16.85
C CYS A 173 -5.23 -5.70 17.15
N VAL A 174 -5.36 -6.81 16.43
CA VAL A 174 -6.47 -7.75 16.63
C VAL A 174 -5.90 -9.06 17.15
N TYR A 175 -6.08 -9.28 18.45
CA TYR A 175 -5.55 -10.45 19.12
C TYR A 175 -6.37 -11.72 19.06
N THR A 176 -5.68 -12.85 18.91
CA THR A 176 -6.30 -14.18 18.89
C THR A 176 -5.42 -14.98 19.84
N ASP A 177 -5.98 -15.98 20.52
CA ASP A 177 -5.21 -16.75 21.47
C ASP A 177 -4.46 -18.00 21.02
N ASP A 178 -4.20 -18.12 19.72
CA ASP A 178 -3.47 -19.28 19.21
C ASP A 178 -3.18 -19.13 17.71
N PHE A 179 -1.92 -18.93 17.35
CA PHE A 179 -1.56 -18.76 15.95
C PHE A 179 -1.48 -20.04 15.14
N THR A 180 -1.10 -21.14 15.78
CA THR A 180 -1.00 -22.41 15.08
C THR A 180 -2.34 -22.80 14.47
N ASP A 181 -3.41 -22.17 14.96
CA ASP A 181 -4.76 -22.43 14.47
C ASP A 181 -5.21 -21.41 13.42
N ARG A 182 -4.93 -21.70 12.15
CA ARG A 182 -5.28 -20.80 11.06
C ARG A 182 -6.78 -20.47 11.01
N LEU A 183 -7.60 -21.40 11.46
CA LEU A 183 -9.04 -21.21 11.46
C LEU A 183 -9.41 -20.01 12.32
N GLY A 184 -8.94 -20.01 13.57
CA GLY A 184 -9.23 -18.91 14.47
C GLY A 184 -8.62 -17.62 13.98
N VAL A 185 -7.51 -17.73 13.27
CA VAL A 185 -6.83 -16.57 12.72
C VAL A 185 -7.71 -15.95 11.62
N LEU A 186 -8.23 -16.81 10.74
CA LEU A 186 -9.07 -16.35 9.64
C LEU A 186 -10.41 -15.76 10.09
N GLU A 187 -10.99 -16.34 11.13
CA GLU A 187 -12.27 -15.84 11.63
C GLU A 187 -12.07 -14.42 12.12
N ALA A 188 -10.88 -14.14 12.67
CA ALA A 188 -10.57 -12.81 13.15
C ALA A 188 -10.37 -11.94 11.91
N ASP A 189 -9.73 -12.52 10.91
CA ASP A 189 -9.51 -11.82 9.63
C ASP A 189 -10.87 -11.44 9.05
N SER A 190 -11.82 -12.38 9.07
CA SER A 190 -13.16 -12.14 8.54
C SER A 190 -13.85 -11.01 9.28
N ALA A 191 -13.73 -11.00 10.60
CA ALA A 191 -14.36 -9.96 11.41
C ALA A 191 -13.81 -8.59 11.06
N ILE A 192 -12.54 -8.53 10.67
CA ILE A 192 -11.94 -7.26 10.31
C ILE A 192 -12.45 -6.75 8.95
N ARG A 193 -12.43 -7.62 7.94
CA ARG A 193 -12.90 -7.25 6.62
C ARG A 193 -14.36 -6.76 6.63
N ALA A 194 -15.22 -7.45 7.37
CA ALA A 194 -16.62 -7.07 7.45
C ALA A 194 -16.77 -5.68 8.06
N ALA A 195 -15.70 -5.18 8.67
CA ALA A 195 -15.72 -3.85 9.27
C ALA A 195 -15.26 -2.79 8.28
N GLY A 196 -15.00 -3.21 7.04
CA GLY A 196 -14.57 -2.27 6.01
C GLY A 196 -13.08 -2.13 5.79
N ILE A 197 -12.27 -2.85 6.57
CA ILE A 197 -10.82 -2.77 6.41
C ILE A 197 -10.40 -3.56 5.16
N LYS A 198 -9.76 -2.88 4.23
CA LYS A 198 -9.32 -3.50 2.98
C LYS A 198 -7.81 -3.55 2.84
N CYS A 199 -7.10 -3.09 3.86
CA CYS A 199 -5.65 -3.05 3.82
C CYS A 199 -4.97 -4.36 4.21
N LEU A 200 -3.66 -4.33 4.17
CA LEU A 200 -2.84 -5.49 4.52
C LEU A 200 -2.90 -5.75 6.02
N LEU A 201 -3.04 -7.02 6.38
CA LEU A 201 -3.06 -7.43 7.77
C LEU A 201 -1.94 -8.44 7.91
N THR A 202 -1.01 -8.19 8.82
CA THR A 202 0.08 -9.12 9.06
C THR A 202 -0.08 -9.69 10.46
N TYR A 203 0.11 -11.00 10.58
CA TYR A 203 -0.04 -11.65 11.88
C TYR A 203 1.31 -11.95 12.48
N LYS A 204 1.54 -11.40 13.66
CA LYS A 204 2.79 -11.55 14.40
C LYS A 204 2.50 -12.27 15.71
N PRO A 205 3.08 -13.48 15.89
CA PRO A 205 2.91 -14.30 17.10
C PRO A 205 3.63 -13.66 18.28
N ASP A 206 3.11 -13.84 19.50
CA ASP A 206 3.74 -13.25 20.68
C ASP A 206 5.19 -13.71 20.84
N VAL A 207 5.45 -14.99 20.55
CA VAL A 207 6.81 -15.50 20.65
C VAL A 207 7.76 -14.55 19.92
N TYR A 208 7.36 -14.11 18.73
CA TYR A 208 8.18 -13.19 17.96
C TYR A 208 8.52 -11.96 18.79
N THR A 209 7.48 -11.25 19.22
CA THR A 209 7.68 -10.05 20.03
C THR A 209 8.42 -10.35 21.33
N TYR A 210 8.02 -11.41 22.03
CA TYR A 210 8.69 -11.78 23.27
C TYR A 210 10.16 -12.07 23.06
N LEU A 211 10.44 -13.13 22.31
CA LEU A 211 11.81 -13.54 22.02
C LEU A 211 12.51 -12.59 21.06
N GLY A 212 12.00 -11.36 20.95
CA GLY A 212 12.58 -10.36 20.09
C GLY A 212 12.93 -10.74 18.67
N ILE A 213 11.92 -10.86 17.82
CA ILE A 213 12.11 -11.20 16.41
C ILE A 213 11.63 -10.03 15.57
N TYR A 214 12.52 -9.06 15.35
CA TYR A 214 12.18 -7.88 14.57
C TYR A 214 12.38 -8.13 13.08
N ARG A 215 11.89 -7.21 12.26
CA ARG A 215 12.00 -7.31 10.81
C ARG A 215 13.36 -7.87 10.35
N ALA A 216 14.43 -7.41 11.00
CA ALA A 216 15.77 -7.87 10.69
C ALA A 216 16.18 -8.84 11.80
N ASN A 217 15.88 -10.11 11.60
CA ASN A 217 16.18 -11.14 12.59
C ASN A 217 17.66 -11.30 12.92
N ARG A 218 18.00 -12.47 13.44
CA ARG A 218 19.35 -12.81 13.84
C ARG A 218 19.42 -14.33 13.69
N TRP A 219 18.39 -14.89 13.06
CA TRP A 219 18.29 -16.33 12.87
C TRP A 219 17.79 -16.69 11.48
N HIS A 220 17.47 -15.67 10.69
CA HIS A 220 16.98 -15.84 9.33
C HIS A 220 15.56 -16.40 9.28
N LEU A 221 14.61 -15.59 9.70
CA LEU A 221 13.20 -15.96 9.73
C LEU A 221 12.38 -14.73 9.37
N CYS A 222 11.27 -14.92 8.67
CA CYS A 222 10.44 -13.78 8.30
C CYS A 222 9.54 -13.40 9.48
N PRO A 223 9.76 -12.19 10.05
CA PRO A 223 9.01 -11.65 11.18
C PRO A 223 7.53 -11.42 10.92
N THR A 224 6.99 -12.14 9.94
CA THR A 224 5.60 -12.00 9.57
C THR A 224 5.03 -13.37 9.20
N LEU A 225 4.25 -13.96 10.11
CA LEU A 225 3.66 -15.27 9.87
C LEU A 225 2.72 -15.22 8.65
N TYR A 226 1.57 -14.57 8.82
CA TYR A 226 0.57 -14.44 7.76
C TYR A 226 0.54 -13.02 7.21
N GLU A 227 0.16 -12.89 5.93
CA GLU A 227 0.05 -11.58 5.29
C GLU A 227 -1.24 -11.46 4.49
N SER A 228 -2.34 -11.25 5.20
CA SER A 228 -3.66 -11.10 4.58
C SER A 228 -3.79 -9.84 3.75
N ARG A 229 -4.00 -10.02 2.45
CA ARG A 229 -4.16 -8.90 1.52
C ARG A 229 -5.54 -8.95 0.90
N PHE A 230 -6.15 -7.78 0.71
CA PHE A 230 -7.48 -7.70 0.12
C PHE A 230 -7.36 -7.39 -1.38
N GLN A 231 -7.62 -8.40 -2.22
CA GLN A 231 -7.50 -8.23 -3.67
C GLN A 231 -8.81 -8.56 -4.38
N GLY A 238 -11.85 -9.03 -2.06
CA GLY A 238 -11.75 -10.36 -1.48
C GLY A 238 -10.57 -10.53 -0.54
N SER A 239 -10.78 -11.22 0.57
CA SER A 239 -9.73 -11.46 1.56
C SER A 239 -9.00 -12.78 1.32
N ARG A 240 -7.81 -12.70 0.72
CA ARG A 240 -6.99 -13.87 0.46
C ARG A 240 -5.84 -13.93 1.46
N VAL A 241 -5.89 -14.89 2.37
CA VAL A 241 -4.86 -15.06 3.38
C VAL A 241 -3.97 -16.25 3.06
N LEU A 242 -2.69 -16.14 3.38
CA LEU A 242 -1.74 -17.22 3.10
C LEU A 242 -0.76 -17.49 4.23
N ASP A 243 -0.30 -18.74 4.31
CA ASP A 243 0.66 -19.16 5.31
C ASP A 243 2.04 -18.86 4.71
N ARG A 244 2.57 -17.69 5.01
CA ARG A 244 3.88 -17.31 4.49
C ARG A 244 4.98 -18.17 5.08
N ALA A 245 4.66 -18.87 6.16
CA ALA A 245 5.63 -19.75 6.81
C ALA A 245 5.92 -20.96 5.94
N ASN A 246 4.86 -21.70 5.60
CA ASN A 246 4.97 -22.88 4.75
C ASN A 246 4.81 -22.52 3.28
N ASN A 247 4.72 -21.22 3.01
CA ASN A 247 4.56 -20.72 1.65
C ASN A 247 3.34 -21.39 1.00
N VAL A 248 2.18 -21.27 1.63
CA VAL A 248 0.95 -21.85 1.10
C VAL A 248 -0.25 -20.98 1.45
N GLU A 249 -1.09 -20.69 0.46
CA GLU A 249 -2.28 -19.87 0.66
C GLU A 249 -3.33 -20.59 1.49
N LEU A 250 -3.81 -19.93 2.54
CA LEU A 250 -4.84 -20.52 3.40
C LEU A 250 -6.19 -20.53 2.69
N GLU B 17 9.26 -2.30 27.60
CA GLU B 17 8.99 -3.73 27.27
C GLU B 17 9.60 -4.13 25.93
N ASP B 18 9.05 -5.19 25.34
CA ASP B 18 9.52 -5.68 24.06
C ASP B 18 8.79 -5.03 22.88
N GLY B 19 8.22 -5.85 21.99
CA GLY B 19 7.52 -5.32 20.85
C GLY B 19 6.19 -4.65 21.18
N PHE B 20 5.58 -5.08 22.29
CA PHE B 20 4.30 -4.57 22.74
C PHE B 20 4.14 -3.05 22.74
N THR B 21 5.26 -2.34 22.70
CA THR B 21 5.19 -0.89 22.69
C THR B 21 4.53 -0.34 21.43
N ALA B 22 3.46 0.43 21.62
CA ALA B 22 2.73 1.02 20.50
C ALA B 22 3.70 1.51 19.42
N GLU B 23 4.63 2.37 19.83
CA GLU B 23 5.60 2.92 18.91
C GLU B 23 6.28 1.83 18.10
N HIS B 24 6.70 0.76 18.76
CA HIS B 24 7.37 -0.34 18.09
C HIS B 24 6.44 -1.10 17.15
N LEU B 25 5.24 -1.42 17.62
CA LEU B 25 4.26 -2.14 16.82
C LEU B 25 3.90 -1.37 15.57
N ALA B 26 3.72 -0.06 15.70
CA ALA B 26 3.40 0.74 14.55
C ALA B 26 4.57 0.61 13.57
N ALA B 27 5.78 0.76 14.10
CA ALA B 27 7.00 0.67 13.30
C ALA B 27 7.25 -0.72 12.74
N GLU B 28 6.94 -1.74 13.53
CA GLU B 28 7.15 -3.12 13.11
C GLU B 28 6.05 -3.56 12.14
N ALA B 29 4.93 -2.83 12.14
CA ALA B 29 3.80 -3.11 11.25
C ALA B 29 4.02 -2.34 9.95
N MSE B 30 4.55 -1.13 10.06
CA MSE B 30 4.82 -0.32 8.89
C MSE B 30 5.95 -0.90 8.06
O MSE B 30 5.91 -0.87 6.83
CB MSE B 30 5.14 1.11 9.30
CG MSE B 30 3.95 1.82 9.91
SE MSE B 30 4.27 3.66 10.40
CE MSE B 30 4.04 4.44 8.63
N ALA B 31 6.96 -1.44 8.73
CA ALA B 31 8.09 -2.02 8.03
C ALA B 31 7.62 -3.22 7.21
N ALA B 32 6.56 -3.88 7.68
CA ALA B 32 6.01 -5.05 6.99
C ALA B 32 5.11 -4.66 5.80
N ASP B 33 4.78 -3.37 5.69
CA ASP B 33 3.91 -2.91 4.63
C ASP B 33 4.68 -2.74 3.31
N MSE B 34 5.14 -3.86 2.77
CA MSE B 34 5.86 -3.90 1.50
C MSE B 34 5.10 -4.80 0.55
O MSE B 34 4.62 -5.87 0.95
CB MSE B 34 7.29 -4.43 1.69
CG MSE B 34 8.03 -4.74 0.39
SE MSE B 34 9.94 -5.09 0.56
CE MSE B 34 10.56 -3.94 -0.86
N ASP B 35 4.97 -4.39 -0.71
CA ASP B 35 4.26 -5.21 -1.69
C ASP B 35 5.00 -6.51 -1.97
N PRO B 36 4.28 -7.51 -2.48
CA PRO B 36 4.90 -8.80 -2.80
C PRO B 36 5.70 -8.77 -4.09
N TRP B 37 6.46 -9.84 -4.34
CA TRP B 37 7.28 -9.93 -5.54
C TRP B 37 6.84 -11.11 -6.40
N LEU B 38 7.28 -11.11 -7.66
CA LEU B 38 7.01 -12.21 -8.58
C LEU B 38 8.33 -12.95 -8.52
N VAL B 39 8.41 -13.91 -7.60
CA VAL B 39 9.63 -14.62 -7.36
C VAL B 39 9.75 -16.05 -7.91
N PHE B 40 10.76 -16.29 -8.73
CA PHE B 40 10.99 -17.64 -9.23
C PHE B 40 12.11 -18.21 -8.37
N ASP B 41 11.75 -19.07 -7.42
CA ASP B 41 12.69 -19.69 -6.50
C ASP B 41 13.19 -21.02 -7.06
N ALA B 42 14.42 -21.03 -7.54
CA ALA B 42 14.99 -22.25 -8.09
C ALA B 42 15.24 -23.29 -7.00
N ARG B 43 15.51 -22.83 -5.78
CA ARG B 43 15.75 -23.75 -4.67
C ARG B 43 14.64 -24.77 -4.50
N THR B 44 13.48 -24.50 -5.09
CA THR B 44 12.34 -25.40 -4.99
C THR B 44 11.66 -25.73 -6.33
N THR B 45 11.45 -24.70 -7.15
CA THR B 45 10.79 -24.89 -8.43
C THR B 45 11.77 -25.42 -9.48
N PRO B 46 11.36 -26.46 -10.22
CA PRO B 46 12.22 -27.05 -11.25
C PRO B 46 12.63 -26.02 -12.29
N ALA B 47 13.86 -26.12 -12.76
CA ALA B 47 14.41 -25.21 -13.75
C ALA B 47 13.56 -25.19 -15.02
N THR B 48 13.16 -26.37 -15.47
CA THR B 48 12.35 -26.52 -16.68
C THR B 48 11.09 -25.67 -16.68
N GLU B 49 10.73 -25.12 -15.54
CA GLU B 49 9.54 -24.28 -15.44
C GLU B 49 9.90 -22.80 -15.58
N LEU B 50 11.19 -22.49 -15.61
CA LEU B 50 11.63 -21.11 -15.71
C LEU B 50 11.16 -20.41 -16.98
N ASP B 51 11.38 -21.04 -18.12
CA ASP B 51 11.01 -20.45 -19.39
C ASP B 51 9.52 -20.04 -19.48
N ALA B 52 8.63 -20.85 -18.91
CA ALA B 52 7.21 -20.52 -18.94
C ALA B 52 6.96 -19.35 -17.99
N TRP B 53 7.66 -19.38 -16.86
CA TRP B 53 7.54 -18.32 -15.88
C TRP B 53 8.00 -16.99 -16.49
N LEU B 54 9.09 -17.02 -17.27
CA LEU B 54 9.56 -15.80 -17.91
C LEU B 54 8.59 -15.36 -19.01
N ALA B 55 8.06 -16.32 -19.77
CA ALA B 55 7.13 -15.98 -20.84
C ALA B 55 5.89 -15.27 -20.29
N LYS B 56 5.48 -15.66 -19.09
CA LYS B 56 4.31 -15.09 -18.45
C LYS B 56 4.53 -13.74 -17.78
N TYR B 57 5.70 -13.55 -17.20
CA TYR B 57 5.96 -12.30 -16.51
C TYR B 57 7.12 -11.42 -16.97
N PRO B 58 7.14 -11.03 -18.25
CA PRO B 58 8.24 -10.17 -18.73
C PRO B 58 8.15 -8.82 -18.02
N PRO B 59 9.28 -8.35 -17.45
CA PRO B 59 9.31 -7.07 -16.72
C PRO B 59 8.78 -5.83 -17.44
N SER B 60 8.69 -5.87 -18.77
CA SER B 60 8.18 -4.72 -19.50
C SER B 60 6.66 -4.65 -19.40
N GLN B 61 6.04 -5.76 -19.04
CA GLN B 61 4.58 -5.79 -18.93
C GLN B 61 4.11 -5.82 -17.47
N VAL B 62 4.87 -6.47 -16.61
CA VAL B 62 4.46 -6.53 -15.21
C VAL B 62 4.44 -5.10 -14.71
N THR B 63 3.33 -4.70 -14.10
CA THR B 63 3.23 -3.33 -13.62
C THR B 63 3.38 -3.14 -12.12
N ARG B 64 4.03 -2.03 -11.76
CA ARG B 64 4.28 -1.69 -10.37
C ARG B 64 3.00 -1.72 -9.53
N TYR B 65 1.96 -1.09 -10.05
CA TYR B 65 0.70 -1.02 -9.34
C TYR B 65 -0.40 -1.88 -9.92
N GLY B 66 -0.09 -2.53 -11.04
CA GLY B 66 -1.04 -3.42 -11.68
C GLY B 66 -2.11 -2.81 -12.56
N ASP B 67 -1.72 -2.41 -13.77
CA ASP B 67 -2.69 -1.86 -14.72
C ASP B 67 -3.61 -3.00 -15.13
N PRO B 68 -4.74 -2.67 -15.78
CA PRO B 68 -5.66 -3.73 -16.21
C PRO B 68 -4.98 -4.59 -17.28
N GLY B 69 -5.16 -5.90 -17.19
CA GLY B 69 -4.56 -6.76 -18.19
C GLY B 69 -3.09 -7.12 -17.95
N SER B 70 -2.45 -6.47 -16.98
CA SER B 70 -1.06 -6.79 -16.68
C SER B 70 -1.10 -8.23 -16.21
N PRO B 71 0.00 -8.99 -16.38
CA PRO B 71 -0.08 -10.36 -15.89
C PRO B 71 -0.45 -10.30 -14.41
N ASN B 72 -0.19 -9.14 -13.80
CA ASN B 72 -0.46 -8.90 -12.39
C ASN B 72 -1.54 -7.85 -12.19
N SER B 73 -2.61 -8.23 -11.48
CA SER B 73 -3.72 -7.32 -11.23
C SER B 73 -3.49 -6.44 -10.00
N GLU B 74 -2.50 -6.80 -9.20
CA GLU B 74 -2.17 -6.08 -7.99
C GLU B 74 -0.73 -5.54 -8.02
N PRO B 75 -0.39 -4.67 -7.07
CA PRO B 75 0.94 -4.07 -6.97
C PRO B 75 2.10 -5.08 -6.87
N VAL B 76 3.22 -4.71 -7.49
CA VAL B 76 4.42 -5.55 -7.49
C VAL B 76 5.66 -4.70 -7.24
N GLY B 77 6.33 -4.93 -6.12
CA GLY B 77 7.52 -4.15 -5.80
C GLY B 77 8.72 -4.49 -6.66
N TRP B 78 9.01 -5.77 -6.81
CA TRP B 78 10.13 -6.22 -7.62
C TRP B 78 9.86 -7.59 -8.20
N ILE B 79 10.61 -7.92 -9.24
CA ILE B 79 10.53 -9.22 -9.89
C ILE B 79 11.87 -9.85 -9.52
N ALA B 80 11.87 -11.08 -9.03
CA ALA B 80 13.12 -11.70 -8.61
C ALA B 80 13.30 -13.17 -8.91
N VAL B 81 14.56 -13.56 -9.04
CA VAL B 81 14.91 -14.95 -9.28
C VAL B 81 16.04 -15.34 -8.32
N TYR B 82 15.73 -16.27 -7.42
CA TYR B 82 16.72 -16.77 -6.46
C TYR B 82 17.25 -18.11 -6.95
N GLY B 83 18.57 -18.24 -7.02
CA GLY B 83 19.17 -19.48 -7.46
C GLY B 83 19.27 -20.47 -6.31
N GLN B 84 19.36 -21.75 -6.63
CA GLN B 84 19.48 -22.78 -5.60
C GLN B 84 20.66 -22.49 -4.69
N GLY B 85 21.84 -22.38 -5.29
CA GLY B 85 23.04 -22.09 -4.51
C GLY B 85 22.99 -20.66 -3.97
N TYR B 86 22.05 -20.41 -3.07
CA TYR B 86 21.89 -19.09 -2.48
C TYR B 86 21.57 -19.11 -1.00
N SER B 87 22.45 -18.54 -0.19
CA SER B 87 22.24 -18.46 1.24
C SER B 87 21.58 -17.11 1.52
N PRO B 88 20.34 -17.13 2.02
CA PRO B 88 19.60 -15.89 2.33
C PRO B 88 20.44 -14.83 3.03
N ASN B 89 19.96 -13.60 3.02
CA ASN B 89 20.62 -12.45 3.63
C ASN B 89 22.00 -12.74 4.21
N SER B 90 22.06 -12.95 5.52
CA SER B 90 23.31 -13.24 6.20
C SER B 90 24.13 -11.97 6.42
N GLY B 91 23.57 -11.05 7.18
CA GLY B 91 24.23 -9.80 7.48
C GLY B 91 23.57 -9.14 8.69
N ASP B 92 24.36 -8.87 9.72
CA ASP B 92 23.83 -8.24 10.92
C ASP B 92 23.68 -6.74 10.78
N VAL B 93 22.61 -6.34 10.11
CA VAL B 93 22.32 -4.94 9.85
C VAL B 93 22.10 -4.11 11.12
N GLN B 94 21.24 -4.57 12.02
CA GLN B 94 20.96 -3.83 13.24
C GLN B 94 22.23 -3.16 13.74
N GLY B 95 23.35 -3.85 13.59
CA GLY B 95 24.62 -3.28 13.99
C GLY B 95 25.04 -2.17 13.04
N LEU B 96 25.05 -2.48 11.74
CA LEU B 96 25.45 -1.50 10.73
C LEU B 96 24.59 -0.24 10.75
N GLN B 97 23.40 -0.34 11.34
CA GLN B 97 22.51 0.80 11.43
C GLN B 97 22.66 1.46 12.79
N ALA B 98 22.66 0.65 13.85
CA ALA B 98 22.78 1.16 15.21
C ALA B 98 24.13 1.85 15.42
N ALA B 99 24.90 1.97 14.34
CA ALA B 99 26.20 2.61 14.37
C ALA B 99 26.22 3.81 13.43
N TRP B 100 25.48 3.70 12.33
CA TRP B 100 25.40 4.78 11.35
C TRP B 100 24.89 6.03 12.06
N GLU B 101 23.74 5.91 12.72
CA GLU B 101 23.18 7.04 13.46
C GLU B 101 24.01 7.12 14.73
N ALA B 102 25.32 7.05 14.57
CA ALA B 102 26.25 7.11 15.68
C ALA B 102 27.65 7.46 15.19
N LEU B 103 27.77 7.71 13.90
CA LEU B 103 29.05 8.06 13.28
C LEU B 103 29.07 9.51 12.84
N GLN B 104 27.99 9.95 12.21
CA GLN B 104 27.87 11.32 11.74
C GLN B 104 28.11 12.27 12.92
N THR B 105 27.55 11.90 14.08
CA THR B 105 27.70 12.70 15.29
C THR B 105 29.19 12.82 15.59
N SER B 106 29.89 11.70 15.42
CA SER B 106 31.32 11.68 15.64
C SER B 106 31.94 12.51 14.52
N GLY B 107 32.54 13.65 14.87
CA GLY B 107 33.14 14.52 13.88
C GLY B 107 34.04 13.84 12.87
N ARG B 108 34.36 12.57 13.07
CA ARG B 108 35.21 11.82 12.16
C ARG B 108 34.90 12.16 10.71
N PRO B 109 35.94 12.34 9.89
CA PRO B 109 35.74 12.68 8.47
C PRO B 109 34.93 11.61 7.70
N ILE B 110 33.65 11.88 7.50
CA ILE B 110 32.79 10.97 6.77
C ILE B 110 33.36 10.69 5.39
N THR B 111 34.06 9.57 5.27
CA THR B 111 34.69 9.21 4.00
C THR B 111 34.37 7.76 3.64
N PRO B 112 34.73 7.35 2.41
CA PRO B 112 34.47 5.98 1.95
C PRO B 112 34.89 4.96 3.00
N GLY B 113 36.20 4.88 3.24
CA GLY B 113 36.72 3.93 4.21
C GLY B 113 36.03 4.04 5.55
N THR B 114 35.54 5.24 5.87
CA THR B 114 34.83 5.47 7.13
C THR B 114 33.50 4.74 7.11
N LEU B 115 32.91 4.61 5.93
CA LEU B 115 31.63 3.93 5.78
C LEU B 115 31.88 2.48 5.38
N ARG B 116 33.08 2.25 4.84
CA ARG B 116 33.50 0.93 4.43
C ARG B 116 33.77 0.10 5.66
N GLN B 117 34.62 0.62 6.54
CA GLN B 117 34.95 -0.11 7.75
C GLN B 117 33.67 -0.42 8.49
N LEU B 118 32.73 0.52 8.49
CA LEU B 118 31.47 0.29 9.17
C LEU B 118 30.76 -0.94 8.62
N ALA B 119 30.94 -1.22 7.33
CA ALA B 119 30.30 -2.37 6.71
C ALA B 119 30.93 -3.67 7.21
N ILE B 120 32.24 -3.63 7.40
CA ILE B 120 32.97 -4.79 7.90
C ILE B 120 32.62 -5.00 9.37
N THR B 121 32.67 -3.92 10.14
CA THR B 121 32.34 -3.94 11.56
C THR B 121 31.02 -4.67 11.83
N HIS B 122 30.18 -4.81 10.81
CA HIS B 122 28.91 -5.50 11.00
C HIS B 122 28.63 -6.63 10.01
N HIS B 123 29.66 -7.01 9.27
CA HIS B 123 29.57 -8.08 8.30
C HIS B 123 28.46 -7.89 7.26
N VAL B 124 28.40 -6.69 6.69
CA VAL B 124 27.42 -6.38 5.65
C VAL B 124 28.26 -6.22 4.38
N LEU B 125 28.64 -7.37 3.80
CA LEU B 125 29.50 -7.42 2.62
C LEU B 125 28.78 -7.66 1.31
N SER B 126 27.46 -7.48 1.31
CA SER B 126 26.68 -7.70 0.09
C SER B 126 26.48 -6.43 -0.73
N GLY B 127 26.22 -6.62 -2.02
CA GLY B 127 26.01 -5.50 -2.91
C GLY B 127 25.58 -5.99 -4.29
N LYS B 128 25.69 -5.15 -5.30
CA LYS B 128 25.27 -5.57 -6.62
C LYS B 128 25.64 -4.67 -7.79
N TRP B 129 25.57 -5.27 -8.97
CA TRP B 129 25.81 -4.57 -10.21
C TRP B 129 24.46 -3.96 -10.61
N LEU B 130 24.45 -2.66 -10.88
CA LEU B 130 23.23 -1.95 -11.28
C LEU B 130 23.27 -1.55 -12.76
N MSE B 131 22.27 -2.00 -13.50
CA MSE B 131 22.15 -1.72 -14.92
C MSE B 131 20.73 -1.27 -15.21
O MSE B 131 19.77 -1.87 -14.69
CB MSE B 131 22.47 -2.97 -15.74
CG MSE B 131 21.49 -4.12 -15.52
SE MSE B 131 22.30 -5.86 -15.68
CE MSE B 131 23.03 -5.98 -13.89
N HIS B 132 20.59 -0.24 -16.03
CA HIS B 132 19.29 0.29 -16.38
C HIS B 132 19.04 0.12 -17.86
N LEU B 133 18.51 -1.05 -18.23
CA LEU B 133 18.21 -1.35 -19.63
C LEU B 133 17.12 -0.44 -20.15
N ALA B 134 16.94 -0.47 -21.47
CA ALA B 134 15.95 0.34 -22.14
C ALA B 134 14.67 -0.46 -22.30
N PRO B 135 13.50 0.16 -22.03
CA PRO B 135 12.24 -0.56 -22.17
C PRO B 135 12.08 -1.31 -23.49
N GLY B 136 11.19 -2.29 -23.49
CA GLY B 136 10.96 -3.07 -24.68
C GLY B 136 11.52 -4.48 -24.54
N PHE B 137 11.76 -5.10 -25.68
CA PHE B 137 12.27 -6.46 -25.68
C PHE B 137 13.74 -6.53 -25.25
N LYS B 138 14.40 -5.39 -25.23
CA LYS B 138 15.80 -5.34 -24.80
C LYS B 138 15.84 -5.59 -23.29
N LEU B 139 14.91 -4.98 -22.57
CA LEU B 139 14.84 -5.17 -21.13
C LEU B 139 14.49 -6.63 -20.81
N ASP B 140 13.47 -7.15 -21.49
CA ASP B 140 13.01 -8.52 -21.27
C ASP B 140 14.04 -9.56 -21.68
N HIS B 141 14.75 -9.27 -22.77
CA HIS B 141 15.76 -10.18 -23.26
C HIS B 141 16.89 -10.27 -22.23
N ALA B 142 17.40 -9.11 -21.82
CA ALA B 142 18.48 -9.07 -20.84
C ALA B 142 18.06 -9.78 -19.55
N TRP B 143 16.82 -9.52 -19.11
CA TRP B 143 16.31 -10.14 -17.91
C TRP B 143 16.25 -11.66 -18.02
N ALA B 144 15.79 -12.15 -19.16
CA ALA B 144 15.68 -13.60 -19.37
C ALA B 144 17.04 -14.28 -19.23
N GLY B 145 18.05 -13.73 -19.90
CA GLY B 145 19.38 -14.32 -19.83
C GLY B 145 19.91 -14.48 -18.41
N ILE B 146 19.95 -13.38 -17.66
CA ILE B 146 20.43 -13.42 -16.28
C ILE B 146 19.57 -14.39 -15.47
N ALA B 147 18.26 -14.35 -15.72
CA ALA B 147 17.33 -15.24 -15.04
C ALA B 147 17.79 -16.68 -15.31
N ARG B 148 18.33 -16.91 -16.51
CA ARG B 148 18.80 -18.23 -16.88
C ARG B 148 20.08 -18.55 -16.13
N ALA B 149 21.00 -17.59 -16.12
CA ALA B 149 22.28 -17.75 -15.44
C ALA B 149 22.06 -18.10 -13.95
N VAL B 150 21.21 -17.33 -13.28
CA VAL B 150 20.93 -17.59 -11.87
C VAL B 150 20.50 -19.05 -11.71
N VAL B 151 19.54 -19.49 -12.54
CA VAL B 151 19.07 -20.86 -12.48
C VAL B 151 20.25 -21.81 -12.67
N GLU B 152 21.04 -21.58 -13.72
CA GLU B 152 22.20 -22.42 -13.99
C GLU B 152 23.28 -22.23 -12.91
N GLY B 153 22.97 -21.41 -11.90
CA GLY B 153 23.90 -21.18 -10.81
C GLY B 153 25.13 -20.36 -11.16
N ARG B 154 24.94 -19.09 -11.50
CA ARG B 154 26.07 -18.23 -11.85
C ARG B 154 25.82 -16.79 -11.40
N LEU B 155 24.83 -16.63 -10.54
CA LEU B 155 24.44 -15.33 -9.98
C LEU B 155 23.48 -15.66 -8.85
N GLN B 156 23.58 -14.92 -7.75
CA GLN B 156 22.76 -15.19 -6.57
C GLN B 156 21.24 -14.99 -6.69
N VAL B 157 20.83 -13.75 -6.90
CA VAL B 157 19.41 -13.43 -6.98
C VAL B 157 19.19 -12.02 -7.54
N ALA B 158 18.89 -11.93 -8.83
CA ALA B 158 18.68 -10.63 -9.45
C ALA B 158 17.25 -10.23 -9.20
N LYS B 159 17.07 -9.03 -8.68
CA LYS B 159 15.72 -8.56 -8.40
C LYS B 159 15.33 -7.42 -9.36
N VAL B 160 14.97 -7.77 -10.59
CA VAL B 160 14.58 -6.76 -11.58
C VAL B 160 13.31 -6.03 -11.13
N SER B 161 13.26 -4.73 -11.41
CA SER B 161 12.14 -3.90 -11.03
C SER B 161 10.87 -4.16 -11.83
N PRO B 162 9.82 -3.39 -11.60
CA PRO B 162 8.55 -3.56 -12.33
C PRO B 162 8.26 -2.37 -13.26
N ARG B 163 7.23 -2.49 -14.10
CA ARG B 163 6.86 -1.43 -15.04
C ARG B 163 5.77 -0.50 -14.53
N ALA B 164 5.92 0.80 -14.81
CA ALA B 164 4.97 1.84 -14.39
C ALA B 164 3.59 1.79 -15.07
N LYS B 165 3.15 2.91 -15.64
CA LYS B 165 1.83 2.97 -16.29
C LYS B 165 1.72 3.69 -17.64
N GLU B 166 2.80 4.26 -18.14
CA GLU B 166 2.74 4.96 -19.43
C GLU B 166 4.10 4.90 -20.14
N GLY B 167 5.13 4.56 -19.38
CA GLY B 167 6.47 4.47 -19.95
C GLY B 167 7.50 4.76 -18.88
N GLY B 168 8.73 5.04 -19.29
CA GLY B 168 9.77 5.34 -18.32
C GLY B 168 10.90 4.32 -18.30
N ARG B 169 11.67 4.34 -17.22
CA ARG B 169 12.82 3.44 -17.08
C ARG B 169 12.64 2.34 -16.03
N GLN B 170 13.50 1.34 -16.11
CA GLN B 170 13.49 0.20 -15.18
C GLN B 170 14.91 -0.24 -14.93
N VAL B 171 15.12 -0.94 -13.82
CA VAL B 171 16.47 -1.38 -13.48
C VAL B 171 16.61 -2.86 -13.13
N ILE B 172 17.83 -3.36 -13.30
CA ILE B 172 18.16 -4.74 -12.96
C ILE B 172 19.29 -4.68 -11.94
N CYS B 173 19.21 -5.52 -10.92
CA CYS B 173 20.21 -5.57 -9.87
C CYS B 173 20.71 -7.00 -9.69
N VAL B 174 22.03 -7.19 -9.87
CA VAL B 174 22.63 -8.50 -9.70
C VAL B 174 23.51 -8.45 -8.45
N TYR B 175 23.00 -9.01 -7.36
CA TYR B 175 23.69 -9.00 -6.07
C TYR B 175 24.83 -9.99 -5.89
N THR B 176 25.81 -9.56 -5.10
CA THR B 176 26.95 -10.41 -4.72
C THR B 176 27.02 -10.29 -3.17
N ASP B 177 27.47 -11.34 -2.51
CA ASP B 177 27.51 -11.34 -1.05
C ASP B 177 28.81 -10.86 -0.41
N ASP B 178 29.86 -10.70 -1.22
CA ASP B 178 31.14 -10.27 -0.67
C ASP B 178 31.75 -9.21 -1.60
N PHE B 179 31.41 -7.95 -1.40
CA PHE B 179 31.93 -6.91 -2.26
C PHE B 179 33.44 -6.76 -2.19
N THR B 180 34.08 -7.31 -1.18
CA THR B 180 35.52 -7.18 -1.09
C THR B 180 36.21 -8.29 -1.88
N ASP B 181 35.44 -9.31 -2.28
CA ASP B 181 35.99 -10.40 -3.08
C ASP B 181 35.90 -10.04 -4.56
N ARG B 182 36.90 -9.32 -5.04
CA ARG B 182 36.94 -8.88 -6.43
C ARG B 182 36.72 -9.96 -7.47
N LEU B 183 37.11 -11.21 -7.17
CA LEU B 183 36.91 -12.27 -8.14
C LEU B 183 35.42 -12.53 -8.31
N GLY B 184 34.68 -12.47 -7.21
CA GLY B 184 33.24 -12.67 -7.27
C GLY B 184 32.60 -11.58 -8.10
N VAL B 185 32.77 -10.34 -7.64
CA VAL B 185 32.21 -9.18 -8.34
C VAL B 185 32.48 -9.24 -9.84
N LEU B 186 33.70 -9.67 -10.20
CA LEU B 186 34.11 -9.78 -11.59
C LEU B 186 33.51 -11.02 -12.24
N GLU B 187 33.46 -12.10 -11.47
CA GLU B 187 32.91 -13.35 -11.98
C GLU B 187 31.50 -13.05 -12.48
N ALA B 188 30.70 -12.40 -11.64
CA ALA B 188 29.35 -12.03 -12.00
C ALA B 188 29.32 -11.29 -13.36
N ASP B 189 30.27 -10.36 -13.54
CA ASP B 189 30.38 -9.57 -14.75
C ASP B 189 30.36 -10.48 -15.99
N SER B 190 30.95 -11.67 -15.85
CA SER B 190 30.98 -12.62 -16.97
C SER B 190 29.59 -13.10 -17.35
N ALA B 191 28.78 -13.42 -16.36
CA ALA B 191 27.42 -13.89 -16.59
C ALA B 191 26.55 -12.80 -17.25
N ILE B 192 26.67 -11.58 -16.74
CA ILE B 192 25.91 -10.47 -17.27
C ILE B 192 26.29 -10.18 -18.74
N ARG B 193 27.58 -10.01 -19.00
CA ARG B 193 28.03 -9.74 -20.37
C ARG B 193 27.73 -10.93 -21.26
N ALA B 194 27.50 -12.09 -20.64
CA ALA B 194 27.19 -13.28 -21.40
C ALA B 194 25.68 -13.29 -21.67
N ALA B 195 24.94 -12.44 -20.96
CA ALA B 195 23.50 -12.34 -21.18
C ALA B 195 23.24 -11.25 -22.23
N GLY B 196 24.31 -10.79 -22.88
CA GLY B 196 24.19 -9.78 -23.91
C GLY B 196 23.98 -8.36 -23.44
N ILE B 197 24.14 -8.12 -22.14
CA ILE B 197 23.99 -6.77 -21.62
C ILE B 197 25.27 -5.98 -21.86
N LYS B 198 25.16 -4.86 -22.57
CA LYS B 198 26.31 -4.05 -22.90
C LYS B 198 26.30 -2.64 -22.34
N CYS B 199 25.32 -2.34 -21.48
CA CYS B 199 25.22 -1.02 -20.87
C CYS B 199 26.25 -0.89 -19.73
N LEU B 200 26.40 0.33 -19.23
CA LEU B 200 27.33 0.62 -18.14
C LEU B 200 26.86 -0.11 -16.88
N LEU B 201 27.79 -0.75 -16.19
CA LEU B 201 27.47 -1.46 -14.96
C LEU B 201 28.24 -0.84 -13.79
N THR B 202 27.52 -0.23 -12.85
CA THR B 202 28.14 0.35 -11.68
C THR B 202 27.80 -0.56 -10.52
N TYR B 203 28.72 -0.71 -9.58
CA TYR B 203 28.49 -1.57 -8.43
C TYR B 203 28.21 -0.80 -7.14
N LYS B 204 27.09 -1.14 -6.51
CA LYS B 204 26.68 -0.49 -5.29
C LYS B 204 26.61 -1.47 -4.11
N PRO B 205 27.50 -1.31 -3.12
CA PRO B 205 27.47 -2.23 -1.97
C PRO B 205 26.25 -1.98 -1.09
N ASP B 206 25.67 -3.03 -0.55
CA ASP B 206 24.51 -2.87 0.32
C ASP B 206 24.71 -1.92 1.50
N VAL B 207 25.93 -1.81 2.03
CA VAL B 207 26.17 -0.91 3.14
C VAL B 207 25.69 0.50 2.77
N TYR B 208 26.05 0.97 1.58
CA TYR B 208 25.60 2.29 1.16
C TYR B 208 24.10 2.29 0.89
N THR B 209 23.57 1.14 0.50
CA THR B 209 22.14 1.01 0.22
C THR B 209 21.31 1.06 1.50
N TYR B 210 21.68 0.26 2.48
CA TYR B 210 20.95 0.24 3.75
C TYR B 210 21.02 1.59 4.45
N LEU B 211 22.17 2.26 4.37
CA LEU B 211 22.31 3.56 5.01
C LEU B 211 21.62 4.65 4.21
N GLY B 212 20.91 4.23 3.16
CA GLY B 212 20.19 5.16 2.32
C GLY B 212 21.08 6.15 1.59
N ILE B 213 22.37 5.86 1.56
CA ILE B 213 23.31 6.73 0.88
C ILE B 213 23.14 6.64 -0.64
N TYR B 214 22.97 7.80 -1.27
CA TYR B 214 22.79 7.87 -2.72
C TYR B 214 23.57 9.06 -3.25
N ARG B 215 23.59 9.26 -4.56
CA ARG B 215 24.34 10.37 -5.12
C ARG B 215 23.75 11.73 -4.79
N ALA B 216 24.65 12.69 -4.58
CA ALA B 216 24.34 14.07 -4.22
C ALA B 216 24.42 14.23 -2.70
N ASN B 217 24.91 13.21 -2.01
CA ASN B 217 25.03 13.27 -0.56
C ASN B 217 26.00 14.38 -0.18
N ARG B 218 25.59 15.18 0.80
CA ARG B 218 26.39 16.32 1.28
C ARG B 218 27.80 15.95 1.68
N TRP B 219 28.15 14.68 1.55
CA TRP B 219 29.48 14.21 1.91
C TRP B 219 30.30 13.99 0.65
N HIS B 220 29.65 14.05 -0.50
CA HIS B 220 30.32 13.87 -1.78
C HIS B 220 30.94 12.50 -1.89
N LEU B 221 30.30 11.51 -1.28
CA LEU B 221 30.80 10.14 -1.35
C LEU B 221 29.87 9.30 -2.21
N CYS B 222 30.35 8.89 -3.38
CA CYS B 222 29.55 8.08 -4.27
C CYS B 222 29.56 6.61 -3.88
N PRO B 223 28.38 5.97 -3.86
CA PRO B 223 28.25 4.56 -3.50
C PRO B 223 28.75 3.57 -4.58
N THR B 224 29.48 4.07 -5.57
CA THR B 224 29.99 3.22 -6.64
C THR B 224 31.41 2.72 -6.37
N LEU B 225 31.54 1.44 -6.06
CA LEU B 225 32.85 0.89 -5.81
C LEU B 225 33.48 0.43 -7.12
N TYR B 226 32.70 -0.26 -7.96
CA TYR B 226 33.20 -0.76 -9.24
C TYR B 226 32.34 -0.29 -10.39
N GLU B 227 32.94 -0.34 -11.58
CA GLU B 227 32.29 0.06 -12.83
C GLU B 227 32.69 -0.89 -13.95
N SER B 228 31.76 -1.14 -14.86
CA SER B 228 32.02 -2.01 -15.99
C SER B 228 31.53 -1.36 -17.28
N ARG B 229 32.47 -0.82 -18.05
CA ARG B 229 32.15 -0.17 -19.33
C ARG B 229 32.32 -1.23 -20.41
N PHE B 230 31.27 -1.51 -21.15
CA PHE B 230 31.38 -2.51 -22.20
C PHE B 230 32.16 -1.97 -23.41
N GLN B 231 33.01 -2.80 -23.99
CA GLN B 231 33.79 -2.38 -25.13
C GLN B 231 33.45 -3.21 -26.37
N LEU B 232 32.80 -2.56 -27.34
CA LEU B 232 32.41 -3.21 -28.58
C LEU B 232 33.65 -3.64 -29.34
N GLY B 233 33.45 -4.49 -30.35
CA GLY B 233 34.54 -4.96 -31.17
C GLY B 233 35.59 -5.84 -30.49
N GLY B 234 36.45 -6.43 -31.32
CA GLY B 234 37.50 -7.30 -30.83
C GLY B 234 38.92 -6.75 -30.82
N SER B 235 39.08 -5.50 -30.40
CA SER B 235 40.39 -4.87 -30.31
C SER B 235 40.61 -4.45 -28.86
N ALA B 236 39.70 -4.92 -28.02
CA ALA B 236 39.71 -4.66 -26.58
C ALA B 236 38.90 -5.76 -25.90
N ARG B 237 39.08 -5.88 -24.59
CA ARG B 237 38.35 -6.88 -23.82
C ARG B 237 36.88 -6.46 -23.78
N GLY B 238 35.99 -7.39 -24.12
CA GLY B 238 34.58 -7.10 -24.12
C GLY B 238 34.12 -6.25 -22.95
N SER B 239 34.77 -6.42 -21.80
CA SER B 239 34.39 -5.68 -20.60
C SER B 239 35.56 -5.04 -19.86
N ARG B 240 35.39 -3.77 -19.48
CA ARG B 240 36.43 -3.04 -18.76
C ARG B 240 35.94 -2.66 -17.35
N VAL B 241 36.35 -3.46 -16.37
CA VAL B 241 35.94 -3.25 -14.99
C VAL B 241 36.97 -2.44 -14.20
N LEU B 242 36.53 -1.31 -13.68
CA LEU B 242 37.41 -0.43 -12.91
C LEU B 242 37.09 -0.45 -11.41
N ASP B 243 38.09 -0.74 -10.59
CA ASP B 243 37.93 -0.75 -9.14
C ASP B 243 38.07 0.73 -8.77
N ARG B 244 36.94 1.41 -8.67
CA ARG B 244 36.92 2.84 -8.36
C ARG B 244 37.42 3.19 -6.98
N ALA B 245 37.12 2.34 -6.00
CA ALA B 245 37.56 2.61 -4.64
C ALA B 245 39.07 2.83 -4.56
N ASN B 246 39.83 1.95 -5.22
CA ASN B 246 41.29 2.02 -5.19
C ASN B 246 41.95 2.53 -6.46
N ASN B 247 41.17 2.70 -7.53
CA ASN B 247 41.70 3.17 -8.80
C ASN B 247 42.56 2.07 -9.42
N VAL B 248 42.06 0.84 -9.31
CA VAL B 248 42.72 -0.36 -9.82
C VAL B 248 41.90 -0.87 -11.01
N GLU B 249 42.58 -1.28 -12.07
CA GLU B 249 41.88 -1.80 -13.23
C GLU B 249 41.85 -3.31 -13.14
N LEU B 250 40.74 -3.85 -12.65
CA LEU B 250 40.58 -5.29 -12.53
C LEU B 250 40.54 -5.83 -13.96
N THR B 251 40.58 -4.89 -14.90
CA THR B 251 40.55 -5.17 -16.35
C THR B 251 39.15 -5.60 -16.79
N MSE C 30 -38.95 1.72 -1.41
CA MSE C 30 -39.41 2.76 -2.36
C MSE C 30 -38.32 3.79 -2.65
O MSE C 30 -38.04 4.67 -1.84
CB MSE C 30 -40.64 3.49 -1.79
CG MSE C 30 -41.88 2.62 -1.67
SE MSE C 30 -42.53 1.96 -3.37
CE MSE C 30 -43.39 3.57 -4.01
N ALA C 31 -37.70 3.66 -3.82
CA ALA C 31 -36.64 4.57 -4.23
C ALA C 31 -36.98 5.19 -5.58
N ALA C 32 -36.34 6.32 -5.89
CA ALA C 32 -36.56 7.03 -7.15
C ALA C 32 -36.23 6.11 -8.32
N ASP C 33 -35.28 5.21 -8.10
CA ASP C 33 -34.86 4.26 -9.12
C ASP C 33 -34.63 2.88 -8.51
N MSE C 34 -35.57 1.97 -8.74
CA MSE C 34 -35.50 0.62 -8.22
C MSE C 34 -35.43 -0.38 -9.36
O MSE C 34 -35.79 -1.54 -9.20
CB MSE C 34 -36.72 0.32 -7.34
CG MSE C 34 -36.89 1.24 -6.12
SE MSE C 34 -38.17 0.54 -4.81
CE MSE C 34 -39.80 0.88 -5.78
N ASP C 35 -34.93 0.06 -10.50
CA ASP C 35 -34.85 -0.79 -11.69
C ASP C 35 -33.48 -1.39 -11.99
N PRO C 36 -33.41 -2.29 -12.98
CA PRO C 36 -32.17 -2.94 -13.38
C PRO C 36 -31.22 -1.93 -14.05
N TRP C 37 -29.93 -2.23 -13.97
CA TRP C 37 -28.90 -1.39 -14.58
C TRP C 37 -28.10 -2.23 -15.57
N LEU C 38 -27.76 -1.63 -16.71
CA LEU C 38 -26.93 -2.30 -17.71
C LEU C 38 -25.52 -1.96 -17.24
N VAL C 39 -24.78 -3.00 -16.86
CA VAL C 39 -23.46 -2.80 -16.31
C VAL C 39 -22.33 -3.62 -16.92
N PHE C 40 -21.19 -2.96 -17.14
CA PHE C 40 -20.01 -3.67 -17.59
C PHE C 40 -19.03 -3.56 -16.43
N ASP C 41 -18.77 -4.69 -15.77
CA ASP C 41 -17.87 -4.69 -14.63
C ASP C 41 -16.51 -5.19 -15.11
N ALA C 42 -15.58 -4.27 -15.35
CA ALA C 42 -14.25 -4.65 -15.83
C ALA C 42 -13.51 -5.47 -14.78
N ARG C 43 -13.95 -5.40 -13.53
CA ARG C 43 -13.31 -6.17 -12.48
C ARG C 43 -13.57 -7.65 -12.75
N THR C 44 -14.67 -7.93 -13.45
CA THR C 44 -15.02 -9.30 -13.78
C THR C 44 -14.83 -9.62 -15.27
N THR C 45 -15.50 -8.87 -16.14
CA THR C 45 -15.40 -9.13 -17.59
C THR C 45 -14.11 -8.66 -18.25
N PRO C 46 -13.57 -9.47 -19.18
CA PRO C 46 -12.33 -9.14 -19.90
C PRO C 46 -12.55 -7.93 -20.80
N ALA C 47 -11.52 -7.09 -20.91
CA ALA C 47 -11.58 -5.88 -21.73
C ALA C 47 -11.76 -6.19 -23.20
N THR C 48 -11.65 -7.47 -23.55
CA THR C 48 -11.81 -7.91 -24.93
C THR C 48 -13.27 -7.98 -25.29
N GLU C 49 -14.13 -7.83 -24.30
CA GLU C 49 -15.56 -7.90 -24.54
C GLU C 49 -16.21 -6.54 -24.44
N LEU C 50 -15.47 -5.52 -24.02
CA LEU C 50 -16.04 -4.18 -23.90
C LEU C 50 -16.64 -3.68 -25.21
N ASP C 51 -15.98 -3.97 -26.32
CA ASP C 51 -16.45 -3.52 -27.63
C ASP C 51 -17.77 -4.15 -28.08
N ALA C 52 -18.01 -5.41 -27.72
CA ALA C 52 -19.27 -6.05 -28.13
C ALA C 52 -20.42 -5.55 -27.25
N TRP C 53 -20.10 -5.22 -26.01
CA TRP C 53 -21.10 -4.73 -25.08
C TRP C 53 -21.62 -3.37 -25.56
N LEU C 54 -20.69 -2.47 -25.87
CA LEU C 54 -21.05 -1.14 -26.33
C LEU C 54 -21.88 -1.21 -27.59
N ALA C 55 -21.47 -2.09 -28.51
CA ALA C 55 -22.17 -2.25 -29.77
C ALA C 55 -23.63 -2.62 -29.60
N LYS C 56 -23.94 -3.38 -28.55
CA LYS C 56 -25.29 -3.81 -28.29
C LYS C 56 -26.16 -2.85 -27.47
N TYR C 57 -25.53 -2.10 -26.58
CA TYR C 57 -26.30 -1.19 -25.73
C TYR C 57 -25.96 0.29 -25.84
N PRO C 58 -26.01 0.85 -27.04
CA PRO C 58 -25.68 2.29 -27.10
C PRO C 58 -26.71 3.10 -26.29
N PRO C 59 -26.25 4.10 -25.52
CA PRO C 59 -27.17 4.91 -24.72
C PRO C 59 -28.23 5.64 -25.52
N SER C 60 -28.19 5.48 -26.85
CA SER C 60 -29.17 6.11 -27.72
C SER C 60 -30.33 5.16 -28.01
N GLN C 61 -30.05 3.86 -27.91
CA GLN C 61 -31.06 2.85 -28.17
C GLN C 61 -31.64 2.26 -26.90
N VAL C 62 -30.84 2.21 -25.83
CA VAL C 62 -31.31 1.70 -24.54
C VAL C 62 -32.34 2.70 -24.00
N THR C 63 -33.55 2.23 -23.71
CA THR C 63 -34.58 3.14 -23.20
C THR C 63 -34.84 3.03 -21.71
N ARG C 64 -35.16 4.16 -21.10
CA ARG C 64 -35.42 4.21 -19.67
C ARG C 64 -36.47 3.19 -19.25
N TYR C 65 -37.54 3.05 -20.02
CA TYR C 65 -38.60 2.12 -19.66
C TYR C 65 -38.76 0.91 -20.55
N GLY C 66 -37.70 0.60 -21.30
CA GLY C 66 -37.77 -0.56 -22.17
C GLY C 66 -38.91 -0.52 -23.18
N ASP C 67 -39.10 0.63 -23.83
CA ASP C 67 -40.14 0.77 -24.84
C ASP C 67 -39.94 -0.28 -25.92
N PRO C 68 -41.04 -0.75 -26.54
CA PRO C 68 -40.92 -1.75 -27.61
C PRO C 68 -39.93 -1.24 -28.65
N GLY C 69 -39.15 -2.14 -29.24
CA GLY C 69 -38.19 -1.71 -30.24
C GLY C 69 -36.84 -1.32 -29.66
N SER C 70 -36.68 -1.50 -28.35
CA SER C 70 -35.43 -1.16 -27.66
C SER C 70 -34.56 -2.39 -27.48
N PRO C 71 -33.23 -2.20 -27.37
CA PRO C 71 -32.37 -3.37 -27.17
C PRO C 71 -32.69 -4.01 -25.82
N ASN C 72 -33.35 -3.26 -24.96
CA ASN C 72 -33.74 -3.72 -23.62
C ASN C 72 -35.27 -3.78 -23.47
N SER C 73 -35.78 -4.85 -22.85
CA SER C 73 -37.22 -4.99 -22.65
C SER C 73 -37.62 -4.62 -21.23
N GLU C 74 -36.63 -4.51 -20.36
CA GLU C 74 -36.85 -4.13 -18.96
C GLU C 74 -36.45 -2.67 -18.79
N PRO C 75 -37.04 -1.97 -17.80
CA PRO C 75 -36.69 -0.57 -17.56
C PRO C 75 -35.20 -0.47 -17.23
N VAL C 76 -34.64 0.72 -17.31
CA VAL C 76 -33.24 0.94 -17.01
C VAL C 76 -33.00 2.29 -16.34
N GLY C 77 -32.42 2.27 -15.15
CA GLY C 77 -32.17 3.50 -14.44
C GLY C 77 -30.87 4.15 -14.85
N TRP C 78 -29.90 3.31 -15.23
CA TRP C 78 -28.59 3.77 -15.66
C TRP C 78 -27.89 2.70 -16.46
N ILE C 79 -26.86 3.13 -17.19
CA ILE C 79 -25.98 2.27 -17.98
C ILE C 79 -24.65 2.60 -17.31
N ALA C 80 -23.92 1.60 -16.85
CA ALA C 80 -22.66 1.86 -16.14
C ALA C 80 -21.50 0.96 -16.49
N VAL C 81 -20.29 1.50 -16.32
CA VAL C 81 -19.07 0.75 -16.56
C VAL C 81 -18.20 0.86 -15.31
N TYR C 82 -17.84 -0.28 -14.73
CA TYR C 82 -17.01 -0.31 -13.54
C TYR C 82 -15.62 -0.80 -13.88
N GLY C 83 -14.60 -0.05 -13.44
CA GLY C 83 -13.24 -0.43 -13.72
C GLY C 83 -12.55 -1.02 -12.52
N GLN C 84 -11.31 -1.43 -12.67
CA GLN C 84 -10.57 -1.99 -11.55
C GLN C 84 -10.31 -0.89 -10.54
N GLY C 85 -10.39 -1.24 -9.26
CA GLY C 85 -10.17 -0.26 -8.22
C GLY C 85 -11.43 0.24 -7.56
N TYR C 86 -12.50 0.37 -8.34
CA TYR C 86 -13.75 0.85 -7.78
C TYR C 86 -14.13 0.04 -6.54
N SER C 87 -14.69 0.71 -5.54
CA SER C 87 -15.10 0.05 -4.31
C SER C 87 -16.40 0.64 -3.75
N PRO C 88 -17.17 -0.17 -2.99
CA PRO C 88 -18.45 0.20 -2.36
C PRO C 88 -18.24 1.21 -1.24
N ASN C 89 -17.63 2.33 -1.60
CA ASN C 89 -17.32 3.40 -0.65
C ASN C 89 -18.54 4.11 -0.05
N SER C 90 -18.29 4.90 0.99
CA SER C 90 -19.31 5.66 1.71
C SER C 90 -18.74 6.35 2.95
N GLY C 91 -19.27 7.52 3.26
CA GLY C 91 -18.80 8.27 4.42
C GLY C 91 -19.80 8.29 5.56
N ASP C 92 -19.72 9.33 6.37
CA ASP C 92 -20.62 9.46 7.51
C ASP C 92 -21.85 10.28 7.13
N VAL C 93 -22.68 9.71 6.27
CA VAL C 93 -23.88 10.37 5.79
C VAL C 93 -24.84 10.80 6.90
N GLN C 94 -25.13 9.90 7.83
CA GLN C 94 -26.02 10.26 8.93
C GLN C 94 -25.42 11.44 9.68
N GLY C 95 -24.11 11.40 9.89
CA GLY C 95 -23.46 12.50 10.58
C GLY C 95 -23.58 13.77 9.76
N LEU C 96 -23.32 13.63 8.47
CA LEU C 96 -23.40 14.76 7.54
C LEU C 96 -24.78 15.39 7.59
N GLN C 97 -25.81 14.57 7.42
CA GLN C 97 -27.20 15.05 7.42
C GLN C 97 -27.58 15.65 8.76
N ALA C 98 -26.98 15.14 9.82
CA ALA C 98 -27.23 15.65 11.17
C ALA C 98 -26.56 17.01 11.34
N ALA C 99 -25.28 17.09 10.97
CA ALA C 99 -24.54 18.33 11.06
C ALA C 99 -25.16 19.37 10.13
N TRP C 100 -25.76 18.90 9.04
CA TRP C 100 -26.39 19.80 8.09
C TRP C 100 -27.55 20.54 8.77
N GLU C 101 -28.13 19.93 9.79
CA GLU C 101 -29.24 20.56 10.50
C GLU C 101 -28.72 21.48 11.61
N ALA C 102 -27.63 21.07 12.24
CA ALA C 102 -27.03 21.86 13.31
C ALA C 102 -26.66 23.21 12.72
N LEU C 103 -26.18 23.17 11.49
CA LEU C 103 -25.77 24.37 10.77
C LEU C 103 -26.97 25.26 10.46
N GLN C 104 -28.01 24.66 9.86
CA GLN C 104 -29.20 25.40 9.50
C GLN C 104 -29.86 26.07 10.69
N THR C 105 -29.68 25.50 11.87
CA THR C 105 -30.28 26.06 13.07
C THR C 105 -29.31 27.01 13.75
N SER C 106 -28.03 26.92 13.38
CA SER C 106 -27.02 27.80 13.98
C SER C 106 -27.14 29.20 13.39
N GLY C 107 -27.92 29.33 12.32
CA GLY C 107 -28.09 30.61 11.68
C GLY C 107 -26.89 31.02 10.87
N ARG C 108 -25.74 30.40 11.17
CA ARG C 108 -24.50 30.70 10.48
C ARG C 108 -24.70 30.57 8.97
N PRO C 109 -24.09 31.46 8.18
CA PRO C 109 -24.19 31.48 6.71
C PRO C 109 -23.81 30.21 5.98
N ILE C 110 -24.70 29.74 5.12
CA ILE C 110 -24.45 28.54 4.33
C ILE C 110 -23.68 28.94 3.08
N THR C 111 -22.40 28.58 3.03
CA THR C 111 -21.57 28.91 1.89
C THR C 111 -20.78 27.69 1.41
N PRO C 112 -20.00 27.85 0.34
CA PRO C 112 -19.22 26.72 -0.16
C PRO C 112 -18.20 26.28 0.88
N GLY C 113 -18.06 27.09 1.93
CA GLY C 113 -17.12 26.78 2.99
C GLY C 113 -17.67 25.78 3.99
N THR C 114 -18.96 25.91 4.30
CA THR C 114 -19.60 25.01 5.25
C THR C 114 -19.71 23.61 4.67
N LEU C 115 -19.84 23.52 3.35
CA LEU C 115 -19.94 22.23 2.70
C LEU C 115 -18.62 21.50 2.70
N ARG C 116 -17.58 22.16 2.20
CA ARG C 116 -16.26 21.57 2.16
C ARG C 116 -15.91 21.13 3.58
N GLN C 117 -16.56 21.79 4.55
CA GLN C 117 -16.39 21.49 5.96
C GLN C 117 -17.23 20.28 6.34
N LEU C 118 -18.48 20.26 5.91
CA LEU C 118 -19.33 19.11 6.19
C LEU C 118 -18.97 17.95 5.26
N ALA C 119 -17.85 18.06 4.54
CA ALA C 119 -17.44 17.01 3.61
C ALA C 119 -16.23 16.18 4.06
N ILE C 120 -15.16 16.84 4.47
CA ILE C 120 -13.97 16.13 4.91
C ILE C 120 -14.23 15.44 6.24
N THR C 121 -14.78 16.20 7.19
CA THR C 121 -15.08 15.67 8.52
C THR C 121 -15.76 14.31 8.49
N HIS C 122 -16.66 14.11 7.53
CA HIS C 122 -17.40 12.87 7.42
C HIS C 122 -16.94 11.99 6.27
N HIS C 123 -15.89 12.45 5.60
CA HIS C 123 -15.30 11.72 4.48
C HIS C 123 -16.28 11.45 3.33
N VAL C 124 -17.22 12.37 3.11
CA VAL C 124 -18.17 12.26 2.02
C VAL C 124 -17.58 13.27 1.01
N LEU C 125 -16.50 12.87 0.34
CA LEU C 125 -15.79 13.77 -0.58
C LEU C 125 -15.78 13.33 -2.05
N SER C 126 -16.31 12.15 -2.33
CA SER C 126 -16.35 11.64 -3.68
C SER C 126 -17.22 12.57 -4.53
N GLY C 127 -17.16 12.40 -5.84
CA GLY C 127 -17.96 13.24 -6.71
C GLY C 127 -17.90 12.82 -8.17
N LYS C 128 -18.37 13.69 -9.06
CA LYS C 128 -18.39 13.37 -10.48
C LYS C 128 -18.48 14.58 -11.40
N TRP C 129 -17.92 14.41 -12.60
CA TRP C 129 -17.99 15.44 -13.62
C TRP C 129 -19.23 15.12 -14.44
N LEU C 130 -19.95 16.15 -14.86
CA LEU C 130 -21.16 15.96 -15.66
C LEU C 130 -21.08 16.65 -17.02
N MSE C 131 -21.64 15.99 -18.03
CA MSE C 131 -21.67 16.51 -19.38
C MSE C 131 -23.00 16.08 -19.98
O MSE C 131 -23.51 15.02 -19.62
CB MSE C 131 -20.49 15.96 -20.20
CG MSE C 131 -20.44 14.44 -20.29
SE MSE C 131 -18.62 13.73 -20.25
CE MSE C 131 -18.45 13.61 -18.32
N HIS C 132 -23.56 16.90 -20.85
CA HIS C 132 -24.86 16.60 -21.46
C HIS C 132 -24.79 16.51 -22.98
N LEU C 133 -25.53 15.57 -23.54
CA LEU C 133 -25.54 15.39 -24.98
C LEU C 133 -26.82 14.78 -25.54
N ALA C 134 -27.20 15.25 -26.72
CA ALA C 134 -28.38 14.76 -27.41
C ALA C 134 -28.08 13.35 -27.88
N PRO C 135 -29.10 12.49 -27.99
CA PRO C 135 -28.84 11.12 -28.45
C PRO C 135 -28.22 11.15 -29.85
N GLY C 136 -27.67 10.02 -30.29
CA GLY C 136 -27.06 9.99 -31.60
C GLY C 136 -25.64 9.46 -31.58
N PHE C 137 -24.99 9.50 -32.74
CA PHE C 137 -23.64 9.00 -32.87
C PHE C 137 -22.61 9.73 -32.01
N LYS C 138 -22.86 10.99 -31.67
CA LYS C 138 -21.91 11.73 -30.86
C LYS C 138 -22.02 11.33 -29.40
N LEU C 139 -23.24 11.30 -28.88
CA LEU C 139 -23.44 10.90 -27.49
C LEU C 139 -22.89 9.48 -27.31
N ASP C 140 -23.17 8.60 -28.27
CA ASP C 140 -22.69 7.23 -28.17
C ASP C 140 -21.17 7.20 -28.29
N HIS C 141 -20.65 7.85 -29.32
CA HIS C 141 -19.20 7.90 -29.53
C HIS C 141 -18.54 8.35 -28.23
N ALA C 142 -19.10 9.39 -27.62
CA ALA C 142 -18.56 9.92 -26.38
C ALA C 142 -18.50 8.83 -25.30
N TRP C 143 -19.63 8.16 -25.11
CA TRP C 143 -19.75 7.10 -24.12
C TRP C 143 -18.75 5.97 -24.37
N ALA C 144 -18.58 5.60 -25.63
CA ALA C 144 -17.64 4.54 -26.01
C ALA C 144 -16.22 4.88 -25.55
N GLY C 145 -15.85 6.15 -25.64
CA GLY C 145 -14.51 6.56 -25.22
C GLY C 145 -14.36 6.56 -23.70
N ILE C 146 -15.41 6.97 -23.00
CA ILE C 146 -15.39 6.98 -21.54
C ILE C 146 -15.31 5.54 -21.05
N ALA C 147 -16.16 4.68 -21.59
CA ALA C 147 -16.17 3.27 -21.20
C ALA C 147 -14.78 2.67 -21.36
N ARG C 148 -14.16 2.94 -22.51
CA ARG C 148 -12.83 2.43 -22.77
C ARG C 148 -11.85 2.91 -21.68
N ALA C 149 -11.89 4.20 -21.38
CA ALA C 149 -11.00 4.76 -20.36
C ALA C 149 -11.12 4.04 -18.99
N VAL C 150 -12.35 3.75 -18.56
CA VAL C 150 -12.60 3.06 -17.29
C VAL C 150 -12.04 1.64 -17.37
N VAL C 151 -12.38 0.92 -18.42
CA VAL C 151 -11.89 -0.44 -18.59
C VAL C 151 -10.38 -0.44 -18.86
N GLU C 152 -9.81 0.74 -19.04
CA GLU C 152 -8.38 0.83 -19.29
C GLU C 152 -7.66 1.21 -17.99
N GLY C 153 -8.44 1.74 -17.04
CA GLY C 153 -7.89 2.12 -15.74
C GLY C 153 -7.65 3.62 -15.56
N ARG C 154 -8.03 4.42 -16.54
CA ARG C 154 -7.83 5.86 -16.46
C ARG C 154 -9.05 6.54 -15.86
N LEU C 155 -10.04 5.74 -15.48
CA LEU C 155 -11.28 6.22 -14.86
C LEU C 155 -11.77 5.06 -13.99
N GLN C 156 -12.37 5.39 -12.86
CA GLN C 156 -12.84 4.38 -11.92
C GLN C 156 -14.23 3.82 -12.23
N VAL C 157 -15.18 4.70 -12.48
CA VAL C 157 -16.53 4.28 -12.81
C VAL C 157 -17.22 5.37 -13.64
N ALA C 158 -18.18 4.97 -14.45
CA ALA C 158 -18.92 5.92 -15.29
C ALA C 158 -20.32 5.40 -15.54
N LYS C 159 -21.25 6.34 -15.70
CA LYS C 159 -22.63 5.99 -15.98
C LYS C 159 -23.24 6.95 -17.00
N VAL C 160 -24.15 6.45 -17.83
CA VAL C 160 -24.82 7.30 -18.80
C VAL C 160 -26.31 7.04 -18.68
N SER C 161 -27.10 8.10 -18.73
CA SER C 161 -28.54 7.96 -18.64
C SER C 161 -29.12 7.43 -19.95
N PRO C 162 -30.17 6.59 -19.86
CA PRO C 162 -30.80 6.02 -21.05
C PRO C 162 -31.70 7.07 -21.72
N ARG C 163 -32.18 6.75 -22.92
CA ARG C 163 -33.05 7.64 -23.68
C ARG C 163 -34.40 7.82 -23.00
N ALA C 164 -34.79 9.07 -22.77
CA ALA C 164 -36.07 9.38 -22.14
C ALA C 164 -37.13 9.67 -23.20
N LYS C 165 -38.39 9.57 -22.82
CA LYS C 165 -39.50 9.80 -23.74
C LYS C 165 -39.43 11.17 -24.40
N GLU C 166 -39.56 12.23 -23.61
CA GLU C 166 -39.51 13.58 -24.15
C GLU C 166 -38.20 13.71 -24.92
N GLY C 167 -37.28 12.79 -24.65
CA GLY C 167 -35.99 12.82 -25.31
C GLY C 167 -35.11 13.85 -24.65
N GLY C 168 -34.26 14.51 -25.43
CA GLY C 168 -33.40 15.52 -24.85
C GLY C 168 -31.98 15.00 -24.67
N ARG C 169 -31.14 15.75 -23.97
CA ARG C 169 -29.78 15.31 -23.77
C ARG C 169 -29.63 14.21 -22.73
N GLN C 170 -28.80 13.23 -23.05
CA GLN C 170 -28.53 12.13 -22.13
C GLN C 170 -27.18 12.45 -21.50
N VAL C 171 -27.20 12.65 -20.20
CA VAL C 171 -26.00 13.01 -19.44
C VAL C 171 -25.06 11.83 -19.13
N ILE C 172 -23.76 12.09 -19.20
CA ILE C 172 -22.76 11.08 -18.85
C ILE C 172 -22.22 11.45 -17.47
N CYS C 173 -22.03 10.44 -16.62
CA CYS C 173 -21.54 10.61 -15.27
C CYS C 173 -20.17 9.95 -15.09
N VAL C 174 -19.17 10.75 -14.73
CA VAL C 174 -17.81 10.27 -14.49
C VAL C 174 -17.42 10.69 -13.07
N TYR C 175 -17.28 9.71 -12.18
CA TYR C 175 -16.95 9.94 -10.76
C TYR C 175 -15.49 10.18 -10.41
N THR C 176 -15.26 10.75 -9.23
CA THR C 176 -13.92 11.01 -8.70
C THR C 176 -14.08 10.82 -7.19
N ASP C 177 -13.11 10.14 -6.57
CA ASP C 177 -13.17 9.83 -5.14
C ASP C 177 -13.09 10.97 -4.13
N ASP C 178 -12.44 12.06 -4.50
CA ASP C 178 -12.28 13.18 -3.58
C ASP C 178 -12.17 14.50 -4.34
N PHE C 179 -13.19 15.33 -4.22
CA PHE C 179 -13.16 16.60 -4.94
C PHE C 179 -12.06 17.54 -4.49
N THR C 180 -11.48 17.29 -3.30
CA THR C 180 -10.41 18.14 -2.80
C THR C 180 -9.07 17.74 -3.41
N ASP C 181 -9.05 16.63 -4.13
CA ASP C 181 -7.81 16.18 -4.77
C ASP C 181 -7.74 16.80 -6.17
N ARG C 182 -7.52 18.12 -6.20
CA ARG C 182 -7.44 18.89 -7.44
C ARG C 182 -6.82 18.16 -8.62
N LEU C 183 -5.74 17.43 -8.36
CA LEU C 183 -5.06 16.71 -9.43
C LEU C 183 -5.92 15.59 -10.00
N GLY C 184 -6.52 14.79 -9.11
CA GLY C 184 -7.37 13.71 -9.56
C GLY C 184 -8.52 14.25 -10.39
N VAL C 185 -9.01 15.42 -10.00
CA VAL C 185 -10.09 16.08 -10.70
C VAL C 185 -9.62 16.38 -12.13
N LEU C 186 -8.37 16.83 -12.28
CA LEU C 186 -7.84 17.13 -13.60
C LEU C 186 -7.55 15.87 -14.43
N GLU C 187 -7.16 14.80 -13.75
CA GLU C 187 -6.88 13.54 -14.43
C GLU C 187 -8.16 13.07 -15.14
N ALA C 188 -9.28 13.16 -14.43
CA ALA C 188 -10.56 12.76 -15.01
C ALA C 188 -10.84 13.59 -16.27
N ASP C 189 -10.74 14.91 -16.13
CA ASP C 189 -10.97 15.83 -17.24
C ASP C 189 -10.09 15.46 -18.44
N SER C 190 -8.81 15.25 -18.18
CA SER C 190 -7.88 14.89 -19.23
C SER C 190 -8.31 13.61 -19.93
N ALA C 191 -8.81 12.65 -19.15
CA ALA C 191 -9.27 11.39 -19.71
C ALA C 191 -10.53 11.65 -20.54
N ILE C 192 -11.40 12.50 -20.03
CA ILE C 192 -12.62 12.84 -20.75
C ILE C 192 -12.25 13.53 -22.07
N ARG C 193 -11.38 14.53 -22.00
CA ARG C 193 -10.98 15.24 -23.20
C ARG C 193 -10.25 14.27 -24.13
N ALA C 194 -9.49 13.34 -23.56
CA ALA C 194 -8.76 12.36 -24.36
C ALA C 194 -9.72 11.42 -25.07
N ALA C 195 -10.97 11.41 -24.63
CA ALA C 195 -11.98 10.57 -25.24
C ALA C 195 -12.66 11.33 -26.38
N GLY C 196 -12.18 12.56 -26.62
CA GLY C 196 -12.73 13.37 -27.69
C GLY C 196 -13.83 14.32 -27.25
N ILE C 197 -14.26 14.20 -26.00
CA ILE C 197 -15.32 15.06 -25.49
C ILE C 197 -14.87 16.52 -25.39
N LYS C 198 -15.46 17.37 -26.22
CA LYS C 198 -15.09 18.78 -26.27
C LYS C 198 -16.16 19.74 -25.82
N CYS C 199 -17.28 19.20 -25.38
CA CYS C 199 -18.39 20.05 -24.94
C CYS C 199 -18.21 20.45 -23.47
N LEU C 200 -18.96 21.45 -23.03
CA LEU C 200 -18.85 21.96 -21.66
C LEU C 200 -18.56 20.87 -20.62
N LEU C 201 -18.15 21.29 -19.42
CA LEU C 201 -17.86 20.37 -18.34
C LEU C 201 -18.06 20.98 -16.94
N THR C 202 -18.90 20.33 -16.12
CA THR C 202 -19.19 20.79 -14.76
C THR C 202 -19.12 19.65 -13.76
N TYR C 203 -18.61 19.95 -12.56
CA TYR C 203 -18.46 18.94 -11.53
C TYR C 203 -19.35 19.17 -10.31
N LYS C 204 -20.07 18.12 -9.91
CA LYS C 204 -20.97 18.19 -8.76
C LYS C 204 -20.51 17.23 -7.65
N PRO C 205 -20.04 17.77 -6.52
CA PRO C 205 -19.58 16.92 -5.39
C PRO C 205 -20.71 16.07 -4.85
N ASP C 206 -20.42 14.84 -4.44
CA ASP C 206 -21.49 13.99 -3.89
C ASP C 206 -22.10 14.60 -2.64
N VAL C 207 -21.33 15.40 -1.90
CA VAL C 207 -21.83 16.04 -0.70
C VAL C 207 -22.90 17.07 -1.07
N TYR C 208 -22.90 17.50 -2.32
CA TYR C 208 -23.88 18.46 -2.80
C TYR C 208 -25.23 17.78 -3.01
N THR C 209 -25.19 16.56 -3.54
CA THR C 209 -26.42 15.81 -3.79
C THR C 209 -27.13 15.43 -2.49
N TYR C 210 -26.36 15.09 -1.46
CA TYR C 210 -26.94 14.71 -0.18
C TYR C 210 -27.58 15.89 0.55
N LEU C 211 -27.14 17.11 0.26
CA LEU C 211 -27.69 18.28 0.93
C LEU C 211 -28.59 19.14 0.05
N GLY C 212 -29.23 18.49 -0.93
CA GLY C 212 -30.13 19.20 -1.83
C GLY C 212 -29.61 20.50 -2.40
N ILE C 213 -28.29 20.63 -2.45
CA ILE C 213 -27.67 21.82 -2.99
C ILE C 213 -27.90 21.78 -4.50
N TYR C 214 -29.16 21.95 -4.89
CA TYR C 214 -29.56 21.93 -6.29
C TYR C 214 -29.62 23.34 -6.86
N ARG C 215 -29.92 23.42 -8.16
CA ARG C 215 -30.04 24.70 -8.84
C ARG C 215 -31.15 25.52 -8.18
N ALA C 216 -30.88 26.80 -7.93
CA ALA C 216 -31.87 27.67 -7.29
C ALA C 216 -32.29 27.13 -5.93
N ASN C 217 -31.32 27.06 -5.01
CA ASN C 217 -31.57 26.58 -3.67
C ASN C 217 -31.68 27.76 -2.70
N ARG C 218 -32.45 27.55 -1.63
CA ARG C 218 -32.69 28.57 -0.62
C ARG C 218 -31.46 29.40 -0.25
N TRP C 219 -30.29 28.77 -0.28
CA TRP C 219 -29.05 29.41 0.10
C TRP C 219 -28.29 30.14 -0.99
N HIS C 220 -28.74 30.00 -2.24
CA HIS C 220 -28.06 30.65 -3.37
C HIS C 220 -26.64 30.12 -3.53
N LEU C 221 -26.47 28.83 -3.29
CA LEU C 221 -25.17 28.19 -3.45
C LEU C 221 -25.04 27.70 -4.89
N CYS C 222 -23.86 27.82 -5.46
CA CYS C 222 -23.67 27.32 -6.81
C CYS C 222 -23.53 25.81 -6.62
N PRO C 223 -24.50 25.03 -7.14
CA PRO C 223 -24.43 23.58 -7.01
C PRO C 223 -23.29 22.93 -7.77
N THR C 224 -22.37 23.75 -8.25
CA THR C 224 -21.21 23.29 -9.01
C THR C 224 -19.92 23.79 -8.38
N LEU C 225 -18.90 22.94 -8.36
CA LEU C 225 -17.61 23.32 -7.80
C LEU C 225 -16.59 23.73 -8.86
N TYR C 226 -16.40 22.87 -9.85
CA TYR C 226 -15.45 23.15 -10.92
C TYR C 226 -16.18 23.26 -12.24
N GLU C 227 -15.52 23.90 -13.19
CA GLU C 227 -16.07 24.09 -14.54
C GLU C 227 -14.95 23.87 -15.54
N SER C 228 -15.20 23.07 -16.56
CA SER C 228 -14.19 22.84 -17.58
C SER C 228 -14.70 23.17 -18.97
N ARG C 229 -14.34 24.36 -19.44
CA ARG C 229 -14.74 24.81 -20.76
C ARG C 229 -13.64 24.38 -21.73
N PHE C 230 -14.02 23.66 -22.79
CA PHE C 230 -13.02 23.24 -23.74
C PHE C 230 -12.71 24.39 -24.72
N GLN C 231 -11.44 24.51 -25.07
CA GLN C 231 -10.98 25.56 -25.96
C GLN C 231 -10.36 25.00 -27.22
N LEU C 232 -10.95 25.35 -28.37
CA LEU C 232 -10.48 24.93 -29.69
C LEU C 232 -9.54 25.98 -30.30
N GLY C 233 -8.93 25.65 -31.43
CA GLY C 233 -8.06 26.59 -32.12
C GLY C 233 -6.56 26.40 -31.97
N GLY C 234 -6.14 25.81 -30.87
CA GLY C 234 -4.72 25.60 -30.65
C GLY C 234 -4.02 26.86 -30.21
N SER C 235 -4.68 27.64 -29.36
CA SER C 235 -4.11 28.88 -28.85
C SER C 235 -4.36 29.05 -27.35
N ALA C 236 -4.52 27.91 -26.67
CA ALA C 236 -4.77 27.88 -25.22
C ALA C 236 -4.90 26.42 -24.79
N ARG C 237 -4.67 26.15 -23.50
CA ARG C 237 -4.79 24.78 -22.98
C ARG C 237 -6.17 24.24 -23.34
N GLY C 238 -6.22 22.99 -23.81
CA GLY C 238 -7.48 22.40 -24.19
C GLY C 238 -8.60 22.78 -23.23
N SER C 239 -8.44 22.46 -21.96
CA SER C 239 -9.47 22.78 -20.96
C SER C 239 -9.13 24.02 -20.13
N ARG C 240 -10.13 24.53 -19.43
CA ARG C 240 -9.98 25.67 -18.55
C ARG C 240 -10.85 25.38 -17.33
N VAL C 241 -10.30 24.62 -16.39
CA VAL C 241 -11.03 24.26 -15.18
C VAL C 241 -11.16 25.49 -14.32
N LEU C 242 -12.22 25.59 -13.54
CA LEU C 242 -12.39 26.76 -12.72
C LEU C 242 -13.31 26.55 -11.54
N ASP C 243 -12.91 27.06 -10.38
CA ASP C 243 -13.70 26.95 -9.17
C ASP C 243 -14.68 28.11 -9.09
N ARG C 244 -15.97 27.79 -9.07
CA ARG C 244 -17.02 28.79 -9.01
C ARG C 244 -16.77 29.88 -7.98
N ALA C 245 -17.17 29.64 -6.73
CA ALA C 245 -17.00 30.61 -5.66
C ALA C 245 -15.55 31.07 -5.53
N ASN C 246 -14.69 30.19 -5.02
CA ASN C 246 -13.27 30.50 -4.82
C ASN C 246 -12.58 31.19 -6.00
N ASN C 247 -13.25 31.26 -7.15
CA ASN C 247 -12.69 31.87 -8.35
C ASN C 247 -11.20 31.63 -8.50
N VAL C 248 -10.83 30.39 -8.80
CA VAL C 248 -9.45 30.02 -8.99
C VAL C 248 -9.35 28.95 -10.08
N GLU C 249 -8.49 29.19 -11.06
CA GLU C 249 -8.31 28.27 -12.18
C GLU C 249 -7.41 27.10 -11.78
N LEU C 250 -7.39 26.08 -12.61
CA LEU C 250 -6.56 24.91 -12.36
C LEU C 250 -5.70 24.56 -13.57
N GLU A 17 21.72 -3.38 51.39
CA GLU A 17 22.12 -3.84 50.03
C GLU A 17 21.82 -2.76 48.98
N ASP A 18 22.74 -2.63 48.01
CA ASP A 18 22.60 -1.62 46.96
C ASP A 18 21.32 -1.73 46.13
N GLY A 19 20.67 -2.88 46.20
CA GLY A 19 19.44 -3.07 45.44
C GLY A 19 18.31 -2.21 45.99
N PHE A 20 18.48 -1.72 47.21
CA PHE A 20 17.47 -0.90 47.86
C PHE A 20 17.72 0.60 47.74
N THR A 21 18.84 0.99 47.14
CA THR A 21 19.15 2.42 46.99
C THR A 21 18.29 3.11 45.94
N ALA A 22 18.22 4.44 46.05
CA ALA A 22 17.46 5.22 45.08
C ALA A 22 18.28 5.24 43.81
N GLU A 23 19.59 5.19 43.97
CA GLU A 23 20.53 5.19 42.86
C GLU A 23 20.25 4.04 41.89
N HIS A 24 19.81 2.91 42.43
CA HIS A 24 19.52 1.72 41.63
C HIS A 24 18.08 1.76 41.07
N LEU A 25 17.10 1.72 41.97
CA LEU A 25 15.69 1.74 41.56
C LEU A 25 15.36 2.84 40.56
N ALA A 26 16.03 3.98 40.67
CA ALA A 26 15.79 5.08 39.75
C ALA A 26 16.36 4.74 38.38
N ALA A 27 16.69 3.47 38.17
CA ALA A 27 17.24 3.03 36.90
C ALA A 27 16.78 1.63 36.55
N GLU A 28 16.51 0.82 37.57
CA GLU A 28 16.07 -0.55 37.37
C GLU A 28 14.73 -0.62 36.66
N ALA A 29 13.67 -0.28 37.38
CA ALA A 29 12.34 -0.32 36.81
C ALA A 29 12.20 0.67 35.67
N MSE A 30 11.97 0.16 34.47
CA MSE A 30 11.81 1.01 33.30
C MSE A 30 11.11 0.31 32.14
O MSE A 30 11.75 -0.22 31.22
CB MSE A 30 13.16 1.56 32.83
CG MSE A 30 13.57 2.85 33.51
SE MSE A 30 12.27 4.27 33.22
CE MSE A 30 13.35 5.44 32.12
N ALA A 31 9.78 0.31 32.20
CA ALA A 31 8.96 -0.28 31.14
C ALA A 31 8.91 0.76 30.03
N ALA A 32 8.74 0.30 28.79
CA ALA A 32 8.68 1.22 27.65
C ALA A 32 7.44 2.13 27.74
N ASP A 33 6.34 1.59 28.27
CA ASP A 33 5.09 2.34 28.42
C ASP A 33 4.62 2.33 29.86
N MSE A 34 4.84 3.44 30.56
CA MSE A 34 4.48 3.56 31.96
C MSE A 34 3.27 4.47 32.16
O MSE A 34 2.96 4.87 33.29
CB MSE A 34 5.67 4.12 32.73
CG MSE A 34 7.01 3.50 32.32
SE MSE A 34 8.54 4.05 33.40
CE MSE A 34 8.94 2.36 34.22
N ASP A 35 2.56 4.75 31.08
CA ASP A 35 1.42 5.65 31.14
C ASP A 35 0.04 5.04 31.30
N PRO A 36 -0.96 5.87 31.68
CA PRO A 36 -2.32 5.37 31.84
C PRO A 36 -2.96 5.14 30.48
N TRP A 37 -3.96 4.28 30.42
CA TRP A 37 -4.64 4.04 29.15
C TRP A 37 -6.11 4.43 29.27
N LEU A 38 -6.79 4.43 28.14
CA LEU A 38 -8.23 4.75 28.03
C LEU A 38 -8.85 3.40 27.70
N VAL A 39 -9.75 2.91 28.55
CA VAL A 39 -10.28 1.59 28.31
C VAL A 39 -11.78 1.38 28.37
N PHE A 40 -12.24 0.43 27.56
CA PHE A 40 -13.64 0.04 27.56
C PHE A 40 -13.61 -1.46 27.76
N ASP A 41 -14.01 -1.91 28.94
CA ASP A 41 -14.01 -3.34 29.26
C ASP A 41 -15.40 -3.93 29.05
N ALA A 42 -15.53 -4.78 28.05
CA ALA A 42 -16.82 -5.40 27.75
C ALA A 42 -17.21 -6.44 28.79
N ARG A 43 -16.51 -6.44 29.92
CA ARG A 43 -16.77 -7.39 30.99
C ARG A 43 -17.37 -6.70 32.22
N THR A 44 -17.35 -5.37 32.22
CA THR A 44 -17.87 -4.61 33.35
C THR A 44 -18.66 -3.39 32.91
N THR A 45 -18.74 -3.15 31.61
CA THR A 45 -19.45 -2.00 31.09
C THR A 45 -20.55 -2.40 30.10
N PRO A 46 -21.72 -1.74 30.19
CA PRO A 46 -22.85 -2.03 29.29
C PRO A 46 -22.51 -1.69 27.85
N ALA A 47 -22.50 -2.72 26.99
CA ALA A 47 -22.18 -2.55 25.58
C ALA A 47 -22.91 -1.37 24.96
N THR A 48 -24.07 -1.02 25.52
CA THR A 48 -24.86 0.08 24.99
C THR A 48 -24.11 1.41 25.06
N GLU A 49 -23.07 1.46 25.88
CA GLU A 49 -22.28 2.67 26.06
C GLU A 49 -21.06 2.80 25.14
N LEU A 50 -20.78 1.76 24.36
CA LEU A 50 -19.63 1.78 23.46
C LEU A 50 -19.61 2.98 22.50
N ASP A 51 -20.75 3.31 21.92
CA ASP A 51 -20.80 4.43 20.98
C ASP A 51 -20.52 5.80 21.62
N ALA A 52 -20.90 5.99 22.87
CA ALA A 52 -20.64 7.26 23.53
C ALA A 52 -19.13 7.36 23.81
N TRP A 53 -18.54 6.23 24.15
CA TRP A 53 -17.11 6.15 24.44
C TRP A 53 -16.32 6.33 23.13
N LEU A 54 -16.76 5.63 22.09
CA LEU A 54 -16.09 5.73 20.81
C LEU A 54 -16.16 7.14 20.26
N ALA A 55 -17.30 7.80 20.49
CA ALA A 55 -17.51 9.15 20.01
C ALA A 55 -16.56 10.14 20.65
N LYS A 56 -16.32 9.95 21.95
CA LYS A 56 -15.45 10.85 22.68
C LYS A 56 -13.94 10.56 22.50
N TYR A 57 -13.59 9.29 22.36
CA TYR A 57 -12.17 8.93 22.25
C TYR A 57 -11.69 8.36 20.93
N PRO A 58 -11.93 9.06 19.81
CA PRO A 58 -11.44 8.49 18.55
C PRO A 58 -9.90 8.55 18.49
N PRO A 59 -9.27 7.50 17.93
CA PRO A 59 -7.80 7.49 17.83
C PRO A 59 -7.23 8.55 16.89
N SER A 60 -8.11 9.25 16.18
CA SER A 60 -7.65 10.29 15.27
C SER A 60 -7.51 11.61 16.04
N GLN A 61 -8.04 11.61 17.26
CA GLN A 61 -7.99 12.78 18.13
C GLN A 61 -7.19 12.53 19.40
N VAL A 62 -7.31 11.32 19.95
CA VAL A 62 -6.59 10.93 21.17
C VAL A 62 -5.10 11.04 20.89
N THR A 63 -4.37 11.79 21.71
CA THR A 63 -2.95 11.97 21.48
C THR A 63 -2.02 11.27 22.46
N ARG A 64 -0.99 10.62 21.91
CA ARG A 64 0.00 9.91 22.70
C ARG A 64 0.46 10.69 23.93
N TYR A 65 0.67 11.98 23.77
CA TYR A 65 1.15 12.80 24.88
C TYR A 65 0.17 13.86 25.40
N GLY A 66 -1.13 13.58 25.25
CA GLY A 66 -2.16 14.50 25.73
C GLY A 66 -1.95 15.95 25.32
N ASP A 67 -1.67 16.16 24.04
CA ASP A 67 -1.45 17.51 23.51
C ASP A 67 -2.61 18.43 23.87
N PRO A 68 -2.32 19.71 24.14
CA PRO A 68 -3.38 20.65 24.49
C PRO A 68 -4.38 20.69 23.34
N GLY A 69 -5.66 20.47 23.63
CA GLY A 69 -6.66 20.50 22.59
C GLY A 69 -7.12 19.12 22.17
N SER A 70 -6.64 18.10 22.89
CA SER A 70 -7.00 16.72 22.59
C SER A 70 -8.12 16.23 23.54
N PRO A 71 -8.78 15.11 23.20
CA PRO A 71 -9.83 14.65 24.10
C PRO A 71 -9.23 14.14 25.42
N ASN A 72 -7.90 14.15 25.50
CA ASN A 72 -7.18 13.70 26.69
C ASN A 72 -5.99 14.62 26.99
N SER A 73 -5.80 14.98 28.25
CA SER A 73 -4.69 15.84 28.67
C SER A 73 -3.65 15.01 29.40
N GLU A 74 -3.82 13.68 29.34
CA GLU A 74 -2.91 12.75 29.99
C GLU A 74 -2.29 11.87 28.90
N PRO A 75 -0.95 11.81 28.83
CA PRO A 75 -0.37 10.95 27.80
C PRO A 75 -1.00 9.56 27.89
N VAL A 76 -1.38 9.01 26.74
CA VAL A 76 -1.99 7.70 26.67
C VAL A 76 -1.14 6.80 25.78
N GLY A 77 -0.92 5.57 26.25
CA GLY A 77 -0.10 4.64 25.50
C GLY A 77 -0.86 3.67 24.61
N TRP A 78 -2.09 3.35 24.98
CA TRP A 78 -2.90 2.42 24.19
C TRP A 78 -4.40 2.50 24.47
N ILE A 79 -5.18 2.47 23.38
CA ILE A 79 -6.64 2.45 23.44
C ILE A 79 -6.87 0.95 23.30
N ALA A 80 -7.68 0.35 24.17
CA ALA A 80 -7.89 -1.08 24.09
C ALA A 80 -9.33 -1.49 24.17
N VAL A 81 -9.63 -2.65 23.62
CA VAL A 81 -10.98 -3.19 23.64
C VAL A 81 -10.90 -4.63 24.12
N TYR A 82 -11.50 -4.88 25.29
CA TYR A 82 -11.51 -6.22 25.88
C TYR A 82 -12.88 -6.88 25.73
N GLY A 83 -12.92 -7.99 25.01
CA GLY A 83 -14.18 -8.69 24.82
C GLY A 83 -14.48 -9.65 25.96
N GLN A 84 -15.75 -9.85 26.27
CA GLN A 84 -16.12 -10.74 27.35
C GLN A 84 -15.31 -12.03 27.23
N GLY A 85 -15.07 -12.66 28.37
CA GLY A 85 -14.29 -13.88 28.39
C GLY A 85 -12.81 -13.55 28.36
N TYR A 86 -12.48 -12.26 28.45
CA TYR A 86 -11.08 -11.86 28.43
C TYR A 86 -10.39 -12.17 29.75
N SER A 87 -9.19 -12.71 29.66
CA SER A 87 -8.39 -13.05 30.83
C SER A 87 -6.94 -12.66 30.57
N PRO A 88 -6.14 -12.49 31.64
CA PRO A 88 -4.74 -12.11 31.47
C PRO A 88 -3.91 -13.27 30.92
N ASN A 89 -4.52 -14.05 30.03
CA ASN A 89 -3.91 -15.21 29.40
C ASN A 89 -2.39 -15.17 29.31
N SER A 90 -1.75 -16.28 29.71
CA SER A 90 -0.30 -16.40 29.67
C SER A 90 0.14 -17.85 29.78
N GLY A 91 1.33 -18.14 29.27
CA GLY A 91 1.85 -19.49 29.31
C GLY A 91 3.11 -19.61 30.13
N ASP A 92 4.27 -19.59 29.47
CA ASP A 92 5.54 -19.72 30.15
C ASP A 92 6.64 -18.93 29.46
N VAL A 93 6.59 -17.61 29.58
CA VAL A 93 7.59 -16.77 28.94
C VAL A 93 8.96 -16.99 29.55
N GLN A 94 8.99 -17.37 30.83
CA GLN A 94 10.25 -17.61 31.52
C GLN A 94 11.04 -18.74 30.86
N GLY A 95 10.41 -19.91 30.74
CA GLY A 95 11.06 -21.05 30.11
C GLY A 95 11.45 -20.74 28.68
N LEU A 96 10.53 -20.14 27.93
CA LEU A 96 10.77 -19.80 26.54
C LEU A 96 12.05 -18.99 26.41
N GLN A 97 12.13 -17.89 27.14
CA GLN A 97 13.31 -17.04 27.10
C GLN A 97 14.56 -17.81 27.48
N ALA A 98 14.41 -18.80 28.34
CA ALA A 98 15.55 -19.63 28.75
C ALA A 98 15.92 -20.51 27.58
N ALA A 99 14.93 -21.25 27.07
CA ALA A 99 15.13 -22.16 25.94
C ALA A 99 15.67 -21.42 24.72
N TRP A 100 15.17 -20.21 24.50
CA TRP A 100 15.59 -19.40 23.37
C TRP A 100 17.10 -19.35 23.29
N GLU A 101 17.72 -18.67 24.25
CA GLU A 101 19.16 -18.52 24.26
C GLU A 101 19.88 -19.85 24.47
N ALA A 102 19.20 -20.80 25.12
CA ALA A 102 19.79 -22.12 25.35
C ALA A 102 20.01 -22.86 24.04
N LEU A 103 19.50 -22.29 22.94
CA LEU A 103 19.64 -22.90 21.63
C LEU A 103 20.44 -22.02 20.69
N GLN A 104 20.68 -20.78 21.10
CA GLN A 104 21.44 -19.84 20.29
C GLN A 104 22.92 -20.18 20.36
N THR A 105 23.33 -20.79 21.47
CA THR A 105 24.73 -21.17 21.66
C THR A 105 24.97 -22.47 20.91
N SER A 106 24.66 -22.48 19.62
CA SER A 106 24.84 -23.68 18.81
C SER A 106 24.94 -23.37 17.33
N GLY A 107 24.45 -22.19 16.92
CA GLY A 107 24.51 -21.82 15.53
C GLY A 107 23.55 -22.68 14.69
N ARG A 108 22.76 -23.50 15.38
CA ARG A 108 21.80 -24.37 14.72
C ARG A 108 20.92 -23.62 13.73
N PRO A 109 20.20 -24.34 12.87
CA PRO A 109 19.33 -23.71 11.87
C PRO A 109 18.03 -23.13 12.45
N ILE A 110 18.16 -22.04 13.20
CA ILE A 110 16.99 -21.38 13.78
C ILE A 110 16.10 -20.86 12.66
N THR A 111 14.86 -21.33 12.63
CA THR A 111 13.91 -20.94 11.60
C THR A 111 12.50 -20.90 12.19
N PRO A 112 11.50 -20.51 11.37
CA PRO A 112 10.12 -20.45 11.87
C PRO A 112 9.76 -21.79 12.48
N GLY A 113 10.48 -22.83 12.07
CA GLY A 113 10.23 -24.14 12.60
C GLY A 113 10.63 -24.26 14.05
N THR A 114 11.74 -23.62 14.41
CA THR A 114 12.23 -23.66 15.79
C THR A 114 11.32 -22.90 16.75
N LEU A 115 10.87 -21.72 16.32
CA LEU A 115 9.99 -20.90 17.14
C LEU A 115 8.66 -21.59 17.38
N ARG A 116 8.01 -22.02 16.30
CA ARG A 116 6.73 -22.72 16.42
C ARG A 116 6.89 -23.81 17.46
N GLN A 117 8.05 -24.45 17.45
CA GLN A 117 8.34 -25.52 18.41
C GLN A 117 8.28 -24.96 19.82
N LEU A 118 9.18 -24.02 20.11
CA LEU A 118 9.23 -23.41 21.43
C LEU A 118 7.87 -22.94 21.92
N ALA A 119 7.18 -22.17 21.07
CA ALA A 119 5.87 -21.66 21.40
C ALA A 119 4.89 -22.74 21.83
N ILE A 120 4.87 -23.85 21.10
CA ILE A 120 3.97 -24.94 21.42
C ILE A 120 4.33 -25.59 22.76
N THR A 121 5.63 -25.68 23.02
CA THR A 121 6.13 -26.27 24.25
C THR A 121 5.83 -25.37 25.44
N HIS A 122 6.25 -24.11 25.35
CA HIS A 122 6.05 -23.17 26.44
C HIS A 122 4.67 -22.54 26.46
N HIS A 123 3.81 -22.99 25.56
CA HIS A 123 2.45 -22.50 25.48
C HIS A 123 2.33 -20.99 25.26
N VAL A 124 3.13 -20.46 24.35
CA VAL A 124 3.09 -19.05 24.01
C VAL A 124 2.49 -19.03 22.60
N LEU A 125 1.18 -19.26 22.53
CA LEU A 125 0.46 -19.36 21.26
C LEU A 125 -0.36 -18.14 20.81
N SER A 126 -0.45 -17.11 21.65
CA SER A 126 -1.23 -15.95 21.27
C SER A 126 -0.48 -15.07 20.28
N GLY A 127 -1.21 -14.23 19.58
CA GLY A 127 -0.62 -13.36 18.60
C GLY A 127 -1.64 -12.34 18.11
N LYS A 128 -1.20 -11.44 17.25
CA LYS A 128 -2.10 -10.41 16.76
C LYS A 128 -1.93 -10.05 15.30
N TRP A 129 -2.99 -9.46 14.75
CA TRP A 129 -3.02 -8.97 13.38
C TRP A 129 -2.71 -7.48 13.47
N LEU A 130 -1.74 -7.02 12.68
CA LEU A 130 -1.35 -5.62 12.67
C LEU A 130 -1.78 -4.96 11.37
N MSE A 131 -2.10 -3.68 11.45
CA MSE A 131 -2.51 -2.91 10.30
C MSE A 131 -2.35 -1.44 10.68
O MSE A 131 -2.59 -1.08 11.84
CB MSE A 131 -3.98 -3.19 9.96
CG MSE A 131 -4.95 -2.44 10.86
SE MSE A 131 -6.71 -3.20 10.78
CE MSE A 131 -6.43 -4.66 12.00
N HIS A 132 -1.93 -0.60 9.74
CA HIS A 132 -1.79 0.82 10.06
C HIS A 132 -2.58 1.70 9.10
N LEU A 133 -2.98 2.87 9.59
CA LEU A 133 -3.72 3.84 8.81
C LEU A 133 -3.41 5.25 9.33
N ALA A 134 -3.40 6.22 8.42
CA ALA A 134 -3.12 7.60 8.82
C ALA A 134 -4.34 8.12 9.57
N PRO A 135 -4.13 9.04 10.52
CA PRO A 135 -5.24 9.60 11.29
C PRO A 135 -6.37 10.06 10.39
N GLY A 136 -7.60 9.96 10.88
CA GLY A 136 -8.73 10.38 10.10
C GLY A 136 -9.88 9.39 10.13
N PHE A 137 -10.79 9.56 9.19
CA PHE A 137 -11.98 8.73 9.09
C PHE A 137 -11.74 7.23 8.92
N LYS A 138 -10.85 6.86 8.01
CA LYS A 138 -10.61 5.45 7.75
C LYS A 138 -10.18 4.68 8.98
N LEU A 139 -9.34 5.30 9.81
CA LEU A 139 -8.88 4.67 11.03
C LEU A 139 -10.04 4.60 12.02
N ASP A 140 -10.70 5.74 12.23
CA ASP A 140 -11.84 5.81 13.13
C ASP A 140 -12.94 4.80 12.80
N HIS A 141 -13.28 4.71 11.51
CA HIS A 141 -14.33 3.78 11.10
C HIS A 141 -13.82 2.36 11.30
N ALA A 142 -12.59 2.11 10.88
CA ALA A 142 -12.00 0.79 11.05
C ALA A 142 -12.01 0.43 12.54
N TRP A 143 -11.51 1.35 13.36
CA TRP A 143 -11.47 1.17 14.80
C TRP A 143 -12.88 0.88 15.33
N ALA A 144 -13.81 1.80 15.11
CA ALA A 144 -15.17 1.61 15.60
C ALA A 144 -15.70 0.21 15.32
N GLY A 145 -15.61 -0.24 14.07
CA GLY A 145 -16.09 -1.55 13.71
C GLY A 145 -15.35 -2.64 14.47
N ILE A 146 -14.04 -2.50 14.56
CA ILE A 146 -13.23 -3.49 15.27
C ILE A 146 -13.65 -3.56 16.75
N ALA A 147 -13.92 -2.41 17.36
CA ALA A 147 -14.34 -2.36 18.76
C ALA A 147 -15.67 -3.06 18.93
N ARG A 148 -16.64 -2.69 18.10
CA ARG A 148 -17.97 -3.27 18.16
C ARG A 148 -17.92 -4.80 18.03
N ALA A 149 -16.97 -5.31 17.24
CA ALA A 149 -16.83 -6.75 17.05
C ALA A 149 -16.31 -7.40 18.35
N VAL A 150 -15.35 -6.75 19.01
CA VAL A 150 -14.82 -7.28 20.26
C VAL A 150 -15.96 -7.31 21.28
N VAL A 151 -16.69 -6.22 21.38
CA VAL A 151 -17.79 -6.13 22.34
C VAL A 151 -18.86 -7.19 22.07
N GLU A 152 -19.13 -7.44 20.79
CA GLU A 152 -20.12 -8.43 20.38
C GLU A 152 -19.62 -9.85 20.67
N GLY A 153 -18.31 -10.03 20.66
CA GLY A 153 -17.76 -11.34 20.94
C GLY A 153 -17.10 -12.04 19.76
N ARG A 154 -17.04 -11.38 18.61
CA ARG A 154 -16.41 -11.97 17.43
C ARG A 154 -14.90 -11.74 17.43
N LEU A 155 -14.45 -10.98 18.42
CA LEU A 155 -13.04 -10.66 18.60
C LEU A 155 -12.78 -10.66 20.11
N GLN A 156 -11.57 -11.01 20.52
CA GLN A 156 -11.24 -11.04 21.94
C GLN A 156 -10.62 -9.73 22.44
N VAL A 157 -9.55 -9.28 21.78
CA VAL A 157 -8.86 -8.05 22.18
C VAL A 157 -8.25 -7.29 21.00
N ALA A 158 -8.63 -6.02 20.85
CA ALA A 158 -8.10 -5.19 19.79
C ALA A 158 -7.54 -3.91 20.40
N LYS A 159 -6.59 -3.29 19.72
CA LYS A 159 -6.00 -2.06 20.22
C LYS A 159 -5.47 -1.16 19.11
N VAL A 160 -5.76 0.13 19.23
CA VAL A 160 -5.28 1.12 18.27
C VAL A 160 -4.36 2.06 19.03
N SER A 161 -3.34 2.59 18.35
CA SER A 161 -2.38 3.50 18.97
C SER A 161 -2.85 4.94 18.85
N PRO A 162 -2.57 5.77 19.88
CA PRO A 162 -3.00 7.17 19.83
C PRO A 162 -2.17 8.05 18.89
N ARG A 163 -2.75 9.18 18.51
CA ARG A 163 -2.09 10.11 17.61
C ARG A 163 -0.78 10.62 18.18
N ALA A 164 0.27 10.55 17.37
CA ALA A 164 1.60 10.99 17.77
C ALA A 164 2.01 12.28 17.07
N LYS A 165 2.73 13.15 17.79
CA LYS A 165 3.18 14.44 17.26
C LYS A 165 3.37 14.48 15.75
N GLU A 166 4.48 13.92 15.26
CA GLU A 166 4.74 13.90 13.82
C GLU A 166 3.57 13.22 13.10
N GLY A 167 2.92 12.30 13.80
CA GLY A 167 1.79 11.61 13.22
C GLY A 167 2.19 10.56 12.22
N GLY A 168 1.47 10.53 11.08
CA GLY A 168 1.75 9.56 10.05
C GLY A 168 0.66 8.51 10.00
N ARG A 169 0.87 7.41 10.71
CA ARG A 169 -0.11 6.33 10.75
C ARG A 169 -0.08 5.61 12.10
N GLN A 170 -1.25 5.14 12.50
CA GLN A 170 -1.41 4.44 13.77
C GLN A 170 -1.88 3.01 13.52
N VAL A 171 -1.45 2.10 14.39
CA VAL A 171 -1.79 0.68 14.27
C VAL A 171 -3.03 0.24 15.00
N ILE A 172 -3.51 -0.93 14.60
CA ILE A 172 -4.65 -1.58 15.24
C ILE A 172 -4.24 -3.04 15.36
N CYS A 173 -4.22 -3.54 16.60
CA CYS A 173 -3.86 -4.92 16.86
C CYS A 173 -5.12 -5.69 17.27
N VAL A 174 -5.24 -6.91 16.75
CA VAL A 174 -6.38 -7.78 17.06
C VAL A 174 -5.84 -9.15 17.45
N TYR A 175 -5.60 -9.33 18.75
CA TYR A 175 -5.05 -10.56 19.30
C TYR A 175 -5.93 -11.80 19.12
N THR A 176 -5.27 -12.95 19.04
CA THR A 176 -5.94 -14.26 18.95
C THR A 176 -5.09 -15.15 19.85
N ASP A 177 -5.72 -16.06 20.58
CA ASP A 177 -5.01 -16.93 21.50
C ASP A 177 -4.12 -18.02 20.92
N ASP A 178 -4.59 -18.68 19.87
CA ASP A 178 -3.78 -19.75 19.27
C ASP A 178 -3.53 -19.47 17.80
N PHE A 179 -2.28 -19.12 17.47
CA PHE A 179 -1.93 -18.82 16.09
C PHE A 179 -1.81 -20.06 15.21
N THR A 180 -1.34 -21.16 15.79
CA THR A 180 -1.19 -22.40 15.03
C THR A 180 -2.55 -22.82 14.49
N ASP A 181 -3.61 -22.25 15.05
CA ASP A 181 -4.97 -22.56 14.61
C ASP A 181 -5.36 -21.69 13.42
N ARG A 182 -5.09 -22.18 12.22
CA ARG A 182 -5.37 -21.46 10.98
C ARG A 182 -6.81 -20.94 10.91
N LEU A 183 -7.74 -21.73 11.43
CA LEU A 183 -9.14 -21.36 11.42
C LEU A 183 -9.37 -20.10 12.26
N GLY A 184 -8.90 -20.13 13.50
CA GLY A 184 -9.05 -19.00 14.39
C GLY A 184 -8.44 -17.73 13.85
N VAL A 185 -7.27 -17.84 13.22
CA VAL A 185 -6.61 -16.69 12.64
C VAL A 185 -7.51 -16.08 11.56
N LEU A 186 -8.00 -16.93 10.67
CA LEU A 186 -8.85 -16.48 9.57
C LEU A 186 -10.18 -15.88 10.01
N GLU A 187 -10.82 -16.51 11.00
CA GLU A 187 -12.09 -16.01 11.48
C GLU A 187 -11.88 -14.60 12.02
N ALA A 188 -10.65 -14.32 12.43
CA ALA A 188 -10.31 -13.00 12.95
C ALA A 188 -10.19 -12.07 11.74
N ASP A 189 -9.62 -12.57 10.65
CA ASP A 189 -9.49 -11.78 9.43
C ASP A 189 -10.91 -11.46 8.92
N SER A 190 -11.79 -12.44 9.01
CA SER A 190 -13.18 -12.26 8.57
C SER A 190 -13.82 -11.10 9.29
N ALA A 191 -13.68 -11.07 10.61
CA ALA A 191 -14.26 -10.00 11.41
C ALA A 191 -13.68 -8.67 10.95
N ILE A 192 -12.36 -8.61 10.83
CA ILE A 192 -11.72 -7.37 10.40
C ILE A 192 -12.25 -6.95 9.02
N ARG A 193 -12.22 -7.87 8.06
CA ARG A 193 -12.71 -7.56 6.72
C ARG A 193 -14.22 -7.29 6.71
N ALA A 194 -14.97 -8.01 7.53
CA ALA A 194 -16.41 -7.82 7.59
C ALA A 194 -16.75 -6.46 8.15
N ALA A 195 -15.82 -5.84 8.86
CA ALA A 195 -16.07 -4.51 9.43
C ALA A 195 -15.92 -3.44 8.35
N GLY A 196 -15.06 -3.70 7.37
CA GLY A 196 -14.86 -2.75 6.30
C GLY A 196 -13.43 -2.39 5.98
N ILE A 197 -12.47 -2.95 6.73
CA ILE A 197 -11.06 -2.66 6.51
C ILE A 197 -10.59 -3.32 5.20
N LYS A 198 -9.90 -2.55 4.37
CA LYS A 198 -9.42 -3.05 3.08
C LYS A 198 -7.90 -3.09 2.96
N CYS A 199 -7.20 -2.37 3.85
CA CYS A 199 -5.76 -2.33 3.80
C CYS A 199 -5.09 -3.64 4.19
N LEU A 200 -3.76 -3.68 4.07
CA LEU A 200 -2.97 -4.86 4.39
C LEU A 200 -2.95 -5.17 5.89
N LEU A 201 -2.85 -6.45 6.20
CA LEU A 201 -2.77 -6.94 7.57
C LEU A 201 -1.65 -7.99 7.61
N THR A 202 -0.93 -8.04 8.73
CA THR A 202 0.14 -9.00 8.91
C THR A 202 0.01 -9.58 10.32
N TYR A 203 0.14 -10.89 10.43
CA TYR A 203 0.02 -11.54 11.74
C TYR A 203 1.37 -11.85 12.36
N LYS A 204 1.54 -11.38 13.59
CA LYS A 204 2.77 -11.55 14.34
C LYS A 204 2.47 -12.29 15.66
N PRO A 205 2.99 -13.51 15.82
CA PRO A 205 2.80 -14.34 17.02
C PRO A 205 3.55 -13.72 18.21
N ASP A 206 2.92 -13.72 19.38
CA ASP A 206 3.56 -13.15 20.57
C ASP A 206 4.95 -13.72 20.85
N VAL A 207 5.17 -14.98 20.53
CA VAL A 207 6.49 -15.58 20.75
C VAL A 207 7.55 -14.73 20.04
N TYR A 208 7.26 -14.33 18.81
CA TYR A 208 8.21 -13.52 18.05
C TYR A 208 8.60 -12.31 18.87
N THR A 209 7.63 -11.70 19.57
CA THR A 209 7.90 -10.53 20.40
C THR A 209 8.74 -10.90 21.61
N TYR A 210 8.24 -11.82 22.43
CA TYR A 210 8.97 -12.26 23.63
C TYR A 210 10.40 -12.66 23.34
N LEU A 211 10.66 -13.12 22.12
CA LEU A 211 12.01 -13.55 21.76
C LEU A 211 12.74 -12.55 20.85
N GLY A 212 12.28 -11.29 20.88
CA GLY A 212 12.91 -10.25 20.09
C GLY A 212 13.05 -10.49 18.59
N ILE A 213 12.08 -11.19 18.00
CA ILE A 213 12.11 -11.45 16.56
C ILE A 213 11.47 -10.25 15.87
N TYR A 214 12.21 -9.15 15.84
CA TYR A 214 11.73 -7.91 15.23
C TYR A 214 12.09 -7.80 13.75
N ARG A 215 11.72 -6.68 13.14
CA ARG A 215 12.00 -6.44 11.73
C ARG A 215 13.46 -6.66 11.33
N ALA A 216 14.35 -5.80 11.80
CA ALA A 216 15.78 -5.91 11.48
C ALA A 216 16.38 -7.11 12.24
N ASN A 217 15.58 -8.15 12.36
CA ASN A 217 15.96 -9.38 13.05
C ASN A 217 17.41 -9.79 12.82
N ARG A 218 18.05 -10.27 13.89
CA ARG A 218 19.44 -10.70 13.87
C ARG A 218 19.56 -12.07 13.19
N TRP A 219 18.65 -12.97 13.54
CA TRP A 219 18.62 -14.32 12.98
C TRP A 219 17.95 -14.27 11.61
N HIS A 220 17.75 -13.06 11.11
CA HIS A 220 17.12 -12.83 9.81
C HIS A 220 15.88 -13.70 9.54
N LEU A 221 15.05 -13.85 10.56
CA LEU A 221 13.81 -14.61 10.45
C LEU A 221 12.69 -13.61 10.17
N CYS A 222 11.73 -14.01 9.34
CA CYS A 222 10.62 -13.13 9.00
C CYS A 222 9.69 -12.97 10.20
N PRO A 223 9.56 -11.75 10.73
CA PRO A 223 8.71 -11.45 11.89
C PRO A 223 7.21 -11.60 11.64
N THR A 224 6.85 -11.80 10.38
CA THR A 224 5.45 -11.96 9.98
C THR A 224 5.13 -13.41 9.62
N LEU A 225 4.14 -13.99 10.28
CA LEU A 225 3.77 -15.37 10.01
C LEU A 225 2.81 -15.45 8.82
N TYR A 226 1.64 -14.80 8.94
CA TYR A 226 0.64 -14.77 7.89
C TYR A 226 0.45 -13.33 7.42
N GLU A 227 -0.24 -13.17 6.30
CA GLU A 227 -0.55 -11.85 5.76
C GLU A 227 -1.88 -11.89 5.04
N SER A 228 -2.66 -10.82 5.17
CA SER A 228 -3.97 -10.73 4.54
C SER A 228 -4.06 -9.51 3.63
N ARG A 229 -4.31 -9.76 2.35
CA ARG A 229 -4.43 -8.69 1.37
C ARG A 229 -5.83 -8.66 0.78
N PHE A 230 -6.30 -7.45 0.50
CA PHE A 230 -7.63 -7.27 -0.08
C PHE A 230 -7.47 -7.16 -1.61
N GLN A 231 -7.71 -8.27 -2.30
CA GLN A 231 -7.59 -8.35 -3.76
C GLN A 231 -8.60 -7.44 -4.47
N GLY A 238 -11.79 -9.09 -2.12
CA GLY A 238 -11.30 -10.42 -1.82
C GLY A 238 -10.17 -10.44 -0.80
N SER A 239 -10.19 -11.41 0.10
CA SER A 239 -9.16 -11.53 1.14
C SER A 239 -8.33 -12.81 0.98
N ARG A 240 -7.11 -12.67 0.49
CA ARG A 240 -6.20 -13.79 0.32
C ARG A 240 -5.21 -13.83 1.48
N VAL A 241 -5.29 -14.88 2.28
CA VAL A 241 -4.40 -15.04 3.44
C VAL A 241 -3.25 -15.98 3.12
N LEU A 242 -2.07 -15.40 2.89
CA LEU A 242 -0.88 -16.16 2.56
C LEU A 242 -0.04 -16.56 3.77
N ASP A 243 0.29 -17.84 3.85
CA ASP A 243 1.12 -18.37 4.94
C ASP A 243 2.56 -18.01 4.58
N ARG A 244 3.08 -16.96 5.19
CA ARG A 244 4.43 -16.51 4.92
C ARG A 244 5.47 -17.41 5.60
N ALA A 245 5.61 -18.63 5.08
CA ALA A 245 6.55 -19.61 5.61
C ALA A 245 6.41 -20.95 4.89
N ASN A 246 5.30 -21.10 4.17
CA ASN A 246 5.02 -22.33 3.42
C ASN A 246 4.45 -21.95 2.05
N ASN A 247 4.25 -20.65 1.85
CA ASN A 247 3.72 -20.12 0.61
C ASN A 247 2.40 -20.78 0.19
N VAL A 248 1.53 -21.01 1.16
CA VAL A 248 0.23 -21.62 0.88
C VAL A 248 -0.86 -20.92 1.68
N GLU A 249 -1.89 -20.43 1.00
CA GLU A 249 -2.98 -19.74 1.68
C GLU A 249 -3.59 -20.63 2.75
N LEU A 250 -4.16 -20.01 3.79
CA LEU A 250 -4.78 -20.75 4.87
C LEU A 250 -6.20 -21.19 4.50
N GLU B 17 8.74 -5.64 28.00
CA GLU B 17 7.66 -5.66 26.97
C GLU B 17 7.80 -4.50 26.00
N ASP B 18 9.05 -4.23 25.62
CA ASP B 18 9.38 -3.15 24.68
C ASP B 18 8.72 -3.38 23.31
N GLY B 19 8.53 -4.65 22.97
CA GLY B 19 7.92 -4.98 21.70
C GLY B 19 6.41 -5.06 21.72
N PHE B 20 5.79 -4.34 22.65
CA PHE B 20 4.33 -4.33 22.78
C PHE B 20 3.79 -2.91 22.85
N THR B 21 4.68 -1.94 22.79
CA THR B 21 4.28 -0.54 22.86
C THR B 21 3.68 -0.04 21.55
N ALA B 22 3.03 1.10 21.61
CA ALA B 22 2.43 1.70 20.43
C ALA B 22 3.51 1.98 19.38
N GLU B 23 4.57 2.63 19.83
CA GLU B 23 5.67 3.01 18.96
C GLU B 23 6.26 1.83 18.20
N HIS B 24 6.66 0.78 18.91
CA HIS B 24 7.26 -0.38 18.29
C HIS B 24 6.31 -1.10 17.32
N LEU B 25 5.09 -1.37 17.77
CA LEU B 25 4.11 -2.06 16.95
C LEU B 25 3.80 -1.29 15.67
N ALA B 26 3.71 0.03 15.78
CA ALA B 26 3.45 0.84 14.62
C ALA B 26 4.60 0.61 13.65
N ALA B 27 5.82 0.64 14.19
CA ALA B 27 7.03 0.45 13.40
C ALA B 27 7.09 -0.95 12.77
N GLU B 28 6.56 -1.93 13.49
CA GLU B 28 6.55 -3.31 12.99
C GLU B 28 5.56 -3.43 11.83
N ALA B 29 4.36 -2.86 12.02
CA ALA B 29 3.33 -2.89 10.99
C ALA B 29 3.82 -2.17 9.72
N MSE B 30 4.53 -1.06 9.91
CA MSE B 30 5.04 -0.31 8.79
C MSE B 30 6.17 -1.04 8.06
O MSE B 30 6.26 -0.98 6.84
CB MSE B 30 5.52 1.07 9.24
CG MSE B 30 4.41 1.87 9.89
SE MSE B 30 4.85 3.71 10.19
CE MSE B 30 4.44 4.37 8.40
N ALA B 31 7.00 -1.74 8.81
CA ALA B 31 8.09 -2.47 8.20
C ALA B 31 7.53 -3.59 7.33
N ALA B 32 6.45 -4.22 7.80
CA ALA B 32 5.83 -5.31 7.07
C ALA B 32 4.94 -4.84 5.92
N ASP B 33 4.80 -3.53 5.76
CA ASP B 33 3.96 -2.99 4.70
C ASP B 33 4.72 -2.84 3.39
N MSE B 34 5.10 -4.00 2.83
CA MSE B 34 5.82 -4.06 1.56
C MSE B 34 4.99 -4.86 0.57
O MSE B 34 4.35 -5.84 0.96
CB MSE B 34 7.18 -4.75 1.74
CG MSE B 34 8.17 -4.00 2.62
SE MSE B 34 8.76 -2.32 1.87
CE MSE B 34 10.35 -2.94 0.95
N ASP B 35 4.98 -4.46 -0.70
CA ASP B 35 4.23 -5.21 -1.71
C ASP B 35 4.94 -6.53 -1.98
N PRO B 36 4.20 -7.52 -2.50
CA PRO B 36 4.78 -8.82 -2.81
C PRO B 36 5.67 -8.81 -4.05
N TRP B 37 6.51 -9.83 -4.15
CA TRP B 37 7.42 -9.96 -5.29
C TRP B 37 7.00 -11.13 -6.17
N LEU B 38 7.27 -11.04 -7.47
CA LEU B 38 6.99 -12.14 -8.38
C LEU B 38 8.28 -12.92 -8.25
N VAL B 39 8.19 -14.13 -7.72
CA VAL B 39 9.40 -14.90 -7.49
C VAL B 39 9.50 -16.27 -8.14
N PHE B 40 10.73 -16.62 -8.52
CA PHE B 40 11.04 -17.91 -9.08
C PHE B 40 12.31 -18.40 -8.38
N ASP B 41 12.12 -19.24 -7.35
CA ASP B 41 13.25 -19.76 -6.58
C ASP B 41 13.71 -21.08 -7.16
N ALA B 42 14.92 -21.10 -7.71
CA ALA B 42 15.48 -22.30 -8.29
C ALA B 42 15.73 -23.38 -7.23
N ARG B 43 15.46 -23.07 -5.97
CA ARG B 43 15.68 -24.03 -4.89
C ARG B 43 14.44 -24.88 -4.63
N THR B 44 13.26 -24.30 -4.86
CA THR B 44 12.01 -25.01 -4.64
C THR B 44 11.24 -25.26 -5.93
N THR B 45 11.84 -24.96 -7.07
CA THR B 45 11.17 -25.14 -8.34
C THR B 45 12.07 -25.69 -9.45
N PRO B 46 11.56 -26.63 -10.27
CA PRO B 46 12.34 -27.22 -11.36
C PRO B 46 12.72 -26.15 -12.39
N ALA B 47 13.98 -26.16 -12.78
CA ALA B 47 14.51 -25.22 -13.75
C ALA B 47 13.73 -25.20 -15.06
N THR B 48 13.35 -26.38 -15.54
CA THR B 48 12.61 -26.50 -16.80
C THR B 48 11.29 -25.77 -16.80
N GLU B 49 10.94 -25.14 -15.68
CA GLU B 49 9.70 -24.38 -15.58
C GLU B 49 9.98 -22.90 -15.70
N LEU B 50 11.27 -22.54 -15.69
CA LEU B 50 11.66 -21.13 -15.77
C LEU B 50 11.16 -20.44 -17.02
N ASP B 51 11.39 -21.05 -18.18
CA ASP B 51 11.00 -20.45 -19.43
C ASP B 51 9.52 -20.04 -19.51
N ALA B 52 8.63 -20.85 -18.94
CA ALA B 52 7.20 -20.51 -18.97
C ALA B 52 6.97 -19.33 -18.02
N TRP B 53 7.65 -19.38 -16.88
CA TRP B 53 7.53 -18.34 -15.88
C TRP B 53 8.00 -17.00 -16.50
N LEU B 54 9.08 -17.04 -17.28
CA LEU B 54 9.56 -15.82 -17.92
C LEU B 54 8.59 -15.37 -19.01
N ALA B 55 8.06 -16.33 -19.77
CA ALA B 55 7.13 -15.98 -20.84
C ALA B 55 5.90 -15.26 -20.29
N LYS B 56 5.46 -15.69 -19.11
CA LYS B 56 4.30 -15.10 -18.46
C LYS B 56 4.54 -13.75 -17.80
N TYR B 57 5.70 -13.60 -17.16
CA TYR B 57 5.98 -12.36 -16.46
C TYR B 57 7.12 -11.47 -16.96
N PRO B 58 7.12 -11.11 -18.26
CA PRO B 58 8.21 -10.24 -18.74
C PRO B 58 8.12 -8.89 -18.02
N PRO B 59 9.26 -8.40 -17.50
CA PRO B 59 9.30 -7.12 -16.78
C PRO B 59 8.80 -5.87 -17.48
N SER B 60 8.78 -5.88 -18.81
CA SER B 60 8.31 -4.71 -19.54
C SER B 60 6.80 -4.59 -19.47
N GLN B 61 6.13 -5.67 -19.07
CA GLN B 61 4.68 -5.66 -18.97
C GLN B 61 4.18 -5.62 -17.53
N VAL B 62 4.88 -6.31 -16.64
CA VAL B 62 4.46 -6.33 -15.25
C VAL B 62 4.52 -4.90 -14.73
N THR B 63 3.46 -4.43 -14.11
CA THR B 63 3.45 -3.06 -13.61
C THR B 63 3.56 -2.95 -12.11
N ARG B 64 4.12 -1.84 -11.66
CA ARG B 64 4.32 -1.58 -10.26
C ARG B 64 3.02 -1.73 -9.45
N TYR B 65 1.91 -1.32 -10.06
CA TYR B 65 0.63 -1.37 -9.37
C TYR B 65 -0.45 -2.25 -9.97
N GLY B 66 -0.03 -3.25 -10.75
CA GLY B 66 -0.97 -4.16 -11.37
C GLY B 66 -2.12 -3.48 -12.09
N ASP B 67 -1.78 -2.55 -12.97
CA ASP B 67 -2.80 -1.83 -13.74
C ASP B 67 -3.60 -2.77 -14.64
N PRO B 68 -4.79 -2.33 -15.08
CA PRO B 68 -5.60 -3.17 -15.96
C PRO B 68 -4.76 -3.46 -17.20
N GLY B 69 -4.71 -4.72 -17.61
CA GLY B 69 -3.92 -5.06 -18.79
C GLY B 69 -2.56 -5.64 -18.46
N SER B 70 -2.15 -5.56 -17.19
CA SER B 70 -0.87 -6.12 -16.76
C SER B 70 -0.92 -7.64 -16.74
N PRO B 71 0.24 -8.31 -16.81
CA PRO B 71 0.29 -9.77 -16.80
C PRO B 71 -0.22 -10.31 -15.46
N ASN B 72 -0.16 -9.45 -14.44
CA ASN B 72 -0.58 -9.78 -13.08
C ASN B 72 -1.66 -8.85 -12.59
N SER B 73 -2.64 -9.40 -11.88
CA SER B 73 -3.75 -8.60 -11.37
C SER B 73 -3.42 -7.96 -10.03
N GLU B 74 -2.44 -8.51 -9.34
CA GLU B 74 -2.08 -7.97 -8.04
C GLU B 74 -0.76 -7.24 -8.09
N PRO B 75 -0.61 -6.15 -7.31
CA PRO B 75 0.57 -5.31 -7.21
C PRO B 75 1.87 -6.07 -6.88
N VAL B 76 2.90 -5.86 -7.68
CA VAL B 76 4.19 -6.52 -7.46
C VAL B 76 5.26 -5.46 -7.19
N GLY B 77 6.24 -5.82 -6.37
CA GLY B 77 7.31 -4.89 -6.04
C GLY B 77 8.62 -5.22 -6.73
N TRP B 78 8.94 -6.51 -6.84
CA TRP B 78 10.17 -6.96 -7.50
C TRP B 78 10.02 -8.36 -8.07
N ILE B 79 10.51 -8.55 -9.30
CA ILE B 79 10.46 -9.87 -9.91
C ILE B 79 11.86 -10.43 -9.66
N ALA B 80 11.95 -11.65 -9.17
CA ALA B 80 13.27 -12.17 -8.86
C ALA B 80 13.49 -13.66 -9.06
N VAL B 81 14.76 -14.01 -9.23
CA VAL B 81 15.15 -15.39 -9.39
C VAL B 81 16.22 -15.66 -8.34
N TYR B 82 16.12 -16.82 -7.69
CA TYR B 82 17.09 -17.21 -6.68
C TYR B 82 17.81 -18.47 -7.11
N GLY B 83 19.13 -18.49 -6.86
CA GLY B 83 19.91 -19.65 -7.23
C GLY B 83 20.44 -20.36 -5.99
N GLN B 84 21.37 -21.29 -6.22
CA GLN B 84 21.98 -22.04 -5.14
C GLN B 84 23.16 -21.26 -4.56
N GLY B 85 23.62 -20.28 -5.34
CA GLY B 85 24.74 -19.45 -4.90
C GLY B 85 24.26 -18.39 -3.93
N TYR B 86 22.93 -18.31 -3.78
CA TYR B 86 22.32 -17.34 -2.88
C TYR B 86 22.75 -17.59 -1.43
N SER B 87 22.72 -16.53 -0.64
CA SER B 87 23.08 -16.60 0.77
C SER B 87 22.87 -15.22 1.40
N PRO B 88 21.75 -15.04 2.11
CA PRO B 88 21.42 -13.77 2.77
C PRO B 88 22.57 -13.18 3.58
N ASN B 89 22.65 -11.84 3.59
CA ASN B 89 23.70 -11.12 4.29
C ASN B 89 23.96 -11.66 5.69
N SER B 90 22.90 -11.87 6.46
CA SER B 90 23.00 -12.37 7.83
C SER B 90 23.82 -11.45 8.74
N GLY B 91 24.10 -10.24 8.26
CA GLY B 91 24.87 -9.29 9.03
C GLY B 91 24.05 -8.41 9.95
N ASP B 92 24.73 -7.67 10.82
CA ASP B 92 24.10 -6.79 11.79
C ASP B 92 23.77 -5.41 11.25
N VAL B 93 22.62 -5.31 10.60
CA VAL B 93 22.16 -4.05 10.02
C VAL B 93 21.82 -3.04 11.12
N GLN B 94 21.35 -3.56 12.24
CA GLN B 94 21.00 -2.71 13.38
C GLN B 94 22.24 -1.97 13.87
N GLY B 95 23.30 -2.72 14.10
CA GLY B 95 24.53 -2.11 14.57
C GLY B 95 25.07 -1.09 13.57
N LEU B 96 25.03 -1.45 12.29
CA LEU B 96 25.52 -0.57 11.23
C LEU B 96 24.83 0.78 11.28
N GLN B 97 23.51 0.77 11.19
CA GLN B 97 22.71 1.98 11.21
C GLN B 97 23.01 2.84 12.45
N ALA B 98 23.22 2.19 13.59
CA ALA B 98 23.52 2.90 14.82
C ALA B 98 24.88 3.58 14.69
N ALA B 99 25.80 2.91 14.02
CA ALA B 99 27.13 3.46 13.81
C ALA B 99 27.03 4.65 12.86
N TRP B 100 26.30 4.47 11.77
CA TRP B 100 26.12 5.54 10.78
C TRP B 100 25.66 6.79 11.50
N GLU B 101 24.72 6.61 12.43
CA GLU B 101 24.20 7.72 13.21
C GLU B 101 25.31 8.35 14.05
N ALA B 102 26.02 7.50 14.79
CA ALA B 102 27.12 7.95 15.64
C ALA B 102 28.19 8.68 14.83
N LEU B 103 28.48 8.16 13.64
CA LEU B 103 29.49 8.75 12.78
C LEU B 103 29.13 10.17 12.36
N GLN B 104 27.83 10.44 12.26
CA GLN B 104 27.34 11.76 11.86
C GLN B 104 27.27 12.68 13.08
N THR B 105 27.25 12.10 14.26
CA THR B 105 27.20 12.86 15.51
C THR B 105 28.59 13.46 15.73
N SER B 106 29.61 12.74 15.30
CA SER B 106 30.99 13.17 15.43
C SER B 106 31.39 13.95 14.19
N GLY B 107 32.65 14.38 14.13
CA GLY B 107 33.12 15.14 12.99
C GLY B 107 34.07 14.35 12.11
N ARG B 108 34.27 13.08 12.43
CA ARG B 108 35.16 12.22 11.66
C ARG B 108 34.97 12.40 10.16
N PRO B 109 36.08 12.35 9.39
CA PRO B 109 36.05 12.50 7.93
C PRO B 109 35.31 11.39 7.19
N ILE B 110 33.99 11.53 7.09
CA ILE B 110 33.15 10.54 6.41
C ILE B 110 33.68 10.22 5.02
N THR B 111 34.28 9.03 4.88
CA THR B 111 34.85 8.61 3.61
C THR B 111 34.54 7.16 3.29
N PRO B 112 34.84 6.72 2.06
CA PRO B 112 34.59 5.33 1.65
C PRO B 112 35.15 4.34 2.66
N GLY B 113 36.43 4.52 2.98
CA GLY B 113 37.10 3.64 3.92
C GLY B 113 36.34 3.49 5.22
N THR B 114 35.76 4.59 5.70
CA THR B 114 35.00 4.56 6.95
C THR B 114 33.73 3.73 6.74
N LEU B 115 33.13 3.90 5.56
CA LEU B 115 31.91 3.16 5.25
C LEU B 115 32.25 1.69 5.08
N ARG B 116 33.42 1.42 4.50
CA ARG B 116 33.85 0.06 4.29
C ARG B 116 34.08 -0.60 5.64
N GLN B 117 34.61 0.17 6.58
CA GLN B 117 34.87 -0.36 7.91
C GLN B 117 33.55 -0.61 8.59
N LEU B 118 32.69 0.39 8.64
CA LEU B 118 31.39 0.20 9.27
C LEU B 118 30.62 -0.96 8.65
N ALA B 119 31.09 -1.44 7.50
CA ALA B 119 30.43 -2.55 6.81
C ALA B 119 31.08 -3.89 7.16
N ILE B 120 32.40 -3.91 7.17
CA ILE B 120 33.14 -5.12 7.52
C ILE B 120 32.90 -5.43 8.99
N THR B 121 32.94 -4.39 9.82
CA THR B 121 32.72 -4.54 11.25
C THR B 121 31.39 -5.21 11.55
N HIS B 122 30.39 -5.00 10.71
CA HIS B 122 29.08 -5.60 10.94
C HIS B 122 28.73 -6.76 10.01
N HIS B 123 29.72 -7.22 9.27
CA HIS B 123 29.54 -8.34 8.36
C HIS B 123 28.48 -8.15 7.29
N VAL B 124 28.49 -6.99 6.65
CA VAL B 124 27.56 -6.67 5.56
C VAL B 124 28.44 -6.55 4.31
N LEU B 125 28.70 -7.69 3.67
CA LEU B 125 29.56 -7.77 2.50
C LEU B 125 28.86 -8.00 1.17
N SER B 126 27.53 -7.97 1.19
CA SER B 126 26.77 -8.20 -0.03
C SER B 126 26.67 -6.95 -0.90
N GLY B 127 26.44 -7.15 -2.19
CA GLY B 127 26.33 -6.03 -3.10
C GLY B 127 25.70 -6.41 -4.43
N LYS B 128 25.47 -5.41 -5.27
CA LYS B 128 24.86 -5.70 -6.54
C LYS B 128 25.22 -4.80 -7.72
N TRP B 129 25.38 -5.46 -8.86
CA TRP B 129 25.66 -4.78 -10.12
C TRP B 129 24.30 -4.18 -10.54
N LEU B 130 24.33 -2.99 -11.14
CA LEU B 130 23.11 -2.32 -11.58
C LEU B 130 23.15 -1.90 -13.04
N MSE B 131 22.01 -2.10 -13.72
CA MSE B 131 21.86 -1.74 -15.13
C MSE B 131 20.49 -1.14 -15.31
O MSE B 131 19.52 -1.56 -14.67
CB MSE B 131 21.98 -2.98 -16.03
CG MSE B 131 23.22 -3.82 -15.82
SE MSE B 131 22.79 -5.55 -15.04
CE MSE B 131 22.89 -5.05 -13.20
N HIS B 132 20.39 -0.15 -16.20
CA HIS B 132 19.13 0.53 -16.45
C HIS B 132 18.81 0.42 -17.93
N LEU B 133 17.85 -0.45 -18.24
CA LEU B 133 17.43 -0.68 -19.62
C LEU B 133 16.07 -0.04 -19.90
N ALA B 134 15.86 0.33 -21.15
CA ALA B 134 14.59 0.93 -21.54
C ALA B 134 13.62 -0.24 -21.70
N PRO B 135 12.38 -0.09 -21.19
CA PRO B 135 11.41 -1.18 -21.31
C PRO B 135 11.27 -1.64 -22.76
N GLY B 136 10.99 -2.92 -22.94
CA GLY B 136 10.85 -3.46 -24.29
C GLY B 136 11.54 -4.80 -24.42
N PHE B 137 11.67 -5.27 -25.66
CA PHE B 137 12.27 -6.57 -25.90
C PHE B 137 13.73 -6.64 -25.46
N LYS B 138 14.38 -5.49 -25.32
CA LYS B 138 15.76 -5.48 -24.87
C LYS B 138 15.82 -5.72 -23.36
N LEU B 139 14.90 -5.12 -22.62
CA LEU B 139 14.86 -5.31 -21.20
C LEU B 139 14.50 -6.78 -20.88
N ASP B 140 13.47 -7.29 -21.55
CA ASP B 140 13.02 -8.66 -21.32
C ASP B 140 14.03 -9.71 -21.73
N HIS B 141 14.69 -9.46 -22.85
CA HIS B 141 15.69 -10.39 -23.34
C HIS B 141 16.80 -10.52 -22.30
N ALA B 142 17.42 -9.40 -21.96
CA ALA B 142 18.50 -9.38 -20.98
C ALA B 142 18.06 -10.13 -19.71
N TRP B 143 16.88 -9.76 -19.19
CA TRP B 143 16.35 -10.38 -18.00
C TRP B 143 16.27 -11.90 -18.13
N ALA B 144 15.78 -12.37 -19.28
CA ALA B 144 15.67 -13.80 -19.50
C ALA B 144 17.03 -14.47 -19.40
N GLY B 145 18.06 -13.79 -19.88
CA GLY B 145 19.40 -14.35 -19.81
C GLY B 145 19.94 -14.48 -18.39
N ILE B 146 19.92 -13.36 -17.65
CA ILE B 146 20.41 -13.38 -16.27
C ILE B 146 19.55 -14.34 -15.45
N ALA B 147 18.24 -14.30 -15.67
CA ALA B 147 17.33 -15.20 -14.98
C ALA B 147 17.80 -16.63 -15.23
N ARG B 148 18.30 -16.88 -16.44
CA ARG B 148 18.77 -18.20 -16.80
C ARG B 148 20.06 -18.52 -16.06
N ALA B 149 20.98 -17.56 -16.06
CA ALA B 149 22.27 -17.72 -15.39
C ALA B 149 22.08 -18.09 -13.90
N VAL B 150 21.28 -17.31 -13.19
CA VAL B 150 21.02 -17.59 -11.79
C VAL B 150 20.60 -19.05 -11.62
N VAL B 151 19.58 -19.46 -12.39
CA VAL B 151 19.07 -20.82 -12.35
C VAL B 151 20.17 -21.83 -12.69
N GLU B 152 21.28 -21.34 -13.27
CA GLU B 152 22.39 -22.23 -13.63
C GLU B 152 23.52 -22.15 -12.58
N GLY B 153 23.31 -21.38 -11.52
CA GLY B 153 24.31 -21.26 -10.48
C GLY B 153 25.40 -20.25 -10.81
N ARG B 154 25.44 -19.77 -12.04
CA ARG B 154 26.46 -18.80 -12.42
C ARG B 154 26.23 -17.47 -11.73
N LEU B 155 25.00 -17.24 -11.27
CA LEU B 155 24.68 -16.01 -10.54
C LEU B 155 23.88 -16.40 -9.30
N GLN B 156 24.15 -15.73 -8.19
CA GLN B 156 23.49 -16.02 -6.92
C GLN B 156 22.00 -15.77 -6.90
N VAL B 157 21.63 -14.53 -7.20
CA VAL B 157 20.24 -14.12 -7.20
C VAL B 157 20.17 -12.77 -7.90
N ALA B 158 19.07 -12.53 -8.61
CA ALA B 158 18.91 -11.27 -9.33
C ALA B 158 17.46 -10.87 -9.30
N LYS B 159 17.19 -9.58 -9.48
CA LYS B 159 15.81 -9.12 -9.48
C LYS B 159 15.65 -7.95 -10.45
N VAL B 160 14.43 -7.80 -10.99
CA VAL B 160 14.14 -6.72 -11.93
C VAL B 160 12.86 -5.96 -11.51
N SER B 161 12.85 -4.66 -11.79
CA SER B 161 11.70 -3.82 -11.46
C SER B 161 10.63 -3.82 -12.54
N PRO B 162 9.35 -3.79 -12.13
CA PRO B 162 8.23 -3.78 -13.08
C PRO B 162 8.09 -2.40 -13.74
N ARG B 163 7.31 -2.32 -14.81
CA ARG B 163 7.12 -1.06 -15.52
C ARG B 163 6.50 0.01 -14.61
N ALA B 164 7.11 1.20 -14.58
CA ALA B 164 6.63 2.31 -13.78
C ALA B 164 5.57 3.06 -14.60
N LYS B 165 4.91 4.03 -13.97
CA LYS B 165 3.87 4.78 -14.66
C LYS B 165 4.45 5.83 -15.61
N GLU B 166 5.37 6.64 -15.11
CA GLU B 166 5.99 7.66 -15.96
C GLU B 166 7.02 6.99 -16.86
N GLY B 167 6.87 5.68 -17.03
CA GLY B 167 7.78 4.92 -17.87
C GLY B 167 9.23 5.11 -17.48
N GLY B 168 10.11 5.07 -18.46
CA GLY B 168 11.52 5.23 -18.18
C GLY B 168 12.26 3.91 -18.10
N ARG B 169 13.57 3.97 -17.92
CA ARG B 169 14.39 2.76 -17.84
C ARG B 169 14.13 1.98 -16.56
N GLN B 170 14.05 0.66 -16.70
CA GLN B 170 13.83 -0.21 -15.57
C GLN B 170 15.16 -0.75 -15.13
N VAL B 171 15.32 -0.96 -13.83
CA VAL B 171 16.59 -1.44 -13.30
C VAL B 171 16.66 -2.95 -13.07
N ILE B 172 17.85 -3.48 -13.21
CA ILE B 172 18.11 -4.89 -12.96
C ILE B 172 19.20 -4.94 -11.90
N CYS B 173 19.08 -5.91 -11.00
CA CYS B 173 20.04 -6.10 -9.92
C CYS B 173 20.65 -7.49 -9.95
N VAL B 174 21.96 -7.56 -9.75
CA VAL B 174 22.67 -8.83 -9.71
C VAL B 174 23.51 -8.82 -8.44
N TYR B 175 23.17 -9.71 -7.51
CA TYR B 175 23.85 -9.79 -6.24
C TYR B 175 25.03 -10.77 -6.16
N THR B 176 26.04 -10.36 -5.38
CA THR B 176 27.21 -11.18 -5.09
C THR B 176 27.28 -11.14 -3.55
N ASP B 177 27.71 -12.23 -2.93
CA ASP B 177 27.72 -12.27 -1.46
C ASP B 177 28.89 -11.63 -0.73
N ASP B 178 29.92 -11.20 -1.46
CA ASP B 178 31.10 -10.63 -0.81
C ASP B 178 31.77 -9.61 -1.73
N PHE B 179 31.44 -8.33 -1.57
CA PHE B 179 32.02 -7.32 -2.43
C PHE B 179 33.54 -7.24 -2.37
N THR B 180 34.15 -7.82 -1.33
CA THR B 180 35.60 -7.77 -1.25
C THR B 180 36.19 -8.90 -2.10
N ASP B 181 35.40 -9.94 -2.38
CA ASP B 181 35.89 -11.03 -3.23
C ASP B 181 35.80 -10.55 -4.67
N ARG B 182 36.80 -9.78 -5.09
CA ARG B 182 36.82 -9.23 -6.43
C ARG B 182 36.63 -10.26 -7.54
N LEU B 183 36.87 -11.54 -7.24
CA LEU B 183 36.69 -12.56 -8.26
C LEU B 183 35.20 -12.92 -8.35
N GLY B 184 34.52 -12.90 -7.21
CA GLY B 184 33.11 -13.20 -7.19
C GLY B 184 32.33 -12.11 -7.90
N VAL B 185 32.85 -10.89 -7.86
CA VAL B 185 32.22 -9.74 -8.49
C VAL B 185 32.49 -9.74 -10.01
N LEU B 186 33.71 -10.07 -10.39
CA LEU B 186 34.11 -10.12 -11.79
C LEU B 186 33.40 -11.24 -12.54
N GLU B 187 33.46 -12.43 -11.97
CA GLU B 187 32.82 -13.59 -12.57
C GLU B 187 31.35 -13.22 -12.83
N ALA B 188 30.77 -12.46 -11.90
CA ALA B 188 29.39 -12.01 -12.05
C ALA B 188 29.28 -11.20 -13.35
N ASP B 189 30.17 -10.21 -13.48
CA ASP B 189 30.21 -9.34 -14.66
C ASP B 189 30.18 -10.22 -15.90
N SER B 190 31.01 -11.26 -15.90
CA SER B 190 31.09 -12.18 -17.02
C SER B 190 29.75 -12.84 -17.36
N ALA B 191 28.98 -13.18 -16.32
CA ALA B 191 27.67 -13.79 -16.54
C ALA B 191 26.76 -12.74 -17.18
N ILE B 192 26.90 -11.50 -16.73
CA ILE B 192 26.11 -10.41 -17.25
C ILE B 192 26.64 -10.02 -18.64
N ARG B 193 27.79 -10.55 -19.02
CA ARG B 193 28.33 -10.25 -20.34
C ARG B 193 27.99 -11.44 -21.22
N ALA B 194 27.77 -12.58 -20.58
CA ALA B 194 27.43 -13.79 -21.30
C ALA B 194 25.93 -13.79 -21.65
N ALA B 195 25.11 -13.14 -20.82
CA ALA B 195 23.67 -13.07 -21.09
C ALA B 195 23.43 -12.09 -22.25
N GLY B 196 24.50 -11.85 -23.02
CA GLY B 196 24.39 -10.97 -24.15
C GLY B 196 24.28 -9.51 -23.77
N ILE B 197 24.28 -9.22 -22.48
CA ILE B 197 24.17 -7.84 -22.01
C ILE B 197 25.43 -7.03 -22.33
N LYS B 198 25.24 -5.93 -23.05
CA LYS B 198 26.34 -5.05 -23.44
C LYS B 198 26.31 -3.67 -22.77
N CYS B 199 25.31 -3.45 -21.92
CA CYS B 199 25.19 -2.17 -21.24
C CYS B 199 26.26 -2.06 -20.14
N LEU B 200 26.47 -0.86 -19.61
CA LEU B 200 27.45 -0.72 -18.55
C LEU B 200 26.75 -1.15 -17.28
N LEU B 201 27.51 -1.69 -16.33
CA LEU B 201 26.95 -2.11 -15.06
C LEU B 201 27.39 -1.09 -14.01
N THR B 202 26.69 -1.07 -12.88
CA THR B 202 27.00 -0.14 -11.80
C THR B 202 26.91 -0.90 -10.48
N TYR B 203 28.01 -1.51 -10.04
CA TYR B 203 28.06 -2.29 -8.80
C TYR B 203 28.01 -1.44 -7.52
N LYS B 204 27.13 -1.82 -6.60
CA LYS B 204 27.00 -1.08 -5.37
C LYS B 204 27.05 -1.97 -4.13
N PRO B 205 27.63 -1.46 -3.04
CA PRO B 205 27.70 -2.29 -1.82
C PRO B 205 26.40 -2.13 -1.03
N ASP B 206 25.83 -3.24 -0.57
CA ASP B 206 24.59 -3.12 0.21
C ASP B 206 24.72 -2.17 1.42
N VAL B 207 25.92 -2.02 1.98
CA VAL B 207 26.09 -1.11 3.11
C VAL B 207 25.67 0.31 2.74
N TYR B 208 25.94 0.72 1.50
CA TYR B 208 25.54 2.05 1.05
C TYR B 208 24.02 2.12 0.87
N THR B 209 23.45 1.04 0.37
CA THR B 209 22.01 0.99 0.15
C THR B 209 21.22 0.99 1.46
N TYR B 210 21.65 0.19 2.44
CA TYR B 210 20.98 0.15 3.73
C TYR B 210 21.04 1.49 4.45
N LEU B 211 22.14 2.21 4.28
CA LEU B 211 22.29 3.50 4.95
C LEU B 211 21.61 4.61 4.15
N GLY B 212 20.97 4.23 3.05
CA GLY B 212 20.26 5.18 2.22
C GLY B 212 21.14 6.21 1.53
N ILE B 213 22.45 5.94 1.48
CA ILE B 213 23.38 6.86 0.84
C ILE B 213 23.21 6.83 -0.68
N TYR B 214 23.21 8.01 -1.30
CA TYR B 214 23.06 8.13 -2.75
C TYR B 214 23.99 9.20 -3.30
N ARG B 215 24.33 9.08 -4.58
CA ARG B 215 25.25 10.01 -5.23
C ARG B 215 25.07 11.47 -4.84
N ALA B 216 23.84 11.87 -4.55
CA ALA B 216 23.59 13.24 -4.14
C ALA B 216 23.59 13.25 -2.60
N ASN B 217 24.77 13.37 -2.01
CA ASN B 217 24.86 13.39 -0.55
C ASN B 217 25.75 14.52 -0.01
N ARG B 218 25.50 14.90 1.23
CA ARG B 218 26.23 15.98 1.89
C ARG B 218 27.74 15.80 1.83
N TRP B 219 28.16 14.54 1.88
CA TRP B 219 29.57 14.18 1.91
C TRP B 219 30.27 13.99 0.57
N HIS B 220 29.53 14.08 -0.52
CA HIS B 220 30.13 13.91 -1.83
C HIS B 220 30.78 12.55 -1.96
N LEU B 221 30.12 11.53 -1.43
CA LEU B 221 30.63 10.17 -1.50
C LEU B 221 30.27 9.54 -2.84
N CYS B 222 31.14 8.68 -3.36
CA CYS B 222 30.85 8.01 -4.60
C CYS B 222 30.10 6.75 -4.17
N PRO B 223 28.78 6.75 -4.32
CA PRO B 223 27.98 5.58 -3.93
C PRO B 223 28.22 4.38 -4.84
N THR B 224 29.38 4.38 -5.52
CA THR B 224 29.75 3.31 -6.44
C THR B 224 31.20 2.85 -6.28
N LEU B 225 31.40 1.62 -5.83
CA LEU B 225 32.74 1.09 -5.67
C LEU B 225 33.30 0.66 -7.03
N TYR B 226 32.54 -0.14 -7.76
CA TYR B 226 32.97 -0.61 -9.07
C TYR B 226 32.11 0.00 -10.16
N GLU B 227 32.72 0.14 -11.34
CA GLU B 227 32.08 0.71 -12.51
C GLU B 227 32.63 -0.05 -13.71
N SER B 228 31.76 -0.75 -14.42
CA SER B 228 32.18 -1.51 -15.59
C SER B 228 31.62 -0.91 -16.88
N ARG B 229 32.46 -0.85 -17.91
CA ARG B 229 32.10 -0.29 -19.21
C ARG B 229 32.36 -1.36 -20.28
N PHE B 230 31.39 -1.57 -21.17
CA PHE B 230 31.59 -2.57 -22.21
C PHE B 230 32.31 -1.99 -23.43
N GLN B 231 33.10 -2.82 -24.08
CA GLN B 231 33.86 -2.38 -25.24
C GLN B 231 33.54 -3.21 -26.49
N LEU B 232 33.15 -2.54 -27.56
CA LEU B 232 32.83 -3.19 -28.83
C LEU B 232 34.00 -3.06 -29.78
N GLY B 233 33.92 -3.75 -30.91
CA GLY B 233 34.99 -3.66 -31.90
C GLY B 233 35.74 -4.93 -32.25
N GLY B 234 36.27 -5.61 -31.23
CA GLY B 234 37.00 -6.82 -31.48
C GLY B 234 38.48 -6.63 -31.20
N SER B 235 38.87 -5.40 -30.87
CA SER B 235 40.26 -5.09 -30.58
C SER B 235 40.43 -4.65 -29.12
N ALA B 236 39.45 -5.07 -28.31
CA ALA B 236 39.44 -4.78 -26.88
C ALA B 236 38.76 -5.93 -26.16
N ARG B 237 39.13 -6.15 -24.90
CA ARG B 237 38.53 -7.21 -24.11
C ARG B 237 37.11 -6.82 -23.74
N GLY B 238 36.15 -7.50 -24.36
CA GLY B 238 34.74 -7.23 -24.11
C GLY B 238 34.40 -6.27 -22.97
N SER B 239 34.80 -6.61 -21.75
CA SER B 239 34.49 -5.78 -20.59
C SER B 239 35.70 -5.15 -19.89
N ARG B 240 35.50 -3.94 -19.37
CA ARG B 240 36.55 -3.21 -18.66
C ARG B 240 36.05 -2.79 -17.28
N VAL B 241 36.44 -3.53 -16.26
CA VAL B 241 36.03 -3.27 -14.89
C VAL B 241 37.07 -2.46 -14.13
N LEU B 242 36.60 -1.45 -13.41
CA LEU B 242 37.48 -0.58 -12.63
C LEU B 242 37.11 -0.46 -11.16
N ASP B 243 38.10 -0.62 -10.28
CA ASP B 243 37.89 -0.46 -8.85
C ASP B 243 38.10 1.04 -8.68
N ARG B 244 37.02 1.80 -8.50
CA ARG B 244 37.15 3.24 -8.38
C ARG B 244 37.78 3.72 -7.08
N ALA B 245 37.48 3.04 -5.99
CA ALA B 245 38.05 3.44 -4.70
C ALA B 245 39.57 3.27 -4.65
N ASN B 246 40.08 2.28 -5.37
CA ASN B 246 41.51 2.01 -5.36
C ASN B 246 42.22 2.21 -6.70
N ASN B 247 41.48 2.61 -7.73
CA ASN B 247 42.06 2.82 -9.05
C ASN B 247 42.81 1.57 -9.50
N VAL B 248 42.09 0.47 -9.62
CA VAL B 248 42.68 -0.80 -10.03
C VAL B 248 41.88 -1.41 -11.18
N GLU B 249 42.48 -1.47 -12.36
CA GLU B 249 41.79 -2.04 -13.49
C GLU B 249 41.77 -3.55 -13.28
N LEU B 250 40.67 -4.06 -12.73
CA LEU B 250 40.54 -5.49 -12.50
C LEU B 250 40.57 -6.17 -13.86
N THR B 251 40.50 -5.33 -14.89
CA THR B 251 40.50 -5.72 -16.31
C THR B 251 39.07 -5.97 -16.78
N MSE C 30 -39.77 2.45 -1.59
CA MSE C 30 -40.08 3.33 -2.74
C MSE C 30 -38.92 4.27 -3.05
O MSE C 30 -38.73 5.28 -2.36
CB MSE C 30 -41.34 4.16 -2.46
CG MSE C 30 -42.61 3.35 -2.26
SE MSE C 30 -43.15 2.29 -3.78
CE MSE C 30 -43.79 3.71 -4.95
N ALA C 31 -38.15 3.94 -4.08
CA ALA C 31 -37.01 4.76 -4.48
C ALA C 31 -37.25 5.32 -5.88
N ALA C 32 -36.59 6.42 -6.19
CA ALA C 32 -36.71 7.08 -7.48
C ALA C 32 -36.27 6.15 -8.61
N ASP C 33 -35.29 5.29 -8.30
CA ASP C 33 -34.78 4.33 -9.27
C ASP C 33 -34.72 2.92 -8.67
N MSE C 34 -35.79 2.16 -8.95
CA MSE C 34 -35.92 0.79 -8.46
C MSE C 34 -35.49 -0.21 -9.53
O MSE C 34 -35.41 -1.41 -9.26
CB MSE C 34 -37.39 0.50 -8.10
CG MSE C 34 -37.90 1.18 -6.83
SE MSE C 34 -39.81 0.83 -6.55
CE MSE C 34 -40.50 2.47 -7.27
N ASP C 35 -35.22 0.28 -10.73
CA ASP C 35 -34.85 -0.59 -11.84
C ASP C 35 -33.42 -1.11 -11.84
N PRO C 36 -33.16 -2.15 -12.65
CA PRO C 36 -31.82 -2.72 -12.74
C PRO C 36 -30.95 -1.70 -13.47
N TRP C 37 -29.70 -2.07 -13.72
CA TRP C 37 -28.77 -1.22 -14.44
C TRP C 37 -28.03 -2.07 -15.46
N LEU C 38 -27.75 -1.50 -16.63
CA LEU C 38 -26.98 -2.18 -17.68
C LEU C 38 -25.55 -1.87 -17.28
N VAL C 39 -24.85 -2.90 -16.80
CA VAL C 39 -23.50 -2.73 -16.29
C VAL C 39 -22.42 -3.61 -16.90
N PHE C 40 -21.34 -3.00 -17.40
CA PHE C 40 -20.23 -3.80 -17.88
C PHE C 40 -19.26 -3.77 -16.70
N ASP C 41 -19.13 -4.89 -16.00
CA ASP C 41 -18.25 -4.94 -14.84
C ASP C 41 -16.87 -5.41 -15.28
N ALA C 42 -15.92 -4.48 -15.37
CA ALA C 42 -14.58 -4.84 -15.81
C ALA C 42 -13.86 -5.75 -14.80
N ARG C 43 -14.18 -5.62 -13.52
CA ARG C 43 -13.54 -6.46 -12.52
C ARG C 43 -13.79 -7.93 -12.82
N THR C 44 -14.90 -8.21 -13.51
CA THR C 44 -15.25 -9.58 -13.85
C THR C 44 -15.20 -9.90 -15.35
N THR C 45 -15.40 -8.90 -16.22
CA THR C 45 -15.36 -9.16 -17.66
C THR C 45 -14.08 -8.67 -18.33
N PRO C 46 -13.52 -9.50 -19.24
CA PRO C 46 -12.29 -9.14 -19.95
C PRO C 46 -12.51 -7.93 -20.84
N ALA C 47 -11.49 -7.07 -20.93
CA ALA C 47 -11.55 -5.86 -21.73
C ALA C 47 -11.69 -6.19 -23.21
N THR C 48 -11.66 -7.48 -23.53
CA THR C 48 -11.78 -7.94 -24.89
C THR C 48 -13.23 -8.00 -25.29
N GLU C 49 -14.12 -7.83 -24.32
CA GLU C 49 -15.54 -7.89 -24.60
C GLU C 49 -16.20 -6.53 -24.46
N LEU C 50 -15.44 -5.52 -24.06
CA LEU C 50 -16.03 -4.18 -23.91
C LEU C 50 -16.64 -3.65 -25.22
N ASP C 51 -15.99 -3.95 -26.33
CA ASP C 51 -16.47 -3.48 -27.64
C ASP C 51 -17.80 -4.08 -28.10
N ALA C 52 -18.06 -5.35 -27.78
CA ALA C 52 -19.32 -5.97 -28.19
C ALA C 52 -20.47 -5.50 -27.30
N TRP C 53 -20.13 -5.10 -26.09
CA TRP C 53 -21.11 -4.63 -25.14
C TRP C 53 -21.64 -3.24 -25.52
N LEU C 54 -20.74 -2.35 -25.91
CA LEU C 54 -21.12 -1.00 -26.29
C LEU C 54 -22.08 -0.98 -27.48
N ALA C 55 -21.83 -1.88 -28.41
CA ALA C 55 -22.64 -1.98 -29.63
C ALA C 55 -24.07 -2.44 -29.34
N LYS C 56 -24.18 -3.50 -28.54
CA LYS C 56 -25.49 -4.05 -28.20
C LYS C 56 -26.34 -3.10 -27.35
N TYR C 57 -25.70 -2.20 -26.61
CA TYR C 57 -26.44 -1.29 -25.76
C TYR C 57 -26.06 0.18 -25.87
N PRO C 58 -26.11 0.76 -27.07
CA PRO C 58 -25.74 2.17 -27.11
C PRO C 58 -26.70 3.01 -26.27
N PRO C 59 -26.19 4.03 -25.55
CA PRO C 59 -27.03 4.88 -24.71
C PRO C 59 -28.11 5.64 -25.48
N SER C 60 -28.14 5.43 -26.79
CA SER C 60 -29.14 6.07 -27.65
C SER C 60 -30.32 5.15 -27.87
N GLN C 61 -30.01 3.86 -27.97
CA GLN C 61 -31.04 2.86 -28.20
C GLN C 61 -31.65 2.31 -26.92
N VAL C 62 -30.83 2.20 -25.87
CA VAL C 62 -31.31 1.72 -24.58
C VAL C 62 -32.30 2.75 -24.03
N THR C 63 -33.52 2.31 -23.71
CA THR C 63 -34.52 3.25 -23.19
C THR C 63 -34.80 3.07 -21.72
N ARG C 64 -35.14 4.18 -21.07
CA ARG C 64 -35.44 4.19 -19.65
C ARG C 64 -36.47 3.13 -19.25
N TYR C 65 -37.52 2.98 -20.07
CA TYR C 65 -38.58 2.02 -19.74
C TYR C 65 -38.70 0.80 -20.63
N GLY C 66 -37.61 0.45 -21.31
CA GLY C 66 -37.66 -0.72 -22.18
C GLY C 66 -38.83 -0.71 -23.13
N ASP C 67 -39.02 0.41 -23.83
CA ASP C 67 -40.11 0.57 -24.80
C ASP C 67 -39.94 -0.40 -25.97
N PRO C 68 -41.05 -0.75 -26.64
CA PRO C 68 -40.99 -1.66 -27.79
C PRO C 68 -39.97 -1.08 -28.79
N GLY C 69 -39.03 -1.90 -29.24
CA GLY C 69 -38.03 -1.43 -30.17
C GLY C 69 -36.68 -1.22 -29.52
N SER C 70 -36.65 -1.22 -28.19
CA SER C 70 -35.43 -1.03 -27.42
C SER C 70 -34.58 -2.29 -27.32
N PRO C 71 -33.25 -2.15 -27.26
CA PRO C 71 -32.42 -3.34 -27.14
C PRO C 71 -32.68 -3.99 -25.78
N ASN C 72 -33.27 -3.21 -24.88
CA ASN C 72 -33.62 -3.68 -23.53
C ASN C 72 -35.14 -3.82 -23.36
N SER C 73 -35.57 -4.92 -22.77
CA SER C 73 -37.01 -5.13 -22.57
C SER C 73 -37.43 -4.86 -21.13
N GLU C 74 -36.44 -4.67 -20.26
CA GLU C 74 -36.69 -4.36 -18.85
C GLU C 74 -36.46 -2.87 -18.64
N PRO C 75 -37.07 -2.29 -17.61
CA PRO C 75 -36.84 -0.86 -17.38
C PRO C 75 -35.39 -0.73 -16.86
N VAL C 76 -34.48 -0.25 -17.69
CA VAL C 76 -33.11 -0.07 -17.29
C VAL C 76 -33.03 1.31 -16.66
N GLY C 77 -32.49 1.39 -15.44
CA GLY C 77 -32.41 2.67 -14.76
C GLY C 77 -31.15 3.44 -15.04
N TRP C 78 -30.05 2.72 -15.24
CA TRP C 78 -28.74 3.33 -15.51
C TRP C 78 -27.87 2.41 -16.35
N ILE C 79 -27.00 3.01 -17.18
CA ILE C 79 -26.04 2.28 -18.00
C ILE C 79 -24.72 2.72 -17.35
N ALA C 80 -23.91 1.76 -16.92
CA ALA C 80 -22.65 2.07 -16.25
C ALA C 80 -21.50 1.13 -16.55
N VAL C 81 -20.28 1.63 -16.34
CA VAL C 81 -19.08 0.83 -16.53
C VAL C 81 -18.20 0.96 -15.29
N TYR C 82 -17.92 -0.17 -14.67
CA TYR C 82 -17.09 -0.21 -13.46
C TYR C 82 -15.68 -0.66 -13.81
N GLY C 83 -14.70 0.12 -13.40
CA GLY C 83 -13.31 -0.22 -13.68
C GLY C 83 -12.76 -1.24 -12.72
N GLN C 84 -12.02 -2.22 -13.24
CA GLN C 84 -11.41 -3.25 -12.41
C GLN C 84 -10.82 -2.64 -11.14
N GLY C 85 -11.03 -3.29 -10.02
CA GLY C 85 -10.51 -2.77 -8.77
C GLY C 85 -11.37 -1.66 -8.20
N TYR C 86 -12.37 -1.21 -8.95
CA TYR C 86 -13.27 -0.16 -8.51
C TYR C 86 -13.61 -0.35 -7.03
N SER C 87 -13.61 0.73 -6.27
CA SER C 87 -13.93 0.66 -4.85
C SER C 87 -14.22 2.03 -4.22
N PRO C 88 -15.49 2.27 -3.88
CA PRO C 88 -15.87 3.54 -3.27
C PRO C 88 -15.21 3.70 -1.90
N ASN C 89 -15.29 4.92 -1.35
CA ASN C 89 -14.70 5.22 -0.05
C ASN C 89 -15.77 5.12 1.03
N SER C 90 -15.34 4.88 2.26
CA SER C 90 -16.25 4.77 3.40
C SER C 90 -16.67 6.20 3.77
N GLY C 91 -17.96 6.37 4.07
CA GLY C 91 -18.46 7.70 4.42
C GLY C 91 -19.39 7.71 5.60
N ASP C 92 -19.80 8.91 6.02
CA ASP C 92 -20.68 9.05 7.17
C ASP C 92 -21.85 9.99 6.87
N VAL C 93 -22.77 9.51 6.05
CA VAL C 93 -23.93 10.29 5.65
C VAL C 93 -24.82 10.72 6.80
N GLN C 94 -25.14 9.81 7.72
CA GLN C 94 -25.98 10.17 8.85
C GLN C 94 -25.31 11.32 9.60
N GLY C 95 -24.00 11.22 9.77
CA GLY C 95 -23.27 12.27 10.46
C GLY C 95 -23.36 13.56 9.68
N LEU C 96 -23.24 13.45 8.35
CA LEU C 96 -23.32 14.61 7.49
C LEU C 96 -24.71 15.24 7.54
N GLN C 97 -25.73 14.44 7.30
CA GLN C 97 -27.12 14.89 7.30
C GLN C 97 -27.54 15.45 8.65
N ALA C 98 -26.88 14.99 9.71
CA ALA C 98 -27.16 15.45 11.06
C ALA C 98 -26.49 16.80 11.29
N ALA C 99 -25.25 16.93 10.80
CA ALA C 99 -24.50 18.18 10.93
C ALA C 99 -25.13 19.25 10.04
N TRP C 100 -25.76 18.81 8.95
CA TRP C 100 -26.40 19.74 8.04
C TRP C 100 -27.52 20.51 8.74
N GLU C 101 -28.30 19.81 9.57
CA GLU C 101 -29.39 20.47 10.28
C GLU C 101 -28.85 21.39 11.37
N ALA C 102 -27.77 20.96 12.02
CA ALA C 102 -27.17 21.76 13.08
C ALA C 102 -26.57 23.00 12.45
N LEU C 103 -25.82 22.79 11.36
CA LEU C 103 -25.18 23.86 10.65
C LEU C 103 -26.17 24.87 10.11
N GLN C 104 -27.45 24.50 10.10
CA GLN C 104 -28.49 25.39 9.62
C GLN C 104 -29.05 26.25 10.73
N THR C 105 -29.77 25.64 11.66
CA THR C 105 -30.36 26.37 12.76
C THR C 105 -29.31 27.17 13.53
N SER C 106 -28.04 26.89 13.25
CA SER C 106 -26.96 27.60 13.92
C SER C 106 -27.00 29.07 13.52
N GLY C 107 -27.47 29.33 12.30
CA GLY C 107 -27.54 30.69 11.81
C GLY C 107 -26.22 31.10 11.21
N ARG C 108 -25.15 30.40 11.58
CA ARG C 108 -23.82 30.71 11.09
C ARG C 108 -23.78 30.69 9.56
N PRO C 109 -22.78 31.37 8.96
CA PRO C 109 -22.64 31.45 7.50
C PRO C 109 -22.43 30.11 6.80
N ILE C 110 -23.19 29.87 5.73
CA ILE C 110 -23.08 28.65 4.96
C ILE C 110 -22.46 28.99 3.61
N THR C 111 -21.24 28.51 3.39
CA THR C 111 -20.55 28.79 2.14
C THR C 111 -19.87 27.53 1.59
N PRO C 112 -19.32 27.60 0.37
CA PRO C 112 -18.66 26.43 -0.20
C PRO C 112 -17.64 25.82 0.76
N GLY C 113 -16.98 26.69 1.52
CA GLY C 113 -16.00 26.22 2.49
C GLY C 113 -16.63 25.52 3.67
N THR C 114 -17.73 26.05 4.18
CA THR C 114 -18.40 25.42 5.32
C THR C 114 -18.79 24.00 4.92
N LEU C 115 -19.43 23.88 3.75
CA LEU C 115 -19.84 22.57 3.26
C LEU C 115 -18.63 21.69 3.01
N ARG C 116 -17.56 22.30 2.52
CA ARG C 116 -16.32 21.57 2.24
C ARG C 116 -15.81 20.90 3.51
N GLN C 117 -15.79 21.65 4.61
CA GLN C 117 -15.33 21.12 5.88
C GLN C 117 -16.27 20.01 6.36
N LEU C 118 -17.57 20.23 6.18
CA LEU C 118 -18.55 19.21 6.56
C LEU C 118 -18.15 17.91 5.87
N ALA C 119 -17.90 17.99 4.57
CA ALA C 119 -17.52 16.83 3.76
C ALA C 119 -16.21 16.16 4.18
N ILE C 120 -15.24 16.96 4.57
CA ILE C 120 -13.95 16.42 4.99
C ILE C 120 -14.12 15.69 6.33
N THR C 121 -14.92 16.27 7.22
CA THR C 121 -15.16 15.68 8.53
C THR C 121 -15.77 14.28 8.48
N HIS C 122 -16.63 14.04 7.49
CA HIS C 122 -17.32 12.77 7.37
C HIS C 122 -16.82 11.88 6.23
N HIS C 123 -15.78 12.34 5.56
CA HIS C 123 -15.18 11.61 4.45
C HIS C 123 -16.16 11.33 3.32
N VAL C 124 -17.12 12.23 3.11
CA VAL C 124 -18.09 12.14 2.02
C VAL C 124 -17.54 13.17 1.03
N LEU C 125 -16.45 12.82 0.35
CA LEU C 125 -15.77 13.75 -0.57
C LEU C 125 -15.79 13.39 -2.04
N SER C 126 -16.38 12.25 -2.38
CA SER C 126 -16.45 11.82 -3.76
C SER C 126 -17.38 12.75 -4.53
N GLY C 127 -17.17 12.83 -5.84
CA GLY C 127 -17.99 13.70 -6.67
C GLY C 127 -18.04 13.21 -8.11
N LYS C 128 -18.60 14.04 -9.00
CA LYS C 128 -18.72 13.64 -10.39
C LYS C 128 -18.61 14.77 -11.41
N TRP C 129 -18.07 14.43 -12.57
CA TRP C 129 -17.96 15.35 -13.69
C TRP C 129 -19.23 15.05 -14.50
N LEU C 130 -19.98 16.09 -14.84
CA LEU C 130 -21.21 15.93 -15.62
C LEU C 130 -21.12 16.58 -17.00
N MSE C 131 -21.79 15.99 -17.97
CA MSE C 131 -21.81 16.51 -19.33
C MSE C 131 -23.11 16.06 -19.98
O MSE C 131 -23.56 14.95 -19.75
CB MSE C 131 -20.60 16.00 -20.11
CG MSE C 131 -20.57 14.49 -20.31
SE MSE C 131 -18.80 13.80 -20.72
CE MSE C 131 -18.20 13.47 -18.92
N HIS C 132 -23.69 16.95 -20.79
CA HIS C 132 -24.96 16.66 -21.45
C HIS C 132 -24.77 16.74 -22.96
N LEU C 133 -24.46 15.60 -23.56
CA LEU C 133 -24.22 15.55 -25.00
C LEU C 133 -25.47 15.47 -25.86
N ALA C 134 -25.26 15.74 -27.15
CA ALA C 134 -26.31 15.69 -28.15
C ALA C 134 -26.67 14.24 -28.41
N PRO C 135 -27.97 13.90 -28.42
CA PRO C 135 -28.40 12.53 -28.67
C PRO C 135 -27.90 12.06 -30.03
N GLY C 136 -27.72 10.76 -30.19
CA GLY C 136 -27.24 10.22 -31.44
C GLY C 136 -25.84 9.66 -31.39
N PHE C 137 -25.19 9.68 -32.54
CA PHE C 137 -23.85 9.15 -32.68
C PHE C 137 -22.78 9.82 -31.84
N LYS C 138 -22.89 11.12 -31.58
CA LYS C 138 -21.90 11.81 -30.78
C LYS C 138 -21.95 11.32 -29.32
N LEU C 139 -23.16 11.29 -28.74
CA LEU C 139 -23.30 10.83 -27.37
C LEU C 139 -22.77 9.39 -27.28
N ASP C 140 -23.15 8.55 -28.24
CA ASP C 140 -22.70 7.16 -28.21
C ASP C 140 -21.19 7.07 -28.38
N HIS C 141 -20.67 7.78 -29.37
CA HIS C 141 -19.23 7.77 -29.61
C HIS C 141 -18.52 8.22 -28.35
N ALA C 142 -19.08 9.23 -27.69
CA ALA C 142 -18.50 9.77 -26.46
C ALA C 142 -18.46 8.70 -25.38
N TRP C 143 -19.62 8.08 -25.13
CA TRP C 143 -19.74 7.04 -24.13
C TRP C 143 -18.74 5.91 -24.33
N ALA C 144 -18.53 5.54 -25.60
CA ALA C 144 -17.58 4.49 -25.95
C ALA C 144 -16.17 4.83 -25.46
N GLY C 145 -15.79 6.10 -25.57
CA GLY C 145 -14.48 6.52 -25.11
C GLY C 145 -14.37 6.58 -23.60
N ILE C 146 -15.45 7.00 -22.94
CA ILE C 146 -15.46 7.06 -21.50
C ILE C 146 -15.36 5.63 -20.96
N ALA C 147 -16.12 4.72 -21.56
CA ALA C 147 -16.12 3.33 -21.14
C ALA C 147 -14.73 2.74 -21.30
N ARG C 148 -14.12 2.95 -22.47
CA ARG C 148 -12.79 2.44 -22.72
C ARG C 148 -11.82 2.94 -21.63
N ALA C 149 -11.87 4.23 -21.34
CA ALA C 149 -10.99 4.80 -20.30
C ALA C 149 -11.14 4.12 -18.92
N VAL C 150 -12.38 3.84 -18.52
CA VAL C 150 -12.66 3.19 -17.23
C VAL C 150 -12.06 1.78 -17.25
N VAL C 151 -12.18 1.09 -18.37
CA VAL C 151 -11.65 -0.25 -18.48
C VAL C 151 -10.11 -0.26 -18.50
N GLU C 152 -9.51 0.72 -19.15
CA GLU C 152 -8.04 0.79 -19.20
C GLU C 152 -7.46 1.28 -17.89
N GLY C 153 -8.34 1.70 -16.98
CA GLY C 153 -7.91 2.16 -15.66
C GLY C 153 -7.66 3.67 -15.54
N ARG C 154 -8.12 4.45 -16.50
CA ARG C 154 -7.92 5.89 -16.44
C ARG C 154 -9.16 6.59 -15.90
N LEU C 155 -10.09 5.77 -15.41
CA LEU C 155 -11.34 6.23 -14.80
C LEU C 155 -11.83 5.07 -13.95
N GLN C 156 -12.50 5.37 -12.85
CA GLN C 156 -12.96 4.33 -11.93
C GLN C 156 -14.37 3.82 -12.23
N VAL C 157 -15.28 4.73 -12.53
CA VAL C 157 -16.66 4.35 -12.85
C VAL C 157 -17.29 5.46 -13.70
N ALA C 158 -18.31 5.11 -14.46
CA ALA C 158 -18.99 6.07 -15.32
C ALA C 158 -20.40 5.60 -15.66
N LYS C 159 -21.36 6.52 -15.59
CA LYS C 159 -22.74 6.19 -15.91
C LYS C 159 -23.28 7.10 -17.02
N VAL C 160 -24.20 6.56 -17.81
CA VAL C 160 -24.84 7.34 -18.85
C VAL C 160 -26.34 7.02 -18.82
N SER C 161 -27.15 8.06 -18.71
CA SER C 161 -28.59 7.88 -18.67
C SER C 161 -29.12 7.30 -19.98
N PRO C 162 -30.19 6.48 -19.91
CA PRO C 162 -30.79 5.86 -21.09
C PRO C 162 -31.68 6.86 -21.83
N ARG C 163 -32.28 6.42 -22.94
CA ARG C 163 -33.16 7.29 -23.72
C ARG C 163 -34.58 7.35 -23.16
N ALA C 164 -35.28 8.42 -23.50
CA ALA C 164 -36.66 8.61 -23.06
C ALA C 164 -37.60 8.27 -24.21
N LYS C 165 -38.83 7.90 -23.87
CA LYS C 165 -39.85 7.57 -24.87
C LYS C 165 -40.02 8.77 -25.80
N GLU C 166 -39.62 9.95 -25.33
CA GLU C 166 -39.71 11.18 -26.11
C GLU C 166 -38.31 11.74 -26.31
N GLY C 167 -37.36 10.84 -26.50
CA GLY C 167 -35.98 11.25 -26.71
C GLY C 167 -35.62 12.35 -25.74
N GLY C 168 -34.77 13.27 -26.17
CA GLY C 168 -34.39 14.37 -25.31
C GLY C 168 -32.95 14.37 -24.87
N ARG C 169 -32.66 15.19 -23.85
CA ARG C 169 -31.32 15.35 -23.32
C ARG C 169 -30.86 14.19 -22.43
N GLN C 170 -29.62 13.75 -22.66
CA GLN C 170 -29.02 12.66 -21.88
C GLN C 170 -27.70 13.11 -21.27
N VAL C 171 -27.33 12.51 -20.13
CA VAL C 171 -26.10 12.89 -19.46
C VAL C 171 -25.10 11.77 -19.16
N ILE C 172 -23.81 12.08 -19.30
CA ILE C 172 -22.74 11.12 -18.96
C ILE C 172 -22.13 11.70 -17.67
N CYS C 173 -21.93 10.84 -16.69
CA CYS C 173 -21.38 11.27 -15.41
C CYS C 173 -20.12 10.50 -15.06
N VAL C 174 -19.05 11.23 -14.76
CA VAL C 174 -17.77 10.60 -14.39
C VAL C 174 -17.45 10.96 -12.94
N TYR C 175 -17.41 9.95 -12.07
CA TYR C 175 -17.16 10.14 -10.64
C TYR C 175 -15.70 10.17 -10.21
N THR C 176 -15.43 10.95 -9.18
CA THR C 176 -14.08 11.06 -8.61
C THR C 176 -14.31 10.98 -7.10
N ASP C 177 -13.57 10.12 -6.44
CA ASP C 177 -13.74 9.90 -5.00
C ASP C 177 -13.20 10.93 -4.03
N ASP C 178 -12.88 12.12 -4.51
CA ASP C 178 -12.36 13.14 -3.62
C ASP C 178 -12.24 14.48 -4.33
N PHE C 179 -13.28 15.30 -4.21
CA PHE C 179 -13.26 16.59 -4.90
C PHE C 179 -12.19 17.52 -4.35
N THR C 180 -11.45 17.06 -3.35
CA THR C 180 -10.39 17.86 -2.76
C THR C 180 -9.04 17.55 -3.39
N ASP C 181 -8.96 16.49 -4.17
CA ASP C 181 -7.70 16.15 -4.84
C ASP C 181 -7.70 16.77 -6.24
N ARG C 182 -7.45 18.07 -6.29
CA ARG C 182 -7.46 18.80 -7.55
C ARG C 182 -6.83 18.13 -8.76
N LEU C 183 -5.67 17.50 -8.60
CA LEU C 183 -5.03 16.84 -9.73
C LEU C 183 -5.91 15.71 -10.25
N GLY C 184 -6.45 14.91 -9.33
CA GLY C 184 -7.31 13.81 -9.72
C GLY C 184 -8.52 14.30 -10.49
N VAL C 185 -9.06 15.43 -10.05
CA VAL C 185 -10.22 16.03 -10.71
C VAL C 185 -9.78 16.45 -12.11
N LEU C 186 -8.55 16.94 -12.23
CA LEU C 186 -8.04 17.36 -13.54
C LEU C 186 -7.69 16.18 -14.45
N GLU C 187 -7.05 15.16 -13.88
CA GLU C 187 -6.69 13.98 -14.67
C GLU C 187 -7.94 13.33 -15.24
N ALA C 188 -9.05 13.42 -14.50
CA ALA C 188 -10.31 12.85 -14.96
C ALA C 188 -10.75 13.63 -16.20
N ASP C 189 -10.51 14.95 -16.18
CA ASP C 189 -10.84 15.83 -17.29
C ASP C 189 -10.01 15.49 -18.53
N SER C 190 -8.75 15.10 -18.33
CA SER C 190 -7.90 14.75 -19.45
C SER C 190 -8.40 13.53 -20.19
N ALA C 191 -8.82 12.52 -19.44
CA ALA C 191 -9.32 11.29 -20.05
C ALA C 191 -10.62 11.61 -20.78
N ILE C 192 -11.49 12.39 -20.16
CA ILE C 192 -12.76 12.76 -20.78
C ILE C 192 -12.51 13.47 -22.11
N ARG C 193 -11.56 14.41 -22.13
CA ARG C 193 -11.27 15.13 -23.36
C ARG C 193 -10.61 14.16 -24.36
N ALA C 194 -9.90 13.18 -23.84
CA ALA C 194 -9.22 12.19 -24.68
C ALA C 194 -10.24 11.33 -25.41
N ALA C 195 -11.49 11.36 -24.94
CA ALA C 195 -12.54 10.60 -25.58
C ALA C 195 -13.14 11.50 -26.67
N GLY C 196 -12.57 12.69 -26.82
CA GLY C 196 -13.03 13.62 -27.82
C GLY C 196 -14.19 14.47 -27.34
N ILE C 197 -14.42 14.50 -26.03
CA ILE C 197 -15.51 15.28 -25.48
C ILE C 197 -15.16 16.75 -25.29
N LYS C 198 -15.86 17.60 -26.05
CA LYS C 198 -15.61 19.04 -26.03
C LYS C 198 -16.68 19.87 -25.33
N CYS C 199 -17.62 19.18 -24.69
CA CYS C 199 -18.72 19.82 -24.00
C CYS C 199 -18.30 20.45 -22.69
N LEU C 200 -19.15 21.33 -22.16
CA LEU C 200 -18.88 22.00 -20.90
C LEU C 200 -19.02 21.00 -19.75
N LEU C 201 -17.90 20.64 -19.13
CA LEU C 201 -17.93 19.70 -18.03
C LEU C 201 -18.12 20.43 -16.71
N THR C 202 -19.12 20.02 -15.94
CA THR C 202 -19.40 20.61 -14.64
C THR C 202 -19.21 19.54 -13.58
N TYR C 203 -18.63 19.93 -12.46
CA TYR C 203 -18.36 18.99 -11.39
C TYR C 203 -19.27 19.17 -10.18
N LYS C 204 -20.01 18.11 -9.85
CA LYS C 204 -20.93 18.10 -8.72
C LYS C 204 -20.49 17.16 -7.59
N PRO C 205 -20.23 17.71 -6.39
CA PRO C 205 -19.81 16.91 -5.23
C PRO C 205 -21.00 16.16 -4.65
N ASP C 206 -20.79 14.92 -4.21
CA ASP C 206 -21.91 14.17 -3.64
C ASP C 206 -22.55 14.87 -2.44
N VAL C 207 -21.76 15.61 -1.68
CA VAL C 207 -22.26 16.32 -0.52
C VAL C 207 -23.51 17.17 -0.81
N TYR C 208 -23.51 17.91 -1.92
CA TYR C 208 -24.69 18.71 -2.23
C TYR C 208 -25.90 17.80 -2.51
N THR C 209 -25.68 16.78 -3.34
CA THR C 209 -26.73 15.84 -3.68
C THR C 209 -27.33 15.25 -2.40
N TYR C 210 -26.46 14.80 -1.50
CA TYR C 210 -26.92 14.23 -0.24
C TYR C 210 -27.66 15.25 0.61
N LEU C 211 -27.22 16.51 0.56
CA LEU C 211 -27.84 17.56 1.34
C LEU C 211 -28.84 18.36 0.54
N GLY C 212 -29.24 17.82 -0.61
CA GLY C 212 -30.20 18.50 -1.47
C GLY C 212 -29.87 19.96 -1.74
N ILE C 213 -28.75 20.18 -2.43
CA ILE C 213 -28.32 21.53 -2.76
C ILE C 213 -28.26 21.68 -4.28
N TYR C 214 -29.35 22.19 -4.85
CA TYR C 214 -29.45 22.37 -6.29
C TYR C 214 -29.60 23.85 -6.64
N ARG C 215 -29.30 24.20 -7.88
CA ARG C 215 -29.40 25.59 -8.36
C ARG C 215 -30.70 26.21 -7.86
N ALA C 216 -30.64 27.48 -7.47
CA ALA C 216 -31.81 28.18 -6.97
C ALA C 216 -32.26 27.56 -5.64
N ASN C 217 -31.35 27.55 -4.68
CA ASN C 217 -31.61 27.00 -3.36
C ASN C 217 -31.55 28.10 -2.30
N ARG C 218 -32.24 27.86 -1.18
CA ARG C 218 -32.31 28.80 -0.07
C ARG C 218 -31.05 29.64 0.14
N TRP C 219 -29.91 28.96 0.24
CA TRP C 219 -28.63 29.61 0.48
C TRP C 219 -27.99 30.26 -0.75
N HIS C 220 -28.57 30.03 -1.92
CA HIS C 220 -28.03 30.57 -3.15
C HIS C 220 -26.60 30.08 -3.40
N LEU C 221 -26.36 28.81 -3.07
CA LEU C 221 -25.06 28.21 -3.31
C LEU C 221 -25.09 27.59 -4.70
N CYS C 222 -24.04 27.79 -5.48
CA CYS C 222 -24.02 27.19 -6.81
C CYS C 222 -23.99 25.70 -6.58
N PRO C 223 -24.88 24.95 -7.25
CA PRO C 223 -24.93 23.50 -7.09
C PRO C 223 -23.77 22.78 -7.77
N THR C 224 -22.91 23.56 -8.41
CA THR C 224 -21.74 23.05 -9.12
C THR C 224 -20.51 23.63 -8.45
N LEU C 225 -19.43 22.88 -8.43
CA LEU C 225 -18.19 23.34 -7.81
C LEU C 225 -17.09 23.69 -8.83
N TYR C 226 -16.84 22.79 -9.77
CA TYR C 226 -15.82 23.01 -10.79
C TYR C 226 -16.46 23.10 -12.17
N GLU C 227 -15.81 23.85 -13.05
CA GLU C 227 -16.28 24.03 -14.42
C GLU C 227 -15.11 23.74 -15.37
N SER C 228 -15.42 23.15 -16.52
CA SER C 228 -14.39 22.88 -17.50
C SER C 228 -14.88 23.19 -18.91
N ARG C 229 -14.47 24.35 -19.41
CA ARG C 229 -14.81 24.81 -20.74
C ARG C 229 -13.68 24.39 -21.67
N PHE C 230 -14.02 23.69 -22.76
CA PHE C 230 -12.99 23.27 -23.68
C PHE C 230 -12.68 24.41 -24.66
N GLN C 231 -11.40 24.57 -24.95
CA GLN C 231 -10.93 25.62 -25.83
C GLN C 231 -10.27 25.06 -27.07
N LEU C 232 -10.83 25.41 -28.23
CA LEU C 232 -10.34 24.98 -29.54
C LEU C 232 -9.45 26.05 -30.20
N GLY C 233 -8.89 25.72 -31.36
CA GLY C 233 -8.08 26.68 -32.10
C GLY C 233 -6.58 26.50 -32.06
N GLY C 234 -6.09 25.65 -31.16
CA GLY C 234 -4.66 25.44 -31.07
C GLY C 234 -3.94 26.70 -30.63
N SER C 235 -4.68 27.60 -29.99
CA SER C 235 -4.09 28.85 -29.51
C SER C 235 -4.51 29.10 -28.06
N ALA C 236 -4.89 28.02 -27.38
CA ALA C 236 -5.31 28.05 -25.99
C ALA C 236 -5.20 26.64 -25.41
N ARG C 237 -4.91 26.54 -24.13
CA ARG C 237 -4.80 25.24 -23.48
C ARG C 237 -6.14 24.52 -23.64
N GLY C 238 -6.07 23.22 -23.93
CA GLY C 238 -7.29 22.44 -24.11
C GLY C 238 -8.40 22.84 -23.17
N SER C 239 -8.32 22.40 -21.93
CA SER C 239 -9.35 22.73 -20.95
C SER C 239 -9.02 23.99 -20.14
N ARG C 240 -10.02 24.52 -19.45
CA ARG C 240 -9.88 25.69 -18.60
C ARG C 240 -10.80 25.44 -17.41
N VAL C 241 -10.22 24.91 -16.33
CA VAL C 241 -10.99 24.59 -15.14
C VAL C 241 -11.04 25.74 -14.15
N LEU C 242 -12.24 26.19 -13.86
CA LEU C 242 -12.45 27.30 -12.93
C LEU C 242 -13.10 26.80 -11.65
N ASP C 243 -13.19 27.67 -10.65
CA ASP C 243 -13.82 27.33 -9.38
C ASP C 243 -14.79 28.41 -8.95
N ARG C 244 -15.97 27.99 -8.49
CA ARG C 244 -17.01 28.90 -8.05
C ARG C 244 -16.54 29.93 -7.03
N ALA C 245 -15.95 29.47 -5.94
CA ALA C 245 -15.47 30.35 -4.88
C ALA C 245 -14.01 30.74 -5.08
N ASN C 246 -13.10 29.86 -4.67
CA ASN C 246 -11.67 30.09 -4.78
C ASN C 246 -11.25 30.88 -6.02
N ASN C 247 -11.98 30.71 -7.12
CA ASN C 247 -11.68 31.40 -8.36
C ASN C 247 -10.24 31.18 -8.77
N VAL C 248 -9.84 29.93 -8.85
CA VAL C 248 -8.48 29.59 -9.25
C VAL C 248 -8.47 28.65 -10.45
N GLU C 249 -7.96 29.15 -11.57
CA GLU C 249 -7.89 28.36 -12.79
C GLU C 249 -6.85 27.26 -12.66
N LEU C 250 -7.33 26.03 -12.51
CA LEU C 250 -6.45 24.88 -12.37
C LEU C 250 -5.60 24.65 -13.62
N GLU A 17 23.15 -3.94 50.55
CA GLU A 17 21.72 -3.69 50.23
C GLU A 17 21.58 -2.64 49.14
N ASP A 18 22.44 -2.71 48.13
CA ASP A 18 22.44 -1.76 47.03
C ASP A 18 21.17 -1.79 46.18
N GLY A 19 20.52 -2.95 46.13
CA GLY A 19 19.31 -3.07 45.35
C GLY A 19 18.24 -2.16 45.89
N PHE A 20 18.41 -1.75 47.15
CA PHE A 20 17.47 -0.87 47.81
C PHE A 20 17.82 0.61 47.66
N THR A 21 18.90 0.91 46.96
CA THR A 21 19.32 2.30 46.77
C THR A 21 18.43 3.04 45.78
N ALA A 22 18.46 4.37 45.86
CA ALA A 22 17.68 5.21 44.96
C ALA A 22 18.12 4.98 43.51
N GLU A 23 19.43 5.04 43.27
CA GLU A 23 19.99 4.84 41.94
C GLU A 23 19.50 3.54 41.30
N HIS A 24 19.55 2.44 42.06
CA HIS A 24 19.12 1.14 41.55
C HIS A 24 17.60 1.02 41.40
N LEU A 25 16.86 1.25 42.49
CA LEU A 25 15.39 1.16 42.44
C LEU A 25 14.77 2.00 41.34
N ALA A 26 15.50 3.03 40.90
CA ALA A 26 14.99 3.90 39.85
C ALA A 26 14.97 3.16 38.51
N ALA A 27 16.06 2.47 38.20
CA ALA A 27 16.17 1.73 36.95
C ALA A 27 15.37 0.44 37.00
N GLU A 28 15.12 -0.04 38.21
CA GLU A 28 14.39 -1.28 38.39
C GLU A 28 12.90 -1.09 38.12
N ALA A 29 12.45 0.16 38.15
CA ALA A 29 11.04 0.47 37.93
C ALA A 29 10.72 1.04 36.55
N MSE A 30 11.73 1.15 35.69
CA MSE A 30 11.52 1.69 34.36
C MSE A 30 10.81 0.72 33.41
O MSE A 30 10.97 -0.50 33.51
CB MSE A 30 12.86 2.12 33.75
CG MSE A 30 13.53 3.30 34.45
SE MSE A 30 12.51 4.96 34.39
CE MSE A 30 13.12 5.66 32.69
N ALA A 31 10.01 1.30 32.51
CA ALA A 31 9.26 0.53 31.52
C ALA A 31 9.07 1.40 30.28
N ALA A 32 8.90 0.76 29.13
CA ALA A 32 8.71 1.49 27.87
C ALA A 32 7.40 2.28 27.89
N ASP A 33 6.32 1.66 28.33
CA ASP A 33 5.01 2.31 28.41
C ASP A 33 4.55 2.42 29.86
N MSE A 34 4.82 3.57 30.46
CA MSE A 34 4.47 3.80 31.86
C MSE A 34 3.17 4.58 32.01
O MSE A 34 2.78 4.93 33.14
CB MSE A 34 5.61 4.55 32.54
CG MSE A 34 6.99 3.96 32.27
SE MSE A 34 8.37 4.68 33.45
CE MSE A 34 8.03 3.54 34.97
N ASP A 35 2.49 4.84 30.91
CA ASP A 35 1.27 5.62 30.92
C ASP A 35 -0.05 4.84 30.98
N PRO A 36 -1.16 5.56 31.22
CA PRO A 36 -2.45 4.87 31.27
C PRO A 36 -2.86 4.35 29.89
N TRP A 37 -4.00 3.66 29.83
CA TRP A 37 -4.52 3.07 28.60
C TRP A 37 -6.02 3.31 28.39
N LEU A 38 -6.41 4.10 27.40
CA LEU A 38 -7.85 4.28 27.16
C LEU A 38 -8.42 2.90 26.86
N VAL A 39 -8.94 2.26 27.89
CA VAL A 39 -9.44 0.92 27.78
C VAL A 39 -10.92 0.70 28.04
N PHE A 40 -11.66 0.36 26.99
CA PHE A 40 -13.08 0.09 27.12
C PHE A 40 -13.24 -1.37 27.55
N ASP A 41 -14.05 -1.62 28.57
CA ASP A 41 -14.26 -2.98 29.05
C ASP A 41 -15.71 -3.42 28.89
N ALA A 42 -15.95 -4.37 27.98
CA ALA A 42 -17.31 -4.86 27.72
C ALA A 42 -17.86 -5.67 28.90
N ARG A 43 -17.00 -5.97 29.87
CA ARG A 43 -17.39 -6.73 31.05
C ARG A 43 -17.95 -5.80 32.13
N THR A 44 -17.04 -5.08 32.77
CA THR A 44 -17.41 -4.14 33.83
C THR A 44 -18.38 -3.09 33.30
N THR A 45 -18.49 -2.98 31.98
CA THR A 45 -19.36 -1.99 31.36
C THR A 45 -20.30 -2.64 30.33
N PRO A 46 -21.60 -2.32 30.41
CA PRO A 46 -22.61 -2.85 29.49
C PRO A 46 -22.33 -2.47 28.04
N ALA A 47 -22.52 -3.42 27.14
CA ALA A 47 -22.28 -3.19 25.71
C ALA A 47 -22.95 -1.93 25.20
N THR A 48 -24.22 -1.74 25.55
CA THR A 48 -24.98 -0.59 25.09
C THR A 48 -24.22 0.72 25.24
N GLU A 49 -23.42 0.83 26.29
CA GLU A 49 -22.63 2.03 26.53
C GLU A 49 -21.27 1.91 25.85
N LEU A 50 -21.21 2.33 24.59
CA LEU A 50 -19.99 2.28 23.80
C LEU A 50 -19.87 3.45 22.81
N ASP A 51 -20.73 3.48 21.80
CA ASP A 51 -20.68 4.54 20.80
C ASP A 51 -20.39 5.95 21.35
N ALA A 52 -20.70 6.19 22.63
CA ALA A 52 -20.42 7.50 23.21
C ALA A 52 -18.93 7.60 23.57
N TRP A 53 -18.40 6.55 24.16
CA TRP A 53 -16.99 6.50 24.55
C TRP A 53 -16.11 6.82 23.33
N LEU A 54 -16.36 6.14 22.21
CA LEU A 54 -15.59 6.36 21.00
C LEU A 54 -15.77 7.79 20.48
N ALA A 55 -17.02 8.23 20.41
CA ALA A 55 -17.34 9.56 19.93
C ALA A 55 -16.42 10.56 20.60
N LYS A 56 -16.07 10.29 21.84
CA LYS A 56 -15.19 11.17 22.60
C LYS A 56 -13.71 10.81 22.45
N TYR A 57 -13.42 9.52 22.38
CA TYR A 57 -12.03 9.06 22.30
C TYR A 57 -11.57 8.46 20.98
N PRO A 58 -11.68 9.20 19.88
CA PRO A 58 -11.23 8.62 18.61
C PRO A 58 -9.70 8.67 18.51
N PRO A 59 -9.08 7.68 17.85
CA PRO A 59 -7.61 7.70 17.73
C PRO A 59 -7.04 8.85 16.92
N SER A 60 -7.87 9.48 16.09
CA SER A 60 -7.40 10.61 15.28
C SER A 60 -7.27 11.85 16.16
N GLN A 61 -8.00 11.83 17.27
CA GLN A 61 -8.02 12.93 18.22
C GLN A 61 -7.21 12.63 19.48
N VAL A 62 -7.36 11.42 20.02
CA VAL A 62 -6.65 11.00 21.23
C VAL A 62 -5.16 11.04 20.90
N THR A 63 -4.40 11.82 21.66
CA THR A 63 -2.98 11.96 21.41
C THR A 63 -2.06 11.22 22.37
N ARG A 64 -1.17 10.41 21.80
CA ARG A 64 -0.20 9.64 22.56
C ARG A 64 0.30 10.35 23.82
N TYR A 65 0.60 11.64 23.70
CA TYR A 65 1.12 12.36 24.86
C TYR A 65 0.18 13.42 25.47
N GLY A 66 -1.09 13.41 25.05
CA GLY A 66 -2.05 14.36 25.59
C GLY A 66 -1.88 15.79 25.14
N ASP A 67 -1.81 16.00 23.82
CA ASP A 67 -1.64 17.34 23.26
C ASP A 67 -2.62 18.35 23.85
N PRO A 68 -2.10 19.50 24.29
CA PRO A 68 -2.93 20.56 24.88
C PRO A 68 -3.90 21.04 23.81
N GLY A 69 -5.07 20.40 23.73
CA GLY A 69 -6.07 20.76 22.74
C GLY A 69 -6.72 19.54 22.15
N SER A 70 -6.86 18.50 22.97
CA SER A 70 -7.47 17.24 22.56
C SER A 70 -8.30 16.65 23.71
N PRO A 71 -8.87 15.45 23.51
CA PRO A 71 -9.66 14.87 24.61
C PRO A 71 -8.85 14.43 25.83
N ASN A 72 -7.62 13.98 25.62
CA ASN A 72 -6.79 13.55 26.75
C ASN A 72 -5.71 14.56 27.13
N SER A 73 -5.70 14.95 28.40
CA SER A 73 -4.72 15.92 28.90
C SER A 73 -3.51 15.19 29.48
N GLU A 74 -3.62 13.86 29.56
CA GLU A 74 -2.56 13.01 30.08
C GLU A 74 -2.09 12.10 28.96
N PRO A 75 -0.79 11.74 28.95
CA PRO A 75 -0.31 10.87 27.88
C PRO A 75 -1.04 9.52 27.95
N VAL A 76 -1.32 8.95 26.79
CA VAL A 76 -1.99 7.67 26.68
C VAL A 76 -1.11 6.77 25.80
N GLY A 77 -0.76 5.61 26.36
CA GLY A 77 0.08 4.67 25.64
C GLY A 77 -0.67 3.83 24.65
N TRP A 78 -1.93 3.51 24.97
CA TRP A 78 -2.78 2.70 24.11
C TRP A 78 -4.26 2.93 24.42
N ILE A 79 -5.08 2.74 23.40
CA ILE A 79 -6.54 2.81 23.49
C ILE A 79 -6.86 1.34 23.23
N ALA A 80 -7.64 0.72 24.12
CA ALA A 80 -7.95 -0.68 23.97
C ALA A 80 -9.38 -1.02 24.31
N VAL A 81 -9.83 -2.15 23.76
CA VAL A 81 -11.18 -2.67 24.00
C VAL A 81 -11.04 -4.14 24.34
N TYR A 82 -11.58 -4.53 25.50
CA TYR A 82 -11.52 -5.91 25.96
C TYR A 82 -12.86 -6.61 25.78
N GLY A 83 -12.84 -7.72 25.04
CA GLY A 83 -14.06 -8.46 24.81
C GLY A 83 -14.48 -9.27 26.01
N GLN A 84 -15.69 -9.79 25.99
CA GLN A 84 -16.15 -10.59 27.11
C GLN A 84 -15.36 -11.88 27.09
N GLY A 85 -15.38 -12.61 28.20
CA GLY A 85 -14.64 -13.85 28.26
C GLY A 85 -13.14 -13.59 28.22
N TYR A 86 -12.76 -12.32 28.24
CA TYR A 86 -11.34 -11.97 28.22
C TYR A 86 -10.66 -12.30 29.53
N SER A 87 -9.44 -12.85 29.42
CA SER A 87 -8.66 -13.22 30.59
C SER A 87 -7.21 -13.46 30.19
N PRO A 88 -6.26 -12.90 30.96
CA PRO A 88 -4.84 -13.09 30.66
C PRO A 88 -4.39 -14.50 30.98
N ASN A 89 -3.40 -14.99 30.24
CA ASN A 89 -2.86 -16.32 30.47
C ASN A 89 -1.75 -16.68 29.49
N SER A 90 -0.59 -16.03 29.64
CA SER A 90 0.54 -16.31 28.76
C SER A 90 1.09 -17.69 29.11
N GLY A 91 1.85 -18.27 28.20
CA GLY A 91 2.44 -19.57 28.49
C GLY A 91 3.51 -19.35 29.53
N ASP A 92 4.76 -19.56 29.14
CA ASP A 92 5.88 -19.36 30.05
C ASP A 92 6.98 -18.62 29.33
N VAL A 93 6.97 -17.31 29.42
CA VAL A 93 7.98 -16.50 28.75
C VAL A 93 9.35 -16.75 29.35
N GLN A 94 9.39 -17.15 30.62
CA GLN A 94 10.65 -17.43 31.29
C GLN A 94 11.38 -18.59 30.62
N GLY A 95 10.72 -19.76 30.57
CA GLY A 95 11.33 -20.91 29.93
C GLY A 95 11.68 -20.64 28.49
N LEU A 96 10.80 -19.93 27.78
CA LEU A 96 11.03 -19.59 26.37
C LEU A 96 12.33 -18.83 26.23
N GLN A 97 12.39 -17.66 26.88
CA GLN A 97 13.58 -16.82 26.82
C GLN A 97 14.84 -17.59 27.22
N ALA A 98 14.67 -18.59 28.09
CA ALA A 98 15.79 -19.41 28.52
C ALA A 98 16.17 -20.31 27.38
N ALA A 99 15.22 -21.12 26.92
CA ALA A 99 15.44 -22.03 25.80
C ALA A 99 15.97 -21.27 24.59
N TRP A 100 15.36 -20.11 24.32
CA TRP A 100 15.76 -19.29 23.19
C TRP A 100 17.26 -19.03 23.20
N GLU A 101 17.76 -18.40 24.26
CA GLU A 101 19.17 -18.08 24.37
C GLU A 101 20.04 -19.33 24.28
N ALA A 102 19.50 -20.47 24.68
CA ALA A 102 20.24 -21.73 24.64
C ALA A 102 20.56 -22.11 23.19
N LEU A 103 19.63 -21.82 22.28
CA LEU A 103 19.82 -22.14 20.87
C LEU A 103 21.02 -21.38 20.32
N GLN A 104 21.19 -20.14 20.75
CA GLN A 104 22.30 -19.32 20.30
C GLN A 104 23.62 -20.03 20.57
N THR A 105 23.70 -20.75 21.68
CA THR A 105 24.90 -21.48 22.04
C THR A 105 24.93 -22.81 21.30
N SER A 106 23.80 -23.51 21.30
CA SER A 106 23.67 -24.79 20.64
C SER A 106 24.22 -24.77 19.22
N GLY A 107 24.18 -23.60 18.59
CA GLY A 107 24.66 -23.48 17.23
C GLY A 107 23.74 -24.17 16.24
N ARG A 108 22.78 -24.91 16.77
CA ARG A 108 21.81 -25.64 15.95
C ARG A 108 21.06 -24.68 15.03
N PRO A 109 20.24 -25.21 14.11
CA PRO A 109 19.48 -24.39 13.18
C PRO A 109 18.19 -23.83 13.78
N ILE A 110 17.98 -22.52 13.61
CA ILE A 110 16.79 -21.86 14.13
C ILE A 110 15.89 -21.42 12.96
N THR A 111 14.71 -22.00 12.89
CA THR A 111 13.76 -21.69 11.83
C THR A 111 12.37 -21.42 12.40
N PRO A 112 11.41 -21.01 11.54
CA PRO A 112 10.06 -20.75 12.05
C PRO A 112 9.53 -22.01 12.73
N GLY A 113 10.14 -23.14 12.38
CA GLY A 113 9.74 -24.40 12.96
C GLY A 113 10.23 -24.57 14.38
N THR A 114 11.34 -23.92 14.71
CA THR A 114 11.89 -24.02 16.05
C THR A 114 11.07 -23.20 17.03
N LEU A 115 10.76 -21.96 16.65
CA LEU A 115 9.97 -21.07 17.48
C LEU A 115 8.58 -21.68 17.67
N ARG A 116 7.93 -22.03 16.56
CA ARG A 116 6.61 -22.63 16.59
C ARG A 116 6.61 -23.78 17.60
N GLN A 117 7.65 -24.61 17.51
CA GLN A 117 7.78 -25.75 18.42
C GLN A 117 7.84 -25.22 19.84
N LEU A 118 8.70 -24.22 20.06
CA LEU A 118 8.85 -23.62 21.38
C LEU A 118 7.53 -23.16 21.96
N ALA A 119 6.80 -22.37 21.17
CA ALA A 119 5.51 -21.84 21.59
C ALA A 119 4.51 -22.91 21.97
N ILE A 120 4.61 -24.08 21.34
CA ILE A 120 3.70 -25.18 21.63
C ILE A 120 3.96 -25.76 23.01
N THR A 121 5.24 -25.99 23.32
CA THR A 121 5.66 -26.53 24.60
C THR A 121 5.51 -25.44 25.67
N HIS A 122 6.14 -24.30 25.42
CA HIS A 122 6.12 -23.18 26.35
C HIS A 122 4.78 -22.47 26.44
N HIS A 123 3.80 -22.96 25.67
CA HIS A 123 2.46 -22.40 25.68
C HIS A 123 2.34 -20.93 25.32
N VAL A 124 3.22 -20.42 24.46
CA VAL A 124 3.15 -19.03 24.03
C VAL A 124 2.53 -19.07 22.64
N LEU A 125 1.22 -19.31 22.60
CA LEU A 125 0.48 -19.45 21.35
C LEU A 125 -0.26 -18.22 20.79
N SER A 126 -0.76 -17.35 21.66
CA SER A 126 -1.50 -16.19 21.19
C SER A 126 -0.59 -15.31 20.35
N GLY A 127 -1.22 -14.42 19.59
CA GLY A 127 -0.49 -13.51 18.73
C GLY A 127 -1.45 -12.42 18.30
N LYS A 128 -1.25 -11.85 17.12
CA LYS A 128 -2.13 -10.78 16.69
C LYS A 128 -2.01 -10.37 15.24
N TRP A 129 -3.11 -9.83 14.71
CA TRP A 129 -3.17 -9.28 13.36
C TRP A 129 -2.93 -7.79 13.53
N LEU A 130 -1.99 -7.23 12.77
CA LEU A 130 -1.67 -5.82 12.84
C LEU A 130 -1.93 -5.12 11.50
N MSE A 131 -2.39 -3.88 11.58
CA MSE A 131 -2.66 -3.10 10.39
C MSE A 131 -2.33 -1.65 10.74
O MSE A 131 -2.47 -1.26 11.90
CB MSE A 131 -4.13 -3.21 10.00
CG MSE A 131 -5.06 -2.42 10.89
SE MSE A 131 -6.81 -3.20 10.93
CE MSE A 131 -6.42 -4.67 12.11
N HIS A 132 -1.89 -0.86 9.77
CA HIS A 132 -1.57 0.54 10.05
C HIS A 132 -2.28 1.47 9.07
N LEU A 133 -2.86 2.53 9.62
CA LEU A 133 -3.59 3.52 8.84
C LEU A 133 -3.08 4.92 9.17
N ALA A 134 -3.53 5.90 8.40
CA ALA A 134 -3.13 7.29 8.63
C ALA A 134 -4.21 7.96 9.47
N PRO A 135 -3.81 8.78 10.45
CA PRO A 135 -4.76 9.47 11.32
C PRO A 135 -5.85 10.20 10.54
N GLY A 136 -7.10 9.99 10.96
CA GLY A 136 -8.22 10.61 10.31
C GLY A 136 -9.41 9.68 10.22
N PHE A 137 -10.36 10.03 9.35
CA PHE A 137 -11.57 9.25 9.16
C PHE A 137 -11.31 7.77 8.91
N LYS A 138 -10.21 7.44 8.24
CA LYS A 138 -9.95 6.04 7.95
C LYS A 138 -9.87 5.17 9.20
N LEU A 139 -8.86 5.45 10.02
CA LEU A 139 -8.65 4.69 11.24
C LEU A 139 -9.87 4.81 12.15
N ASP A 140 -10.38 6.03 12.31
CA ASP A 140 -11.54 6.26 13.15
C ASP A 140 -12.70 5.33 12.79
N HIS A 141 -12.99 5.19 11.50
CA HIS A 141 -14.10 4.33 11.07
C HIS A 141 -13.70 2.87 11.22
N ALA A 142 -12.43 2.57 10.95
CA ALA A 142 -11.94 1.21 11.08
C ALA A 142 -11.95 0.83 12.56
N TRP A 143 -11.28 1.64 13.38
CA TRP A 143 -11.24 1.41 14.81
C TRP A 143 -12.66 1.16 15.32
N ALA A 144 -13.57 2.09 15.06
CA ALA A 144 -14.95 1.92 15.51
C ALA A 144 -15.47 0.56 15.07
N GLY A 145 -15.11 0.17 13.85
CA GLY A 145 -15.55 -1.11 13.33
C GLY A 145 -15.01 -2.26 14.13
N ILE A 146 -13.77 -2.11 14.61
CA ILE A 146 -13.15 -3.14 15.41
C ILE A 146 -13.59 -3.05 16.88
N ALA A 147 -13.76 -1.83 17.39
CA ALA A 147 -14.21 -1.65 18.77
C ALA A 147 -15.70 -1.88 18.74
N ARG A 148 -16.13 -2.64 17.74
CA ARG A 148 -17.54 -2.97 17.58
C ARG A 148 -17.74 -4.47 17.71
N ALA A 149 -16.89 -5.25 17.06
CA ALA A 149 -16.98 -6.71 17.11
C ALA A 149 -16.58 -7.24 18.50
N VAL A 150 -15.54 -6.66 19.08
CA VAL A 150 -15.07 -7.07 20.39
C VAL A 150 -16.24 -7.03 21.38
N VAL A 151 -16.84 -5.86 21.55
CA VAL A 151 -17.95 -5.69 22.49
C VAL A 151 -19.05 -6.74 22.33
N GLU A 152 -19.47 -6.97 21.10
CA GLU A 152 -20.53 -7.95 20.81
C GLU A 152 -20.06 -9.39 20.98
N GLY A 153 -18.75 -9.58 21.19
CA GLY A 153 -18.22 -10.92 21.41
C GLY A 153 -17.63 -11.68 20.25
N ARG A 154 -17.41 -11.02 19.11
CA ARG A 154 -16.85 -11.69 17.94
C ARG A 154 -15.32 -11.63 17.91
N LEU A 155 -14.77 -10.78 18.78
CA LEU A 155 -13.33 -10.60 18.92
C LEU A 155 -13.04 -10.61 20.42
N GLN A 156 -11.87 -11.12 20.81
CA GLN A 156 -11.51 -11.20 22.22
C GLN A 156 -10.93 -9.90 22.79
N VAL A 157 -10.01 -9.28 22.04
CA VAL A 157 -9.35 -8.04 22.46
C VAL A 157 -8.90 -7.25 21.24
N ALA A 158 -8.82 -5.93 21.40
CA ALA A 158 -8.34 -5.05 20.32
C ALA A 158 -7.80 -3.76 20.91
N LYS A 159 -6.67 -3.30 20.38
CA LYS A 159 -6.06 -2.06 20.83
C LYS A 159 -5.77 -1.21 19.60
N VAL A 160 -5.70 0.10 19.79
CA VAL A 160 -5.38 1.03 18.71
C VAL A 160 -4.43 2.06 19.32
N SER A 161 -3.41 2.46 18.57
CA SER A 161 -2.41 3.41 19.06
C SER A 161 -2.84 4.86 18.91
N PRO A 162 -2.51 5.71 19.90
CA PRO A 162 -2.88 7.14 19.84
C PRO A 162 -2.09 7.95 18.83
N ARG A 163 -2.52 9.18 18.61
CA ARG A 163 -1.89 10.06 17.64
C ARG A 163 -0.63 10.75 18.12
N ALA A 164 0.38 10.76 17.25
CA ALA A 164 1.65 11.41 17.53
C ALA A 164 1.47 12.91 17.33
N LYS A 165 2.34 13.71 17.92
CA LYS A 165 2.25 15.17 17.81
C LYS A 165 2.17 15.62 16.36
N GLU A 166 2.65 14.78 15.44
CA GLU A 166 2.62 15.12 14.02
C GLU A 166 1.75 14.16 13.21
N GLY A 167 1.95 14.16 11.90
CA GLY A 167 1.20 13.28 11.03
C GLY A 167 1.36 11.84 11.47
N GLY A 168 2.41 11.18 10.96
CA GLY A 168 2.66 9.80 11.32
C GLY A 168 1.51 8.90 10.97
N ARG A 169 1.50 7.71 11.57
CA ARG A 169 0.45 6.73 11.35
C ARG A 169 0.26 5.89 12.59
N GLN A 170 -0.94 5.34 12.75
CA GLN A 170 -1.28 4.53 13.90
C GLN A 170 -1.63 3.08 13.51
N VAL A 171 -1.57 2.19 14.48
CA VAL A 171 -1.86 0.78 14.24
C VAL A 171 -3.01 0.23 15.07
N ILE A 172 -3.69 -0.75 14.52
CA ILE A 172 -4.78 -1.41 15.23
C ILE A 172 -4.31 -2.84 15.47
N CYS A 173 -4.52 -3.33 16.68
CA CYS A 173 -4.12 -4.67 17.04
C CYS A 173 -5.35 -5.52 17.35
N VAL A 174 -5.48 -6.63 16.65
CA VAL A 174 -6.61 -7.55 16.83
C VAL A 174 -6.09 -8.87 17.40
N TYR A 175 -6.42 -9.14 18.65
CA TYR A 175 -5.97 -10.35 19.33
C TYR A 175 -6.74 -11.64 19.11
N THR A 176 -5.98 -12.73 19.02
CA THR A 176 -6.51 -14.09 18.89
C THR A 176 -5.60 -14.88 19.82
N ASP A 177 -6.16 -15.85 20.55
CA ASP A 177 -5.33 -16.60 21.50
C ASP A 177 -4.72 -17.92 21.07
N ASP A 178 -4.16 -17.98 19.86
CA ASP A 178 -3.51 -19.20 19.35
C ASP A 178 -3.21 -19.09 17.87
N PHE A 179 -1.93 -18.94 17.52
CA PHE A 179 -1.57 -18.81 16.11
C PHE A 179 -1.49 -20.14 15.35
N THR A 180 -1.97 -21.22 15.97
CA THR A 180 -1.96 -22.51 15.31
C THR A 180 -3.39 -22.99 15.12
N ASP A 181 -4.33 -22.06 15.22
CA ASP A 181 -5.74 -22.35 15.03
C ASP A 181 -6.20 -21.61 13.77
N ARG A 182 -6.06 -22.25 12.62
CA ARG A 182 -6.44 -21.65 11.35
C ARG A 182 -7.79 -20.95 11.40
N LEU A 183 -8.79 -21.62 11.97
CA LEU A 183 -10.14 -21.08 12.07
C LEU A 183 -10.20 -19.84 12.95
N GLY A 184 -9.41 -19.83 14.02
CA GLY A 184 -9.39 -18.70 14.93
C GLY A 184 -8.77 -17.47 14.30
N VAL A 185 -7.72 -17.69 13.52
CA VAL A 185 -7.02 -16.60 12.86
C VAL A 185 -7.89 -16.02 11.74
N LEU A 186 -8.55 -16.89 10.99
CA LEU A 186 -9.40 -16.47 9.87
C LEU A 186 -10.67 -15.73 10.28
N GLU A 187 -11.30 -16.18 11.36
CA GLU A 187 -12.51 -15.52 11.81
C GLU A 187 -12.22 -14.08 12.18
N ALA A 188 -11.06 -13.86 12.80
CA ALA A 188 -10.66 -12.51 13.18
C ALA A 188 -10.47 -11.74 11.88
N ASP A 189 -9.79 -12.38 10.93
CA ASP A 189 -9.58 -11.79 9.61
C ASP A 189 -10.94 -11.43 9.01
N SER A 190 -11.88 -12.37 9.07
CA SER A 190 -13.22 -12.13 8.54
C SER A 190 -13.91 -10.98 9.26
N ALA A 191 -13.77 -10.97 10.59
CA ALA A 191 -14.39 -9.92 11.38
C ALA A 191 -13.83 -8.56 11.00
N ILE A 192 -12.54 -8.50 10.69
CA ILE A 192 -11.92 -7.24 10.33
C ILE A 192 -12.42 -6.76 8.95
N ARG A 193 -12.44 -7.65 7.96
CA ARG A 193 -12.91 -7.27 6.64
C ARG A 193 -14.37 -6.79 6.64
N ALA A 194 -15.22 -7.47 7.39
CA ALA A 194 -16.62 -7.10 7.46
C ALA A 194 -16.78 -5.70 8.05
N ALA A 195 -15.71 -5.19 8.65
CA ALA A 195 -15.73 -3.85 9.24
C ALA A 195 -15.28 -2.81 8.22
N GLY A 196 -14.99 -3.25 6.99
CA GLY A 196 -14.58 -2.32 5.96
C GLY A 196 -13.08 -2.10 5.80
N ILE A 197 -12.26 -2.87 6.51
CA ILE A 197 -10.81 -2.72 6.40
C ILE A 197 -10.34 -3.46 5.14
N LYS A 198 -9.73 -2.71 4.22
CA LYS A 198 -9.26 -3.27 2.96
C LYS A 198 -7.73 -3.34 2.86
N CYS A 199 -7.04 -2.88 3.91
CA CYS A 199 -5.60 -2.88 3.90
C CYS A 199 -4.97 -4.23 4.24
N LEU A 200 -3.64 -4.26 4.22
CA LEU A 200 -2.88 -5.46 4.54
C LEU A 200 -2.97 -5.75 6.03
N LEU A 201 -2.96 -7.03 6.37
CA LEU A 201 -2.99 -7.47 7.76
C LEU A 201 -1.88 -8.50 7.90
N THR A 202 -1.01 -8.31 8.89
CA THR A 202 0.07 -9.24 9.14
C THR A 202 -0.14 -9.82 10.54
N TYR A 203 0.06 -11.13 10.67
CA TYR A 203 -0.12 -11.78 11.96
C TYR A 203 1.24 -12.09 12.57
N LYS A 204 1.48 -11.48 13.72
CA LYS A 204 2.72 -11.63 14.46
C LYS A 204 2.44 -12.36 15.77
N PRO A 205 2.98 -13.59 15.93
CA PRO A 205 2.81 -14.40 17.14
C PRO A 205 3.57 -13.78 18.30
N ASP A 206 3.00 -13.83 19.50
CA ASP A 206 3.67 -13.24 20.67
C ASP A 206 5.09 -13.75 20.88
N VAL A 207 5.33 -15.03 20.59
CA VAL A 207 6.67 -15.58 20.75
C VAL A 207 7.68 -14.69 20.02
N TYR A 208 7.36 -14.30 18.78
CA TYR A 208 8.26 -13.45 18.01
C TYR A 208 8.60 -12.20 18.82
N THR A 209 7.57 -11.60 19.44
CA THR A 209 7.79 -10.40 20.25
C THR A 209 8.58 -10.70 21.51
N TYR A 210 8.14 -11.66 22.32
CA TYR A 210 8.84 -12.01 23.54
C TYR A 210 10.32 -12.26 23.31
N LEU A 211 10.63 -12.94 22.20
CA LEU A 211 12.02 -13.25 21.87
C LEU A 211 12.67 -12.10 21.11
N GLY A 212 11.88 -11.06 20.81
CA GLY A 212 12.39 -9.91 20.10
C GLY A 212 12.85 -10.15 18.67
N ILE A 213 12.02 -10.82 17.88
CA ILE A 213 12.33 -11.11 16.48
C ILE A 213 11.96 -9.86 15.67
N TYR A 214 12.65 -8.76 15.96
CA TYR A 214 12.41 -7.49 15.29
C TYR A 214 12.45 -7.61 13.77
N ARG A 215 12.07 -6.52 13.10
CA ARG A 215 12.05 -6.46 11.65
C ARG A 215 13.43 -6.74 11.02
N ALA A 216 14.44 -5.97 11.42
CA ALA A 216 15.80 -6.15 10.90
C ALA A 216 16.43 -7.36 11.56
N ASN A 217 15.71 -8.47 11.56
CA ASN A 217 16.16 -9.71 12.17
C ASN A 217 17.58 -10.10 11.78
N ARG A 218 18.22 -10.89 12.64
CA ARG A 218 19.57 -11.38 12.43
C ARG A 218 19.55 -12.88 12.13
N TRP A 219 18.51 -13.55 12.62
CA TRP A 219 18.35 -14.98 12.41
C TRP A 219 17.60 -15.22 11.10
N HIS A 220 17.49 -14.16 10.30
CA HIS A 220 16.80 -14.20 9.01
C HIS A 220 15.39 -14.76 9.10
N LEU A 221 14.79 -14.65 10.28
CA LEU A 221 13.43 -15.12 10.49
C LEU A 221 12.51 -13.92 10.34
N CYS A 222 11.53 -14.03 9.45
CA CYS A 222 10.59 -12.93 9.22
C CYS A 222 9.79 -12.64 10.48
N PRO A 223 9.55 -11.36 10.78
CA PRO A 223 8.78 -10.98 11.97
C PRO A 223 7.28 -11.15 11.79
N THR A 224 6.87 -11.53 10.58
CA THR A 224 5.46 -11.74 10.26
C THR A 224 5.22 -13.17 9.81
N LEU A 225 4.16 -13.78 10.34
CA LEU A 225 3.83 -15.16 9.99
C LEU A 225 2.91 -15.20 8.77
N TYR A 226 1.63 -14.87 8.97
CA TYR A 226 0.64 -14.86 7.90
C TYR A 226 0.47 -13.43 7.41
N GLU A 227 -0.26 -13.27 6.30
CA GLU A 227 -0.56 -11.96 5.75
C GLU A 227 -1.95 -12.02 5.11
N SER A 228 -2.61 -10.88 5.06
CA SER A 228 -3.96 -10.79 4.50
C SER A 228 -4.10 -9.59 3.58
N ARG A 229 -4.43 -9.86 2.32
CA ARG A 229 -4.60 -8.80 1.34
C ARG A 229 -6.03 -8.80 0.82
N PHE A 230 -6.61 -7.61 0.73
CA PHE A 230 -7.97 -7.45 0.24
C PHE A 230 -7.98 -7.62 -1.28
N GLN A 231 -8.45 -8.77 -1.75
CA GLN A 231 -8.49 -9.06 -3.18
C GLN A 231 -9.62 -8.29 -3.88
N GLY A 238 -11.92 -9.04 -1.71
CA GLY A 238 -11.71 -10.38 -1.17
C GLY A 238 -10.74 -10.43 0.00
N SER A 239 -10.11 -11.59 0.19
CA SER A 239 -9.16 -11.78 1.28
C SER A 239 -8.38 -13.08 1.15
N ARG A 240 -7.17 -13.00 0.60
CA ARG A 240 -6.30 -14.15 0.44
C ARG A 240 -5.26 -14.15 1.56
N VAL A 241 -5.29 -15.20 2.38
CA VAL A 241 -4.35 -15.32 3.49
C VAL A 241 -3.31 -16.38 3.16
N LEU A 242 -2.26 -15.95 2.46
CA LEU A 242 -1.18 -16.83 2.05
C LEU A 242 -0.07 -16.92 3.09
N ASP A 243 0.22 -18.13 3.56
CA ASP A 243 1.27 -18.35 4.56
C ASP A 243 2.59 -17.82 4.03
N ARG A 244 3.48 -17.40 4.91
CA ARG A 244 4.75 -16.85 4.50
C ARG A 244 5.93 -17.73 4.90
N ALA A 245 5.71 -18.61 5.87
CA ALA A 245 6.75 -19.53 6.33
C ALA A 245 6.75 -20.80 5.50
N ASN A 246 5.58 -21.14 4.96
CA ASN A 246 5.41 -22.33 4.13
C ASN A 246 4.90 -21.88 2.76
N ASN A 247 4.61 -20.59 2.65
CA ASN A 247 4.09 -19.99 1.44
C ASN A 247 2.92 -20.84 0.93
N VAL A 248 1.85 -20.88 1.71
CA VAL A 248 0.66 -21.65 1.36
C VAL A 248 -0.60 -20.86 1.69
N GLU A 249 -1.45 -20.65 0.69
CA GLU A 249 -2.69 -19.91 0.87
C GLU A 249 -3.65 -20.64 1.82
N LEU A 250 -3.97 -20.00 2.95
CA LEU A 250 -4.88 -20.58 3.93
C LEU A 250 -6.30 -20.58 3.36
N GLU B 17 8.45 -6.17 27.71
CA GLU B 17 7.19 -5.86 26.96
C GLU B 17 7.42 -4.68 26.03
N ASP B 18 8.69 -4.39 25.75
CA ASP B 18 9.08 -3.29 24.87
C ASP B 18 8.55 -3.49 23.46
N GLY B 19 8.42 -4.74 23.05
CA GLY B 19 7.92 -5.05 21.72
C GLY B 19 6.40 -4.99 21.66
N PHE B 20 5.78 -4.49 22.72
CA PHE B 20 4.33 -4.38 22.78
C PHE B 20 3.85 -2.94 22.83
N THR B 21 4.79 -2.00 22.79
CA THR B 21 4.42 -0.58 22.84
C THR B 21 3.82 -0.10 21.53
N ALA B 22 3.03 0.96 21.61
CA ALA B 22 2.42 1.54 20.44
C ALA B 22 3.49 1.87 19.39
N GLU B 23 4.60 2.42 19.85
CA GLU B 23 5.68 2.82 18.98
C GLU B 23 6.30 1.66 18.21
N HIS B 24 6.65 0.59 18.93
CA HIS B 24 7.28 -0.56 18.29
C HIS B 24 6.34 -1.23 17.27
N LEU B 25 5.11 -1.49 17.67
CA LEU B 25 4.13 -2.13 16.80
C LEU B 25 3.84 -1.27 15.57
N ALA B 26 3.80 0.04 15.76
CA ALA B 26 3.55 0.93 14.63
C ALA B 26 4.71 0.76 13.66
N ALA B 27 5.92 0.69 14.22
CA ALA B 27 7.13 0.52 13.42
C ALA B 27 7.14 -0.85 12.76
N GLU B 28 6.52 -1.81 13.42
CA GLU B 28 6.45 -3.17 12.91
C GLU B 28 5.44 -3.23 11.75
N ALA B 29 4.34 -2.50 11.91
CA ALA B 29 3.30 -2.45 10.89
C ALA B 29 3.83 -1.78 9.62
N MSE B 30 4.49 -0.63 9.77
CA MSE B 30 5.04 0.08 8.62
C MSE B 30 6.01 -0.80 7.87
O MSE B 30 5.96 -0.88 6.64
CB MSE B 30 5.74 1.37 9.05
CG MSE B 30 4.81 2.57 9.18
SE MSE B 30 3.93 3.05 7.51
CE MSE B 30 5.50 3.62 6.53
N ALA B 31 6.91 -1.46 8.60
CA ALA B 31 7.88 -2.33 7.98
C ALA B 31 7.21 -3.49 7.26
N ALA B 32 6.44 -4.28 8.01
CA ALA B 32 5.74 -5.43 7.45
C ALA B 32 4.98 -5.10 6.17
N ASP B 33 4.54 -3.85 6.04
CA ASP B 33 3.80 -3.47 4.85
C ASP B 33 4.73 -3.34 3.65
N MSE B 34 4.75 -4.39 2.85
CA MSE B 34 5.56 -4.46 1.64
C MSE B 34 4.74 -5.16 0.58
O MSE B 34 3.96 -6.07 0.89
CB MSE B 34 6.85 -5.25 1.89
CG MSE B 34 7.79 -4.60 2.89
SE MSE B 34 9.41 -5.61 3.14
CE MSE B 34 10.39 -5.01 1.60
N ASP B 35 4.89 -4.74 -0.67
CA ASP B 35 4.15 -5.38 -1.75
C ASP B 35 4.81 -6.72 -2.05
N PRO B 36 4.06 -7.64 -2.63
CA PRO B 36 4.59 -8.96 -2.97
C PRO B 36 5.52 -8.92 -4.20
N TRP B 37 6.37 -9.94 -4.31
CA TRP B 37 7.30 -10.04 -5.42
C TRP B 37 6.96 -11.26 -6.29
N LEU B 38 7.18 -11.13 -7.60
CA LEU B 38 6.97 -12.25 -8.50
C LEU B 38 8.34 -12.91 -8.39
N VAL B 39 8.43 -13.93 -7.55
CA VAL B 39 9.70 -14.57 -7.30
C VAL B 39 9.93 -16.01 -7.75
N PHE B 40 10.69 -16.21 -8.81
CA PHE B 40 10.98 -17.57 -9.25
C PHE B 40 12.11 -18.08 -8.35
N ASP B 41 11.79 -19.05 -7.51
CA ASP B 41 12.75 -19.62 -6.56
C ASP B 41 13.28 -20.95 -7.09
N ALA B 42 14.52 -20.96 -7.52
CA ALA B 42 15.14 -22.18 -8.05
C ALA B 42 15.31 -23.23 -6.95
N ARG B 43 15.19 -22.83 -5.69
CA ARG B 43 15.34 -23.78 -4.59
C ARG B 43 14.11 -24.64 -4.37
N THR B 44 12.95 -24.15 -4.81
CA THR B 44 11.72 -24.88 -4.63
C THR B 44 11.00 -25.19 -5.94
N THR B 45 11.59 -24.81 -7.07
CA THR B 45 10.95 -25.04 -8.37
C THR B 45 11.93 -25.55 -9.42
N PRO B 46 11.50 -26.54 -10.22
CA PRO B 46 12.35 -27.10 -11.27
C PRO B 46 12.73 -26.06 -12.30
N ALA B 47 13.99 -26.10 -12.73
CA ALA B 47 14.53 -25.16 -13.68
C ALA B 47 13.78 -25.16 -15.02
N THR B 48 13.40 -26.35 -15.46
CA THR B 48 12.71 -26.52 -16.73
C THR B 48 11.37 -25.81 -16.79
N GLU B 49 11.02 -25.09 -15.72
CA GLU B 49 9.78 -24.35 -15.67
C GLU B 49 10.04 -22.85 -15.78
N LEU B 50 11.30 -22.46 -15.72
CA LEU B 50 11.66 -21.05 -15.80
C LEU B 50 11.14 -20.38 -17.08
N ASP B 51 11.29 -21.05 -18.20
CA ASP B 51 10.87 -20.49 -19.48
C ASP B 51 9.41 -20.01 -19.50
N ALA B 52 8.49 -20.82 -18.97
CA ALA B 52 7.08 -20.42 -18.96
C ALA B 52 6.89 -19.24 -18.02
N TRP B 53 7.57 -19.28 -16.88
CA TRP B 53 7.50 -18.22 -15.90
C TRP B 53 7.99 -16.91 -16.55
N LEU B 54 9.09 -16.96 -17.29
CA LEU B 54 9.58 -15.76 -17.94
C LEU B 54 8.60 -15.31 -19.04
N ALA B 55 8.06 -16.27 -19.79
CA ALA B 55 7.12 -15.93 -20.85
C ALA B 55 5.89 -15.21 -20.28
N LYS B 56 5.46 -15.63 -19.10
CA LYS B 56 4.30 -15.04 -18.46
C LYS B 56 4.55 -13.71 -17.78
N TYR B 57 5.69 -13.57 -17.11
CA TYR B 57 5.98 -12.35 -16.40
C TYR B 57 7.12 -11.45 -16.89
N PRO B 58 7.10 -11.06 -18.18
CA PRO B 58 8.18 -10.19 -18.66
C PRO B 58 8.11 -8.85 -17.92
N PRO B 59 9.26 -8.32 -17.47
CA PRO B 59 9.30 -7.05 -16.75
C PRO B 59 8.80 -5.79 -17.45
N SER B 60 8.75 -5.80 -18.77
CA SER B 60 8.28 -4.62 -19.48
C SER B 60 6.75 -4.53 -19.38
N GLN B 61 6.10 -5.63 -19.09
CA GLN B 61 4.65 -5.64 -18.97
C GLN B 61 4.16 -5.63 -17.52
N VAL B 62 4.88 -6.29 -16.64
CA VAL B 62 4.46 -6.32 -15.24
C VAL B 62 4.55 -4.91 -14.70
N THR B 63 3.47 -4.43 -14.09
CA THR B 63 3.48 -3.08 -13.56
C THR B 63 3.50 -3.04 -12.04
N ARG B 64 3.95 -1.91 -11.52
CA ARG B 64 4.06 -1.71 -10.09
C ARG B 64 2.78 -2.04 -9.30
N TYR B 65 1.63 -1.80 -9.91
CA TYR B 65 0.36 -2.02 -9.24
C TYR B 65 -0.59 -3.06 -9.82
N GLY B 66 -0.07 -3.95 -10.67
CA GLY B 66 -0.93 -4.97 -11.26
C GLY B 66 -2.19 -4.32 -11.79
N ASP B 67 -2.01 -3.16 -12.40
CA ASP B 67 -3.10 -2.37 -12.96
C ASP B 67 -3.79 -3.03 -14.17
N PRO B 68 -4.91 -2.44 -14.63
CA PRO B 68 -5.63 -2.98 -15.79
C PRO B 68 -4.71 -2.89 -17.00
N GLY B 69 -4.29 -4.04 -17.50
CA GLY B 69 -3.39 -4.05 -18.63
C GLY B 69 -2.00 -4.39 -18.14
N SER B 70 -1.91 -5.47 -17.38
CA SER B 70 -0.66 -5.99 -16.82
C SER B 70 -0.79 -7.52 -16.77
N PRO B 71 0.34 -8.24 -16.81
CA PRO B 71 0.31 -9.71 -16.76
C PRO B 71 -0.22 -10.19 -15.42
N ASN B 72 -0.17 -9.31 -14.43
CA ASN B 72 -0.63 -9.60 -13.07
C ASN B 72 -1.65 -8.59 -12.61
N SER B 73 -2.63 -9.05 -11.84
CA SER B 73 -3.68 -8.19 -11.34
C SER B 73 -3.32 -7.59 -9.99
N GLU B 74 -2.39 -8.24 -9.30
CA GLU B 74 -2.00 -7.76 -7.98
C GLU B 74 -0.64 -7.07 -8.03
N PRO B 75 -0.49 -5.97 -7.26
CA PRO B 75 0.73 -5.16 -7.14
C PRO B 75 2.03 -5.95 -6.91
N VAL B 76 3.10 -5.53 -7.59
CA VAL B 76 4.39 -6.19 -7.46
C VAL B 76 5.50 -5.15 -7.31
N GLY B 77 6.16 -5.14 -6.15
CA GLY B 77 7.22 -4.18 -5.92
C GLY B 77 8.50 -4.49 -6.67
N TRP B 78 8.81 -5.77 -6.80
CA TRP B 78 10.00 -6.22 -7.51
C TRP B 78 9.77 -7.57 -8.15
N ILE B 79 10.49 -7.81 -9.24
CA ILE B 79 10.44 -9.10 -9.92
C ILE B 79 11.78 -9.70 -9.54
N ALA B 80 11.79 -10.96 -9.10
CA ALA B 80 13.05 -11.55 -8.67
C ALA B 80 13.22 -13.03 -8.90
N VAL B 81 14.47 -13.46 -9.00
CA VAL B 81 14.81 -14.86 -9.18
C VAL B 81 15.91 -15.23 -8.20
N TYR B 82 15.65 -16.24 -7.38
CA TYR B 82 16.63 -16.73 -6.42
C TYR B 82 17.14 -18.08 -6.89
N GLY B 83 18.45 -18.19 -7.06
CA GLY B 83 19.04 -19.44 -7.50
C GLY B 83 19.23 -20.38 -6.33
N GLN B 84 19.22 -21.68 -6.61
CA GLN B 84 19.41 -22.69 -5.56
C GLN B 84 20.63 -22.31 -4.71
N GLY B 85 21.69 -21.91 -5.39
CA GLY B 85 22.91 -21.52 -4.69
C GLY B 85 22.78 -20.19 -3.98
N TYR B 86 21.62 -19.94 -3.39
CA TYR B 86 21.39 -18.69 -2.67
C TYR B 86 21.47 -18.84 -1.16
N SER B 87 22.16 -17.91 -0.53
CA SER B 87 22.33 -17.88 0.93
C SER B 87 22.86 -16.52 1.35
N PRO B 88 22.00 -15.70 1.98
CA PRO B 88 22.37 -14.35 2.45
C PRO B 88 23.67 -14.28 3.26
N ASN B 89 24.39 -13.18 3.09
CA ASN B 89 25.68 -12.96 3.76
C ASN B 89 25.59 -12.57 5.23
N SER B 90 24.43 -12.77 5.85
CA SER B 90 24.27 -12.41 7.26
C SER B 90 24.62 -10.93 7.43
N GLY B 91 24.69 -10.46 8.68
CA GLY B 91 25.03 -9.07 8.92
C GLY B 91 24.12 -8.35 9.87
N ASP B 92 24.70 -7.50 10.72
CA ASP B 92 23.98 -6.72 11.71
C ASP B 92 23.64 -5.31 11.21
N VAL B 93 22.53 -5.22 10.51
CA VAL B 93 22.06 -3.94 9.96
C VAL B 93 21.71 -2.95 11.07
N GLN B 94 21.21 -3.48 12.18
CA GLN B 94 20.85 -2.64 13.31
C GLN B 94 22.10 -1.94 13.83
N GLY B 95 23.13 -2.72 14.10
CA GLY B 95 24.37 -2.14 14.57
C GLY B 95 24.97 -1.19 13.56
N LEU B 96 24.96 -1.60 12.29
CA LEU B 96 25.50 -0.77 11.22
C LEU B 96 24.84 0.60 11.21
N GLN B 97 23.52 0.61 11.17
CA GLN B 97 22.76 1.86 11.15
C GLN B 97 22.97 2.69 12.42
N ALA B 98 23.28 2.03 13.53
CA ALA B 98 23.53 2.73 14.78
C ALA B 98 24.89 3.43 14.72
N ALA B 99 25.86 2.76 14.10
CA ALA B 99 27.19 3.33 13.97
C ALA B 99 27.12 4.55 13.06
N TRP B 100 26.56 4.38 11.87
CA TRP B 100 26.42 5.47 10.92
C TRP B 100 25.70 6.64 11.57
N GLU B 101 24.91 6.34 12.59
CA GLU B 101 24.18 7.34 13.33
C GLU B 101 25.19 8.17 14.10
N ALA B 102 26.06 7.46 14.83
CA ALA B 102 27.10 8.09 15.63
C ALA B 102 28.13 8.81 14.77
N LEU B 103 28.50 8.20 13.65
CA LEU B 103 29.48 8.78 12.74
C LEU B 103 29.12 10.20 12.32
N GLN B 104 27.81 10.48 12.25
CA GLN B 104 27.33 11.79 11.86
C GLN B 104 27.28 12.72 13.07
N THR B 105 27.27 12.13 14.26
CA THR B 105 27.23 12.90 15.51
C THR B 105 28.63 13.45 15.76
N SER B 106 29.63 12.71 15.30
CA SER B 106 31.02 13.11 15.46
C SER B 106 31.45 13.92 14.24
N GLY B 107 32.74 14.21 14.15
CA GLY B 107 33.24 14.98 13.02
C GLY B 107 34.16 14.18 12.11
N ARG B 108 34.30 12.89 12.40
CA ARG B 108 35.14 12.01 11.61
C ARG B 108 34.98 12.27 10.11
N PRO B 109 36.09 12.21 9.35
CA PRO B 109 36.08 12.43 7.90
C PRO B 109 35.34 11.34 7.11
N ILE B 110 34.01 11.45 7.06
CA ILE B 110 33.17 10.49 6.36
C ILE B 110 33.70 10.17 4.96
N THR B 111 34.26 8.97 4.80
CA THR B 111 34.84 8.55 3.54
C THR B 111 34.54 7.08 3.22
N PRO B 112 34.85 6.66 1.98
CA PRO B 112 34.62 5.26 1.56
C PRO B 112 35.17 4.27 2.58
N GLY B 113 36.42 4.45 2.96
CA GLY B 113 37.07 3.58 3.92
C GLY B 113 36.33 3.55 5.23
N THR B 114 35.81 4.70 5.65
CA THR B 114 35.07 4.81 6.90
C THR B 114 33.79 3.98 6.80
N LEU B 115 33.16 4.05 5.63
CA LEU B 115 31.92 3.32 5.41
C LEU B 115 32.22 1.86 5.13
N ARG B 116 33.39 1.60 4.56
CA ARG B 116 33.79 0.24 4.27
C ARG B 116 34.06 -0.47 5.59
N GLN B 117 34.63 0.27 6.53
CA GLN B 117 34.94 -0.31 7.83
C GLN B 117 33.63 -0.58 8.54
N LEU B 118 32.76 0.42 8.59
CA LEU B 118 31.47 0.22 9.25
C LEU B 118 30.69 -0.95 8.66
N ALA B 119 31.11 -1.40 7.46
CA ALA B 119 30.44 -2.51 6.80
C ALA B 119 31.08 -3.85 7.17
N ILE B 120 32.41 -3.87 7.18
CA ILE B 120 33.15 -5.08 7.53
C ILE B 120 32.90 -5.39 9.00
N THR B 121 32.92 -4.36 9.84
CA THR B 121 32.70 -4.52 11.27
C THR B 121 31.36 -5.21 11.55
N HIS B 122 30.32 -4.88 10.77
CA HIS B 122 29.01 -5.49 10.99
C HIS B 122 28.66 -6.59 10.01
N HIS B 123 29.63 -6.96 9.18
CA HIS B 123 29.44 -8.02 8.19
C HIS B 123 28.28 -7.77 7.24
N VAL B 124 28.09 -6.51 6.85
CA VAL B 124 27.04 -6.13 5.91
C VAL B 124 27.77 -5.67 4.65
N LEU B 125 28.42 -6.61 3.99
CA LEU B 125 29.21 -6.32 2.80
C LEU B 125 28.52 -6.50 1.47
N SER B 126 27.57 -7.42 1.39
CA SER B 126 26.87 -7.70 0.14
C SER B 126 26.51 -6.45 -0.67
N GLY B 127 26.32 -6.66 -1.97
CA GLY B 127 25.98 -5.57 -2.85
C GLY B 127 25.56 -6.08 -4.21
N LYS B 128 25.65 -5.22 -5.22
CA LYS B 128 25.25 -5.66 -6.54
C LYS B 128 25.56 -4.74 -7.71
N TRP B 129 25.55 -5.34 -8.88
CA TRP B 129 25.75 -4.64 -10.13
C TRP B 129 24.39 -4.05 -10.52
N LEU B 130 24.36 -2.74 -10.81
CA LEU B 130 23.14 -2.06 -11.19
C LEU B 130 23.20 -1.57 -12.63
N MSE B 131 22.28 -2.08 -13.45
CA MSE B 131 22.19 -1.73 -14.86
C MSE B 131 20.77 -1.28 -15.14
O MSE B 131 19.81 -1.92 -14.70
CB MSE B 131 22.52 -2.94 -15.73
CG MSE B 131 21.54 -4.09 -15.61
SE MSE B 131 22.40 -5.82 -15.60
CE MSE B 131 23.03 -5.77 -13.78
N HIS B 132 20.64 -0.19 -15.86
CA HIS B 132 19.34 0.36 -16.21
C HIS B 132 19.08 0.16 -17.68
N LEU B 133 18.68 -1.05 -18.04
CA LEU B 133 18.38 -1.39 -19.43
C LEU B 133 17.37 -0.44 -20.03
N ALA B 134 17.20 -0.57 -21.35
CA ALA B 134 16.26 0.27 -22.09
C ALA B 134 14.95 -0.48 -22.24
N PRO B 135 13.82 0.21 -22.07
CA PRO B 135 12.52 -0.45 -22.19
C PRO B 135 12.31 -1.21 -23.51
N GLY B 136 11.27 -2.04 -23.53
CA GLY B 136 10.96 -2.81 -24.71
C GLY B 136 11.40 -4.25 -24.50
N PHE B 137 11.63 -4.94 -25.61
CA PHE B 137 12.03 -6.32 -25.53
C PHE B 137 13.46 -6.44 -25.03
N LYS B 138 14.21 -5.36 -25.10
CA LYS B 138 15.58 -5.38 -24.62
C LYS B 138 15.67 -5.38 -23.09
N LEU B 139 14.77 -4.66 -22.42
CA LEU B 139 14.78 -4.65 -20.97
C LEU B 139 14.51 -6.09 -20.54
N ASP B 140 13.58 -6.72 -21.27
CA ASP B 140 13.16 -8.09 -21.01
C ASP B 140 14.18 -9.10 -21.44
N HIS B 141 14.77 -8.89 -22.61
CA HIS B 141 15.76 -9.81 -23.13
C HIS B 141 16.94 -9.91 -22.17
N ALA B 142 17.36 -8.76 -21.66
CA ALA B 142 18.48 -8.73 -20.72
C ALA B 142 18.08 -9.45 -19.43
N TRP B 143 16.81 -9.37 -19.07
CA TRP B 143 16.32 -10.00 -17.86
C TRP B 143 16.27 -11.53 -17.97
N ALA B 144 15.81 -12.04 -19.11
CA ALA B 144 15.72 -13.48 -19.32
C ALA B 144 17.06 -14.19 -19.16
N GLY B 145 18.06 -13.73 -19.90
CA GLY B 145 19.38 -14.34 -19.82
C GLY B 145 19.91 -14.46 -18.40
N ILE B 146 19.91 -13.36 -17.66
CA ILE B 146 20.38 -13.37 -16.28
C ILE B 146 19.53 -14.33 -15.47
N ALA B 147 18.22 -14.31 -15.71
CA ALA B 147 17.31 -15.21 -15.03
C ALA B 147 17.78 -16.64 -15.30
N ARG B 148 18.29 -16.88 -16.50
CA ARG B 148 18.77 -18.20 -16.86
C ARG B 148 20.05 -18.50 -16.10
N ALA B 149 20.94 -17.52 -16.04
CA ALA B 149 22.22 -17.66 -15.35
C ALA B 149 22.01 -18.00 -13.86
N VAL B 150 21.19 -17.22 -13.18
CA VAL B 150 20.92 -17.47 -11.77
C VAL B 150 20.48 -18.93 -11.59
N VAL B 151 19.49 -19.35 -12.36
CA VAL B 151 19.00 -20.72 -12.28
C VAL B 151 20.15 -21.69 -12.46
N GLU B 152 21.01 -21.46 -13.45
CA GLU B 152 22.15 -22.34 -13.69
C GLU B 152 23.22 -22.20 -12.60
N GLY B 153 23.03 -21.28 -11.66
CA GLY B 153 24.00 -21.12 -10.60
C GLY B 153 25.25 -20.37 -11.02
N ARG B 154 25.07 -19.28 -11.76
CA ARG B 154 26.20 -18.48 -12.22
C ARG B 154 25.98 -17.04 -11.75
N LEU B 155 25.03 -16.90 -10.84
CA LEU B 155 24.67 -15.61 -10.23
C LEU B 155 23.73 -15.94 -9.08
N GLN B 156 24.03 -15.41 -7.90
CA GLN B 156 23.25 -15.67 -6.70
C GLN B 156 21.76 -15.44 -6.84
N VAL B 157 21.39 -14.20 -7.07
CA VAL B 157 20.00 -13.81 -7.19
C VAL B 157 19.93 -12.45 -7.87
N ALA B 158 18.88 -12.23 -8.65
CA ALA B 158 18.74 -10.97 -9.35
C ALA B 158 17.28 -10.56 -9.26
N LYS B 159 17.04 -9.28 -9.02
CA LYS B 159 15.67 -8.82 -8.92
C LYS B 159 15.39 -7.58 -9.77
N VAL B 160 14.73 -7.79 -10.91
CA VAL B 160 14.40 -6.69 -11.82
C VAL B 160 13.14 -5.96 -11.34
N SER B 161 13.01 -4.68 -11.69
CA SER B 161 11.87 -3.88 -11.29
C SER B 161 10.76 -3.85 -12.33
N PRO B 162 9.51 -3.69 -11.90
CA PRO B 162 8.37 -3.64 -12.82
C PRO B 162 8.23 -2.26 -13.49
N ARG B 163 7.35 -2.17 -14.48
CA ARG B 163 7.15 -0.91 -15.19
C ARG B 163 6.22 0.02 -14.40
N ALA B 164 6.56 1.31 -14.40
CA ALA B 164 5.79 2.33 -13.69
C ALA B 164 4.51 2.67 -14.48
N LYS B 165 4.33 3.96 -14.76
CA LYS B 165 3.16 4.41 -15.51
C LYS B 165 3.50 5.48 -16.54
N GLU B 166 4.77 5.55 -16.96
CA GLU B 166 5.19 6.52 -17.97
C GLU B 166 6.30 5.97 -18.86
N GLY B 167 6.96 4.90 -18.43
CA GLY B 167 8.01 4.32 -19.25
C GLY B 167 9.43 4.66 -18.86
N GLY B 168 10.33 4.55 -19.82
CA GLY B 168 11.73 4.84 -19.58
C GLY B 168 12.54 3.59 -19.22
N ARG B 169 13.70 3.82 -18.61
CA ARG B 169 14.59 2.73 -18.21
C ARG B 169 14.16 2.06 -16.90
N GLN B 170 14.25 0.74 -16.88
CA GLN B 170 13.92 -0.05 -15.70
C GLN B 170 15.21 -0.67 -15.22
N VAL B 171 15.35 -0.81 -13.90
CA VAL B 171 16.58 -1.36 -13.33
C VAL B 171 16.59 -2.85 -13.07
N ILE B 172 17.80 -3.40 -13.07
CA ILE B 172 18.04 -4.80 -12.79
C ILE B 172 19.08 -4.80 -11.66
N CYS B 173 18.80 -5.57 -10.62
CA CYS B 173 19.70 -5.68 -9.47
C CYS B 173 20.34 -7.06 -9.50
N VAL B 174 21.67 -7.12 -9.53
CA VAL B 174 22.41 -8.40 -9.56
C VAL B 174 23.45 -8.46 -8.44
N TYR B 175 23.16 -9.28 -7.42
CA TYR B 175 24.01 -9.45 -6.24
C TYR B 175 25.29 -10.30 -6.29
N THR B 176 26.16 -10.04 -5.33
CA THR B 176 27.39 -10.80 -5.09
C THR B 176 27.44 -10.83 -3.56
N ASP B 177 28.13 -11.78 -2.96
CA ASP B 177 28.11 -11.87 -1.51
C ASP B 177 28.92 -10.86 -0.71
N ASP B 178 30.12 -10.52 -1.21
CA ASP B 178 30.99 -9.58 -0.49
C ASP B 178 31.62 -8.59 -1.47
N PHE B 179 31.40 -7.30 -1.26
CA PHE B 179 31.95 -6.31 -2.17
C PHE B 179 33.48 -6.22 -2.14
N THR B 180 34.12 -6.90 -1.20
CA THR B 180 35.58 -6.85 -1.13
C THR B 180 36.17 -8.06 -1.84
N ASP B 181 35.32 -9.00 -2.22
CA ASP B 181 35.76 -10.21 -2.92
C ASP B 181 35.74 -9.94 -4.43
N ARG B 182 36.76 -9.25 -4.91
CA ARG B 182 36.86 -8.88 -6.32
C ARG B 182 36.65 -9.98 -7.37
N LEU B 183 37.04 -11.21 -7.06
CA LEU B 183 36.86 -12.28 -8.04
C LEU B 183 35.36 -12.58 -8.20
N GLY B 184 34.64 -12.57 -7.09
CA GLY B 184 33.21 -12.82 -7.16
C GLY B 184 32.53 -11.76 -8.00
N VAL B 185 33.01 -10.52 -7.87
CA VAL B 185 32.45 -9.40 -8.62
C VAL B 185 32.66 -9.62 -10.12
N LEU B 186 33.89 -9.92 -10.53
CA LEU B 186 34.19 -10.17 -11.93
C LEU B 186 33.29 -11.26 -12.46
N GLU B 187 33.05 -12.25 -11.62
CA GLU B 187 32.18 -13.37 -11.98
C GLU B 187 30.81 -12.84 -12.40
N ALA B 188 30.20 -12.05 -11.53
CA ALA B 188 28.89 -11.48 -11.83
C ALA B 188 28.95 -10.76 -13.18
N ASP B 189 29.87 -9.80 -13.31
CA ASP B 189 30.05 -9.05 -14.55
C ASP B 189 30.15 -10.01 -15.72
N SER B 190 31.02 -11.01 -15.56
CA SER B 190 31.23 -12.02 -16.59
C SER B 190 29.94 -12.76 -16.96
N ALA B 191 29.16 -13.15 -15.96
CA ALA B 191 27.91 -13.85 -16.21
C ALA B 191 26.92 -12.90 -16.88
N ILE B 192 26.87 -11.68 -16.38
CA ILE B 192 25.98 -10.68 -16.94
C ILE B 192 26.21 -10.52 -18.44
N ARG B 193 27.40 -10.04 -18.83
CA ARG B 193 27.72 -9.83 -20.24
C ARG B 193 27.35 -11.03 -21.09
N ALA B 194 27.61 -12.23 -20.58
CA ALA B 194 27.28 -13.44 -21.32
C ALA B 194 25.79 -13.45 -21.68
N ALA B 195 24.98 -12.70 -20.93
CA ALA B 195 23.55 -12.63 -21.23
C ALA B 195 23.32 -11.52 -22.28
N GLY B 196 24.40 -11.12 -22.95
CA GLY B 196 24.29 -10.11 -23.98
C GLY B 196 24.10 -8.69 -23.51
N ILE B 197 24.27 -8.43 -22.21
CA ILE B 197 24.10 -7.07 -21.70
C ILE B 197 25.37 -6.24 -21.92
N LYS B 198 25.25 -5.21 -22.74
CA LYS B 198 26.39 -4.33 -23.05
C LYS B 198 26.23 -2.95 -22.45
N CYS B 199 25.35 -2.82 -21.48
CA CYS B 199 25.11 -1.53 -20.84
C CYS B 199 26.15 -1.22 -19.76
N LEU B 200 26.17 0.02 -19.32
CA LEU B 200 27.09 0.47 -18.28
C LEU B 200 26.69 -0.12 -16.93
N LEU B 201 27.56 -0.91 -16.32
CA LEU B 201 27.27 -1.49 -15.03
C LEU B 201 28.00 -0.70 -13.95
N THR B 202 27.42 -0.67 -12.76
CA THR B 202 28.02 0.01 -11.62
C THR B 202 27.67 -0.84 -10.42
N TYR B 203 28.67 -1.17 -9.61
CA TYR B 203 28.46 -2.00 -8.43
C TYR B 203 28.28 -1.17 -7.16
N LYS B 204 27.18 -1.39 -6.47
CA LYS B 204 26.88 -0.66 -5.25
C LYS B 204 26.91 -1.53 -4.02
N PRO B 205 27.38 -0.99 -2.89
CA PRO B 205 27.41 -1.81 -1.66
C PRO B 205 26.11 -1.69 -0.88
N ASP B 206 25.55 -2.82 -0.44
CA ASP B 206 24.32 -2.74 0.34
C ASP B 206 24.46 -1.79 1.53
N VAL B 207 25.67 -1.66 2.08
CA VAL B 207 25.88 -0.75 3.20
C VAL B 207 25.38 0.64 2.82
N TYR B 208 25.79 1.14 1.66
CA TYR B 208 25.33 2.45 1.22
C TYR B 208 23.82 2.41 1.00
N THR B 209 23.34 1.32 0.42
CA THR B 209 21.92 1.16 0.16
C THR B 209 21.12 1.23 1.46
N TYR B 210 21.65 0.62 2.52
CA TYR B 210 21.00 0.63 3.82
C TYR B 210 21.08 2.01 4.48
N LEU B 211 22.23 2.66 4.39
CA LEU B 211 22.39 3.97 5.00
C LEU B 211 21.71 5.04 4.15
N GLY B 212 20.98 4.59 3.13
CA GLY B 212 20.27 5.50 2.25
C GLY B 212 21.17 6.46 1.50
N ILE B 213 22.47 6.16 1.50
CA ILE B 213 23.44 7.00 0.81
C ILE B 213 23.24 6.90 -0.71
N TYR B 214 23.15 8.06 -1.36
CA TYR B 214 22.95 8.09 -2.80
C TYR B 214 23.86 9.13 -3.46
N ARG B 215 24.04 8.99 -4.77
CA ARG B 215 24.91 9.88 -5.55
C ARG B 215 24.93 11.32 -5.07
N ALA B 216 23.76 11.84 -4.68
CA ALA B 216 23.70 13.20 -4.17
C ALA B 216 23.66 13.13 -2.65
N ASN B 217 24.77 13.48 -2.01
CA ASN B 217 24.84 13.45 -0.55
C ASN B 217 25.73 14.55 0.01
N ARG B 218 25.41 14.98 1.24
CA ARG B 218 26.16 16.05 1.91
C ARG B 218 27.66 15.87 1.81
N TRP B 219 28.10 14.62 1.92
CA TRP B 219 29.51 14.27 1.92
C TRP B 219 30.19 14.10 0.57
N HIS B 220 29.42 14.17 -0.52
CA HIS B 220 30.00 14.00 -1.84
C HIS B 220 30.65 12.63 -1.97
N LEU B 221 29.97 11.61 -1.48
CA LEU B 221 30.47 10.25 -1.59
C LEU B 221 29.98 9.65 -2.89
N CYS B 222 30.74 8.72 -3.46
CA CYS B 222 30.32 8.08 -4.68
C CYS B 222 29.93 6.65 -4.30
N PRO B 223 28.65 6.29 -4.51
CA PRO B 223 28.18 4.94 -4.18
C PRO B 223 28.79 3.84 -5.06
N THR B 224 29.27 4.22 -6.24
CA THR B 224 29.86 3.23 -7.14
C THR B 224 31.23 2.75 -6.65
N LEU B 225 31.37 1.44 -6.51
CA LEU B 225 32.63 0.88 -6.08
C LEU B 225 33.29 0.22 -7.30
N TYR B 226 32.48 -0.25 -8.23
CA TYR B 226 32.99 -0.90 -9.42
C TYR B 226 32.33 -0.35 -10.67
N GLU B 227 33.18 -0.04 -11.65
CA GLU B 227 32.79 0.50 -12.94
C GLU B 227 32.96 -0.61 -13.96
N SER B 228 31.91 -0.89 -14.72
CA SER B 228 31.99 -1.92 -15.74
C SER B 228 31.49 -1.35 -17.07
N ARG B 229 32.44 -1.03 -17.96
CA ARG B 229 32.15 -0.48 -19.28
C ARG B 229 32.37 -1.55 -20.33
N PHE B 230 31.38 -1.75 -21.20
CA PHE B 230 31.56 -2.77 -22.23
C PHE B 230 32.32 -2.21 -23.43
N GLN B 231 33.12 -3.07 -24.05
CA GLN B 231 33.89 -2.66 -25.21
C GLN B 231 33.48 -3.43 -26.46
N LEU B 232 32.87 -2.73 -27.41
CA LEU B 232 32.41 -3.31 -28.66
C LEU B 232 33.58 -3.71 -29.55
N GLY B 233 33.24 -4.23 -30.73
CA GLY B 233 34.24 -4.65 -31.70
C GLY B 233 35.26 -5.63 -31.17
N GLY B 234 35.24 -5.86 -29.86
CA GLY B 234 36.16 -6.80 -29.27
C GLY B 234 37.63 -6.45 -29.39
N SER B 235 37.95 -5.45 -30.21
CA SER B 235 39.34 -5.04 -30.39
C SER B 235 39.96 -4.68 -29.04
N ALA B 236 39.16 -4.82 -27.99
CA ALA B 236 39.57 -4.56 -26.63
C ALA B 236 39.22 -5.81 -25.83
N ARG B 237 39.84 -5.99 -24.66
CA ARG B 237 39.57 -7.15 -23.83
C ARG B 237 38.17 -7.15 -23.21
N GLY B 238 37.14 -7.23 -24.07
CA GLY B 238 35.75 -7.26 -23.65
C GLY B 238 35.30 -6.23 -22.63
N SER B 239 34.95 -6.71 -21.44
CA SER B 239 34.47 -5.84 -20.36
C SER B 239 35.60 -5.13 -19.63
N ARG B 240 35.42 -3.84 -19.35
CA ARG B 240 36.43 -3.06 -18.66
C ARG B 240 35.99 -2.75 -17.22
N VAL B 241 36.41 -3.59 -16.28
CA VAL B 241 36.05 -3.43 -14.88
C VAL B 241 37.08 -2.56 -14.16
N LEU B 242 36.59 -1.50 -13.52
CA LEU B 242 37.47 -0.58 -12.80
C LEU B 242 37.06 -0.36 -11.34
N ASP B 243 38.00 -0.63 -10.43
CA ASP B 243 37.78 -0.43 -8.99
C ASP B 243 37.99 1.07 -8.78
N ARG B 244 36.91 1.81 -8.53
CA ARG B 244 37.02 3.24 -8.34
C ARG B 244 37.56 3.66 -6.99
N ALA B 245 37.27 2.87 -5.95
CA ALA B 245 37.75 3.21 -4.62
C ALA B 245 39.28 3.21 -4.57
N ASN B 246 39.90 2.25 -5.24
CA ASN B 246 41.34 2.12 -5.23
C ASN B 246 42.05 2.55 -6.51
N ASN B 247 41.29 2.96 -7.52
CA ASN B 247 41.87 3.38 -8.80
C ASN B 247 42.70 2.24 -9.37
N VAL B 248 42.10 1.06 -9.36
CA VAL B 248 42.72 -0.17 -9.86
C VAL B 248 41.80 -0.77 -10.92
N GLU B 249 42.40 -1.41 -11.92
CA GLU B 249 41.60 -2.03 -12.97
C GLU B 249 41.62 -3.53 -12.72
N LEU B 250 40.46 -4.16 -12.73
CA LEU B 250 40.40 -5.59 -12.53
C LEU B 250 40.50 -6.20 -13.92
N THR B 251 40.55 -5.31 -14.91
CA THR B 251 40.64 -5.64 -16.33
C THR B 251 39.23 -5.90 -16.88
N MSE C 30 -40.67 8.76 -2.56
CA MSE C 30 -39.68 7.85 -3.19
C MSE C 30 -38.25 8.31 -2.99
O MSE C 30 -37.97 9.52 -3.02
CB MSE C 30 -39.98 7.70 -4.69
CG MSE C 30 -41.17 6.82 -4.99
SE MSE C 30 -40.86 5.02 -4.38
CE MSE C 30 -39.82 4.39 -5.88
N ALA C 31 -37.36 7.36 -2.80
CA ALA C 31 -35.94 7.64 -2.58
C ALA C 31 -35.14 7.76 -3.89
N ALA C 32 -35.05 6.66 -4.63
CA ALA C 32 -34.31 6.63 -5.90
C ALA C 32 -34.87 5.58 -6.85
N ASP C 33 -34.46 5.62 -8.12
CA ASP C 33 -34.93 4.65 -9.10
C ASP C 33 -34.71 3.26 -8.54
N MSE C 34 -35.65 2.36 -8.78
CA MSE C 34 -35.57 0.99 -8.31
C MSE C 34 -35.44 0.06 -9.50
O MSE C 34 -35.58 -1.16 -9.37
CB MSE C 34 -36.81 0.63 -7.48
CG MSE C 34 -37.03 1.48 -6.23
SE MSE C 34 -38.23 0.67 -4.93
CE MSE C 34 -39.88 0.84 -5.90
N ASP C 35 -35.15 0.63 -10.66
CA ASP C 35 -35.02 -0.13 -11.89
C ASP C 35 -33.65 -0.77 -12.12
N PRO C 36 -33.62 -1.88 -12.86
CA PRO C 36 -32.40 -2.63 -13.19
C PRO C 36 -31.37 -1.74 -13.89
N TRP C 37 -30.10 -1.99 -13.62
CA TRP C 37 -29.02 -1.23 -14.24
C TRP C 37 -28.32 -2.05 -15.34
N LEU C 38 -27.89 -1.37 -16.39
CA LEU C 38 -27.15 -1.99 -17.48
C LEU C 38 -25.71 -1.65 -17.14
N VAL C 39 -24.94 -2.68 -16.80
CA VAL C 39 -23.57 -2.49 -16.34
C VAL C 39 -22.52 -3.42 -16.95
N PHE C 40 -21.34 -2.86 -17.21
CA PHE C 40 -20.23 -3.68 -17.69
C PHE C 40 -19.24 -3.68 -16.53
N ASP C 41 -19.03 -4.85 -15.93
CA ASP C 41 -18.12 -4.94 -14.79
C ASP C 41 -16.76 -5.42 -15.27
N ALA C 42 -15.79 -4.51 -15.35
CA ALA C 42 -14.46 -4.88 -15.83
C ALA C 42 -13.65 -5.66 -14.80
N ARG C 43 -14.14 -5.71 -13.56
CA ARG C 43 -13.44 -6.45 -12.52
C ARG C 43 -13.65 -7.95 -12.74
N THR C 44 -14.76 -8.30 -13.35
CA THR C 44 -15.09 -9.70 -13.59
C THR C 44 -15.25 -10.06 -15.05
N THR C 45 -15.03 -9.11 -15.95
CA THR C 45 -15.18 -9.35 -17.38
C THR C 45 -13.97 -8.94 -18.21
N PRO C 46 -13.59 -9.78 -19.19
CA PRO C 46 -12.44 -9.48 -20.05
C PRO C 46 -12.70 -8.19 -20.81
N ALA C 47 -11.67 -7.37 -20.92
CA ALA C 47 -11.76 -6.08 -21.60
C ALA C 47 -12.33 -6.19 -23.01
N THR C 48 -12.19 -7.36 -23.62
CA THR C 48 -12.68 -7.56 -24.97
C THR C 48 -14.20 -7.63 -25.07
N GLU C 49 -14.85 -8.04 -23.99
CA GLU C 49 -16.31 -8.14 -23.99
C GLU C 49 -16.87 -6.78 -24.34
N LEU C 50 -16.31 -5.74 -23.73
CA LEU C 50 -16.75 -4.36 -23.94
C LEU C 50 -17.22 -4.12 -25.37
N ASP C 51 -16.33 -4.38 -26.33
CA ASP C 51 -16.63 -4.20 -27.74
C ASP C 51 -18.01 -4.76 -28.09
N ALA C 52 -18.32 -5.98 -27.64
CA ALA C 52 -19.63 -6.53 -27.97
C ALA C 52 -20.69 -5.87 -27.08
N TRP C 53 -20.29 -5.51 -25.87
CA TRP C 53 -21.18 -4.86 -24.92
C TRP C 53 -21.52 -3.46 -25.48
N LEU C 54 -20.62 -2.94 -26.31
CA LEU C 54 -20.80 -1.63 -26.90
C LEU C 54 -21.57 -1.79 -28.20
N ALA C 55 -21.19 -2.79 -28.98
CA ALA C 55 -21.86 -3.06 -30.24
C ALA C 55 -23.33 -3.42 -29.97
N LYS C 56 -23.75 -3.35 -28.72
CA LYS C 56 -25.11 -3.71 -28.34
C LYS C 56 -25.91 -2.67 -27.54
N TYR C 57 -25.26 -1.95 -26.64
CA TYR C 57 -25.99 -1.00 -25.79
C TYR C 57 -25.71 0.51 -25.93
N PRO C 58 -25.79 1.06 -27.14
CA PRO C 58 -25.53 2.50 -27.23
C PRO C 58 -26.71 3.30 -26.64
N PRO C 59 -26.48 4.06 -25.56
CA PRO C 59 -27.52 4.86 -24.89
C PRO C 59 -28.42 5.70 -25.79
N SER C 60 -28.14 5.70 -27.09
CA SER C 60 -28.94 6.44 -28.06
C SER C 60 -30.20 5.64 -28.32
N GLN C 61 -30.08 4.33 -28.09
CA GLN C 61 -31.18 3.43 -28.34
C GLN C 61 -31.80 2.88 -27.08
N VAL C 62 -30.96 2.63 -26.07
CA VAL C 62 -31.43 2.11 -24.79
C VAL C 62 -32.38 3.12 -24.14
N THR C 63 -33.60 2.67 -23.85
CA THR C 63 -34.58 3.56 -23.25
C THR C 63 -34.89 3.23 -21.80
N ARG C 64 -35.27 4.26 -21.06
CA ARG C 64 -35.57 4.12 -19.64
C ARG C 64 -36.57 3.00 -19.35
N TYR C 65 -37.70 2.98 -20.06
CA TYR C 65 -38.73 1.96 -19.80
C TYR C 65 -38.67 0.72 -20.69
N GLY C 66 -37.61 0.56 -21.45
CA GLY C 66 -37.53 -0.60 -22.31
C GLY C 66 -38.73 -0.63 -23.26
N ASP C 67 -39.01 0.50 -23.88
CA ASP C 67 -40.12 0.64 -24.83
C ASP C 67 -39.95 -0.35 -25.97
N PRO C 68 -41.05 -0.75 -26.62
CA PRO C 68 -40.98 -1.68 -27.74
C PRO C 68 -39.99 -1.11 -28.76
N GLY C 69 -39.08 -1.92 -29.26
CA GLY C 69 -38.11 -1.43 -30.22
C GLY C 69 -36.74 -1.20 -29.60
N SER C 70 -36.68 -1.24 -28.27
CA SER C 70 -35.42 -1.03 -27.54
C SER C 70 -34.56 -2.28 -27.51
N PRO C 71 -33.23 -2.11 -27.38
CA PRO C 71 -32.37 -3.29 -27.33
C PRO C 71 -32.61 -4.00 -26.00
N ASN C 72 -33.34 -3.31 -25.12
CA ASN C 72 -33.68 -3.82 -23.78
C ASN C 72 -35.20 -3.96 -23.57
N SER C 73 -35.72 -5.16 -23.77
CA SER C 73 -37.16 -5.38 -23.59
C SER C 73 -37.60 -5.18 -22.14
N GLU C 74 -36.72 -4.55 -21.35
CA GLU C 74 -36.99 -4.28 -19.95
C GLU C 74 -36.36 -2.95 -19.55
N PRO C 75 -37.04 -2.15 -18.72
CA PRO C 75 -36.49 -0.86 -18.29
C PRO C 75 -35.12 -1.00 -17.61
N VAL C 76 -34.30 0.02 -17.81
CA VAL C 76 -32.96 0.08 -17.26
C VAL C 76 -32.82 1.44 -16.55
N GLY C 77 -32.45 1.42 -15.27
CA GLY C 77 -32.31 2.65 -14.53
C GLY C 77 -31.15 3.48 -15.00
N TRP C 78 -30.00 2.82 -15.19
CA TRP C 78 -28.77 3.48 -15.65
C TRP C 78 -27.95 2.50 -16.47
N ILE C 79 -26.99 3.05 -17.22
CA ILE C 79 -26.04 2.28 -18.02
C ILE C 79 -24.73 2.67 -17.35
N ALA C 80 -23.95 1.70 -16.89
CA ALA C 80 -22.71 1.97 -16.18
C ALA C 80 -21.53 1.09 -16.54
N VAL C 81 -20.33 1.63 -16.31
CA VAL C 81 -19.10 0.89 -16.55
C VAL C 81 -18.22 0.99 -15.30
N TYR C 82 -18.00 -0.13 -14.65
CA TYR C 82 -17.17 -0.19 -13.45
C TYR C 82 -15.78 -0.67 -13.81
N GLY C 83 -14.78 0.15 -13.50
CA GLY C 83 -13.41 -0.19 -13.82
C GLY C 83 -12.71 -0.91 -12.68
N GLN C 84 -11.47 -0.54 -12.45
CA GLN C 84 -10.68 -1.13 -11.38
C GLN C 84 -10.28 -0.03 -10.42
N GLY C 85 -10.44 -0.28 -9.12
CA GLY C 85 -10.09 0.70 -8.11
C GLY C 85 -11.25 1.52 -7.56
N TYR C 86 -12.45 1.21 -8.04
CA TYR C 86 -13.66 1.90 -7.62
C TYR C 86 -13.93 1.61 -6.15
N SER C 87 -14.20 2.66 -5.37
CA SER C 87 -14.47 2.51 -3.94
C SER C 87 -15.89 2.96 -3.60
N PRO C 88 -16.84 2.01 -3.46
CA PRO C 88 -18.24 2.28 -3.12
C PRO C 88 -18.51 2.86 -1.73
N ASN C 89 -17.48 3.39 -1.09
CA ASN C 89 -17.61 3.96 0.25
C ASN C 89 -18.70 5.03 0.28
N SER C 90 -18.80 5.72 1.41
CA SER C 90 -19.77 6.78 1.62
C SER C 90 -19.90 7.03 3.13
N GLY C 91 -19.11 7.99 3.62
CA GLY C 91 -19.08 8.33 5.04
C GLY C 91 -20.40 8.53 5.74
N ASP C 92 -20.35 8.93 7.01
CA ASP C 92 -21.56 9.13 7.80
C ASP C 92 -22.47 10.21 7.23
N VAL C 93 -23.37 9.79 6.35
CA VAL C 93 -24.32 10.70 5.73
C VAL C 93 -25.35 11.18 6.76
N GLN C 94 -25.48 10.42 7.85
CA GLN C 94 -26.42 10.75 8.92
C GLN C 94 -26.03 12.04 9.67
N GLY C 95 -24.78 12.11 10.09
CA GLY C 95 -24.31 13.29 10.80
C GLY C 95 -24.28 14.47 9.85
N LEU C 96 -23.76 14.25 8.65
CA LEU C 96 -23.69 15.28 7.62
C LEU C 96 -25.06 15.91 7.50
N GLN C 97 -26.08 15.05 7.48
CA GLN C 97 -27.46 15.50 7.37
C GLN C 97 -27.92 16.15 8.67
N ALA C 98 -27.48 15.58 9.80
CA ALA C 98 -27.80 16.13 11.11
C ALA C 98 -27.22 17.53 11.12
N ALA C 99 -25.88 17.61 11.16
CA ALA C 99 -25.19 18.89 11.15
C ALA C 99 -25.84 19.82 10.12
N TRP C 100 -26.18 19.27 8.96
CA TRP C 100 -26.82 20.06 7.92
C TRP C 100 -28.03 20.80 8.51
N GLU C 101 -28.97 20.03 9.04
CA GLU C 101 -30.16 20.62 9.64
C GLU C 101 -29.81 21.56 10.79
N ALA C 102 -28.81 21.19 11.57
CA ALA C 102 -28.37 22.02 12.70
C ALA C 102 -27.85 23.32 12.14
N LEU C 103 -26.79 23.22 11.34
CA LEU C 103 -26.16 24.38 10.71
C LEU C 103 -27.24 25.28 10.13
N GLN C 104 -28.34 24.68 9.71
CA GLN C 104 -29.45 25.43 9.13
C GLN C 104 -30.22 26.23 10.18
N THR C 105 -31.13 25.55 10.87
CA THR C 105 -31.95 26.19 11.90
C THR C 105 -31.17 27.14 12.80
N SER C 106 -29.85 27.00 12.82
CA SER C 106 -28.99 27.85 13.64
C SER C 106 -28.83 29.25 13.04
N GLY C 107 -29.50 29.49 11.92
CA GLY C 107 -29.43 30.78 11.27
C GLY C 107 -28.12 31.09 10.56
N ARG C 108 -27.07 30.35 10.89
CA ARG C 108 -25.76 30.56 10.29
C ARG C 108 -25.80 30.36 8.77
N PRO C 109 -25.20 31.30 8.01
CA PRO C 109 -25.14 31.26 6.54
C PRO C 109 -24.30 30.14 5.95
N ILE C 110 -24.91 29.36 5.05
CA ILE C 110 -24.22 28.27 4.40
C ILE C 110 -23.47 28.79 3.18
N THR C 111 -22.25 28.29 2.98
CA THR C 111 -21.44 28.71 1.85
C THR C 111 -20.61 27.54 1.35
N PRO C 112 -19.90 27.73 0.23
CA PRO C 112 -19.08 26.64 -0.30
C PRO C 112 -18.05 26.17 0.73
N GLY C 113 -17.67 27.09 1.62
CA GLY C 113 -16.70 26.77 2.64
C GLY C 113 -17.27 25.92 3.77
N THR C 114 -18.40 26.36 4.33
CA THR C 114 -19.02 25.61 5.40
C THR C 114 -19.38 24.21 4.91
N LEU C 115 -19.94 24.13 3.71
CA LEU C 115 -20.31 22.83 3.16
C LEU C 115 -19.06 21.99 2.97
N ARG C 116 -17.98 22.63 2.51
CA ARG C 116 -16.74 21.92 2.31
C ARG C 116 -16.28 21.38 3.66
N GLN C 117 -16.51 22.18 4.70
CA GLN C 117 -16.14 21.81 6.06
C GLN C 117 -16.88 20.52 6.44
N LEU C 118 -18.19 20.49 6.19
CA LEU C 118 -18.97 19.30 6.49
C LEU C 118 -18.40 18.08 5.77
N ALA C 119 -18.14 18.23 4.47
CA ALA C 119 -17.61 17.13 3.67
C ALA C 119 -16.28 16.62 4.22
N ILE C 120 -15.63 17.46 5.02
CA ILE C 120 -14.36 17.09 5.62
C ILE C 120 -14.65 16.48 7.00
N THR C 121 -15.74 16.94 7.62
CA THR C 121 -16.13 16.42 8.93
C THR C 121 -16.69 14.99 8.83
N HIS C 122 -17.61 14.77 7.89
CA HIS C 122 -18.22 13.47 7.73
C HIS C 122 -17.70 12.66 6.58
N HIS C 123 -16.52 13.03 6.08
CA HIS C 123 -15.89 12.33 4.97
C HIS C 123 -16.80 12.01 3.77
N VAL C 124 -17.09 13.02 2.97
CA VAL C 124 -17.91 12.85 1.77
C VAL C 124 -17.08 13.56 0.69
N LEU C 125 -16.13 12.82 0.12
CA LEU C 125 -15.19 13.35 -0.87
C LEU C 125 -15.41 12.91 -2.32
N SER C 126 -16.30 11.93 -2.51
CA SER C 126 -16.60 11.43 -3.84
C SER C 126 -17.06 12.57 -4.74
N GLY C 127 -16.71 12.51 -6.02
CA GLY C 127 -17.10 13.56 -6.95
C GLY C 127 -17.43 13.05 -8.34
N LYS C 128 -18.15 13.86 -9.11
CA LYS C 128 -18.54 13.50 -10.46
C LYS C 128 -18.54 14.63 -11.46
N TRP C 129 -18.01 14.35 -12.65
CA TRP C 129 -17.99 15.29 -13.74
C TRP C 129 -19.29 14.99 -14.51
N LEU C 130 -20.08 16.02 -14.77
CA LEU C 130 -21.34 15.88 -15.52
C LEU C 130 -21.18 16.53 -16.90
N MSE C 131 -21.73 15.87 -17.91
CA MSE C 131 -21.63 16.40 -19.27
C MSE C 131 -22.85 15.97 -20.08
O MSE C 131 -23.46 14.94 -19.79
CB MSE C 131 -20.34 15.92 -19.94
CG MSE C 131 -20.25 14.41 -20.15
SE MSE C 131 -18.44 13.70 -20.06
CE MSE C 131 -18.37 13.49 -18.14
N HIS C 132 -23.18 16.76 -21.09
CA HIS C 132 -24.33 16.47 -21.95
C HIS C 132 -23.95 16.26 -23.42
N LEU C 133 -24.58 15.28 -24.03
CA LEU C 133 -24.31 14.97 -25.42
C LEU C 133 -25.60 14.94 -26.23
N ALA C 134 -25.55 15.53 -27.42
CA ALA C 134 -26.70 15.57 -28.31
C ALA C 134 -27.36 14.19 -28.36
N PRO C 135 -28.66 14.14 -28.69
CA PRO C 135 -29.28 12.81 -28.74
C PRO C 135 -28.90 12.15 -30.06
N GLY C 136 -27.77 11.44 -30.07
CA GLY C 136 -27.34 10.78 -31.28
C GLY C 136 -26.02 10.03 -31.24
N PHE C 137 -25.39 9.95 -32.40
CA PHE C 137 -24.14 9.23 -32.57
C PHE C 137 -22.95 9.84 -31.83
N LYS C 138 -23.01 11.13 -31.55
CA LYS C 138 -21.92 11.77 -30.84
C LYS C 138 -21.97 11.36 -29.37
N LEU C 139 -23.17 11.29 -28.81
CA LEU C 139 -23.32 10.87 -27.41
C LEU C 139 -22.71 9.48 -27.25
N ASP C 140 -23.01 8.58 -28.19
CA ASP C 140 -22.49 7.23 -28.11
C ASP C 140 -20.98 7.16 -28.27
N HIS C 141 -20.49 7.65 -29.41
CA HIS C 141 -19.07 7.64 -29.72
C HIS C 141 -18.15 7.99 -28.54
N ALA C 142 -18.63 8.83 -27.63
CA ALA C 142 -17.83 9.24 -26.49
C ALA C 142 -18.04 8.31 -25.30
N TRP C 143 -19.28 7.80 -25.18
CA TRP C 143 -19.60 6.89 -24.09
C TRP C 143 -18.67 5.70 -24.18
N ALA C 144 -18.32 5.32 -25.41
CA ALA C 144 -17.41 4.21 -25.66
C ALA C 144 -15.99 4.61 -25.24
N GLY C 145 -15.64 5.87 -25.45
CA GLY C 145 -14.32 6.34 -25.05
C GLY C 145 -14.26 6.46 -23.52
N ILE C 146 -15.33 6.95 -22.93
CA ILE C 146 -15.40 7.07 -21.48
C ILE C 146 -15.34 5.65 -20.92
N ALA C 147 -16.08 4.73 -21.54
CA ALA C 147 -16.10 3.35 -21.11
C ALA C 147 -14.72 2.73 -21.28
N ARG C 148 -14.13 2.93 -22.46
CA ARG C 148 -12.81 2.41 -22.72
C ARG C 148 -11.84 2.90 -21.64
N ALA C 149 -11.88 4.20 -21.34
CA ALA C 149 -11.00 4.76 -20.32
C ALA C 149 -11.18 4.10 -18.93
N VAL C 150 -12.43 3.79 -18.57
CA VAL C 150 -12.74 3.14 -17.30
C VAL C 150 -12.12 1.75 -17.28
N VAL C 151 -12.14 1.08 -18.42
CA VAL C 151 -11.56 -0.25 -18.51
C VAL C 151 -10.02 -0.22 -18.51
N GLU C 152 -9.44 0.77 -19.16
CA GLU C 152 -7.98 0.87 -19.20
C GLU C 152 -7.42 1.39 -17.88
N GLY C 153 -8.32 1.73 -16.95
CA GLY C 153 -7.90 2.21 -15.64
C GLY C 153 -7.66 3.71 -15.53
N ARG C 154 -8.12 4.48 -16.51
CA ARG C 154 -7.90 5.92 -16.46
C ARG C 154 -9.15 6.61 -15.91
N LEU C 155 -10.08 5.79 -15.43
CA LEU C 155 -11.34 6.25 -14.84
C LEU C 155 -11.82 5.09 -13.96
N GLN C 156 -12.42 5.42 -12.82
CA GLN C 156 -12.87 4.41 -11.88
C GLN C 156 -14.26 3.85 -12.19
N VAL C 157 -15.23 4.75 -12.39
CA VAL C 157 -16.58 4.34 -12.71
C VAL C 157 -17.21 5.41 -13.61
N ALA C 158 -18.20 5.01 -14.39
CA ALA C 158 -18.89 5.93 -15.29
C ALA C 158 -20.29 5.44 -15.57
N LYS C 159 -21.22 6.38 -15.71
CA LYS C 159 -22.60 6.05 -15.97
C LYS C 159 -23.20 7.01 -17.00
N VAL C 160 -24.08 6.50 -17.84
CA VAL C 160 -24.77 7.35 -18.81
C VAL C 160 -26.25 7.05 -18.68
N SER C 161 -27.05 8.11 -18.56
CA SER C 161 -28.49 7.93 -18.44
C SER C 161 -29.06 7.20 -19.66
N PRO C 162 -30.37 6.96 -19.67
CA PRO C 162 -30.97 6.27 -20.82
C PRO C 162 -31.75 7.31 -21.63
N ARG C 163 -32.23 6.90 -22.80
CA ARG C 163 -33.01 7.78 -23.66
C ARG C 163 -34.39 7.99 -23.02
N ALA C 164 -34.76 9.25 -22.83
CA ALA C 164 -36.05 9.60 -22.25
C ALA C 164 -37.11 9.74 -23.35
N LYS C 165 -38.37 9.91 -22.94
CA LYS C 165 -39.47 10.04 -23.89
C LYS C 165 -39.35 11.32 -24.72
N GLU C 166 -39.28 12.46 -24.04
CA GLU C 166 -39.18 13.74 -24.73
C GLU C 166 -37.85 13.81 -25.49
N GLY C 167 -36.96 12.87 -25.19
CA GLY C 167 -35.67 12.87 -25.84
C GLY C 167 -34.75 13.87 -25.15
N GLY C 168 -34.13 14.74 -25.93
CA GLY C 168 -33.26 15.75 -25.35
C GLY C 168 -31.90 15.19 -25.00
N ARG C 169 -30.97 16.07 -24.66
CA ARG C 169 -29.63 15.62 -24.32
C ARG C 169 -29.71 14.64 -23.17
N GLN C 170 -28.74 13.74 -23.10
CA GLN C 170 -28.67 12.75 -22.04
C GLN C 170 -27.46 13.07 -21.16
N VAL C 171 -27.29 12.34 -20.07
CA VAL C 171 -26.17 12.61 -19.18
C VAL C 171 -25.16 11.47 -19.00
N ILE C 172 -23.89 11.84 -18.94
CA ILE C 172 -22.78 10.92 -18.70
C ILE C 172 -22.13 11.42 -17.41
N CYS C 173 -21.91 10.52 -16.47
CA CYS C 173 -21.30 10.85 -15.20
C CYS C 173 -19.94 10.15 -15.05
N VAL C 174 -18.94 10.92 -14.63
CA VAL C 174 -17.61 10.39 -14.40
C VAL C 174 -17.26 10.76 -12.96
N TYR C 175 -17.21 9.74 -12.10
CA TYR C 175 -16.93 9.92 -10.67
C TYR C 175 -15.45 9.84 -10.30
N THR C 176 -15.07 10.61 -9.28
CA THR C 176 -13.69 10.61 -8.77
C THR C 176 -13.88 10.48 -7.25
N ASP C 177 -12.89 9.97 -6.55
CA ASP C 177 -13.05 9.76 -5.10
C ASP C 177 -12.88 10.91 -4.13
N ASP C 178 -12.06 11.89 -4.47
CA ASP C 178 -11.82 13.02 -3.57
C ASP C 178 -11.91 14.32 -4.37
N PHE C 179 -12.96 15.10 -4.14
CA PHE C 179 -13.08 16.34 -4.88
C PHE C 179 -12.08 17.41 -4.47
N THR C 180 -11.34 17.15 -3.39
CA THR C 180 -10.35 18.13 -2.93
C THR C 180 -8.97 17.81 -3.52
N ASP C 181 -8.89 16.72 -4.29
CA ASP C 181 -7.62 16.37 -4.92
C ASP C 181 -7.60 16.89 -6.35
N ARG C 182 -7.11 18.11 -6.54
CA ARG C 182 -7.05 18.73 -7.85
C ARG C 182 -6.49 17.82 -8.94
N LEU C 183 -5.38 17.15 -8.65
CA LEU C 183 -4.77 16.27 -9.63
C LEU C 183 -5.77 15.20 -10.06
N GLY C 184 -6.53 14.69 -9.09
CA GLY C 184 -7.52 13.68 -9.39
C GLY C 184 -8.57 14.19 -10.37
N VAL C 185 -9.09 15.37 -10.07
CA VAL C 185 -10.08 16.02 -10.91
C VAL C 185 -9.53 16.18 -12.33
N LEU C 186 -8.36 16.79 -12.46
CA LEU C 186 -7.75 17.00 -13.77
C LEU C 186 -7.47 15.70 -14.52
N GLU C 187 -7.22 14.63 -13.78
CA GLU C 187 -6.98 13.33 -14.40
C GLU C 187 -8.23 12.92 -15.18
N ALA C 188 -9.38 12.92 -14.50
CA ALA C 188 -10.64 12.56 -15.15
C ALA C 188 -10.83 13.43 -16.38
N ASP C 189 -10.78 14.74 -16.19
CA ASP C 189 -10.92 15.72 -17.27
C ASP C 189 -10.12 15.29 -18.51
N SER C 190 -8.80 15.19 -18.33
CA SER C 190 -7.93 14.81 -19.43
C SER C 190 -8.40 13.54 -20.10
N ALA C 191 -8.82 12.57 -19.30
CA ALA C 191 -9.31 11.31 -19.84
C ALA C 191 -10.58 11.59 -20.64
N ILE C 192 -11.43 12.45 -20.09
CA ILE C 192 -12.67 12.80 -20.79
C ILE C 192 -12.33 13.52 -22.09
N ARG C 193 -11.40 14.47 -22.03
CA ARG C 193 -11.01 15.19 -23.23
C ARG C 193 -10.28 14.22 -24.18
N ALA C 194 -9.61 13.23 -23.61
CA ALA C 194 -8.90 12.25 -24.42
C ALA C 194 -9.88 11.37 -25.16
N ALA C 195 -11.15 11.45 -24.78
CA ALA C 195 -12.18 10.68 -25.43
C ALA C 195 -12.80 11.55 -26.53
N GLY C 196 -12.26 12.75 -26.68
CA GLY C 196 -12.75 13.67 -27.69
C GLY C 196 -13.94 14.51 -27.27
N ILE C 197 -14.29 14.48 -25.99
CA ILE C 197 -15.41 15.25 -25.49
C ILE C 197 -15.10 16.73 -25.28
N LYS C 198 -15.82 17.58 -26.01
CA LYS C 198 -15.61 19.02 -25.97
C LYS C 198 -16.71 19.81 -25.28
N CYS C 199 -17.65 19.09 -24.69
CA CYS C 199 -18.79 19.70 -24.00
C CYS C 199 -18.37 20.36 -22.69
N LEU C 200 -19.23 21.22 -22.16
CA LEU C 200 -18.95 21.90 -20.91
C LEU C 200 -19.13 20.92 -19.76
N LEU C 201 -18.08 20.72 -18.97
CA LEU C 201 -18.14 19.81 -17.83
C LEU C 201 -18.29 20.60 -16.54
N THR C 202 -19.20 20.14 -15.67
CA THR C 202 -19.41 20.77 -14.37
C THR C 202 -19.17 19.70 -13.31
N TYR C 203 -18.75 20.13 -12.13
CA TYR C 203 -18.46 19.21 -11.06
C TYR C 203 -19.46 19.35 -9.91
N LYS C 204 -20.18 18.27 -9.63
CA LYS C 204 -21.18 18.25 -8.56
C LYS C 204 -20.71 17.50 -7.30
N PRO C 205 -20.65 18.21 -6.16
CA PRO C 205 -20.23 17.60 -4.89
C PRO C 205 -21.18 16.51 -4.45
N ASP C 206 -20.63 15.33 -4.20
CA ASP C 206 -21.47 14.21 -3.78
C ASP C 206 -22.24 14.56 -2.51
N VAL C 207 -21.78 15.59 -1.79
CA VAL C 207 -22.43 16.03 -0.56
C VAL C 207 -23.67 16.89 -0.88
N TYR C 208 -23.58 17.74 -1.90
CA TYR C 208 -24.72 18.57 -2.28
C TYR C 208 -25.92 17.68 -2.61
N THR C 209 -25.69 16.66 -3.43
CA THR C 209 -26.74 15.73 -3.80
C THR C 209 -27.29 15.11 -2.53
N TYR C 210 -26.40 14.61 -1.68
CA TYR C 210 -26.80 13.98 -0.44
C TYR C 210 -27.62 14.92 0.44
N LEU C 211 -27.34 16.22 0.33
CA LEU C 211 -28.07 17.21 1.11
C LEU C 211 -29.24 17.74 0.30
N GLY C 212 -28.95 18.64 -0.64
CA GLY C 212 -30.00 19.20 -1.48
C GLY C 212 -29.60 20.48 -2.19
N ILE C 213 -28.30 20.75 -2.24
CA ILE C 213 -27.81 21.94 -2.90
C ILE C 213 -28.00 21.74 -4.41
N TYR C 214 -29.24 21.87 -4.85
CA TYR C 214 -29.59 21.69 -6.25
C TYR C 214 -29.68 22.99 -7.02
N ARG C 215 -30.17 22.90 -8.26
CA ARG C 215 -30.34 24.05 -9.12
C ARG C 215 -31.25 25.04 -8.40
N ALA C 216 -30.75 26.23 -8.12
CA ALA C 216 -31.54 27.23 -7.42
C ALA C 216 -31.99 26.73 -6.04
N ASN C 217 -31.10 26.86 -5.06
CA ASN C 217 -31.40 26.44 -3.70
C ASN C 217 -31.63 27.66 -2.82
N ARG C 218 -32.42 27.47 -1.75
CA ARG C 218 -32.75 28.54 -0.82
C ARG C 218 -31.56 29.38 -0.40
N TRP C 219 -30.37 28.79 -0.47
CA TRP C 219 -29.16 29.46 -0.04
C TRP C 219 -28.35 30.16 -1.13
N HIS C 220 -28.78 30.02 -2.38
CA HIS C 220 -28.07 30.62 -3.50
C HIS C 220 -26.64 30.10 -3.54
N LEU C 221 -26.49 28.80 -3.31
CA LEU C 221 -25.19 28.16 -3.34
C LEU C 221 -24.85 27.79 -4.78
N CYS C 222 -23.57 27.80 -5.11
CA CYS C 222 -23.15 27.43 -6.45
C CYS C 222 -22.99 25.90 -6.37
N PRO C 223 -23.96 25.16 -6.92
CA PRO C 223 -23.90 23.70 -6.88
C PRO C 223 -22.75 23.10 -7.69
N THR C 224 -21.96 23.97 -8.32
CA THR C 224 -20.85 23.50 -9.13
C THR C 224 -19.51 23.91 -8.54
N LEU C 225 -18.64 22.95 -8.30
CA LEU C 225 -17.32 23.22 -7.75
C LEU C 225 -16.30 23.59 -8.81
N TYR C 226 -16.26 22.82 -9.89
CA TYR C 226 -15.32 23.08 -10.96
C TYR C 226 -16.06 23.24 -12.27
N GLU C 227 -15.40 23.87 -13.23
CA GLU C 227 -15.96 24.10 -14.54
C GLU C 227 -14.88 23.81 -15.58
N SER C 228 -15.22 23.03 -16.60
CA SER C 228 -14.26 22.74 -17.64
C SER C 228 -14.79 23.11 -19.01
N ARG C 229 -14.36 24.27 -19.50
CA ARG C 229 -14.76 24.75 -20.81
C ARG C 229 -13.67 24.32 -21.79
N PHE C 230 -14.08 23.64 -22.87
CA PHE C 230 -13.09 23.22 -23.84
C PHE C 230 -12.78 24.38 -24.79
N GLN C 231 -11.51 24.49 -25.15
CA GLN C 231 -11.05 25.54 -26.02
C GLN C 231 -10.42 24.97 -27.29
N LEU C 232 -11.02 25.29 -28.42
CA LEU C 232 -10.55 24.85 -29.75
C LEU C 232 -9.51 25.84 -30.29
N GLY C 233 -8.76 25.42 -31.31
CA GLY C 233 -7.79 26.32 -31.92
C GLY C 233 -6.31 26.06 -31.75
N GLY C 234 -5.77 26.42 -30.58
CA GLY C 234 -4.35 26.21 -30.35
C GLY C 234 -3.71 27.32 -29.54
N SER C 235 -4.36 28.48 -29.49
CA SER C 235 -3.84 29.61 -28.74
C SER C 235 -4.42 29.65 -27.32
N ALA C 236 -4.69 28.46 -26.79
CA ALA C 236 -5.23 28.28 -25.44
C ALA C 236 -5.20 26.79 -25.11
N ARG C 237 -4.97 26.46 -23.84
CA ARG C 237 -4.94 25.05 -23.44
C ARG C 237 -6.28 24.43 -23.81
N GLY C 238 -6.22 23.30 -24.53
CA GLY C 238 -7.44 22.63 -24.95
C GLY C 238 -8.56 22.66 -23.92
N SER C 239 -8.22 22.48 -22.65
CA SER C 239 -9.22 22.46 -21.59
C SER C 239 -8.93 23.48 -20.48
N ARG C 240 -9.89 24.36 -20.22
CA ARG C 240 -9.76 25.38 -19.18
C ARG C 240 -10.66 25.00 -18.00
N VAL C 241 -10.03 24.60 -16.90
CA VAL C 241 -10.77 24.18 -15.71
C VAL C 241 -10.74 25.21 -14.62
N LEU C 242 -11.92 25.72 -14.27
CA LEU C 242 -12.05 26.72 -13.23
C LEU C 242 -12.49 26.13 -11.89
N ASP C 243 -12.05 26.77 -10.81
CA ASP C 243 -12.40 26.37 -9.46
C ASP C 243 -13.41 27.39 -8.96
N ARG C 244 -14.69 27.04 -8.98
CA ARG C 244 -15.74 27.94 -8.55
C ARG C 244 -15.71 28.25 -7.05
N ALA C 245 -14.79 27.62 -6.33
CA ALA C 245 -14.69 27.85 -4.89
C ALA C 245 -13.60 28.87 -4.56
N ASN C 246 -12.37 28.60 -5.02
CA ASN C 246 -11.26 29.49 -4.78
C ASN C 246 -11.22 30.57 -5.85
N ASN C 247 -12.20 30.53 -6.74
CA ASN C 247 -12.28 31.48 -7.84
C ASN C 247 -10.93 31.49 -8.55
N VAL C 248 -10.35 30.30 -8.69
CA VAL C 248 -9.05 30.17 -9.34
C VAL C 248 -9.09 29.15 -10.48
N GLU C 249 -8.20 29.30 -11.44
CA GLU C 249 -8.14 28.41 -12.59
C GLU C 249 -7.14 27.28 -12.35
N LEU C 250 -7.01 26.38 -13.32
CA LEU C 250 -6.09 25.26 -13.23
C LEU C 250 -5.52 24.90 -14.61
N GLU A 17 21.65 -8.74 50.02
CA GLU A 17 21.15 -7.56 50.77
C GLU A 17 21.57 -6.29 50.05
N ASP A 18 21.71 -6.38 48.73
CA ASP A 18 22.12 -5.23 47.94
C ASP A 18 21.19 -4.91 46.77
N GLY A 19 20.44 -3.81 46.90
CA GLY A 19 19.52 -3.42 45.84
C GLY A 19 18.38 -2.54 46.31
N PHE A 20 18.63 -1.74 47.34
CA PHE A 20 17.60 -0.87 47.89
C PHE A 20 17.88 0.62 47.70
N THR A 21 18.95 0.97 47.00
CA THR A 21 19.29 2.37 46.80
C THR A 21 18.37 3.07 45.81
N ALA A 22 18.36 4.39 45.87
CA ALA A 22 17.55 5.20 44.97
C ALA A 22 18.00 5.02 43.52
N GLU A 23 19.31 5.07 43.29
CA GLU A 23 19.85 4.92 41.95
C GLU A 23 19.46 3.59 41.32
N HIS A 24 19.54 2.51 42.09
CA HIS A 24 19.20 1.18 41.59
C HIS A 24 17.68 1.00 41.41
N LEU A 25 16.89 1.33 42.42
CA LEU A 25 15.44 1.19 42.32
C LEU A 25 14.88 2.04 41.18
N ALA A 26 15.70 2.94 40.67
CA ALA A 26 15.27 3.81 39.58
C ALA A 26 15.68 3.23 38.23
N ALA A 27 16.98 3.19 37.98
CA ALA A 27 17.51 2.68 36.72
C ALA A 27 16.90 1.33 36.40
N GLU A 28 16.86 0.45 37.41
CA GLU A 28 16.31 -0.90 37.24
C GLU A 28 14.87 -0.83 36.78
N ALA A 29 13.99 -0.36 37.65
CA ALA A 29 12.58 -0.26 37.33
C ALA A 29 12.37 0.39 35.97
N MSE A 30 12.02 -0.42 34.98
CA MSE A 30 11.79 0.07 33.65
C MSE A 30 10.64 -0.63 32.92
O MSE A 30 10.45 -1.84 33.04
CB MSE A 30 13.07 -0.05 32.82
CG MSE A 30 12.92 0.37 31.35
SE MSE A 30 12.14 -1.00 30.21
CE MSE A 30 13.50 -1.02 28.84
N ALA A 31 9.90 0.16 32.17
CA ALA A 31 8.77 -0.30 31.36
C ALA A 31 8.69 0.70 30.21
N ALA A 32 8.71 0.21 28.97
CA ALA A 32 8.63 1.09 27.81
C ALA A 32 7.38 1.97 27.85
N ASP A 33 6.24 1.39 28.24
CA ASP A 33 4.99 2.13 28.33
C ASP A 33 4.48 2.17 29.77
N MSE A 34 4.64 3.32 30.41
CA MSE A 34 4.24 3.48 31.80
C MSE A 34 3.04 4.41 31.97
O MSE A 34 2.76 4.88 33.07
CB MSE A 34 5.43 4.01 32.60
CG MSE A 34 6.68 3.15 32.43
SE MSE A 34 8.13 3.69 33.59
CE MSE A 34 7.70 2.57 35.11
N ASP A 35 2.33 4.64 30.86
CA ASP A 35 1.18 5.54 30.88
C ASP A 35 -0.17 4.84 31.00
N PRO A 36 -1.21 5.60 31.36
CA PRO A 36 -2.54 4.98 31.48
C PRO A 36 -3.10 4.60 30.11
N TRP A 37 -3.90 3.54 30.08
CA TRP A 37 -4.52 3.10 28.84
C TRP A 37 -5.98 3.54 28.82
N LEU A 38 -6.54 3.72 27.63
CA LEU A 38 -7.94 4.09 27.47
C LEU A 38 -8.67 2.77 27.23
N VAL A 39 -9.46 2.36 28.22
CA VAL A 39 -10.09 1.07 28.10
C VAL A 39 -11.58 1.02 28.29
N PHE A 40 -12.26 0.40 27.34
CA PHE A 40 -13.68 0.20 27.46
C PHE A 40 -13.74 -1.28 27.80
N ASP A 41 -13.99 -1.60 29.06
CA ASP A 41 -14.05 -3.00 29.48
C ASP A 41 -15.46 -3.55 29.33
N ALA A 42 -15.67 -4.42 28.35
CA ALA A 42 -16.99 -4.99 28.12
C ALA A 42 -17.44 -5.88 29.27
N ARG A 43 -16.48 -6.54 29.92
CA ARG A 43 -16.77 -7.42 31.04
C ARG A 43 -17.37 -6.69 32.23
N THR A 44 -17.27 -5.37 32.23
CA THR A 44 -17.77 -4.58 33.35
C THR A 44 -18.61 -3.40 32.88
N THR A 45 -18.64 -3.15 31.59
CA THR A 45 -19.38 -2.02 31.04
C THR A 45 -20.45 -2.46 30.04
N PRO A 46 -21.67 -1.93 30.18
CA PRO A 46 -22.79 -2.28 29.28
C PRO A 46 -22.48 -1.86 27.85
N ALA A 47 -22.52 -2.82 26.93
CA ALA A 47 -22.24 -2.57 25.52
C ALA A 47 -22.97 -1.34 24.99
N THR A 48 -24.07 -0.97 25.65
CA THR A 48 -24.84 0.18 25.21
C THR A 48 -24.07 1.50 25.36
N GLU A 49 -22.92 1.44 26.04
CA GLU A 49 -22.11 2.63 26.25
C GLU A 49 -20.96 2.82 25.26
N LEU A 50 -20.56 1.74 24.60
CA LEU A 50 -19.47 1.81 23.62
C LEU A 50 -19.61 3.01 22.69
N ASP A 51 -20.86 3.25 22.30
CA ASP A 51 -21.20 4.34 21.40
C ASP A 51 -20.63 5.71 21.81
N ALA A 52 -21.09 6.25 22.93
CA ALA A 52 -20.59 7.54 23.38
C ALA A 52 -19.07 7.47 23.60
N TRP A 53 -18.59 6.30 23.99
CA TRP A 53 -17.16 6.09 24.24
C TRP A 53 -16.41 6.19 22.91
N LEU A 54 -16.90 5.49 21.89
CA LEU A 54 -16.24 5.54 20.59
C LEU A 54 -16.19 6.98 20.09
N ALA A 55 -17.26 7.72 20.35
CA ALA A 55 -17.36 9.11 19.92
C ALA A 55 -16.53 10.01 20.82
N LYS A 56 -16.37 9.57 22.06
CA LYS A 56 -15.59 10.30 23.04
C LYS A 56 -14.10 10.30 22.74
N TYR A 57 -13.53 9.10 22.58
CA TYR A 57 -12.09 8.98 22.36
C TYR A 57 -11.63 8.46 21.00
N PRO A 58 -11.79 9.26 19.95
CA PRO A 58 -11.33 8.75 18.65
C PRO A 58 -9.79 8.79 18.54
N PRO A 59 -9.19 7.81 17.86
CA PRO A 59 -7.72 7.80 17.74
C PRO A 59 -7.08 8.96 16.97
N SER A 60 -7.83 9.61 16.09
CA SER A 60 -7.26 10.74 15.34
C SER A 60 -7.18 11.93 16.30
N GLN A 61 -7.93 11.82 17.37
CA GLN A 61 -8.00 12.86 18.39
C GLN A 61 -7.13 12.54 19.60
N VAL A 62 -7.32 11.33 20.16
CA VAL A 62 -6.55 10.88 21.32
C VAL A 62 -5.07 11.00 20.99
N THR A 63 -4.34 11.82 21.75
CA THR A 63 -2.93 12.01 21.47
C THR A 63 -1.96 11.33 22.42
N ARG A 64 -0.91 10.76 21.87
CA ARG A 64 0.11 10.06 22.64
C ARG A 64 0.69 10.93 23.76
N TYR A 65 0.36 12.22 23.76
CA TYR A 65 0.89 13.09 24.80
C TYR A 65 -0.15 13.92 25.55
N GLY A 66 -1.43 13.61 25.33
CA GLY A 66 -2.47 14.36 26.00
C GLY A 66 -2.44 15.81 25.57
N ASP A 67 -1.97 16.03 24.34
CA ASP A 67 -1.85 17.36 23.76
C ASP A 67 -3.07 18.25 23.97
N PRO A 68 -2.83 19.51 24.37
CA PRO A 68 -3.92 20.45 24.59
C PRO A 68 -4.72 20.58 23.31
N GLY A 69 -6.02 20.29 23.37
CA GLY A 69 -6.86 20.38 22.18
C GLY A 69 -7.41 19.03 21.81
N SER A 70 -7.46 18.14 22.80
CA SER A 70 -7.96 16.78 22.61
C SER A 70 -8.58 16.27 23.91
N PRO A 71 -9.31 15.16 23.86
CA PRO A 71 -9.92 14.66 25.09
C PRO A 71 -8.95 14.32 26.22
N ASN A 72 -7.80 13.72 25.90
CA ASN A 72 -6.85 13.37 26.96
C ASN A 72 -5.82 14.49 27.13
N SER A 73 -5.47 14.79 28.37
CA SER A 73 -4.49 15.85 28.67
C SER A 73 -3.17 15.25 29.14
N GLU A 74 -2.97 13.97 28.85
CA GLU A 74 -1.75 13.27 29.24
C GLU A 74 -1.58 12.05 28.35
N PRO A 75 -0.33 11.68 28.04
CA PRO A 75 -0.09 10.52 27.20
C PRO A 75 -0.99 9.35 27.60
N VAL A 76 -1.40 8.57 26.62
CA VAL A 76 -2.28 7.43 26.86
C VAL A 76 -1.78 6.21 26.11
N GLY A 77 -1.81 5.07 26.79
CA GLY A 77 -1.38 3.84 26.16
C GLY A 77 -2.01 3.67 24.80
N TRP A 78 -3.22 3.12 24.76
CA TRP A 78 -3.91 2.90 23.48
C TRP A 78 -5.33 3.47 23.48
N ILE A 79 -6.29 2.57 23.41
CA ILE A 79 -7.69 2.87 23.39
C ILE A 79 -8.35 1.53 23.74
N ALA A 80 -7.48 0.52 23.81
CA ALA A 80 -7.80 -0.86 24.13
C ALA A 80 -9.25 -1.22 24.33
N VAL A 81 -9.65 -2.32 23.70
CA VAL A 81 -11.01 -2.83 23.82
C VAL A 81 -10.92 -4.28 24.27
N TYR A 82 -11.46 -4.56 25.46
CA TYR A 82 -11.47 -5.90 26.02
C TYR A 82 -12.85 -6.52 25.91
N GLY A 83 -12.93 -7.70 25.30
CA GLY A 83 -14.21 -8.37 25.12
C GLY A 83 -14.71 -9.12 26.34
N GLN A 84 -16.02 -9.31 26.41
CA GLN A 84 -16.61 -10.02 27.52
C GLN A 84 -15.96 -11.39 27.67
N GLY A 85 -15.61 -11.75 28.88
CA GLY A 85 -14.96 -13.02 29.11
C GLY A 85 -13.48 -12.97 28.82
N TYR A 86 -12.95 -11.77 28.63
CA TYR A 86 -11.54 -11.59 28.35
C TYR A 86 -10.66 -12.22 29.42
N SER A 87 -9.78 -13.13 29.02
CA SER A 87 -8.88 -13.80 29.95
C SER A 87 -7.53 -14.15 29.32
N PRO A 88 -6.51 -13.33 29.57
CA PRO A 88 -5.16 -13.53 29.03
C PRO A 88 -4.48 -14.76 29.65
N ASN A 89 -3.32 -15.12 29.13
CA ASN A 89 -2.57 -16.27 29.64
C ASN A 89 -1.28 -16.54 28.88
N SER A 90 -0.21 -15.84 29.24
CA SER A 90 1.08 -16.06 28.58
C SER A 90 1.61 -17.39 29.11
N GLY A 91 1.91 -18.31 28.19
CA GLY A 91 2.41 -19.61 28.60
C GLY A 91 3.55 -19.47 29.60
N ASP A 92 4.78 -19.58 29.11
CA ASP A 92 5.95 -19.47 29.97
C ASP A 92 7.04 -18.71 29.25
N VAL A 93 7.02 -17.38 29.39
CA VAL A 93 8.01 -16.54 28.74
C VAL A 93 9.41 -16.77 29.31
N GLN A 94 9.48 -17.18 30.57
CA GLN A 94 10.76 -17.43 31.21
C GLN A 94 11.52 -18.55 30.50
N GLY A 95 10.91 -19.73 30.45
CA GLY A 95 11.55 -20.86 29.78
C GLY A 95 11.91 -20.55 28.34
N LEU A 96 11.02 -19.85 27.63
CA LEU A 96 11.25 -19.48 26.24
C LEU A 96 12.54 -18.67 26.11
N GLN A 97 12.51 -17.45 26.66
CA GLN A 97 13.65 -16.55 26.60
C GLN A 97 14.97 -17.22 26.98
N ALA A 98 14.87 -18.28 27.79
CA ALA A 98 16.03 -19.04 28.24
C ALA A 98 16.44 -19.97 27.10
N ALA A 99 15.51 -20.83 26.70
CA ALA A 99 15.76 -21.77 25.62
C ALA A 99 16.24 -21.00 24.39
N TRP A 100 15.60 -19.87 24.13
CA TRP A 100 15.95 -19.04 22.98
C TRP A 100 17.44 -18.74 22.93
N GLU A 101 17.97 -18.18 24.01
CA GLU A 101 19.39 -17.82 24.06
C GLU A 101 20.29 -19.05 23.99
N ALA A 102 19.73 -20.22 24.30
CA ALA A 102 20.49 -21.46 24.26
C ALA A 102 20.66 -21.94 22.81
N LEU A 103 19.79 -21.47 21.93
CA LEU A 103 19.85 -21.85 20.52
C LEU A 103 21.09 -21.31 19.83
N GLN A 104 21.66 -20.24 20.37
CA GLN A 104 22.86 -19.64 19.81
C GLN A 104 24.03 -20.63 19.96
N THR A 105 23.71 -21.81 20.45
CA THR A 105 24.71 -22.85 20.66
C THR A 105 24.04 -24.23 20.55
N SER A 106 22.72 -24.21 20.37
CA SER A 106 21.93 -25.44 20.25
C SER A 106 22.31 -26.24 19.01
N GLY A 107 23.28 -25.73 18.26
CA GLY A 107 23.72 -26.41 17.05
C GLY A 107 22.67 -26.48 15.97
N ARG A 108 21.40 -26.38 16.36
CA ARG A 108 20.31 -26.43 15.40
C ARG A 108 20.11 -25.11 14.70
N PRO A 109 19.72 -25.14 13.42
CA PRO A 109 19.50 -23.92 12.65
C PRO A 109 18.22 -23.17 13.05
N ILE A 110 18.39 -21.99 13.64
CA ILE A 110 17.27 -21.17 14.06
C ILE A 110 16.42 -20.79 12.84
N THR A 111 15.25 -21.39 12.75
CA THR A 111 14.34 -21.14 11.64
C THR A 111 12.92 -20.94 12.15
N PRO A 112 12.02 -20.44 11.29
CA PRO A 112 10.63 -20.23 11.71
C PRO A 112 10.08 -21.56 12.23
N GLY A 113 10.72 -22.64 11.80
CA GLY A 113 10.30 -23.96 12.22
C GLY A 113 10.72 -24.25 13.64
N THR A 114 12.00 -24.08 13.93
CA THR A 114 12.52 -24.34 15.26
C THR A 114 12.02 -23.30 16.25
N LEU A 115 11.43 -22.23 15.74
CA LEU A 115 10.88 -21.18 16.59
C LEU A 115 9.36 -21.26 16.57
N ARG A 116 8.85 -22.30 15.91
CA ARG A 116 7.43 -22.54 15.82
C ARG A 116 7.11 -23.53 16.94
N GLN A 117 7.85 -24.63 16.95
CA GLN A 117 7.66 -25.66 17.96
C GLN A 117 8.20 -25.09 19.27
N LEU A 118 9.18 -24.20 19.16
CA LEU A 118 9.79 -23.57 20.34
C LEU A 118 8.77 -22.64 20.99
N ALA A 119 7.53 -22.71 20.51
CA ALA A 119 6.46 -21.88 21.05
C ALA A 119 5.38 -22.72 21.69
N ILE A 120 4.96 -23.79 21.01
CA ILE A 120 3.93 -24.67 21.55
C ILE A 120 4.43 -25.40 22.78
N THR A 121 5.75 -25.50 22.90
CA THR A 121 6.37 -26.17 24.04
C THR A 121 5.86 -25.58 25.35
N HIS A 122 5.83 -24.26 25.44
CA HIS A 122 5.38 -23.61 26.66
C HIS A 122 4.02 -22.94 26.57
N HIS A 123 3.17 -23.46 25.68
CA HIS A 123 1.84 -22.94 25.47
C HIS A 123 1.79 -21.42 25.42
N VAL A 124 2.72 -20.83 24.68
CA VAL A 124 2.77 -19.38 24.50
C VAL A 124 2.35 -19.13 23.05
N LEU A 125 1.03 -19.10 22.82
CA LEU A 125 0.52 -18.91 21.47
C LEU A 125 0.09 -17.45 21.23
N SER A 126 1.01 -16.52 21.44
CA SER A 126 0.66 -15.12 21.25
C SER A 126 0.91 -14.58 19.85
N GLY A 127 -0.13 -13.97 19.31
CA GLY A 127 -0.04 -13.41 17.98
C GLY A 127 -1.18 -12.45 17.77
N LYS A 128 -1.09 -11.65 16.71
CA LYS A 128 -2.13 -10.68 16.46
C LYS A 128 -2.00 -10.07 15.08
N TRP A 129 -3.13 -9.73 14.48
CA TRP A 129 -3.15 -9.08 13.18
C TRP A 129 -2.88 -7.59 13.43
N LEU A 130 -2.01 -7.00 12.62
CA LEU A 130 -1.67 -5.59 12.75
C LEU A 130 -1.87 -4.87 11.42
N MSE A 131 -2.56 -3.75 11.47
CA MSE A 131 -2.80 -2.94 10.28
C MSE A 131 -2.39 -1.53 10.65
O MSE A 131 -2.62 -1.09 11.78
CB MSE A 131 -4.29 -2.97 9.91
CG MSE A 131 -5.15 -2.18 10.86
SE MSE A 131 -6.93 -2.90 10.92
CE MSE A 131 -6.56 -4.44 12.04
N HIS A 132 -1.78 -0.80 9.72
CA HIS A 132 -1.38 0.57 10.03
C HIS A 132 -1.99 1.57 9.04
N LEU A 133 -2.44 2.70 9.57
CA LEU A 133 -3.08 3.73 8.75
C LEU A 133 -2.58 5.13 9.15
N ALA A 134 -3.38 6.15 8.85
CA ALA A 134 -3.04 7.53 9.19
C ALA A 134 -4.24 8.15 9.88
N PRO A 135 -4.00 9.08 10.82
CA PRO A 135 -5.10 9.74 11.54
C PRO A 135 -6.13 10.31 10.58
N GLY A 136 -7.39 10.21 10.96
CA GLY A 136 -8.46 10.72 10.12
C GLY A 136 -9.70 9.86 10.18
N PHE A 137 -10.68 10.20 9.34
CA PHE A 137 -11.94 9.47 9.29
C PHE A 137 -11.75 7.96 9.15
N LYS A 138 -10.96 7.56 8.16
CA LYS A 138 -10.76 6.14 7.92
C LYS A 138 -10.18 5.43 9.12
N LEU A 139 -9.37 6.15 9.90
CA LEU A 139 -8.78 5.55 11.09
C LEU A 139 -9.86 5.40 12.15
N ASP A 140 -10.53 6.51 12.47
CA ASP A 140 -11.58 6.49 13.48
C ASP A 140 -12.75 5.59 13.08
N HIS A 141 -13.31 5.83 11.90
CA HIS A 141 -14.47 5.05 11.43
C HIS A 141 -14.29 3.55 11.37
N ALA A 142 -13.07 3.11 11.09
CA ALA A 142 -12.78 1.69 11.01
C ALA A 142 -12.72 1.16 12.44
N TRP A 143 -11.81 1.71 13.22
CA TRP A 143 -11.63 1.35 14.62
C TRP A 143 -12.96 0.95 15.26
N ALA A 144 -14.01 1.70 15.00
CA ALA A 144 -15.32 1.39 15.58
C ALA A 144 -15.77 -0.03 15.22
N GLY A 145 -15.52 -0.45 13.98
CA GLY A 145 -15.91 -1.77 13.56
C GLY A 145 -15.16 -2.84 14.32
N ILE A 146 -14.10 -2.43 15.02
CA ILE A 146 -13.34 -3.36 15.81
C ILE A 146 -13.92 -3.40 17.22
N ALA A 147 -14.35 -2.24 17.72
CA ALA A 147 -14.93 -2.17 19.04
C ALA A 147 -16.23 -3.01 19.09
N ARG A 148 -17.04 -2.88 18.04
CA ARG A 148 -18.29 -3.63 17.98
C ARG A 148 -17.99 -5.12 17.90
N ALA A 149 -17.00 -5.49 17.08
CA ALA A 149 -16.62 -6.88 16.91
C ALA A 149 -16.05 -7.46 18.21
N VAL A 150 -15.44 -6.61 19.04
CA VAL A 150 -14.91 -7.07 20.31
C VAL A 150 -16.06 -7.15 21.30
N VAL A 151 -16.77 -6.04 21.48
CA VAL A 151 -17.88 -6.00 22.41
C VAL A 151 -18.85 -7.15 22.15
N GLU A 152 -19.10 -7.43 20.88
CA GLU A 152 -19.97 -8.53 20.49
C GLU A 152 -19.28 -9.86 20.76
N GLY A 153 -18.40 -10.27 19.86
CA GLY A 153 -17.70 -11.53 20.04
C GLY A 153 -16.76 -12.00 18.95
N ARG A 154 -16.98 -11.61 17.70
CA ARG A 154 -16.09 -12.06 16.63
C ARG A 154 -14.61 -11.87 16.97
N LEU A 155 -14.34 -10.98 17.92
CA LEU A 155 -12.98 -10.71 18.37
C LEU A 155 -13.03 -10.51 19.89
N GLN A 156 -11.98 -10.89 20.60
CA GLN A 156 -11.97 -10.74 22.04
C GLN A 156 -11.17 -9.54 22.55
N VAL A 157 -10.08 -9.21 21.85
CA VAL A 157 -9.23 -8.08 22.24
C VAL A 157 -8.68 -7.34 21.02
N ALA A 158 -8.61 -6.01 21.14
CA ALA A 158 -8.07 -5.18 20.07
C ALA A 158 -7.90 -3.74 20.56
N LYS A 159 -6.91 -3.05 20.00
CA LYS A 159 -6.66 -1.67 20.36
C LYS A 159 -5.90 -0.96 19.23
N VAL A 160 -5.86 0.36 19.30
CA VAL A 160 -5.16 1.17 18.30
C VAL A 160 -4.26 2.18 19.03
N SER A 161 -3.19 2.61 18.38
CA SER A 161 -2.23 3.55 18.96
C SER A 161 -2.69 5.00 18.85
N PRO A 162 -2.27 5.85 19.80
CA PRO A 162 -2.66 7.27 19.79
C PRO A 162 -1.89 8.08 18.74
N ARG A 163 -2.36 9.29 18.48
CA ARG A 163 -1.75 10.14 17.48
C ARG A 163 -0.39 10.69 17.89
N ALA A 164 0.55 10.59 16.96
CA ALA A 164 1.91 11.08 17.18
C ALA A 164 1.92 12.58 16.95
N LYS A 165 3.10 13.19 17.03
CA LYS A 165 3.22 14.63 16.83
C LYS A 165 3.04 15.01 15.36
N GLU A 166 4.02 14.68 14.53
CA GLU A 166 3.91 14.97 13.11
C GLU A 166 3.28 13.75 12.43
N GLY A 167 2.29 13.99 11.57
CA GLY A 167 1.63 12.89 10.89
C GLY A 167 1.54 11.65 11.75
N GLY A 168 2.27 10.60 11.36
CA GLY A 168 2.27 9.37 12.12
C GLY A 168 1.39 8.29 11.50
N ARG A 169 1.78 7.04 11.67
CA ARG A 169 1.01 5.92 11.13
C ARG A 169 0.44 5.11 12.28
N GLN A 170 -0.78 5.43 12.68
CA GLN A 170 -1.44 4.73 13.78
C GLN A 170 -1.75 3.27 13.42
N VAL A 171 -1.61 2.39 14.40
CA VAL A 171 -1.86 0.96 14.19
C VAL A 171 -2.95 0.35 15.04
N ILE A 172 -3.65 -0.63 14.48
CA ILE A 172 -4.69 -1.34 15.20
C ILE A 172 -4.21 -2.79 15.31
N CYS A 173 -4.34 -3.35 16.53
CA CYS A 173 -3.93 -4.72 16.78
C CYS A 173 -5.13 -5.59 17.13
N VAL A 174 -5.22 -6.76 16.48
CA VAL A 174 -6.31 -7.70 16.74
C VAL A 174 -5.73 -9.02 17.26
N TYR A 175 -5.97 -9.29 18.53
CA TYR A 175 -5.45 -10.48 19.20
C TYR A 175 -6.17 -11.80 18.97
N THR A 176 -5.38 -12.87 18.86
CA THR A 176 -5.89 -14.24 18.72
C THR A 176 -5.04 -15.01 19.72
N ASP A 177 -5.61 -16.01 20.37
CA ASP A 177 -4.87 -16.78 21.37
C ASP A 177 -4.06 -17.97 20.89
N ASP A 178 -4.01 -18.18 19.58
CA ASP A 178 -3.24 -19.32 19.04
C ASP A 178 -2.80 -19.07 17.62
N PHE A 179 -1.49 -18.92 17.40
CA PHE A 179 -0.97 -18.67 16.06
C PHE A 179 -0.75 -19.93 15.24
N THR A 180 -1.08 -21.08 15.81
CA THR A 180 -0.92 -22.34 15.09
C THR A 180 -2.25 -22.79 14.50
N ASP A 181 -3.33 -22.22 15.03
CA ASP A 181 -4.68 -22.54 14.56
C ASP A 181 -5.07 -21.72 13.33
N ARG A 182 -4.90 -22.31 12.15
CA ARG A 182 -5.19 -21.63 10.89
C ARG A 182 -6.62 -21.09 10.84
N LEU A 183 -7.55 -21.87 11.39
CA LEU A 183 -8.95 -21.48 11.40
C LEU A 183 -9.10 -20.18 12.19
N GLY A 184 -8.61 -20.18 13.43
CA GLY A 184 -8.69 -19.00 14.27
C GLY A 184 -8.00 -17.79 13.65
N VAL A 185 -6.82 -18.01 13.09
CA VAL A 185 -6.11 -16.91 12.45
C VAL A 185 -7.00 -16.33 11.36
N LEU A 186 -7.44 -17.18 10.44
CA LEU A 186 -8.29 -16.77 9.33
C LEU A 186 -9.57 -16.11 9.83
N GLU A 187 -10.28 -16.80 10.72
CA GLU A 187 -11.53 -16.28 11.25
C GLU A 187 -11.29 -14.92 11.90
N ALA A 188 -10.02 -14.57 12.06
CA ALA A 188 -9.64 -13.29 12.63
C ALA A 188 -9.64 -12.26 11.49
N ASP A 189 -9.04 -12.61 10.35
CA ASP A 189 -9.05 -11.69 9.21
C ASP A 189 -10.53 -11.53 8.85
N SER A 190 -11.25 -12.62 9.05
CA SER A 190 -12.68 -12.67 8.79
C SER A 190 -13.36 -11.47 9.40
N ALA A 191 -13.28 -11.35 10.71
CA ALA A 191 -13.90 -10.23 11.41
C ALA A 191 -13.33 -8.91 10.91
N ILE A 192 -12.02 -8.76 10.96
CA ILE A 192 -11.40 -7.53 10.49
C ILE A 192 -11.95 -7.17 9.11
N ARG A 193 -12.01 -8.17 8.22
CA ARG A 193 -12.52 -7.95 6.88
C ARG A 193 -14.05 -7.82 6.88
N ALA A 194 -14.69 -8.48 7.82
CA ALA A 194 -16.15 -8.43 7.92
C ALA A 194 -16.65 -7.05 8.33
N ALA A 195 -15.96 -6.41 9.27
CA ALA A 195 -16.38 -5.08 9.74
C ALA A 195 -16.34 -4.03 8.64
N GLY A 196 -15.25 -3.99 7.87
CA GLY A 196 -15.15 -3.02 6.80
C GLY A 196 -13.76 -2.62 6.37
N ILE A 197 -12.73 -2.99 7.14
CA ILE A 197 -11.36 -2.64 6.81
C ILE A 197 -10.99 -3.26 5.47
N LYS A 198 -10.22 -2.53 4.66
CA LYS A 198 -9.81 -2.99 3.34
C LYS A 198 -8.29 -3.00 3.16
N CYS A 199 -7.59 -2.26 4.01
CA CYS A 199 -6.13 -2.17 3.92
C CYS A 199 -5.41 -3.47 4.25
N LEU A 200 -4.10 -3.46 4.08
CA LEU A 200 -3.25 -4.63 4.35
C LEU A 200 -3.14 -4.94 5.82
N LEU A 201 -3.23 -6.22 6.15
CA LEU A 201 -3.09 -6.70 7.53
C LEU A 201 -1.83 -7.55 7.59
N THR A 202 -1.12 -7.45 8.71
CA THR A 202 0.10 -8.21 8.92
C THR A 202 0.10 -8.76 10.34
N TYR A 203 -0.16 -10.06 10.47
CA TYR A 203 -0.23 -10.76 11.75
C TYR A 203 1.15 -11.01 12.34
N LYS A 204 1.42 -10.38 13.48
CA LYS A 204 2.71 -10.53 14.17
C LYS A 204 2.55 -11.39 15.42
N PRO A 205 3.14 -12.59 15.42
CA PRO A 205 3.07 -13.50 16.57
C PRO A 205 3.77 -12.91 17.81
N ASP A 206 2.98 -12.44 18.77
CA ASP A 206 3.52 -11.86 19.99
C ASP A 206 4.41 -12.88 20.69
N VAL A 207 4.19 -14.16 20.40
CA VAL A 207 4.98 -15.22 20.99
C VAL A 207 6.39 -15.19 20.40
N TYR A 208 6.59 -14.28 19.45
CA TYR A 208 7.88 -14.10 18.82
C TYR A 208 8.44 -12.80 19.36
N THR A 209 7.59 -12.05 20.07
CA THR A 209 7.98 -10.77 20.66
C THR A 209 8.83 -11.01 21.90
N TYR A 210 8.40 -11.92 22.75
CA TYR A 210 9.13 -12.24 23.98
C TYR A 210 10.60 -12.52 23.67
N LEU A 211 10.90 -12.78 22.41
CA LEU A 211 12.26 -13.07 21.99
C LEU A 211 12.89 -11.87 21.27
N GLY A 212 12.06 -10.89 20.90
CA GLY A 212 12.56 -9.70 20.24
C GLY A 212 13.07 -9.89 18.82
N ILE A 213 12.32 -10.62 18.00
CA ILE A 213 12.68 -10.86 16.61
C ILE A 213 12.20 -9.65 15.80
N TYR A 214 12.77 -8.49 16.08
CA TYR A 214 12.41 -7.26 15.40
C TYR A 214 12.47 -7.37 13.88
N ARG A 215 12.11 -6.28 13.21
CA ARG A 215 12.12 -6.23 11.74
C ARG A 215 13.50 -6.51 11.15
N ALA A 216 14.50 -5.73 11.55
CA ALA A 216 15.86 -5.92 11.05
C ALA A 216 16.49 -7.12 11.74
N ASN A 217 15.67 -8.12 12.04
CA ASN A 217 16.08 -9.34 12.72
C ASN A 217 17.56 -9.68 12.58
N ARG A 218 18.17 -10.09 13.69
CA ARG A 218 19.58 -10.46 13.73
C ARG A 218 19.77 -11.83 13.07
N TRP A 219 18.75 -12.68 13.21
CA TRP A 219 18.78 -14.02 12.64
C TRP A 219 18.04 -14.04 11.30
N HIS A 220 17.86 -12.85 10.73
CA HIS A 220 17.16 -12.67 9.45
C HIS A 220 15.96 -13.60 9.22
N LEU A 221 15.13 -13.75 10.24
CA LEU A 221 13.93 -14.58 10.15
C LEU A 221 12.75 -13.65 9.89
N CYS A 222 11.75 -14.14 9.16
CA CYS A 222 10.57 -13.34 8.86
C CYS A 222 9.53 -13.47 9.97
N PRO A 223 9.38 -12.42 10.80
CA PRO A 223 8.45 -12.38 11.93
C PRO A 223 6.98 -12.54 11.53
N THR A 224 6.66 -12.04 10.33
CA THR A 224 5.30 -12.10 9.79
C THR A 224 4.92 -13.52 9.39
N LEU A 225 3.98 -14.12 10.12
CA LEU A 225 3.55 -15.48 9.80
C LEU A 225 2.48 -15.45 8.69
N TYR A 226 1.64 -14.43 8.69
CA TYR A 226 0.59 -14.28 7.69
C TYR A 226 0.42 -12.82 7.29
N GLU A 227 0.02 -12.59 6.04
CA GLU A 227 -0.22 -11.24 5.57
C GLU A 227 -1.30 -11.18 4.51
N SER A 228 -2.54 -11.41 4.95
CA SER A 228 -3.72 -11.39 4.10
C SER A 228 -3.88 -10.05 3.40
N ARG A 229 -4.23 -10.09 2.12
CA ARG A 229 -4.41 -8.88 1.34
C ARG A 229 -5.83 -8.81 0.77
N PHE A 230 -6.26 -7.59 0.49
CA PHE A 230 -7.59 -7.37 -0.07
C PHE A 230 -7.46 -7.24 -1.58
N GLN A 231 -7.67 -8.35 -2.28
CA GLN A 231 -7.58 -8.40 -3.75
C GLN A 231 -8.57 -7.47 -4.43
N GLY A 238 -11.88 -9.07 -2.15
CA GLY A 238 -11.47 -10.41 -1.78
C GLY A 238 -10.29 -10.43 -0.82
N SER A 239 -10.32 -11.36 0.14
CA SER A 239 -9.26 -11.48 1.13
C SER A 239 -8.47 -12.79 0.98
N ARG A 240 -7.24 -12.67 0.51
CA ARG A 240 -6.36 -13.83 0.33
C ARG A 240 -5.34 -13.89 1.47
N VAL A 241 -5.47 -14.88 2.33
CA VAL A 241 -4.56 -15.05 3.45
C VAL A 241 -3.45 -16.01 3.06
N LEU A 242 -2.28 -15.45 2.79
CA LEU A 242 -1.13 -16.23 2.36
C LEU A 242 -0.21 -16.63 3.52
N ASP A 243 -0.11 -17.94 3.75
CA ASP A 243 0.75 -18.46 4.83
C ASP A 243 2.19 -18.13 4.45
N ARG A 244 2.78 -17.18 5.17
CA ARG A 244 4.14 -16.76 4.89
C ARG A 244 5.17 -17.73 5.49
N ALA A 245 4.69 -18.89 5.93
CA ALA A 245 5.56 -19.91 6.51
C ALA A 245 5.74 -21.07 5.53
N ASN A 246 4.65 -21.79 5.28
CA ASN A 246 4.67 -22.92 4.36
C ASN A 246 4.33 -22.43 2.94
N ASN A 247 4.23 -21.10 2.81
CA ASN A 247 3.91 -20.46 1.55
C ASN A 247 2.73 -21.13 0.86
N VAL A 248 1.57 -21.08 1.51
CA VAL A 248 0.35 -21.67 0.96
C VAL A 248 -0.85 -20.84 1.37
N GLU A 249 -1.75 -20.58 0.43
CA GLU A 249 -2.95 -19.79 0.70
C GLU A 249 -3.90 -20.51 1.66
N LEU A 250 -4.12 -19.91 2.82
CA LEU A 250 -5.02 -20.49 3.82
C LEU A 250 -6.47 -20.35 3.33
N GLU B 17 7.92 -6.67 27.59
CA GLU B 17 6.65 -6.04 27.12
C GLU B 17 6.93 -4.87 26.17
N ASP B 18 8.21 -4.48 26.08
CA ASP B 18 8.63 -3.38 25.23
C ASP B 18 8.29 -3.60 23.74
N GLY B 19 8.30 -4.86 23.31
CA GLY B 19 7.98 -5.16 21.93
C GLY B 19 6.47 -5.14 21.76
N PHE B 20 5.77 -4.57 22.73
CA PHE B 20 4.32 -4.50 22.71
C PHE B 20 3.80 -3.06 22.79
N THR B 21 4.72 -2.10 22.76
CA THR B 21 4.33 -0.70 22.83
C THR B 21 3.73 -0.22 21.51
N ALA B 22 2.96 0.85 21.60
CA ALA B 22 2.34 1.42 20.41
C ALA B 22 3.42 1.78 19.38
N GLU B 23 4.48 2.44 19.86
CA GLU B 23 5.56 2.87 19.00
C GLU B 23 6.21 1.73 18.22
N HIS B 24 6.64 0.70 18.93
CA HIS B 24 7.29 -0.44 18.27
C HIS B 24 6.37 -1.12 17.26
N LEU B 25 5.15 -1.46 17.69
CA LEU B 25 4.18 -2.12 16.83
C LEU B 25 3.86 -1.30 15.60
N ALA B 26 3.80 0.02 15.76
CA ALA B 26 3.53 0.88 14.62
C ALA B 26 4.68 0.67 13.63
N ALA B 27 5.90 0.84 14.12
CA ALA B 27 7.11 0.67 13.31
C ALA B 27 7.22 -0.72 12.71
N GLU B 28 6.77 -1.72 13.47
CA GLU B 28 6.82 -3.10 13.02
C GLU B 28 5.78 -3.34 11.93
N ALA B 29 4.59 -2.76 12.11
CA ALA B 29 3.51 -2.89 11.13
C ALA B 29 3.91 -2.19 9.83
N MSE B 30 4.62 -1.07 9.96
CA MSE B 30 5.06 -0.32 8.79
C MSE B 30 6.14 -1.08 8.03
O MSE B 30 6.11 -1.15 6.81
CB MSE B 30 5.59 1.04 9.20
CG MSE B 30 4.53 1.90 9.86
SE MSE B 30 5.06 3.72 10.08
CE MSE B 30 4.64 4.34 8.29
N ALA B 31 7.09 -1.67 8.76
CA ALA B 31 8.15 -2.41 8.12
C ALA B 31 7.58 -3.53 7.27
N ALA B 32 6.50 -4.15 7.77
CA ALA B 32 5.88 -5.26 7.05
C ALA B 32 4.98 -4.82 5.89
N ASP B 33 4.81 -3.51 5.74
CA ASP B 33 3.97 -2.97 4.67
C ASP B 33 4.73 -2.82 3.36
N MSE B 34 5.13 -3.96 2.80
CA MSE B 34 5.85 -4.00 1.54
C MSE B 34 5.02 -4.79 0.54
O MSE B 34 4.41 -5.80 0.92
CB MSE B 34 7.22 -4.70 1.71
CG MSE B 34 8.19 -3.97 2.61
SE MSE B 34 8.82 -2.28 1.89
CE MSE B 34 10.39 -2.90 0.95
N ASP B 35 4.96 -4.35 -0.71
CA ASP B 35 4.20 -5.09 -1.71
C ASP B 35 4.90 -6.41 -2.00
N PRO B 36 4.15 -7.40 -2.50
CA PRO B 36 4.73 -8.71 -2.81
C PRO B 36 5.61 -8.70 -4.07
N TRP B 37 6.49 -9.69 -4.15
CA TRP B 37 7.40 -9.83 -5.28
C TRP B 37 6.95 -11.00 -6.15
N LEU B 38 7.19 -10.90 -7.46
CA LEU B 38 6.89 -11.99 -8.37
C LEU B 38 8.20 -12.74 -8.30
N VAL B 39 8.19 -13.92 -7.68
CA VAL B 39 9.42 -14.66 -7.49
C VAL B 39 9.49 -16.05 -8.12
N PHE B 40 10.68 -16.38 -8.63
CA PHE B 40 10.91 -17.69 -9.20
C PHE B 40 12.06 -18.29 -8.37
N ASP B 41 11.69 -19.07 -7.36
CA ASP B 41 12.65 -19.69 -6.45
C ASP B 41 13.14 -21.02 -7.02
N ALA B 42 14.36 -21.03 -7.52
CA ALA B 42 14.93 -22.25 -8.08
C ALA B 42 15.23 -23.27 -6.98
N ARG B 43 15.54 -22.77 -5.79
CA ARG B 43 15.85 -23.64 -4.67
C ARG B 43 14.80 -24.75 -4.50
N THR B 44 13.62 -24.51 -5.06
CA THR B 44 12.52 -25.47 -4.97
C THR B 44 11.83 -25.77 -6.31
N THR B 45 11.68 -24.74 -7.14
CA THR B 45 11.01 -24.91 -8.42
C THR B 45 11.94 -25.42 -9.51
N PRO B 46 11.54 -26.49 -10.22
CA PRO B 46 12.35 -27.09 -11.29
C PRO B 46 12.70 -26.06 -12.36
N ALA B 47 13.96 -26.07 -12.77
CA ALA B 47 14.45 -25.16 -13.79
C ALA B 47 13.61 -25.17 -15.07
N THR B 48 13.22 -26.37 -15.48
CA THR B 48 12.42 -26.56 -16.69
C THR B 48 11.16 -25.72 -16.74
N GLU B 49 10.80 -25.08 -15.63
CA GLU B 49 9.61 -24.24 -15.58
C GLU B 49 10.00 -22.77 -15.60
N LEU B 50 11.28 -22.48 -15.78
CA LEU B 50 11.74 -21.10 -15.77
C LEU B 50 11.16 -20.19 -16.84
N ASP B 51 11.07 -20.67 -18.08
CA ASP B 51 10.58 -19.85 -19.17
C ASP B 51 9.08 -19.50 -19.21
N ALA B 52 8.23 -20.39 -18.69
CA ALA B 52 6.80 -20.10 -18.70
C ALA B 52 6.56 -18.93 -17.76
N TRP B 53 7.39 -18.84 -16.74
CA TRP B 53 7.31 -17.75 -15.77
C TRP B 53 7.89 -16.47 -16.42
N LEU B 54 8.98 -16.60 -17.17
CA LEU B 54 9.58 -15.44 -17.82
C LEU B 54 8.63 -14.94 -18.91
N ALA B 55 8.05 -15.86 -19.66
CA ALA B 55 7.12 -15.50 -20.73
C ALA B 55 5.91 -14.76 -20.14
N LYS B 56 5.40 -15.28 -19.03
CA LYS B 56 4.24 -14.69 -18.39
C LYS B 56 4.52 -13.40 -17.66
N TYR B 57 5.67 -13.29 -17.02
CA TYR B 57 5.98 -12.09 -16.26
C TYR B 57 7.15 -11.22 -16.73
N PRO B 58 7.08 -10.70 -17.97
CA PRO B 58 8.17 -9.85 -18.48
C PRO B 58 8.14 -8.51 -17.75
N PRO B 59 9.31 -8.02 -17.31
CA PRO B 59 9.38 -6.74 -16.59
C PRO B 59 8.83 -5.52 -17.31
N SER B 60 8.78 -5.57 -18.64
CA SER B 60 8.25 -4.43 -19.39
C SER B 60 6.73 -4.40 -19.27
N GLN B 61 6.12 -5.58 -19.15
CA GLN B 61 4.67 -5.64 -19.02
C GLN B 61 4.18 -5.62 -17.57
N VAL B 62 4.89 -6.33 -16.70
CA VAL B 62 4.47 -6.36 -15.30
C VAL B 62 4.52 -4.95 -14.77
N THR B 63 3.43 -4.49 -14.14
CA THR B 63 3.41 -3.14 -13.63
C THR B 63 3.49 -3.04 -12.11
N ARG B 64 4.05 -1.93 -11.66
CA ARG B 64 4.22 -1.68 -10.24
C ARG B 64 2.94 -1.85 -9.44
N TYR B 65 1.82 -1.43 -10.03
CA TYR B 65 0.54 -1.49 -9.35
C TYR B 65 -0.53 -2.40 -9.93
N GLY B 66 -0.10 -3.39 -10.71
CA GLY B 66 -1.03 -4.33 -11.31
C GLY B 66 -2.18 -3.64 -12.03
N ASP B 67 -1.84 -2.69 -12.89
CA ASP B 67 -2.84 -1.97 -13.65
C ASP B 67 -3.63 -2.88 -14.59
N PRO B 68 -4.79 -2.41 -15.06
CA PRO B 68 -5.60 -3.22 -15.97
C PRO B 68 -4.75 -3.50 -17.22
N GLY B 69 -4.73 -4.74 -17.67
CA GLY B 69 -3.94 -5.07 -18.83
C GLY B 69 -2.56 -5.62 -18.51
N SER B 70 -2.20 -5.63 -17.23
CA SER B 70 -0.90 -6.15 -16.80
C SER B 70 -1.01 -7.66 -16.59
N PRO B 71 0.12 -8.38 -16.62
CA PRO B 71 0.09 -9.82 -16.42
C PRO B 71 -0.27 -10.08 -14.96
N ASN B 72 0.04 -9.11 -14.10
CA ASN B 72 -0.20 -9.20 -12.66
C ASN B 72 -1.45 -8.44 -12.26
N SER B 73 -2.38 -9.15 -11.63
CA SER B 73 -3.63 -8.53 -11.20
C SER B 73 -3.47 -7.87 -9.84
N GLU B 74 -2.24 -7.80 -9.36
CA GLU B 74 -1.98 -7.19 -8.06
C GLU B 74 -0.60 -6.53 -8.03
N PRO B 75 -0.42 -5.53 -7.15
CA PRO B 75 0.83 -4.79 -6.99
C PRO B 75 2.06 -5.70 -6.85
N VAL B 76 3.15 -5.30 -7.50
CA VAL B 76 4.40 -6.05 -7.44
C VAL B 76 5.58 -5.09 -7.26
N GLY B 77 6.34 -5.29 -6.20
CA GLY B 77 7.49 -4.43 -5.95
C GLY B 77 8.68 -4.81 -6.80
N TRP B 78 9.01 -6.09 -6.84
CA TRP B 78 10.13 -6.58 -7.64
C TRP B 78 9.91 -8.00 -8.12
N ILE B 79 10.49 -8.32 -9.28
CA ILE B 79 10.41 -9.66 -9.82
C ILE B 79 11.80 -10.23 -9.56
N ALA B 80 11.88 -11.49 -9.17
CA ALA B 80 13.19 -12.03 -8.84
C ALA B 80 13.41 -13.52 -9.03
N VAL B 81 14.68 -13.87 -9.18
CA VAL B 81 15.06 -15.26 -9.33
C VAL B 81 16.13 -15.55 -8.29
N TYR B 82 16.01 -16.69 -7.63
CA TYR B 82 16.99 -17.11 -6.62
C TYR B 82 17.66 -18.38 -7.06
N GLY B 83 18.98 -18.45 -6.84
CA GLY B 83 19.71 -19.64 -7.21
C GLY B 83 20.25 -20.33 -5.98
N GLN B 84 21.09 -21.34 -6.20
CA GLN B 84 21.68 -22.09 -5.10
C GLN B 84 22.94 -21.38 -4.62
N GLY B 85 23.37 -20.39 -5.38
CA GLY B 85 24.54 -19.61 -5.01
C GLY B 85 24.19 -18.50 -4.05
N TYR B 86 22.89 -18.40 -3.74
CA TYR B 86 22.41 -17.38 -2.82
C TYR B 86 22.28 -17.93 -1.40
N SER B 87 22.27 -17.00 -0.44
CA SER B 87 22.13 -17.31 0.97
C SER B 87 22.50 -16.04 1.73
N PRO B 88 21.52 -15.39 2.34
CA PRO B 88 21.77 -14.16 3.10
C PRO B 88 22.92 -14.28 4.09
N ASN B 89 23.83 -13.31 4.06
CA ASN B 89 25.00 -13.30 4.93
C ASN B 89 24.70 -12.96 6.39
N SER B 90 23.44 -12.68 6.70
CA SER B 90 23.03 -12.35 8.07
C SER B 90 23.89 -11.27 8.71
N GLY B 91 23.90 -10.09 8.11
CA GLY B 91 24.70 -8.99 8.64
C GLY B 91 24.02 -8.25 9.77
N ASP B 92 24.83 -7.61 10.60
CA ASP B 92 24.35 -6.84 11.75
C ASP B 92 23.89 -5.46 11.29
N VAL B 93 22.77 -5.43 10.58
CA VAL B 93 22.21 -4.19 10.06
C VAL B 93 21.87 -3.22 11.18
N GLN B 94 21.32 -3.75 12.27
CA GLN B 94 20.97 -2.93 13.41
C GLN B 94 22.22 -2.25 13.92
N GLY B 95 23.30 -3.02 14.03
CA GLY B 95 24.56 -2.46 14.48
C GLY B 95 25.09 -1.43 13.50
N LEU B 96 25.07 -1.76 12.22
CA LEU B 96 25.56 -0.86 11.19
C LEU B 96 24.85 0.49 11.23
N GLN B 97 23.52 0.45 11.27
CA GLN B 97 22.70 1.66 11.32
C GLN B 97 23.07 2.55 12.51
N ALA B 98 23.35 1.93 13.66
CA ALA B 98 23.71 2.66 14.87
C ALA B 98 25.13 3.19 14.73
N ALA B 99 26.01 2.35 14.20
CA ALA B 99 27.40 2.74 14.00
C ALA B 99 27.43 3.92 13.04
N TRP B 100 26.49 3.92 12.09
CA TRP B 100 26.40 4.98 11.10
C TRP B 100 25.88 6.25 11.75
N GLU B 101 24.87 6.08 12.59
CA GLU B 101 24.26 7.19 13.30
C GLU B 101 25.32 7.92 14.14
N ALA B 102 26.12 7.14 14.86
CA ALA B 102 27.17 7.70 15.71
C ALA B 102 28.22 8.44 14.89
N LEU B 103 28.48 7.95 13.67
CA LEU B 103 29.46 8.55 12.80
C LEU B 103 29.11 9.97 12.38
N GLN B 104 27.84 10.18 12.05
CA GLN B 104 27.37 11.50 11.63
C GLN B 104 27.40 12.48 12.80
N THR B 105 27.22 11.95 14.01
CA THR B 105 27.22 12.78 15.21
C THR B 105 28.54 13.52 15.29
N SER B 106 29.62 12.77 15.48
CA SER B 106 30.95 13.34 15.56
C SER B 106 31.33 13.95 14.22
N GLY B 107 32.50 14.58 14.15
CA GLY B 107 32.92 15.20 12.90
C GLY B 107 33.96 14.41 12.14
N ARG B 108 34.23 13.17 12.57
CA ARG B 108 35.20 12.33 11.91
C ARG B 108 34.98 12.28 10.40
N PRO B 109 36.07 12.14 9.62
CA PRO B 109 36.00 12.07 8.16
C PRO B 109 35.25 10.85 7.61
N ILE B 110 34.09 11.10 7.00
CA ILE B 110 33.28 10.04 6.42
C ILE B 110 33.76 9.76 4.99
N THR B 111 34.34 8.58 4.78
CA THR B 111 34.87 8.21 3.49
C THR B 111 34.60 6.75 3.14
N PRO B 112 34.90 6.35 1.90
CA PRO B 112 34.69 4.96 1.47
C PRO B 112 35.41 3.99 2.39
N GLY B 113 36.50 4.46 2.98
CA GLY B 113 37.30 3.65 3.87
C GLY B 113 36.59 3.21 5.13
N THR B 114 35.96 4.14 5.83
CA THR B 114 35.25 3.81 7.06
C THR B 114 34.04 2.95 6.73
N LEU B 115 33.41 3.23 5.60
CA LEU B 115 32.23 2.49 5.18
C LEU B 115 32.60 1.05 4.94
N ARG B 116 33.75 0.81 4.31
CA ARG B 116 34.21 -0.55 4.06
C ARG B 116 34.50 -1.24 5.39
N GLN B 117 35.11 -0.50 6.31
CA GLN B 117 35.42 -1.03 7.62
C GLN B 117 34.13 -1.39 8.31
N LEU B 118 33.20 -0.44 8.29
CA LEU B 118 31.87 -0.63 8.89
C LEU B 118 31.23 -1.91 8.37
N ALA B 119 31.13 -2.03 7.06
CA ALA B 119 30.53 -3.19 6.42
C ALA B 119 31.23 -4.49 6.82
N ILE B 120 32.56 -4.43 6.88
CA ILE B 120 33.35 -5.59 7.27
C ILE B 120 33.12 -5.91 8.74
N THR B 121 32.99 -4.87 9.55
CA THR B 121 32.76 -5.02 10.99
C THR B 121 31.42 -5.68 11.28
N HIS B 122 30.36 -5.18 10.64
CA HIS B 122 29.03 -5.74 10.89
C HIS B 122 28.63 -6.88 9.96
N HIS B 123 29.61 -7.37 9.21
CA HIS B 123 29.40 -8.48 8.30
C HIS B 123 28.37 -8.24 7.18
N VAL B 124 28.48 -7.10 6.52
CA VAL B 124 27.61 -6.75 5.39
C VAL B 124 28.55 -6.70 4.18
N LEU B 125 28.62 -7.80 3.44
CA LEU B 125 29.51 -7.92 2.29
C LEU B 125 28.86 -7.99 0.91
N SER B 126 27.56 -7.74 0.82
CA SER B 126 26.89 -7.80 -0.49
C SER B 126 26.63 -6.44 -1.15
N GLY B 127 26.72 -6.45 -2.48
CA GLY B 127 26.51 -5.24 -3.26
C GLY B 127 25.75 -5.52 -4.55
N LYS B 128 25.50 -4.48 -5.33
CA LYS B 128 24.74 -4.65 -6.56
C LYS B 128 25.38 -4.04 -7.80
N TRP B 129 25.23 -4.75 -8.92
CA TRP B 129 25.72 -4.34 -10.22
C TRP B 129 24.55 -3.60 -10.92
N LEU B 130 24.11 -2.50 -10.29
CA LEU B 130 23.02 -1.69 -10.81
C LEU B 130 23.13 -1.35 -12.29
N MSE B 131 22.15 -1.81 -13.06
CA MSE B 131 22.10 -1.57 -14.50
C MSE B 131 20.71 -1.10 -14.86
O MSE B 131 19.72 -1.75 -14.52
CB MSE B 131 22.41 -2.84 -15.28
CG MSE B 131 21.44 -3.99 -15.01
SE MSE B 131 21.62 -5.44 -16.26
CE MSE B 131 22.93 -6.56 -15.34
N HIS B 132 20.64 0.02 -15.57
CA HIS B 132 19.35 0.57 -15.98
C HIS B 132 19.15 0.31 -17.46
N LEU B 133 18.73 -0.91 -17.79
CA LEU B 133 18.47 -1.30 -19.16
C LEU B 133 17.50 -0.35 -19.83
N ALA B 134 17.35 -0.53 -21.14
CA ALA B 134 16.46 0.31 -21.95
C ALA B 134 15.15 -0.44 -22.17
N PRO B 135 14.00 0.24 -22.00
CA PRO B 135 12.72 -0.42 -22.20
C PRO B 135 12.51 -1.10 -23.55
N GLY B 136 11.36 -1.74 -23.68
CA GLY B 136 11.03 -2.45 -24.90
C GLY B 136 11.25 -3.91 -24.60
N PHE B 137 11.61 -4.66 -25.62
CA PHE B 137 11.85 -6.07 -25.41
C PHE B 137 13.23 -6.26 -24.78
N LYS B 138 14.19 -5.47 -25.25
CA LYS B 138 15.55 -5.54 -24.73
C LYS B 138 15.66 -5.48 -23.20
N LEU B 139 14.76 -4.74 -22.55
CA LEU B 139 14.81 -4.68 -21.10
C LEU B 139 14.50 -6.09 -20.60
N ASP B 140 13.59 -6.76 -21.30
CA ASP B 140 13.16 -8.10 -20.96
C ASP B 140 14.16 -9.14 -21.43
N HIS B 141 14.79 -8.87 -22.56
CA HIS B 141 15.76 -9.80 -23.10
C HIS B 141 16.92 -9.97 -22.13
N ALA B 142 17.43 -8.85 -21.64
CA ALA B 142 18.54 -8.87 -20.69
C ALA B 142 18.12 -9.59 -19.41
N TRP B 143 16.85 -9.40 -19.03
CA TRP B 143 16.33 -10.02 -17.82
C TRP B 143 16.30 -11.54 -17.90
N ALA B 144 15.92 -12.08 -19.06
CA ALA B 144 15.85 -13.53 -19.25
C ALA B 144 17.20 -14.23 -19.04
N GLY B 145 18.21 -13.79 -19.78
CA GLY B 145 19.53 -14.40 -19.64
C GLY B 145 20.06 -14.33 -18.22
N ILE B 146 19.66 -13.29 -17.49
CA ILE B 146 20.09 -13.12 -16.10
C ILE B 146 19.42 -14.20 -15.26
N ALA B 147 18.12 -14.42 -15.51
CA ALA B 147 17.37 -15.44 -14.80
C ALA B 147 17.97 -16.81 -15.08
N ARG B 148 18.31 -17.06 -16.35
CA ARG B 148 18.88 -18.33 -16.75
C ARG B 148 20.18 -18.57 -16.01
N ALA B 149 21.06 -17.56 -16.00
CA ALA B 149 22.35 -17.66 -15.33
C ALA B 149 22.15 -18.03 -13.85
N VAL B 150 21.29 -17.28 -13.15
CA VAL B 150 21.02 -17.57 -11.75
C VAL B 150 20.60 -19.03 -11.59
N VAL B 151 19.57 -19.43 -12.34
CA VAL B 151 19.05 -20.80 -12.29
C VAL B 151 20.15 -21.80 -12.65
N GLU B 152 21.26 -21.33 -13.21
CA GLU B 152 22.36 -22.22 -13.57
C GLU B 152 23.51 -22.14 -12.54
N GLY B 153 23.29 -21.37 -11.48
CA GLY B 153 24.31 -21.23 -10.46
C GLY B 153 25.39 -20.23 -10.81
N ARG B 154 25.45 -19.80 -12.08
CA ARG B 154 26.47 -18.85 -12.50
C ARG B 154 26.25 -17.51 -11.81
N LEU B 155 25.03 -17.26 -11.34
CA LEU B 155 24.73 -16.02 -10.62
C LEU B 155 23.97 -16.39 -9.35
N GLN B 156 24.16 -15.59 -8.30
CA GLN B 156 23.52 -15.87 -7.01
C GLN B 156 22.04 -15.56 -6.94
N VAL B 157 21.70 -14.31 -7.22
CA VAL B 157 20.32 -13.86 -7.18
C VAL B 157 20.23 -12.57 -7.98
N ALA B 158 19.07 -12.33 -8.59
CA ALA B 158 18.88 -11.13 -9.37
C ALA B 158 17.44 -10.72 -9.35
N LYS B 159 17.18 -9.44 -9.56
CA LYS B 159 15.81 -8.96 -9.57
C LYS B 159 15.66 -7.80 -10.54
N VAL B 160 14.45 -7.56 -11.02
CA VAL B 160 14.18 -6.48 -11.96
C VAL B 160 12.93 -5.69 -11.55
N SER B 161 12.92 -4.40 -11.89
CA SER B 161 11.78 -3.55 -11.56
C SER B 161 10.65 -3.63 -12.57
N PRO B 162 9.40 -3.61 -12.08
CA PRO B 162 8.24 -3.67 -13.00
C PRO B 162 8.07 -2.31 -13.69
N ARG B 163 7.28 -2.27 -14.75
CA ARG B 163 7.07 -1.02 -15.48
C ARG B 163 6.45 0.05 -14.59
N ALA B 164 7.06 1.24 -14.59
CA ALA B 164 6.56 2.37 -13.80
C ALA B 164 5.54 3.12 -14.62
N LYS B 165 4.63 3.83 -13.95
CA LYS B 165 3.59 4.56 -14.66
C LYS B 165 4.12 5.70 -15.52
N GLU B 166 5.36 6.12 -15.26
CA GLU B 166 5.96 7.19 -16.05
C GLU B 166 6.92 6.60 -17.08
N GLY B 167 6.92 5.27 -17.17
CA GLY B 167 7.78 4.59 -18.12
C GLY B 167 9.26 4.90 -17.97
N GLY B 168 10.00 4.72 -19.07
CA GLY B 168 11.43 4.97 -19.04
C GLY B 168 12.26 3.73 -18.78
N ARG B 169 13.52 3.92 -18.41
CA ARG B 169 14.42 2.81 -18.13
C ARG B 169 14.10 2.12 -16.80
N GLN B 170 14.15 0.80 -16.81
CA GLN B 170 13.90 0.01 -15.61
C GLN B 170 15.23 -0.59 -15.18
N VAL B 171 15.39 -0.79 -13.88
CA VAL B 171 16.65 -1.31 -13.37
C VAL B 171 16.67 -2.80 -13.05
N ILE B 172 17.86 -3.38 -13.21
CA ILE B 172 18.11 -4.78 -12.91
C ILE B 172 19.22 -4.77 -11.88
N CYS B 173 19.13 -5.67 -10.90
CA CYS B 173 20.12 -5.78 -9.84
C CYS B 173 20.66 -7.20 -9.74
N VAL B 174 21.98 -7.32 -9.77
CA VAL B 174 22.64 -8.62 -9.65
C VAL B 174 23.48 -8.56 -8.38
N TYR B 175 23.22 -9.46 -7.45
CA TYR B 175 23.93 -9.48 -6.18
C TYR B 175 25.08 -10.49 -6.06
N THR B 176 26.08 -10.11 -5.26
CA THR B 176 27.22 -10.96 -4.94
C THR B 176 27.26 -10.92 -3.41
N ASP B 177 27.73 -11.99 -2.78
CA ASP B 177 27.73 -12.05 -1.31
C ASP B 177 28.96 -11.52 -0.61
N ASP B 178 30.01 -11.22 -1.36
CA ASP B 178 31.26 -10.75 -0.77
C ASP B 178 31.91 -9.74 -1.70
N PHE B 179 31.55 -8.48 -1.57
CA PHE B 179 32.11 -7.47 -2.46
C PHE B 179 33.63 -7.36 -2.35
N THR B 180 34.20 -7.83 -1.24
CA THR B 180 35.65 -7.76 -1.12
C THR B 180 36.29 -8.81 -2.03
N ASP B 181 35.55 -9.85 -2.40
CA ASP B 181 36.10 -10.86 -3.29
C ASP B 181 35.95 -10.38 -4.72
N ARG B 182 36.95 -9.64 -5.18
CA ARG B 182 36.93 -9.10 -6.53
C ARG B 182 36.73 -10.16 -7.62
N LEU B 183 36.99 -11.42 -7.30
CA LEU B 183 36.79 -12.46 -8.28
C LEU B 183 35.29 -12.76 -8.38
N GLY B 184 34.61 -12.69 -7.24
CA GLY B 184 33.17 -12.91 -7.23
C GLY B 184 32.48 -11.83 -8.04
N VAL B 185 32.96 -10.61 -7.90
CA VAL B 185 32.40 -9.46 -8.61
C VAL B 185 32.61 -9.64 -10.12
N LEU B 186 33.85 -9.94 -10.52
CA LEU B 186 34.17 -10.14 -11.92
C LEU B 186 33.32 -11.25 -12.50
N GLU B 187 33.13 -12.30 -11.72
CA GLU B 187 32.33 -13.43 -12.15
C GLU B 187 30.96 -12.94 -12.58
N ALA B 188 30.27 -12.23 -11.69
CA ALA B 188 28.95 -11.69 -11.99
C ALA B 188 28.98 -10.98 -13.35
N ASP B 189 29.89 -10.04 -13.51
CA ASP B 189 30.04 -9.28 -14.75
C ASP B 189 30.05 -10.23 -15.95
N SER B 190 30.87 -11.27 -15.85
CA SER B 190 30.97 -12.27 -16.92
C SER B 190 29.63 -12.86 -17.33
N ALA B 191 28.85 -13.30 -16.35
CA ALA B 191 27.54 -13.89 -16.63
C ALA B 191 26.62 -12.84 -17.27
N ILE B 192 26.68 -11.62 -16.75
CA ILE B 192 25.88 -10.53 -17.27
C ILE B 192 26.17 -10.30 -18.76
N ARG B 193 27.44 -10.07 -19.10
CA ARG B 193 27.81 -9.84 -20.50
C ARG B 193 27.46 -11.09 -21.29
N ALA B 194 27.61 -12.25 -20.66
CA ALA B 194 27.28 -13.50 -21.33
C ALA B 194 25.79 -13.50 -21.67
N ALA B 195 24.98 -12.78 -20.90
CA ALA B 195 23.56 -12.69 -21.17
C ALA B 195 23.33 -11.62 -22.26
N GLY B 196 24.40 -11.29 -22.98
CA GLY B 196 24.30 -10.31 -24.04
C GLY B 196 24.15 -8.88 -23.58
N ILE B 197 24.28 -8.62 -22.29
CA ILE B 197 24.14 -7.27 -21.78
C ILE B 197 25.39 -6.45 -22.10
N LYS B 198 25.19 -5.23 -22.60
CA LYS B 198 26.30 -4.37 -22.98
C LYS B 198 26.19 -2.97 -22.39
N CYS B 199 25.31 -2.81 -21.42
CA CYS B 199 25.11 -1.51 -20.79
C CYS B 199 26.17 -1.22 -19.73
N LEU B 200 26.19 0.02 -19.26
CA LEU B 200 27.14 0.45 -18.23
C LEU B 200 26.72 -0.12 -16.88
N LEU B 201 27.58 -0.92 -16.27
CA LEU B 201 27.28 -1.47 -14.96
C LEU B 201 28.00 -0.67 -13.89
N THR B 202 27.41 -0.62 -12.70
CA THR B 202 28.01 0.08 -11.57
C THR B 202 27.67 -0.77 -10.36
N TYR B 203 28.63 -0.92 -9.44
CA TYR B 203 28.43 -1.73 -8.25
C TYR B 203 28.17 -0.89 -7.00
N LYS B 204 26.94 -1.01 -6.48
CA LYS B 204 26.51 -0.28 -5.29
C LYS B 204 26.47 -1.21 -4.09
N PRO B 205 27.25 -0.90 -3.03
CA PRO B 205 27.23 -1.77 -1.84
C PRO B 205 26.01 -1.60 -0.96
N ASP B 206 25.47 -2.71 -0.47
CA ASP B 206 24.30 -2.63 0.41
C ASP B 206 24.46 -1.62 1.54
N VAL B 207 25.65 -1.54 2.14
CA VAL B 207 25.88 -0.59 3.22
C VAL B 207 25.43 0.80 2.79
N TYR B 208 25.89 1.26 1.63
CA TYR B 208 25.48 2.57 1.13
C TYR B 208 23.96 2.64 1.11
N THR B 209 23.35 1.68 0.43
CA THR B 209 21.90 1.61 0.33
C THR B 209 21.28 1.75 1.72
N TYR B 210 21.53 0.76 2.58
CA TYR B 210 21.00 0.79 3.93
C TYR B 210 21.23 2.15 4.59
N LEU B 211 22.46 2.64 4.56
CA LEU B 211 22.75 3.94 5.17
C LEU B 211 22.22 5.09 4.32
N GLY B 212 21.50 4.74 3.26
CA GLY B 212 20.92 5.74 2.39
C GLY B 212 21.93 6.62 1.67
N ILE B 213 23.15 6.14 1.52
CA ILE B 213 24.17 6.93 0.84
C ILE B 213 23.89 6.98 -0.66
N TYR B 214 23.02 7.90 -1.06
CA TYR B 214 22.64 8.06 -2.46
C TYR B 214 23.66 8.93 -3.18
N ARG B 215 23.71 8.87 -4.49
CA ARG B 215 24.68 9.64 -5.27
C ARG B 215 24.58 11.15 -5.08
N ALA B 216 23.59 11.59 -4.31
CA ALA B 216 23.43 13.00 -4.04
C ALA B 216 23.80 13.25 -2.58
N ASN B 217 24.18 12.18 -1.88
CA ASN B 217 24.53 12.23 -0.47
C ASN B 217 25.31 13.48 -0.09
N ARG B 218 25.29 13.81 1.19
CA ARG B 218 25.96 14.98 1.73
C ARG B 218 27.45 15.00 1.44
N TRP B 219 28.14 14.13 2.18
CA TRP B 219 29.59 13.96 2.11
C TRP B 219 30.26 13.85 0.75
N HIS B 220 29.47 13.92 -0.33
CA HIS B 220 30.04 13.82 -1.67
C HIS B 220 30.70 12.47 -1.85
N LEU B 221 30.04 11.43 -1.35
CA LEU B 221 30.54 10.07 -1.49
C LEU B 221 30.18 9.51 -2.86
N CYS B 222 30.96 8.56 -3.34
CA CYS B 222 30.67 7.93 -4.62
C CYS B 222 30.06 6.57 -4.31
N PRO B 223 28.82 6.34 -4.74
CA PRO B 223 28.13 5.07 -4.51
C PRO B 223 28.76 3.86 -5.21
N THR B 224 29.36 4.08 -6.38
CA THR B 224 29.96 2.98 -7.10
C THR B 224 31.32 2.54 -6.58
N LEU B 225 31.54 1.24 -6.53
CA LEU B 225 32.81 0.69 -6.08
C LEU B 225 33.45 -0.01 -7.28
N TYR B 226 32.67 -0.23 -8.32
CA TYR B 226 33.15 -0.89 -9.52
C TYR B 226 32.33 -0.48 -10.72
N GLU B 227 33.03 -0.09 -11.79
CA GLU B 227 32.42 0.33 -13.03
C GLU B 227 32.69 -0.75 -14.07
N SER B 228 31.72 -0.98 -14.94
CA SER B 228 31.89 -1.98 -15.98
C SER B 228 31.45 -1.42 -17.33
N ARG B 229 32.43 -0.95 -18.11
CA ARG B 229 32.17 -0.39 -19.43
C ARG B 229 32.37 -1.49 -20.45
N PHE B 230 31.36 -1.75 -21.28
CA PHE B 230 31.52 -2.80 -22.27
C PHE B 230 32.28 -2.27 -23.48
N GLN B 231 33.06 -3.15 -24.10
CA GLN B 231 33.83 -2.76 -25.26
C GLN B 231 33.39 -3.53 -26.50
N LEU B 232 32.71 -2.83 -27.41
CA LEU B 232 32.20 -3.42 -28.65
C LEU B 232 33.33 -3.89 -29.55
N GLY B 233 32.96 -4.18 -30.80
CA GLY B 233 33.88 -4.63 -31.83
C GLY B 233 35.10 -5.43 -31.42
N GLY B 234 35.10 -5.95 -30.19
CA GLY B 234 36.23 -6.71 -29.72
C GLY B 234 37.56 -6.23 -30.25
N SER B 235 38.13 -5.25 -29.57
CA SER B 235 39.41 -4.67 -29.92
C SER B 235 40.07 -4.33 -28.58
N ALA B 236 39.33 -4.73 -27.53
CA ALA B 236 39.73 -4.55 -26.14
C ALA B 236 39.21 -5.78 -25.39
N ARG B 237 39.67 -5.99 -24.16
CA ARG B 237 39.24 -7.13 -23.35
C ARG B 237 37.81 -7.00 -22.83
N GLY B 238 36.84 -7.21 -23.71
CA GLY B 238 35.42 -7.13 -23.35
C GLY B 238 35.06 -6.09 -22.32
N SER B 239 34.75 -6.55 -21.12
CA SER B 239 34.37 -5.65 -20.02
C SER B 239 35.57 -4.94 -19.41
N ARG B 240 35.53 -3.61 -19.40
CA ARG B 240 36.61 -2.85 -18.82
C ARG B 240 36.14 -2.45 -17.42
N VAL B 241 36.17 -3.42 -16.51
CA VAL B 241 35.74 -3.25 -15.13
C VAL B 241 36.68 -2.33 -14.36
N LEU B 242 36.38 -1.03 -14.35
CA LEU B 242 37.22 -0.09 -13.64
C LEU B 242 36.93 -0.14 -12.16
N ASP B 243 37.79 -0.85 -11.43
CA ASP B 243 37.68 -1.00 -9.99
C ASP B 243 37.87 0.35 -9.29
N ARG B 244 36.78 1.10 -9.16
CA ARG B 244 36.78 2.42 -8.53
C ARG B 244 36.96 2.38 -7.03
N ALA B 245 36.26 1.47 -6.37
CA ALA B 245 36.34 1.32 -4.92
C ALA B 245 37.72 1.67 -4.39
N ASN B 246 38.75 1.39 -5.19
CA ASN B 246 40.12 1.65 -4.79
C ASN B 246 41.02 2.10 -5.94
N ASN B 247 40.44 2.78 -6.93
CA ASN B 247 41.16 3.28 -8.09
C ASN B 247 42.09 2.26 -8.76
N VAL B 248 41.62 1.02 -8.83
CA VAL B 248 42.38 -0.08 -9.44
C VAL B 248 41.78 -0.41 -10.81
N GLU B 249 42.18 -1.55 -11.37
CA GLU B 249 41.67 -1.99 -12.67
C GLU B 249 41.68 -3.50 -12.65
N LEU B 250 40.50 -4.10 -12.64
CA LEU B 250 40.40 -5.55 -12.63
C LEU B 250 40.44 -6.01 -14.07
N THR B 251 40.60 -5.05 -14.96
CA THR B 251 40.65 -5.27 -16.41
C THR B 251 39.26 -5.63 -16.93
N MSE C 30 -39.63 2.39 -1.45
CA MSE C 30 -39.95 3.25 -2.63
C MSE C 30 -38.79 4.21 -2.94
O MSE C 30 -38.63 5.24 -2.29
CB MSE C 30 -41.21 4.08 -2.38
CG MSE C 30 -42.49 3.27 -2.16
SE MSE C 30 -43.04 2.19 -3.68
CE MSE C 30 -43.71 3.59 -4.84
N ALA C 31 -37.98 3.84 -3.93
CA ALA C 31 -36.85 4.66 -4.34
C ALA C 31 -37.13 5.25 -5.71
N ALA C 32 -36.46 6.36 -6.01
CA ALA C 32 -36.62 7.05 -7.29
C ALA C 32 -36.25 6.13 -8.43
N ASP C 33 -35.24 5.29 -8.21
CA ASP C 33 -34.79 4.33 -9.21
C ASP C 33 -34.68 2.95 -8.59
N MSE C 34 -35.68 2.12 -8.87
CA MSE C 34 -35.74 0.77 -8.34
C MSE C 34 -35.51 -0.27 -9.42
O MSE C 34 -35.68 -1.47 -9.20
CB MSE C 34 -37.11 0.55 -7.67
CG MSE C 34 -37.41 1.52 -6.52
SE MSE C 34 -39.18 1.28 -5.71
CE MSE C 34 -40.21 2.34 -6.95
N ASP C 35 -35.10 0.18 -10.60
CA ASP C 35 -34.87 -0.69 -11.73
C ASP C 35 -33.44 -1.26 -11.82
N PRO C 36 -33.23 -2.22 -12.73
CA PRO C 36 -31.91 -2.81 -12.91
C PRO C 36 -31.02 -1.79 -13.60
N TRP C 37 -29.76 -2.14 -13.77
CA TRP C 37 -28.79 -1.28 -14.46
C TRP C 37 -28.02 -2.13 -15.46
N LEU C 38 -27.71 -1.54 -16.62
CA LEU C 38 -26.90 -2.22 -17.64
C LEU C 38 -25.49 -1.85 -17.23
N VAL C 39 -24.77 -2.84 -16.72
CA VAL C 39 -23.43 -2.63 -16.18
C VAL C 39 -22.33 -3.50 -16.76
N PHE C 40 -21.24 -2.88 -17.21
CA PHE C 40 -20.11 -3.67 -17.67
C PHE C 40 -19.12 -3.63 -16.50
N ASP C 41 -18.87 -4.78 -15.89
CA ASP C 41 -17.97 -4.84 -14.75
C ASP C 41 -16.61 -5.33 -15.24
N ALA C 42 -15.66 -4.41 -15.40
CA ALA C 42 -14.34 -4.77 -15.87
C ALA C 42 -13.57 -5.65 -14.88
N ARG C 43 -14.05 -5.72 -13.64
CA ARG C 43 -13.40 -6.56 -12.64
C ARG C 43 -13.75 -8.01 -12.92
N THR C 44 -14.91 -8.24 -13.53
CA THR C 44 -15.37 -9.58 -13.83
C THR C 44 -15.32 -9.94 -15.32
N THR C 45 -15.50 -8.96 -16.21
CA THR C 45 -15.47 -9.24 -17.65
C THR C 45 -14.18 -8.79 -18.34
N PRO C 46 -13.66 -9.63 -19.26
CA PRO C 46 -12.43 -9.31 -19.98
C PRO C 46 -12.63 -8.11 -20.90
N ALA C 47 -11.66 -7.19 -20.88
CA ALA C 47 -11.70 -5.97 -21.68
C ALA C 47 -11.94 -6.24 -23.15
N THR C 48 -11.69 -7.47 -23.59
CA THR C 48 -11.88 -7.83 -24.98
C THR C 48 -13.34 -7.98 -25.32
N GLU C 49 -14.22 -7.72 -24.37
CA GLU C 49 -15.64 -7.84 -24.61
C GLU C 49 -16.37 -6.51 -24.51
N LEU C 50 -15.64 -5.46 -24.17
CA LEU C 50 -16.27 -4.14 -24.04
C LEU C 50 -17.00 -3.71 -25.31
N ASP C 51 -16.31 -3.74 -26.44
CA ASP C 51 -16.90 -3.32 -27.72
C ASP C 51 -18.21 -4.00 -28.13
N ALA C 52 -18.31 -5.30 -27.92
CA ALA C 52 -19.55 -6.00 -28.27
C ALA C 52 -20.68 -5.50 -27.38
N TRP C 53 -20.32 -5.23 -26.13
CA TRP C 53 -21.28 -4.73 -25.16
C TRP C 53 -21.75 -3.34 -25.59
N LEU C 54 -20.79 -2.46 -25.87
CA LEU C 54 -21.10 -1.10 -26.28
C LEU C 54 -21.96 -1.11 -27.53
N ALA C 55 -21.62 -2.01 -28.45
CA ALA C 55 -22.34 -2.12 -29.72
C ALA C 55 -23.80 -2.51 -29.52
N LYS C 56 -24.06 -3.35 -28.53
CA LYS C 56 -25.41 -3.80 -28.26
C LYS C 56 -26.26 -2.85 -27.42
N TYR C 57 -25.62 -2.08 -26.54
CA TYR C 57 -26.38 -1.19 -25.68
C TYR C 57 -25.99 0.29 -25.78
N PRO C 58 -26.09 0.89 -26.97
CA PRO C 58 -25.72 2.31 -27.03
C PRO C 58 -26.70 3.16 -26.20
N PRO C 59 -26.18 4.15 -25.46
CA PRO C 59 -27.04 5.02 -24.63
C PRO C 59 -28.12 5.73 -25.42
N SER C 60 -28.15 5.47 -26.72
CA SER C 60 -29.15 6.06 -27.60
C SER C 60 -30.33 5.12 -27.74
N GLN C 61 -30.02 3.86 -28.04
CA GLN C 61 -31.04 2.84 -28.23
C GLN C 61 -31.63 2.31 -26.93
N VAL C 62 -30.82 2.24 -25.87
CA VAL C 62 -31.30 1.76 -24.58
C VAL C 62 -32.29 2.80 -24.03
N THR C 63 -33.50 2.38 -23.68
CA THR C 63 -34.49 3.32 -23.15
C THR C 63 -34.81 3.09 -21.68
N ARG C 64 -35.21 4.16 -21.02
CA ARG C 64 -35.55 4.13 -19.61
C ARG C 64 -36.56 3.06 -19.22
N TYR C 65 -37.59 2.84 -20.05
CA TYR C 65 -38.63 1.86 -19.71
C TYR C 65 -38.58 0.52 -20.42
N GLY C 66 -37.70 0.39 -21.41
CA GLY C 66 -37.63 -0.86 -22.14
C GLY C 66 -38.82 -0.92 -23.10
N ASP C 67 -39.05 0.21 -23.76
CA ASP C 67 -40.13 0.37 -24.73
C ASP C 67 -39.95 -0.50 -25.97
N PRO C 68 -41.05 -0.78 -26.69
CA PRO C 68 -41.00 -1.59 -27.91
C PRO C 68 -39.95 -1.00 -28.85
N GLY C 69 -38.98 -1.80 -29.25
CA GLY C 69 -37.93 -1.31 -30.13
C GLY C 69 -36.59 -1.24 -29.43
N SER C 70 -36.61 -1.11 -28.11
CA SER C 70 -35.40 -1.01 -27.30
C SER C 70 -34.61 -2.31 -27.24
N PRO C 71 -33.27 -2.22 -27.21
CA PRO C 71 -32.48 -3.45 -27.13
C PRO C 71 -32.76 -4.12 -25.79
N ASN C 72 -33.42 -3.37 -24.90
CA ASN C 72 -33.80 -3.84 -23.57
C ASN C 72 -35.33 -3.87 -23.41
N SER C 73 -35.85 -4.96 -22.84
CA SER C 73 -37.29 -5.07 -22.64
C SER C 73 -37.68 -4.65 -21.23
N GLU C 74 -36.70 -4.61 -20.34
CA GLU C 74 -36.91 -4.20 -18.96
C GLU C 74 -36.49 -2.74 -18.80
N PRO C 75 -37.07 -2.02 -17.83
CA PRO C 75 -36.71 -0.62 -17.60
C PRO C 75 -35.22 -0.55 -17.24
N VAL C 76 -34.64 0.64 -17.34
CA VAL C 76 -33.24 0.82 -17.01
C VAL C 76 -33.02 2.21 -16.42
N GLY C 77 -32.46 2.26 -15.21
CA GLY C 77 -32.24 3.54 -14.56
C GLY C 77 -30.90 4.15 -14.89
N TRP C 78 -29.95 3.32 -15.29
CA TRP C 78 -28.61 3.77 -15.63
C TRP C 78 -27.88 2.73 -16.46
N ILE C 79 -26.85 3.19 -17.17
CA ILE C 79 -25.96 2.37 -17.97
C ILE C 79 -24.63 2.71 -17.29
N ALA C 80 -23.93 1.70 -16.79
CA ALA C 80 -22.67 1.94 -16.06
C ALA C 80 -21.50 1.06 -16.44
N VAL C 81 -20.31 1.58 -16.23
CA VAL C 81 -19.08 0.85 -16.48
C VAL C 81 -18.19 0.97 -15.25
N TYR C 82 -17.94 -0.15 -14.60
CA TYR C 82 -17.10 -0.19 -13.41
C TYR C 82 -15.71 -0.68 -13.78
N GLY C 83 -14.69 0.03 -13.30
CA GLY C 83 -13.31 -0.33 -13.60
C GLY C 83 -12.64 -1.14 -12.52
N GLN C 84 -11.62 -1.91 -12.91
CA GLN C 84 -10.85 -2.73 -11.98
C GLN C 84 -10.13 -1.81 -11.00
N GLY C 85 -10.85 -1.40 -9.98
CA GLY C 85 -10.31 -0.51 -8.97
C GLY C 85 -11.35 0.40 -8.37
N TYR C 86 -12.61 0.23 -8.77
CA TYR C 86 -13.71 1.05 -8.27
C TYR C 86 -13.74 1.01 -6.74
N SER C 87 -13.73 2.17 -6.09
CA SER C 87 -13.77 2.22 -4.63
C SER C 87 -15.02 2.93 -4.12
N PRO C 88 -16.02 2.17 -3.65
CA PRO C 88 -17.26 2.77 -3.13
C PRO C 88 -17.04 3.63 -1.88
N ASN C 89 -15.79 3.97 -1.62
CA ASN C 89 -15.39 4.81 -0.48
C ASN C 89 -16.57 5.50 0.20
N SER C 90 -17.07 4.90 1.29
CA SER C 90 -18.20 5.47 2.01
C SER C 90 -17.83 6.31 3.23
N GLY C 91 -18.66 7.31 3.52
CA GLY C 91 -18.43 8.19 4.64
C GLY C 91 -19.56 8.22 5.64
N ASP C 92 -19.60 9.25 6.47
CA ASP C 92 -20.62 9.35 7.50
C ASP C 92 -21.80 10.23 7.09
N VAL C 93 -22.67 9.66 6.26
CA VAL C 93 -23.83 10.37 5.76
C VAL C 93 -24.81 10.81 6.86
N GLN C 94 -25.11 9.91 7.80
CA GLN C 94 -26.02 10.27 8.89
C GLN C 94 -25.45 11.47 9.63
N GLY C 95 -24.14 11.46 9.87
CA GLY C 95 -23.52 12.57 10.57
C GLY C 95 -23.61 13.84 9.74
N LEU C 96 -23.29 13.71 8.45
CA LEU C 96 -23.34 14.84 7.54
C LEU C 96 -24.71 15.48 7.56
N GLN C 97 -25.75 14.65 7.46
CA GLN C 97 -27.13 15.14 7.46
C GLN C 97 -27.52 15.76 8.79
N ALA C 98 -26.98 15.21 9.88
CA ALA C 98 -27.26 15.73 11.21
C ALA C 98 -26.63 17.12 11.34
N ALA C 99 -25.34 17.22 11.01
CA ALA C 99 -24.63 18.48 11.07
C ALA C 99 -25.28 19.48 10.13
N TRP C 100 -25.81 18.98 9.00
CA TRP C 100 -26.46 19.86 8.05
C TRP C 100 -27.62 20.61 8.72
N GLU C 101 -28.42 19.89 9.50
CA GLU C 101 -29.54 20.52 10.19
C GLU C 101 -29.05 21.45 11.29
N ALA C 102 -27.98 21.05 11.97
CA ALA C 102 -27.41 21.86 13.03
C ALA C 102 -26.95 23.18 12.44
N LEU C 103 -26.18 23.07 11.36
CA LEU C 103 -25.64 24.23 10.67
C LEU C 103 -26.74 25.17 10.22
N GLN C 104 -27.91 24.63 9.92
CA GLN C 104 -29.04 25.44 9.46
C GLN C 104 -29.68 26.22 10.59
N THR C 105 -30.26 25.49 11.54
CA THR C 105 -30.92 26.13 12.68
C THR C 105 -29.95 27.04 13.44
N SER C 106 -28.65 26.82 13.25
CA SER C 106 -27.65 27.63 13.93
C SER C 106 -27.69 29.06 13.40
N GLY C 107 -28.18 29.21 12.17
CA GLY C 107 -28.26 30.51 11.55
C GLY C 107 -26.96 30.92 10.88
N ARG C 108 -25.88 30.23 11.23
CA ARG C 108 -24.57 30.54 10.65
C ARG C 108 -24.65 30.51 9.12
N PRO C 109 -23.82 31.33 8.44
CA PRO C 109 -23.78 31.40 6.97
C PRO C 109 -23.45 30.11 6.23
N ILE C 110 -24.30 29.74 5.30
CA ILE C 110 -24.10 28.54 4.49
C ILE C 110 -23.33 28.93 3.23
N THR C 111 -22.09 28.48 3.13
CA THR C 111 -21.28 28.80 1.96
C THR C 111 -20.49 27.57 1.48
N PRO C 112 -19.79 27.72 0.34
CA PRO C 112 -19.00 26.60 -0.18
C PRO C 112 -17.96 26.13 0.84
N GLY C 113 -17.67 27.00 1.80
CA GLY C 113 -16.69 26.65 2.83
C GLY C 113 -17.25 25.73 3.89
N THR C 114 -18.45 26.03 4.37
CA THR C 114 -19.07 25.19 5.39
C THR C 114 -19.24 23.77 4.86
N LEU C 115 -19.66 23.67 3.60
CA LEU C 115 -19.87 22.37 2.99
C LEU C 115 -18.56 21.59 2.92
N ARG C 116 -17.51 22.23 2.40
CA ARG C 116 -16.21 21.57 2.30
C ARG C 116 -15.78 21.13 3.69
N GLN C 117 -16.15 21.92 4.69
CA GLN C 117 -15.83 21.61 6.08
C GLN C 117 -16.59 20.35 6.48
N LEU C 118 -17.91 20.35 6.27
CA LEU C 118 -18.72 19.19 6.58
C LEU C 118 -18.21 17.96 5.84
N ALA C 119 -17.96 18.10 4.54
CA ALA C 119 -17.49 17.00 3.70
C ALA C 119 -16.20 16.32 4.19
N ILE C 120 -15.19 17.12 4.50
CA ILE C 120 -13.93 16.57 4.97
C ILE C 120 -14.16 15.93 6.33
N THR C 121 -14.83 16.67 7.21
CA THR C 121 -15.12 16.21 8.56
C THR C 121 -15.91 14.91 8.59
N HIS C 122 -17.02 14.90 7.86
CA HIS C 122 -17.90 13.74 7.80
C HIS C 122 -17.56 12.80 6.66
N HIS C 123 -16.39 13.01 6.06
CA HIS C 123 -15.91 12.17 4.97
C HIS C 123 -16.90 11.95 3.79
N VAL C 124 -16.95 12.93 2.91
CA VAL C 124 -17.81 12.86 1.72
C VAL C 124 -16.97 13.58 0.66
N LEU C 125 -15.93 12.89 0.20
CA LEU C 125 -14.97 13.41 -0.76
C LEU C 125 -15.29 13.15 -2.23
N SER C 126 -16.10 12.12 -2.48
CA SER C 126 -16.49 11.74 -3.82
C SER C 126 -17.34 12.82 -4.47
N GLY C 127 -17.29 12.89 -5.79
CA GLY C 127 -18.05 13.87 -6.54
C GLY C 127 -18.16 13.42 -7.99
N LYS C 128 -18.80 14.21 -8.84
CA LYS C 128 -18.96 13.79 -10.23
C LYS C 128 -18.81 14.89 -11.29
N TRP C 129 -18.24 14.48 -12.42
CA TRP C 129 -18.08 15.35 -13.59
C TRP C 129 -19.33 15.07 -14.42
N LEU C 130 -20.07 16.11 -14.78
CA LEU C 130 -21.28 15.96 -15.58
C LEU C 130 -21.16 16.59 -16.96
N MSE C 131 -21.91 16.05 -17.91
CA MSE C 131 -21.90 16.56 -19.28
C MSE C 131 -23.17 16.08 -19.97
O MSE C 131 -23.62 14.96 -19.73
CB MSE C 131 -20.66 16.06 -20.03
CG MSE C 131 -20.66 14.55 -20.29
SE MSE C 131 -18.98 13.88 -20.94
CE MSE C 131 -18.14 13.46 -19.26
N HIS C 132 -23.73 16.95 -20.81
CA HIS C 132 -24.95 16.63 -21.54
C HIS C 132 -24.68 16.70 -23.04
N LEU C 133 -24.51 15.53 -23.65
CA LEU C 133 -24.22 15.48 -25.08
C LEU C 133 -25.45 15.36 -25.96
N ALA C 134 -25.25 15.69 -27.23
CA ALA C 134 -26.29 15.63 -28.23
C ALA C 134 -26.70 14.17 -28.41
N PRO C 135 -28.01 13.89 -28.38
CA PRO C 135 -28.49 12.52 -28.54
C PRO C 135 -27.99 11.92 -29.86
N GLY C 136 -27.98 10.60 -29.95
CA GLY C 136 -27.52 9.94 -31.15
C GLY C 136 -26.10 9.44 -31.07
N PHE C 137 -25.53 9.21 -32.24
CA PHE C 137 -24.17 8.72 -32.39
C PHE C 137 -23.12 9.67 -31.84
N LYS C 138 -23.50 10.88 -31.48
CA LYS C 138 -22.54 11.83 -30.92
C LYS C 138 -22.31 11.40 -29.47
N LEU C 139 -23.42 11.12 -28.77
CA LEU C 139 -23.36 10.67 -27.39
C LEU C 139 -22.78 9.24 -27.34
N ASP C 140 -23.16 8.40 -28.30
CA ASP C 140 -22.68 7.03 -28.30
C ASP C 140 -21.17 6.96 -28.48
N HIS C 141 -20.64 7.84 -29.32
CA HIS C 141 -19.21 7.86 -29.56
C HIS C 141 -18.52 8.31 -28.28
N ALA C 142 -19.09 9.32 -27.63
CA ALA C 142 -18.53 9.84 -26.39
C ALA C 142 -18.48 8.76 -25.32
N TRP C 143 -19.63 8.10 -25.11
CA TRP C 143 -19.75 7.04 -24.11
C TRP C 143 -18.75 5.92 -24.35
N ALA C 144 -18.60 5.50 -25.61
CA ALA C 144 -17.67 4.45 -25.98
C ALA C 144 -16.23 4.79 -25.54
N GLY C 145 -15.85 6.05 -25.71
CA GLY C 145 -14.52 6.47 -25.32
C GLY C 145 -14.32 6.47 -23.81
N ILE C 146 -15.34 6.94 -23.09
CA ILE C 146 -15.32 6.96 -21.64
C ILE C 146 -15.25 5.52 -21.13
N ALA C 147 -16.16 4.68 -21.63
CA ALA C 147 -16.20 3.27 -21.24
C ALA C 147 -14.82 2.65 -21.42
N ARG C 148 -14.20 2.91 -22.57
CA ARG C 148 -12.88 2.39 -22.84
C ARG C 148 -11.92 2.86 -21.74
N ALA C 149 -11.99 4.15 -21.40
CA ALA C 149 -11.11 4.69 -20.36
C ALA C 149 -11.33 4.03 -18.99
N VAL C 150 -12.58 3.63 -18.69
CA VAL C 150 -12.90 2.98 -17.43
C VAL C 150 -12.18 1.62 -17.38
N VAL C 151 -12.14 0.95 -18.53
CA VAL C 151 -11.49 -0.34 -18.60
C VAL C 151 -9.97 -0.22 -18.53
N GLU C 152 -9.40 0.76 -19.24
CA GLU C 152 -7.95 0.92 -19.22
C GLU C 152 -7.48 1.51 -17.89
N GLY C 153 -8.42 1.69 -16.96
CA GLY C 153 -8.10 2.22 -15.65
C GLY C 153 -7.71 3.68 -15.59
N ARG C 154 -7.98 4.42 -16.65
CA ARG C 154 -7.61 5.83 -16.68
C ARG C 154 -8.69 6.69 -16.02
N LEU C 155 -9.92 6.17 -15.96
CA LEU C 155 -11.02 6.88 -15.30
C LEU C 155 -11.60 5.96 -14.23
N GLN C 156 -12.25 6.54 -13.23
CA GLN C 156 -12.78 5.73 -12.14
C GLN C 156 -14.13 5.08 -12.43
N VAL C 157 -15.19 5.89 -12.51
CA VAL C 157 -16.50 5.31 -12.81
C VAL C 157 -17.40 6.25 -13.61
N ALA C 158 -18.01 5.70 -14.66
CA ALA C 158 -18.90 6.48 -15.51
C ALA C 158 -20.26 5.83 -15.64
N LYS C 159 -21.26 6.68 -15.88
CA LYS C 159 -22.62 6.22 -16.06
C LYS C 159 -23.31 7.15 -17.06
N VAL C 160 -24.12 6.56 -17.94
CA VAL C 160 -24.85 7.37 -18.90
C VAL C 160 -26.33 7.01 -18.84
N SER C 161 -27.16 8.04 -18.66
CA SER C 161 -28.61 7.84 -18.59
C SER C 161 -29.13 7.26 -19.90
N PRO C 162 -30.22 6.49 -19.83
CA PRO C 162 -30.82 5.89 -21.03
C PRO C 162 -31.68 6.92 -21.76
N ARG C 163 -32.16 6.57 -22.95
CA ARG C 163 -32.99 7.46 -23.75
C ARG C 163 -34.38 7.65 -23.13
N ALA C 164 -34.75 8.90 -22.91
CA ALA C 164 -36.07 9.21 -22.36
C ALA C 164 -37.04 9.42 -23.52
N LYS C 165 -38.26 8.91 -23.37
CA LYS C 165 -39.28 9.04 -24.40
C LYS C 165 -39.40 10.48 -24.90
N GLU C 166 -39.21 11.43 -23.98
CA GLU C 166 -39.32 12.84 -24.32
C GLU C 166 -38.10 13.28 -25.15
N GLY C 167 -37.10 12.41 -25.21
CA GLY C 167 -35.89 12.73 -25.95
C GLY C 167 -35.09 13.75 -25.16
N GLY C 168 -34.23 14.50 -25.85
CA GLY C 168 -33.44 15.50 -25.18
C GLY C 168 -32.04 15.00 -24.87
N ARG C 169 -31.16 15.89 -24.46
CA ARG C 169 -29.80 15.48 -24.15
C ARG C 169 -29.81 14.48 -23.01
N GLN C 170 -28.86 13.55 -23.04
CA GLN C 170 -28.76 12.55 -21.99
C GLN C 170 -27.52 12.90 -21.17
N VAL C 171 -27.33 12.23 -20.03
CA VAL C 171 -26.19 12.55 -19.19
C VAL C 171 -25.16 11.44 -18.99
N ILE C 172 -23.89 11.86 -19.00
CA ILE C 172 -22.75 10.97 -18.75
C ILE C 172 -22.09 11.58 -17.51
N CYS C 173 -21.94 10.77 -16.47
CA CYS C 173 -21.34 11.24 -15.23
C CYS C 173 -20.03 10.52 -14.97
N VAL C 174 -18.99 11.28 -14.62
CA VAL C 174 -17.70 10.70 -14.31
C VAL C 174 -17.36 11.06 -12.86
N TYR C 175 -17.30 10.06 -12.00
CA TYR C 175 -17.02 10.24 -10.57
C TYR C 175 -15.55 10.20 -10.21
N THR C 176 -15.22 10.86 -9.10
CA THR C 176 -13.85 10.87 -8.58
C THR C 176 -14.02 10.75 -7.06
N ASP C 177 -13.14 9.99 -6.43
CA ASP C 177 -13.26 9.75 -4.99
C ASP C 177 -13.05 10.89 -4.02
N ASP C 178 -12.28 11.90 -4.43
CA ASP C 178 -12.00 13.04 -3.56
C ASP C 178 -11.97 14.33 -4.36
N PHE C 179 -12.99 15.15 -4.21
CA PHE C 179 -13.04 16.39 -4.97
C PHE C 179 -11.98 17.39 -4.53
N THR C 180 -11.45 17.22 -3.33
CA THR C 180 -10.43 18.13 -2.82
C THR C 180 -9.06 17.77 -3.42
N ASP C 181 -9.00 16.67 -4.15
CA ASP C 181 -7.76 16.26 -4.78
C ASP C 181 -7.73 16.81 -6.21
N ARG C 182 -7.32 18.06 -6.35
CA ARG C 182 -7.27 18.72 -7.66
C ARG C 182 -6.62 17.89 -8.75
N LEU C 183 -5.53 17.20 -8.44
CA LEU C 183 -4.86 16.40 -9.44
C LEU C 183 -5.79 15.28 -9.91
N GLY C 184 -6.62 14.79 -8.99
CA GLY C 184 -7.55 13.74 -9.34
C GLY C 184 -8.59 14.23 -10.33
N VAL C 185 -9.13 15.41 -10.06
CA VAL C 185 -10.12 16.03 -10.92
C VAL C 185 -9.54 16.20 -12.33
N LEU C 186 -8.37 16.84 -12.44
CA LEU C 186 -7.75 17.05 -13.74
C LEU C 186 -7.48 15.75 -14.49
N GLU C 187 -7.17 14.69 -13.76
CA GLU C 187 -6.93 13.39 -14.39
C GLU C 187 -8.20 13.01 -15.15
N ALA C 188 -9.34 13.12 -14.46
CA ALA C 188 -10.61 12.80 -15.08
C ALA C 188 -10.80 13.65 -16.35
N ASP C 189 -10.74 14.97 -16.19
CA ASP C 189 -10.88 15.89 -17.31
C ASP C 189 -9.97 15.49 -18.48
N SER C 190 -8.73 15.11 -18.16
CA SER C 190 -7.80 14.69 -19.19
C SER C 190 -8.36 13.55 -20.03
N ALA C 191 -8.78 12.50 -19.34
CA ALA C 191 -9.31 11.33 -20.02
C ALA C 191 -10.60 11.67 -20.76
N ILE C 192 -11.49 12.40 -20.11
CA ILE C 192 -12.75 12.78 -20.74
C ILE C 192 -12.52 13.48 -22.09
N ARG C 193 -11.61 14.45 -22.14
CA ARG C 193 -11.33 15.14 -23.38
C ARG C 193 -10.72 14.17 -24.39
N ALA C 194 -9.92 13.25 -23.88
CA ALA C 194 -9.26 12.25 -24.72
C ALA C 194 -10.30 11.33 -25.37
N ALA C 195 -11.42 11.15 -24.71
CA ALA C 195 -12.47 10.31 -25.26
C ALA C 195 -13.08 11.05 -26.46
N GLY C 196 -12.65 12.31 -26.62
CA GLY C 196 -13.13 13.12 -27.73
C GLY C 196 -14.15 14.15 -27.33
N ILE C 197 -14.66 14.06 -26.10
CA ILE C 197 -15.66 15.00 -25.62
C ILE C 197 -15.12 16.43 -25.56
N LYS C 198 -15.83 17.36 -26.18
CA LYS C 198 -15.38 18.74 -26.22
C LYS C 198 -16.43 19.72 -25.70
N CYS C 199 -17.46 19.18 -25.07
CA CYS C 199 -18.54 19.99 -24.52
C CYS C 199 -18.19 20.47 -23.11
N LEU C 200 -18.99 21.40 -22.61
CA LEU C 200 -18.77 21.93 -21.27
C LEU C 200 -18.70 20.77 -20.28
N LEU C 201 -18.24 21.06 -19.07
CA LEU C 201 -18.15 20.07 -18.00
C LEU C 201 -18.23 20.77 -16.64
N THR C 202 -19.17 20.35 -15.80
CA THR C 202 -19.32 20.93 -14.46
C THR C 202 -19.12 19.79 -13.45
N TYR C 203 -18.50 20.11 -12.33
CA TYR C 203 -18.23 19.10 -11.32
C TYR C 203 -19.13 19.23 -10.10
N LYS C 204 -19.92 18.18 -9.85
CA LYS C 204 -20.84 18.13 -8.73
C LYS C 204 -20.38 17.16 -7.64
N PRO C 205 -19.83 17.68 -6.53
CA PRO C 205 -19.35 16.83 -5.42
C PRO C 205 -20.52 16.04 -4.83
N ASP C 206 -20.30 14.77 -4.50
CA ASP C 206 -21.39 13.98 -3.94
C ASP C 206 -21.99 14.59 -2.66
N VAL C 207 -21.22 15.42 -1.96
CA VAL C 207 -21.71 16.05 -0.75
C VAL C 207 -22.75 17.11 -1.11
N TYR C 208 -22.84 17.43 -2.40
CA TYR C 208 -23.80 18.41 -2.88
C TYR C 208 -25.17 17.73 -3.07
N THR C 209 -25.14 16.49 -3.55
CA THR C 209 -26.36 15.75 -3.79
C THR C 209 -27.09 15.41 -2.49
N TYR C 210 -26.32 15.08 -1.44
CA TYR C 210 -26.92 14.72 -0.16
C TYR C 210 -27.56 15.92 0.55
N LEU C 211 -27.11 17.12 0.23
CA LEU C 211 -27.65 18.31 0.89
C LEU C 211 -28.48 19.18 -0.04
N GLY C 212 -29.03 18.57 -1.09
CA GLY C 212 -29.86 19.28 -2.03
C GLY C 212 -29.31 20.61 -2.52
N ILE C 213 -27.99 20.71 -2.57
CA ILE C 213 -27.36 21.93 -3.04
C ILE C 213 -27.66 22.04 -4.54
N TYR C 214 -28.91 22.34 -4.86
CA TYR C 214 -29.35 22.47 -6.25
C TYR C 214 -29.52 23.94 -6.61
N ARG C 215 -29.10 24.29 -7.83
CA ARG C 215 -29.21 25.66 -8.32
C ARG C 215 -30.54 26.28 -7.89
N ALA C 216 -30.50 27.56 -7.52
CA ALA C 216 -31.71 28.26 -7.08
C ALA C 216 -32.24 27.63 -5.81
N ASN C 217 -31.34 27.45 -4.84
CA ASN C 217 -31.69 26.86 -3.56
C ASN C 217 -31.72 27.95 -2.49
N ARG C 218 -32.50 27.70 -1.45
CA ARG C 218 -32.67 28.63 -0.35
C ARG C 218 -31.43 29.47 -0.04
N TRP C 219 -30.27 28.85 -0.14
CA TRP C 219 -29.00 29.49 0.18
C TRP C 219 -28.27 30.20 -0.96
N HIS C 220 -28.70 29.96 -2.20
CA HIS C 220 -28.07 30.56 -3.36
C HIS C 220 -26.62 30.10 -3.49
N LEU C 221 -26.41 28.80 -3.26
CA LEU C 221 -25.08 28.22 -3.38
C LEU C 221 -24.85 27.80 -4.83
N CYS C 222 -23.61 27.86 -5.27
CA CYS C 222 -23.30 27.43 -6.63
C CYS C 222 -23.15 25.92 -6.51
N PRO C 223 -24.13 25.16 -7.02
CA PRO C 223 -24.07 23.69 -6.95
C PRO C 223 -22.92 23.09 -7.74
N THR C 224 -22.07 23.94 -8.31
CA THR C 224 -20.95 23.48 -9.10
C THR C 224 -19.61 23.92 -8.52
N LEU C 225 -18.73 22.95 -8.26
CA LEU C 225 -17.43 23.26 -7.70
C LEU C 225 -16.44 23.74 -8.77
N TYR C 226 -16.16 22.89 -9.75
CA TYR C 226 -15.24 23.23 -10.81
C TYR C 226 -16.00 23.39 -12.11
N GLU C 227 -15.31 23.89 -13.12
CA GLU C 227 -15.90 24.09 -14.44
C GLU C 227 -14.85 23.80 -15.51
N SER C 228 -15.23 23.09 -16.55
CA SER C 228 -14.29 22.81 -17.62
C SER C 228 -14.85 23.20 -18.98
N ARG C 229 -14.29 24.27 -19.53
CA ARG C 229 -14.70 24.76 -20.84
C ARG C 229 -13.62 24.32 -21.84
N PHE C 230 -14.05 23.63 -22.89
CA PHE C 230 -13.08 23.20 -23.88
C PHE C 230 -12.80 24.38 -24.81
N GLN C 231 -11.52 24.59 -25.09
CA GLN C 231 -11.08 25.68 -25.94
C GLN C 231 -10.46 25.16 -27.23
N LEU C 232 -11.11 25.49 -28.35
CA LEU C 232 -10.65 25.10 -29.68
C LEU C 232 -9.72 26.18 -30.28
N GLY C 233 -9.06 25.84 -31.39
CA GLY C 233 -8.20 26.80 -32.05
C GLY C 233 -6.70 26.53 -32.04
N GLY C 234 -6.25 25.70 -31.13
CA GLY C 234 -4.83 25.42 -31.05
C GLY C 234 -4.05 26.65 -30.63
N SER C 235 -4.74 27.59 -29.98
CA SER C 235 -4.09 28.81 -29.52
C SER C 235 -4.46 29.07 -28.05
N ALA C 236 -4.78 27.99 -27.36
CA ALA C 236 -5.16 28.02 -25.95
C ALA C 236 -5.20 26.58 -25.44
N ARG C 237 -4.98 26.40 -24.13
CA ARG C 237 -5.02 25.07 -23.56
C ARG C 237 -6.40 24.48 -23.87
N GLY C 238 -6.41 23.36 -24.60
CA GLY C 238 -7.66 22.73 -24.98
C GLY C 238 -8.72 22.72 -23.90
N SER C 239 -8.33 22.64 -22.63
CA SER C 239 -9.29 22.59 -21.54
C SER C 239 -9.01 23.63 -20.45
N ARG C 240 -10.01 24.47 -20.15
CA ARG C 240 -9.87 25.49 -19.11
C ARG C 240 -10.71 25.11 -17.90
N VAL C 241 -10.06 24.54 -16.89
CA VAL C 241 -10.75 24.11 -15.69
C VAL C 241 -10.70 25.16 -14.61
N LEU C 242 -11.87 25.65 -14.23
CA LEU C 242 -11.97 26.68 -13.21
C LEU C 242 -12.56 26.20 -11.90
N ASP C 243 -12.08 26.76 -10.79
CA ASP C 243 -12.59 26.43 -9.47
C ASP C 243 -13.61 27.49 -9.09
N ARG C 244 -14.84 27.29 -9.53
CA ARG C 244 -15.90 28.25 -9.25
C ARG C 244 -15.99 28.68 -7.79
N ALA C 245 -15.67 27.76 -6.88
CA ALA C 245 -15.72 28.04 -5.45
C ALA C 245 -14.72 29.10 -5.01
N ASN C 246 -13.44 28.73 -4.99
CA ASN C 246 -12.38 29.63 -4.58
C ASN C 246 -12.04 30.67 -5.65
N ASN C 247 -12.94 30.83 -6.61
CA ASN C 247 -12.75 31.78 -7.69
C ASN C 247 -11.31 31.75 -8.19
N VAL C 248 -10.87 30.60 -8.71
CA VAL C 248 -9.51 30.49 -9.21
C VAL C 248 -9.37 29.44 -10.31
N GLU C 249 -8.55 29.76 -11.31
CA GLU C 249 -8.32 28.89 -12.45
C GLU C 249 -7.37 27.76 -12.07
N LEU C 250 -7.72 26.54 -12.46
CA LEU C 250 -6.89 25.38 -12.15
C LEU C 250 -6.13 24.89 -13.39
N GLU A 17 17.77 -4.70 52.46
CA GLU A 17 18.55 -3.78 53.34
C GLU A 17 19.81 -3.32 52.62
N ASP A 18 19.81 -3.41 51.30
CA ASP A 18 20.96 -3.01 50.50
C ASP A 18 20.60 -2.54 49.10
N GLY A 19 19.87 -3.36 48.36
CA GLY A 19 19.47 -2.98 47.01
C GLY A 19 18.09 -2.37 47.03
N PHE A 20 17.82 -1.52 48.01
CA PHE A 20 16.52 -0.90 48.16
C PHE A 20 16.59 0.63 48.28
N THR A 21 17.61 1.20 47.67
CA THR A 21 17.83 2.65 47.70
C THR A 21 17.41 3.35 46.40
N ALA A 22 17.75 4.63 46.30
CA ALA A 22 17.40 5.44 45.13
C ALA A 22 18.42 5.27 43.99
N GLU A 23 19.69 5.23 44.35
CA GLU A 23 20.77 5.09 43.39
C GLU A 23 20.58 3.92 42.42
N HIS A 24 20.38 2.72 42.97
CA HIS A 24 20.21 1.52 42.17
C HIS A 24 18.97 1.56 41.27
N LEU A 25 17.83 1.95 41.84
CA LEU A 25 16.58 2.03 41.08
C LEU A 25 16.61 3.22 40.14
N ALA A 26 17.36 3.11 39.05
CA ALA A 26 17.45 4.19 38.07
C ALA A 26 16.81 3.83 36.73
N ALA A 27 17.20 2.69 36.17
CA ALA A 27 16.65 2.24 34.90
C ALA A 27 16.05 0.86 35.07
N GLU A 28 16.05 0.38 36.31
CA GLU A 28 15.52 -0.94 36.64
C GLU A 28 14.02 -0.94 36.40
N ALA A 29 13.31 -0.15 37.21
CA ALA A 29 11.86 -0.06 37.12
C ALA A 29 11.35 0.73 35.93
N MSE A 30 12.12 0.75 34.83
CA MSE A 30 11.70 1.46 33.63
C MSE A 30 11.06 0.50 32.63
O MSE A 30 11.75 -0.09 31.78
CB MSE A 30 12.89 2.17 32.98
CG MSE A 30 13.38 3.40 33.75
SE MSE A 30 12.19 4.95 33.63
CE MSE A 30 13.11 5.96 32.28
N ALA A 31 9.75 0.34 32.73
CA ALA A 31 8.99 -0.53 31.83
C ALA A 31 8.92 0.04 30.42
N ALA A 32 8.66 -0.82 29.45
CA ALA A 32 8.55 -0.41 28.05
C ALA A 32 7.61 0.78 27.96
N ASP A 33 6.40 0.62 28.52
CA ASP A 33 5.42 1.69 28.54
C ASP A 33 4.73 1.76 29.90
N MSE A 34 4.62 2.96 30.44
CA MSE A 34 4.03 3.14 31.76
C MSE A 34 2.97 4.23 31.84
O MSE A 34 2.76 4.82 32.91
CB MSE A 34 5.16 3.41 32.74
CG MSE A 34 6.21 2.32 32.72
SE MSE A 34 7.91 2.90 33.34
CE MSE A 34 7.66 2.48 35.21
N ASP A 35 2.29 4.48 30.73
CA ASP A 35 1.26 5.51 30.68
C ASP A 35 -0.16 4.99 30.92
N PRO A 36 -1.03 5.82 31.50
CA PRO A 36 -2.40 5.37 31.74
C PRO A 36 -3.11 5.16 30.41
N TRP A 37 -4.05 4.22 30.36
CA TRP A 37 -4.79 3.98 29.12
C TRP A 37 -6.25 4.32 29.30
N LEU A 38 -7.01 4.18 28.20
CA LEU A 38 -8.46 4.44 28.13
C LEU A 38 -9.10 3.08 27.83
N VAL A 39 -10.02 2.64 28.68
CA VAL A 39 -10.57 1.31 28.46
C VAL A 39 -12.07 1.11 28.47
N PHE A 40 -12.48 -0.03 27.92
CA PHE A 40 -13.85 -0.47 27.86
C PHE A 40 -13.72 -1.98 27.92
N ASP A 41 -14.03 -2.54 29.09
CA ASP A 41 -13.93 -4.00 29.29
C ASP A 41 -15.31 -4.61 29.19
N ALA A 42 -15.62 -5.16 28.01
CA ALA A 42 -16.92 -5.79 27.76
C ALA A 42 -17.20 -6.93 28.73
N ARG A 43 -16.37 -7.03 29.78
CA ARG A 43 -16.53 -8.07 30.79
C ARG A 43 -17.28 -7.49 31.99
N THR A 44 -17.23 -6.17 32.13
CA THR A 44 -17.88 -5.48 33.23
C THR A 44 -18.40 -4.11 32.83
N THR A 45 -19.04 -4.03 31.66
CA THR A 45 -19.59 -2.76 31.18
C THR A 45 -20.69 -2.99 30.13
N PRO A 46 -21.80 -2.24 30.24
CA PRO A 46 -22.93 -2.34 29.31
C PRO A 46 -22.48 -2.00 27.89
N ALA A 47 -22.76 -2.91 26.95
CA ALA A 47 -22.37 -2.72 25.56
C ALA A 47 -22.91 -1.47 24.89
N THR A 48 -24.14 -1.08 25.23
CA THR A 48 -24.76 0.09 24.61
C THR A 48 -23.95 1.36 24.85
N GLU A 49 -22.93 1.24 25.72
CA GLU A 49 -22.06 2.36 26.06
C GLU A 49 -20.93 2.63 25.06
N LEU A 50 -20.60 1.64 24.23
CA LEU A 50 -19.53 1.80 23.25
C LEU A 50 -19.62 3.07 22.41
N ASP A 51 -20.83 3.49 22.06
CA ASP A 51 -21.02 4.69 21.25
C ASP A 51 -20.40 5.96 21.83
N ALA A 52 -20.98 6.47 22.92
CA ALA A 52 -20.46 7.69 23.54
C ALA A 52 -18.94 7.57 23.74
N TRP A 53 -18.48 6.37 24.08
CA TRP A 53 -17.04 6.13 24.29
C TRP A 53 -16.30 6.26 22.95
N LEU A 54 -16.78 5.55 21.93
CA LEU A 54 -16.13 5.64 20.62
C LEU A 54 -16.13 7.06 20.11
N ALA A 55 -17.28 7.72 20.25
CA ALA A 55 -17.43 9.10 19.80
C ALA A 55 -16.58 10.03 20.64
N LYS A 56 -16.40 9.64 21.89
CA LYS A 56 -15.60 10.43 22.81
C LYS A 56 -14.09 10.31 22.57
N TYR A 57 -13.64 9.16 22.06
CA TYR A 57 -12.20 8.98 21.86
C TYR A 57 -11.74 8.30 20.57
N PRO A 58 -12.16 8.80 19.40
CA PRO A 58 -11.68 8.12 18.19
C PRO A 58 -10.14 8.04 18.15
N PRO A 59 -9.59 6.87 17.79
CA PRO A 59 -8.14 6.63 17.72
C PRO A 59 -7.33 7.56 16.80
N SER A 60 -7.82 8.79 16.67
CA SER A 60 -7.18 9.80 15.84
C SER A 60 -7.43 11.21 16.40
N GLN A 61 -7.64 11.27 17.71
CA GLN A 61 -7.91 12.53 18.40
C GLN A 61 -7.22 12.57 19.76
N VAL A 62 -7.22 11.42 20.43
CA VAL A 62 -6.62 11.27 21.75
C VAL A 62 -5.16 10.86 21.57
N THR A 63 -4.29 11.84 21.35
CA THR A 63 -2.88 11.61 21.11
C THR A 63 -2.15 10.70 22.09
N ARG A 64 -0.82 10.68 21.96
CA ARG A 64 0.06 9.88 22.79
C ARG A 64 0.48 10.64 24.03
N TYR A 65 0.52 11.96 23.94
CA TYR A 65 0.95 12.75 25.09
C TYR A 65 -0.06 13.76 25.66
N GLY A 66 -1.35 13.49 25.46
CA GLY A 66 -2.38 14.39 25.99
C GLY A 66 -2.13 15.85 25.60
N ASP A 67 -1.64 16.04 24.39
CA ASP A 67 -1.33 17.38 23.87
C ASP A 67 -2.57 18.27 23.82
N PRO A 68 -2.38 19.59 23.98
CA PRO A 68 -3.47 20.56 23.95
C PRO A 68 -4.33 20.42 22.69
N GLY A 69 -5.63 20.27 22.88
CA GLY A 69 -6.52 20.16 21.73
C GLY A 69 -7.34 18.87 21.75
N SER A 70 -6.81 17.84 22.40
CA SER A 70 -7.47 16.56 22.49
C SER A 70 -8.29 16.39 23.78
N PRO A 71 -9.06 15.30 23.88
CA PRO A 71 -9.86 15.06 25.09
C PRO A 71 -9.02 14.62 26.27
N ASN A 72 -7.92 13.93 26.01
CA ASN A 72 -7.03 13.47 27.07
C ASN A 72 -5.99 14.54 27.41
N SER A 73 -5.87 14.87 28.70
CA SER A 73 -4.91 15.87 29.13
C SER A 73 -3.65 15.17 29.63
N GLU A 74 -3.75 13.85 29.77
CA GLU A 74 -2.65 13.02 30.23
C GLU A 74 -2.18 12.13 29.07
N PRO A 75 -0.89 11.73 29.07
CA PRO A 75 -0.43 10.88 27.97
C PRO A 75 -1.14 9.53 28.03
N VAL A 76 -1.40 8.95 26.85
CA VAL A 76 -2.07 7.67 26.75
C VAL A 76 -1.19 6.76 25.90
N GLY A 77 -0.91 5.56 26.43
CA GLY A 77 -0.07 4.62 25.72
C GLY A 77 -0.82 3.76 24.72
N TRP A 78 -2.04 3.37 25.07
CA TRP A 78 -2.86 2.53 24.20
C TRP A 78 -4.35 2.72 24.50
N ILE A 79 -5.15 2.46 23.47
CA ILE A 79 -6.61 2.48 23.53
C ILE A 79 -6.88 0.98 23.34
N ALA A 80 -7.72 0.39 24.18
CA ALA A 80 -7.97 -1.03 24.07
C ALA A 80 -9.42 -1.39 24.27
N VAL A 81 -9.79 -2.55 23.74
CA VAL A 81 -11.15 -3.05 23.87
C VAL A 81 -11.09 -4.50 24.34
N TYR A 82 -11.73 -4.77 25.47
CA TYR A 82 -11.77 -6.12 26.01
C TYR A 82 -13.20 -6.67 25.94
N GLY A 83 -13.32 -7.91 25.44
CA GLY A 83 -14.63 -8.53 25.35
C GLY A 83 -14.76 -9.61 26.40
N GLN A 84 -15.83 -10.38 26.31
CA GLN A 84 -16.02 -11.47 27.27
C GLN A 84 -14.94 -12.50 27.00
N GLY A 85 -14.77 -13.41 27.95
CA GLY A 85 -13.76 -14.44 27.79
C GLY A 85 -12.35 -13.91 27.89
N TYR A 86 -12.21 -12.59 27.88
CA TYR A 86 -10.88 -12.01 27.98
C TYR A 86 -10.31 -12.20 29.38
N SER A 87 -9.10 -12.73 29.43
CA SER A 87 -8.40 -12.96 30.68
C SER A 87 -6.93 -12.81 30.39
N PRO A 88 -6.11 -12.54 31.42
CA PRO A 88 -4.69 -12.39 31.11
C PRO A 88 -4.15 -13.69 30.51
N ASN A 89 -4.88 -14.77 30.76
CA ASN A 89 -4.53 -16.11 30.28
C ASN A 89 -3.31 -16.13 29.37
N SER A 90 -2.16 -16.42 29.97
CA SER A 90 -0.90 -16.47 29.25
C SER A 90 -0.18 -17.79 29.54
N GLY A 91 0.80 -18.11 28.70
CA GLY A 91 1.57 -19.33 28.90
C GLY A 91 2.74 -18.98 29.79
N ASP A 92 3.81 -19.78 29.70
CA ASP A 92 4.98 -19.53 30.53
C ASP A 92 6.15 -18.94 29.76
N VAL A 93 6.27 -17.61 29.79
CA VAL A 93 7.35 -16.94 29.10
C VAL A 93 8.68 -17.27 29.77
N GLN A 94 8.61 -17.59 31.06
CA GLN A 94 9.79 -17.95 31.83
C GLN A 94 10.53 -19.09 31.17
N GLY A 95 9.88 -20.25 31.11
CA GLY A 95 10.48 -21.43 30.50
C GLY A 95 10.69 -21.20 29.02
N LEU A 96 9.76 -20.48 28.40
CA LEU A 96 9.84 -20.17 26.98
C LEU A 96 11.22 -19.57 26.67
N GLN A 97 11.55 -18.50 27.36
CA GLN A 97 12.84 -17.85 27.16
C GLN A 97 13.95 -18.72 27.74
N ALA A 98 13.59 -19.54 28.71
CA ALA A 98 14.55 -20.44 29.34
C ALA A 98 14.96 -21.47 28.29
N ALA A 99 14.04 -21.74 27.36
CA ALA A 99 14.27 -22.69 26.28
C ALA A 99 14.90 -22.01 25.09
N TRP A 100 14.63 -20.72 24.94
CA TRP A 100 15.19 -19.95 23.85
C TRP A 100 16.66 -19.69 24.08
N GLU A 101 17.00 -19.36 25.32
CA GLU A 101 18.40 -19.08 25.67
C GLU A 101 19.27 -20.31 25.48
N ALA A 102 18.64 -21.48 25.46
CA ALA A 102 19.36 -22.74 25.29
C ALA A 102 19.53 -23.12 23.82
N LEU A 103 18.88 -22.39 22.92
CA LEU A 103 18.96 -22.67 21.50
C LEU A 103 20.18 -21.98 20.88
N GLN A 104 20.35 -20.69 21.16
CA GLN A 104 21.48 -19.96 20.63
C GLN A 104 22.78 -20.67 20.97
N THR A 105 22.74 -21.46 22.03
CA THR A 105 23.91 -22.21 22.47
C THR A 105 23.93 -23.59 21.82
N SER A 106 22.78 -24.04 21.36
CA SER A 106 22.64 -25.34 20.72
C SER A 106 23.56 -25.45 19.51
N GLY A 107 23.54 -24.43 18.67
CA GLY A 107 24.34 -24.44 17.45
C GLY A 107 23.50 -25.08 16.37
N ARG A 108 22.35 -25.58 16.78
CA ARG A 108 21.40 -26.24 15.89
C ARG A 108 20.72 -25.18 15.03
N PRO A 109 19.89 -25.63 14.05
CA PRO A 109 19.19 -24.69 13.18
C PRO A 109 17.91 -24.13 13.82
N ILE A 110 17.58 -22.88 13.51
CA ILE A 110 16.39 -22.25 14.07
C ILE A 110 15.39 -21.97 12.94
N THR A 111 14.23 -22.63 13.01
CA THR A 111 13.20 -22.47 11.99
C THR A 111 11.84 -22.07 12.58
N PRO A 112 10.99 -21.42 11.78
CA PRO A 112 9.67 -20.99 12.24
C PRO A 112 8.96 -22.15 12.94
N GLY A 113 9.19 -23.36 12.43
CA GLY A 113 8.57 -24.53 13.00
C GLY A 113 8.98 -24.70 14.45
N THR A 114 10.28 -24.83 14.68
CA THR A 114 10.80 -25.01 16.04
C THR A 114 10.19 -23.96 16.97
N LEU A 115 9.86 -22.79 16.42
CA LEU A 115 9.24 -21.73 17.21
C LEU A 115 7.85 -22.20 17.61
N ARG A 116 7.12 -22.74 16.64
CA ARG A 116 5.78 -23.26 16.88
C ARG A 116 5.90 -24.30 17.98
N GLN A 117 6.78 -25.27 17.77
CA GLN A 117 6.99 -26.32 18.76
C GLN A 117 7.34 -25.69 20.10
N LEU A 118 8.03 -24.55 20.05
CA LEU A 118 8.42 -23.84 21.26
C LEU A 118 7.22 -23.29 22.02
N ALA A 119 6.40 -22.51 21.31
CA ALA A 119 5.21 -21.90 21.90
C ALA A 119 4.14 -22.92 22.28
N ILE A 120 4.11 -24.04 21.58
CA ILE A 120 3.12 -25.08 21.86
C ILE A 120 3.28 -25.66 23.26
N THR A 121 4.49 -26.10 23.58
CA THR A 121 4.80 -26.66 24.88
C THR A 121 4.62 -25.62 25.99
N HIS A 122 5.15 -24.42 25.75
CA HIS A 122 5.06 -23.35 26.73
C HIS A 122 3.69 -22.69 26.84
N HIS A 123 2.72 -23.18 26.08
CA HIS A 123 1.37 -22.65 26.09
C HIS A 123 1.27 -21.17 25.79
N VAL A 124 2.19 -20.67 24.97
CA VAL A 124 2.19 -19.26 24.57
C VAL A 124 1.72 -19.24 23.11
N LEU A 125 0.42 -19.43 22.92
CA LEU A 125 -0.16 -19.49 21.58
C LEU A 125 -1.01 -18.31 21.09
N SER A 126 -0.71 -17.09 21.56
CA SER A 126 -1.48 -15.94 21.12
C SER A 126 -0.68 -15.09 20.16
N GLY A 127 -1.38 -14.44 19.24
CA GLY A 127 -0.73 -13.60 18.26
C GLY A 127 -1.56 -12.38 17.91
N LYS A 128 -0.98 -11.49 17.13
CA LYS A 128 -1.68 -10.26 16.77
C LYS A 128 -1.75 -9.94 15.29
N TRP A 129 -2.90 -9.41 14.89
CA TRP A 129 -3.17 -8.95 13.53
C TRP A 129 -2.91 -7.45 13.57
N LEU A 130 -1.92 -6.99 12.81
CA LEU A 130 -1.61 -5.56 12.76
C LEU A 130 -2.30 -4.90 11.59
N MSE A 131 -1.80 -3.72 11.22
CA MSE A 131 -2.31 -2.91 10.12
C MSE A 131 -2.11 -1.44 10.47
O MSE A 131 -2.28 -1.06 11.63
CB MSE A 131 -3.81 -3.14 9.89
CG MSE A 131 -4.68 -2.50 10.97
SE MSE A 131 -6.48 -2.09 10.42
CE MSE A 131 -7.39 -3.67 11.08
N HIS A 132 -1.72 -0.62 9.51
CA HIS A 132 -1.58 0.81 9.77
C HIS A 132 -2.42 1.60 8.76
N LEU A 133 -3.35 2.38 9.31
CA LEU A 133 -4.27 3.18 8.50
C LEU A 133 -3.84 4.63 8.49
N ALA A 134 -4.82 5.52 8.36
CA ALA A 134 -4.59 6.96 8.35
C ALA A 134 -5.72 7.60 9.13
N PRO A 135 -5.38 8.54 10.02
CA PRO A 135 -6.34 9.25 10.87
C PRO A 135 -7.49 9.87 10.09
N GLY A 136 -8.48 10.39 10.83
CA GLY A 136 -9.61 11.02 10.19
C GLY A 136 -10.87 10.18 10.18
N PHE A 137 -10.95 9.22 9.25
CA PHE A 137 -12.13 8.38 9.13
C PHE A 137 -11.88 6.88 8.99
N LYS A 138 -11.16 6.50 7.94
CA LYS A 138 -10.89 5.08 7.67
C LYS A 138 -10.42 4.32 8.90
N LEU A 139 -9.65 5.00 9.76
CA LEU A 139 -9.15 4.40 10.98
C LEU A 139 -10.28 4.31 12.01
N ASP A 140 -10.99 5.42 12.20
CA ASP A 140 -12.08 5.47 13.17
C ASP A 140 -13.17 4.46 12.85
N HIS A 141 -13.57 4.41 11.58
CA HIS A 141 -14.61 3.49 11.15
C HIS A 141 -14.09 2.07 11.32
N ALA A 142 -12.83 1.85 10.99
CA ALA A 142 -12.24 0.51 11.12
C ALA A 142 -12.20 0.09 12.60
N TRP A 143 -11.76 1.02 13.45
CA TRP A 143 -11.67 0.78 14.88
C TRP A 143 -13.06 0.47 15.46
N ALA A 144 -14.02 1.37 15.24
CA ALA A 144 -15.36 1.15 15.76
C ALA A 144 -15.89 -0.21 15.31
N GLY A 145 -15.51 -0.63 14.11
CA GLY A 145 -15.97 -1.92 13.62
C GLY A 145 -15.24 -3.03 14.37
N ILE A 146 -13.94 -2.85 14.55
CA ILE A 146 -13.16 -3.84 15.28
C ILE A 146 -13.58 -3.89 16.76
N ALA A 147 -13.81 -2.73 17.36
CA ALA A 147 -14.22 -2.65 18.76
C ALA A 147 -15.59 -3.30 18.93
N ARG A 148 -16.55 -2.87 18.11
CA ARG A 148 -17.90 -3.39 18.17
C ARG A 148 -17.91 -4.91 18.08
N ALA A 149 -16.97 -5.47 17.31
CA ALA A 149 -16.87 -6.92 17.18
C ALA A 149 -16.39 -7.56 18.49
N VAL A 150 -15.33 -6.99 19.09
CA VAL A 150 -14.80 -7.50 20.34
C VAL A 150 -15.93 -7.51 21.38
N VAL A 151 -16.62 -6.38 21.51
CA VAL A 151 -17.70 -6.26 22.47
C VAL A 151 -18.78 -7.31 22.28
N GLU A 152 -19.02 -7.70 21.03
CA GLU A 152 -20.03 -8.71 20.69
C GLU A 152 -19.42 -10.12 20.58
N GLY A 153 -18.24 -10.30 21.17
CA GLY A 153 -17.59 -11.60 21.15
C GLY A 153 -17.09 -12.12 19.81
N ARG A 154 -17.21 -11.32 18.76
CA ARG A 154 -16.74 -11.74 17.45
C ARG A 154 -15.23 -11.54 17.37
N LEU A 155 -14.71 -10.92 18.43
CA LEU A 155 -13.29 -10.64 18.62
C LEU A 155 -13.12 -10.62 20.14
N GLN A 156 -11.95 -11.03 20.63
CA GLN A 156 -11.72 -11.06 22.06
C GLN A 156 -10.93 -9.88 22.60
N VAL A 157 -9.95 -9.41 21.83
CA VAL A 157 -9.11 -8.29 22.22
C VAL A 157 -8.66 -7.44 21.03
N ALA A 158 -8.59 -6.13 21.23
CA ALA A 158 -8.14 -5.20 20.19
C ALA A 158 -7.68 -3.89 20.81
N LYS A 159 -6.57 -3.36 20.31
CA LYS A 159 -6.04 -2.10 20.81
C LYS A 159 -5.75 -1.22 19.59
N VAL A 160 -5.63 0.09 19.81
CA VAL A 160 -5.29 1.03 18.74
C VAL A 160 -4.37 2.07 19.38
N SER A 161 -3.36 2.51 18.63
CA SER A 161 -2.39 3.49 19.14
C SER A 161 -2.87 4.93 18.99
N PRO A 162 -2.61 5.77 20.00
CA PRO A 162 -3.03 7.17 19.96
C PRO A 162 -2.27 8.02 18.94
N ARG A 163 -2.79 9.22 18.70
CA ARG A 163 -2.19 10.12 17.74
C ARG A 163 -0.85 10.68 18.17
N ALA A 164 0.14 10.59 17.28
CA ALA A 164 1.49 11.07 17.54
C ALA A 164 1.61 12.52 17.10
N LYS A 165 2.38 13.31 17.85
CA LYS A 165 2.57 14.73 17.56
C LYS A 165 2.63 15.04 16.06
N GLU A 166 3.36 14.22 15.31
CA GLU A 166 3.47 14.44 13.87
C GLU A 166 2.65 13.42 13.09
N GLY A 167 2.50 13.68 11.79
CA GLY A 167 1.73 12.79 10.93
C GLY A 167 1.59 11.38 11.46
N GLY A 168 2.61 10.56 11.24
CA GLY A 168 2.57 9.19 11.72
C GLY A 168 1.37 8.44 11.18
N ARG A 169 1.18 7.22 11.68
CA ARG A 169 0.05 6.40 11.26
C ARG A 169 -0.51 5.64 12.44
N GLN A 170 -1.47 6.25 13.12
CA GLN A 170 -2.10 5.64 14.28
C GLN A 170 -2.55 4.23 13.94
N VAL A 171 -1.79 3.25 14.43
CA VAL A 171 -2.01 1.82 14.18
C VAL A 171 -3.05 1.09 15.01
N ILE A 172 -3.61 0.04 14.42
CA ILE A 172 -4.62 -0.79 15.10
C ILE A 172 -4.16 -2.24 15.22
N CYS A 173 -4.34 -2.80 16.42
CA CYS A 173 -3.97 -4.19 16.70
C CYS A 173 -5.15 -5.02 17.19
N VAL A 174 -5.42 -6.12 16.48
CA VAL A 174 -6.51 -7.04 16.83
C VAL A 174 -5.82 -8.27 17.43
N TYR A 175 -6.55 -9.06 18.22
CA TYR A 175 -5.94 -10.22 18.85
C TYR A 175 -6.77 -11.49 18.89
N THR A 176 -6.10 -12.63 18.78
CA THR A 176 -6.74 -13.95 18.87
C THR A 176 -5.89 -14.73 19.87
N ASP A 177 -6.51 -15.66 20.61
CA ASP A 177 -5.74 -16.40 21.61
C ASP A 177 -5.18 -17.77 21.27
N ASP A 178 -5.12 -18.12 19.98
CA ASP A 178 -4.56 -19.42 19.59
C ASP A 178 -4.35 -19.50 18.09
N PHE A 179 -3.11 -19.24 17.66
CA PHE A 179 -2.79 -19.26 16.23
C PHE A 179 -2.86 -20.62 15.55
N THR A 180 -2.69 -21.70 16.30
CA THR A 180 -2.76 -23.02 15.71
C THR A 180 -4.17 -23.22 15.20
N ASP A 181 -5.07 -22.32 15.60
CA ASP A 181 -6.46 -22.40 15.19
C ASP A 181 -6.65 -21.63 13.89
N ARG A 182 -6.57 -22.34 12.77
CA ARG A 182 -6.75 -21.70 11.47
C ARG A 182 -8.08 -20.95 11.48
N LEU A 183 -9.10 -21.57 12.06
CA LEU A 183 -10.42 -20.97 12.14
C LEU A 183 -10.39 -19.74 13.04
N GLY A 184 -9.53 -19.78 14.04
CA GLY A 184 -9.41 -18.65 14.96
C GLY A 184 -8.77 -17.46 14.30
N VAL A 185 -7.65 -17.70 13.62
CA VAL A 185 -6.95 -16.64 12.91
C VAL A 185 -7.87 -16.09 11.83
N LEU A 186 -8.54 -16.99 11.12
CA LEU A 186 -9.43 -16.59 10.03
C LEU A 186 -10.74 -15.98 10.52
N GLU A 187 -11.24 -16.46 11.65
CA GLU A 187 -12.47 -15.91 12.18
C GLU A 187 -12.24 -14.42 12.36
N ALA A 188 -11.12 -14.07 13.00
CA ALA A 188 -10.76 -12.67 13.23
C ALA A 188 -10.36 -12.06 11.90
N ASP A 189 -9.66 -12.84 11.09
CA ASP A 189 -9.24 -12.41 9.77
C ASP A 189 -10.48 -12.08 8.91
N SER A 190 -11.62 -12.63 9.28
CA SER A 190 -12.85 -12.37 8.55
C SER A 190 -13.67 -11.29 9.25
N ALA A 191 -13.50 -11.18 10.56
CA ALA A 191 -14.24 -10.19 11.32
C ALA A 191 -13.75 -8.78 11.00
N ILE A 192 -12.47 -8.65 10.64
CA ILE A 192 -11.90 -7.36 10.31
C ILE A 192 -12.42 -6.83 8.97
N ARG A 193 -12.44 -7.69 7.95
CA ARG A 193 -12.93 -7.27 6.63
C ARG A 193 -14.38 -6.78 6.66
N ALA A 194 -15.24 -7.47 7.41
CA ALA A 194 -16.64 -7.08 7.49
C ALA A 194 -16.78 -5.69 8.07
N ALA A 195 -15.71 -5.18 8.68
CA ALA A 195 -15.73 -3.84 9.26
C ALA A 195 -15.27 -2.81 8.25
N GLY A 196 -14.98 -3.24 7.03
CA GLY A 196 -14.57 -2.31 5.99
C GLY A 196 -13.07 -2.13 5.79
N ILE A 197 -12.26 -2.86 6.54
CA ILE A 197 -10.80 -2.75 6.39
C ILE A 197 -10.37 -3.51 5.13
N LYS A 198 -9.76 -2.79 4.20
CA LYS A 198 -9.32 -3.38 2.94
C LYS A 198 -7.80 -3.43 2.80
N CYS A 199 -7.10 -2.80 3.74
CA CYS A 199 -5.65 -2.75 3.72
C CYS A 199 -4.96 -4.05 4.14
N LEU A 200 -3.64 -4.04 4.09
CA LEU A 200 -2.83 -5.19 4.47
C LEU A 200 -2.88 -5.41 5.96
N LEU A 201 -2.82 -6.68 6.35
CA LEU A 201 -2.82 -7.08 7.74
C LEU A 201 -1.74 -8.15 7.87
N THR A 202 -1.05 -8.17 9.00
CA THR A 202 -0.03 -9.17 9.25
C THR A 202 -0.26 -9.77 10.64
N TYR A 203 -0.07 -11.08 10.76
CA TYR A 203 -0.26 -11.74 12.04
C TYR A 203 1.08 -12.10 12.66
N LYS A 204 1.37 -11.45 13.78
CA LYS A 204 2.60 -11.65 14.51
C LYS A 204 2.33 -12.39 15.81
N PRO A 205 2.82 -13.64 15.93
CA PRO A 205 2.63 -14.48 17.12
C PRO A 205 3.44 -13.90 18.28
N ASP A 206 2.83 -13.83 19.46
CA ASP A 206 3.52 -13.27 20.63
C ASP A 206 4.90 -13.87 20.89
N VAL A 207 5.08 -15.15 20.58
CA VAL A 207 6.39 -15.78 20.79
C VAL A 207 7.47 -14.98 20.05
N TYR A 208 7.15 -14.49 18.85
CA TYR A 208 8.11 -13.71 18.09
C TYR A 208 8.55 -12.51 18.91
N THR A 209 7.60 -11.90 19.62
CA THR A 209 7.90 -10.73 20.45
C THR A 209 8.69 -11.14 21.69
N TYR A 210 8.20 -12.15 22.39
CA TYR A 210 8.87 -12.63 23.60
C TYR A 210 10.27 -13.20 23.36
N LEU A 211 10.61 -13.46 22.11
CA LEU A 211 11.94 -14.03 21.82
C LEU A 211 12.77 -13.29 20.76
N GLY A 212 12.76 -11.96 20.85
CA GLY A 212 13.54 -11.11 19.95
C GLY A 212 13.45 -11.36 18.45
N ILE A 213 12.25 -11.20 17.88
CA ILE A 213 12.05 -11.41 16.46
C ILE A 213 11.40 -10.18 15.83
N TYR A 214 12.18 -9.12 15.63
CA TYR A 214 11.68 -7.89 15.04
C TYR A 214 12.05 -7.76 13.57
N ARG A 215 11.70 -6.63 12.96
CA ARG A 215 11.97 -6.38 11.55
C ARG A 215 13.42 -6.64 11.15
N ALA A 216 14.36 -5.82 11.62
CA ALA A 216 15.77 -6.00 11.29
C ALA A 216 16.32 -7.21 12.05
N ASN A 217 15.43 -8.15 12.32
CA ASN A 217 15.73 -9.39 13.04
C ASN A 217 17.19 -9.86 13.01
N ARG A 218 17.61 -10.44 14.12
CA ARG A 218 18.97 -10.97 14.29
C ARG A 218 19.14 -12.35 13.66
N TRP A 219 18.31 -13.30 14.09
CA TRP A 219 18.35 -14.66 13.57
C TRP A 219 17.81 -14.68 12.14
N HIS A 220 17.81 -13.50 11.52
CA HIS A 220 17.30 -13.34 10.15
C HIS A 220 16.02 -14.11 9.87
N LEU A 221 15.12 -14.12 10.85
CA LEU A 221 13.83 -14.78 10.72
C LEU A 221 12.78 -13.72 10.43
N CYS A 222 11.72 -14.12 9.72
CA CYS A 222 10.65 -13.20 9.38
C CYS A 222 9.83 -12.81 10.61
N PRO A 223 9.56 -11.51 10.79
CA PRO A 223 8.79 -11.03 11.94
C PRO A 223 7.28 -11.22 11.78
N THR A 224 6.85 -11.60 10.59
CA THR A 224 5.44 -11.80 10.27
C THR A 224 5.18 -13.21 9.75
N LEU A 225 4.21 -13.90 10.34
CA LEU A 225 3.88 -15.26 9.92
C LEU A 225 2.97 -15.25 8.69
N TYR A 226 1.72 -14.83 8.86
CA TYR A 226 0.76 -14.76 7.77
C TYR A 226 0.50 -13.30 7.41
N GLU A 227 -0.16 -13.08 6.27
CA GLU A 227 -0.49 -11.73 5.83
C GLU A 227 -1.80 -11.76 5.03
N SER A 228 -2.71 -10.85 5.39
CA SER A 228 -4.01 -10.75 4.74
C SER A 228 -4.04 -9.63 3.72
N ARG A 229 -4.14 -10.00 2.44
CA ARG A 229 -4.20 -9.03 1.36
C ARG A 229 -5.53 -9.18 0.66
N PHE A 230 -6.16 -8.06 0.34
CA PHE A 230 -7.44 -8.07 -0.36
C PHE A 230 -7.23 -7.73 -1.83
N GLN A 231 -7.17 -8.78 -2.67
CA GLN A 231 -6.96 -8.67 -4.11
C GLN A 231 -7.36 -7.32 -4.70
N GLY A 238 -11.05 -10.43 -3.48
CA GLY A 238 -11.15 -11.21 -2.26
C GLY A 238 -9.91 -11.16 -1.38
N SER A 239 -10.08 -11.52 -0.11
CA SER A 239 -8.99 -11.53 0.86
C SER A 239 -8.24 -12.87 0.88
N ARG A 240 -6.99 -12.84 0.44
CA ARG A 240 -6.15 -14.04 0.43
C ARG A 240 -5.12 -13.97 1.56
N VAL A 241 -5.16 -14.95 2.45
CA VAL A 241 -4.23 -15.02 3.56
C VAL A 241 -2.99 -15.78 3.10
N LEU A 242 -1.83 -15.11 3.18
CA LEU A 242 -0.58 -15.71 2.73
C LEU A 242 0.52 -15.79 3.78
N ASP A 243 1.07 -16.99 3.97
CA ASP A 243 2.14 -17.23 4.92
C ASP A 243 3.46 -16.82 4.30
N ARG A 244 3.92 -15.61 4.62
CA ARG A 244 5.16 -15.08 4.06
C ARG A 244 6.35 -16.02 4.25
N ALA A 245 6.48 -16.97 3.33
CA ALA A 245 7.57 -17.94 3.38
C ALA A 245 7.37 -19.01 2.30
N ASN A 246 6.38 -19.88 2.52
CA ASN A 246 6.10 -20.96 1.59
C ASN A 246 5.04 -20.53 0.57
N ASN A 247 4.67 -19.25 0.59
CA ASN A 247 3.68 -18.71 -0.33
C ASN A 247 2.42 -19.57 -0.31
N VAL A 248 2.07 -20.07 0.87
CA VAL A 248 0.90 -20.92 1.06
C VAL A 248 -0.31 -20.12 1.50
N GLU A 249 -1.50 -20.55 1.05
CA GLU A 249 -2.74 -19.89 1.41
C GLU A 249 -3.32 -20.51 2.69
N LEU A 250 -3.67 -19.67 3.65
CA LEU A 250 -4.23 -20.14 4.92
C LEU A 250 -5.75 -20.05 4.90
N GLU B 17 9.06 -6.42 27.53
CA GLU B 17 7.81 -5.62 27.30
C GLU B 17 8.00 -4.53 26.25
N ASP B 18 9.26 -4.25 25.91
CA ASP B 18 9.57 -3.23 24.92
C ASP B 18 8.96 -3.47 23.54
N GLY B 19 8.68 -4.74 23.24
CA GLY B 19 8.09 -5.07 21.95
C GLY B 19 6.57 -5.13 21.96
N PHE B 20 5.94 -4.25 22.73
CA PHE B 20 4.48 -4.22 22.81
C PHE B 20 3.96 -2.80 22.86
N THR B 21 4.88 -1.83 22.89
CA THR B 21 4.48 -0.43 22.94
C THR B 21 3.84 0.03 21.63
N ALA B 22 3.03 1.07 21.74
CA ALA B 22 2.37 1.62 20.57
C ALA B 22 3.40 1.92 19.47
N GLU B 23 4.52 2.54 19.87
CA GLU B 23 5.56 2.90 18.92
C GLU B 23 6.28 1.70 18.32
N HIS B 24 6.37 0.60 19.05
CA HIS B 24 7.04 -0.57 18.51
C HIS B 24 6.17 -1.31 17.49
N LEU B 25 4.90 -1.52 17.82
CA LEU B 25 4.00 -2.22 16.92
C LEU B 25 3.70 -1.41 15.67
N ALA B 26 3.69 -0.08 15.81
CA ALA B 26 3.45 0.76 14.65
C ALA B 26 4.59 0.51 13.68
N ALA B 27 5.82 0.64 14.19
CA ALA B 27 7.03 0.44 13.40
C ALA B 27 7.08 -0.95 12.77
N GLU B 28 6.56 -1.94 13.50
CA GLU B 28 6.55 -3.31 13.00
C GLU B 28 5.55 -3.44 11.85
N ALA B 29 4.37 -2.86 12.04
CA ALA B 29 3.32 -2.88 11.03
C ALA B 29 3.79 -2.16 9.75
N MSE B 30 4.52 -1.06 9.93
CA MSE B 30 5.02 -0.31 8.79
C MSE B 30 6.15 -1.03 8.07
O MSE B 30 6.19 -1.02 6.84
CB MSE B 30 5.49 1.07 9.25
CG MSE B 30 4.37 1.86 9.90
SE MSE B 30 4.79 3.70 10.22
CE MSE B 30 4.41 4.36 8.44
N ALA B 31 7.03 -1.66 8.82
CA ALA B 31 8.13 -2.39 8.20
C ALA B 31 7.59 -3.52 7.32
N ALA B 32 6.49 -4.11 7.76
CA ALA B 32 5.88 -5.22 7.02
C ALA B 32 4.98 -4.76 5.86
N ASP B 33 4.82 -3.45 5.71
CA ASP B 33 3.98 -2.90 4.65
C ASP B 33 4.75 -2.72 3.35
N MSE B 34 5.14 -3.85 2.76
CA MSE B 34 5.87 -3.87 1.49
C MSE B 34 5.06 -4.73 0.52
O MSE B 34 4.53 -5.77 0.91
CB MSE B 34 7.26 -4.49 1.68
CG MSE B 34 8.22 -3.66 2.51
SE MSE B 34 8.76 -2.02 1.65
CE MSE B 34 10.48 -2.59 0.95
N ASP B 35 4.96 -4.29 -0.73
CA ASP B 35 4.23 -5.07 -1.72
C ASP B 35 4.96 -6.37 -2.00
N PRO B 36 4.23 -7.39 -2.47
CA PRO B 36 4.84 -8.68 -2.78
C PRO B 36 5.69 -8.67 -4.04
N TRP B 37 6.55 -9.67 -4.17
CA TRP B 37 7.43 -9.80 -5.32
C TRP B 37 6.99 -10.99 -6.17
N LEU B 38 7.19 -10.91 -7.47
CA LEU B 38 6.90 -12.03 -8.36
C LEU B 38 8.21 -12.78 -8.24
N VAL B 39 8.16 -13.98 -7.67
CA VAL B 39 9.39 -14.71 -7.44
C VAL B 39 9.56 -16.07 -8.10
N PHE B 40 10.82 -16.38 -8.42
CA PHE B 40 11.20 -17.65 -8.99
C PHE B 40 12.56 -18.03 -8.40
N ASP B 41 12.60 -19.13 -7.65
CA ASP B 41 13.81 -19.59 -7.00
C ASP B 41 14.07 -21.07 -7.33
N ALA B 42 15.14 -21.30 -8.07
CA ALA B 42 15.51 -22.64 -8.48
C ALA B 42 15.75 -23.61 -7.33
N ARG B 43 15.73 -23.11 -6.09
CA ARG B 43 15.96 -23.97 -4.94
C ARG B 43 14.80 -24.93 -4.68
N THR B 44 13.63 -24.62 -5.23
CA THR B 44 12.44 -25.43 -5.05
C THR B 44 11.71 -25.74 -6.35
N THR B 45 11.61 -24.74 -7.22
CA THR B 45 10.91 -24.92 -8.49
C THR B 45 11.87 -25.42 -9.56
N PRO B 46 11.50 -26.51 -10.25
CA PRO B 46 12.34 -27.09 -11.31
C PRO B 46 12.71 -26.05 -12.36
N ALA B 47 13.95 -26.09 -12.78
CA ALA B 47 14.47 -25.17 -13.78
C ALA B 47 13.65 -25.16 -15.07
N THR B 48 13.24 -26.36 -15.50
CA THR B 48 12.47 -26.52 -16.71
C THR B 48 11.18 -25.70 -16.75
N GLU B 49 10.85 -25.05 -15.64
CA GLU B 49 9.64 -24.23 -15.58
C GLU B 49 10.01 -22.75 -15.60
N LEU B 50 11.30 -22.45 -15.75
CA LEU B 50 11.74 -21.07 -15.75
C LEU B 50 11.16 -20.17 -16.83
N ASP B 51 11.08 -20.68 -18.06
CA ASP B 51 10.58 -19.86 -19.17
C ASP B 51 9.08 -19.52 -19.20
N ALA B 52 8.24 -20.40 -18.66
CA ALA B 52 6.80 -20.12 -18.67
C ALA B 52 6.56 -18.95 -17.73
N TRP B 53 7.41 -18.83 -16.71
CA TRP B 53 7.32 -17.73 -15.76
C TRP B 53 7.90 -16.46 -16.42
N LEU B 54 8.98 -16.61 -17.18
CA LEU B 54 9.56 -15.45 -17.85
C LEU B 54 8.61 -14.96 -18.94
N ALA B 55 8.03 -15.90 -19.69
CA ALA B 55 7.11 -15.55 -20.76
C ALA B 55 5.89 -14.82 -20.16
N LYS B 56 5.38 -15.34 -19.06
CA LYS B 56 4.23 -14.76 -18.40
C LYS B 56 4.51 -13.45 -17.68
N TYR B 57 5.66 -13.37 -17.02
CA TYR B 57 5.96 -12.17 -16.27
C TYR B 57 7.13 -11.30 -16.75
N PRO B 58 7.11 -10.87 -18.03
CA PRO B 58 8.20 -10.02 -18.52
C PRO B 58 8.13 -8.67 -17.81
N PRO B 59 9.28 -8.16 -17.33
CA PRO B 59 9.31 -6.87 -16.63
C PRO B 59 8.80 -5.67 -17.40
N SER B 60 8.67 -5.81 -18.72
CA SER B 60 8.18 -4.70 -19.53
C SER B 60 6.66 -4.62 -19.44
N GLN B 61 6.03 -5.72 -19.06
CA GLN B 61 4.58 -5.74 -18.95
C GLN B 61 4.10 -5.74 -17.50
N VAL B 62 4.87 -6.36 -16.60
CA VAL B 62 4.47 -6.38 -15.21
C VAL B 62 4.52 -4.96 -14.71
N THR B 63 3.43 -4.49 -14.11
CA THR B 63 3.41 -3.12 -13.63
C THR B 63 3.53 -2.98 -12.12
N ARG B 64 4.10 -1.86 -11.70
CA ARG B 64 4.31 -1.58 -10.29
C ARG B 64 3.04 -1.70 -9.47
N TYR B 65 1.91 -1.32 -10.08
CA TYR B 65 0.64 -1.36 -9.38
C TYR B 65 -0.45 -2.23 -9.97
N GLY B 66 -0.05 -3.22 -10.75
CA GLY B 66 -1.00 -4.15 -11.35
C GLY B 66 -2.13 -3.46 -12.10
N ASP B 67 -1.78 -2.53 -12.97
CA ASP B 67 -2.79 -1.81 -13.75
C ASP B 67 -3.57 -2.76 -14.67
N PRO B 68 -4.77 -2.33 -15.11
CA PRO B 68 -5.56 -3.17 -16.00
C PRO B 68 -4.73 -3.44 -17.24
N GLY B 69 -4.70 -4.69 -17.69
CA GLY B 69 -3.92 -5.01 -18.86
C GLY B 69 -2.53 -5.55 -18.55
N SER B 70 -2.20 -5.64 -17.25
CA SER B 70 -0.91 -6.16 -16.82
C SER B 70 -1.04 -7.65 -16.55
N PRO B 71 0.08 -8.39 -16.55
CA PRO B 71 0.00 -9.82 -16.28
C PRO B 71 -0.37 -9.98 -14.80
N ASN B 72 -0.04 -8.95 -14.03
CA ASN B 72 -0.28 -8.93 -12.59
C ASN B 72 -1.45 -8.01 -12.25
N SER B 73 -2.42 -8.54 -11.50
CA SER B 73 -3.59 -7.78 -11.12
C SER B 73 -3.34 -6.91 -9.88
N GLU B 74 -2.31 -7.27 -9.12
CA GLU B 74 -1.99 -6.55 -7.91
C GLU B 74 -0.63 -5.87 -8.00
N PRO B 75 -0.36 -4.91 -7.09
CA PRO B 75 0.92 -4.20 -7.08
C PRO B 75 2.11 -5.14 -6.95
N VAL B 76 3.22 -4.76 -7.56
CA VAL B 76 4.45 -5.55 -7.51
C VAL B 76 5.65 -4.64 -7.26
N GLY B 77 6.51 -5.04 -6.33
CA GLY B 77 7.67 -4.23 -6.03
C GLY B 77 8.87 -4.58 -6.88
N TRP B 78 9.17 -5.87 -6.96
CA TRP B 78 10.29 -6.36 -7.76
C TRP B 78 10.02 -7.75 -8.30
N ILE B 79 10.73 -8.10 -9.35
CA ILE B 79 10.63 -9.43 -9.95
C ILE B 79 11.98 -10.07 -9.63
N ALA B 80 11.96 -11.22 -8.97
CA ALA B 80 13.21 -11.84 -8.56
C ALA B 80 13.44 -13.29 -8.91
N VAL B 81 14.71 -13.66 -8.97
CA VAL B 81 15.08 -15.04 -9.24
C VAL B 81 16.23 -15.43 -8.32
N TYR B 82 15.98 -16.46 -7.51
CA TYR B 82 16.99 -16.98 -6.58
C TYR B 82 17.48 -18.31 -7.13
N GLY B 83 18.78 -18.52 -7.11
CA GLY B 83 19.34 -19.76 -7.61
C GLY B 83 19.71 -20.73 -6.50
N GLN B 84 20.66 -21.61 -6.79
CA GLN B 84 21.12 -22.61 -5.82
C GLN B 84 22.31 -22.06 -5.03
N GLY B 85 22.97 -21.05 -5.59
CA GLY B 85 24.11 -20.45 -4.93
C GLY B 85 23.77 -19.49 -3.80
N TYR B 86 22.64 -18.82 -3.93
CA TYR B 86 22.17 -17.86 -2.94
C TYR B 86 22.16 -18.42 -1.51
N SER B 87 22.88 -17.76 -0.61
CA SER B 87 22.93 -18.18 0.78
C SER B 87 22.76 -16.93 1.65
N PRO B 88 22.27 -17.10 2.90
CA PRO B 88 22.06 -16.00 3.84
C PRO B 88 23.17 -14.98 3.93
N ASN B 89 22.85 -13.84 4.55
CA ASN B 89 23.80 -12.75 4.71
C ASN B 89 24.55 -12.82 6.04
N SER B 90 23.80 -12.90 7.13
CA SER B 90 24.36 -12.96 8.48
C SER B 90 24.90 -11.60 8.92
N GLY B 91 24.44 -10.54 8.25
CA GLY B 91 24.90 -9.20 8.58
C GLY B 91 24.08 -8.50 9.65
N ASP B 92 24.77 -7.72 10.48
CA ASP B 92 24.15 -6.99 11.58
C ASP B 92 23.75 -5.57 11.16
N VAL B 93 22.64 -5.47 10.45
CA VAL B 93 22.14 -4.17 9.98
C VAL B 93 21.80 -3.24 11.13
N GLN B 94 21.28 -3.79 12.22
CA GLN B 94 20.93 -2.99 13.38
C GLN B 94 22.19 -2.30 13.89
N GLY B 95 23.25 -3.06 14.04
CA GLY B 95 24.50 -2.48 14.50
C GLY B 95 25.06 -1.48 13.50
N LEU B 96 25.03 -1.85 12.23
CA LEU B 96 25.53 -0.98 11.17
C LEU B 96 24.82 0.37 11.16
N GLN B 97 23.50 0.33 11.15
CA GLN B 97 22.69 1.54 11.14
C GLN B 97 22.89 2.40 12.40
N ALA B 98 23.12 1.73 13.54
CA ALA B 98 23.32 2.45 14.79
C ALA B 98 24.64 3.22 14.69
N ALA B 99 25.70 2.50 14.32
CA ALA B 99 27.02 3.11 14.18
C ALA B 99 26.96 4.27 13.21
N TRP B 100 26.14 4.13 12.17
CA TRP B 100 26.00 5.18 11.16
C TRP B 100 25.50 6.48 11.80
N GLU B 101 24.47 6.37 12.64
CA GLU B 101 23.93 7.52 13.32
C GLU B 101 25.03 8.22 14.11
N ALA B 102 25.85 7.42 14.79
CA ALA B 102 26.95 7.93 15.60
C ALA B 102 27.97 8.68 14.75
N LEU B 103 28.37 8.08 13.63
CA LEU B 103 29.34 8.69 12.74
C LEU B 103 28.93 10.08 12.28
N GLN B 104 27.63 10.27 12.05
CA GLN B 104 27.12 11.55 11.60
C GLN B 104 27.10 12.56 12.76
N THR B 105 26.97 12.05 13.98
CA THR B 105 26.95 12.89 15.17
C THR B 105 28.20 13.76 15.15
N SER B 106 29.35 13.13 15.36
CA SER B 106 30.63 13.83 15.35
C SER B 106 30.95 14.25 13.92
N GLY B 107 32.00 15.05 13.76
CA GLY B 107 32.36 15.51 12.43
C GLY B 107 33.57 14.81 11.81
N ARG B 108 33.78 13.55 12.16
CA ARG B 108 34.90 12.78 11.61
C ARG B 108 34.77 12.60 10.11
N PRO B 109 35.90 12.39 9.42
CA PRO B 109 35.92 12.19 7.96
C PRO B 109 35.07 11.01 7.45
N ILE B 110 34.12 11.32 6.59
CA ILE B 110 33.23 10.33 6.01
C ILE B 110 33.79 9.90 4.64
N THR B 111 34.35 8.69 4.60
CA THR B 111 34.95 8.20 3.36
C THR B 111 34.60 6.73 3.06
N PRO B 112 34.94 6.27 1.86
CA PRO B 112 34.67 4.88 1.44
C PRO B 112 35.32 3.90 2.41
N GLY B 113 36.52 4.24 2.86
CA GLY B 113 37.25 3.39 3.77
C GLY B 113 36.53 3.19 5.09
N THR B 114 35.88 4.24 5.57
CA THR B 114 35.14 4.17 6.82
C THR B 114 33.97 3.22 6.67
N LEU B 115 33.19 3.42 5.61
CA LEU B 115 32.03 2.59 5.35
C LEU B 115 32.45 1.17 5.06
N ARG B 116 33.61 1.00 4.44
CA ARG B 116 34.11 -0.34 4.13
C ARG B 116 34.40 -1.06 5.44
N GLN B 117 35.02 -0.34 6.37
CA GLN B 117 35.35 -0.91 7.68
C GLN B 117 34.06 -1.30 8.34
N LEU B 118 33.10 -0.37 8.35
CA LEU B 118 31.79 -0.62 8.93
C LEU B 118 31.19 -1.90 8.40
N ALA B 119 31.08 -2.01 7.08
CA ALA B 119 30.51 -3.17 6.44
C ALA B 119 31.22 -4.46 6.83
N ILE B 120 32.55 -4.39 6.89
CA ILE B 120 33.35 -5.55 7.27
C ILE B 120 33.11 -5.88 8.75
N THR B 121 32.96 -4.84 9.56
CA THR B 121 32.73 -5.00 10.99
C THR B 121 31.38 -5.67 11.28
N HIS B 122 30.32 -5.21 10.64
CA HIS B 122 29.01 -5.78 10.88
C HIS B 122 28.61 -6.92 9.94
N HIS B 123 29.58 -7.41 9.19
CA HIS B 123 29.35 -8.52 8.27
C HIS B 123 28.30 -8.26 7.21
N VAL B 124 28.23 -7.03 6.72
CA VAL B 124 27.29 -6.64 5.68
C VAL B 124 28.16 -6.45 4.42
N LEU B 125 28.58 -7.58 3.83
CA LEU B 125 29.46 -7.59 2.67
C LEU B 125 28.80 -7.83 1.34
N SER B 126 27.48 -7.70 1.28
CA SER B 126 26.74 -7.92 0.05
C SER B 126 26.59 -6.64 -0.77
N GLY B 127 26.36 -6.83 -2.07
CA GLY B 127 26.19 -5.70 -2.96
C GLY B 127 25.63 -6.13 -4.30
N LYS B 128 25.45 -5.18 -5.20
CA LYS B 128 24.89 -5.53 -6.48
C LYS B 128 25.23 -4.66 -7.67
N TRP B 129 25.35 -5.32 -8.82
CA TRP B 129 25.60 -4.66 -10.09
C TRP B 129 24.24 -4.10 -10.53
N LEU B 130 24.23 -2.90 -11.09
CA LEU B 130 23.01 -2.25 -11.55
C LEU B 130 23.05 -1.89 -13.03
N MSE B 131 21.93 -2.14 -13.71
CA MSE B 131 21.79 -1.86 -15.12
C MSE B 131 20.43 -1.21 -15.33
O MSE B 131 19.44 -1.62 -14.71
CB MSE B 131 21.86 -3.15 -15.95
CG MSE B 131 23.15 -3.92 -15.82
SE MSE B 131 22.88 -5.70 -15.07
CE MSE B 131 22.91 -5.18 -13.22
N HIS B 132 20.37 -0.22 -16.21
CA HIS B 132 19.14 0.48 -16.50
C HIS B 132 18.82 0.33 -17.97
N LEU B 133 17.77 -0.44 -18.25
CA LEU B 133 17.35 -0.69 -19.63
C LEU B 133 15.99 -0.08 -19.91
N ALA B 134 15.79 0.33 -21.15
CA ALA B 134 14.52 0.92 -21.56
C ALA B 134 13.57 -0.26 -21.70
N PRO B 135 12.34 -0.12 -21.19
CA PRO B 135 11.38 -1.23 -21.30
C PRO B 135 11.23 -1.69 -22.75
N GLY B 136 10.99 -2.97 -22.94
CA GLY B 136 10.86 -3.49 -24.28
C GLY B 136 11.56 -4.84 -24.43
N PHE B 137 11.68 -5.30 -25.66
CA PHE B 137 12.30 -6.58 -25.93
C PHE B 137 13.75 -6.68 -25.48
N LYS B 138 14.44 -5.54 -25.45
CA LYS B 138 15.83 -5.53 -25.01
C LYS B 138 15.87 -5.86 -23.52
N LEU B 139 14.97 -5.26 -22.75
CA LEU B 139 14.90 -5.52 -21.34
C LEU B 139 14.53 -6.99 -21.06
N ASP B 140 13.42 -7.45 -21.64
CA ASP B 140 12.95 -8.81 -21.43
C ASP B 140 13.99 -9.86 -21.81
N HIS B 141 14.65 -9.62 -22.93
CA HIS B 141 15.67 -10.53 -23.40
C HIS B 141 16.84 -10.46 -22.43
N ALA B 142 17.13 -9.26 -21.94
CA ALA B 142 18.23 -9.07 -20.98
C ALA B 142 17.88 -9.75 -19.66
N TRP B 143 16.69 -9.46 -19.14
CA TRP B 143 16.24 -10.03 -17.89
C TRP B 143 16.20 -11.55 -17.94
N ALA B 144 15.85 -12.11 -19.10
CA ALA B 144 15.77 -13.55 -19.27
C ALA B 144 17.13 -14.21 -19.02
N GLY B 145 18.14 -13.79 -19.77
CA GLY B 145 19.46 -14.35 -19.60
C GLY B 145 20.00 -14.11 -18.19
N ILE B 146 19.66 -12.96 -17.62
CA ILE B 146 20.09 -12.62 -16.26
C ILE B 146 19.42 -13.56 -15.28
N ALA B 147 18.09 -13.59 -15.30
CA ALA B 147 17.33 -14.47 -14.41
C ALA B 147 17.83 -15.91 -14.59
N ARG B 148 18.03 -16.27 -15.85
CA ARG B 148 18.50 -17.59 -16.26
C ARG B 148 19.75 -17.99 -15.53
N ALA B 149 20.83 -17.24 -15.78
CA ALA B 149 22.14 -17.47 -15.16
C ALA B 149 22.02 -17.87 -13.67
N VAL B 150 21.19 -17.16 -12.93
CA VAL B 150 20.99 -17.46 -11.52
C VAL B 150 20.68 -18.96 -11.38
N VAL B 151 19.55 -19.39 -11.95
CA VAL B 151 19.14 -20.79 -11.91
C VAL B 151 20.19 -21.64 -12.61
N GLU B 152 20.92 -21.04 -13.55
CA GLU B 152 21.96 -21.77 -14.28
C GLU B 152 23.17 -22.11 -13.39
N GLY B 153 23.27 -21.44 -12.25
CA GLY B 153 24.37 -21.68 -11.35
C GLY B 153 25.25 -20.45 -11.19
N ARG B 154 25.42 -19.69 -12.28
CA ARG B 154 26.25 -18.48 -12.24
C ARG B 154 25.79 -17.57 -11.10
N LEU B 155 24.97 -16.58 -11.42
CA LEU B 155 24.48 -15.64 -10.40
C LEU B 155 23.75 -16.40 -9.30
N GLN B 156 23.48 -15.73 -8.18
CA GLN B 156 22.82 -16.36 -7.04
C GLN B 156 21.44 -15.79 -6.79
N VAL B 157 21.21 -14.57 -7.28
CA VAL B 157 19.93 -13.90 -7.09
C VAL B 157 19.97 -12.58 -7.83
N ALA B 158 18.88 -12.27 -8.54
CA ALA B 158 18.81 -11.03 -9.29
C ALA B 158 17.39 -10.56 -9.35
N LYS B 159 17.20 -9.26 -9.52
CA LYS B 159 15.85 -8.73 -9.60
C LYS B 159 15.74 -7.58 -10.59
N VAL B 160 14.51 -7.32 -11.05
CA VAL B 160 14.25 -6.25 -12.00
C VAL B 160 13.02 -5.43 -11.60
N SER B 161 13.01 -4.16 -11.96
CA SER B 161 11.90 -3.30 -11.64
C SER B 161 10.72 -3.45 -12.61
N PRO B 162 9.50 -3.49 -12.09
CA PRO B 162 8.34 -3.63 -12.97
C PRO B 162 8.09 -2.29 -13.67
N ARG B 163 7.32 -2.30 -14.76
CA ARG B 163 7.06 -1.07 -15.50
C ARG B 163 6.43 -0.01 -14.60
N ALA B 164 7.04 1.18 -14.58
CA ALA B 164 6.55 2.31 -13.78
C ALA B 164 5.53 3.06 -14.60
N LYS B 165 4.70 3.85 -13.92
CA LYS B 165 3.65 4.61 -14.61
C LYS B 165 4.21 5.72 -15.48
N GLU B 166 5.31 6.34 -15.06
CA GLU B 166 5.91 7.41 -15.86
C GLU B 166 6.92 6.80 -16.82
N GLY B 167 6.84 5.48 -16.98
CA GLY B 167 7.73 4.78 -17.88
C GLY B 167 9.20 5.05 -17.61
N GLY B 168 10.02 4.94 -18.66
CA GLY B 168 11.44 5.18 -18.51
C GLY B 168 12.21 3.90 -18.27
N ARG B 169 13.55 4.02 -18.20
CA ARG B 169 14.41 2.86 -17.99
C ARG B 169 14.09 2.14 -16.68
N GLN B 170 14.15 0.82 -16.73
CA GLN B 170 13.92 -0.02 -15.57
C GLN B 170 15.25 -0.61 -15.17
N VAL B 171 15.49 -0.67 -13.86
CA VAL B 171 16.77 -1.18 -13.37
C VAL B 171 16.80 -2.64 -13.01
N ILE B 172 17.95 -3.26 -13.25
CA ILE B 172 18.18 -4.65 -12.92
C ILE B 172 19.27 -4.66 -11.85
N CYS B 173 19.12 -5.56 -10.87
CA CYS B 173 20.07 -5.69 -9.78
C CYS B 173 20.63 -7.11 -9.72
N VAL B 174 21.95 -7.22 -9.78
CA VAL B 174 22.61 -8.51 -9.70
C VAL B 174 23.47 -8.53 -8.43
N TYR B 175 23.06 -9.34 -7.46
CA TYR B 175 23.75 -9.43 -6.18
C TYR B 175 24.94 -10.36 -6.05
N THR B 176 25.91 -9.92 -5.26
CA THR B 176 27.09 -10.71 -4.92
C THR B 176 27.18 -10.57 -3.39
N ASP B 177 27.60 -11.62 -2.72
CA ASP B 177 27.67 -11.63 -1.26
C ASP B 177 28.92 -11.10 -0.59
N ASP B 178 29.97 -10.85 -1.36
CA ASP B 178 31.22 -10.36 -0.79
C ASP B 178 31.81 -9.27 -1.69
N PHE B 179 31.44 -8.03 -1.46
CA PHE B 179 31.94 -6.95 -2.30
C PHE B 179 33.45 -6.76 -2.20
N THR B 180 34.06 -7.19 -1.10
CA THR B 180 35.50 -7.02 -0.98
C THR B 180 36.21 -8.10 -1.80
N ASP B 181 35.48 -9.13 -2.20
CA ASP B 181 36.05 -10.20 -3.02
C ASP B 181 35.95 -9.87 -4.50
N ARG B 182 36.94 -9.15 -5.00
CA ARG B 182 36.96 -8.73 -6.39
C ARG B 182 36.69 -9.84 -7.40
N LEU B 183 37.24 -11.02 -7.18
CA LEU B 183 37.01 -12.11 -8.13
C LEU B 183 35.51 -12.35 -8.29
N GLY B 184 34.80 -12.32 -7.18
CA GLY B 184 33.36 -12.51 -7.23
C GLY B 184 32.69 -11.39 -8.01
N VAL B 185 32.85 -10.16 -7.54
CA VAL B 185 32.27 -8.99 -8.19
C VAL B 185 32.53 -9.00 -9.70
N LEU B 186 33.73 -9.44 -10.09
CA LEU B 186 34.11 -9.51 -11.49
C LEU B 186 33.52 -10.74 -12.14
N GLU B 187 33.28 -11.75 -11.33
CA GLU B 187 32.71 -12.99 -11.82
C GLU B 187 31.30 -12.72 -12.30
N ALA B 188 30.51 -12.02 -11.48
CA ALA B 188 29.14 -11.67 -11.84
C ALA B 188 29.12 -10.90 -13.17
N ASP B 189 30.03 -9.92 -13.31
CA ASP B 189 30.14 -9.11 -14.51
C ASP B 189 30.19 -10.06 -15.71
N SER B 190 31.06 -11.05 -15.60
CA SER B 190 31.23 -12.04 -16.65
C SER B 190 29.92 -12.78 -16.96
N ALA B 191 29.15 -13.09 -15.92
CA ALA B 191 27.88 -13.77 -16.11
C ALA B 191 26.90 -12.81 -16.78
N ILE B 192 26.89 -11.57 -16.31
CA ILE B 192 26.01 -10.57 -16.88
C ILE B 192 26.23 -10.43 -18.39
N ARG B 193 27.42 -10.00 -18.78
CA ARG B 193 27.75 -9.80 -20.20
C ARG B 193 27.36 -11.01 -21.04
N ALA B 194 27.68 -12.20 -20.57
CA ALA B 194 27.34 -13.40 -21.31
C ALA B 194 25.83 -13.47 -21.56
N ALA B 195 25.04 -12.77 -20.74
CA ALA B 195 23.60 -12.75 -20.94
C ALA B 195 23.31 -11.81 -22.13
N GLY B 196 24.24 -10.91 -22.42
CA GLY B 196 24.07 -10.03 -23.55
C GLY B 196 23.96 -8.54 -23.26
N ILE B 197 24.09 -8.16 -22.00
CA ILE B 197 24.00 -6.73 -21.66
C ILE B 197 25.31 -6.00 -21.91
N LYS B 198 25.22 -4.90 -22.67
CA LYS B 198 26.38 -4.11 -23.02
C LYS B 198 26.41 -2.73 -22.39
N CYS B 199 25.34 -2.38 -21.68
CA CYS B 199 25.26 -1.09 -21.01
C CYS B 199 26.28 -1.02 -19.87
N LEU B 200 26.45 0.19 -19.33
CA LEU B 200 27.37 0.41 -18.23
C LEU B 200 26.83 -0.21 -16.94
N LEU B 201 27.66 -0.98 -16.26
CA LEU B 201 27.26 -1.58 -14.99
C LEU B 201 27.96 -0.79 -13.89
N THR B 202 27.34 -0.73 -12.72
CA THR B 202 27.93 -0.05 -11.58
C THR B 202 27.62 -0.91 -10.38
N TYR B 203 28.65 -1.30 -9.64
CA TYR B 203 28.48 -2.13 -8.47
C TYR B 203 28.31 -1.31 -7.20
N LYS B 204 27.21 -1.55 -6.50
CA LYS B 204 26.95 -0.82 -5.27
C LYS B 204 26.93 -1.74 -4.06
N PRO B 205 27.64 -1.36 -2.99
CA PRO B 205 27.63 -2.22 -1.79
C PRO B 205 26.34 -2.04 -1.02
N ASP B 206 25.74 -3.14 -0.57
CA ASP B 206 24.50 -3.02 0.20
C ASP B 206 24.65 -2.08 1.40
N VAL B 207 25.85 -1.98 1.97
CA VAL B 207 26.07 -1.09 3.10
C VAL B 207 25.68 0.34 2.74
N TYR B 208 25.90 0.73 1.50
CA TYR B 208 25.52 2.06 1.05
C TYR B 208 24.01 2.15 0.86
N THR B 209 23.42 1.06 0.40
CA THR B 209 21.98 1.01 0.18
C THR B 209 21.20 1.05 1.49
N TYR B 210 21.57 0.22 2.46
CA TYR B 210 20.90 0.20 3.75
C TYR B 210 20.98 1.55 4.44
N LEU B 211 22.11 2.24 4.29
CA LEU B 211 22.29 3.53 4.93
C LEU B 211 21.73 4.67 4.07
N GLY B 212 21.21 4.31 2.90
CA GLY B 212 20.64 5.31 2.02
C GLY B 212 21.61 6.42 1.65
N ILE B 213 22.89 6.06 1.52
CA ILE B 213 23.90 7.06 1.17
C ILE B 213 23.99 7.17 -0.36
N TYR B 214 22.86 7.52 -0.97
CA TYR B 214 22.75 7.66 -2.42
C TYR B 214 23.61 8.76 -3.03
N ARG B 215 23.80 8.72 -4.34
CA ARG B 215 24.62 9.69 -5.05
C ARG B 215 24.09 11.11 -4.90
N ALA B 216 22.97 11.24 -4.20
CA ALA B 216 22.39 12.54 -3.95
C ALA B 216 23.15 13.11 -2.76
N ASN B 217 23.56 12.22 -1.86
CA ASN B 217 24.28 12.60 -0.64
C ASN B 217 25.22 13.78 -0.85
N ARG B 218 25.33 14.61 0.16
CA ARG B 218 26.16 15.81 0.14
C ARG B 218 27.64 15.54 0.33
N TRP B 219 27.95 14.69 1.29
CA TRP B 219 29.32 14.31 1.64
C TRP B 219 30.23 14.10 0.44
N HIS B 220 29.65 14.07 -0.75
CA HIS B 220 30.42 13.89 -1.97
C HIS B 220 31.01 12.49 -2.02
N LEU B 221 30.40 11.57 -1.29
CA LEU B 221 30.86 10.19 -1.30
C LEU B 221 30.30 9.53 -2.54
N CYS B 222 31.16 9.00 -3.40
CA CYS B 222 30.67 8.35 -4.61
C CYS B 222 30.07 7.00 -4.19
N PRO B 223 28.76 6.84 -4.37
CA PRO B 223 28.09 5.59 -4.01
C PRO B 223 28.45 4.39 -4.90
N THR B 224 29.43 4.56 -5.79
CA THR B 224 29.84 3.48 -6.68
C THR B 224 31.27 3.01 -6.43
N LEU B 225 31.41 1.75 -6.06
CA LEU B 225 32.72 1.19 -5.81
C LEU B 225 33.34 0.65 -7.10
N TYR B 226 32.54 -0.07 -7.88
CA TYR B 226 33.02 -0.63 -9.15
C TYR B 226 32.20 -0.15 -10.33
N GLU B 227 32.84 -0.20 -11.49
CA GLU B 227 32.26 0.23 -12.76
C GLU B 227 32.70 -0.71 -13.87
N SER B 228 31.82 -0.97 -14.83
CA SER B 228 32.15 -1.83 -15.96
C SER B 228 31.67 -1.22 -17.27
N ARG B 229 32.61 -0.86 -18.13
CA ARG B 229 32.28 -0.28 -19.43
C ARG B 229 32.43 -1.39 -20.47
N PHE B 230 31.38 -1.64 -21.23
CA PHE B 230 31.45 -2.68 -22.26
C PHE B 230 32.30 -2.14 -23.42
N GLN B 231 33.60 -2.02 -23.21
CA GLN B 231 34.48 -1.48 -24.24
C GLN B 231 34.71 -2.56 -25.29
N LEU B 232 33.82 -2.55 -26.30
CA LEU B 232 33.79 -3.52 -27.41
C LEU B 232 34.40 -3.11 -28.75
N GLY B 233 33.97 -3.82 -29.79
CA GLY B 233 34.46 -3.54 -31.14
C GLY B 233 35.23 -4.66 -31.81
N GLY B 234 35.87 -5.52 -31.02
CA GLY B 234 36.63 -6.61 -31.60
C GLY B 234 38.10 -6.54 -31.22
N SER B 235 38.64 -5.33 -31.10
CA SER B 235 40.04 -5.16 -30.75
C SER B 235 40.21 -4.75 -29.30
N ALA B 236 39.27 -5.20 -28.47
CA ALA B 236 39.28 -4.93 -27.03
C ALA B 236 38.48 -6.02 -26.31
N ARG B 237 38.74 -6.16 -25.02
CA ARG B 237 38.03 -7.15 -24.22
C ARG B 237 36.61 -6.63 -23.98
N GLY B 238 35.63 -7.45 -24.32
CA GLY B 238 34.24 -7.07 -24.16
C GLY B 238 33.93 -6.20 -22.95
N SER B 239 34.67 -6.38 -21.86
CA SER B 239 34.41 -5.61 -20.64
C SER B 239 35.63 -5.08 -19.89
N ARG B 240 35.50 -3.86 -19.37
CA ARG B 240 36.56 -3.22 -18.60
C ARG B 240 36.04 -2.79 -17.24
N VAL B 241 36.47 -3.51 -16.19
CA VAL B 241 36.03 -3.21 -14.83
C VAL B 241 37.07 -2.41 -14.06
N LEU B 242 36.61 -1.35 -13.40
CA LEU B 242 37.49 -0.49 -12.63
C LEU B 242 37.12 -0.41 -11.15
N ASP B 243 38.12 -0.42 -10.28
CA ASP B 243 37.92 -0.29 -8.84
C ASP B 243 38.08 1.21 -8.62
N ARG B 244 36.97 1.93 -8.49
CA ARG B 244 37.04 3.38 -8.32
C ARG B 244 37.73 3.82 -7.03
N ALA B 245 37.37 3.20 -5.91
CA ALA B 245 37.96 3.57 -4.63
C ALA B 245 39.48 3.43 -4.62
N ASN B 246 39.99 2.41 -5.32
CA ASN B 246 41.42 2.17 -5.35
C ASN B 246 42.13 2.52 -6.65
N ASN B 247 41.37 2.92 -7.66
CA ASN B 247 41.94 3.27 -8.96
C ASN B 247 42.78 2.11 -9.47
N VAL B 248 42.14 0.95 -9.58
CA VAL B 248 42.78 -0.28 -10.03
C VAL B 248 41.95 -0.91 -11.15
N GLU B 249 42.58 -1.18 -12.28
CA GLU B 249 41.88 -1.80 -13.38
C GLU B 249 41.83 -3.30 -13.13
N LEU B 250 40.71 -3.76 -12.59
CA LEU B 250 40.55 -5.18 -12.31
C LEU B 250 40.52 -5.88 -13.66
N THR B 251 40.48 -5.07 -14.71
CA THR B 251 40.44 -5.50 -16.10
C THR B 251 39.02 -5.86 -16.53
N MSE C 30 -40.08 6.06 -0.65
CA MSE C 30 -39.83 5.49 -2.01
C MSE C 30 -38.55 6.03 -2.64
O MSE C 30 -38.20 7.19 -2.45
CB MSE C 30 -41.02 5.79 -2.92
CG MSE C 30 -42.25 4.98 -2.59
SE MSE C 30 -41.95 3.11 -2.95
CE MSE C 30 -42.94 2.98 -4.61
N ALA C 31 -37.87 5.17 -3.39
CA ALA C 31 -36.63 5.53 -4.07
C ALA C 31 -36.93 5.98 -5.51
N ALA C 32 -36.18 6.97 -5.98
CA ALA C 32 -36.35 7.52 -7.32
C ALA C 32 -36.12 6.44 -8.37
N ASP C 33 -35.13 5.60 -8.15
CA ASP C 33 -34.82 4.52 -9.08
C ASP C 33 -34.72 3.19 -8.36
N MSE C 34 -35.65 2.30 -8.67
CA MSE C 34 -35.71 0.99 -8.07
C MSE C 34 -35.50 -0.06 -9.14
O MSE C 34 -35.80 -1.25 -8.97
CB MSE C 34 -37.08 0.79 -7.39
CG MSE C 34 -37.35 1.79 -6.26
SE MSE C 34 -39.11 1.59 -5.43
CE MSE C 34 -40.16 2.45 -6.80
N ASP C 35 -34.96 0.38 -10.27
CA ASP C 35 -34.71 -0.50 -11.41
C ASP C 35 -33.28 -1.00 -11.56
N PRO C 36 -33.10 -2.04 -12.41
CA PRO C 36 -31.77 -2.61 -12.67
C PRO C 36 -30.99 -1.65 -13.55
N TRP C 37 -29.73 -1.99 -13.79
CA TRP C 37 -28.86 -1.20 -14.64
C TRP C 37 -28.11 -2.15 -15.58
N LEU C 38 -27.64 -1.61 -16.71
CA LEU C 38 -26.83 -2.36 -17.67
C LEU C 38 -25.42 -2.09 -17.17
N VAL C 39 -24.68 -3.14 -16.89
CA VAL C 39 -23.35 -2.96 -16.33
C VAL C 39 -22.23 -3.77 -16.96
N PHE C 40 -21.12 -3.09 -17.25
CA PHE C 40 -19.95 -3.79 -17.74
C PHE C 40 -19.00 -3.73 -16.55
N ASP C 41 -18.78 -4.87 -15.91
CA ASP C 41 -17.90 -4.91 -14.75
C ASP C 41 -16.53 -5.37 -15.22
N ALA C 42 -15.61 -4.43 -15.39
CA ALA C 42 -14.28 -4.76 -15.87
C ALA C 42 -13.55 -5.73 -14.92
N ARG C 43 -14.10 -5.89 -13.71
CA ARG C 43 -13.50 -6.80 -12.75
C ARG C 43 -13.96 -8.22 -13.09
N THR C 44 -15.21 -8.32 -13.55
CA THR C 44 -15.81 -9.59 -13.92
C THR C 44 -15.56 -9.98 -15.37
N THR C 45 -15.69 -9.04 -16.30
CA THR C 45 -15.48 -9.32 -17.71
C THR C 45 -14.17 -8.78 -18.26
N PRO C 46 -13.55 -9.50 -19.21
CA PRO C 46 -12.30 -9.06 -19.81
C PRO C 46 -12.46 -7.73 -20.55
N ALA C 47 -11.36 -7.17 -21.02
CA ALA C 47 -11.40 -5.89 -21.73
C ALA C 47 -11.56 -6.10 -23.23
N THR C 48 -11.81 -7.35 -23.62
CA THR C 48 -11.99 -7.68 -25.02
C THR C 48 -13.47 -7.88 -25.31
N GLU C 49 -14.27 -7.97 -24.27
CA GLU C 49 -15.69 -8.16 -24.44
C GLU C 49 -16.43 -6.83 -24.39
N LEU C 50 -15.67 -5.73 -24.36
CA LEU C 50 -16.29 -4.40 -24.31
C LEU C 50 -16.92 -4.00 -25.64
N ASP C 51 -16.20 -4.23 -26.74
CA ASP C 51 -16.69 -3.89 -28.07
C ASP C 51 -18.12 -4.38 -28.32
N ALA C 52 -18.38 -5.65 -28.05
CA ALA C 52 -19.70 -6.21 -28.27
C ALA C 52 -20.73 -5.61 -27.33
N TRP C 53 -20.35 -5.48 -26.07
CA TRP C 53 -21.22 -4.91 -25.06
C TRP C 53 -21.66 -3.52 -25.53
N LEU C 54 -20.67 -2.69 -25.88
CA LEU C 54 -20.93 -1.33 -26.33
C LEU C 54 -21.77 -1.35 -27.59
N ALA C 55 -21.36 -2.18 -28.54
CA ALA C 55 -22.06 -2.27 -29.81
C ALA C 55 -23.54 -2.65 -29.64
N LYS C 56 -23.86 -3.31 -28.54
CA LYS C 56 -25.24 -3.74 -28.30
C LYS C 56 -26.08 -2.79 -27.45
N TYR C 57 -25.45 -2.02 -26.57
CA TYR C 57 -26.21 -1.14 -25.70
C TYR C 57 -25.90 0.35 -25.81
N PRO C 58 -26.08 0.96 -26.98
CA PRO C 58 -25.77 2.39 -27.05
C PRO C 58 -26.80 3.19 -26.25
N PRO C 59 -26.34 4.21 -25.49
CA PRO C 59 -27.25 5.04 -24.68
C PRO C 59 -28.26 5.82 -25.52
N SER C 60 -28.26 5.57 -26.83
CA SER C 60 -29.19 6.24 -27.74
C SER C 60 -30.34 5.30 -28.09
N GLN C 61 -30.09 4.01 -27.93
CA GLN C 61 -31.10 3.02 -28.23
C GLN C 61 -31.73 2.48 -26.95
N VAL C 62 -30.91 2.37 -25.90
CA VAL C 62 -31.40 1.89 -24.60
C VAL C 62 -32.35 2.95 -24.04
N THR C 63 -33.60 2.56 -23.77
CA THR C 63 -34.59 3.50 -23.26
C THR C 63 -34.86 3.29 -21.78
N ARG C 64 -35.26 4.36 -21.12
CA ARG C 64 -35.54 4.30 -19.68
C ARG C 64 -36.53 3.22 -19.27
N TYR C 65 -37.63 3.07 -20.02
CA TYR C 65 -38.64 2.07 -19.64
C TYR C 65 -38.68 0.80 -20.46
N GLY C 66 -37.74 0.65 -21.38
CA GLY C 66 -37.73 -0.55 -22.19
C GLY C 66 -38.84 -0.58 -23.24
N ASP C 67 -39.02 0.54 -23.93
CA ASP C 67 -40.03 0.63 -24.98
C ASP C 67 -39.78 -0.49 -25.98
N PRO C 68 -40.86 -1.06 -26.55
CA PRO C 68 -40.69 -2.14 -27.53
C PRO C 68 -39.77 -1.70 -28.67
N GLY C 69 -39.33 -2.65 -29.49
CA GLY C 69 -38.46 -2.34 -30.60
C GLY C 69 -37.24 -1.51 -30.24
N SER C 70 -36.67 -1.79 -29.07
CA SER C 70 -35.49 -1.10 -28.58
C SER C 70 -34.61 -2.14 -27.88
N PRO C 71 -33.29 -1.89 -27.80
CA PRO C 71 -32.39 -2.84 -27.16
C PRO C 71 -32.78 -3.28 -25.75
N ASN C 72 -33.31 -2.37 -24.92
CA ASN C 72 -33.68 -2.77 -23.56
C ASN C 72 -35.20 -2.96 -23.35
N SER C 73 -35.58 -3.86 -22.45
CA SER C 73 -36.99 -4.12 -22.16
C SER C 73 -37.32 -4.00 -20.68
N GLU C 74 -36.36 -4.34 -19.82
CA GLU C 74 -36.55 -4.25 -18.37
C GLU C 74 -36.57 -2.77 -18.00
N PRO C 75 -36.43 -2.46 -16.69
CA PRO C 75 -36.43 -1.03 -16.40
C PRO C 75 -34.98 -0.63 -16.12
N VAL C 76 -34.33 -0.03 -17.12
CA VAL C 76 -32.95 0.39 -16.95
C VAL C 76 -32.91 1.91 -16.83
N GLY C 77 -32.61 2.41 -15.63
CA GLY C 77 -32.56 3.86 -15.45
C GLY C 77 -31.16 4.35 -15.19
N TRP C 78 -30.17 3.60 -15.67
CA TRP C 78 -28.76 3.93 -15.50
C TRP C 78 -27.90 2.88 -16.19
N ILE C 79 -26.97 3.35 -17.04
CA ILE C 79 -26.03 2.49 -17.75
C ILE C 79 -24.70 2.82 -17.08
N ALA C 80 -23.98 1.81 -16.59
CA ALA C 80 -22.72 2.02 -15.90
C ALA C 80 -21.58 1.10 -16.27
N VAL C 81 -20.36 1.65 -16.22
CA VAL C 81 -19.16 0.87 -16.49
C VAL C 81 -18.26 0.96 -15.26
N TYR C 82 -18.02 -0.17 -14.63
CA TYR C 82 -17.18 -0.25 -13.44
C TYR C 82 -15.79 -0.75 -13.81
N GLY C 83 -14.77 -0.05 -13.32
CA GLY C 83 -13.41 -0.44 -13.62
C GLY C 83 -12.65 -0.94 -12.41
N GLN C 84 -11.56 -1.64 -12.66
CA GLN C 84 -10.73 -2.16 -11.59
C GLN C 84 -10.31 -1.00 -10.69
N GLY C 85 -10.48 -1.18 -9.39
CA GLY C 85 -10.11 -0.13 -8.46
C GLY C 85 -11.28 0.72 -8.00
N TYR C 86 -12.47 0.42 -8.49
CA TYR C 86 -13.64 1.19 -8.10
C TYR C 86 -13.77 1.12 -6.57
N SER C 87 -13.55 2.24 -5.89
CA SER C 87 -13.65 2.25 -4.43
C SER C 87 -14.80 3.12 -3.92
N PRO C 88 -15.73 2.51 -3.18
CA PRO C 88 -16.89 3.22 -2.63
C PRO C 88 -16.49 4.18 -1.50
N ASN C 89 -15.24 4.64 -1.53
CA ASN C 89 -14.72 5.57 -0.54
C ASN C 89 -15.80 6.62 -0.22
N SER C 90 -16.35 6.56 1.00
CA SER C 90 -17.38 7.50 1.43
C SER C 90 -17.27 7.75 2.95
N GLY C 91 -18.27 8.41 3.52
CA GLY C 91 -18.26 8.72 4.93
C GLY C 91 -19.58 8.51 5.64
N ASP C 92 -19.90 9.36 6.61
CA ASP C 92 -21.13 9.22 7.37
C ASP C 92 -22.22 10.19 6.95
N VAL C 93 -23.13 9.72 6.10
CA VAL C 93 -24.21 10.55 5.61
C VAL C 93 -25.17 10.98 6.72
N GLN C 94 -25.35 10.14 7.73
CA GLN C 94 -26.24 10.48 8.85
C GLN C 94 -25.67 11.68 9.59
N GLY C 95 -24.36 11.66 9.83
CA GLY C 95 -23.73 12.76 10.53
C GLY C 95 -23.72 14.00 9.66
N LEU C 96 -23.31 13.83 8.41
CA LEU C 96 -23.26 14.93 7.46
C LEU C 96 -24.60 15.68 7.49
N GLN C 97 -25.68 14.94 7.67
CA GLN C 97 -27.01 15.53 7.70
C GLN C 97 -27.31 16.15 9.07
N ALA C 98 -26.82 15.50 10.12
CA ALA C 98 -27.00 15.99 11.48
C ALA C 98 -26.29 17.34 11.60
N ALA C 99 -25.07 17.40 11.09
CA ALA C 99 -24.29 18.63 11.10
C ALA C 99 -24.97 19.62 10.17
N TRP C 100 -25.61 19.10 9.13
CA TRP C 100 -26.30 19.94 8.16
C TRP C 100 -27.47 20.66 8.83
N GLU C 101 -28.22 19.93 9.65
CA GLU C 101 -29.36 20.54 10.34
C GLU C 101 -28.87 21.47 11.45
N ALA C 102 -27.78 21.08 12.10
CA ALA C 102 -27.22 21.88 13.17
C ALA C 102 -26.78 23.21 12.58
N LEU C 103 -26.16 23.13 11.40
CA LEU C 103 -25.67 24.30 10.69
C LEU C 103 -26.81 25.23 10.27
N GLN C 104 -27.94 24.65 9.90
CA GLN C 104 -29.09 25.44 9.47
C GLN C 104 -29.73 26.20 10.62
N THR C 105 -30.19 25.48 11.62
CA THR C 105 -30.84 26.10 12.76
C THR C 105 -29.89 27.04 13.50
N SER C 106 -28.59 26.85 13.30
CA SER C 106 -27.60 27.70 13.95
C SER C 106 -27.65 29.10 13.37
N GLY C 107 -28.23 29.22 12.18
CA GLY C 107 -28.32 30.50 11.52
C GLY C 107 -27.03 30.91 10.83
N ARG C 108 -25.94 30.24 11.17
CA ARG C 108 -24.64 30.54 10.58
C ARG C 108 -24.73 30.50 9.05
N PRO C 109 -23.94 31.34 8.37
CA PRO C 109 -23.93 31.43 6.90
C PRO C 109 -23.60 30.14 6.14
N ILE C 110 -24.50 29.75 5.25
CA ILE C 110 -24.31 28.55 4.44
C ILE C 110 -23.55 28.95 3.17
N THR C 111 -22.29 28.54 3.09
CA THR C 111 -21.47 28.85 1.93
C THR C 111 -20.69 27.63 1.45
N PRO C 112 -19.96 27.78 0.33
CA PRO C 112 -19.17 26.65 -0.18
C PRO C 112 -18.14 26.20 0.85
N GLY C 113 -17.88 27.06 1.83
CA GLY C 113 -16.91 26.74 2.87
C GLY C 113 -17.45 25.79 3.91
N THR C 114 -18.69 26.01 4.34
CA THR C 114 -19.29 25.15 5.34
C THR C 114 -19.44 23.73 4.79
N LEU C 115 -19.75 23.62 3.50
CA LEU C 115 -19.91 22.32 2.89
C LEU C 115 -18.59 21.57 2.87
N ARG C 116 -17.54 22.22 2.35
CA ARG C 116 -16.23 21.59 2.30
C ARG C 116 -15.83 21.21 3.72
N GLN C 117 -16.32 22.00 4.68
CA GLN C 117 -16.05 21.77 6.09
C GLN C 117 -16.75 20.46 6.50
N LEU C 118 -18.05 20.41 6.28
CA LEU C 118 -18.81 19.20 6.59
C LEU C 118 -18.25 17.99 5.86
N ALA C 119 -18.06 18.12 4.55
CA ALA C 119 -17.54 17.04 3.70
C ALA C 119 -16.25 16.40 4.20
N ILE C 120 -15.33 17.23 4.68
CA ILE C 120 -14.06 16.72 5.19
C ILE C 120 -14.30 16.08 6.56
N THR C 121 -15.20 16.67 7.33
CA THR C 121 -15.52 16.15 8.66
C THR C 121 -16.14 14.76 8.60
N HIS C 122 -17.19 14.62 7.80
CA HIS C 122 -17.90 13.36 7.67
C HIS C 122 -17.42 12.51 6.52
N HIS C 123 -16.27 12.88 5.97
CA HIS C 123 -15.65 12.13 4.87
C HIS C 123 -16.56 11.84 3.66
N VAL C 124 -17.18 12.87 3.11
CA VAL C 124 -18.02 12.72 1.92
C VAL C 124 -17.25 13.56 0.88
N LEU C 125 -16.26 12.92 0.26
CA LEU C 125 -15.35 13.57 -0.69
C LEU C 125 -15.57 13.25 -2.17
N SER C 126 -16.26 12.14 -2.44
CA SER C 126 -16.54 11.73 -3.80
C SER C 126 -17.43 12.75 -4.51
N GLY C 127 -17.28 12.84 -5.83
CA GLY C 127 -18.06 13.77 -6.61
C GLY C 127 -18.13 13.29 -8.05
N LYS C 128 -18.68 14.09 -8.95
CA LYS C 128 -18.79 13.67 -10.33
C LYS C 128 -18.70 14.76 -11.38
N TRP C 129 -18.11 14.41 -12.52
CA TRP C 129 -18.00 15.29 -13.67
C TRP C 129 -19.27 15.00 -14.47
N LEU C 130 -20.03 16.04 -14.81
CA LEU C 130 -21.27 15.88 -15.58
C LEU C 130 -21.14 16.49 -16.97
N MSE C 131 -21.97 16.02 -17.89
CA MSE C 131 -21.98 16.53 -19.24
C MSE C 131 -23.24 16.04 -19.94
O MSE C 131 -23.63 14.88 -19.77
CB MSE C 131 -20.73 16.04 -20.01
CG MSE C 131 -20.73 14.54 -20.28
SE MSE C 131 -19.04 13.89 -20.94
CE MSE C 131 -18.20 13.48 -19.25
N HIS C 132 -23.87 16.93 -20.70
CA HIS C 132 -25.09 16.61 -21.43
C HIS C 132 -24.82 16.70 -22.92
N LEU C 133 -24.61 15.55 -23.56
CA LEU C 133 -24.34 15.54 -24.98
C LEU C 133 -25.58 15.41 -25.86
N ALA C 134 -25.38 15.68 -27.14
CA ALA C 134 -26.44 15.61 -28.13
C ALA C 134 -26.74 14.14 -28.44
N PRO C 135 -28.03 13.74 -28.34
CA PRO C 135 -28.41 12.37 -28.61
C PRO C 135 -27.96 11.95 -30.01
N GLY C 136 -27.67 10.67 -30.19
CA GLY C 136 -27.22 10.20 -31.48
C GLY C 136 -25.81 9.64 -31.46
N PHE C 137 -25.16 9.68 -32.62
CA PHE C 137 -23.83 9.14 -32.75
C PHE C 137 -22.80 9.83 -31.86
N LYS C 138 -22.74 11.15 -31.85
CA LYS C 138 -21.78 11.84 -31.01
C LYS C 138 -21.95 11.35 -29.58
N LEU C 139 -23.21 11.12 -29.20
CA LEU C 139 -23.52 10.65 -27.86
C LEU C 139 -22.96 9.24 -27.64
N ASP C 140 -23.17 8.34 -28.60
CA ASP C 140 -22.68 6.98 -28.43
C ASP C 140 -21.18 6.90 -28.58
N HIS C 141 -20.60 7.90 -29.23
CA HIS C 141 -19.17 7.97 -29.45
C HIS C 141 -18.48 8.40 -28.15
N ALA C 142 -19.02 9.44 -27.52
CA ALA C 142 -18.45 9.95 -26.29
C ALA C 142 -18.42 8.86 -25.21
N TRP C 143 -19.54 8.16 -25.08
CA TRP C 143 -19.69 7.09 -24.10
C TRP C 143 -18.70 5.95 -24.38
N ALA C 144 -18.54 5.60 -25.64
CA ALA C 144 -17.62 4.53 -26.04
C ALA C 144 -16.19 4.84 -25.58
N GLY C 145 -15.81 6.11 -25.65
CA GLY C 145 -14.47 6.50 -25.23
C GLY C 145 -14.33 6.51 -23.71
N ILE C 146 -15.37 6.96 -23.02
CA ILE C 146 -15.36 6.99 -21.57
C ILE C 146 -15.29 5.54 -21.06
N ALA C 147 -16.15 4.68 -21.60
CA ALA C 147 -16.17 3.28 -21.20
C ALA C 147 -14.78 2.67 -21.37
N ARG C 148 -14.16 2.94 -22.52
CA ARG C 148 -12.84 2.42 -22.78
C ARG C 148 -11.87 2.92 -21.69
N ALA C 149 -11.93 4.19 -21.37
CA ALA C 149 -11.04 4.75 -20.34
C ALA C 149 -11.20 4.06 -18.96
N VAL C 150 -12.45 3.74 -18.59
CA VAL C 150 -12.74 3.08 -17.32
C VAL C 150 -12.08 1.70 -17.33
N VAL C 151 -12.22 0.98 -18.43
CA VAL C 151 -11.62 -0.33 -18.54
C VAL C 151 -10.10 -0.25 -18.58
N GLU C 152 -9.56 0.84 -19.11
CA GLU C 152 -8.11 1.00 -19.17
C GLU C 152 -7.53 1.51 -17.84
N GLY C 153 -8.42 1.77 -16.88
CA GLY C 153 -7.99 2.24 -15.57
C GLY C 153 -7.67 3.73 -15.49
N ARG C 154 -8.01 4.48 -16.53
CA ARG C 154 -7.73 5.90 -16.53
C ARG C 154 -8.90 6.66 -15.91
N LEU C 155 -9.97 5.93 -15.62
CA LEU C 155 -11.16 6.48 -14.98
C LEU C 155 -11.67 5.41 -14.01
N GLN C 156 -12.43 5.83 -13.00
CA GLN C 156 -12.90 4.89 -12.00
C GLN C 156 -14.26 4.27 -12.29
N VAL C 157 -15.25 5.10 -12.60
CA VAL C 157 -16.58 4.61 -12.93
C VAL C 157 -17.35 5.69 -13.69
N ALA C 158 -18.20 5.27 -14.61
CA ALA C 158 -18.99 6.20 -15.40
C ALA C 158 -20.37 5.64 -15.70
N LYS C 159 -21.37 6.52 -15.61
CA LYS C 159 -22.74 6.13 -15.90
C LYS C 159 -23.32 7.04 -16.98
N VAL C 160 -24.16 6.47 -17.84
CA VAL C 160 -24.80 7.26 -18.88
C VAL C 160 -26.30 6.97 -18.85
N SER C 161 -27.10 8.02 -18.65
CA SER C 161 -28.55 7.85 -18.61
C SER C 161 -29.07 7.18 -19.87
N PRO C 162 -30.29 6.62 -19.80
CA PRO C 162 -30.88 5.96 -20.97
C PRO C 162 -31.71 6.98 -21.74
N ARG C 163 -32.19 6.59 -22.93
CA ARG C 163 -32.99 7.48 -23.76
C ARG C 163 -34.38 7.69 -23.15
N ALA C 164 -34.73 8.95 -22.91
CA ALA C 164 -36.04 9.26 -22.36
C ALA C 164 -37.03 9.48 -23.51
N LYS C 165 -38.28 9.04 -23.31
CA LYS C 165 -39.31 9.19 -24.33
C LYS C 165 -39.38 10.63 -24.85
N GLU C 166 -39.25 11.58 -23.94
CA GLU C 166 -39.31 12.99 -24.30
C GLU C 166 -38.09 13.37 -25.13
N GLY C 167 -37.10 12.49 -25.13
CA GLY C 167 -35.88 12.76 -25.87
C GLY C 167 -35.05 13.78 -25.10
N GLY C 168 -34.21 14.52 -25.81
CA GLY C 168 -33.39 15.52 -25.14
C GLY C 168 -32.01 14.98 -24.83
N ARG C 169 -31.11 15.86 -24.42
CA ARG C 169 -29.76 15.44 -24.11
C ARG C 169 -29.76 14.44 -22.97
N GLN C 170 -28.85 13.47 -23.03
CA GLN C 170 -28.74 12.47 -21.99
C GLN C 170 -27.52 12.84 -21.14
N VAL C 171 -27.40 12.26 -19.95
CA VAL C 171 -26.28 12.60 -19.08
C VAL C 171 -25.24 11.50 -18.91
N ILE C 172 -23.98 11.93 -18.81
CA ILE C 172 -22.84 11.05 -18.58
C ILE C 172 -22.07 11.72 -17.45
N CYS C 173 -21.88 10.98 -16.35
CA CYS C 173 -21.18 11.49 -15.20
C CYS C 173 -19.92 10.67 -14.96
N VAL C 174 -18.80 11.36 -14.76
CA VAL C 174 -17.53 10.68 -14.48
C VAL C 174 -17.27 10.89 -13.00
N TYR C 175 -17.07 9.79 -12.26
CA TYR C 175 -16.84 9.84 -10.82
C TYR C 175 -15.38 9.83 -10.39
N THR C 176 -15.06 10.61 -9.37
CA THR C 176 -13.71 10.66 -8.81
C THR C 176 -13.87 10.55 -7.29
N ASP C 177 -12.83 10.08 -6.60
CA ASP C 177 -12.92 9.87 -5.16
C ASP C 177 -12.85 11.05 -4.19
N ASP C 178 -11.96 11.99 -4.46
CA ASP C 178 -11.78 13.15 -3.58
C ASP C 178 -11.92 14.45 -4.35
N PHE C 179 -13.02 15.17 -4.13
CA PHE C 179 -13.22 16.41 -4.87
C PHE C 179 -12.24 17.50 -4.44
N THR C 180 -11.61 17.32 -3.27
CA THR C 180 -10.64 18.31 -2.79
C THR C 180 -9.26 17.99 -3.36
N ASP C 181 -9.16 16.85 -4.04
CA ASP C 181 -7.89 16.46 -4.66
C ASP C 181 -7.84 17.00 -6.09
N ARG C 182 -7.50 18.29 -6.22
CA ARG C 182 -7.43 18.93 -7.52
C ARG C 182 -6.78 18.14 -8.63
N LEU C 183 -5.69 17.43 -8.31
CA LEU C 183 -5.00 16.65 -9.33
C LEU C 183 -5.89 15.52 -9.82
N GLY C 184 -6.71 14.98 -8.91
CA GLY C 184 -7.61 13.90 -9.28
C GLY C 184 -8.71 14.41 -10.20
N VAL C 185 -9.25 15.57 -9.83
CA VAL C 185 -10.32 16.18 -10.61
C VAL C 185 -9.80 16.54 -12.00
N LEU C 186 -8.57 17.03 -12.08
CA LEU C 186 -8.00 17.39 -13.38
C LEU C 186 -7.69 16.17 -14.26
N GLU C 187 -6.98 15.19 -13.72
CA GLU C 187 -6.65 13.99 -14.48
C GLU C 187 -7.93 13.33 -14.99
N ALA C 188 -8.96 13.37 -14.15
CA ALA C 188 -10.25 12.83 -14.52
C ALA C 188 -10.81 13.72 -15.62
N ASP C 189 -10.89 15.02 -15.33
CA ASP C 189 -11.39 15.98 -16.29
C ASP C 189 -10.70 15.65 -17.60
N SER C 190 -9.39 15.74 -17.57
CA SER C 190 -8.54 15.44 -18.72
C SER C 190 -9.07 14.21 -19.41
N ALA C 191 -8.99 13.07 -18.71
CA ALA C 191 -9.42 11.79 -19.25
C ALA C 191 -10.68 11.89 -20.12
N ILE C 192 -11.50 12.90 -19.89
CA ILE C 192 -12.71 13.08 -20.67
C ILE C 192 -12.37 13.70 -22.04
N ARG C 193 -11.38 14.58 -22.06
CA ARG C 193 -10.99 15.21 -23.32
C ARG C 193 -10.25 14.19 -24.20
N ALA C 194 -9.58 13.22 -23.57
CA ALA C 194 -8.85 12.22 -24.34
C ALA C 194 -9.83 11.33 -25.10
N ALA C 195 -11.10 11.43 -24.73
CA ALA C 195 -12.14 10.66 -25.40
C ALA C 195 -12.76 11.53 -26.49
N GLY C 196 -12.22 12.73 -26.64
CA GLY C 196 -12.70 13.64 -27.67
C GLY C 196 -13.89 14.49 -27.26
N ILE C 197 -14.27 14.43 -25.99
CA ILE C 197 -15.41 15.20 -25.51
C ILE C 197 -15.09 16.68 -25.30
N LYS C 198 -15.83 17.53 -26.01
CA LYS C 198 -15.61 18.98 -25.97
C LYS C 198 -16.69 19.79 -25.26
N CYS C 199 -17.64 19.10 -24.65
CA CYS C 199 -18.74 19.75 -23.97
C CYS C 199 -18.31 20.40 -22.67
N LEU C 200 -19.16 21.27 -22.14
CA LEU C 200 -18.87 21.94 -20.87
C LEU C 200 -19.08 20.95 -19.73
N LEU C 201 -17.99 20.59 -19.06
CA LEU C 201 -18.08 19.66 -17.95
C LEU C 201 -18.29 20.40 -16.64
N THR C 202 -19.17 19.86 -15.80
CA THR C 202 -19.44 20.46 -14.50
C THR C 202 -19.26 19.36 -13.45
N TYR C 203 -18.57 19.68 -12.38
CA TYR C 203 -18.31 18.72 -11.32
C TYR C 203 -19.18 18.98 -10.10
N LYS C 204 -20.05 18.01 -9.80
CA LYS C 204 -20.96 18.07 -8.66
C LYS C 204 -20.49 17.15 -7.52
N PRO C 205 -20.11 17.73 -6.37
CA PRO C 205 -19.65 16.92 -5.22
C PRO C 205 -20.83 16.14 -4.65
N ASP C 206 -20.61 14.88 -4.30
CA ASP C 206 -21.71 14.08 -3.73
C ASP C 206 -22.34 14.75 -2.51
N VAL C 207 -21.54 15.47 -1.72
CA VAL C 207 -22.07 16.15 -0.54
C VAL C 207 -23.13 17.19 -0.92
N TYR C 208 -22.94 17.85 -2.06
CA TYR C 208 -23.91 18.84 -2.52
C TYR C 208 -25.29 18.22 -2.71
N THR C 209 -25.32 17.06 -3.35
CA THR C 209 -26.58 16.36 -3.62
C THR C 209 -27.20 15.82 -2.33
N TYR C 210 -26.37 15.35 -1.40
CA TYR C 210 -26.90 14.84 -0.14
C TYR C 210 -27.60 15.96 0.64
N LEU C 211 -27.21 17.19 0.37
CA LEU C 211 -27.80 18.32 1.07
C LEU C 211 -28.69 19.17 0.18
N GLY C 212 -29.38 18.52 -0.75
CA GLY C 212 -30.29 19.20 -1.66
C GLY C 212 -29.76 20.48 -2.28
N ILE C 213 -28.44 20.59 -2.37
CA ILE C 213 -27.83 21.77 -2.95
C ILE C 213 -28.03 21.68 -4.46
N TYR C 214 -29.31 21.73 -4.86
CA TYR C 214 -29.71 21.65 -6.25
C TYR C 214 -29.76 23.03 -6.89
N ARG C 215 -30.38 23.09 -8.05
CA ARG C 215 -30.54 24.35 -8.79
C ARG C 215 -31.59 25.18 -8.06
N ALA C 216 -31.35 26.48 -7.94
CA ALA C 216 -32.28 27.36 -7.27
C ALA C 216 -32.58 26.90 -5.84
N ASN C 217 -31.53 26.83 -5.03
CA ASN C 217 -31.67 26.40 -3.64
C ASN C 217 -31.76 27.62 -2.72
N ARG C 218 -32.45 27.44 -1.60
CA ARG C 218 -32.67 28.50 -0.61
C ARG C 218 -31.44 29.34 -0.29
N TRP C 219 -30.28 28.70 -0.26
CA TRP C 219 -29.04 29.38 0.10
C TRP C 219 -28.29 30.11 -1.01
N HIS C 220 -28.74 29.98 -2.24
CA HIS C 220 -28.08 30.63 -3.37
C HIS C 220 -26.65 30.12 -3.53
N LEU C 221 -26.46 28.83 -3.29
CA LEU C 221 -25.16 28.21 -3.44
C LEU C 221 -25.02 27.77 -4.90
N CYS C 222 -23.82 27.87 -5.45
CA CYS C 222 -23.64 27.43 -6.82
C CYS C 222 -23.94 25.92 -6.74
N PRO C 223 -24.64 25.38 -7.76
CA PRO C 223 -24.98 23.96 -7.78
C PRO C 223 -23.78 23.02 -7.82
N THR C 224 -22.77 23.39 -8.60
CA THR C 224 -21.55 22.61 -8.75
C THR C 224 -20.40 23.50 -8.33
N LEU C 225 -19.21 22.93 -8.20
CA LEU C 225 -18.04 23.68 -7.80
C LEU C 225 -16.92 23.73 -8.85
N TYR C 226 -17.01 22.86 -9.85
CA TYR C 226 -16.02 22.83 -10.90
C TYR C 226 -16.68 22.89 -12.27
N GLU C 227 -16.10 23.73 -13.13
CA GLU C 227 -16.58 23.92 -14.48
C GLU C 227 -15.40 23.69 -15.41
N SER C 228 -15.65 23.07 -16.56
CA SER C 228 -14.58 22.85 -17.52
C SER C 228 -15.04 23.18 -18.94
N ARG C 229 -14.63 24.35 -19.40
CA ARG C 229 -14.95 24.82 -20.73
C ARG C 229 -13.79 24.40 -21.63
N PHE C 230 -14.09 23.72 -22.74
CA PHE C 230 -13.04 23.29 -23.62
C PHE C 230 -12.70 24.42 -24.61
N GLN C 231 -11.41 24.64 -24.80
CA GLN C 231 -10.93 25.69 -25.68
C GLN C 231 -10.25 25.12 -26.91
N LEU C 232 -10.81 25.44 -28.08
CA LEU C 232 -10.30 24.99 -29.38
C LEU C 232 -9.51 26.07 -30.13
N GLY C 233 -8.97 25.70 -31.29
CA GLY C 233 -8.22 26.63 -32.11
C GLY C 233 -6.71 26.53 -31.98
N GLY C 234 -6.25 25.75 -31.00
CA GLY C 234 -4.83 25.60 -30.81
C GLY C 234 -4.18 26.94 -30.49
N SER C 235 -4.60 27.54 -29.38
CA SER C 235 -4.05 28.83 -28.94
C SER C 235 -4.44 29.12 -27.49
N ALA C 236 -4.77 28.06 -26.74
CA ALA C 236 -5.14 28.19 -25.34
C ALA C 236 -5.05 26.85 -24.60
N ARG C 237 -5.14 26.90 -23.27
CA ARG C 237 -5.08 25.72 -22.41
C ARG C 237 -6.21 24.77 -22.80
N GLY C 238 -5.89 23.49 -22.93
CA GLY C 238 -6.88 22.50 -23.31
C GLY C 238 -8.23 22.61 -22.62
N SER C 239 -8.44 21.82 -21.59
CA SER C 239 -9.70 21.82 -20.84
C SER C 239 -9.64 22.76 -19.63
N ARG C 240 -9.75 24.07 -19.90
CA ARG C 240 -9.69 25.08 -18.85
C ARG C 240 -10.66 24.80 -17.70
N VAL C 241 -10.12 24.27 -16.61
CA VAL C 241 -10.91 23.95 -15.43
C VAL C 241 -10.90 25.12 -14.48
N LEU C 242 -12.08 25.58 -14.09
CA LEU C 242 -12.19 26.69 -13.17
C LEU C 242 -12.77 26.25 -11.83
N ASP C 243 -12.18 26.76 -10.75
CA ASP C 243 -12.65 26.44 -9.41
C ASP C 243 -13.72 27.47 -9.02
N ARG C 244 -14.97 27.11 -9.23
CA ARG C 244 -16.08 28.01 -8.92
C ARG C 244 -16.03 28.50 -7.48
N ALA C 245 -15.52 27.67 -6.58
CA ALA C 245 -15.44 28.03 -5.16
C ALA C 245 -14.36 29.08 -4.88
N ASN C 246 -13.11 28.65 -4.88
CA ASN C 246 -11.98 29.54 -4.61
C ASN C 246 -11.81 30.60 -5.69
N ASN C 247 -12.72 30.60 -6.65
CA ASN C 247 -12.66 31.56 -7.76
C ASN C 247 -11.26 31.61 -8.34
N VAL C 248 -10.75 30.45 -8.74
CA VAL C 248 -9.41 30.39 -9.31
C VAL C 248 -9.30 29.27 -10.35
N GLU C 249 -8.46 29.52 -11.35
CA GLU C 249 -8.24 28.55 -12.43
C GLU C 249 -7.36 27.40 -11.95
N LEU C 250 -7.41 26.28 -12.68
CA LEU C 250 -6.62 25.12 -12.32
C LEU C 250 -5.77 24.64 -13.50
N GLU A 17 21.29 -5.67 49.68
CA GLU A 17 21.14 -4.24 50.10
C GLU A 17 21.44 -3.26 48.97
N ASP A 18 22.11 -3.75 47.92
CA ASP A 18 22.47 -2.91 46.79
C ASP A 18 21.27 -2.59 45.87
N GLY A 19 20.25 -3.44 45.93
CA GLY A 19 19.08 -3.23 45.11
C GLY A 19 18.15 -2.18 45.68
N PHE A 20 18.27 -1.93 46.99
CA PHE A 20 17.45 -0.95 47.67
C PHE A 20 17.97 0.46 47.52
N THR A 21 18.88 0.69 46.59
CA THR A 21 19.43 2.02 46.39
C THR A 21 18.54 2.86 45.49
N ALA A 22 18.59 4.17 45.71
CA ALA A 22 17.79 5.10 44.91
C ALA A 22 18.16 4.94 43.43
N GLU A 23 19.45 5.02 43.13
CA GLU A 23 19.94 4.88 41.77
C GLU A 23 19.43 3.60 41.12
N HIS A 24 19.57 2.47 41.81
CA HIS A 24 19.12 1.18 41.32
C HIS A 24 17.62 1.20 41.03
N LEU A 25 16.80 1.25 42.08
CA LEU A 25 15.34 1.26 41.93
C LEU A 25 14.83 2.22 40.86
N ALA A 26 15.55 3.31 40.63
CA ALA A 26 15.13 4.28 39.64
C ALA A 26 15.21 3.68 38.24
N ALA A 27 15.58 2.40 38.19
CA ALA A 27 15.69 1.70 36.92
C ALA A 27 15.07 0.30 37.00
N GLU A 28 14.89 -0.19 38.21
CA GLU A 28 14.33 -1.52 38.41
C GLU A 28 12.84 -1.57 38.06
N ALA A 29 12.18 -0.41 38.08
CA ALA A 29 10.76 -0.34 37.77
C ALA A 29 10.46 0.42 36.49
N MSE A 30 11.49 0.65 35.67
CA MSE A 30 11.31 1.36 34.42
C MSE A 30 10.61 0.47 33.38
O MSE A 30 10.77 -0.75 33.38
CB MSE A 30 12.65 1.84 33.87
CG MSE A 30 13.31 2.95 34.70
SE MSE A 30 12.36 4.65 34.69
CE MSE A 30 13.00 5.37 33.00
N ALA A 31 9.84 1.10 32.51
CA ALA A 31 9.12 0.40 31.45
C ALA A 31 8.99 1.33 30.24
N ALA A 32 8.86 0.74 29.06
CA ALA A 32 8.72 1.51 27.83
C ALA A 32 7.41 2.32 27.84
N ASP A 33 6.33 1.70 28.32
CA ASP A 33 5.03 2.35 28.41
C ASP A 33 4.55 2.40 29.84
N MSE A 34 4.77 3.53 30.50
CA MSE A 34 4.39 3.70 31.89
C MSE A 34 3.12 4.54 32.04
O MSE A 34 2.73 4.90 33.16
CB MSE A 34 5.53 4.38 32.65
CG MSE A 34 6.89 3.74 32.44
SE MSE A 34 8.20 4.38 33.72
CE MSE A 34 7.84 3.07 35.11
N ASP A 35 2.46 4.82 30.92
CA ASP A 35 1.27 5.65 30.92
C ASP A 35 -0.06 4.93 31.04
N PRO A 36 -1.12 5.67 31.38
CA PRO A 36 -2.43 5.03 31.50
C PRO A 36 -2.96 4.71 30.09
N TRP A 37 -3.90 3.77 30.01
CA TRP A 37 -4.50 3.42 28.74
C TRP A 37 -5.95 3.84 28.77
N LEU A 38 -6.48 4.23 27.61
CA LEU A 38 -7.89 4.61 27.49
C LEU A 38 -8.53 3.26 27.15
N VAL A 39 -9.24 2.70 28.12
CA VAL A 39 -9.82 1.38 27.93
C VAL A 39 -11.31 1.30 28.17
N PHE A 40 -12.00 0.65 27.24
CA PHE A 40 -13.43 0.44 27.39
C PHE A 40 -13.55 -1.03 27.77
N ASP A 41 -14.10 -1.32 28.94
CA ASP A 41 -14.24 -2.71 29.38
C ASP A 41 -15.68 -3.20 29.32
N ALA A 42 -15.97 -4.09 28.38
CA ALA A 42 -17.32 -4.63 28.21
C ALA A 42 -17.68 -5.58 29.35
N ARG A 43 -16.69 -6.24 29.93
CA ARG A 43 -16.92 -7.18 31.03
C ARG A 43 -17.55 -6.47 32.21
N THR A 44 -17.38 -5.15 32.27
CA THR A 44 -17.88 -4.36 33.38
C THR A 44 -18.74 -3.19 32.90
N THR A 45 -18.71 -2.92 31.59
CA THR A 45 -19.47 -1.82 31.04
C THR A 45 -20.49 -2.29 30.00
N PRO A 46 -21.75 -1.85 30.12
CA PRO A 46 -22.83 -2.22 29.20
C PRO A 46 -22.52 -1.76 27.77
N ALA A 47 -22.58 -2.69 26.84
CA ALA A 47 -22.30 -2.41 25.43
C ALA A 47 -23.08 -1.21 24.91
N THR A 48 -24.18 -0.87 25.56
CA THR A 48 -24.99 0.25 25.11
C THR A 48 -24.19 1.55 25.19
N GLU A 49 -23.19 1.56 26.07
CA GLU A 49 -22.34 2.73 26.29
C GLU A 49 -21.15 2.83 25.33
N LEU A 50 -20.90 1.78 24.57
CA LEU A 50 -19.78 1.77 23.64
C LEU A 50 -19.72 2.96 22.68
N ASP A 51 -20.68 3.04 21.77
CA ASP A 51 -20.67 4.13 20.80
C ASP A 51 -20.52 5.54 21.41
N ALA A 52 -20.85 5.69 22.69
CA ALA A 52 -20.69 6.99 23.33
C ALA A 52 -19.20 7.20 23.64
N TRP A 53 -18.55 6.14 24.09
CA TRP A 53 -17.13 6.17 24.43
C TRP A 53 -16.33 6.31 23.12
N LEU A 54 -16.77 5.60 22.08
CA LEU A 54 -16.09 5.66 20.80
C LEU A 54 -16.15 7.07 20.24
N ALA A 55 -17.27 7.76 20.50
CA ALA A 55 -17.48 9.11 20.00
C ALA A 55 -16.52 10.10 20.62
N LYS A 56 -16.29 9.95 21.92
CA LYS A 56 -15.40 10.85 22.64
C LYS A 56 -13.91 10.57 22.44
N TYR A 57 -13.54 9.30 22.33
CA TYR A 57 -12.13 8.94 22.22
C TYR A 57 -11.64 8.35 20.89
N PRO A 58 -11.69 9.14 19.82
CA PRO A 58 -11.21 8.59 18.54
C PRO A 58 -9.68 8.63 18.46
N PRO A 59 -9.06 7.61 17.85
CA PRO A 59 -7.59 7.62 17.75
C PRO A 59 -6.98 8.76 16.96
N SER A 60 -7.80 9.51 16.23
CA SER A 60 -7.30 10.65 15.46
C SER A 60 -7.23 11.88 16.36
N GLN A 61 -8.10 11.92 17.37
CA GLN A 61 -8.15 13.01 18.32
C GLN A 61 -7.30 12.75 19.58
N VAL A 62 -7.34 11.52 20.07
CA VAL A 62 -6.58 11.12 21.26
C VAL A 62 -5.09 11.11 20.90
N THR A 63 -4.27 11.79 21.69
CA THR A 63 -2.85 11.85 21.41
C THR A 63 -1.93 11.13 22.38
N ARG A 64 -0.89 10.49 21.85
CA ARG A 64 0.10 9.78 22.65
C ARG A 64 0.53 10.62 23.85
N TYR A 65 0.94 11.85 23.57
CA TYR A 65 1.38 12.76 24.63
C TYR A 65 0.40 13.90 24.84
N GLY A 66 -0.87 13.53 25.06
CA GLY A 66 -1.93 14.49 25.31
C GLY A 66 -1.67 15.93 24.91
N ASP A 67 -1.73 16.22 23.61
CA ASP A 67 -1.50 17.58 23.14
C ASP A 67 -2.72 18.45 23.40
N PRO A 68 -2.50 19.76 23.58
CA PRO A 68 -3.61 20.67 23.83
C PRO A 68 -4.71 20.48 22.76
N GLY A 69 -5.96 20.39 23.19
CA GLY A 69 -7.05 20.21 22.25
C GLY A 69 -7.45 18.76 22.09
N SER A 70 -6.76 17.87 22.80
CA SER A 70 -7.06 16.45 22.73
C SER A 70 -8.09 16.02 23.80
N PRO A 71 -8.85 14.96 23.54
CA PRO A 71 -9.83 14.55 24.55
C PRO A 71 -9.11 14.00 25.80
N ASN A 72 -7.78 14.00 25.75
CA ASN A 72 -6.97 13.53 26.88
C ASN A 72 -5.85 14.51 27.24
N SER A 73 -5.75 14.86 28.52
CA SER A 73 -4.71 15.78 28.99
C SER A 73 -3.60 14.96 29.62
N GLU A 74 -3.83 13.65 29.72
CA GLU A 74 -2.87 12.73 30.30
C GLU A 74 -2.28 11.91 29.16
N PRO A 75 -0.98 11.62 29.19
CA PRO A 75 -0.45 10.82 28.09
C PRO A 75 -1.14 9.45 28.07
N VAL A 76 -1.35 8.90 26.87
CA VAL A 76 -2.00 7.62 26.71
C VAL A 76 -1.12 6.75 25.82
N GLY A 77 -0.75 5.58 26.34
CA GLY A 77 0.10 4.67 25.60
C GLY A 77 -0.69 3.83 24.62
N TRP A 78 -1.95 3.56 24.96
CA TRP A 78 -2.83 2.78 24.11
C TRP A 78 -4.30 3.10 24.45
N ILE A 79 -5.16 2.89 23.46
CA ILE A 79 -6.61 3.04 23.56
C ILE A 79 -7.04 1.59 23.36
N ALA A 80 -7.84 1.04 24.28
CA ALA A 80 -8.24 -0.34 24.17
C ALA A 80 -9.67 -0.61 24.60
N VAL A 81 -10.21 -1.72 24.09
CA VAL A 81 -11.56 -2.18 24.37
C VAL A 81 -11.51 -3.64 24.81
N TYR A 82 -12.17 -3.95 25.93
CA TYR A 82 -12.19 -5.32 26.44
C TYR A 82 -13.56 -5.98 26.29
N GLY A 83 -13.57 -7.18 25.73
CA GLY A 83 -14.81 -7.91 25.55
C GLY A 83 -14.95 -8.94 26.65
N GLN A 84 -16.06 -9.67 26.62
CA GLN A 84 -16.31 -10.69 27.62
C GLN A 84 -15.43 -11.91 27.40
N GLY A 85 -14.99 -12.52 28.49
CA GLY A 85 -14.13 -13.67 28.40
C GLY A 85 -12.67 -13.30 28.35
N TYR A 86 -12.37 -12.00 28.34
CA TYR A 86 -10.98 -11.58 28.29
C TYR A 86 -10.27 -11.81 29.61
N SER A 87 -9.26 -12.68 29.57
CA SER A 87 -8.47 -13.01 30.74
C SER A 87 -7.01 -13.07 30.33
N PRO A 88 -6.08 -12.74 31.24
CA PRO A 88 -4.66 -12.77 30.90
C PRO A 88 -4.12 -14.20 30.94
N ASN A 89 -3.20 -14.52 30.03
CA ASN A 89 -2.58 -15.85 29.99
C ASN A 89 -1.53 -16.04 28.93
N SER A 90 -0.43 -16.69 29.33
CA SER A 90 0.69 -17.03 28.45
C SER A 90 1.26 -18.34 28.98
N GLY A 91 1.94 -19.09 28.14
CA GLY A 91 2.52 -20.33 28.59
C GLY A 91 3.68 -20.00 29.51
N ASP A 92 4.75 -20.79 29.45
CA ASP A 92 5.91 -20.54 30.28
C ASP A 92 6.83 -19.58 29.55
N VAL A 93 6.62 -18.28 29.75
CA VAL A 93 7.45 -17.27 29.11
C VAL A 93 8.89 -17.35 29.57
N GLN A 94 9.09 -17.56 30.87
CA GLN A 94 10.44 -17.66 31.42
C GLN A 94 11.25 -18.75 30.73
N GLY A 95 10.66 -19.94 30.62
CA GLY A 95 11.34 -21.05 29.97
C GLY A 95 11.68 -20.73 28.52
N LEU A 96 10.78 -20.02 27.84
CA LEU A 96 10.99 -19.65 26.44
C LEU A 96 12.29 -18.88 26.29
N GLN A 97 12.38 -17.73 26.95
CA GLN A 97 13.57 -16.90 26.87
C GLN A 97 14.83 -17.68 27.24
N ALA A 98 14.69 -18.66 28.12
CA ALA A 98 15.81 -19.48 28.53
C ALA A 98 16.25 -20.29 27.33
N ALA A 99 15.33 -21.08 26.79
CA ALA A 99 15.60 -21.91 25.62
C ALA A 99 16.13 -21.03 24.47
N TRP A 100 15.40 -19.96 24.19
CA TRP A 100 15.78 -19.03 23.14
C TRP A 100 17.26 -18.73 23.15
N GLU A 101 17.78 -18.30 24.30
CA GLU A 101 19.19 -17.97 24.42
C GLU A 101 20.07 -19.21 24.32
N ALA A 102 19.54 -20.36 24.73
CA ALA A 102 20.28 -21.61 24.66
C ALA A 102 20.58 -22.00 23.21
N LEU A 103 19.66 -21.67 22.31
CA LEU A 103 19.85 -21.97 20.89
C LEU A 103 21.06 -21.23 20.35
N GLN A 104 21.21 -19.96 20.74
CA GLN A 104 22.34 -19.18 20.29
C GLN A 104 23.64 -19.90 20.66
N THR A 105 23.61 -20.55 21.82
CA THR A 105 24.78 -21.28 22.30
C THR A 105 25.06 -22.45 21.38
N SER A 106 24.01 -23.18 21.02
CA SER A 106 24.13 -24.32 20.12
C SER A 106 24.98 -23.95 18.91
N GLY A 107 24.83 -22.72 18.45
CA GLY A 107 25.59 -22.26 17.31
C GLY A 107 24.90 -22.63 16.01
N ARG A 108 23.93 -23.54 16.09
CA ARG A 108 23.18 -23.98 14.91
C ARG A 108 22.31 -22.86 14.37
N PRO A 109 21.98 -22.92 13.06
CA PRO A 109 21.15 -21.92 12.37
C PRO A 109 19.76 -21.73 12.96
N ILE A 110 19.23 -20.51 12.83
CA ILE A 110 17.91 -20.17 13.34
C ILE A 110 16.90 -20.12 12.20
N THR A 111 15.81 -20.88 12.35
CA THR A 111 14.77 -20.95 11.33
C THR A 111 13.40 -20.73 11.94
N PRO A 112 12.45 -20.22 11.13
CA PRO A 112 11.09 -19.97 11.60
C PRO A 112 10.50 -21.27 12.15
N GLY A 113 11.12 -22.39 11.77
CA GLY A 113 10.67 -23.68 12.22
C GLY A 113 10.97 -23.90 13.69
N THR A 114 12.23 -23.74 14.07
CA THR A 114 12.62 -23.93 15.47
C THR A 114 11.97 -22.91 16.40
N LEU A 115 11.75 -21.70 15.88
CA LEU A 115 11.12 -20.65 16.67
C LEU A 115 9.61 -20.85 16.65
N ARG A 116 9.17 -21.89 15.94
CA ARG A 116 7.77 -22.23 15.85
C ARG A 116 7.58 -23.36 16.85
N GLN A 117 8.63 -24.17 16.95
CA GLN A 117 8.65 -25.31 17.85
C GLN A 117 8.63 -24.82 19.30
N LEU A 118 9.52 -23.88 19.61
CA LEU A 118 9.59 -23.33 20.96
C LEU A 118 8.23 -22.87 21.45
N ALA A 119 7.42 -22.33 20.55
CA ALA A 119 6.10 -21.84 20.88
C ALA A 119 5.23 -22.88 21.59
N ILE A 120 4.98 -23.99 20.92
CA ILE A 120 4.14 -25.05 21.49
C ILE A 120 4.80 -25.75 22.67
N THR A 121 6.13 -25.76 22.68
CA THR A 121 6.89 -26.38 23.76
C THR A 121 6.77 -25.57 25.04
N HIS A 122 6.55 -24.27 24.87
CA HIS A 122 6.44 -23.37 26.02
C HIS A 122 5.07 -22.71 26.13
N HIS A 123 4.12 -23.21 25.34
CA HIS A 123 2.76 -22.71 25.35
C HIS A 123 2.59 -21.21 25.14
N VAL A 124 3.47 -20.61 24.35
CA VAL A 124 3.38 -19.18 24.06
C VAL A 124 2.78 -19.01 22.67
N LEU A 125 1.45 -19.12 22.60
CA LEU A 125 0.76 -18.98 21.33
C LEU A 125 0.40 -17.51 21.13
N SER A 126 1.39 -16.63 21.23
CA SER A 126 1.13 -15.21 21.11
C SER A 126 1.31 -14.63 19.72
N GLY A 127 0.43 -13.70 19.38
CA GLY A 127 0.47 -13.05 18.08
C GLY A 127 -0.86 -12.39 17.79
N LYS A 128 -0.90 -11.62 16.71
CA LYS A 128 -2.12 -10.94 16.34
C LYS A 128 -1.95 -10.24 15.00
N TRP A 129 -3.07 -9.97 14.34
CA TRP A 129 -3.05 -9.25 13.07
C TRP A 129 -2.85 -7.75 13.32
N LEU A 130 -2.02 -7.12 12.50
CA LEU A 130 -1.76 -5.68 12.62
C LEU A 130 -2.49 -4.90 11.55
N MSE A 131 -1.82 -3.85 11.07
CA MSE A 131 -2.29 -2.93 10.04
C MSE A 131 -2.01 -1.52 10.54
O MSE A 131 -1.96 -1.29 11.75
CB MSE A 131 -3.79 -3.07 9.80
CG MSE A 131 -4.64 -2.18 10.67
SE MSE A 131 -6.17 -1.57 9.70
CE MSE A 131 -7.48 -2.64 10.64
N HIS A 132 -1.82 -0.57 9.63
CA HIS A 132 -1.57 0.81 10.03
C HIS A 132 -2.27 1.81 9.10
N LEU A 133 -2.61 2.98 9.64
CA LEU A 133 -3.27 4.04 8.88
C LEU A 133 -2.81 5.41 9.38
N ALA A 134 -3.27 6.45 8.71
CA ALA A 134 -2.93 7.82 9.09
C ALA A 134 -4.15 8.40 9.79
N PRO A 135 -3.94 9.29 10.77
CA PRO A 135 -5.08 9.89 11.49
C PRO A 135 -6.13 10.42 10.56
N GLY A 136 -7.40 10.26 10.94
CA GLY A 136 -8.49 10.72 10.12
C GLY A 136 -9.67 9.78 10.15
N PHE A 137 -10.64 10.04 9.27
CA PHE A 137 -11.84 9.24 9.20
C PHE A 137 -11.57 7.75 9.02
N LYS A 138 -10.63 7.41 8.17
CA LYS A 138 -10.36 6.01 7.94
C LYS A 138 -9.86 5.32 9.18
N LEU A 139 -9.07 6.02 9.99
CA LEU A 139 -8.55 5.45 11.21
C LEU A 139 -9.68 5.29 12.22
N ASP A 140 -10.36 6.39 12.53
CA ASP A 140 -11.45 6.36 13.48
C ASP A 140 -12.59 5.43 13.07
N HIS A 141 -12.95 5.43 11.78
CA HIS A 141 -14.05 4.59 11.31
C HIS A 141 -13.72 3.11 11.34
N ALA A 142 -12.47 2.76 11.05
CA ALA A 142 -12.05 1.37 11.07
C ALA A 142 -12.08 0.92 12.53
N TRP A 143 -11.34 1.64 13.38
CA TRP A 143 -11.30 1.35 14.80
C TRP A 143 -12.73 1.22 15.36
N ALA A 144 -13.57 2.22 15.09
CA ALA A 144 -14.94 2.18 15.59
C ALA A 144 -15.59 0.83 15.34
N GLY A 145 -15.46 0.33 14.11
CA GLY A 145 -16.06 -0.95 13.77
C GLY A 145 -15.38 -2.11 14.45
N ILE A 146 -14.09 -1.98 14.69
CA ILE A 146 -13.33 -3.02 15.37
C ILE A 146 -13.69 -3.11 16.86
N ALA A 147 -13.83 -1.95 17.51
CA ALA A 147 -14.17 -1.93 18.93
C ALA A 147 -15.48 -2.69 19.06
N ARG A 148 -16.44 -2.32 18.22
CA ARG A 148 -17.75 -2.98 18.21
C ARG A 148 -17.57 -4.45 17.84
N ALA A 149 -16.59 -4.73 16.98
CA ALA A 149 -16.31 -6.08 16.54
C ALA A 149 -15.68 -6.87 17.69
N VAL A 150 -15.49 -6.18 18.81
CA VAL A 150 -14.94 -6.80 20.01
C VAL A 150 -16.07 -7.01 21.01
N VAL A 151 -16.80 -5.95 21.30
CA VAL A 151 -17.89 -6.01 22.27
C VAL A 151 -18.90 -7.10 21.99
N GLU A 152 -19.27 -7.27 20.70
CA GLU A 152 -20.22 -8.30 20.30
C GLU A 152 -19.74 -9.69 20.67
N GLY A 153 -18.44 -9.94 20.54
CA GLY A 153 -17.92 -11.25 20.88
C GLY A 153 -17.16 -11.98 19.78
N ARG A 154 -17.14 -11.41 18.57
CA ARG A 154 -16.43 -12.03 17.47
C ARG A 154 -14.92 -11.85 17.61
N LEU A 155 -14.54 -10.93 18.49
CA LEU A 155 -13.14 -10.64 18.77
C LEU A 155 -13.00 -10.52 20.29
N GLN A 156 -11.88 -11.02 20.81
CA GLN A 156 -11.63 -10.98 22.24
C GLN A 156 -11.30 -9.58 22.77
N VAL A 157 -10.51 -8.83 22.00
CA VAL A 157 -10.08 -7.48 22.35
C VAL A 157 -9.07 -7.01 21.31
N ALA A 158 -8.90 -5.69 21.19
CA ALA A 158 -7.96 -5.13 20.24
C ALA A 158 -7.35 -3.84 20.78
N LYS A 159 -6.35 -3.30 20.09
CA LYS A 159 -5.72 -2.07 20.53
C LYS A 159 -5.40 -1.15 19.35
N VAL A 160 -5.61 0.15 19.53
CA VAL A 160 -5.29 1.14 18.52
C VAL A 160 -4.33 2.13 19.17
N SER A 161 -3.31 2.58 18.45
CA SER A 161 -2.32 3.51 18.97
C SER A 161 -2.76 4.96 18.87
N PRO A 162 -2.41 5.78 19.87
CA PRO A 162 -2.80 7.20 19.86
C PRO A 162 -2.03 8.03 18.83
N ARG A 163 -2.45 9.27 18.64
CA ARG A 163 -1.83 10.15 17.68
C ARG A 163 -0.58 10.84 18.17
N ALA A 164 0.46 10.79 17.34
CA ALA A 164 1.73 11.42 17.63
C ALA A 164 1.56 12.93 17.48
N LYS A 165 2.35 13.72 18.20
CA LYS A 165 2.24 15.17 18.11
C LYS A 165 2.32 15.60 16.65
N GLU A 166 2.86 14.71 15.82
CA GLU A 166 3.02 14.97 14.40
C GLU A 166 2.41 13.84 13.56
N GLY A 167 1.20 13.43 13.91
CA GLY A 167 0.51 12.37 13.18
C GLY A 167 1.42 11.26 12.65
N GLY A 168 1.13 10.83 11.43
CA GLY A 168 1.92 9.77 10.82
C GLY A 168 1.14 8.50 10.59
N ARG A 169 1.61 7.41 11.21
CA ARG A 169 0.96 6.11 11.07
C ARG A 169 0.51 5.59 12.42
N GLN A 170 -0.62 4.89 12.43
CA GLN A 170 -1.17 4.33 13.66
C GLN A 170 -1.65 2.89 13.46
N VAL A 171 -1.45 2.06 14.49
CA VAL A 171 -1.83 0.65 14.44
C VAL A 171 -3.17 0.33 15.03
N ILE A 172 -3.60 -0.91 14.80
CA ILE A 172 -4.83 -1.47 15.32
C ILE A 172 -4.68 -2.99 15.29
N CYS A 173 -3.79 -3.51 16.15
CA CYS A 173 -3.54 -4.95 16.22
C CYS A 173 -4.74 -5.70 16.78
N VAL A 174 -5.04 -6.85 16.18
CA VAL A 174 -6.16 -7.68 16.62
C VAL A 174 -5.66 -9.04 17.11
N TYR A 175 -5.77 -9.24 18.42
CA TYR A 175 -5.29 -10.46 19.07
C TYR A 175 -6.08 -11.74 18.85
N THR A 176 -5.35 -12.85 18.74
CA THR A 176 -5.94 -14.19 18.60
C THR A 176 -5.22 -15.02 19.65
N ASP A 177 -5.85 -16.09 20.13
CA ASP A 177 -5.24 -16.91 21.17
C ASP A 177 -4.20 -17.93 20.71
N ASP A 178 -4.42 -18.56 19.57
CA ASP A 178 -3.48 -19.56 19.07
C ASP A 178 -3.13 -19.32 17.62
N PHE A 179 -1.85 -19.08 17.34
CA PHE A 179 -1.41 -18.82 15.96
C PHE A 179 -1.18 -20.11 15.18
N THR A 180 -0.64 -21.13 15.83
CA THR A 180 -0.38 -22.41 15.18
C THR A 180 -1.67 -22.88 14.53
N ASP A 181 -2.78 -22.29 14.98
CA ASP A 181 -4.10 -22.60 14.48
C ASP A 181 -4.46 -21.73 13.27
N ARG A 182 -4.29 -22.28 12.07
CA ARG A 182 -4.57 -21.55 10.84
C ARG A 182 -6.04 -21.16 10.73
N LEU A 183 -6.92 -21.91 11.39
CA LEU A 183 -8.33 -21.60 11.33
C LEU A 183 -8.59 -20.29 12.07
N GLY A 184 -8.18 -20.25 13.34
CA GLY A 184 -8.36 -19.05 14.14
C GLY A 184 -7.65 -17.87 13.50
N VAL A 185 -6.46 -18.13 12.95
CA VAL A 185 -5.72 -17.08 12.29
C VAL A 185 -6.63 -16.52 11.19
N LEU A 186 -6.91 -17.38 10.20
CA LEU A 186 -7.75 -17.01 9.07
C LEU A 186 -9.10 -16.46 9.52
N GLU A 187 -9.82 -17.25 10.32
CA GLU A 187 -11.13 -16.84 10.80
C GLU A 187 -11.07 -15.51 11.56
N ALA A 188 -9.88 -15.10 11.97
CA ALA A 188 -9.72 -13.83 12.68
C ALA A 188 -9.22 -12.78 11.70
N ASP A 189 -9.24 -13.15 10.42
CA ASP A 189 -8.85 -12.26 9.34
C ASP A 189 -10.18 -11.87 8.66
N SER A 190 -10.92 -12.89 8.23
CA SER A 190 -12.20 -12.65 7.59
C SER A 190 -13.22 -12.48 8.71
N ALA A 191 -12.74 -11.89 9.80
CA ALA A 191 -13.57 -11.61 10.96
C ALA A 191 -13.62 -10.11 11.19
N ILE A 192 -12.83 -9.38 10.41
CA ILE A 192 -12.79 -7.92 10.51
C ILE A 192 -13.19 -7.23 9.21
N ARG A 193 -12.91 -7.85 8.07
CA ARG A 193 -13.25 -7.25 6.77
C ARG A 193 -14.65 -6.63 6.72
N ALA A 194 -15.60 -7.25 7.42
CA ALA A 194 -16.97 -6.74 7.44
C ALA A 194 -17.02 -5.33 8.03
N ALA A 195 -15.87 -4.84 8.48
CA ALA A 195 -15.79 -3.51 9.07
C ALA A 195 -15.24 -2.45 8.12
N GLY A 196 -14.76 -2.86 6.95
CA GLY A 196 -14.23 -1.90 6.00
C GLY A 196 -12.73 -1.68 6.01
N ILE A 197 -11.97 -2.71 6.41
CA ILE A 197 -10.52 -2.63 6.40
C ILE A 197 -10.01 -3.29 5.12
N LYS A 198 -9.69 -2.47 4.14
CA LYS A 198 -9.23 -2.95 2.85
C LYS A 198 -7.71 -3.04 2.77
N CYS A 199 -7.03 -2.49 3.78
CA CYS A 199 -5.58 -2.51 3.81
C CYS A 199 -5.02 -3.87 4.16
N LEU A 200 -3.69 -3.98 4.14
CA LEU A 200 -2.99 -5.22 4.45
C LEU A 200 -3.03 -5.52 5.95
N LEU A 201 -3.18 -6.79 6.27
CA LEU A 201 -3.17 -7.25 7.65
C LEU A 201 -1.99 -8.19 7.76
N THR A 202 -0.98 -7.81 8.54
CA THR A 202 0.20 -8.65 8.73
C THR A 202 0.18 -9.17 10.16
N TYR A 203 0.16 -10.49 10.29
CA TYR A 203 0.12 -11.14 11.59
C TYR A 203 1.49 -11.41 12.18
N LYS A 204 1.77 -10.77 13.32
CA LYS A 204 3.04 -10.91 14.03
C LYS A 204 2.88 -11.86 15.21
N PRO A 205 3.61 -13.00 15.19
CA PRO A 205 3.58 -14.02 16.24
C PRO A 205 4.25 -13.51 17.52
N ASP A 206 3.47 -12.90 18.40
CA ASP A 206 4.01 -12.36 19.64
C ASP A 206 4.89 -13.37 20.37
N VAL A 207 4.77 -14.63 19.99
CA VAL A 207 5.58 -15.69 20.58
C VAL A 207 7.01 -15.46 20.09
N TYR A 208 7.17 -14.43 19.27
CA TYR A 208 8.48 -14.03 18.73
C TYR A 208 8.81 -12.70 19.40
N THR A 209 7.82 -12.10 20.04
CA THR A 209 8.02 -10.83 20.73
C THR A 209 8.92 -11.07 21.94
N TYR A 210 8.48 -11.96 22.82
CA TYR A 210 9.24 -12.30 24.02
C TYR A 210 10.69 -12.66 23.71
N LEU A 211 10.97 -13.01 22.46
CA LEU A 211 12.33 -13.38 22.07
C LEU A 211 13.14 -12.21 21.51
N GLY A 212 12.46 -11.22 20.93
CA GLY A 212 13.16 -10.08 20.38
C GLY A 212 13.36 -10.09 18.87
N ILE A 213 12.71 -11.03 18.19
CA ILE A 213 12.80 -11.17 16.74
C ILE A 213 11.97 -10.07 16.08
N TYR A 214 12.52 -8.86 16.04
CA TYR A 214 11.82 -7.72 15.46
C TYR A 214 12.14 -7.56 13.97
N ARG A 215 11.71 -6.44 13.40
CA ARG A 215 11.94 -6.16 11.99
C ARG A 215 13.42 -6.28 11.58
N ALA A 216 14.26 -5.39 12.11
CA ALA A 216 15.68 -5.43 11.80
C ALA A 216 16.34 -6.60 12.51
N ASN A 217 15.69 -7.75 12.45
CA ASN A 217 16.17 -8.97 13.09
C ASN A 217 17.67 -9.12 12.92
N ARG A 218 18.35 -9.47 14.01
CA ARG A 218 19.80 -9.64 14.00
C ARG A 218 20.18 -10.70 12.96
N TRP A 219 19.18 -11.39 12.45
CA TRP A 219 19.35 -12.44 11.44
C TRP A 219 18.70 -12.01 10.12
N HIS A 220 17.91 -10.95 10.17
CA HIS A 220 17.22 -10.41 9.00
C HIS A 220 16.10 -11.34 8.56
N LEU A 221 15.10 -11.55 9.43
CA LEU A 221 13.96 -12.41 9.14
C LEU A 221 12.65 -11.69 9.39
N CYS A 222 11.67 -11.95 8.52
CA CYS A 222 10.35 -11.34 8.62
C CYS A 222 9.52 -11.99 9.71
N PRO A 223 9.16 -11.20 10.74
CA PRO A 223 8.36 -11.70 11.87
C PRO A 223 6.93 -12.10 11.49
N THR A 224 6.44 -11.59 10.37
CA THR A 224 5.09 -11.89 9.90
C THR A 224 4.95 -13.36 9.56
N LEU A 225 3.91 -14.01 10.11
CA LEU A 225 3.67 -15.42 9.84
C LEU A 225 2.58 -15.59 8.77
N TYR A 226 1.73 -14.57 8.61
CA TYR A 226 0.66 -14.60 7.62
C TYR A 226 0.41 -13.21 7.07
N GLU A 227 0.22 -13.11 5.75
CA GLU A 227 -0.06 -11.83 5.11
C GLU A 227 -1.49 -11.91 4.59
N SER A 228 -2.08 -10.77 4.25
CA SER A 228 -3.46 -10.75 3.77
C SER A 228 -3.86 -9.38 3.22
N ARG A 229 -4.30 -9.35 1.96
CA ARG A 229 -4.72 -8.11 1.32
C ARG A 229 -6.16 -8.23 0.86
N PHE A 230 -6.84 -7.09 0.82
CA PHE A 230 -8.24 -7.02 0.39
C PHE A 230 -8.40 -7.67 -1.00
N GLN A 231 -9.64 -7.86 -1.43
CA GLN A 231 -9.90 -8.47 -2.74
C GLN A 231 -11.35 -8.27 -3.17
N GLY A 238 -12.61 -8.96 -0.87
CA GLY A 238 -12.15 -10.29 -0.52
C GLY A 238 -11.03 -10.31 0.51
N SER A 239 -10.28 -11.41 0.53
CA SER A 239 -9.17 -11.58 1.47
C SER A 239 -8.29 -12.77 1.11
N ARG A 240 -7.03 -12.50 0.79
CA ARG A 240 -6.06 -13.54 0.45
C ARG A 240 -5.09 -13.70 1.61
N VAL A 241 -5.22 -14.79 2.35
CA VAL A 241 -4.35 -15.05 3.49
C VAL A 241 -3.46 -16.27 3.21
N LEU A 242 -2.22 -16.22 3.70
CA LEU A 242 -1.30 -17.31 3.47
C LEU A 242 -0.45 -17.66 4.69
N ASP A 243 0.11 -18.86 4.67
CA ASP A 243 0.99 -19.33 5.73
C ASP A 243 2.40 -19.05 5.23
N ARG A 244 2.67 -17.77 4.94
CA ARG A 244 3.96 -17.33 4.44
C ARG A 244 5.14 -18.14 4.99
N ALA A 245 5.01 -18.61 6.23
CA ALA A 245 6.06 -19.39 6.86
C ALA A 245 6.34 -20.66 6.05
N ASN A 246 5.27 -21.38 5.71
CA ASN A 246 5.37 -22.61 4.92
C ASN A 246 5.30 -22.30 3.43
N ASN A 247 5.05 -21.04 3.10
CA ASN A 247 4.94 -20.61 1.70
C ASN A 247 3.76 -21.31 1.04
N VAL A 248 2.57 -21.17 1.63
CA VAL A 248 1.36 -21.80 1.11
C VAL A 248 0.11 -20.98 1.42
N GLU A 249 -0.68 -20.68 0.39
CA GLU A 249 -1.90 -19.91 0.57
C GLU A 249 -2.93 -20.68 1.40
N LEU A 250 -3.38 -20.08 2.50
CA LEU A 250 -4.36 -20.72 3.37
C LEU A 250 -5.76 -20.67 2.75
N GLU B 17 7.60 -4.74 28.67
CA GLU B 17 7.53 -5.33 27.30
C GLU B 17 7.84 -4.30 26.22
N ASP B 18 9.11 -4.17 25.86
CA ASP B 18 9.55 -3.23 24.84
C ASP B 18 8.86 -3.47 23.49
N GLY B 19 8.62 -4.74 23.18
CA GLY B 19 7.99 -5.08 21.91
C GLY B 19 6.47 -5.22 21.96
N PHE B 20 5.81 -4.33 22.70
CA PHE B 20 4.36 -4.35 22.80
C PHE B 20 3.80 -2.93 22.87
N THR B 21 4.69 -1.95 22.88
CA THR B 21 4.28 -0.56 22.95
C THR B 21 3.64 -0.10 21.64
N ALA B 22 3.01 1.07 21.68
CA ALA B 22 2.38 1.62 20.49
C ALA B 22 3.46 1.90 19.44
N GLU B 23 4.56 2.50 19.87
CA GLU B 23 5.65 2.85 18.98
C GLU B 23 6.25 1.65 18.27
N HIS B 24 6.51 0.57 19.00
CA HIS B 24 7.10 -0.61 18.40
C HIS B 24 6.16 -1.34 17.44
N LEU B 25 4.90 -1.52 17.82
CA LEU B 25 3.95 -2.20 16.96
C LEU B 25 3.65 -1.41 15.70
N ALA B 26 3.64 -0.08 15.81
CA ALA B 26 3.40 0.74 14.64
C ALA B 26 4.56 0.46 13.68
N ALA B 27 5.77 0.67 14.17
CA ALA B 27 6.99 0.45 13.39
C ALA B 27 7.03 -0.94 12.78
N GLU B 28 6.43 -1.91 13.46
CA GLU B 28 6.40 -3.27 12.97
C GLU B 28 5.41 -3.37 11.80
N ALA B 29 4.25 -2.75 11.97
CA ALA B 29 3.23 -2.72 10.92
C ALA B 29 3.81 -2.09 9.66
N MSE B 30 4.69 -1.11 9.84
CA MSE B 30 5.33 -0.45 8.70
C MSE B 30 6.41 -1.32 8.08
O MSE B 30 6.76 -1.13 6.92
CB MSE B 30 5.95 0.88 9.12
CG MSE B 30 4.95 1.86 9.69
SE MSE B 30 5.63 3.65 9.62
CE MSE B 30 5.07 4.09 7.82
N ALA B 31 6.93 -2.26 8.85
CA ALA B 31 7.97 -3.14 8.34
C ALA B 31 7.34 -4.37 7.70
N ALA B 32 6.09 -4.67 8.07
CA ALA B 32 5.42 -5.83 7.53
C ALA B 32 4.71 -5.47 6.22
N ASP B 33 4.45 -4.19 6.03
CA ASP B 33 3.78 -3.71 4.83
C ASP B 33 4.70 -3.88 3.62
N MSE B 34 5.76 -4.66 3.79
CA MSE B 34 6.72 -4.92 2.73
C MSE B 34 6.01 -5.35 1.44
O MSE B 34 5.61 -6.51 1.30
CB MSE B 34 7.70 -6.01 3.17
CG MSE B 34 9.15 -5.68 2.90
SE MSE B 34 9.46 -5.33 1.04
CE MSE B 34 9.27 -3.41 1.06
N ASP B 35 5.86 -4.40 0.52
CA ASP B 35 5.21 -4.60 -0.78
C ASP B 35 5.38 -5.99 -1.42
N PRO B 36 4.37 -6.42 -2.19
CA PRO B 36 4.36 -7.71 -2.87
C PRO B 36 5.39 -7.90 -3.99
N TRP B 37 6.17 -8.97 -3.85
CA TRP B 37 7.20 -9.35 -4.82
C TRP B 37 6.70 -10.53 -5.65
N LEU B 38 6.75 -10.43 -6.98
CA LEU B 38 6.34 -11.54 -7.84
C LEU B 38 7.67 -12.09 -8.32
N VAL B 39 8.29 -12.90 -7.47
CA VAL B 39 9.60 -13.46 -7.70
C VAL B 39 9.54 -14.86 -8.24
N PHE B 40 10.71 -15.38 -8.61
CA PHE B 40 10.88 -16.76 -9.06
C PHE B 40 11.90 -17.35 -8.10
N ASP B 41 11.55 -18.48 -7.49
CA ASP B 41 12.41 -19.17 -6.53
C ASP B 41 12.76 -20.55 -7.09
N ALA B 42 14.05 -20.81 -7.29
CA ALA B 42 14.49 -22.10 -7.81
C ALA B 42 14.64 -23.16 -6.71
N ARG B 43 14.87 -22.70 -5.48
CA ARG B 43 15.01 -23.62 -4.36
C ARG B 43 13.80 -24.55 -4.24
N THR B 44 12.75 -24.25 -4.99
CA THR B 44 11.54 -25.07 -4.93
C THR B 44 11.03 -25.46 -6.32
N THR B 45 10.78 -24.45 -7.17
CA THR B 45 10.28 -24.70 -8.51
C THR B 45 11.42 -25.20 -9.39
N PRO B 46 11.16 -26.22 -10.21
CA PRO B 46 12.18 -26.79 -11.10
C PRO B 46 12.67 -25.77 -12.12
N ALA B 47 13.88 -26.00 -12.63
CA ALA B 47 14.51 -25.12 -13.60
C ALA B 47 13.82 -25.19 -14.96
N THR B 48 12.91 -26.16 -15.10
CA THR B 48 12.21 -26.37 -16.36
C THR B 48 10.97 -25.51 -16.53
N GLU B 49 10.70 -24.62 -15.59
CA GLU B 49 9.54 -23.75 -15.67
C GLU B 49 9.88 -22.30 -16.03
N LEU B 50 11.17 -21.99 -16.15
CA LEU B 50 11.57 -20.62 -16.43
C LEU B 50 10.89 -19.93 -17.62
N ASP B 51 10.82 -20.61 -18.77
CA ASP B 51 10.20 -20.02 -19.96
C ASP B 51 8.83 -19.35 -19.70
N ALA B 52 7.84 -20.18 -19.38
CA ALA B 52 6.49 -19.71 -19.13
C ALA B 52 6.45 -18.52 -18.16
N TRP B 53 7.12 -18.65 -17.03
CA TRP B 53 7.16 -17.56 -16.05
C TRP B 53 7.75 -16.29 -16.71
N LEU B 54 8.90 -16.41 -17.36
CA LEU B 54 9.49 -15.25 -18.03
C LEU B 54 8.50 -14.74 -19.08
N ALA B 55 7.92 -15.67 -19.82
CA ALA B 55 6.95 -15.33 -20.85
C ALA B 55 5.73 -14.66 -20.21
N LYS B 56 5.29 -15.22 -19.09
CA LYS B 56 4.12 -14.69 -18.41
C LYS B 56 4.36 -13.40 -17.63
N TYR B 57 5.57 -13.21 -17.13
CA TYR B 57 5.83 -12.01 -16.36
C TYR B 57 7.05 -11.19 -16.78
N PRO B 58 7.20 -10.92 -18.10
CA PRO B 58 8.35 -10.13 -18.53
C PRO B 58 8.24 -8.75 -17.85
N PRO B 59 9.37 -8.14 -17.48
CA PRO B 59 9.32 -6.83 -16.83
C PRO B 59 8.75 -5.71 -17.68
N SER B 60 7.85 -6.08 -18.59
CA SER B 60 7.21 -5.11 -19.47
C SER B 60 5.73 -5.11 -19.19
N GLN B 61 5.14 -6.30 -19.17
CA GLN B 61 3.73 -6.52 -18.92
C GLN B 61 3.40 -6.46 -17.42
N VAL B 62 4.42 -6.68 -16.59
CA VAL B 62 4.22 -6.64 -15.16
C VAL B 62 4.35 -5.18 -14.77
N THR B 63 3.34 -4.63 -14.09
CA THR B 63 3.39 -3.23 -13.70
C THR B 63 3.56 -2.99 -12.21
N ARG B 64 4.15 -1.83 -11.89
CA ARG B 64 4.42 -1.46 -10.52
C ARG B 64 3.18 -1.48 -9.63
N TYR B 65 2.03 -1.14 -10.23
CA TYR B 65 0.80 -1.10 -9.47
C TYR B 65 -0.34 -1.96 -9.97
N GLY B 66 -0.03 -2.83 -10.92
CA GLY B 66 -1.05 -3.72 -11.46
C GLY B 66 -2.12 -3.08 -12.30
N ASP B 67 -1.76 -2.60 -13.49
CA ASP B 67 -2.71 -1.99 -14.39
C ASP B 67 -3.57 -3.08 -15.01
N PRO B 68 -4.71 -2.71 -15.58
CA PRO B 68 -5.57 -3.71 -16.20
C PRO B 68 -4.79 -4.37 -17.36
N GLY B 69 -4.96 -5.67 -17.54
CA GLY B 69 -4.23 -6.33 -18.61
C GLY B 69 -2.84 -6.81 -18.25
N SER B 70 -2.31 -6.34 -17.12
CA SER B 70 -0.98 -6.77 -16.69
C SER B 70 -1.13 -8.21 -16.21
N PRO B 71 -0.07 -9.02 -16.35
CA PRO B 71 -0.22 -10.40 -15.88
C PRO B 71 -0.50 -10.34 -14.38
N ASN B 72 -0.14 -9.20 -13.77
CA ASN B 72 -0.33 -8.98 -12.34
C ASN B 72 -1.46 -8.01 -12.07
N SER B 73 -2.45 -8.47 -11.31
CA SER B 73 -3.60 -7.64 -10.98
C SER B 73 -3.33 -6.68 -9.83
N GLU B 74 -2.32 -7.00 -9.03
CA GLU B 74 -1.97 -6.17 -7.89
C GLU B 74 -0.58 -5.56 -8.04
N PRO B 75 -0.26 -4.57 -7.20
CA PRO B 75 1.06 -3.91 -7.25
C PRO B 75 2.22 -4.90 -7.15
N VAL B 76 3.38 -4.48 -7.65
CA VAL B 76 4.58 -5.32 -7.62
C VAL B 76 5.79 -4.47 -7.28
N GLY B 77 6.66 -4.98 -6.42
CA GLY B 77 7.85 -4.24 -6.04
C GLY B 77 9.03 -4.51 -6.94
N TRP B 78 9.40 -5.78 -7.04
CA TRP B 78 10.51 -6.20 -7.88
C TRP B 78 10.18 -7.52 -8.54
N ILE B 79 11.12 -7.99 -9.37
CA ILE B 79 10.96 -9.26 -10.05
C ILE B 79 12.22 -10.09 -9.73
N ALA B 80 12.22 -10.68 -8.54
CA ALA B 80 13.33 -11.47 -8.05
C ALA B 80 13.46 -12.84 -8.66
N VAL B 81 14.67 -13.38 -8.57
CA VAL B 81 14.98 -14.72 -9.06
C VAL B 81 16.14 -15.22 -8.20
N TYR B 82 15.84 -16.19 -7.33
CA TYR B 82 16.85 -16.77 -6.45
C TYR B 82 17.35 -18.10 -7.00
N GLY B 83 18.66 -18.31 -6.88
CA GLY B 83 19.26 -19.55 -7.34
C GLY B 83 19.86 -20.30 -6.18
N GLN B 84 20.76 -21.24 -6.49
CA GLN B 84 21.43 -22.03 -5.46
C GLN B 84 22.19 -21.10 -4.51
N GLY B 85 23.07 -20.27 -5.07
CA GLY B 85 23.86 -19.35 -4.26
C GLY B 85 23.03 -18.20 -3.72
N TYR B 86 22.88 -18.17 -2.39
CA TYR B 86 22.10 -17.12 -1.74
C TYR B 86 22.14 -17.28 -0.22
N SER B 87 21.65 -16.26 0.47
CA SER B 87 21.59 -16.21 1.93
C SER B 87 21.48 -14.76 2.36
N PRO B 88 20.47 -14.42 3.17
CA PRO B 88 20.26 -13.04 3.65
C PRO B 88 21.52 -12.41 4.25
N ASN B 89 21.59 -11.09 4.22
CA ASN B 89 22.76 -10.37 4.74
C ASN B 89 23.35 -11.03 5.97
N SER B 90 22.48 -11.40 6.91
CA SER B 90 22.89 -12.06 8.14
C SER B 90 23.58 -11.11 9.13
N GLY B 91 23.69 -9.84 8.75
CA GLY B 91 24.34 -8.87 9.62
C GLY B 91 23.40 -7.90 10.31
N ASP B 92 23.97 -6.98 11.10
CA ASP B 92 23.18 -6.00 11.84
C ASP B 92 23.09 -4.64 11.19
N VAL B 93 21.94 -4.40 10.57
CA VAL B 93 21.65 -3.15 9.87
C VAL B 93 21.25 -2.04 10.83
N GLN B 94 20.19 -2.30 11.59
CA GLN B 94 19.69 -1.33 12.57
C GLN B 94 20.88 -0.82 13.40
N GLY B 95 21.88 -1.67 13.56
CA GLY B 95 23.06 -1.28 14.31
C GLY B 95 23.92 -0.35 13.47
N LEU B 96 24.09 -0.72 12.20
CA LEU B 96 24.88 0.08 11.27
C LEU B 96 24.43 1.52 11.25
N GLN B 97 23.16 1.73 10.91
CA GLN B 97 22.58 3.07 10.84
C GLN B 97 22.74 3.81 12.16
N ALA B 98 22.73 3.08 13.27
CA ALA B 98 22.87 3.69 14.59
C ALA B 98 24.16 4.51 14.62
N ALA B 99 25.28 3.83 14.41
CA ALA B 99 26.58 4.48 14.40
C ALA B 99 26.59 5.61 13.37
N TRP B 100 26.17 5.30 12.15
CA TRP B 100 26.11 6.29 11.09
C TRP B 100 25.12 7.38 11.45
N GLU B 101 24.26 7.09 12.42
CA GLU B 101 23.27 8.06 12.87
C GLU B 101 24.05 9.06 13.72
N ALA B 102 25.21 8.61 14.18
CA ALA B 102 26.09 9.42 15.03
C ALA B 102 27.15 10.17 14.23
N LEU B 103 27.82 9.46 13.31
CA LEU B 103 28.86 10.08 12.50
C LEU B 103 28.39 11.26 11.67
N GLN B 104 27.15 11.22 11.21
CA GLN B 104 26.59 12.30 10.43
C GLN B 104 26.77 13.61 11.19
N THR B 105 26.42 13.59 12.47
CA THR B 105 26.53 14.75 13.35
C THR B 105 27.67 14.54 14.35
N SER B 106 28.89 14.43 13.84
CA SER B 106 30.05 14.21 14.70
C SER B 106 31.35 14.69 14.05
N GLY B 107 31.27 15.02 12.76
CA GLY B 107 32.46 15.49 12.06
C GLY B 107 33.42 14.36 11.72
N ARG B 108 33.26 13.23 12.38
CA ARG B 108 34.12 12.06 12.16
C ARG B 108 34.23 11.77 10.67
N PRO B 109 35.26 11.00 10.26
CA PRO B 109 35.46 10.68 8.84
C PRO B 109 34.28 10.06 8.09
N ILE B 110 34.05 10.58 6.89
CA ILE B 110 32.98 10.12 6.02
C ILE B 110 33.61 9.81 4.65
N THR B 111 34.15 8.61 4.51
CA THR B 111 34.80 8.20 3.27
C THR B 111 34.55 6.73 2.94
N PRO B 112 34.93 6.30 1.72
CA PRO B 112 34.74 4.91 1.31
C PRO B 112 35.33 3.93 2.33
N GLY B 113 36.53 4.24 2.80
CA GLY B 113 37.19 3.40 3.77
C GLY B 113 36.44 3.41 5.08
N THR B 114 35.87 4.57 5.42
CA THR B 114 35.11 4.72 6.64
C THR B 114 33.83 3.90 6.55
N LEU B 115 33.17 3.98 5.39
CA LEU B 115 31.93 3.25 5.17
C LEU B 115 32.25 1.79 5.03
N ARG B 116 33.40 1.49 4.43
CA ARG B 116 33.82 0.12 4.23
C ARG B 116 34.05 -0.52 5.58
N GLN B 117 34.55 0.28 6.53
CA GLN B 117 34.80 -0.26 7.86
C GLN B 117 33.49 -0.42 8.59
N LEU B 118 32.66 0.61 8.61
CA LEU B 118 31.37 0.48 9.29
C LEU B 118 30.54 -0.65 8.68
N ALA B 119 30.97 -1.14 7.53
CA ALA B 119 30.27 -2.23 6.84
C ALA B 119 30.80 -3.58 7.29
N ILE B 120 32.12 -3.67 7.38
CA ILE B 120 32.77 -4.89 7.82
C ILE B 120 32.48 -5.12 9.30
N THR B 121 32.63 -4.06 10.09
CA THR B 121 32.41 -4.10 11.53
C THR B 121 30.94 -4.38 11.88
N HIS B 122 30.01 -3.98 11.01
CA HIS B 122 28.59 -4.19 11.30
C HIS B 122 27.90 -5.20 10.38
N HIS B 123 28.63 -6.21 9.95
CA HIS B 123 28.12 -7.27 9.06
C HIS B 123 27.13 -6.82 7.97
N VAL B 124 27.64 -6.10 6.98
CA VAL B 124 26.83 -5.62 5.87
C VAL B 124 27.77 -5.51 4.67
N LEU B 125 28.10 -6.68 4.12
CA LEU B 125 29.06 -6.77 3.03
C LEU B 125 28.49 -6.81 1.62
N SER B 126 27.60 -7.75 1.36
CA SER B 126 27.02 -7.91 0.03
C SER B 126 26.68 -6.61 -0.70
N GLY B 127 26.52 -6.73 -2.01
CA GLY B 127 26.22 -5.59 -2.84
C GLY B 127 25.66 -6.02 -4.17
N LYS B 128 25.68 -5.14 -5.16
CA LYS B 128 25.12 -5.50 -6.44
C LYS B 128 25.44 -4.61 -7.62
N TRP B 129 25.42 -5.22 -8.79
CA TRP B 129 25.63 -4.55 -10.05
C TRP B 129 24.27 -3.96 -10.48
N LEU B 130 24.27 -2.68 -10.88
CA LEU B 130 23.07 -2.00 -11.32
C LEU B 130 23.15 -1.64 -12.80
N MSE B 131 22.01 -1.69 -13.49
CA MSE B 131 21.95 -1.40 -14.90
C MSE B 131 20.56 -0.93 -15.31
O MSE B 131 19.55 -1.34 -14.72
CB MSE B 131 22.27 -2.66 -15.68
CG MSE B 131 21.26 -3.77 -15.43
SE MSE B 131 21.86 -5.50 -16.00
CE MSE B 131 22.85 -6.00 -14.41
N HIS B 132 20.49 -0.08 -16.34
CA HIS B 132 19.23 0.43 -16.84
C HIS B 132 18.97 -0.01 -18.26
N LEU B 133 17.75 -0.48 -18.52
CA LEU B 133 17.35 -0.93 -19.84
C LEU B 133 16.00 -0.30 -20.13
N ALA B 134 15.81 0.14 -21.38
CA ALA B 134 14.55 0.74 -21.76
C ALA B 134 13.55 -0.39 -21.81
N PRO B 135 12.34 -0.17 -21.26
CA PRO B 135 11.35 -1.25 -21.30
C PRO B 135 11.18 -1.75 -22.73
N GLY B 136 10.91 -3.04 -22.87
CA GLY B 136 10.76 -3.60 -24.21
C GLY B 136 11.55 -4.89 -24.34
N PHE B 137 11.76 -5.32 -25.58
CA PHE B 137 12.46 -6.56 -25.84
C PHE B 137 13.90 -6.60 -25.33
N LYS B 138 14.57 -5.46 -25.35
CA LYS B 138 15.95 -5.43 -24.87
C LYS B 138 15.96 -5.75 -23.39
N LEU B 139 15.00 -5.18 -22.66
CA LEU B 139 14.91 -5.43 -21.23
C LEU B 139 14.54 -6.91 -20.97
N ASP B 140 13.46 -7.37 -21.59
CA ASP B 140 12.99 -8.73 -21.39
C ASP B 140 13.99 -9.81 -21.79
N HIS B 141 14.59 -9.63 -22.96
CA HIS B 141 15.57 -10.56 -23.45
C HIS B 141 16.73 -10.60 -22.45
N ALA B 142 17.17 -9.42 -22.02
CA ALA B 142 18.26 -9.29 -21.07
C ALA B 142 17.89 -10.02 -19.78
N TRP B 143 16.74 -9.68 -19.23
CA TRP B 143 16.26 -10.28 -17.99
C TRP B 143 16.24 -11.80 -18.05
N ALA B 144 15.87 -12.35 -19.20
CA ALA B 144 15.82 -13.80 -19.35
C ALA B 144 17.19 -14.44 -19.13
N GLY B 145 18.20 -13.91 -19.81
CA GLY B 145 19.55 -14.44 -19.65
C GLY B 145 20.07 -14.24 -18.24
N ILE B 146 19.70 -13.12 -17.62
CA ILE B 146 20.12 -12.82 -16.26
C ILE B 146 19.47 -13.80 -15.30
N ALA B 147 18.17 -14.03 -15.47
CA ALA B 147 17.44 -14.98 -14.64
C ALA B 147 18.02 -16.38 -14.78
N ARG B 148 18.19 -16.83 -16.03
CA ARG B 148 18.73 -18.14 -16.34
C ARG B 148 20.07 -18.33 -15.66
N ALA B 149 20.92 -17.31 -15.76
CA ALA B 149 22.25 -17.35 -15.14
C ALA B 149 22.12 -17.64 -13.63
N VAL B 150 21.02 -17.20 -13.03
CA VAL B 150 20.80 -17.44 -11.62
C VAL B 150 20.38 -18.91 -11.45
N VAL B 151 19.45 -19.35 -12.29
CA VAL B 151 18.98 -20.73 -12.25
C VAL B 151 20.11 -21.71 -12.49
N GLU B 152 21.13 -21.29 -13.24
CA GLU B 152 22.26 -22.18 -13.52
C GLU B 152 23.36 -22.08 -12.47
N GLY B 153 23.18 -21.23 -11.47
CA GLY B 153 24.18 -21.09 -10.43
C GLY B 153 25.31 -20.15 -10.78
N ARG B 154 25.36 -19.67 -12.02
CA ARG B 154 26.41 -18.76 -12.44
C ARG B 154 26.20 -17.39 -11.78
N LEU B 155 25.01 -17.18 -11.22
CA LEU B 155 24.70 -15.94 -10.53
C LEU B 155 23.89 -16.30 -9.28
N GLN B 156 24.10 -15.53 -8.21
CA GLN B 156 23.42 -15.81 -6.94
C GLN B 156 21.95 -15.46 -6.93
N VAL B 157 21.65 -14.19 -7.17
CA VAL B 157 20.28 -13.72 -7.17
C VAL B 157 20.22 -12.44 -8.00
N ALA B 158 19.07 -12.18 -8.62
CA ALA B 158 18.93 -11.00 -9.43
C ALA B 158 17.47 -10.57 -9.44
N LYS B 159 17.24 -9.30 -9.68
CA LYS B 159 15.87 -8.80 -9.71
C LYS B 159 15.74 -7.61 -10.64
N VAL B 160 14.54 -7.42 -11.18
CA VAL B 160 14.26 -6.31 -12.09
C VAL B 160 12.99 -5.57 -11.65
N SER B 161 12.99 -4.26 -11.84
CA SER B 161 11.84 -3.44 -11.46
C SER B 161 10.78 -3.40 -12.57
N PRO B 162 9.50 -3.45 -12.21
CA PRO B 162 8.43 -3.40 -13.22
C PRO B 162 8.18 -1.98 -13.70
N ARG B 163 7.30 -1.80 -14.68
CA ARG B 163 7.00 -0.47 -15.22
C ARG B 163 6.36 0.45 -14.19
N ALA B 164 6.79 1.71 -14.18
CA ALA B 164 6.27 2.71 -13.24
C ALA B 164 4.94 3.29 -13.70
N LYS B 165 4.99 4.16 -14.70
CA LYS B 165 3.79 4.78 -15.26
C LYS B 165 4.12 5.64 -16.49
N GLU B 166 4.90 6.70 -16.28
CA GLU B 166 5.26 7.58 -17.38
C GLU B 166 6.73 7.44 -17.80
N GLY B 167 7.43 8.57 -17.86
CA GLY B 167 8.84 8.59 -18.25
C GLY B 167 9.75 7.88 -17.28
N GLY B 168 11.00 7.71 -17.68
CA GLY B 168 11.96 7.03 -16.83
C GLY B 168 12.16 5.60 -17.30
N ARG B 169 13.13 4.90 -16.71
CA ARG B 169 13.43 3.53 -17.09
C ARG B 169 13.10 2.47 -16.03
N GLN B 170 13.82 1.36 -16.11
CA GLN B 170 13.65 0.25 -15.18
C GLN B 170 15.04 -0.31 -14.91
N VAL B 171 15.21 -0.96 -13.77
CA VAL B 171 16.52 -1.48 -13.42
C VAL B 171 16.58 -2.97 -13.09
N ILE B 172 17.77 -3.53 -13.29
CA ILE B 172 18.06 -4.92 -12.98
C ILE B 172 19.19 -4.88 -11.96
N CYS B 173 19.08 -5.72 -10.93
CA CYS B 173 20.08 -5.79 -9.87
C CYS B 173 20.66 -7.20 -9.77
N VAL B 174 21.98 -7.29 -9.73
CA VAL B 174 22.67 -8.57 -9.60
C VAL B 174 23.58 -8.47 -8.39
N TYR B 175 23.16 -9.13 -7.31
CA TYR B 175 23.91 -9.12 -6.06
C TYR B 175 25.08 -10.09 -5.94
N THR B 176 26.02 -9.73 -5.07
CA THR B 176 27.17 -10.57 -4.75
C THR B 176 27.30 -10.45 -3.22
N ASP B 177 28.05 -11.35 -2.58
CA ASP B 177 28.15 -11.25 -1.13
C ASP B 177 29.51 -10.91 -0.58
N ASP B 178 30.01 -9.72 -0.94
CA ASP B 178 31.30 -9.25 -0.46
C ASP B 178 31.81 -8.12 -1.37
N PHE B 179 31.35 -6.91 -1.11
CA PHE B 179 31.78 -5.78 -1.91
C PHE B 179 33.27 -5.56 -1.76
N THR B 180 33.89 -6.25 -0.81
CA THR B 180 35.32 -6.09 -0.59
C THR B 180 36.05 -7.20 -1.31
N ASP B 181 35.30 -8.14 -1.88
CA ASP B 181 35.85 -9.27 -2.61
C ASP B 181 35.78 -9.09 -4.13
N ARG B 182 36.81 -8.48 -4.69
CA ARG B 182 36.90 -8.20 -6.11
C ARG B 182 36.61 -9.33 -7.09
N LEU B 183 37.34 -10.43 -6.97
CA LEU B 183 37.15 -11.55 -7.88
C LEU B 183 35.66 -11.88 -7.99
N GLY B 184 35.01 -11.98 -6.84
CA GLY B 184 33.58 -12.26 -6.85
C GLY B 184 32.85 -11.25 -7.73
N VAL B 185 33.29 -10.00 -7.68
CA VAL B 185 32.69 -8.95 -8.49
C VAL B 185 32.84 -9.27 -9.98
N LEU B 186 34.03 -9.73 -10.38
CA LEU B 186 34.26 -10.09 -11.76
C LEU B 186 33.40 -11.28 -12.11
N GLU B 187 33.00 -12.04 -11.11
CA GLU B 187 32.17 -13.20 -11.36
C GLU B 187 30.81 -12.70 -11.85
N ALA B 188 30.15 -11.85 -11.06
CA ALA B 188 28.86 -11.32 -11.45
C ALA B 188 28.98 -10.52 -12.76
N ASP B 189 30.00 -9.67 -12.83
CA ASP B 189 30.26 -8.84 -14.01
C ASP B 189 30.35 -9.75 -15.22
N SER B 190 31.23 -10.75 -15.13
CA SER B 190 31.44 -11.70 -16.22
C SER B 190 30.22 -12.54 -16.56
N ALA B 191 29.43 -12.92 -15.55
CA ALA B 191 28.24 -13.71 -15.80
C ALA B 191 27.21 -12.86 -16.54
N ILE B 192 27.11 -11.60 -16.13
CA ILE B 192 26.17 -10.71 -16.78
C ILE B 192 26.44 -10.67 -18.27
N ARG B 193 27.66 -10.30 -18.67
CA ARG B 193 28.03 -10.18 -20.08
C ARG B 193 27.74 -11.47 -20.85
N ALA B 194 27.99 -12.60 -20.21
CA ALA B 194 27.74 -13.88 -20.86
C ALA B 194 26.25 -14.01 -21.16
N ALA B 195 25.46 -13.08 -20.64
CA ALA B 195 24.01 -13.06 -20.87
C ALA B 195 23.63 -12.11 -22.01
N GLY B 196 24.26 -10.94 -22.08
CA GLY B 196 23.94 -10.04 -23.15
C GLY B 196 23.94 -8.53 -22.93
N ILE B 197 24.01 -8.06 -21.69
CA ILE B 197 23.99 -6.62 -21.45
C ILE B 197 25.31 -5.93 -21.81
N LYS B 198 25.20 -4.77 -22.47
CA LYS B 198 26.38 -4.03 -22.90
C LYS B 198 26.45 -2.60 -22.38
N CYS B 199 25.42 -2.16 -21.67
CA CYS B 199 25.36 -0.81 -21.13
C CYS B 199 26.24 -0.62 -19.89
N LEU B 200 26.34 0.62 -19.44
CA LEU B 200 27.12 0.97 -18.26
C LEU B 200 26.69 0.09 -17.10
N LEU B 201 27.67 -0.36 -16.32
CA LEU B 201 27.42 -1.21 -15.18
C LEU B 201 28.26 -0.76 -14.00
N THR B 202 27.60 -0.13 -13.03
CA THR B 202 28.26 0.33 -11.81
C THR B 202 27.89 -0.61 -10.69
N TYR B 203 28.68 -0.62 -9.61
CA TYR B 203 28.42 -1.49 -8.48
C TYR B 203 28.23 -0.74 -7.17
N LYS B 204 27.11 -1.02 -6.51
CA LYS B 204 26.80 -0.36 -5.25
C LYS B 204 26.60 -1.36 -4.12
N PRO B 205 27.60 -1.48 -3.23
CA PRO B 205 27.49 -2.42 -2.10
C PRO B 205 26.31 -2.13 -1.17
N ASP B 206 25.73 -3.17 -0.58
CA ASP B 206 24.60 -2.97 0.32
C ASP B 206 24.81 -1.94 1.44
N VAL B 207 26.02 -1.85 2.00
CA VAL B 207 26.27 -0.88 3.05
C VAL B 207 26.04 0.55 2.58
N TYR B 208 25.69 0.72 1.30
CA TYR B 208 25.39 2.03 0.77
C TYR B 208 23.87 2.17 0.71
N THR B 209 23.20 1.10 0.31
CA THR B 209 21.74 1.09 0.22
C THR B 209 21.09 0.89 1.59
N TYR B 210 21.63 -0.04 2.36
CA TYR B 210 21.11 -0.32 3.71
C TYR B 210 21.14 0.95 4.55
N LEU B 211 21.82 1.98 4.04
CA LEU B 211 21.93 3.25 4.73
C LEU B 211 21.18 4.36 4.01
N GLY B 212 20.62 4.04 2.85
CA GLY B 212 19.86 5.01 2.09
C GLY B 212 20.66 5.98 1.24
N ILE B 213 21.93 6.16 1.61
CA ILE B 213 22.83 7.06 0.90
C ILE B 213 22.65 7.02 -0.61
N TYR B 214 22.24 8.14 -1.19
CA TYR B 214 22.02 8.22 -2.63
C TYR B 214 23.23 8.82 -3.35
N ARG B 215 23.08 9.08 -4.64
CA ARG B 215 24.18 9.62 -5.45
C ARG B 215 24.51 11.09 -5.18
N ALA B 216 23.65 11.78 -4.45
CA ALA B 216 23.91 13.18 -4.16
C ALA B 216 24.14 13.43 -2.67
N ASN B 217 24.60 12.42 -1.95
CA ASN B 217 24.83 12.55 -0.51
C ASN B 217 25.56 13.87 -0.22
N ARG B 218 25.42 14.36 1.01
CA ARG B 218 26.03 15.63 1.40
C ARG B 218 27.52 15.53 1.64
N TRP B 219 28.02 14.30 1.71
CA TRP B 219 29.44 14.06 1.97
C TRP B 219 30.26 13.92 0.70
N HIS B 220 29.60 14.02 -0.45
CA HIS B 220 30.27 13.90 -1.74
C HIS B 220 30.90 12.52 -1.90
N LEU B 221 30.23 11.51 -1.38
CA LEU B 221 30.71 10.14 -1.48
C LEU B 221 30.33 9.54 -2.83
N CYS B 222 31.20 8.72 -3.38
CA CYS B 222 30.88 8.07 -4.65
C CYS B 222 30.08 6.84 -4.26
N PRO B 223 28.76 6.88 -4.50
CA PRO B 223 27.92 5.74 -4.14
C PRO B 223 28.20 4.49 -5.00
N THR B 224 29.26 4.55 -5.81
CA THR B 224 29.65 3.43 -6.67
C THR B 224 31.07 2.96 -6.39
N LEU B 225 31.23 1.66 -6.15
CA LEU B 225 32.55 1.11 -5.88
C LEU B 225 33.20 0.58 -7.15
N TYR B 226 32.44 -0.17 -7.96
CA TYR B 226 32.96 -0.73 -9.19
C TYR B 226 32.22 -0.22 -10.41
N GLU B 227 32.93 -0.25 -11.54
CA GLU B 227 32.42 0.21 -12.83
C GLU B 227 32.77 -0.80 -13.91
N SER B 228 31.85 -1.02 -14.84
CA SER B 228 32.08 -1.94 -15.93
C SER B 228 31.62 -1.35 -17.26
N ARG B 229 32.58 -1.01 -18.12
CA ARG B 229 32.29 -0.44 -19.43
C ARG B 229 32.43 -1.54 -20.47
N PHE B 230 31.41 -1.74 -21.29
CA PHE B 230 31.51 -2.75 -22.32
C PHE B 230 32.27 -2.19 -23.53
N GLN B 231 33.14 -3.00 -24.10
CA GLN B 231 33.91 -2.55 -25.23
C GLN B 231 33.62 -3.37 -26.49
N LEU B 232 33.08 -2.70 -27.51
CA LEU B 232 32.74 -3.33 -28.78
C LEU B 232 33.92 -3.30 -29.72
N GLY B 233 33.85 -4.10 -30.78
CA GLY B 233 34.92 -4.11 -31.77
C GLY B 233 35.88 -5.27 -31.77
N GLY B 234 36.11 -5.89 -30.62
CA GLY B 234 37.02 -7.02 -30.58
C GLY B 234 38.49 -6.64 -30.64
N SER B 235 38.81 -5.40 -30.29
CA SER B 235 40.20 -4.92 -30.27
C SER B 235 40.50 -4.51 -28.84
N ALA B 236 39.62 -4.93 -27.94
CA ALA B 236 39.72 -4.66 -26.51
C ALA B 236 38.91 -5.74 -25.78
N ARG B 237 39.13 -5.85 -24.47
CA ARG B 237 38.39 -6.82 -23.68
C ARG B 237 36.92 -6.44 -23.76
N GLY B 238 36.06 -7.42 -23.99
CA GLY B 238 34.64 -7.14 -24.07
C GLY B 238 34.19 -6.27 -22.91
N SER B 239 34.83 -6.42 -21.76
CA SER B 239 34.47 -5.64 -20.57
C SER B 239 35.66 -5.03 -19.82
N ARG B 240 35.49 -3.78 -19.36
CA ARG B 240 36.53 -3.07 -18.64
C ARG B 240 36.04 -2.74 -17.22
N VAL B 241 36.51 -3.51 -16.24
CA VAL B 241 36.11 -3.31 -14.85
C VAL B 241 37.09 -2.44 -14.09
N LEU B 242 36.56 -1.45 -13.37
CA LEU B 242 37.39 -0.53 -12.61
C LEU B 242 36.85 -0.15 -11.23
N ASP B 243 37.47 -0.66 -10.16
CA ASP B 243 37.03 -0.28 -8.81
C ASP B 243 37.57 1.13 -8.67
N ARG B 244 36.70 2.08 -8.37
CA ARG B 244 37.11 3.48 -8.27
C ARG B 244 37.77 3.90 -6.96
N ALA B 245 37.43 3.20 -5.88
CA ALA B 245 38.00 3.55 -4.58
C ALA B 245 39.53 3.40 -4.58
N ASN B 246 40.08 2.82 -5.64
CA ASN B 246 41.52 2.60 -5.72
C ASN B 246 42.11 2.78 -7.12
N ASN B 247 41.27 2.73 -8.14
CA ASN B 247 41.75 2.86 -9.52
C ASN B 247 42.67 1.69 -9.81
N VAL B 248 42.05 0.52 -9.95
CA VAL B 248 42.74 -0.73 -10.22
C VAL B 248 41.94 -1.49 -11.28
N GLU B 249 42.41 -1.53 -12.51
CA GLU B 249 41.69 -2.25 -13.54
C GLU B 249 41.68 -3.73 -13.18
N LEU B 250 40.60 -4.18 -12.57
CA LEU B 250 40.49 -5.58 -12.18
C LEU B 250 40.65 -6.40 -13.46
N THR B 251 40.34 -5.74 -14.57
CA THR B 251 40.40 -6.24 -15.94
C THR B 251 38.99 -6.25 -16.54
N MSE C 30 -39.93 7.90 -1.40
CA MSE C 30 -39.64 6.45 -1.61
C MSE C 30 -38.33 6.32 -2.38
O MSE C 30 -37.59 7.29 -2.50
CB MSE C 30 -40.76 5.80 -2.41
CG MSE C 30 -42.16 6.26 -2.03
SE MSE C 30 -42.63 5.91 -0.19
CE MSE C 30 -43.85 4.44 -0.47
N ALA C 31 -38.06 5.13 -2.89
CA ALA C 31 -36.85 4.88 -3.67
C ALA C 31 -37.11 5.27 -5.12
N ALA C 32 -36.29 6.19 -5.64
CA ALA C 32 -36.44 6.68 -7.00
C ALA C 32 -35.93 5.68 -8.04
N ASP C 33 -34.73 5.17 -7.84
CA ASP C 33 -34.13 4.23 -8.78
C ASP C 33 -34.41 2.78 -8.40
N MSE C 34 -35.56 2.28 -8.84
CA MSE C 34 -35.98 0.92 -8.54
C MSE C 34 -35.56 -0.08 -9.62
O MSE C 34 -35.45 -1.27 -9.34
CB MSE C 34 -37.51 0.85 -8.39
CG MSE C 34 -38.09 1.50 -7.12
SE MSE C 34 -40.06 1.69 -7.14
CE MSE C 34 -40.12 3.52 -7.70
N ASP C 35 -35.31 0.40 -10.84
CA ASP C 35 -34.95 -0.48 -11.94
C ASP C 35 -33.52 -1.02 -11.93
N PRO C 36 -33.27 -2.08 -12.71
CA PRO C 36 -31.93 -2.68 -12.80
C PRO C 36 -31.00 -1.66 -13.45
N TRP C 37 -29.76 -2.09 -13.67
CA TRP C 37 -28.75 -1.25 -14.31
C TRP C 37 -27.99 -2.10 -15.33
N LEU C 38 -27.78 -1.55 -16.53
CA LEU C 38 -27.00 -2.24 -17.56
C LEU C 38 -25.56 -1.93 -17.17
N VAL C 39 -24.82 -2.97 -16.80
CA VAL C 39 -23.46 -2.78 -16.31
C VAL C 39 -22.37 -3.63 -16.94
N PHE C 40 -21.25 -3.01 -17.26
CA PHE C 40 -20.10 -3.77 -17.74
C PHE C 40 -19.12 -3.73 -16.58
N ASP C 41 -18.89 -4.88 -15.95
CA ASP C 41 -17.98 -4.92 -14.81
C ASP C 41 -16.63 -5.42 -15.29
N ALA C 42 -15.68 -4.51 -15.44
CA ALA C 42 -14.34 -4.88 -15.91
C ALA C 42 -13.56 -5.70 -14.88
N ARG C 43 -14.09 -5.82 -13.67
CA ARG C 43 -13.43 -6.59 -12.63
C ARG C 43 -13.68 -8.07 -12.86
N THR C 44 -14.83 -8.38 -13.45
CA THR C 44 -15.20 -9.77 -13.70
C THR C 44 -15.35 -10.11 -15.18
N THR C 45 -15.16 -9.12 -16.07
CA THR C 45 -15.32 -9.36 -17.50
C THR C 45 -14.08 -9.00 -18.32
N PRO C 46 -13.72 -9.87 -19.28
CA PRO C 46 -12.56 -9.67 -20.16
C PRO C 46 -12.75 -8.40 -20.99
N ALA C 47 -11.79 -7.49 -20.89
CA ALA C 47 -11.82 -6.22 -21.60
C ALA C 47 -12.19 -6.35 -23.06
N THR C 48 -11.75 -7.43 -23.70
CA THR C 48 -12.03 -7.63 -25.11
C THR C 48 -13.52 -7.85 -25.37
N GLU C 49 -14.32 -7.73 -24.32
CA GLU C 49 -15.76 -7.92 -24.46
C GLU C 49 -16.46 -6.57 -24.51
N LEU C 50 -15.79 -5.52 -24.08
CA LEU C 50 -16.39 -4.18 -24.07
C LEU C 50 -17.09 -3.79 -25.37
N ASP C 51 -16.34 -3.74 -26.46
CA ASP C 51 -16.88 -3.34 -27.77
C ASP C 51 -18.21 -4.00 -28.16
N ALA C 52 -18.34 -5.30 -27.93
CA ALA C 52 -19.58 -5.98 -28.26
C ALA C 52 -20.71 -5.46 -27.38
N TRP C 53 -20.37 -5.16 -26.14
CA TRP C 53 -21.34 -4.64 -25.19
C TRP C 53 -21.81 -3.26 -25.64
N LEU C 54 -20.86 -2.37 -25.89
CA LEU C 54 -21.18 -1.01 -26.33
C LEU C 54 -22.01 -1.08 -27.59
N ALA C 55 -21.61 -1.97 -28.50
CA ALA C 55 -22.31 -2.14 -29.77
C ALA C 55 -23.77 -2.51 -29.57
N LYS C 56 -24.03 -3.32 -28.56
CA LYS C 56 -25.38 -3.77 -28.27
C LYS C 56 -26.23 -2.83 -27.42
N TYR C 57 -25.59 -2.04 -26.57
CA TYR C 57 -26.33 -1.15 -25.70
C TYR C 57 -26.01 0.34 -25.81
N PRO C 58 -26.00 0.90 -27.02
CA PRO C 58 -25.69 2.34 -27.08
C PRO C 58 -26.81 3.14 -26.40
N PRO C 59 -26.45 4.10 -25.53
CA PRO C 59 -27.45 4.92 -24.83
C PRO C 59 -28.34 5.78 -25.74
N SER C 60 -28.12 5.68 -27.05
CA SER C 60 -28.91 6.42 -28.03
C SER C 60 -30.17 5.63 -28.30
N GLN C 61 -30.07 4.32 -28.13
CA GLN C 61 -31.17 3.43 -28.39
C GLN C 61 -31.81 2.89 -27.11
N VAL C 62 -30.97 2.67 -26.10
CA VAL C 62 -31.43 2.16 -24.81
C VAL C 62 -32.37 3.18 -24.16
N THR C 63 -33.60 2.76 -23.86
CA THR C 63 -34.57 3.67 -23.26
C THR C 63 -34.87 3.32 -21.81
N ARG C 64 -35.24 4.34 -21.06
CA ARG C 64 -35.54 4.20 -19.64
C ARG C 64 -36.51 3.07 -19.29
N TYR C 65 -37.64 2.99 -20.00
CA TYR C 65 -38.65 1.97 -19.69
C TYR C 65 -38.67 0.70 -20.52
N GLY C 66 -37.69 0.54 -21.41
CA GLY C 66 -37.68 -0.65 -22.23
C GLY C 66 -38.86 -0.65 -23.19
N ASP C 67 -39.10 0.51 -23.80
CA ASP C 67 -40.18 0.68 -24.78
C ASP C 67 -40.00 -0.26 -25.97
N PRO C 68 -41.11 -0.59 -26.65
CA PRO C 68 -41.04 -1.48 -27.81
C PRO C 68 -40.00 -0.92 -28.79
N GLY C 69 -39.00 -1.72 -29.15
CA GLY C 69 -37.97 -1.26 -30.05
C GLY C 69 -36.61 -1.19 -29.37
N SER C 70 -36.62 -1.08 -28.04
CA SER C 70 -35.40 -1.00 -27.26
C SER C 70 -34.61 -2.30 -27.23
N PRO C 71 -33.27 -2.21 -27.22
CA PRO C 71 -32.48 -3.44 -27.16
C PRO C 71 -32.72 -4.12 -25.82
N ASN C 72 -33.38 -3.38 -24.92
CA ASN C 72 -33.73 -3.85 -23.59
C ASN C 72 -35.25 -3.92 -23.41
N SER C 73 -35.74 -5.04 -22.90
CA SER C 73 -37.19 -5.20 -22.70
C SER C 73 -37.59 -4.82 -21.28
N GLU C 74 -36.60 -4.69 -20.41
CA GLU C 74 -36.83 -4.31 -19.02
C GLU C 74 -36.44 -2.85 -18.83
N PRO C 75 -37.09 -2.15 -17.90
CA PRO C 75 -36.74 -0.75 -17.66
C PRO C 75 -35.31 -0.73 -17.09
N VAL C 76 -34.46 0.15 -17.61
CA VAL C 76 -33.09 0.25 -17.15
C VAL C 76 -32.87 1.63 -16.55
N GLY C 77 -32.42 1.67 -15.29
CA GLY C 77 -32.19 2.94 -14.62
C GLY C 77 -30.90 3.61 -15.05
N TRP C 78 -29.86 2.82 -15.25
CA TRP C 78 -28.55 3.33 -15.66
C TRP C 78 -27.74 2.27 -16.37
N ILE C 79 -26.92 2.70 -17.32
CA ILE C 79 -26.01 1.82 -18.03
C ILE C 79 -24.69 2.28 -17.41
N ALA C 80 -23.89 1.35 -16.90
CA ALA C 80 -22.64 1.74 -16.24
C ALA C 80 -21.48 0.79 -16.43
N VAL C 81 -20.26 1.33 -16.31
CA VAL C 81 -19.05 0.54 -16.43
C VAL C 81 -18.24 0.65 -15.14
N TYR C 82 -17.75 -0.49 -14.65
CA TYR C 82 -16.96 -0.48 -13.43
C TYR C 82 -15.53 -0.90 -13.76
N GLY C 83 -14.58 -0.03 -13.40
CA GLY C 83 -13.18 -0.32 -13.68
C GLY C 83 -12.54 -1.04 -12.52
N GLN C 84 -11.24 -1.27 -12.58
CA GLN C 84 -10.56 -1.96 -11.50
C GLN C 84 -10.32 -0.98 -10.35
N GLY C 85 -10.30 -1.50 -9.14
CA GLY C 85 -10.09 -0.67 -7.98
C GLY C 85 -11.36 -0.02 -7.47
N TYR C 86 -12.38 0.01 -8.31
CA TYR C 86 -13.64 0.63 -7.91
C TYR C 86 -14.19 -0.07 -6.68
N SER C 87 -14.59 0.72 -5.69
CA SER C 87 -15.16 0.20 -4.45
C SER C 87 -15.65 1.34 -3.57
N PRO C 88 -16.59 1.05 -2.66
CA PRO C 88 -17.08 2.11 -1.79
C PRO C 88 -15.99 2.61 -0.85
N ASN C 89 -15.69 3.91 -0.94
CA ASN C 89 -14.69 4.57 -0.10
C ASN C 89 -15.40 5.48 0.89
N SER C 90 -16.61 5.89 0.53
CA SER C 90 -17.44 6.79 1.34
C SER C 90 -17.36 6.67 2.87
N GLY C 91 -17.87 7.70 3.53
CA GLY C 91 -17.90 7.76 4.98
C GLY C 91 -19.32 7.50 5.45
N ASP C 92 -20.16 8.53 5.49
CA ASP C 92 -21.55 8.35 5.89
C ASP C 92 -22.44 9.58 5.92
N VAL C 93 -23.50 9.53 5.10
CA VAL C 93 -24.44 10.63 5.01
C VAL C 93 -25.15 10.91 6.34
N GLN C 94 -25.34 9.87 7.14
CA GLN C 94 -25.96 10.03 8.45
C GLN C 94 -25.00 10.92 9.23
N GLY C 95 -23.72 10.56 9.15
CA GLY C 95 -22.69 11.32 9.81
C GLY C 95 -22.46 12.61 9.04
N LEU C 96 -23.44 12.99 8.23
CA LEU C 96 -23.36 14.23 7.46
C LEU C 96 -24.60 15.10 7.68
N GLN C 97 -25.76 14.47 7.64
CA GLN C 97 -27.03 15.18 7.83
C GLN C 97 -27.05 15.94 9.16
N ALA C 98 -26.50 15.30 10.21
CA ALA C 98 -26.45 15.87 11.55
C ALA C 98 -25.72 17.22 11.56
N ALA C 99 -24.63 17.31 10.83
CA ALA C 99 -23.88 18.55 10.77
C ALA C 99 -24.70 19.54 9.96
N TRP C 100 -25.39 19.05 8.93
CA TRP C 100 -26.22 19.89 8.08
C TRP C 100 -27.49 20.31 8.83
N GLU C 101 -27.64 19.77 10.04
CA GLU C 101 -28.79 20.08 10.89
C GLU C 101 -28.35 21.14 11.91
N ALA C 102 -27.20 20.91 12.51
CA ALA C 102 -26.65 21.83 13.49
C ALA C 102 -26.28 23.13 12.79
N LEU C 103 -25.83 22.99 11.54
CA LEU C 103 -25.43 24.11 10.73
C LEU C 103 -26.58 25.09 10.51
N GLN C 104 -27.75 24.56 10.21
CA GLN C 104 -28.92 25.39 9.96
C GLN C 104 -29.51 25.96 11.24
N THR C 105 -28.71 26.03 12.28
CA THR C 105 -29.16 26.57 13.57
C THR C 105 -28.14 27.56 14.09
N SER C 106 -26.86 27.23 13.92
CA SER C 106 -25.78 28.09 14.38
C SER C 106 -25.87 29.49 13.78
N GLY C 107 -26.69 29.63 12.75
CA GLY C 107 -26.84 30.91 12.10
C GLY C 107 -25.58 31.28 11.33
N ARG C 108 -24.50 30.55 11.60
CA ARG C 108 -23.23 30.78 10.95
C ARG C 108 -23.39 30.73 9.43
N PRO C 109 -22.51 31.43 8.70
CA PRO C 109 -22.56 31.48 7.23
C PRO C 109 -22.45 30.13 6.52
N ILE C 110 -23.18 29.99 5.42
CA ILE C 110 -23.16 28.77 4.64
C ILE C 110 -22.39 29.04 3.35
N THR C 111 -21.14 28.61 3.31
CA THR C 111 -20.31 28.83 2.14
C THR C 111 -19.73 27.53 1.58
N PRO C 112 -19.12 27.58 0.40
CA PRO C 112 -18.54 26.37 -0.19
C PRO C 112 -17.61 25.65 0.78
N GLY C 113 -16.67 26.39 1.35
CA GLY C 113 -15.74 25.82 2.30
C GLY C 113 -16.48 25.31 3.52
N THR C 114 -17.60 25.95 3.84
CA THR C 114 -18.41 25.52 4.98
C THR C 114 -18.76 24.07 4.72
N LEU C 115 -19.36 23.81 3.56
CA LEU C 115 -19.75 22.47 3.19
C LEU C 115 -18.52 21.59 2.95
N ARG C 116 -17.45 22.22 2.47
CA ARG C 116 -16.21 21.49 2.20
C ARG C 116 -15.72 20.83 3.49
N GLN C 117 -15.77 21.58 4.58
CA GLN C 117 -15.33 21.07 5.87
C GLN C 117 -16.32 20.02 6.34
N LEU C 118 -17.62 20.28 6.13
CA LEU C 118 -18.64 19.33 6.50
C LEU C 118 -18.38 18.03 5.74
N ALA C 119 -17.76 18.12 4.57
CA ALA C 119 -17.46 16.96 3.73
C ALA C 119 -16.23 16.15 4.17
N ILE C 120 -15.13 16.84 4.41
CA ILE C 120 -13.90 16.18 4.82
C ILE C 120 -14.12 15.49 6.15
N THR C 121 -14.37 16.30 7.18
CA THR C 121 -14.59 15.80 8.53
C THR C 121 -15.46 14.56 8.55
N HIS C 122 -16.44 14.51 7.65
CA HIS C 122 -17.37 13.41 7.60
C HIS C 122 -17.16 12.43 6.47
N HIS C 123 -16.02 12.56 5.79
CA HIS C 123 -15.64 11.64 4.71
C HIS C 123 -16.62 11.49 3.52
N VAL C 124 -17.23 12.58 3.10
CA VAL C 124 -18.13 12.56 1.94
C VAL C 124 -17.40 13.49 0.95
N LEU C 125 -16.40 12.92 0.27
CA LEU C 125 -15.55 13.68 -0.65
C LEU C 125 -15.66 13.33 -2.14
N SER C 126 -16.37 12.25 -2.43
CA SER C 126 -16.55 11.81 -3.81
C SER C 126 -17.46 12.78 -4.55
N GLY C 127 -17.22 12.93 -5.85
CA GLY C 127 -18.03 13.83 -6.65
C GLY C 127 -18.12 13.31 -8.08
N LYS C 128 -18.76 14.07 -8.97
CA LYS C 128 -18.92 13.61 -10.33
C LYS C 128 -18.77 14.66 -11.43
N TRP C 129 -18.10 14.27 -12.51
CA TRP C 129 -17.93 15.11 -13.69
C TRP C 129 -19.17 14.80 -14.50
N LEU C 130 -19.93 15.83 -14.88
CA LEU C 130 -21.14 15.66 -15.68
C LEU C 130 -21.04 16.32 -17.05
N MSE C 131 -21.88 15.88 -17.97
CA MSE C 131 -21.89 16.45 -19.31
C MSE C 131 -23.16 16.00 -20.01
O MSE C 131 -23.61 14.86 -19.84
CB MSE C 131 -20.65 15.99 -20.08
CG MSE C 131 -20.58 14.48 -20.34
SE MSE C 131 -18.77 13.82 -20.56
CE MSE C 131 -18.36 13.54 -18.70
N HIS C 132 -23.74 16.91 -20.79
CA HIS C 132 -24.96 16.65 -21.53
C HIS C 132 -24.67 16.78 -23.02
N LEU C 133 -24.34 15.65 -23.64
CA LEU C 133 -24.01 15.65 -25.06
C LEU C 133 -25.18 15.49 -26.00
N ALA C 134 -24.99 15.96 -27.24
CA ALA C 134 -25.98 15.87 -28.29
C ALA C 134 -26.17 14.39 -28.62
N PRO C 135 -27.41 13.88 -28.51
CA PRO C 135 -27.74 12.48 -28.80
C PRO C 135 -27.19 11.98 -30.14
N GLY C 136 -27.63 10.79 -30.52
CA GLY C 136 -27.18 10.20 -31.75
C GLY C 136 -25.77 9.64 -31.72
N PHE C 137 -25.08 9.79 -32.85
CA PHE C 137 -23.73 9.28 -32.97
C PHE C 137 -22.72 10.05 -32.11
N LYS C 138 -22.83 11.38 -32.08
CA LYS C 138 -21.91 12.18 -31.27
C LYS C 138 -22.15 11.79 -29.83
N LEU C 139 -22.96 10.75 -29.65
CA LEU C 139 -23.27 10.25 -28.31
C LEU C 139 -22.68 8.85 -28.10
N ASP C 140 -22.81 7.96 -29.08
CA ASP C 140 -22.28 6.61 -28.90
C ASP C 140 -20.76 6.71 -28.76
N HIS C 141 -20.22 7.83 -29.22
CA HIS C 141 -18.79 8.12 -29.17
C HIS C 141 -18.31 8.52 -27.76
N ALA C 142 -18.88 9.61 -27.25
CA ALA C 142 -18.52 10.11 -25.93
C ALA C 142 -18.46 8.97 -24.92
N TRP C 143 -19.55 8.19 -24.87
CA TRP C 143 -19.67 7.06 -23.97
C TRP C 143 -18.66 5.97 -24.31
N ALA C 144 -18.68 5.48 -25.55
CA ALA C 144 -17.73 4.46 -25.99
C ALA C 144 -16.31 4.83 -25.60
N GLY C 145 -15.96 6.10 -25.77
CA GLY C 145 -14.62 6.56 -25.43
C GLY C 145 -14.36 6.46 -23.93
N ILE C 146 -15.35 6.87 -23.14
CA ILE C 146 -15.28 6.81 -21.70
C ILE C 146 -15.23 5.36 -21.23
N ALA C 147 -16.07 4.51 -21.83
CA ALA C 147 -16.10 3.10 -21.46
C ALA C 147 -14.69 2.52 -21.52
N ARG C 148 -13.99 2.77 -22.61
CA ARG C 148 -12.62 2.28 -22.76
C ARG C 148 -11.76 2.79 -21.59
N ALA C 149 -11.69 4.11 -21.42
CA ALA C 149 -10.89 4.68 -20.35
C ALA C 149 -11.09 3.95 -19.00
N VAL C 150 -12.33 3.54 -18.72
CA VAL C 150 -12.65 2.84 -17.48
C VAL C 150 -12.13 1.40 -17.55
N VAL C 151 -12.47 0.68 -18.60
CA VAL C 151 -12.02 -0.69 -18.73
C VAL C 151 -10.50 -0.79 -18.75
N GLU C 152 -9.83 0.23 -19.30
CA GLU C 152 -8.39 0.23 -19.36
C GLU C 152 -7.80 0.62 -18.02
N GLY C 153 -8.60 1.33 -17.21
CA GLY C 153 -8.15 1.75 -15.89
C GLY C 153 -7.89 3.23 -15.63
N ARG C 154 -8.13 4.08 -16.62
CA ARG C 154 -7.88 5.51 -16.44
C ARG C 154 -9.06 6.21 -15.79
N LEU C 155 -10.14 5.46 -15.55
CA LEU C 155 -11.34 5.97 -14.89
C LEU C 155 -11.88 4.83 -14.05
N GLN C 156 -12.45 5.16 -12.89
CA GLN C 156 -12.96 4.15 -11.96
C GLN C 156 -14.37 3.66 -12.27
N VAL C 157 -15.27 4.59 -12.59
CA VAL C 157 -16.65 4.25 -12.91
C VAL C 157 -17.27 5.37 -13.72
N ALA C 158 -18.30 5.04 -14.48
CA ALA C 158 -19.01 6.03 -15.31
C ALA C 158 -20.42 5.57 -15.60
N LYS C 159 -21.39 6.46 -15.39
CA LYS C 159 -22.78 6.12 -15.66
C LYS C 159 -23.28 6.87 -16.88
N VAL C 160 -24.04 6.17 -17.72
CA VAL C 160 -24.64 6.79 -18.88
C VAL C 160 -26.13 6.49 -18.74
N SER C 161 -26.95 7.52 -18.83
CA SER C 161 -28.39 7.36 -18.68
C SER C 161 -29.07 7.02 -20.01
N PRO C 162 -30.15 6.23 -19.95
CA PRO C 162 -30.87 5.85 -21.16
C PRO C 162 -31.74 6.99 -21.67
N ARG C 163 -32.14 6.90 -22.94
CA ARG C 163 -32.96 7.91 -23.59
C ARG C 163 -34.34 8.03 -22.93
N ALA C 164 -34.77 9.27 -22.70
CA ALA C 164 -36.07 9.53 -22.10
C ALA C 164 -37.09 9.87 -23.19
N LYS C 165 -38.29 10.24 -22.78
CA LYS C 165 -39.36 10.56 -23.72
C LYS C 165 -39.08 11.87 -24.47
N GLU C 166 -39.00 12.96 -23.72
CA GLU C 166 -38.74 14.26 -24.33
C GLU C 166 -37.51 14.13 -25.20
N GLY C 167 -36.47 13.52 -24.64
CA GLY C 167 -35.24 13.30 -25.37
C GLY C 167 -34.17 14.37 -25.21
N GLY C 168 -33.62 14.79 -26.34
CA GLY C 168 -32.58 15.79 -26.34
C GLY C 168 -31.29 15.24 -25.77
N ARG C 169 -30.36 16.12 -25.44
CA ARG C 169 -29.09 15.70 -24.89
C ARG C 169 -29.36 14.84 -23.67
N GLN C 170 -28.47 13.87 -23.42
CA GLN C 170 -28.59 12.99 -22.27
C GLN C 170 -27.43 13.27 -21.31
N VAL C 171 -27.23 12.42 -20.31
CA VAL C 171 -26.16 12.65 -19.35
C VAL C 171 -25.18 11.50 -19.12
N ILE C 172 -23.89 11.87 -19.01
CA ILE C 172 -22.81 10.93 -18.72
C ILE C 172 -22.24 11.34 -17.37
N CYS C 173 -22.08 10.38 -16.47
CA CYS C 173 -21.54 10.62 -15.14
C CYS C 173 -20.17 9.96 -15.00
N VAL C 174 -19.17 10.75 -14.62
CA VAL C 174 -17.80 10.26 -14.41
C VAL C 174 -17.40 10.64 -12.99
N TYR C 175 -17.22 9.64 -12.13
CA TYR C 175 -16.88 9.84 -10.72
C TYR C 175 -15.39 9.85 -10.40
N THR C 176 -15.02 10.57 -9.34
CA THR C 176 -13.66 10.63 -8.85
C THR C 176 -13.81 10.53 -7.32
N ASP C 177 -12.77 10.08 -6.63
CA ASP C 177 -12.89 9.88 -5.18
C ASP C 177 -12.81 11.06 -4.22
N ASP C 178 -11.91 12.00 -4.48
CA ASP C 178 -11.73 13.16 -3.61
C ASP C 178 -11.86 14.47 -4.38
N PHE C 179 -12.95 15.19 -4.15
CA PHE C 179 -13.14 16.44 -4.88
C PHE C 179 -12.17 17.52 -4.43
N THR C 180 -11.49 17.31 -3.30
CA THR C 180 -10.54 18.29 -2.81
C THR C 180 -9.15 18.06 -3.41
N ASP C 181 -9.00 16.97 -4.17
CA ASP C 181 -7.72 16.69 -4.81
C ASP C 181 -7.71 17.19 -6.25
N ARG C 182 -7.20 18.41 -6.44
CA ARG C 182 -7.14 19.02 -7.77
C ARG C 182 -6.68 18.08 -8.87
N LEU C 183 -5.50 17.49 -8.71
CA LEU C 183 -4.95 16.59 -9.71
C LEU C 183 -5.94 15.47 -10.02
N GLY C 184 -6.66 15.03 -8.99
CA GLY C 184 -7.63 13.98 -9.17
C GLY C 184 -8.69 14.41 -10.16
N VAL C 185 -9.26 15.59 -9.91
CA VAL C 185 -10.28 16.16 -10.78
C VAL C 185 -9.71 16.38 -12.17
N LEU C 186 -8.51 16.96 -12.24
CA LEU C 186 -7.88 17.22 -13.54
C LEU C 186 -7.60 15.95 -14.34
N GLU C 187 -7.06 14.92 -13.69
CA GLU C 187 -6.78 13.66 -14.38
C GLU C 187 -8.08 13.14 -14.98
N ALA C 188 -9.17 13.26 -14.23
CA ALA C 188 -10.47 12.82 -14.70
C ALA C 188 -10.91 13.72 -15.86
N ASP C 189 -10.90 15.03 -15.62
CA ASP C 189 -11.28 15.99 -16.65
C ASP C 189 -10.50 15.64 -17.90
N SER C 190 -9.18 15.60 -17.75
CA SER C 190 -8.29 15.27 -18.84
C SER C 190 -8.78 13.99 -19.50
N ALA C 191 -9.03 12.98 -18.67
CA ALA C 191 -9.49 11.69 -19.17
C ALA C 191 -10.71 11.84 -20.09
N ILE C 192 -11.42 12.95 -19.96
CA ILE C 192 -12.59 13.19 -20.79
C ILE C 192 -12.13 13.87 -22.09
N ARG C 193 -11.13 14.73 -21.98
CA ARG C 193 -10.61 15.42 -23.14
C ARG C 193 -9.92 14.38 -24.04
N ALA C 194 -9.20 13.45 -23.42
CA ALA C 194 -8.51 12.42 -24.20
C ALA C 194 -9.49 11.53 -24.93
N ALA C 195 -10.74 11.51 -24.48
CA ALA C 195 -11.76 10.70 -25.13
C ALA C 195 -12.43 11.49 -26.25
N GLY C 196 -11.97 12.73 -26.44
CA GLY C 196 -12.51 13.55 -27.50
C GLY C 196 -13.71 14.40 -27.16
N ILE C 197 -14.17 14.34 -25.91
CA ILE C 197 -15.32 15.12 -25.48
C ILE C 197 -14.99 16.61 -25.30
N LYS C 198 -15.72 17.44 -26.04
CA LYS C 198 -15.50 18.89 -26.01
C LYS C 198 -16.59 19.73 -25.36
N CYS C 199 -17.59 19.06 -24.81
CA CYS C 199 -18.70 19.76 -24.17
C CYS C 199 -18.31 20.31 -22.82
N LEU C 200 -19.18 21.13 -22.25
CA LEU C 200 -18.94 21.71 -20.94
C LEU C 200 -19.10 20.61 -19.89
N LEU C 201 -18.03 20.36 -19.14
CA LEU C 201 -18.05 19.33 -18.09
C LEU C 201 -18.31 20.03 -16.77
N THR C 202 -19.18 19.44 -15.94
CA THR C 202 -19.47 20.03 -14.65
C THR C 202 -19.38 19.00 -13.53
N TYR C 203 -18.50 19.28 -12.58
CA TYR C 203 -18.25 18.42 -11.44
C TYR C 203 -19.04 18.86 -10.20
N LYS C 204 -19.93 17.98 -9.74
CA LYS C 204 -20.74 18.24 -8.55
C LYS C 204 -20.44 17.23 -7.45
N PRO C 205 -19.84 17.68 -6.33
CA PRO C 205 -19.51 16.80 -5.21
C PRO C 205 -20.74 16.07 -4.70
N ASP C 206 -20.59 14.82 -4.29
CA ASP C 206 -21.74 14.06 -3.78
C ASP C 206 -22.34 14.70 -2.53
N VAL C 207 -21.52 15.36 -1.72
CA VAL C 207 -22.02 16.00 -0.51
C VAL C 207 -23.10 17.04 -0.82
N TYR C 208 -22.85 17.90 -1.79
CA TYR C 208 -23.83 18.90 -2.17
C TYR C 208 -25.10 18.19 -2.64
N THR C 209 -24.92 17.00 -3.19
CA THR C 209 -26.01 16.18 -3.70
C THR C 209 -26.79 15.51 -2.58
N TYR C 210 -26.08 14.96 -1.60
CA TYR C 210 -26.74 14.27 -0.48
C TYR C 210 -27.45 15.22 0.46
N LEU C 211 -27.14 16.50 0.38
CA LEU C 211 -27.78 17.48 1.25
C LEU C 211 -28.95 18.13 0.55
N GLY C 212 -29.20 17.73 -0.69
CA GLY C 212 -30.31 18.29 -1.46
C GLY C 212 -30.02 19.61 -2.13
N ILE C 213 -28.85 20.18 -1.86
CA ILE C 213 -28.44 21.45 -2.44
C ILE C 213 -28.44 21.36 -3.96
N TYR C 214 -29.58 21.66 -4.57
CA TYR C 214 -29.73 21.60 -6.01
C TYR C 214 -29.79 22.98 -6.66
N ARG C 215 -30.53 23.06 -7.76
CA ARG C 215 -30.70 24.32 -8.48
C ARG C 215 -31.84 25.11 -7.83
N ALA C 216 -31.82 26.42 -8.00
CA ALA C 216 -32.85 27.29 -7.44
C ALA C 216 -33.10 27.00 -5.97
N ASN C 217 -32.03 26.78 -5.22
CA ASN C 217 -32.11 26.51 -3.79
C ASN C 217 -32.09 27.83 -3.01
N ARG C 218 -32.94 27.89 -1.98
CA ARG C 218 -33.07 29.08 -1.14
C ARG C 218 -31.77 29.60 -0.54
N TRP C 219 -30.66 28.90 -0.78
CA TRP C 219 -29.39 29.32 -0.21
C TRP C 219 -28.50 30.13 -1.16
N HIS C 220 -28.78 30.02 -2.45
CA HIS C 220 -28.01 30.72 -3.47
C HIS C 220 -26.57 30.21 -3.57
N LEU C 221 -26.37 28.94 -3.20
CA LEU C 221 -25.06 28.34 -3.29
C LEU C 221 -24.90 27.83 -4.73
N CYS C 222 -23.69 27.94 -5.27
CA CYS C 222 -23.49 27.45 -6.62
C CYS C 222 -23.68 25.93 -6.52
N PRO C 223 -24.63 25.38 -7.28
CA PRO C 223 -24.90 23.94 -7.25
C PRO C 223 -23.79 23.10 -7.89
N THR C 224 -22.81 23.78 -8.47
CA THR C 224 -21.69 23.12 -9.15
C THR C 224 -20.40 23.66 -8.58
N LEU C 225 -19.47 22.77 -8.26
CA LEU C 225 -18.18 23.18 -7.71
C LEU C 225 -17.19 23.43 -8.87
N TYR C 226 -17.26 22.60 -9.89
CA TYR C 226 -16.39 22.75 -11.05
C TYR C 226 -17.21 22.81 -12.35
N GLU C 227 -16.98 23.87 -13.10
CA GLU C 227 -17.62 24.07 -14.38
C GLU C 227 -16.43 24.13 -15.29
N SER C 228 -16.27 23.09 -16.12
CA SER C 228 -15.14 23.00 -17.03
C SER C 228 -15.54 23.29 -18.49
N ARG C 229 -15.06 24.43 -18.98
CA ARG C 229 -15.31 24.85 -20.34
C ARG C 229 -14.11 24.38 -21.15
N PHE C 230 -14.36 23.97 -22.40
CA PHE C 230 -13.28 23.52 -23.28
C PHE C 230 -13.01 24.66 -24.28
N GLN C 231 -11.73 24.88 -24.58
CA GLN C 231 -11.34 25.95 -25.48
C GLN C 231 -10.55 25.45 -26.68
N LEU C 232 -11.08 25.75 -27.87
CA LEU C 232 -10.48 25.35 -29.16
C LEU C 232 -9.71 26.45 -29.89
N GLY C 233 -9.19 26.08 -31.06
CA GLY C 233 -8.46 27.01 -31.90
C GLY C 233 -6.97 26.74 -32.06
N GLY C 234 -6.46 25.78 -31.29
CA GLY C 234 -5.05 25.47 -31.38
C GLY C 234 -4.21 26.63 -30.92
N SER C 235 -4.83 27.59 -30.23
CA SER C 235 -4.12 28.76 -29.75
C SER C 235 -4.49 29.03 -28.28
N ALA C 236 -4.81 27.94 -27.59
CA ALA C 236 -5.19 27.98 -26.17
C ALA C 236 -5.20 26.57 -25.63
N ARG C 237 -4.93 26.41 -24.34
CA ARG C 237 -4.94 25.09 -23.73
C ARG C 237 -6.32 24.49 -24.00
N GLY C 238 -6.34 23.36 -24.69
CA GLY C 238 -7.59 22.70 -25.02
C GLY C 238 -8.66 22.77 -23.95
N SER C 239 -8.29 22.60 -22.69
CA SER C 239 -9.24 22.62 -21.59
C SER C 239 -8.94 23.66 -20.50
N ARG C 240 -9.94 24.46 -20.15
CA ARG C 240 -9.81 25.47 -19.10
C ARG C 240 -10.66 25.08 -17.91
N VAL C 241 -10.02 24.61 -16.85
CA VAL C 241 -10.74 24.17 -15.66
C VAL C 241 -10.73 25.22 -14.57
N LEU C 242 -11.92 25.69 -14.23
CA LEU C 242 -12.06 26.71 -13.20
C LEU C 242 -12.51 26.17 -11.85
N ASP C 243 -11.93 26.71 -10.78
CA ASP C 243 -12.29 26.33 -9.43
C ASP C 243 -13.29 27.39 -8.97
N ARG C 244 -14.43 27.42 -9.63
CA ARG C 244 -15.49 28.39 -9.33
C ARG C 244 -15.59 28.80 -7.86
N ALA C 245 -15.45 27.83 -6.97
CA ALA C 245 -15.56 28.09 -5.53
C ALA C 245 -14.48 29.03 -5.00
N ASN C 246 -13.32 29.04 -5.64
CA ASN C 246 -12.21 29.91 -5.20
C ASN C 246 -11.67 30.78 -6.33
N ASN C 247 -12.36 30.77 -7.47
CA ASN C 247 -11.96 31.54 -8.64
C ASN C 247 -10.48 31.40 -8.94
N VAL C 248 -10.13 30.37 -9.71
CA VAL C 248 -8.74 30.12 -10.08
C VAL C 248 -8.64 28.93 -11.04
N GLU C 249 -8.09 29.17 -12.23
CA GLU C 249 -7.94 28.10 -13.23
C GLU C 249 -6.98 27.06 -12.65
N LEU C 250 -6.71 26.02 -13.41
CA LEU C 250 -5.81 24.97 -12.96
C LEU C 250 -4.75 24.65 -14.02
N GLU A 17 22.02 -4.64 51.60
CA GLU A 17 20.89 -4.37 50.68
C GLU A 17 21.05 -3.05 49.91
N ASP A 18 21.99 -3.04 48.98
CA ASP A 18 22.27 -1.85 48.18
C ASP A 18 21.31 -1.78 46.99
N GLY A 19 20.56 -2.86 46.77
CA GLY A 19 19.61 -2.89 45.68
C GLY A 19 18.38 -2.11 46.08
N PHE A 20 18.40 -1.58 47.30
CA PHE A 20 17.29 -0.81 47.83
C PHE A 20 17.53 0.69 47.83
N THR A 21 18.65 1.13 47.25
CA THR A 21 18.96 2.56 47.20
C THR A 21 18.18 3.26 46.11
N ALA A 22 18.14 4.59 46.18
CA ALA A 22 17.43 5.36 45.18
C ALA A 22 18.33 5.38 43.94
N GLU A 23 19.63 5.43 44.20
CA GLU A 23 20.64 5.44 43.15
C GLU A 23 20.43 4.31 42.15
N HIS A 24 19.87 3.20 42.62
CA HIS A 24 19.62 2.04 41.77
C HIS A 24 18.20 2.05 41.19
N LEU A 25 17.20 2.01 42.07
CA LEU A 25 15.80 2.01 41.65
C LEU A 25 15.46 3.15 40.69
N ALA A 26 16.05 4.31 40.91
CA ALA A 26 15.79 5.46 40.04
C ALA A 26 16.10 5.05 38.62
N ALA A 27 16.81 3.93 38.48
CA ALA A 27 17.19 3.38 37.19
C ALA A 27 17.14 1.86 37.24
N GLU A 28 15.92 1.32 37.17
CA GLU A 28 15.70 -0.13 37.20
C GLU A 28 14.25 -0.45 36.87
N ALA A 29 13.34 0.07 37.69
CA ALA A 29 11.91 -0.17 37.52
C ALA A 29 11.31 0.61 36.36
N MSE A 30 12.13 0.95 35.37
CA MSE A 30 11.63 1.69 34.22
C MSE A 30 10.83 0.79 33.28
O MSE A 30 10.89 -0.44 33.37
CB MSE A 30 12.80 2.33 33.45
CG MSE A 30 13.50 3.45 34.20
SE MSE A 30 12.45 5.08 34.36
CE MSE A 30 12.92 5.94 32.68
N ALA A 31 10.07 1.42 32.39
CA ALA A 31 9.26 0.72 31.41
C ALA A 31 9.02 1.62 30.20
N ALA A 32 8.95 1.01 29.02
CA ALA A 32 8.73 1.74 27.78
C ALA A 32 7.37 2.48 27.81
N ASP A 33 6.34 1.80 28.30
CA ASP A 33 5.00 2.39 28.40
C ASP A 33 4.51 2.36 29.83
N MSE A 34 4.65 3.48 30.52
CA MSE A 34 4.25 3.59 31.92
C MSE A 34 3.03 4.47 32.09
O MSE A 34 2.72 4.93 33.20
CB MSE A 34 5.41 4.16 32.72
CG MSE A 34 6.72 3.42 32.51
SE MSE A 34 8.09 3.98 33.74
CE MSE A 34 7.75 2.69 35.15
N ASP A 35 2.31 4.70 30.99
CA ASP A 35 1.15 5.57 31.02
C ASP A 35 -0.20 4.86 30.98
N PRO A 36 -1.29 5.62 31.21
CA PRO A 36 -2.60 4.97 31.16
C PRO A 36 -2.99 4.49 29.75
N TRP A 37 -4.09 3.73 29.68
CA TRP A 37 -4.58 3.17 28.43
C TRP A 37 -6.07 3.41 28.24
N LEU A 38 -6.46 4.19 27.24
CA LEU A 38 -7.90 4.42 26.99
C LEU A 38 -8.56 3.04 26.84
N VAL A 39 -9.39 2.68 27.80
CA VAL A 39 -10.00 1.36 27.76
C VAL A 39 -11.51 1.29 27.85
N PHE A 40 -12.05 0.23 27.25
CA PHE A 40 -13.46 -0.06 27.30
C PHE A 40 -13.51 -1.52 27.74
N ASP A 41 -13.90 -1.76 28.98
CA ASP A 41 -13.96 -3.12 29.53
C ASP A 41 -15.38 -3.65 29.51
N ALA A 42 -15.76 -4.30 28.42
CA ALA A 42 -17.12 -4.84 28.29
C ALA A 42 -17.47 -5.79 29.44
N ARG A 43 -16.49 -6.55 29.92
CA ARG A 43 -16.71 -7.48 31.02
C ARG A 43 -17.40 -6.82 32.19
N THR A 44 -17.27 -5.51 32.29
CA THR A 44 -17.85 -4.76 33.40
C THR A 44 -18.61 -3.53 32.93
N THR A 45 -18.80 -3.40 31.62
CA THR A 45 -19.50 -2.25 31.07
C THR A 45 -20.60 -2.69 30.08
N PRO A 46 -21.75 -2.01 30.11
CA PRO A 46 -22.86 -2.35 29.22
C PRO A 46 -22.40 -2.34 27.76
N ALA A 47 -22.95 -3.23 26.95
CA ALA A 47 -22.57 -3.32 25.55
C ALA A 47 -23.03 -2.12 24.74
N THR A 48 -24.14 -1.50 25.15
CA THR A 48 -24.69 -0.34 24.44
C THR A 48 -23.86 0.90 24.73
N GLU A 49 -22.87 0.72 25.59
CA GLU A 49 -21.95 1.79 25.99
C GLU A 49 -20.90 2.10 24.92
N LEU A 50 -20.63 1.13 24.04
CA LEU A 50 -19.63 1.32 22.99
C LEU A 50 -20.10 2.31 21.93
N ASP A 51 -20.58 3.47 22.36
CA ASP A 51 -21.05 4.49 21.43
C ASP A 51 -20.41 5.84 21.77
N ALA A 52 -20.88 6.49 22.83
CA ALA A 52 -20.32 7.78 23.23
C ALA A 52 -18.82 7.64 23.48
N TRP A 53 -18.40 6.43 23.85
CA TRP A 53 -16.99 6.14 24.13
C TRP A 53 -16.21 6.19 22.81
N LEU A 54 -16.61 5.37 21.85
CA LEU A 54 -15.92 5.34 20.57
C LEU A 54 -15.81 6.74 19.98
N ALA A 55 -16.89 7.50 20.09
CA ALA A 55 -16.95 8.86 19.57
C ALA A 55 -15.91 9.74 20.22
N LYS A 56 -16.18 10.12 21.46
CA LYS A 56 -15.29 10.96 22.24
C LYS A 56 -13.80 10.61 22.14
N TYR A 57 -13.50 9.31 22.17
CA TYR A 57 -12.10 8.86 22.14
C TYR A 57 -11.60 8.29 20.82
N PRO A 58 -11.52 9.12 19.77
CA PRO A 58 -11.02 8.56 18.50
C PRO A 58 -9.49 8.60 18.48
N PRO A 59 -8.86 7.56 17.91
CA PRO A 59 -7.39 7.55 17.87
C PRO A 59 -6.79 8.72 17.09
N SER A 60 -7.56 9.27 16.16
CA SER A 60 -7.09 10.39 15.35
C SER A 60 -7.12 11.72 16.11
N GLN A 61 -7.80 11.73 17.25
CA GLN A 61 -7.91 12.94 18.07
C GLN A 61 -7.17 12.83 19.40
N VAL A 62 -6.88 11.62 19.84
CA VAL A 62 -6.16 11.39 21.09
C VAL A 62 -4.68 11.19 20.80
N THR A 63 -3.80 11.80 21.59
CA THR A 63 -2.37 11.63 21.34
C THR A 63 -1.60 10.90 22.44
N ARG A 64 -0.41 10.44 22.09
CA ARG A 64 0.45 9.75 23.02
C ARG A 64 0.87 10.67 24.15
N TYR A 65 0.67 11.97 23.97
CA TYR A 65 1.08 12.94 24.99
C TYR A 65 -0.03 13.68 25.74
N GLY A 66 -1.20 13.85 25.11
CA GLY A 66 -2.29 14.54 25.79
C GLY A 66 -2.26 16.05 25.69
N ASP A 67 -1.76 16.56 24.57
CA ASP A 67 -1.65 18.01 24.33
C ASP A 67 -2.97 18.64 23.84
N PRO A 68 -2.95 19.97 23.61
CA PRO A 68 -4.14 20.69 23.13
C PRO A 68 -4.93 20.00 22.01
N GLY A 69 -6.26 20.16 22.06
CA GLY A 69 -7.11 19.54 21.05
C GLY A 69 -7.58 18.16 21.46
N SER A 70 -6.72 17.44 22.16
CA SER A 70 -7.04 16.09 22.61
C SER A 70 -8.12 16.06 23.70
N PRO A 71 -8.99 15.05 23.67
CA PRO A 71 -10.03 14.97 24.69
C PRO A 71 -9.36 14.66 26.03
N ASN A 72 -8.22 13.97 25.97
CA ASN A 72 -7.46 13.60 27.15
C ASN A 72 -6.33 14.58 27.39
N SER A 73 -5.96 14.77 28.65
CA SER A 73 -4.88 15.69 29.02
C SER A 73 -3.74 14.88 29.63
N GLU A 74 -3.98 13.58 29.79
CA GLU A 74 -2.99 12.68 30.35
C GLU A 74 -2.37 11.90 29.19
N PRO A 75 -1.06 11.60 29.26
CA PRO A 75 -0.50 10.84 28.14
C PRO A 75 -1.19 9.47 28.07
N VAL A 76 -1.41 8.97 26.86
CA VAL A 76 -2.05 7.69 26.64
C VAL A 76 -1.14 6.82 25.79
N GLY A 77 -0.84 5.62 26.29
CA GLY A 77 0.02 4.71 25.58
C GLY A 77 -0.69 3.80 24.61
N TRP A 78 -1.94 3.47 24.93
CA TRP A 78 -2.76 2.61 24.08
C TRP A 78 -4.24 2.77 24.38
N ILE A 79 -5.06 2.61 23.34
CA ILE A 79 -6.51 2.64 23.43
C ILE A 79 -6.83 1.15 23.29
N ALA A 80 -7.66 0.61 24.17
CA ALA A 80 -7.97 -0.80 24.13
C ALA A 80 -9.42 -1.09 24.43
N VAL A 81 -9.90 -2.22 23.88
CA VAL A 81 -11.26 -2.66 24.08
C VAL A 81 -11.25 -4.11 24.52
N TYR A 82 -11.93 -4.40 25.63
CA TYR A 82 -12.01 -5.75 26.16
C TYR A 82 -13.46 -6.20 26.23
N GLY A 83 -13.71 -7.44 25.80
CA GLY A 83 -15.05 -7.99 25.84
C GLY A 83 -15.12 -9.09 26.88
N GLN A 84 -16.21 -9.84 26.88
CA GLN A 84 -16.34 -10.93 27.83
C GLN A 84 -15.44 -12.08 27.38
N GLY A 85 -14.99 -12.89 28.31
CA GLY A 85 -14.13 -13.99 27.97
C GLY A 85 -12.65 -13.66 28.06
N TYR A 86 -12.32 -12.38 28.06
CA TYR A 86 -10.93 -11.97 28.14
C TYR A 86 -10.36 -12.16 29.54
N SER A 87 -9.20 -12.78 29.63
CA SER A 87 -8.56 -13.02 30.91
C SER A 87 -7.07 -12.70 30.84
N PRO A 88 -6.47 -12.36 32.00
CA PRO A 88 -5.04 -12.03 32.05
C PRO A 88 -4.28 -13.34 32.03
N ASN A 89 -5.01 -14.41 31.72
CA ASN A 89 -4.45 -15.77 31.66
C ASN A 89 -3.45 -15.82 30.52
N SER A 90 -2.36 -16.55 30.74
CA SER A 90 -1.32 -16.69 29.73
C SER A 90 -0.58 -18.01 29.88
N GLY A 91 0.55 -18.11 29.20
CA GLY A 91 1.36 -19.32 29.27
C GLY A 91 2.68 -19.04 29.93
N ASP A 92 3.50 -20.08 30.05
CA ASP A 92 4.81 -19.98 30.69
C ASP A 92 5.87 -19.31 29.83
N VAL A 93 5.94 -17.98 29.90
CA VAL A 93 6.92 -17.23 29.15
C VAL A 93 8.31 -17.51 29.68
N GLN A 94 8.42 -17.60 31.00
CA GLN A 94 9.71 -17.87 31.65
C GLN A 94 10.40 -19.09 31.06
N GLY A 95 9.67 -20.21 30.98
CA GLY A 95 10.23 -21.42 30.43
C GLY A 95 10.62 -21.20 28.98
N LEU A 96 9.73 -20.53 28.24
CA LEU A 96 9.96 -20.22 26.84
C LEU A 96 11.31 -19.54 26.66
N GLN A 97 11.52 -18.48 27.43
CA GLN A 97 12.77 -17.74 27.36
C GLN A 97 13.91 -18.58 27.90
N ALA A 98 13.59 -19.51 28.78
CA ALA A 98 14.58 -20.41 29.35
C ALA A 98 14.96 -21.42 28.28
N ALA A 99 14.05 -21.65 27.35
CA ALA A 99 14.25 -22.59 26.25
C ALA A 99 14.91 -21.91 25.06
N TRP A 100 14.67 -20.61 24.93
CA TRP A 100 15.25 -19.85 23.82
C TRP A 100 16.75 -19.69 24.00
N GLU A 101 17.17 -19.43 25.24
CA GLU A 101 18.58 -19.26 25.53
C GLU A 101 19.36 -20.51 25.20
N ALA A 102 18.80 -21.67 25.55
CA ALA A 102 19.43 -22.96 25.29
C ALA A 102 19.55 -23.22 23.79
N LEU A 103 18.47 -22.97 23.07
CA LEU A 103 18.44 -23.19 21.63
C LEU A 103 19.51 -22.40 20.90
N GLN A 104 19.69 -21.14 21.30
CA GLN A 104 20.69 -20.28 20.69
C GLN A 104 22.08 -20.89 20.91
N THR A 105 22.18 -21.80 21.87
CA THR A 105 23.44 -22.45 22.18
C THR A 105 23.43 -23.89 21.67
N SER A 106 22.33 -24.29 21.05
CA SER A 106 22.19 -25.64 20.52
C SER A 106 23.28 -25.92 19.50
N GLY A 107 23.24 -25.18 18.41
CA GLY A 107 24.20 -25.37 17.33
C GLY A 107 23.39 -25.85 16.14
N ARG A 108 22.23 -26.40 16.45
CA ARG A 108 21.31 -26.91 15.44
C ARG A 108 20.63 -25.74 14.75
N PRO A 109 19.85 -26.01 13.69
CA PRO A 109 19.16 -24.93 12.97
C PRO A 109 17.87 -24.55 13.70
N ILE A 110 17.46 -23.30 13.56
CA ILE A 110 16.24 -22.83 14.20
C ILE A 110 15.09 -22.82 13.19
N THR A 111 14.47 -23.98 13.03
CA THR A 111 13.35 -24.15 12.10
C THR A 111 12.11 -23.45 12.62
N PRO A 112 11.37 -22.76 11.73
CA PRO A 112 10.14 -22.05 12.13
C PRO A 112 9.28 -22.90 13.04
N GLY A 113 9.45 -24.21 12.92
CA GLY A 113 8.69 -25.14 13.74
C GLY A 113 9.16 -25.07 15.18
N THR A 114 10.46 -25.26 15.40
CA THR A 114 11.01 -25.22 16.75
C THR A 114 10.37 -24.11 17.56
N LEU A 115 10.28 -22.92 16.98
CA LEU A 115 9.65 -21.79 17.67
C LEU A 115 8.19 -22.13 17.92
N ARG A 116 7.50 -22.57 16.88
CA ARG A 116 6.10 -22.96 16.98
C ARG A 116 6.03 -24.06 18.04
N GLN A 117 6.89 -25.06 17.87
CA GLN A 117 6.97 -26.19 18.78
C GLN A 117 7.27 -25.68 20.18
N LEU A 118 7.92 -24.52 20.26
CA LEU A 118 8.26 -23.90 21.53
C LEU A 118 7.01 -23.36 22.22
N ALA A 119 6.29 -22.49 21.51
CA ALA A 119 5.09 -21.87 22.04
C ALA A 119 4.04 -22.89 22.44
N ILE A 120 3.94 -23.97 21.67
CA ILE A 120 2.96 -25.02 21.97
C ILE A 120 3.22 -25.63 23.34
N THR A 121 4.48 -25.96 23.59
CA THR A 121 4.91 -26.54 24.85
C THR A 121 4.63 -25.57 25.99
N HIS A 122 5.12 -24.33 25.83
CA HIS A 122 4.95 -23.32 26.86
C HIS A 122 3.58 -22.65 26.97
N HIS A 123 2.59 -23.20 26.28
CA HIS A 123 1.23 -22.66 26.32
C HIS A 123 1.13 -21.18 26.00
N VAL A 124 2.03 -20.69 25.15
CA VAL A 124 2.02 -19.27 24.74
C VAL A 124 1.64 -19.24 23.26
N LEU A 125 0.35 -19.42 22.98
CA LEU A 125 -0.13 -19.47 21.60
C LEU A 125 -1.02 -18.31 21.10
N SER A 126 -0.78 -17.11 21.59
CA SER A 126 -1.60 -15.97 21.15
C SER A 126 -0.80 -15.10 20.20
N GLY A 127 -1.51 -14.49 19.25
CA GLY A 127 -0.85 -13.65 18.27
C GLY A 127 -1.70 -12.44 17.93
N LYS A 128 -1.14 -11.56 17.11
CA LYS A 128 -1.85 -10.36 16.75
C LYS A 128 -1.80 -9.96 15.28
N TRP A 129 -2.96 -9.53 14.78
CA TRP A 129 -3.10 -9.03 13.42
C TRP A 129 -2.83 -7.53 13.52
N LEU A 130 -1.88 -7.04 12.74
CA LEU A 130 -1.54 -5.62 12.75
C LEU A 130 -1.95 -4.97 11.43
N MSE A 131 -1.99 -3.65 11.44
CA MSE A 131 -2.34 -2.87 10.27
C MSE A 131 -2.09 -1.41 10.66
O MSE A 131 -2.07 -1.11 11.86
CB MSE A 131 -3.81 -3.06 9.92
CG MSE A 131 -4.75 -2.13 10.64
SE MSE A 131 -6.17 -1.56 9.48
CE MSE A 131 -7.57 -2.63 10.28
N HIS A 132 -1.88 -0.53 9.70
CA HIS A 132 -1.66 0.88 10.02
C HIS A 132 -2.36 1.84 9.06
N LEU A 133 -2.78 2.99 9.59
CA LEU A 133 -3.46 4.03 8.81
C LEU A 133 -3.10 5.39 9.38
N ALA A 134 -3.12 6.42 8.54
CA ALA A 134 -2.84 7.77 8.99
C ALA A 134 -4.07 8.29 9.70
N PRO A 135 -3.87 9.18 10.71
CA PRO A 135 -5.03 9.71 11.44
C PRO A 135 -6.10 10.23 10.50
N GLY A 136 -7.36 9.96 10.85
CA GLY A 136 -8.46 10.40 10.03
C GLY A 136 -9.67 9.51 10.12
N PHE A 137 -10.64 9.78 9.25
CA PHE A 137 -11.89 9.03 9.21
C PHE A 137 -11.74 7.53 9.08
N LYS A 138 -10.95 7.10 8.10
CA LYS A 138 -10.78 5.66 7.88
C LYS A 138 -10.24 4.93 9.07
N LEU A 139 -9.43 5.62 9.87
CA LEU A 139 -8.86 5.00 11.07
C LEU A 139 -9.97 4.83 12.09
N ASP A 140 -10.76 5.88 12.30
CA ASP A 140 -11.85 5.83 13.27
C ASP A 140 -12.92 4.82 12.89
N HIS A 141 -13.28 4.75 11.61
CA HIS A 141 -14.30 3.82 11.17
C HIS A 141 -13.77 2.40 11.32
N ALA A 142 -12.51 2.20 10.95
CA ALA A 142 -11.90 0.88 11.09
C ALA A 142 -11.91 0.50 12.58
N TRP A 143 -11.38 1.40 13.41
CA TRP A 143 -11.35 1.19 14.85
C TRP A 143 -12.77 0.93 15.37
N ALA A 144 -13.70 1.83 15.08
CA ALA A 144 -15.07 1.67 15.55
C ALA A 144 -15.62 0.27 15.30
N GLY A 145 -15.55 -0.18 14.05
CA GLY A 145 -16.05 -1.51 13.72
C GLY A 145 -15.34 -2.59 14.49
N ILE A 146 -14.01 -2.51 14.53
CA ILE A 146 -13.23 -3.50 15.26
C ILE A 146 -13.66 -3.58 16.74
N ALA A 147 -13.97 -2.44 17.33
CA ALA A 147 -14.40 -2.40 18.73
C ALA A 147 -15.73 -3.14 18.89
N ARG A 148 -16.66 -2.84 17.99
CA ARG A 148 -17.98 -3.46 18.03
C ARG A 148 -17.86 -4.98 17.82
N ALA A 149 -16.81 -5.40 17.14
CA ALA A 149 -16.59 -6.82 16.90
C ALA A 149 -15.99 -7.51 18.14
N VAL A 150 -15.43 -6.71 19.05
CA VAL A 150 -14.87 -7.26 20.28
C VAL A 150 -16.00 -7.34 21.30
N VAL A 151 -16.78 -6.27 21.42
CA VAL A 151 -17.87 -6.23 22.38
C VAL A 151 -18.89 -7.34 22.12
N GLU A 152 -19.14 -7.61 20.84
CA GLU A 152 -20.08 -8.66 20.43
C GLU A 152 -19.50 -10.06 20.64
N GLY A 153 -18.20 -10.15 20.90
CA GLY A 153 -17.61 -11.45 21.13
C GLY A 153 -17.05 -12.12 19.89
N ARG A 154 -17.00 -11.40 18.78
CA ARG A 154 -16.45 -11.95 17.54
C ARG A 154 -14.95 -11.72 17.52
N LEU A 155 -14.49 -10.99 18.52
CA LEU A 155 -13.09 -10.66 18.73
C LEU A 155 -12.92 -10.58 20.25
N GLN A 156 -11.74 -10.93 20.75
CA GLN A 156 -11.50 -10.91 22.19
C GLN A 156 -10.96 -9.57 22.71
N VAL A 157 -9.94 -9.05 22.03
CA VAL A 157 -9.30 -7.79 22.41
C VAL A 157 -8.73 -7.08 21.19
N ALA A 158 -8.80 -5.76 21.19
CA ALA A 158 -8.25 -4.96 20.09
C ALA A 158 -7.72 -3.64 20.66
N LYS A 159 -6.72 -3.09 20.00
CA LYS A 159 -6.13 -1.83 20.45
C LYS A 159 -5.69 -0.99 19.26
N VAL A 160 -5.68 0.33 19.43
CA VAL A 160 -5.26 1.23 18.37
C VAL A 160 -4.22 2.20 18.99
N SER A 161 -3.20 2.54 18.21
CA SER A 161 -2.12 3.42 18.69
C SER A 161 -2.53 4.90 18.70
N PRO A 162 -1.79 5.73 19.46
CA PRO A 162 -2.08 7.16 19.56
C PRO A 162 -1.45 7.94 18.40
N ARG A 163 -1.75 9.23 18.34
CA ARG A 163 -1.22 10.07 17.29
C ARG A 163 0.01 10.82 17.72
N ALA A 164 1.00 10.87 16.82
CA ALA A 164 2.24 11.58 17.08
C ALA A 164 1.90 13.06 17.12
N LYS A 165 2.91 13.90 17.27
CA LYS A 165 2.71 15.34 17.31
C LYS A 165 2.44 15.86 15.89
N GLU A 166 3.19 15.33 14.93
CA GLU A 166 3.04 15.73 13.53
C GLU A 166 2.78 14.50 12.66
N GLY A 167 1.81 14.60 11.76
CA GLY A 167 1.47 13.49 10.88
C GLY A 167 1.52 12.14 11.59
N GLY A 168 2.42 11.28 11.13
CA GLY A 168 2.56 9.97 11.74
C GLY A 168 1.57 8.97 11.16
N ARG A 169 1.64 7.74 11.66
CA ARG A 169 0.75 6.66 11.23
C ARG A 169 0.38 5.87 12.46
N GLN A 170 -0.87 5.39 12.49
CA GLN A 170 -1.36 4.63 13.63
C GLN A 170 -1.71 3.18 13.31
N VAL A 171 -1.55 2.31 14.31
CA VAL A 171 -1.83 0.88 14.13
C VAL A 171 -2.95 0.34 14.99
N ILE A 172 -3.66 -0.62 14.44
CA ILE A 172 -4.74 -1.28 15.16
C ILE A 172 -4.30 -2.73 15.31
N CYS A 173 -4.42 -3.27 16.52
CA CYS A 173 -4.04 -4.65 16.78
C CYS A 173 -5.23 -5.50 17.16
N VAL A 174 -5.41 -6.61 16.43
CA VAL A 174 -6.51 -7.54 16.69
C VAL A 174 -5.90 -8.82 17.25
N TYR A 175 -6.33 -9.19 18.44
CA TYR A 175 -5.77 -10.37 19.10
C TYR A 175 -6.62 -11.63 19.09
N THR A 176 -5.95 -12.76 18.91
CA THR A 176 -6.59 -14.08 18.95
C THR A 176 -5.76 -14.90 19.93
N ASP A 177 -6.39 -15.81 20.67
CA ASP A 177 -5.65 -16.59 21.65
C ASP A 177 -4.91 -17.84 21.22
N ASP A 178 -5.19 -18.36 20.03
CA ASP A 178 -4.49 -19.56 19.56
C ASP A 178 -4.17 -19.48 18.08
N PHE A 179 -2.92 -19.17 17.76
CA PHE A 179 -2.49 -19.05 16.37
C PHE A 179 -2.36 -20.37 15.64
N THR A 180 -2.64 -21.48 16.31
CA THR A 180 -2.56 -22.78 15.68
C THR A 180 -3.96 -23.06 15.16
N ASP A 181 -4.90 -22.21 15.54
CA ASP A 181 -6.28 -22.36 15.14
C ASP A 181 -6.54 -21.58 13.86
N ARG A 182 -6.42 -22.26 12.72
CA ARG A 182 -6.65 -21.63 11.43
C ARG A 182 -7.99 -20.90 11.42
N LEU A 183 -9.00 -21.53 12.00
CA LEU A 183 -10.35 -20.94 12.07
C LEU A 183 -10.38 -19.70 12.95
N GLY A 184 -9.68 -19.77 14.08
CA GLY A 184 -9.65 -18.64 15.00
C GLY A 184 -8.99 -17.42 14.40
N VAL A 185 -7.93 -17.65 13.61
CA VAL A 185 -7.20 -16.58 12.96
C VAL A 185 -8.06 -16.01 11.84
N LEU A 186 -8.78 -16.89 11.13
CA LEU A 186 -9.62 -16.48 10.02
C LEU A 186 -10.87 -15.73 10.43
N GLU A 187 -11.46 -16.12 11.55
CA GLU A 187 -12.65 -15.46 12.02
C GLU A 187 -12.35 -13.99 12.32
N ALA A 188 -11.23 -13.75 13.01
CA ALA A 188 -10.82 -12.39 13.33
C ALA A 188 -10.56 -11.72 11.99
N ASP A 189 -9.85 -12.43 11.13
CA ASP A 189 -9.54 -11.97 9.79
C ASP A 189 -10.85 -11.57 9.10
N SER A 190 -11.84 -12.45 9.13
CA SER A 190 -13.14 -12.18 8.53
C SER A 190 -13.84 -11.03 9.24
N ALA A 191 -13.71 -11.00 10.56
CA ALA A 191 -14.35 -9.96 11.34
C ALA A 191 -13.81 -8.59 10.94
N ILE A 192 -12.50 -8.51 10.71
CA ILE A 192 -11.89 -7.24 10.34
C ILE A 192 -12.42 -6.78 8.98
N ARG A 193 -12.48 -7.69 8.01
CA ARG A 193 -12.98 -7.34 6.68
C ARG A 193 -14.45 -6.90 6.71
N ALA A 194 -15.26 -7.57 7.51
CA ALA A 194 -16.67 -7.22 7.60
C ALA A 194 -16.82 -5.80 8.12
N ALA A 195 -15.79 -5.30 8.80
CA ALA A 195 -15.81 -3.94 9.32
C ALA A 195 -15.42 -2.96 8.22
N GLY A 196 -15.26 -3.49 7.01
CA GLY A 196 -14.92 -2.66 5.87
C GLY A 196 -13.47 -2.24 5.76
N ILE A 197 -12.56 -3.04 6.32
CA ILE A 197 -11.13 -2.71 6.26
C ILE A 197 -10.50 -3.42 5.07
N LYS A 198 -9.92 -2.62 4.17
CA LYS A 198 -9.31 -3.14 2.96
C LYS A 198 -7.79 -3.15 3.05
N CYS A 199 -7.28 -2.66 4.18
CA CYS A 199 -5.84 -2.59 4.39
C CYS A 199 -5.18 -3.97 4.45
N LEU A 200 -3.86 -3.98 4.50
CA LEU A 200 -3.07 -5.21 4.56
C LEU A 200 -2.92 -5.68 6.00
N LEU A 201 -3.37 -6.90 6.29
CA LEU A 201 -3.24 -7.45 7.62
C LEU A 201 -2.03 -8.38 7.69
N THR A 202 -1.36 -8.37 8.84
CA THR A 202 -0.20 -9.23 9.08
C THR A 202 -0.32 -9.79 10.51
N TYR A 203 -0.19 -11.10 10.64
CA TYR A 203 -0.32 -11.73 11.94
C TYR A 203 1.04 -12.04 12.53
N LYS A 204 1.25 -11.55 13.74
CA LYS A 204 2.51 -11.73 14.46
C LYS A 204 2.25 -12.43 15.80
N PRO A 205 2.79 -13.67 15.95
CA PRO A 205 2.66 -14.47 17.18
C PRO A 205 3.46 -13.84 18.31
N ASP A 206 2.89 -13.83 19.52
CA ASP A 206 3.58 -13.23 20.66
C ASP A 206 4.99 -13.78 20.89
N VAL A 207 5.20 -15.06 20.58
CA VAL A 207 6.52 -15.65 20.76
C VAL A 207 7.57 -14.79 20.04
N TYR A 208 7.27 -14.38 18.81
CA TYR A 208 8.19 -13.55 18.05
C TYR A 208 8.59 -12.34 18.88
N THR A 209 7.62 -11.76 19.58
CA THR A 209 7.89 -10.59 20.40
C THR A 209 8.73 -10.95 21.63
N TYR A 210 8.22 -11.85 22.45
CA TYR A 210 8.95 -12.28 23.65
C TYR A 210 10.40 -12.68 23.36
N LEU A 211 10.65 -13.11 22.13
CA LEU A 211 12.00 -13.53 21.76
C LEU A 211 12.72 -12.52 20.86
N GLY A 212 12.21 -11.29 20.84
CA GLY A 212 12.82 -10.24 20.04
C GLY A 212 12.98 -10.49 18.55
N ILE A 213 12.00 -11.13 17.93
CA ILE A 213 12.04 -11.41 16.50
C ILE A 213 11.44 -10.19 15.80
N TYR A 214 12.21 -9.11 15.77
CA TYR A 214 11.75 -7.87 15.15
C TYR A 214 12.17 -7.75 13.69
N ARG A 215 11.86 -6.61 13.08
CA ARG A 215 12.19 -6.36 11.68
C ARG A 215 13.69 -6.56 11.36
N ALA A 216 14.54 -5.68 11.88
CA ALA A 216 15.98 -5.80 11.63
C ALA A 216 16.52 -6.96 12.48
N ASN A 217 15.83 -8.09 12.38
CA ASN A 217 16.16 -9.30 13.13
C ASN A 217 17.62 -9.74 12.99
N ARG A 218 18.13 -10.36 14.06
CA ARG A 218 19.48 -10.87 14.11
C ARG A 218 19.54 -12.27 13.49
N TRP A 219 18.57 -13.11 13.83
CA TRP A 219 18.50 -14.47 13.31
C TRP A 219 17.89 -14.43 11.92
N HIS A 220 17.75 -13.22 11.38
CA HIS A 220 17.19 -13.00 10.06
C HIS A 220 15.94 -13.85 9.75
N LEU A 221 15.07 -13.97 10.74
CA LEU A 221 13.82 -14.71 10.59
C LEU A 221 12.72 -13.70 10.28
N CYS A 222 11.74 -14.12 9.49
CA CYS A 222 10.62 -13.23 9.15
C CYS A 222 9.69 -13.05 10.34
N PRO A 223 9.53 -11.80 10.81
CA PRO A 223 8.67 -11.48 11.95
C PRO A 223 7.17 -11.65 11.70
N THR A 224 6.80 -11.89 10.44
CA THR A 224 5.41 -12.08 10.04
C THR A 224 5.12 -13.53 9.70
N LEU A 225 4.10 -14.10 10.34
CA LEU A 225 3.74 -15.50 10.08
C LEU A 225 2.74 -15.61 8.91
N TYR A 226 1.71 -14.77 8.92
CA TYR A 226 0.69 -14.76 7.86
C TYR A 226 0.46 -13.32 7.43
N GLU A 227 -0.19 -13.16 6.28
CA GLU A 227 -0.54 -11.84 5.77
C GLU A 227 -1.84 -11.90 4.99
N SER A 228 -2.69 -10.90 5.19
CA SER A 228 -3.99 -10.82 4.55
C SER A 228 -4.08 -9.59 3.64
N ARG A 229 -4.32 -9.84 2.36
CA ARG A 229 -4.43 -8.75 1.38
C ARG A 229 -5.85 -8.72 0.81
N PHE A 230 -6.34 -7.51 0.59
CA PHE A 230 -7.68 -7.34 0.02
C PHE A 230 -7.56 -7.30 -1.51
N GLN A 231 -7.83 -8.45 -2.14
CA GLN A 231 -7.76 -8.58 -3.60
C GLN A 231 -8.76 -7.68 -4.32
N GLY A 238 -11.87 -9.06 -2.06
CA GLY A 238 -11.63 -10.42 -1.59
C GLY A 238 -10.47 -10.50 -0.60
N SER A 239 -10.60 -11.38 0.39
CA SER A 239 -9.56 -11.56 1.39
C SER A 239 -8.80 -12.87 1.22
N ARG A 240 -7.58 -12.78 0.68
CA ARG A 240 -6.73 -13.95 0.49
C ARG A 240 -5.64 -13.96 1.57
N VAL A 241 -5.73 -14.92 2.49
CA VAL A 241 -4.77 -15.03 3.57
C VAL A 241 -3.61 -15.95 3.19
N LEU A 242 -2.39 -15.47 3.40
CA LEU A 242 -1.20 -16.22 3.07
C LEU A 242 -0.46 -16.77 4.30
N ASP A 243 0.27 -17.86 4.08
CA ASP A 243 1.08 -18.47 5.13
C ASP A 243 2.51 -18.14 4.74
N ARG A 244 3.04 -17.07 5.28
CA ARG A 244 4.39 -16.63 4.97
C ARG A 244 5.43 -17.59 5.55
N ALA A 245 5.02 -18.83 5.79
CA ALA A 245 5.91 -19.86 6.33
C ALA A 245 5.99 -21.03 5.37
N ASN A 246 4.84 -21.65 5.08
CA ASN A 246 4.76 -22.77 4.17
C ASN A 246 4.33 -22.26 2.79
N ASN A 247 4.19 -20.94 2.70
CA ASN A 247 3.77 -20.27 1.47
C ASN A 247 2.56 -20.95 0.86
N VAL A 248 1.46 -20.98 1.61
CA VAL A 248 0.22 -21.59 1.14
C VAL A 248 -0.97 -20.79 1.67
N GLU A 249 -1.92 -20.49 0.80
CA GLU A 249 -3.10 -19.73 1.17
C GLU A 249 -3.87 -20.40 2.31
N LEU A 250 -4.14 -19.65 3.37
CA LEU A 250 -4.87 -20.17 4.53
C LEU A 250 -6.32 -19.69 4.51
N GLU B 17 9.01 -6.30 27.54
CA GLU B 17 7.77 -5.50 27.27
C GLU B 17 7.98 -4.43 26.21
N ASP B 18 9.24 -4.25 25.80
CA ASP B 18 9.61 -3.27 24.79
C ASP B 18 8.89 -3.48 23.44
N GLY B 19 8.65 -4.73 23.09
CA GLY B 19 7.99 -5.05 21.84
C GLY B 19 6.48 -5.12 21.88
N PHE B 20 5.86 -4.27 22.70
CA PHE B 20 4.41 -4.25 22.82
C PHE B 20 3.88 -2.82 22.87
N THR B 21 4.80 -1.85 22.84
CA THR B 21 4.41 -0.46 22.88
C THR B 21 3.81 0.02 21.57
N ALA B 22 3.05 1.11 21.64
CA ALA B 22 2.44 1.68 20.46
C ALA B 22 3.52 1.97 19.40
N GLU B 23 4.61 2.58 19.85
CA GLU B 23 5.70 2.93 18.97
C GLU B 23 6.29 1.75 18.22
N HIS B 24 6.61 0.68 18.96
CA HIS B 24 7.20 -0.49 18.34
C HIS B 24 6.27 -1.19 17.35
N LEU B 25 5.04 -1.47 17.77
CA LEU B 25 4.08 -2.14 16.90
C LEU B 25 3.77 -1.31 15.66
N ALA B 26 3.78 0.01 15.80
CA ALA B 26 3.53 0.87 14.66
C ALA B 26 4.69 0.66 13.69
N ALA B 27 5.89 0.58 14.24
CA ALA B 27 7.11 0.37 13.45
C ALA B 27 7.12 -1.00 12.80
N GLU B 28 6.55 -1.98 13.50
CA GLU B 28 6.50 -3.35 12.99
C GLU B 28 5.50 -3.44 11.83
N ALA B 29 4.32 -2.84 12.03
CA ALA B 29 3.30 -2.83 11.00
C ALA B 29 3.82 -2.15 9.72
N MSE B 30 4.59 -1.08 9.90
CA MSE B 30 5.14 -0.38 8.76
C MSE B 30 6.20 -1.20 8.04
O MSE B 30 6.15 -1.36 6.82
CB MSE B 30 5.76 0.95 9.20
CG MSE B 30 4.75 1.89 9.82
SE MSE B 30 5.38 3.69 9.93
CE MSE B 30 4.91 4.25 8.14
N ALA B 31 7.14 -1.75 8.80
CA ALA B 31 8.19 -2.55 8.20
C ALA B 31 7.60 -3.66 7.34
N ALA B 32 6.44 -4.17 7.75
CA ALA B 32 5.78 -5.25 7.02
C ALA B 32 4.87 -4.76 5.88
N ASP B 33 4.78 -3.44 5.71
CA ASP B 33 3.94 -2.88 4.67
C ASP B 33 4.70 -2.71 3.35
N MSE B 34 5.08 -3.84 2.77
CA MSE B 34 5.80 -3.87 1.50
C MSE B 34 5.00 -4.73 0.52
O MSE B 34 4.41 -5.73 0.92
CB MSE B 34 7.19 -4.48 1.67
CG MSE B 34 8.15 -3.65 2.50
SE MSE B 34 8.69 -2.02 1.60
CE MSE B 34 10.43 -2.57 0.96
N ASP B 35 4.96 -4.32 -0.74
CA ASP B 35 4.23 -5.10 -1.74
C ASP B 35 4.98 -6.40 -2.01
N PRO B 36 4.27 -7.42 -2.48
CA PRO B 36 4.89 -8.71 -2.78
C PRO B 36 5.72 -8.70 -4.05
N TRP B 37 6.57 -9.71 -4.19
CA TRP B 37 7.43 -9.85 -5.36
C TRP B 37 6.97 -11.03 -6.21
N LEU B 38 7.37 -11.06 -7.47
CA LEU B 38 7.07 -12.18 -8.35
C LEU B 38 8.33 -13.00 -8.22
N VAL B 39 8.21 -14.23 -7.74
CA VAL B 39 9.39 -15.02 -7.51
C VAL B 39 9.50 -16.39 -8.19
N PHE B 40 10.73 -16.76 -8.51
CA PHE B 40 11.05 -18.05 -9.09
C PHE B 40 12.33 -18.53 -8.40
N ASP B 41 12.18 -19.35 -7.37
CA ASP B 41 13.31 -19.88 -6.63
C ASP B 41 13.76 -21.20 -7.22
N ALA B 42 14.92 -21.20 -7.86
CA ALA B 42 15.47 -22.40 -8.48
C ALA B 42 15.72 -23.52 -7.46
N ARG B 43 15.59 -23.21 -6.17
CA ARG B 43 15.80 -24.21 -5.12
C ARG B 43 14.55 -25.01 -4.82
N THR B 44 13.39 -24.37 -4.93
CA THR B 44 12.12 -25.03 -4.65
C THR B 44 11.31 -25.27 -5.92
N THR B 45 11.88 -24.97 -7.08
CA THR B 45 11.17 -25.14 -8.34
C THR B 45 12.06 -25.71 -9.45
N PRO B 46 11.51 -26.58 -10.30
CA PRO B 46 12.30 -27.18 -11.39
C PRO B 46 12.75 -26.11 -12.37
N ALA B 47 14.00 -26.21 -12.80
CA ALA B 47 14.59 -25.26 -13.74
C ALA B 47 13.84 -25.30 -15.08
N THR B 48 12.80 -26.14 -15.14
CA THR B 48 12.02 -26.29 -16.34
C THR B 48 10.84 -25.33 -16.44
N GLU B 49 10.55 -24.60 -15.36
CA GLU B 49 9.45 -23.66 -15.37
C GLU B 49 9.85 -22.24 -15.81
N LEU B 50 11.05 -21.81 -15.46
CA LEU B 50 11.53 -20.47 -15.78
C LEU B 50 11.02 -20.01 -17.13
N ASP B 51 11.02 -20.93 -18.09
CA ASP B 51 10.55 -20.64 -19.43
C ASP B 51 9.17 -19.97 -19.45
N ALA B 52 8.14 -20.70 -19.04
CA ALA B 52 6.79 -20.16 -19.03
C ALA B 52 6.68 -18.99 -18.06
N TRP B 53 7.40 -19.08 -16.94
CA TRP B 53 7.39 -18.01 -15.96
C TRP B 53 7.91 -16.72 -16.61
N LEU B 54 9.05 -16.80 -17.31
CA LEU B 54 9.58 -15.62 -17.97
C LEU B 54 8.59 -15.16 -19.06
N ALA B 55 8.03 -16.13 -19.78
CA ALA B 55 7.09 -15.80 -20.84
C ALA B 55 5.83 -15.12 -20.29
N LYS B 56 5.48 -15.46 -19.05
CA LYS B 56 4.30 -14.91 -18.41
C LYS B 56 4.49 -13.58 -17.71
N TYR B 57 5.67 -13.36 -17.14
CA TYR B 57 5.90 -12.11 -16.42
C TYR B 57 7.10 -11.26 -16.84
N PRO B 58 7.10 -10.76 -18.09
CA PRO B 58 8.22 -9.92 -18.57
C PRO B 58 8.15 -8.56 -17.88
N PRO B 59 9.28 -8.10 -17.31
CA PRO B 59 9.31 -6.81 -16.62
C PRO B 59 8.78 -5.62 -17.43
N SER B 60 8.64 -5.80 -18.73
CA SER B 60 8.13 -4.73 -19.58
C SER B 60 6.61 -4.66 -19.50
N GLN B 61 6.00 -5.73 -19.01
CA GLN B 61 4.54 -5.76 -18.90
C GLN B 61 4.07 -5.76 -17.45
N VAL B 62 4.88 -6.32 -16.56
CA VAL B 62 4.48 -6.34 -15.16
C VAL B 62 4.56 -4.91 -14.67
N THR B 63 3.46 -4.42 -14.09
CA THR B 63 3.45 -3.04 -13.63
C THR B 63 3.59 -2.89 -12.13
N ARG B 64 4.16 -1.77 -11.73
CA ARG B 64 4.40 -1.47 -10.33
C ARG B 64 3.12 -1.55 -9.50
N TYR B 65 2.00 -1.22 -10.12
CA TYR B 65 0.73 -1.23 -9.42
C TYR B 65 -0.39 -2.07 -10.02
N GLY B 66 -0.01 -3.03 -10.85
CA GLY B 66 -0.98 -3.90 -11.48
C GLY B 66 -2.08 -3.19 -12.23
N ASP B 67 -1.71 -2.28 -13.13
CA ASP B 67 -2.69 -1.55 -13.92
C ASP B 67 -3.41 -2.49 -14.88
N PRO B 68 -4.72 -2.24 -15.10
CA PRO B 68 -5.49 -3.09 -16.01
C PRO B 68 -4.66 -3.33 -17.27
N GLY B 69 -4.60 -4.57 -17.73
CA GLY B 69 -3.82 -4.87 -18.91
C GLY B 69 -2.45 -5.42 -18.58
N SER B 70 -2.16 -5.58 -17.28
CA SER B 70 -0.88 -6.12 -16.83
C SER B 70 -1.05 -7.61 -16.54
N PRO B 71 0.06 -8.36 -16.53
CA PRO B 71 -0.05 -9.80 -16.24
C PRO B 71 -0.40 -9.93 -14.76
N ASN B 72 -0.05 -8.90 -14.00
CA ASN B 72 -0.29 -8.86 -12.56
C ASN B 72 -1.45 -7.94 -12.22
N SER B 73 -2.40 -8.46 -11.46
CA SER B 73 -3.57 -7.68 -11.07
C SER B 73 -3.30 -6.78 -9.86
N GLU B 74 -2.29 -7.13 -9.08
CA GLU B 74 -1.96 -6.36 -7.89
C GLU B 74 -0.59 -5.70 -8.00
N PRO B 75 -0.32 -4.73 -7.12
CA PRO B 75 0.96 -4.01 -7.12
C PRO B 75 2.15 -4.97 -6.97
N VAL B 76 3.27 -4.62 -7.60
CA VAL B 76 4.48 -5.43 -7.55
C VAL B 76 5.69 -4.54 -7.25
N GLY B 77 6.51 -4.95 -6.30
CA GLY B 77 7.68 -4.17 -5.95
C GLY B 77 8.89 -4.51 -6.81
N TRP B 78 9.16 -5.79 -6.94
CA TRP B 78 10.30 -6.27 -7.74
C TRP B 78 10.01 -7.64 -8.32
N ILE B 79 10.79 -7.99 -9.34
CA ILE B 79 10.68 -9.29 -9.99
C ILE B 79 12.01 -9.96 -9.64
N ALA B 80 11.95 -11.08 -8.92
CA ALA B 80 13.17 -11.73 -8.49
C ALA B 80 13.35 -13.20 -8.85
N VAL B 81 14.60 -13.62 -8.90
CA VAL B 81 14.94 -14.99 -9.18
C VAL B 81 16.07 -15.41 -8.26
N TYR B 82 15.86 -16.50 -7.52
CA TYR B 82 16.86 -17.04 -6.60
C TYR B 82 17.28 -18.39 -7.14
N GLY B 83 18.58 -18.59 -7.33
CA GLY B 83 19.07 -19.86 -7.83
C GLY B 83 19.38 -20.82 -6.70
N GLN B 84 20.26 -21.79 -6.97
CA GLN B 84 20.66 -22.77 -5.98
C GLN B 84 21.64 -22.13 -5.01
N GLY B 85 22.54 -21.30 -5.54
CA GLY B 85 23.52 -20.64 -4.71
C GLY B 85 22.98 -19.43 -3.99
N TYR B 86 22.23 -19.66 -2.93
CA TYR B 86 21.66 -18.56 -2.14
C TYR B 86 21.20 -18.97 -0.76
N SER B 87 21.56 -18.17 0.23
CA SER B 87 21.19 -18.41 1.63
C SER B 87 21.27 -17.07 2.37
N PRO B 88 20.77 -17.03 3.61
CA PRO B 88 20.81 -15.80 4.41
C PRO B 88 22.18 -15.12 4.47
N ASN B 89 22.17 -13.85 4.83
CA ASN B 89 23.38 -13.03 4.92
C ASN B 89 24.18 -13.14 6.22
N SER B 90 23.50 -12.94 7.34
CA SER B 90 24.11 -12.99 8.68
C SER B 90 24.72 -11.64 9.06
N GLY B 91 24.24 -10.57 8.43
CA GLY B 91 24.77 -9.25 8.71
C GLY B 91 24.02 -8.47 9.77
N ASP B 92 24.77 -7.78 10.62
CA ASP B 92 24.22 -6.97 11.71
C ASP B 92 23.80 -5.59 11.23
N VAL B 93 22.65 -5.53 10.55
CA VAL B 93 22.13 -4.29 10.02
C VAL B 93 21.76 -3.29 11.10
N GLN B 94 21.10 -3.75 12.15
CA GLN B 94 20.70 -2.86 13.23
C GLN B 94 21.98 -2.23 13.78
N GLY B 95 23.02 -3.03 13.92
CA GLY B 95 24.27 -2.51 14.42
C GLY B 95 24.86 -1.50 13.45
N LEU B 96 24.93 -1.86 12.17
CA LEU B 96 25.48 -0.98 11.15
C LEU B 96 24.76 0.36 11.14
N GLN B 97 23.45 0.32 11.33
CA GLN B 97 22.63 1.53 11.34
C GLN B 97 23.00 2.44 12.54
N ALA B 98 23.24 1.81 13.69
CA ALA B 98 23.60 2.56 14.90
C ALA B 98 25.02 3.11 14.76
N ALA B 99 25.92 2.26 14.26
CA ALA B 99 27.29 2.68 14.06
C ALA B 99 27.32 3.80 13.05
N TRP B 100 26.21 3.97 12.32
CA TRP B 100 26.08 5.01 11.30
C TRP B 100 25.59 6.32 11.91
N GLU B 101 24.50 6.23 12.67
CA GLU B 101 23.93 7.41 13.32
C GLU B 101 25.01 8.11 14.12
N ALA B 102 25.84 7.32 14.80
CA ALA B 102 26.92 7.83 15.63
C ALA B 102 28.03 8.45 14.78
N LEU B 103 28.47 7.72 13.75
CA LEU B 103 29.53 8.19 12.88
C LEU B 103 29.35 9.63 12.45
N GLN B 104 28.14 9.96 11.99
CA GLN B 104 27.84 11.31 11.56
C GLN B 104 28.06 12.28 12.71
N THR B 105 27.58 11.91 13.90
CA THR B 105 27.72 12.74 15.10
C THR B 105 29.19 13.11 15.24
N SER B 106 30.04 12.10 15.37
CA SER B 106 31.47 12.33 15.48
C SER B 106 31.90 13.04 14.21
N GLY B 107 32.69 14.10 14.37
CA GLY B 107 33.15 14.86 13.22
C GLY B 107 34.10 14.09 12.31
N ARG B 108 34.27 12.80 12.58
CA ARG B 108 35.16 11.97 11.78
C ARG B 108 34.95 12.19 10.29
N PRO B 109 36.04 12.15 9.51
CA PRO B 109 35.98 12.34 8.04
C PRO B 109 35.29 11.19 7.30
N ILE B 110 33.96 11.28 7.18
CA ILE B 110 33.17 10.27 6.49
C ILE B 110 33.72 9.98 5.08
N THR B 111 34.28 8.80 4.91
CA THR B 111 34.87 8.41 3.63
C THR B 111 34.56 6.96 3.26
N PRO B 112 34.88 6.57 2.02
CA PRO B 112 34.65 5.19 1.54
C PRO B 112 35.29 4.17 2.45
N GLY B 113 36.52 4.46 2.88
CA GLY B 113 37.25 3.56 3.75
C GLY B 113 36.53 3.28 5.04
N THR B 114 35.88 4.30 5.59
CA THR B 114 35.14 4.15 6.84
C THR B 114 33.97 3.20 6.61
N LEU B 115 33.26 3.40 5.52
CA LEU B 115 32.11 2.57 5.18
C LEU B 115 32.52 1.13 4.96
N ARG B 116 33.68 0.93 4.34
CA ARG B 116 34.18 -0.42 4.08
C ARG B 116 34.45 -1.12 5.42
N GLN B 117 35.08 -0.39 6.33
CA GLN B 117 35.38 -0.94 7.65
C GLN B 117 34.09 -1.30 8.33
N LEU B 118 33.15 -0.36 8.32
CA LEU B 118 31.83 -0.57 8.90
C LEU B 118 31.20 -1.85 8.39
N ALA B 119 31.09 -1.97 7.07
CA ALA B 119 30.50 -3.14 6.43
C ALA B 119 31.22 -4.42 6.85
N ILE B 120 32.54 -4.36 6.94
CA ILE B 120 33.33 -5.51 7.33
C ILE B 120 33.08 -5.82 8.81
N THR B 121 32.97 -4.77 9.62
CA THR B 121 32.74 -4.91 11.05
C THR B 121 31.39 -5.58 11.33
N HIS B 122 30.33 -5.11 10.68
CA HIS B 122 29.01 -5.68 10.92
C HIS B 122 28.65 -6.83 9.99
N HIS B 123 29.65 -7.31 9.26
CA HIS B 123 29.47 -8.43 8.35
C HIS B 123 28.43 -8.24 7.24
N VAL B 124 28.54 -7.12 6.53
CA VAL B 124 27.65 -6.80 5.41
C VAL B 124 28.57 -6.76 4.19
N LEU B 125 28.71 -7.90 3.51
CA LEU B 125 29.59 -8.03 2.36
C LEU B 125 28.93 -8.26 1.00
N SER B 126 27.63 -8.52 1.00
CA SER B 126 26.91 -8.76 -0.25
C SER B 126 26.95 -7.51 -1.12
N GLY B 127 26.87 -7.72 -2.44
CA GLY B 127 26.92 -6.59 -3.35
C GLY B 127 26.01 -6.74 -4.55
N LYS B 128 25.77 -5.62 -5.23
CA LYS B 128 24.91 -5.67 -6.40
C LYS B 128 25.30 -4.80 -7.59
N TRP B 129 25.33 -5.45 -8.74
CA TRP B 129 25.62 -4.78 -10.00
C TRP B 129 24.29 -4.16 -10.48
N LEU B 130 24.36 -2.92 -10.93
CA LEU B 130 23.17 -2.20 -11.41
C LEU B 130 23.27 -1.88 -12.90
N MSE B 131 22.12 -1.78 -13.57
CA MSE B 131 22.07 -1.51 -14.98
C MSE B 131 20.68 -1.04 -15.39
O MSE B 131 19.69 -1.46 -14.78
CB MSE B 131 22.41 -2.78 -15.76
CG MSE B 131 21.37 -3.87 -15.55
SE MSE B 131 22.05 -5.64 -15.84
CE MSE B 131 22.89 -5.90 -14.12
N HIS B 132 20.61 -0.19 -16.40
CA HIS B 132 19.33 0.31 -16.89
C HIS B 132 19.08 -0.13 -18.32
N LEU B 133 17.88 -0.62 -18.56
CA LEU B 133 17.46 -1.07 -19.88
C LEU B 133 16.15 -0.40 -20.21
N ALA B 134 16.03 0.04 -21.46
CA ALA B 134 14.81 0.70 -21.89
C ALA B 134 13.74 -0.37 -22.02
N PRO B 135 12.49 -0.04 -21.69
CA PRO B 135 11.41 -1.02 -21.80
C PRO B 135 11.39 -1.64 -23.20
N GLY B 136 10.90 -2.87 -23.29
CA GLY B 136 10.85 -3.53 -24.58
C GLY B 136 11.58 -4.87 -24.59
N PHE B 137 11.76 -5.40 -25.80
CA PHE B 137 12.40 -6.69 -25.97
C PHE B 137 13.86 -6.72 -25.51
N LYS B 138 14.53 -5.58 -25.55
CA LYS B 138 15.91 -5.52 -25.11
C LYS B 138 15.96 -5.91 -23.62
N LEU B 139 15.04 -5.34 -22.85
CA LEU B 139 14.96 -5.64 -21.43
C LEU B 139 14.58 -7.12 -21.18
N ASP B 140 13.45 -7.56 -21.72
CA ASP B 140 12.99 -8.93 -21.51
C ASP B 140 14.02 -9.98 -21.90
N HIS B 141 14.68 -9.73 -23.02
CA HIS B 141 15.69 -10.64 -23.50
C HIS B 141 16.80 -10.76 -22.44
N ALA B 142 17.41 -9.63 -22.11
CA ALA B 142 18.47 -9.59 -21.10
C ALA B 142 18.03 -10.32 -19.84
N TRP B 143 16.88 -9.91 -19.29
CA TRP B 143 16.35 -10.51 -18.08
C TRP B 143 16.22 -12.03 -18.23
N ALA B 144 15.75 -12.48 -19.39
CA ALA B 144 15.60 -13.90 -19.63
C ALA B 144 16.96 -14.58 -19.54
N GLY B 145 18.02 -13.83 -19.85
CA GLY B 145 19.36 -14.39 -19.78
C GLY B 145 19.91 -14.50 -18.37
N ILE B 146 19.91 -13.40 -17.63
CA ILE B 146 20.40 -13.41 -16.26
C ILE B 146 19.56 -14.38 -15.43
N ALA B 147 18.25 -14.34 -15.64
CA ALA B 147 17.34 -15.24 -14.95
C ALA B 147 17.82 -16.68 -15.20
N ARG B 148 18.30 -16.92 -16.40
CA ARG B 148 18.79 -18.24 -16.78
C ARG B 148 20.07 -18.54 -16.02
N ALA B 149 20.99 -17.59 -16.03
CA ALA B 149 22.27 -17.73 -15.36
C ALA B 149 22.09 -18.09 -13.87
N VAL B 150 21.29 -17.29 -13.17
CA VAL B 150 21.03 -17.54 -11.75
C VAL B 150 20.60 -19.00 -11.56
N VAL B 151 19.54 -19.40 -12.26
CA VAL B 151 19.02 -20.76 -12.18
C VAL B 151 20.10 -21.79 -12.55
N GLU B 152 21.21 -21.32 -13.10
CA GLU B 152 22.30 -22.23 -13.47
C GLU B 152 23.47 -22.12 -12.49
N GLY B 153 23.30 -21.34 -11.43
CA GLY B 153 24.35 -21.18 -10.45
C GLY B 153 25.42 -20.20 -10.84
N ARG B 154 25.40 -19.74 -12.09
CA ARG B 154 26.40 -18.79 -12.57
C ARG B 154 26.14 -17.40 -11.97
N LEU B 155 25.08 -17.29 -11.18
CA LEU B 155 24.72 -16.05 -10.50
C LEU B 155 23.89 -16.40 -9.28
N GLN B 156 24.13 -15.70 -8.18
CA GLN B 156 23.45 -15.96 -6.92
C GLN B 156 21.96 -15.64 -6.93
N VAL B 157 21.64 -14.39 -7.22
CA VAL B 157 20.26 -13.95 -7.25
C VAL B 157 20.21 -12.62 -7.99
N ALA B 158 19.10 -12.35 -8.65
CA ALA B 158 18.96 -11.10 -9.40
C ALA B 158 17.52 -10.67 -9.39
N LYS B 159 17.28 -9.40 -9.66
CA LYS B 159 15.92 -8.92 -9.68
C LYS B 159 15.75 -7.73 -10.61
N VAL B 160 14.55 -7.55 -11.15
CA VAL B 160 14.25 -6.44 -12.05
C VAL B 160 13.01 -5.69 -11.60
N SER B 161 13.07 -4.36 -11.63
CA SER B 161 11.95 -3.53 -11.22
C SER B 161 10.80 -3.56 -12.23
N PRO B 162 9.56 -3.35 -11.76
CA PRO B 162 8.42 -3.36 -12.70
C PRO B 162 8.32 -2.04 -13.45
N ARG B 163 7.47 -1.99 -14.48
CA ARG B 163 7.30 -0.78 -15.27
C ARG B 163 6.60 0.31 -14.44
N ALA B 164 7.19 1.50 -14.44
CA ALA B 164 6.63 2.64 -13.70
C ALA B 164 5.61 3.35 -14.58
N LYS B 165 4.61 3.95 -13.94
CA LYS B 165 3.56 4.65 -14.67
C LYS B 165 4.10 5.78 -15.55
N GLU B 166 5.25 6.33 -15.19
CA GLU B 166 5.85 7.38 -15.98
C GLU B 166 6.86 6.77 -16.95
N GLY B 167 6.80 5.46 -17.09
CA GLY B 167 7.69 4.75 -18.00
C GLY B 167 9.16 4.99 -17.70
N GLY B 168 10.00 4.80 -18.71
CA GLY B 168 11.43 4.99 -18.54
C GLY B 168 12.19 3.70 -18.39
N ARG B 169 13.47 3.80 -18.07
CA ARG B 169 14.32 2.63 -17.90
C ARG B 169 14.03 1.85 -16.62
N GLN B 170 13.98 0.53 -16.74
CA GLN B 170 13.75 -0.32 -15.58
C GLN B 170 15.13 -0.70 -15.09
N VAL B 171 15.20 -1.37 -13.93
CA VAL B 171 16.50 -1.76 -13.40
C VAL B 171 16.61 -3.26 -13.08
N ILE B 172 17.74 -3.83 -13.48
CA ILE B 172 18.03 -5.23 -13.21
C ILE B 172 19.23 -5.20 -12.27
N CYS B 173 19.07 -5.79 -11.09
CA CYS B 173 20.12 -5.85 -10.09
C CYS B 173 20.63 -7.27 -9.90
N VAL B 174 21.94 -7.43 -9.91
CA VAL B 174 22.56 -8.73 -9.71
C VAL B 174 23.29 -8.68 -8.37
N TYR B 175 23.17 -9.73 -7.57
CA TYR B 175 23.81 -9.76 -6.27
C TYR B 175 24.94 -10.77 -6.13
N THR B 176 25.98 -10.38 -5.38
CA THR B 176 27.11 -11.23 -5.06
C THR B 176 27.20 -11.15 -3.53
N ASP B 177 27.71 -12.19 -2.88
CA ASP B 177 27.75 -12.20 -1.42
C ASP B 177 28.95 -11.59 -0.73
N ASP B 178 30.01 -11.32 -1.48
CA ASP B 178 31.24 -10.79 -0.89
C ASP B 178 31.82 -9.71 -1.81
N PHE B 179 31.31 -8.49 -1.70
CA PHE B 179 31.79 -7.42 -2.55
C PHE B 179 33.30 -7.32 -2.44
N THR B 180 33.82 -7.63 -1.27
CA THR B 180 35.25 -7.57 -1.06
C THR B 180 36.01 -8.58 -1.91
N ASP B 181 35.36 -9.65 -2.36
CA ASP B 181 36.06 -10.62 -3.21
C ASP B 181 35.93 -10.18 -4.66
N ARG B 182 36.95 -9.49 -5.15
CA ARG B 182 36.95 -8.99 -6.51
C ARG B 182 36.74 -10.06 -7.58
N LEU B 183 37.03 -11.32 -7.25
CA LEU B 183 36.84 -12.38 -8.23
C LEU B 183 35.34 -12.67 -8.34
N GLY B 184 34.64 -12.62 -7.21
CA GLY B 184 33.21 -12.85 -7.21
C GLY B 184 32.54 -11.77 -8.04
N VAL B 185 33.02 -10.54 -7.91
CA VAL B 185 32.47 -9.42 -8.65
C VAL B 185 32.67 -9.63 -10.16
N LEU B 186 33.89 -9.93 -10.57
CA LEU B 186 34.19 -10.16 -11.97
C LEU B 186 33.31 -11.26 -12.52
N GLU B 187 33.10 -12.29 -11.70
CA GLU B 187 32.27 -13.41 -12.07
C GLU B 187 30.90 -12.90 -12.50
N ALA B 188 30.25 -12.16 -11.61
CA ALA B 188 28.93 -11.60 -11.91
C ALA B 188 28.97 -10.86 -13.25
N ASP B 189 29.92 -9.94 -13.41
CA ASP B 189 30.07 -9.16 -14.65
C ASP B 189 30.05 -10.11 -15.83
N SER B 190 30.92 -11.13 -15.79
CA SER B 190 31.00 -12.11 -16.86
C SER B 190 29.65 -12.71 -17.26
N ALA B 191 28.88 -13.17 -16.27
CA ALA B 191 27.59 -13.77 -16.55
C ALA B 191 26.66 -12.74 -17.20
N ILE B 192 26.76 -11.49 -16.72
CA ILE B 192 25.94 -10.41 -17.25
C ILE B 192 26.31 -10.13 -18.71
N ARG B 193 27.61 -10.09 -19.02
CA ARG B 193 28.04 -9.82 -20.38
C ARG B 193 27.71 -11.03 -21.25
N ALA B 194 27.57 -12.19 -20.63
CA ALA B 194 27.25 -13.39 -21.36
C ALA B 194 25.75 -13.37 -21.68
N ALA B 195 24.99 -12.55 -20.94
CA ALA B 195 23.56 -12.41 -21.20
C ALA B 195 23.36 -11.28 -22.23
N GLY B 196 24.39 -11.04 -23.05
CA GLY B 196 24.32 -10.03 -24.07
C GLY B 196 24.11 -8.62 -23.55
N ILE B 197 24.31 -8.40 -22.26
CA ILE B 197 24.13 -7.07 -21.70
C ILE B 197 25.40 -6.24 -21.88
N LYS B 198 25.33 -5.30 -22.82
CA LYS B 198 26.47 -4.43 -23.13
C LYS B 198 26.28 -3.07 -22.50
N CYS B 199 25.38 -2.99 -21.52
CA CYS B 199 25.10 -1.75 -20.83
C CYS B 199 26.17 -1.41 -19.79
N LEU B 200 26.17 -0.18 -19.34
CA LEU B 200 27.13 0.28 -18.32
C LEU B 200 26.69 -0.27 -16.98
N LEU B 201 27.57 -1.01 -16.31
CA LEU B 201 27.23 -1.56 -15.01
C LEU B 201 27.93 -0.75 -13.92
N THR B 202 27.39 -0.83 -12.71
CA THR B 202 27.96 -0.15 -11.56
C THR B 202 27.67 -1.08 -10.39
N TYR B 203 28.72 -1.46 -9.66
CA TYR B 203 28.57 -2.35 -8.53
C TYR B 203 28.40 -1.57 -7.23
N LYS B 204 27.30 -1.82 -6.55
CA LYS B 204 27.01 -1.12 -5.30
C LYS B 204 26.98 -2.06 -4.11
N PRO B 205 27.64 -1.68 -3.00
CA PRO B 205 27.65 -2.53 -1.81
C PRO B 205 26.39 -2.30 -0.97
N ASP B 206 25.88 -3.34 -0.32
CA ASP B 206 24.70 -3.17 0.51
C ASP B 206 24.84 -2.09 1.60
N VAL B 207 26.02 -1.96 2.19
CA VAL B 207 26.22 -0.95 3.22
C VAL B 207 25.81 0.44 2.74
N TYR B 208 25.97 0.71 1.45
CA TYR B 208 25.57 2.00 0.89
C TYR B 208 24.05 2.07 0.76
N THR B 209 23.44 0.95 0.37
CA THR B 209 22.00 0.90 0.20
C THR B 209 21.25 0.88 1.53
N TYR B 210 21.66 0.02 2.45
CA TYR B 210 21.04 -0.05 3.76
C TYR B 210 21.17 1.28 4.50
N LEU B 211 22.39 1.80 4.57
CA LEU B 211 22.62 3.07 5.25
C LEU B 211 22.06 4.26 4.48
N GLY B 212 21.19 3.97 3.51
CA GLY B 212 20.57 5.01 2.71
C GLY B 212 21.52 6.13 2.31
N ILE B 213 22.19 5.96 1.17
CA ILE B 213 23.13 6.93 0.65
C ILE B 213 23.11 6.90 -0.88
N TYR B 214 23.12 8.07 -1.50
CA TYR B 214 23.10 8.17 -2.95
C TYR B 214 24.07 9.24 -3.44
N ARG B 215 24.42 9.19 -4.73
CA ARG B 215 25.36 10.14 -5.31
C ARG B 215 25.16 11.59 -4.87
N ALA B 216 23.90 11.95 -4.60
CA ALA B 216 23.63 13.30 -4.13
C ALA B 216 23.61 13.22 -2.61
N ASN B 217 24.76 13.44 -1.97
CA ASN B 217 24.83 13.39 -0.52
C ASN B 217 25.73 14.48 0.06
N ARG B 218 25.54 14.76 1.35
CA ARG B 218 26.31 15.79 2.04
C ARG B 218 27.82 15.57 1.95
N TRP B 219 28.22 14.32 2.10
CA TRP B 219 29.62 13.93 2.10
C TRP B 219 30.30 13.83 0.74
N HIS B 220 29.52 13.94 -0.33
CA HIS B 220 30.08 13.86 -1.68
C HIS B 220 30.73 12.50 -1.88
N LEU B 221 30.12 11.46 -1.33
CA LEU B 221 30.63 10.10 -1.48
C LEU B 221 30.26 9.52 -2.83
N CYS B 222 31.11 8.64 -3.36
CA CYS B 222 30.81 7.99 -4.62
C CYS B 222 30.04 6.74 -4.20
N PRO B 223 28.72 6.74 -4.42
CA PRO B 223 27.88 5.60 -4.05
C PRO B 223 28.17 4.30 -4.83
N THR B 224 29.23 4.30 -5.63
CA THR B 224 29.62 3.12 -6.41
C THR B 224 31.10 2.80 -6.28
N LEU B 225 31.40 1.54 -6.01
CA LEU B 225 32.78 1.09 -5.86
C LEU B 225 33.38 0.62 -7.19
N TYR B 226 32.61 -0.11 -7.99
CA TYR B 226 33.11 -0.61 -9.26
C TYR B 226 32.22 -0.22 -10.44
N GLU B 227 32.85 -0.14 -11.61
CA GLU B 227 32.19 0.20 -12.86
C GLU B 227 32.62 -0.77 -13.95
N SER B 228 31.71 -1.07 -14.88
CA SER B 228 32.03 -1.97 -15.97
C SER B 228 31.57 -1.38 -17.31
N ARG B 229 32.54 -0.97 -18.13
CA ARG B 229 32.26 -0.40 -19.42
C ARG B 229 32.46 -1.49 -20.46
N PHE B 230 31.46 -1.72 -21.32
CA PHE B 230 31.62 -2.74 -22.33
C PHE B 230 32.32 -2.16 -23.55
N GLN B 231 33.19 -2.96 -24.17
CA GLN B 231 33.91 -2.49 -25.33
C GLN B 231 33.57 -3.30 -26.58
N LEU B 232 33.14 -2.60 -27.63
CA LEU B 232 32.79 -3.22 -28.89
C LEU B 232 33.96 -3.09 -29.85
N GLY B 233 33.89 -3.79 -30.98
CA GLY B 233 34.96 -3.69 -31.96
C GLY B 233 35.72 -4.96 -32.29
N GLY B 234 36.26 -5.62 -31.26
CA GLY B 234 37.00 -6.84 -31.50
C GLY B 234 38.48 -6.65 -31.22
N SER B 235 38.87 -5.42 -30.89
CA SER B 235 40.26 -5.11 -30.61
C SER B 235 40.42 -4.66 -29.15
N ALA B 236 39.46 -5.08 -28.33
CA ALA B 236 39.45 -4.77 -26.91
C ALA B 236 38.77 -5.91 -26.16
N ARG B 237 39.13 -6.09 -24.90
CA ARG B 237 38.52 -7.13 -24.09
C ARG B 237 37.08 -6.74 -23.78
N GLY B 238 36.14 -7.51 -24.31
CA GLY B 238 34.73 -7.25 -24.11
C GLY B 238 34.38 -6.31 -22.98
N SER B 239 34.84 -6.60 -21.77
CA SER B 239 34.52 -5.76 -20.60
C SER B 239 35.72 -5.13 -19.90
N ARG B 240 35.52 -3.90 -19.39
CA ARG B 240 36.57 -3.18 -18.67
C ARG B 240 36.04 -2.74 -17.30
N VAL B 241 36.48 -3.45 -16.27
CA VAL B 241 36.05 -3.18 -14.90
C VAL B 241 37.06 -2.37 -14.11
N LEU B 242 36.60 -1.26 -13.52
CA LEU B 242 37.46 -0.40 -12.73
C LEU B 242 37.08 -0.40 -11.25
N ASP B 243 38.08 -0.22 -10.40
CA ASP B 243 37.87 -0.15 -8.95
C ASP B 243 37.93 1.34 -8.61
N ARG B 244 36.85 2.05 -8.90
CA ARG B 244 36.81 3.48 -8.65
C ARG B 244 37.26 3.84 -7.24
N ALA B 245 37.30 2.84 -6.37
CA ALA B 245 37.71 3.08 -4.99
C ALA B 245 39.24 3.09 -4.84
N ASN B 246 39.91 2.15 -5.48
CA ASN B 246 41.37 2.05 -5.38
C ASN B 246 42.16 2.30 -6.66
N ASN B 247 41.48 2.70 -7.73
CA ASN B 247 42.13 2.96 -9.01
C ASN B 247 42.88 1.72 -9.48
N VAL B 248 42.14 0.63 -9.67
CA VAL B 248 42.72 -0.65 -10.09
C VAL B 248 41.88 -1.27 -11.20
N GLU B 249 42.49 -1.49 -12.36
CA GLU B 249 41.76 -2.11 -13.45
C GLU B 249 41.73 -3.62 -13.20
N LEU B 250 40.63 -4.10 -12.64
CA LEU B 250 40.50 -5.53 -12.37
C LEU B 250 40.58 -6.23 -13.71
N THR B 251 40.36 -5.44 -14.75
CA THR B 251 40.38 -5.84 -16.16
C THR B 251 38.94 -5.99 -16.67
N MSE C 30 -39.91 2.57 -1.81
CA MSE C 30 -40.19 3.49 -2.95
C MSE C 30 -39.02 4.44 -3.21
O MSE C 30 -38.87 5.46 -2.53
CB MSE C 30 -41.46 4.31 -2.68
CG MSE C 30 -42.75 3.50 -2.67
SE MSE C 30 -43.20 2.71 -4.39
CE MSE C 30 -43.97 4.24 -5.27
N ALA C 31 -38.20 4.10 -4.19
CA ALA C 31 -37.05 4.91 -4.56
C ALA C 31 -37.25 5.45 -5.97
N ALA C 32 -36.55 6.55 -6.27
CA ALA C 32 -36.63 7.19 -7.58
C ALA C 32 -36.27 6.20 -8.69
N ASP C 33 -35.31 5.32 -8.39
CA ASP C 33 -34.86 4.31 -9.35
C ASP C 33 -34.74 2.96 -8.66
N MSE C 34 -35.68 2.07 -8.96
CA MSE C 34 -35.73 0.74 -8.37
C MSE C 34 -35.50 -0.32 -9.43
O MSE C 34 -35.68 -1.51 -9.18
CB MSE C 34 -37.08 0.54 -7.67
CG MSE C 34 -37.38 1.54 -6.55
SE MSE C 34 -39.13 1.31 -5.70
CE MSE C 34 -40.18 2.36 -6.95
N ASP C 35 -35.09 0.12 -10.62
CA ASP C 35 -34.86 -0.78 -11.75
C ASP C 35 -33.44 -1.34 -11.84
N PRO C 36 -33.22 -2.27 -12.78
CA PRO C 36 -31.89 -2.86 -12.96
C PRO C 36 -31.04 -1.85 -13.71
N TRP C 37 -29.76 -2.17 -13.85
CA TRP C 37 -28.82 -1.31 -14.56
C TRP C 37 -28.04 -2.17 -15.56
N LEU C 38 -27.74 -1.60 -16.73
CA LEU C 38 -26.93 -2.30 -17.74
C LEU C 38 -25.52 -1.96 -17.28
N VAL C 39 -24.81 -2.98 -16.83
CA VAL C 39 -23.48 -2.78 -16.28
C VAL C 39 -22.34 -3.57 -16.89
N PHE C 40 -21.19 -2.92 -17.04
CA PHE C 40 -19.99 -3.61 -17.49
C PHE C 40 -18.99 -3.39 -16.37
N ASP C 41 -18.68 -4.46 -15.63
CA ASP C 41 -17.74 -4.36 -14.53
C ASP C 41 -16.39 -4.88 -14.97
N ALA C 42 -15.49 -3.97 -15.32
CA ALA C 42 -14.15 -4.37 -15.76
C ALA C 42 -13.40 -4.98 -14.59
N ARG C 43 -13.93 -4.80 -13.38
CA ARG C 43 -13.27 -5.37 -12.21
C ARG C 43 -13.49 -6.89 -12.26
N THR C 44 -14.10 -7.37 -13.34
CA THR C 44 -14.36 -8.80 -13.44
C THR C 44 -14.71 -9.32 -14.83
N THR C 45 -14.71 -8.46 -15.84
CA THR C 45 -15.07 -8.91 -17.19
C THR C 45 -13.98 -8.72 -18.25
N PRO C 46 -13.84 -9.71 -19.16
CA PRO C 46 -12.85 -9.67 -20.24
C PRO C 46 -12.97 -8.38 -21.03
N ALA C 47 -11.96 -7.53 -20.91
CA ALA C 47 -11.94 -6.24 -21.59
C ALA C 47 -12.31 -6.33 -23.06
N THR C 48 -11.85 -7.39 -23.72
CA THR C 48 -12.12 -7.57 -25.13
C THR C 48 -13.61 -7.73 -25.37
N GLU C 49 -14.37 -7.92 -24.31
CA GLU C 49 -15.80 -8.08 -24.42
C GLU C 49 -16.48 -6.71 -24.51
N LEU C 50 -15.74 -5.66 -24.14
CA LEU C 50 -16.31 -4.32 -24.17
C LEU C 50 -16.91 -3.89 -25.50
N ASP C 51 -16.13 -3.98 -26.59
CA ASP C 51 -16.63 -3.57 -27.90
C ASP C 51 -18.01 -4.13 -28.27
N ALA C 52 -18.23 -5.41 -28.02
CA ALA C 52 -19.52 -6.03 -28.35
C ALA C 52 -20.61 -5.51 -27.44
N TRP C 53 -20.27 -5.35 -26.17
CA TRP C 53 -21.21 -4.87 -25.18
C TRP C 53 -21.65 -3.44 -25.52
N LEU C 54 -20.67 -2.58 -25.79
CA LEU C 54 -20.94 -1.19 -26.10
C LEU C 54 -21.94 -0.99 -27.22
N ALA C 55 -21.93 -1.95 -28.16
CA ALA C 55 -22.80 -1.92 -29.33
C ALA C 55 -24.22 -2.43 -29.10
N LYS C 56 -24.33 -3.56 -28.40
CA LYS C 56 -25.63 -4.14 -28.13
C LYS C 56 -26.54 -3.19 -27.36
N TYR C 57 -25.95 -2.34 -26.53
CA TYR C 57 -26.73 -1.43 -25.72
C TYR C 57 -26.24 0.02 -25.77
N PRO C 58 -26.30 0.67 -26.94
CA PRO C 58 -25.83 2.06 -26.96
C PRO C 58 -26.75 2.96 -26.13
N PRO C 59 -26.18 3.98 -25.46
CA PRO C 59 -26.99 4.88 -24.64
C PRO C 59 -28.08 5.59 -25.42
N SER C 60 -28.10 5.39 -26.74
CA SER C 60 -29.12 5.98 -27.60
C SER C 60 -30.30 5.04 -27.73
N GLN C 61 -29.99 3.78 -28.01
CA GLN C 61 -31.01 2.76 -28.20
C GLN C 61 -31.57 2.18 -26.90
N VAL C 62 -30.75 2.10 -25.85
CA VAL C 62 -31.23 1.59 -24.57
C VAL C 62 -32.28 2.56 -24.04
N THR C 63 -33.49 2.07 -23.74
CA THR C 63 -34.55 2.93 -23.24
C THR C 63 -34.77 2.82 -21.75
N ARG C 64 -35.08 3.95 -21.14
CA ARG C 64 -35.33 4.01 -19.71
C ARG C 64 -36.39 3.00 -19.29
N TYR C 65 -37.53 3.00 -19.99
CA TYR C 65 -38.61 2.09 -19.64
C TYR C 65 -38.77 0.88 -20.54
N GLY C 66 -37.72 0.56 -21.27
CA GLY C 66 -37.77 -0.59 -22.15
C GLY C 66 -38.90 -0.55 -23.17
N ASP C 67 -39.07 0.59 -23.85
CA ASP C 67 -40.10 0.73 -24.86
C ASP C 67 -39.91 -0.35 -25.92
N PRO C 68 -41.00 -0.83 -26.53
CA PRO C 68 -40.88 -1.86 -27.56
C PRO C 68 -39.88 -1.39 -28.63
N GLY C 69 -39.20 -2.33 -29.28
CA GLY C 69 -38.24 -1.96 -30.30
C GLY C 69 -36.91 -1.45 -29.76
N SER C 70 -36.65 -1.69 -28.48
CA SER C 70 -35.41 -1.26 -27.83
C SER C 70 -34.50 -2.45 -27.57
N PRO C 71 -33.19 -2.22 -27.47
CA PRO C 71 -32.29 -3.35 -27.22
C PRO C 71 -32.61 -3.98 -25.86
N ASN C 72 -33.26 -3.21 -24.99
CA ASN C 72 -33.65 -3.67 -23.66
C ASN C 72 -35.18 -3.77 -23.51
N SER C 73 -35.65 -4.84 -22.88
CA SER C 73 -37.09 -5.02 -22.68
C SER C 73 -37.51 -4.77 -21.24
N GLU C 74 -36.52 -4.52 -20.38
CA GLU C 74 -36.75 -4.23 -18.97
C GLU C 74 -36.43 -2.76 -18.73
N PRO C 75 -37.10 -2.14 -17.74
CA PRO C 75 -36.82 -0.73 -17.45
C PRO C 75 -35.39 -0.65 -16.88
N VAL C 76 -34.49 0.00 -17.59
CA VAL C 76 -33.12 0.14 -17.14
C VAL C 76 -32.96 1.56 -16.59
N GLY C 77 -32.50 1.68 -15.36
CA GLY C 77 -32.35 2.98 -14.75
C GLY C 77 -31.04 3.66 -15.04
N TRP C 78 -30.00 2.87 -15.27
CA TRP C 78 -28.66 3.40 -15.58
C TRP C 78 -27.88 2.44 -16.46
N ILE C 79 -26.91 2.99 -17.19
CA ILE C 79 -26.00 2.22 -18.04
C ILE C 79 -24.68 2.57 -17.37
N ALA C 80 -23.88 1.56 -17.02
CA ALA C 80 -22.62 1.82 -16.32
C ALA C 80 -21.45 0.92 -16.68
N VAL C 81 -20.27 1.36 -16.26
CA VAL C 81 -19.04 0.60 -16.46
C VAL C 81 -18.17 0.79 -15.22
N TYR C 82 -17.85 -0.30 -14.53
CA TYR C 82 -17.02 -0.24 -13.33
C TYR C 82 -15.60 -0.65 -13.70
N GLY C 83 -14.62 0.12 -13.22
CA GLY C 83 -13.24 -0.19 -13.53
C GLY C 83 -12.52 -0.85 -12.38
N GLN C 84 -11.50 -1.65 -12.68
CA GLN C 84 -10.73 -2.33 -11.65
C GLN C 84 -10.40 -1.38 -10.51
N GLY C 85 -10.41 -1.92 -9.30
CA GLY C 85 -10.12 -1.12 -8.14
C GLY C 85 -11.35 -0.43 -7.57
N TYR C 86 -12.39 -0.31 -8.38
CA TYR C 86 -13.61 0.34 -7.93
C TYR C 86 -14.22 -0.40 -6.74
N SER C 87 -14.65 0.36 -5.74
CA SER C 87 -15.27 -0.20 -4.55
C SER C 87 -15.88 0.91 -3.70
N PRO C 88 -16.84 0.56 -2.83
CA PRO C 88 -17.44 1.60 -2.01
C PRO C 88 -16.44 2.16 -1.00
N ASN C 89 -16.19 3.46 -1.08
CA ASN C 89 -15.28 4.16 -0.17
C ASN C 89 -16.07 5.13 0.69
N SER C 90 -17.41 5.05 0.59
CA SER C 90 -18.33 5.91 1.31
C SER C 90 -17.92 6.33 2.73
N GLY C 91 -18.57 7.40 3.21
CA GLY C 91 -18.28 7.92 4.53
C GLY C 91 -19.47 8.05 5.47
N ASP C 92 -19.36 8.95 6.44
CA ASP C 92 -20.39 9.15 7.44
C ASP C 92 -21.53 10.06 7.01
N VAL C 93 -22.41 9.51 6.17
CA VAL C 93 -23.54 10.27 5.66
C VAL C 93 -24.57 10.56 6.74
N GLN C 94 -24.68 9.68 7.73
CA GLN C 94 -25.64 9.89 8.81
C GLN C 94 -25.18 11.13 9.58
N GLY C 95 -23.89 11.20 9.85
CA GLY C 95 -23.35 12.34 10.57
C GLY C 95 -23.47 13.60 9.74
N LEU C 96 -23.26 13.46 8.44
CA LEU C 96 -23.35 14.61 7.54
C LEU C 96 -24.75 15.21 7.57
N GLN C 97 -25.75 14.38 7.30
CA GLN C 97 -27.14 14.82 7.28
C GLN C 97 -27.58 15.39 8.62
N ALA C 98 -26.90 14.97 9.68
CA ALA C 98 -27.20 15.44 11.03
C ALA C 98 -26.52 16.79 11.27
N ALA C 99 -25.27 16.91 10.83
CA ALA C 99 -24.52 18.16 10.97
C ALA C 99 -25.13 19.24 10.08
N TRP C 100 -25.77 18.81 9.00
CA TRP C 100 -26.39 19.75 8.07
C TRP C 100 -27.54 20.49 8.75
N GLU C 101 -28.20 19.83 9.71
CA GLU C 101 -29.31 20.46 10.41
C GLU C 101 -28.80 21.42 11.50
N ALA C 102 -27.72 21.03 12.14
CA ALA C 102 -27.14 21.85 13.20
C ALA C 102 -26.72 23.17 12.57
N LEU C 103 -26.09 23.08 11.41
CA LEU C 103 -25.60 24.23 10.68
C LEU C 103 -26.73 25.17 10.27
N GLN C 104 -27.87 24.60 9.91
CA GLN C 104 -29.00 25.41 9.48
C GLN C 104 -29.65 26.18 10.62
N THR C 105 -30.09 25.46 11.63
CA THR C 105 -30.74 26.07 12.78
C THR C 105 -29.76 26.94 13.59
N SER C 106 -28.48 26.83 13.27
CA SER C 106 -27.48 27.61 14.00
C SER C 106 -27.48 29.07 13.55
N GLY C 107 -26.31 29.55 13.13
CA GLY C 107 -26.19 30.93 12.68
C GLY C 107 -24.96 31.14 11.82
N ARG C 108 -24.08 30.15 11.80
CA ARG C 108 -22.86 30.24 11.01
C ARG C 108 -23.23 30.40 9.53
N PRO C 109 -22.37 31.08 8.76
CA PRO C 109 -22.65 31.29 7.33
C PRO C 109 -22.60 30.01 6.50
N ILE C 110 -23.49 29.91 5.51
CA ILE C 110 -23.55 28.74 4.64
C ILE C 110 -22.76 29.05 3.37
N THR C 111 -21.51 28.60 3.32
CA THR C 111 -20.68 28.85 2.16
C THR C 111 -20.03 27.57 1.63
N PRO C 112 -19.42 27.64 0.44
CA PRO C 112 -18.77 26.46 -0.13
C PRO C 112 -17.74 25.85 0.83
N GLY C 113 -17.08 26.71 1.57
CA GLY C 113 -16.07 26.26 2.52
C GLY C 113 -16.65 25.46 3.67
N THR C 114 -17.84 25.83 4.13
CA THR C 114 -18.47 25.11 5.22
C THR C 114 -18.64 23.66 4.79
N LEU C 115 -18.94 23.47 3.50
CA LEU C 115 -19.13 22.14 2.95
C LEU C 115 -17.81 21.38 2.76
N ARG C 116 -16.77 22.05 2.26
CA ARG C 116 -15.49 21.37 2.07
C ARG C 116 -14.99 20.90 3.43
N GLN C 117 -15.57 21.46 4.49
CA GLN C 117 -15.23 21.12 5.86
C GLN C 117 -16.15 20.00 6.34
N LEU C 118 -17.46 20.22 6.22
CA LEU C 118 -18.43 19.20 6.62
C LEU C 118 -18.06 17.90 5.92
N ALA C 119 -17.78 17.99 4.62
CA ALA C 119 -17.44 16.84 3.77
C ALA C 119 -16.27 15.99 4.27
N ILE C 120 -15.09 16.59 4.38
CA ILE C 120 -13.92 15.86 4.84
C ILE C 120 -14.23 15.22 6.18
N THR C 121 -14.58 16.06 7.15
CA THR C 121 -14.91 15.61 8.49
C THR C 121 -15.77 14.35 8.50
N HIS C 122 -16.68 14.25 7.53
CA HIS C 122 -17.58 13.11 7.46
C HIS C 122 -17.27 12.13 6.34
N HIS C 123 -16.13 12.33 5.70
CA HIS C 123 -15.67 11.43 4.64
C HIS C 123 -16.60 11.27 3.41
N VAL C 124 -17.50 12.21 3.19
CA VAL C 124 -18.38 12.17 2.01
C VAL C 124 -17.60 13.07 1.04
N LEU C 125 -16.61 12.46 0.38
CA LEU C 125 -15.69 13.18 -0.51
C LEU C 125 -15.76 12.94 -2.02
N SER C 126 -16.30 11.80 -2.42
CA SER C 126 -16.39 11.44 -3.83
C SER C 126 -17.20 12.42 -4.68
N GLY C 127 -17.13 12.21 -5.99
CA GLY C 127 -17.85 13.07 -6.92
C GLY C 127 -17.68 12.66 -8.37
N LYS C 128 -18.17 13.50 -9.28
CA LYS C 128 -18.08 13.21 -10.70
C LYS C 128 -18.30 14.42 -11.60
N TRP C 129 -17.76 14.33 -12.81
CA TRP C 129 -17.93 15.39 -13.81
C TRP C 129 -19.25 15.07 -14.50
N LEU C 130 -19.97 16.11 -14.92
CA LEU C 130 -21.24 15.94 -15.62
C LEU C 130 -21.19 16.61 -16.99
N MSE C 131 -21.86 15.99 -17.97
CA MSE C 131 -21.90 16.53 -19.32
C MSE C 131 -23.20 16.08 -19.96
O MSE C 131 -23.65 14.96 -19.73
CB MSE C 131 -20.69 16.03 -20.11
CG MSE C 131 -20.67 14.53 -20.34
SE MSE C 131 -18.90 13.84 -20.77
CE MSE C 131 -18.28 13.53 -18.97
N HIS C 132 -23.79 16.96 -20.76
CA HIS C 132 -25.06 16.68 -21.43
C HIS C 132 -24.91 16.75 -22.94
N LEU C 133 -24.77 15.58 -23.57
CA LEU C 133 -24.63 15.53 -25.01
C LEU C 133 -25.96 15.32 -25.73
N ALA C 134 -26.00 15.73 -27.00
CA ALA C 134 -27.20 15.57 -27.81
C ALA C 134 -27.35 14.08 -28.08
N PRO C 135 -28.58 13.61 -28.36
CA PRO C 135 -28.72 12.17 -28.62
C PRO C 135 -28.18 11.84 -30.01
N GLY C 136 -27.73 10.61 -30.20
CA GLY C 136 -27.19 10.23 -31.48
C GLY C 136 -25.78 9.66 -31.43
N PHE C 137 -25.10 9.74 -32.57
CA PHE C 137 -23.77 9.20 -32.68
C PHE C 137 -22.72 9.87 -31.81
N LYS C 138 -22.84 11.16 -31.56
CA LYS C 138 -21.86 11.85 -30.73
C LYS C 138 -21.93 11.35 -29.28
N LEU C 139 -23.13 11.29 -28.72
CA LEU C 139 -23.30 10.80 -27.37
C LEU C 139 -22.78 9.37 -27.29
N ASP C 140 -23.15 8.53 -28.25
CA ASP C 140 -22.70 7.14 -28.23
C ASP C 140 -21.19 7.05 -28.39
N HIS C 141 -20.65 7.81 -29.35
CA HIS C 141 -19.22 7.80 -29.59
C HIS C 141 -18.51 8.26 -28.32
N ALA C 142 -19.08 9.27 -27.67
CA ALA C 142 -18.50 9.80 -26.43
C ALA C 142 -18.46 8.73 -25.35
N TRP C 143 -19.61 8.09 -25.13
CA TRP C 143 -19.73 7.05 -24.11
C TRP C 143 -18.74 5.92 -24.34
N ALA C 144 -18.49 5.58 -25.60
CA ALA C 144 -17.55 4.53 -25.97
C ALA C 144 -16.14 4.85 -25.45
N GLY C 145 -15.76 6.12 -25.50
CA GLY C 145 -14.45 6.53 -25.02
C GLY C 145 -14.39 6.64 -23.49
N ILE C 146 -15.48 7.10 -22.89
CA ILE C 146 -15.53 7.22 -21.45
C ILE C 146 -15.37 5.82 -20.85
N ALA C 147 -16.10 4.86 -21.43
CA ALA C 147 -16.05 3.48 -20.97
C ALA C 147 -14.65 2.90 -21.18
N ARG C 148 -14.08 3.16 -22.34
CA ARG C 148 -12.75 2.67 -22.66
C ARG C 148 -11.72 3.21 -21.66
N ALA C 149 -12.00 4.37 -21.08
CA ALA C 149 -11.09 4.97 -20.10
C ALA C 149 -11.24 4.39 -18.67
N VAL C 150 -12.47 4.01 -18.30
CA VAL C 150 -12.74 3.43 -16.99
C VAL C 150 -12.09 2.05 -16.93
N VAL C 151 -11.79 1.51 -18.12
CA VAL C 151 -11.15 0.21 -18.24
C VAL C 151 -9.63 0.32 -18.38
N GLU C 152 -9.15 1.34 -19.07
CA GLU C 152 -7.71 1.52 -19.23
C GLU C 152 -7.04 2.14 -17.98
N GLY C 153 -7.83 2.32 -16.93
CA GLY C 153 -7.30 2.86 -15.70
C GLY C 153 -7.44 4.36 -15.47
N ARG C 154 -7.71 5.13 -16.52
CA ARG C 154 -7.85 6.56 -16.34
C ARG C 154 -9.04 6.84 -15.42
N LEU C 155 -10.24 6.63 -15.92
CA LEU C 155 -11.45 6.87 -15.11
C LEU C 155 -11.76 5.64 -14.27
N GLN C 156 -12.40 5.85 -13.13
CA GLN C 156 -12.72 4.76 -12.22
C GLN C 156 -14.02 4.04 -12.57
N VAL C 157 -15.04 4.82 -12.93
CA VAL C 157 -16.34 4.27 -13.31
C VAL C 157 -17.14 5.41 -13.93
N ALA C 158 -18.11 5.06 -14.76
CA ALA C 158 -18.95 6.05 -15.42
C ALA C 158 -20.32 5.49 -15.74
N LYS C 159 -21.28 6.39 -15.91
CA LYS C 159 -22.64 5.99 -16.26
C LYS C 159 -23.24 6.97 -17.27
N VAL C 160 -24.23 6.51 -18.02
CA VAL C 160 -24.91 7.37 -18.97
C VAL C 160 -26.41 7.07 -19.01
N SER C 161 -27.20 8.08 -18.66
CA SER C 161 -28.64 7.93 -18.66
C SER C 161 -29.16 7.34 -19.97
N PRO C 162 -30.08 6.36 -19.89
CA PRO C 162 -30.67 5.72 -21.07
C PRO C 162 -31.63 6.67 -21.77
N ARG C 163 -32.19 6.23 -22.90
CA ARG C 163 -33.12 7.08 -23.66
C ARG C 163 -34.56 7.05 -23.11
N ALA C 164 -35.21 8.20 -23.21
CA ALA C 164 -36.59 8.32 -22.76
C ALA C 164 -37.51 8.03 -23.95
N LYS C 165 -38.77 7.74 -23.66
CA LYS C 165 -39.74 7.48 -24.71
C LYS C 165 -39.71 8.60 -25.75
N GLU C 166 -38.94 9.65 -25.44
CA GLU C 166 -38.76 10.80 -26.33
C GLU C 166 -37.26 10.99 -26.61
N GLY C 167 -36.71 12.09 -26.12
CA GLY C 167 -35.31 12.40 -26.32
C GLY C 167 -34.80 13.40 -25.31
N GLY C 168 -33.94 14.33 -25.74
CA GLY C 168 -33.40 15.31 -24.83
C GLY C 168 -31.95 15.01 -24.53
N ARG C 169 -31.28 15.91 -23.80
CA ARG C 169 -29.88 15.68 -23.48
C ARG C 169 -29.68 14.58 -22.44
N GLN C 170 -29.09 13.47 -22.88
CA GLN C 170 -28.83 12.36 -21.97
C GLN C 170 -27.53 12.71 -21.24
N VAL C 171 -27.43 12.31 -19.97
CA VAL C 171 -26.25 12.62 -19.17
C VAL C 171 -25.25 11.47 -18.99
N ILE C 172 -23.98 11.86 -18.83
CA ILE C 172 -22.89 10.92 -18.58
C ILE C 172 -22.22 11.33 -17.27
N CYS C 173 -21.94 10.33 -16.44
CA CYS C 173 -21.30 10.54 -15.15
C CYS C 173 -19.94 9.86 -15.11
N VAL C 174 -18.91 10.63 -14.75
CA VAL C 174 -17.55 10.11 -14.63
C VAL C 174 -17.10 10.41 -13.21
N TYR C 175 -17.24 9.42 -12.32
CA TYR C 175 -16.89 9.54 -10.91
C TYR C 175 -15.38 9.58 -10.65
N THR C 176 -14.97 10.41 -9.68
CA THR C 176 -13.56 10.54 -9.32
C THR C 176 -13.38 10.53 -7.82
N ASP C 177 -12.12 10.48 -7.37
CA ASP C 177 -11.81 10.44 -5.95
C ASP C 177 -12.44 11.54 -5.08
N ASP C 178 -11.62 12.47 -4.60
CA ASP C 178 -12.12 13.54 -3.73
C ASP C 178 -12.13 14.91 -4.41
N PHE C 179 -13.26 15.62 -4.31
CA PHE C 179 -13.37 16.92 -4.94
C PHE C 179 -12.33 17.94 -4.44
N THR C 180 -11.88 17.76 -3.20
CA THR C 180 -10.88 18.64 -2.62
C THR C 180 -9.50 18.28 -3.18
N ASP C 181 -9.42 17.17 -3.91
CA ASP C 181 -8.18 16.69 -4.51
C ASP C 181 -8.05 17.11 -5.98
N ARG C 182 -7.31 18.20 -6.23
CA ARG C 182 -7.13 18.71 -7.58
C ARG C 182 -6.54 17.77 -8.62
N LEU C 183 -5.41 17.14 -8.30
CA LEU C 183 -4.80 16.24 -9.28
C LEU C 183 -5.76 15.14 -9.68
N GLY C 184 -6.72 14.85 -8.80
CA GLY C 184 -7.71 13.83 -9.10
C GLY C 184 -8.70 14.33 -10.14
N VAL C 185 -9.20 15.53 -9.90
CA VAL C 185 -10.16 16.16 -10.79
C VAL C 185 -9.57 16.31 -12.20
N LEU C 186 -8.37 16.88 -12.31
CA LEU C 186 -7.75 17.07 -13.61
C LEU C 186 -7.50 15.77 -14.37
N GLU C 187 -7.19 14.69 -13.64
CA GLU C 187 -6.98 13.40 -14.28
C GLU C 187 -8.28 13.03 -15.01
N ALA C 188 -9.40 13.19 -14.30
CA ALA C 188 -10.70 12.89 -14.89
C ALA C 188 -10.90 13.75 -16.13
N ASP C 189 -10.81 15.06 -15.96
CA ASP C 189 -10.97 15.99 -17.07
C ASP C 189 -10.04 15.61 -18.22
N SER C 190 -8.77 15.39 -17.90
CA SER C 190 -7.80 15.02 -18.91
C SER C 190 -8.22 13.72 -19.58
N ALA C 191 -8.75 12.80 -18.79
CA ALA C 191 -9.18 11.52 -19.34
C ALA C 191 -10.34 11.78 -20.29
N ILE C 192 -11.32 12.53 -19.83
CA ILE C 192 -12.46 12.85 -20.66
C ILE C 192 -11.97 13.59 -21.91
N ARG C 193 -11.15 14.61 -21.72
CA ARG C 193 -10.64 15.36 -22.87
C ARG C 193 -9.85 14.42 -23.77
N ALA C 194 -9.19 13.43 -23.19
CA ALA C 194 -8.42 12.47 -24.00
C ALA C 194 -9.37 11.61 -24.83
N ALA C 195 -10.63 11.56 -24.42
CA ALA C 195 -11.62 10.78 -25.14
C ALA C 195 -12.25 11.61 -26.26
N GLY C 196 -11.83 12.87 -26.37
CA GLY C 196 -12.34 13.73 -27.42
C GLY C 196 -13.60 14.53 -27.13
N ILE C 197 -14.07 14.48 -25.88
CA ILE C 197 -15.27 15.21 -25.51
C ILE C 197 -15.02 16.71 -25.28
N LYS C 198 -15.74 17.53 -26.05
CA LYS C 198 -15.58 18.98 -26.01
C LYS C 198 -16.68 19.75 -25.29
N CYS C 199 -17.63 19.03 -24.73
CA CYS C 199 -18.75 19.63 -24.04
C CYS C 199 -18.33 20.26 -22.72
N LEU C 200 -19.23 21.07 -22.15
CA LEU C 200 -18.96 21.73 -20.89
C LEU C 200 -19.22 20.71 -19.77
N LEU C 201 -18.19 20.43 -18.97
CA LEU C 201 -18.34 19.49 -17.87
C LEU C 201 -18.69 20.25 -16.60
N THR C 202 -19.37 19.57 -15.68
CA THR C 202 -19.73 20.19 -14.42
C THR C 202 -19.68 19.17 -13.29
N TYR C 203 -18.51 19.07 -12.67
CA TYR C 203 -18.26 18.16 -11.58
C TYR C 203 -19.11 18.54 -10.36
N LYS C 204 -20.00 17.63 -9.98
CA LYS C 204 -20.87 17.81 -8.84
C LYS C 204 -20.38 16.93 -7.69
N PRO C 205 -19.98 17.54 -6.55
CA PRO C 205 -19.50 16.77 -5.39
C PRO C 205 -20.66 16.00 -4.80
N ASP C 206 -20.45 14.74 -4.43
CA ASP C 206 -21.54 13.95 -3.86
C ASP C 206 -22.14 14.60 -2.61
N VAL C 207 -21.34 15.37 -1.87
CA VAL C 207 -21.83 16.04 -0.67
C VAL C 207 -22.89 17.08 -1.06
N TYR C 208 -22.88 17.50 -2.32
CA TYR C 208 -23.84 18.47 -2.82
C TYR C 208 -25.21 17.79 -3.02
N THR C 209 -25.19 16.59 -3.58
CA THR C 209 -26.42 15.86 -3.83
C THR C 209 -27.12 15.46 -2.53
N TYR C 210 -26.34 15.13 -1.50
CA TYR C 210 -26.92 14.74 -0.21
C TYR C 210 -27.57 15.92 0.51
N LEU C 211 -27.05 17.12 0.30
CA LEU C 211 -27.58 18.30 0.97
C LEU C 211 -28.50 19.14 0.09
N GLY C 212 -29.10 18.50 -0.91
CA GLY C 212 -30.01 19.19 -1.81
C GLY C 212 -29.50 20.49 -2.41
N ILE C 213 -28.18 20.61 -2.53
CA ILE C 213 -27.60 21.81 -3.10
C ILE C 213 -27.90 21.76 -4.60
N TYR C 214 -29.18 21.85 -4.92
CA TYR C 214 -29.65 21.82 -6.31
C TYR C 214 -29.68 23.21 -6.90
N ARG C 215 -30.18 23.31 -8.13
CA ARG C 215 -30.28 24.60 -8.81
C ARG C 215 -31.37 25.41 -8.11
N ALA C 216 -31.08 26.68 -7.85
CA ALA C 216 -32.05 27.55 -7.17
C ALA C 216 -32.40 27.01 -5.79
N ASN C 217 -31.49 27.19 -4.85
CA ASN C 217 -31.68 26.73 -3.47
C ASN C 217 -31.68 27.91 -2.50
N ARG C 218 -32.47 27.78 -1.45
CA ARG C 218 -32.61 28.81 -0.42
C ARG C 218 -31.32 29.57 -0.08
N TRP C 219 -30.20 28.86 -0.11
CA TRP C 219 -28.91 29.44 0.25
C TRP C 219 -28.17 30.16 -0.86
N HIS C 220 -28.63 30.00 -2.10
CA HIS C 220 -27.98 30.62 -3.24
C HIS C 220 -26.58 30.05 -3.45
N LEU C 221 -26.36 28.81 -3.01
CA LEU C 221 -25.07 28.17 -3.22
C LEU C 221 -25.10 27.56 -4.62
N CYS C 222 -24.07 27.84 -5.42
CA CYS C 222 -24.06 27.26 -6.75
C CYS C 222 -24.00 25.75 -6.56
N PRO C 223 -24.90 25.01 -7.23
CA PRO C 223 -24.92 23.55 -7.11
C PRO C 223 -23.73 22.89 -7.81
N THR C 224 -22.90 23.72 -8.44
CA THR C 224 -21.72 23.27 -9.16
C THR C 224 -20.49 23.79 -8.45
N LEU C 225 -19.43 22.98 -8.43
CA LEU C 225 -18.19 23.37 -7.77
C LEU C 225 -17.07 23.61 -8.79
N TYR C 226 -17.01 22.77 -9.81
CA TYR C 226 -15.99 22.89 -10.84
C TYR C 226 -16.64 22.93 -12.22
N GLU C 227 -16.04 23.72 -13.10
CA GLU C 227 -16.51 23.88 -14.46
C GLU C 227 -15.35 23.68 -15.43
N SER C 228 -15.60 23.03 -16.56
CA SER C 228 -14.56 22.84 -17.55
C SER C 228 -15.08 23.17 -18.95
N ARG C 229 -14.77 24.39 -19.39
CA ARG C 229 -15.15 24.87 -20.69
C ARG C 229 -14.01 24.47 -21.64
N PHE C 230 -14.35 23.78 -22.72
CA PHE C 230 -13.31 23.37 -23.67
C PHE C 230 -13.00 24.53 -24.61
N GLN C 231 -11.71 24.80 -24.77
CA GLN C 231 -11.24 25.89 -25.62
C GLN C 231 -10.66 25.35 -26.92
N LEU C 232 -11.38 25.60 -28.01
CA LEU C 232 -10.98 25.19 -29.36
C LEU C 232 -9.75 25.96 -29.84
N GLY C 233 -8.88 25.28 -30.58
CA GLY C 233 -7.69 25.93 -31.10
C GLY C 233 -6.44 25.79 -30.27
N GLY C 234 -5.29 25.97 -30.93
CA GLY C 234 -4.01 25.85 -30.27
C GLY C 234 -3.50 27.11 -29.60
N SER C 235 -4.30 28.18 -29.64
CA SER C 235 -3.91 29.44 -29.02
C SER C 235 -4.47 29.54 -27.61
N ALA C 236 -4.81 28.38 -27.05
CA ALA C 236 -5.36 28.25 -25.71
C ALA C 236 -5.37 26.78 -25.33
N ARG C 237 -5.03 26.47 -24.08
CA ARG C 237 -5.03 25.07 -23.65
C ARG C 237 -6.40 24.50 -23.96
N GLY C 238 -6.43 23.39 -24.68
CA GLY C 238 -7.68 22.76 -25.05
C GLY C 238 -8.75 22.77 -23.97
N SER C 239 -8.33 22.68 -22.70
CA SER C 239 -9.29 22.65 -21.60
C SER C 239 -8.99 23.67 -20.49
N ARG C 240 -9.98 24.49 -20.15
CA ARG C 240 -9.83 25.49 -19.09
C ARG C 240 -10.70 25.09 -17.91
N VAL C 241 -10.06 24.73 -16.80
CA VAL C 241 -10.80 24.29 -15.62
C VAL C 241 -10.82 25.33 -14.53
N LEU C 242 -12.02 25.80 -14.20
CA LEU C 242 -12.19 26.81 -13.18
C LEU C 242 -12.63 26.23 -11.84
N ASP C 243 -12.05 26.76 -10.76
CA ASP C 243 -12.39 26.34 -9.42
C ASP C 243 -13.42 27.36 -8.93
N ARG C 244 -14.63 27.25 -9.45
CA ARG C 244 -15.70 28.16 -9.09
C ARG C 244 -15.76 28.54 -7.60
N ALA C 245 -15.28 27.64 -6.76
CA ALA C 245 -15.29 27.88 -5.32
C ALA C 245 -14.27 28.95 -4.91
N ASN C 246 -13.00 28.69 -5.21
CA ASN C 246 -11.93 29.63 -4.86
C ASN C 246 -11.75 30.69 -5.94
N ASN C 247 -12.62 30.65 -6.95
CA ASN C 247 -12.56 31.59 -8.05
C ASN C 247 -11.14 31.64 -8.61
N VAL C 248 -10.54 30.46 -8.71
CA VAL C 248 -9.18 30.36 -9.23
C VAL C 248 -9.12 29.32 -10.34
N GLU C 249 -8.25 29.55 -11.32
CA GLU C 249 -8.09 28.67 -12.46
C GLU C 249 -7.15 27.52 -12.13
N LEU C 250 -7.50 26.32 -12.57
CA LEU C 250 -6.69 25.15 -12.32
C LEU C 250 -5.85 24.74 -13.54
N GLU A 17 23.35 -3.57 50.73
CA GLU A 17 21.91 -3.55 50.30
C GLU A 17 21.70 -2.52 49.19
N ASP A 18 22.62 -2.49 48.24
CA ASP A 18 22.56 -1.55 47.12
C ASP A 18 21.30 -1.68 46.27
N GLY A 19 20.69 -2.87 46.27
CA GLY A 19 19.49 -3.07 45.49
C GLY A 19 18.35 -2.22 46.00
N PHE A 20 18.50 -1.69 47.21
CA PHE A 20 17.49 -0.86 47.84
C PHE A 20 17.76 0.63 47.70
N THR A 21 18.85 1.00 47.03
CA THR A 21 19.19 2.42 46.88
C THR A 21 18.33 3.11 45.84
N ALA A 22 18.34 4.44 45.88
CA ALA A 22 17.57 5.24 44.94
C ALA A 22 18.06 5.00 43.52
N GLU A 23 19.38 5.08 43.32
CA GLU A 23 19.98 4.86 42.00
C GLU A 23 19.50 3.57 41.34
N HIS A 24 19.54 2.47 42.09
CA HIS A 24 19.11 1.18 41.56
C HIS A 24 17.59 1.08 41.38
N LEU A 25 16.82 1.21 42.46
CA LEU A 25 15.36 1.13 42.39
C LEU A 25 14.77 2.00 41.30
N ALA A 26 15.48 3.06 40.91
CA ALA A 26 14.97 3.95 39.89
C ALA A 26 14.96 3.25 38.53
N ALA A 27 16.09 2.65 38.18
CA ALA A 27 16.23 1.95 36.91
C ALA A 27 15.45 0.65 36.89
N GLU A 28 15.37 -0.01 38.04
CA GLU A 28 14.67 -1.27 38.14
C GLU A 28 13.18 -1.06 37.88
N ALA A 29 12.75 0.20 37.88
CA ALA A 29 11.34 0.53 37.66
C ALA A 29 11.02 1.01 36.25
N MSE A 30 12.05 1.27 35.44
CA MSE A 30 11.83 1.74 34.07
C MSE A 30 10.94 0.80 33.26
O MSE A 30 10.93 -0.42 33.47
CB MSE A 30 13.17 1.91 33.34
CG MSE A 30 13.81 3.30 33.48
SE MSE A 30 13.10 4.69 32.28
CE MSE A 30 14.57 4.80 31.03
N ALA A 31 10.16 1.39 32.37
CA ALA A 31 9.26 0.66 31.48
C ALA A 31 9.02 1.52 30.24
N ALA A 32 8.92 0.86 29.09
CA ALA A 32 8.69 1.57 27.83
C ALA A 32 7.37 2.35 27.86
N ASP A 33 6.30 1.70 28.33
CA ASP A 33 4.99 2.33 28.43
C ASP A 33 4.52 2.37 29.87
N MSE A 34 4.77 3.49 30.54
CA MSE A 34 4.40 3.66 31.94
C MSE A 34 3.15 4.51 32.10
O MSE A 34 2.80 4.91 33.22
CB MSE A 34 5.56 4.31 32.68
CG MSE A 34 6.90 3.64 32.49
SE MSE A 34 8.24 4.31 33.72
CE MSE A 34 7.89 3.10 35.20
N ASP A 35 2.47 4.77 30.99
CA ASP A 35 1.30 5.62 31.02
C ASP A 35 -0.07 4.93 31.11
N PRO A 36 -1.11 5.71 31.45
CA PRO A 36 -2.43 5.12 31.54
C PRO A 36 -2.98 4.86 30.13
N TRP A 37 -3.99 4.01 30.03
CA TRP A 37 -4.61 3.73 28.74
C TRP A 37 -6.08 4.04 28.84
N LEU A 38 -6.72 4.23 27.68
CA LEU A 38 -8.16 4.50 27.60
C LEU A 38 -8.78 3.13 27.33
N VAL A 39 -9.59 2.67 28.26
CA VAL A 39 -10.15 1.34 28.10
C VAL A 39 -11.64 1.23 28.25
N PHE A 40 -12.26 0.46 27.35
CA PHE A 40 -13.67 0.21 27.45
C PHE A 40 -13.70 -1.27 27.79
N ASP A 41 -14.04 -1.59 29.03
CA ASP A 41 -14.08 -3.00 29.45
C ASP A 41 -15.50 -3.54 29.32
N ALA A 42 -15.73 -4.40 28.32
CA ALA A 42 -17.05 -4.97 28.11
C ALA A 42 -17.48 -5.85 29.26
N ARG A 43 -16.51 -6.49 29.92
CA ARG A 43 -16.81 -7.37 31.05
C ARG A 43 -17.40 -6.64 32.24
N THR A 44 -17.29 -5.31 32.23
CA THR A 44 -17.80 -4.52 33.35
C THR A 44 -18.64 -3.34 32.89
N THR A 45 -18.64 -3.08 31.58
CA THR A 45 -19.40 -1.95 31.05
C THR A 45 -20.43 -2.40 30.01
N PRO A 46 -21.70 -1.94 30.17
CA PRO A 46 -22.78 -2.28 29.24
C PRO A 46 -22.47 -1.80 27.82
N ALA A 47 -22.52 -2.72 26.88
CA ALA A 47 -22.23 -2.42 25.47
C ALA A 47 -23.03 -1.24 24.93
N THR A 48 -24.07 -0.83 25.65
CA THR A 48 -24.88 0.28 25.18
C THR A 48 -24.12 1.60 25.28
N GLU A 49 -23.13 1.64 26.15
CA GLU A 49 -22.31 2.84 26.37
C GLU A 49 -21.16 3.04 25.38
N LEU A 50 -20.86 2.00 24.59
CA LEU A 50 -19.78 2.10 23.62
C LEU A 50 -19.82 3.34 22.73
N ASP A 51 -20.95 3.59 22.07
CA ASP A 51 -21.07 4.76 21.19
C ASP A 51 -20.55 6.06 21.79
N ALA A 52 -21.00 6.41 22.99
CA ALA A 52 -20.52 7.64 23.62
C ALA A 52 -19.00 7.57 23.81
N TRP A 53 -18.50 6.38 24.15
CA TRP A 53 -17.07 6.19 24.35
C TRP A 53 -16.34 6.26 23.00
N LEU A 54 -16.80 5.49 22.03
CA LEU A 54 -16.17 5.52 20.72
C LEU A 54 -16.15 6.94 20.19
N ALA A 55 -17.19 7.70 20.53
CA ALA A 55 -17.33 9.08 20.08
C ALA A 55 -16.57 10.04 20.96
N LYS A 56 -16.49 9.71 22.25
CA LYS A 56 -15.78 10.56 23.20
C LYS A 56 -14.27 10.44 23.07
N TYR A 57 -13.77 9.31 22.57
CA TYR A 57 -12.32 9.12 22.45
C TYR A 57 -11.81 8.59 21.13
N PRO A 58 -12.09 9.28 20.01
CA PRO A 58 -11.58 8.74 18.74
C PRO A 58 -10.05 8.80 18.69
N PRO A 59 -9.41 7.78 18.06
CA PRO A 59 -7.95 7.76 17.96
C PRO A 59 -7.34 8.81 17.03
N SER A 60 -8.19 9.46 16.25
CA SER A 60 -7.69 10.50 15.35
C SER A 60 -7.53 11.81 16.14
N GLN A 61 -8.08 11.81 17.35
CA GLN A 61 -8.04 12.98 18.21
C GLN A 61 -7.17 12.82 19.47
N VAL A 62 -7.32 11.70 20.18
CA VAL A 62 -6.56 11.45 21.39
C VAL A 62 -5.08 11.36 21.06
N THR A 63 -4.23 12.05 21.81
CA THR A 63 -2.81 12.04 21.53
C THR A 63 -1.92 11.29 22.52
N ARG A 64 -0.85 10.72 22.00
CA ARG A 64 0.11 9.97 22.79
C ARG A 64 0.58 10.73 24.02
N TYR A 65 0.68 12.05 23.89
CA TYR A 65 1.15 12.85 25.01
C TYR A 65 0.14 13.87 25.57
N GLY A 66 -1.13 13.66 25.29
CA GLY A 66 -2.16 14.55 25.81
C GLY A 66 -1.99 16.00 25.36
N ASP A 67 -1.75 16.19 24.07
CA ASP A 67 -1.55 17.53 23.52
C ASP A 67 -2.85 18.34 23.58
N PRO A 68 -2.73 19.67 23.69
CA PRO A 68 -3.90 20.56 23.75
C PRO A 68 -4.89 20.22 22.63
N GLY A 69 -6.18 20.36 22.91
CA GLY A 69 -7.20 20.06 21.92
C GLY A 69 -7.63 18.61 21.95
N SER A 70 -6.83 17.77 22.60
CA SER A 70 -7.15 16.35 22.72
C SER A 70 -8.14 16.10 23.86
N PRO A 71 -8.89 14.99 23.78
CA PRO A 71 -9.84 14.71 24.85
C PRO A 71 -9.07 14.28 26.11
N ASN A 72 -7.82 13.89 25.92
CA ASN A 72 -6.97 13.46 27.03
C ASN A 72 -5.91 14.52 27.33
N SER A 73 -5.73 14.84 28.61
CA SER A 73 -4.73 15.85 29.02
C SER A 73 -3.47 15.15 29.53
N GLU A 74 -3.54 13.83 29.61
CA GLU A 74 -2.42 13.01 30.07
C GLU A 74 -1.98 12.12 28.93
N PRO A 75 -0.72 11.63 28.96
CA PRO A 75 -0.27 10.76 27.89
C PRO A 75 -1.06 9.45 27.92
N VAL A 76 -1.25 8.85 26.75
CA VAL A 76 -1.99 7.61 26.63
C VAL A 76 -1.17 6.63 25.77
N GLY A 77 -0.83 5.49 26.38
CA GLY A 77 -0.06 4.48 25.68
C GLY A 77 -0.90 3.74 24.68
N TRP A 78 -2.15 3.45 25.05
CA TRP A 78 -3.09 2.74 24.19
C TRP A 78 -4.50 3.26 24.49
N ILE A 79 -5.41 2.98 23.55
CA ILE A 79 -6.82 3.31 23.63
C ILE A 79 -7.55 2.09 23.05
N ALA A 80 -7.76 1.07 23.89
CA ALA A 80 -8.39 -0.16 23.44
C ALA A 80 -9.60 -0.63 24.25
N VAL A 81 -10.21 -1.72 23.77
CA VAL A 81 -11.40 -2.35 24.36
C VAL A 81 -11.18 -3.83 24.63
N TYR A 82 -11.79 -4.34 25.71
CA TYR A 82 -11.68 -5.75 26.09
C TYR A 82 -12.99 -6.51 25.94
N GLY A 83 -12.89 -7.77 25.53
CA GLY A 83 -14.08 -8.60 25.37
C GLY A 83 -14.34 -9.47 26.58
N GLN A 84 -15.54 -10.02 26.67
CA GLN A 84 -15.90 -10.87 27.79
C GLN A 84 -15.19 -12.20 27.69
N GLY A 85 -14.21 -12.41 28.57
CA GLY A 85 -13.45 -13.64 28.57
C GLY A 85 -11.97 -13.36 28.41
N TYR A 86 -11.59 -12.09 28.38
CA TYR A 86 -10.19 -11.74 28.24
C TYR A 86 -9.43 -12.16 29.48
N SER A 87 -8.52 -13.12 29.31
CA SER A 87 -7.71 -13.60 30.43
C SER A 87 -6.32 -13.02 30.28
N PRO A 88 -5.71 -12.61 31.40
CA PRO A 88 -4.36 -12.03 31.38
C PRO A 88 -3.27 -13.09 31.22
N ASN A 89 -3.54 -14.10 30.39
CA ASN A 89 -2.58 -15.19 30.17
C ASN A 89 -1.62 -14.96 29.02
N SER A 90 -0.36 -15.27 29.28
CA SER A 90 0.71 -15.13 28.28
C SER A 90 1.44 -16.46 28.20
N GLY A 91 0.96 -17.42 28.99
CA GLY A 91 1.57 -18.73 29.02
C GLY A 91 2.89 -18.67 29.77
N ASP A 92 3.57 -19.81 29.85
CA ASP A 92 4.84 -19.89 30.54
C ASP A 92 5.97 -19.22 29.77
N VAL A 93 5.99 -17.89 29.78
CA VAL A 93 7.01 -17.14 29.07
C VAL A 93 8.36 -17.43 29.69
N GLN A 94 8.37 -17.58 31.01
CA GLN A 94 9.59 -17.86 31.76
C GLN A 94 10.35 -19.04 31.16
N GLY A 95 9.70 -20.19 31.08
CA GLY A 95 10.33 -21.37 30.51
C GLY A 95 10.71 -21.13 29.06
N LEU A 96 9.79 -20.53 28.31
CA LEU A 96 10.00 -20.21 26.91
C LEU A 96 11.29 -19.44 26.73
N GLN A 97 11.46 -18.37 27.49
CA GLN A 97 12.66 -17.55 27.40
C GLN A 97 13.88 -18.40 27.69
N ALA A 98 13.75 -19.35 28.61
CA ALA A 98 14.86 -20.22 28.97
C ALA A 98 15.15 -21.16 27.79
N ALA A 99 14.09 -21.71 27.20
CA ALA A 99 14.23 -22.62 26.08
C ALA A 99 14.92 -21.93 24.90
N TRP A 100 14.62 -20.65 24.71
CA TRP A 100 15.21 -19.87 23.63
C TRP A 100 16.68 -19.58 23.91
N GLU A 101 16.98 -19.12 25.12
CA GLU A 101 18.35 -18.79 25.49
C GLU A 101 19.26 -20.00 25.42
N ALA A 102 18.67 -21.19 25.46
CA ALA A 102 19.44 -22.43 25.40
C ALA A 102 19.62 -22.95 23.97
N LEU A 103 19.16 -22.18 22.99
CA LEU A 103 19.28 -22.58 21.60
C LEU A 103 20.45 -21.89 20.91
N GLN A 104 20.60 -20.59 21.14
CA GLN A 104 21.69 -19.84 20.53
C GLN A 104 23.04 -20.49 20.87
N THR A 105 23.05 -21.24 21.96
CA THR A 105 24.25 -21.93 22.41
C THR A 105 24.38 -23.29 21.73
N SER A 106 23.26 -23.84 21.30
CA SER A 106 23.23 -25.13 20.65
C SER A 106 23.92 -25.10 19.28
N GLY A 107 24.02 -23.90 18.70
CA GLY A 107 24.63 -23.78 17.39
C GLY A 107 23.64 -24.21 16.32
N ARG A 108 22.65 -24.98 16.75
CA ARG A 108 21.60 -25.49 15.87
C ARG A 108 21.01 -24.38 15.01
N PRO A 109 20.31 -24.74 13.93
CA PRO A 109 19.68 -23.76 13.03
C PRO A 109 18.41 -23.13 13.60
N ILE A 110 18.29 -21.81 13.43
CA ILE A 110 17.13 -21.07 13.90
C ILE A 110 16.23 -20.76 12.71
N THR A 111 15.03 -21.35 12.72
CA THR A 111 14.07 -21.16 11.64
C THR A 111 12.66 -20.98 12.21
N PRO A 112 11.71 -20.57 11.36
CA PRO A 112 10.33 -20.37 11.82
C PRO A 112 9.84 -21.68 12.43
N GLY A 113 10.50 -22.77 12.05
CA GLY A 113 10.14 -24.07 12.57
C GLY A 113 10.60 -24.26 14.00
N THR A 114 11.76 -23.70 14.34
CA THR A 114 12.28 -23.83 15.69
C THR A 114 11.53 -22.97 16.70
N LEU A 115 10.88 -21.92 16.22
CA LEU A 115 10.12 -21.05 17.11
C LEU A 115 8.73 -21.65 17.35
N ARG A 116 8.09 -22.09 16.28
CA ARG A 116 6.77 -22.69 16.39
C ARG A 116 6.87 -23.79 17.44
N GLN A 117 7.99 -24.49 17.42
CA GLN A 117 8.24 -25.57 18.37
C GLN A 117 8.27 -24.99 19.78
N LEU A 118 9.11 -23.99 19.98
CA LEU A 118 9.23 -23.35 21.29
C LEU A 118 7.87 -22.91 21.82
N ALA A 119 7.16 -22.12 21.02
CA ALA A 119 5.85 -21.61 21.40
C ALA A 119 4.90 -22.71 21.84
N ILE A 120 4.85 -23.80 21.08
CA ILE A 120 3.97 -24.91 21.42
C ILE A 120 4.40 -25.58 22.71
N THR A 121 5.71 -25.62 22.93
CA THR A 121 6.27 -26.24 24.12
C THR A 121 5.82 -25.55 25.39
N HIS A 122 5.87 -24.22 25.40
CA HIS A 122 5.49 -23.48 26.59
C HIS A 122 4.12 -22.80 26.55
N HIS A 123 3.25 -23.31 25.68
CA HIS A 123 1.90 -22.78 25.55
C HIS A 123 1.83 -21.26 25.43
N VAL A 124 2.66 -20.69 24.56
CA VAL A 124 2.66 -19.26 24.30
C VAL A 124 2.15 -19.17 22.86
N LEU A 125 0.85 -19.46 22.71
CA LEU A 125 0.19 -19.51 21.41
C LEU A 125 -0.44 -18.22 20.87
N SER A 126 -0.87 -17.33 21.75
CA SER A 126 -1.50 -16.10 21.30
C SER A 126 -0.55 -15.34 20.41
N GLY A 127 -1.14 -14.45 19.60
CA GLY A 127 -0.38 -13.64 18.69
C GLY A 127 -1.23 -12.44 18.33
N LYS A 128 -1.14 -11.95 17.10
CA LYS A 128 -1.93 -10.78 16.75
C LYS A 128 -1.91 -10.35 15.30
N TRP A 129 -3.06 -9.87 14.83
CA TRP A 129 -3.22 -9.32 13.49
C TRP A 129 -2.96 -7.82 13.64
N LEU A 130 -2.01 -7.29 12.88
CA LEU A 130 -1.67 -5.88 12.92
C LEU A 130 -1.95 -5.20 11.59
N MSE A 131 -2.36 -3.95 11.65
CA MSE A 131 -2.65 -3.17 10.46
C MSE A 131 -2.38 -1.72 10.79
O MSE A 131 -2.48 -1.33 11.96
CB MSE A 131 -4.12 -3.34 10.05
CG MSE A 131 -5.08 -2.63 10.96
SE MSE A 131 -6.76 -3.56 11.09
CE MSE A 131 -6.19 -4.98 12.25
N HIS A 132 -2.02 -0.91 9.81
CA HIS A 132 -1.78 0.50 10.06
C HIS A 132 -2.46 1.39 9.02
N LEU A 133 -3.07 2.46 9.50
CA LEU A 133 -3.78 3.40 8.65
C LEU A 133 -3.34 4.82 8.95
N ALA A 134 -3.69 5.73 8.05
CA ALA A 134 -3.35 7.14 8.21
C ALA A 134 -4.39 7.78 9.11
N PRO A 135 -3.94 8.54 10.12
CA PRO A 135 -4.84 9.21 11.06
C PRO A 135 -5.91 10.04 10.39
N GLY A 136 -7.17 9.78 10.74
CA GLY A 136 -8.28 10.51 10.17
C GLY A 136 -9.55 9.69 10.20
N PHE A 137 -10.52 10.10 9.37
CA PHE A 137 -11.81 9.43 9.29
C PHE A 137 -11.69 7.92 9.12
N LYS A 138 -10.92 7.49 8.14
CA LYS A 138 -10.77 6.07 7.87
C LYS A 138 -10.23 5.31 9.05
N LEU A 139 -9.39 5.96 9.85
CA LEU A 139 -8.81 5.32 11.02
C LEU A 139 -9.90 5.07 12.06
N ASP A 140 -10.69 6.10 12.36
CA ASP A 140 -11.74 5.98 13.35
C ASP A 140 -12.83 4.97 12.95
N HIS A 141 -13.17 4.92 11.67
CA HIS A 141 -14.21 4.00 11.21
C HIS A 141 -13.71 2.56 11.33
N ALA A 142 -12.45 2.33 10.99
CA ALA A 142 -11.88 1.00 11.10
C ALA A 142 -11.90 0.60 12.59
N TRP A 143 -11.35 1.47 13.42
CA TRP A 143 -11.31 1.23 14.86
C TRP A 143 -12.73 1.00 15.38
N ALA A 144 -13.64 1.93 15.08
CA ALA A 144 -15.02 1.79 15.53
C ALA A 144 -15.59 0.40 15.28
N GLY A 145 -15.49 -0.07 14.04
CA GLY A 145 -16.00 -1.37 13.70
C GLY A 145 -15.32 -2.48 14.49
N ILE A 146 -14.00 -2.40 14.56
CA ILE A 146 -13.24 -3.40 15.31
C ILE A 146 -13.65 -3.43 16.79
N ALA A 147 -13.83 -2.25 17.38
CA ALA A 147 -14.23 -2.17 18.79
C ALA A 147 -15.61 -2.78 18.94
N ARG A 148 -16.50 -2.42 18.02
CA ARG A 148 -17.87 -2.92 18.05
C ARG A 148 -17.89 -4.44 18.09
N ALA A 149 -17.12 -5.08 17.22
CA ALA A 149 -17.06 -6.54 17.18
C ALA A 149 -16.66 -7.05 18.58
N VAL A 150 -15.74 -6.35 19.23
CA VAL A 150 -15.31 -6.75 20.57
C VAL A 150 -16.51 -6.58 21.51
N VAL A 151 -16.89 -5.33 21.73
CA VAL A 151 -18.00 -5.00 22.61
C VAL A 151 -19.25 -5.84 22.38
N GLU A 152 -19.42 -6.36 21.17
CA GLU A 152 -20.57 -7.17 20.84
C GLU A 152 -20.25 -8.65 20.62
N GLY A 153 -19.32 -9.15 21.44
CA GLY A 153 -18.91 -10.55 21.42
C GLY A 153 -18.16 -11.29 20.33
N ARG A 154 -17.84 -10.64 19.21
CA ARG A 154 -17.15 -11.34 18.12
C ARG A 154 -15.62 -11.41 18.17
N LEU A 155 -15.01 -10.49 18.92
CA LEU A 155 -13.55 -10.45 19.07
C LEU A 155 -13.21 -10.40 20.56
N GLN A 156 -12.05 -10.94 20.93
CA GLN A 156 -11.63 -10.95 22.33
C GLN A 156 -11.05 -9.62 22.81
N VAL A 157 -10.11 -9.08 22.05
CA VAL A 157 -9.45 -7.80 22.37
C VAL A 157 -8.88 -7.18 21.11
N ALA A 158 -8.62 -5.87 21.17
CA ALA A 158 -8.03 -5.13 20.06
C ALA A 158 -7.49 -3.81 20.59
N LYS A 159 -6.49 -3.26 19.91
CA LYS A 159 -5.92 -1.98 20.33
C LYS A 159 -5.79 -1.01 19.15
N VAL A 160 -5.40 0.21 19.45
CA VAL A 160 -5.18 1.25 18.44
C VAL A 160 -4.29 2.32 19.07
N SER A 161 -3.14 2.58 18.44
CA SER A 161 -2.20 3.58 18.95
C SER A 161 -2.77 5.00 18.86
N PRO A 162 -2.51 5.82 19.88
CA PRO A 162 -3.03 7.19 19.86
C PRO A 162 -2.29 8.13 18.92
N ARG A 163 -2.98 9.17 18.50
CA ARG A 163 -2.42 10.15 17.58
C ARG A 163 -1.08 10.69 18.07
N ALA A 164 -0.12 10.75 17.15
CA ALA A 164 1.21 11.26 17.45
C ALA A 164 1.23 12.77 17.26
N LYS A 165 2.17 13.46 17.90
CA LYS A 165 2.27 14.92 17.80
C LYS A 165 2.22 15.42 16.36
N GLU A 166 2.64 14.59 15.42
CA GLU A 166 2.63 14.99 14.02
C GLU A 166 1.77 14.06 13.18
N GLY A 167 1.99 14.09 11.85
CA GLY A 167 1.22 13.25 10.95
C GLY A 167 1.35 11.80 11.37
N GLY A 168 2.46 11.16 10.99
CA GLY A 168 2.68 9.78 11.34
C GLY A 168 1.51 8.88 10.97
N ARG A 169 1.50 7.69 11.56
CA ARG A 169 0.45 6.72 11.33
C ARG A 169 0.22 5.88 12.57
N GLN A 170 -0.99 5.37 12.70
CA GLN A 170 -1.36 4.57 13.85
C GLN A 170 -1.70 3.12 13.48
N VAL A 171 -1.58 2.22 14.45
CA VAL A 171 -1.84 0.80 14.22
C VAL A 171 -2.97 0.25 15.05
N ILE A 172 -3.68 -0.71 14.47
CA ILE A 172 -4.76 -1.40 15.18
C ILE A 172 -4.29 -2.83 15.33
N CYS A 173 -4.46 -3.37 16.54
CA CYS A 173 -4.04 -4.75 16.82
C CYS A 173 -5.25 -5.61 17.14
N VAL A 174 -5.39 -6.74 16.44
CA VAL A 174 -6.47 -7.68 16.65
C VAL A 174 -5.87 -8.98 17.18
N TYR A 175 -6.16 -9.27 18.44
CA TYR A 175 -5.60 -10.44 19.10
C TYR A 175 -6.43 -11.72 19.08
N THR A 176 -5.73 -12.85 18.97
CA THR A 176 -6.34 -14.18 19.00
C THR A 176 -5.42 -15.01 19.90
N ASP A 177 -5.98 -16.01 20.58
CA ASP A 177 -5.19 -16.81 21.51
C ASP A 177 -4.32 -17.95 20.96
N ASP A 178 -4.63 -18.47 19.79
CA ASP A 178 -3.83 -19.56 19.24
C ASP A 178 -3.53 -19.35 17.76
N PHE A 179 -2.27 -19.04 17.44
CA PHE A 179 -1.89 -18.80 16.06
C PHE A 179 -1.83 -20.08 15.22
N THR A 180 -1.51 -21.20 15.85
CA THR A 180 -1.45 -22.46 15.13
C THR A 180 -2.87 -22.92 14.80
N ASP A 181 -3.84 -22.10 15.18
CA ASP A 181 -5.25 -22.39 14.91
C ASP A 181 -5.66 -21.64 13.65
N ARG A 182 -5.44 -22.26 12.49
CA ARG A 182 -5.75 -21.65 11.21
C ARG A 182 -7.14 -21.01 11.16
N LEU A 183 -8.14 -21.75 11.64
CA LEU A 183 -9.51 -21.29 11.64
C LEU A 183 -9.67 -20.01 12.46
N GLY A 184 -9.14 -20.01 13.68
CA GLY A 184 -9.23 -18.84 14.54
C GLY A 184 -8.58 -17.60 13.95
N VAL A 185 -7.42 -17.79 13.33
CA VAL A 185 -6.72 -16.67 12.71
C VAL A 185 -7.59 -16.07 11.61
N LEU A 186 -8.17 -16.94 10.78
CA LEU A 186 -9.00 -16.50 9.66
C LEU A 186 -10.31 -15.84 10.09
N GLU A 187 -10.96 -16.38 11.10
CA GLU A 187 -12.21 -15.80 11.57
C GLU A 187 -11.94 -14.39 12.05
N ALA A 188 -10.70 -14.14 12.46
CA ALA A 188 -10.30 -12.82 12.92
C ALA A 188 -10.22 -11.92 11.69
N ASP A 189 -9.60 -12.43 10.61
CA ASP A 189 -9.52 -11.66 9.38
C ASP A 189 -10.94 -11.37 8.88
N SER A 190 -11.81 -12.37 8.98
CA SER A 190 -13.19 -12.21 8.55
C SER A 190 -13.85 -11.06 9.29
N ALA A 191 -13.70 -11.04 10.61
CA ALA A 191 -14.30 -9.98 11.41
C ALA A 191 -13.72 -8.64 10.96
N ILE A 192 -12.40 -8.58 10.80
CA ILE A 192 -11.77 -7.34 10.38
C ILE A 192 -12.30 -6.91 9.01
N ARG A 193 -12.29 -7.82 8.04
CA ARG A 193 -12.79 -7.50 6.70
C ARG A 193 -14.29 -7.18 6.71
N ALA A 194 -15.06 -7.91 7.51
CA ALA A 194 -16.49 -7.68 7.57
C ALA A 194 -16.78 -6.30 8.14
N ALA A 195 -15.82 -5.72 8.84
CA ALA A 195 -16.01 -4.38 9.41
C ALA A 195 -15.80 -3.32 8.34
N GLY A 196 -15.02 -3.65 7.31
CA GLY A 196 -14.77 -2.70 6.24
C GLY A 196 -13.32 -2.41 5.92
N ILE A 197 -12.39 -2.98 6.69
CA ILE A 197 -10.97 -2.74 6.47
C ILE A 197 -10.54 -3.45 5.17
N LYS A 198 -9.82 -2.73 4.32
CA LYS A 198 -9.36 -3.27 3.04
C LYS A 198 -7.85 -3.33 2.90
N CYS A 199 -7.13 -2.69 3.81
CA CYS A 199 -5.69 -2.66 3.76
C CYS A 199 -5.03 -3.98 4.18
N LEU A 200 -3.71 -4.02 4.11
CA LEU A 200 -2.93 -5.20 4.48
C LEU A 200 -2.97 -5.44 5.98
N LEU A 201 -2.82 -6.70 6.36
CA LEU A 201 -2.78 -7.12 7.75
C LEU A 201 -1.68 -8.18 7.80
N THR A 202 -0.95 -8.21 8.91
CA THR A 202 0.10 -9.19 9.11
C THR A 202 -0.09 -9.85 10.48
N TYR A 203 0.28 -11.12 10.58
CA TYR A 203 0.12 -11.83 11.83
C TYR A 203 1.45 -12.39 12.31
N LYS A 204 1.69 -12.24 13.60
CA LYS A 204 2.91 -12.69 14.24
C LYS A 204 2.56 -13.27 15.61
N PRO A 205 3.11 -14.46 15.94
CA PRO A 205 2.83 -15.11 17.23
C PRO A 205 3.54 -14.34 18.35
N ASP A 206 2.93 -14.27 19.52
CA ASP A 206 3.54 -13.55 20.63
C ASP A 206 4.92 -14.12 20.97
N VAL A 207 5.13 -15.39 20.70
CA VAL A 207 6.42 -16.02 20.97
C VAL A 207 7.55 -15.22 20.30
N TYR A 208 7.36 -14.85 19.04
CA TYR A 208 8.38 -14.08 18.33
C TYR A 208 8.53 -12.74 19.03
N THR A 209 7.44 -12.20 19.56
CA THR A 209 7.46 -10.92 20.26
C THR A 209 8.25 -11.01 21.56
N TYR A 210 8.17 -12.14 22.24
CA TYR A 210 8.88 -12.34 23.50
C TYR A 210 10.33 -12.77 23.26
N LEU A 211 10.56 -13.52 22.18
CA LEU A 211 11.89 -14.00 21.87
C LEU A 211 12.65 -13.11 20.88
N GLY A 212 12.37 -11.80 20.96
CA GLY A 212 13.03 -10.81 20.11
C GLY A 212 13.13 -11.06 18.61
N ILE A 213 12.04 -10.82 17.89
CA ILE A 213 12.01 -11.00 16.44
C ILE A 213 11.41 -9.76 15.79
N TYR A 214 12.03 -8.61 16.03
CA TYR A 214 11.56 -7.34 15.48
C TYR A 214 11.87 -7.26 13.98
N ARG A 215 11.37 -6.22 13.33
CA ARG A 215 11.59 -6.04 11.89
C ARG A 215 12.99 -6.44 11.44
N ALA A 216 13.97 -5.55 11.62
CA ALA A 216 15.35 -5.84 11.23
C ALA A 216 15.73 -7.16 11.90
N ASN A 217 16.41 -8.03 11.17
CA ASN A 217 16.79 -9.31 11.73
C ASN A 217 18.08 -9.88 11.14
N ARG A 218 19.02 -10.21 12.03
CA ARG A 218 20.31 -10.77 11.63
C ARG A 218 20.22 -12.29 11.50
N TRP A 219 19.26 -12.88 12.19
CA TRP A 219 19.05 -14.32 12.17
C TRP A 219 18.02 -14.68 11.09
N HIS A 220 17.90 -13.79 10.11
CA HIS A 220 16.97 -13.95 8.99
C HIS A 220 15.61 -14.57 9.35
N LEU A 221 15.18 -14.35 10.59
CA LEU A 221 13.90 -14.85 11.05
C LEU A 221 12.84 -13.84 10.68
N CYS A 222 11.76 -14.31 10.08
CA CYS A 222 10.68 -13.43 9.65
C CYS A 222 9.90 -12.86 10.84
N PRO A 223 9.62 -11.55 10.81
CA PRO A 223 8.87 -10.93 11.89
C PRO A 223 7.36 -11.08 11.71
N THR A 224 6.96 -11.55 10.53
CA THR A 224 5.56 -11.76 10.18
C THR A 224 5.32 -13.21 9.83
N LEU A 225 4.14 -13.73 10.18
CA LEU A 225 3.80 -15.11 9.87
C LEU A 225 2.82 -15.17 8.68
N TYR A 226 1.67 -14.52 8.83
CA TYR A 226 0.66 -14.48 7.78
C TYR A 226 0.45 -13.03 7.35
N GLU A 227 -0.15 -12.86 6.17
CA GLU A 227 -0.47 -11.53 5.66
C GLU A 227 -1.79 -11.60 4.91
N SER A 228 -2.59 -10.54 5.01
CA SER A 228 -3.90 -10.48 4.38
C SER A 228 -4.08 -9.25 3.51
N ARG A 229 -4.41 -9.46 2.24
CA ARG A 229 -4.63 -8.38 1.30
C ARG A 229 -6.04 -8.49 0.73
N PHE A 230 -6.61 -7.36 0.35
CA PHE A 230 -7.95 -7.35 -0.23
C PHE A 230 -7.83 -6.99 -1.71
N GLN A 231 -8.57 -7.72 -2.55
CA GLN A 231 -8.56 -7.51 -4.01
C GLN A 231 -8.38 -6.06 -4.44
N GLY A 238 -12.01 -9.25 -1.92
CA GLY A 238 -11.55 -10.57 -1.54
C GLY A 238 -10.28 -10.55 -0.70
N SER A 239 -10.28 -11.31 0.39
CA SER A 239 -9.14 -11.38 1.30
C SER A 239 -8.16 -12.49 0.92
N ARG A 240 -6.92 -12.13 0.65
CA ARG A 240 -5.88 -13.10 0.30
C ARG A 240 -4.92 -13.27 1.48
N VAL A 241 -5.02 -14.41 2.16
CA VAL A 241 -4.17 -14.70 3.31
C VAL A 241 -2.95 -15.52 2.90
N LEU A 242 -1.77 -14.88 2.93
CA LEU A 242 -0.53 -15.53 2.55
C LEU A 242 0.49 -15.62 3.68
N ASP A 243 0.99 -16.84 3.92
CA ASP A 243 1.98 -17.10 4.95
C ASP A 243 3.30 -16.47 4.54
N ARG A 244 3.51 -15.22 4.96
CA ARG A 244 4.73 -14.50 4.62
C ARG A 244 5.91 -15.14 5.36
N ALA A 245 6.25 -16.34 4.93
CA ALA A 245 7.35 -17.11 5.51
C ALA A 245 7.64 -18.31 4.62
N ASN A 246 6.60 -18.84 3.99
CA ASN A 246 6.75 -20.00 3.11
C ASN A 246 5.95 -19.77 1.82
N ASN A 247 5.44 -18.56 1.66
CA ASN A 247 4.66 -18.20 0.48
C ASN A 247 3.64 -19.27 0.13
N VAL A 248 2.60 -19.39 0.95
CA VAL A 248 1.54 -20.38 0.76
C VAL A 248 0.17 -19.74 1.02
N GLU A 249 -0.83 -20.15 0.25
CA GLU A 249 -2.17 -19.60 0.43
C GLU A 249 -3.05 -20.46 1.31
N LEU A 250 -3.57 -19.88 2.39
CA LEU A 250 -4.45 -20.61 3.31
C LEU A 250 -5.82 -20.81 2.67
N GLU B 17 10.25 -5.94 26.52
CA GLU B 17 8.86 -5.46 26.67
C GLU B 17 8.66 -4.13 25.96
N ASP B 18 9.72 -3.63 25.35
CA ASP B 18 9.68 -2.37 24.62
C ASP B 18 9.09 -2.62 23.22
N GLY B 19 8.62 -3.86 23.00
CA GLY B 19 8.05 -4.24 21.73
C GLY B 19 6.54 -4.17 21.65
N PHE B 20 5.85 -4.53 22.74
CA PHE B 20 4.39 -4.50 22.77
C PHE B 20 3.87 -3.06 22.82
N THR B 21 4.78 -2.10 22.81
CA THR B 21 4.38 -0.70 22.85
C THR B 21 3.79 -0.23 21.53
N ALA B 22 2.97 0.81 21.60
CA ALA B 22 2.35 1.35 20.41
C ALA B 22 3.42 1.72 19.38
N GLU B 23 4.52 2.30 19.85
CA GLU B 23 5.61 2.73 18.98
C GLU B 23 6.25 1.59 18.20
N HIS B 24 6.61 0.51 18.89
CA HIS B 24 7.26 -0.62 18.23
C HIS B 24 6.32 -1.37 17.29
N LEU B 25 5.02 -1.35 17.58
CA LEU B 25 4.06 -2.04 16.73
C LEU B 25 3.80 -1.22 15.47
N ALA B 26 3.92 0.10 15.59
CA ALA B 26 3.74 0.97 14.44
C ALA B 26 5.07 0.93 13.68
N ALA B 27 6.00 0.16 14.23
CA ALA B 27 7.33 -0.02 13.67
C ALA B 27 7.31 -1.30 12.85
N GLU B 28 6.63 -2.32 13.37
CA GLU B 28 6.51 -3.60 12.70
C GLU B 28 5.51 -3.46 11.55
N ALA B 29 4.38 -2.81 11.82
CA ALA B 29 3.34 -2.58 10.83
C ALA B 29 3.86 -1.85 9.59
N MSE B 30 4.49 -0.71 9.77
CA MSE B 30 5.02 0.05 8.64
C MSE B 30 6.03 -0.78 7.86
O MSE B 30 6.04 -0.75 6.63
CB MSE B 30 5.67 1.35 9.09
CG MSE B 30 4.71 2.52 9.23
SE MSE B 30 3.81 2.98 7.57
CE MSE B 30 5.32 3.70 6.62
N ALA B 31 6.87 -1.50 8.57
CA ALA B 31 7.87 -2.33 7.92
C ALA B 31 7.23 -3.51 7.20
N ALA B 32 6.50 -4.33 7.94
CA ALA B 32 5.83 -5.49 7.37
C ALA B 32 5.03 -5.19 6.10
N ASP B 33 4.67 -3.93 5.91
CA ASP B 33 3.89 -3.55 4.74
C ASP B 33 4.75 -3.40 3.50
N MSE B 34 5.19 -4.53 2.96
CA MSE B 34 5.99 -4.53 1.73
C MSE B 34 5.28 -5.40 0.71
O MSE B 34 4.90 -6.54 1.01
CB MSE B 34 7.40 -5.09 1.98
CG MSE B 34 8.51 -4.20 1.43
SE MSE B 34 10.08 -5.08 0.71
CE MSE B 34 10.01 -4.37 -1.09
N ASP B 35 5.09 -4.87 -0.50
CA ASP B 35 4.44 -5.62 -1.57
C ASP B 35 5.16 -6.93 -1.84
N PRO B 36 4.46 -7.91 -2.43
CA PRO B 36 5.04 -9.21 -2.75
C PRO B 36 6.02 -9.14 -3.90
N TRP B 37 6.57 -10.28 -4.27
CA TRP B 37 7.53 -10.40 -5.36
C TRP B 37 7.18 -11.57 -6.27
N LEU B 38 7.50 -11.45 -7.56
CA LEU B 38 7.28 -12.54 -8.49
C LEU B 38 8.52 -13.41 -8.32
N VAL B 39 8.34 -14.64 -7.87
CA VAL B 39 9.49 -15.47 -7.63
C VAL B 39 9.58 -16.81 -8.34
N PHE B 40 10.82 -17.19 -8.64
CA PHE B 40 11.13 -18.48 -9.23
C PHE B 40 12.44 -18.89 -8.58
N ASP B 41 12.37 -19.94 -7.75
CA ASP B 41 13.55 -20.44 -7.07
C ASP B 41 14.03 -21.72 -7.74
N ALA B 42 15.19 -21.63 -8.38
CA ALA B 42 15.77 -22.75 -9.10
C ALA B 42 16.07 -23.96 -8.22
N ARG B 43 16.27 -23.70 -6.92
CA ARG B 43 16.58 -24.75 -5.94
C ARG B 43 15.42 -25.72 -5.69
N THR B 44 14.22 -25.14 -5.60
CA THR B 44 13.00 -25.88 -5.33
C THR B 44 12.11 -26.04 -6.56
N THR B 45 12.26 -25.15 -7.53
CA THR B 45 11.45 -25.23 -8.73
C THR B 45 12.26 -25.79 -9.90
N PRO B 46 11.67 -26.75 -10.64
CA PRO B 46 12.36 -27.36 -11.79
C PRO B 46 12.84 -26.28 -12.76
N ALA B 47 14.13 -26.30 -13.06
CA ALA B 47 14.73 -25.34 -13.97
C ALA B 47 14.06 -25.35 -15.34
N THR B 48 13.08 -26.24 -15.51
CA THR B 48 12.37 -26.37 -16.76
C THR B 48 11.09 -25.55 -16.82
N GLU B 49 10.79 -24.84 -15.74
CA GLU B 49 9.60 -24.00 -15.70
C GLU B 49 9.92 -22.51 -15.86
N LEU B 50 11.13 -22.21 -16.32
CA LEU B 50 11.52 -20.81 -16.47
C LEU B 50 10.86 -20.06 -17.63
N ASP B 51 10.79 -20.69 -18.81
CA ASP B 51 10.19 -20.05 -19.99
C ASP B 51 8.85 -19.34 -19.73
N ALA B 52 7.82 -20.14 -19.48
CA ALA B 52 6.47 -19.65 -19.23
C ALA B 52 6.44 -18.47 -18.25
N TRP B 53 7.09 -18.63 -17.10
CA TRP B 53 7.14 -17.56 -16.10
C TRP B 53 7.75 -16.29 -16.71
N LEU B 54 8.95 -16.38 -17.29
CA LEU B 54 9.57 -15.21 -17.90
C LEU B 54 8.63 -14.62 -18.95
N ALA B 55 7.98 -15.50 -19.70
CA ALA B 55 7.05 -15.10 -20.74
C ALA B 55 5.81 -14.44 -20.13
N LYS B 56 5.40 -14.94 -18.97
CA LYS B 56 4.21 -14.41 -18.31
C LYS B 56 4.42 -13.12 -17.54
N TYR B 57 5.62 -12.91 -17.00
CA TYR B 57 5.85 -11.71 -16.23
C TYR B 57 7.10 -10.90 -16.62
N PRO B 58 7.03 -10.18 -17.75
CA PRO B 58 8.13 -9.35 -18.27
C PRO B 58 8.18 -7.98 -17.59
N PRO B 59 9.36 -7.56 -17.12
CA PRO B 59 9.50 -6.27 -16.45
C PRO B 59 8.97 -5.09 -17.26
N SER B 60 9.11 -5.15 -18.58
CA SER B 60 8.62 -4.07 -19.43
C SER B 60 7.09 -4.03 -19.32
N GLN B 61 6.43 -5.18 -19.41
CA GLN B 61 4.99 -5.20 -19.29
C GLN B 61 4.46 -5.16 -17.85
N VAL B 62 5.01 -5.98 -16.97
CA VAL B 62 4.55 -5.99 -15.59
C VAL B 62 4.69 -4.61 -14.95
N THR B 63 3.62 -4.12 -14.35
CA THR B 63 3.65 -2.80 -13.74
C THR B 63 3.74 -2.89 -12.23
N ARG B 64 4.40 -1.90 -11.64
CA ARG B 64 4.59 -1.87 -10.20
C ARG B 64 3.26 -1.87 -9.46
N TYR B 65 2.58 -0.74 -9.52
CA TYR B 65 1.31 -0.56 -8.82
C TYR B 65 0.12 -1.25 -9.46
N GLY B 66 0.36 -1.94 -10.56
CA GLY B 66 -0.73 -2.64 -11.24
C GLY B 66 -1.58 -1.76 -12.11
N ASP B 67 -1.87 -2.26 -13.31
CA ASP B 67 -2.67 -1.56 -14.31
C ASP B 67 -3.39 -2.62 -15.15
N PRO B 68 -4.70 -2.42 -15.42
CA PRO B 68 -5.44 -3.39 -16.21
C PRO B 68 -4.59 -3.94 -17.37
N GLY B 69 -4.79 -5.21 -17.71
CA GLY B 69 -4.01 -5.79 -18.79
C GLY B 69 -2.66 -6.34 -18.35
N SER B 70 -2.13 -5.83 -17.24
CA SER B 70 -0.85 -6.32 -16.73
C SER B 70 -0.94 -7.82 -16.52
N PRO B 71 0.20 -8.52 -16.61
CA PRO B 71 0.17 -9.97 -16.40
C PRO B 71 -0.20 -10.22 -14.95
N ASN B 72 0.11 -9.24 -14.10
CA ASN B 72 -0.15 -9.31 -12.67
C ASN B 72 -1.42 -8.60 -12.28
N SER B 73 -2.37 -9.35 -11.72
CA SER B 73 -3.63 -8.78 -11.31
C SER B 73 -3.49 -8.10 -9.97
N GLU B 74 -2.28 -8.11 -9.43
CA GLU B 74 -2.03 -7.49 -8.14
C GLU B 74 -0.63 -6.88 -8.09
N PRO B 75 -0.46 -5.82 -7.29
CA PRO B 75 0.79 -5.09 -7.10
C PRO B 75 2.00 -5.99 -6.85
N VAL B 76 3.06 -5.81 -7.62
CA VAL B 76 4.27 -6.60 -7.46
C VAL B 76 5.49 -5.73 -7.15
N GLY B 77 6.13 -6.02 -6.03
CA GLY B 77 7.31 -5.26 -5.63
C GLY B 77 8.53 -5.52 -6.49
N TRP B 78 8.96 -6.77 -6.59
CA TRP B 78 10.13 -7.14 -7.39
C TRP B 78 10.01 -8.52 -8.01
N ILE B 79 10.48 -8.67 -9.24
CA ILE B 79 10.46 -9.96 -9.90
C ILE B 79 11.85 -10.53 -9.67
N ALA B 80 11.94 -11.65 -8.99
CA ALA B 80 13.24 -12.18 -8.67
C ALA B 80 13.52 -13.65 -8.97
N VAL B 81 14.80 -13.97 -8.97
CA VAL B 81 15.26 -15.31 -9.19
C VAL B 81 16.38 -15.60 -8.21
N TYR B 82 16.28 -16.74 -7.53
CA TYR B 82 17.28 -17.16 -6.56
C TYR B 82 17.94 -18.42 -7.08
N GLY B 83 19.19 -18.63 -6.71
CA GLY B 83 19.89 -19.81 -7.16
C GLY B 83 20.68 -20.53 -6.09
N GLN B 84 21.61 -21.36 -6.54
CA GLN B 84 22.48 -22.16 -5.68
C GLN B 84 23.49 -21.25 -4.98
N GLY B 85 24.00 -20.26 -5.70
CA GLY B 85 24.99 -19.35 -5.14
C GLY B 85 24.41 -18.38 -4.13
N TYR B 86 23.10 -18.35 -4.01
CA TYR B 86 22.43 -17.46 -3.07
C TYR B 86 22.90 -17.69 -1.64
N SER B 87 23.27 -16.60 -0.97
CA SER B 87 23.73 -16.67 0.41
C SER B 87 23.48 -15.32 1.08
N PRO B 88 22.39 -15.23 1.87
CA PRO B 88 22.03 -14.01 2.58
C PRO B 88 23.16 -13.33 3.36
N ASN B 89 23.14 -12.01 3.36
CA ASN B 89 24.16 -11.20 4.04
C ASN B 89 24.58 -11.73 5.39
N SER B 90 23.61 -12.07 6.24
CA SER B 90 23.88 -12.58 7.58
C SER B 90 24.31 -11.43 8.49
N GLY B 91 24.81 -10.36 7.87
CA GLY B 91 25.26 -9.19 8.62
C GLY B 91 24.25 -8.60 9.57
N ASP B 92 24.71 -7.64 10.37
CA ASP B 92 23.88 -6.96 11.36
C ASP B 92 23.55 -5.52 10.99
N VAL B 93 22.45 -5.34 10.26
CA VAL B 93 22.03 -4.00 9.85
C VAL B 93 21.71 -3.10 11.03
N GLN B 94 21.24 -3.69 12.12
CA GLN B 94 20.92 -2.92 13.32
C GLN B 94 22.20 -2.28 13.83
N GLY B 95 23.23 -3.10 13.98
CA GLY B 95 24.50 -2.58 14.46
C GLY B 95 25.08 -1.57 13.48
N LEU B 96 25.14 -1.95 12.21
CA LEU B 96 25.66 -1.07 11.16
C LEU B 96 24.98 0.30 11.22
N GLN B 97 23.67 0.28 11.37
CA GLN B 97 22.89 1.51 11.45
C GLN B 97 23.25 2.39 12.64
N ALA B 98 23.46 1.78 13.80
CA ALA B 98 23.82 2.54 14.99
C ALA B 98 25.20 3.16 14.82
N ALA B 99 26.09 2.43 14.16
CA ALA B 99 27.43 2.90 13.91
C ALA B 99 27.36 4.23 13.16
N TRP B 100 27.03 4.16 11.87
CA TRP B 100 26.91 5.35 11.03
C TRP B 100 25.95 6.36 11.66
N GLU B 101 25.08 5.85 12.53
CA GLU B 101 24.13 6.70 13.23
C GLU B 101 24.92 7.68 14.07
N ALA B 102 25.99 7.17 14.68
CA ALA B 102 26.87 7.96 15.53
C ALA B 102 27.96 8.64 14.71
N LEU B 103 28.37 7.98 13.64
CA LEU B 103 29.42 8.53 12.77
C LEU B 103 29.10 9.95 12.32
N GLN B 104 27.83 10.20 12.01
CA GLN B 104 27.41 11.52 11.57
C GLN B 104 27.50 12.52 12.72
N THR B 105 27.26 12.03 13.94
CA THR B 105 27.33 12.89 15.13
C THR B 105 28.69 13.57 15.16
N SER B 106 29.71 12.83 15.58
CA SER B 106 31.06 13.35 15.62
C SER B 106 31.45 13.68 14.18
N GLY B 107 31.84 14.92 13.94
CA GLY B 107 32.21 15.34 12.60
C GLY B 107 33.51 14.77 12.05
N ARG B 108 33.65 13.45 12.12
CA ARG B 108 34.86 12.78 11.61
C ARG B 108 34.78 12.63 10.09
N PRO B 109 35.94 12.44 9.44
CA PRO B 109 36.01 12.28 7.98
C PRO B 109 35.28 11.04 7.43
N ILE B 110 34.08 11.27 6.90
CA ILE B 110 33.27 10.20 6.32
C ILE B 110 33.76 9.88 4.91
N THR B 111 34.33 8.70 4.73
CA THR B 111 34.88 8.30 3.44
C THR B 111 34.59 6.84 3.11
N PRO B 112 34.90 6.41 1.88
CA PRO B 112 34.68 5.03 1.45
C PRO B 112 35.30 4.04 2.42
N GLY B 113 36.49 4.38 2.90
CA GLY B 113 37.21 3.53 3.84
C GLY B 113 36.45 3.36 5.13
N THR B 114 35.83 4.44 5.60
CA THR B 114 35.06 4.39 6.84
C THR B 114 33.82 3.53 6.63
N LEU B 115 33.13 3.78 5.51
CA LEU B 115 31.93 3.03 5.19
C LEU B 115 32.29 1.57 5.04
N ARG B 116 33.44 1.31 4.44
CA ARG B 116 33.89 -0.05 4.24
C ARG B 116 34.13 -0.66 5.62
N GLN B 117 34.57 0.19 6.54
CA GLN B 117 34.84 -0.26 7.90
C GLN B 117 33.53 -0.64 8.54
N LEU B 118 32.62 0.32 8.64
CA LEU B 118 31.32 0.05 9.25
C LEU B 118 30.61 -1.14 8.62
N ALA B 119 31.07 -1.55 7.42
CA ALA B 119 30.46 -2.68 6.72
C ALA B 119 31.12 -4.01 7.09
N ILE B 120 32.44 -4.03 7.08
CA ILE B 120 33.19 -5.23 7.43
C ILE B 120 32.94 -5.59 8.89
N THR B 121 32.82 -4.56 9.72
CA THR B 121 32.58 -4.75 11.15
C THR B 121 31.25 -5.42 11.44
N HIS B 122 30.23 -5.17 10.63
CA HIS B 122 28.93 -5.78 10.88
C HIS B 122 28.50 -6.86 9.89
N HIS B 123 29.44 -7.34 9.09
CA HIS B 123 29.17 -8.38 8.12
C HIS B 123 28.14 -8.03 7.05
N VAL B 124 27.97 -6.74 6.77
CA VAL B 124 27.05 -6.29 5.73
C VAL B 124 27.94 -6.07 4.52
N LEU B 125 28.37 -7.17 3.91
CA LEU B 125 29.29 -7.16 2.78
C LEU B 125 28.72 -7.45 1.41
N SER B 126 27.41 -7.61 1.32
CA SER B 126 26.78 -7.90 0.03
C SER B 126 26.51 -6.66 -0.81
N GLY B 127 26.13 -6.90 -2.07
CA GLY B 127 25.85 -5.81 -2.97
C GLY B 127 25.50 -6.32 -4.36
N LYS B 128 25.57 -5.43 -5.35
CA LYS B 128 25.23 -5.83 -6.69
C LYS B 128 25.55 -4.87 -7.81
N TRP B 129 25.55 -5.42 -9.02
CA TRP B 129 25.77 -4.64 -10.22
C TRP B 129 24.40 -4.05 -10.59
N LEU B 130 24.38 -2.75 -10.88
CA LEU B 130 23.15 -2.05 -11.26
C LEU B 130 23.21 -1.58 -12.71
N MSE B 131 22.27 -2.09 -13.51
CA MSE B 131 22.17 -1.77 -14.92
C MSE B 131 20.74 -1.32 -15.20
O MSE B 131 19.79 -1.93 -14.71
CB MSE B 131 22.51 -2.98 -15.77
CG MSE B 131 21.55 -4.16 -15.59
SE MSE B 131 22.43 -5.88 -15.61
CE MSE B 131 23.03 -5.88 -13.78
N HIS B 132 20.61 -0.28 -16.00
CA HIS B 132 19.31 0.26 -16.35
C HIS B 132 19.06 0.07 -17.84
N LEU B 133 18.50 -1.08 -18.19
CA LEU B 133 18.20 -1.40 -19.58
C LEU B 133 17.13 -0.48 -20.13
N ALA B 134 16.98 -0.52 -21.45
CA ALA B 134 16.00 0.30 -22.15
C ALA B 134 14.70 -0.48 -22.29
N PRO B 135 13.56 0.17 -22.02
CA PRO B 135 12.27 -0.52 -22.14
C PRO B 135 12.10 -1.28 -23.47
N GLY B 136 11.18 -2.25 -23.45
CA GLY B 136 10.93 -3.04 -24.63
C GLY B 136 11.49 -4.43 -24.48
N PHE B 137 11.80 -5.04 -25.61
CA PHE B 137 12.33 -6.38 -25.60
C PHE B 137 13.78 -6.44 -25.14
N LYS B 138 14.49 -5.33 -25.24
CA LYS B 138 15.88 -5.30 -24.78
C LYS B 138 15.90 -5.55 -23.28
N LEU B 139 14.96 -4.95 -22.56
CA LEU B 139 14.88 -5.15 -21.13
C LEU B 139 14.51 -6.60 -20.81
N ASP B 140 13.49 -7.11 -21.48
CA ASP B 140 13.01 -8.47 -21.26
C ASP B 140 14.03 -9.51 -21.67
N HIS B 141 14.73 -9.24 -22.76
CA HIS B 141 15.73 -10.16 -23.26
C HIS B 141 16.85 -10.30 -22.22
N ALA B 142 17.42 -9.16 -21.84
CA ALA B 142 18.50 -9.14 -20.85
C ALA B 142 18.06 -9.87 -19.57
N TRP B 143 16.84 -9.58 -19.13
CA TRP B 143 16.32 -10.19 -17.92
C TRP B 143 16.23 -11.71 -18.05
N ALA B 144 15.78 -12.20 -19.20
CA ALA B 144 15.65 -13.64 -19.43
C ALA B 144 17.01 -14.32 -19.32
N GLY B 145 18.04 -13.69 -19.88
CA GLY B 145 19.37 -14.28 -19.82
C GLY B 145 19.90 -14.44 -18.41
N ILE B 146 19.94 -13.35 -17.65
CA ILE B 146 20.42 -13.40 -16.28
C ILE B 146 19.56 -14.36 -15.46
N ALA B 147 18.25 -14.30 -15.67
CA ALA B 147 17.33 -15.19 -14.99
C ALA B 147 17.79 -16.63 -15.24
N ARG B 148 18.31 -16.88 -16.44
CA ARG B 148 18.78 -18.20 -16.81
C ARG B 148 20.06 -18.52 -16.06
N ALA B 149 20.98 -17.55 -16.05
CA ALA B 149 22.27 -17.71 -15.37
C ALA B 149 22.08 -18.08 -13.89
N VAL B 150 21.28 -17.29 -13.18
CA VAL B 150 21.03 -17.57 -11.76
C VAL B 150 20.60 -19.03 -11.60
N VAL B 151 19.57 -19.42 -12.35
CA VAL B 151 19.05 -20.79 -12.30
C VAL B 151 20.14 -21.81 -12.64
N GLU B 152 21.25 -21.34 -13.23
CA GLU B 152 22.34 -22.24 -13.59
C GLU B 152 23.49 -22.14 -12.58
N GLY B 153 23.28 -21.39 -11.50
CA GLY B 153 24.30 -21.25 -10.48
C GLY B 153 25.40 -20.26 -10.84
N ARG B 154 25.42 -19.78 -12.08
CA ARG B 154 26.42 -18.83 -12.49
C ARG B 154 26.21 -17.48 -11.82
N LEU B 155 25.01 -17.26 -11.28
CA LEU B 155 24.70 -16.03 -10.57
C LEU B 155 23.92 -16.41 -9.32
N GLN B 156 24.13 -15.66 -8.24
CA GLN B 156 23.49 -15.94 -6.95
C GLN B 156 21.99 -15.68 -6.90
N VAL B 157 21.62 -14.42 -7.11
CA VAL B 157 20.23 -14.02 -7.07
C VAL B 157 20.12 -12.75 -7.89
N ALA B 158 18.99 -12.56 -8.56
CA ALA B 158 18.78 -11.38 -9.37
C ALA B 158 17.34 -10.96 -9.35
N LYS B 159 17.09 -9.68 -9.56
CA LYS B 159 15.73 -9.18 -9.56
C LYS B 159 15.60 -7.98 -10.48
N VAL B 160 14.42 -7.78 -11.05
CA VAL B 160 14.18 -6.65 -11.95
C VAL B 160 12.95 -5.85 -11.52
N SER B 161 13.05 -4.52 -11.59
CA SER B 161 11.95 -3.64 -11.22
C SER B 161 10.83 -3.66 -12.26
N PRO B 162 9.58 -3.61 -11.81
CA PRO B 162 8.46 -3.63 -12.76
C PRO B 162 8.27 -2.25 -13.42
N ARG B 163 7.41 -2.18 -14.43
CA ARG B 163 7.16 -0.92 -15.13
C ARG B 163 6.19 -0.01 -14.40
N ALA B 164 6.47 1.29 -14.44
CA ALA B 164 5.62 2.30 -13.80
C ALA B 164 4.45 2.61 -14.73
N LYS B 165 4.40 3.84 -15.24
CA LYS B 165 3.33 4.26 -16.14
C LYS B 165 3.73 5.42 -17.06
N GLU B 166 4.95 5.38 -17.59
CA GLU B 166 5.42 6.42 -18.51
C GLU B 166 6.83 6.16 -19.04
N GLY B 167 6.95 5.16 -19.92
CA GLY B 167 8.25 4.84 -20.48
C GLY B 167 9.31 4.77 -19.40
N GLY B 168 10.56 5.01 -19.77
CA GLY B 168 11.63 4.98 -18.78
C GLY B 168 12.36 3.66 -18.66
N ARG B 169 13.60 3.73 -18.17
CA ARG B 169 14.43 2.54 -18.00
C ARG B 169 14.11 1.79 -16.72
N GLN B 170 14.27 0.47 -16.76
CA GLN B 170 14.03 -0.37 -15.60
C GLN B 170 15.36 -0.94 -15.13
N VAL B 171 15.48 -1.14 -13.83
CA VAL B 171 16.72 -1.66 -13.27
C VAL B 171 16.69 -3.18 -13.04
N ILE B 172 17.80 -3.82 -13.37
CA ILE B 172 17.96 -5.24 -13.16
C ILE B 172 18.99 -5.35 -12.03
N CYS B 173 18.86 -6.37 -11.19
CA CYS B 173 19.76 -6.56 -10.05
C CYS B 173 20.52 -7.88 -10.16
N VAL B 174 21.80 -7.86 -9.78
CA VAL B 174 22.65 -9.04 -9.80
C VAL B 174 23.56 -8.97 -8.58
N TYR B 175 23.19 -9.70 -7.53
CA TYR B 175 23.93 -9.73 -6.28
C TYR B 175 25.12 -10.70 -6.21
N THR B 176 26.13 -10.32 -5.43
CA THR B 176 27.30 -11.15 -5.16
C THR B 176 27.40 -11.12 -3.63
N ASP B 177 28.02 -12.12 -3.03
CA ASP B 177 28.07 -12.18 -1.57
C ASP B 177 28.89 -11.13 -0.82
N ASP B 178 30.10 -10.85 -1.28
CA ASP B 178 30.98 -9.88 -0.59
C ASP B 178 31.62 -8.91 -1.58
N PHE B 179 31.41 -7.61 -1.36
CA PHE B 179 31.96 -6.62 -2.27
C PHE B 179 33.48 -6.50 -2.22
N THR B 180 34.12 -7.12 -1.24
CA THR B 180 35.57 -7.05 -1.17
C THR B 180 36.22 -8.22 -1.91
N ASP B 181 35.40 -9.20 -2.28
CA ASP B 181 35.91 -10.36 -3.04
C ASP B 181 35.85 -10.04 -4.53
N ARG B 182 36.86 -9.32 -5.01
CA ARG B 182 36.92 -8.91 -6.40
C ARG B 182 36.71 -10.00 -7.44
N LEU B 183 37.08 -11.24 -7.13
CA LEU B 183 36.89 -12.30 -8.10
C LEU B 183 35.39 -12.56 -8.28
N GLY B 184 34.65 -12.46 -7.19
CA GLY B 184 33.21 -12.65 -7.25
C GLY B 184 32.58 -11.55 -8.10
N VAL B 185 32.75 -10.31 -7.65
CA VAL B 185 32.21 -9.15 -8.37
C VAL B 185 32.48 -9.24 -9.86
N LEU B 186 33.69 -9.68 -10.21
CA LEU B 186 34.11 -9.82 -11.60
C LEU B 186 33.49 -11.05 -12.24
N GLU B 187 33.45 -12.13 -11.48
CA GLU B 187 32.88 -13.38 -11.97
C GLU B 187 31.47 -13.06 -12.47
N ALA B 188 30.68 -12.39 -11.63
CA ALA B 188 29.33 -12.01 -11.99
C ALA B 188 29.31 -11.26 -13.34
N ASP B 189 30.25 -10.32 -13.51
CA ASP B 189 30.35 -9.54 -14.73
C ASP B 189 30.34 -10.44 -15.96
N SER B 190 30.96 -11.61 -15.84
CA SER B 190 31.00 -12.55 -16.95
C SER B 190 29.62 -13.05 -17.35
N ALA B 191 28.81 -13.40 -16.35
CA ALA B 191 27.46 -13.90 -16.60
C ALA B 191 26.58 -12.82 -17.25
N ILE B 192 26.68 -11.60 -16.73
CA ILE B 192 25.90 -10.49 -17.25
C ILE B 192 26.24 -10.24 -18.74
N ARG B 193 27.53 -10.08 -19.04
CA ARG B 193 27.94 -9.83 -20.42
C ARG B 193 27.63 -11.07 -21.25
N ALA B 194 27.58 -12.22 -20.59
CA ALA B 194 27.28 -13.46 -21.30
C ALA B 194 25.79 -13.50 -21.63
N ALA B 195 24.96 -12.82 -20.84
CA ALA B 195 23.53 -12.78 -21.10
C ALA B 195 23.28 -11.74 -22.21
N GLY B 196 24.36 -11.29 -22.84
CA GLY B 196 24.24 -10.33 -23.92
C GLY B 196 24.11 -8.89 -23.51
N ILE B 197 24.19 -8.61 -22.21
CA ILE B 197 24.07 -7.23 -21.75
C ILE B 197 25.33 -6.43 -22.06
N LYS B 198 25.15 -5.21 -22.59
CA LYS B 198 26.29 -4.37 -22.96
C LYS B 198 26.18 -2.96 -22.40
N CYS B 199 25.29 -2.78 -21.42
CA CYS B 199 25.11 -1.46 -20.82
C CYS B 199 26.16 -1.18 -19.74
N LEU B 200 26.19 0.07 -19.28
CA LEU B 200 27.12 0.49 -18.25
C LEU B 200 26.71 -0.10 -16.90
N LEU B 201 27.54 -0.98 -16.36
CA LEU B 201 27.24 -1.57 -15.07
C LEU B 201 27.96 -0.79 -13.98
N THR B 202 27.44 -0.88 -12.76
CA THR B 202 28.03 -0.23 -11.61
C THR B 202 27.70 -1.12 -10.43
N TYR B 203 28.74 -1.52 -9.69
CA TYR B 203 28.54 -2.38 -8.54
C TYR B 203 28.40 -1.55 -7.26
N LYS B 204 27.29 -1.75 -6.56
CA LYS B 204 27.01 -1.01 -5.35
C LYS B 204 27.02 -1.90 -4.12
N PRO B 205 27.69 -1.46 -3.04
CA PRO B 205 27.70 -2.29 -1.82
C PRO B 205 26.41 -2.07 -1.06
N ASP B 206 25.79 -3.15 -0.59
CA ASP B 206 24.55 -3.01 0.17
C ASP B 206 24.68 -2.06 1.38
N VAL B 207 25.89 -1.93 1.94
CA VAL B 207 26.07 -1.04 3.08
C VAL B 207 25.66 0.38 2.72
N TYR B 208 25.90 0.79 1.48
CA TYR B 208 25.51 2.12 1.03
C TYR B 208 23.98 2.18 0.89
N THR B 209 23.40 1.11 0.36
CA THR B 209 21.97 1.04 0.17
C THR B 209 21.19 1.13 1.48
N TYR B 210 21.63 0.38 2.49
CA TYR B 210 20.97 0.40 3.79
C TYR B 210 21.06 1.77 4.44
N LEU B 211 22.23 2.40 4.38
CA LEU B 211 22.39 3.72 4.99
C LEU B 211 21.73 4.81 4.15
N GLY B 212 21.05 4.39 3.10
CA GLY B 212 20.36 5.33 2.23
C GLY B 212 21.27 6.31 1.53
N ILE B 213 22.56 6.00 1.45
CA ILE B 213 23.51 6.86 0.80
C ILE B 213 23.33 6.82 -0.73
N TYR B 214 23.26 8.00 -1.34
CA TYR B 214 23.08 8.11 -2.79
C TYR B 214 24.03 9.16 -3.35
N ARG B 215 24.37 9.01 -4.63
CA ARG B 215 25.30 9.93 -5.30
C ARG B 215 25.13 11.39 -4.93
N ALA B 216 23.91 11.77 -4.55
CA ALA B 216 23.67 13.15 -4.13
C ALA B 216 23.62 13.14 -2.61
N ASN B 217 24.78 13.33 -1.97
CA ASN B 217 24.83 13.34 -0.50
C ASN B 217 25.71 14.46 0.05
N ARG B 218 25.50 14.79 1.32
CA ARG B 218 26.25 15.86 1.98
C ARG B 218 27.76 15.67 1.88
N TRP B 219 28.19 14.44 2.07
CA TRP B 219 29.59 14.07 2.08
C TRP B 219 30.27 13.95 0.73
N HIS B 220 29.49 14.03 -0.35
CA HIS B 220 30.06 13.92 -1.69
C HIS B 220 30.68 12.55 -1.86
N LEU B 221 30.02 11.52 -1.33
CA LEU B 221 30.51 10.16 -1.47
C LEU B 221 30.12 9.62 -2.83
N CYS B 222 30.91 8.67 -3.34
CA CYS B 222 30.60 8.08 -4.62
C CYS B 222 30.00 6.71 -4.34
N PRO B 223 28.77 6.48 -4.80
CA PRO B 223 28.09 5.19 -4.59
C PRO B 223 28.76 4.05 -5.36
N THR B 224 29.19 4.31 -6.58
CA THR B 224 29.83 3.27 -7.39
C THR B 224 31.13 2.79 -6.77
N LEU B 225 31.26 1.48 -6.64
CA LEU B 225 32.47 0.90 -6.08
C LEU B 225 33.19 0.23 -7.25
N TYR B 226 32.43 -0.10 -8.28
CA TYR B 226 32.98 -0.74 -9.47
C TYR B 226 32.17 -0.34 -10.69
N GLU B 227 32.82 0.42 -11.57
CA GLU B 227 32.21 0.88 -12.81
C GLU B 227 32.64 -0.12 -13.87
N SER B 228 31.69 -0.56 -14.68
CA SER B 228 31.99 -1.51 -15.74
C SER B 228 31.46 -0.97 -17.08
N ARG B 229 32.39 -0.57 -17.94
CA ARG B 229 32.07 -0.02 -19.26
C ARG B 229 32.34 -1.11 -20.29
N PHE B 230 31.34 -1.46 -21.09
CA PHE B 230 31.56 -2.50 -22.08
C PHE B 230 32.31 -1.97 -23.30
N GLN B 231 33.23 -2.77 -23.80
CA GLN B 231 34.02 -2.35 -24.94
C GLN B 231 33.79 -3.26 -26.16
N LEU B 232 33.35 -2.64 -27.25
CA LEU B 232 33.07 -3.36 -28.49
C LEU B 232 34.05 -3.06 -29.60
N GLY B 233 33.96 -3.84 -30.68
CA GLY B 233 34.84 -3.63 -31.82
C GLY B 233 35.64 -4.84 -32.27
N GLY B 234 36.24 -5.54 -31.32
CA GLY B 234 37.02 -6.71 -31.65
C GLY B 234 38.47 -6.53 -31.27
N SER B 235 38.86 -5.30 -30.95
CA SER B 235 40.23 -5.00 -30.57
C SER B 235 40.37 -4.65 -29.09
N ALA B 236 39.38 -5.09 -28.31
CA ALA B 236 39.35 -4.86 -26.87
C ALA B 236 38.59 -6.02 -26.22
N ARG B 237 38.88 -6.26 -24.94
CA ARG B 237 38.20 -7.32 -24.23
C ARG B 237 36.82 -6.83 -23.81
N GLY B 238 35.80 -7.61 -24.14
CA GLY B 238 34.43 -7.27 -23.81
C GLY B 238 34.19 -6.16 -22.81
N SER B 239 34.68 -6.32 -21.58
CA SER B 239 34.45 -5.30 -20.56
C SER B 239 35.65 -4.80 -19.76
N ARG B 240 35.58 -3.52 -19.36
CA ARG B 240 36.63 -2.90 -18.59
C ARG B 240 36.07 -2.50 -17.22
N VAL B 241 36.38 -3.30 -16.21
CA VAL B 241 35.91 -3.07 -14.85
C VAL B 241 36.87 -2.18 -14.07
N LEU B 242 36.47 -0.94 -13.84
CA LEU B 242 37.30 0.00 -13.12
C LEU B 242 36.98 0.13 -11.64
N ASP B 243 37.69 -0.63 -10.82
CA ASP B 243 37.51 -0.57 -9.37
C ASP B 243 37.94 0.85 -8.97
N ARG B 244 36.97 1.75 -8.91
CA ARG B 244 37.22 3.15 -8.58
C ARG B 244 37.67 3.43 -7.17
N ALA B 245 37.25 2.60 -6.22
CA ALA B 245 37.64 2.81 -4.84
C ALA B 245 39.15 2.96 -4.68
N ASN B 246 39.89 2.16 -5.43
CA ASN B 246 41.36 2.17 -5.35
C ASN B 246 42.06 2.36 -6.69
N ASN B 247 41.30 2.65 -7.74
CA ASN B 247 41.86 2.82 -9.07
C ASN B 247 42.73 1.63 -9.48
N VAL B 248 42.07 0.48 -9.55
CA VAL B 248 42.71 -0.78 -9.93
C VAL B 248 41.91 -1.39 -11.08
N GLU B 249 42.51 -1.43 -12.26
CA GLU B 249 41.80 -2.00 -13.41
C GLU B 249 41.83 -3.51 -13.30
N LEU B 250 40.71 -4.08 -12.87
CA LEU B 250 40.61 -5.53 -12.74
C LEU B 250 40.54 -6.09 -14.16
N THR B 251 40.75 -5.19 -15.12
CA THR B 251 40.70 -5.50 -16.55
C THR B 251 39.24 -5.73 -16.98
N MSE C 30 -39.74 2.44 -1.55
CA MSE C 30 -40.04 3.31 -2.72
C MSE C 30 -38.88 4.26 -3.02
O MSE C 30 -38.70 5.28 -2.35
CB MSE C 30 -41.30 4.15 -2.45
CG MSE C 30 -42.58 3.33 -2.24
SE MSE C 30 -43.13 2.28 -3.77
CE MSE C 30 -43.77 3.69 -4.93
N ALA C 31 -38.09 3.91 -4.02
CA ALA C 31 -36.95 4.72 -4.42
C ALA C 31 -37.21 5.30 -5.82
N ALA C 32 -36.53 6.40 -6.13
CA ALA C 32 -36.67 7.05 -7.43
C ALA C 32 -36.29 6.11 -8.55
N ASP C 33 -35.27 5.27 -8.30
CA ASP C 33 -34.81 4.29 -9.27
C ASP C 33 -34.71 2.92 -8.63
N MSE C 34 -35.70 2.09 -8.90
CA MSE C 34 -35.78 0.75 -8.35
C MSE C 34 -35.50 -0.29 -9.44
O MSE C 34 -35.66 -1.49 -9.20
CB MSE C 34 -37.16 0.51 -7.73
CG MSE C 34 -37.51 1.46 -6.57
SE MSE C 34 -39.30 1.16 -5.84
CE MSE C 34 -40.30 2.29 -7.04
N ASP C 35 -35.09 0.18 -10.60
CA ASP C 35 -34.82 -0.71 -11.73
C ASP C 35 -33.40 -1.27 -11.80
N PRO C 36 -33.17 -2.23 -12.71
CA PRO C 36 -31.83 -2.81 -12.85
C PRO C 36 -30.98 -1.84 -13.66
N TRP C 37 -29.70 -2.17 -13.79
CA TRP C 37 -28.77 -1.35 -14.56
C TRP C 37 -28.05 -2.27 -15.55
N LEU C 38 -27.68 -1.74 -16.72
CA LEU C 38 -26.95 -2.50 -17.74
C LEU C 38 -25.48 -2.18 -17.49
N VAL C 39 -24.87 -3.02 -16.68
CA VAL C 39 -23.48 -2.85 -16.24
C VAL C 39 -22.41 -3.73 -16.87
N PHE C 40 -21.41 -3.11 -17.49
CA PHE C 40 -20.30 -3.91 -18.00
C PHE C 40 -19.32 -3.86 -16.84
N ASP C 41 -19.19 -4.95 -16.10
CA ASP C 41 -18.30 -4.96 -14.95
C ASP C 41 -16.90 -5.43 -15.35
N ALA C 42 -15.95 -4.50 -15.38
CA ALA C 42 -14.59 -4.84 -15.78
C ALA C 42 -13.85 -5.65 -14.71
N ARG C 43 -14.31 -5.59 -13.47
CA ARG C 43 -13.67 -6.36 -12.42
C ARG C 43 -13.87 -7.85 -12.65
N THR C 44 -14.75 -8.18 -13.60
CA THR C 44 -15.02 -9.58 -13.92
C THR C 44 -15.02 -9.89 -15.40
N THR C 45 -15.25 -8.88 -16.25
CA THR C 45 -15.27 -9.13 -17.70
C THR C 45 -13.99 -8.68 -18.41
N PRO C 46 -13.47 -9.52 -19.31
CA PRO C 46 -12.25 -9.22 -20.07
C PRO C 46 -12.47 -8.00 -20.96
N ALA C 47 -11.49 -7.10 -20.97
CA ALA C 47 -11.56 -5.88 -21.76
C ALA C 47 -11.77 -6.15 -23.24
N THR C 48 -11.75 -7.41 -23.62
CA THR C 48 -11.94 -7.78 -25.01
C THR C 48 -13.42 -7.93 -25.32
N GLU C 49 -14.26 -7.75 -24.30
CA GLU C 49 -15.69 -7.86 -24.49
C GLU C 49 -16.37 -6.51 -24.54
N LEU C 50 -15.70 -5.47 -24.05
CA LEU C 50 -16.29 -4.13 -24.05
C LEU C 50 -16.91 -3.76 -25.39
N ASP C 51 -16.15 -3.88 -26.47
CA ASP C 51 -16.61 -3.55 -27.81
C ASP C 51 -17.99 -4.13 -28.15
N ALA C 52 -18.20 -5.42 -27.89
CA ALA C 52 -19.47 -6.04 -28.18
C ALA C 52 -20.58 -5.53 -27.28
N TRP C 53 -20.21 -5.16 -26.06
CA TRP C 53 -21.17 -4.64 -25.11
C TRP C 53 -21.68 -3.27 -25.58
N LEU C 54 -20.75 -2.42 -26.03
CA LEU C 54 -21.12 -1.09 -26.50
C LEU C 54 -21.96 -1.23 -27.76
N ALA C 55 -21.52 -2.09 -28.66
CA ALA C 55 -22.24 -2.30 -29.91
C ALA C 55 -23.70 -2.65 -29.61
N LYS C 56 -23.90 -3.39 -28.52
CA LYS C 56 -25.22 -3.82 -28.10
C LYS C 56 -26.01 -2.76 -27.34
N TYR C 57 -25.38 -2.13 -26.36
CA TYR C 57 -26.06 -1.14 -25.55
C TYR C 57 -25.80 0.34 -25.81
N PRO C 58 -25.96 0.80 -27.06
CA PRO C 58 -25.70 2.24 -27.18
C PRO C 58 -26.75 3.02 -26.38
N PRO C 59 -26.31 3.85 -25.43
CA PRO C 59 -27.27 4.63 -24.63
C PRO C 59 -28.22 5.43 -25.50
N SER C 60 -27.73 5.83 -26.67
CA SER C 60 -28.55 6.62 -27.57
C SER C 60 -29.72 5.80 -28.13
N GLN C 61 -29.91 4.59 -27.59
CA GLN C 61 -31.00 3.74 -28.05
C GLN C 61 -31.74 3.08 -26.88
N VAL C 62 -30.98 2.81 -25.82
CA VAL C 62 -31.52 2.19 -24.61
C VAL C 62 -32.50 3.18 -23.94
N THR C 63 -33.68 2.69 -23.55
CA THR C 63 -34.68 3.56 -22.93
C THR C 63 -34.93 3.30 -21.45
N ARG C 64 -35.30 4.36 -20.74
CA ARG C 64 -35.57 4.28 -19.30
C ARG C 64 -36.70 3.32 -18.95
N TYR C 65 -37.51 2.93 -19.92
CA TYR C 65 -38.62 2.03 -19.63
C TYR C 65 -38.75 0.81 -20.53
N GLY C 66 -37.71 0.53 -21.30
CA GLY C 66 -37.74 -0.62 -22.17
C GLY C 66 -38.89 -0.60 -23.17
N ASP C 67 -39.08 0.55 -23.83
CA ASP C 67 -40.13 0.70 -24.83
C ASP C 67 -39.94 -0.32 -25.94
N PRO C 68 -41.05 -0.75 -26.58
CA PRO C 68 -40.95 -1.73 -27.67
C PRO C 68 -39.94 -1.20 -28.70
N GLY C 69 -39.08 -2.06 -29.21
CA GLY C 69 -38.10 -1.62 -30.18
C GLY C 69 -36.75 -1.30 -29.56
N SER C 70 -36.66 -1.40 -28.24
CA SER C 70 -35.42 -1.13 -27.52
C SER C 70 -34.54 -2.37 -27.40
N PRO C 71 -33.22 -2.18 -27.32
CA PRO C 71 -32.36 -3.36 -27.19
C PRO C 71 -32.63 -4.02 -25.84
N ASN C 72 -33.28 -3.26 -24.95
CA ASN C 72 -33.65 -3.73 -23.61
C ASN C 72 -35.17 -3.84 -23.46
N SER C 73 -35.64 -4.94 -22.87
CA SER C 73 -37.07 -5.13 -22.68
C SER C 73 -37.50 -4.85 -21.24
N GLU C 74 -36.52 -4.60 -20.38
CA GLU C 74 -36.76 -4.29 -18.98
C GLU C 74 -36.46 -2.80 -18.75
N PRO C 75 -37.16 -2.18 -17.79
CA PRO C 75 -36.90 -0.76 -17.52
C PRO C 75 -35.48 -0.70 -16.93
N VAL C 76 -34.52 -0.22 -17.72
CA VAL C 76 -33.14 -0.12 -17.27
C VAL C 76 -32.97 1.24 -16.60
N GLY C 77 -32.24 1.27 -15.49
CA GLY C 77 -32.02 2.51 -14.78
C GLY C 77 -30.74 3.20 -15.19
N TRP C 78 -29.63 2.45 -15.24
CA TRP C 78 -28.34 3.03 -15.62
C TRP C 78 -27.44 2.07 -16.39
N ILE C 79 -26.86 2.56 -17.49
CA ILE C 79 -25.92 1.76 -18.25
C ILE C 79 -24.63 2.21 -17.55
N ALA C 80 -23.82 1.26 -17.09
CA ALA C 80 -22.60 1.63 -16.36
C ALA C 80 -21.34 0.89 -16.73
N VAL C 81 -20.23 1.37 -16.17
CA VAL C 81 -18.91 0.74 -16.37
C VAL C 81 -18.10 0.87 -15.09
N TYR C 82 -17.52 -0.24 -14.64
CA TYR C 82 -16.71 -0.26 -13.43
C TYR C 82 -15.27 -0.70 -13.71
N GLY C 83 -14.32 0.16 -13.35
CA GLY C 83 -12.92 -0.13 -13.58
C GLY C 83 -12.43 -1.30 -12.74
N GLN C 84 -11.12 -1.52 -12.71
CA GLN C 84 -10.54 -2.61 -11.95
C GLN C 84 -10.52 -2.18 -10.49
N GLY C 85 -11.09 -3.00 -9.63
CA GLY C 85 -11.16 -2.65 -8.22
C GLY C 85 -12.17 -1.55 -7.99
N TYR C 86 -13.31 -1.90 -7.38
CA TYR C 86 -14.36 -0.93 -7.09
C TYR C 86 -15.39 -1.48 -6.10
N SER C 87 -15.63 -0.75 -5.03
CA SER C 87 -16.59 -1.16 -4.01
C SER C 87 -17.14 0.10 -3.31
N PRO C 88 -18.04 -0.06 -2.33
CA PRO C 88 -18.59 1.10 -1.63
C PRO C 88 -17.52 1.82 -0.82
N ASN C 89 -17.56 3.15 -0.85
CA ASN C 89 -16.60 3.97 -0.12
C ASN C 89 -17.31 4.99 0.77
N SER C 90 -18.63 5.13 0.57
CA SER C 90 -19.48 6.07 1.30
C SER C 90 -19.05 6.36 2.75
N GLY C 91 -19.17 7.64 3.13
CA GLY C 91 -18.77 8.05 4.47
C GLY C 91 -19.88 8.19 5.49
N ASP C 92 -19.65 9.08 6.45
CA ASP C 92 -20.60 9.31 7.54
C ASP C 92 -21.77 10.19 7.11
N VAL C 93 -22.65 9.62 6.29
CA VAL C 93 -23.81 10.35 5.78
C VAL C 93 -24.80 10.76 6.86
N GLN C 94 -25.05 9.89 7.83
CA GLN C 94 -25.98 10.24 8.91
C GLN C 94 -25.43 11.45 9.66
N GLY C 95 -24.12 11.44 9.91
CA GLY C 95 -23.50 12.54 10.61
C GLY C 95 -23.66 13.82 9.79
N LEU C 96 -23.37 13.70 8.50
CA LEU C 96 -23.49 14.82 7.59
C LEU C 96 -24.89 15.41 7.65
N GLN C 97 -25.89 14.54 7.58
CA GLN C 97 -27.29 14.96 7.61
C GLN C 97 -27.58 15.78 8.86
N ALA C 98 -27.18 15.24 10.02
CA ALA C 98 -27.38 15.91 11.30
C ALA C 98 -26.77 17.32 11.28
N ALA C 99 -25.45 17.40 11.13
CA ALA C 99 -24.77 18.69 11.07
C ALA C 99 -25.50 19.62 10.10
N TRP C 100 -25.77 19.14 8.90
CA TRP C 100 -26.47 19.96 7.92
C TRP C 100 -27.82 20.39 8.51
N GLU C 101 -28.46 19.48 9.23
CA GLU C 101 -29.74 19.75 9.87
C GLU C 101 -29.61 20.91 10.86
N ALA C 102 -28.72 20.73 11.84
CA ALA C 102 -28.48 21.73 12.86
C ALA C 102 -28.09 23.04 12.21
N LEU C 103 -27.03 22.98 11.42
CA LEU C 103 -26.50 24.14 10.72
C LEU C 103 -27.68 24.98 10.19
N GLN C 104 -28.61 24.32 9.51
CA GLN C 104 -29.78 25.01 8.95
C GLN C 104 -30.53 25.78 10.02
N THR C 105 -31.58 25.17 10.55
CA THR C 105 -32.42 25.77 11.58
C THR C 105 -31.60 26.28 12.78
N SER C 106 -30.81 27.33 12.56
CA SER C 106 -29.98 27.90 13.61
C SER C 106 -29.34 29.22 13.17
N GLY C 107 -28.11 29.44 13.62
CA GLY C 107 -27.40 30.65 13.26
C GLY C 107 -25.97 30.39 12.82
N ARG C 108 -25.80 30.01 11.56
CA ARG C 108 -24.48 29.73 11.00
C ARG C 108 -24.51 29.96 9.49
N PRO C 109 -23.48 30.63 8.95
CA PRO C 109 -23.34 30.94 7.51
C PRO C 109 -23.28 29.74 6.55
N ILE C 110 -24.25 29.66 5.65
CA ILE C 110 -24.30 28.57 4.68
C ILE C 110 -23.63 28.99 3.37
N THR C 111 -22.37 28.58 3.19
CA THR C 111 -21.64 28.91 1.98
C THR C 111 -20.90 27.68 1.45
N PRO C 112 -20.21 27.81 0.32
CA PRO C 112 -19.47 26.66 -0.23
C PRO C 112 -18.43 26.20 0.78
N GLY C 113 -17.88 27.15 1.53
CA GLY C 113 -16.87 26.83 2.52
C GLY C 113 -17.38 25.99 3.67
N THR C 114 -18.46 26.44 4.30
CA THR C 114 -19.02 25.69 5.41
C THR C 114 -19.53 24.33 4.92
N LEU C 115 -19.86 24.26 3.64
CA LEU C 115 -20.32 23.00 3.07
C LEU C 115 -19.13 22.10 2.82
N ARG C 116 -18.00 22.72 2.46
CA ARG C 116 -16.79 21.95 2.22
C ARG C 116 -16.41 21.35 3.57
N GLN C 117 -16.84 22.03 4.62
CA GLN C 117 -16.59 21.60 6.00
C GLN C 117 -17.40 20.35 6.35
N LEU C 118 -18.62 20.28 5.85
CA LEU C 118 -19.44 19.10 6.11
C LEU C 118 -19.05 17.95 5.19
N ALA C 119 -17.91 18.08 4.50
CA ALA C 119 -17.46 17.03 3.59
C ALA C 119 -16.24 16.22 4.05
N ILE C 120 -15.19 16.89 4.49
CA ILE C 120 -14.00 16.19 4.94
C ILE C 120 -14.26 15.51 6.28
N THR C 121 -14.89 16.23 7.20
CA THR C 121 -15.19 15.71 8.52
C THR C 121 -15.86 14.33 8.49
N HIS C 122 -16.77 14.13 7.54
CA HIS C 122 -17.49 12.88 7.43
C HIS C 122 -17.01 12.02 6.28
N HIS C 123 -15.96 12.51 5.62
CA HIS C 123 -15.35 11.79 4.50
C HIS C 123 -16.30 11.48 3.33
N VAL C 124 -17.29 12.34 3.12
CA VAL C 124 -18.22 12.18 2.00
C VAL C 124 -17.54 13.06 0.95
N LEU C 125 -16.51 12.53 0.31
CA LEU C 125 -15.70 13.25 -0.67
C LEU C 125 -15.78 12.76 -2.11
N SER C 126 -16.68 11.82 -2.38
CA SER C 126 -16.84 11.27 -3.71
C SER C 126 -17.29 12.36 -4.68
N GLY C 127 -17.23 12.06 -5.97
CA GLY C 127 -17.64 13.02 -6.97
C GLY C 127 -17.47 12.63 -8.42
N LYS C 128 -17.99 13.47 -9.32
CA LYS C 128 -17.88 13.21 -10.75
C LYS C 128 -18.16 14.43 -11.62
N TRP C 129 -17.71 14.34 -12.86
CA TRP C 129 -17.92 15.40 -13.83
C TRP C 129 -19.24 15.08 -14.52
N LEU C 130 -19.97 16.12 -14.92
CA LEU C 130 -21.24 15.96 -15.62
C LEU C 130 -21.19 16.64 -16.99
N MSE C 131 -21.78 15.99 -17.98
CA MSE C 131 -21.81 16.52 -19.33
C MSE C 131 -23.12 16.10 -19.94
O MSE C 131 -23.60 14.99 -19.70
CB MSE C 131 -20.62 16.00 -20.15
CG MSE C 131 -20.59 14.49 -20.31
SE MSE C 131 -18.79 13.80 -20.54
CE MSE C 131 -18.35 13.56 -18.67
N HIS C 132 -23.73 17.00 -20.72
CA HIS C 132 -25.02 16.73 -21.36
C HIS C 132 -24.85 16.48 -22.86
N LEU C 133 -25.68 15.61 -23.42
CA LEU C 133 -25.61 15.32 -24.85
C LEU C 133 -26.89 14.74 -25.44
N ALA C 134 -27.18 15.16 -26.67
CA ALA C 134 -28.35 14.68 -27.40
C ALA C 134 -28.04 13.28 -27.91
N PRO C 135 -29.08 12.44 -28.06
CA PRO C 135 -28.85 11.08 -28.55
C PRO C 135 -28.19 11.14 -29.93
N GLY C 136 -27.60 10.02 -30.37
CA GLY C 136 -26.94 10.02 -31.66
C GLY C 136 -25.50 9.52 -31.59
N PHE C 137 -24.72 9.83 -32.61
CA PHE C 137 -23.34 9.39 -32.65
C PHE C 137 -22.45 10.11 -31.66
N LYS C 138 -22.75 11.36 -31.35
CA LYS C 138 -21.93 12.10 -30.39
C LYS C 138 -21.94 11.37 -29.04
N LEU C 139 -23.10 10.81 -28.68
CA LEU C 139 -23.21 10.07 -27.43
C LEU C 139 -22.56 8.70 -27.56
N ASP C 140 -22.89 7.96 -28.62
CA ASP C 140 -22.30 6.63 -28.78
C ASP C 140 -20.78 6.73 -28.70
N HIS C 141 -20.27 7.86 -29.18
CA HIS C 141 -18.83 8.13 -29.18
C HIS C 141 -18.34 8.54 -27.79
N ALA C 142 -18.92 9.62 -27.26
CA ALA C 142 -18.55 10.12 -25.94
C ALA C 142 -18.48 8.97 -24.93
N TRP C 143 -19.57 8.20 -24.88
CA TRP C 143 -19.70 7.06 -23.97
C TRP C 143 -18.69 5.96 -24.32
N ALA C 144 -18.70 5.49 -25.56
CA ALA C 144 -17.77 4.45 -26.01
C ALA C 144 -16.35 4.83 -25.64
N GLY C 145 -15.99 6.10 -25.83
CA GLY C 145 -14.66 6.55 -25.49
C GLY C 145 -14.37 6.42 -24.01
N ILE C 146 -15.32 6.87 -23.20
CA ILE C 146 -15.23 6.81 -21.75
C ILE C 146 -15.18 5.35 -21.28
N ALA C 147 -16.06 4.52 -21.83
CA ALA C 147 -16.09 3.11 -21.46
C ALA C 147 -14.67 2.54 -21.49
N ARG C 148 -13.93 2.86 -22.54
CA ARG C 148 -12.56 2.39 -22.66
C ARG C 148 -11.71 2.94 -21.50
N ALA C 149 -11.80 4.24 -21.26
CA ALA C 149 -11.02 4.87 -20.19
C ALA C 149 -11.25 4.21 -18.81
N VAL C 150 -12.48 3.74 -18.55
CA VAL C 150 -12.82 3.09 -17.28
C VAL C 150 -12.13 1.74 -17.23
N VAL C 151 -12.02 1.08 -18.38
CA VAL C 151 -11.37 -0.22 -18.45
C VAL C 151 -9.83 -0.08 -18.39
N GLU C 152 -9.30 0.99 -18.95
CA GLU C 152 -7.85 1.20 -18.92
C GLU C 152 -7.37 1.70 -17.56
N GLY C 153 -8.32 1.94 -16.66
CA GLY C 153 -7.99 2.43 -15.33
C GLY C 153 -7.72 3.92 -15.28
N ARG C 154 -8.52 4.70 -16.01
CA ARG C 154 -8.33 6.14 -16.01
C ARG C 154 -9.57 6.86 -15.52
N LEU C 155 -10.58 6.08 -15.15
CA LEU C 155 -11.86 6.60 -14.65
C LEU C 155 -12.62 5.47 -13.92
N GLN C 156 -12.35 5.35 -12.62
CA GLN C 156 -12.92 4.33 -11.75
C GLN C 156 -14.23 3.74 -12.25
N VAL C 157 -15.27 4.58 -12.31
CA VAL C 157 -16.58 4.15 -12.79
C VAL C 157 -17.18 5.27 -13.64
N ALA C 158 -18.15 4.91 -14.47
CA ALA C 158 -18.81 5.87 -15.35
C ALA C 158 -20.20 5.37 -15.72
N LYS C 159 -21.14 6.29 -15.83
CA LYS C 159 -22.49 5.92 -16.20
C LYS C 159 -23.10 6.91 -17.19
N VAL C 160 -24.06 6.44 -17.97
CA VAL C 160 -24.75 7.30 -18.91
C VAL C 160 -26.24 7.08 -18.66
N SER C 161 -27.03 8.13 -18.86
CA SER C 161 -28.46 8.01 -18.65
C SER C 161 -29.15 7.53 -19.94
N PRO C 162 -29.99 6.51 -19.83
CA PRO C 162 -30.68 6.00 -21.01
C PRO C 162 -31.78 6.99 -21.41
N ARG C 163 -32.14 6.97 -22.69
CA ARG C 163 -33.17 7.85 -23.24
C ARG C 163 -34.49 7.70 -22.46
N ALA C 164 -34.90 8.77 -21.80
CA ALA C 164 -36.11 8.75 -21.00
C ALA C 164 -37.33 9.18 -21.79
N LYS C 165 -38.49 8.65 -21.39
CA LYS C 165 -39.74 8.98 -22.06
C LYS C 165 -39.99 10.49 -22.13
N GLU C 166 -39.50 11.23 -21.15
CA GLU C 166 -39.68 12.68 -21.14
C GLU C 166 -39.20 13.25 -22.46
N GLY C 167 -37.98 12.91 -22.85
CA GLY C 167 -37.43 13.41 -24.08
C GLY C 167 -36.59 14.64 -23.81
N GLY C 168 -35.29 14.51 -24.04
CA GLY C 168 -34.36 15.60 -23.82
C GLY C 168 -32.95 15.08 -23.96
N ARG C 169 -31.97 15.85 -23.52
CA ARG C 169 -30.58 15.40 -23.61
C ARG C 169 -30.30 14.28 -22.61
N GLN C 170 -29.20 13.57 -22.82
CA GLN C 170 -28.79 12.50 -21.93
C GLN C 170 -27.52 12.92 -21.19
N VAL C 171 -27.32 12.38 -19.99
CA VAL C 171 -26.16 12.72 -19.19
C VAL C 171 -25.18 11.56 -18.99
N ILE C 172 -23.89 11.91 -18.93
CA ILE C 172 -22.83 10.94 -18.68
C ILE C 172 -22.21 11.24 -17.32
N CYS C 173 -21.84 10.19 -16.61
CA CYS C 173 -21.24 10.31 -15.29
C CYS C 173 -19.84 9.68 -15.26
N VAL C 174 -18.85 10.49 -14.91
CA VAL C 174 -17.46 10.06 -14.80
C VAL C 174 -17.04 10.35 -13.36
N TYR C 175 -17.11 9.32 -12.51
CA TYR C 175 -16.80 9.43 -11.09
C TYR C 175 -15.33 9.43 -10.69
N THR C 176 -15.00 10.28 -9.71
CA THR C 176 -13.65 10.39 -9.14
C THR C 176 -13.96 10.29 -7.65
N ASP C 177 -12.96 10.00 -6.81
CA ASP C 177 -13.28 9.82 -5.39
C ASP C 177 -12.94 10.88 -4.35
N ASP C 178 -12.32 11.98 -4.76
CA ASP C 178 -11.96 13.02 -3.82
C ASP C 178 -11.88 14.38 -4.49
N PHE C 179 -12.93 15.19 -4.31
CA PHE C 179 -12.97 16.50 -4.95
C PHE C 179 -12.02 17.52 -4.32
N THR C 180 -11.77 17.40 -3.02
CA THR C 180 -10.87 18.31 -2.33
C THR C 180 -9.49 18.40 -2.98
N ASP C 181 -9.03 17.30 -3.59
CA ASP C 181 -7.74 17.30 -4.28
C ASP C 181 -7.95 17.86 -5.68
N ARG C 182 -7.79 19.18 -5.81
CA ARG C 182 -8.00 19.85 -7.09
C ARG C 182 -7.20 19.27 -8.25
N LEU C 183 -6.36 18.28 -7.96
CA LEU C 183 -5.56 17.66 -9.02
C LEU C 183 -6.24 16.43 -9.57
N GLY C 184 -6.82 15.62 -8.67
CA GLY C 184 -7.51 14.42 -9.09
C GLY C 184 -8.67 14.78 -9.99
N VAL C 185 -9.27 15.93 -9.70
CA VAL C 185 -10.39 16.42 -10.48
C VAL C 185 -9.93 16.91 -11.84
N LEU C 186 -8.61 16.97 -12.06
CA LEU C 186 -8.08 17.42 -13.35
C LEU C 186 -7.72 16.25 -14.28
N GLU C 187 -7.07 15.22 -13.75
CA GLU C 187 -6.70 14.07 -14.56
C GLU C 187 -7.93 13.40 -15.17
N ALA C 188 -9.05 13.47 -14.45
CA ALA C 188 -10.29 12.90 -14.94
C ALA C 188 -10.73 13.67 -16.19
N ASP C 189 -10.50 14.98 -16.17
CA ASP C 189 -10.83 15.87 -17.28
C ASP C 189 -10.00 15.52 -18.53
N SER C 190 -8.76 15.10 -18.33
CA SER C 190 -7.91 14.75 -19.45
C SER C 190 -8.41 13.53 -20.19
N ALA C 191 -8.84 12.52 -19.44
CA ALA C 191 -9.35 11.30 -20.04
C ALA C 191 -10.65 11.60 -20.77
N ILE C 192 -11.49 12.44 -20.18
CA ILE C 192 -12.75 12.79 -20.81
C ILE C 192 -12.51 13.50 -22.15
N ARG C 193 -11.59 14.46 -22.17
CA ARG C 193 -11.29 15.17 -23.41
C ARG C 193 -10.65 14.19 -24.39
N ALA C 194 -9.84 13.28 -23.87
CA ALA C 194 -9.17 12.29 -24.70
C ALA C 194 -10.20 11.36 -25.33
N ALA C 195 -11.33 11.22 -24.66
CA ALA C 195 -12.39 10.39 -25.20
C ALA C 195 -12.99 11.13 -26.39
N GLY C 196 -12.67 12.41 -26.49
CA GLY C 196 -13.15 13.22 -27.60
C GLY C 196 -14.23 14.22 -27.22
N ILE C 197 -14.65 14.22 -25.96
CA ILE C 197 -15.69 15.14 -25.52
C ILE C 197 -15.27 16.60 -25.55
N LYS C 198 -16.02 17.41 -26.28
CA LYS C 198 -15.72 18.83 -26.44
C LYS C 198 -16.66 19.76 -25.67
N CYS C 199 -17.76 19.19 -25.19
CA CYS C 199 -18.76 19.94 -24.44
C CYS C 199 -18.30 20.38 -23.06
N LEU C 200 -19.12 21.20 -22.42
CA LEU C 200 -18.82 21.71 -21.09
C LEU C 200 -19.06 20.62 -20.04
N LEU C 201 -18.16 20.54 -19.07
CA LEU C 201 -18.26 19.57 -17.99
C LEU C 201 -18.50 20.32 -16.68
N THR C 202 -19.29 19.73 -15.80
CA THR C 202 -19.55 20.35 -14.51
C THR C 202 -19.47 19.30 -13.39
N TYR C 203 -18.36 19.34 -12.66
CA TYR C 203 -18.10 18.42 -11.58
C TYR C 203 -18.94 18.77 -10.35
N LYS C 204 -19.81 17.84 -9.99
CA LYS C 204 -20.68 17.97 -8.83
C LYS C 204 -20.15 17.09 -7.69
N PRO C 205 -19.54 17.70 -6.65
CA PRO C 205 -19.01 16.93 -5.53
C PRO C 205 -20.15 16.10 -4.95
N ASP C 206 -20.02 14.77 -4.95
CA ASP C 206 -21.11 13.92 -4.45
C ASP C 206 -21.59 14.14 -3.01
N VAL C 207 -21.35 15.34 -2.46
CA VAL C 207 -21.80 15.67 -1.10
C VAL C 207 -23.08 16.51 -1.15
N TYR C 208 -23.13 17.53 -2.01
CA TYR C 208 -24.34 18.34 -2.10
C TYR C 208 -25.59 17.49 -2.32
N THR C 209 -25.58 16.72 -3.40
CA THR C 209 -26.71 15.84 -3.73
C THR C 209 -27.29 15.22 -2.47
N TYR C 210 -26.41 14.77 -1.57
CA TYR C 210 -26.86 14.15 -0.32
C TYR C 210 -27.58 15.13 0.59
N LEU C 211 -27.17 16.39 0.56
CA LEU C 211 -27.78 17.41 1.41
C LEU C 211 -28.95 18.09 0.73
N GLY C 212 -29.18 17.75 -0.54
CA GLY C 212 -30.28 18.34 -1.28
C GLY C 212 -30.05 19.80 -1.66
N ILE C 213 -28.86 20.09 -2.18
CA ILE C 213 -28.50 21.44 -2.59
C ILE C 213 -28.42 21.48 -4.11
N TYR C 214 -29.53 21.85 -4.74
CA TYR C 214 -29.60 21.89 -6.20
C TYR C 214 -29.68 23.31 -6.75
N ARG C 215 -29.90 23.41 -8.05
CA ARG C 215 -30.01 24.71 -8.73
C ARG C 215 -31.15 25.50 -8.09
N ALA C 216 -30.92 26.79 -7.86
CA ALA C 216 -31.94 27.65 -7.25
C ALA C 216 -32.34 27.11 -5.88
N ASN C 217 -31.36 27.03 -4.99
CA ASN C 217 -31.58 26.55 -3.64
C ASN C 217 -31.69 27.73 -2.67
N ARG C 218 -32.45 27.52 -1.60
CA ARG C 218 -32.69 28.54 -0.58
C ARG C 218 -31.46 29.39 -0.24
N TRP C 219 -30.29 28.79 -0.30
CA TRP C 219 -29.05 29.47 0.07
C TRP C 219 -28.29 30.16 -1.06
N HIS C 220 -28.76 30.01 -2.30
CA HIS C 220 -28.09 30.62 -3.44
C HIS C 220 -26.65 30.10 -3.53
N LEU C 221 -26.51 28.79 -3.35
CA LEU C 221 -25.20 28.15 -3.43
C LEU C 221 -24.94 27.74 -4.88
N CYS C 222 -23.68 27.81 -5.30
CA CYS C 222 -23.34 27.41 -6.64
C CYS C 222 -23.19 25.89 -6.53
N PRO C 223 -24.19 25.13 -7.03
CA PRO C 223 -24.13 23.67 -6.95
C PRO C 223 -22.97 23.05 -7.74
N THR C 224 -22.15 23.90 -8.34
CA THR C 224 -21.02 23.44 -9.13
C THR C 224 -19.70 23.92 -8.55
N LEU C 225 -18.79 22.98 -8.29
CA LEU C 225 -17.50 23.31 -7.73
C LEU C 225 -16.49 23.73 -8.81
N TYR C 226 -16.28 22.87 -9.79
CA TYR C 226 -15.35 23.15 -10.88
C TYR C 226 -16.11 23.26 -12.18
N GLU C 227 -15.45 23.86 -13.16
CA GLU C 227 -16.04 24.04 -14.49
C GLU C 227 -14.97 23.80 -15.54
N SER C 228 -15.30 23.01 -16.56
CA SER C 228 -14.32 22.76 -17.62
C SER C 228 -14.88 23.14 -18.99
N ARG C 229 -14.35 24.24 -19.51
CA ARG C 229 -14.74 24.74 -20.81
C ARG C 229 -13.67 24.31 -21.81
N PHE C 230 -14.08 23.64 -22.88
CA PHE C 230 -13.11 23.22 -23.87
C PHE C 230 -12.82 24.40 -24.81
N GLN C 231 -11.54 24.57 -25.11
CA GLN C 231 -11.09 25.65 -25.95
C GLN C 231 -10.48 25.13 -27.24
N LEU C 232 -11.09 25.47 -28.37
CA LEU C 232 -10.62 25.07 -29.70
C LEU C 232 -9.70 26.15 -30.29
N GLY C 233 -9.06 25.83 -31.41
CA GLY C 233 -8.21 26.80 -32.10
C GLY C 233 -6.72 26.53 -32.08
N GLY C 234 -6.27 25.62 -31.24
CA GLY C 234 -4.86 25.32 -31.17
C GLY C 234 -4.07 26.54 -30.74
N SER C 235 -4.75 27.53 -30.18
CA SER C 235 -4.10 28.74 -29.71
C SER C 235 -4.47 29.00 -28.25
N ALA C 236 -4.80 27.92 -27.56
CA ALA C 236 -5.18 27.94 -26.15
C ALA C 236 -5.22 26.51 -25.64
N ARG C 237 -4.97 26.34 -24.33
CA ARG C 237 -5.00 25.00 -23.75
C ARG C 237 -6.40 24.44 -24.01
N GLY C 238 -6.45 23.31 -24.71
CA GLY C 238 -7.72 22.68 -25.04
C GLY C 238 -8.76 22.70 -23.93
N SER C 239 -8.34 22.62 -22.68
CA SER C 239 -9.28 22.60 -21.57
C SER C 239 -8.98 23.67 -20.51
N ARG C 240 -10.03 24.32 -20.01
CA ARG C 240 -9.89 25.35 -18.97
C ARG C 240 -10.78 25.04 -17.77
N VAL C 241 -10.23 24.32 -16.80
CA VAL C 241 -10.97 23.98 -15.60
C VAL C 241 -10.99 25.19 -14.68
N LEU C 242 -12.03 25.31 -13.88
CA LEU C 242 -12.12 26.46 -13.00
C LEU C 242 -13.00 26.22 -11.78
N ASP C 243 -12.49 26.58 -10.61
CA ASP C 243 -13.24 26.43 -9.36
C ASP C 243 -14.14 27.63 -9.17
N ARG C 244 -15.44 27.44 -9.40
CA ARG C 244 -16.40 28.51 -9.26
C ARG C 244 -16.41 29.12 -7.86
N ALA C 245 -16.15 28.29 -6.86
CA ALA C 245 -16.14 28.73 -5.46
C ALA C 245 -15.00 29.72 -5.20
N ASN C 246 -13.82 29.18 -4.91
CA ASN C 246 -12.64 29.98 -4.61
C ASN C 246 -12.17 30.83 -5.79
N ASN C 247 -12.99 30.87 -6.84
CA ASN C 247 -12.68 31.63 -8.05
C ASN C 247 -11.20 31.60 -8.41
N VAL C 248 -10.71 30.42 -8.76
CA VAL C 248 -9.32 30.25 -9.15
C VAL C 248 -9.18 29.20 -10.25
N GLU C 249 -8.39 29.53 -11.27
CA GLU C 249 -8.17 28.66 -12.41
C GLU C 249 -7.23 27.51 -12.05
N LEU C 250 -7.51 26.32 -12.59
CA LEU C 250 -6.68 25.15 -12.33
C LEU C 250 -5.84 24.77 -13.54
N GLU A 17 23.28 -5.83 48.83
CA GLU A 17 22.01 -5.15 49.22
C GLU A 17 21.95 -3.75 48.60
N ASP A 18 22.52 -3.61 47.41
CA ASP A 18 22.54 -2.35 46.70
C ASP A 18 21.26 -2.10 45.90
N GLY A 19 20.41 -3.11 45.82
CA GLY A 19 19.17 -2.98 45.08
C GLY A 19 18.18 -2.02 45.75
N PHE A 20 18.42 -1.75 47.03
CA PHE A 20 17.56 -0.85 47.79
C PHE A 20 17.89 0.63 47.65
N THR A 21 19.00 0.95 47.01
CA THR A 21 19.39 2.34 46.84
C THR A 21 18.50 3.10 45.86
N ALA A 22 18.54 4.43 45.96
CA ALA A 22 17.76 5.28 45.07
C ALA A 22 18.24 5.09 43.64
N GLU A 23 19.54 5.27 43.43
CA GLU A 23 20.13 5.12 42.10
C GLU A 23 19.82 3.78 41.44
N HIS A 24 19.57 2.74 42.25
CA HIS A 24 19.27 1.41 41.71
C HIS A 24 17.76 1.15 41.55
N LEU A 25 16.97 1.51 42.57
CA LEU A 25 15.53 1.30 42.51
C LEU A 25 14.86 2.09 41.40
N ALA A 26 15.54 3.13 40.92
CA ALA A 26 14.98 3.97 39.87
C ALA A 26 14.93 3.20 38.55
N ALA A 27 16.02 2.50 38.25
CA ALA A 27 16.11 1.73 37.01
C ALA A 27 15.28 0.45 37.08
N GLU A 28 14.95 0.04 38.31
CA GLU A 28 14.18 -1.18 38.50
C GLU A 28 12.71 -0.93 38.19
N ALA A 29 12.30 0.32 38.20
CA ALA A 29 10.91 0.68 37.94
C ALA A 29 10.57 0.95 36.48
N MSE A 30 11.59 1.07 35.63
CA MSE A 30 11.35 1.33 34.22
C MSE A 30 10.67 0.17 33.49
O MSE A 30 11.02 -1.00 33.69
CB MSE A 30 12.66 1.70 33.52
CG MSE A 30 13.26 3.02 34.00
SE MSE A 30 12.14 4.57 33.59
CE MSE A 30 13.22 5.39 32.21
N ALA A 31 9.70 0.50 32.64
CA ALA A 31 8.96 -0.48 31.85
C ALA A 31 8.83 0.00 30.42
N ALA A 32 8.38 -0.88 29.54
CA ALA A 32 8.19 -0.54 28.13
C ALA A 32 7.42 0.78 28.07
N ASP A 33 6.23 0.80 28.70
CA ASP A 33 5.41 2.02 28.76
C ASP A 33 4.80 2.21 30.14
N MSE A 34 4.90 3.44 30.65
CA MSE A 34 4.40 3.76 31.97
C MSE A 34 3.11 4.58 31.94
O MSE A 34 2.61 5.01 32.99
CB MSE A 34 5.48 4.51 32.75
CG MSE A 34 6.87 3.89 32.61
SE MSE A 34 8.17 4.62 33.85
CE MSE A 34 7.95 3.30 35.26
N ASP A 35 2.57 4.78 30.75
CA ASP A 35 1.36 5.59 30.58
C ASP A 35 0.02 4.86 30.73
N PRO A 36 -1.02 5.58 31.16
CA PRO A 36 -2.31 4.90 31.29
C PRO A 36 -2.85 4.50 29.90
N TRP A 37 -3.93 3.71 29.89
CA TRP A 37 -4.55 3.28 28.67
C TRP A 37 -6.03 3.68 28.69
N LEU A 38 -6.63 3.82 27.51
CA LEU A 38 -8.05 4.15 27.38
C LEU A 38 -8.78 2.83 27.18
N VAL A 39 -9.65 2.51 28.12
CA VAL A 39 -10.29 1.21 28.05
C VAL A 39 -11.80 1.15 28.13
N PHE A 40 -12.33 0.14 27.45
CA PHE A 40 -13.74 -0.16 27.47
C PHE A 40 -13.72 -1.67 27.69
N ASP A 41 -13.97 -2.08 28.93
CA ASP A 41 -13.96 -3.50 29.27
C ASP A 41 -15.35 -4.08 29.08
N ALA A 42 -15.54 -4.86 28.02
CA ALA A 42 -16.84 -5.45 27.72
C ALA A 42 -17.23 -6.47 28.79
N ARG A 43 -16.54 -6.47 29.91
CA ARG A 43 -16.81 -7.39 31.01
C ARG A 43 -17.38 -6.68 32.23
N THR A 44 -17.39 -5.35 32.20
CA THR A 44 -17.88 -4.58 33.32
C THR A 44 -18.67 -3.36 32.88
N THR A 45 -18.73 -3.12 31.58
CA THR A 45 -19.45 -1.96 31.05
C THR A 45 -20.54 -2.35 30.05
N PRO A 46 -21.71 -1.71 30.15
CA PRO A 46 -22.84 -1.99 29.26
C PRO A 46 -22.51 -1.61 27.81
N ALA A 47 -22.56 -2.58 26.91
CA ALA A 47 -22.27 -2.35 25.51
C ALA A 47 -23.05 -1.19 24.92
N THR A 48 -24.10 -0.75 25.62
CA THR A 48 -24.90 0.35 25.11
C THR A 48 -24.12 1.66 25.18
N GLU A 49 -23.11 1.70 26.04
CA GLU A 49 -22.30 2.90 26.23
C GLU A 49 -21.14 3.07 25.26
N LEU A 50 -20.81 2.01 24.51
CA LEU A 50 -19.71 2.07 23.55
C LEU A 50 -19.75 3.30 22.64
N ASP A 51 -20.92 3.61 22.09
CA ASP A 51 -21.04 4.76 21.19
C ASP A 51 -20.50 6.08 21.77
N ALA A 52 -20.96 6.44 22.96
CA ALA A 52 -20.48 7.68 23.58
C ALA A 52 -18.96 7.60 23.78
N TRP A 53 -18.48 6.41 24.14
CA TRP A 53 -17.05 6.19 24.36
C TRP A 53 -16.31 6.29 23.01
N LEU A 54 -16.77 5.52 22.03
CA LEU A 54 -16.13 5.56 20.72
C LEU A 54 -16.13 6.99 20.19
N ALA A 55 -17.19 7.72 20.51
CA ALA A 55 -17.33 9.11 20.05
C ALA A 55 -16.55 10.07 20.92
N LYS A 56 -16.45 9.75 22.20
CA LYS A 56 -15.71 10.60 23.13
C LYS A 56 -14.20 10.45 22.99
N TYR A 57 -13.74 9.27 22.56
CA TYR A 57 -12.30 9.04 22.45
C TYR A 57 -11.78 8.49 21.13
N PRO A 58 -11.95 9.25 20.03
CA PRO A 58 -11.44 8.72 18.76
C PRO A 58 -9.91 8.73 18.71
N PRO A 59 -9.31 7.67 18.15
CA PRO A 59 -7.84 7.59 18.07
C PRO A 59 -7.24 8.61 17.11
N SER A 60 -8.09 9.24 16.31
CA SER A 60 -7.62 10.24 15.36
C SER A 60 -7.57 11.61 16.05
N GLN A 61 -7.86 11.61 17.35
CA GLN A 61 -7.86 12.84 18.14
C GLN A 61 -7.11 12.71 19.46
N VAL A 62 -7.11 11.51 20.04
CA VAL A 62 -6.42 11.24 21.30
C VAL A 62 -4.93 11.11 21.03
N THR A 63 -4.10 11.89 21.72
CA THR A 63 -2.67 11.82 21.48
C THR A 63 -1.85 11.06 22.51
N ARG A 64 -0.66 10.63 22.09
CA ARG A 64 0.25 9.89 22.94
C ARG A 64 0.71 10.75 24.12
N TYR A 65 0.71 12.06 23.93
CA TYR A 65 1.17 12.96 24.98
C TYR A 65 0.06 13.74 25.69
N GLY A 66 -1.13 13.82 25.11
CA GLY A 66 -2.22 14.54 25.74
C GLY A 66 -2.13 16.05 25.60
N ASP A 67 -1.63 16.52 24.46
CA ASP A 67 -1.48 17.94 24.20
C ASP A 67 -2.81 18.62 23.82
N PRO A 68 -2.79 19.96 23.66
CA PRO A 68 -3.99 20.73 23.30
C PRO A 68 -4.84 20.10 22.16
N GLY A 69 -6.15 20.25 22.28
CA GLY A 69 -7.04 19.71 21.26
C GLY A 69 -7.53 18.31 21.60
N SER A 70 -6.69 17.54 22.28
CA SER A 70 -7.03 16.18 22.66
C SER A 70 -8.10 16.12 23.76
N PRO A 71 -8.93 15.07 23.75
CA PRO A 71 -9.96 14.95 24.78
C PRO A 71 -9.27 14.63 26.10
N ASN A 72 -8.14 13.94 26.02
CA ASN A 72 -7.36 13.56 27.19
C ASN A 72 -6.24 14.58 27.44
N SER A 73 -5.89 14.75 28.71
CA SER A 73 -4.83 15.70 29.08
C SER A 73 -3.62 14.95 29.61
N GLU A 74 -3.75 13.62 29.70
CA GLU A 74 -2.67 12.76 30.17
C GLU A 74 -2.15 11.95 29.00
N PRO A 75 -0.89 11.53 29.04
CA PRO A 75 -0.38 10.74 27.92
C PRO A 75 -1.12 9.40 27.91
N VAL A 76 -1.34 8.86 26.71
CA VAL A 76 -2.03 7.60 26.55
C VAL A 76 -1.16 6.68 25.68
N GLY A 77 -0.76 5.55 26.27
CA GLY A 77 0.07 4.61 25.56
C GLY A 77 -0.70 3.74 24.60
N TRP A 78 -1.94 3.44 24.94
CA TRP A 78 -2.81 2.62 24.10
C TRP A 78 -4.27 2.82 24.43
N ILE A 79 -5.12 2.55 23.43
CA ILE A 79 -6.56 2.59 23.50
C ILE A 79 -6.88 1.11 23.24
N ALA A 80 -7.75 0.50 24.03
CA ALA A 80 -8.05 -0.90 23.84
C ALA A 80 -9.46 -1.30 24.20
N VAL A 81 -9.87 -2.45 23.67
CA VAL A 81 -11.19 -3.00 23.94
C VAL A 81 -11.02 -4.48 24.29
N TYR A 82 -11.59 -4.86 25.44
CA TYR A 82 -11.50 -6.24 25.92
C TYR A 82 -12.83 -6.98 25.77
N GLY A 83 -12.76 -8.17 25.18
CA GLY A 83 -13.98 -8.95 25.00
C GLY A 83 -14.28 -9.79 26.23
N GLN A 84 -15.56 -10.14 26.42
CA GLN A 84 -15.94 -10.94 27.57
C GLN A 84 -15.19 -12.27 27.53
N GLY A 85 -14.38 -12.49 28.55
CA GLY A 85 -13.59 -13.71 28.61
C GLY A 85 -12.11 -13.42 28.47
N TYR A 86 -11.74 -12.15 28.46
CA TYR A 86 -10.33 -11.79 28.34
C TYR A 86 -9.60 -12.28 29.57
N SER A 87 -8.60 -13.13 29.35
CA SER A 87 -7.81 -13.67 30.45
C SER A 87 -6.38 -13.15 30.35
N PRO A 88 -5.80 -12.72 31.48
CA PRO A 88 -4.44 -12.20 31.50
C PRO A 88 -3.40 -13.32 31.54
N ASN A 89 -3.64 -14.38 30.78
CA ASN A 89 -2.73 -15.53 30.75
C ASN A 89 -1.73 -15.50 29.60
N SER A 90 -0.56 -16.06 29.86
CA SER A 90 0.51 -16.13 28.86
C SER A 90 1.15 -17.52 28.94
N GLY A 91 2.02 -17.81 27.98
CA GLY A 91 2.69 -19.10 28.00
C GLY A 91 3.70 -19.10 29.12
N ASP A 92 4.93 -19.51 28.79
CA ASP A 92 6.00 -19.53 29.77
C ASP A 92 7.13 -18.72 29.18
N VAL A 93 7.04 -17.41 29.32
CA VAL A 93 8.04 -16.52 28.77
C VAL A 93 9.41 -16.75 29.43
N GLN A 94 9.39 -17.20 30.68
CA GLN A 94 10.64 -17.46 31.40
C GLN A 94 11.38 -18.62 30.75
N GLY A 95 10.74 -19.78 30.68
CA GLY A 95 11.35 -20.95 30.07
C GLY A 95 11.65 -20.72 28.59
N LEU A 96 10.72 -20.08 27.89
CA LEU A 96 10.88 -19.80 26.46
C LEU A 96 12.25 -19.19 26.21
N GLN A 97 12.42 -17.95 26.66
CA GLN A 97 13.68 -17.24 26.47
C GLN A 97 14.88 -18.06 26.97
N ALA A 98 14.72 -18.75 28.09
CA ALA A 98 15.79 -19.57 28.62
C ALA A 98 16.20 -20.49 27.48
N ALA A 99 15.22 -21.19 26.92
CA ALA A 99 15.44 -22.10 25.82
C ALA A 99 15.96 -21.33 24.60
N TRP A 100 15.38 -20.17 24.36
CA TRP A 100 15.77 -19.33 23.24
C TRP A 100 17.27 -19.14 23.15
N GLU A 101 17.86 -18.60 24.22
CA GLU A 101 19.30 -18.35 24.24
C GLU A 101 20.11 -19.64 24.25
N ALA A 102 19.58 -20.68 24.89
CA ALA A 102 20.26 -21.95 24.96
C ALA A 102 20.53 -22.53 23.57
N LEU A 103 19.55 -22.39 22.68
CA LEU A 103 19.68 -22.88 21.32
C LEU A 103 20.65 -22.04 20.50
N GLN A 104 21.05 -20.90 21.07
CA GLN A 104 21.98 -19.99 20.40
C GLN A 104 23.40 -20.25 20.88
N THR A 105 23.55 -20.43 22.19
CA THR A 105 24.87 -20.68 22.78
C THR A 105 25.48 -21.92 22.15
N SER A 106 24.62 -22.79 21.64
CA SER A 106 25.04 -24.03 21.00
C SER A 106 25.31 -23.85 19.51
N GLY A 107 24.58 -22.94 18.89
CA GLY A 107 24.75 -22.70 17.47
C GLY A 107 23.69 -23.48 16.71
N ARG A 108 22.75 -24.04 17.47
CA ARG A 108 21.65 -24.84 16.93
C ARG A 108 20.98 -24.15 15.74
N PRO A 109 20.34 -24.94 14.85
CA PRO A 109 19.66 -24.40 13.67
C PRO A 109 18.37 -23.65 14.02
N ILE A 110 18.48 -22.33 14.13
CA ILE A 110 17.33 -21.48 14.45
C ILE A 110 16.60 -21.08 13.17
N THR A 111 15.50 -21.77 12.90
CA THR A 111 14.70 -21.50 11.72
C THR A 111 13.31 -21.05 12.12
N PRO A 112 12.56 -20.45 11.20
CA PRO A 112 11.20 -20.00 11.54
C PRO A 112 10.41 -21.18 12.10
N GLY A 113 10.92 -22.37 11.84
CA GLY A 113 10.27 -23.58 12.31
C GLY A 113 10.62 -23.88 13.75
N THR A 114 11.87 -23.64 14.15
CA THR A 114 12.28 -23.92 15.52
C THR A 114 11.57 -23.04 16.53
N LEU A 115 11.38 -21.77 16.19
CA LEU A 115 10.67 -20.86 17.09
C LEU A 115 9.20 -21.25 17.06
N ARG A 116 8.77 -21.80 15.92
CA ARG A 116 7.40 -22.23 15.79
C ARG A 116 7.28 -23.37 16.79
N GLN A 117 8.36 -24.13 16.91
CA GLN A 117 8.43 -25.24 17.83
C GLN A 117 8.52 -24.75 19.27
N LEU A 118 9.45 -23.84 19.53
CA LEU A 118 9.62 -23.30 20.87
C LEU A 118 8.32 -22.82 21.49
N ALA A 119 7.63 -21.94 20.77
CA ALA A 119 6.37 -21.39 21.26
C ALA A 119 5.40 -22.48 21.70
N ILE A 120 5.30 -23.52 20.88
CA ILE A 120 4.41 -24.63 21.17
C ILE A 120 4.74 -25.31 22.49
N THR A 121 6.04 -25.45 22.77
CA THR A 121 6.50 -26.10 24.00
C THR A 121 6.16 -25.26 25.22
N HIS A 122 6.57 -24.00 25.21
CA HIS A 122 6.32 -23.13 26.36
C HIS A 122 4.94 -22.50 26.34
N HIS A 123 4.12 -22.95 25.40
CA HIS A 123 2.75 -22.46 25.27
C HIS A 123 2.62 -20.96 25.05
N VAL A 124 3.60 -20.37 24.37
CA VAL A 124 3.54 -18.95 24.06
C VAL A 124 2.99 -18.88 22.64
N LEU A 125 1.68 -19.06 22.52
CA LEU A 125 1.01 -19.06 21.22
C LEU A 125 0.19 -17.80 20.94
N SER A 126 0.28 -16.82 21.84
CA SER A 126 -0.47 -15.58 21.66
C SER A 126 -0.05 -14.91 20.36
N GLY A 127 -0.94 -14.10 19.82
CA GLY A 127 -0.63 -13.43 18.57
C GLY A 127 -1.68 -12.42 18.18
N LYS A 128 -1.39 -11.65 17.15
CA LYS A 128 -2.33 -10.64 16.71
C LYS A 128 -2.02 -10.11 15.32
N TRP A 129 -3.07 -9.66 14.63
CA TRP A 129 -2.93 -9.06 13.31
C TRP A 129 -2.69 -7.56 13.50
N LEU A 130 -1.81 -6.99 12.69
CA LEU A 130 -1.48 -5.58 12.76
C LEU A 130 -1.80 -4.90 11.43
N MSE A 131 -2.28 -3.67 11.51
CA MSE A 131 -2.61 -2.90 10.32
C MSE A 131 -2.39 -1.43 10.69
O MSE A 131 -2.62 -1.07 11.84
CB MSE A 131 -4.08 -3.11 9.95
CG MSE A 131 -5.04 -2.31 10.80
SE MSE A 131 -6.81 -3.02 10.74
CE MSE A 131 -6.55 -4.49 11.96
N HIS A 132 -1.94 -0.62 9.75
CA HIS A 132 -1.73 0.79 10.07
C HIS A 132 -2.45 1.72 9.09
N LEU A 133 -2.81 2.90 9.60
CA LEU A 133 -3.50 3.92 8.83
C LEU A 133 -3.14 5.30 9.38
N ALA A 134 -3.34 6.34 8.57
CA ALA A 134 -3.05 7.70 9.00
C ALA A 134 -4.30 8.22 9.71
N PRO A 135 -4.13 9.17 10.64
CA PRO A 135 -5.28 9.71 11.37
C PRO A 135 -6.39 10.13 10.42
N GLY A 136 -7.63 10.03 10.88
CA GLY A 136 -8.75 10.41 10.05
C GLY A 136 -9.89 9.41 10.09
N PHE A 137 -10.81 9.57 9.15
CA PHE A 137 -11.99 8.73 9.07
C PHE A 137 -11.76 7.23 8.96
N LYS A 138 -11.00 6.81 7.95
CA LYS A 138 -10.77 5.39 7.75
C LYS A 138 -10.23 4.68 8.97
N LEU A 139 -9.46 5.40 9.79
CA LEU A 139 -8.91 4.83 11.00
C LEU A 139 -10.03 4.69 12.03
N ASP A 140 -10.77 5.78 12.23
CA ASP A 140 -11.88 5.78 13.18
C ASP A 140 -12.94 4.75 12.84
N HIS A 141 -13.29 4.66 11.56
CA HIS A 141 -14.32 3.71 11.13
C HIS A 141 -13.75 2.30 11.32
N ALA A 142 -12.48 2.11 10.97
CA ALA A 142 -11.86 0.81 11.13
C ALA A 142 -11.86 0.44 12.62
N TRP A 143 -11.37 1.36 13.46
CA TRP A 143 -11.34 1.16 14.90
C TRP A 143 -12.76 0.88 15.40
N ALA A 144 -13.69 1.80 15.14
CA ALA A 144 -15.07 1.61 15.61
C ALA A 144 -15.61 0.23 15.26
N GLY A 145 -15.38 -0.22 14.03
CA GLY A 145 -15.86 -1.53 13.63
C GLY A 145 -15.24 -2.63 14.46
N ILE A 146 -13.92 -2.66 14.50
CA ILE A 146 -13.21 -3.68 15.27
C ILE A 146 -13.64 -3.70 16.74
N ALA A 147 -13.82 -2.52 17.33
CA ALA A 147 -14.23 -2.43 18.73
C ALA A 147 -15.58 -3.10 18.92
N ARG A 148 -16.54 -2.69 18.09
CA ARG A 148 -17.90 -3.23 18.14
C ARG A 148 -17.87 -4.76 18.04
N ALA A 149 -16.95 -5.31 17.26
CA ALA A 149 -16.83 -6.75 17.10
C ALA A 149 -16.33 -7.39 18.40
N VAL A 150 -15.37 -6.76 19.06
CA VAL A 150 -14.85 -7.29 20.31
C VAL A 150 -16.00 -7.31 21.32
N VAL A 151 -16.71 -6.20 21.43
CA VAL A 151 -17.82 -6.10 22.38
C VAL A 151 -18.89 -7.14 22.10
N GLU A 152 -19.15 -7.41 20.82
CA GLU A 152 -20.12 -8.40 20.40
C GLU A 152 -19.61 -9.82 20.68
N GLY A 153 -18.32 -10.05 20.47
CA GLY A 153 -17.77 -11.36 20.73
C GLY A 153 -17.00 -11.99 19.57
N ARG A 154 -17.10 -11.43 18.38
CA ARG A 154 -16.40 -11.99 17.24
C ARG A 154 -14.90 -11.72 17.31
N LEU A 155 -14.51 -10.88 18.26
CA LEU A 155 -13.12 -10.52 18.53
C LEU A 155 -13.01 -10.49 20.05
N GLN A 156 -11.86 -10.86 20.59
CA GLN A 156 -11.70 -10.86 22.03
C GLN A 156 -10.72 -9.82 22.57
N VAL A 157 -9.84 -9.30 21.72
CA VAL A 157 -8.87 -8.29 22.15
C VAL A 157 -8.42 -7.36 21.04
N ALA A 158 -8.37 -6.06 21.34
CA ALA A 158 -7.92 -5.05 20.38
C ALA A 158 -7.38 -3.82 21.11
N LYS A 159 -6.13 -3.46 20.82
CA LYS A 159 -5.49 -2.30 21.42
C LYS A 159 -5.02 -1.38 20.31
N VAL A 160 -5.90 -0.48 19.84
CA VAL A 160 -5.53 0.44 18.77
C VAL A 160 -4.52 1.45 19.33
N SER A 161 -3.60 1.89 18.47
CA SER A 161 -2.55 2.84 18.85
C SER A 161 -3.04 4.28 18.85
N PRO A 162 -2.55 5.09 19.81
CA PRO A 162 -2.98 6.50 19.86
C PRO A 162 -2.23 7.41 18.90
N ARG A 163 -2.87 8.52 18.56
CA ARG A 163 -2.31 9.50 17.64
C ARG A 163 -1.03 10.15 18.12
N ALA A 164 -0.16 10.51 17.18
CA ALA A 164 1.12 11.14 17.47
C ALA A 164 1.12 12.61 17.04
N LYS A 165 2.10 13.37 17.53
CA LYS A 165 2.21 14.80 17.21
C LYS A 165 2.45 15.05 15.71
N GLU A 166 3.65 14.74 15.26
CA GLU A 166 4.02 14.92 13.86
C GLU A 166 3.39 13.85 12.98
N GLY A 167 2.34 14.23 12.25
CA GLY A 167 1.65 13.30 11.38
C GLY A 167 1.68 11.88 11.92
N GLY A 168 2.58 11.07 11.40
CA GLY A 168 2.71 9.70 11.85
C GLY A 168 1.64 8.80 11.27
N ARG A 169 1.67 7.53 11.69
CA ARG A 169 0.71 6.54 11.25
C ARG A 169 0.32 5.73 12.46
N GLN A 170 -0.91 5.23 12.48
CA GLN A 170 -1.41 4.47 13.61
C GLN A 170 -1.81 3.04 13.28
N VAL A 171 -1.59 2.13 14.24
CA VAL A 171 -1.90 0.72 14.06
C VAL A 171 -3.05 0.22 14.90
N ILE A 172 -3.62 -0.89 14.46
CA ILE A 172 -4.70 -1.54 15.19
C ILE A 172 -4.22 -2.97 15.41
N CYS A 173 -4.38 -3.46 16.63
CA CYS A 173 -3.96 -4.83 16.95
C CYS A 173 -5.18 -5.68 17.26
N VAL A 174 -5.25 -6.85 16.62
CA VAL A 174 -6.35 -7.80 16.82
C VAL A 174 -5.78 -9.13 17.29
N TYR A 175 -5.75 -9.32 18.59
CA TYR A 175 -5.22 -10.53 19.21
C TYR A 175 -5.92 -11.82 18.87
N THR A 176 -5.15 -12.90 18.77
CA THR A 176 -5.69 -14.24 18.51
C THR A 176 -5.03 -15.15 19.54
N ASP A 177 -5.63 -16.30 19.78
CA ASP A 177 -5.13 -17.25 20.77
C ASP A 177 -3.84 -17.96 20.37
N ASP A 178 -3.87 -18.67 19.25
CA ASP A 178 -2.70 -19.41 18.79
C ASP A 178 -2.46 -19.23 17.30
N PHE A 179 -1.20 -19.01 16.92
CA PHE A 179 -0.87 -18.82 15.51
C PHE A 179 -0.78 -20.14 14.75
N THR A 180 -0.70 -21.25 15.47
CA THR A 180 -0.62 -22.55 14.84
C THR A 180 -2.01 -23.00 14.43
N ASP A 181 -3.02 -22.24 14.87
CA ASP A 181 -4.42 -22.51 14.55
C ASP A 181 -4.84 -21.73 13.31
N ARG A 182 -4.78 -22.38 12.15
CA ARG A 182 -5.12 -21.73 10.88
C ARG A 182 -6.55 -21.19 10.82
N LEU A 183 -7.48 -21.92 11.44
CA LEU A 183 -8.88 -21.50 11.43
C LEU A 183 -9.07 -20.21 12.21
N GLY A 184 -8.65 -20.22 13.47
CA GLY A 184 -8.78 -19.05 14.33
C GLY A 184 -8.15 -17.80 13.73
N VAL A 185 -6.96 -17.95 13.17
CA VAL A 185 -6.29 -16.83 12.55
C VAL A 185 -7.21 -16.23 11.49
N LEU A 186 -7.63 -17.07 10.55
CA LEU A 186 -8.51 -16.65 9.46
C LEU A 186 -9.83 -16.05 9.94
N GLU A 187 -10.51 -16.74 10.85
CA GLU A 187 -11.78 -16.25 11.37
C GLU A 187 -11.60 -14.88 11.99
N ALA A 188 -10.36 -14.57 12.39
CA ALA A 188 -10.05 -13.28 12.96
C ALA A 188 -9.88 -12.29 11.81
N ASP A 189 -9.26 -12.76 10.72
CA ASP A 189 -9.10 -11.92 9.54
C ASP A 189 -10.52 -11.70 9.02
N SER A 190 -11.34 -12.73 9.17
CA SER A 190 -12.72 -12.70 8.77
C SER A 190 -13.42 -11.49 9.36
N ALA A 191 -13.33 -11.35 10.68
CA ALA A 191 -13.97 -10.23 11.35
C ALA A 191 -13.37 -8.91 10.88
N ILE A 192 -12.04 -8.78 10.97
CA ILE A 192 -11.41 -7.55 10.53
C ILE A 192 -11.92 -7.22 9.13
N ARG A 193 -11.99 -8.23 8.28
CA ARG A 193 -12.46 -8.03 6.92
C ARG A 193 -13.98 -7.88 6.85
N ALA A 194 -14.69 -8.47 7.81
CA ALA A 194 -16.13 -8.38 7.84
C ALA A 194 -16.65 -7.04 8.33
N ALA A 195 -15.95 -6.42 9.27
CA ALA A 195 -16.38 -5.12 9.80
C ALA A 195 -16.31 -4.01 8.77
N GLY A 196 -15.20 -3.95 8.03
CA GLY A 196 -15.08 -2.90 7.02
C GLY A 196 -13.67 -2.64 6.49
N ILE A 197 -12.66 -2.79 7.35
CA ILE A 197 -11.26 -2.55 6.96
C ILE A 197 -10.99 -3.18 5.59
N LYS A 198 -10.21 -2.49 4.77
CA LYS A 198 -9.86 -2.96 3.44
C LYS A 198 -8.36 -2.99 3.19
N CYS A 199 -7.59 -2.25 3.98
CA CYS A 199 -6.14 -2.20 3.80
C CYS A 199 -5.41 -3.46 4.24
N LEU A 200 -4.09 -3.47 4.01
CA LEU A 200 -3.23 -4.59 4.35
C LEU A 200 -3.11 -4.88 5.84
N LEU A 201 -3.08 -6.16 6.18
CA LEU A 201 -2.94 -6.64 7.55
C LEU A 201 -1.70 -7.54 7.58
N THR A 202 -1.12 -7.68 8.76
CA THR A 202 0.06 -8.53 8.94
C THR A 202 0.05 -9.07 10.37
N TYR A 203 -0.07 -10.39 10.49
CA TYR A 203 -0.11 -11.07 11.78
C TYR A 203 1.28 -11.37 12.34
N LYS A 204 1.51 -10.93 13.56
CA LYS A 204 2.79 -11.13 14.25
C LYS A 204 2.58 -12.01 15.48
N PRO A 205 3.24 -13.18 15.53
CA PRO A 205 3.16 -14.13 16.65
C PRO A 205 3.81 -13.54 17.90
N ASP A 206 3.03 -13.38 18.97
CA ASP A 206 3.57 -12.81 20.19
C ASP A 206 4.81 -13.53 20.69
N VAL A 207 5.00 -14.78 20.29
CA VAL A 207 6.19 -15.52 20.69
C VAL A 207 7.42 -14.80 20.14
N TYR A 208 7.42 -14.50 18.84
CA TYR A 208 8.54 -13.80 18.24
C TYR A 208 8.72 -12.48 18.97
N THR A 209 7.63 -11.96 19.54
CA THR A 209 7.68 -10.70 20.28
C THR A 209 8.48 -10.85 21.56
N TYR A 210 8.27 -11.96 22.27
CA TYR A 210 8.99 -12.20 23.52
C TYR A 210 10.46 -12.55 23.29
N LEU A 211 10.78 -13.00 22.08
CA LEU A 211 12.14 -13.36 21.75
C LEU A 211 12.85 -12.29 20.90
N GLY A 212 12.24 -11.12 20.80
CA GLY A 212 12.83 -10.04 20.03
C GLY A 212 13.06 -10.30 18.56
N ILE A 213 12.12 -11.00 17.92
CA ILE A 213 12.20 -11.30 16.50
C ILE A 213 11.55 -10.13 15.77
N TYR A 214 12.28 -9.03 15.67
CA TYR A 214 11.77 -7.83 15.02
C TYR A 214 12.21 -7.71 13.57
N ARG A 215 11.89 -6.57 12.95
CA ARG A 215 12.26 -6.32 11.56
C ARG A 215 13.75 -6.56 11.27
N ALA A 216 14.62 -5.66 11.74
CA ALA A 216 16.05 -5.82 11.52
C ALA A 216 16.56 -6.94 12.42
N ASN A 217 15.90 -8.10 12.29
CA ASN A 217 16.21 -9.28 13.09
C ASN A 217 17.67 -9.72 13.05
N ARG A 218 18.10 -10.33 14.15
CA ARG A 218 19.46 -10.85 14.31
C ARG A 218 19.60 -12.18 13.59
N TRP A 219 18.69 -13.11 13.91
CA TRP A 219 18.68 -14.44 13.32
C TRP A 219 18.05 -14.36 11.94
N HIS A 220 17.97 -13.14 11.41
CA HIS A 220 17.39 -12.88 10.09
C HIS A 220 16.12 -13.71 9.80
N LEU A 221 15.20 -13.70 10.76
CA LEU A 221 13.94 -14.41 10.62
C LEU A 221 12.85 -13.37 10.41
N CYS A 222 11.89 -13.69 9.53
CA CYS A 222 10.79 -12.77 9.24
C CYS A 222 9.92 -12.57 10.48
N PRO A 223 9.68 -11.31 10.86
CA PRO A 223 8.84 -10.99 12.02
C PRO A 223 7.35 -11.17 11.75
N THR A 224 7.03 -11.57 10.52
CA THR A 224 5.66 -11.78 10.09
C THR A 224 5.37 -13.26 9.85
N LEU A 225 4.16 -13.69 10.14
CA LEU A 225 3.77 -15.08 9.93
C LEU A 225 2.57 -15.19 8.97
N TYR A 226 1.86 -14.08 8.80
CA TYR A 226 0.70 -14.02 7.92
C TYR A 226 0.43 -12.58 7.47
N GLU A 227 -0.01 -12.45 6.23
CA GLU A 227 -0.34 -11.14 5.67
C GLU A 227 -1.66 -11.24 4.91
N SER A 228 -2.59 -10.36 5.24
CA SER A 228 -3.91 -10.35 4.61
C SER A 228 -4.09 -9.16 3.67
N ARG A 229 -4.16 -9.45 2.38
CA ARG A 229 -4.35 -8.43 1.36
C ARG A 229 -5.73 -8.69 0.75
N PHE A 230 -6.48 -7.63 0.52
CA PHE A 230 -7.80 -7.77 -0.08
C PHE A 230 -7.63 -7.64 -1.60
N GLN A 231 -7.74 -8.77 -2.30
CA GLN A 231 -7.61 -8.82 -3.76
C GLN A 231 -8.36 -7.70 -4.47
N GLY A 238 -11.82 -9.42 -2.20
CA GLY A 238 -11.56 -10.74 -1.66
C GLY A 238 -10.34 -10.77 -0.74
N SER A 239 -10.49 -11.41 0.41
CA SER A 239 -9.40 -11.53 1.38
C SER A 239 -8.47 -12.71 1.08
N ARG A 240 -7.21 -12.41 0.79
CA ARG A 240 -6.21 -13.43 0.52
C ARG A 240 -5.25 -13.56 1.69
N VAL A 241 -5.30 -14.70 2.38
CA VAL A 241 -4.44 -14.93 3.52
C VAL A 241 -3.29 -15.88 3.17
N LEU A 242 -2.07 -15.35 3.21
CA LEU A 242 -0.89 -16.11 2.89
C LEU A 242 -0.14 -16.64 4.11
N ASP A 243 0.40 -17.85 3.99
CA ASP A 243 1.18 -18.46 5.06
C ASP A 243 2.63 -18.14 4.71
N ARG A 244 3.11 -17.00 5.22
CA ARG A 244 4.47 -16.56 4.96
C ARG A 244 5.50 -17.49 5.60
N ALA A 245 5.02 -18.56 6.23
CA ALA A 245 5.91 -19.52 6.88
C ALA A 245 6.17 -20.73 5.97
N ASN A 246 5.13 -21.51 5.73
CA ASN A 246 5.23 -22.71 4.89
C ASN A 246 5.13 -22.35 3.40
N ASN A 247 5.07 -21.05 3.10
CA ASN A 247 4.96 -20.59 1.73
C ASN A 247 3.72 -21.24 1.10
N VAL A 248 2.55 -20.92 1.64
CA VAL A 248 1.28 -21.47 1.15
C VAL A 248 0.16 -20.44 1.24
N GLU A 249 -0.72 -20.42 0.26
CA GLU A 249 -1.83 -19.48 0.26
C GLU A 249 -3.09 -20.11 0.86
N LEU A 250 -3.49 -19.65 2.03
CA LEU A 250 -4.67 -20.17 2.73
C LEU A 250 -5.99 -19.91 1.98
N GLU B 17 8.88 -6.55 27.57
CA GLU B 17 7.64 -5.77 27.27
C GLU B 17 7.89 -4.66 26.25
N ASP B 18 9.16 -4.45 25.92
CA ASP B 18 9.55 -3.42 24.95
C ASP B 18 8.87 -3.59 23.59
N GLY B 19 8.63 -4.85 23.21
CA GLY B 19 8.00 -5.11 21.93
C GLY B 19 6.48 -5.18 21.97
N PHE B 20 5.87 -4.28 22.72
CA PHE B 20 4.42 -4.23 22.83
C PHE B 20 3.92 -2.79 22.87
N THR B 21 4.84 -1.84 22.86
CA THR B 21 4.48 -0.43 22.89
C THR B 21 3.90 0.06 21.58
N ALA B 22 3.12 1.14 21.67
CA ALA B 22 2.50 1.73 20.49
C ALA B 22 3.56 2.00 19.44
N GLU B 23 4.65 2.61 19.86
CA GLU B 23 5.73 2.96 18.97
C GLU B 23 6.32 1.76 18.24
N HIS B 24 6.60 0.68 18.98
CA HIS B 24 7.17 -0.50 18.37
C HIS B 24 6.23 -1.20 17.38
N LEU B 25 5.00 -1.46 17.81
CA LEU B 25 4.03 -2.14 16.95
C LEU B 25 3.74 -1.33 15.69
N ALA B 26 3.71 -0.01 15.82
CA ALA B 26 3.47 0.83 14.65
C ALA B 26 4.62 0.60 13.69
N ALA B 27 5.84 0.60 14.24
CA ALA B 27 7.05 0.39 13.45
C ALA B 27 7.08 -0.99 12.81
N GLU B 28 6.49 -1.96 13.49
CA GLU B 28 6.45 -3.33 12.98
C GLU B 28 5.47 -3.40 11.80
N ALA B 29 4.29 -2.81 11.97
CA ALA B 29 3.28 -2.78 10.92
C ALA B 29 3.84 -2.11 9.66
N MSE B 30 4.69 -1.10 9.87
CA MSE B 30 5.31 -0.41 8.75
C MSE B 30 6.45 -1.22 8.14
O MSE B 30 6.93 -0.92 7.05
CB MSE B 30 5.85 0.94 9.18
CG MSE B 30 4.78 1.86 9.75
SE MSE B 30 5.36 3.67 9.85
CE MSE B 30 4.90 4.20 8.05
N ALA B 31 6.87 -2.26 8.83
CA ALA B 31 7.94 -3.10 8.33
C ALA B 31 7.35 -4.34 7.67
N ALA B 32 6.10 -4.65 8.00
CA ALA B 32 5.45 -5.81 7.42
C ALA B 32 4.68 -5.42 6.16
N ASP B 33 4.52 -4.11 5.95
CA ASP B 33 3.79 -3.61 4.80
C ASP B 33 4.63 -3.71 3.53
N MSE B 34 5.37 -4.81 3.38
CA MSE B 34 6.20 -5.01 2.19
C MSE B 34 5.31 -5.12 0.96
O MSE B 34 4.35 -5.88 0.94
CB MSE B 34 7.02 -6.29 2.34
CG MSE B 34 8.07 -6.24 3.45
SE MSE B 34 9.67 -5.28 2.97
CE MSE B 34 8.98 -3.48 3.07
N ASP B 35 5.64 -4.34 -0.07
CA ASP B 35 4.88 -4.37 -1.31
C ASP B 35 4.91 -5.76 -1.91
N PRO B 36 3.95 -6.06 -2.79
CA PRO B 36 3.89 -7.38 -3.45
C PRO B 36 5.09 -7.64 -4.37
N TRP B 37 5.81 -8.73 -4.12
CA TRP B 37 6.99 -9.13 -4.88
C TRP B 37 6.71 -10.37 -5.75
N LEU B 38 6.97 -10.28 -7.05
CA LEU B 38 6.80 -11.43 -7.94
C LEU B 38 8.13 -12.15 -7.88
N VAL B 39 8.12 -13.44 -7.58
CA VAL B 39 9.37 -14.16 -7.43
C VAL B 39 9.44 -15.53 -8.08
N PHE B 40 10.67 -16.02 -8.27
CA PHE B 40 10.93 -17.33 -8.84
C PHE B 40 12.20 -17.93 -8.19
N ASP B 41 12.04 -19.06 -7.50
CA ASP B 41 13.15 -19.72 -6.81
C ASP B 41 13.51 -21.08 -7.41
N ALA B 42 14.76 -21.20 -7.85
CA ALA B 42 15.24 -22.43 -8.46
C ALA B 42 15.65 -23.51 -7.46
N ARG B 43 15.90 -23.10 -6.21
CA ARG B 43 16.30 -24.06 -5.19
C ARG B 43 15.20 -25.06 -4.85
N THR B 44 14.03 -24.88 -5.47
CA THR B 44 12.88 -25.73 -5.23
C THR B 44 12.04 -25.96 -6.48
N THR B 45 11.95 -24.95 -7.33
CA THR B 45 11.16 -25.05 -8.55
C THR B 45 12.00 -25.64 -9.68
N PRO B 46 11.44 -26.61 -10.42
CA PRO B 46 12.19 -27.22 -11.52
C PRO B 46 12.68 -26.16 -12.50
N ALA B 47 13.96 -26.22 -12.84
CA ALA B 47 14.57 -25.27 -13.76
C ALA B 47 13.83 -25.29 -15.09
N THR B 48 12.83 -26.15 -15.18
CA THR B 48 12.03 -26.30 -16.38
C THR B 48 10.85 -25.34 -16.46
N GLU B 49 10.58 -24.63 -15.37
CA GLU B 49 9.47 -23.68 -15.35
C GLU B 49 9.86 -22.26 -15.79
N LEU B 50 11.06 -21.82 -15.42
CA LEU B 50 11.53 -20.47 -15.75
C LEU B 50 11.02 -20.05 -17.12
N ASP B 51 11.02 -21.00 -18.05
CA ASP B 51 10.57 -20.74 -19.40
C ASP B 51 9.20 -20.05 -19.45
N ALA B 52 8.15 -20.78 -19.04
CA ALA B 52 6.80 -20.22 -19.07
C ALA B 52 6.71 -19.03 -18.11
N TRP B 53 7.39 -19.13 -16.98
CA TRP B 53 7.39 -18.05 -16.00
C TRP B 53 7.92 -16.77 -16.68
N LEU B 54 9.06 -16.85 -17.36
CA LEU B 54 9.59 -15.68 -18.05
C LEU B 54 8.58 -15.23 -19.12
N ALA B 55 8.02 -16.20 -19.84
CA ALA B 55 7.06 -15.86 -20.89
C ALA B 55 5.85 -15.14 -20.30
N LYS B 56 5.42 -15.58 -19.12
CA LYS B 56 4.28 -14.99 -18.45
C LYS B 56 4.54 -13.67 -17.76
N TYR B 57 5.68 -13.57 -17.08
CA TYR B 57 5.98 -12.34 -16.36
C TYR B 57 7.11 -11.46 -16.86
N PRO B 58 7.14 -11.12 -18.16
CA PRO B 58 8.22 -10.26 -18.64
C PRO B 58 8.12 -8.90 -17.95
N PRO B 59 9.24 -8.39 -17.41
CA PRO B 59 9.25 -7.10 -16.71
C PRO B 59 8.75 -5.89 -17.50
N SER B 60 8.58 -6.05 -18.81
CA SER B 60 8.11 -4.95 -19.63
C SER B 60 6.60 -4.84 -19.57
N GLN B 61 5.95 -5.83 -18.97
CA GLN B 61 4.49 -5.82 -18.86
C GLN B 61 4.03 -5.81 -17.41
N VAL B 62 4.87 -6.30 -16.51
CA VAL B 62 4.48 -6.31 -15.11
C VAL B 62 4.55 -4.88 -14.64
N THR B 63 3.47 -4.37 -14.08
CA THR B 63 3.47 -2.98 -13.63
C THR B 63 3.63 -2.82 -12.13
N ARG B 64 4.20 -1.69 -11.75
CA ARG B 64 4.46 -1.38 -10.36
C ARG B 64 3.18 -1.42 -9.52
N TYR B 65 2.05 -1.17 -10.15
CA TYR B 65 0.78 -1.16 -9.44
C TYR B 65 -0.34 -1.97 -10.05
N GLY B 66 0.02 -2.94 -10.89
CA GLY B 66 -0.97 -3.79 -11.51
C GLY B 66 -2.06 -3.08 -12.28
N ASP B 67 -1.67 -2.20 -13.21
CA ASP B 67 -2.65 -1.48 -14.01
C ASP B 67 -3.37 -2.42 -14.96
N PRO B 68 -4.69 -2.24 -15.13
CA PRO B 68 -5.46 -3.11 -16.03
C PRO B 68 -4.64 -3.36 -17.29
N GLY B 69 -4.62 -4.61 -17.72
CA GLY B 69 -3.85 -4.95 -18.91
C GLY B 69 -2.48 -5.53 -18.56
N SER B 70 -2.15 -5.56 -17.28
CA SER B 70 -0.88 -6.12 -16.82
C SER B 70 -1.06 -7.61 -16.54
N PRO B 71 0.05 -8.37 -16.52
CA PRO B 71 -0.06 -9.80 -16.24
C PRO B 71 -0.41 -9.94 -14.76
N ASN B 72 -0.07 -8.90 -13.99
CA ASN B 72 -0.30 -8.87 -12.55
C ASN B 72 -1.47 -7.97 -12.20
N SER B 73 -2.43 -8.53 -11.47
CA SER B 73 -3.61 -7.78 -11.07
C SER B 73 -3.35 -6.83 -9.91
N GLU B 74 -2.32 -7.13 -9.12
CA GLU B 74 -1.97 -6.31 -7.98
C GLU B 74 -0.59 -5.69 -8.17
N PRO B 75 -0.25 -4.69 -7.33
CA PRO B 75 1.06 -4.02 -7.42
C PRO B 75 2.25 -4.99 -7.45
N VAL B 76 3.43 -4.45 -7.69
CA VAL B 76 4.65 -5.26 -7.74
C VAL B 76 5.87 -4.43 -7.36
N GLY B 77 6.42 -4.66 -6.17
CA GLY B 77 7.58 -3.91 -5.74
C GLY B 77 8.79 -4.26 -6.57
N TRP B 78 8.97 -5.54 -6.83
CA TRP B 78 10.10 -6.04 -7.62
C TRP B 78 9.78 -7.38 -8.22
N ILE B 79 10.52 -7.72 -9.27
CA ILE B 79 10.41 -9.01 -9.92
C ILE B 79 11.75 -9.64 -9.54
N ALA B 80 11.75 -10.90 -9.11
CA ALA B 80 13.00 -11.51 -8.69
C ALA B 80 13.08 -13.01 -8.83
N VAL B 81 14.32 -13.50 -8.84
CA VAL B 81 14.61 -14.93 -8.94
C VAL B 81 15.72 -15.31 -7.98
N TYR B 82 15.65 -16.52 -7.44
CA TYR B 82 16.67 -17.04 -6.53
C TYR B 82 17.15 -18.38 -7.06
N GLY B 83 18.47 -18.52 -7.22
CA GLY B 83 19.00 -19.76 -7.71
C GLY B 83 19.48 -20.65 -6.58
N GLN B 84 20.15 -21.75 -6.90
CA GLN B 84 20.66 -22.67 -5.90
C GLN B 84 21.68 -21.97 -5.01
N GLY B 85 22.54 -21.16 -5.62
CA GLY B 85 23.55 -20.44 -4.87
C GLY B 85 23.02 -19.26 -4.10
N TYR B 86 22.26 -19.54 -3.04
CA TYR B 86 21.68 -18.47 -2.23
C TYR B 86 21.26 -18.92 -0.84
N SER B 87 21.66 -18.15 0.16
CA SER B 87 21.32 -18.43 1.56
C SER B 87 21.37 -17.10 2.32
N PRO B 88 20.90 -17.08 3.58
CA PRO B 88 20.91 -15.86 4.38
C PRO B 88 22.25 -15.13 4.41
N ASN B 89 22.21 -13.85 4.77
CA ASN B 89 23.40 -13.00 4.83
C ASN B 89 24.21 -13.10 6.12
N SER B 90 23.54 -12.99 7.26
CA SER B 90 24.17 -13.03 8.58
C SER B 90 24.74 -11.66 8.96
N GLY B 91 24.29 -10.62 8.28
CA GLY B 91 24.79 -9.28 8.55
C GLY B 91 24.06 -8.55 9.66
N ASP B 92 24.83 -7.87 10.50
CA ASP B 92 24.31 -7.10 11.63
C ASP B 92 23.86 -5.72 11.21
N VAL B 93 22.72 -5.65 10.54
CA VAL B 93 22.18 -4.38 10.06
C VAL B 93 21.79 -3.46 11.21
N GLN B 94 21.21 -4.02 12.27
CA GLN B 94 20.81 -3.23 13.43
C GLN B 94 22.05 -2.48 13.88
N GLY B 95 23.16 -3.22 13.96
CA GLY B 95 24.41 -2.61 14.37
C GLY B 95 24.91 -1.56 13.40
N LEU B 96 24.99 -1.93 12.12
CA LEU B 96 25.47 -1.01 11.08
C LEU B 96 24.74 0.33 11.12
N GLN B 97 23.42 0.27 11.32
CA GLN B 97 22.60 1.47 11.38
C GLN B 97 22.97 2.35 12.58
N ALA B 98 23.22 1.71 13.73
CA ALA B 98 23.58 2.45 14.94
C ALA B 98 24.99 3.00 14.80
N ALA B 99 25.91 2.14 14.38
CA ALA B 99 27.29 2.55 14.19
C ALA B 99 27.31 3.67 13.16
N TRP B 100 26.18 3.85 12.47
CA TRP B 100 26.05 4.88 11.45
C TRP B 100 25.60 6.21 12.04
N GLU B 101 24.48 6.19 12.76
CA GLU B 101 23.94 7.38 13.38
C GLU B 101 25.04 8.09 14.17
N ALA B 102 25.86 7.29 14.84
CA ALA B 102 26.96 7.80 15.65
C ALA B 102 28.04 8.49 14.82
N LEU B 103 28.46 7.81 13.75
CA LEU B 103 29.50 8.35 12.88
C LEU B 103 29.21 9.78 12.42
N GLN B 104 27.96 10.04 12.06
CA GLN B 104 27.58 11.38 11.61
C GLN B 104 27.70 12.36 12.76
N THR B 105 27.39 11.92 13.97
CA THR B 105 27.47 12.76 15.17
C THR B 105 28.87 13.35 15.24
N SER B 106 29.83 12.53 15.65
CA SER B 106 31.21 12.97 15.73
C SER B 106 31.62 13.39 14.33
N GLY B 107 32.17 14.60 14.21
CA GLY B 107 32.57 15.11 12.92
C GLY B 107 33.70 14.37 12.22
N ARG B 108 33.95 13.12 12.60
CA ARG B 108 35.02 12.34 11.99
C ARG B 108 34.81 12.23 10.48
N PRO B 109 35.91 12.09 9.72
CA PRO B 109 35.86 11.97 8.27
C PRO B 109 35.19 10.68 7.76
N ILE B 110 34.10 10.84 7.01
CA ILE B 110 33.37 9.72 6.44
C ILE B 110 33.81 9.51 4.99
N THR B 111 34.37 8.34 4.71
CA THR B 111 34.87 8.03 3.37
C THR B 111 34.62 6.58 2.99
N PRO B 112 34.95 6.20 1.75
CA PRO B 112 34.75 4.81 1.30
C PRO B 112 35.44 3.83 2.23
N GLY B 113 36.67 4.16 2.61
CA GLY B 113 37.45 3.31 3.49
C GLY B 113 36.76 3.10 4.82
N THR B 114 36.06 4.11 5.30
CA THR B 114 35.36 4.03 6.56
C THR B 114 34.18 3.07 6.40
N LEU B 115 33.37 3.32 5.38
CA LEU B 115 32.21 2.49 5.10
C LEU B 115 32.61 1.04 4.91
N ARG B 116 33.75 0.82 4.28
CA ARG B 116 34.24 -0.55 4.04
C ARG B 116 34.51 -1.22 5.38
N GLN B 117 35.13 -0.48 6.30
CA GLN B 117 35.43 -1.02 7.62
C GLN B 117 34.13 -1.37 8.30
N LEU B 118 33.19 -0.41 8.29
CA LEU B 118 31.88 -0.60 8.89
C LEU B 118 31.23 -1.88 8.38
N ALA B 119 31.13 -2.01 7.06
CA ALA B 119 30.53 -3.18 6.44
C ALA B 119 31.24 -4.47 6.83
N ILE B 120 32.56 -4.41 6.90
CA ILE B 120 33.36 -5.56 7.27
C ILE B 120 33.13 -5.88 8.75
N THR B 121 33.03 -4.84 9.56
CA THR B 121 32.81 -4.99 10.99
C THR B 121 31.43 -5.57 11.29
N HIS B 122 30.40 -4.98 10.70
CA HIS B 122 29.03 -5.44 10.96
C HIS B 122 28.54 -6.55 10.02
N HIS B 123 29.48 -7.16 9.30
CA HIS B 123 29.18 -8.25 8.39
C HIS B 123 28.13 -7.98 7.32
N VAL B 124 28.06 -6.72 6.85
CA VAL B 124 27.12 -6.33 5.80
C VAL B 124 27.99 -6.09 4.56
N LEU B 125 28.44 -7.19 3.96
CA LEU B 125 29.32 -7.14 2.81
C LEU B 125 28.71 -7.35 1.43
N SER B 126 27.42 -7.66 1.39
CA SER B 126 26.75 -7.90 0.12
C SER B 126 26.60 -6.65 -0.73
N GLY B 127 26.35 -6.85 -2.02
CA GLY B 127 26.19 -5.74 -2.93
C GLY B 127 25.62 -6.17 -4.27
N LYS B 128 25.45 -5.21 -5.17
CA LYS B 128 24.89 -5.54 -6.46
C LYS B 128 25.20 -4.61 -7.62
N TRP B 129 25.32 -5.23 -8.79
CA TRP B 129 25.55 -4.52 -10.03
C TRP B 129 24.17 -3.97 -10.45
N LEU B 130 24.16 -2.74 -10.96
CA LEU B 130 22.92 -2.09 -11.38
C LEU B 130 22.89 -1.76 -12.87
N MSE B 131 21.72 -1.96 -13.47
CA MSE B 131 21.51 -1.70 -14.90
C MSE B 131 20.15 -1.03 -15.07
O MSE B 131 19.13 -1.52 -14.59
CB MSE B 131 21.53 -3.00 -15.70
CG MSE B 131 22.86 -3.70 -15.76
SE MSE B 131 22.67 -5.61 -15.51
CE MSE B 131 22.89 -5.63 -13.58
N HIS B 132 20.15 0.10 -15.79
CA HIS B 132 18.94 0.87 -16.04
C HIS B 132 18.67 0.83 -17.54
N LEU B 133 17.53 0.24 -17.93
CA LEU B 133 17.18 0.14 -19.34
C LEU B 133 15.70 0.39 -19.61
N ALA B 134 15.42 1.06 -20.71
CA ALA B 134 14.05 1.34 -21.11
C ALA B 134 13.37 -0.01 -21.37
N PRO B 135 12.10 -0.17 -20.92
CA PRO B 135 11.37 -1.42 -21.12
C PRO B 135 11.25 -1.78 -22.60
N GLY B 136 11.10 -3.07 -22.88
CA GLY B 136 11.00 -3.50 -24.26
C GLY B 136 11.61 -4.88 -24.47
N PHE B 137 11.66 -5.31 -25.72
CA PHE B 137 12.18 -6.62 -26.06
C PHE B 137 13.64 -6.81 -25.65
N LYS B 138 14.43 -5.73 -25.72
CA LYS B 138 15.82 -5.81 -25.33
C LYS B 138 15.93 -6.27 -23.88
N LEU B 139 15.20 -5.57 -23.01
CA LEU B 139 15.21 -5.90 -21.59
C LEU B 139 14.72 -7.34 -21.31
N ASP B 140 13.57 -7.71 -21.85
CA ASP B 140 13.03 -9.06 -21.62
C ASP B 140 14.01 -10.15 -22.06
N HIS B 141 14.52 -10.01 -23.27
CA HIS B 141 15.46 -10.97 -23.79
C HIS B 141 16.70 -11.04 -22.91
N ALA B 142 17.01 -9.91 -22.28
CA ALA B 142 18.17 -9.82 -21.40
C ALA B 142 17.85 -10.56 -20.11
N TRP B 143 16.71 -10.21 -19.51
CA TRP B 143 16.27 -10.82 -18.27
C TRP B 143 16.22 -12.34 -18.39
N ALA B 144 15.76 -12.83 -19.53
CA ALA B 144 15.69 -14.27 -19.72
C ALA B 144 17.08 -14.87 -19.51
N GLY B 145 18.11 -14.10 -19.84
CA GLY B 145 19.47 -14.58 -19.67
C GLY B 145 19.99 -14.40 -18.24
N ILE B 146 19.70 -13.26 -17.64
CA ILE B 146 20.12 -13.00 -16.26
C ILE B 146 19.43 -14.00 -15.34
N ALA B 147 18.16 -14.28 -15.63
CA ALA B 147 17.40 -15.25 -14.86
C ALA B 147 17.95 -16.65 -15.09
N ARG B 148 18.27 -16.95 -16.35
CA ARG B 148 18.80 -18.25 -16.72
C ARG B 148 20.10 -18.53 -15.97
N ALA B 149 21.01 -17.55 -16.00
CA ALA B 149 22.30 -17.67 -15.33
C ALA B 149 22.11 -18.04 -13.85
N VAL B 150 21.26 -17.29 -13.15
CA VAL B 150 21.00 -17.56 -11.74
C VAL B 150 20.58 -19.03 -11.56
N VAL B 151 19.54 -19.42 -12.29
CA VAL B 151 19.01 -20.78 -12.23
C VAL B 151 20.09 -21.81 -12.61
N GLU B 152 21.25 -21.34 -13.05
CA GLU B 152 22.34 -22.23 -13.43
C GLU B 152 23.52 -22.10 -12.46
N GLY B 153 23.34 -21.33 -11.39
CA GLY B 153 24.40 -21.15 -10.42
C GLY B 153 25.44 -20.14 -10.83
N ARG B 154 25.44 -19.74 -12.10
CA ARG B 154 26.40 -18.76 -12.58
C ARG B 154 26.12 -17.39 -11.99
N LEU B 155 25.08 -17.30 -11.18
CA LEU B 155 24.69 -16.06 -10.50
C LEU B 155 23.87 -16.43 -9.28
N GLN B 156 24.13 -15.75 -8.17
CA GLN B 156 23.46 -16.03 -6.90
C GLN B 156 21.97 -15.74 -6.89
N VAL B 157 21.63 -14.49 -7.18
CA VAL B 157 20.25 -14.05 -7.17
C VAL B 157 20.19 -12.72 -7.91
N ALA B 158 19.08 -12.46 -8.59
CA ALA B 158 18.93 -11.22 -9.34
C ALA B 158 17.47 -10.81 -9.32
N LYS B 159 17.23 -9.53 -9.52
CA LYS B 159 15.85 -9.04 -9.54
C LYS B 159 15.70 -7.88 -10.50
N VAL B 160 14.48 -7.72 -11.04
CA VAL B 160 14.19 -6.63 -11.97
C VAL B 160 12.91 -5.89 -11.56
N SER B 161 12.90 -4.58 -11.74
CA SER B 161 11.74 -3.77 -11.40
C SER B 161 10.64 -3.84 -12.45
N PRO B 162 9.38 -3.60 -12.04
CA PRO B 162 8.27 -3.63 -12.99
C PRO B 162 8.14 -2.28 -13.71
N ARG B 163 7.30 -2.21 -14.73
CA ARG B 163 7.12 -0.97 -15.47
C ARG B 163 6.48 0.11 -14.59
N ALA B 164 7.08 1.30 -14.58
CA ALA B 164 6.58 2.43 -13.80
C ALA B 164 5.55 3.17 -14.63
N LYS B 165 4.67 3.92 -13.97
CA LYS B 165 3.62 4.66 -14.66
C LYS B 165 4.17 5.78 -15.55
N GLU B 166 5.22 6.46 -15.08
CA GLU B 166 5.81 7.53 -15.87
C GLU B 166 6.87 6.92 -16.78
N GLY B 167 6.75 5.62 -17.02
CA GLY B 167 7.69 4.93 -17.87
C GLY B 167 9.12 5.09 -17.38
N GLY B 168 10.07 5.03 -18.32
CA GLY B 168 11.46 5.17 -17.94
C GLY B 168 12.19 3.85 -17.93
N ARG B 169 13.50 3.88 -17.66
CA ARG B 169 14.29 2.67 -17.63
C ARG B 169 14.05 1.82 -16.40
N GLN B 170 13.91 0.52 -16.60
CA GLN B 170 13.70 -0.41 -15.50
C GLN B 170 15.08 -0.79 -15.02
N VAL B 171 15.17 -1.27 -13.79
CA VAL B 171 16.47 -1.66 -13.26
C VAL B 171 16.61 -3.16 -12.98
N ILE B 172 17.77 -3.69 -13.33
CA ILE B 172 18.07 -5.09 -13.07
C ILE B 172 19.21 -5.09 -12.06
N CYS B 173 19.09 -5.92 -11.04
CA CYS B 173 20.09 -6.05 -9.99
C CYS B 173 20.70 -7.44 -9.96
N VAL B 174 22.01 -7.50 -9.79
CA VAL B 174 22.73 -8.77 -9.71
C VAL B 174 23.57 -8.72 -8.45
N TYR B 175 23.25 -9.57 -7.49
CA TYR B 175 23.93 -9.64 -6.21
C TYR B 175 25.15 -10.54 -6.15
N THR B 176 26.14 -10.12 -5.37
CA THR B 176 27.35 -10.91 -5.11
C THR B 176 27.42 -10.92 -3.58
N ASP B 177 28.00 -11.97 -3.01
CA ASP B 177 28.05 -12.08 -1.55
C ASP B 177 28.83 -11.00 -0.80
N ASP B 178 29.99 -10.61 -1.33
CA ASP B 178 30.83 -9.61 -0.66
C ASP B 178 31.49 -8.61 -1.62
N PHE B 179 31.30 -7.33 -1.34
CA PHE B 179 31.86 -6.30 -2.20
C PHE B 179 33.38 -6.16 -2.08
N THR B 180 33.99 -6.78 -1.07
CA THR B 180 35.43 -6.67 -0.93
C THR B 180 36.13 -7.79 -1.66
N ASP B 181 35.35 -8.76 -2.15
CA ASP B 181 35.90 -9.89 -2.89
C ASP B 181 35.84 -9.65 -4.41
N ARG B 182 36.86 -8.96 -4.91
CA ARG B 182 36.93 -8.62 -6.32
C ARG B 182 36.68 -9.73 -7.33
N LEU B 183 37.18 -10.94 -7.06
CA LEU B 183 36.96 -12.03 -8.01
C LEU B 183 35.48 -12.28 -8.18
N GLY B 184 34.74 -12.23 -7.06
CA GLY B 184 33.31 -12.43 -7.12
C GLY B 184 32.66 -11.33 -7.94
N VAL B 185 32.84 -10.08 -7.50
CA VAL B 185 32.28 -8.92 -8.20
C VAL B 185 32.55 -8.99 -9.70
N LEU B 186 33.73 -9.47 -10.08
CA LEU B 186 34.13 -9.60 -11.47
C LEU B 186 33.50 -10.83 -12.08
N GLU B 187 33.20 -11.80 -11.23
CA GLU B 187 32.59 -13.03 -11.69
C GLU B 187 31.16 -12.71 -12.16
N ALA B 188 30.43 -11.96 -11.36
CA ALA B 188 29.06 -11.57 -11.71
C ALA B 188 29.07 -10.78 -13.02
N ASP B 189 30.02 -9.86 -13.15
CA ASP B 189 30.16 -9.03 -14.36
C ASP B 189 30.16 -9.95 -15.57
N SER B 190 31.03 -10.95 -15.53
CA SER B 190 31.14 -11.90 -16.63
C SER B 190 29.82 -12.57 -17.00
N ALA B 191 29.07 -13.03 -16.00
CA ALA B 191 27.79 -13.68 -16.26
C ALA B 191 26.83 -12.69 -16.92
N ILE B 192 26.89 -11.44 -16.48
CA ILE B 192 26.04 -10.43 -17.06
C ILE B 192 26.31 -10.30 -18.56
N ARG B 193 27.59 -10.15 -18.93
CA ARG B 193 27.95 -10.03 -20.34
C ARG B 193 27.73 -11.37 -21.03
N ALA B 194 28.07 -12.45 -20.31
CA ALA B 194 27.87 -13.79 -20.85
C ALA B 194 26.38 -13.97 -21.08
N ALA B 195 25.59 -13.10 -20.45
CA ALA B 195 24.13 -13.13 -20.58
C ALA B 195 23.69 -12.31 -21.78
N GLY B 196 24.28 -11.12 -21.95
CA GLY B 196 23.92 -10.30 -23.09
C GLY B 196 23.98 -8.79 -22.96
N ILE B 197 23.98 -8.26 -21.74
CA ILE B 197 24.01 -6.80 -21.55
C ILE B 197 25.32 -6.10 -21.94
N LYS B 198 25.19 -4.91 -22.53
CA LYS B 198 26.34 -4.13 -22.99
C LYS B 198 26.47 -2.76 -22.37
N CYS B 199 25.43 -2.32 -21.68
CA CYS B 199 25.43 -1.01 -21.03
C CYS B 199 26.40 -0.98 -19.85
N LEU B 200 26.65 0.21 -19.34
CA LEU B 200 27.52 0.40 -18.20
C LEU B 200 26.98 -0.38 -17.01
N LEU B 201 27.88 -0.79 -16.12
CA LEU B 201 27.49 -1.51 -14.91
C LEU B 201 28.21 -0.88 -13.73
N THR B 202 27.46 -0.28 -12.81
CA THR B 202 28.05 0.31 -11.63
C THR B 202 27.70 -0.60 -10.47
N TYR B 203 28.66 -0.84 -9.58
CA TYR B 203 28.44 -1.71 -8.43
C TYR B 203 28.27 -0.92 -7.13
N LYS B 204 27.14 -1.12 -6.48
CA LYS B 204 26.85 -0.43 -5.24
C LYS B 204 26.70 -1.42 -4.10
N PRO B 205 27.70 -1.48 -3.21
CA PRO B 205 27.62 -2.43 -2.08
C PRO B 205 26.40 -2.14 -1.20
N ASP B 206 25.74 -3.19 -0.72
CA ASP B 206 24.57 -3.01 0.13
C ASP B 206 24.75 -2.06 1.33
N VAL B 207 25.96 -1.98 1.89
CA VAL B 207 26.20 -1.09 3.01
C VAL B 207 25.87 0.36 2.65
N TYR B 208 25.86 0.67 1.35
CA TYR B 208 25.51 2.01 0.89
C TYR B 208 23.99 2.11 0.80
N THR B 209 23.37 1.02 0.35
CA THR B 209 21.92 0.98 0.20
C THR B 209 21.20 1.05 1.55
N TYR B 210 21.59 0.20 2.49
CA TYR B 210 20.97 0.21 3.81
C TYR B 210 21.15 1.57 4.48
N LEU B 211 22.39 2.02 4.60
CA LEU B 211 22.67 3.31 5.22
C LEU B 211 22.11 4.47 4.40
N GLY B 212 21.26 4.15 3.43
CA GLY B 212 20.66 5.16 2.59
C GLY B 212 21.64 6.22 2.13
N ILE B 213 22.49 5.86 1.18
CA ILE B 213 23.48 6.79 0.65
C ILE B 213 23.47 6.77 -0.87
N TYR B 214 22.86 7.80 -1.46
CA TYR B 214 22.76 7.93 -2.90
C TYR B 214 23.61 9.12 -3.35
N ARG B 215 23.70 9.35 -4.65
CA ARG B 215 24.52 10.45 -5.14
C ARG B 215 23.97 11.82 -4.75
N ALA B 216 24.90 12.71 -4.39
CA ALA B 216 24.63 14.07 -3.94
C ALA B 216 24.54 14.10 -2.42
N ASN B 217 25.00 13.03 -1.77
CA ASN B 217 24.96 12.94 -0.32
C ASN B 217 25.76 14.05 0.34
N ARG B 218 25.68 14.15 1.66
CA ARG B 218 26.38 15.19 2.40
C ARG B 218 27.90 15.07 2.31
N TRP B 219 28.39 13.84 2.39
CA TRP B 219 29.82 13.56 2.36
C TRP B 219 30.44 13.54 0.96
N HIS B 220 29.62 13.75 -0.06
CA HIS B 220 30.12 13.75 -1.43
C HIS B 220 30.76 12.40 -1.74
N LEU B 221 30.27 11.35 -1.12
CA LEU B 221 30.81 10.01 -1.38
C LEU B 221 30.28 9.51 -2.71
N CYS B 222 31.13 8.85 -3.48
CA CYS B 222 30.67 8.30 -4.75
C CYS B 222 29.96 7.02 -4.34
N PRO B 223 28.64 6.97 -4.50
CA PRO B 223 27.88 5.78 -4.12
C PRO B 223 28.15 4.54 -4.98
N THR B 224 29.26 4.55 -5.72
CA THR B 224 29.64 3.42 -6.58
C THR B 224 31.10 3.02 -6.39
N LEU B 225 31.32 1.75 -6.04
CA LEU B 225 32.67 1.25 -5.83
C LEU B 225 33.28 0.71 -7.13
N TYR B 226 32.48 -0.01 -7.91
CA TYR B 226 32.97 -0.59 -9.16
C TYR B 226 32.15 -0.14 -10.36
N GLU B 227 32.81 -0.18 -11.52
CA GLU B 227 32.21 0.20 -12.80
C GLU B 227 32.66 -0.76 -13.89
N SER B 228 31.76 -1.03 -14.84
CA SER B 228 32.09 -1.91 -15.95
C SER B 228 31.60 -1.32 -17.28
N ARG B 229 32.55 -0.93 -18.11
CA ARG B 229 32.24 -0.36 -19.42
C ARG B 229 32.43 -1.45 -20.45
N PHE B 230 31.41 -1.68 -21.27
CA PHE B 230 31.54 -2.71 -22.29
C PHE B 230 32.28 -2.15 -23.50
N GLN B 231 33.14 -2.97 -24.09
CA GLN B 231 33.90 -2.52 -25.24
C GLN B 231 33.60 -3.36 -26.49
N LEU B 232 33.08 -2.68 -27.51
CA LEU B 232 32.73 -3.31 -28.78
C LEU B 232 33.93 -3.28 -29.73
N GLY B 233 33.86 -4.09 -30.79
CA GLY B 233 34.93 -4.10 -31.77
C GLY B 233 35.89 -5.27 -31.78
N GLY B 234 36.15 -5.87 -30.62
CA GLY B 234 37.07 -6.99 -30.59
C GLY B 234 38.53 -6.61 -30.64
N SER B 235 38.84 -5.37 -30.32
CA SER B 235 40.22 -4.90 -30.29
C SER B 235 40.53 -4.48 -28.85
N ALA B 236 39.65 -4.94 -27.96
CA ALA B 236 39.74 -4.67 -26.53
C ALA B 236 38.94 -5.76 -25.83
N ARG B 237 39.16 -5.92 -24.53
CA ARG B 237 38.42 -6.92 -23.76
C ARG B 237 36.96 -6.49 -23.74
N GLY B 238 36.06 -7.42 -24.04
CA GLY B 238 34.65 -7.11 -24.06
C GLY B 238 34.22 -6.22 -22.90
N SER B 239 34.83 -6.41 -21.74
CA SER B 239 34.47 -5.63 -20.55
C SER B 239 35.66 -5.00 -19.80
N ARG B 240 35.49 -3.75 -19.37
CA ARG B 240 36.52 -3.04 -18.64
C ARG B 240 36.00 -2.64 -17.26
N VAL B 241 36.46 -3.35 -16.23
CA VAL B 241 36.02 -3.10 -14.86
C VAL B 241 37.03 -2.29 -14.06
N LEU B 242 36.58 -1.20 -13.46
CA LEU B 242 37.43 -0.34 -12.66
C LEU B 242 37.07 -0.36 -11.18
N ASP B 243 38.06 -0.15 -10.32
CA ASP B 243 37.87 -0.08 -8.87
C ASP B 243 38.04 1.40 -8.57
N ARG B 244 36.94 2.13 -8.53
CA ARG B 244 36.99 3.58 -8.30
C ARG B 244 37.70 3.98 -7.00
N ALA B 245 37.33 3.36 -5.89
CA ALA B 245 37.96 3.69 -4.62
C ALA B 245 39.48 3.58 -4.69
N ASN B 246 39.95 2.40 -5.07
CA ASN B 246 41.39 2.14 -5.16
C ASN B 246 42.04 2.67 -6.42
N ASN B 247 41.25 3.24 -7.34
CA ASN B 247 41.78 3.78 -8.59
C ASN B 247 42.69 2.71 -9.21
N VAL B 248 42.11 1.53 -9.41
CA VAL B 248 42.81 0.40 -9.97
C VAL B 248 41.88 -0.33 -10.93
N GLU B 249 42.45 -1.05 -11.89
CA GLU B 249 41.65 -1.78 -12.85
C GLU B 249 41.64 -3.24 -12.43
N LEU B 250 40.60 -3.95 -12.81
CA LEU B 250 40.48 -5.37 -12.51
C LEU B 250 40.53 -6.02 -13.87
N THR B 251 40.61 -5.17 -14.89
CA THR B 251 40.66 -5.54 -16.30
C THR B 251 39.27 -5.93 -16.80
N MSE C 30 -37.75 0.87 -0.53
CA MSE C 30 -37.96 2.13 -1.31
C MSE C 30 -36.66 2.84 -1.68
O MSE C 30 -35.65 2.72 -0.98
CB MSE C 30 -38.87 3.07 -0.53
CG MSE C 30 -40.33 2.78 -0.75
SE MSE C 30 -40.69 2.86 -2.64
CE MSE C 30 -41.41 4.66 -2.71
N ALA C 31 -36.70 3.58 -2.79
CA ALA C 31 -35.56 4.33 -3.27
C ALA C 31 -35.98 5.18 -4.47
N ALA C 32 -35.29 6.29 -4.70
CA ALA C 32 -35.61 7.19 -5.80
C ALA C 32 -35.70 6.42 -7.11
N ASP C 33 -34.89 5.37 -7.22
CA ASP C 33 -34.90 4.52 -8.40
C ASP C 33 -34.66 3.08 -7.99
N MSE C 34 -35.59 2.20 -8.35
CA MSE C 34 -35.48 0.79 -7.99
C MSE C 34 -35.41 -0.13 -9.20
O MSE C 34 -35.82 -1.28 -9.13
CB MSE C 34 -36.68 0.39 -7.11
CG MSE C 34 -36.86 1.21 -5.83
SE MSE C 34 -38.20 0.43 -4.63
CE MSE C 34 -39.79 0.89 -5.61
N ASP C 35 -34.87 0.37 -10.30
CA ASP C 35 -34.80 -0.43 -11.53
C ASP C 35 -33.44 -1.02 -11.90
N PRO C 36 -33.45 -2.05 -12.77
CA PRO C 36 -32.26 -2.73 -13.26
C PRO C 36 -31.29 -1.78 -13.97
N TRP C 37 -30.01 -2.09 -13.84
CA TRP C 37 -28.96 -1.29 -14.46
C TRP C 37 -28.19 -2.15 -15.48
N LEU C 38 -27.79 -1.52 -16.58
CA LEU C 38 -26.99 -2.20 -17.61
C LEU C 38 -25.57 -1.86 -17.18
N VAL C 39 -24.82 -2.89 -16.79
CA VAL C 39 -23.48 -2.70 -16.27
C VAL C 39 -22.37 -3.52 -16.91
N PHE C 40 -21.18 -2.93 -16.97
CA PHE C 40 -20.01 -3.63 -17.44
C PHE C 40 -18.96 -3.46 -16.34
N ASP C 41 -18.62 -4.54 -15.66
CA ASP C 41 -17.64 -4.47 -14.59
C ASP C 41 -16.35 -5.07 -15.12
N ALA C 42 -15.36 -4.21 -15.35
CA ALA C 42 -14.08 -4.67 -15.87
C ALA C 42 -13.36 -5.57 -14.86
N ARG C 43 -13.91 -5.67 -13.65
CA ARG C 43 -13.31 -6.54 -12.63
C ARG C 43 -13.69 -7.98 -12.93
N THR C 44 -14.88 -8.17 -13.48
CA THR C 44 -15.38 -9.49 -13.81
C THR C 44 -15.30 -9.87 -15.29
N THR C 45 -15.54 -8.91 -16.19
CA THR C 45 -15.49 -9.21 -17.63
C THR C 45 -14.18 -8.76 -18.31
N PRO C 46 -13.66 -9.59 -19.22
CA PRO C 46 -12.42 -9.28 -19.94
C PRO C 46 -12.63 -8.07 -20.86
N ALA C 47 -11.64 -7.18 -20.87
CA ALA C 47 -11.69 -5.97 -21.67
C ALA C 47 -11.92 -6.27 -23.16
N THR C 48 -11.64 -7.49 -23.55
CA THR C 48 -11.82 -7.90 -24.94
C THR C 48 -13.29 -7.97 -25.28
N GLU C 49 -14.13 -7.87 -24.27
CA GLU C 49 -15.56 -7.93 -24.49
C GLU C 49 -16.21 -6.57 -24.43
N LEU C 50 -15.46 -5.56 -24.01
CA LEU C 50 -16.05 -4.21 -23.92
C LEU C 50 -16.65 -3.72 -25.23
N ASP C 51 -15.98 -4.01 -26.34
CA ASP C 51 -16.46 -3.57 -27.65
C ASP C 51 -17.78 -4.22 -28.09
N ALA C 52 -18.00 -5.49 -27.75
CA ALA C 52 -19.25 -6.13 -28.14
C ALA C 52 -20.39 -5.64 -27.26
N TRP C 53 -20.06 -5.40 -25.99
CA TRP C 53 -21.04 -4.91 -25.05
C TRP C 53 -21.54 -3.54 -25.53
N LEU C 54 -20.61 -2.67 -25.87
CA LEU C 54 -20.92 -1.32 -26.32
C LEU C 54 -21.76 -1.37 -27.59
N ALA C 55 -21.32 -2.19 -28.54
CA ALA C 55 -22.01 -2.31 -29.81
C ALA C 55 -23.49 -2.69 -29.65
N LYS C 56 -23.83 -3.31 -28.54
CA LYS C 56 -25.20 -3.73 -28.29
C LYS C 56 -26.05 -2.78 -27.45
N TYR C 57 -25.42 -2.02 -26.56
CA TYR C 57 -26.18 -1.13 -25.69
C TYR C 57 -25.87 0.36 -25.81
N PRO C 58 -26.01 0.94 -27.00
CA PRO C 58 -25.71 2.39 -27.06
C PRO C 58 -26.76 3.18 -26.28
N PRO C 59 -26.31 4.19 -25.50
CA PRO C 59 -27.24 5.00 -24.71
C PRO C 59 -28.28 5.76 -25.54
N SER C 60 -28.27 5.52 -26.85
CA SER C 60 -29.22 6.15 -27.76
C SER C 60 -30.36 5.19 -28.06
N GLN C 61 -30.06 3.90 -27.97
CA GLN C 61 -31.06 2.89 -28.25
C GLN C 61 -31.66 2.32 -26.96
N VAL C 62 -30.84 2.23 -25.92
CA VAL C 62 -31.31 1.74 -24.64
C VAL C 62 -32.24 2.80 -24.06
N THR C 63 -33.49 2.43 -23.76
CA THR C 63 -34.42 3.41 -23.20
C THR C 63 -34.78 3.14 -21.76
N ARG C 64 -35.20 4.20 -21.08
CA ARG C 64 -35.56 4.14 -19.68
C ARG C 64 -36.57 3.05 -19.29
N TYR C 65 -37.61 2.83 -20.10
CA TYR C 65 -38.63 1.84 -19.74
C TYR C 65 -38.60 0.46 -20.39
N GLY C 66 -37.70 0.23 -21.33
CA GLY C 66 -37.67 -1.07 -21.97
C GLY C 66 -38.90 -1.20 -22.84
N ASP C 67 -39.21 -0.10 -23.51
CA ASP C 67 -40.35 0.04 -24.41
C ASP C 67 -40.06 -0.49 -25.81
N PRO C 68 -41.13 -0.88 -26.55
CA PRO C 68 -41.03 -1.41 -27.92
C PRO C 68 -39.92 -0.70 -28.71
N GLY C 69 -39.00 -1.48 -29.27
CA GLY C 69 -37.90 -0.92 -30.03
C GLY C 69 -36.57 -1.01 -29.31
N SER C 70 -36.61 -0.88 -27.99
CA SER C 70 -35.41 -0.93 -27.16
C SER C 70 -34.69 -2.26 -27.15
N PRO C 71 -33.34 -2.23 -27.15
CA PRO C 71 -32.59 -3.49 -27.14
C PRO C 71 -32.85 -4.18 -25.79
N ASN C 72 -33.48 -3.44 -24.89
CA ASN C 72 -33.83 -3.91 -23.54
C ASN C 72 -35.36 -3.93 -23.38
N SER C 73 -35.88 -5.04 -22.88
CA SER C 73 -37.33 -5.16 -22.68
C SER C 73 -37.71 -4.73 -21.27
N GLU C 74 -36.73 -4.70 -20.38
CA GLU C 74 -36.93 -4.28 -19.00
C GLU C 74 -36.49 -2.84 -18.83
N PRO C 75 -37.10 -2.10 -17.89
CA PRO C 75 -36.71 -0.71 -17.66
C PRO C 75 -35.24 -0.71 -17.21
N VAL C 76 -34.55 0.40 -17.42
CA VAL C 76 -33.15 0.52 -17.03
C VAL C 76 -32.90 1.91 -16.45
N GLY C 77 -32.49 1.97 -15.19
CA GLY C 77 -32.25 3.24 -14.54
C GLY C 77 -30.98 3.93 -15.00
N TRP C 78 -29.96 3.14 -15.30
CA TRP C 78 -28.67 3.65 -15.75
C TRP C 78 -27.90 2.59 -16.51
N ILE C 79 -26.90 3.05 -17.27
CA ILE C 79 -26.00 2.19 -18.01
C ILE C 79 -24.67 2.56 -17.36
N ALA C 80 -23.87 1.58 -16.95
CA ALA C 80 -22.60 1.88 -16.28
C ALA C 80 -21.48 0.88 -16.49
N VAL C 81 -20.25 1.36 -16.33
CA VAL C 81 -19.06 0.52 -16.46
C VAL C 81 -18.21 0.71 -15.21
N TYR C 82 -17.79 -0.40 -14.62
CA TYR C 82 -16.95 -0.34 -13.42
C TYR C 82 -15.53 -0.77 -13.76
N GLY C 83 -14.56 0.05 -13.35
CA GLY C 83 -13.17 -0.24 -13.63
C GLY C 83 -12.56 -1.08 -12.53
N GLN C 84 -11.24 -1.25 -12.54
CA GLN C 84 -10.59 -2.03 -11.49
C GLN C 84 -10.37 -1.16 -10.27
N GLY C 85 -10.44 -1.78 -9.11
CA GLY C 85 -10.25 -1.04 -7.87
C GLY C 85 -11.50 -0.33 -7.40
N TYR C 86 -12.59 -0.50 -8.13
CA TYR C 86 -13.84 0.15 -7.75
C TYR C 86 -14.50 -0.57 -6.58
N SER C 87 -14.93 0.21 -5.59
CA SER C 87 -15.60 -0.34 -4.41
C SER C 87 -16.17 0.79 -3.56
N PRO C 88 -17.07 0.46 -2.63
CA PRO C 88 -17.65 1.50 -1.78
C PRO C 88 -16.61 2.09 -0.83
N ASN C 89 -16.34 3.39 -0.98
CA ASN C 89 -15.39 4.10 -0.13
C ASN C 89 -16.14 5.15 0.68
N SER C 90 -17.46 5.15 0.56
CA SER C 90 -18.33 6.10 1.25
C SER C 90 -17.95 6.44 2.69
N GLY C 91 -18.57 7.50 3.22
CA GLY C 91 -18.29 7.94 4.57
C GLY C 91 -19.49 8.17 5.46
N ASP C 92 -19.25 8.85 6.57
CA ASP C 92 -20.28 9.14 7.56
C ASP C 92 -21.40 10.04 7.08
N VAL C 93 -22.29 9.47 6.26
CA VAL C 93 -23.40 10.20 5.71
C VAL C 93 -24.47 10.50 6.76
N GLN C 94 -24.61 9.62 7.74
CA GLN C 94 -25.59 9.85 8.80
C GLN C 94 -25.17 11.09 9.56
N GLY C 95 -23.88 11.18 9.85
CA GLY C 95 -23.36 12.33 10.57
C GLY C 95 -23.50 13.58 9.74
N LEU C 96 -23.28 13.45 8.43
CA LEU C 96 -23.38 14.58 7.52
C LEU C 96 -24.78 15.17 7.55
N GLN C 97 -25.77 14.33 7.28
CA GLN C 97 -27.17 14.76 7.25
C GLN C 97 -27.62 15.33 8.59
N ALA C 98 -26.92 14.93 9.65
CA ALA C 98 -27.21 15.40 11.00
C ALA C 98 -26.55 16.75 11.24
N ALA C 99 -25.29 16.88 10.81
CA ALA C 99 -24.54 18.13 10.96
C ALA C 99 -25.15 19.21 10.07
N TRP C 100 -25.78 18.78 8.97
CA TRP C 100 -26.41 19.72 8.05
C TRP C 100 -27.56 20.47 8.74
N GLU C 101 -28.15 19.85 9.75
CA GLU C 101 -29.25 20.49 10.46
C GLU C 101 -28.72 21.43 11.55
N ALA C 102 -27.62 21.04 12.18
CA ALA C 102 -27.02 21.86 13.22
C ALA C 102 -26.59 23.16 12.59
N LEU C 103 -26.00 23.04 11.40
CA LEU C 103 -25.50 24.20 10.65
C LEU C 103 -26.61 25.14 10.25
N GLN C 104 -27.78 24.59 9.94
CA GLN C 104 -28.91 25.42 9.53
C GLN C 104 -29.54 26.18 10.69
N THR C 105 -29.96 25.45 11.72
CA THR C 105 -30.58 26.08 12.87
C THR C 105 -29.62 27.01 13.58
N SER C 106 -28.32 26.85 13.31
CA SER C 106 -27.32 27.69 13.95
C SER C 106 -27.40 29.11 13.40
N GLY C 107 -28.03 29.24 12.23
CA GLY C 107 -28.18 30.53 11.60
C GLY C 107 -26.91 30.96 10.88
N ARG C 108 -25.80 30.31 11.22
CA ARG C 108 -24.51 30.62 10.59
C ARG C 108 -24.64 30.57 9.07
N PRO C 109 -23.87 31.40 8.35
CA PRO C 109 -23.88 31.46 6.88
C PRO C 109 -23.56 30.17 6.15
N ILE C 110 -24.46 29.76 5.26
CA ILE C 110 -24.29 28.56 4.47
C ILE C 110 -23.54 28.94 3.19
N THR C 111 -22.26 28.54 3.11
CA THR C 111 -21.46 28.85 1.94
C THR C 111 -20.70 27.63 1.44
N PRO C 112 -20.00 27.76 0.31
CA PRO C 112 -19.24 26.63 -0.22
C PRO C 112 -18.20 26.15 0.78
N GLY C 113 -17.75 27.06 1.63
CA GLY C 113 -16.75 26.73 2.63
C GLY C 113 -17.28 25.85 3.75
N THR C 114 -18.43 26.22 4.30
CA THR C 114 -19.02 25.42 5.37
C THR C 114 -19.26 24.00 4.89
N LEU C 115 -19.78 23.87 3.68
CA LEU C 115 -20.04 22.55 3.13
C LEU C 115 -18.76 21.75 2.98
N ARG C 116 -17.71 22.40 2.48
CA ARG C 116 -16.44 21.72 2.32
C ARG C 116 -15.97 21.22 3.67
N GLN C 117 -16.25 22.01 4.71
CA GLN C 117 -15.89 21.64 6.07
C GLN C 117 -16.66 20.38 6.47
N LEU C 118 -17.97 20.39 6.25
CA LEU C 118 -18.79 19.23 6.56
C LEU C 118 -18.26 17.99 5.83
N ALA C 119 -18.04 18.12 4.51
CA ALA C 119 -17.55 17.03 3.68
C ALA C 119 -16.23 16.43 4.17
N ILE C 120 -15.38 17.27 4.75
CA ILE C 120 -14.10 16.81 5.26
C ILE C 120 -14.34 16.17 6.63
N THR C 121 -15.28 16.73 7.39
CA THR C 121 -15.60 16.22 8.71
C THR C 121 -16.23 14.82 8.65
N HIS C 122 -17.29 14.70 7.85
CA HIS C 122 -18.00 13.44 7.72
C HIS C 122 -17.53 12.60 6.57
N HIS C 123 -16.36 12.93 6.03
CA HIS C 123 -15.77 12.17 4.92
C HIS C 123 -16.70 11.90 3.73
N VAL C 124 -17.09 12.96 3.03
CA VAL C 124 -17.93 12.83 1.84
C VAL C 124 -17.13 13.63 0.80
N LEU C 125 -16.15 12.94 0.21
CA LEU C 125 -15.22 13.54 -0.75
C LEU C 125 -15.46 13.20 -2.23
N SER C 126 -16.27 12.16 -2.46
CA SER C 126 -16.59 11.73 -3.80
C SER C 126 -17.47 12.76 -4.50
N GLY C 127 -17.49 12.69 -5.83
CA GLY C 127 -18.29 13.62 -6.62
C GLY C 127 -18.31 13.15 -8.06
N LYS C 128 -18.91 13.93 -8.96
CA LYS C 128 -18.96 13.49 -10.35
C LYS C 128 -18.93 14.61 -11.38
N TRP C 129 -18.20 14.37 -12.47
CA TRP C 129 -18.12 15.30 -13.58
C TRP C 129 -19.37 14.99 -14.41
N LEU C 130 -20.18 16.02 -14.69
CA LEU C 130 -21.39 15.86 -15.49
C LEU C 130 -21.19 16.50 -16.86
N MSE C 131 -21.74 15.87 -17.90
CA MSE C 131 -21.61 16.40 -19.25
C MSE C 131 -22.79 15.97 -20.10
O MSE C 131 -23.44 14.97 -19.81
CB MSE C 131 -20.30 15.90 -19.88
CG MSE C 131 -20.22 14.38 -20.01
SE MSE C 131 -18.46 13.69 -19.62
CE MSE C 131 -18.65 13.57 -17.71
N HIS C 132 -23.08 16.75 -21.14
CA HIS C 132 -24.20 16.48 -22.04
C HIS C 132 -23.81 16.20 -23.48
N LEU C 133 -24.50 15.25 -24.09
CA LEU C 133 -24.24 14.90 -25.46
C LEU C 133 -25.52 14.86 -26.26
N ALA C 134 -25.48 15.48 -27.45
CA ALA C 134 -26.63 15.55 -28.33
C ALA C 134 -27.33 14.18 -28.39
N PRO C 135 -28.63 14.16 -28.70
CA PRO C 135 -29.28 12.85 -28.76
C PRO C 135 -28.91 12.18 -30.07
N GLY C 136 -27.76 11.52 -30.10
CA GLY C 136 -27.34 10.85 -31.31
C GLY C 136 -26.01 10.11 -31.26
N PHE C 137 -25.34 10.08 -32.41
CA PHE C 137 -24.09 9.37 -32.55
C PHE C 137 -22.94 9.93 -31.73
N LYS C 138 -22.92 11.24 -31.51
CA LYS C 138 -21.85 11.85 -30.73
C LYS C 138 -21.92 11.35 -29.28
N LEU C 139 -23.13 11.22 -28.76
CA LEU C 139 -23.30 10.74 -27.39
C LEU C 139 -22.77 9.30 -27.29
N ASP C 140 -23.05 8.48 -28.30
CA ASP C 140 -22.60 7.09 -28.27
C ASP C 140 -21.10 6.93 -28.52
N HIS C 141 -20.58 7.66 -29.48
CA HIS C 141 -19.16 7.58 -29.84
C HIS C 141 -18.20 7.89 -28.71
N ALA C 142 -18.64 8.67 -27.73
CA ALA C 142 -17.79 9.04 -26.61
C ALA C 142 -18.04 8.14 -25.41
N TRP C 143 -19.28 7.72 -25.23
CA TRP C 143 -19.62 6.85 -24.11
C TRP C 143 -18.69 5.65 -24.16
N ALA C 144 -18.29 5.28 -25.37
CA ALA C 144 -17.38 4.16 -25.59
C ALA C 144 -15.97 4.57 -25.17
N GLY C 145 -15.61 5.83 -25.41
CA GLY C 145 -14.30 6.32 -25.00
C GLY C 145 -14.25 6.45 -23.48
N ILE C 146 -15.34 6.95 -22.90
CA ILE C 146 -15.42 7.08 -21.46
C ILE C 146 -15.36 5.66 -20.88
N ALA C 147 -16.06 4.74 -21.53
CA ALA C 147 -16.09 3.35 -21.10
C ALA C 147 -14.70 2.73 -21.26
N ARG C 148 -14.13 2.91 -22.45
CA ARG C 148 -12.81 2.39 -22.73
C ARG C 148 -11.83 2.87 -21.64
N ALA C 149 -11.84 4.19 -21.38
CA ALA C 149 -10.94 4.74 -20.36
C ALA C 149 -11.09 4.03 -19.00
N VAL C 150 -12.33 3.75 -18.58
CA VAL C 150 -12.59 3.08 -17.31
C VAL C 150 -12.04 1.64 -17.35
N VAL C 151 -12.33 0.93 -18.44
CA VAL C 151 -11.85 -0.43 -18.55
C VAL C 151 -10.32 -0.51 -18.60
N GLU C 152 -9.67 0.51 -19.17
CA GLU C 152 -8.22 0.51 -19.25
C GLU C 152 -7.59 0.99 -17.94
N GLY C 153 -8.42 1.56 -17.06
CA GLY C 153 -7.95 2.03 -15.77
C GLY C 153 -7.70 3.52 -15.59
N ARG C 154 -8.16 4.35 -16.51
CA ARG C 154 -7.94 5.78 -16.41
C ARG C 154 -9.17 6.49 -15.83
N LEU C 155 -10.13 5.68 -15.39
CA LEU C 155 -11.37 6.16 -14.77
C LEU C 155 -11.91 4.95 -14.01
N GLN C 156 -12.35 5.18 -12.78
CA GLN C 156 -12.83 4.11 -11.92
C GLN C 156 -14.23 3.59 -12.24
N VAL C 157 -15.14 4.50 -12.55
CA VAL C 157 -16.50 4.13 -12.89
C VAL C 157 -17.19 5.27 -13.63
N ALA C 158 -18.22 4.94 -14.39
CA ALA C 158 -18.97 5.93 -15.15
C ALA C 158 -20.42 5.51 -15.26
N LYS C 159 -21.22 6.38 -15.85
CA LYS C 159 -22.64 6.10 -16.04
C LYS C 159 -23.22 7.04 -17.10
N VAL C 160 -24.17 6.52 -17.87
CA VAL C 160 -24.85 7.35 -18.87
C VAL C 160 -26.34 7.05 -18.80
N SER C 161 -27.13 8.08 -18.64
CA SER C 161 -28.58 7.92 -18.57
C SER C 161 -29.10 7.30 -19.87
N PRO C 162 -30.23 6.56 -19.78
CA PRO C 162 -30.82 5.94 -20.96
C PRO C 162 -31.69 6.95 -21.70
N ARG C 163 -32.16 6.58 -22.89
CA ARG C 163 -33.01 7.46 -23.70
C ARG C 163 -34.40 7.62 -23.08
N ALA C 164 -34.78 8.86 -22.80
CA ALA C 164 -36.09 9.14 -22.23
C ALA C 164 -37.07 9.37 -23.38
N LYS C 165 -38.24 8.72 -23.30
CA LYS C 165 -39.26 8.85 -24.34
C LYS C 165 -39.48 10.31 -24.75
N GLU C 166 -39.35 11.22 -23.79
CA GLU C 166 -39.53 12.64 -24.05
C GLU C 166 -38.32 13.24 -24.77
N GLY C 167 -37.44 12.36 -25.24
CA GLY C 167 -36.24 12.83 -25.92
C GLY C 167 -35.46 13.77 -25.04
N GLY C 168 -34.45 14.44 -25.61
CA GLY C 168 -33.66 15.37 -24.83
C GLY C 168 -32.25 14.86 -24.62
N ARG C 169 -31.37 15.72 -24.15
CA ARG C 169 -30.00 15.32 -23.91
C ARG C 169 -29.89 14.27 -22.83
N GLN C 170 -28.94 13.36 -22.99
CA GLN C 170 -28.72 12.31 -22.01
C GLN C 170 -27.45 12.69 -21.24
N VAL C 171 -27.37 12.29 -19.99
CA VAL C 171 -26.21 12.64 -19.18
C VAL C 171 -25.19 11.52 -18.96
N ILE C 172 -23.92 11.92 -18.91
CA ILE C 172 -22.80 11.01 -18.65
C ILE C 172 -22.12 11.55 -17.41
N CYS C 173 -21.86 10.66 -16.45
CA CYS C 173 -21.22 11.05 -15.21
C CYS C 173 -19.90 10.29 -15.05
N VAL C 174 -18.84 11.03 -14.74
CA VAL C 174 -17.53 10.43 -14.51
C VAL C 174 -17.20 10.67 -13.04
N TYR C 175 -16.98 9.60 -12.29
CA TYR C 175 -16.70 9.67 -10.85
C TYR C 175 -15.22 9.77 -10.47
N THR C 176 -14.95 10.51 -9.39
CA THR C 176 -13.60 10.66 -8.86
C THR C 176 -13.76 10.56 -7.34
N ASP C 177 -12.70 10.13 -6.65
CA ASP C 177 -12.77 9.92 -5.20
C ASP C 177 -12.75 11.12 -4.26
N ASP C 178 -11.82 12.04 -4.47
CA ASP C 178 -11.68 13.21 -3.60
C ASP C 178 -11.87 14.52 -4.37
N PHE C 179 -13.00 15.19 -4.17
CA PHE C 179 -13.24 16.43 -4.89
C PHE C 179 -12.31 17.55 -4.44
N THR C 180 -11.84 17.49 -3.20
CA THR C 180 -10.94 18.52 -2.68
C THR C 180 -9.51 18.31 -3.22
N ASP C 181 -9.33 17.24 -3.98
CA ASP C 181 -8.03 16.92 -4.57
C ASP C 181 -7.92 17.32 -6.04
N ARG C 182 -7.19 18.41 -6.31
CA ARG C 182 -7.02 18.91 -7.66
C ARG C 182 -6.52 17.87 -8.66
N LEU C 183 -5.38 17.26 -8.37
CA LEU C 183 -4.82 16.26 -9.29
C LEU C 183 -5.83 15.16 -9.56
N GLY C 184 -6.70 14.91 -8.59
CA GLY C 184 -7.72 13.90 -8.76
C GLY C 184 -8.68 14.41 -9.83
N VAL C 185 -9.19 15.61 -9.60
CA VAL C 185 -10.10 16.22 -10.54
C VAL C 185 -9.46 16.25 -11.93
N LEU C 186 -8.34 16.96 -12.08
CA LEU C 186 -7.67 17.04 -13.39
C LEU C 186 -7.39 15.70 -14.08
N GLU C 187 -7.01 14.67 -13.31
CA GLU C 187 -6.76 13.37 -13.92
C GLU C 187 -8.03 12.96 -14.65
N ALA C 188 -9.13 12.90 -13.91
CA ALA C 188 -10.42 12.55 -14.48
C ALA C 188 -10.88 13.68 -15.38
N ASP C 189 -10.82 14.90 -14.84
CA ASP C 189 -11.20 16.09 -15.55
C ASP C 189 -10.69 15.97 -16.98
N SER C 190 -9.42 16.28 -17.18
CA SER C 190 -8.83 16.19 -18.51
C SER C 190 -9.12 14.86 -19.17
N ALA C 191 -9.17 13.80 -18.38
CA ALA C 191 -9.46 12.47 -18.92
C ALA C 191 -10.71 12.47 -19.80
N ILE C 192 -11.40 13.60 -19.85
CA ILE C 192 -12.58 13.75 -20.67
C ILE C 192 -12.22 14.58 -21.89
N ARG C 193 -10.91 14.70 -22.13
CA ARG C 193 -10.43 15.46 -23.28
C ARG C 193 -9.59 14.51 -24.13
N ALA C 194 -10.12 13.30 -24.31
CA ALA C 194 -9.47 12.25 -25.08
C ALA C 194 -10.51 11.39 -25.80
N ALA C 195 -11.75 11.48 -25.35
CA ALA C 195 -12.83 10.72 -25.98
C ALA C 195 -13.62 11.61 -26.95
N GLY C 196 -13.12 12.81 -27.19
CA GLY C 196 -13.80 13.73 -28.08
C GLY C 196 -14.96 14.40 -27.39
N ILE C 197 -14.72 14.84 -26.15
CA ILE C 197 -15.75 15.51 -25.38
C ILE C 197 -15.41 16.98 -25.17
N LYS C 198 -16.00 17.82 -26.02
CA LYS C 198 -15.76 19.26 -26.00
C LYS C 198 -16.82 20.04 -25.22
N CYS C 199 -17.65 19.32 -24.49
CA CYS C 199 -18.72 19.90 -23.71
C CYS C 199 -18.23 20.61 -22.45
N LEU C 200 -19.11 21.38 -21.83
CA LEU C 200 -18.79 22.13 -20.61
C LEU C 200 -19.02 21.32 -19.33
N LEU C 201 -18.16 20.32 -19.10
CA LEU C 201 -18.27 19.45 -17.93
C LEU C 201 -18.64 20.22 -16.67
N THR C 202 -19.31 19.53 -15.75
CA THR C 202 -19.69 20.16 -14.50
C THR C 202 -19.69 19.13 -13.36
N TYR C 203 -18.58 19.12 -12.63
CA TYR C 203 -18.36 18.23 -11.50
C TYR C 203 -19.12 18.72 -10.27
N LYS C 204 -20.01 17.87 -9.76
CA LYS C 204 -20.79 18.20 -8.58
C LYS C 204 -20.42 17.25 -7.42
N PRO C 205 -19.78 17.79 -6.36
CA PRO C 205 -19.39 16.97 -5.20
C PRO C 205 -20.59 16.21 -4.65
N ASP C 206 -20.44 14.91 -4.44
CA ASP C 206 -21.55 14.12 -3.92
C ASP C 206 -22.15 14.67 -2.62
N VAL C 207 -21.40 15.47 -1.88
CA VAL C 207 -21.91 16.04 -0.64
C VAL C 207 -23.05 17.04 -0.88
N TYR C 208 -22.88 17.97 -1.81
CA TYR C 208 -23.95 18.93 -2.08
C TYR C 208 -25.20 18.17 -2.53
N THR C 209 -24.98 17.03 -3.18
CA THR C 209 -26.07 16.20 -3.68
C THR C 209 -26.83 15.53 -2.54
N TYR C 210 -26.10 15.02 -1.55
CA TYR C 210 -26.71 14.36 -0.40
C TYR C 210 -27.54 15.31 0.45
N LEU C 211 -27.06 16.55 0.62
CA LEU C 211 -27.74 17.52 1.44
C LEU C 211 -28.88 18.21 0.71
N GLY C 212 -29.19 17.73 -0.50
CA GLY C 212 -30.26 18.31 -1.29
C GLY C 212 -30.05 19.77 -1.65
N ILE C 213 -28.88 20.07 -2.20
CA ILE C 213 -28.56 21.44 -2.60
C ILE C 213 -28.45 21.47 -4.12
N TYR C 214 -29.54 21.85 -4.77
CA TYR C 214 -29.59 21.90 -6.23
C TYR C 214 -29.69 23.31 -6.77
N ARG C 215 -29.91 23.43 -8.08
CA ARG C 215 -30.03 24.71 -8.74
C ARG C 215 -31.17 25.50 -8.09
N ALA C 216 -30.95 26.78 -7.86
CA ALA C 216 -31.97 27.63 -7.24
C ALA C 216 -32.35 27.09 -5.86
N ASN C 217 -31.37 27.03 -4.96
CA ASN C 217 -31.58 26.54 -3.62
C ASN C 217 -31.69 27.72 -2.65
N ARG C 218 -32.43 27.50 -1.57
CA ARG C 218 -32.66 28.51 -0.54
C ARG C 218 -31.44 29.37 -0.21
N TRP C 219 -30.26 28.77 -0.25
CA TRP C 219 -29.02 29.45 0.11
C TRP C 219 -28.26 30.14 -1.03
N HIS C 220 -28.73 29.99 -2.26
CA HIS C 220 -28.05 30.58 -3.40
C HIS C 220 -26.62 30.07 -3.50
N LEU C 221 -26.45 28.77 -3.28
CA LEU C 221 -25.15 28.14 -3.37
C LEU C 221 -24.94 27.75 -4.83
N CYS C 222 -23.72 27.84 -5.32
CA CYS C 222 -23.46 27.43 -6.68
C CYS C 222 -23.80 25.92 -6.64
N PRO C 223 -24.48 25.42 -7.67
CA PRO C 223 -24.86 23.99 -7.72
C PRO C 223 -23.70 23.01 -7.88
N THR C 224 -22.61 23.47 -8.47
CA THR C 224 -21.43 22.64 -8.70
C THR C 224 -20.19 23.42 -8.29
N LEU C 225 -19.07 22.71 -8.17
CA LEU C 225 -17.82 23.35 -7.76
C LEU C 225 -16.87 23.73 -8.90
N TYR C 226 -16.54 22.77 -9.76
CA TYR C 226 -15.62 23.03 -10.85
C TYR C 226 -16.36 23.12 -12.19
N GLU C 227 -15.74 23.84 -13.11
CA GLU C 227 -16.27 24.02 -14.45
C GLU C 227 -15.14 23.75 -15.44
N SER C 228 -15.45 23.06 -16.53
CA SER C 228 -14.43 22.79 -17.53
C SER C 228 -14.95 23.11 -18.93
N ARG C 229 -14.62 24.31 -19.38
CA ARG C 229 -15.01 24.79 -20.70
C ARG C 229 -13.90 24.38 -21.66
N PHE C 230 -14.27 23.74 -22.77
CA PHE C 230 -13.26 23.33 -23.73
C PHE C 230 -12.96 24.50 -24.67
N GLN C 231 -11.66 24.74 -24.86
CA GLN C 231 -11.18 25.81 -25.71
C GLN C 231 -10.62 25.25 -27.02
N LEU C 232 -11.35 25.50 -28.11
CA LEU C 232 -10.96 25.07 -29.45
C LEU C 232 -9.74 25.85 -29.93
N GLY C 233 -8.85 25.17 -30.65
CA GLY C 233 -7.67 25.84 -31.17
C GLY C 233 -6.42 25.74 -30.33
N GLY C 234 -5.27 25.91 -30.97
CA GLY C 234 -4.00 25.82 -30.28
C GLY C 234 -3.50 27.12 -29.67
N SER C 235 -4.37 28.12 -29.59
CA SER C 235 -4.00 29.40 -29.01
C SER C 235 -4.50 29.52 -27.57
N ALA C 236 -4.81 28.35 -27.00
CA ALA C 236 -5.31 28.24 -25.63
C ALA C 236 -5.33 26.76 -25.25
N ARG C 237 -5.03 26.45 -24.00
CA ARG C 237 -5.05 25.06 -23.56
C ARG C 237 -6.43 24.50 -23.90
N GLY C 238 -6.45 23.38 -24.62
CA GLY C 238 -7.71 22.77 -25.01
C GLY C 238 -8.77 22.75 -23.92
N SER C 239 -8.36 22.69 -22.67
CA SER C 239 -9.31 22.65 -21.56
C SER C 239 -9.01 23.67 -20.45
N ARG C 240 -10.00 24.51 -20.13
CA ARG C 240 -9.85 25.52 -19.08
C ARG C 240 -10.70 25.11 -17.88
N VAL C 241 -10.04 24.76 -16.78
CA VAL C 241 -10.74 24.31 -15.58
C VAL C 241 -10.78 25.37 -14.51
N LEU C 242 -11.98 25.81 -14.17
CA LEU C 242 -12.15 26.83 -13.15
C LEU C 242 -12.74 26.32 -11.85
N ASP C 243 -12.33 26.91 -10.74
CA ASP C 243 -12.84 26.56 -9.43
C ASP C 243 -13.89 27.61 -9.09
N ARG C 244 -15.13 27.33 -9.51
CA ARG C 244 -16.23 28.24 -9.26
C ARG C 244 -16.16 28.90 -7.89
N ALA C 245 -15.74 28.12 -6.89
CA ALA C 245 -15.65 28.61 -5.53
C ALA C 245 -14.50 29.60 -5.31
N ASN C 246 -13.29 29.07 -5.16
CA ASN C 246 -12.09 29.89 -4.93
C ASN C 246 -11.70 30.78 -6.11
N ASN C 247 -12.45 30.68 -7.20
CA ASN C 247 -12.15 31.48 -8.40
C ASN C 247 -10.68 31.41 -8.78
N VAL C 248 -10.31 30.34 -9.48
CA VAL C 248 -8.93 30.18 -9.91
C VAL C 248 -8.79 28.99 -10.89
N GLU C 249 -8.21 29.26 -12.06
CA GLU C 249 -8.04 28.22 -13.07
C GLU C 249 -7.09 27.16 -12.50
N LEU C 250 -7.07 25.99 -13.12
CA LEU C 250 -6.19 24.91 -12.67
C LEU C 250 -5.21 24.49 -13.77
N GLU A 17 23.16 -3.92 50.75
CA GLU A 17 21.72 -3.70 50.39
C GLU A 17 21.59 -2.63 49.31
N ASP A 18 22.52 -2.64 48.35
CA ASP A 18 22.52 -1.66 47.27
C ASP A 18 21.30 -1.73 46.36
N GLY A 19 20.64 -2.89 46.32
CA GLY A 19 19.46 -3.04 45.49
C GLY A 19 18.32 -2.19 46.01
N PHE A 20 18.49 -1.66 47.22
CA PHE A 20 17.48 -0.83 47.85
C PHE A 20 17.74 0.65 47.73
N THR A 21 18.85 1.04 47.12
CA THR A 21 19.18 2.46 46.98
C THR A 21 18.34 3.16 45.91
N ALA A 22 18.35 4.48 45.95
CA ALA A 22 17.60 5.28 44.98
C ALA A 22 18.21 5.07 43.61
N GLU A 23 19.53 4.99 43.55
CA GLU A 23 20.26 4.78 42.30
C GLU A 23 19.79 3.52 41.57
N HIS A 24 19.62 2.43 42.30
CA HIS A 24 19.18 1.16 41.72
C HIS A 24 17.65 1.02 41.59
N LEU A 25 16.91 1.35 42.64
CA LEU A 25 15.46 1.23 42.60
C LEU A 25 14.83 2.06 41.49
N ALA A 26 15.54 3.07 41.00
CA ALA A 26 15.02 3.92 39.95
C ALA A 26 14.97 3.17 38.63
N ALA A 27 16.06 2.49 38.28
CA ALA A 27 16.14 1.74 37.04
C ALA A 27 15.30 0.47 37.12
N GLU A 28 14.98 0.06 38.34
CA GLU A 28 14.18 -1.14 38.55
C GLU A 28 12.72 -0.87 38.21
N ALA A 29 12.32 0.41 38.29
CA ALA A 29 10.95 0.80 38.02
C ALA A 29 10.63 1.05 36.54
N MSE A 30 11.66 1.27 35.73
CA MSE A 30 11.43 1.51 34.31
C MSE A 30 10.71 0.36 33.61
O MSE A 30 11.15 -0.78 33.67
CB MSE A 30 12.77 1.81 33.60
CG MSE A 30 13.38 3.16 33.98
SE MSE A 30 12.33 4.71 33.39
CE MSE A 30 13.49 5.37 32.00
N ALA A 31 9.58 0.68 32.99
CA ALA A 31 8.77 -0.29 32.28
C ALA A 31 8.64 0.13 30.82
N ALA A 32 8.07 -0.75 30.00
CA ALA A 32 7.89 -0.43 28.59
C ALA A 32 6.81 0.62 28.47
N ASP A 33 5.55 0.20 28.57
CA ASP A 33 4.46 1.17 28.49
C ASP A 33 4.08 1.53 29.91
N MSE A 34 4.41 2.76 30.31
CA MSE A 34 4.15 3.23 31.66
C MSE A 34 3.01 4.24 31.76
O MSE A 34 2.71 4.74 32.85
CB MSE A 34 5.42 3.83 32.24
CG MSE A 34 6.61 2.89 32.13
SE MSE A 34 8.09 3.41 33.25
CE MSE A 34 7.44 2.67 34.91
N ASP A 35 2.36 4.53 30.64
CA ASP A 35 1.29 5.49 30.62
C ASP A 35 -0.11 4.89 30.75
N PRO A 36 -1.05 5.67 31.33
CA PRO A 36 -2.40 5.10 31.45
C PRO A 36 -2.98 4.80 30.07
N TRP A 37 -3.97 3.92 30.02
CA TRP A 37 -4.61 3.59 28.77
C TRP A 37 -6.08 3.97 28.89
N LEU A 38 -6.74 4.14 27.74
CA LEU A 38 -8.17 4.45 27.68
C LEU A 38 -8.84 3.10 27.43
N VAL A 39 -9.71 2.68 28.34
CA VAL A 39 -10.29 1.38 28.19
C VAL A 39 -11.78 1.23 28.27
N PHE A 40 -12.28 0.24 27.54
CA PHE A 40 -13.68 -0.09 27.56
C PHE A 40 -13.65 -1.60 27.77
N ASP A 41 -13.98 -2.05 28.98
CA ASP A 41 -13.97 -3.47 29.28
C ASP A 41 -15.36 -4.05 29.09
N ALA A 42 -15.53 -4.84 28.04
CA ALA A 42 -16.83 -5.44 27.74
C ALA A 42 -17.22 -6.49 28.79
N ARG A 43 -16.52 -6.48 29.92
CA ARG A 43 -16.80 -7.42 31.00
C ARG A 43 -17.35 -6.72 32.24
N THR A 44 -17.36 -5.39 32.23
CA THR A 44 -17.83 -4.63 33.37
C THR A 44 -18.63 -3.41 32.96
N THR A 45 -18.76 -3.18 31.65
CA THR A 45 -19.48 -2.01 31.16
C THR A 45 -20.60 -2.42 30.19
N PRO A 46 -21.75 -1.73 30.27
CA PRO A 46 -22.89 -2.03 29.40
C PRO A 46 -22.53 -1.85 27.92
N ALA A 47 -22.54 -2.96 27.18
CA ALA A 47 -22.19 -2.94 25.76
C ALA A 47 -22.86 -1.78 25.04
N THR A 48 -24.05 -1.40 25.50
CA THR A 48 -24.80 -0.32 24.86
C THR A 48 -24.09 1.02 24.94
N GLU A 49 -23.08 1.11 25.81
CA GLU A 49 -22.34 2.34 25.97
C GLU A 49 -21.03 2.42 25.18
N LEU A 50 -20.88 1.54 24.20
CA LEU A 50 -19.66 1.52 23.39
C LEU A 50 -19.56 2.70 22.41
N ASP A 51 -20.67 3.05 21.78
CA ASP A 51 -20.63 4.14 20.80
C ASP A 51 -20.46 5.53 21.43
N ALA A 52 -20.86 5.71 22.69
CA ALA A 52 -20.69 7.00 23.33
C ALA A 52 -19.20 7.19 23.65
N TRP A 53 -18.54 6.08 23.98
CA TRP A 53 -17.12 6.09 24.30
C TRP A 53 -16.33 6.22 22.98
N LEU A 54 -16.77 5.50 21.96
CA LEU A 54 -16.09 5.56 20.67
C LEU A 54 -16.13 6.99 20.14
N ALA A 55 -17.22 7.69 20.44
CA ALA A 55 -17.39 9.07 19.98
C ALA A 55 -16.54 10.04 20.73
N LYS A 56 -16.39 9.82 22.03
CA LYS A 56 -15.59 10.70 22.86
C LYS A 56 -14.08 10.50 22.70
N TYR A 57 -13.66 9.26 22.46
CA TYR A 57 -12.22 8.98 22.35
C TYR A 57 -11.73 8.41 21.03
N PRO A 58 -11.89 9.15 19.93
CA PRO A 58 -11.39 8.61 18.66
C PRO A 58 -9.87 8.66 18.59
N PRO A 59 -9.24 7.61 18.02
CA PRO A 59 -7.77 7.60 17.92
C PRO A 59 -7.19 8.66 17.00
N SER A 60 -8.04 9.25 16.16
CA SER A 60 -7.58 10.29 15.25
C SER A 60 -7.44 11.61 16.02
N GLN A 61 -7.97 11.61 17.24
CA GLN A 61 -7.94 12.78 18.10
C GLN A 61 -7.14 12.53 19.39
N VAL A 62 -7.26 11.32 19.93
CA VAL A 62 -6.55 10.95 21.16
C VAL A 62 -5.05 11.04 20.90
N THR A 63 -4.34 11.80 21.72
CA THR A 63 -2.91 11.96 21.52
C THR A 63 -2.02 11.27 22.54
N ARG A 64 -0.91 10.71 22.04
CA ARG A 64 0.05 9.99 22.87
C ARG A 64 0.52 10.83 24.04
N TYR A 65 0.72 12.12 23.80
CA TYR A 65 1.20 13.01 24.84
C TYR A 65 0.10 13.86 25.49
N GLY A 66 -0.85 14.33 24.70
CA GLY A 66 -1.92 15.14 25.27
C GLY A 66 -1.67 16.64 25.18
N ASP A 67 -1.42 17.10 23.95
CA ASP A 67 -1.17 18.52 23.69
C ASP A 67 -2.40 19.36 23.98
N PRO A 68 -2.37 20.64 23.60
CA PRO A 68 -3.55 21.50 23.84
C PRO A 68 -4.75 21.05 23.00
N GLY A 69 -5.95 21.42 23.42
CA GLY A 69 -7.15 21.05 22.67
C GLY A 69 -7.05 19.63 22.16
N SER A 70 -7.19 18.67 23.07
CA SER A 70 -7.10 17.25 22.75
C SER A 70 -8.07 16.46 23.66
N PRO A 71 -8.61 15.35 23.15
CA PRO A 71 -9.53 14.59 24.02
C PRO A 71 -8.87 14.07 25.30
N ASN A 72 -7.53 14.08 25.36
CA ASN A 72 -6.83 13.62 26.56
C ASN A 72 -5.74 14.59 27.02
N SER A 73 -5.76 14.95 28.30
CA SER A 73 -4.76 15.85 28.86
C SER A 73 -3.67 15.02 29.51
N GLU A 74 -3.91 13.71 29.58
CA GLU A 74 -2.96 12.78 30.17
C GLU A 74 -2.33 11.96 29.05
N PRO A 75 -1.00 11.78 29.07
CA PRO A 75 -0.42 10.99 27.99
C PRO A 75 -1.05 9.60 28.04
N VAL A 76 -1.40 9.07 26.87
CA VAL A 76 -2.02 7.76 26.77
C VAL A 76 -1.13 6.88 25.88
N GLY A 77 -0.86 5.67 26.36
CA GLY A 77 -0.03 4.75 25.62
C GLY A 77 -0.79 3.83 24.70
N TRP A 78 -2.03 3.50 25.05
CA TRP A 78 -2.86 2.62 24.24
C TRP A 78 -4.35 2.83 24.51
N ILE A 79 -5.14 2.49 23.49
CA ILE A 79 -6.60 2.51 23.52
C ILE A 79 -6.86 1.02 23.27
N ALA A 80 -7.66 0.38 24.12
CA ALA A 80 -7.90 -1.04 23.95
C ALA A 80 -9.35 -1.43 24.12
N VAL A 81 -9.70 -2.59 23.59
CA VAL A 81 -11.05 -3.11 23.70
C VAL A 81 -10.94 -4.55 24.18
N TYR A 82 -11.52 -4.82 25.34
CA TYR A 82 -11.51 -6.15 25.93
C TYR A 82 -12.89 -6.80 25.82
N GLY A 83 -12.96 -7.91 25.10
CA GLY A 83 -14.23 -8.60 24.93
C GLY A 83 -14.51 -9.54 26.09
N GLN A 84 -15.78 -9.88 26.27
CA GLN A 84 -16.12 -10.78 27.36
C GLN A 84 -15.30 -12.05 27.22
N GLY A 85 -15.09 -12.73 28.35
CA GLY A 85 -14.30 -13.94 28.30
C GLY A 85 -12.81 -13.63 28.23
N TYR A 86 -12.48 -12.35 28.23
CA TYR A 86 -11.07 -11.95 28.17
C TYR A 86 -10.32 -12.41 29.40
N SER A 87 -9.13 -12.96 29.18
CA SER A 87 -8.29 -13.44 30.26
C SER A 87 -6.89 -13.76 29.74
N PRO A 88 -5.86 -13.18 30.35
CA PRO A 88 -4.47 -13.40 29.93
C PRO A 88 -4.04 -14.86 30.04
N ASN A 89 -2.73 -15.09 29.91
CA ASN A 89 -2.14 -16.43 30.01
C ASN A 89 -0.64 -16.34 29.72
N SER A 90 0.15 -15.96 30.72
CA SER A 90 1.59 -15.82 30.55
C SER A 90 2.26 -17.15 30.19
N GLY A 91 1.44 -18.17 29.94
CA GLY A 91 1.95 -19.47 29.57
C GLY A 91 3.27 -19.87 30.19
N ASP A 92 4.37 -19.40 29.62
CA ASP A 92 5.69 -19.74 30.12
C ASP A 92 6.77 -18.92 29.42
N VAL A 93 6.71 -17.60 29.57
CA VAL A 93 7.69 -16.75 28.92
C VAL A 93 9.09 -16.94 29.49
N GLN A 94 9.17 -17.31 30.76
CA GLN A 94 10.47 -17.52 31.41
C GLN A 94 11.26 -18.62 30.72
N GLY A 95 10.67 -19.82 30.64
CA GLY A 95 11.34 -20.94 29.99
C GLY A 95 11.71 -20.63 28.55
N LEU A 96 10.78 -20.01 27.82
CA LEU A 96 11.01 -19.64 26.43
C LEU A 96 12.30 -18.85 26.28
N GLN A 97 12.34 -17.68 26.92
CA GLN A 97 13.50 -16.81 26.85
C GLN A 97 14.79 -17.54 27.23
N ALA A 98 14.66 -18.55 28.07
CA ALA A 98 15.81 -19.35 28.50
C ALA A 98 16.20 -20.25 27.35
N ALA A 99 15.27 -21.08 26.91
CA ALA A 99 15.50 -21.99 25.80
C ALA A 99 16.02 -21.23 24.58
N TRP A 100 15.42 -20.06 24.34
CA TRP A 100 15.80 -19.22 23.22
C TRP A 100 17.31 -19.07 23.11
N GLU A 101 17.92 -18.53 24.14
CA GLU A 101 19.36 -18.32 24.16
C GLU A 101 20.14 -19.63 24.17
N ALA A 102 19.57 -20.65 24.80
CA ALA A 102 20.22 -21.95 24.88
C ALA A 102 20.45 -22.53 23.48
N LEU A 103 19.46 -22.38 22.61
CA LEU A 103 19.56 -22.88 21.24
C LEU A 103 20.65 -22.16 20.47
N GLN A 104 20.89 -20.90 20.82
CA GLN A 104 21.91 -20.10 20.15
C GLN A 104 23.31 -20.54 20.57
N THR A 105 23.42 -21.09 21.77
CA THR A 105 24.70 -21.55 22.29
C THR A 105 24.93 -22.99 21.81
N SER A 106 23.84 -23.67 21.47
CA SER A 106 23.91 -25.05 21.01
C SER A 106 24.39 -25.18 19.57
N GLY A 107 24.36 -24.07 18.84
CA GLY A 107 24.79 -24.10 17.46
C GLY A 107 23.70 -24.62 16.55
N ARG A 108 22.68 -25.23 17.16
CA ARG A 108 21.53 -25.77 16.43
C ARG A 108 20.95 -24.74 15.46
N PRO A 109 20.21 -25.21 14.45
CA PRO A 109 19.60 -24.32 13.45
C PRO A 109 18.33 -23.61 13.93
N ILE A 110 18.30 -22.29 13.80
CA ILE A 110 17.15 -21.49 14.20
C ILE A 110 16.38 -21.04 12.96
N THR A 111 15.22 -21.65 12.75
CA THR A 111 14.38 -21.34 11.60
C THR A 111 12.99 -20.95 12.06
N PRO A 112 12.17 -20.41 11.14
CA PRO A 112 10.80 -20.02 11.53
C PRO A 112 10.10 -21.22 12.15
N GLY A 113 10.59 -22.41 11.83
CA GLY A 113 10.02 -23.62 12.37
C GLY A 113 10.38 -23.79 13.82
N THR A 114 11.61 -23.43 14.19
CA THR A 114 12.07 -23.56 15.56
C THR A 114 11.18 -22.78 16.53
N LEU A 115 10.68 -21.63 16.08
CA LEU A 115 9.81 -20.80 16.91
C LEU A 115 8.53 -21.54 17.23
N ARG A 116 7.85 -22.03 16.19
CA ARG A 116 6.61 -22.76 16.38
C ARG A 116 6.91 -23.88 17.38
N GLN A 117 8.10 -24.44 17.26
CA GLN A 117 8.53 -25.50 18.16
C GLN A 117 8.56 -24.95 19.58
N LEU A 118 9.42 -23.97 19.81
CA LEU A 118 9.53 -23.36 21.12
C LEU A 118 8.18 -22.89 21.66
N ALA A 119 7.46 -22.13 20.85
CA ALA A 119 6.16 -21.61 21.23
C ALA A 119 5.19 -22.68 21.72
N ILE A 120 5.03 -23.73 20.94
CA ILE A 120 4.13 -24.81 21.31
C ILE A 120 4.52 -25.46 22.63
N THR A 121 5.83 -25.53 22.87
CA THR A 121 6.35 -26.12 24.10
C THR A 121 6.06 -25.25 25.31
N HIS A 122 6.47 -24.00 25.25
CA HIS A 122 6.27 -23.08 26.36
C HIS A 122 4.90 -22.45 26.39
N HIS A 123 4.04 -22.87 25.46
CA HIS A 123 2.67 -22.37 25.38
C HIS A 123 2.54 -20.87 25.14
N VAL A 124 3.32 -20.35 24.18
CA VAL A 124 3.25 -18.94 23.81
C VAL A 124 2.56 -18.98 22.45
N LEU A 125 1.25 -19.24 22.48
CA LEU A 125 0.45 -19.37 21.26
C LEU A 125 -0.35 -18.15 20.77
N SER A 126 -0.52 -17.15 21.63
CA SER A 126 -1.29 -15.98 21.21
C SER A 126 -0.49 -15.10 20.26
N GLY A 127 -1.21 -14.27 19.52
CA GLY A 127 -0.59 -13.39 18.56
C GLY A 127 -1.58 -12.35 18.09
N LYS A 128 -1.11 -11.41 17.28
CA LYS A 128 -2.00 -10.35 16.82
C LYS A 128 -1.89 -10.02 15.35
N TRP A 129 -2.97 -9.41 14.84
CA TRP A 129 -3.06 -8.94 13.46
C TRP A 129 -2.73 -7.45 13.51
N LEU A 130 -1.77 -7.02 12.70
CA LEU A 130 -1.39 -5.62 12.66
C LEU A 130 -1.82 -4.98 11.35
N MSE A 131 -2.07 -3.68 11.41
CA MSE A 131 -2.49 -2.91 10.26
C MSE A 131 -2.31 -1.45 10.64
O MSE A 131 -2.52 -1.10 11.81
CB MSE A 131 -3.95 -3.18 9.94
CG MSE A 131 -4.91 -2.42 10.84
SE MSE A 131 -6.69 -3.12 10.75
CE MSE A 131 -6.47 -4.60 11.97
N HIS A 132 -1.92 -0.59 9.71
CA HIS A 132 -1.77 0.82 10.04
C HIS A 132 -2.54 1.72 9.09
N LEU A 133 -2.91 2.89 9.59
CA LEU A 133 -3.64 3.88 8.82
C LEU A 133 -3.31 5.28 9.36
N ALA A 134 -3.33 6.28 8.48
CA ALA A 134 -3.05 7.65 8.90
C ALA A 134 -4.29 8.17 9.62
N PRO A 135 -4.08 9.08 10.59
CA PRO A 135 -5.22 9.63 11.34
C PRO A 135 -6.31 10.15 10.42
N GLY A 136 -7.55 10.06 10.87
CA GLY A 136 -8.65 10.54 10.07
C GLY A 136 -9.88 9.66 10.17
N PHE A 137 -10.88 10.00 9.37
CA PHE A 137 -12.16 9.28 9.34
C PHE A 137 -12.00 7.78 9.20
N LYS A 138 -11.18 7.35 8.25
CA LYS A 138 -10.99 5.93 8.00
C LYS A 138 -10.37 5.18 9.16
N LEU A 139 -9.50 5.84 9.91
CA LEU A 139 -8.87 5.20 11.06
C LEU A 139 -9.94 4.94 12.11
N ASP A 140 -10.83 5.91 12.30
CA ASP A 140 -11.90 5.79 13.29
C ASP A 140 -12.94 4.75 12.91
N HIS A 141 -13.32 4.71 11.64
CA HIS A 141 -14.34 3.76 11.18
C HIS A 141 -13.79 2.34 11.35
N ALA A 142 -12.54 2.13 10.92
CA ALA A 142 -11.93 0.82 11.06
C ALA A 142 -11.94 0.45 12.56
N TRP A 143 -11.46 1.38 13.39
CA TRP A 143 -11.41 1.19 14.82
C TRP A 143 -12.81 0.88 15.35
N ALA A 144 -13.75 1.80 15.15
CA ALA A 144 -15.12 1.60 15.64
C ALA A 144 -15.65 0.21 15.31
N GLY A 145 -15.44 -0.23 14.06
CA GLY A 145 -15.91 -1.53 13.65
C GLY A 145 -15.29 -2.64 14.48
N ILE A 146 -13.96 -2.68 14.49
CA ILE A 146 -13.25 -3.69 15.26
C ILE A 146 -13.68 -3.72 16.74
N ALA A 147 -13.91 -2.54 17.33
CA ALA A 147 -14.33 -2.47 18.72
C ALA A 147 -15.67 -3.17 18.92
N ARG A 148 -16.65 -2.79 18.10
CA ARG A 148 -17.99 -3.36 18.17
C ARG A 148 -17.92 -4.89 18.06
N ALA A 149 -16.99 -5.39 17.26
CA ALA A 149 -16.83 -6.83 17.09
C ALA A 149 -16.33 -7.47 18.39
N VAL A 150 -15.36 -6.83 19.04
CA VAL A 150 -14.83 -7.34 20.29
C VAL A 150 -15.97 -7.36 21.32
N VAL A 151 -16.69 -6.24 21.41
CA VAL A 151 -17.79 -6.14 22.37
C VAL A 151 -18.87 -7.18 22.11
N GLU A 152 -19.14 -7.45 20.83
CA GLU A 152 -20.14 -8.44 20.42
C GLU A 152 -19.65 -9.86 20.69
N GLY A 153 -18.33 -10.04 20.75
CA GLY A 153 -17.79 -11.35 21.02
C GLY A 153 -17.13 -12.04 19.83
N ARG A 154 -17.08 -11.37 18.68
CA ARG A 154 -16.46 -11.96 17.50
C ARG A 154 -14.94 -11.76 17.53
N LEU A 155 -14.50 -10.97 18.50
CA LEU A 155 -13.09 -10.68 18.72
C LEU A 155 -12.88 -10.66 20.24
N GLN A 156 -11.72 -11.12 20.70
CA GLN A 156 -11.43 -11.16 22.13
C GLN A 156 -10.84 -9.86 22.67
N VAL A 157 -9.89 -9.29 21.95
CA VAL A 157 -9.22 -8.05 22.35
C VAL A 157 -8.71 -7.29 21.13
N ALA A 158 -8.68 -5.96 21.24
CA ALA A 158 -8.18 -5.11 20.17
C ALA A 158 -7.62 -3.82 20.75
N LYS A 159 -6.52 -3.33 20.19
CA LYS A 159 -5.93 -2.09 20.67
C LYS A 159 -5.61 -1.20 19.46
N VAL A 160 -5.64 0.11 19.67
CA VAL A 160 -5.31 1.06 18.62
C VAL A 160 -4.35 2.07 19.27
N SER A 161 -3.34 2.51 18.52
CA SER A 161 -2.34 3.44 19.03
C SER A 161 -2.78 4.90 18.91
N PRO A 162 -2.44 5.72 19.92
CA PRO A 162 -2.83 7.14 19.87
C PRO A 162 -2.06 7.97 18.84
N ARG A 163 -2.51 9.19 18.63
CA ARG A 163 -1.90 10.07 17.65
C ARG A 163 -0.65 10.77 18.12
N ALA A 164 0.37 10.77 17.26
CA ALA A 164 1.64 11.42 17.53
C ALA A 164 1.45 12.92 17.34
N LYS A 165 2.33 13.73 17.93
CA LYS A 165 2.24 15.18 17.81
C LYS A 165 2.14 15.63 16.35
N GLU A 166 2.63 14.79 15.44
CA GLU A 166 2.60 15.12 14.02
C GLU A 166 1.74 14.14 13.22
N GLY A 167 1.96 14.11 11.90
CA GLY A 167 1.21 13.21 11.05
C GLY A 167 1.38 11.78 11.53
N GLY A 168 2.42 11.12 11.05
CA GLY A 168 2.67 9.74 11.45
C GLY A 168 1.54 8.81 11.05
N ARG A 169 1.57 7.61 11.60
CA ARG A 169 0.54 6.61 11.33
C ARG A 169 0.27 5.79 12.58
N GLN A 170 -0.93 5.24 12.65
CA GLN A 170 -1.36 4.46 13.81
C GLN A 170 -1.75 3.03 13.43
N VAL A 171 -1.57 2.11 14.38
CA VAL A 171 -1.89 0.70 14.16
C VAL A 171 -3.05 0.20 15.00
N ILE A 172 -3.65 -0.88 14.52
CA ILE A 172 -4.74 -1.53 15.24
C ILE A 172 -4.27 -2.96 15.45
N CYS A 173 -4.40 -3.45 16.68
CA CYS A 173 -4.00 -4.80 17.01
C CYS A 173 -5.23 -5.63 17.36
N VAL A 174 -5.31 -6.83 16.78
CA VAL A 174 -6.42 -7.75 17.01
C VAL A 174 -5.84 -9.12 17.39
N TYR A 175 -5.63 -9.32 18.68
CA TYR A 175 -5.06 -10.55 19.21
C TYR A 175 -5.94 -11.79 19.10
N THR A 176 -5.29 -12.95 19.01
CA THR A 176 -5.96 -14.25 18.97
C THR A 176 -5.11 -15.12 19.88
N ASP A 177 -5.74 -16.03 20.62
CA ASP A 177 -5.01 -16.89 21.55
C ASP A 177 -4.12 -17.99 20.97
N ASP A 178 -4.55 -18.61 19.88
CA ASP A 178 -3.75 -19.68 19.29
C ASP A 178 -3.50 -19.44 17.81
N PHE A 179 -2.25 -19.08 17.47
CA PHE A 179 -1.91 -18.81 16.08
C PHE A 179 -1.83 -20.08 15.24
N THR A 180 -1.68 -21.22 15.91
CA THR A 180 -1.59 -22.49 15.19
C THR A 180 -2.99 -23.01 14.92
N ASP A 181 -3.99 -22.13 15.10
CA ASP A 181 -5.38 -22.49 14.86
C ASP A 181 -5.90 -21.71 13.65
N ARG A 182 -5.82 -22.33 12.48
CA ARG A 182 -6.28 -21.70 11.23
C ARG A 182 -7.62 -21.00 11.38
N LEU A 183 -8.60 -21.70 11.95
CA LEU A 183 -9.94 -21.16 12.13
C LEU A 183 -9.92 -19.98 13.10
N GLY A 184 -8.84 -19.88 13.88
CA GLY A 184 -8.72 -18.79 14.83
C GLY A 184 -8.17 -17.55 14.16
N VAL A 185 -7.15 -17.74 13.34
CA VAL A 185 -6.54 -16.62 12.64
C VAL A 185 -7.48 -16.12 11.56
N LEU A 186 -8.08 -17.05 10.82
CA LEU A 186 -9.00 -16.69 9.74
C LEU A 186 -10.21 -15.90 10.20
N GLU A 187 -10.92 -16.39 11.19
CA GLU A 187 -12.09 -15.67 11.67
C GLU A 187 -11.69 -14.28 12.11
N ALA A 188 -10.40 -14.11 12.39
CA ALA A 188 -9.87 -12.81 12.78
C ALA A 188 -9.90 -11.92 11.54
N ASP A 189 -9.23 -12.35 10.47
CA ASP A 189 -9.25 -11.57 9.23
C ASP A 189 -10.71 -11.46 8.82
N SER A 190 -11.44 -12.54 9.06
CA SER A 190 -12.86 -12.61 8.74
C SER A 190 -13.56 -11.41 9.35
N ALA A 191 -13.43 -11.26 10.67
CA ALA A 191 -14.07 -10.14 11.35
C ALA A 191 -13.47 -8.82 10.87
N ILE A 192 -12.15 -8.71 10.93
CA ILE A 192 -11.50 -7.48 10.48
C ILE A 192 -12.03 -7.12 9.09
N ARG A 193 -12.09 -8.11 8.20
CA ARG A 193 -12.58 -7.87 6.85
C ARG A 193 -14.10 -7.72 6.83
N ALA A 194 -14.79 -8.39 7.74
CA ALA A 194 -16.24 -8.31 7.80
C ALA A 194 -16.72 -6.97 8.32
N ALA A 195 -15.98 -6.35 9.23
CA ALA A 195 -16.38 -5.06 9.78
C ALA A 195 -16.28 -3.93 8.76
N GLY A 196 -15.20 -3.91 7.99
CA GLY A 196 -15.04 -2.87 6.99
C GLY A 196 -13.64 -2.62 6.47
N ILE A 197 -12.63 -2.77 7.33
CA ILE A 197 -11.23 -2.54 6.95
C ILE A 197 -10.94 -3.18 5.58
N LYS A 198 -10.12 -2.50 4.79
CA LYS A 198 -9.75 -2.99 3.46
C LYS A 198 -8.24 -3.03 3.22
N CYS A 199 -7.47 -2.30 4.02
CA CYS A 199 -6.03 -2.26 3.85
C CYS A 199 -5.29 -3.55 4.26
N LEU A 200 -3.99 -3.55 4.06
CA LEU A 200 -3.12 -4.69 4.39
C LEU A 200 -3.02 -5.00 5.88
N LEU A 201 -2.88 -6.28 6.19
CA LEU A 201 -2.74 -6.77 7.56
C LEU A 201 -1.61 -7.81 7.56
N THR A 202 -0.98 -7.98 8.72
CA THR A 202 0.08 -8.96 8.90
C THR A 202 -0.04 -9.55 10.31
N TYR A 203 0.13 -10.85 10.43
CA TYR A 203 0.01 -11.52 11.72
C TYR A 203 1.36 -11.83 12.34
N LYS A 204 1.53 -11.37 13.57
CA LYS A 204 2.77 -11.55 14.33
C LYS A 204 2.46 -12.27 15.65
N PRO A 205 2.99 -13.50 15.82
CA PRO A 205 2.80 -14.31 17.04
C PRO A 205 3.57 -13.70 18.21
N ASP A 206 2.99 -13.79 19.41
CA ASP A 206 3.64 -13.22 20.59
C ASP A 206 5.05 -13.76 20.84
N VAL A 207 5.27 -15.04 20.54
CA VAL A 207 6.60 -15.62 20.73
C VAL A 207 7.64 -14.76 20.01
N TYR A 208 7.33 -14.33 18.79
CA TYR A 208 8.25 -13.49 18.03
C TYR A 208 8.64 -12.28 18.87
N THR A 209 7.67 -11.69 19.55
CA THR A 209 7.93 -10.52 20.38
C THR A 209 8.74 -10.91 21.62
N TYR A 210 8.24 -11.86 22.40
CA TYR A 210 8.94 -12.31 23.59
C TYR A 210 10.37 -12.75 23.33
N LEU A 211 10.69 -13.02 22.07
CA LEU A 211 12.04 -13.47 21.73
C LEU A 211 12.79 -12.54 20.76
N GLY A 212 12.45 -11.25 20.79
CA GLY A 212 13.11 -10.27 19.94
C GLY A 212 13.21 -10.58 18.46
N ILE A 213 12.08 -10.89 17.84
CA ILE A 213 12.04 -11.19 16.41
C ILE A 213 11.40 -9.99 15.72
N TYR A 214 12.15 -8.91 15.59
CA TYR A 214 11.65 -7.68 14.98
C TYR A 214 12.27 -7.43 13.61
N ARG A 215 12.09 -6.21 13.10
CA ARG A 215 12.62 -5.81 11.80
C ARG A 215 14.14 -5.74 11.80
N ALA A 216 14.73 -5.74 12.99
CA ALA A 216 16.19 -5.72 13.12
C ALA A 216 16.64 -7.14 13.45
N ASN A 217 15.87 -8.09 12.93
CA ASN A 217 16.10 -9.52 13.14
C ASN A 217 17.57 -9.90 12.93
N ARG A 218 18.18 -10.44 13.99
CA ARG A 218 19.57 -10.86 13.95
C ARG A 218 19.65 -12.24 13.26
N TRP A 219 18.64 -13.06 13.54
CA TRP A 219 18.56 -14.41 12.97
C TRP A 219 17.91 -14.33 11.60
N HIS A 220 17.73 -13.12 11.10
CA HIS A 220 17.12 -12.86 9.80
C HIS A 220 15.88 -13.71 9.50
N LEU A 221 15.03 -13.87 10.51
CA LEU A 221 13.79 -14.63 10.36
C LEU A 221 12.69 -13.63 10.04
N CYS A 222 11.70 -14.06 9.26
CA CYS A 222 10.59 -13.18 8.90
C CYS A 222 9.66 -13.02 10.10
N PRO A 223 9.58 -11.80 10.66
CA PRO A 223 8.74 -11.49 11.82
C PRO A 223 7.24 -11.61 11.57
N THR A 224 6.88 -11.85 10.31
CA THR A 224 5.48 -11.97 9.91
C THR A 224 5.12 -13.41 9.57
N LEU A 225 4.13 -13.96 10.26
CA LEU A 225 3.69 -15.34 10.00
C LEU A 225 2.72 -15.37 8.81
N TYR A 226 1.55 -14.78 8.99
CA TYR A 226 0.53 -14.71 7.94
C TYR A 226 0.53 -13.31 7.32
N GLU A 227 0.10 -13.22 6.07
CA GLU A 227 0.04 -11.95 5.36
C GLU A 227 -1.28 -11.90 4.61
N SER A 228 -2.20 -11.05 5.07
CA SER A 228 -3.53 -10.91 4.47
C SER A 228 -3.61 -9.72 3.52
N ARG A 229 -3.37 -9.98 2.24
CA ARG A 229 -3.43 -8.95 1.22
C ARG A 229 -4.85 -8.87 0.70
N PHE A 230 -5.33 -7.67 0.41
CA PHE A 230 -6.68 -7.50 -0.11
C PHE A 230 -6.67 -7.11 -1.60
N GLN A 231 -6.99 -8.09 -2.45
CA GLN A 231 -7.01 -7.91 -3.91
C GLN A 231 -8.36 -7.41 -4.43
N GLY A 238 -11.45 -9.22 -2.27
CA GLY A 238 -10.48 -10.31 -2.35
C GLY A 238 -9.51 -10.35 -1.18
N SER A 239 -9.67 -11.34 -0.31
CA SER A 239 -8.80 -11.49 0.86
C SER A 239 -8.29 -12.92 1.01
N ARG A 240 -7.05 -13.15 0.56
CA ARG A 240 -6.41 -14.45 0.68
C ARG A 240 -5.35 -14.40 1.76
N VAL A 241 -5.51 -15.24 2.78
CA VAL A 241 -4.55 -15.28 3.87
C VAL A 241 -3.39 -16.18 3.45
N LEU A 242 -2.33 -15.54 2.97
CA LEU A 242 -1.14 -16.23 2.49
C LEU A 242 -0.18 -16.62 3.60
N ASP A 243 -0.04 -17.93 3.84
CA ASP A 243 0.85 -18.44 4.87
C ASP A 243 2.28 -18.12 4.43
N ARG A 244 2.91 -17.18 5.12
CA ARG A 244 4.26 -16.76 4.78
C ARG A 244 5.29 -17.72 5.37
N ALA A 245 4.82 -18.85 5.89
CA ALA A 245 5.69 -19.86 6.47
C ALA A 245 5.81 -21.06 5.54
N ASN A 246 4.71 -21.79 5.39
CA ASN A 246 4.68 -22.96 4.51
C ASN A 246 4.38 -22.52 3.08
N ASN A 247 4.31 -21.21 2.88
CA ASN A 247 4.04 -20.61 1.58
C ASN A 247 2.83 -21.26 0.92
N VAL A 248 1.68 -21.17 1.58
CA VAL A 248 0.44 -21.73 1.06
C VAL A 248 -0.73 -20.84 1.47
N GLU A 249 -1.65 -20.62 0.55
CA GLU A 249 -2.82 -19.77 0.82
C GLU A 249 -3.86 -20.51 1.66
N LEU A 250 -4.26 -19.90 2.78
CA LEU A 250 -5.26 -20.49 3.66
C LEU A 250 -6.65 -20.37 3.01
N GLU B 17 8.25 -6.34 27.69
CA GLU B 17 6.99 -5.93 27.00
C GLU B 17 7.25 -4.76 26.07
N ASP B 18 8.53 -4.44 25.86
CA ASP B 18 8.95 -3.34 25.00
C ASP B 18 8.49 -3.54 23.55
N GLY B 19 8.38 -4.80 23.13
CA GLY B 19 7.94 -5.08 21.78
C GLY B 19 6.44 -5.05 21.70
N PHE B 20 5.80 -4.45 22.70
CA PHE B 20 4.35 -4.35 22.75
C PHE B 20 3.87 -2.89 22.82
N THR B 21 4.81 -1.96 22.81
CA THR B 21 4.46 -0.56 22.87
C THR B 21 3.86 -0.06 21.56
N ALA B 22 3.05 0.99 21.65
CA ALA B 22 2.43 1.58 20.47
C ALA B 22 3.50 1.89 19.42
N GLU B 23 4.55 2.59 19.85
CA GLU B 23 5.62 2.98 18.98
C GLU B 23 6.23 1.81 18.22
N HIS B 24 6.61 0.76 18.94
CA HIS B 24 7.21 -0.40 18.32
C HIS B 24 6.27 -1.15 17.38
N LEU B 25 5.03 -1.37 17.83
CA LEU B 25 4.04 -2.07 17.02
C LEU B 25 3.74 -1.32 15.73
N ALA B 26 3.69 0.00 15.82
CA ALA B 26 3.44 0.80 14.63
C ALA B 26 4.58 0.51 13.66
N ALA B 27 5.81 0.69 14.16
CA ALA B 27 7.02 0.47 13.37
C ALA B 27 7.07 -0.93 12.76
N GLU B 28 6.55 -1.91 13.48
CA GLU B 28 6.54 -3.28 13.01
C GLU B 28 5.55 -3.41 11.85
N ALA B 29 4.36 -2.85 12.03
CA ALA B 29 3.32 -2.87 10.99
C ALA B 29 3.81 -2.16 9.73
N MSE B 30 4.54 -1.08 9.92
CA MSE B 30 5.05 -0.31 8.78
C MSE B 30 6.17 -1.06 8.07
O MSE B 30 6.23 -1.06 6.83
CB MSE B 30 5.54 1.05 9.24
CG MSE B 30 4.44 1.85 9.91
SE MSE B 30 4.87 3.69 10.17
CE MSE B 30 4.44 4.33 8.39
N ALA B 31 7.05 -1.69 8.83
CA ALA B 31 8.15 -2.43 8.21
C ALA B 31 7.61 -3.55 7.34
N ALA B 32 6.48 -4.11 7.74
CA ALA B 32 5.86 -5.20 6.99
C ALA B 32 4.96 -4.73 5.85
N ASP B 33 4.79 -3.41 5.72
CA ASP B 33 3.94 -2.86 4.67
C ASP B 33 4.71 -2.69 3.35
N MSE B 34 5.08 -3.82 2.78
CA MSE B 34 5.81 -3.86 1.50
C MSE B 34 5.00 -4.70 0.53
O MSE B 34 4.43 -5.72 0.92
CB MSE B 34 7.19 -4.48 1.69
CG MSE B 34 8.16 -3.64 2.50
SE MSE B 34 8.70 -2.01 1.60
CE MSE B 34 10.43 -2.58 0.95
N ASP B 35 4.96 -4.30 -0.74
CA ASP B 35 4.22 -5.08 -1.73
C ASP B 35 4.98 -6.38 -2.01
N PRO B 36 4.26 -7.41 -2.47
CA PRO B 36 4.87 -8.70 -2.78
C PRO B 36 5.70 -8.69 -4.06
N TRP B 37 6.56 -9.70 -4.18
CA TRP B 37 7.42 -9.83 -5.35
C TRP B 37 6.96 -11.02 -6.19
N LEU B 38 7.35 -11.05 -7.46
CA LEU B 38 7.05 -12.16 -8.35
C LEU B 38 8.32 -12.97 -8.21
N VAL B 39 8.20 -14.20 -7.74
CA VAL B 39 9.39 -14.99 -7.51
C VAL B 39 9.50 -16.36 -8.18
N PHE B 40 10.73 -16.72 -8.52
CA PHE B 40 11.04 -18.01 -9.09
C PHE B 40 12.32 -18.49 -8.40
N ASP B 41 12.15 -19.34 -7.39
CA ASP B 41 13.29 -19.87 -6.63
C ASP B 41 13.74 -21.20 -7.22
N ALA B 42 14.90 -21.19 -7.84
CA ALA B 42 15.46 -22.39 -8.46
C ALA B 42 15.72 -23.51 -7.44
N ARG B 43 15.61 -23.19 -6.15
CA ARG B 43 15.85 -24.20 -5.12
C ARG B 43 14.59 -25.01 -4.82
N THR B 44 13.43 -24.37 -4.93
CA THR B 44 12.17 -25.03 -4.65
C THR B 44 11.35 -25.27 -5.92
N THR B 45 11.94 -24.99 -7.08
CA THR B 45 11.22 -25.17 -8.34
C THR B 45 12.10 -25.72 -9.47
N PRO B 46 11.56 -26.65 -10.27
CA PRO B 46 12.31 -27.24 -11.38
C PRO B 46 12.68 -26.18 -12.40
N ALA B 47 13.96 -26.14 -12.75
CA ALA B 47 14.49 -25.18 -13.71
C ALA B 47 13.72 -25.18 -15.03
N THR B 48 13.36 -26.37 -15.50
CA THR B 48 12.65 -26.52 -16.76
C THR B 48 11.33 -25.80 -16.80
N GLU B 49 10.97 -25.13 -15.71
CA GLU B 49 9.73 -24.38 -15.64
C GLU B 49 10.01 -22.89 -15.76
N LEU B 50 11.28 -22.51 -15.74
CA LEU B 50 11.66 -21.10 -15.82
C LEU B 50 11.15 -20.43 -17.09
N ASP B 51 11.31 -21.09 -18.23
CA ASP B 51 10.89 -20.51 -19.49
C ASP B 51 9.43 -20.04 -19.51
N ALA B 52 8.51 -20.85 -18.97
CA ALA B 52 7.10 -20.45 -18.95
C ALA B 52 6.92 -19.27 -18.01
N TRP B 53 7.60 -19.31 -16.87
CA TRP B 53 7.52 -18.24 -15.89
C TRP B 53 8.00 -16.93 -16.55
N LEU B 54 9.09 -16.99 -17.31
CA LEU B 54 9.58 -15.79 -17.97
C LEU B 54 8.58 -15.35 -19.06
N ALA B 55 8.05 -16.32 -19.80
CA ALA B 55 7.10 -15.99 -20.87
C ALA B 55 5.88 -15.27 -20.29
N LYS B 56 5.44 -15.71 -19.11
CA LYS B 56 4.28 -15.12 -18.48
C LYS B 56 4.54 -13.77 -17.81
N TYR B 57 5.67 -13.65 -17.11
CA TYR B 57 5.96 -12.41 -16.42
C TYR B 57 7.11 -11.54 -16.93
N PRO B 58 7.11 -11.18 -18.23
CA PRO B 58 8.20 -10.33 -18.71
C PRO B 58 8.13 -8.98 -17.97
N PRO B 59 9.28 -8.46 -17.51
CA PRO B 59 9.33 -7.20 -16.78
C PRO B 59 8.80 -5.94 -17.46
N SER B 60 8.81 -5.91 -18.79
CA SER B 60 8.31 -4.72 -19.49
C SER B 60 6.79 -4.63 -19.40
N GLN B 61 6.14 -5.75 -19.07
CA GLN B 61 4.68 -5.75 -18.96
C GLN B 61 4.19 -5.86 -17.52
N VAL B 62 4.93 -6.54 -16.66
CA VAL B 62 4.49 -6.66 -15.29
C VAL B 62 4.31 -5.25 -14.77
N THR B 63 3.09 -4.93 -14.34
CA THR B 63 2.81 -3.59 -13.86
C THR B 63 3.01 -3.37 -12.37
N ARG B 64 3.75 -2.30 -12.06
CA ARG B 64 4.06 -1.94 -10.69
C ARG B 64 2.84 -1.97 -9.77
N TYR B 65 1.72 -1.43 -10.26
CA TYR B 65 0.51 -1.37 -9.46
C TYR B 65 -0.64 -2.21 -9.92
N GLY B 66 -0.39 -3.12 -10.84
CA GLY B 66 -1.43 -4.00 -11.34
C GLY B 66 -2.41 -3.35 -12.29
N ASP B 67 -1.89 -2.53 -13.19
CA ASP B 67 -2.73 -1.86 -14.18
C ASP B 67 -3.60 -2.89 -14.90
N PRO B 68 -4.78 -2.46 -15.37
CA PRO B 68 -5.66 -3.39 -16.08
C PRO B 68 -4.87 -3.96 -17.27
N GLY B 69 -5.21 -5.18 -17.68
CA GLY B 69 -4.49 -5.76 -18.80
C GLY B 69 -3.00 -5.85 -18.51
N SER B 70 -2.64 -6.84 -17.69
CA SER B 70 -1.26 -7.10 -17.30
C SER B 70 -1.23 -8.45 -16.61
N PRO B 71 -0.08 -9.14 -16.62
CA PRO B 71 0.01 -10.46 -15.98
C PRO B 71 -0.39 -10.38 -14.50
N ASN B 72 -0.04 -9.27 -13.86
CA ASN B 72 -0.33 -9.08 -12.44
C ASN B 72 -1.47 -8.10 -12.20
N SER B 73 -2.43 -8.51 -11.38
CA SER B 73 -3.58 -7.67 -11.08
C SER B 73 -3.33 -6.76 -9.88
N GLU B 74 -2.33 -7.08 -9.09
CA GLU B 74 -2.01 -6.31 -7.91
C GLU B 74 -0.62 -5.68 -7.98
N PRO B 75 -0.31 -4.76 -7.07
CA PRO B 75 1.00 -4.09 -7.03
C PRO B 75 2.16 -5.08 -6.90
N VAL B 76 3.29 -4.73 -7.52
CA VAL B 76 4.48 -5.55 -7.49
C VAL B 76 5.74 -4.70 -7.28
N GLY B 77 6.46 -4.95 -6.19
CA GLY B 77 7.65 -4.19 -5.92
C GLY B 77 8.82 -4.54 -6.81
N TRP B 78 9.11 -5.83 -6.91
CA TRP B 78 10.20 -6.32 -7.74
C TRP B 78 9.91 -7.71 -8.26
N ILE B 79 10.61 -8.09 -9.32
CA ILE B 79 10.51 -9.42 -9.89
C ILE B 79 11.86 -10.05 -9.56
N ALA B 80 11.87 -11.24 -9.00
CA ALA B 80 13.14 -11.84 -8.61
C ALA B 80 13.35 -13.30 -8.91
N VAL B 81 14.62 -13.68 -8.99
CA VAL B 81 14.98 -15.06 -9.22
C VAL B 81 16.10 -15.45 -8.27
N TYR B 82 15.90 -16.54 -7.54
CA TYR B 82 16.89 -17.07 -6.61
C TYR B 82 17.33 -18.42 -7.14
N GLY B 83 18.63 -18.61 -7.32
CA GLY B 83 19.11 -19.88 -7.82
C GLY B 83 19.41 -20.84 -6.70
N GLN B 84 20.29 -21.81 -6.96
CA GLN B 84 20.67 -22.79 -5.95
C GLN B 84 21.65 -22.15 -4.97
N GLY B 85 22.54 -21.32 -5.50
CA GLY B 85 23.52 -20.65 -4.66
C GLY B 85 22.99 -19.44 -3.92
N TYR B 86 22.18 -19.68 -2.89
CA TYR B 86 21.61 -18.59 -2.12
C TYR B 86 21.16 -19.00 -0.73
N SER B 87 21.53 -18.20 0.26
CA SER B 87 21.17 -18.44 1.66
C SER B 87 21.28 -17.12 2.42
N PRO B 88 20.84 -17.09 3.69
CA PRO B 88 20.91 -15.87 4.49
C PRO B 88 22.29 -15.22 4.53
N ASN B 89 22.32 -13.96 4.99
CA ASN B 89 23.55 -13.19 5.06
C ASN B 89 24.28 -13.23 6.40
N SER B 90 23.56 -12.89 7.47
CA SER B 90 24.09 -12.86 8.84
C SER B 90 24.74 -11.51 9.14
N GLY B 91 24.12 -10.43 8.67
CA GLY B 91 24.66 -9.10 8.90
C GLY B 91 23.91 -8.28 9.92
N ASP B 92 24.66 -7.56 10.75
CA ASP B 92 24.09 -6.72 11.80
C ASP B 92 23.69 -5.34 11.29
N VAL B 93 22.52 -5.27 10.67
CA VAL B 93 22.00 -4.03 10.11
C VAL B 93 21.69 -2.99 11.18
N GLN B 94 21.07 -3.43 12.28
CA GLN B 94 20.74 -2.50 13.35
C GLN B 94 22.04 -1.88 13.83
N GLY B 95 23.03 -2.73 14.10
CA GLY B 95 24.31 -2.22 14.55
C GLY B 95 24.93 -1.29 13.54
N LEU B 96 24.96 -1.70 12.27
CA LEU B 96 25.52 -0.89 11.20
C LEU B 96 24.88 0.50 11.19
N GLN B 97 23.56 0.51 11.19
CA GLN B 97 22.80 1.77 11.17
C GLN B 97 23.03 2.61 12.43
N ALA B 98 23.41 1.97 13.54
CA ALA B 98 23.67 2.69 14.78
C ALA B 98 25.03 3.36 14.71
N ALA B 99 25.89 2.85 13.82
CA ALA B 99 27.21 3.41 13.65
C ALA B 99 27.15 4.62 12.73
N TRP B 100 26.38 4.49 11.64
CA TRP B 100 26.24 5.57 10.68
C TRP B 100 25.71 6.83 11.36
N GLU B 101 24.73 6.64 12.23
CA GLU B 101 24.14 7.76 12.96
C GLU B 101 25.17 8.34 13.93
N ALA B 102 26.01 7.47 14.49
CA ALA B 102 27.04 7.89 15.42
C ALA B 102 28.20 8.54 14.68
N LEU B 103 28.57 7.97 13.55
CA LEU B 103 29.67 8.49 12.73
C LEU B 103 29.46 9.96 12.40
N GLN B 104 28.24 10.30 12.03
CA GLN B 104 27.90 11.67 11.68
C GLN B 104 28.06 12.56 12.92
N THR B 105 27.52 12.09 14.05
CA THR B 105 27.62 12.83 15.32
C THR B 105 29.09 12.95 15.69
N SER B 106 29.87 11.96 15.27
CA SER B 106 31.30 11.94 15.52
C SER B 106 31.92 13.16 14.85
N GLY B 107 32.90 13.77 15.52
CA GLY B 107 33.55 14.93 14.94
C GLY B 107 34.06 14.64 13.55
N ARG B 108 34.80 13.54 13.41
CA ARG B 108 35.35 13.12 12.13
C ARG B 108 34.24 12.98 11.10
N PRO B 109 34.40 13.62 9.93
CA PRO B 109 33.37 13.53 8.88
C PRO B 109 33.08 12.10 8.45
N ILE B 110 32.82 11.91 7.16
CA ILE B 110 32.53 10.57 6.66
C ILE B 110 33.27 10.32 5.34
N THR B 111 34.02 9.23 5.30
CA THR B 111 34.78 8.90 4.11
C THR B 111 34.47 7.48 3.64
N PRO B 112 34.79 7.19 2.37
CA PRO B 112 34.55 5.87 1.79
C PRO B 112 35.19 4.76 2.61
N GLY B 113 36.34 5.07 3.20
CA GLY B 113 37.07 4.10 4.00
C GLY B 113 36.37 3.58 5.23
N THR B 114 35.80 4.49 6.03
CA THR B 114 35.10 4.07 7.25
C THR B 114 33.83 3.31 6.89
N LEU B 115 33.24 3.67 5.75
CA LEU B 115 32.02 3.00 5.30
C LEU B 115 32.34 1.56 5.06
N ARG B 116 33.53 1.30 4.53
CA ARG B 116 33.97 -0.06 4.25
C ARG B 116 34.26 -0.78 5.56
N GLN B 117 34.94 -0.09 6.47
CA GLN B 117 35.27 -0.69 7.76
C GLN B 117 33.97 -1.08 8.42
N LEU B 118 33.02 -0.15 8.41
CA LEU B 118 31.70 -0.40 8.99
C LEU B 118 31.11 -1.71 8.46
N ALA B 119 30.96 -1.80 7.15
CA ALA B 119 30.39 -2.98 6.51
C ALA B 119 31.11 -4.26 6.96
N ILE B 120 32.42 -4.16 7.10
CA ILE B 120 33.23 -5.29 7.54
C ILE B 120 32.97 -5.53 9.02
N THR B 121 33.02 -4.47 9.82
CA THR B 121 32.80 -4.56 11.25
C THR B 121 31.43 -5.20 11.56
N HIS B 122 30.42 -4.89 10.74
CA HIS B 122 29.10 -5.45 10.98
C HIS B 122 28.71 -6.57 10.04
N HIS B 123 29.68 -7.02 9.24
CA HIS B 123 29.47 -8.11 8.31
C HIS B 123 28.30 -7.91 7.34
N VAL B 124 28.13 -6.66 6.90
CA VAL B 124 27.06 -6.31 5.95
C VAL B 124 27.79 -5.82 4.69
N LEU B 125 28.47 -6.75 4.03
CA LEU B 125 29.25 -6.43 2.85
C LEU B 125 28.52 -6.48 1.51
N SER B 126 27.49 -7.32 1.43
CA SER B 126 26.74 -7.47 0.19
C SER B 126 26.50 -6.17 -0.57
N GLY B 127 26.60 -6.24 -1.90
CA GLY B 127 26.39 -5.07 -2.73
C GLY B 127 25.62 -5.41 -4.00
N LYS B 128 25.65 -4.52 -4.98
CA LYS B 128 24.90 -4.78 -6.20
C LYS B 128 25.39 -4.20 -7.51
N TRP B 129 25.29 -5.02 -8.55
CA TRP B 129 25.62 -4.63 -9.90
C TRP B 129 24.31 -4.07 -10.47
N LEU B 130 24.31 -2.79 -10.84
CA LEU B 130 23.13 -2.13 -11.37
C LEU B 130 23.24 -1.85 -12.88
N MSE B 131 22.07 -1.71 -13.53
CA MSE B 131 22.01 -1.47 -14.96
C MSE B 131 20.63 -0.99 -15.36
O MSE B 131 19.63 -1.39 -14.77
CB MSE B 131 22.33 -2.76 -15.70
CG MSE B 131 21.31 -3.85 -15.40
SE MSE B 131 21.82 -5.59 -16.05
CE MSE B 131 22.90 -6.17 -14.55
N HIS B 132 20.57 -0.13 -16.38
CA HIS B 132 19.29 0.38 -16.87
C HIS B 132 19.03 -0.06 -18.30
N LEU B 133 17.81 -0.53 -18.54
CA LEU B 133 17.40 -0.97 -19.86
C LEU B 133 16.06 -0.33 -20.16
N ALA B 134 15.89 0.09 -21.41
CA ALA B 134 14.64 0.71 -21.81
C ALA B 134 13.62 -0.41 -21.89
N PRO B 135 12.40 -0.16 -21.39
CA PRO B 135 11.39 -1.23 -21.46
C PRO B 135 11.26 -1.74 -22.88
N GLY B 136 10.93 -3.02 -23.03
CA GLY B 136 10.81 -3.59 -24.35
C GLY B 136 11.55 -4.90 -24.48
N PHE B 137 11.70 -5.37 -25.71
CA PHE B 137 12.36 -6.64 -25.97
C PHE B 137 13.81 -6.70 -25.52
N LYS B 138 14.51 -5.57 -25.56
CA LYS B 138 15.89 -5.55 -25.12
C LYS B 138 15.95 -5.95 -23.64
N LEU B 139 15.05 -5.34 -22.86
CA LEU B 139 14.98 -5.64 -21.44
C LEU B 139 14.57 -7.11 -21.18
N ASP B 140 13.43 -7.52 -21.71
CA ASP B 140 12.93 -8.88 -21.49
C ASP B 140 13.95 -9.95 -21.88
N HIS B 141 14.57 -9.76 -23.04
CA HIS B 141 15.56 -10.69 -23.52
C HIS B 141 16.71 -10.73 -22.51
N ALA B 142 17.17 -9.54 -22.11
CA ALA B 142 18.26 -9.44 -21.14
C ALA B 142 17.90 -10.18 -19.85
N TRP B 143 16.76 -9.81 -19.27
CA TRP B 143 16.30 -10.41 -18.04
C TRP B 143 16.28 -11.94 -18.10
N ALA B 144 15.88 -12.49 -19.24
CA ALA B 144 15.84 -13.93 -19.41
C ALA B 144 17.21 -14.56 -19.19
N GLY B 145 18.22 -13.99 -19.84
CA GLY B 145 19.58 -14.51 -19.68
C GLY B 145 20.08 -14.36 -18.25
N ILE B 146 19.74 -13.24 -17.62
CA ILE B 146 20.15 -12.99 -16.24
C ILE B 146 19.45 -14.00 -15.34
N ALA B 147 18.18 -14.27 -15.63
CA ALA B 147 17.41 -15.25 -14.88
C ALA B 147 17.95 -16.66 -15.12
N ARG B 148 18.29 -16.95 -16.37
CA ARG B 148 18.80 -18.26 -16.75
C ARG B 148 20.08 -18.58 -15.98
N ALA B 149 21.05 -17.67 -16.08
CA ALA B 149 22.34 -17.83 -15.42
C ALA B 149 22.16 -18.18 -13.93
N VAL B 150 21.27 -17.47 -13.25
CA VAL B 150 21.02 -17.73 -11.85
C VAL B 150 20.68 -19.21 -11.64
N VAL B 151 19.68 -19.69 -12.36
CA VAL B 151 19.24 -21.08 -12.25
C VAL B 151 20.28 -22.03 -12.88
N GLU B 152 21.48 -21.50 -13.13
CA GLU B 152 22.57 -22.28 -13.70
C GLU B 152 23.76 -22.29 -12.72
N GLY B 153 23.61 -21.55 -11.63
CA GLY B 153 24.68 -21.47 -10.65
C GLY B 153 25.55 -20.25 -10.82
N ARG B 154 25.73 -19.79 -12.06
CA ARG B 154 26.55 -18.62 -12.33
C ARG B 154 26.16 -17.47 -11.40
N LEU B 155 24.91 -17.04 -11.45
CA LEU B 155 24.46 -15.97 -10.57
C LEU B 155 23.77 -16.58 -9.37
N GLN B 156 23.64 -15.81 -8.30
CA GLN B 156 23.03 -16.30 -7.07
C GLN B 156 21.63 -15.75 -6.83
N VAL B 157 21.44 -14.49 -7.22
CA VAL B 157 20.16 -13.83 -7.03
C VAL B 157 20.13 -12.57 -7.88
N ALA B 158 18.96 -12.28 -8.45
CA ALA B 158 18.81 -11.09 -9.27
C ALA B 158 17.35 -10.70 -9.32
N LYS B 159 17.10 -9.41 -9.37
CA LYS B 159 15.73 -8.92 -9.43
C LYS B 159 15.63 -7.82 -10.48
N VAL B 160 14.41 -7.53 -10.94
CA VAL B 160 14.21 -6.49 -11.93
C VAL B 160 13.10 -5.48 -11.59
N SER B 161 13.36 -4.22 -11.91
CA SER B 161 12.44 -3.12 -11.67
C SER B 161 11.15 -3.26 -12.49
N PRO B 162 9.98 -3.11 -11.84
CA PRO B 162 8.72 -3.22 -12.57
C PRO B 162 8.39 -1.90 -13.27
N ARG B 163 7.69 -1.97 -14.40
CA ARG B 163 7.33 -0.78 -15.17
C ARG B 163 6.61 0.27 -14.33
N ALA B 164 7.17 1.48 -14.30
CA ALA B 164 6.61 2.60 -13.53
C ALA B 164 5.67 3.47 -14.37
N LYS B 165 4.55 3.86 -13.78
CA LYS B 165 3.57 4.68 -14.47
C LYS B 165 4.14 5.96 -15.06
N GLU B 166 4.55 6.90 -14.22
CA GLU B 166 5.12 8.14 -14.71
C GLU B 166 6.44 7.85 -15.40
N GLY B 167 6.43 7.87 -16.73
CA GLY B 167 7.61 7.61 -17.52
C GLY B 167 8.71 6.86 -16.79
N GLY B 168 9.88 7.45 -16.72
CA GLY B 168 10.99 6.81 -16.02
C GLY B 168 11.43 5.51 -16.68
N ARG B 169 12.41 4.85 -16.06
CA ARG B 169 12.95 3.60 -16.57
C ARG B 169 12.68 2.39 -15.68
N GLN B 170 13.53 1.38 -15.83
CA GLN B 170 13.46 0.15 -15.07
C GLN B 170 14.89 -0.32 -14.88
N VAL B 171 15.17 -0.97 -13.76
CA VAL B 171 16.52 -1.42 -13.45
C VAL B 171 16.64 -2.89 -13.07
N ILE B 172 17.78 -3.47 -13.40
CA ILE B 172 18.08 -4.85 -13.04
C ILE B 172 19.20 -4.79 -12.00
N CYS B 173 19.06 -5.57 -10.94
CA CYS B 173 20.04 -5.61 -9.87
C CYS B 173 20.61 -7.01 -9.68
N VAL B 174 21.94 -7.10 -9.75
CA VAL B 174 22.64 -8.38 -9.57
C VAL B 174 23.59 -8.21 -8.39
N TYR B 175 23.17 -8.71 -7.23
CA TYR B 175 23.93 -8.60 -6.00
C TYR B 175 25.12 -9.52 -5.83
N THR B 176 25.91 -9.21 -4.82
CA THR B 176 27.05 -10.01 -4.41
C THR B 176 27.08 -9.91 -2.87
N ASP B 177 27.55 -10.96 -2.22
CA ASP B 177 27.60 -10.99 -0.77
C ASP B 177 28.74 -10.21 -0.11
N ASP B 178 29.78 -9.88 -0.87
CA ASP B 178 30.91 -9.16 -0.30
C ASP B 178 31.54 -8.20 -1.31
N PHE B 179 31.30 -6.91 -1.13
CA PHE B 179 31.85 -5.93 -2.04
C PHE B 179 33.38 -5.83 -1.99
N THR B 180 34.00 -6.56 -1.08
CA THR B 180 35.46 -6.52 -0.99
C THR B 180 36.08 -7.74 -1.66
N ASP B 181 35.22 -8.64 -2.12
CA ASP B 181 35.66 -9.87 -2.78
C ASP B 181 35.66 -9.66 -4.31
N ARG B 182 36.67 -8.97 -4.80
CA ARG B 182 36.80 -8.65 -6.21
C ARG B 182 36.58 -9.76 -7.25
N LEU B 183 37.08 -10.96 -6.99
CA LEU B 183 36.91 -12.03 -7.95
C LEU B 183 35.45 -12.41 -8.15
N GLY B 184 34.72 -12.58 -7.05
CA GLY B 184 33.32 -12.92 -7.15
C GLY B 184 32.56 -11.85 -7.93
N VAL B 185 33.01 -10.62 -7.80
CA VAL B 185 32.38 -9.49 -8.49
C VAL B 185 32.61 -9.60 -10.00
N LEU B 186 33.84 -9.96 -10.38
CA LEU B 186 34.21 -10.10 -11.79
C LEU B 186 33.38 -11.20 -12.43
N GLU B 187 33.24 -12.30 -11.70
CA GLU B 187 32.46 -13.43 -12.19
C GLU B 187 31.00 -12.98 -12.28
N ALA B 188 30.61 -12.04 -11.44
CA ALA B 188 29.25 -11.51 -11.47
C ALA B 188 29.16 -10.55 -12.66
N ASP B 189 30.31 -10.07 -13.12
CA ASP B 189 30.37 -9.16 -14.25
C ASP B 189 30.30 -10.00 -15.53
N SER B 190 31.03 -11.12 -15.52
CA SER B 190 31.07 -12.01 -16.67
C SER B 190 29.71 -12.62 -17.04
N ALA B 191 28.94 -13.04 -16.04
CA ALA B 191 27.64 -13.64 -16.30
C ALA B 191 26.71 -12.63 -16.97
N ILE B 192 26.79 -11.37 -16.55
CA ILE B 192 25.97 -10.34 -17.13
C ILE B 192 26.30 -10.15 -18.63
N ARG B 193 27.58 -10.16 -18.97
CA ARG B 193 27.98 -9.98 -20.37
C ARG B 193 27.71 -11.28 -21.10
N ALA B 194 27.91 -12.39 -20.41
CA ALA B 194 27.65 -13.70 -21.01
C ALA B 194 26.16 -13.81 -21.32
N ALA B 195 25.37 -12.88 -20.77
CA ALA B 195 23.93 -12.87 -20.98
C ALA B 195 23.55 -11.87 -22.10
N GLY B 196 24.21 -10.72 -22.15
CA GLY B 196 23.90 -9.79 -23.22
C GLY B 196 23.89 -8.30 -22.94
N ILE B 197 23.97 -7.90 -21.67
CA ILE B 197 23.94 -6.47 -21.36
C ILE B 197 25.27 -5.81 -21.74
N LYS B 198 25.16 -4.67 -22.42
CA LYS B 198 26.35 -3.93 -22.88
C LYS B 198 26.44 -2.53 -22.32
N CYS B 199 25.41 -2.11 -21.59
CA CYS B 199 25.37 -0.79 -21.01
C CYS B 199 26.27 -0.64 -19.78
N LEU B 200 26.43 0.59 -19.32
CA LEU B 200 27.25 0.89 -18.15
C LEU B 200 26.78 0.03 -16.98
N LEU B 201 27.73 -0.38 -16.15
CA LEU B 201 27.44 -1.19 -15.00
C LEU B 201 28.20 -0.72 -13.77
N THR B 202 27.56 0.13 -12.97
CA THR B 202 28.15 0.65 -11.75
C THR B 202 27.79 -0.28 -10.60
N TYR B 203 28.46 -0.09 -9.46
CA TYR B 203 28.21 -0.94 -8.29
C TYR B 203 28.03 -0.16 -6.99
N LYS B 204 26.86 -0.35 -6.37
CA LYS B 204 26.50 0.32 -5.13
C LYS B 204 26.30 -0.69 -4.02
N PRO B 205 27.06 -0.56 -2.92
CA PRO B 205 26.95 -1.48 -1.78
C PRO B 205 25.77 -1.30 -0.83
N ASP B 206 25.30 -2.42 -0.29
CA ASP B 206 24.18 -2.38 0.66
C ASP B 206 24.41 -1.33 1.74
N VAL B 207 25.64 -1.25 2.27
CA VAL B 207 25.93 -0.28 3.31
C VAL B 207 25.49 1.10 2.82
N TYR B 208 25.87 1.45 1.59
CA TYR B 208 25.45 2.74 1.04
C TYR B 208 23.93 2.81 1.00
N THR B 209 23.33 1.87 0.27
CA THR B 209 21.88 1.81 0.14
C THR B 209 21.21 1.76 1.52
N TYR B 210 21.91 1.18 2.48
CA TYR B 210 21.40 1.08 3.85
C TYR B 210 21.62 2.41 4.56
N LEU B 211 22.88 2.82 4.67
CA LEU B 211 23.20 4.08 5.34
C LEU B 211 22.79 5.26 4.46
N GLY B 212 21.60 5.13 3.85
CA GLY B 212 21.05 6.16 3.00
C GLY B 212 22.04 6.97 2.16
N ILE B 213 22.77 6.31 1.28
CA ILE B 213 23.73 7.02 0.45
C ILE B 213 23.45 6.83 -1.05
N TYR B 214 23.08 7.92 -1.71
CA TYR B 214 22.78 7.90 -3.13
C TYR B 214 23.62 8.93 -3.86
N ARG B 215 23.52 8.97 -5.19
CA ARG B 215 24.33 9.91 -5.99
C ARG B 215 24.29 11.34 -5.49
N ALA B 216 23.34 11.65 -4.62
CA ALA B 216 23.27 12.98 -4.05
C ALA B 216 23.36 12.84 -2.54
N ASN B 217 24.46 13.31 -1.95
CA ASN B 217 24.64 13.22 -0.50
C ASN B 217 25.54 14.35 0.02
N ARG B 218 25.31 14.74 1.27
CA ARG B 218 26.07 15.81 1.91
C ARG B 218 27.57 15.69 1.72
N TRP B 219 28.08 14.51 2.06
CA TRP B 219 29.50 14.20 2.01
C TRP B 219 30.12 14.07 0.62
N HIS B 220 29.29 14.18 -0.42
CA HIS B 220 29.80 14.07 -1.77
C HIS B 220 30.52 12.74 -1.93
N LEU B 221 29.90 11.67 -1.43
CA LEU B 221 30.48 10.34 -1.52
C LEU B 221 30.17 9.73 -2.88
N CYS B 222 31.04 8.86 -3.36
CA CYS B 222 30.80 8.20 -4.63
C CYS B 222 30.03 6.94 -4.31
N PRO B 223 28.74 6.92 -4.64
CA PRO B 223 27.93 5.73 -4.36
C PRO B 223 28.38 4.50 -5.16
N THR B 224 29.14 4.72 -6.23
CA THR B 224 29.62 3.61 -7.05
C THR B 224 31.03 3.21 -6.67
N LEU B 225 31.20 1.93 -6.32
CA LEU B 225 32.51 1.42 -5.95
C LEU B 225 33.16 0.73 -7.16
N TYR B 226 32.34 0.17 -8.05
CA TYR B 226 32.86 -0.50 -9.22
C TYR B 226 32.05 -0.20 -10.48
N GLU B 227 32.75 -0.06 -11.60
CA GLU B 227 32.14 0.24 -12.89
C GLU B 227 32.60 -0.75 -13.95
N SER B 228 31.72 -1.03 -14.91
CA SER B 228 32.06 -1.94 -16.01
C SER B 228 31.62 -1.39 -17.37
N ARG B 229 32.59 -0.90 -18.13
CA ARG B 229 32.32 -0.36 -19.45
C ARG B 229 32.51 -1.48 -20.45
N PHE B 230 31.51 -1.74 -21.27
CA PHE B 230 31.68 -2.81 -22.24
C PHE B 230 32.43 -2.31 -23.48
N GLN B 231 33.37 -3.12 -23.93
CA GLN B 231 34.17 -2.73 -25.09
C GLN B 231 33.82 -3.56 -26.33
N LEU B 232 33.36 -2.85 -27.36
CA LEU B 232 32.97 -3.46 -28.63
C LEU B 232 33.93 -3.16 -29.78
N GLY B 233 33.70 -3.82 -30.90
CA GLY B 233 34.54 -3.61 -32.08
C GLY B 233 35.30 -4.83 -32.56
N GLY B 234 35.97 -5.49 -31.63
CA GLY B 234 36.74 -6.67 -32.00
C GLY B 234 38.17 -6.63 -31.49
N SER B 235 38.80 -5.46 -31.57
CA SER B 235 40.17 -5.33 -31.12
C SER B 235 40.30 -4.85 -29.68
N ALA B 236 39.35 -5.30 -28.87
CA ALA B 236 39.28 -5.00 -27.45
C ALA B 236 38.53 -6.14 -26.79
N ARG B 237 39.02 -6.61 -25.65
CA ARG B 237 38.35 -7.70 -24.96
C ARG B 237 36.93 -7.26 -24.61
N GLY B 238 36.32 -7.93 -23.63
CA GLY B 238 34.98 -7.58 -23.22
C GLY B 238 34.89 -6.27 -22.45
N SER B 239 34.62 -6.38 -21.15
CA SER B 239 34.45 -5.22 -20.28
C SER B 239 35.67 -4.72 -19.51
N ARG B 240 35.67 -3.41 -19.22
CA ARG B 240 36.73 -2.78 -18.46
C ARG B 240 36.18 -2.46 -17.06
N VAL B 241 36.65 -3.19 -16.06
CA VAL B 241 36.17 -3.01 -14.70
C VAL B 241 37.13 -2.19 -13.84
N LEU B 242 36.64 -1.08 -13.30
CA LEU B 242 37.45 -0.21 -12.47
C LEU B 242 37.07 -0.31 -11.00
N ASP B 243 37.99 0.11 -10.13
CA ASP B 243 37.77 0.13 -8.68
C ASP B 243 37.89 1.60 -8.33
N ARG B 244 36.88 2.38 -8.70
CA ARG B 244 36.88 3.81 -8.46
C ARG B 244 37.47 4.22 -7.12
N ALA B 245 37.42 3.33 -6.13
CA ALA B 245 37.97 3.64 -4.82
C ALA B 245 39.49 3.49 -4.79
N ASN B 246 40.00 2.43 -5.41
CA ASN B 246 41.43 2.17 -5.41
C ASN B 246 42.13 2.36 -6.75
N ASN B 247 41.37 2.77 -7.76
CA ASN B 247 41.94 2.96 -9.11
C ASN B 247 42.76 1.76 -9.54
N VAL B 248 42.11 0.60 -9.55
CA VAL B 248 42.71 -0.66 -9.94
C VAL B 248 41.89 -1.26 -11.08
N GLU B 249 42.51 -1.41 -12.24
CA GLU B 249 41.79 -1.98 -13.37
C GLU B 249 41.82 -3.49 -13.25
N LEU B 250 40.70 -4.07 -12.81
CA LEU B 250 40.59 -5.51 -12.66
C LEU B 250 40.55 -6.08 -14.08
N THR B 251 40.71 -5.18 -15.05
CA THR B 251 40.68 -5.51 -16.48
C THR B 251 39.24 -5.77 -16.93
N MSE C 30 -39.85 2.55 -1.75
CA MSE C 30 -40.16 3.48 -2.88
C MSE C 30 -38.98 4.43 -3.15
O MSE C 30 -38.84 5.46 -2.48
CB MSE C 30 -41.41 4.30 -2.59
CG MSE C 30 -42.72 3.50 -2.55
SE MSE C 30 -43.18 2.67 -4.24
CE MSE C 30 -43.92 4.20 -5.15
N ALA C 31 -38.17 4.08 -4.13
CA ALA C 31 -37.02 4.91 -4.50
C ALA C 31 -37.24 5.48 -5.90
N ALA C 32 -36.58 6.60 -6.18
CA ALA C 32 -36.70 7.27 -7.47
C ALA C 32 -36.30 6.33 -8.60
N ASP C 33 -35.42 5.38 -8.29
CA ASP C 33 -34.94 4.40 -9.25
C ASP C 33 -34.71 3.06 -8.57
N MSE C 34 -35.58 2.10 -8.89
CA MSE C 34 -35.50 0.76 -8.33
C MSE C 34 -35.42 -0.26 -9.45
O MSE C 34 -35.79 -1.41 -9.27
CB MSE C 34 -36.73 0.48 -7.46
CG MSE C 34 -36.90 1.42 -6.24
SE MSE C 34 -38.08 0.68 -4.89
CE MSE C 34 -39.77 0.96 -5.76
N ASP C 35 -34.92 0.15 -10.60
CA ASP C 35 -34.82 -0.73 -11.75
C ASP C 35 -33.44 -1.35 -12.01
N PRO C 36 -33.36 -2.28 -12.98
CA PRO C 36 -32.09 -2.94 -13.32
C PRO C 36 -31.17 -1.94 -14.02
N TRP C 37 -29.88 -2.23 -13.97
CA TRP C 37 -28.88 -1.39 -14.62
C TRP C 37 -28.10 -2.25 -15.61
N LEU C 38 -27.72 -1.64 -16.73
CA LEU C 38 -26.90 -2.32 -17.73
C LEU C 38 -25.49 -2.04 -17.25
N VAL C 39 -24.76 -3.07 -16.91
CA VAL C 39 -23.43 -2.90 -16.36
C VAL C 39 -22.31 -3.71 -16.99
N PHE C 40 -21.18 -3.05 -17.25
CA PHE C 40 -20.02 -3.78 -17.73
C PHE C 40 -19.07 -3.74 -16.55
N ASP C 41 -18.86 -4.89 -15.92
CA ASP C 41 -17.97 -4.93 -14.76
C ASP C 41 -16.61 -5.41 -15.23
N ALA C 42 -15.67 -4.49 -15.38
CA ALA C 42 -14.34 -4.84 -15.84
C ALA C 42 -13.54 -5.63 -14.79
N ARG C 43 -14.10 -5.75 -13.59
CA ARG C 43 -13.43 -6.50 -12.53
C ARG C 43 -13.65 -7.99 -12.74
N THR C 44 -14.75 -8.33 -13.41
CA THR C 44 -15.09 -9.73 -13.65
C THR C 44 -15.30 -10.06 -15.12
N THR C 45 -15.06 -9.10 -16.01
CA THR C 45 -15.27 -9.33 -17.43
C THR C 45 -14.07 -8.99 -18.31
N PRO C 46 -13.75 -9.88 -19.27
CA PRO C 46 -12.62 -9.71 -20.21
C PRO C 46 -12.81 -8.43 -21.01
N ALA C 47 -11.82 -7.54 -20.91
CA ALA C 47 -11.84 -6.25 -21.60
C ALA C 47 -12.23 -6.36 -23.07
N THR C 48 -11.80 -7.42 -23.73
CA THR C 48 -12.10 -7.60 -25.13
C THR C 48 -13.59 -7.79 -25.39
N GLU C 49 -14.37 -7.78 -24.32
CA GLU C 49 -15.80 -7.94 -24.44
C GLU C 49 -16.51 -6.59 -24.54
N LEU C 50 -15.84 -5.54 -24.09
CA LEU C 50 -16.43 -4.20 -24.11
C LEU C 50 -17.12 -3.81 -25.41
N ASP C 51 -16.34 -3.75 -26.49
CA ASP C 51 -16.87 -3.35 -27.80
C ASP C 51 -18.21 -3.97 -28.19
N ALA C 52 -18.36 -5.28 -28.00
CA ALA C 52 -19.61 -5.95 -28.36
C ALA C 52 -20.72 -5.45 -27.45
N TRP C 53 -20.37 -5.22 -26.20
CA TRP C 53 -21.31 -4.74 -25.20
C TRP C 53 -21.78 -3.33 -25.57
N LEU C 54 -20.82 -2.45 -25.88
CA LEU C 54 -21.13 -1.07 -26.22
C LEU C 54 -22.07 -1.01 -27.41
N ALA C 55 -21.89 -1.95 -28.33
CA ALA C 55 -22.70 -2.02 -29.55
C ALA C 55 -24.10 -2.56 -29.30
N LYS C 56 -24.18 -3.61 -28.51
CA LYS C 56 -25.46 -4.23 -28.21
C LYS C 56 -26.38 -3.32 -27.40
N TYR C 57 -25.81 -2.54 -26.48
CA TYR C 57 -26.59 -1.67 -25.64
C TYR C 57 -26.22 -0.20 -25.73
N PRO C 58 -26.18 0.38 -26.94
CA PRO C 58 -25.82 1.79 -26.96
C PRO C 58 -26.88 2.61 -26.20
N PRO C 59 -26.46 3.64 -25.46
CA PRO C 59 -27.42 4.45 -24.71
C PRO C 59 -28.42 5.18 -25.58
N SER C 60 -27.93 5.87 -26.60
CA SER C 60 -28.82 6.60 -27.50
C SER C 60 -30.01 5.73 -27.90
N GLN C 61 -29.86 4.42 -27.79
CA GLN C 61 -30.93 3.49 -28.14
C GLN C 61 -31.62 2.93 -26.91
N VAL C 62 -30.83 2.57 -25.89
CA VAL C 62 -31.36 2.03 -24.64
C VAL C 62 -32.38 3.02 -24.06
N THR C 63 -33.58 2.56 -23.77
CA THR C 63 -34.61 3.43 -23.22
C THR C 63 -34.87 3.21 -21.75
N ARG C 64 -35.23 4.29 -21.06
CA ARG C 64 -35.50 4.25 -19.63
C ARG C 64 -36.52 3.18 -19.24
N TYR C 65 -37.58 3.01 -20.04
CA TYR C 65 -38.61 2.03 -19.70
C TYR C 65 -38.70 0.79 -20.55
N GLY C 66 -37.67 0.54 -21.34
CA GLY C 66 -37.69 -0.63 -22.19
C GLY C 66 -38.85 -0.63 -23.17
N ASP C 67 -39.05 0.50 -23.84
CA ASP C 67 -40.12 0.65 -24.83
C ASP C 67 -39.94 -0.36 -25.96
N PRO C 68 -41.04 -0.76 -26.61
CA PRO C 68 -40.96 -1.71 -27.72
C PRO C 68 -39.97 -1.15 -28.75
N GLY C 69 -39.07 -1.99 -29.24
CA GLY C 69 -38.10 -1.51 -30.21
C GLY C 69 -36.75 -1.21 -29.59
N SER C 70 -36.67 -1.29 -28.26
CA SER C 70 -35.44 -1.03 -27.53
C SER C 70 -34.56 -2.27 -27.41
N PRO C 71 -33.24 -2.08 -27.24
CA PRO C 71 -32.38 -3.26 -27.11
C PRO C 71 -32.66 -3.93 -25.77
N ASN C 72 -33.18 -3.15 -24.82
CA ASN C 72 -33.54 -3.64 -23.48
C ASN C 72 -35.05 -3.86 -23.33
N SER C 73 -35.46 -5.11 -23.15
CA SER C 73 -36.89 -5.40 -23.01
C SER C 73 -37.43 -5.10 -21.62
N GLU C 74 -36.65 -4.38 -20.82
CA GLU C 74 -37.07 -4.00 -19.47
C GLU C 74 -36.47 -2.65 -19.17
N PRO C 75 -37.17 -1.84 -18.36
CA PRO C 75 -36.65 -0.52 -18.00
C PRO C 75 -35.24 -0.64 -17.41
N VAL C 76 -34.48 0.46 -17.49
CA VAL C 76 -33.12 0.49 -16.98
C VAL C 76 -32.82 1.86 -16.38
N GLY C 77 -32.44 1.89 -15.11
CA GLY C 77 -32.16 3.14 -14.44
C GLY C 77 -30.91 3.83 -14.94
N TRP C 78 -29.86 3.04 -15.21
CA TRP C 78 -28.59 3.56 -15.71
C TRP C 78 -27.85 2.51 -16.50
N ILE C 79 -26.88 2.98 -17.29
CA ILE C 79 -25.98 2.12 -18.06
C ILE C 79 -24.66 2.51 -17.40
N ALA C 80 -23.89 1.51 -16.96
CA ALA C 80 -22.63 1.81 -16.27
C ALA C 80 -21.48 0.87 -16.56
N VAL C 81 -20.26 1.42 -16.44
CA VAL C 81 -19.05 0.63 -16.63
C VAL C 81 -18.22 0.77 -15.36
N TYR C 82 -17.81 -0.38 -14.81
CA TYR C 82 -17.00 -0.38 -13.59
C TYR C 82 -15.60 -0.87 -13.90
N GLY C 83 -14.60 -0.08 -13.51
CA GLY C 83 -13.23 -0.44 -13.75
C GLY C 83 -12.58 -1.04 -12.53
N GLN C 84 -11.28 -1.35 -12.63
CA GLN C 84 -10.57 -1.91 -11.50
C GLN C 84 -10.31 -0.80 -10.49
N GLY C 85 -10.39 -1.16 -9.21
CA GLY C 85 -10.17 -0.19 -8.17
C GLY C 85 -11.43 0.35 -7.53
N TYR C 86 -12.53 0.34 -8.29
CA TYR C 86 -13.78 0.84 -7.75
C TYR C 86 -14.20 0.05 -6.53
N SER C 87 -14.80 0.74 -5.56
CA SER C 87 -15.28 0.10 -4.33
C SER C 87 -16.08 1.09 -3.48
N PRO C 88 -17.04 0.57 -2.69
CA PRO C 88 -17.86 1.43 -1.82
C PRO C 88 -17.04 1.95 -0.65
N ASN C 89 -17.27 3.21 -0.27
CA ASN C 89 -16.55 3.83 0.84
C ASN C 89 -17.40 4.87 1.57
N SER C 90 -18.40 5.41 0.87
CA SER C 90 -19.32 6.42 1.38
C SER C 90 -19.29 6.60 2.90
N GLY C 91 -18.91 7.80 3.34
CA GLY C 91 -18.80 8.11 4.76
C GLY C 91 -20.07 8.23 5.56
N ASP C 92 -20.00 8.93 6.69
CA ASP C 92 -21.14 9.09 7.57
C ASP C 92 -22.18 10.08 7.04
N VAL C 93 -23.08 9.58 6.20
CA VAL C 93 -24.12 10.42 5.63
C VAL C 93 -25.08 10.91 6.71
N GLN C 94 -25.31 10.09 7.73
CA GLN C 94 -26.19 10.47 8.83
C GLN C 94 -25.56 11.62 9.60
N GLY C 95 -24.24 11.55 9.79
CA GLY C 95 -23.53 12.59 10.50
C GLY C 95 -23.44 13.83 9.64
N LEU C 96 -23.06 13.64 8.37
CA LEU C 96 -22.95 14.76 7.45
C LEU C 96 -24.23 15.59 7.51
N GLN C 97 -25.35 14.90 7.68
CA GLN C 97 -26.65 15.57 7.75
C GLN C 97 -26.88 16.20 9.11
N ALA C 98 -26.55 15.47 10.16
CA ALA C 98 -26.72 15.98 11.53
C ALA C 98 -26.06 17.35 11.65
N ALA C 99 -24.88 17.49 11.06
CA ALA C 99 -24.17 18.75 11.09
C ALA C 99 -24.87 19.74 10.17
N TRP C 100 -25.48 19.23 9.11
CA TRP C 100 -26.18 20.07 8.15
C TRP C 100 -27.55 20.55 8.64
N GLU C 101 -28.38 19.61 9.08
CA GLU C 101 -29.71 19.94 9.57
C GLU C 101 -29.62 21.02 10.65
N ALA C 102 -28.63 20.88 11.54
CA ALA C 102 -28.42 21.82 12.62
C ALA C 102 -27.86 23.12 12.08
N LEU C 103 -26.76 23.00 11.35
CA LEU C 103 -26.09 24.15 10.75
C LEU C 103 -27.10 25.13 10.19
N GLN C 104 -28.25 24.60 9.76
CA GLN C 104 -29.30 25.43 9.20
C GLN C 104 -29.97 26.23 10.30
N THR C 105 -30.70 25.54 11.17
CA THR C 105 -31.39 26.19 12.28
C THR C 105 -30.44 26.97 13.17
N SER C 106 -29.14 26.70 13.05
CA SER C 106 -28.13 27.39 13.85
C SER C 106 -28.09 28.87 13.50
N GLY C 107 -28.05 29.15 12.20
CA GLY C 107 -28.02 30.53 11.74
C GLY C 107 -26.71 30.89 11.08
N ARG C 108 -25.64 30.19 11.43
CA ARG C 108 -24.32 30.46 10.85
C ARG C 108 -24.37 30.49 9.32
N PRO C 109 -23.45 31.23 8.68
CA PRO C 109 -23.39 31.35 7.23
C PRO C 109 -23.13 30.05 6.45
N ILE C 110 -23.97 29.79 5.46
CA ILE C 110 -23.83 28.60 4.63
C ILE C 110 -23.09 28.98 3.35
N THR C 111 -21.87 28.49 3.20
CA THR C 111 -21.08 28.80 2.03
C THR C 111 -20.33 27.57 1.51
N PRO C 112 -19.65 27.70 0.36
CA PRO C 112 -18.91 26.56 -0.18
C PRO C 112 -17.91 26.02 0.83
N GLY C 113 -17.46 26.90 1.73
CA GLY C 113 -16.50 26.50 2.74
C GLY C 113 -17.13 25.64 3.83
N THR C 114 -18.34 25.98 4.24
CA THR C 114 -19.02 25.22 5.27
C THR C 114 -19.20 23.78 4.79
N LEU C 115 -19.65 23.62 3.54
CA LEU C 115 -19.86 22.30 2.99
C LEU C 115 -18.54 21.53 2.90
N ARG C 116 -17.50 22.19 2.42
CA ARG C 116 -16.20 21.55 2.29
C ARG C 116 -15.75 21.07 3.67
N GLN C 117 -16.07 21.86 4.69
CA GLN C 117 -15.72 21.53 6.06
C GLN C 117 -16.51 20.28 6.48
N LEU C 118 -17.82 20.31 6.28
CA LEU C 118 -18.66 19.17 6.59
C LEU C 118 -18.17 17.92 5.87
N ALA C 119 -17.93 18.06 4.56
CA ALA C 119 -17.47 16.96 3.71
C ALA C 119 -16.21 16.24 4.19
N ILE C 120 -15.16 17.02 4.47
CA ILE C 120 -13.91 16.44 4.92
C ILE C 120 -14.13 15.79 6.28
N THR C 121 -14.72 16.55 7.19
CA THR C 121 -14.99 16.08 8.55
C THR C 121 -15.82 14.80 8.57
N HIS C 122 -16.90 14.79 7.81
CA HIS C 122 -17.80 13.64 7.76
C HIS C 122 -17.48 12.70 6.62
N HIS C 123 -16.31 12.88 6.02
CA HIS C 123 -15.85 12.03 4.93
C HIS C 123 -16.84 11.81 3.76
N VAL C 124 -16.98 12.83 2.93
CA VAL C 124 -17.85 12.78 1.76
C VAL C 124 -17.04 13.56 0.72
N LEU C 125 -16.03 12.87 0.18
CA LEU C 125 -15.08 13.45 -0.78
C LEU C 125 -15.35 13.12 -2.25
N SER C 126 -16.15 12.09 -2.47
CA SER C 126 -16.50 11.65 -3.81
C SER C 126 -17.33 12.70 -4.55
N GLY C 127 -17.35 12.60 -5.87
CA GLY C 127 -18.10 13.55 -6.68
C GLY C 127 -18.12 13.08 -8.12
N LYS C 128 -18.72 13.86 -9.01
CA LYS C 128 -18.81 13.46 -10.40
C LYS C 128 -18.76 14.60 -11.42
N TRP C 129 -18.08 14.35 -12.53
CA TRP C 129 -17.99 15.31 -13.63
C TRP C 129 -19.27 15.04 -14.43
N LEU C 130 -19.99 16.10 -14.79
CA LEU C 130 -21.22 15.96 -15.59
C LEU C 130 -21.06 16.62 -16.96
N MSE C 131 -21.54 15.94 -17.99
CA MSE C 131 -21.48 16.45 -19.35
C MSE C 131 -22.77 16.08 -20.04
O MSE C 131 -23.44 15.12 -19.63
CB MSE C 131 -20.27 15.87 -20.09
CG MSE C 131 -20.24 14.35 -20.13
SE MSE C 131 -18.46 13.63 -19.85
CE MSE C 131 -18.52 13.60 -17.91
N HIS C 132 -23.14 16.82 -21.08
CA HIS C 132 -24.39 16.57 -21.80
C HIS C 132 -24.26 16.26 -23.28
N LEU C 133 -25.19 15.47 -23.78
CA LEU C 133 -25.21 15.10 -25.19
C LEU C 133 -26.59 14.63 -25.65
N ALA C 134 -26.94 15.02 -26.86
CA ALA C 134 -28.21 14.64 -27.46
C ALA C 134 -28.04 13.22 -27.97
N PRO C 135 -29.12 12.44 -28.04
CA PRO C 135 -28.97 11.07 -28.54
C PRO C 135 -28.31 11.12 -29.92
N GLY C 136 -27.68 10.03 -30.34
CA GLY C 136 -27.03 10.03 -31.63
C GLY C 136 -25.61 9.50 -31.59
N PHE C 137 -24.89 9.68 -32.69
CA PHE C 137 -23.53 9.19 -32.76
C PHE C 137 -22.54 9.88 -31.84
N LYS C 138 -22.72 11.18 -31.57
CA LYS C 138 -21.80 11.87 -30.70
C LYS C 138 -21.90 11.38 -29.26
N LEU C 139 -23.12 11.30 -28.73
CA LEU C 139 -23.32 10.81 -27.38
C LEU C 139 -22.78 9.38 -27.28
N ASP C 140 -23.13 8.53 -28.24
CA ASP C 140 -22.67 7.14 -28.21
C ASP C 140 -21.15 7.06 -28.36
N HIS C 141 -20.61 7.84 -29.29
CA HIS C 141 -19.18 7.86 -29.51
C HIS C 141 -18.49 8.33 -28.23
N ALA C 142 -19.07 9.35 -27.60
CA ALA C 142 -18.52 9.89 -26.37
C ALA C 142 -18.48 8.82 -25.29
N TRP C 143 -19.61 8.14 -25.10
CA TRP C 143 -19.74 7.08 -24.11
C TRP C 143 -18.75 5.95 -24.36
N ALA C 144 -18.59 5.58 -25.62
CA ALA C 144 -17.67 4.51 -26.01
C ALA C 144 -16.23 4.86 -25.57
N GLY C 145 -15.85 6.12 -25.68
CA GLY C 145 -14.52 6.54 -25.27
C GLY C 145 -14.35 6.51 -23.77
N ILE C 146 -15.38 6.93 -23.04
CA ILE C 146 -15.36 6.92 -21.59
C ILE C 146 -15.29 5.47 -21.12
N ALA C 147 -16.20 4.65 -21.62
CA ALA C 147 -16.25 3.23 -21.25
C ALA C 147 -14.88 2.60 -21.45
N ARG C 148 -14.29 2.83 -22.62
CA ARG C 148 -12.98 2.28 -22.90
C ARG C 148 -12.02 2.71 -21.78
N ALA C 149 -11.89 4.02 -21.57
CA ALA C 149 -11.00 4.53 -20.54
C ALA C 149 -11.16 3.78 -19.20
N VAL C 150 -12.42 3.53 -18.80
CA VAL C 150 -12.72 2.84 -17.54
C VAL C 150 -12.15 1.43 -17.57
N VAL C 151 -12.39 0.71 -18.66
CA VAL C 151 -11.88 -0.65 -18.75
C VAL C 151 -10.36 -0.69 -18.75
N GLU C 152 -9.72 0.34 -19.30
CA GLU C 152 -8.27 0.38 -19.32
C GLU C 152 -7.71 0.77 -17.97
N GLY C 153 -8.53 1.46 -17.16
CA GLY C 153 -8.11 1.87 -15.84
C GLY C 153 -7.83 3.34 -15.60
N ARG C 154 -8.21 4.20 -16.54
CA ARG C 154 -7.96 5.63 -16.38
C ARG C 154 -9.17 6.34 -15.79
N LEU C 155 -10.18 5.55 -15.43
CA LEU C 155 -11.41 6.03 -14.82
C LEU C 155 -11.96 4.84 -14.04
N GLN C 156 -12.40 5.10 -12.80
CA GLN C 156 -12.90 4.05 -11.93
C GLN C 156 -14.30 3.55 -12.28
N VAL C 157 -15.18 4.46 -12.65
CA VAL C 157 -16.55 4.10 -13.01
C VAL C 157 -17.22 5.27 -13.73
N ALA C 158 -18.18 4.95 -14.57
CA ALA C 158 -18.92 5.96 -15.33
C ALA C 158 -20.32 5.46 -15.60
N LYS C 159 -21.26 6.40 -15.66
CA LYS C 159 -22.64 6.05 -15.94
C LYS C 159 -23.25 7.01 -16.95
N VAL C 160 -24.13 6.50 -17.81
CA VAL C 160 -24.81 7.34 -18.77
C VAL C 160 -26.30 7.08 -18.62
N SER C 161 -27.10 8.11 -18.82
CA SER C 161 -28.54 7.96 -18.70
C SER C 161 -29.15 7.43 -19.99
N PRO C 162 -30.08 6.48 -19.89
CA PRO C 162 -30.73 5.91 -21.08
C PRO C 162 -31.69 6.92 -21.70
N ARG C 163 -32.17 6.61 -22.91
CA ARG C 163 -33.09 7.48 -23.64
C ARG C 163 -34.45 7.58 -22.93
N ALA C 164 -34.82 8.79 -22.57
CA ALA C 164 -36.10 9.02 -21.90
C ALA C 164 -37.19 9.28 -22.95
N LYS C 165 -38.36 8.69 -22.74
CA LYS C 165 -39.48 8.85 -23.66
C LYS C 165 -39.64 10.28 -24.19
N GLU C 166 -39.50 11.25 -23.30
CA GLU C 166 -39.65 12.66 -23.67
C GLU C 166 -38.44 13.13 -24.48
N GLY C 167 -37.55 12.20 -24.78
CA GLY C 167 -36.36 12.56 -25.55
C GLY C 167 -35.56 13.62 -24.82
N GLY C 168 -34.57 14.20 -25.51
CA GLY C 168 -33.77 15.24 -24.91
C GLY C 168 -32.34 14.76 -24.69
N ARG C 169 -31.51 15.63 -24.12
CA ARG C 169 -30.12 15.28 -23.89
C ARG C 169 -29.96 14.23 -22.80
N GLN C 170 -28.98 13.36 -22.98
CA GLN C 170 -28.68 12.32 -22.00
C GLN C 170 -27.43 12.75 -21.23
N VAL C 171 -27.30 12.29 -20.00
CA VAL C 171 -26.16 12.67 -19.19
C VAL C 171 -25.15 11.55 -18.95
N ILE C 172 -23.87 11.93 -18.98
CA ILE C 172 -22.77 11.01 -18.70
C ILE C 172 -22.10 11.51 -17.44
N CYS C 173 -21.83 10.58 -16.51
CA CYS C 173 -21.20 10.92 -15.25
C CYS C 173 -19.85 10.20 -15.10
N VAL C 174 -18.81 10.97 -14.81
CA VAL C 174 -17.48 10.42 -14.60
C VAL C 174 -17.21 10.63 -13.10
N TYR C 175 -16.98 9.53 -12.39
CA TYR C 175 -16.76 9.57 -10.94
C TYR C 175 -15.30 9.59 -10.50
N THR C 176 -15.00 10.42 -9.50
CA THR C 176 -13.66 10.51 -8.92
C THR C 176 -13.93 10.41 -7.41
N ASP C 177 -12.93 10.00 -6.63
CA ASP C 177 -13.19 9.81 -5.19
C ASP C 177 -12.97 10.94 -4.19
N ASP C 178 -12.28 11.99 -4.59
CA ASP C 178 -12.01 13.10 -3.68
C ASP C 178 -11.96 14.43 -4.43
N PHE C 179 -13.02 15.21 -4.30
CA PHE C 179 -13.07 16.49 -5.01
C PHE C 179 -12.03 17.48 -4.54
N THR C 180 -11.44 17.23 -3.37
CA THR C 180 -10.43 18.13 -2.83
C THR C 180 -9.06 17.78 -3.41
N ASP C 181 -9.00 16.68 -4.17
CA ASP C 181 -7.74 16.28 -4.80
C ASP C 181 -7.71 16.82 -6.23
N ARG C 182 -7.30 18.07 -6.37
CA ARG C 182 -7.25 18.72 -7.67
C ARG C 182 -6.61 17.90 -8.77
N LEU C 183 -5.52 17.21 -8.46
CA LEU C 183 -4.84 16.40 -9.47
C LEU C 183 -5.78 15.30 -9.95
N GLY C 184 -6.58 14.76 -9.04
CA GLY C 184 -7.51 13.71 -9.39
C GLY C 184 -8.58 14.22 -10.35
N VAL C 185 -9.09 15.40 -10.04
CA VAL C 185 -10.10 16.04 -10.85
C VAL C 185 -9.57 16.24 -12.28
N LEU C 186 -8.39 16.84 -12.39
CA LEU C 186 -7.79 17.08 -13.70
C LEU C 186 -7.50 15.79 -14.48
N GLU C 187 -7.16 14.72 -13.77
CA GLU C 187 -6.90 13.44 -14.41
C GLU C 187 -8.16 13.01 -15.16
N ALA C 188 -9.31 13.07 -14.48
CA ALA C 188 -10.57 12.69 -15.09
C ALA C 188 -10.82 13.53 -16.34
N ASP C 189 -10.74 14.85 -16.19
CA ASP C 189 -10.94 15.78 -17.30
C ASP C 189 -10.08 15.40 -18.51
N SER C 190 -8.79 15.18 -18.27
CA SER C 190 -7.89 14.82 -19.34
C SER C 190 -8.35 13.55 -20.05
N ALA C 191 -8.80 12.57 -19.27
CA ALA C 191 -9.27 11.33 -19.84
C ALA C 191 -10.53 11.62 -20.65
N ILE C 192 -11.42 12.43 -20.08
CA ILE C 192 -12.64 12.78 -20.78
C ILE C 192 -12.30 13.50 -22.09
N ARG C 193 -11.40 14.48 -22.02
CA ARG C 193 -11.01 15.19 -23.22
C ARG C 193 -10.29 14.23 -24.16
N ALA C 194 -9.62 13.23 -23.59
CA ALA C 194 -8.90 12.25 -24.40
C ALA C 194 -9.89 11.37 -25.16
N ALA C 195 -11.16 11.46 -24.77
CA ALA C 195 -12.19 10.68 -25.44
C ALA C 195 -12.81 11.56 -26.54
N GLY C 196 -12.27 12.76 -26.67
CA GLY C 196 -12.75 13.68 -27.68
C GLY C 196 -13.94 14.52 -27.27
N ILE C 197 -14.29 14.48 -25.98
CA ILE C 197 -15.43 15.24 -25.48
C ILE C 197 -15.12 16.73 -25.27
N LYS C 198 -15.85 17.58 -25.99
CA LYS C 198 -15.65 19.02 -25.95
C LYS C 198 -16.73 19.82 -25.23
N CYS C 199 -17.63 19.12 -24.56
CA CYS C 199 -18.73 19.76 -23.84
C CYS C 199 -18.24 20.44 -22.57
N LEU C 200 -19.11 21.25 -21.97
CA LEU C 200 -18.80 21.98 -20.73
C LEU C 200 -19.03 21.10 -19.50
N LEU C 201 -18.02 20.31 -19.13
CA LEU C 201 -18.13 19.41 -17.98
C LEU C 201 -18.49 20.18 -16.72
N THR C 202 -19.21 19.53 -15.82
CA THR C 202 -19.58 20.15 -14.56
C THR C 202 -19.59 19.14 -13.42
N TYR C 203 -18.51 19.17 -12.64
CA TYR C 203 -18.30 18.29 -11.50
C TYR C 203 -19.08 18.75 -10.27
N LYS C 204 -19.96 17.88 -9.78
CA LYS C 204 -20.76 18.17 -8.59
C LYS C 204 -20.40 17.19 -7.47
N PRO C 205 -19.95 17.71 -6.31
CA PRO C 205 -19.59 16.85 -5.17
C PRO C 205 -20.81 16.09 -4.66
N ASP C 206 -20.62 14.84 -4.27
CA ASP C 206 -21.76 14.06 -3.78
C ASP C 206 -22.40 14.73 -2.56
N VAL C 207 -21.60 15.37 -1.72
CA VAL C 207 -22.12 16.05 -0.54
C VAL C 207 -23.22 17.05 -0.93
N TYR C 208 -23.11 17.62 -2.12
CA TYR C 208 -24.11 18.55 -2.60
C TYR C 208 -25.43 17.82 -2.85
N THR C 209 -25.34 16.58 -3.33
CA THR C 209 -26.51 15.78 -3.62
C THR C 209 -27.17 15.24 -2.35
N TYR C 210 -26.37 14.72 -1.42
CA TYR C 210 -26.93 14.17 -0.18
C TYR C 210 -27.65 15.24 0.63
N LEU C 211 -27.12 16.46 0.64
CA LEU C 211 -27.73 17.53 1.40
C LEU C 211 -28.87 18.19 0.63
N GLY C 212 -29.10 17.73 -0.59
CA GLY C 212 -30.18 18.26 -1.41
C GLY C 212 -29.99 19.70 -1.86
N ILE C 213 -28.75 20.08 -2.13
CA ILE C 213 -28.43 21.44 -2.57
C ILE C 213 -28.38 21.46 -4.10
N TYR C 214 -29.50 21.83 -4.71
CA TYR C 214 -29.60 21.86 -6.16
C TYR C 214 -29.70 23.28 -6.71
N ARG C 215 -29.95 23.37 -8.01
CA ARG C 215 -30.10 24.65 -8.69
C ARG C 215 -31.26 25.42 -8.04
N ALA C 216 -31.06 26.72 -7.84
CA ALA C 216 -32.10 27.55 -7.23
C ALA C 216 -32.47 27.02 -5.85
N ASN C 217 -31.45 26.89 -4.99
CA ASN C 217 -31.64 26.41 -3.64
C ASN C 217 -31.78 27.58 -2.67
N ARG C 218 -32.38 27.32 -1.52
CA ARG C 218 -32.62 28.33 -0.49
C ARG C 218 -31.45 29.27 -0.23
N TRP C 219 -30.26 28.70 -0.13
CA TRP C 219 -29.05 29.46 0.19
C TRP C 219 -28.35 30.13 -1.00
N HIS C 220 -28.88 29.96 -2.19
CA HIS C 220 -28.25 30.54 -3.38
C HIS C 220 -26.79 30.11 -3.49
N LEU C 221 -26.52 28.85 -3.14
CA LEU C 221 -25.18 28.32 -3.25
C LEU C 221 -24.97 27.86 -4.69
N CYS C 222 -23.73 27.94 -5.17
CA CYS C 222 -23.47 27.47 -6.52
C CYS C 222 -23.67 25.95 -6.47
N PRO C 223 -24.58 25.42 -7.30
CA PRO C 223 -24.84 23.98 -7.32
C PRO C 223 -23.70 23.16 -7.91
N THR C 224 -22.81 23.85 -8.63
CA THR C 224 -21.66 23.23 -9.26
C THR C 224 -20.43 23.76 -8.54
N LEU C 225 -19.40 22.93 -8.43
CA LEU C 225 -18.17 23.33 -7.76
C LEU C 225 -17.04 23.60 -8.77
N TYR C 226 -16.95 22.77 -9.79
CA TYR C 226 -15.94 22.92 -10.82
C TYR C 226 -16.57 22.99 -12.20
N GLU C 227 -15.92 23.77 -13.07
CA GLU C 227 -16.37 23.94 -14.45
C GLU C 227 -15.20 23.70 -15.39
N SER C 228 -15.47 23.08 -16.53
CA SER C 228 -14.41 22.84 -17.51
C SER C 228 -14.89 23.22 -18.91
N ARG C 229 -14.27 24.25 -19.45
CA ARG C 229 -14.60 24.73 -20.78
C ARG C 229 -13.53 24.27 -21.77
N PHE C 230 -13.96 23.64 -22.85
CA PHE C 230 -13.00 23.20 -23.84
C PHE C 230 -12.76 24.37 -24.81
N GLN C 231 -11.48 24.65 -25.05
CA GLN C 231 -11.09 25.73 -25.92
C GLN C 231 -10.47 25.20 -27.21
N LEU C 232 -11.10 25.55 -28.34
CA LEU C 232 -10.64 25.15 -29.67
C LEU C 232 -9.71 26.23 -30.26
N GLY C 233 -9.12 25.90 -31.42
CA GLY C 233 -8.26 26.85 -32.10
C GLY C 233 -6.77 26.54 -32.11
N GLY C 234 -6.36 25.57 -31.30
CA GLY C 234 -4.95 25.23 -31.26
C GLY C 234 -4.12 26.42 -30.82
N SER C 235 -4.79 27.48 -30.37
CA SER C 235 -4.10 28.67 -29.93
C SER C 235 -4.47 28.96 -28.47
N ALA C 236 -4.78 27.88 -27.75
CA ALA C 236 -5.16 27.94 -26.34
C ALA C 236 -5.20 26.52 -25.79
N ARG C 237 -4.94 26.38 -24.48
CA ARG C 237 -4.98 25.06 -23.87
C ARG C 237 -6.37 24.49 -24.13
N GLY C 238 -6.41 23.33 -24.78
CA GLY C 238 -7.68 22.69 -25.10
C GLY C 238 -8.72 22.72 -24.00
N SER C 239 -8.30 22.66 -22.74
CA SER C 239 -9.24 22.65 -21.63
C SER C 239 -8.94 23.71 -20.56
N ARG C 240 -9.98 24.46 -20.16
CA ARG C 240 -9.83 25.47 -19.12
C ARG C 240 -10.70 25.09 -17.92
N VAL C 241 -10.05 24.57 -16.89
CA VAL C 241 -10.76 24.14 -15.69
C VAL C 241 -10.74 25.19 -14.61
N LEU C 242 -11.91 25.69 -14.27
CA LEU C 242 -12.04 26.71 -13.24
C LEU C 242 -12.59 26.17 -11.92
N ASP C 243 -12.17 26.80 -10.83
CA ASP C 243 -12.64 26.42 -9.49
C ASP C 243 -13.72 27.42 -9.10
N ARG C 244 -14.97 27.09 -9.42
CA ARG C 244 -16.09 27.98 -9.11
C ARG C 244 -16.02 28.52 -7.68
N ALA C 245 -15.48 27.72 -6.77
CA ALA C 245 -15.39 28.12 -5.37
C ALA C 245 -14.31 29.18 -5.13
N ASN C 246 -13.05 28.75 -5.12
CA ASN C 246 -11.92 29.66 -4.89
C ASN C 246 -11.72 30.62 -6.05
N ASN C 247 -12.32 30.31 -7.19
CA ASN C 247 -12.21 31.14 -8.38
C ASN C 247 -10.76 31.23 -8.81
N VAL C 248 -10.29 30.17 -9.46
CA VAL C 248 -8.91 30.10 -9.93
C VAL C 248 -8.73 28.93 -10.90
N GLU C 249 -8.21 29.21 -12.10
CA GLU C 249 -8.00 28.17 -13.11
C GLU C 249 -7.04 27.13 -12.54
N LEU C 250 -6.92 26.00 -13.22
CA LEU C 250 -6.02 24.93 -12.78
C LEU C 250 -5.00 24.60 -13.85
N GLU A 17 23.10 -3.24 50.74
CA GLU A 17 21.75 -3.31 50.12
C GLU A 17 21.60 -2.35 48.95
N ASP A 18 22.56 -2.39 48.03
CA ASP A 18 22.54 -1.51 46.85
C ASP A 18 21.24 -1.62 46.06
N GLY A 19 20.75 -2.85 45.90
CA GLY A 19 19.52 -3.06 45.18
C GLY A 19 18.38 -2.21 45.72
N PHE A 20 18.56 -1.70 46.93
CA PHE A 20 17.53 -0.87 47.55
C PHE A 20 17.88 0.62 47.59
N THR A 21 19.02 1.00 47.00
CA THR A 21 19.40 2.41 46.99
C THR A 21 18.54 3.16 45.97
N ALA A 22 18.43 4.47 46.16
CA ALA A 22 17.66 5.29 45.24
C ALA A 22 18.38 5.29 43.88
N GLU A 23 19.68 5.56 43.93
CA GLU A 23 20.51 5.59 42.72
C GLU A 23 20.30 4.37 41.82
N HIS A 24 19.79 3.28 42.40
CA HIS A 24 19.54 2.07 41.64
C HIS A 24 18.12 2.05 41.07
N LEU A 25 17.13 2.02 41.96
CA LEU A 25 15.73 2.00 41.56
C LEU A 25 15.38 3.18 40.64
N ALA A 26 15.97 4.34 40.92
CA ALA A 26 15.72 5.53 40.11
C ALA A 26 16.06 5.18 38.66
N ALA A 27 16.85 4.13 38.49
CA ALA A 27 17.25 3.65 37.18
C ALA A 27 17.16 2.13 37.11
N GLU A 28 16.15 1.56 37.76
CA GLU A 28 15.94 0.11 37.75
C GLU A 28 14.81 -0.25 36.81
N ALA A 29 13.58 -0.04 37.26
CA ALA A 29 12.43 -0.36 36.43
C ALA A 29 12.37 0.63 35.26
N MSE A 30 12.33 0.09 34.04
CA MSE A 30 12.28 0.93 32.86
C MSE A 30 11.37 0.31 31.81
O MSE A 30 11.83 -0.23 30.80
CB MSE A 30 13.69 1.13 32.27
CG MSE A 30 13.89 2.43 31.49
SE MSE A 30 12.81 2.67 29.89
CE MSE A 30 13.99 1.84 28.61
N ALA A 31 10.07 0.36 32.07
CA ALA A 31 9.08 -0.16 31.13
C ALA A 31 8.96 0.87 30.01
N ALA A 32 8.79 0.40 28.78
CA ALA A 32 8.68 1.31 27.64
C ALA A 32 7.43 2.18 27.74
N ASP A 33 6.32 1.61 28.23
CA ASP A 33 5.06 2.36 28.38
C ASP A 33 4.68 2.50 29.84
N MSE A 34 5.01 3.63 30.42
CA MSE A 34 4.74 3.90 31.82
C MSE A 34 3.41 4.66 31.98
O MSE A 34 2.96 4.92 33.09
CB MSE A 34 5.91 4.72 32.39
CG MSE A 34 7.28 4.42 31.73
SE MSE A 34 8.83 5.43 32.43
CE MSE A 34 9.70 3.99 33.37
N ASP A 35 2.80 4.99 30.85
CA ASP A 35 1.56 5.77 30.82
C ASP A 35 0.26 5.02 31.07
N PRO A 36 -0.82 5.77 31.36
CA PRO A 36 -2.09 5.09 31.59
C PRO A 36 -2.69 4.72 30.24
N TRP A 37 -3.82 4.01 30.25
CA TRP A 37 -4.49 3.62 29.01
C TRP A 37 -5.97 4.00 29.06
N LEU A 38 -6.60 3.90 27.89
CA LEU A 38 -8.03 4.16 27.71
C LEU A 38 -8.56 2.80 27.22
N VAL A 39 -8.88 1.96 28.18
CA VAL A 39 -9.34 0.62 27.88
C VAL A 39 -10.81 0.35 28.15
N PHE A 40 -11.63 0.41 27.10
CA PHE A 40 -13.05 0.12 27.25
C PHE A 40 -13.15 -1.32 27.76
N ASP A 41 -13.74 -1.51 28.94
CA ASP A 41 -13.83 -2.86 29.52
C ASP A 41 -15.24 -3.45 29.49
N ALA A 42 -15.65 -3.97 28.33
CA ALA A 42 -16.98 -4.55 28.19
C ALA A 42 -17.19 -5.69 29.18
N ARG A 43 -16.11 -6.37 29.56
CA ARG A 43 -16.17 -7.47 30.50
C ARG A 43 -16.78 -7.08 31.84
N THR A 44 -17.03 -5.79 32.02
CA THR A 44 -17.60 -5.29 33.26
C THR A 44 -18.38 -4.00 32.98
N THR A 45 -18.93 -3.89 31.78
CA THR A 45 -19.67 -2.70 31.38
C THR A 45 -20.87 -2.98 30.45
N PRO A 46 -21.73 -1.99 30.23
CA PRO A 46 -22.90 -2.15 29.35
C PRO A 46 -22.41 -2.22 27.91
N ALA A 47 -23.20 -2.80 27.02
CA ALA A 47 -22.78 -2.92 25.63
C ALA A 47 -23.08 -1.72 24.74
N THR A 48 -24.23 -1.08 24.95
CA THR A 48 -24.64 0.07 24.13
C THR A 48 -23.82 1.31 24.46
N GLU A 49 -22.79 1.13 25.30
CA GLU A 49 -21.91 2.21 25.71
C GLU A 49 -20.75 2.46 24.73
N LEU A 50 -20.29 1.40 24.09
CA LEU A 50 -19.17 1.49 23.15
C LEU A 50 -19.24 2.67 22.19
N ASP A 51 -20.44 2.94 21.68
CA ASP A 51 -20.63 4.03 20.73
C ASP A 51 -20.39 5.44 21.31
N ALA A 52 -20.77 5.67 22.55
CA ALA A 52 -20.54 6.99 23.15
C ALA A 52 -19.06 7.16 23.51
N TRP A 53 -18.43 6.06 23.91
CA TRP A 53 -17.02 6.04 24.29
C TRP A 53 -16.14 6.45 23.09
N LEU A 54 -16.51 5.97 21.90
CA LEU A 54 -15.75 6.29 20.70
C LEU A 54 -15.92 7.75 20.30
N ALA A 55 -17.17 8.22 20.32
CA ALA A 55 -17.48 9.59 19.94
C ALA A 55 -16.51 10.55 20.59
N LYS A 56 -16.19 10.27 21.85
CA LYS A 56 -15.27 11.13 22.59
C LYS A 56 -13.80 10.75 22.37
N TYR A 57 -13.52 9.46 22.29
CA TYR A 57 -12.13 9.01 22.15
C TYR A 57 -11.74 8.37 20.82
N PRO A 58 -12.15 8.94 19.69
CA PRO A 58 -11.74 8.28 18.44
C PRO A 58 -10.22 8.16 18.38
N PRO A 59 -9.69 7.01 17.93
CA PRO A 59 -8.24 6.79 17.84
C PRO A 59 -7.53 7.75 16.90
N SER A 60 -8.15 8.91 16.70
CA SER A 60 -7.63 9.95 15.84
C SER A 60 -7.39 11.22 16.66
N GLN A 61 -8.41 11.66 17.39
CA GLN A 61 -8.32 12.86 18.21
C GLN A 61 -7.42 12.70 19.44
N VAL A 62 -7.53 11.55 20.12
CA VAL A 62 -6.72 11.26 21.32
C VAL A 62 -5.25 11.18 20.95
N THR A 63 -4.39 11.83 21.73
CA THR A 63 -2.96 11.82 21.42
C THR A 63 -2.06 11.05 22.37
N ARG A 64 -0.95 10.57 21.82
CA ARG A 64 0.04 9.81 22.59
C ARG A 64 0.44 10.55 23.86
N TYR A 65 0.44 11.87 23.81
CA TYR A 65 0.84 12.65 24.98
C TYR A 65 -0.23 13.58 25.56
N GLY A 66 -1.49 13.33 25.23
CA GLY A 66 -2.57 14.16 25.74
C GLY A 66 -2.33 15.63 25.47
N ASP A 67 -1.78 15.91 24.28
CA ASP A 67 -1.48 17.28 23.86
C ASP A 67 -2.71 18.16 23.81
N PRO A 68 -2.53 19.47 24.04
CA PRO A 68 -3.62 20.45 24.03
C PRO A 68 -4.47 20.33 22.76
N GLY A 69 -5.77 20.15 22.93
CA GLY A 69 -6.65 20.03 21.78
C GLY A 69 -7.43 18.74 21.76
N SER A 70 -6.89 17.71 22.39
CA SER A 70 -7.54 16.40 22.43
C SER A 70 -8.38 16.19 23.69
N PRO A 71 -9.18 15.12 23.73
CA PRO A 71 -10.01 14.86 24.92
C PRO A 71 -9.17 14.53 26.15
N ASN A 72 -8.18 13.65 25.98
CA ASN A 72 -7.32 13.27 27.10
C ASN A 72 -6.20 14.30 27.23
N SER A 73 -5.47 14.24 28.34
CA SER A 73 -4.37 15.17 28.55
C SER A 73 -3.10 14.44 28.97
N GLU A 74 -3.26 13.50 29.90
CA GLU A 74 -2.15 12.67 30.38
C GLU A 74 -1.66 11.89 29.17
N PRO A 75 -0.79 10.91 29.38
CA PRO A 75 -0.36 10.18 28.18
C PRO A 75 -1.30 8.98 28.02
N VAL A 76 -1.30 8.39 26.83
CA VAL A 76 -2.14 7.25 26.52
C VAL A 76 -1.32 6.31 25.63
N GLY A 77 -0.72 5.30 26.27
CA GLY A 77 0.09 4.36 25.53
C GLY A 77 -0.71 3.53 24.56
N TRP A 78 -1.96 3.25 24.91
CA TRP A 78 -2.84 2.45 24.06
C TRP A 78 -4.31 2.64 24.41
N ILE A 79 -5.14 2.67 23.37
CA ILE A 79 -6.59 2.75 23.48
C ILE A 79 -6.95 1.28 23.31
N ALA A 80 -7.79 0.74 24.19
CA ALA A 80 -8.12 -0.67 24.10
C ALA A 80 -9.56 -0.96 24.45
N VAL A 81 -10.04 -2.10 23.95
CA VAL A 81 -11.40 -2.56 24.19
C VAL A 81 -11.34 -4.02 24.62
N TYR A 82 -11.99 -4.35 25.72
CA TYR A 82 -12.01 -5.72 26.23
C TYR A 82 -13.40 -6.35 26.13
N GLY A 83 -13.44 -7.56 25.58
CA GLY A 83 -14.70 -8.28 25.45
C GLY A 83 -14.70 -9.44 26.43
N GLN A 84 -15.87 -10.02 26.66
CA GLN A 84 -15.94 -11.13 27.59
C GLN A 84 -15.00 -12.26 27.19
N GLY A 85 -14.61 -13.04 28.18
CA GLY A 85 -13.69 -14.15 27.93
C GLY A 85 -12.24 -13.70 27.97
N TYR A 86 -12.02 -12.39 28.09
CA TYR A 86 -10.67 -11.87 28.12
C TYR A 86 -10.00 -12.03 29.48
N SER A 87 -8.84 -12.67 29.47
CA SER A 87 -8.04 -12.89 30.66
C SER A 87 -6.60 -12.79 30.22
N PRO A 88 -5.66 -12.55 31.15
CA PRO A 88 -4.27 -12.46 30.73
C PRO A 88 -3.81 -13.78 30.11
N ASN A 89 -4.66 -14.80 30.25
CA ASN A 89 -4.43 -16.15 29.75
C ASN A 89 -3.18 -16.33 28.89
N SER A 90 -2.06 -16.60 29.55
CA SER A 90 -0.79 -16.83 28.86
C SER A 90 -0.18 -18.12 29.41
N GLY A 91 1.05 -18.41 29.01
CA GLY A 91 1.71 -19.61 29.47
C GLY A 91 3.11 -19.42 29.99
N ASP A 92 3.85 -20.52 30.04
CA ASP A 92 5.23 -20.55 30.52
C ASP A 92 6.18 -19.66 29.73
N VAL A 93 6.09 -18.35 29.94
CA VAL A 93 6.96 -17.42 29.24
C VAL A 93 8.39 -17.56 29.71
N GLN A 94 8.58 -17.64 31.02
CA GLN A 94 9.93 -17.78 31.58
C GLN A 94 10.70 -18.91 30.93
N GLY A 95 10.04 -20.07 30.81
CA GLY A 95 10.68 -21.22 30.19
C GLY A 95 11.11 -20.90 28.79
N LEU A 96 10.25 -20.21 28.04
CA LEU A 96 10.54 -19.83 26.66
C LEU A 96 11.87 -19.09 26.59
N GLN A 97 12.07 -18.13 27.48
CA GLN A 97 13.33 -17.39 27.48
C GLN A 97 14.51 -18.33 27.71
N ALA A 98 14.35 -19.25 28.66
CA ALA A 98 15.40 -20.20 28.95
C ALA A 98 15.65 -21.06 27.71
N ALA A 99 14.57 -21.66 27.20
CA ALA A 99 14.65 -22.52 26.02
C ALA A 99 15.28 -21.78 24.84
N TRP A 100 14.84 -20.54 24.63
CA TRP A 100 15.36 -19.73 23.53
C TRP A 100 16.83 -19.43 23.73
N GLU A 101 17.19 -18.92 24.90
CA GLU A 101 18.59 -18.58 25.17
C GLU A 101 19.48 -19.81 25.13
N ALA A 102 18.90 -20.97 25.39
CA ALA A 102 19.64 -22.22 25.37
C ALA A 102 19.74 -22.80 23.96
N LEU A 103 19.67 -21.93 22.96
CA LEU A 103 19.75 -22.36 21.56
C LEU A 103 20.79 -21.56 20.79
N GLN A 104 20.85 -20.26 21.03
CA GLN A 104 21.82 -19.42 20.34
C GLN A 104 23.23 -20.01 20.46
N THR A 105 23.49 -20.65 21.58
CA THR A 105 24.80 -21.27 21.82
C THR A 105 24.82 -22.61 21.09
N SER A 106 24.62 -22.57 19.77
CA SER A 106 24.62 -23.78 18.97
C SER A 106 24.83 -23.48 17.48
N GLY A 107 24.40 -22.31 17.06
CA GLY A 107 24.55 -21.95 15.65
C GLY A 107 23.59 -22.77 14.80
N ARG A 108 22.79 -23.60 15.46
CA ARG A 108 21.80 -24.45 14.77
C ARG A 108 20.94 -23.65 13.80
N PRO A 109 20.22 -24.35 12.90
CA PRO A 109 19.36 -23.70 11.92
C PRO A 109 18.04 -23.18 12.50
N ILE A 110 18.13 -22.11 13.28
CA ILE A 110 16.93 -21.51 13.87
C ILE A 110 16.03 -21.02 12.74
N THR A 111 14.81 -21.56 12.69
CA THR A 111 13.85 -21.21 11.65
C THR A 111 12.46 -21.04 12.24
N PRO A 112 11.48 -20.65 11.41
CA PRO A 112 10.12 -20.48 11.92
C PRO A 112 9.67 -21.79 12.56
N GLY A 113 10.34 -22.86 12.16
CA GLY A 113 10.02 -24.17 12.69
C GLY A 113 10.47 -24.32 14.12
N THR A 114 11.61 -23.72 14.44
CA THR A 114 12.15 -23.80 15.80
C THR A 114 11.30 -23.01 16.79
N LEU A 115 10.87 -21.81 16.38
CA LEU A 115 10.05 -20.97 17.24
C LEU A 115 8.69 -21.62 17.48
N ARG A 116 8.04 -22.04 16.38
CA ARG A 116 6.75 -22.69 16.48
C ARG A 116 6.84 -23.80 17.52
N GLN A 117 7.97 -24.50 17.51
CA GLN A 117 8.20 -25.58 18.47
C GLN A 117 8.17 -25.02 19.88
N LEU A 118 9.02 -24.03 20.13
CA LEU A 118 9.09 -23.41 21.45
C LEU A 118 7.72 -22.97 21.96
N ALA A 119 7.02 -22.18 21.14
CA ALA A 119 5.71 -21.67 21.50
C ALA A 119 4.73 -22.78 21.89
N ILE A 120 4.78 -23.90 21.18
CA ILE A 120 3.88 -25.00 21.47
C ILE A 120 4.21 -25.66 22.81
N THR A 121 5.51 -25.79 23.08
CA THR A 121 5.99 -26.39 24.32
C THR A 121 5.61 -25.51 25.51
N HIS A 122 5.99 -24.24 25.45
CA HIS A 122 5.72 -23.32 26.55
C HIS A 122 4.33 -22.69 26.53
N HIS A 123 3.49 -23.16 25.63
CA HIS A 123 2.13 -22.66 25.51
C HIS A 123 2.03 -21.15 25.36
N VAL A 124 2.87 -20.59 24.49
CA VAL A 124 2.87 -19.16 24.21
C VAL A 124 2.38 -19.09 22.77
N LEU A 125 1.08 -19.33 22.59
CA LEU A 125 0.45 -19.37 21.27
C LEU A 125 -0.41 -18.16 20.88
N SER A 126 -0.42 -17.12 21.70
CA SER A 126 -1.23 -15.95 21.38
C SER A 126 -0.51 -15.07 20.38
N GLY A 127 -1.27 -14.17 19.79
CA GLY A 127 -0.72 -13.27 18.80
C GLY A 127 -1.80 -12.41 18.23
N LYS A 128 -1.49 -11.67 17.18
CA LYS A 128 -2.48 -10.79 16.61
C LYS A 128 -2.22 -10.41 15.17
N TRP A 129 -3.27 -9.95 14.51
CA TRP A 129 -3.15 -9.45 13.14
C TRP A 129 -2.75 -7.99 13.35
N LEU A 130 -1.83 -7.50 12.53
CA LEU A 130 -1.40 -6.11 12.62
C LEU A 130 -1.96 -5.36 11.43
N MSE A 131 -1.89 -4.04 11.47
CA MSE A 131 -2.42 -3.23 10.38
C MSE A 131 -2.33 -1.74 10.70
O MSE A 131 -2.61 -1.34 11.82
CB MSE A 131 -3.89 -3.61 10.16
CG MSE A 131 -4.70 -3.53 11.42
SE MSE A 131 -5.97 -4.97 11.73
CE MSE A 131 -4.98 -6.06 12.89
N HIS A 132 -1.90 -0.94 9.74
CA HIS A 132 -1.83 0.51 9.96
C HIS A 132 -2.70 1.25 8.95
N LEU A 133 -3.63 2.02 9.49
CA LEU A 133 -4.59 2.80 8.70
C LEU A 133 -4.27 4.28 8.83
N ALA A 134 -3.50 4.81 7.89
CA ALA A 134 -3.12 6.23 7.89
C ALA A 134 -4.05 7.08 8.75
N PRO A 135 -3.49 7.74 9.78
CA PRO A 135 -4.20 8.60 10.72
C PRO A 135 -5.20 9.53 10.06
N GLY A 136 -6.47 9.34 10.42
CA GLY A 136 -7.53 10.17 9.88
C GLY A 136 -8.91 9.57 10.06
N PHE A 137 -9.85 10.09 9.28
CA PHE A 137 -11.25 9.66 9.28
C PHE A 137 -11.47 8.15 9.19
N LYS A 138 -10.84 7.51 8.22
CA LYS A 138 -11.02 6.08 8.00
C LYS A 138 -10.49 5.17 9.10
N LEU A 139 -9.61 5.70 9.95
CA LEU A 139 -9.04 4.92 11.04
C LEU A 139 -10.01 4.78 12.21
N ASP A 140 -11.21 5.32 12.06
CA ASP A 140 -12.20 5.27 13.14
C ASP A 140 -13.18 4.11 13.07
N HIS A 141 -13.84 3.94 11.91
CA HIS A 141 -14.78 2.84 11.78
C HIS A 141 -14.05 1.54 12.05
N ALA A 142 -13.10 1.20 11.18
CA ALA A 142 -12.32 -0.02 11.33
C ALA A 142 -12.16 -0.36 12.81
N TRP A 143 -11.79 0.65 13.60
CA TRP A 143 -11.62 0.49 15.02
C TRP A 143 -13.00 0.20 15.65
N ALA A 144 -13.95 1.12 15.44
CA ALA A 144 -15.31 0.93 15.97
C ALA A 144 -15.78 -0.48 15.62
N GLY A 145 -15.83 -0.80 14.33
CA GLY A 145 -16.24 -2.13 13.92
C GLY A 145 -15.41 -3.20 14.62
N ILE A 146 -14.10 -3.07 14.56
CA ILE A 146 -13.26 -4.05 15.24
C ILE A 146 -13.63 -4.13 16.73
N ALA A 147 -13.89 -2.97 17.32
CA ALA A 147 -14.27 -2.89 18.74
C ALA A 147 -15.65 -3.51 18.92
N ARG A 148 -16.59 -3.08 18.07
CA ARG A 148 -17.96 -3.57 18.12
C ARG A 148 -17.94 -5.10 17.98
N ALA A 149 -16.98 -5.62 17.23
CA ALA A 149 -16.84 -7.05 17.03
C ALA A 149 -16.39 -7.69 18.36
N VAL A 150 -15.36 -7.13 18.98
CA VAL A 150 -14.86 -7.63 20.26
C VAL A 150 -15.98 -7.49 21.30
N VAL A 151 -16.64 -6.34 21.31
CA VAL A 151 -17.71 -6.10 22.27
C VAL A 151 -18.88 -7.04 22.05
N GLU A 152 -19.06 -7.49 20.81
CA GLU A 152 -20.13 -8.44 20.47
C GLU A 152 -19.64 -9.87 20.64
N GLY A 153 -18.36 -10.10 20.34
CA GLY A 153 -17.81 -11.44 20.45
C GLY A 153 -16.96 -11.84 19.26
N ARG A 154 -17.25 -11.30 18.09
CA ARG A 154 -16.48 -11.63 16.89
C ARG A 154 -15.00 -11.76 17.21
N LEU A 155 -14.37 -10.66 17.64
CA LEU A 155 -12.96 -10.66 18.01
C LEU A 155 -12.95 -10.50 19.53
N GLN A 156 -11.77 -10.47 20.15
CA GLN A 156 -11.72 -10.29 21.59
C GLN A 156 -10.66 -9.32 22.11
N VAL A 157 -9.47 -9.30 21.49
CA VAL A 157 -8.41 -8.40 21.94
C VAL A 157 -7.84 -7.45 20.89
N ALA A 158 -8.44 -6.27 20.76
CA ALA A 158 -7.96 -5.30 19.79
C ALA A 158 -7.56 -4.00 20.48
N LYS A 159 -6.60 -3.31 19.88
CA LYS A 159 -6.11 -2.05 20.41
C LYS A 159 -5.66 -1.18 19.25
N VAL A 160 -5.81 0.13 19.41
CA VAL A 160 -5.37 1.07 18.39
C VAL A 160 -4.35 2.00 19.05
N SER A 161 -3.34 2.41 18.30
CA SER A 161 -2.28 3.28 18.82
C SER A 161 -2.67 4.76 18.82
N PRO A 162 -2.13 5.52 19.79
CA PRO A 162 -2.44 6.95 19.88
C PRO A 162 -1.81 7.77 18.77
N ARG A 163 -2.09 9.07 18.76
CA ARG A 163 -1.59 9.94 17.73
C ARG A 163 -0.39 10.79 18.11
N ALA A 164 0.60 10.80 17.22
CA ALA A 164 1.82 11.56 17.41
C ALA A 164 1.51 13.05 17.26
N LYS A 165 2.40 13.90 17.75
CA LYS A 165 2.21 15.35 17.65
C LYS A 165 2.22 15.77 16.19
N GLU A 166 3.04 15.09 15.40
CA GLU A 166 3.18 15.38 13.97
C GLU A 166 2.90 14.14 13.12
N GLY A 167 1.85 14.20 12.30
CA GLY A 167 1.49 13.09 11.44
C GLY A 167 1.69 11.74 12.10
N GLY A 168 2.42 10.85 11.42
CA GLY A 168 2.69 9.54 11.97
C GLY A 168 1.72 8.49 11.47
N ARG A 169 2.07 7.22 11.66
CA ARG A 169 1.23 6.11 11.25
C ARG A 169 0.61 5.54 12.50
N GLN A 170 -0.58 4.95 12.37
CA GLN A 170 -1.26 4.39 13.54
C GLN A 170 -1.72 2.95 13.33
N VAL A 171 -1.35 2.08 14.26
CA VAL A 171 -1.70 0.66 14.21
C VAL A 171 -3.01 0.31 14.85
N ILE A 172 -3.35 -0.96 14.69
CA ILE A 172 -4.54 -1.57 15.27
C ILE A 172 -4.25 -3.07 15.24
N CYS A 173 -4.09 -3.66 16.43
CA CYS A 173 -3.83 -5.10 16.52
C CYS A 173 -5.06 -5.83 17.01
N VAL A 174 -5.27 -7.02 16.48
CA VAL A 174 -6.39 -7.87 16.85
C VAL A 174 -5.86 -9.23 17.30
N TYR A 175 -5.66 -9.36 18.60
CA TYR A 175 -5.14 -10.58 19.19
C TYR A 175 -6.04 -11.81 19.12
N THR A 176 -5.40 -12.98 19.01
CA THR A 176 -6.09 -14.26 19.00
C THR A 176 -5.22 -15.14 19.90
N ASP A 177 -5.85 -16.04 20.66
CA ASP A 177 -5.10 -16.88 21.60
C ASP A 177 -4.22 -17.98 21.00
N ASP A 178 -4.68 -18.63 19.94
CA ASP A 178 -3.87 -19.70 19.36
C ASP A 178 -3.59 -19.43 17.88
N PHE A 179 -2.36 -19.05 17.56
CA PHE A 179 -1.99 -18.76 16.19
C PHE A 179 -1.90 -20.02 15.32
N THR A 180 -1.83 -21.18 15.97
CA THR A 180 -1.75 -22.43 15.23
C THR A 180 -3.15 -22.97 15.01
N ASP A 181 -4.14 -22.10 15.18
CA ASP A 181 -5.54 -22.47 14.95
C ASP A 181 -6.05 -21.70 13.75
N ARG A 182 -5.99 -22.32 12.57
CA ARG A 182 -6.44 -21.70 11.34
C ARG A 182 -7.79 -21.00 11.46
N LEU A 183 -8.76 -21.69 12.06
CA LEU A 183 -10.10 -21.14 12.24
C LEU A 183 -10.08 -19.92 13.15
N GLY A 184 -9.10 -19.86 14.04
CA GLY A 184 -9.00 -18.73 14.95
C GLY A 184 -8.39 -17.52 14.26
N VAL A 185 -7.34 -17.77 13.47
CA VAL A 185 -6.69 -16.70 12.75
C VAL A 185 -7.64 -16.15 11.68
N LEU A 186 -8.27 -17.04 10.95
CA LEU A 186 -9.19 -16.66 9.88
C LEU A 186 -10.51 -16.08 10.36
N GLU A 187 -11.01 -16.56 11.50
CA GLU A 187 -12.26 -16.04 12.00
C GLU A 187 -12.06 -14.53 12.16
N ALA A 188 -10.88 -14.14 12.62
CA ALA A 188 -10.55 -12.74 12.81
C ALA A 188 -10.56 -12.02 11.45
N ASP A 189 -10.24 -12.76 10.40
CA ASP A 189 -10.23 -12.23 9.03
C ASP A 189 -11.58 -11.63 8.67
N SER A 190 -12.61 -12.46 8.70
CA SER A 190 -13.95 -12.02 8.34
C SER A 190 -14.42 -10.84 9.18
N ALA A 191 -14.11 -10.89 10.48
CA ALA A 191 -14.51 -9.80 11.37
C ALA A 191 -13.87 -8.51 10.88
N ILE A 192 -12.54 -8.47 10.85
CA ILE A 192 -11.84 -7.27 10.41
C ILE A 192 -12.35 -6.86 9.02
N ARG A 193 -12.38 -7.79 8.08
CA ARG A 193 -12.86 -7.49 6.74
C ARG A 193 -14.33 -7.06 6.71
N ALA A 194 -15.16 -7.72 7.52
CA ALA A 194 -16.57 -7.36 7.56
C ALA A 194 -16.73 -5.94 8.07
N ALA A 195 -15.79 -5.48 8.88
CA ALA A 195 -15.84 -4.12 9.40
C ALA A 195 -15.47 -3.15 8.29
N GLY A 196 -15.34 -3.68 7.08
CA GLY A 196 -15.00 -2.87 5.93
C GLY A 196 -13.56 -2.44 5.82
N ILE A 197 -12.65 -3.21 6.39
CA ILE A 197 -11.23 -2.89 6.34
C ILE A 197 -10.60 -3.52 5.09
N LYS A 198 -10.11 -2.67 4.19
CA LYS A 198 -9.51 -3.12 2.95
C LYS A 198 -7.99 -3.10 3.02
N CYS A 199 -7.46 -2.61 4.13
CA CYS A 199 -6.03 -2.51 4.31
C CYS A 199 -5.34 -3.88 4.43
N LEU A 200 -4.02 -3.87 4.43
CA LEU A 200 -3.22 -5.09 4.53
C LEU A 200 -3.04 -5.52 5.98
N LEU A 201 -3.27 -6.81 6.25
CA LEU A 201 -3.09 -7.36 7.58
C LEU A 201 -1.85 -8.25 7.59
N THR A 202 -1.09 -8.17 8.67
CA THR A 202 0.11 -8.99 8.86
C THR A 202 0.06 -9.51 10.29
N TYR A 203 -0.03 -10.83 10.43
CA TYR A 203 -0.13 -11.45 11.75
C TYR A 203 1.23 -11.73 12.38
N LYS A 204 1.37 -11.31 13.63
CA LYS A 204 2.61 -11.48 14.38
C LYS A 204 2.36 -12.23 15.69
N PRO A 205 2.96 -13.42 15.85
CA PRO A 205 2.82 -14.26 17.05
C PRO A 205 3.54 -13.63 18.24
N ASP A 206 2.98 -13.76 19.43
CA ASP A 206 3.60 -13.17 20.61
C ASP A 206 4.99 -13.73 20.90
N VAL A 207 5.22 -15.00 20.58
CA VAL A 207 6.53 -15.61 20.80
C VAL A 207 7.60 -14.76 20.11
N TYR A 208 7.40 -14.43 18.83
CA TYR A 208 8.37 -13.63 18.11
C TYR A 208 8.63 -12.35 18.87
N THR A 209 7.59 -11.78 19.47
CA THR A 209 7.73 -10.55 20.24
C THR A 209 8.52 -10.78 21.52
N TYR A 210 8.23 -11.87 22.22
CA TYR A 210 8.94 -12.19 23.45
C TYR A 210 10.39 -12.55 23.23
N LEU A 211 10.70 -13.12 22.07
CA LEU A 211 12.07 -13.52 21.77
C LEU A 211 12.85 -12.41 21.05
N GLY A 212 12.30 -11.19 21.05
CA GLY A 212 12.97 -10.07 20.42
C GLY A 212 13.06 -10.06 18.90
N ILE A 213 12.19 -10.81 18.24
CA ILE A 213 12.17 -10.88 16.78
C ILE A 213 11.39 -9.65 16.30
N TYR A 214 11.78 -8.49 16.80
CA TYR A 214 11.13 -7.23 16.46
C TYR A 214 11.23 -6.86 14.98
N ARG A 215 10.66 -5.70 14.64
CA ARG A 215 10.67 -5.20 13.26
C ARG A 215 11.94 -5.53 12.49
N ALA A 216 13.09 -5.36 13.14
CA ALA A 216 14.37 -5.64 12.52
C ALA A 216 14.72 -7.07 12.94
N ASN A 217 15.51 -7.78 12.14
CA ASN A 217 15.82 -9.16 12.49
C ASN A 217 17.30 -9.54 12.42
N ARG A 218 17.73 -10.27 13.46
CA ARG A 218 19.10 -10.74 13.62
C ARG A 218 19.28 -12.15 13.01
N TRP A 219 18.32 -13.03 13.31
CA TRP A 219 18.35 -14.41 12.81
C TRP A 219 17.73 -14.44 11.41
N HIS A 220 17.53 -13.25 10.85
CA HIS A 220 16.93 -13.09 9.52
C HIS A 220 15.71 -13.96 9.25
N LEU A 221 14.92 -14.19 10.30
CA LEU A 221 13.70 -14.97 10.18
C LEU A 221 12.60 -13.99 9.84
N CYS A 222 11.59 -14.44 9.08
CA CYS A 222 10.50 -13.56 8.69
C CYS A 222 9.46 -13.52 9.81
N PRO A 223 9.37 -12.38 10.53
CA PRO A 223 8.44 -12.17 11.64
C PRO A 223 6.96 -12.38 11.33
N THR A 224 6.50 -11.83 10.19
CA THR A 224 5.12 -11.95 9.78
C THR A 224 4.83 -13.27 9.11
N LEU A 225 4.10 -14.14 9.80
CA LEU A 225 3.74 -15.45 9.26
C LEU A 225 2.69 -15.32 8.16
N TYR A 226 1.43 -15.16 8.56
CA TYR A 226 0.33 -15.02 7.62
C TYR A 226 0.18 -13.55 7.25
N GLU A 227 -0.47 -13.30 6.11
CA GLU A 227 -0.71 -11.94 5.65
C GLU A 227 -2.04 -11.88 4.92
N SER A 228 -2.82 -10.85 5.21
CA SER A 228 -4.13 -10.66 4.60
C SER A 228 -4.16 -9.43 3.72
N ARG A 229 -4.26 -9.63 2.41
CA ARG A 229 -4.31 -8.54 1.46
C ARG A 229 -5.69 -8.50 0.84
N PHE A 230 -6.18 -7.30 0.57
CA PHE A 230 -7.50 -7.14 -0.05
C PHE A 230 -7.33 -7.09 -1.58
N GLN A 231 -7.57 -8.22 -2.23
CA GLN A 231 -7.43 -8.34 -3.70
C GLN A 231 -8.39 -7.43 -4.45
N GLY A 238 -11.59 -8.78 -1.98
CA GLY A 238 -11.26 -10.17 -1.69
C GLY A 238 -10.14 -10.31 -0.68
N SER A 239 -10.32 -11.22 0.27
CA SER A 239 -9.33 -11.47 1.32
C SER A 239 -8.66 -12.84 1.17
N ARG A 240 -7.40 -12.82 0.71
CA ARG A 240 -6.62 -14.04 0.54
C ARG A 240 -5.50 -14.07 1.59
N VAL A 241 -5.41 -15.17 2.32
CA VAL A 241 -4.39 -15.31 3.36
C VAL A 241 -3.47 -16.50 3.09
N LEU A 242 -2.18 -16.31 3.33
CA LEU A 242 -1.22 -17.39 3.08
C LEU A 242 0.08 -17.22 3.87
N ASP A 243 0.55 -18.33 4.45
CA ASP A 243 1.79 -18.34 5.24
C ASP A 243 2.95 -17.88 4.38
N ARG A 244 3.82 -17.05 4.97
CA ARG A 244 4.96 -16.52 4.25
C ARG A 244 6.22 -17.36 4.48
N ALA A 245 6.09 -18.39 5.31
CA ALA A 245 7.20 -19.28 5.62
C ALA A 245 6.90 -20.69 5.11
N ASN A 246 5.93 -20.78 4.22
CA ASN A 246 5.51 -22.06 3.64
C ASN A 246 4.81 -21.78 2.31
N ASN A 247 4.50 -20.51 2.08
CA ASN A 247 3.81 -20.11 0.85
C ASN A 247 2.52 -20.91 0.71
N VAL A 248 1.93 -21.25 1.84
CA VAL A 248 0.69 -22.02 1.85
C VAL A 248 -0.45 -21.22 2.49
N GLU A 249 -1.55 -21.10 1.77
CA GLU A 249 -2.72 -20.37 2.27
C GLU A 249 -3.13 -20.88 3.64
N LEU A 250 -3.30 -19.96 4.59
CA LEU A 250 -3.70 -20.31 5.94
C LEU A 250 -4.59 -19.25 6.59
N GLU B 17 7.51 -6.70 27.64
CA GLU B 17 6.26 -6.16 27.02
C GLU B 17 6.57 -4.97 26.12
N ASP B 18 7.82 -4.54 26.12
CA ASP B 18 8.27 -3.41 25.32
C ASP B 18 7.99 -3.61 23.83
N GLY B 19 8.09 -4.85 23.38
CA GLY B 19 7.81 -5.13 21.98
C GLY B 19 6.33 -5.00 21.74
N PHE B 20 5.59 -4.66 22.79
CA PHE B 20 4.14 -4.50 22.72
C PHE B 20 3.71 -3.03 22.82
N THR B 21 4.66 -2.12 22.74
CA THR B 21 4.33 -0.71 22.83
C THR B 21 3.79 -0.13 21.52
N ALA B 22 3.05 0.96 21.64
CA ALA B 22 2.48 1.63 20.48
C ALA B 22 3.57 1.88 19.42
N GLU B 23 4.66 2.48 19.87
CA GLU B 23 5.76 2.81 18.98
C GLU B 23 6.34 1.58 18.29
N HIS B 24 6.54 0.50 19.04
CA HIS B 24 7.10 -0.71 18.46
C HIS B 24 6.17 -1.39 17.46
N LEU B 25 4.90 -1.56 17.82
CA LEU B 25 3.95 -2.21 16.92
C LEU B 25 3.67 -1.37 15.68
N ALA B 26 3.66 -0.05 15.83
CA ALA B 26 3.43 0.81 14.69
C ALA B 26 4.57 0.54 13.72
N ALA B 27 5.78 0.50 14.24
CA ALA B 27 6.98 0.25 13.45
C ALA B 27 6.98 -1.15 12.85
N GLU B 28 6.26 -2.08 13.49
CA GLU B 28 6.18 -3.44 13.00
C GLU B 28 5.26 -3.46 11.78
N ALA B 29 4.11 -2.80 11.91
CA ALA B 29 3.13 -2.71 10.82
C ALA B 29 3.78 -2.12 9.57
N MSE B 30 4.69 -1.16 9.76
CA MSE B 30 5.38 -0.54 8.64
C MSE B 30 6.42 -1.47 8.03
O MSE B 30 6.60 -1.51 6.81
CB MSE B 30 6.06 0.74 9.07
CG MSE B 30 5.10 1.78 9.59
SE MSE B 30 5.82 3.53 9.41
CE MSE B 30 5.06 3.97 7.68
N ALA B 31 7.11 -2.23 8.87
CA ALA B 31 8.12 -3.15 8.37
C ALA B 31 7.45 -4.37 7.73
N ALA B 32 6.13 -4.40 7.79
CA ALA B 32 5.36 -5.50 7.23
C ALA B 32 4.37 -5.01 6.16
N ASP B 33 4.64 -3.85 5.59
CA ASP B 33 3.77 -3.29 4.57
C ASP B 33 4.52 -3.20 3.24
N MSE B 34 5.04 -4.34 2.81
CA MSE B 34 5.77 -4.45 1.55
C MSE B 34 4.97 -5.29 0.56
O MSE B 34 4.26 -6.21 0.95
CB MSE B 34 7.13 -5.14 1.78
CG MSE B 34 8.07 -4.37 2.68
SE MSE B 34 8.61 -2.69 1.90
CE MSE B 34 10.18 -3.28 0.94
N ASP B 35 5.08 -4.94 -0.72
CA ASP B 35 4.40 -5.71 -1.76
C ASP B 35 5.13 -7.02 -1.96
N PRO B 36 4.45 -8.04 -2.50
CA PRO B 36 5.07 -9.34 -2.74
C PRO B 36 6.12 -9.29 -3.85
N TRP B 37 6.60 -10.47 -4.24
CA TRP B 37 7.62 -10.60 -5.29
C TRP B 37 7.34 -11.80 -6.20
N LEU B 38 7.36 -11.59 -7.51
CA LEU B 38 7.18 -12.70 -8.43
C LEU B 38 8.45 -13.53 -8.23
N VAL B 39 8.30 -14.79 -7.90
CA VAL B 39 9.49 -15.58 -7.66
C VAL B 39 9.58 -16.93 -8.37
N PHE B 40 10.83 -17.34 -8.60
CA PHE B 40 11.13 -18.63 -9.18
C PHE B 40 12.46 -19.04 -8.56
N ASP B 41 12.47 -20.16 -7.84
CA ASP B 41 13.69 -20.64 -7.23
C ASP B 41 14.12 -21.91 -7.94
N ALA B 42 15.30 -21.87 -8.54
CA ALA B 42 15.84 -22.99 -9.29
C ALA B 42 16.11 -24.22 -8.42
N ARG B 43 16.36 -23.98 -7.14
CA ARG B 43 16.66 -25.01 -6.14
C ARG B 43 15.47 -25.93 -5.84
N THR B 44 14.29 -25.33 -5.78
CA THR B 44 13.05 -26.03 -5.48
C THR B 44 12.14 -26.18 -6.68
N THR B 45 12.18 -25.20 -7.56
CA THR B 45 11.34 -25.24 -8.75
C THR B 45 12.13 -25.82 -9.93
N PRO B 46 11.59 -26.85 -10.58
CA PRO B 46 12.24 -27.49 -11.72
C PRO B 46 12.60 -26.45 -12.78
N ALA B 47 13.87 -26.07 -12.80
CA ALA B 47 14.41 -25.10 -13.74
C ALA B 47 13.69 -25.10 -15.09
N THR B 48 13.28 -26.29 -15.53
CA THR B 48 12.60 -26.44 -16.80
C THR B 48 11.26 -25.71 -16.87
N GLU B 49 10.92 -25.00 -15.79
CA GLU B 49 9.68 -24.24 -15.73
C GLU B 49 9.99 -22.74 -15.77
N LEU B 50 11.29 -22.41 -15.85
CA LEU B 50 11.70 -21.02 -15.84
C LEU B 50 11.14 -20.12 -16.94
N ASP B 51 11.03 -20.65 -18.16
CA ASP B 51 10.56 -19.83 -19.28
C ASP B 51 9.06 -19.45 -19.34
N ALA B 52 8.16 -20.36 -18.97
CA ALA B 52 6.74 -20.04 -19.01
C ALA B 52 6.54 -18.93 -17.99
N TRP B 53 7.35 -19.00 -16.92
CA TRP B 53 7.32 -18.01 -15.86
C TRP B 53 7.89 -16.68 -16.39
N LEU B 54 9.00 -16.76 -17.13
CA LEU B 54 9.60 -15.56 -17.69
C LEU B 54 8.70 -14.96 -18.78
N ALA B 55 8.07 -15.81 -19.56
CA ALA B 55 7.20 -15.37 -20.64
C ALA B 55 5.99 -14.64 -20.04
N LYS B 56 5.42 -15.21 -19.00
CA LYS B 56 4.25 -14.63 -18.36
C LYS B 56 4.52 -13.33 -17.62
N TYR B 57 5.71 -13.19 -17.03
CA TYR B 57 6.00 -11.99 -16.27
C TYR B 57 7.20 -11.15 -16.72
N PRO B 58 7.11 -10.51 -17.89
CA PRO B 58 8.17 -9.66 -18.43
C PRO B 58 8.22 -8.32 -17.69
N PRO B 59 9.42 -7.86 -17.32
CA PRO B 59 9.56 -6.58 -16.60
C PRO B 59 8.96 -5.34 -17.27
N SER B 60 9.15 -5.18 -18.58
CA SER B 60 8.57 -4.01 -19.23
C SER B 60 7.09 -4.26 -19.58
N GLN B 61 6.38 -4.89 -18.65
CA GLN B 61 4.95 -5.19 -18.79
C GLN B 61 4.34 -5.59 -17.45
N VAL B 62 5.11 -6.22 -16.58
CA VAL B 62 4.56 -6.61 -15.28
C VAL B 62 3.98 -5.35 -14.65
N THR B 63 2.70 -5.40 -14.28
CA THR B 63 2.11 -4.21 -13.69
C THR B 63 2.33 -4.00 -12.21
N ARG B 64 3.19 -3.04 -11.93
CA ARG B 64 3.56 -2.63 -10.59
C ARG B 64 2.38 -2.60 -9.62
N TYR B 65 1.23 -2.14 -10.10
CA TYR B 65 0.03 -2.05 -9.27
C TYR B 65 -1.05 -2.99 -9.77
N GLY B 66 -0.69 -3.88 -10.69
CA GLY B 66 -1.66 -4.80 -11.24
C GLY B 66 -2.67 -4.06 -12.08
N ASP B 67 -2.17 -3.14 -12.89
CA ASP B 67 -3.02 -2.35 -13.76
C ASP B 67 -3.80 -3.28 -14.68
N PRO B 68 -4.97 -2.83 -15.16
CA PRO B 68 -5.81 -3.62 -16.06
C PRO B 68 -5.00 -4.20 -17.23
N GLY B 69 -5.39 -5.38 -17.69
CA GLY B 69 -4.70 -5.99 -18.79
C GLY B 69 -3.20 -6.11 -18.58
N SER B 70 -2.81 -7.11 -17.79
CA SER B 70 -1.41 -7.37 -17.48
C SER B 70 -1.32 -8.73 -16.77
N PRO B 71 -0.13 -9.33 -16.73
CA PRO B 71 0.07 -10.63 -16.08
C PRO B 71 -0.42 -10.66 -14.63
N ASN B 72 -0.21 -9.56 -13.91
CA ASN B 72 -0.60 -9.48 -12.51
C ASN B 72 -1.64 -8.40 -12.30
N SER B 73 -2.65 -8.71 -11.49
CA SER B 73 -3.73 -7.77 -11.22
C SER B 73 -3.52 -6.90 -9.99
N GLU B 74 -2.53 -7.25 -9.18
CA GLU B 74 -2.25 -6.51 -7.96
C GLU B 74 -0.82 -5.97 -7.95
N PRO B 75 -0.49 -5.11 -6.98
CA PRO B 75 0.85 -4.54 -6.86
C PRO B 75 1.96 -5.58 -6.70
N VAL B 76 3.05 -5.40 -7.43
CA VAL B 76 4.18 -6.32 -7.37
C VAL B 76 5.48 -5.66 -6.94
N GLY B 77 6.16 -6.30 -6.00
CA GLY B 77 7.43 -5.78 -5.51
C GLY B 77 8.60 -6.05 -6.44
N TRP B 78 9.06 -7.30 -6.49
CA TRP B 78 10.19 -7.68 -7.35
C TRP B 78 10.05 -9.08 -7.96
N ILE B 79 10.70 -9.30 -9.09
CA ILE B 79 10.66 -10.59 -9.77
C ILE B 79 12.09 -11.11 -9.77
N ALA B 80 12.34 -12.17 -9.01
CA ALA B 80 13.69 -12.67 -8.91
C ALA B 80 13.89 -14.16 -9.10
N VAL B 81 15.15 -14.56 -9.28
CA VAL B 81 15.53 -15.95 -9.43
C VAL B 81 16.64 -16.16 -8.42
N TYR B 82 16.71 -17.36 -7.84
CA TYR B 82 17.71 -17.66 -6.82
C TYR B 82 18.74 -18.73 -7.15
N GLY B 83 18.68 -19.85 -6.41
CA GLY B 83 19.61 -20.93 -6.65
C GLY B 83 20.60 -21.12 -5.52
N GLN B 84 21.46 -22.12 -5.66
CA GLN B 84 22.48 -22.46 -4.67
C GLN B 84 23.44 -21.32 -4.32
N GLY B 85 23.59 -20.37 -5.24
CA GLY B 85 24.49 -19.25 -5.01
C GLY B 85 24.00 -18.26 -3.98
N TYR B 86 22.70 -18.23 -3.75
CA TYR B 86 22.11 -17.31 -2.78
C TYR B 86 22.64 -17.51 -1.37
N SER B 87 22.61 -16.43 -0.59
CA SER B 87 23.07 -16.44 0.80
C SER B 87 22.98 -15.03 1.38
N PRO B 88 21.94 -14.76 2.20
CA PRO B 88 21.72 -13.46 2.83
C PRO B 88 22.91 -12.91 3.64
N ASN B 89 23.01 -11.59 3.70
CA ASN B 89 24.09 -10.92 4.41
C ASN B 89 24.20 -11.39 5.86
N SER B 90 23.07 -11.63 6.49
CA SER B 90 23.03 -12.06 7.89
C SER B 90 23.81 -11.14 8.82
N GLY B 91 23.73 -9.83 8.57
CA GLY B 91 24.44 -8.87 9.39
C GLY B 91 23.53 -7.95 10.19
N ASP B 92 24.14 -7.08 10.99
CA ASP B 92 23.40 -6.15 11.83
C ASP B 92 23.23 -4.76 11.22
N VAL B 93 22.09 -4.57 10.56
CA VAL B 93 21.75 -3.30 9.91
C VAL B 93 21.30 -2.26 10.92
N GLN B 94 20.37 -2.63 11.78
CA GLN B 94 19.85 -1.72 12.81
C GLN B 94 21.06 -1.10 13.52
N GLY B 95 22.11 -1.89 13.69
CA GLY B 95 23.29 -1.39 14.33
C GLY B 95 24.03 -0.41 13.45
N LEU B 96 24.16 -0.75 12.17
CA LEU B 96 24.86 0.12 11.21
C LEU B 96 24.32 1.53 11.27
N GLN B 97 23.03 1.66 10.96
CA GLN B 97 22.35 2.96 10.96
C GLN B 97 22.66 3.72 12.25
N ALA B 98 22.71 2.99 13.36
CA ALA B 98 22.99 3.60 14.66
C ALA B 98 24.34 4.30 14.60
N ALA B 99 25.38 3.54 14.30
CA ALA B 99 26.73 4.08 14.18
C ALA B 99 26.75 5.18 13.13
N TRP B 100 26.10 4.93 12.00
CA TRP B 100 26.03 5.91 10.93
C TRP B 100 25.35 7.15 11.47
N GLU B 101 24.46 6.95 12.44
CA GLU B 101 23.76 8.06 13.06
C GLU B 101 24.77 8.83 13.88
N ALA B 102 25.67 8.09 14.53
CA ALA B 102 26.72 8.65 15.37
C ALA B 102 27.82 9.29 14.54
N LEU B 103 28.33 8.55 13.55
CA LEU B 103 29.40 9.05 12.69
C LEU B 103 29.09 10.44 12.14
N GLN B 104 27.88 10.63 11.64
CA GLN B 104 27.47 11.92 11.09
C GLN B 104 27.56 12.99 12.17
N THR B 105 27.17 12.64 13.39
CA THR B 105 27.21 13.56 14.52
C THR B 105 28.62 14.11 14.67
N SER B 106 29.53 13.24 15.13
CA SER B 106 30.92 13.60 15.33
C SER B 106 31.51 14.23 14.07
N GLY B 107 32.74 14.74 14.19
CA GLY B 107 33.38 15.38 13.06
C GLY B 107 34.22 14.47 12.19
N ARG B 108 34.25 13.17 12.50
CA ARG B 108 35.04 12.23 11.72
C ARG B 108 34.87 12.47 10.23
N PRO B 109 35.98 12.51 9.47
CA PRO B 109 35.97 12.74 8.03
C PRO B 109 35.19 11.68 7.24
N ILE B 110 33.87 11.81 7.21
CA ILE B 110 33.01 10.87 6.50
C ILE B 110 33.51 10.59 5.09
N THR B 111 34.17 9.45 4.92
CA THR B 111 34.74 9.06 3.64
C THR B 111 34.44 7.60 3.35
N PRO B 112 34.75 7.14 2.13
CA PRO B 112 34.50 5.75 1.78
C PRO B 112 34.97 4.81 2.88
N GLY B 113 36.23 5.00 3.30
CA GLY B 113 36.81 4.18 4.34
C GLY B 113 36.01 4.12 5.62
N THR B 114 35.53 5.26 6.08
CA THR B 114 34.74 5.31 7.31
C THR B 114 33.42 4.58 7.09
N LEU B 115 33.04 4.43 5.82
CA LEU B 115 31.78 3.76 5.49
C LEU B 115 32.04 2.29 5.22
N ARG B 116 33.21 1.99 4.68
CA ARG B 116 33.57 0.61 4.40
C ARG B 116 33.78 -0.07 5.74
N GLN B 117 34.38 0.65 6.68
CA GLN B 117 34.61 0.08 7.99
C GLN B 117 33.27 -0.07 8.66
N LEU B 118 32.41 0.93 8.58
CA LEU B 118 31.10 0.83 9.18
C LEU B 118 30.37 -0.40 8.67
N ALA B 119 30.70 -0.81 7.45
CA ALA B 119 30.09 -1.98 6.83
C ALA B 119 30.67 -3.27 7.39
N ILE B 120 31.96 -3.26 7.65
CA ILE B 120 32.66 -4.42 8.21
C ILE B 120 32.30 -4.58 9.68
N THR B 121 32.02 -3.45 10.33
CA THR B 121 31.65 -3.43 11.73
C THR B 121 30.19 -3.84 11.96
N HIS B 122 29.49 -4.20 10.89
CA HIS B 122 28.09 -4.60 11.03
C HIS B 122 27.63 -5.74 10.13
N HIS B 123 28.57 -6.59 9.73
CA HIS B 123 28.27 -7.75 8.88
C HIS B 123 27.43 -7.45 7.62
N VAL B 124 27.36 -6.20 7.21
CA VAL B 124 26.61 -5.80 6.02
C VAL B 124 27.60 -5.63 4.87
N LEU B 125 27.93 -6.73 4.20
CA LEU B 125 28.93 -6.68 3.15
C LEU B 125 28.47 -6.66 1.69
N SER B 126 27.44 -7.43 1.36
CA SER B 126 26.97 -7.49 -0.02
C SER B 126 26.65 -6.14 -0.68
N GLY B 127 26.93 -6.06 -1.96
CA GLY B 127 26.67 -4.85 -2.72
C GLY B 127 25.60 -5.13 -3.76
N LYS B 128 25.99 -5.09 -5.04
CA LYS B 128 25.09 -5.37 -6.16
C LYS B 128 25.48 -4.70 -7.47
N TRP B 129 25.35 -5.47 -8.55
CA TRP B 129 25.60 -4.99 -9.90
C TRP B 129 24.27 -4.44 -10.44
N LEU B 130 24.33 -3.28 -11.08
CA LEU B 130 23.14 -2.64 -11.62
C LEU B 130 23.22 -2.36 -13.13
N MSE B 131 22.04 -2.30 -13.75
CA MSE B 131 21.92 -2.04 -15.18
C MSE B 131 20.57 -1.38 -15.39
O MSE B 131 19.60 -1.71 -14.71
CB MSE B 131 21.97 -3.35 -15.98
CG MSE B 131 23.27 -4.14 -15.87
SE MSE B 131 23.05 -5.98 -15.23
CE MSE B 131 22.92 -5.56 -13.35
N HIS B 132 20.51 -0.43 -16.33
CA HIS B 132 19.26 0.27 -16.60
C HIS B 132 18.90 0.14 -18.07
N LEU B 133 17.79 -0.54 -18.34
CA LEU B 133 17.33 -0.77 -19.69
C LEU B 133 15.99 -0.10 -19.93
N ALA B 134 15.79 0.40 -21.15
CA ALA B 134 14.54 1.04 -21.50
C ALA B 134 13.53 -0.11 -21.62
N PRO B 135 12.32 0.09 -21.07
CA PRO B 135 11.32 -0.98 -21.17
C PRO B 135 11.12 -1.40 -22.61
N GLY B 136 11.10 -2.72 -22.83
CA GLY B 136 10.94 -3.24 -24.18
C GLY B 136 11.52 -4.63 -24.28
N PHE B 137 11.66 -5.11 -25.50
CA PHE B 137 12.18 -6.46 -25.71
C PHE B 137 13.63 -6.62 -25.26
N LYS B 138 14.39 -5.55 -25.27
CA LYS B 138 15.78 -5.63 -24.83
C LYS B 138 15.85 -5.75 -23.32
N LEU B 139 14.96 -5.06 -22.61
CA LEU B 139 14.96 -5.14 -21.17
C LEU B 139 14.55 -6.55 -20.76
N ASP B 140 13.62 -7.16 -21.51
CA ASP B 140 13.13 -8.50 -21.21
C ASP B 140 14.06 -9.62 -21.66
N HIS B 141 14.61 -9.48 -22.85
CA HIS B 141 15.51 -10.48 -23.39
C HIS B 141 16.70 -10.67 -22.45
N ALA B 142 17.30 -9.56 -22.04
CA ALA B 142 18.44 -9.59 -21.12
C ALA B 142 18.04 -10.36 -19.86
N TRP B 143 16.88 -9.98 -19.31
CA TRP B 143 16.37 -10.61 -18.10
C TRP B 143 16.29 -12.13 -18.23
N ALA B 144 15.85 -12.60 -19.39
CA ALA B 144 15.74 -14.04 -19.61
C ALA B 144 17.12 -14.69 -19.46
N GLY B 145 18.17 -13.94 -19.80
CA GLY B 145 19.52 -14.47 -19.68
C GLY B 145 20.05 -14.39 -18.25
N ILE B 146 19.67 -13.34 -17.53
CA ILE B 146 20.10 -13.18 -16.14
C ILE B 146 19.45 -14.28 -15.31
N ALA B 147 18.15 -14.48 -15.53
CA ALA B 147 17.41 -15.52 -14.83
C ALA B 147 18.01 -16.90 -15.13
N ARG B 148 18.36 -17.13 -16.39
CA ARG B 148 18.92 -18.41 -16.78
C ARG B 148 20.21 -18.68 -16.04
N ALA B 149 21.15 -17.73 -16.12
CA ALA B 149 22.43 -17.86 -15.45
C ALA B 149 22.18 -18.16 -13.95
N VAL B 150 21.33 -17.36 -13.33
CA VAL B 150 20.99 -17.55 -11.93
C VAL B 150 20.57 -19.01 -11.73
N VAL B 151 19.61 -19.45 -12.53
CA VAL B 151 19.12 -20.81 -12.45
C VAL B 151 20.23 -21.82 -12.71
N GLU B 152 21.23 -21.42 -13.51
CA GLU B 152 22.34 -22.31 -13.82
C GLU B 152 23.49 -22.20 -12.81
N GLY B 153 23.24 -21.55 -11.69
CA GLY B 153 24.26 -21.41 -10.66
C GLY B 153 25.32 -20.36 -10.98
N ARG B 154 25.44 -19.97 -12.24
CA ARG B 154 26.43 -18.97 -12.63
C ARG B 154 26.20 -17.66 -11.91
N LEU B 155 24.96 -17.40 -11.50
CA LEU B 155 24.63 -16.19 -10.75
C LEU B 155 23.96 -16.62 -9.46
N GLN B 156 24.07 -15.81 -8.42
CA GLN B 156 23.50 -16.14 -7.12
C GLN B 156 22.04 -15.76 -6.96
N VAL B 157 21.73 -14.51 -7.29
CA VAL B 157 20.37 -14.01 -7.19
C VAL B 157 20.31 -12.70 -7.95
N ALA B 158 19.16 -12.43 -8.58
CA ALA B 158 18.98 -11.21 -9.35
C ALA B 158 17.53 -10.83 -9.32
N LYS B 159 17.25 -9.55 -9.50
CA LYS B 159 15.87 -9.09 -9.49
C LYS B 159 15.69 -7.92 -10.44
N VAL B 160 14.49 -7.79 -11.00
CA VAL B 160 14.18 -6.70 -11.92
C VAL B 160 12.91 -5.95 -11.52
N SER B 161 12.87 -4.65 -11.84
CA SER B 161 11.72 -3.82 -11.51
C SER B 161 10.63 -3.86 -12.57
N PRO B 162 9.37 -3.96 -12.14
CA PRO B 162 8.22 -4.00 -13.05
C PRO B 162 7.96 -2.62 -13.67
N ARG B 163 7.17 -2.56 -14.74
CA ARG B 163 6.89 -1.29 -15.39
C ARG B 163 5.96 -0.39 -14.58
N ALA B 164 6.28 0.90 -14.57
CA ALA B 164 5.48 1.91 -13.86
C ALA B 164 4.32 2.35 -14.77
N LYS B 165 4.37 3.60 -15.24
CA LYS B 165 3.33 4.13 -16.12
C LYS B 165 3.75 5.30 -17.01
N GLU B 166 4.98 5.27 -17.52
CA GLU B 166 5.46 6.32 -18.41
C GLU B 166 6.89 6.10 -18.91
N GLY B 167 7.06 5.17 -19.84
CA GLY B 167 8.38 4.89 -20.38
C GLY B 167 9.44 4.85 -19.29
N GLY B 168 10.62 5.40 -19.58
CA GLY B 168 11.68 5.42 -18.60
C GLY B 168 12.33 4.07 -18.35
N ARG B 169 13.66 4.08 -18.29
CA ARG B 169 14.43 2.86 -18.06
C ARG B 169 14.07 2.16 -16.76
N GLN B 170 14.18 0.84 -16.77
CA GLN B 170 13.91 0.03 -15.59
C GLN B 170 15.23 -0.58 -15.16
N VAL B 171 15.40 -0.74 -13.85
CA VAL B 171 16.66 -1.26 -13.32
C VAL B 171 16.70 -2.76 -13.08
N ILE B 172 17.91 -3.30 -13.13
CA ILE B 172 18.16 -4.71 -12.87
C ILE B 172 19.24 -4.76 -11.79
N CYS B 173 19.14 -5.75 -10.92
CA CYS B 173 20.09 -5.94 -9.83
C CYS B 173 20.71 -7.33 -9.86
N VAL B 174 22.02 -7.39 -9.69
CA VAL B 174 22.74 -8.66 -9.65
C VAL B 174 23.68 -8.61 -8.44
N TYR B 175 23.34 -9.40 -7.42
CA TYR B 175 24.10 -9.45 -6.19
C TYR B 175 25.40 -10.23 -6.16
N THR B 176 26.20 -9.93 -5.14
CA THR B 176 27.45 -10.62 -4.85
C THR B 176 27.48 -10.60 -3.32
N ASP B 177 28.30 -11.42 -2.69
CA ASP B 177 28.31 -11.47 -1.24
C ASP B 177 29.08 -10.37 -0.51
N ASP B 178 30.23 -10.00 -1.03
CA ASP B 178 31.05 -8.98 -0.37
C ASP B 178 31.63 -7.96 -1.35
N PHE B 179 31.34 -6.69 -1.14
CA PHE B 179 31.84 -5.65 -2.02
C PHE B 179 33.36 -5.54 -1.97
N THR B 180 33.99 -6.20 -1.00
CA THR B 180 35.45 -6.13 -0.88
C THR B 180 36.06 -7.38 -1.51
N ASP B 181 35.20 -8.25 -2.01
CA ASP B 181 35.61 -9.50 -2.66
C ASP B 181 35.66 -9.33 -4.18
N ARG B 182 36.65 -8.59 -4.65
CA ARG B 182 36.82 -8.31 -6.08
C ARG B 182 36.59 -9.42 -7.09
N LEU B 183 37.35 -10.50 -6.98
CA LEU B 183 37.22 -11.61 -7.93
C LEU B 183 35.78 -12.02 -8.13
N GLY B 184 35.10 -12.36 -7.04
CA GLY B 184 33.70 -12.76 -7.15
C GLY B 184 32.88 -11.74 -7.91
N VAL B 185 33.36 -10.50 -7.95
CA VAL B 185 32.67 -9.44 -8.67
C VAL B 185 32.82 -9.65 -10.18
N LEU B 186 34.02 -9.97 -10.63
CA LEU B 186 34.24 -10.21 -12.05
C LEU B 186 33.31 -11.30 -12.52
N GLU B 187 33.01 -12.23 -11.62
CA GLU B 187 32.12 -13.33 -11.92
C GLU B 187 30.75 -12.75 -12.26
N ALA B 188 30.21 -11.94 -11.35
CA ALA B 188 28.90 -11.34 -11.58
C ALA B 188 28.94 -10.45 -12.82
N ASP B 189 30.03 -9.70 -13.02
CA ASP B 189 30.17 -8.82 -14.18
C ASP B 189 30.18 -9.72 -15.41
N SER B 190 31.04 -10.72 -15.40
CA SER B 190 31.16 -11.64 -16.52
C SER B 190 29.83 -12.29 -16.91
N ALA B 191 29.15 -12.89 -15.94
CA ALA B 191 27.88 -13.55 -16.20
C ALA B 191 26.88 -12.58 -16.86
N ILE B 192 26.94 -11.32 -16.47
CA ILE B 192 26.05 -10.34 -17.04
C ILE B 192 26.34 -10.14 -18.53
N ARG B 193 27.60 -10.27 -18.93
CA ARG B 193 27.97 -10.09 -20.33
C ARG B 193 27.64 -11.35 -21.13
N ALA B 194 27.79 -12.49 -20.48
CA ALA B 194 27.49 -13.75 -21.13
C ALA B 194 26.00 -13.82 -21.47
N ALA B 195 25.15 -13.18 -20.65
CA ALA B 195 23.72 -13.19 -20.91
C ALA B 195 23.41 -12.27 -22.09
N GLY B 196 24.46 -11.78 -22.74
CA GLY B 196 24.29 -10.92 -23.88
C GLY B 196 24.23 -9.45 -23.55
N ILE B 197 24.22 -9.10 -22.27
CA ILE B 197 24.16 -7.70 -21.86
C ILE B 197 25.42 -6.92 -22.21
N LYS B 198 25.24 -5.69 -22.70
CA LYS B 198 26.35 -4.83 -23.09
C LYS B 198 26.26 -3.45 -22.44
N CYS B 199 25.38 -3.32 -21.46
CA CYS B 199 25.17 -2.06 -20.77
C CYS B 199 26.29 -1.74 -19.77
N LEU B 200 26.25 -0.52 -19.24
CA LEU B 200 27.23 -0.05 -18.27
C LEU B 200 26.77 -0.49 -16.88
N LEU B 201 27.32 -1.59 -16.36
CA LEU B 201 26.93 -2.04 -15.03
C LEU B 201 27.40 -1.00 -14.01
N THR B 202 26.67 -0.90 -12.90
CA THR B 202 27.00 0.06 -11.85
C THR B 202 26.89 -0.66 -10.50
N TYR B 203 28.03 -0.90 -9.84
CA TYR B 203 28.05 -1.61 -8.55
C TYR B 203 27.97 -0.76 -7.27
N LYS B 204 26.88 -0.92 -6.54
CA LYS B 204 26.67 -0.18 -5.30
C LYS B 204 26.49 -1.13 -4.11
N PRO B 205 27.26 -0.92 -3.04
CA PRO B 205 27.14 -1.80 -1.86
C PRO B 205 25.95 -1.52 -0.94
N ASP B 206 25.42 -2.58 -0.33
CA ASP B 206 24.29 -2.43 0.60
C ASP B 206 24.51 -1.28 1.58
N VAL B 207 25.66 -1.26 2.25
CA VAL B 207 25.96 -0.22 3.23
C VAL B 207 25.48 1.14 2.76
N TYR B 208 25.91 1.56 1.57
CA TYR B 208 25.45 2.86 1.07
C TYR B 208 23.94 2.84 0.94
N THR B 209 23.42 1.79 0.32
CA THR B 209 21.98 1.64 0.12
C THR B 209 21.22 1.66 1.45
N TYR B 210 21.78 1.01 2.46
CA TYR B 210 21.18 0.96 3.78
C TYR B 210 21.26 2.31 4.49
N LEU B 211 22.34 3.04 4.28
CA LEU B 211 22.50 4.34 4.92
C LEU B 211 21.91 5.45 4.07
N GLY B 212 21.27 5.06 2.97
CA GLY B 212 20.68 6.03 2.08
C GLY B 212 21.73 6.88 1.40
N ILE B 213 22.94 6.34 1.29
CA ILE B 213 24.02 7.06 0.64
C ILE B 213 23.88 7.01 -0.88
N TYR B 214 23.27 8.05 -1.44
CA TYR B 214 23.07 8.14 -2.89
C TYR B 214 24.00 9.19 -3.46
N ARG B 215 24.32 9.07 -4.74
CA ARG B 215 25.25 9.98 -5.41
C ARG B 215 25.10 11.44 -5.02
N ALA B 216 23.89 11.86 -4.67
CA ALA B 216 23.69 13.23 -4.24
C ALA B 216 23.66 13.25 -2.71
N ASN B 217 24.81 13.50 -2.10
CA ASN B 217 24.88 13.52 -0.65
C ASN B 217 25.78 14.63 -0.09
N ARG B 218 25.49 15.06 1.13
CA ARG B 218 26.23 16.13 1.80
C ARG B 218 27.73 15.92 1.75
N TRP B 219 28.14 14.67 1.87
CA TRP B 219 29.54 14.28 1.92
C TRP B 219 30.25 14.10 0.58
N HIS B 220 29.51 14.18 -0.52
CA HIS B 220 30.11 14.02 -1.83
C HIS B 220 30.75 12.64 -1.96
N LEU B 221 30.07 11.64 -1.44
CA LEU B 221 30.55 10.27 -1.54
C LEU B 221 29.97 9.63 -2.78
N CYS B 222 30.78 8.90 -3.53
CA CYS B 222 30.28 8.23 -4.72
C CYS B 222 29.84 6.86 -4.23
N PRO B 223 28.52 6.64 -4.13
CA PRO B 223 28.02 5.36 -3.67
C PRO B 223 28.21 4.28 -4.73
N THR B 224 29.43 4.15 -5.24
CA THR B 224 29.77 3.18 -6.27
C THR B 224 31.22 2.71 -6.17
N LEU B 225 31.44 1.51 -5.65
CA LEU B 225 32.79 1.00 -5.52
C LEU B 225 33.34 0.65 -6.91
N TYR B 226 32.63 -0.20 -7.63
CA TYR B 226 33.04 -0.62 -8.97
C TYR B 226 32.21 0.10 -10.01
N GLU B 227 32.67 0.01 -11.25
CA GLU B 227 32.04 0.64 -12.40
C GLU B 227 32.60 -0.02 -13.65
N SER B 228 31.79 -0.84 -14.31
CA SER B 228 32.22 -1.53 -15.53
C SER B 228 31.62 -0.93 -16.80
N ARG B 229 32.46 -0.86 -17.84
CA ARG B 229 32.07 -0.30 -19.14
C ARG B 229 32.28 -1.35 -20.23
N PHE B 230 31.28 -1.55 -21.09
CA PHE B 230 31.43 -2.53 -22.14
C PHE B 230 32.21 -1.97 -23.34
N GLN B 231 32.99 -2.83 -23.99
CA GLN B 231 33.79 -2.40 -25.12
C GLN B 231 33.54 -3.24 -26.37
N LEU B 232 33.11 -2.57 -27.44
CA LEU B 232 32.83 -3.22 -28.73
C LEU B 232 34.03 -3.08 -29.66
N GLY B 233 33.98 -3.79 -30.79
CA GLY B 233 35.07 -3.70 -31.74
C GLY B 233 35.82 -4.96 -32.09
N GLY B 234 36.28 -5.67 -31.08
CA GLY B 234 37.03 -6.90 -31.32
C GLY B 234 38.51 -6.68 -31.12
N SER B 235 38.88 -5.45 -30.76
CA SER B 235 40.28 -5.10 -30.52
C SER B 235 40.46 -4.63 -29.08
N ALA B 236 39.52 -5.03 -28.24
CA ALA B 236 39.52 -4.70 -26.82
C ALA B 236 38.78 -5.79 -26.05
N ARG B 237 39.00 -5.82 -24.74
CA ARG B 237 38.33 -6.79 -23.88
C ARG B 237 36.86 -6.41 -23.86
N GLY B 238 35.98 -7.40 -24.07
CA GLY B 238 34.57 -7.12 -24.06
C GLY B 238 34.15 -6.23 -22.91
N SER B 239 34.83 -6.35 -21.77
CA SER B 239 34.50 -5.57 -20.59
C SER B 239 35.70 -4.99 -19.83
N ARG B 240 35.57 -3.74 -19.38
CA ARG B 240 36.63 -3.09 -18.62
C ARG B 240 36.08 -2.68 -17.25
N VAL B 241 36.54 -3.36 -16.21
CA VAL B 241 36.07 -3.12 -14.85
C VAL B 241 37.04 -2.28 -14.03
N LEU B 242 36.54 -1.20 -13.45
CA LEU B 242 37.36 -0.29 -12.64
C LEU B 242 36.77 -0.08 -11.25
N ASP B 243 37.61 -0.15 -10.22
CA ASP B 243 37.15 0.09 -8.86
C ASP B 243 37.55 1.52 -8.52
N ARG B 244 36.56 2.41 -8.41
CA ARG B 244 36.83 3.82 -8.13
C ARG B 244 37.60 4.08 -6.84
N ALA B 245 37.47 3.18 -5.87
CA ALA B 245 38.16 3.37 -4.60
C ALA B 245 39.67 3.17 -4.74
N ASN B 246 40.08 1.93 -4.97
CA ASN B 246 41.49 1.60 -5.09
C ASN B 246 42.17 2.18 -6.32
N ASN B 247 41.39 2.46 -7.36
CA ASN B 247 41.92 3.01 -8.61
C ASN B 247 42.69 1.91 -9.32
N VAL B 248 42.16 0.71 -9.21
CA VAL B 248 42.73 -0.49 -9.81
C VAL B 248 41.84 -0.98 -10.95
N GLU B 249 42.45 -1.51 -11.99
CA GLU B 249 41.69 -2.04 -13.11
C GLU B 249 41.64 -3.54 -12.93
N LEU B 250 40.54 -4.03 -12.37
CA LEU B 250 40.37 -5.46 -12.15
C LEU B 250 40.62 -6.15 -13.48
N THR B 251 40.41 -5.38 -14.54
CA THR B 251 40.58 -5.81 -15.93
C THR B 251 39.27 -6.33 -16.51
N MSE C 30 -39.41 2.09 -0.95
CA MSE C 30 -39.20 2.37 -2.40
C MSE C 30 -38.11 3.41 -2.60
O MSE C 30 -37.64 4.03 -1.65
CB MSE C 30 -40.51 2.88 -3.02
CG MSE C 30 -41.67 1.89 -2.94
SE MSE C 30 -43.29 2.45 -3.83
CE MSE C 30 -44.17 3.34 -2.36
N ALA C 31 -37.70 3.58 -3.85
CA ALA C 31 -36.66 4.54 -4.21
C ALA C 31 -36.97 5.16 -5.57
N ALA C 32 -36.27 6.25 -5.89
CA ALA C 32 -36.46 6.94 -7.15
C ALA C 32 -36.17 5.98 -8.31
N ASP C 33 -35.10 5.20 -8.17
CA ASP C 33 -34.73 4.23 -9.20
C ASP C 33 -34.64 2.84 -8.60
N MSE C 34 -35.67 2.04 -8.87
CA MSE C 34 -35.77 0.69 -8.35
C MSE C 34 -35.50 -0.34 -9.44
O MSE C 34 -35.65 -1.55 -9.22
CB MSE C 34 -37.18 0.46 -7.76
CG MSE C 34 -37.54 1.37 -6.59
SE MSE C 34 -39.35 1.05 -5.90
CE MSE C 34 -40.32 2.24 -7.07
N ASP C 35 -35.08 0.13 -10.61
CA ASP C 35 -34.81 -0.76 -11.75
C ASP C 35 -33.38 -1.28 -11.83
N PRO C 36 -33.15 -2.23 -12.76
CA PRO C 36 -31.81 -2.80 -12.94
C PRO C 36 -30.99 -1.84 -13.80
N TRP C 37 -29.70 -2.12 -13.91
CA TRP C 37 -28.82 -1.31 -14.73
C TRP C 37 -28.01 -2.24 -15.63
N LEU C 38 -27.64 -1.77 -16.81
CA LEU C 38 -26.79 -2.54 -17.72
C LEU C 38 -25.40 -2.23 -17.20
N VAL C 39 -24.65 -3.27 -16.88
CA VAL C 39 -23.34 -3.06 -16.31
C VAL C 39 -22.20 -3.85 -16.93
N PHE C 40 -21.13 -3.14 -17.28
CA PHE C 40 -19.95 -3.84 -17.77
C PHE C 40 -19.01 -3.78 -16.58
N ASP C 41 -18.80 -4.91 -15.92
CA ASP C 41 -17.93 -4.94 -14.75
C ASP C 41 -16.56 -5.41 -15.20
N ALA C 42 -15.62 -4.49 -15.38
CA ALA C 42 -14.29 -4.84 -15.84
C ALA C 42 -13.50 -5.60 -14.77
N ARG C 43 -14.08 -5.77 -13.59
CA ARG C 43 -13.41 -6.51 -12.53
C ARG C 43 -13.64 -7.99 -12.72
N THR C 44 -14.71 -8.34 -13.43
CA THR C 44 -15.05 -9.73 -13.66
C THR C 44 -15.33 -10.05 -15.12
N THR C 45 -15.02 -9.12 -16.03
CA THR C 45 -15.30 -9.34 -17.45
C THR C 45 -14.13 -9.04 -18.38
N PRO C 46 -13.87 -9.94 -19.34
CA PRO C 46 -12.79 -9.81 -20.32
C PRO C 46 -12.93 -8.50 -21.07
N ALA C 47 -11.90 -7.67 -20.99
CA ALA C 47 -11.88 -6.36 -21.63
C ALA C 47 -12.35 -6.40 -23.08
N THR C 48 -11.88 -7.39 -23.82
CA THR C 48 -12.26 -7.50 -25.22
C THR C 48 -13.75 -7.70 -25.39
N GLU C 49 -14.40 -8.16 -24.33
CA GLU C 49 -15.84 -8.38 -24.37
C GLU C 49 -16.57 -7.04 -24.38
N LEU C 50 -15.82 -5.96 -24.22
CA LEU C 50 -16.43 -4.61 -24.18
C LEU C 50 -17.09 -4.14 -25.47
N ASP C 51 -16.57 -4.53 -26.63
CA ASP C 51 -17.14 -4.07 -27.89
C ASP C 51 -18.54 -4.57 -28.22
N ALA C 52 -18.86 -5.83 -27.91
CA ALA C 52 -20.20 -6.33 -28.22
C ALA C 52 -21.27 -5.57 -27.43
N TRP C 53 -21.00 -5.38 -26.15
CA TRP C 53 -21.88 -4.67 -25.22
C TRP C 53 -22.14 -3.25 -25.71
N LEU C 54 -21.06 -2.47 -25.77
CA LEU C 54 -21.14 -1.08 -26.19
C LEU C 54 -22.05 -0.92 -27.39
N ALA C 55 -21.91 -1.85 -28.33
CA ALA C 55 -22.70 -1.85 -29.56
C ALA C 55 -24.11 -2.37 -29.32
N LYS C 56 -24.22 -3.44 -28.55
CA LYS C 56 -25.49 -4.05 -28.24
C LYS C 56 -26.40 -3.12 -27.42
N TYR C 57 -25.79 -2.20 -26.68
CA TYR C 57 -26.55 -1.30 -25.84
C TYR C 57 -26.11 0.16 -25.93
N PRO C 58 -26.10 0.73 -27.13
CA PRO C 58 -25.67 2.13 -27.16
C PRO C 58 -26.56 3.00 -26.26
N PRO C 59 -25.95 3.96 -25.55
CA PRO C 59 -26.75 4.82 -24.66
C PRO C 59 -27.95 5.44 -25.36
N SER C 60 -27.93 5.44 -26.68
CA SER C 60 -29.04 5.98 -27.46
C SER C 60 -30.20 4.99 -27.42
N GLN C 61 -30.05 3.93 -28.20
CA GLN C 61 -31.05 2.88 -28.32
C GLN C 61 -31.64 2.41 -27.00
N VAL C 62 -30.79 2.24 -25.99
CA VAL C 62 -31.26 1.79 -24.68
C VAL C 62 -32.22 2.84 -24.09
N THR C 63 -33.43 2.43 -23.75
CA THR C 63 -34.40 3.37 -23.18
C THR C 63 -34.76 3.02 -21.75
N ARG C 64 -35.14 4.05 -21.01
CA ARG C 64 -35.52 3.93 -19.61
C ARG C 64 -36.51 2.80 -19.29
N TYR C 65 -37.61 2.71 -20.05
CA TYR C 65 -38.64 1.71 -19.77
C TYR C 65 -38.50 0.35 -20.45
N GLY C 66 -37.68 0.25 -21.48
CA GLY C 66 -37.55 -1.01 -22.17
C GLY C 66 -38.75 -1.12 -23.11
N ASP C 67 -39.00 0.00 -23.80
CA ASP C 67 -40.11 0.14 -24.74
C ASP C 67 -39.93 -0.65 -26.02
N PRO C 68 -41.04 -0.88 -26.76
CA PRO C 68 -41.00 -1.62 -28.03
C PRO C 68 -39.93 -0.99 -28.91
N GLY C 69 -38.93 -1.78 -29.30
CA GLY C 69 -37.85 -1.26 -30.12
C GLY C 69 -36.52 -1.24 -29.39
N SER C 70 -36.58 -1.05 -28.07
CA SER C 70 -35.38 -1.00 -27.26
C SER C 70 -34.59 -2.30 -27.22
N PRO C 71 -33.26 -2.22 -27.21
CA PRO C 71 -32.47 -3.46 -27.15
C PRO C 71 -32.72 -4.14 -25.81
N ASN C 72 -33.37 -3.40 -24.92
CA ASN C 72 -33.73 -3.87 -23.58
C ASN C 72 -35.25 -3.95 -23.41
N SER C 73 -35.75 -5.09 -22.94
CA SER C 73 -37.19 -5.25 -22.74
C SER C 73 -37.59 -4.86 -21.33
N GLU C 74 -36.60 -4.71 -20.46
CA GLU C 74 -36.83 -4.33 -19.07
C GLU C 74 -36.41 -2.88 -18.87
N PRO C 75 -37.07 -2.16 -17.95
CA PRO C 75 -36.69 -0.77 -17.71
C PRO C 75 -35.26 -0.76 -17.13
N VAL C 76 -34.43 0.17 -17.63
CA VAL C 76 -33.06 0.29 -17.17
C VAL C 76 -32.91 1.70 -16.61
N GLY C 77 -32.40 1.81 -15.38
CA GLY C 77 -32.25 3.11 -14.76
C GLY C 77 -30.92 3.79 -15.01
N TRP C 78 -29.89 2.99 -15.33
CA TRP C 78 -28.56 3.50 -15.59
C TRP C 78 -27.73 2.55 -16.45
N ILE C 79 -26.75 3.11 -17.15
CA ILE C 79 -25.81 2.35 -17.96
C ILE C 79 -24.48 2.69 -17.29
N ALA C 80 -23.80 1.68 -16.74
CA ALA C 80 -22.55 1.92 -16.03
C ALA C 80 -21.47 0.90 -16.29
N VAL C 81 -20.23 1.39 -16.34
CA VAL C 81 -19.07 0.52 -16.51
C VAL C 81 -18.21 0.64 -15.27
N TYR C 82 -17.71 -0.48 -14.77
CA TYR C 82 -16.87 -0.45 -13.58
C TYR C 82 -15.47 -0.94 -13.89
N GLY C 83 -14.47 -0.13 -13.53
CA GLY C 83 -13.09 -0.49 -13.78
C GLY C 83 -12.47 -1.04 -12.52
N GLN C 84 -11.16 -1.22 -12.52
CA GLN C 84 -10.48 -1.73 -11.35
C GLN C 84 -10.31 -0.60 -10.35
N GLY C 85 -10.43 -0.94 -9.07
CA GLY C 85 -10.30 0.06 -8.02
C GLY C 85 -11.62 0.71 -7.66
N TYR C 86 -12.68 -0.09 -7.60
CA TYR C 86 -13.99 0.43 -7.28
C TYR C 86 -14.67 -0.33 -6.14
N SER C 87 -15.06 0.41 -5.10
CA SER C 87 -15.74 -0.16 -3.95
C SER C 87 -16.43 0.94 -3.13
N PRO C 88 -17.45 0.57 -2.35
CA PRO C 88 -18.20 1.51 -1.52
C PRO C 88 -17.40 1.93 -0.29
N ASN C 89 -17.82 3.01 0.35
CA ASN C 89 -17.15 3.52 1.55
C ASN C 89 -18.11 4.19 2.51
N SER C 90 -19.32 4.51 2.02
CA SER C 90 -20.34 5.17 2.83
C SER C 90 -19.73 6.11 3.86
N GLY C 91 -19.59 7.37 3.50
CA GLY C 91 -19.02 8.33 4.43
C GLY C 91 -19.95 8.47 5.61
N ASP C 92 -19.68 9.43 6.48
CA ASP C 92 -20.53 9.64 7.65
C ASP C 92 -21.77 10.43 7.26
N VAL C 93 -22.59 9.82 6.40
CA VAL C 93 -23.79 10.44 5.89
C VAL C 93 -24.80 10.85 6.95
N GLN C 94 -25.10 9.98 7.91
CA GLN C 94 -26.04 10.33 8.97
C GLN C 94 -25.54 11.57 9.71
N GLY C 95 -24.24 11.62 9.96
CA GLY C 95 -23.68 12.77 10.65
C GLY C 95 -23.77 14.01 9.78
N LEU C 96 -23.35 13.87 8.53
CA LEU C 96 -23.39 14.97 7.58
C LEU C 96 -24.76 15.61 7.57
N GLN C 97 -25.80 14.78 7.55
CA GLN C 97 -27.18 15.26 7.52
C GLN C 97 -27.56 15.93 8.83
N ALA C 98 -27.08 15.37 9.94
CA ALA C 98 -27.35 15.93 11.27
C ALA C 98 -26.82 17.36 11.29
N ALA C 99 -25.53 17.51 11.03
CA ALA C 99 -24.90 18.83 10.99
C ALA C 99 -25.70 19.74 10.05
N TRP C 100 -25.84 19.34 8.80
CA TRP C 100 -26.60 20.15 7.83
C TRP C 100 -27.92 20.57 8.48
N GLU C 101 -28.55 19.63 9.18
CA GLU C 101 -29.80 19.90 9.86
C GLU C 101 -29.67 21.06 10.85
N ALA C 102 -28.73 20.91 11.79
CA ALA C 102 -28.48 21.92 12.80
C ALA C 102 -28.03 23.21 12.15
N LEU C 103 -26.92 23.14 11.44
CA LEU C 103 -26.34 24.29 10.76
C LEU C 103 -27.44 25.18 10.18
N GLN C 104 -28.51 24.54 9.68
CA GLN C 104 -29.62 25.28 9.09
C GLN C 104 -30.39 26.06 10.14
N THR C 105 -31.38 25.42 10.75
CA THR C 105 -32.22 26.02 11.77
C THR C 105 -31.47 26.99 12.69
N SER C 106 -30.17 26.78 12.85
CA SER C 106 -29.35 27.64 13.70
C SER C 106 -29.22 29.04 13.09
N GLY C 107 -27.99 29.52 12.95
CA GLY C 107 -27.77 30.83 12.37
C GLY C 107 -26.49 30.94 11.58
N ARG C 108 -25.58 29.99 11.77
CA ARG C 108 -24.30 29.98 11.08
C ARG C 108 -24.47 30.14 9.56
N PRO C 109 -23.53 30.83 8.90
CA PRO C 109 -23.54 31.10 7.45
C PRO C 109 -23.45 29.87 6.54
N ILE C 110 -24.38 29.78 5.58
CA ILE C 110 -24.40 28.67 4.64
C ILE C 110 -23.75 29.07 3.32
N THR C 111 -22.46 28.84 3.20
CA THR C 111 -21.73 29.16 1.99
C THR C 111 -21.03 27.90 1.47
N PRO C 112 -20.38 28.01 0.31
CA PRO C 112 -19.70 26.82 -0.22
C PRO C 112 -18.67 26.33 0.79
N GLY C 113 -18.07 27.28 1.52
CA GLY C 113 -17.07 26.94 2.51
C GLY C 113 -17.64 26.20 3.71
N THR C 114 -18.72 26.71 4.27
CA THR C 114 -19.34 26.07 5.41
C THR C 114 -20.05 24.78 4.98
N LEU C 115 -19.93 24.45 3.70
CA LEU C 115 -20.57 23.25 3.19
C LEU C 115 -19.52 22.35 2.53
N ARG C 116 -18.26 22.68 2.80
CA ARG C 116 -17.12 21.90 2.31
C ARG C 116 -16.59 21.20 3.56
N GLN C 117 -16.59 21.96 4.65
CA GLN C 117 -16.12 21.47 5.95
C GLN C 117 -16.92 20.23 6.35
N LEU C 118 -18.21 20.25 6.10
CA LEU C 118 -19.04 19.11 6.43
C LEU C 118 -18.55 17.87 5.67
N ALA C 119 -18.11 18.06 4.43
CA ALA C 119 -17.62 16.94 3.61
C ALA C 119 -16.26 16.43 4.09
N ILE C 120 -15.54 17.29 4.79
CA ILE C 120 -14.23 16.94 5.32
C ILE C 120 -14.40 16.19 6.64
N THR C 121 -15.32 16.68 7.47
CA THR C 121 -15.58 16.06 8.76
C THR C 121 -16.10 14.62 8.64
N HIS C 122 -17.07 14.43 7.77
CA HIS C 122 -17.71 13.14 7.58
C HIS C 122 -17.18 12.35 6.39
N HIS C 123 -16.15 12.89 5.76
CA HIS C 123 -15.53 12.23 4.62
C HIS C 123 -16.48 11.87 3.46
N VAL C 124 -17.28 12.84 3.05
CA VAL C 124 -18.18 12.64 1.92
C VAL C 124 -17.51 13.57 0.89
N LEU C 125 -16.48 13.06 0.22
CA LEU C 125 -15.69 13.85 -0.73
C LEU C 125 -15.64 13.30 -2.16
N SER C 126 -16.31 12.17 -2.39
CA SER C 126 -16.34 11.56 -3.70
C SER C 126 -17.09 12.48 -4.65
N GLY C 127 -16.87 12.32 -5.95
CA GLY C 127 -17.54 13.17 -6.91
C GLY C 127 -17.55 12.69 -8.35
N LYS C 128 -18.13 13.52 -9.21
CA LYS C 128 -18.24 13.19 -10.62
C LYS C 128 -18.38 14.41 -11.52
N TRP C 129 -17.82 14.30 -12.72
CA TRP C 129 -17.93 15.35 -13.71
C TRP C 129 -19.21 15.07 -14.49
N LEU C 130 -19.91 16.12 -14.89
CA LEU C 130 -21.16 15.98 -15.64
C LEU C 130 -21.09 16.66 -17.01
N MSE C 131 -21.64 15.97 -18.00
CA MSE C 131 -21.68 16.49 -19.37
C MSE C 131 -23.03 16.08 -19.92
O MSE C 131 -23.59 15.07 -19.49
CB MSE C 131 -20.53 15.90 -20.20
CG MSE C 131 -20.47 14.38 -20.24
SE MSE C 131 -18.66 13.69 -20.18
CE MSE C 131 -18.47 13.64 -18.25
N HIS C 132 -23.57 16.88 -20.84
CA HIS C 132 -24.89 16.62 -21.40
C HIS C 132 -24.85 16.51 -22.93
N LEU C 133 -25.57 15.54 -23.47
CA LEU C 133 -25.59 15.36 -24.92
C LEU C 133 -26.88 14.73 -25.47
N ALA C 134 -27.21 15.14 -26.69
CA ALA C 134 -28.38 14.63 -27.39
C ALA C 134 -28.04 13.24 -27.89
N PRO C 135 -29.05 12.36 -28.03
CA PRO C 135 -28.77 11.00 -28.52
C PRO C 135 -28.15 11.05 -29.91
N GLY C 136 -27.60 9.93 -30.36
CA GLY C 136 -26.97 9.89 -31.66
C GLY C 136 -25.53 9.43 -31.60
N PHE C 137 -24.84 9.49 -32.74
CA PHE C 137 -23.46 9.05 -32.79
C PHE C 137 -22.53 9.87 -31.91
N LYS C 138 -22.99 11.05 -31.48
CA LYS C 138 -22.17 11.89 -30.63
C LYS C 138 -22.15 11.30 -29.21
N LEU C 139 -23.30 10.81 -28.76
CA LEU C 139 -23.39 10.20 -27.45
C LEU C 139 -22.69 8.84 -27.46
N ASP C 140 -22.87 8.06 -28.52
CA ASP C 140 -22.24 6.75 -28.60
C ASP C 140 -20.74 6.91 -28.47
N HIS C 141 -20.21 7.82 -29.28
CA HIS C 141 -18.79 8.12 -29.28
C HIS C 141 -18.35 8.56 -27.88
N ALA C 142 -19.01 9.59 -27.36
CA ALA C 142 -18.68 10.11 -26.04
C ALA C 142 -18.59 8.96 -25.03
N TRP C 143 -19.67 8.20 -24.93
CA TRP C 143 -19.76 7.06 -24.02
C TRP C 143 -18.74 5.98 -24.37
N ALA C 144 -18.77 5.51 -25.61
CA ALA C 144 -17.82 4.49 -26.07
C ALA C 144 -16.39 4.86 -25.71
N GLY C 145 -16.06 6.14 -25.89
CA GLY C 145 -14.72 6.60 -25.56
C GLY C 145 -14.40 6.38 -24.10
N ILE C 146 -15.28 6.87 -23.23
CA ILE C 146 -15.18 6.74 -21.78
C ILE C 146 -15.17 5.27 -21.38
N ALA C 147 -16.25 4.56 -21.70
CA ALA C 147 -16.36 3.14 -21.38
C ALA C 147 -15.04 2.45 -21.66
N ARG C 148 -14.43 2.75 -22.80
CA ARG C 148 -13.15 2.14 -23.11
C ARG C 148 -12.21 2.52 -21.96
N ALA C 149 -12.02 3.81 -21.76
CA ALA C 149 -11.14 4.28 -20.70
C ALA C 149 -11.38 3.51 -19.39
N VAL C 150 -12.65 3.28 -19.04
CA VAL C 150 -12.99 2.57 -17.81
C VAL C 150 -12.22 1.25 -17.75
N VAL C 151 -12.07 0.60 -18.90
CA VAL C 151 -11.34 -0.64 -18.91
C VAL C 151 -9.85 -0.39 -18.74
N GLU C 152 -9.30 0.55 -19.49
CA GLU C 152 -7.88 0.87 -19.38
C GLU C 152 -7.47 1.47 -18.03
N GLY C 153 -8.46 1.62 -17.15
CA GLY C 153 -8.20 2.15 -15.82
C GLY C 153 -7.92 3.64 -15.72
N ARG C 154 -7.64 4.28 -16.86
CA ARG C 154 -7.34 5.70 -16.86
C ARG C 154 -8.36 6.54 -16.08
N LEU C 155 -9.63 6.48 -16.45
CA LEU C 155 -10.63 7.22 -15.67
C LEU C 155 -10.91 6.39 -14.44
N GLN C 156 -11.85 6.81 -13.59
CA GLN C 156 -12.13 6.03 -12.40
C GLN C 156 -13.30 5.10 -12.62
N VAL C 157 -14.44 5.69 -12.99
CA VAL C 157 -15.65 4.92 -13.25
C VAL C 157 -16.67 5.89 -13.85
N ALA C 158 -17.70 5.35 -14.50
CA ALA C 158 -18.71 6.20 -15.13
C ALA C 158 -20.08 5.57 -15.28
N LYS C 159 -20.88 6.20 -16.15
CA LYS C 159 -22.22 5.75 -16.43
C LYS C 159 -22.92 6.77 -17.33
N VAL C 160 -23.92 6.31 -18.06
CA VAL C 160 -24.70 7.20 -18.90
C VAL C 160 -26.15 6.83 -18.65
N SER C 161 -27.07 7.76 -18.89
CA SER C 161 -28.48 7.50 -18.67
C SER C 161 -29.16 7.09 -19.98
N PRO C 162 -30.17 6.19 -19.89
CA PRO C 162 -30.87 5.78 -21.10
C PRO C 162 -31.75 6.91 -21.60
N ARG C 163 -32.11 6.84 -22.87
CA ARG C 163 -32.94 7.86 -23.51
C ARG C 163 -34.37 7.93 -22.95
N ALA C 164 -34.89 9.14 -22.85
CA ALA C 164 -36.24 9.36 -22.37
C ALA C 164 -37.18 9.40 -23.58
N LYS C 165 -38.40 8.92 -23.39
CA LYS C 165 -39.39 8.91 -24.46
C LYS C 165 -39.58 10.28 -25.10
N GLU C 166 -39.10 11.32 -24.42
CA GLU C 166 -39.22 12.68 -24.93
C GLU C 166 -37.94 13.14 -25.62
N GLY C 167 -36.95 12.26 -25.65
CA GLY C 167 -35.68 12.61 -26.26
C GLY C 167 -34.98 13.58 -25.31
N GLY C 168 -34.11 14.43 -25.85
CA GLY C 168 -33.42 15.37 -25.00
C GLY C 168 -31.97 15.00 -24.80
N ARG C 169 -31.27 15.72 -23.92
CA ARG C 169 -29.88 15.40 -23.68
C ARG C 169 -29.68 14.36 -22.59
N GLN C 170 -29.05 13.25 -22.94
CA GLN C 170 -28.78 12.19 -22.00
C GLN C 170 -27.48 12.58 -21.27
N VAL C 171 -27.40 12.28 -19.99
CA VAL C 171 -26.23 12.64 -19.20
C VAL C 171 -25.21 11.52 -18.98
N ILE C 172 -23.94 11.90 -18.90
CA ILE C 172 -22.85 10.97 -18.62
C ILE C 172 -22.16 11.44 -17.33
N CYS C 173 -21.86 10.49 -16.47
CA CYS C 173 -21.21 10.76 -15.20
C CYS C 173 -19.85 10.05 -15.11
N VAL C 174 -18.81 10.83 -14.81
CA VAL C 174 -17.46 10.29 -14.64
C VAL C 174 -17.11 10.58 -13.19
N TYR C 175 -16.97 9.53 -12.39
CA TYR C 175 -16.69 9.63 -10.96
C TYR C 175 -15.22 9.74 -10.53
N THR C 176 -14.98 10.50 -9.46
CA THR C 176 -13.65 10.67 -8.87
C THR C 176 -13.88 10.49 -7.37
N ASP C 177 -12.91 9.96 -6.64
CA ASP C 177 -13.12 9.70 -5.22
C ASP C 177 -12.98 10.82 -4.20
N ASP C 178 -12.25 11.87 -4.57
CA ASP C 178 -12.04 12.99 -3.65
C ASP C 178 -11.92 14.30 -4.42
N PHE C 179 -12.94 15.14 -4.29
CA PHE C 179 -12.92 16.39 -5.03
C PHE C 179 -11.83 17.36 -4.59
N THR C 180 -11.21 17.09 -3.44
CA THR C 180 -10.15 17.97 -2.95
C THR C 180 -8.81 17.60 -3.57
N ASP C 181 -8.75 16.45 -4.24
CA ASP C 181 -7.53 16.04 -4.89
C ASP C 181 -7.53 16.67 -6.30
N ARG C 182 -7.47 17.99 -6.31
CA ARG C 182 -7.50 18.76 -7.55
C ARG C 182 -6.81 18.09 -8.74
N LEU C 183 -5.73 17.38 -8.48
CA LEU C 183 -5.01 16.71 -9.55
C LEU C 183 -5.88 15.65 -10.20
N GLY C 184 -6.41 14.74 -9.39
CA GLY C 184 -7.26 13.68 -9.91
C GLY C 184 -8.50 14.23 -10.61
N VAL C 185 -9.00 15.34 -10.09
CA VAL C 185 -10.16 16.00 -10.67
C VAL C 185 -9.76 16.46 -12.07
N LEU C 186 -8.52 16.90 -12.23
CA LEU C 186 -8.04 17.35 -13.54
C LEU C 186 -7.69 16.18 -14.46
N GLU C 187 -7.06 15.14 -13.92
CA GLU C 187 -6.69 13.97 -14.72
C GLU C 187 -7.95 13.33 -15.29
N ALA C 188 -9.05 13.43 -14.56
CA ALA C 188 -10.31 12.88 -15.02
C ALA C 188 -10.76 13.65 -16.26
N ASP C 189 -10.47 14.96 -16.27
CA ASP C 189 -10.79 15.85 -17.37
C ASP C 189 -9.95 15.54 -18.63
N SER C 190 -8.76 14.99 -18.42
CA SER C 190 -7.90 14.66 -19.55
C SER C 190 -8.43 13.51 -20.38
N ALA C 191 -8.87 12.45 -19.71
CA ALA C 191 -9.40 11.29 -20.40
C ALA C 191 -10.77 11.60 -20.99
N ILE C 192 -11.58 12.36 -20.26
CA ILE C 192 -12.92 12.71 -20.73
C ILE C 192 -12.88 13.43 -22.09
N ARG C 193 -11.84 14.23 -22.32
CA ARG C 193 -11.71 14.94 -23.59
C ARG C 193 -11.08 14.00 -24.62
N ALA C 194 -10.14 13.18 -24.16
CA ALA C 194 -9.47 12.22 -25.00
C ALA C 194 -10.52 11.28 -25.57
N ALA C 195 -11.54 10.97 -24.77
CA ALA C 195 -12.60 10.11 -25.24
C ALA C 195 -13.20 10.77 -26.49
N GLY C 196 -12.90 12.06 -26.65
CA GLY C 196 -13.38 12.79 -27.80
C GLY C 196 -14.35 13.92 -27.51
N ILE C 197 -15.06 13.83 -26.38
CA ILE C 197 -16.02 14.85 -26.00
C ILE C 197 -15.34 16.21 -25.99
N LYS C 198 -16.12 17.28 -26.21
CA LYS C 198 -15.53 18.61 -26.22
C LYS C 198 -16.50 19.69 -25.72
N CYS C 199 -17.50 19.27 -24.96
CA CYS C 199 -18.49 20.20 -24.45
C CYS C 199 -18.19 20.62 -23.02
N LEU C 200 -19.06 21.47 -22.49
CA LEU C 200 -18.89 21.96 -21.13
C LEU C 200 -19.01 20.81 -20.12
N LEU C 201 -18.26 20.93 -19.02
CA LEU C 201 -18.30 19.93 -17.97
C LEU C 201 -18.42 20.65 -16.62
N THR C 202 -19.29 20.15 -15.75
CA THR C 202 -19.47 20.72 -14.42
C THR C 202 -19.25 19.61 -13.39
N TYR C 203 -18.78 20.00 -12.22
CA TYR C 203 -18.52 19.03 -11.17
C TYR C 203 -19.45 19.25 -9.98
N LYS C 204 -20.23 18.22 -9.66
CA LYS C 204 -21.20 18.28 -8.56
C LYS C 204 -20.88 17.29 -7.44
N PRO C 205 -20.22 17.75 -6.36
CA PRO C 205 -19.86 16.90 -5.21
C PRO C 205 -21.06 16.15 -4.64
N ASP C 206 -20.85 14.92 -4.21
CA ASP C 206 -21.96 14.14 -3.64
C ASP C 206 -22.59 14.85 -2.45
N VAL C 207 -21.78 15.54 -1.66
CA VAL C 207 -22.29 16.26 -0.50
C VAL C 207 -23.52 17.12 -0.83
N TYR C 208 -23.49 17.85 -1.93
CA TYR C 208 -24.65 18.66 -2.30
C TYR C 208 -25.84 17.75 -2.63
N THR C 209 -25.55 16.64 -3.31
CA THR C 209 -26.58 15.69 -3.68
C THR C 209 -27.23 15.14 -2.41
N TYR C 210 -26.41 14.67 -1.48
CA TYR C 210 -26.92 14.12 -0.22
C TYR C 210 -27.66 15.18 0.60
N LEU C 211 -27.14 16.40 0.60
CA LEU C 211 -27.77 17.47 1.36
C LEU C 211 -28.96 18.06 0.62
N GLY C 212 -29.00 17.86 -0.69
CA GLY C 212 -30.08 18.38 -1.51
C GLY C 212 -29.84 19.74 -2.12
N ILE C 213 -28.58 20.18 -2.10
CA ILE C 213 -28.22 21.49 -2.66
C ILE C 213 -28.32 21.46 -4.18
N TYR C 214 -29.53 21.76 -4.68
CA TYR C 214 -29.80 21.75 -6.11
C TYR C 214 -29.51 23.10 -6.76
N ARG C 215 -29.63 23.16 -8.08
CA ARG C 215 -29.37 24.39 -8.83
C ARG C 215 -30.19 25.58 -8.36
N ALA C 216 -29.59 26.75 -8.41
CA ALA C 216 -30.26 27.98 -7.98
C ALA C 216 -30.97 27.79 -6.65
N ASN C 217 -30.38 26.98 -5.78
CA ASN C 217 -30.97 26.69 -4.47
C ASN C 217 -31.28 27.96 -3.66
N ARG C 218 -32.22 27.81 -2.73
CA ARG C 218 -32.66 28.91 -1.88
C ARG C 218 -31.61 29.40 -0.90
N TRP C 219 -30.36 29.10 -1.18
CA TRP C 219 -29.26 29.52 -0.31
C TRP C 219 -28.22 30.24 -1.17
N HIS C 220 -28.49 30.28 -2.47
CA HIS C 220 -27.62 30.94 -3.44
C HIS C 220 -26.24 30.28 -3.51
N LEU C 221 -26.24 28.97 -3.40
CA LEU C 221 -25.02 28.19 -3.48
C LEU C 221 -24.83 27.76 -4.93
N CYS C 222 -23.61 27.86 -5.44
CA CYS C 222 -23.35 27.42 -6.81
C CYS C 222 -23.28 25.90 -6.67
N PRO C 223 -24.33 25.19 -7.12
CA PRO C 223 -24.34 23.73 -7.02
C PRO C 223 -23.22 23.06 -7.79
N THR C 224 -22.39 23.88 -8.44
CA THR C 224 -21.27 23.39 -9.23
C THR C 224 -19.97 23.85 -8.60
N LEU C 225 -19.18 22.91 -8.11
CA LEU C 225 -17.91 23.25 -7.49
C LEU C 225 -16.92 23.83 -8.51
N TYR C 226 -16.68 23.11 -9.60
CA TYR C 226 -15.77 23.58 -10.64
C TYR C 226 -16.41 23.37 -11.99
N GLU C 227 -15.83 23.98 -13.02
CA GLU C 227 -16.35 23.86 -14.37
C GLU C 227 -15.23 23.70 -15.39
N SER C 228 -15.51 23.01 -16.49
CA SER C 228 -14.51 22.84 -17.53
C SER C 228 -15.06 23.18 -18.91
N ARG C 229 -14.65 24.34 -19.41
CA ARG C 229 -15.05 24.82 -20.71
C ARG C 229 -13.94 24.39 -21.68
N PHE C 230 -14.32 23.78 -22.79
CA PHE C 230 -13.31 23.36 -23.74
C PHE C 230 -12.97 24.51 -24.71
N GLN C 231 -11.68 24.60 -25.02
CA GLN C 231 -11.16 25.63 -25.90
C GLN C 231 -10.64 25.01 -27.20
N LEU C 232 -11.30 25.34 -28.31
CA LEU C 232 -10.92 24.86 -29.63
C LEU C 232 -9.71 25.66 -30.14
N GLY C 233 -8.77 24.98 -30.79
CA GLY C 233 -7.62 25.68 -31.32
C GLY C 233 -6.38 25.64 -30.45
N GLY C 234 -5.21 25.80 -31.09
CA GLY C 234 -3.95 25.76 -30.40
C GLY C 234 -3.53 27.05 -29.72
N SER C 235 -4.32 28.11 -29.90
CA SER C 235 -4.02 29.39 -29.27
C SER C 235 -4.51 29.38 -27.83
N ALA C 236 -4.89 28.18 -27.38
CA ALA C 236 -5.39 27.93 -26.05
C ALA C 236 -5.38 26.43 -25.81
N ARG C 237 -4.87 26.01 -24.67
CA ARG C 237 -4.83 24.58 -24.34
C ARG C 237 -6.25 24.07 -24.56
N GLY C 238 -6.38 22.83 -25.02
CA GLY C 238 -7.69 22.28 -25.27
C GLY C 238 -8.71 22.50 -24.17
N SER C 239 -8.31 22.25 -22.92
CA SER C 239 -9.24 22.39 -21.80
C SER C 239 -8.89 23.50 -20.80
N ARG C 240 -9.93 24.02 -20.14
CA ARG C 240 -9.78 25.08 -19.14
C ARG C 240 -10.67 24.81 -17.92
N VAL C 241 -10.17 24.00 -16.99
CA VAL C 241 -10.92 23.71 -15.78
C VAL C 241 -10.82 24.91 -14.86
N LEU C 242 -11.92 25.26 -14.23
CA LEU C 242 -11.95 26.42 -13.35
C LEU C 242 -12.64 26.15 -12.01
N ASP C 243 -11.95 26.43 -10.91
CA ASP C 243 -12.51 26.25 -9.57
C ASP C 243 -13.44 27.41 -9.27
N ARG C 244 -14.69 27.29 -9.69
CA ARG C 244 -15.68 28.33 -9.48
C ARG C 244 -15.79 28.75 -8.02
N ALA C 245 -15.69 27.78 -7.12
CA ALA C 245 -15.80 28.02 -5.68
C ALA C 245 -14.83 29.08 -5.16
N ASN C 246 -13.53 28.86 -5.35
CA ASN C 246 -12.51 29.78 -4.89
C ASN C 246 -12.13 30.81 -5.94
N ASN C 247 -12.97 30.95 -6.95
CA ASN C 247 -12.73 31.89 -8.04
C ASN C 247 -11.27 31.85 -8.50
N VAL C 248 -10.79 30.64 -8.79
CA VAL C 248 -9.42 30.48 -9.25
C VAL C 248 -9.33 29.39 -10.31
N GLU C 249 -8.51 29.64 -11.34
CA GLU C 249 -8.34 28.70 -12.44
C GLU C 249 -7.37 27.59 -12.06
N LEU C 250 -7.69 26.37 -12.46
CA LEU C 250 -6.85 25.22 -12.16
C LEU C 250 -6.06 24.77 -13.38
N GLU A 17 23.43 -3.39 50.72
CA GLU A 17 22.01 -3.48 50.27
C GLU A 17 21.75 -2.48 49.14
N ASP A 18 22.67 -2.43 48.18
CA ASP A 18 22.55 -1.50 47.06
C ASP A 18 21.29 -1.67 46.21
N GLY A 19 20.70 -2.86 46.26
CA GLY A 19 19.49 -3.10 45.49
C GLY A 19 18.35 -2.22 45.99
N PHE A 20 18.50 -1.71 47.21
CA PHE A 20 17.50 -0.86 47.82
C PHE A 20 17.82 0.62 47.70
N THR A 21 18.91 0.97 47.05
CA THR A 21 19.29 2.38 46.91
C THR A 21 18.44 3.12 45.89
N ALA A 22 18.51 4.44 45.94
CA ALA A 22 17.77 5.29 45.01
C ALA A 22 18.21 5.00 43.58
N GLU A 23 19.52 5.07 43.35
CA GLU A 23 20.09 4.83 42.02
C GLU A 23 19.60 3.52 41.38
N HIS A 24 19.61 2.43 42.15
CA HIS A 24 19.18 1.14 41.64
C HIS A 24 17.65 0.96 41.52
N LEU A 25 16.91 1.38 42.54
CA LEU A 25 15.45 1.25 42.51
C LEU A 25 14.81 2.07 41.40
N ALA A 26 15.54 3.07 40.92
CA ALA A 26 15.00 3.93 39.87
C ALA A 26 14.99 3.20 38.53
N ALA A 27 16.12 2.60 38.18
CA ALA A 27 16.25 1.87 36.92
C ALA A 27 15.44 0.58 36.96
N GLU A 28 15.16 0.11 38.16
CA GLU A 28 14.41 -1.12 38.33
C GLU A 28 12.92 -0.89 38.08
N ALA A 29 12.49 0.36 38.24
CA ALA A 29 11.08 0.71 38.06
C ALA A 29 10.71 1.04 36.61
N MSE A 30 11.71 1.19 35.74
CA MSE A 30 11.43 1.50 34.35
C MSE A 30 10.70 0.36 33.64
O MSE A 30 11.16 -0.79 33.65
CB MSE A 30 12.72 1.86 33.62
CG MSE A 30 13.41 3.13 34.13
SE MSE A 30 12.34 4.76 33.94
CE MSE A 30 13.19 5.52 32.38
N ALA A 31 9.57 0.68 33.04
CA ALA A 31 8.75 -0.29 32.32
C ALA A 31 8.63 0.15 30.87
N ALA A 32 8.07 -0.72 30.03
CA ALA A 32 7.90 -0.39 28.63
C ALA A 32 6.79 0.64 28.52
N ASP A 33 5.54 0.18 28.52
CA ASP A 33 4.44 1.12 28.43
C ASP A 33 4.04 1.48 29.85
N MSE A 34 4.33 2.72 30.26
CA MSE A 34 4.04 3.18 31.60
C MSE A 34 2.94 4.22 31.68
O MSE A 34 2.61 4.71 32.76
CB MSE A 34 5.32 3.75 32.20
CG MSE A 34 6.50 2.79 32.05
SE MSE A 34 7.93 3.23 33.22
CE MSE A 34 7.21 2.44 34.84
N ASP A 35 2.35 4.55 30.54
CA ASP A 35 1.29 5.54 30.49
C ASP A 35 -0.11 4.96 30.64
N PRO A 36 -1.03 5.71 31.25
CA PRO A 36 -2.35 5.10 31.36
C PRO A 36 -2.88 4.74 29.97
N TRP A 37 -3.88 3.86 29.93
CA TRP A 37 -4.49 3.47 28.68
C TRP A 37 -5.94 3.93 28.76
N LEU A 38 -6.49 4.39 27.64
CA LEU A 38 -7.90 4.80 27.58
C LEU A 38 -8.56 3.45 27.30
N VAL A 39 -9.46 3.02 28.17
CA VAL A 39 -10.03 1.70 27.99
C VAL A 39 -11.53 1.54 28.02
N PHE A 40 -12.00 0.56 27.26
CA PHE A 40 -13.40 0.21 27.25
C PHE A 40 -13.44 -1.24 27.70
N ASP A 41 -13.97 -1.50 28.89
CA ASP A 41 -14.03 -2.88 29.39
C ASP A 41 -15.45 -3.43 29.36
N ALA A 42 -15.74 -4.27 28.38
CA ALA A 42 -17.08 -4.83 28.23
C ALA A 42 -17.48 -5.73 29.39
N ARG A 43 -16.52 -6.45 29.94
CA ARG A 43 -16.78 -7.35 31.07
C ARG A 43 -17.38 -6.62 32.27
N THR A 44 -17.30 -5.29 32.25
CA THR A 44 -17.81 -4.50 33.35
C THR A 44 -18.65 -3.33 32.89
N THR A 45 -18.64 -3.06 31.58
CA THR A 45 -19.40 -1.95 31.03
C THR A 45 -20.46 -2.42 30.02
N PRO A 46 -21.69 -1.89 30.14
CA PRO A 46 -22.81 -2.24 29.25
C PRO A 46 -22.53 -1.79 27.82
N ALA A 47 -22.54 -2.74 26.89
CA ALA A 47 -22.29 -2.45 25.48
C ALA A 47 -23.05 -1.25 24.97
N THR A 48 -24.19 -0.95 25.59
CA THR A 48 -25.00 0.18 25.14
C THR A 48 -24.21 1.48 25.21
N GLU A 49 -23.25 1.51 26.14
CA GLU A 49 -22.42 2.69 26.35
C GLU A 49 -21.20 2.78 25.43
N LEU A 50 -20.98 1.75 24.63
CA LEU A 50 -19.84 1.74 23.71
C LEU A 50 -19.79 2.93 22.74
N ASP A 51 -20.72 2.99 21.80
CA ASP A 51 -20.69 4.07 20.81
C ASP A 51 -20.54 5.47 21.42
N ALA A 52 -20.89 5.66 22.68
CA ALA A 52 -20.73 6.97 23.31
C ALA A 52 -19.23 7.16 23.61
N TRP A 53 -18.59 6.06 24.00
CA TRP A 53 -17.17 6.07 24.30
C TRP A 53 -16.41 6.12 22.98
N LEU A 54 -16.87 5.35 21.99
CA LEU A 54 -16.21 5.36 20.71
C LEU A 54 -16.23 6.77 20.15
N ALA A 55 -17.26 7.54 20.50
CA ALA A 55 -17.42 8.91 20.02
C ALA A 55 -16.56 9.89 20.78
N LYS A 56 -16.49 9.72 22.09
CA LYS A 56 -15.71 10.61 22.93
C LYS A 56 -14.19 10.45 22.78
N TYR A 57 -13.73 9.29 22.30
CA TYR A 57 -12.29 9.07 22.20
C TYR A 57 -11.73 8.47 20.90
N PRO A 58 -11.77 9.22 19.80
CA PRO A 58 -11.24 8.64 18.56
C PRO A 58 -9.70 8.72 18.53
N PRO A 59 -9.05 7.73 17.87
CA PRO A 59 -7.58 7.75 17.79
C PRO A 59 -6.95 8.93 17.05
N SER A 60 -7.72 9.60 16.20
CA SER A 60 -7.21 10.76 15.46
C SER A 60 -7.17 11.98 16.39
N GLN A 61 -8.06 11.96 17.39
CA GLN A 61 -8.18 13.04 18.35
C GLN A 61 -7.37 12.78 19.64
N VAL A 62 -7.41 11.54 20.13
CA VAL A 62 -6.69 11.13 21.34
C VAL A 62 -5.20 11.14 21.06
N THR A 63 -4.45 11.94 21.79
CA THR A 63 -3.01 12.03 21.56
C THR A 63 -2.13 11.27 22.56
N ARG A 64 -1.04 10.72 22.04
CA ARG A 64 -0.09 9.96 22.84
C ARG A 64 0.42 10.69 24.08
N TYR A 65 0.59 12.00 23.98
CA TYR A 65 1.10 12.73 25.13
C TYR A 65 0.15 13.77 25.74
N GLY A 66 -1.12 13.72 25.36
CA GLY A 66 -2.10 14.66 25.89
C GLY A 66 -1.91 16.10 25.44
N ASP A 67 -1.65 16.28 24.15
CA ASP A 67 -1.44 17.61 23.58
C ASP A 67 -2.70 18.47 23.69
N PRO A 68 -2.54 19.79 23.76
CA PRO A 68 -3.68 20.71 23.86
C PRO A 68 -4.72 20.42 22.77
N GLY A 69 -5.99 20.45 23.13
CA GLY A 69 -7.04 20.21 22.15
C GLY A 69 -7.45 18.75 22.05
N SER A 70 -6.69 17.87 22.70
CA SER A 70 -6.98 16.45 22.68
C SER A 70 -8.06 16.06 23.71
N PRO A 71 -8.86 15.05 23.40
CA PRO A 71 -9.86 14.70 24.41
C PRO A 71 -9.17 14.28 25.71
N ASN A 72 -7.89 13.91 25.61
CA ASN A 72 -7.11 13.51 26.78
C ASN A 72 -6.02 14.53 27.07
N SER A 73 -5.91 14.96 28.32
CA SER A 73 -4.91 15.94 28.73
C SER A 73 -3.75 15.24 29.43
N GLU A 74 -3.89 13.92 29.60
CA GLU A 74 -2.86 13.11 30.25
C GLU A 74 -2.30 12.16 29.19
N PRO A 75 -0.98 12.02 29.09
CA PRO A 75 -0.44 11.11 28.08
C PRO A 75 -1.06 9.72 28.23
N VAL A 76 -1.43 9.14 27.09
CA VAL A 76 -2.05 7.82 27.02
C VAL A 76 -1.17 6.93 26.16
N GLY A 77 -0.99 5.69 26.60
CA GLY A 77 -0.17 4.75 25.86
C GLY A 77 -0.94 3.98 24.81
N TRP A 78 -2.14 3.54 25.15
CA TRP A 78 -3.02 2.81 24.23
C TRP A 78 -4.46 3.24 24.48
N ILE A 79 -5.32 2.83 23.54
CA ILE A 79 -6.76 3.01 23.56
C ILE A 79 -7.13 1.53 23.44
N ALA A 80 -7.91 1.00 24.38
CA ALA A 80 -8.23 -0.41 24.33
C ALA A 80 -9.65 -0.77 24.65
N VAL A 81 -10.08 -1.88 24.06
CA VAL A 81 -11.42 -2.43 24.25
C VAL A 81 -11.28 -3.91 24.56
N TYR A 82 -11.88 -4.34 25.68
CA TYR A 82 -11.84 -5.74 26.08
C TYR A 82 -13.20 -6.40 25.93
N GLY A 83 -13.22 -7.56 25.27
CA GLY A 83 -14.46 -8.27 25.08
C GLY A 83 -14.68 -9.22 26.24
N GLN A 84 -15.86 -9.82 26.31
CA GLN A 84 -16.13 -10.75 27.39
C GLN A 84 -15.32 -12.01 27.15
N GLY A 85 -15.20 -12.84 28.18
CA GLY A 85 -14.43 -14.06 28.04
C GLY A 85 -12.94 -13.75 28.00
N TYR A 86 -12.60 -12.47 28.09
CA TYR A 86 -11.21 -12.06 28.06
C TYR A 86 -10.53 -12.15 29.42
N SER A 87 -9.40 -12.84 29.45
CA SER A 87 -8.63 -13.01 30.67
C SER A 87 -7.14 -13.07 30.31
N PRO A 88 -6.27 -12.77 31.28
CA PRO A 88 -4.84 -12.80 30.97
C PRO A 88 -4.31 -14.24 31.03
N ASN A 89 -3.44 -14.59 30.08
CA ASN A 89 -2.84 -15.92 30.05
C ASN A 89 -1.67 -16.06 29.11
N SER A 90 -0.50 -16.36 29.67
CA SER A 90 0.71 -16.57 28.90
C SER A 90 1.29 -17.91 29.33
N GLY A 91 1.78 -18.69 28.38
CA GLY A 91 2.36 -19.97 28.72
C GLY A 91 3.60 -19.74 29.56
N ASP A 92 4.51 -20.70 29.56
CA ASP A 92 5.73 -20.54 30.33
C ASP A 92 6.67 -19.60 29.60
N VAL A 93 6.46 -18.30 29.78
CA VAL A 93 7.30 -17.31 29.13
C VAL A 93 8.73 -17.41 29.63
N GLN A 94 8.88 -17.60 30.94
CA GLN A 94 10.21 -17.70 31.54
C GLN A 94 11.03 -18.81 30.88
N GLY A 95 10.41 -19.98 30.71
CA GLY A 95 11.08 -21.10 30.09
C GLY A 95 11.45 -20.82 28.64
N LEU A 96 10.53 -20.16 27.91
CA LEU A 96 10.76 -19.84 26.50
C LEU A 96 12.12 -19.17 26.33
N GLN A 97 12.27 -17.99 26.92
CA GLN A 97 13.54 -17.26 26.80
C GLN A 97 14.72 -18.11 27.24
N ALA A 98 14.54 -18.89 28.31
CA ALA A 98 15.61 -19.74 28.79
C ALA A 98 16.01 -20.65 27.62
N ALA A 99 15.00 -21.30 27.05
CA ALA A 99 15.21 -22.21 25.92
C ALA A 99 15.78 -21.45 24.72
N TRP A 100 15.20 -20.29 24.43
CA TRP A 100 15.64 -19.47 23.31
C TRP A 100 17.12 -19.16 23.40
N GLU A 101 17.53 -18.54 24.50
CA GLU A 101 18.94 -18.17 24.68
C GLU A 101 19.87 -19.38 24.61
N ALA A 102 19.31 -20.57 24.81
CA ALA A 102 20.10 -21.79 24.76
C ALA A 102 20.44 -22.16 23.31
N LEU A 103 19.51 -21.92 22.40
CA LEU A 103 19.73 -22.22 20.99
C LEU A 103 20.94 -21.47 20.46
N GLN A 104 21.09 -20.22 20.86
CA GLN A 104 22.22 -19.41 20.42
C GLN A 104 23.54 -20.13 20.68
N THR A 105 23.56 -20.96 21.72
CA THR A 105 24.76 -21.72 22.07
C THR A 105 24.65 -23.13 21.49
N SER A 106 23.43 -23.64 21.41
CA SER A 106 23.16 -24.97 20.88
C SER A 106 23.89 -25.26 19.58
N GLY A 107 24.06 -24.23 18.76
CA GLY A 107 24.71 -24.40 17.47
C GLY A 107 23.70 -24.86 16.45
N ARG A 108 22.60 -25.41 16.96
CA ARG A 108 21.50 -25.91 16.14
C ARG A 108 20.98 -24.80 15.22
N PRO A 109 20.18 -25.17 14.21
CA PRO A 109 19.62 -24.19 13.27
C PRO A 109 18.35 -23.49 13.80
N ILE A 110 18.33 -22.17 13.67
CA ILE A 110 17.19 -21.36 14.11
C ILE A 110 16.38 -20.93 12.90
N THR A 111 15.20 -21.52 12.75
CA THR A 111 14.32 -21.23 11.63
C THR A 111 12.91 -20.94 12.14
N PRO A 112 12.04 -20.43 11.26
CA PRO A 112 10.66 -20.14 11.69
C PRO A 112 10.06 -21.41 12.26
N GLY A 113 10.66 -22.53 11.88
CA GLY A 113 10.18 -23.82 12.36
C GLY A 113 10.60 -24.08 13.78
N THR A 114 11.84 -23.76 14.12
CA THR A 114 12.33 -23.99 15.48
C THR A 114 11.64 -23.12 16.53
N LEU A 115 11.21 -21.94 16.12
CA LEU A 115 10.53 -21.05 17.05
C LEU A 115 9.06 -21.47 17.17
N ARG A 116 8.52 -22.02 16.09
CA ARG A 116 7.14 -22.49 16.12
C ARG A 116 7.15 -23.61 17.14
N GLN A 117 8.26 -24.33 17.17
CA GLN A 117 8.43 -25.44 18.09
C GLN A 117 8.42 -24.92 19.52
N LEU A 118 9.30 -23.98 19.82
CA LEU A 118 9.38 -23.40 21.16
C LEU A 118 8.01 -22.96 21.66
N ALA A 119 7.26 -22.28 20.80
CA ALA A 119 5.95 -21.78 21.14
C ALA A 119 5.01 -22.85 21.69
N ILE A 120 4.90 -23.97 20.96
CA ILE A 120 4.03 -25.05 21.37
C ILE A 120 4.43 -25.66 22.72
N THR A 121 5.74 -25.76 22.94
CA THR A 121 6.26 -26.33 24.17
C THR A 121 5.97 -25.41 25.36
N HIS A 122 6.42 -24.16 25.26
CA HIS A 122 6.23 -23.20 26.33
C HIS A 122 4.87 -22.55 26.33
N HIS A 123 3.99 -23.04 25.46
CA HIS A 123 2.63 -22.53 25.34
C HIS A 123 2.51 -21.02 25.15
N VAL A 124 3.37 -20.45 24.33
CA VAL A 124 3.30 -19.02 24.03
C VAL A 124 2.65 -18.95 22.66
N LEU A 125 1.32 -19.07 22.64
CA LEU A 125 0.56 -19.06 21.40
C LEU A 125 -0.21 -17.75 21.17
N SER A 126 0.31 -16.67 21.73
CA SER A 126 -0.31 -15.36 21.62
C SER A 126 -0.10 -14.76 20.24
N GLY A 127 -1.12 -14.10 19.72
CA GLY A 127 -0.98 -13.52 18.40
C GLY A 127 -2.04 -12.50 18.03
N LYS A 128 -1.71 -11.71 17.02
CA LYS A 128 -2.62 -10.66 16.59
C LYS A 128 -2.35 -10.23 15.16
N TRP A 129 -3.36 -9.63 14.55
CA TRP A 129 -3.25 -9.07 13.19
C TRP A 129 -2.90 -7.60 13.42
N LEU A 130 -2.04 -7.04 12.59
CA LEU A 130 -1.62 -5.64 12.71
C LEU A 130 -1.84 -4.88 11.39
N MSE A 131 -2.66 -3.84 11.45
CA MSE A 131 -2.92 -3.01 10.30
C MSE A 131 -2.49 -1.59 10.66
O MSE A 131 -2.54 -1.23 11.83
CB MSE A 131 -4.42 -3.05 9.96
CG MSE A 131 -5.30 -2.50 11.06
SE MSE A 131 -6.81 -3.65 11.48
CE MSE A 131 -5.83 -5.12 12.26
N HIS A 132 -2.06 -0.79 9.68
CA HIS A 132 -1.67 0.58 9.98
C HIS A 132 -2.24 1.59 8.99
N LEU A 133 -2.63 2.75 9.52
CA LEU A 133 -3.21 3.83 8.73
C LEU A 133 -2.70 5.21 9.19
N ALA A 134 -3.37 6.26 8.74
CA ALA A 134 -3.03 7.63 9.10
C ALA A 134 -4.27 8.21 9.78
N PRO A 135 -4.07 9.16 10.72
CA PRO A 135 -5.21 9.76 11.41
C PRO A 135 -6.30 10.19 10.44
N GLY A 136 -7.54 10.12 10.89
CA GLY A 136 -8.65 10.51 10.05
C GLY A 136 -9.75 9.48 10.05
N PHE A 137 -10.65 9.61 9.07
CA PHE A 137 -11.79 8.73 8.95
C PHE A 137 -11.48 7.26 8.81
N LYS A 138 -10.46 6.90 8.06
CA LYS A 138 -10.18 5.49 7.87
C LYS A 138 -9.85 4.77 9.16
N LEU A 139 -8.96 5.38 9.96
CA LEU A 139 -8.57 4.80 11.23
C LEU A 139 -9.79 4.84 12.15
N ASP A 140 -10.33 6.05 12.36
CA ASP A 140 -11.50 6.22 13.22
C ASP A 140 -12.65 5.30 12.85
N HIS A 141 -12.88 5.08 11.56
CA HIS A 141 -13.98 4.21 11.13
C HIS A 141 -13.60 2.75 11.27
N ALA A 142 -12.35 2.42 10.97
CA ALA A 142 -11.89 1.05 11.09
C ALA A 142 -11.91 0.67 12.59
N TRP A 143 -11.30 1.52 13.41
CA TRP A 143 -11.27 1.28 14.85
C TRP A 143 -12.70 1.06 15.36
N ALA A 144 -13.60 2.01 15.11
CA ALA A 144 -14.98 1.87 15.58
C ALA A 144 -15.54 0.49 15.30
N GLY A 145 -15.33 -0.01 14.09
CA GLY A 145 -15.84 -1.31 13.72
C GLY A 145 -15.23 -2.41 14.57
N ILE A 146 -13.92 -2.58 14.46
CA ILE A 146 -13.23 -3.61 15.24
C ILE A 146 -13.61 -3.63 16.74
N ALA A 147 -13.64 -2.45 17.37
CA ALA A 147 -14.00 -2.38 18.78
C ALA A 147 -15.38 -3.02 18.93
N ARG A 148 -16.29 -2.60 18.08
CA ARG A 148 -17.66 -3.11 18.08
C ARG A 148 -17.66 -4.64 17.94
N ALA A 149 -16.74 -5.16 17.13
CA ALA A 149 -16.63 -6.60 16.92
C ALA A 149 -16.07 -7.27 18.19
N VAL A 150 -15.50 -6.46 19.08
CA VAL A 150 -14.97 -7.00 20.32
C VAL A 150 -16.15 -7.04 21.29
N VAL A 151 -16.87 -5.93 21.41
CA VAL A 151 -17.99 -5.85 22.31
C VAL A 151 -19.06 -6.91 22.03
N GLU A 152 -19.31 -7.16 20.74
CA GLU A 152 -20.28 -8.18 20.32
C GLU A 152 -19.81 -9.57 20.71
N GLY A 153 -18.50 -9.73 20.89
CA GLY A 153 -17.97 -11.03 21.28
C GLY A 153 -17.37 -11.86 20.17
N ARG A 154 -17.06 -11.24 19.04
CA ARG A 154 -16.48 -11.94 17.89
C ARG A 154 -14.95 -11.83 17.88
N LEU A 155 -14.43 -10.98 18.77
CA LEU A 155 -13.00 -10.76 18.93
C LEU A 155 -12.75 -10.68 20.45
N GLN A 156 -11.54 -10.99 20.89
CA GLN A 156 -11.24 -10.96 22.32
C GLN A 156 -10.89 -9.58 22.87
N VAL A 157 -9.97 -8.90 22.21
CA VAL A 157 -9.49 -7.57 22.60
C VAL A 157 -8.91 -6.87 21.39
N ALA A 158 -8.91 -5.53 21.42
CA ALA A 158 -8.34 -4.75 20.34
C ALA A 158 -7.73 -3.48 20.91
N LYS A 159 -6.60 -3.06 20.35
CA LYS A 159 -5.94 -1.84 20.80
C LYS A 159 -5.66 -0.96 19.58
N VAL A 160 -5.64 0.36 19.78
CA VAL A 160 -5.33 1.29 18.70
C VAL A 160 -4.52 2.44 19.30
N SER A 161 -3.30 2.63 18.79
CA SER A 161 -2.38 3.65 19.26
C SER A 161 -2.84 5.09 19.01
N PRO A 162 -2.61 5.98 19.99
CA PRO A 162 -3.02 7.39 19.85
C PRO A 162 -2.17 8.16 18.83
N ARG A 163 -2.58 9.39 18.55
CA ARG A 163 -1.88 10.19 17.58
C ARG A 163 -0.57 10.78 18.08
N ALA A 164 0.44 10.69 17.22
CA ALA A 164 1.77 11.21 17.51
C ALA A 164 1.72 12.70 17.20
N LYS A 165 2.50 13.50 17.94
CA LYS A 165 2.52 14.95 17.75
C LYS A 165 2.47 15.38 16.28
N GLU A 166 3.00 14.55 15.39
CA GLU A 166 3.01 14.88 13.98
C GLU A 166 2.12 13.93 13.17
N GLY A 167 2.21 14.02 11.84
CA GLY A 167 1.42 13.16 10.97
C GLY A 167 1.39 11.74 11.52
N GLY A 168 2.50 11.03 11.35
CA GLY A 168 2.60 9.68 11.84
C GLY A 168 1.63 8.68 11.21
N ARG A 169 1.75 7.43 11.65
CA ARG A 169 0.93 6.34 11.18
C ARG A 169 0.44 5.62 12.43
N GLN A 170 -0.77 5.06 12.38
CA GLN A 170 -1.32 4.37 13.54
C GLN A 170 -1.78 2.94 13.27
N VAL A 171 -1.52 2.06 14.25
CA VAL A 171 -1.88 0.65 14.15
C VAL A 171 -3.12 0.25 14.91
N ILE A 172 -3.65 -0.90 14.54
CA ILE A 172 -4.79 -1.50 15.22
C ILE A 172 -4.32 -2.92 15.49
N CYS A 173 -4.56 -3.39 16.70
CA CYS A 173 -4.15 -4.72 17.09
C CYS A 173 -5.39 -5.58 17.37
N VAL A 174 -5.49 -6.70 16.65
CA VAL A 174 -6.61 -7.64 16.82
C VAL A 174 -6.06 -8.97 17.33
N TYR A 175 -6.27 -9.22 18.61
CA TYR A 175 -5.76 -10.42 19.27
C TYR A 175 -6.56 -11.72 19.14
N THR A 176 -5.83 -12.82 19.01
CA THR A 176 -6.40 -14.17 18.95
C THR A 176 -5.47 -14.98 19.86
N ASP A 177 -6.01 -15.99 20.54
CA ASP A 177 -5.18 -16.76 21.47
C ASP A 177 -4.31 -17.91 20.98
N ASP A 178 -4.41 -18.26 19.71
CA ASP A 178 -3.59 -19.36 19.19
C ASP A 178 -3.19 -19.16 17.74
N PHE A 179 -1.93 -18.81 17.49
CA PHE A 179 -1.45 -18.58 16.13
C PHE A 179 -1.29 -19.87 15.34
N THR A 180 -1.64 -20.99 15.95
CA THR A 180 -1.55 -22.28 15.27
C THR A 180 -2.94 -22.88 15.17
N ASP A 181 -3.94 -22.00 15.20
CA ASP A 181 -5.34 -22.41 15.08
C ASP A 181 -6.01 -21.62 13.96
N ARG A 182 -5.99 -22.20 12.75
CA ARG A 182 -6.58 -21.56 11.60
C ARG A 182 -7.98 -21.02 11.92
N LEU A 183 -8.60 -21.65 12.91
CA LEU A 183 -9.94 -21.29 13.36
C LEU A 183 -10.16 -19.77 13.53
N GLY A 184 -9.63 -19.22 14.61
CA GLY A 184 -9.79 -17.79 14.87
C GLY A 184 -9.01 -16.91 13.91
N VAL A 185 -7.74 -17.23 13.72
CA VAL A 185 -6.88 -16.48 12.81
C VAL A 185 -7.71 -15.94 11.65
N LEU A 186 -8.46 -16.84 11.00
CA LEU A 186 -9.28 -16.46 9.86
C LEU A 186 -10.57 -15.73 10.22
N GLU A 187 -11.22 -16.16 11.30
CA GLU A 187 -12.45 -15.51 11.71
C GLU A 187 -12.17 -14.08 12.12
N ALA A 188 -11.00 -13.86 12.73
CA ALA A 188 -10.61 -12.52 13.16
C ALA A 188 -10.42 -11.71 11.88
N ASP A 189 -9.66 -12.27 10.94
CA ASP A 189 -9.44 -11.59 9.67
C ASP A 189 -10.83 -11.28 9.07
N SER A 190 -11.68 -12.31 9.05
CA SER A 190 -13.03 -12.16 8.52
C SER A 190 -13.76 -11.04 9.25
N ALA A 191 -13.64 -11.03 10.57
CA ALA A 191 -14.30 -10.01 11.37
C ALA A 191 -13.76 -8.65 10.95
N ILE A 192 -12.44 -8.55 10.83
CA ILE A 192 -11.83 -7.29 10.44
C ILE A 192 -12.36 -6.88 9.06
N ARG A 193 -12.37 -7.82 8.13
CA ARG A 193 -12.87 -7.56 6.78
C ARG A 193 -14.33 -7.12 6.76
N ALA A 194 -15.17 -7.75 7.58
CA ALA A 194 -16.58 -7.40 7.62
C ALA A 194 -16.75 -5.96 8.08
N ALA A 195 -15.76 -5.43 8.78
CA ALA A 195 -15.81 -4.05 9.25
C ALA A 195 -15.42 -3.10 8.12
N GLY A 196 -15.18 -3.68 6.95
CA GLY A 196 -14.82 -2.90 5.78
C GLY A 196 -13.42 -2.33 5.76
N ILE A 197 -12.44 -3.09 6.25
CA ILE A 197 -11.06 -2.64 6.26
C ILE A 197 -10.31 -3.18 5.04
N LYS A 198 -9.85 -2.27 4.20
CA LYS A 198 -9.15 -2.63 2.98
C LYS A 198 -7.64 -2.75 3.19
N CYS A 199 -7.15 -2.28 4.33
CA CYS A 199 -5.72 -2.35 4.62
C CYS A 199 -5.21 -3.78 4.54
N LEU A 200 -3.89 -3.94 4.65
CA LEU A 200 -3.23 -5.25 4.63
C LEU A 200 -2.95 -5.64 6.07
N LEU A 201 -2.80 -6.94 6.31
CA LEU A 201 -2.49 -7.45 7.63
C LEU A 201 -1.34 -8.45 7.49
N THR A 202 -0.42 -8.43 8.44
CA THR A 202 0.71 -9.35 8.44
C THR A 202 0.85 -9.86 9.87
N TYR A 203 -0.04 -10.77 10.25
CA TYR A 203 -0.11 -11.36 11.58
C TYR A 203 1.25 -11.64 12.22
N LYS A 204 1.38 -11.17 13.46
CA LYS A 204 2.61 -11.33 14.23
C LYS A 204 2.37 -12.22 15.46
N PRO A 205 3.00 -13.40 15.49
CA PRO A 205 2.90 -14.38 16.59
C PRO A 205 3.64 -13.86 17.83
N ASP A 206 2.88 -13.38 18.81
CA ASP A 206 3.48 -12.83 20.02
C ASP A 206 4.55 -13.72 20.64
N VAL A 207 4.60 -14.99 20.23
CA VAL A 207 5.61 -15.89 20.73
C VAL A 207 6.99 -15.48 20.20
N TYR A 208 7.00 -14.60 19.20
CA TYR A 208 8.24 -14.08 18.64
C TYR A 208 8.44 -12.72 19.25
N THR A 209 7.37 -12.16 19.82
CA THR A 209 7.43 -10.85 20.46
C THR A 209 8.28 -10.89 21.72
N TYR A 210 8.20 -12.01 22.45
CA TYR A 210 8.96 -12.17 23.68
C TYR A 210 10.45 -12.46 23.41
N LEU A 211 10.74 -13.00 22.25
CA LEU A 211 12.11 -13.31 21.89
C LEU A 211 12.78 -12.17 21.12
N GLY A 212 12.02 -11.11 20.86
CA GLY A 212 12.56 -9.96 20.15
C GLY A 212 12.91 -10.18 18.68
N ILE A 213 12.04 -10.89 17.97
CA ILE A 213 12.23 -11.15 16.55
C ILE A 213 11.58 -10.00 15.80
N TYR A 214 12.27 -8.87 15.74
CA TYR A 214 11.74 -7.67 15.08
C TYR A 214 12.18 -7.58 13.62
N ARG A 215 11.82 -6.48 12.99
CA ARG A 215 12.17 -6.24 11.58
C ARG A 215 13.64 -6.51 11.25
N ALA A 216 14.54 -5.64 11.67
CA ALA A 216 15.97 -5.83 11.39
C ALA A 216 16.52 -6.96 12.27
N ASN A 217 15.92 -8.13 12.10
CA ASN A 217 16.28 -9.32 12.87
C ASN A 217 17.71 -9.80 12.58
N ARG A 218 18.39 -10.26 13.63
CA ARG A 218 19.76 -10.75 13.51
C ARG A 218 19.76 -12.19 12.98
N TRP A 219 18.81 -12.99 13.45
CA TRP A 219 18.68 -14.37 13.02
C TRP A 219 17.96 -14.36 11.68
N HIS A 220 17.84 -13.16 11.13
CA HIS A 220 17.17 -12.92 9.84
C HIS A 220 15.91 -13.75 9.61
N LEU A 221 15.04 -13.76 10.64
CA LEU A 221 13.77 -14.46 10.57
C LEU A 221 12.71 -13.37 10.45
N CYS A 222 11.77 -13.53 9.52
CA CYS A 222 10.72 -12.54 9.33
C CYS A 222 9.88 -12.39 10.59
N PRO A 223 9.54 -11.14 10.94
CA PRO A 223 8.72 -10.85 12.12
C PRO A 223 7.23 -11.10 11.92
N THR A 224 6.86 -11.47 10.70
CA THR A 224 5.47 -11.73 10.34
C THR A 224 5.28 -13.16 9.85
N LEU A 225 4.30 -13.87 10.41
CA LEU A 225 4.04 -15.24 10.02
C LEU A 225 2.63 -15.47 9.48
N TYR A 226 2.18 -14.56 8.61
CA TYR A 226 0.86 -14.58 7.97
C TYR A 226 0.52 -13.20 7.41
N GLU A 227 -0.04 -13.16 6.21
CA GLU A 227 -0.44 -11.89 5.59
C GLU A 227 -1.83 -12.01 4.97
N SER A 228 -2.32 -10.92 4.41
CA SER A 228 -3.65 -10.88 3.80
C SER A 228 -4.00 -9.50 3.23
N ARG A 229 -4.35 -9.46 1.96
CA ARG A 229 -4.75 -8.21 1.29
C ARG A 229 -6.18 -8.37 0.81
N PHE A 230 -6.88 -7.26 0.70
CA PHE A 230 -8.26 -7.28 0.22
C PHE A 230 -8.22 -7.94 -1.16
N GLN A 231 -8.91 -9.07 -1.30
CA GLN A 231 -8.94 -9.80 -2.56
C GLN A 231 -10.34 -9.76 -3.21
N GLY A 238 -12.85 -11.20 -0.20
CA GLY A 238 -12.56 -10.73 1.15
C GLY A 238 -11.09 -10.42 1.34
N SER A 239 -10.26 -11.45 1.21
CA SER A 239 -8.81 -11.28 1.39
C SER A 239 -8.02 -12.53 1.01
N ARG A 240 -6.73 -12.34 0.71
CA ARG A 240 -5.85 -13.44 0.38
C ARG A 240 -4.96 -13.67 1.58
N VAL A 241 -5.31 -14.67 2.40
CA VAL A 241 -4.55 -14.99 3.59
C VAL A 241 -3.41 -15.96 3.28
N LEU A 242 -2.24 -15.39 3.02
CA LEU A 242 -1.05 -16.19 2.71
C LEU A 242 -0.51 -16.85 3.96
N ASP A 243 -0.14 -18.12 3.83
CA ASP A 243 0.41 -18.86 4.95
C ASP A 243 1.92 -18.88 4.74
N ARG A 244 2.56 -17.72 4.86
CA ARG A 244 4.00 -17.60 4.69
C ARG A 244 4.74 -18.64 5.53
N ALA A 245 4.03 -19.26 6.47
CA ALA A 245 4.61 -20.28 7.32
C ALA A 245 4.82 -21.57 6.53
N ASN A 246 4.29 -21.59 5.31
CA ASN A 246 4.40 -22.74 4.41
C ASN A 246 4.10 -22.29 2.98
N ASN A 247 3.94 -20.97 2.82
CA ASN A 247 3.64 -20.34 1.53
C ASN A 247 2.56 -21.12 0.79
N VAL A 248 1.31 -20.81 1.09
CA VAL A 248 0.17 -21.48 0.46
C VAL A 248 -1.00 -20.51 0.27
N GLU A 249 -2.02 -20.67 1.10
CA GLU A 249 -3.22 -19.84 1.05
C GLU A 249 -4.35 -20.42 1.91
N LEU A 250 -4.59 -19.81 3.08
CA LEU A 250 -5.65 -20.25 3.99
C LEU A 250 -7.03 -19.98 3.40
N GLU B 17 7.28 -4.70 28.62
CA GLU B 17 7.08 -5.31 27.27
C GLU B 17 7.34 -4.32 26.15
N ASP B 18 8.61 -3.93 26.00
CA ASP B 18 9.05 -3.00 24.97
C ASP B 18 8.54 -3.36 23.57
N GLY B 19 8.45 -4.65 23.29
CA GLY B 19 7.99 -5.10 22.00
C GLY B 19 6.47 -5.25 21.95
N PHE B 20 5.77 -4.50 22.79
CA PHE B 20 4.31 -4.54 22.84
C PHE B 20 3.71 -3.14 22.93
N THR B 21 4.57 -2.13 23.05
CA THR B 21 4.11 -0.75 23.16
C THR B 21 3.29 -0.32 21.94
N ALA B 22 3.05 0.98 21.83
CA ALA B 22 2.32 1.50 20.69
C ALA B 22 3.35 1.84 19.60
N GLU B 23 4.35 2.63 19.96
CA GLU B 23 5.38 3.05 19.03
C GLU B 23 6.20 1.88 18.47
N HIS B 24 6.18 0.75 19.15
CA HIS B 24 6.92 -0.41 18.64
C HIS B 24 6.13 -1.13 17.55
N LEU B 25 4.85 -1.38 17.79
CA LEU B 25 4.01 -2.08 16.82
C LEU B 25 3.76 -1.24 15.57
N ALA B 26 3.71 0.07 15.72
CA ALA B 26 3.50 0.93 14.57
C ALA B 26 4.73 0.81 13.67
N ALA B 27 5.88 0.50 14.28
CA ALA B 27 7.12 0.35 13.55
C ALA B 27 7.11 -1.00 12.83
N GLU B 28 6.50 -1.99 13.47
CA GLU B 28 6.40 -3.32 12.90
C GLU B 28 5.47 -3.29 11.69
N ALA B 29 4.30 -2.65 11.87
CA ALA B 29 3.32 -2.53 10.82
C ALA B 29 3.90 -1.75 9.64
N MSE B 30 4.70 -0.73 9.94
CA MSE B 30 5.33 0.09 8.90
C MSE B 30 6.09 -0.84 7.97
O MSE B 30 5.66 -1.08 6.84
CB MSE B 30 6.32 1.07 9.51
CG MSE B 30 6.24 2.48 8.95
SE MSE B 30 6.35 2.67 7.03
CE MSE B 30 4.57 3.33 6.68
N ALA B 31 7.19 -1.38 8.47
CA ALA B 31 8.04 -2.28 7.70
C ALA B 31 7.28 -3.41 7.03
N ALA B 32 6.59 -4.22 7.82
CA ALA B 32 5.83 -5.35 7.29
C ALA B 32 5.05 -5.04 6.01
N ASP B 33 4.83 -3.75 5.74
CA ASP B 33 4.08 -3.37 4.56
C ASP B 33 4.93 -2.99 3.35
N MSE B 34 5.61 -3.97 2.76
CA MSE B 34 6.41 -3.72 1.57
C MSE B 34 5.52 -4.21 0.46
O MSE B 34 4.80 -5.19 0.62
CB MSE B 34 7.71 -4.54 1.54
CG MSE B 34 8.84 -3.96 0.66
SE MSE B 34 8.71 -3.85 -1.32
CE MSE B 34 10.56 -4.09 -1.75
N ASP B 35 5.55 -3.53 -0.68
CA ASP B 35 4.73 -3.98 -1.78
C ASP B 35 5.34 -5.31 -2.21
N PRO B 36 4.49 -6.34 -2.29
CA PRO B 36 4.83 -7.72 -2.67
C PRO B 36 5.67 -7.93 -3.93
N TRP B 37 6.46 -9.01 -3.89
CA TRP B 37 7.34 -9.39 -4.99
C TRP B 37 6.71 -10.50 -5.83
N LEU B 38 7.10 -10.55 -7.10
CA LEU B 38 6.65 -11.59 -8.03
C LEU B 38 7.98 -12.24 -8.37
N VAL B 39 8.36 -13.25 -7.60
CA VAL B 39 9.65 -13.90 -7.76
C VAL B 39 9.62 -15.31 -8.26
N PHE B 40 10.79 -15.79 -8.70
CA PHE B 40 10.97 -17.18 -9.12
C PHE B 40 12.08 -17.73 -8.21
N ASP B 41 11.79 -18.83 -7.53
CA ASP B 41 12.72 -19.46 -6.60
C ASP B 41 13.23 -20.81 -7.12
N ALA B 42 14.49 -20.85 -7.50
CA ALA B 42 15.07 -22.09 -8.02
C ALA B 42 15.27 -23.14 -6.92
N ARG B 43 15.06 -22.77 -5.67
CA ARG B 43 15.23 -23.73 -4.57
C ARG B 43 13.98 -24.55 -4.32
N THR B 44 12.83 -24.06 -4.77
CA THR B 44 11.59 -24.77 -4.56
C THR B 44 10.87 -25.12 -5.86
N THR B 45 11.44 -24.70 -6.99
CA THR B 45 10.82 -24.96 -8.29
C THR B 45 11.82 -25.53 -9.29
N PRO B 46 11.37 -26.45 -10.16
CA PRO B 46 12.27 -27.04 -11.15
C PRO B 46 12.70 -26.02 -12.19
N ALA B 47 13.96 -26.11 -12.61
CA ALA B 47 14.52 -25.19 -13.59
C ALA B 47 13.69 -25.23 -14.87
N THR B 48 12.79 -26.19 -14.96
CA THR B 48 11.95 -26.37 -16.13
C THR B 48 10.80 -25.37 -16.26
N GLU B 49 10.54 -24.60 -15.22
CA GLU B 49 9.45 -23.63 -15.26
C GLU B 49 9.85 -22.22 -15.74
N LEU B 50 11.03 -21.75 -15.32
CA LEU B 50 11.51 -20.42 -15.68
C LEU B 50 11.02 -20.02 -17.05
N ASP B 51 11.02 -20.98 -17.96
CA ASP B 51 10.59 -20.74 -19.32
C ASP B 51 9.20 -20.09 -19.40
N ALA B 52 8.16 -20.83 -19.00
CA ALA B 52 6.81 -20.29 -19.05
C ALA B 52 6.72 -19.07 -18.13
N TRP B 53 7.42 -19.13 -17.00
CA TRP B 53 7.43 -18.02 -16.07
C TRP B 53 7.96 -16.77 -16.81
N LEU B 54 9.09 -16.89 -17.50
CA LEU B 54 9.59 -15.75 -18.25
C LEU B 54 8.53 -15.33 -19.27
N ALA B 55 7.93 -16.31 -19.93
CA ALA B 55 6.91 -16.01 -20.92
C ALA B 55 5.69 -15.33 -20.28
N LYS B 56 5.28 -15.82 -19.11
CA LYS B 56 4.15 -15.24 -18.42
C LYS B 56 4.44 -13.90 -17.78
N TYR B 57 5.61 -13.75 -17.18
CA TYR B 57 5.93 -12.50 -16.50
C TYR B 57 7.07 -11.64 -17.04
N PRO B 58 7.10 -11.35 -18.35
CA PRO B 58 8.20 -10.51 -18.85
C PRO B 58 8.10 -9.14 -18.15
N PRO B 59 9.23 -8.65 -17.61
CA PRO B 59 9.26 -7.38 -16.89
C PRO B 59 8.78 -6.11 -17.59
N SER B 60 8.79 -6.09 -18.91
CA SER B 60 8.35 -4.88 -19.62
C SER B 60 6.83 -4.72 -19.59
N GLN B 61 6.14 -5.70 -19.01
CA GLN B 61 4.70 -5.64 -18.92
C GLN B 61 4.19 -5.67 -17.49
N VAL B 62 4.89 -6.40 -16.62
CA VAL B 62 4.45 -6.46 -15.24
C VAL B 62 4.48 -5.05 -14.70
N THR B 63 3.38 -4.60 -14.10
CA THR B 63 3.34 -3.25 -13.59
C THR B 63 3.40 -3.13 -12.08
N ARG B 64 3.97 -2.03 -11.63
CA ARG B 64 4.13 -1.76 -10.21
C ARG B 64 2.83 -1.95 -9.43
N TYR B 65 1.72 -1.51 -10.00
CA TYR B 65 0.44 -1.58 -9.33
C TYR B 65 -0.62 -2.51 -9.90
N GLY B 66 -0.20 -3.48 -10.71
CA GLY B 66 -1.14 -4.43 -11.28
C GLY B 66 -2.26 -3.74 -12.03
N ASP B 67 -1.89 -2.84 -12.93
CA ASP B 67 -2.87 -2.10 -13.72
C ASP B 67 -3.71 -3.02 -14.59
N PRO B 68 -4.86 -2.53 -15.07
CA PRO B 68 -5.71 -3.34 -15.93
C PRO B 68 -4.89 -3.67 -17.17
N GLY B 69 -4.89 -4.93 -17.58
CA GLY B 69 -4.10 -5.29 -18.75
C GLY B 69 -2.63 -5.52 -18.46
N SER B 70 -2.31 -5.97 -17.24
CA SER B 70 -0.94 -6.27 -16.84
C SER B 70 -0.81 -7.78 -16.69
N PRO B 71 0.40 -8.31 -16.80
CA PRO B 71 0.54 -9.76 -16.65
C PRO B 71 0.17 -10.11 -15.22
N ASN B 72 0.60 -9.25 -14.30
CA ASN B 72 0.34 -9.42 -12.87
C ASN B 72 -1.06 -9.03 -12.49
N SER B 73 -1.77 -9.95 -11.84
CA SER B 73 -3.14 -9.71 -11.41
C SER B 73 -3.15 -8.72 -10.27
N GLU B 74 -2.07 -8.70 -9.50
CA GLU B 74 -1.98 -7.80 -8.35
C GLU B 74 -0.65 -7.06 -8.32
N PRO B 75 -0.55 -6.01 -7.50
CA PRO B 75 0.63 -5.17 -7.31
C PRO B 75 1.95 -5.91 -7.05
N VAL B 76 3.03 -5.43 -7.65
CA VAL B 76 4.34 -6.03 -7.48
C VAL B 76 5.38 -4.93 -7.31
N GLY B 77 6.25 -5.07 -6.32
CA GLY B 77 7.27 -4.05 -6.08
C GLY B 77 8.59 -4.39 -6.74
N TRP B 78 8.83 -5.68 -6.90
CA TRP B 78 10.06 -6.16 -7.53
C TRP B 78 9.79 -7.49 -8.19
N ILE B 79 10.49 -7.75 -9.28
CA ILE B 79 10.41 -9.04 -9.95
C ILE B 79 11.78 -9.61 -9.61
N ALA B 80 11.85 -10.89 -9.26
CA ALA B 80 13.15 -11.45 -8.88
C ALA B 80 13.27 -12.95 -8.95
N VAL B 81 14.50 -13.42 -8.99
CA VAL B 81 14.78 -14.85 -9.04
C VAL B 81 15.81 -15.23 -7.98
N TYR B 82 15.64 -16.42 -7.42
CA TYR B 82 16.55 -16.96 -6.41
C TYR B 82 17.20 -18.23 -6.94
N GLY B 83 18.52 -18.29 -6.88
CA GLY B 83 19.23 -19.47 -7.34
C GLY B 83 19.65 -20.35 -6.18
N GLN B 84 20.26 -21.49 -6.49
CA GLN B 84 20.72 -22.41 -5.45
C GLN B 84 21.58 -21.69 -4.43
N GLY B 85 22.67 -21.10 -4.90
CA GLY B 85 23.57 -20.37 -4.02
C GLY B 85 22.97 -19.08 -3.49
N TYR B 86 22.18 -19.19 -2.42
CA TYR B 86 21.55 -18.02 -1.84
C TYR B 86 21.04 -18.21 -0.42
N SER B 87 21.32 -17.22 0.41
CA SER B 87 20.91 -17.18 1.80
C SER B 87 21.16 -15.75 2.28
N PRO B 88 20.28 -15.22 3.14
CA PRO B 88 20.42 -13.86 3.67
C PRO B 88 21.84 -13.46 4.05
N ASN B 89 22.08 -12.15 4.10
CA ASN B 89 23.41 -11.62 4.39
C ASN B 89 24.04 -12.11 5.69
N SER B 90 23.24 -12.21 6.74
CA SER B 90 23.69 -12.64 8.07
C SER B 90 24.12 -11.42 8.89
N GLY B 91 24.78 -10.48 8.21
CA GLY B 91 25.26 -9.27 8.85
C GLY B 91 24.29 -8.56 9.77
N ASP B 92 24.84 -7.70 10.62
CA ASP B 92 24.06 -6.94 11.59
C ASP B 92 23.70 -5.53 11.14
N VAL B 93 22.56 -5.41 10.47
CA VAL B 93 22.09 -4.12 9.98
C VAL B 93 21.77 -3.16 11.11
N GLN B 94 21.33 -3.70 12.24
CA GLN B 94 20.99 -2.87 13.39
C GLN B 94 22.25 -2.17 13.88
N GLY B 95 23.31 -2.94 14.07
CA GLY B 95 24.56 -2.35 14.52
C GLY B 95 25.11 -1.35 13.52
N LEU B 96 25.14 -1.75 12.25
CA LEU B 96 25.64 -0.88 11.19
C LEU B 96 24.90 0.46 11.18
N GLN B 97 23.58 0.37 11.21
CA GLN B 97 22.72 1.55 11.21
C GLN B 97 22.98 2.45 12.43
N ALA B 98 23.26 1.83 13.57
CA ALA B 98 23.53 2.60 14.79
C ALA B 98 24.91 3.25 14.67
N ALA B 99 25.84 2.51 14.07
CA ALA B 99 27.19 3.02 13.88
C ALA B 99 27.12 4.23 12.95
N TRP B 100 26.24 4.15 11.95
CA TRP B 100 26.08 5.24 10.98
C TRP B 100 25.66 6.51 11.72
N GLU B 101 24.68 6.36 12.59
CA GLU B 101 24.18 7.48 13.38
C GLU B 101 25.34 8.12 14.17
N ALA B 102 26.03 7.28 14.94
CA ALA B 102 27.17 7.74 15.74
C ALA B 102 28.24 8.39 14.88
N LEU B 103 28.54 7.75 13.75
CA LEU B 103 29.56 8.26 12.83
C LEU B 103 29.33 9.70 12.43
N GLN B 104 28.12 10.00 11.96
CA GLN B 104 27.78 11.35 11.55
C GLN B 104 27.96 12.32 12.71
N THR B 105 27.52 11.90 13.90
CA THR B 105 27.65 12.72 15.11
C THR B 105 29.10 13.21 15.21
N SER B 106 30.01 12.29 15.53
CA SER B 106 31.41 12.63 15.62
C SER B 106 31.79 13.22 14.28
N GLY B 107 32.37 14.42 14.29
CA GLY B 107 32.76 15.08 13.06
C GLY B 107 33.83 14.37 12.25
N ARG B 108 34.08 13.10 12.55
CA ARG B 108 35.09 12.32 11.83
C ARG B 108 34.90 12.44 10.32
N PRO B 109 36.01 12.41 9.57
CA PRO B 109 35.97 12.51 8.10
C PRO B 109 35.26 11.34 7.41
N ILE B 110 33.93 11.44 7.29
CA ILE B 110 33.14 10.40 6.64
C ILE B 110 33.65 10.12 5.23
N THR B 111 34.26 8.96 5.05
CA THR B 111 34.82 8.59 3.76
C THR B 111 34.54 7.13 3.41
N PRO B 112 34.87 6.72 2.18
CA PRO B 112 34.66 5.35 1.72
C PRO B 112 35.42 4.36 2.59
N GLY B 113 36.29 4.90 3.44
CA GLY B 113 37.10 4.05 4.31
C GLY B 113 36.38 3.44 5.50
N THR B 114 35.90 4.29 6.41
CA THR B 114 35.19 3.80 7.60
C THR B 114 33.87 3.20 7.17
N LEU B 115 33.32 3.75 6.08
CA LEU B 115 32.06 3.25 5.55
C LEU B 115 32.27 1.80 5.18
N ARG B 116 33.49 1.50 4.73
CA ARG B 116 33.84 0.13 4.37
C ARG B 116 34.17 -0.66 5.63
N GLN B 117 34.92 -0.03 6.54
CA GLN B 117 35.29 -0.70 7.78
C GLN B 117 34.01 -1.15 8.43
N LEU B 118 33.03 -0.26 8.44
CA LEU B 118 31.73 -0.54 9.00
C LEU B 118 31.16 -1.84 8.44
N ALA B 119 31.06 -1.91 7.12
CA ALA B 119 30.51 -3.09 6.45
C ALA B 119 31.22 -4.38 6.86
N ILE B 120 32.54 -4.32 6.93
CA ILE B 120 33.33 -5.48 7.34
C ILE B 120 33.07 -5.78 8.81
N THR B 121 32.95 -4.72 9.62
CA THR B 121 32.69 -4.87 11.05
C THR B 121 31.36 -5.55 11.32
N HIS B 122 30.30 -5.14 10.63
CA HIS B 122 28.99 -5.76 10.87
C HIS B 122 28.62 -6.90 9.94
N HIS B 123 29.59 -7.36 9.15
CA HIS B 123 29.38 -8.47 8.24
C HIS B 123 28.29 -8.24 7.18
N VAL B 124 28.18 -7.00 6.72
CA VAL B 124 27.22 -6.62 5.67
C VAL B 124 28.09 -6.43 4.42
N LEU B 125 28.40 -7.54 3.75
CA LEU B 125 29.28 -7.55 2.59
C LEU B 125 28.67 -7.79 1.22
N SER B 126 27.38 -8.09 1.16
CA SER B 126 26.71 -8.35 -0.10
C SER B 126 26.80 -7.18 -1.07
N GLY B 127 26.81 -7.49 -2.36
CA GLY B 127 26.92 -6.44 -3.37
C GLY B 127 26.02 -6.59 -4.58
N LYS B 128 25.80 -5.49 -5.30
CA LYS B 128 24.96 -5.52 -6.46
C LYS B 128 25.44 -4.86 -7.76
N TRP B 129 25.32 -5.62 -8.83
CA TRP B 129 25.63 -5.15 -10.17
C TRP B 129 24.30 -4.57 -10.70
N LEU B 130 24.38 -3.43 -11.38
CA LEU B 130 23.19 -2.75 -11.89
C LEU B 130 23.34 -2.33 -13.37
N MSE B 131 22.20 -2.03 -14.00
CA MSE B 131 22.18 -1.62 -15.39
C MSE B 131 20.96 -0.74 -15.66
O MSE B 131 20.24 -0.37 -14.74
CB MSE B 131 22.12 -2.83 -16.32
CG MSE B 131 23.20 -3.85 -16.11
SE MSE B 131 22.49 -5.56 -15.51
CE MSE B 131 22.79 -5.34 -13.61
N HIS B 132 20.74 -0.43 -16.93
CA HIS B 132 19.61 0.39 -17.37
C HIS B 132 19.06 -0.16 -18.66
N LEU B 133 17.75 -0.40 -18.68
CA LEU B 133 17.10 -0.93 -19.86
C LEU B 133 15.73 -0.29 -20.04
N ALA B 134 15.48 0.19 -21.25
CA ALA B 134 14.19 0.79 -21.55
C ALA B 134 13.25 -0.40 -21.64
N PRO B 135 12.06 -0.29 -21.05
CA PRO B 135 11.14 -1.44 -21.13
C PRO B 135 11.01 -1.87 -22.59
N GLY B 136 10.95 -3.18 -22.82
CA GLY B 136 10.86 -3.66 -24.18
C GLY B 136 11.62 -4.96 -24.37
N PHE B 137 11.79 -5.35 -25.63
CA PHE B 137 12.46 -6.60 -25.94
C PHE B 137 13.93 -6.69 -25.52
N LYS B 138 14.68 -5.60 -25.66
CA LYS B 138 16.07 -5.63 -25.25
C LYS B 138 16.12 -6.07 -23.79
N LEU B 139 15.27 -5.45 -22.98
CA LEU B 139 15.20 -5.77 -21.57
C LEU B 139 14.72 -7.22 -21.29
N ASP B 140 13.56 -7.59 -21.80
CA ASP B 140 13.02 -8.94 -21.56
C ASP B 140 13.98 -10.05 -21.97
N HIS B 141 14.54 -9.91 -23.16
CA HIS B 141 15.47 -10.89 -23.65
C HIS B 141 16.70 -11.00 -22.74
N ALA B 142 17.12 -9.85 -22.22
CA ALA B 142 18.26 -9.81 -21.32
C ALA B 142 17.89 -10.53 -20.03
N TRP B 143 16.72 -10.18 -19.49
CA TRP B 143 16.25 -10.79 -18.26
C TRP B 143 16.19 -12.30 -18.41
N ALA B 144 15.70 -12.77 -19.55
CA ALA B 144 15.63 -14.20 -19.76
C ALA B 144 17.05 -14.75 -19.61
N GLY B 145 18.04 -13.87 -19.76
CA GLY B 145 19.43 -14.28 -19.62
C GLY B 145 19.95 -14.13 -18.19
N ILE B 146 19.51 -13.08 -17.50
CA ILE B 146 19.94 -12.86 -16.12
C ILE B 146 19.28 -13.91 -15.24
N ALA B 147 17.97 -14.06 -15.37
CA ALA B 147 17.23 -15.06 -14.61
C ALA B 147 17.91 -16.43 -14.75
N ARG B 148 18.16 -16.81 -16.00
CA ARG B 148 18.81 -18.08 -16.34
C ARG B 148 20.16 -18.13 -15.66
N ALA B 149 20.78 -16.96 -15.51
CA ALA B 149 22.10 -16.89 -14.86
C ALA B 149 21.97 -17.05 -13.33
N VAL B 150 20.75 -16.95 -12.82
CA VAL B 150 20.49 -17.10 -11.38
C VAL B 150 20.00 -18.51 -11.07
N VAL B 151 19.07 -19.01 -11.88
CA VAL B 151 18.55 -20.36 -11.67
C VAL B 151 19.64 -21.36 -11.97
N GLU B 152 20.34 -21.16 -13.09
CA GLU B 152 21.41 -22.06 -13.50
C GLU B 152 22.58 -21.99 -12.52
N GLY B 153 22.61 -20.96 -11.69
CA GLY B 153 23.67 -20.84 -10.71
C GLY B 153 24.98 -20.21 -11.15
N ARG B 154 24.93 -18.95 -11.55
CA ARG B 154 26.14 -18.23 -11.95
C ARG B 154 25.99 -16.79 -11.50
N LEU B 155 24.95 -16.56 -10.72
CA LEU B 155 24.64 -15.26 -10.15
C LEU B 155 23.78 -15.59 -8.95
N GLN B 156 24.12 -15.00 -7.80
CA GLN B 156 23.41 -15.31 -6.57
C GLN B 156 21.90 -15.15 -6.68
N VAL B 157 21.48 -13.94 -6.98
CA VAL B 157 20.06 -13.61 -7.08
C VAL B 157 19.98 -12.30 -7.86
N ALA B 158 18.92 -12.13 -8.65
CA ALA B 158 18.80 -10.92 -9.42
C ALA B 158 17.37 -10.48 -9.44
N LYS B 159 17.15 -9.19 -9.65
CA LYS B 159 15.79 -8.68 -9.68
C LYS B 159 15.66 -7.52 -10.64
N VAL B 160 14.45 -7.33 -11.16
CA VAL B 160 14.17 -6.24 -12.10
C VAL B 160 12.93 -5.46 -11.68
N SER B 161 13.05 -4.14 -11.66
CA SER B 161 11.95 -3.27 -11.27
C SER B 161 10.78 -3.31 -12.26
N PRO B 162 9.54 -3.20 -11.77
CA PRO B 162 8.40 -3.23 -12.71
C PRO B 162 8.32 -1.91 -13.48
N ARG B 163 7.44 -1.84 -14.47
CA ARG B 163 7.30 -0.62 -15.26
C ARG B 163 6.52 0.45 -14.47
N ALA B 164 6.95 1.70 -14.60
CA ALA B 164 6.30 2.83 -13.94
C ALA B 164 5.62 3.71 -14.98
N LYS B 165 4.35 4.04 -14.74
CA LYS B 165 3.58 4.86 -15.66
C LYS B 165 4.33 6.10 -16.13
N GLU B 166 5.46 6.38 -15.50
CA GLU B 166 6.28 7.52 -15.85
C GLU B 166 7.31 7.13 -16.92
N GLY B 167 8.26 8.02 -17.18
CA GLY B 167 9.28 7.75 -18.17
C GLY B 167 10.67 7.72 -17.57
N GLY B 168 11.34 6.57 -17.67
CA GLY B 168 12.68 6.39 -17.13
C GLY B 168 13.07 4.92 -17.03
N ARG B 169 14.15 4.56 -17.72
CA ARG B 169 14.66 3.19 -17.75
C ARG B 169 14.34 2.34 -16.51
N GLN B 170 14.09 1.05 -16.73
CA GLN B 170 13.82 0.14 -15.61
C GLN B 170 15.15 -0.40 -15.15
N VAL B 171 15.21 -0.91 -13.92
CA VAL B 171 16.47 -1.41 -13.40
C VAL B 171 16.57 -2.91 -13.13
N ILE B 172 17.81 -3.38 -13.16
CA ILE B 172 18.13 -4.76 -12.87
C ILE B 172 19.27 -4.71 -11.86
N CYS B 173 19.19 -5.59 -10.86
CA CYS B 173 20.22 -5.66 -9.83
C CYS B 173 20.67 -7.10 -9.64
N VAL B 174 21.98 -7.32 -9.74
CA VAL B 174 22.55 -8.64 -9.57
C VAL B 174 23.38 -8.65 -8.28
N TYR B 175 22.91 -9.38 -7.29
CA TYR B 175 23.58 -9.47 -6.00
C TYR B 175 24.71 -10.49 -5.95
N THR B 176 25.84 -10.07 -5.35
CA THR B 176 26.98 -10.97 -5.13
C THR B 176 27.15 -11.01 -3.60
N ASP B 177 27.79 -12.05 -3.10
CA ASP B 177 27.94 -12.21 -1.65
C ASP B 177 28.78 -11.20 -0.90
N ASP B 178 29.94 -10.83 -1.44
CA ASP B 178 30.85 -9.90 -0.76
C ASP B 178 31.53 -8.90 -1.70
N PHE B 179 31.37 -7.62 -1.42
CA PHE B 179 31.98 -6.62 -2.28
C PHE B 179 33.50 -6.52 -2.20
N THR B 180 34.11 -7.17 -1.21
CA THR B 180 35.55 -7.11 -1.12
C THR B 180 36.21 -8.26 -1.87
N ASP B 181 35.41 -9.24 -2.31
CA ASP B 181 35.94 -10.37 -3.06
C ASP B 181 35.88 -10.05 -4.55
N ARG B 182 36.90 -9.34 -5.03
CA ARG B 182 36.95 -8.94 -6.43
C ARG B 182 36.74 -10.02 -7.47
N LEU B 183 37.08 -11.27 -7.16
CA LEU B 183 36.86 -12.33 -8.13
C LEU B 183 35.36 -12.55 -8.27
N GLY B 184 34.65 -12.36 -7.17
CA GLY B 184 33.20 -12.52 -7.20
C GLY B 184 32.61 -11.43 -8.07
N VAL B 185 32.79 -10.18 -7.68
CA VAL B 185 32.29 -9.04 -8.43
C VAL B 185 32.54 -9.22 -9.94
N LEU B 186 33.74 -9.70 -10.27
CA LEU B 186 34.12 -9.92 -11.66
C LEU B 186 33.34 -11.06 -12.27
N GLU B 187 33.10 -12.08 -11.46
CA GLU B 187 32.34 -13.23 -11.92
C GLU B 187 30.93 -12.77 -12.23
N ALA B 188 30.33 -11.98 -11.34
CA ALA B 188 28.98 -11.46 -11.56
C ALA B 188 29.01 -10.50 -12.75
N ASP B 189 30.03 -9.65 -12.81
CA ASP B 189 30.18 -8.67 -13.89
C ASP B 189 30.31 -9.46 -15.18
N SER B 190 31.06 -10.57 -15.12
CA SER B 190 31.23 -11.42 -16.29
C SER B 190 29.91 -12.02 -16.77
N ALA B 191 29.27 -12.82 -15.90
CA ALA B 191 28.02 -13.47 -16.23
C ALA B 191 26.99 -12.53 -16.87
N ILE B 192 27.01 -11.27 -16.48
CA ILE B 192 26.09 -10.32 -17.04
C ILE B 192 26.38 -10.04 -18.53
N ARG B 193 27.65 -10.18 -18.93
CA ARG B 193 28.01 -9.93 -20.32
C ARG B 193 27.65 -11.13 -21.19
N ALA B 194 27.58 -12.31 -20.57
CA ALA B 194 27.24 -13.50 -21.31
C ALA B 194 25.74 -13.47 -21.66
N ALA B 195 24.95 -12.72 -20.89
CA ALA B 195 23.53 -12.60 -21.18
C ALA B 195 23.33 -11.46 -22.22
N GLY B 196 24.40 -11.18 -22.96
CA GLY B 196 24.34 -10.16 -23.98
C GLY B 196 24.14 -8.75 -23.47
N ILE B 197 24.30 -8.55 -22.16
CA ILE B 197 24.12 -7.20 -21.62
C ILE B 197 25.36 -6.34 -21.89
N LYS B 198 25.18 -5.31 -22.71
CA LYS B 198 26.27 -4.43 -23.09
C LYS B 198 26.18 -3.07 -22.42
N CYS B 199 25.31 -2.98 -21.42
CA CYS B 199 25.12 -1.73 -20.69
C CYS B 199 26.28 -1.51 -19.72
N LEU B 200 26.38 -0.29 -19.19
CA LEU B 200 27.41 0.06 -18.24
C LEU B 200 26.95 -0.43 -16.85
N LEU B 201 27.36 -1.63 -16.46
CA LEU B 201 26.97 -2.13 -15.15
C LEU B 201 27.45 -1.12 -14.10
N THR B 202 26.73 -1.06 -12.99
CA THR B 202 27.07 -0.15 -11.89
C THR B 202 27.06 -0.99 -10.61
N TYR B 203 28.17 -1.02 -9.87
CA TYR B 203 28.24 -1.82 -8.64
C TYR B 203 28.16 -1.03 -7.33
N LYS B 204 27.07 -1.23 -6.60
CA LYS B 204 26.86 -0.53 -5.34
C LYS B 204 26.74 -1.49 -4.17
N PRO B 205 27.73 -1.46 -3.25
CA PRO B 205 27.63 -2.37 -2.09
C PRO B 205 26.42 -2.06 -1.21
N ASP B 206 25.79 -3.09 -0.68
CA ASP B 206 24.60 -2.87 0.17
C ASP B 206 24.75 -1.87 1.34
N VAL B 207 25.92 -1.77 1.97
CA VAL B 207 26.09 -0.84 3.08
C VAL B 207 25.62 0.57 2.71
N TYR B 208 26.09 1.10 1.58
CA TYR B 208 25.68 2.43 1.17
C TYR B 208 24.16 2.57 1.06
N THR B 209 23.54 1.61 0.37
CA THR B 209 22.10 1.64 0.18
C THR B 209 21.36 1.65 1.52
N TYR B 210 21.88 0.90 2.49
CA TYR B 210 21.26 0.85 3.80
C TYR B 210 21.34 2.18 4.52
N LEU B 211 22.42 2.92 4.33
CA LEU B 211 22.55 4.22 4.99
C LEU B 211 21.89 5.32 4.17
N GLY B 212 21.19 4.89 3.12
CA GLY B 212 20.50 5.82 2.24
C GLY B 212 21.43 6.69 1.43
N ILE B 213 22.71 6.35 1.40
CA ILE B 213 23.67 7.12 0.63
C ILE B 213 23.38 7.01 -0.87
N TYR B 214 23.16 8.13 -1.52
CA TYR B 214 22.87 8.16 -2.95
C TYR B 214 23.71 9.20 -3.68
N ARG B 215 23.54 9.29 -5.00
CA ARG B 215 24.31 10.21 -5.83
C ARG B 215 24.67 11.53 -5.18
N ALA B 216 23.69 12.42 -5.00
CA ALA B 216 23.98 13.69 -4.35
C ALA B 216 23.85 13.49 -2.85
N ASN B 217 24.92 13.76 -2.12
CA ASN B 217 24.89 13.59 -0.67
C ASN B 217 25.80 14.57 0.08
N ARG B 218 25.49 14.78 1.35
CA ARG B 218 26.24 15.69 2.21
C ARG B 218 27.75 15.55 2.06
N TRP B 219 28.20 14.31 2.16
CA TRP B 219 29.62 13.98 2.10
C TRP B 219 30.25 13.92 0.71
N HIS B 220 29.44 14.07 -0.33
CA HIS B 220 29.96 14.01 -1.69
C HIS B 220 30.64 12.67 -1.92
N LEU B 221 29.96 11.60 -1.53
CA LEU B 221 30.49 10.26 -1.73
C LEU B 221 29.92 9.66 -3.00
N CYS B 222 30.58 8.63 -3.51
CA CYS B 222 30.09 7.96 -4.70
C CYS B 222 29.84 6.51 -4.27
N PRO B 223 28.59 6.07 -4.34
CA PRO B 223 28.23 4.70 -3.95
C PRO B 223 28.78 3.59 -4.86
N THR B 224 29.40 3.96 -5.98
CA THR B 224 29.96 2.95 -6.88
C THR B 224 31.35 2.48 -6.44
N LEU B 225 31.58 1.19 -6.51
CA LEU B 225 32.89 0.66 -6.15
C LEU B 225 33.48 -0.05 -7.37
N TYR B 226 32.65 -0.24 -8.38
CA TYR B 226 33.09 -0.91 -9.59
C TYR B 226 32.25 -0.46 -10.78
N GLU B 227 32.95 -0.07 -11.83
CA GLU B 227 32.35 0.38 -13.07
C GLU B 227 32.63 -0.70 -14.09
N SER B 228 31.65 -0.98 -14.95
CA SER B 228 31.84 -1.98 -15.98
C SER B 228 31.42 -1.41 -17.33
N ARG B 229 32.41 -0.92 -18.08
CA ARG B 229 32.17 -0.36 -19.39
C ARG B 229 32.38 -1.43 -20.43
N PHE B 230 31.39 -1.66 -21.29
CA PHE B 230 31.57 -2.67 -22.31
C PHE B 230 32.28 -2.07 -23.52
N GLN B 231 33.10 -2.89 -24.16
CA GLN B 231 33.85 -2.43 -25.32
C GLN B 231 33.55 -3.30 -26.55
N LEU B 232 32.95 -2.67 -27.56
CA LEU B 232 32.58 -3.34 -28.80
C LEU B 232 33.76 -3.45 -29.75
N GLY B 233 33.57 -4.24 -30.82
CA GLY B 233 34.60 -4.41 -31.83
C GLY B 233 35.69 -5.42 -31.57
N GLY B 234 35.70 -5.99 -30.37
CA GLY B 234 36.72 -6.97 -30.06
C GLY B 234 38.15 -6.59 -30.39
N SER B 235 38.56 -5.40 -29.97
CA SER B 235 39.93 -4.92 -30.16
C SER B 235 40.36 -4.50 -28.76
N ALA B 236 39.49 -4.87 -27.82
CA ALA B 236 39.65 -4.62 -26.40
C ALA B 236 38.88 -5.72 -25.69
N ARG B 237 39.14 -5.90 -24.40
CA ARG B 237 38.42 -6.91 -23.63
C ARG B 237 36.96 -6.46 -23.59
N GLY B 238 36.04 -7.41 -23.71
CA GLY B 238 34.63 -7.08 -23.68
C GLY B 238 34.30 -5.99 -22.69
N SER B 239 34.82 -6.11 -21.47
CA SER B 239 34.51 -5.13 -20.42
C SER B 239 35.70 -4.61 -19.61
N ARG B 240 35.67 -3.32 -19.29
CA ARG B 240 36.70 -2.69 -18.50
C ARG B 240 36.16 -2.44 -17.10
N VAL B 241 36.64 -3.23 -16.13
CA VAL B 241 36.18 -3.11 -14.76
C VAL B 241 37.17 -2.33 -13.91
N LEU B 242 36.68 -1.25 -13.28
CA LEU B 242 37.52 -0.40 -12.46
C LEU B 242 37.13 -0.41 -10.98
N ASP B 243 38.12 -0.48 -10.09
CA ASP B 243 37.87 -0.42 -8.65
C ASP B 243 37.82 1.09 -8.47
N ARG B 244 36.65 1.64 -8.18
CA ARG B 244 36.55 3.09 -8.04
C ARG B 244 37.34 3.65 -6.87
N ALA B 245 37.35 2.94 -5.75
CA ALA B 245 38.08 3.43 -4.58
C ALA B 245 39.60 3.38 -4.80
N ASN B 246 40.13 2.17 -5.03
CA ASN B 246 41.55 1.97 -5.22
C ASN B 246 42.12 2.50 -6.53
N ASN B 247 41.27 2.68 -7.54
CA ASN B 247 41.72 3.13 -8.85
C ASN B 247 42.59 2.05 -9.46
N VAL B 248 42.07 0.83 -9.38
CA VAL B 248 42.73 -0.37 -9.90
C VAL B 248 41.85 -0.93 -11.01
N GLU B 249 42.48 -1.39 -12.09
CA GLU B 249 41.70 -1.94 -13.19
C GLU B 249 41.72 -3.46 -13.05
N LEU B 250 40.58 -4.03 -12.68
CA LEU B 250 40.49 -5.48 -12.54
C LEU B 250 40.54 -6.02 -13.96
N THR B 251 40.58 -5.07 -14.91
CA THR B 251 40.62 -5.32 -16.36
C THR B 251 39.22 -5.65 -16.86
N MSE C 30 -39.68 4.00 -0.82
CA MSE C 30 -39.93 5.32 -1.46
C MSE C 30 -38.70 5.82 -2.21
O MSE C 30 -38.48 7.03 -2.31
CB MSE C 30 -40.36 6.35 -0.41
CG MSE C 30 -41.57 5.92 0.41
SE MSE C 30 -43.20 5.79 -0.58
CE MSE C 30 -44.15 7.25 0.24
N ALA C 31 -37.90 4.89 -2.71
CA ALA C 31 -36.68 5.22 -3.46
C ALA C 31 -37.02 5.52 -4.91
N ALA C 32 -36.12 6.22 -5.59
CA ALA C 32 -36.34 6.59 -6.98
C ALA C 32 -35.62 5.63 -7.92
N ASP C 33 -34.33 5.40 -7.66
CA ASP C 33 -33.50 4.52 -8.49
C ASP C 33 -33.91 3.07 -8.22
N MSE C 34 -35.13 2.77 -8.61
CA MSE C 34 -35.70 1.46 -8.41
C MSE C 34 -35.46 0.56 -9.60
O MSE C 34 -35.36 -0.66 -9.47
CB MSE C 34 -37.21 1.59 -8.17
CG MSE C 34 -37.56 2.73 -7.22
SE MSE C 34 -39.47 3.11 -7.21
CE MSE C 34 -39.47 4.83 -8.06
N ASP C 35 -35.36 1.16 -10.77
CA ASP C 35 -35.16 0.42 -12.01
C ASP C 35 -33.76 -0.15 -12.14
N PRO C 36 -33.64 -1.41 -12.58
CA PRO C 36 -32.39 -2.14 -12.77
C PRO C 36 -31.33 -1.35 -13.55
N TRP C 37 -30.07 -1.54 -13.16
CA TRP C 37 -28.94 -0.89 -13.82
C TRP C 37 -28.39 -1.74 -14.98
N LEU C 38 -28.03 -1.10 -16.08
CA LEU C 38 -27.43 -1.79 -17.22
C LEU C 38 -25.95 -1.53 -16.94
N VAL C 39 -25.18 -2.61 -16.80
CA VAL C 39 -23.78 -2.46 -16.42
C VAL C 39 -22.79 -3.45 -17.01
N PHE C 40 -21.71 -2.95 -17.61
CA PHE C 40 -20.67 -3.85 -18.10
C PHE C 40 -19.62 -3.77 -17.01
N ASP C 41 -19.54 -4.79 -16.16
CA ASP C 41 -18.58 -4.79 -15.06
C ASP C 41 -17.24 -5.35 -15.47
N ALA C 42 -16.17 -4.56 -15.33
CA ALA C 42 -14.85 -5.01 -15.74
C ALA C 42 -14.33 -6.18 -14.91
N ARG C 43 -14.70 -6.26 -13.64
CA ARG C 43 -14.24 -7.37 -12.81
C ARG C 43 -14.88 -8.66 -13.32
N THR C 44 -16.18 -8.62 -13.56
CA THR C 44 -16.91 -9.77 -14.06
C THR C 44 -16.46 -10.23 -15.45
N THR C 45 -16.37 -9.29 -16.38
CA THR C 45 -15.99 -9.60 -17.76
C THR C 45 -14.62 -9.10 -18.18
N PRO C 46 -14.05 -9.72 -19.22
CA PRO C 46 -12.74 -9.30 -19.72
C PRO C 46 -12.90 -8.08 -20.60
N ALA C 47 -11.86 -7.26 -20.70
CA ALA C 47 -11.88 -6.02 -21.49
C ALA C 47 -12.11 -6.29 -22.97
N THR C 48 -11.77 -7.50 -23.40
CA THR C 48 -11.91 -7.87 -24.79
C THR C 48 -13.35 -7.97 -25.25
N GLU C 49 -14.28 -7.47 -24.46
CA GLU C 49 -15.67 -7.54 -24.85
C GLU C 49 -16.35 -6.20 -24.77
N LEU C 50 -15.70 -5.24 -24.12
CA LEU C 50 -16.27 -3.90 -23.97
C LEU C 50 -16.98 -3.39 -25.22
N ASP C 51 -16.45 -3.67 -26.40
CA ASP C 51 -17.06 -3.18 -27.63
C ASP C 51 -18.34 -3.83 -28.14
N ALA C 52 -18.44 -5.15 -28.06
CA ALA C 52 -19.64 -5.85 -28.49
C ALA C 52 -20.79 -5.36 -27.62
N TRP C 53 -20.49 -5.28 -26.34
CA TRP C 53 -21.44 -4.84 -25.34
C TRP C 53 -21.79 -3.38 -25.62
N LEU C 54 -20.77 -2.56 -25.84
CA LEU C 54 -20.98 -1.14 -26.11
C LEU C 54 -21.90 -0.93 -27.29
N ALA C 55 -21.76 -1.83 -28.27
CA ALA C 55 -22.53 -1.80 -29.51
C ALA C 55 -23.93 -2.39 -29.37
N LYS C 56 -24.04 -3.40 -28.53
CA LYS C 56 -25.32 -4.07 -28.31
C LYS C 56 -26.34 -3.19 -27.58
N TYR C 57 -25.87 -2.40 -26.63
CA TYR C 57 -26.77 -1.56 -25.85
C TYR C 57 -26.36 -0.09 -25.86
N PRO C 58 -26.11 0.50 -27.04
CA PRO C 58 -25.73 1.91 -26.95
C PRO C 58 -26.85 2.67 -26.23
N PRO C 59 -26.51 3.69 -25.43
CA PRO C 59 -27.53 4.45 -24.71
C PRO C 59 -28.53 5.15 -25.61
N SER C 60 -28.02 5.78 -26.66
CA SER C 60 -28.91 6.47 -27.59
C SER C 60 -30.08 5.59 -28.01
N GLN C 61 -29.96 4.29 -27.77
CA GLN C 61 -31.03 3.36 -28.13
C GLN C 61 -31.68 2.67 -26.93
N VAL C 62 -30.88 2.30 -25.93
CA VAL C 62 -31.40 1.67 -24.72
C VAL C 62 -32.40 2.65 -24.10
N THR C 63 -33.56 2.14 -23.67
CA THR C 63 -34.57 3.05 -23.10
C THR C 63 -34.81 2.92 -21.61
N ARG C 64 -35.10 4.06 -20.99
CA ARG C 64 -35.36 4.15 -19.57
C ARG C 64 -36.47 3.19 -19.14
N TYR C 65 -37.52 3.08 -19.95
CA TYR C 65 -38.63 2.21 -19.60
C TYR C 65 -38.87 1.01 -20.49
N GLY C 66 -37.86 0.64 -21.26
CA GLY C 66 -38.01 -0.52 -22.12
C GLY C 66 -39.00 -0.37 -23.27
N ASP C 67 -39.03 0.80 -23.90
CA ASP C 67 -39.91 1.05 -25.05
C ASP C 67 -39.85 -0.11 -26.03
N PRO C 68 -41.01 -0.49 -26.61
CA PRO C 68 -40.97 -1.59 -27.58
C PRO C 68 -39.97 -1.20 -28.68
N GLY C 69 -39.14 -2.13 -29.12
CA GLY C 69 -38.17 -1.81 -30.16
C GLY C 69 -36.82 -1.40 -29.60
N SER C 70 -36.63 -1.56 -28.30
CA SER C 70 -35.39 -1.22 -27.62
C SER C 70 -34.47 -2.42 -27.50
N PRO C 71 -33.15 -2.18 -27.43
CA PRO C 71 -32.26 -3.33 -27.29
C PRO C 71 -32.54 -4.00 -25.94
N ASN C 72 -33.18 -3.23 -25.06
CA ASN C 72 -33.56 -3.69 -23.72
C ASN C 72 -35.08 -3.84 -23.59
N SER C 73 -35.52 -4.97 -23.04
CA SER C 73 -36.95 -5.20 -22.87
C SER C 73 -37.40 -5.06 -21.42
N GLU C 74 -36.53 -4.51 -20.59
CA GLU C 74 -36.82 -4.27 -19.19
C GLU C 74 -36.41 -2.83 -18.90
N PRO C 75 -37.12 -2.16 -17.99
CA PRO C 75 -36.73 -0.77 -17.69
C PRO C 75 -35.28 -0.80 -17.18
N VAL C 76 -34.50 0.20 -17.58
CA VAL C 76 -33.11 0.30 -17.16
C VAL C 76 -32.90 1.69 -16.54
N GLY C 77 -32.42 1.72 -15.30
CA GLY C 77 -32.22 2.98 -14.63
C GLY C 77 -30.98 3.71 -15.09
N TRP C 78 -29.90 2.96 -15.33
CA TRP C 78 -28.63 3.52 -15.79
C TRP C 78 -27.84 2.45 -16.53
N ILE C 79 -26.95 2.87 -17.42
CA ILE C 79 -26.06 1.98 -18.14
C ILE C 79 -24.74 2.39 -17.51
N ALA C 80 -23.86 1.44 -17.20
CA ALA C 80 -22.59 1.79 -16.56
C ALA C 80 -21.43 0.83 -16.81
N VAL C 81 -20.23 1.27 -16.40
CA VAL C 81 -19.03 0.47 -16.50
C VAL C 81 -18.21 0.67 -15.23
N TYR C 82 -17.84 -0.43 -14.59
CA TYR C 82 -17.03 -0.35 -13.36
C TYR C 82 -15.60 -0.76 -13.69
N GLY C 83 -14.64 0.02 -13.20
CA GLY C 83 -13.24 -0.29 -13.47
C GLY C 83 -12.68 -1.29 -12.48
N GLN C 84 -11.52 -1.85 -12.78
CA GLN C 84 -10.90 -2.82 -11.88
C GLN C 84 -10.54 -2.13 -10.56
N GLY C 85 -10.72 -2.84 -9.46
CA GLY C 85 -10.42 -2.27 -8.17
C GLY C 85 -11.48 -1.32 -7.64
N TYR C 86 -12.63 -1.24 -8.32
CA TYR C 86 -13.71 -0.37 -7.88
C TYR C 86 -14.49 -1.01 -6.74
N SER C 87 -14.81 -0.21 -5.72
CA SER C 87 -15.57 -0.70 -4.58
C SER C 87 -16.08 0.49 -3.76
N PRO C 88 -16.99 0.23 -2.80
CA PRO C 88 -17.49 1.34 -1.99
C PRO C 88 -16.40 1.93 -1.11
N ASN C 89 -16.16 3.23 -1.28
CA ASN C 89 -15.16 3.96 -0.48
C ASN C 89 -15.92 4.90 0.45
N SER C 90 -17.25 4.76 0.45
CA SER C 90 -18.15 5.57 1.26
C SER C 90 -17.67 5.93 2.68
N GLY C 91 -18.32 6.97 3.23
CA GLY C 91 -17.99 7.46 4.56
C GLY C 91 -19.10 7.49 5.58
N ASP C 92 -19.60 8.67 5.90
CA ASP C 92 -20.64 8.80 6.91
C ASP C 92 -21.72 9.84 6.61
N VAL C 93 -22.58 9.51 5.64
CA VAL C 93 -23.66 10.41 5.25
C VAL C 93 -24.60 10.65 6.42
N GLN C 94 -24.75 9.63 7.26
CA GLN C 94 -25.60 9.73 8.45
C GLN C 94 -25.05 10.88 9.30
N GLY C 95 -23.77 10.80 9.63
CA GLY C 95 -23.13 11.84 10.41
C GLY C 95 -23.17 13.16 9.66
N LEU C 96 -23.22 13.08 8.34
CA LEU C 96 -23.28 14.28 7.51
C LEU C 96 -24.67 14.91 7.57
N GLN C 97 -25.68 14.14 7.21
CA GLN C 97 -27.06 14.60 7.19
C GLN C 97 -27.54 15.05 8.56
N ALA C 98 -26.69 14.84 9.57
CA ALA C 98 -26.99 15.23 10.94
C ALA C 98 -26.27 16.55 11.24
N ALA C 99 -25.11 16.75 10.61
CA ALA C 99 -24.34 17.98 10.80
C ALA C 99 -24.95 19.10 9.97
N TRP C 100 -25.58 18.74 8.86
CA TRP C 100 -26.21 19.72 7.98
C TRP C 100 -27.44 20.37 8.64
N GLU C 101 -28.10 19.62 9.52
CA GLU C 101 -29.28 20.16 10.19
C GLU C 101 -28.82 21.14 11.27
N ALA C 102 -27.77 20.78 11.98
CA ALA C 102 -27.23 21.61 13.04
C ALA C 102 -26.73 22.90 12.41
N LEU C 103 -25.95 22.74 11.34
CA LEU C 103 -25.38 23.86 10.62
C LEU C 103 -26.44 24.89 10.28
N GLN C 104 -27.70 24.48 10.30
CA GLN C 104 -28.80 25.37 9.99
C GLN C 104 -29.40 25.98 11.25
N THR C 105 -28.61 26.03 12.31
CA THR C 105 -29.06 26.59 13.57
C THR C 105 -28.04 27.60 14.07
N SER C 106 -26.77 27.24 13.96
CA SER C 106 -25.68 28.10 14.41
C SER C 106 -25.77 29.50 13.81
N GLY C 107 -26.56 29.64 12.74
CA GLY C 107 -26.69 30.92 12.10
C GLY C 107 -25.40 31.30 11.41
N ARG C 108 -24.35 30.55 11.71
CA ARG C 108 -23.04 30.78 11.12
C ARG C 108 -23.13 30.75 9.61
N PRO C 109 -22.21 31.46 8.92
CA PRO C 109 -22.20 31.52 7.45
C PRO C 109 -22.11 30.15 6.76
N ILE C 110 -22.85 30.00 5.68
CA ILE C 110 -22.84 28.76 4.92
C ILE C 110 -22.24 29.03 3.55
N THR C 111 -20.97 28.69 3.39
CA THR C 111 -20.27 28.92 2.14
C THR C 111 -19.68 27.62 1.61
N PRO C 112 -19.14 27.65 0.38
CA PRO C 112 -18.56 26.43 -0.19
C PRO C 112 -17.57 25.76 0.78
N GLY C 113 -16.81 26.58 1.49
CA GLY C 113 -15.85 26.07 2.45
C GLY C 113 -16.52 25.44 3.66
N THR C 114 -17.58 26.05 4.16
CA THR C 114 -18.27 25.49 5.31
C THR C 114 -18.77 24.10 4.92
N LEU C 115 -19.47 24.03 3.79
CA LEU C 115 -19.97 22.76 3.32
C LEU C 115 -18.81 21.85 3.02
N ARG C 116 -17.70 22.43 2.57
CA ARG C 116 -16.51 21.65 2.26
C ARG C 116 -15.99 20.95 3.51
N GLN C 117 -15.89 21.70 4.61
CA GLN C 117 -15.41 21.15 5.87
C GLN C 117 -16.33 20.01 6.34
N LEU C 118 -17.63 20.19 6.17
CA LEU C 118 -18.56 19.15 6.54
C LEU C 118 -18.18 17.86 5.81
N ALA C 119 -17.80 18.00 4.52
CA ALA C 119 -17.42 16.87 3.69
C ALA C 119 -16.16 16.10 4.12
N ILE C 120 -15.12 16.84 4.46
CA ILE C 120 -13.88 16.22 4.91
C ILE C 120 -14.13 15.51 6.24
N THR C 121 -14.70 16.25 7.18
CA THR C 121 -14.96 15.72 8.51
C THR C 121 -15.73 14.40 8.50
N HIS C 122 -16.68 14.27 7.57
CA HIS C 122 -17.50 13.07 7.49
C HIS C 122 -17.13 12.15 6.35
N HIS C 123 -16.02 12.44 5.69
CA HIS C 123 -15.54 11.62 4.59
C HIS C 123 -16.52 11.37 3.44
N VAL C 124 -17.47 12.29 3.23
CA VAL C 124 -18.43 12.18 2.13
C VAL C 124 -17.84 13.22 1.17
N LEU C 125 -16.77 12.84 0.47
CA LEU C 125 -16.06 13.77 -0.42
C LEU C 125 -16.16 13.53 -1.92
N SER C 126 -16.36 12.29 -2.32
CA SER C 126 -16.46 11.94 -3.73
C SER C 126 -17.48 12.84 -4.43
N GLY C 127 -17.30 13.01 -5.74
CA GLY C 127 -18.20 13.84 -6.51
C GLY C 127 -18.19 13.39 -7.96
N LYS C 128 -18.79 14.17 -8.86
CA LYS C 128 -18.84 13.78 -10.26
C LYS C 128 -18.75 14.90 -11.28
N TRP C 129 -18.22 14.54 -12.44
CA TRP C 129 -18.10 15.43 -13.58
C TRP C 129 -19.37 15.08 -14.37
N LEU C 130 -20.18 16.07 -14.70
CA LEU C 130 -21.41 15.86 -15.48
C LEU C 130 -21.24 16.47 -16.87
N MSE C 131 -21.82 15.84 -17.87
CA MSE C 131 -21.71 16.35 -19.23
C MSE C 131 -22.90 15.94 -20.08
O MSE C 131 -23.53 14.92 -19.82
CB MSE C 131 -20.42 15.84 -19.86
CG MSE C 131 -20.27 14.33 -19.79
SE MSE C 131 -18.60 13.78 -19.00
CE MSE C 131 -19.06 13.93 -17.18
N HIS C 132 -23.18 16.75 -21.10
CA HIS C 132 -24.30 16.50 -22.00
C HIS C 132 -23.88 16.23 -23.44
N LEU C 133 -24.64 15.39 -24.12
CA LEU C 133 -24.32 15.06 -25.48
C LEU C 133 -25.51 14.94 -26.41
N ALA C 134 -25.38 15.59 -27.56
CA ALA C 134 -26.39 15.59 -28.59
C ALA C 134 -27.09 14.23 -28.64
N PRO C 135 -28.41 14.22 -28.90
CA PRO C 135 -29.10 12.93 -28.95
C PRO C 135 -28.64 12.21 -30.22
N GLY C 136 -27.91 11.12 -30.08
CA GLY C 136 -27.44 10.39 -31.24
C GLY C 136 -26.04 9.83 -31.21
N PHE C 137 -25.44 9.76 -32.39
CA PHE C 137 -24.11 9.22 -32.58
C PHE C 137 -23.03 9.96 -31.79
N LYS C 138 -23.34 11.16 -31.33
CA LYS C 138 -22.38 11.92 -30.54
C LYS C 138 -22.29 11.30 -29.14
N LEU C 139 -23.26 10.44 -28.82
CA LEU C 139 -23.26 9.78 -27.53
C LEU C 139 -22.62 8.40 -27.67
N ASP C 140 -23.07 7.61 -28.64
CA ASP C 140 -22.52 6.27 -28.84
C ASP C 140 -20.99 6.35 -28.78
N HIS C 141 -20.47 7.43 -29.34
CA HIS C 141 -19.02 7.66 -29.40
C HIS C 141 -18.44 8.18 -28.07
N ALA C 142 -19.00 9.28 -27.57
CA ALA C 142 -18.52 9.86 -26.32
C ALA C 142 -18.48 8.82 -25.19
N TRP C 143 -19.59 8.12 -25.04
CA TRP C 143 -19.74 7.10 -24.00
C TRP C 143 -18.73 5.97 -24.07
N ALA C 144 -18.40 5.52 -25.27
CA ALA C 144 -17.43 4.44 -25.49
C ALA C 144 -16.02 4.78 -24.98
N GLY C 145 -15.57 6.00 -25.24
CA GLY C 145 -14.25 6.42 -24.77
C GLY C 145 -14.21 6.73 -23.26
N ILE C 146 -15.18 7.50 -22.78
CA ILE C 146 -15.23 7.83 -21.36
C ILE C 146 -15.06 6.52 -20.60
N ALA C 147 -15.73 5.48 -21.09
CA ALA C 147 -15.68 4.15 -20.52
C ALA C 147 -14.34 3.51 -20.91
N ARG C 148 -13.88 3.84 -22.10
CA ARG C 148 -12.61 3.32 -22.63
C ARG C 148 -11.50 3.73 -21.67
N ALA C 149 -11.81 4.72 -20.83
CA ALA C 149 -10.88 5.24 -19.82
C ALA C 149 -11.04 4.52 -18.44
N VAL C 150 -12.24 4.01 -18.17
CA VAL C 150 -12.52 3.27 -16.94
C VAL C 150 -11.99 1.84 -17.05
N VAL C 151 -12.37 1.13 -18.11
CA VAL C 151 -11.92 -0.24 -18.31
C VAL C 151 -10.40 -0.38 -18.43
N GLU C 152 -9.72 0.68 -18.86
CA GLU C 152 -8.27 0.66 -18.97
C GLU C 152 -7.62 1.04 -17.65
N GLY C 153 -8.37 1.76 -16.81
CA GLY C 153 -7.87 2.18 -15.52
C GLY C 153 -7.57 3.68 -15.41
N ARG C 154 -8.01 4.45 -16.39
CA ARG C 154 -7.77 5.88 -16.39
C ARG C 154 -8.95 6.64 -15.79
N LEU C 155 -10.00 5.88 -15.45
CA LEU C 155 -11.21 6.42 -14.82
C LEU C 155 -11.73 5.29 -13.94
N GLN C 156 -12.46 5.62 -12.89
CA GLN C 156 -12.93 4.60 -11.96
C GLN C 156 -14.33 4.05 -12.24
N VAL C 157 -15.27 4.94 -12.51
CA VAL C 157 -16.64 4.53 -12.83
C VAL C 157 -17.31 5.59 -13.67
N ALA C 158 -18.20 5.16 -14.56
CA ALA C 158 -18.92 6.08 -15.44
C ALA C 158 -20.33 5.57 -15.68
N LYS C 159 -21.30 6.48 -15.58
CA LYS C 159 -22.69 6.13 -15.81
C LYS C 159 -23.27 6.95 -16.97
N VAL C 160 -24.12 6.30 -17.77
CA VAL C 160 -24.78 7.00 -18.87
C VAL C 160 -26.28 6.77 -18.69
N SER C 161 -27.10 7.64 -19.26
CA SER C 161 -28.55 7.49 -19.14
C SER C 161 -29.21 6.97 -20.41
N PRO C 162 -30.10 5.98 -20.26
CA PRO C 162 -30.81 5.40 -21.41
C PRO C 162 -31.81 6.39 -21.99
N ARG C 163 -32.41 6.04 -23.13
CA ARG C 163 -33.40 6.90 -23.77
C ARG C 163 -34.64 7.12 -22.90
N ALA C 164 -34.97 8.38 -22.65
CA ALA C 164 -36.15 8.72 -21.86
C ALA C 164 -37.31 8.86 -22.85
N LYS C 165 -38.46 8.29 -22.49
CA LYS C 165 -39.64 8.34 -23.36
C LYS C 165 -39.92 9.70 -24.01
N GLU C 166 -39.19 10.73 -23.59
CA GLU C 166 -39.35 12.07 -24.13
C GLU C 166 -38.22 12.45 -25.08
N GLY C 167 -37.04 11.87 -24.84
CA GLY C 167 -35.89 12.18 -25.67
C GLY C 167 -35.09 13.33 -25.08
N GLY C 168 -34.32 14.01 -25.91
CA GLY C 168 -33.54 15.12 -25.44
C GLY C 168 -32.10 14.74 -25.14
N ARG C 169 -31.44 15.54 -24.32
CA ARG C 169 -30.05 15.25 -23.98
C ARG C 169 -29.90 14.21 -22.88
N GLN C 170 -28.94 13.32 -23.07
CA GLN C 170 -28.65 12.28 -22.10
C GLN C 170 -27.38 12.70 -21.36
N VAL C 171 -27.30 12.38 -20.08
CA VAL C 171 -26.15 12.77 -19.28
C VAL C 171 -25.14 11.66 -19.00
N ILE C 172 -23.86 12.02 -19.05
CA ILE C 172 -22.78 11.09 -18.71
C ILE C 172 -22.17 11.64 -17.42
N CYS C 173 -22.08 10.79 -16.41
CA CYS C 173 -21.52 11.16 -15.11
C CYS C 173 -20.18 10.47 -14.90
N VAL C 174 -19.17 11.25 -14.55
CA VAL C 174 -17.85 10.69 -14.26
C VAL C 174 -17.49 11.07 -12.83
N TYR C 175 -17.46 10.08 -11.94
CA TYR C 175 -17.17 10.26 -10.51
C TYR C 175 -15.69 10.28 -10.17
N THR C 176 -15.39 10.87 -9.01
CA THR C 176 -14.02 10.92 -8.48
C THR C 176 -14.22 11.06 -6.97
N ASP C 177 -13.21 10.74 -6.17
CA ASP C 177 -13.40 10.78 -4.73
C ASP C 177 -12.61 11.76 -3.90
N ASP C 178 -13.11 12.99 -3.82
CA ASP C 178 -12.48 14.06 -3.04
C ASP C 178 -12.44 15.34 -3.84
N PHE C 179 -13.57 16.03 -3.91
CA PHE C 179 -13.61 17.28 -4.66
C PHE C 179 -12.49 18.23 -4.20
N THR C 180 -11.86 17.92 -3.07
CA THR C 180 -10.75 18.75 -2.58
C THR C 180 -9.42 18.24 -3.17
N ASP C 181 -9.48 17.09 -3.84
CA ASP C 181 -8.31 16.46 -4.45
C ASP C 181 -8.12 16.91 -5.92
N ARG C 182 -7.38 18.00 -6.13
CA ARG C 182 -7.18 18.52 -7.47
C ARG C 182 -6.52 17.63 -8.52
N LEU C 183 -5.40 17.01 -8.20
CA LEU C 183 -4.75 16.17 -9.20
C LEU C 183 -5.73 15.08 -9.63
N GLY C 184 -6.77 14.89 -8.83
CA GLY C 184 -7.77 13.90 -9.14
C GLY C 184 -8.82 14.43 -10.11
N VAL C 185 -9.34 15.62 -9.81
CA VAL C 185 -10.35 16.24 -10.64
C VAL C 185 -9.81 16.55 -12.04
N LEU C 186 -8.60 17.10 -12.13
CA LEU C 186 -8.02 17.42 -13.43
C LEU C 186 -7.81 16.22 -14.35
N GLU C 187 -7.21 15.15 -13.83
CA GLU C 187 -6.97 13.96 -14.63
C GLU C 187 -8.28 13.41 -15.19
N ALA C 188 -9.35 13.55 -14.42
CA ALA C 188 -10.65 13.09 -14.87
C ALA C 188 -11.00 13.90 -16.13
N ASP C 189 -10.73 15.20 -16.08
CA ASP C 189 -10.97 16.10 -17.20
C ASP C 189 -10.07 15.69 -18.37
N SER C 190 -8.83 15.34 -18.06
CA SER C 190 -7.89 14.92 -19.07
C SER C 190 -8.40 13.69 -19.80
N ALA C 191 -8.88 12.72 -19.03
CA ALA C 191 -9.39 11.49 -19.61
C ALA C 191 -10.64 11.74 -20.44
N ILE C 192 -11.50 12.63 -19.98
CA ILE C 192 -12.71 12.93 -20.72
C ILE C 192 -12.39 13.63 -22.05
N ARG C 193 -11.27 14.35 -22.09
CA ARG C 193 -10.88 15.04 -23.31
C ARG C 193 -10.25 14.05 -24.30
N ALA C 194 -9.79 12.92 -23.78
CA ALA C 194 -9.17 11.90 -24.62
C ALA C 194 -10.25 11.04 -25.28
N ALA C 195 -11.45 11.05 -24.71
CA ALA C 195 -12.53 10.28 -25.29
C ALA C 195 -13.10 11.10 -26.45
N GLY C 196 -12.61 12.34 -26.56
CA GLY C 196 -13.04 13.22 -27.61
C GLY C 196 -14.10 14.22 -27.18
N ILE C 197 -14.54 14.13 -25.93
CA ILE C 197 -15.57 15.05 -25.45
C ILE C 197 -15.08 16.49 -25.36
N LYS C 198 -15.75 17.38 -26.09
CA LYS C 198 -15.35 18.78 -26.13
C LYS C 198 -16.42 19.74 -25.64
N CYS C 199 -17.39 19.20 -24.91
CA CYS C 199 -18.49 20.00 -24.37
C CYS C 199 -18.17 20.49 -22.97
N LEU C 200 -19.08 21.26 -22.41
CA LEU C 200 -18.89 21.79 -21.07
C LEU C 200 -19.23 20.75 -19.99
N LEU C 201 -18.35 20.66 -18.98
CA LEU C 201 -18.56 19.75 -17.86
C LEU C 201 -18.39 20.50 -16.55
N THR C 202 -19.29 20.29 -15.58
CA THR C 202 -19.18 20.94 -14.28
C THR C 202 -19.06 19.83 -13.22
N TYR C 203 -18.69 20.22 -12.00
CA TYR C 203 -18.50 19.24 -10.95
C TYR C 203 -19.51 19.40 -9.83
N LYS C 204 -20.21 18.31 -9.50
CA LYS C 204 -21.19 18.32 -8.43
C LYS C 204 -20.91 17.28 -7.35
N PRO C 205 -20.06 17.63 -6.37
CA PRO C 205 -19.66 16.74 -5.26
C PRO C 205 -20.87 16.07 -4.64
N ASP C 206 -20.71 14.82 -4.21
CA ASP C 206 -21.83 14.12 -3.58
C ASP C 206 -22.24 14.80 -2.28
N VAL C 207 -21.30 15.47 -1.61
CA VAL C 207 -21.60 16.14 -0.36
C VAL C 207 -22.82 17.07 -0.46
N TYR C 208 -23.10 17.56 -1.67
CA TYR C 208 -24.26 18.42 -1.86
C TYR C 208 -25.49 17.57 -2.18
N THR C 209 -25.43 16.87 -3.32
CA THR C 209 -26.53 16.02 -3.76
C THR C 209 -27.14 15.29 -2.55
N TYR C 210 -26.28 14.82 -1.66
CA TYR C 210 -26.74 14.12 -0.46
C TYR C 210 -27.54 15.00 0.49
N LEU C 211 -27.15 16.27 0.59
CA LEU C 211 -27.82 17.20 1.47
C LEU C 211 -29.02 17.85 0.80
N GLY C 212 -29.16 17.62 -0.50
CA GLY C 212 -30.27 18.19 -1.24
C GLY C 212 -30.12 19.67 -1.56
N ILE C 213 -29.00 20.03 -2.18
CA ILE C 213 -28.73 21.42 -2.55
C ILE C 213 -28.54 21.51 -4.05
N TYR C 214 -29.58 21.95 -4.75
CA TYR C 214 -29.54 22.04 -6.20
C TYR C 214 -29.74 23.46 -6.72
N ARG C 215 -29.92 23.57 -8.03
CA ARG C 215 -30.14 24.87 -8.67
C ARG C 215 -31.33 25.55 -8.00
N ALA C 216 -31.21 26.87 -7.77
CA ALA C 216 -32.28 27.61 -7.12
C ALA C 216 -32.58 27.05 -5.75
N ASN C 217 -31.63 27.20 -4.83
CA ASN C 217 -31.76 26.71 -3.47
C ASN C 217 -31.64 27.86 -2.47
N ARG C 218 -32.23 27.66 -1.30
CA ARG C 218 -32.23 28.65 -0.23
C ARG C 218 -30.96 29.48 -0.12
N TRP C 219 -29.89 28.87 0.39
CA TRP C 219 -28.61 29.52 0.60
C TRP C 219 -27.99 30.21 -0.63
N HIS C 220 -28.51 29.91 -1.81
CA HIS C 220 -27.97 30.48 -3.03
C HIS C 220 -26.57 29.93 -3.29
N LEU C 221 -26.29 28.73 -2.81
CA LEU C 221 -24.99 28.12 -3.05
C LEU C 221 -25.08 27.40 -4.40
N CYS C 222 -24.26 27.80 -5.37
CA CYS C 222 -24.31 27.14 -6.66
C CYS C 222 -24.10 25.65 -6.40
N PRO C 223 -24.81 24.79 -7.14
CA PRO C 223 -24.67 23.35 -6.94
C PRO C 223 -23.49 22.70 -7.64
N THR C 224 -22.60 23.52 -8.20
CA THR C 224 -21.42 23.05 -8.90
C THR C 224 -20.20 23.76 -8.34
N LEU C 225 -19.10 23.03 -8.15
CA LEU C 225 -17.89 23.61 -7.60
C LEU C 225 -16.77 23.78 -8.64
N TYR C 226 -16.85 23.02 -9.73
CA TYR C 226 -15.85 23.09 -10.78
C TYR C 226 -16.51 23.13 -12.15
N GLU C 227 -15.91 23.90 -13.03
CA GLU C 227 -16.40 24.05 -14.40
C GLU C 227 -15.23 23.82 -15.36
N SER C 228 -15.50 23.18 -16.48
CA SER C 228 -14.45 22.97 -17.47
C SER C 228 -14.94 23.29 -18.88
N ARG C 229 -14.28 24.27 -19.49
CA ARG C 229 -14.62 24.71 -20.83
C ARG C 229 -13.53 24.25 -21.81
N PHE C 230 -13.95 23.58 -22.87
CA PHE C 230 -12.97 23.16 -23.84
C PHE C 230 -12.68 24.32 -24.80
N GLN C 231 -11.43 24.41 -25.22
CA GLN C 231 -11.00 25.48 -26.10
C GLN C 231 -10.50 24.91 -27.43
N LEU C 232 -11.04 25.43 -28.52
CA LEU C 232 -10.66 25.05 -29.89
C LEU C 232 -9.80 26.17 -30.50
N GLY C 233 -9.01 25.84 -31.51
CA GLY C 233 -8.22 26.86 -32.19
C GLY C 233 -6.72 26.71 -32.33
N GLY C 234 -6.08 26.07 -31.38
CA GLY C 234 -4.64 25.91 -31.47
C GLY C 234 -3.93 26.85 -30.52
N SER C 235 -4.49 28.05 -30.33
CA SER C 235 -3.88 29.01 -29.42
C SER C 235 -4.55 28.87 -28.05
N ALA C 236 -4.97 27.63 -27.77
CA ALA C 236 -5.64 27.25 -26.54
C ALA C 236 -5.62 25.72 -26.47
N ARG C 237 -4.90 25.18 -25.49
CA ARG C 237 -4.76 23.74 -25.29
C ARG C 237 -6.09 23.02 -25.06
N GLY C 238 -6.17 22.33 -23.94
CA GLY C 238 -7.36 21.59 -23.60
C GLY C 238 -8.50 22.43 -23.09
N SER C 239 -8.71 22.40 -21.78
CA SER C 239 -9.81 23.11 -21.18
C SER C 239 -9.45 24.11 -20.07
N ARG C 240 -10.38 25.01 -19.75
CA ARG C 240 -10.18 25.98 -18.69
C ARG C 240 -11.02 25.53 -17.50
N VAL C 241 -10.35 25.28 -16.37
CA VAL C 241 -11.06 24.80 -15.20
C VAL C 241 -11.23 25.89 -14.14
N LEU C 242 -12.47 26.25 -13.88
CA LEU C 242 -12.77 27.27 -12.89
C LEU C 242 -13.31 26.67 -11.60
N ASP C 243 -12.90 27.24 -10.48
CA ASP C 243 -13.39 26.80 -9.18
C ASP C 243 -14.41 27.82 -8.74
N ARG C 244 -15.56 27.34 -8.27
CA ARG C 244 -16.62 28.23 -7.83
C ARG C 244 -16.36 28.80 -6.44
N ALA C 245 -15.09 28.92 -6.07
CA ALA C 245 -14.72 29.46 -4.77
C ALA C 245 -13.26 29.89 -4.62
N ASN C 246 -12.38 29.44 -5.51
CA ASN C 246 -10.97 29.80 -5.43
C ASN C 246 -10.44 30.47 -6.69
N ASN C 247 -11.24 30.47 -7.75
CA ASN C 247 -10.83 31.07 -9.03
C ASN C 247 -9.39 30.77 -9.41
N VAL C 248 -9.17 29.62 -10.05
CA VAL C 248 -7.82 29.25 -10.48
C VAL C 248 -7.82 28.25 -11.62
N GLU C 249 -7.41 28.69 -12.81
CA GLU C 249 -7.37 27.78 -13.94
C GLU C 249 -6.23 26.79 -13.72
N LEU C 250 -6.58 25.65 -13.14
CA LEU C 250 -5.64 24.60 -12.83
C LEU C 250 -4.69 24.28 -13.99
N GLU A 17 24.47 -2.25 49.36
CA GLU A 17 23.38 -2.98 48.66
C GLU A 17 22.77 -2.13 47.58
N ASP A 18 23.46 -2.05 46.44
CA ASP A 18 23.01 -1.25 45.30
C ASP A 18 21.71 -1.77 44.70
N GLY A 19 20.82 -2.26 45.57
CA GLY A 19 19.55 -2.78 45.13
C GLY A 19 18.41 -2.01 45.77
N PHE A 20 18.62 -1.63 47.03
CA PHE A 20 17.63 -0.87 47.78
C PHE A 20 17.82 0.63 47.65
N THR A 21 18.90 1.06 47.02
CA THR A 21 19.16 2.49 46.88
C THR A 21 18.31 3.15 45.80
N ALA A 22 18.35 4.49 45.79
CA ALA A 22 17.61 5.27 44.82
C ALA A 22 18.06 4.95 43.40
N GLU A 23 19.36 5.08 43.14
CA GLU A 23 19.93 4.82 41.81
C GLU A 23 19.38 3.55 41.16
N HIS A 24 19.54 2.42 41.84
CA HIS A 24 19.05 1.14 41.32
C HIS A 24 17.54 1.17 41.06
N LEU A 25 16.74 1.16 42.12
CA LEU A 25 15.28 1.19 42.00
C LEU A 25 14.74 2.13 40.94
N ALA A 26 15.43 3.25 40.72
CA ALA A 26 14.97 4.20 39.73
C ALA A 26 14.99 3.56 38.33
N ALA A 27 15.54 2.35 38.26
CA ALA A 27 15.63 1.64 36.99
C ALA A 27 15.01 0.24 37.08
N GLU A 28 14.81 -0.24 38.30
CA GLU A 28 14.24 -1.57 38.49
C GLU A 28 12.78 -1.66 38.05
N ALA A 29 12.09 -0.53 38.03
CA ALA A 29 10.67 -0.52 37.64
C ALA A 29 10.40 0.33 36.41
N MSE A 30 11.45 0.63 35.64
CA MSE A 30 11.30 1.42 34.43
C MSE A 30 10.60 0.58 33.35
O MSE A 30 10.73 -0.64 33.31
CB MSE A 30 12.65 1.91 33.92
CG MSE A 30 13.31 3.00 34.78
SE MSE A 30 12.39 4.73 34.78
CE MSE A 30 13.00 5.43 33.07
N ALA A 31 9.85 1.26 32.49
CA ALA A 31 9.14 0.61 31.39
C ALA A 31 9.00 1.56 30.21
N ALA A 32 8.85 1.00 29.03
CA ALA A 32 8.69 1.80 27.81
C ALA A 32 7.33 2.51 27.81
N ASP A 33 6.31 1.85 28.34
CA ASP A 33 4.96 2.41 28.42
C ASP A 33 4.53 2.49 29.89
N MSE A 34 4.87 3.59 30.53
CA MSE A 34 4.56 3.79 31.94
C MSE A 34 3.27 4.60 32.12
O MSE A 34 2.86 4.88 33.24
CB MSE A 34 5.71 4.53 32.62
CG MSE A 34 7.09 4.00 32.27
SE MSE A 34 8.47 4.65 33.50
CE MSE A 34 8.40 3.18 34.73
N ASP A 35 2.64 4.93 31.01
CA ASP A 35 1.45 5.76 31.04
C ASP A 35 0.10 5.11 31.27
N PRO A 36 -0.90 5.92 31.65
CA PRO A 36 -2.24 5.39 31.88
C PRO A 36 -2.88 5.16 30.52
N TRP A 37 -3.95 4.38 30.48
CA TRP A 37 -4.66 4.15 29.23
C TRP A 37 -6.09 4.61 29.43
N LEU A 38 -6.84 4.63 28.34
CA LEU A 38 -8.27 5.03 28.33
C LEU A 38 -8.93 3.71 27.91
N VAL A 39 -9.82 3.17 28.73
CA VAL A 39 -10.36 1.86 28.39
C VAL A 39 -11.85 1.56 28.39
N PHE A 40 -12.24 0.60 27.55
CA PHE A 40 -13.61 0.13 27.51
C PHE A 40 -13.50 -1.36 27.80
N ASP A 41 -13.86 -1.76 29.01
CA ASP A 41 -13.77 -3.17 29.41
C ASP A 41 -15.10 -3.89 29.31
N ALA A 42 -15.31 -4.65 28.25
CA ALA A 42 -16.58 -5.36 28.07
C ALA A 42 -16.95 -6.24 29.27
N ARG A 43 -16.02 -7.11 29.69
CA ARG A 43 -16.27 -8.01 30.83
C ARG A 43 -17.06 -7.37 31.95
N THR A 44 -16.71 -6.13 32.27
CA THR A 44 -17.36 -5.40 33.35
C THR A 44 -18.19 -4.24 32.79
N THR A 45 -18.58 -4.35 31.53
CA THR A 45 -19.33 -3.27 30.90
C THR A 45 -20.41 -3.68 29.87
N PRO A 46 -21.61 -3.09 30.00
CA PRO A 46 -22.74 -3.37 29.11
C PRO A 46 -22.47 -2.83 27.71
N ALA A 47 -22.40 -3.73 26.74
CA ALA A 47 -22.13 -3.36 25.35
C ALA A 47 -22.72 -2.02 24.93
N THR A 48 -23.95 -1.76 25.35
CA THR A 48 -24.66 -0.53 24.99
C THR A 48 -23.92 0.76 25.31
N GLU A 49 -22.71 0.62 25.85
CA GLU A 49 -21.89 1.76 26.20
C GLU A 49 -20.78 2.02 25.18
N LEU A 50 -20.34 0.97 24.49
CA LEU A 50 -19.25 1.08 23.51
C LEU A 50 -19.43 2.23 22.54
N ASP A 51 -20.68 2.44 22.17
CA ASP A 51 -21.06 3.46 21.23
C ASP A 51 -20.41 4.82 21.51
N ALA A 52 -21.09 5.69 22.25
CA ALA A 52 -20.53 7.00 22.56
C ALA A 52 -19.02 6.93 22.77
N TRP A 53 -18.57 5.84 23.40
CA TRP A 53 -17.16 5.62 23.68
C TRP A 53 -16.29 5.74 22.41
N LEU A 54 -16.47 4.83 21.47
CA LEU A 54 -15.68 4.86 20.24
C LEU A 54 -15.42 6.30 19.75
N ALA A 55 -16.47 7.11 19.81
CA ALA A 55 -16.45 8.52 19.35
C ALA A 55 -15.99 9.54 20.38
N LYS A 56 -16.30 9.32 21.65
CA LYS A 56 -15.88 10.25 22.69
C LYS A 56 -14.35 10.35 22.73
N TYR A 57 -13.68 9.32 22.22
CA TYR A 57 -12.21 9.28 22.23
C TYR A 57 -11.62 8.74 20.94
N PRO A 58 -11.92 9.38 19.80
CA PRO A 58 -11.34 8.81 18.57
C PRO A 58 -9.80 8.86 18.57
N PRO A 59 -9.14 7.87 17.95
CA PRO A 59 -7.67 7.84 17.90
C PRO A 59 -7.02 8.98 17.11
N SER A 60 -7.78 9.61 16.23
CA SER A 60 -7.25 10.73 15.45
C SER A 60 -7.21 11.96 16.37
N GLN A 61 -8.09 11.96 17.35
CA GLN A 61 -8.18 13.04 18.33
C GLN A 61 -7.35 12.77 19.59
N VAL A 62 -7.41 11.53 20.08
CA VAL A 62 -6.67 11.12 21.29
C VAL A 62 -5.17 11.13 20.97
N THR A 63 -4.39 11.87 21.74
CA THR A 63 -2.97 11.96 21.49
C THR A 63 -2.04 11.25 22.48
N ARG A 64 -1.00 10.63 21.93
CA ARG A 64 -0.02 9.90 22.73
C ARG A 64 0.46 10.69 23.94
N TYR A 65 0.66 11.99 23.77
CA TYR A 65 1.15 12.80 24.88
C TYR A 65 0.20 13.86 25.43
N GLY A 66 -1.10 13.65 25.24
CA GLY A 66 -2.10 14.58 25.74
C GLY A 66 -1.89 16.04 25.32
N ASP A 67 -1.64 16.25 24.03
CA ASP A 67 -1.41 17.60 23.51
C ASP A 67 -2.62 18.49 23.77
N PRO A 68 -2.39 19.80 23.89
CA PRO A 68 -3.49 20.75 24.13
C PRO A 68 -4.54 20.58 23.03
N GLY A 69 -5.81 20.48 23.42
CA GLY A 69 -6.86 20.35 22.43
C GLY A 69 -7.26 18.92 22.14
N SER A 70 -6.68 17.98 22.88
CA SER A 70 -6.99 16.57 22.70
C SER A 70 -8.06 16.10 23.71
N PRO A 71 -8.81 15.05 23.37
CA PRO A 71 -9.81 14.61 24.35
C PRO A 71 -9.12 14.09 25.63
N ASN A 72 -7.80 14.01 25.60
CA ASN A 72 -7.03 13.56 26.75
C ASN A 72 -5.90 14.54 27.11
N SER A 73 -5.83 14.93 28.37
CA SER A 73 -4.79 15.86 28.84
C SER A 73 -3.69 15.06 29.53
N GLU A 74 -3.91 13.75 29.62
CA GLU A 74 -2.96 12.86 30.26
C GLU A 74 -2.33 12.00 29.15
N PRO A 75 -0.99 11.90 29.12
CA PRO A 75 -0.43 11.06 28.05
C PRO A 75 -1.04 9.66 28.16
N VAL A 76 -1.40 9.10 27.01
CA VAL A 76 -2.01 7.78 26.93
C VAL A 76 -1.14 6.90 26.04
N GLY A 77 -0.95 5.65 26.47
CA GLY A 77 -0.13 4.73 25.71
C GLY A 77 -0.92 3.87 24.73
N TRP A 78 -2.15 3.53 25.09
CA TRP A 78 -3.02 2.73 24.24
C TRP A 78 -4.48 3.11 24.46
N ILE A 79 -5.31 2.60 23.56
CA ILE A 79 -6.77 2.71 23.55
C ILE A 79 -7.04 1.21 23.38
N ALA A 80 -7.86 0.62 24.26
CA ALA A 80 -8.08 -0.80 24.16
C ALA A 80 -9.50 -1.23 24.41
N VAL A 81 -9.86 -2.38 23.82
CA VAL A 81 -11.18 -2.95 23.96
C VAL A 81 -11.02 -4.43 24.26
N TYR A 82 -11.59 -4.86 25.39
CA TYR A 82 -11.55 -6.24 25.83
C TYR A 82 -12.92 -6.89 25.63
N GLY A 83 -12.96 -7.98 24.87
CA GLY A 83 -14.22 -8.66 24.61
C GLY A 83 -14.57 -9.77 25.58
N GLN A 84 -15.68 -9.58 26.30
CA GLN A 84 -16.16 -10.54 27.30
C GLN A 84 -15.52 -11.92 27.17
N GLY A 85 -15.23 -12.51 28.32
CA GLY A 85 -14.60 -13.81 28.31
C GLY A 85 -13.11 -13.57 28.14
N TYR A 86 -12.71 -12.30 28.13
CA TYR A 86 -11.30 -11.95 27.97
C TYR A 86 -10.49 -12.70 29.03
N SER A 87 -9.94 -13.83 28.62
CA SER A 87 -9.14 -14.68 29.51
C SER A 87 -7.64 -14.55 29.22
N PRO A 88 -6.93 -13.71 29.99
CA PRO A 88 -5.49 -13.54 29.77
C PRO A 88 -4.75 -14.80 30.18
N ASN A 89 -3.60 -15.05 29.54
CA ASN A 89 -2.79 -16.23 29.86
C ASN A 89 -1.55 -16.37 29.00
N SER A 90 -0.42 -15.90 29.50
CA SER A 90 0.83 -16.02 28.75
C SER A 90 1.36 -17.43 29.00
N GLY A 91 2.06 -17.98 28.02
CA GLY A 91 2.61 -19.31 28.20
C GLY A 91 3.68 -19.27 29.26
N ASP A 92 4.82 -19.88 28.97
CA ASP A 92 5.94 -19.87 29.89
C ASP A 92 7.00 -18.99 29.29
N VAL A 93 6.85 -17.69 29.46
CA VAL A 93 7.81 -16.75 28.89
C VAL A 93 9.19 -16.93 29.51
N GLN A 94 9.23 -17.31 30.78
CA GLN A 94 10.50 -17.53 31.47
C GLN A 94 11.29 -18.65 30.81
N GLY A 95 10.66 -19.81 30.68
CA GLY A 95 11.31 -20.95 30.05
C GLY A 95 11.63 -20.69 28.59
N LEU A 96 10.75 -19.98 27.90
CA LEU A 96 10.93 -19.67 26.49
C LEU A 96 12.27 -18.98 26.27
N GLN A 97 12.44 -17.79 26.83
CA GLN A 97 13.68 -17.05 26.68
C GLN A 97 14.89 -17.87 27.13
N ALA A 98 14.70 -18.70 28.16
CA ALA A 98 15.78 -19.54 28.64
C ALA A 98 16.19 -20.43 27.48
N ALA A 99 15.21 -21.19 26.97
CA ALA A 99 15.45 -22.09 25.85
C ALA A 99 15.98 -21.30 24.64
N TRP A 100 15.35 -20.17 24.36
CA TRP A 100 15.74 -19.33 23.25
C TRP A 100 17.23 -19.03 23.29
N GLU A 101 17.69 -18.41 24.38
CA GLU A 101 19.09 -18.05 24.51
C GLU A 101 20.01 -19.26 24.43
N ALA A 102 19.47 -20.44 24.76
CA ALA A 102 20.24 -21.67 24.71
C ALA A 102 20.56 -22.06 23.26
N LEU A 103 19.60 -21.84 22.35
CA LEU A 103 19.81 -22.16 20.95
C LEU A 103 21.00 -21.42 20.37
N GLN A 104 21.20 -20.18 20.83
CA GLN A 104 22.33 -19.39 20.35
C GLN A 104 23.65 -20.12 20.57
N THR A 105 23.70 -20.96 21.60
CA THR A 105 24.90 -21.73 21.91
C THR A 105 24.74 -23.15 21.38
N SER A 106 23.52 -23.66 21.44
CA SER A 106 23.20 -25.00 20.99
C SER A 106 23.90 -25.37 19.69
N GLY A 107 24.01 -24.41 18.78
CA GLY A 107 24.66 -24.67 17.50
C GLY A 107 23.63 -25.17 16.51
N ARG A 108 22.50 -25.63 17.03
CA ARG A 108 21.41 -26.13 16.21
C ARG A 108 20.93 -25.06 15.24
N PRO A 109 20.07 -25.45 14.27
CA PRO A 109 19.54 -24.49 13.29
C PRO A 109 18.30 -23.75 13.79
N ILE A 110 18.31 -22.43 13.69
CA ILE A 110 17.19 -21.60 14.13
C ILE A 110 16.41 -21.10 12.91
N THR A 111 15.21 -21.66 12.73
CA THR A 111 14.36 -21.31 11.61
C THR A 111 12.95 -20.97 12.10
N PRO A 112 12.09 -20.47 11.21
CA PRO A 112 10.72 -20.13 11.62
C PRO A 112 10.08 -21.36 12.24
N GLY A 113 10.63 -22.52 11.90
CA GLY A 113 10.12 -23.76 12.43
C GLY A 113 10.56 -24.00 13.86
N THR A 114 11.69 -23.40 14.24
CA THR A 114 12.21 -23.57 15.59
C THR A 114 11.43 -22.74 16.60
N LEU A 115 10.77 -21.68 16.14
CA LEU A 115 9.98 -20.84 17.02
C LEU A 115 8.65 -21.52 17.29
N ARG A 116 8.00 -22.01 16.23
CA ARG A 116 6.74 -22.70 16.38
C ARG A 116 7.00 -23.80 17.41
N GLN A 117 8.23 -24.31 17.38
CA GLN A 117 8.64 -25.34 18.31
C GLN A 117 8.38 -24.88 19.73
N LEU A 118 9.29 -24.05 20.24
CA LEU A 118 9.19 -23.52 21.59
C LEU A 118 7.79 -23.06 21.98
N ALA A 119 7.17 -22.27 21.12
CA ALA A 119 5.85 -21.75 21.37
C ALA A 119 4.84 -22.82 21.78
N ILE A 120 4.90 -23.98 21.12
CA ILE A 120 3.97 -25.06 21.44
C ILE A 120 4.28 -25.70 22.80
N THR A 121 5.57 -25.91 23.06
CA THR A 121 6.02 -26.49 24.32
C THR A 121 5.83 -25.49 25.45
N HIS A 122 6.36 -24.29 25.25
CA HIS A 122 6.29 -23.24 26.24
C HIS A 122 4.94 -22.54 26.28
N HIS A 123 4.02 -23.02 25.46
CA HIS A 123 2.67 -22.48 25.41
C HIS A 123 2.55 -20.98 25.17
N VAL A 124 3.51 -20.39 24.48
CA VAL A 124 3.45 -18.97 24.15
C VAL A 124 2.97 -18.93 22.71
N LEU A 125 1.67 -19.10 22.52
CA LEU A 125 1.09 -19.14 21.19
C LEU A 125 0.13 -18.00 20.81
N SER A 126 -0.23 -17.15 21.77
CA SER A 126 -1.15 -16.08 21.46
C SER A 126 -0.49 -15.19 20.43
N GLY A 127 -1.28 -14.39 19.75
CA GLY A 127 -0.74 -13.51 18.74
C GLY A 127 -1.73 -12.48 18.28
N LYS A 128 -1.35 -11.71 17.28
CA LYS A 128 -2.24 -10.66 16.82
C LYS A 128 -2.04 -10.22 15.39
N TRP A 129 -3.16 -10.00 14.71
CA TRP A 129 -3.17 -9.49 13.34
C TRP A 129 -2.84 -7.99 13.47
N LEU A 130 -1.93 -7.51 12.64
CA LEU A 130 -1.53 -6.11 12.67
C LEU A 130 -2.05 -5.36 11.44
N MSE A 131 -1.98 -4.04 11.49
CA MSE A 131 -2.43 -3.19 10.40
C MSE A 131 -2.27 -1.74 10.82
O MSE A 131 -2.32 -1.43 12.01
CB MSE A 131 -3.91 -3.48 10.10
CG MSE A 131 -4.82 -3.06 11.23
SE MSE A 131 -6.38 -4.17 11.43
CE MSE A 131 -5.60 -5.55 12.48
N HIS A 132 -2.05 -0.83 9.86
CA HIS A 132 -1.91 0.58 10.19
C HIS A 132 -2.67 1.49 9.23
N LEU A 133 -2.82 2.75 9.63
CA LEU A 133 -3.52 3.77 8.85
C LEU A 133 -3.11 5.15 9.35
N ALA A 134 -3.46 6.18 8.58
CA ALA A 134 -3.16 7.56 8.96
C ALA A 134 -4.39 8.12 9.66
N PRO A 135 -4.19 9.04 10.62
CA PRO A 135 -5.31 9.63 11.35
C PRO A 135 -6.40 10.14 10.41
N GLY A 136 -7.62 10.23 10.94
CA GLY A 136 -8.72 10.70 10.13
C GLY A 136 -9.90 9.75 10.17
N PHE A 137 -10.92 10.09 9.38
CA PHE A 137 -12.15 9.31 9.29
C PHE A 137 -11.88 7.83 9.10
N LYS A 138 -10.98 7.51 8.19
CA LYS A 138 -10.68 6.11 7.89
C LYS A 138 -10.13 5.36 9.07
N LEU A 139 -9.29 6.02 9.86
CA LEU A 139 -8.71 5.38 11.03
C LEU A 139 -9.80 5.18 12.08
N ASP A 140 -10.50 6.26 12.42
CA ASP A 140 -11.57 6.20 13.42
C ASP A 140 -12.69 5.23 13.01
N HIS A 141 -12.94 5.10 11.71
CA HIS A 141 -14.01 4.21 11.24
C HIS A 141 -13.61 2.74 11.34
N ALA A 142 -12.36 2.44 11.00
CA ALA A 142 -11.89 1.07 11.08
C ALA A 142 -11.91 0.66 12.57
N TRP A 143 -11.31 1.50 13.41
CA TRP A 143 -11.27 1.26 14.83
C TRP A 143 -12.70 0.99 15.35
N ALA A 144 -13.63 1.90 15.08
CA ALA A 144 -15.01 1.72 15.55
C ALA A 144 -15.55 0.32 15.25
N GLY A 145 -15.31 -0.17 14.05
CA GLY A 145 -15.78 -1.49 13.68
C GLY A 145 -15.15 -2.59 14.50
N ILE A 146 -13.83 -2.69 14.42
CA ILE A 146 -13.12 -3.72 15.18
C ILE A 146 -13.51 -3.78 16.67
N ALA A 147 -13.58 -2.62 17.33
CA ALA A 147 -13.94 -2.58 18.74
C ALA A 147 -15.33 -3.20 18.89
N ARG A 148 -16.23 -2.75 18.03
CA ARG A 148 -17.62 -3.22 18.03
C ARG A 148 -17.66 -4.75 17.97
N ALA A 149 -16.84 -5.35 17.11
CA ALA A 149 -16.79 -6.80 16.99
C ALA A 149 -16.33 -7.41 18.32
N VAL A 150 -15.45 -6.69 19.02
CA VAL A 150 -14.97 -7.15 20.31
C VAL A 150 -16.16 -7.06 21.27
N VAL A 151 -16.82 -5.91 21.30
CA VAL A 151 -17.95 -5.69 22.18
C VAL A 151 -19.19 -6.47 21.73
N GLU A 152 -19.07 -7.20 20.63
CA GLU A 152 -20.18 -8.01 20.13
C GLU A 152 -19.91 -9.47 20.49
N GLY A 153 -18.64 -9.78 20.75
CA GLY A 153 -18.27 -11.13 21.11
C GLY A 153 -17.51 -11.91 20.06
N ARG A 154 -17.31 -11.30 18.89
CA ARG A 154 -16.61 -11.94 17.79
C ARG A 154 -15.09 -11.82 17.88
N LEU A 155 -14.63 -10.87 18.68
CA LEU A 155 -13.21 -10.64 18.90
C LEU A 155 -12.99 -10.61 20.41
N GLN A 156 -11.85 -11.14 20.86
CA GLN A 156 -11.56 -11.19 22.29
C GLN A 156 -10.93 -9.91 22.86
N VAL A 157 -10.06 -9.27 22.08
CA VAL A 157 -9.39 -8.04 22.49
C VAL A 157 -8.95 -7.25 21.28
N ALA A 158 -8.83 -5.92 21.45
CA ALA A 158 -8.37 -5.04 20.38
C ALA A 158 -7.86 -3.74 20.98
N LYS A 159 -6.70 -3.28 20.49
CA LYS A 159 -6.12 -2.04 20.95
C LYS A 159 -5.87 -1.17 19.72
N VAL A 160 -5.75 0.14 19.91
CA VAL A 160 -5.45 1.07 18.83
C VAL A 160 -4.64 2.20 19.46
N SER A 161 -3.50 2.53 18.85
CA SER A 161 -2.58 3.55 19.34
C SER A 161 -3.03 4.99 19.05
N PRO A 162 -2.80 5.90 20.01
CA PRO A 162 -3.18 7.31 19.86
C PRO A 162 -2.31 8.08 18.87
N ARG A 163 -2.74 9.29 18.55
CA ARG A 163 -2.04 10.12 17.58
C ARG A 163 -0.71 10.65 18.08
N ALA A 164 0.28 10.60 17.20
CA ALA A 164 1.63 11.06 17.49
C ALA A 164 1.71 12.53 17.08
N LYS A 165 2.53 13.31 17.78
CA LYS A 165 2.69 14.74 17.51
C LYS A 165 2.64 15.09 16.02
N GLU A 166 3.25 14.26 15.18
CA GLU A 166 3.26 14.52 13.75
C GLU A 166 2.36 13.53 13.01
N GLY A 167 2.41 13.60 11.67
CA GLY A 167 1.59 12.70 10.85
C GLY A 167 1.39 11.37 11.54
N GLY A 168 2.44 10.54 11.54
CA GLY A 168 2.36 9.26 12.20
C GLY A 168 1.47 8.23 11.52
N ARG A 169 1.94 6.98 11.52
CA ARG A 169 1.19 5.88 10.94
C ARG A 169 0.63 5.04 12.08
N GLN A 170 -0.44 5.53 12.68
CA GLN A 170 -1.08 4.85 13.79
C GLN A 170 -1.37 3.38 13.49
N VAL A 171 -1.45 2.57 14.54
CA VAL A 171 -1.68 1.13 14.35
C VAL A 171 -2.79 0.49 15.16
N ILE A 172 -3.65 -0.24 14.47
CA ILE A 172 -4.72 -0.97 15.14
C ILE A 172 -4.25 -2.41 15.18
N CYS A 173 -4.25 -3.01 16.38
CA CYS A 173 -3.83 -4.40 16.55
C CYS A 173 -4.97 -5.22 17.15
N VAL A 174 -5.22 -6.39 16.56
CA VAL A 174 -6.27 -7.30 17.02
C VAL A 174 -5.66 -8.64 17.45
N TYR A 175 -6.05 -9.12 18.63
CA TYR A 175 -5.52 -10.36 19.18
C TYR A 175 -6.25 -11.64 18.78
N THR A 176 -5.50 -12.74 18.66
CA THR A 176 -6.09 -14.05 18.35
C THR A 176 -5.53 -15.06 19.36
N ASP A 177 -6.17 -16.21 19.43
CA ASP A 177 -5.79 -17.29 20.34
C ASP A 177 -4.39 -17.89 20.16
N ASP A 178 -4.11 -18.40 18.97
CA ASP A 178 -2.82 -19.01 18.69
C ASP A 178 -2.47 -18.97 17.21
N PHE A 179 -1.17 -18.92 16.89
CA PHE A 179 -0.74 -18.86 15.50
C PHE A 179 -0.67 -20.22 14.81
N THR A 180 -1.02 -21.27 15.55
CA THR A 180 -1.02 -22.62 14.99
C THR A 180 -2.46 -23.09 14.90
N ASP A 181 -3.39 -22.13 14.98
CA ASP A 181 -4.82 -22.39 14.88
C ASP A 181 -5.40 -21.65 13.67
N ARG A 182 -5.07 -22.14 12.47
CA ARG A 182 -5.51 -21.56 11.21
C ARG A 182 -6.94 -21.00 11.17
N LEU A 183 -7.90 -21.81 11.61
CA LEU A 183 -9.30 -21.41 11.60
C LEU A 183 -9.57 -20.15 12.42
N GLY A 184 -9.21 -20.19 13.70
CA GLY A 184 -9.43 -19.05 14.57
C GLY A 184 -8.80 -17.77 14.06
N VAL A 185 -7.64 -17.90 13.43
CA VAL A 185 -6.93 -16.75 12.87
C VAL A 185 -7.79 -16.13 11.76
N LEU A 186 -8.46 -16.97 11.00
CA LEU A 186 -9.30 -16.50 9.88
C LEU A 186 -10.58 -15.80 10.29
N GLU A 187 -11.20 -16.27 11.36
CA GLU A 187 -12.42 -15.65 11.82
C GLU A 187 -12.15 -14.22 12.24
N ALA A 188 -10.96 -13.98 12.79
CA ALA A 188 -10.56 -12.65 13.22
C ALA A 188 -10.27 -11.82 11.97
N ASP A 189 -9.40 -12.35 11.11
CA ASP A 189 -9.08 -11.66 9.87
C ASP A 189 -10.40 -11.28 9.17
N SER A 190 -11.17 -12.30 8.83
CA SER A 190 -12.44 -12.08 8.16
C SER A 190 -13.42 -11.27 9.01
N ALA A 191 -13.20 -11.23 10.32
CA ALA A 191 -14.07 -10.42 11.18
C ALA A 191 -13.70 -8.96 11.00
N ILE A 192 -12.45 -8.72 10.63
CA ILE A 192 -11.96 -7.36 10.42
C ILE A 192 -12.47 -6.86 9.06
N ARG A 193 -12.39 -7.71 8.04
CA ARG A 193 -12.84 -7.36 6.70
C ARG A 193 -14.29 -6.87 6.68
N ALA A 194 -15.17 -7.52 7.44
CA ALA A 194 -16.57 -7.13 7.49
C ALA A 194 -16.73 -5.73 8.03
N ALA A 195 -15.71 -5.23 8.72
CA ALA A 195 -15.75 -3.88 9.27
C ALA A 195 -15.33 -2.89 8.20
N GLY A 196 -15.16 -3.39 6.97
CA GLY A 196 -14.79 -2.55 5.86
C GLY A 196 -13.34 -2.14 5.78
N ILE A 197 -12.44 -2.96 6.32
CA ILE A 197 -11.02 -2.67 6.30
C ILE A 197 -10.36 -3.37 5.10
N LYS A 198 -9.77 -2.56 4.22
CA LYS A 198 -9.13 -3.06 3.02
C LYS A 198 -7.62 -3.09 3.15
N CYS A 199 -7.12 -2.72 4.33
CA CYS A 199 -5.70 -2.71 4.58
C CYS A 199 -5.08 -4.10 4.50
N LEU A 200 -3.77 -4.17 4.71
CA LEU A 200 -3.03 -5.42 4.67
C LEU A 200 -2.78 -5.99 6.07
N LEU A 201 -3.48 -7.06 6.41
CA LEU A 201 -3.26 -7.69 7.70
C LEU A 201 -2.03 -8.58 7.64
N THR A 202 -1.15 -8.44 8.64
CA THR A 202 0.06 -9.25 8.74
C THR A 202 0.03 -9.81 10.17
N TYR A 203 0.23 -11.12 10.31
CA TYR A 203 0.18 -11.72 11.63
C TYR A 203 1.53 -11.93 12.28
N LYS A 204 1.60 -11.53 13.55
CA LYS A 204 2.81 -11.62 14.35
C LYS A 204 2.49 -12.26 15.70
N PRO A 205 3.03 -13.47 15.95
CA PRO A 205 2.83 -14.22 17.20
C PRO A 205 3.54 -13.55 18.38
N ASP A 206 3.14 -13.88 19.61
CA ASP A 206 3.77 -13.29 20.79
C ASP A 206 5.24 -13.68 20.87
N VAL A 207 5.54 -14.95 20.62
CA VAL A 207 6.92 -15.41 20.66
C VAL A 207 7.80 -14.44 19.88
N TYR A 208 7.37 -14.05 18.68
CA TYR A 208 8.14 -13.12 17.88
C TYR A 208 8.48 -11.86 18.67
N THR A 209 7.47 -11.04 18.94
CA THR A 209 7.69 -9.80 19.69
C THR A 209 8.38 -10.06 21.03
N TYR A 210 8.05 -11.18 21.67
CA TYR A 210 8.65 -11.52 22.95
C TYR A 210 10.15 -11.75 22.84
N LEU A 211 10.51 -12.91 22.28
CA LEU A 211 11.91 -13.28 22.12
C LEU A 211 12.74 -12.25 21.34
N GLY A 212 12.12 -11.14 20.98
CA GLY A 212 12.84 -10.10 20.26
C GLY A 212 12.92 -10.26 18.76
N ILE A 213 11.98 -11.00 18.18
CA ILE A 213 11.94 -11.21 16.74
C ILE A 213 11.22 -10.01 16.13
N TYR A 214 11.75 -8.81 16.38
CA TYR A 214 11.17 -7.58 15.89
C TYR A 214 11.39 -7.41 14.40
N ARG A 215 10.78 -6.36 13.83
CA ARG A 215 10.89 -6.08 12.40
C ARG A 215 12.26 -6.43 11.83
N ALA A 216 13.31 -6.09 12.56
CA ALA A 216 14.68 -6.38 12.16
C ALA A 216 15.22 -7.47 13.07
N ASN A 217 15.95 -8.43 12.50
CA ASN A 217 16.49 -9.52 13.29
C ASN A 217 17.91 -9.91 12.88
N ARG A 218 18.62 -10.58 13.78
CA ARG A 218 19.97 -11.05 13.54
C ARG A 218 19.87 -12.40 12.84
N TRP A 219 18.91 -13.22 13.29
CA TRP A 219 18.67 -14.55 12.74
C TRP A 219 17.91 -14.41 11.42
N HIS A 220 17.78 -13.17 10.97
CA HIS A 220 17.05 -12.85 9.73
C HIS A 220 15.79 -13.68 9.49
N LEU A 221 15.00 -13.84 10.55
CA LEU A 221 13.75 -14.57 10.48
C LEU A 221 12.68 -13.50 10.30
N CYS A 222 11.80 -13.67 9.31
CA CYS A 222 10.74 -12.71 9.06
C CYS A 222 9.85 -12.59 10.28
N PRO A 223 9.65 -11.36 10.79
CA PRO A 223 8.81 -11.11 11.96
C PRO A 223 7.32 -11.28 11.69
N THR A 224 6.98 -11.70 10.48
CA THR A 224 5.60 -11.89 10.05
C THR A 224 5.32 -13.36 9.75
N LEU A 225 4.21 -13.88 10.26
CA LEU A 225 3.83 -15.27 10.03
C LEU A 225 2.85 -15.37 8.86
N TYR A 226 1.62 -14.90 9.08
CA TYR A 226 0.58 -14.90 8.05
C TYR A 226 0.41 -13.47 7.54
N GLU A 227 -0.43 -13.34 6.51
CA GLU A 227 -0.75 -12.04 5.93
C GLU A 227 -2.01 -12.18 5.09
N SER A 228 -2.46 -11.08 4.50
CA SER A 228 -3.67 -11.06 3.68
C SER A 228 -4.04 -9.66 3.24
N ARG A 229 -4.53 -9.56 2.01
CA ARG A 229 -4.97 -8.30 1.43
C ARG A 229 -6.24 -8.62 0.67
N PHE A 230 -7.01 -7.60 0.32
CA PHE A 230 -8.22 -7.81 -0.46
C PHE A 230 -7.78 -7.64 -1.91
N GLN A 231 -7.75 -8.73 -2.65
CA GLN A 231 -7.34 -8.74 -4.07
C GLN A 231 -7.58 -7.44 -4.81
N GLY A 238 -11.25 -10.69 -2.99
CA GLY A 238 -11.51 -10.98 -1.59
C GLY A 238 -10.28 -11.10 -0.72
N SER A 239 -10.49 -11.48 0.54
CA SER A 239 -9.39 -11.64 1.50
C SER A 239 -8.50 -12.82 1.10
N ARG A 240 -7.21 -12.53 0.92
CA ARG A 240 -6.23 -13.55 0.52
C ARG A 240 -5.19 -13.73 1.63
N VAL A 241 -5.34 -14.78 2.44
CA VAL A 241 -4.42 -15.06 3.52
C VAL A 241 -3.28 -15.94 3.02
N LEU A 242 -2.08 -15.39 2.96
CA LEU A 242 -0.91 -16.09 2.45
C LEU A 242 0.27 -16.17 3.42
N ASP A 243 0.74 -17.38 3.71
CA ASP A 243 1.89 -17.57 4.61
C ASP A 243 3.17 -17.31 3.83
N ARG A 244 4.13 -16.66 4.47
CA ARG A 244 5.39 -16.32 3.85
C ARG A 244 6.38 -17.48 3.86
N ALA A 245 5.84 -18.70 3.71
CA ALA A 245 6.69 -19.90 3.71
C ALA A 245 5.99 -21.10 3.07
N ASN A 246 4.89 -20.83 2.37
CA ASN A 246 4.12 -21.89 1.70
C ASN A 246 3.33 -21.32 0.52
N ASN A 247 2.80 -20.11 0.69
CA ASN A 247 2.04 -19.45 -0.35
C ASN A 247 0.76 -20.23 -0.63
N VAL A 248 0.02 -20.56 0.43
CA VAL A 248 -1.21 -21.32 0.31
C VAL A 248 -2.43 -20.51 0.76
N GLU A 249 -3.11 -19.92 -0.22
CA GLU A 249 -4.29 -19.10 0.02
C GLU A 249 -5.31 -19.70 0.99
N LEU A 250 -6.07 -18.81 1.63
CA LEU A 250 -7.12 -19.20 2.57
C LEU A 250 -8.37 -18.39 2.30
N GLU B 17 9.92 -8.37 27.66
CA GLU B 17 8.45 -8.21 27.87
C GLU B 17 8.09 -6.77 27.51
N ASP B 18 9.12 -5.96 27.24
CA ASP B 18 8.92 -4.57 26.84
C ASP B 18 9.10 -4.44 25.35
N GLY B 19 8.13 -4.96 24.61
CA GLY B 19 8.16 -4.91 23.15
C GLY B 19 6.74 -4.92 22.61
N PHE B 20 5.81 -4.39 23.38
CA PHE B 20 4.41 -4.34 22.97
C PHE B 20 3.84 -2.93 22.97
N THR B 21 4.72 -1.94 23.08
CA THR B 21 4.28 -0.55 23.10
C THR B 21 3.53 -0.18 21.82
N ALA B 22 3.01 1.05 21.80
CA ALA B 22 2.32 1.53 20.62
C ALA B 22 3.37 1.78 19.53
N GLU B 23 4.51 2.34 19.93
CA GLU B 23 5.59 2.63 19.00
C GLU B 23 6.28 1.39 18.46
N HIS B 24 6.20 0.28 19.18
CA HIS B 24 6.83 -0.95 18.72
C HIS B 24 6.01 -1.60 17.59
N LEU B 25 4.69 -1.62 17.74
CA LEU B 25 3.85 -2.22 16.72
C LEU B 25 3.68 -1.28 15.53
N ALA B 26 3.79 0.02 15.77
CA ALA B 26 3.68 0.99 14.70
C ALA B 26 4.86 0.80 13.74
N ALA B 27 5.99 0.40 14.32
CA ALA B 27 7.20 0.16 13.54
C ALA B 27 7.15 -1.21 12.88
N GLU B 28 6.41 -2.13 13.50
CA GLU B 28 6.27 -3.48 12.97
C GLU B 28 5.31 -3.46 11.78
N ALA B 29 4.15 -2.82 11.97
CA ALA B 29 3.15 -2.70 10.91
C ALA B 29 3.78 -2.09 9.65
N MSE B 30 4.63 -1.09 9.84
CA MSE B 30 5.29 -0.45 8.71
C MSE B 30 6.27 -1.38 8.03
O MSE B 30 6.17 -1.64 6.84
CB MSE B 30 6.03 0.81 9.14
CG MSE B 30 5.13 1.87 9.68
SE MSE B 30 5.87 3.59 9.37
CE MSE B 30 5.06 3.94 7.64
N ALA B 31 7.23 -1.89 8.80
CA ALA B 31 8.23 -2.79 8.23
C ALA B 31 7.57 -3.91 7.44
N ALA B 32 6.28 -4.13 7.67
CA ALA B 32 5.57 -5.18 6.97
C ALA B 32 4.61 -4.63 5.90
N ASP B 33 4.82 -3.39 5.47
CA ASP B 33 3.96 -2.77 4.49
C ASP B 33 4.71 -2.35 3.22
N MSE B 34 5.16 -3.35 2.47
CA MSE B 34 5.87 -3.15 1.20
C MSE B 34 5.11 -3.97 0.18
O MSE B 34 4.65 -5.06 0.50
CB MSE B 34 7.32 -3.66 1.30
CG MSE B 34 8.24 -2.81 2.16
SE MSE B 34 8.98 -1.25 1.26
CE MSE B 34 10.75 -1.95 0.87
N ASP B 35 4.94 -3.45 -1.02
CA ASP B 35 4.23 -4.23 -2.02
C ASP B 35 5.07 -5.46 -2.32
N PRO B 36 4.40 -6.63 -2.40
CA PRO B 36 5.03 -7.94 -2.66
C PRO B 36 5.76 -8.07 -4.00
N TRP B 37 6.52 -9.16 -4.12
CA TRP B 37 7.29 -9.44 -5.32
C TRP B 37 6.78 -10.69 -6.04
N LEU B 38 7.15 -10.81 -7.31
CA LEU B 38 6.82 -11.99 -8.12
C LEU B 38 8.22 -12.57 -8.05
N VAL B 39 8.39 -13.75 -7.47
CA VAL B 39 9.74 -14.25 -7.29
C VAL B 39 10.07 -15.69 -7.64
N PHE B 40 10.59 -15.92 -8.85
CA PHE B 40 10.94 -17.28 -9.22
C PHE B 40 12.01 -17.77 -8.25
N ASP B 41 11.69 -18.86 -7.54
CA ASP B 41 12.58 -19.47 -6.57
C ASP B 41 12.95 -20.87 -7.06
N ALA B 42 14.19 -21.04 -7.48
CA ALA B 42 14.63 -22.33 -7.99
C ALA B 42 14.80 -23.37 -6.87
N ARG B 43 15.26 -22.91 -5.70
CA ARG B 43 15.45 -23.82 -4.57
C ARG B 43 14.24 -24.73 -4.39
N THR B 44 13.10 -24.33 -4.93
CA THR B 44 11.88 -25.12 -4.82
C THR B 44 11.29 -25.49 -6.18
N THR B 45 11.10 -24.49 -7.04
CA THR B 45 10.53 -24.73 -8.36
C THR B 45 11.63 -25.22 -9.30
N PRO B 46 11.34 -26.30 -10.05
CA PRO B 46 12.29 -26.89 -10.99
C PRO B 46 12.65 -25.93 -12.11
N ALA B 47 13.82 -26.14 -12.70
CA ALA B 47 14.32 -25.32 -13.77
C ALA B 47 13.37 -25.35 -14.98
N THR B 48 12.97 -26.56 -15.37
CA THR B 48 12.07 -26.74 -16.50
C THR B 48 10.90 -25.77 -16.53
N GLU B 49 10.42 -25.36 -15.36
CA GLU B 49 9.30 -24.44 -15.29
C GLU B 49 9.77 -22.99 -15.46
N LEU B 50 11.08 -22.80 -15.57
CA LEU B 50 11.62 -21.45 -15.70
C LEU B 50 11.19 -20.67 -16.93
N ASP B 51 11.57 -21.15 -18.10
CA ASP B 51 11.25 -20.43 -19.32
C ASP B 51 9.76 -20.16 -19.47
N ALA B 52 8.91 -20.99 -18.86
CA ALA B 52 7.47 -20.76 -18.94
C ALA B 52 7.13 -19.63 -17.97
N TRP B 53 7.84 -19.61 -16.86
CA TRP B 53 7.63 -18.59 -15.85
C TRP B 53 8.04 -17.23 -16.42
N LEU B 54 9.11 -17.19 -17.21
CA LEU B 54 9.54 -15.93 -17.82
C LEU B 54 8.56 -15.49 -18.91
N ALA B 55 7.99 -16.43 -19.64
CA ALA B 55 7.06 -16.08 -20.71
C ALA B 55 5.82 -15.33 -20.21
N LYS B 56 5.37 -15.65 -18.98
CA LYS B 56 4.21 -14.99 -18.43
C LYS B 56 4.44 -13.65 -17.75
N TYR B 57 5.63 -13.44 -17.19
CA TYR B 57 5.88 -12.19 -16.51
C TYR B 57 7.07 -11.35 -16.94
N PRO B 58 7.11 -10.93 -18.22
CA PRO B 58 8.22 -10.11 -18.71
C PRO B 58 8.15 -8.73 -18.04
N PRO B 59 9.27 -8.28 -17.43
CA PRO B 59 9.34 -7.00 -16.74
C PRO B 59 8.84 -5.76 -17.46
N SER B 60 8.92 -5.75 -18.79
CA SER B 60 8.46 -4.59 -19.54
C SER B 60 6.95 -4.45 -19.36
N GLN B 61 6.24 -5.56 -19.48
CA GLN B 61 4.79 -5.52 -19.32
C GLN B 61 4.33 -5.42 -17.86
N VAL B 62 4.97 -6.17 -16.95
CA VAL B 62 4.54 -6.12 -15.56
C VAL B 62 4.67 -4.71 -15.01
N THR B 63 3.61 -4.22 -14.37
CA THR B 63 3.63 -2.85 -13.85
C THR B 63 3.75 -2.75 -12.34
N ARG B 64 4.24 -1.59 -11.90
CA ARG B 64 4.43 -1.32 -10.49
C ARG B 64 3.11 -1.23 -9.76
N TYR B 65 2.04 -0.91 -10.49
CA TYR B 65 0.73 -0.78 -9.89
C TYR B 65 -0.41 -1.34 -10.72
N GLY B 66 -0.34 -2.66 -10.94
CA GLY B 66 -1.35 -3.37 -11.70
C GLY B 66 -2.19 -2.61 -12.69
N ASP B 67 -1.57 -1.75 -13.49
CA ASP B 67 -2.30 -0.97 -14.48
C ASP B 67 -3.03 -1.92 -15.41
N PRO B 68 -4.37 -2.03 -15.28
CA PRO B 68 -5.20 -2.91 -16.11
C PRO B 68 -4.51 -3.29 -17.40
N GLY B 69 -4.59 -4.58 -17.74
CA GLY B 69 -3.94 -5.04 -18.95
C GLY B 69 -2.47 -5.26 -18.66
N SER B 70 -2.17 -5.97 -17.57
CA SER B 70 -0.79 -6.29 -17.18
C SER B 70 -0.81 -7.68 -16.58
N PRO B 71 0.36 -8.32 -16.47
CA PRO B 71 0.33 -9.66 -15.88
C PRO B 71 -0.04 -9.54 -14.40
N ASN B 72 0.90 -9.06 -13.58
CA ASN B 72 0.66 -8.91 -12.14
C ASN B 72 -0.79 -8.55 -11.86
N SER B 73 -1.31 -9.03 -10.75
CA SER B 73 -2.69 -8.77 -10.37
C SER B 73 -2.80 -7.46 -9.59
N GLU B 74 -1.80 -7.17 -8.77
CA GLU B 74 -1.81 -5.98 -7.95
C GLU B 74 -0.42 -5.34 -7.98
N PRO B 75 -0.21 -4.26 -7.21
CA PRO B 75 1.11 -3.61 -7.20
C PRO B 75 2.24 -4.60 -6.95
N VAL B 76 3.36 -4.39 -7.63
CA VAL B 76 4.52 -5.24 -7.51
C VAL B 76 5.81 -4.44 -7.29
N GLY B 77 6.37 -4.54 -6.09
CA GLY B 77 7.60 -3.81 -5.79
C GLY B 77 8.76 -4.17 -6.68
N TRP B 78 8.98 -5.47 -6.85
CA TRP B 78 10.07 -5.96 -7.70
C TRP B 78 9.74 -7.32 -8.26
N ILE B 79 10.44 -7.67 -9.33
CA ILE B 79 10.33 -8.98 -9.93
C ILE B 79 11.70 -9.56 -9.60
N ALA B 80 11.76 -10.83 -9.22
CA ALA B 80 13.05 -11.40 -8.84
C ALA B 80 13.18 -12.90 -8.94
N VAL B 81 14.42 -13.37 -9.05
CA VAL B 81 14.71 -14.80 -9.12
C VAL B 81 15.68 -15.18 -8.01
N TYR B 82 15.36 -16.26 -7.32
CA TYR B 82 16.22 -16.79 -6.25
C TYR B 82 16.86 -18.08 -6.75
N GLY B 83 18.18 -18.08 -6.87
CA GLY B 83 18.87 -19.26 -7.35
C GLY B 83 19.28 -20.22 -6.25
N GLN B 84 19.47 -21.48 -6.62
CA GLN B 84 19.89 -22.53 -5.68
C GLN B 84 20.95 -22.00 -4.74
N GLY B 85 21.98 -21.37 -5.30
CA GLY B 85 23.05 -20.84 -4.48
C GLY B 85 22.66 -19.58 -3.73
N TYR B 86 21.63 -19.68 -2.89
CA TYR B 86 21.19 -18.55 -2.11
C TYR B 86 20.69 -18.87 -0.71
N SER B 87 21.02 -17.99 0.22
CA SER B 87 20.63 -18.10 1.62
C SER B 87 20.89 -16.73 2.25
N PRO B 88 20.12 -16.38 3.29
CA PRO B 88 20.29 -15.09 3.96
C PRO B 88 21.73 -14.67 4.22
N ASN B 89 21.93 -13.37 4.40
CA ASN B 89 23.24 -12.76 4.62
C ASN B 89 23.94 -13.07 5.94
N SER B 90 23.25 -12.80 7.05
CA SER B 90 23.74 -12.99 8.42
C SER B 90 24.07 -11.63 9.04
N GLY B 91 24.71 -10.78 8.23
CA GLY B 91 25.10 -9.44 8.66
C GLY B 91 24.23 -8.73 9.68
N ASP B 92 24.89 -7.98 10.56
CA ASP B 92 24.25 -7.21 11.62
C ASP B 92 23.84 -5.82 11.17
N VAL B 93 22.70 -5.73 10.51
CA VAL B 93 22.20 -4.46 10.01
C VAL B 93 21.83 -3.49 11.12
N GLN B 94 21.18 -3.97 12.16
CA GLN B 94 20.78 -3.09 13.25
C GLN B 94 22.05 -2.46 13.80
N GLY B 95 23.09 -3.26 13.92
CA GLY B 95 24.35 -2.74 14.41
C GLY B 95 24.93 -1.72 13.44
N LEU B 96 24.99 -2.10 12.16
CA LEU B 96 25.53 -1.22 11.12
C LEU B 96 24.81 0.14 11.10
N GLN B 97 23.50 0.11 11.24
CA GLN B 97 22.70 1.33 11.23
C GLN B 97 22.93 2.18 12.48
N ALA B 98 23.20 1.53 13.62
CA ALA B 98 23.43 2.26 14.86
C ALA B 98 24.82 2.91 14.78
N ALA B 99 25.80 2.11 14.36
CA ALA B 99 27.15 2.60 14.22
C ALA B 99 27.17 3.72 13.20
N TRP B 100 26.05 3.90 12.50
CA TRP B 100 25.95 4.95 11.49
C TRP B 100 25.57 6.30 12.08
N GLU B 101 24.49 6.34 12.85
CA GLU B 101 24.06 7.59 13.49
C GLU B 101 25.26 8.22 14.20
N ALA B 102 25.96 7.40 14.97
CA ALA B 102 27.13 7.83 15.72
C ALA B 102 28.18 8.48 14.84
N LEU B 103 28.59 7.75 13.81
CA LEU B 103 29.62 8.24 12.89
C LEU B 103 29.40 9.69 12.46
N GLN B 104 28.17 10.00 12.04
CA GLN B 104 27.84 11.34 11.61
C GLN B 104 28.03 12.30 12.78
N THR B 105 27.54 11.91 13.96
CA THR B 105 27.65 12.72 15.16
C THR B 105 29.12 13.07 15.37
N SER B 106 29.93 12.04 15.61
CA SER B 106 31.35 12.24 15.79
C SER B 106 31.86 12.90 14.51
N GLY B 107 32.54 14.02 14.65
CA GLY B 107 33.06 14.73 13.48
C GLY B 107 33.96 13.91 12.58
N ARG B 108 34.13 12.63 12.90
CA ARG B 108 34.97 11.75 12.10
C ARG B 108 34.70 11.90 10.61
N PRO B 109 35.67 11.51 9.77
CA PRO B 109 35.52 11.62 8.31
C PRO B 109 34.46 10.69 7.69
N ILE B 110 33.97 11.09 6.52
CA ILE B 110 32.97 10.31 5.80
C ILE B 110 33.67 9.83 4.53
N THR B 111 34.19 8.61 4.55
CA THR B 111 34.91 8.08 3.41
C THR B 111 34.58 6.63 3.06
N PRO B 112 34.95 6.19 1.85
CA PRO B 112 34.69 4.82 1.41
C PRO B 112 35.39 3.84 2.34
N GLY B 113 36.55 4.27 2.82
CA GLY B 113 37.35 3.44 3.72
C GLY B 113 36.64 3.12 5.01
N THR B 114 35.98 4.12 5.59
CA THR B 114 35.26 3.91 6.85
C THR B 114 34.08 2.99 6.57
N LEU B 115 33.39 3.27 5.46
CA LEU B 115 32.23 2.49 5.07
C LEU B 115 32.61 1.04 4.89
N ARG B 116 33.76 0.80 4.26
CA ARG B 116 34.23 -0.58 4.04
C ARG B 116 34.51 -1.24 5.38
N GLN B 117 35.13 -0.48 6.28
CA GLN B 117 35.44 -1.00 7.61
C GLN B 117 34.12 -1.30 8.29
N LEU B 118 33.23 -0.32 8.27
CA LEU B 118 31.90 -0.46 8.86
C LEU B 118 31.23 -1.75 8.37
N ALA B 119 31.13 -1.89 7.06
CA ALA B 119 30.49 -3.07 6.45
C ALA B 119 31.18 -4.36 6.88
N ILE B 120 32.50 -4.30 6.99
CA ILE B 120 33.27 -5.45 7.42
C ILE B 120 33.00 -5.72 8.90
N THR B 121 32.90 -4.64 9.68
CA THR B 121 32.64 -4.75 11.11
C THR B 121 31.30 -5.44 11.38
N HIS B 122 30.25 -5.05 10.66
CA HIS B 122 28.95 -5.68 10.89
C HIS B 122 28.58 -6.82 9.96
N HIS B 123 29.54 -7.29 9.18
CA HIS B 123 29.33 -8.40 8.27
C HIS B 123 28.24 -8.17 7.22
N VAL B 124 28.10 -6.91 6.78
CA VAL B 124 27.13 -6.53 5.75
C VAL B 124 27.98 -6.33 4.50
N LEU B 125 28.35 -7.44 3.86
CA LEU B 125 29.22 -7.43 2.69
C LEU B 125 28.61 -7.69 1.33
N SER B 126 27.33 -8.06 1.30
CA SER B 126 26.63 -8.36 0.06
C SER B 126 26.79 -7.25 -0.97
N GLY B 127 26.70 -7.61 -2.25
CA GLY B 127 26.86 -6.61 -3.30
C GLY B 127 25.93 -6.72 -4.49
N LYS B 128 25.65 -5.57 -5.11
CA LYS B 128 24.77 -5.55 -6.26
C LYS B 128 25.21 -4.72 -7.47
N TRP B 129 25.30 -5.40 -8.61
CA TRP B 129 25.61 -4.80 -9.89
C TRP B 129 24.28 -4.17 -10.39
N LEU B 130 24.35 -2.95 -10.91
CA LEU B 130 23.18 -2.24 -11.42
C LEU B 130 23.28 -1.89 -12.91
N MSE B 131 22.13 -1.75 -13.56
CA MSE B 131 22.08 -1.43 -14.98
C MSE B 131 20.68 -1.00 -15.39
O MSE B 131 19.70 -1.41 -14.78
CB MSE B 131 22.45 -2.66 -15.81
CG MSE B 131 21.42 -3.76 -15.71
SE MSE B 131 22.23 -5.47 -15.48
CE MSE B 131 22.81 -5.24 -13.65
N HIS B 132 20.61 -0.17 -16.44
CA HIS B 132 19.33 0.31 -16.94
C HIS B 132 19.07 -0.18 -18.36
N LEU B 133 17.84 -0.58 -18.61
CA LEU B 133 17.42 -1.05 -19.91
C LEU B 133 16.09 -0.41 -20.23
N ALA B 134 15.90 -0.04 -21.49
CA ALA B 134 14.66 0.57 -21.90
C ALA B 134 13.64 -0.54 -21.96
N PRO B 135 12.41 -0.29 -21.47
CA PRO B 135 11.40 -1.35 -21.51
C PRO B 135 11.28 -1.89 -22.94
N GLY B 136 10.78 -3.11 -23.07
CA GLY B 136 10.65 -3.69 -24.39
C GLY B 136 11.54 -4.90 -24.57
N PHE B 137 11.84 -5.23 -25.82
CA PHE B 137 12.64 -6.40 -26.13
C PHE B 137 14.05 -6.43 -25.56
N LYS B 138 14.68 -5.27 -25.41
CA LYS B 138 16.03 -5.26 -24.84
C LYS B 138 15.96 -5.63 -23.36
N LEU B 139 14.93 -5.14 -22.67
CA LEU B 139 14.78 -5.47 -21.27
C LEU B 139 14.47 -6.97 -21.09
N ASP B 140 13.39 -7.45 -21.70
CA ASP B 140 12.98 -8.85 -21.56
C ASP B 140 14.05 -9.84 -21.94
N HIS B 141 14.82 -9.51 -22.97
CA HIS B 141 15.88 -10.36 -23.41
C HIS B 141 16.93 -10.44 -22.30
N ALA B 142 17.47 -9.28 -21.93
CA ALA B 142 18.50 -9.20 -20.89
C ALA B 142 18.01 -9.90 -19.61
N TRP B 143 16.80 -9.56 -19.17
CA TRP B 143 16.26 -10.16 -17.97
C TRP B 143 16.15 -11.67 -18.15
N ALA B 144 15.66 -12.11 -19.31
CA ALA B 144 15.56 -13.53 -19.58
C ALA B 144 16.98 -14.07 -19.66
N GLY B 145 17.93 -13.15 -19.75
CA GLY B 145 19.33 -13.53 -19.80
C GLY B 145 20.02 -13.46 -18.45
N ILE B 146 19.31 -12.94 -17.45
CA ILE B 146 19.85 -12.84 -16.09
C ILE B 146 19.22 -13.92 -15.23
N ALA B 147 17.92 -14.10 -15.38
CA ALA B 147 17.19 -15.13 -14.64
C ALA B 147 17.89 -16.48 -14.81
N ARG B 148 18.15 -16.83 -16.07
CA ARG B 148 18.81 -18.08 -16.42
C ARG B 148 20.18 -18.10 -15.78
N ALA B 149 20.73 -16.92 -15.51
CA ALA B 149 22.04 -16.83 -14.87
C ALA B 149 21.89 -16.99 -13.34
N VAL B 150 20.68 -16.77 -12.85
CA VAL B 150 20.42 -16.93 -11.42
C VAL B 150 19.90 -18.34 -11.14
N VAL B 151 19.44 -19.02 -12.18
CA VAL B 151 18.94 -20.39 -12.04
C VAL B 151 20.02 -21.44 -12.29
N GLU B 152 20.89 -21.21 -13.28
CA GLU B 152 21.96 -22.17 -13.59
C GLU B 152 23.06 -22.25 -12.53
N GLY B 153 23.25 -21.18 -11.77
CA GLY B 153 24.27 -21.21 -10.75
C GLY B 153 25.18 -19.99 -10.80
N ARG B 154 25.45 -19.49 -12.00
CA ARG B 154 26.30 -18.31 -12.15
C ARG B 154 25.91 -17.29 -11.09
N LEU B 155 24.84 -16.53 -11.33
CA LEU B 155 24.39 -15.52 -10.37
C LEU B 155 23.66 -16.20 -9.21
N GLN B 156 23.34 -15.44 -8.17
CA GLN B 156 22.67 -15.99 -6.98
C GLN B 156 21.33 -15.31 -6.68
N VAL B 157 21.08 -14.19 -7.33
CA VAL B 157 19.84 -13.45 -7.10
C VAL B 157 19.86 -12.13 -7.90
N ALA B 158 18.76 -11.82 -8.57
CA ALA B 158 18.70 -10.59 -9.34
C ALA B 158 17.29 -10.08 -9.40
N LYS B 159 17.14 -8.81 -9.78
CA LYS B 159 15.82 -8.22 -9.88
C LYS B 159 15.75 -7.07 -10.86
N VAL B 160 14.52 -6.70 -11.24
CA VAL B 160 14.32 -5.62 -12.18
C VAL B 160 13.12 -4.75 -11.79
N SER B 161 13.20 -3.48 -12.16
CA SER B 161 12.14 -2.54 -11.87
C SER B 161 10.88 -2.93 -12.65
N PRO B 162 9.74 -3.09 -11.97
CA PRO B 162 8.57 -3.46 -12.78
C PRO B 162 8.15 -2.19 -13.53
N ARG B 163 7.43 -2.31 -14.64
CA ARG B 163 7.03 -1.14 -15.42
C ARG B 163 6.40 -0.06 -14.53
N ALA B 164 7.04 1.11 -14.51
CA ALA B 164 6.57 2.25 -13.73
C ALA B 164 5.60 3.11 -14.53
N LYS B 165 4.84 3.94 -13.83
CA LYS B 165 3.85 4.81 -14.47
C LYS B 165 4.48 5.81 -15.44
N GLU B 166 5.44 6.59 -14.97
CA GLU B 166 6.09 7.57 -15.84
C GLU B 166 7.06 6.87 -16.77
N GLY B 167 6.90 5.56 -16.90
CA GLY B 167 7.75 4.76 -17.77
C GLY B 167 9.24 5.03 -17.60
N GLY B 168 9.99 4.86 -18.68
CA GLY B 168 11.42 5.09 -18.63
C GLY B 168 12.21 3.81 -18.41
N ARG B 169 13.51 3.96 -18.19
CA ARG B 169 14.38 2.81 -17.97
C ARG B 169 14.07 2.07 -16.68
N GLN B 170 14.24 0.76 -16.71
CA GLN B 170 14.02 -0.09 -15.55
C GLN B 170 15.36 -0.71 -15.19
N VAL B 171 15.67 -0.69 -13.90
CA VAL B 171 16.95 -1.20 -13.44
C VAL B 171 16.94 -2.63 -12.94
N ILE B 172 17.98 -3.37 -13.34
CA ILE B 172 18.18 -4.74 -12.91
C ILE B 172 19.28 -4.68 -11.86
N CYS B 173 19.17 -5.54 -10.85
CA CYS B 173 20.14 -5.61 -9.77
C CYS B 173 20.66 -7.04 -9.67
N VAL B 174 21.98 -7.21 -9.77
CA VAL B 174 22.60 -8.52 -9.66
C VAL B 174 23.47 -8.56 -8.40
N TYR B 175 23.21 -9.51 -7.51
CA TYR B 175 23.95 -9.63 -6.27
C TYR B 175 25.11 -10.61 -6.22
N THR B 176 26.15 -10.22 -5.48
CA THR B 176 27.32 -11.07 -5.23
C THR B 176 27.41 -11.08 -3.69
N ASP B 177 28.02 -12.10 -3.11
CA ASP B 177 28.08 -12.19 -1.66
C ASP B 177 28.86 -11.13 -0.90
N ASP B 178 30.01 -10.71 -1.42
CA ASP B 178 30.85 -9.71 -0.73
C ASP B 178 31.51 -8.70 -1.65
N PHE B 179 31.32 -7.42 -1.36
CA PHE B 179 31.91 -6.39 -2.19
C PHE B 179 33.43 -6.27 -2.10
N THR B 180 34.03 -6.82 -1.05
CA THR B 180 35.48 -6.73 -0.94
C THR B 180 36.14 -7.87 -1.68
N ASP B 181 35.34 -8.82 -2.13
CA ASP B 181 35.83 -9.98 -2.88
C ASP B 181 35.80 -9.70 -4.38
N ARG B 182 36.70 -8.83 -4.82
CA ARG B 182 36.80 -8.42 -6.21
C ARG B 182 36.60 -9.49 -7.28
N LEU B 183 37.21 -10.65 -7.11
CA LEU B 183 37.10 -11.70 -8.11
C LEU B 183 35.69 -12.27 -8.19
N GLY B 184 35.15 -12.70 -7.06
CA GLY B 184 33.81 -13.25 -7.04
C GLY B 184 32.78 -12.29 -7.61
N VAL B 185 33.22 -11.06 -7.88
CA VAL B 185 32.36 -10.02 -8.43
C VAL B 185 32.55 -9.97 -9.96
N LEU B 186 33.79 -10.16 -10.40
CA LEU B 186 34.13 -10.16 -11.81
C LEU B 186 33.41 -11.26 -12.56
N GLU B 187 33.45 -12.45 -11.99
CA GLU B 187 32.81 -13.61 -12.59
C GLU B 187 31.34 -13.23 -12.83
N ALA B 188 30.76 -12.51 -11.88
CA ALA B 188 29.38 -12.06 -12.02
C ALA B 188 29.28 -11.22 -13.29
N ASP B 189 30.15 -10.21 -13.39
CA ASP B 189 30.21 -9.32 -14.55
C ASP B 189 30.25 -10.17 -15.81
N SER B 190 31.02 -11.26 -15.75
CA SER B 190 31.14 -12.17 -16.89
C SER B 190 29.83 -12.90 -17.20
N ALA B 191 29.09 -13.24 -16.15
CA ALA B 191 27.81 -13.91 -16.34
C ALA B 191 26.83 -12.92 -16.97
N ILE B 192 26.80 -11.72 -16.41
CA ILE B 192 25.93 -10.68 -16.91
C ILE B 192 26.14 -10.48 -18.40
N ARG B 193 27.30 -9.92 -18.78
CA ARG B 193 27.61 -9.65 -20.19
C ARG B 193 27.17 -10.81 -21.07
N ALA B 194 27.54 -12.03 -20.68
CA ALA B 194 27.17 -13.21 -21.44
C ALA B 194 25.66 -13.24 -21.72
N ALA B 195 24.90 -12.43 -20.99
CA ALA B 195 23.46 -12.36 -21.21
C ALA B 195 23.16 -11.25 -22.25
N GLY B 196 24.22 -10.65 -22.79
CA GLY B 196 24.07 -9.62 -23.80
C GLY B 196 23.93 -8.19 -23.33
N ILE B 197 24.11 -7.94 -22.03
CA ILE B 197 24.01 -6.58 -21.52
C ILE B 197 25.31 -5.83 -21.80
N LYS B 198 25.20 -4.73 -22.52
CA LYS B 198 26.37 -3.95 -22.92
C LYS B 198 26.44 -2.55 -22.32
N CYS B 199 25.39 -2.18 -21.60
CA CYS B 199 25.32 -0.87 -20.96
C CYS B 199 26.28 -0.74 -19.78
N LEU B 200 26.43 0.48 -19.31
CA LEU B 200 27.28 0.78 -18.17
C LEU B 200 26.80 -0.06 -16.99
N LEU B 201 27.75 -0.55 -16.21
CA LEU B 201 27.43 -1.35 -15.04
C LEU B 201 28.22 -0.87 -13.84
N THR B 202 27.52 -0.24 -12.88
CA THR B 202 28.17 0.23 -11.68
C THR B 202 27.84 -0.78 -10.59
N TYR B 203 28.74 -0.92 -9.62
CA TYR B 203 28.54 -1.85 -8.53
C TYR B 203 28.38 -1.13 -7.19
N LYS B 204 27.21 -1.31 -6.57
CA LYS B 204 26.92 -0.66 -5.32
C LYS B 204 26.82 -1.65 -4.16
N PRO B 205 27.88 -1.75 -3.34
CA PRO B 205 27.81 -2.70 -2.23
C PRO B 205 26.60 -2.40 -1.31
N ASP B 206 25.91 -3.44 -0.86
CA ASP B 206 24.74 -3.24 -0.02
C ASP B 206 24.89 -2.33 1.22
N VAL B 207 26.12 -2.12 1.71
CA VAL B 207 26.30 -1.25 2.86
C VAL B 207 26.04 0.21 2.51
N TYR B 208 25.75 0.48 1.25
CA TYR B 208 25.43 1.85 0.81
C TYR B 208 23.92 2.03 0.86
N THR B 209 23.19 0.94 0.62
CA THR B 209 21.74 0.98 0.63
C THR B 209 21.13 0.62 2.00
N TYR B 210 21.62 -0.44 2.63
CA TYR B 210 21.12 -0.81 3.95
C TYR B 210 21.21 0.38 4.88
N LEU B 211 22.13 1.30 4.56
CA LEU B 211 22.33 2.50 5.36
C LEU B 211 21.56 3.68 4.74
N GLY B 212 21.84 4.00 3.49
CA GLY B 212 21.14 5.10 2.86
C GLY B 212 21.91 6.05 1.95
N ILE B 213 23.16 5.75 1.65
CA ILE B 213 23.91 6.64 0.77
C ILE B 213 23.44 6.46 -0.68
N TYR B 214 22.59 7.37 -1.13
CA TYR B 214 22.03 7.31 -2.48
C TYR B 214 22.68 8.29 -3.47
N ARG B 215 22.08 8.40 -4.65
CA ARG B 215 22.57 9.27 -5.71
C ARG B 215 23.45 10.41 -5.22
N ALA B 216 22.85 11.52 -4.82
CA ALA B 216 23.62 12.66 -4.32
C ALA B 216 23.63 12.65 -2.79
N ASN B 217 24.74 13.08 -2.20
CA ASN B 217 24.85 13.14 -0.74
C ASN B 217 25.70 14.32 -0.29
N ARG B 218 25.42 14.81 0.90
CA ARG B 218 26.12 15.97 1.48
C ARG B 218 27.61 15.73 1.68
N TRP B 219 27.98 14.46 1.83
CA TRP B 219 29.36 14.08 2.06
C TRP B 219 30.18 13.94 0.79
N HIS B 220 29.51 14.01 -0.36
CA HIS B 220 30.19 13.91 -1.64
C HIS B 220 30.79 12.52 -1.85
N LEU B 221 30.13 11.50 -1.32
CA LEU B 221 30.59 10.14 -1.52
C LEU B 221 30.03 9.64 -2.84
N CYS B 222 30.78 8.79 -3.53
CA CYS B 222 30.28 8.26 -4.80
C CYS B 222 29.75 6.86 -4.48
N PRO B 223 28.61 6.49 -5.08
CA PRO B 223 28.03 5.18 -4.82
C PRO B 223 28.78 4.02 -5.50
N THR B 224 29.16 4.22 -6.76
CA THR B 224 29.86 3.17 -7.48
C THR B 224 31.16 2.76 -6.82
N LEU B 225 31.37 1.47 -6.67
CA LEU B 225 32.59 0.97 -6.08
C LEU B 225 33.33 0.25 -7.22
N TYR B 226 32.56 -0.16 -8.22
CA TYR B 226 33.11 -0.85 -9.36
C TYR B 226 32.29 -0.48 -10.58
N GLU B 227 32.88 0.39 -11.41
CA GLU B 227 32.26 0.88 -12.62
C GLU B 227 32.72 -0.06 -13.71
N SER B 228 31.78 -0.54 -14.53
CA SER B 228 32.11 -1.45 -15.62
C SER B 228 31.54 -0.91 -16.93
N ARG B 229 32.42 -0.75 -17.92
CA ARG B 229 32.06 -0.25 -19.24
C ARG B 229 32.34 -1.34 -20.27
N PHE B 230 31.38 -1.64 -21.13
CA PHE B 230 31.63 -2.69 -22.12
C PHE B 230 32.39 -2.18 -23.33
N GLN B 231 33.19 -3.06 -23.92
CA GLN B 231 33.98 -2.68 -25.08
C GLN B 231 33.64 -3.47 -26.34
N LEU B 232 33.16 -2.76 -27.36
CA LEU B 232 32.79 -3.33 -28.65
C LEU B 232 33.94 -3.21 -29.64
N GLY B 233 33.84 -3.91 -30.76
CA GLY B 233 34.87 -3.81 -31.78
C GLY B 233 35.71 -5.02 -32.11
N GLY B 234 36.16 -5.74 -31.10
CA GLY B 234 36.98 -6.92 -31.36
C GLY B 234 38.45 -6.67 -31.12
N SER B 235 38.83 -5.41 -30.89
CA SER B 235 40.21 -5.06 -30.64
C SER B 235 40.40 -4.66 -29.18
N ALA B 236 39.44 -5.09 -28.36
CA ALA B 236 39.43 -4.83 -26.93
C ALA B 236 38.66 -5.97 -26.26
N ARG B 237 39.03 -6.28 -25.03
CA ARG B 237 38.33 -7.32 -24.29
C ARG B 237 36.96 -6.74 -23.96
N GLY B 238 35.99 -7.61 -23.69
CA GLY B 238 34.67 -7.14 -23.37
C GLY B 238 34.63 -6.09 -22.27
N SER B 239 34.30 -6.53 -21.06
CA SER B 239 34.19 -5.65 -19.90
C SER B 239 35.51 -5.03 -19.43
N ARG B 240 35.49 -3.74 -19.14
CA ARG B 240 36.66 -3.06 -18.61
C ARG B 240 36.30 -2.74 -17.16
N VAL B 241 36.64 -3.65 -16.26
CA VAL B 241 36.32 -3.49 -14.84
C VAL B 241 37.31 -2.61 -14.12
N LEU B 242 36.79 -1.62 -13.39
CA LEU B 242 37.60 -0.68 -12.66
C LEU B 242 37.19 -0.49 -11.19
N ASP B 243 38.10 -0.81 -10.26
CA ASP B 243 37.84 -0.62 -8.83
C ASP B 243 37.98 0.89 -8.68
N ARG B 244 36.91 1.57 -8.30
CA ARG B 244 36.96 3.02 -8.19
C ARG B 244 37.63 3.53 -6.91
N ALA B 245 37.49 2.81 -5.82
CA ALA B 245 38.10 3.25 -4.57
C ALA B 245 39.63 3.40 -4.71
N ASN B 246 40.17 3.03 -5.86
CA ASN B 246 41.61 3.12 -6.10
C ASN B 246 41.96 3.34 -7.57
N ASN B 247 40.94 3.41 -8.43
CA ASN B 247 41.17 3.59 -9.86
C ASN B 247 42.19 2.55 -10.30
N VAL B 248 41.84 1.30 -10.06
CA VAL B 248 42.67 0.15 -10.40
C VAL B 248 41.84 -0.82 -11.24
N GLU B 249 42.34 -1.15 -12.43
CA GLU B 249 41.61 -2.06 -13.30
C GLU B 249 41.63 -3.46 -12.69
N LEU B 250 40.44 -4.03 -12.53
CA LEU B 250 40.31 -5.36 -11.98
C LEU B 250 40.27 -6.28 -13.18
N THR B 251 40.31 -5.65 -14.35
CA THR B 251 40.28 -6.28 -15.67
C THR B 251 38.85 -6.22 -16.21
N MSE C 30 -39.88 2.44 -1.74
CA MSE C 30 -40.14 3.35 -2.88
C MSE C 30 -38.96 4.30 -3.13
O MSE C 30 -38.82 5.33 -2.46
CB MSE C 30 -41.40 4.19 -2.63
CG MSE C 30 -42.72 3.40 -2.70
SE MSE C 30 -43.18 2.76 -4.48
CE MSE C 30 -43.92 4.37 -5.23
N ALA C 31 -38.11 3.94 -4.08
CA ALA C 31 -36.96 4.75 -4.43
C ALA C 31 -37.18 5.37 -5.81
N ALA C 32 -36.50 6.47 -6.07
CA ALA C 32 -36.60 7.18 -7.35
C ALA C 32 -36.22 6.25 -8.49
N ASP C 33 -35.25 5.38 -8.24
CA ASP C 33 -34.80 4.41 -9.24
C ASP C 33 -34.70 3.04 -8.60
N MSE C 34 -35.69 2.21 -8.90
CA MSE C 34 -35.77 0.87 -8.34
C MSE C 34 -35.50 -0.17 -9.42
O MSE C 34 -35.67 -1.37 -9.19
CB MSE C 34 -37.16 0.65 -7.71
CG MSE C 34 -37.48 1.60 -6.55
SE MSE C 34 -39.25 1.30 -5.75
CE MSE C 34 -40.30 2.31 -7.03
N ASP C 35 -35.06 0.28 -10.59
CA ASP C 35 -34.79 -0.64 -11.69
C ASP C 35 -33.35 -1.17 -11.74
N PRO C 36 -33.10 -2.15 -12.61
CA PRO C 36 -31.74 -2.70 -12.72
C PRO C 36 -30.93 -1.68 -13.51
N TRP C 37 -29.69 -2.02 -13.78
CA TRP C 37 -28.80 -1.17 -14.56
C TRP C 37 -28.09 -2.07 -15.57
N LEU C 38 -27.72 -1.52 -16.72
CA LEU C 38 -26.96 -2.23 -17.74
C LEU C 38 -25.54 -1.96 -17.31
N VAL C 39 -24.84 -3.01 -16.87
CA VAL C 39 -23.50 -2.85 -16.33
C VAL C 39 -22.38 -3.68 -16.95
N PHE C 40 -21.33 -3.01 -17.41
CA PHE C 40 -20.18 -3.77 -17.87
C PHE C 40 -19.24 -3.74 -16.68
N ASP C 41 -19.12 -4.86 -15.98
CA ASP C 41 -18.26 -4.91 -14.80
C ASP C 41 -16.88 -5.38 -15.23
N ALA C 42 -15.94 -4.45 -15.34
CA ALA C 42 -14.59 -4.81 -15.79
C ALA C 42 -13.93 -5.85 -14.89
N ARG C 43 -14.22 -5.83 -13.60
CA ARG C 43 -13.63 -6.80 -12.68
C ARG C 43 -14.10 -8.19 -13.10
N THR C 44 -15.32 -8.28 -13.58
CA THR C 44 -15.91 -9.55 -14.00
C THR C 44 -15.71 -9.91 -15.48
N THR C 45 -15.95 -8.97 -16.40
CA THR C 45 -15.79 -9.26 -17.81
C THR C 45 -14.46 -8.80 -18.41
N PRO C 46 -13.87 -9.63 -19.29
CA PRO C 46 -12.58 -9.28 -19.91
C PRO C 46 -12.75 -8.11 -20.88
N ALA C 47 -11.84 -7.14 -20.79
CA ALA C 47 -11.84 -5.95 -21.62
C ALA C 47 -12.06 -6.26 -23.09
N THR C 48 -11.68 -7.46 -23.50
CA THR C 48 -11.82 -7.87 -24.88
C THR C 48 -13.26 -7.99 -25.29
N GLU C 49 -14.17 -7.72 -24.36
CA GLU C 49 -15.58 -7.82 -24.67
C GLU C 49 -16.30 -6.49 -24.49
N LEU C 50 -15.55 -5.43 -24.23
CA LEU C 50 -16.19 -4.12 -24.04
C LEU C 50 -16.96 -3.63 -25.26
N ASP C 51 -16.34 -3.72 -26.44
CA ASP C 51 -16.99 -3.23 -27.66
C ASP C 51 -18.28 -3.93 -28.11
N ALA C 52 -18.37 -5.24 -27.90
CA ALA C 52 -19.58 -5.96 -28.28
C ALA C 52 -20.72 -5.47 -27.39
N TRP C 53 -20.35 -5.05 -26.19
CA TRP C 53 -21.33 -4.54 -25.23
C TRP C 53 -21.84 -3.17 -25.67
N LEU C 54 -20.92 -2.25 -25.93
CA LEU C 54 -21.29 -0.91 -26.37
C LEU C 54 -22.11 -1.05 -27.64
N ALA C 55 -21.67 -1.93 -28.52
CA ALA C 55 -22.34 -2.16 -29.79
C ALA C 55 -23.80 -2.54 -29.58
N LYS C 56 -24.06 -3.39 -28.60
CA LYS C 56 -25.41 -3.85 -28.32
C LYS C 56 -26.27 -2.88 -27.51
N TYR C 57 -25.66 -2.04 -26.70
CA TYR C 57 -26.44 -1.13 -25.87
C TYR C 57 -26.07 0.34 -25.95
N PRO C 58 -25.91 0.89 -27.15
CA PRO C 58 -25.57 2.33 -27.12
C PRO C 58 -26.62 3.11 -26.32
N PRO C 59 -26.17 4.07 -25.48
CA PRO C 59 -27.10 4.87 -24.67
C PRO C 59 -28.15 5.61 -25.48
N SER C 60 -28.10 5.43 -26.79
CA SER C 60 -29.06 6.08 -27.68
C SER C 60 -30.29 5.20 -27.86
N GLN C 61 -30.05 3.90 -27.94
CA GLN C 61 -31.11 2.94 -28.16
C GLN C 61 -31.72 2.36 -26.88
N VAL C 62 -30.92 2.29 -25.81
CA VAL C 62 -31.40 1.79 -24.52
C VAL C 62 -32.41 2.80 -23.94
N THR C 63 -33.59 2.32 -23.54
CA THR C 63 -34.62 3.23 -23.01
C THR C 63 -34.88 3.09 -21.51
N ARG C 64 -35.23 4.22 -20.89
CA ARG C 64 -35.51 4.25 -19.45
C ARG C 64 -36.68 3.37 -19.04
N TYR C 65 -37.54 2.98 -19.99
CA TYR C 65 -38.68 2.15 -19.62
C TYR C 65 -38.95 0.90 -20.43
N GLY C 66 -37.99 0.50 -21.25
CA GLY C 66 -38.18 -0.70 -22.03
C GLY C 66 -39.07 -0.54 -23.26
N ASP C 67 -39.10 0.66 -23.82
CA ASP C 67 -39.88 0.96 -25.02
C ASP C 67 -39.83 -0.20 -26.01
N PRO C 68 -40.99 -0.63 -26.53
CA PRO C 68 -40.93 -1.73 -27.50
C PRO C 68 -40.01 -1.27 -28.63
N GLY C 69 -39.20 -2.16 -29.19
CA GLY C 69 -38.31 -1.76 -30.25
C GLY C 69 -36.95 -1.30 -29.75
N SER C 70 -36.72 -1.44 -28.44
CA SER C 70 -35.46 -1.05 -27.81
C SER C 70 -34.59 -2.27 -27.55
N PRO C 71 -33.27 -2.07 -27.41
CA PRO C 71 -32.44 -3.25 -27.15
C PRO C 71 -32.89 -3.89 -25.83
N ASN C 72 -33.23 -3.06 -24.85
CA ASN C 72 -33.71 -3.55 -23.54
C ASN C 72 -35.24 -3.66 -23.49
N SER C 73 -35.76 -4.79 -23.02
CA SER C 73 -37.22 -4.97 -22.95
C SER C 73 -37.83 -4.54 -21.62
N GLU C 74 -36.97 -4.31 -20.63
CA GLU C 74 -37.43 -3.87 -19.32
C GLU C 74 -36.71 -2.58 -18.95
N PRO C 75 -37.33 -1.74 -18.11
CA PRO C 75 -36.75 -0.47 -17.66
C PRO C 75 -35.27 -0.60 -17.24
N VAL C 76 -34.55 0.51 -17.31
CA VAL C 76 -33.15 0.54 -16.93
C VAL C 76 -32.82 1.93 -16.38
N GLY C 77 -32.50 1.97 -15.09
CA GLY C 77 -32.19 3.24 -14.44
C GLY C 77 -30.96 3.92 -14.96
N TRP C 78 -29.91 3.13 -15.19
CA TRP C 78 -28.64 3.65 -15.72
C TRP C 78 -27.95 2.57 -16.52
N ILE C 79 -26.88 2.96 -17.20
CA ILE C 79 -26.02 2.10 -17.99
C ILE C 79 -24.70 2.40 -17.26
N ALA C 80 -24.12 1.40 -16.60
CA ALA C 80 -22.89 1.62 -15.81
C ALA C 80 -21.60 1.06 -16.36
N VAL C 81 -20.50 1.64 -15.88
CA VAL C 81 -19.17 1.20 -16.25
C VAL C 81 -18.22 1.25 -15.06
N TYR C 82 -18.01 0.09 -14.45
CA TYR C 82 -17.13 -0.05 -13.29
C TYR C 82 -15.77 -0.55 -13.74
N GLY C 83 -14.71 0.15 -13.31
CA GLY C 83 -13.37 -0.23 -13.70
C GLY C 83 -12.79 -1.28 -12.77
N GLN C 84 -12.14 -2.29 -13.33
CA GLN C 84 -11.53 -3.35 -12.52
C GLN C 84 -10.92 -2.77 -11.26
N GLY C 85 -11.17 -3.42 -10.13
CA GLY C 85 -10.64 -2.92 -8.89
C GLY C 85 -11.42 -1.72 -8.37
N TYR C 86 -12.48 -1.33 -9.08
CA TYR C 86 -13.32 -0.21 -8.68
C TYR C 86 -13.52 -0.25 -7.16
N SER C 87 -13.46 0.90 -6.52
CA SER C 87 -13.64 0.96 -5.08
C SER C 87 -14.12 2.32 -4.59
N PRO C 88 -15.29 2.36 -3.93
CA PRO C 88 -15.84 3.61 -3.40
C PRO C 88 -15.12 4.00 -2.11
N ASN C 89 -15.06 5.30 -1.85
CA ASN C 89 -14.40 5.83 -0.66
C ASN C 89 -15.34 6.84 0.04
N SER C 90 -16.51 6.37 0.46
CA SER C 90 -17.49 7.24 1.11
C SER C 90 -17.22 7.48 2.61
N GLY C 91 -18.20 8.08 3.28
CA GLY C 91 -18.07 8.38 4.71
C GLY C 91 -19.33 8.14 5.50
N ASP C 92 -19.88 9.18 6.11
CA ASP C 92 -21.08 9.02 6.91
C ASP C 92 -22.16 10.05 6.61
N VAL C 93 -22.98 9.76 5.61
CA VAL C 93 -24.05 10.66 5.20
C VAL C 93 -25.00 10.92 6.35
N GLN C 94 -25.04 9.96 7.28
CA GLN C 94 -25.88 10.06 8.47
C GLN C 94 -25.35 11.20 9.33
N GLY C 95 -24.05 11.13 9.65
CA GLY C 95 -23.44 12.17 10.44
C GLY C 95 -23.48 13.49 9.69
N LEU C 96 -23.28 13.42 8.38
CA LEU C 96 -23.30 14.60 7.54
C LEU C 96 -24.68 15.26 7.64
N GLN C 97 -25.72 14.44 7.58
CA GLN C 97 -27.11 14.92 7.64
C GLN C 97 -27.34 15.71 8.92
N ALA C 98 -26.93 15.14 10.04
CA ALA C 98 -27.08 15.78 11.34
C ALA C 98 -26.28 17.08 11.44
N ALA C 99 -25.05 17.05 10.95
CA ALA C 99 -24.20 18.24 10.96
C ALA C 99 -24.87 19.30 10.10
N TRP C 100 -25.54 18.86 9.05
CA TRP C 100 -26.23 19.77 8.14
C TRP C 100 -27.43 20.42 8.84
N GLU C 101 -27.95 19.75 9.86
CA GLU C 101 -29.08 20.28 10.61
C GLU C 101 -28.59 21.30 11.63
N ALA C 102 -27.47 20.96 12.28
CA ALA C 102 -26.87 21.85 13.26
C ALA C 102 -26.35 23.06 12.53
N LEU C 103 -25.66 22.78 11.42
CA LEU C 103 -25.06 23.82 10.60
C LEU C 103 -26.09 24.83 10.12
N GLN C 104 -27.36 24.43 10.11
CA GLN C 104 -28.41 25.34 9.66
C GLN C 104 -28.95 26.20 10.78
N THR C 105 -29.68 25.58 11.70
CA THR C 105 -30.26 26.30 12.83
C THR C 105 -29.22 27.14 13.56
N SER C 106 -27.94 26.89 13.28
CA SER C 106 -26.88 27.66 13.92
C SER C 106 -26.96 29.11 13.47
N GLY C 107 -27.55 29.32 12.30
CA GLY C 107 -27.67 30.66 11.76
C GLY C 107 -26.38 31.08 11.10
N ARG C 108 -25.30 30.40 11.46
CA ARG C 108 -23.97 30.69 10.92
C ARG C 108 -24.00 30.68 9.39
N PRO C 109 -23.04 31.37 8.75
CA PRO C 109 -22.97 31.44 7.29
C PRO C 109 -22.72 30.12 6.58
N ILE C 110 -23.51 29.84 5.55
CA ILE C 110 -23.36 28.62 4.78
C ILE C 110 -22.68 28.98 3.46
N THR C 111 -21.48 28.47 3.26
CA THR C 111 -20.73 28.75 2.06
C THR C 111 -20.04 27.50 1.51
N PRO C 112 -19.39 27.61 0.34
CA PRO C 112 -18.71 26.45 -0.22
C PRO C 112 -17.72 25.83 0.78
N GLY C 113 -17.03 26.69 1.50
CA GLY C 113 -16.06 26.23 2.48
C GLY C 113 -16.72 25.55 3.68
N THR C 114 -17.77 26.16 4.21
CA THR C 114 -18.46 25.56 5.35
C THR C 114 -18.93 24.17 4.94
N LEU C 115 -19.59 24.09 3.78
CA LEU C 115 -20.07 22.81 3.30
C LEU C 115 -18.90 21.91 2.99
N ARG C 116 -17.79 22.50 2.57
CA ARG C 116 -16.60 21.74 2.26
C ARG C 116 -16.08 21.04 3.51
N GLN C 117 -15.97 21.78 4.61
CA GLN C 117 -15.48 21.23 5.86
C GLN C 117 -16.38 20.09 6.34
N LEU C 118 -17.69 20.24 6.16
CA LEU C 118 -18.61 19.17 6.53
C LEU C 118 -18.20 17.88 5.81
N ALA C 119 -17.85 18.01 4.53
CA ALA C 119 -17.46 16.87 3.70
C ALA C 119 -16.15 16.19 4.11
N ILE C 120 -15.19 16.98 4.55
CA ILE C 120 -13.91 16.44 4.97
C ILE C 120 -14.10 15.73 6.31
N THR C 121 -14.83 16.38 7.21
CA THR C 121 -15.08 15.83 8.54
C THR C 121 -15.80 14.49 8.53
N HIS C 122 -16.80 14.37 7.65
CA HIS C 122 -17.59 13.16 7.57
C HIS C 122 -17.19 12.28 6.40
N HIS C 123 -16.09 12.65 5.76
CA HIS C 123 -15.57 11.89 4.63
C HIS C 123 -16.55 11.59 3.48
N VAL C 124 -17.41 12.54 3.16
CA VAL C 124 -18.33 12.40 2.04
C VAL C 124 -17.73 13.42 1.05
N LEU C 125 -16.68 12.99 0.33
CA LEU C 125 -15.95 13.88 -0.57
C LEU C 125 -15.90 13.51 -2.04
N SER C 126 -16.41 12.34 -2.39
CA SER C 126 -16.40 11.89 -3.77
C SER C 126 -17.38 12.70 -4.63
N GLY C 127 -17.38 12.44 -5.93
CA GLY C 127 -18.26 13.17 -6.83
C GLY C 127 -17.97 12.85 -8.28
N LYS C 128 -18.43 13.70 -9.19
CA LYS C 128 -18.18 13.44 -10.60
C LYS C 128 -18.29 14.64 -11.53
N TRP C 129 -17.81 14.43 -12.75
CA TRP C 129 -17.88 15.42 -13.81
C TRP C 129 -19.18 15.07 -14.54
N LEU C 130 -19.93 16.10 -14.96
CA LEU C 130 -21.18 15.88 -15.68
C LEU C 130 -21.13 16.53 -17.07
N MSE C 131 -21.84 15.92 -18.01
CA MSE C 131 -21.89 16.43 -19.37
C MSE C 131 -23.18 15.98 -20.01
O MSE C 131 -23.63 14.85 -19.80
CB MSE C 131 -20.68 15.94 -20.16
CG MSE C 131 -20.56 14.43 -20.23
SE MSE C 131 -18.74 13.81 -20.01
CE MSE C 131 -18.69 13.83 -18.09
N HIS C 132 -23.77 16.88 -20.80
CA HIS C 132 -25.03 16.62 -21.48
C HIS C 132 -24.79 16.75 -22.98
N LEU C 133 -24.28 15.69 -23.58
CA LEU C 133 -23.96 15.67 -25.00
C LEU C 133 -25.13 15.52 -25.95
N ALA C 134 -24.92 16.03 -27.17
CA ALA C 134 -25.89 15.96 -28.24
C ALA C 134 -26.21 14.49 -28.47
N PRO C 135 -27.51 14.13 -28.49
CA PRO C 135 -27.95 12.75 -28.70
C PRO C 135 -27.33 12.10 -29.94
N GLY C 136 -27.84 10.91 -30.25
CA GLY C 136 -27.33 10.17 -31.39
C GLY C 136 -25.93 9.63 -31.21
N PHE C 137 -25.27 9.48 -32.35
CA PHE C 137 -23.93 8.96 -32.41
C PHE C 137 -22.89 9.87 -31.79
N LYS C 138 -23.28 11.09 -31.43
CA LYS C 138 -22.32 12.01 -30.82
C LYS C 138 -22.17 11.57 -29.35
N LEU C 139 -23.30 11.26 -28.73
CA LEU C 139 -23.28 10.78 -27.35
C LEU C 139 -22.76 9.34 -27.31
N ASP C 140 -23.17 8.52 -28.28
CA ASP C 140 -22.73 7.12 -28.30
C ASP C 140 -21.22 7.01 -28.48
N HIS C 141 -20.66 7.84 -29.34
CA HIS C 141 -19.23 7.80 -29.58
C HIS C 141 -18.54 8.28 -28.30
N ALA C 142 -19.10 9.30 -27.67
CA ALA C 142 -18.54 9.84 -26.45
C ALA C 142 -18.50 8.77 -25.36
N TRP C 143 -19.64 8.14 -25.13
CA TRP C 143 -19.79 7.09 -24.12
C TRP C 143 -18.79 5.96 -24.31
N ALA C 144 -18.69 5.44 -25.52
CA ALA C 144 -17.75 4.37 -25.84
C ALA C 144 -16.31 4.78 -25.49
N GLY C 145 -15.96 6.02 -25.80
CA GLY C 145 -14.63 6.50 -25.49
C GLY C 145 -14.34 6.40 -24.01
N ILE C 146 -15.27 6.91 -23.20
CA ILE C 146 -15.19 6.87 -21.74
C ILE C 146 -15.11 5.42 -21.29
N ALA C 147 -16.17 4.66 -21.57
CA ALA C 147 -16.22 3.24 -21.20
C ALA C 147 -14.84 2.61 -21.39
N ARG C 148 -14.20 2.94 -22.51
CA ARG C 148 -12.88 2.40 -22.78
C ARG C 148 -11.92 2.88 -21.66
N ALA C 149 -11.84 4.18 -21.45
CA ALA C 149 -10.96 4.73 -20.42
C ALA C 149 -11.08 4.03 -19.04
N VAL C 150 -12.30 3.86 -18.53
CA VAL C 150 -12.55 3.21 -17.25
C VAL C 150 -12.01 1.77 -17.29
N VAL C 151 -12.23 1.07 -18.41
CA VAL C 151 -11.74 -0.28 -18.52
C VAL C 151 -10.20 -0.33 -18.56
N GLU C 152 -9.57 0.66 -19.18
CA GLU C 152 -8.11 0.69 -19.23
C GLU C 152 -7.54 1.14 -17.89
N GLY C 153 -8.41 1.63 -17.01
CA GLY C 153 -8.00 2.08 -15.69
C GLY C 153 -7.68 3.56 -15.55
N ARG C 154 -8.01 4.35 -16.57
CA ARG C 154 -7.72 5.77 -16.51
C ARG C 154 -8.87 6.53 -15.86
N LEU C 155 -9.96 5.82 -15.61
CA LEU C 155 -11.14 6.38 -14.94
C LEU C 155 -11.63 5.28 -14.00
N GLN C 156 -12.33 5.65 -12.94
CA GLN C 156 -12.78 4.68 -11.95
C GLN C 156 -14.16 4.09 -12.24
N VAL C 157 -15.13 4.97 -12.47
CA VAL C 157 -16.48 4.52 -12.78
C VAL C 157 -17.17 5.62 -13.58
N ALA C 158 -18.20 5.24 -14.32
CA ALA C 158 -18.96 6.21 -15.12
C ALA C 158 -20.33 5.65 -15.43
N LYS C 159 -21.23 6.53 -15.83
CA LYS C 159 -22.57 6.12 -16.19
C LYS C 159 -23.19 7.10 -17.18
N VAL C 160 -24.10 6.60 -18.01
CA VAL C 160 -24.80 7.45 -18.92
C VAL C 160 -26.28 7.17 -18.70
N SER C 161 -27.09 8.21 -18.79
CA SER C 161 -28.53 8.04 -18.60
C SER C 161 -29.17 7.52 -19.87
N PRO C 162 -30.08 6.54 -19.74
CA PRO C 162 -30.75 6.02 -20.93
C PRO C 162 -31.73 7.08 -21.42
N ARG C 163 -32.07 7.00 -22.71
CA ARG C 163 -32.98 7.93 -23.35
C ARG C 163 -34.40 7.95 -22.77
N ALA C 164 -34.95 9.15 -22.65
CA ALA C 164 -36.30 9.33 -22.15
C ALA C 164 -37.28 9.30 -23.33
N LYS C 165 -38.50 8.84 -23.06
CA LYS C 165 -39.54 8.75 -24.10
C LYS C 165 -39.75 10.08 -24.84
N GLU C 166 -39.24 11.16 -24.28
CA GLU C 166 -39.38 12.48 -24.90
C GLU C 166 -38.10 12.83 -25.62
N GLY C 167 -37.20 11.86 -25.71
CA GLY C 167 -35.92 12.11 -26.35
C GLY C 167 -35.26 13.18 -25.50
N GLY C 168 -34.39 13.98 -26.12
CA GLY C 168 -33.74 15.04 -25.39
C GLY C 168 -32.31 14.71 -25.05
N ARG C 169 -31.82 15.34 -23.99
CA ARG C 169 -30.45 15.13 -23.57
C ARG C 169 -30.23 14.03 -22.55
N GLN C 170 -29.19 13.23 -22.79
CA GLN C 170 -28.82 12.14 -21.92
C GLN C 170 -27.49 12.54 -21.27
N VAL C 171 -27.37 12.29 -19.97
CA VAL C 171 -26.16 12.67 -19.24
C VAL C 171 -25.15 11.55 -19.03
N ILE C 172 -23.87 11.92 -19.06
CA ILE C 172 -22.77 11.00 -18.79
C ILE C 172 -22.13 11.52 -17.51
N CYS C 173 -21.89 10.61 -16.56
CA CYS C 173 -21.30 10.96 -15.29
C CYS C 173 -20.00 10.18 -15.10
N VAL C 174 -18.93 10.90 -14.78
CA VAL C 174 -17.63 10.27 -14.53
C VAL C 174 -17.23 10.67 -13.11
N TYR C 175 -17.37 9.72 -12.18
CA TYR C 175 -17.07 9.93 -10.76
C TYR C 175 -15.61 9.89 -10.34
N THR C 176 -15.25 10.76 -9.40
CA THR C 176 -13.90 10.80 -8.84
C THR C 176 -14.20 10.70 -7.34
N ASP C 177 -13.20 10.48 -6.50
CA ASP C 177 -13.53 10.29 -5.09
C ASP C 177 -13.03 11.27 -4.04
N ASP C 178 -12.92 12.54 -4.39
CA ASP C 178 -12.44 13.53 -3.44
C ASP C 178 -12.40 14.89 -4.11
N PHE C 179 -13.51 15.62 -4.07
CA PHE C 179 -13.53 16.92 -4.73
C PHE C 179 -12.39 17.84 -4.30
N THR C 180 -11.80 17.59 -3.14
CA THR C 180 -10.67 18.42 -2.69
C THR C 180 -9.36 17.89 -3.28
N ASP C 181 -9.44 16.75 -3.94
CA ASP C 181 -8.27 16.14 -4.57
C ASP C 181 -8.11 16.72 -5.99
N ARG C 182 -7.70 17.99 -6.06
CA ARG C 182 -7.57 18.69 -7.33
C ARG C 182 -6.85 18.00 -8.49
N LEU C 183 -5.73 17.35 -8.24
CA LEU C 183 -5.02 16.70 -9.34
C LEU C 183 -5.90 15.64 -9.97
N GLY C 184 -6.58 14.86 -9.13
CA GLY C 184 -7.45 13.82 -9.62
C GLY C 184 -8.63 14.36 -10.41
N VAL C 185 -9.16 15.49 -9.95
CA VAL C 185 -10.28 16.14 -10.62
C VAL C 185 -9.81 16.56 -12.03
N LEU C 186 -8.57 17.03 -12.13
CA LEU C 186 -8.03 17.44 -13.42
C LEU C 186 -7.68 16.24 -14.30
N GLU C 187 -7.05 15.22 -13.73
CA GLU C 187 -6.69 14.03 -14.51
C GLU C 187 -7.99 13.44 -15.08
N ALA C 188 -9.09 13.59 -14.33
CA ALA C 188 -10.37 13.10 -14.78
C ALA C 188 -10.77 13.92 -16.02
N ASP C 189 -10.65 15.25 -15.92
CA ASP C 189 -10.96 16.13 -17.03
C ASP C 189 -10.10 15.73 -18.24
N SER C 190 -8.85 15.36 -17.95
CA SER C 190 -7.95 14.94 -19.00
C SER C 190 -8.53 13.72 -19.69
N ALA C 191 -8.78 12.69 -18.90
CA ALA C 191 -9.31 11.45 -19.44
C ALA C 191 -10.55 11.73 -20.31
N ILE C 192 -11.36 12.69 -19.90
CA ILE C 192 -12.54 13.02 -20.68
C ILE C 192 -12.11 13.56 -22.05
N ARG C 193 -11.91 14.87 -22.17
CA ARG C 193 -11.49 15.47 -23.42
C ARG C 193 -10.69 14.50 -24.30
N ALA C 194 -9.70 13.83 -23.70
CA ALA C 194 -8.85 12.88 -24.43
C ALA C 194 -9.64 11.80 -25.13
N ALA C 195 -10.88 11.59 -24.68
CA ALA C 195 -11.74 10.58 -25.28
C ALA C 195 -12.52 11.22 -26.43
N GLY C 196 -12.15 12.45 -26.77
CA GLY C 196 -12.81 13.15 -27.86
C GLY C 196 -13.88 14.12 -27.43
N ILE C 197 -14.36 13.99 -26.18
CA ILE C 197 -15.40 14.86 -25.67
C ILE C 197 -14.94 16.32 -25.61
N LYS C 198 -15.74 17.22 -26.19
CA LYS C 198 -15.35 18.62 -26.21
C LYS C 198 -16.42 19.57 -25.69
N CYS C 199 -17.39 19.01 -24.96
CA CYS C 199 -18.48 19.81 -24.40
C CYS C 199 -18.16 20.33 -23.01
N LEU C 200 -19.06 21.17 -22.50
CA LEU C 200 -18.87 21.76 -21.18
C LEU C 200 -19.11 20.74 -20.06
N LEU C 201 -18.34 20.89 -18.97
CA LEU C 201 -18.48 20.02 -17.82
C LEU C 201 -18.41 20.85 -16.52
N THR C 202 -19.30 20.54 -15.57
CA THR C 202 -19.29 21.21 -14.27
C THR C 202 -19.16 20.07 -13.24
N TYR C 203 -18.49 20.36 -12.14
CA TYR C 203 -18.28 19.33 -11.14
C TYR C 203 -19.26 19.39 -9.99
N LYS C 204 -19.89 18.24 -9.70
CA LYS C 204 -20.88 18.12 -8.63
C LYS C 204 -20.44 17.17 -7.50
N PRO C 205 -20.61 17.59 -6.23
CA PRO C 205 -20.25 16.79 -5.04
C PRO C 205 -21.44 16.02 -4.51
N ASP C 206 -21.21 14.79 -4.05
CA ASP C 206 -22.30 14.01 -3.48
C ASP C 206 -22.90 14.79 -2.32
N VAL C 207 -22.04 15.42 -1.52
CA VAL C 207 -22.51 16.20 -0.39
C VAL C 207 -23.70 17.09 -0.76
N TYR C 208 -23.60 17.84 -1.85
CA TYR C 208 -24.73 18.68 -2.27
C TYR C 208 -25.89 17.76 -2.64
N THR C 209 -25.57 16.68 -3.35
CA THR C 209 -26.58 15.71 -3.76
C THR C 209 -27.21 15.12 -2.50
N TYR C 210 -26.37 14.58 -1.61
CA TYR C 210 -26.84 13.98 -0.38
C TYR C 210 -27.66 14.96 0.44
N LEU C 211 -27.42 16.25 0.25
CA LEU C 211 -28.16 17.27 0.97
C LEU C 211 -29.27 17.80 0.07
N GLY C 212 -28.93 18.71 -0.83
CA GLY C 212 -29.92 19.28 -1.73
C GLY C 212 -29.49 20.57 -2.41
N ILE C 213 -28.19 20.83 -2.40
CA ILE C 213 -27.68 22.03 -3.02
C ILE C 213 -27.74 21.83 -4.54
N TYR C 214 -28.96 21.95 -5.07
CA TYR C 214 -29.20 21.76 -6.49
C TYR C 214 -29.57 23.05 -7.20
N ARG C 215 -30.04 22.92 -8.44
CA ARG C 215 -30.46 24.07 -9.22
C ARG C 215 -31.47 24.86 -8.39
N ALA C 216 -31.09 26.06 -7.99
CA ALA C 216 -31.95 26.90 -7.17
C ALA C 216 -32.14 26.30 -5.78
N ASN C 217 -31.34 26.76 -4.83
CA ASN C 217 -31.40 26.31 -3.46
C ASN C 217 -31.56 27.49 -2.51
N ARG C 218 -32.23 27.26 -1.39
CA ARG C 218 -32.49 28.28 -0.39
C ARG C 218 -31.32 29.24 -0.14
N TRP C 219 -30.13 28.68 -0.05
CA TRP C 219 -28.92 29.45 0.25
C TRP C 219 -28.23 30.16 -0.91
N HIS C 220 -28.72 29.96 -2.13
CA HIS C 220 -28.10 30.58 -3.30
C HIS C 220 -26.64 30.14 -3.46
N LEU C 221 -26.38 28.87 -3.15
CA LEU C 221 -25.05 28.33 -3.31
C LEU C 221 -24.92 27.80 -4.75
N CYS C 222 -23.75 27.95 -5.34
CA CYS C 222 -23.57 27.44 -6.68
C CYS C 222 -23.46 25.93 -6.50
N PRO C 223 -24.34 25.15 -7.15
CA PRO C 223 -24.28 23.71 -7.00
C PRO C 223 -23.09 23.06 -7.72
N THR C 224 -22.24 23.90 -8.31
CA THR C 224 -21.09 23.43 -9.05
C THR C 224 -19.78 23.88 -8.42
N LEU C 225 -18.91 22.92 -8.11
CA LEU C 225 -17.61 23.24 -7.51
C LEU C 225 -16.57 23.64 -8.57
N TYR C 226 -16.58 22.95 -9.71
CA TYR C 226 -15.63 23.25 -10.78
C TYR C 226 -16.33 23.24 -12.12
N GLU C 227 -15.71 23.89 -13.09
CA GLU C 227 -16.25 23.94 -14.44
C GLU C 227 -15.11 23.71 -15.43
N SER C 228 -15.42 23.10 -16.56
CA SER C 228 -14.41 22.88 -17.58
C SER C 228 -14.95 23.24 -18.96
N ARG C 229 -14.35 24.27 -19.54
CA ARG C 229 -14.73 24.74 -20.87
C ARG C 229 -13.69 24.26 -21.87
N PHE C 230 -14.15 23.67 -22.97
CA PHE C 230 -13.22 23.21 -23.98
C PHE C 230 -12.86 24.38 -24.89
N GLN C 231 -11.59 24.47 -25.23
CA GLN C 231 -11.07 25.52 -26.07
C GLN C 231 -10.49 24.94 -27.36
N LEU C 232 -11.06 25.36 -28.49
CA LEU C 232 -10.63 24.95 -29.82
C LEU C 232 -9.69 26.02 -30.40
N GLY C 233 -9.02 25.69 -31.50
CA GLY C 233 -8.15 26.67 -32.15
C GLY C 233 -6.67 26.39 -32.16
N GLY C 234 -6.23 25.42 -31.37
CA GLY C 234 -4.82 25.11 -31.34
C GLY C 234 -4.01 26.27 -30.84
N SER C 235 -4.66 27.41 -30.62
CA SER C 235 -3.98 28.59 -30.13
C SER C 235 -4.31 28.77 -28.65
N ALA C 236 -4.52 27.62 -28.00
CA ALA C 236 -4.85 27.52 -26.59
C ALA C 236 -5.11 26.06 -26.26
N ARG C 237 -4.71 25.63 -25.07
CA ARG C 237 -4.95 24.25 -24.66
C ARG C 237 -6.42 23.98 -24.98
N GLY C 238 -6.79 22.72 -25.14
CA GLY C 238 -8.17 22.44 -25.45
C GLY C 238 -9.08 22.50 -24.25
N SER C 239 -8.52 22.62 -23.05
CA SER C 239 -9.35 22.63 -21.84
C SER C 239 -8.98 23.72 -20.83
N ARG C 240 -10.01 24.34 -20.24
CA ARG C 240 -9.84 25.38 -19.22
C ARG C 240 -10.69 25.03 -18.00
N VAL C 241 -10.09 24.31 -17.06
CA VAL C 241 -10.78 23.88 -15.86
C VAL C 241 -10.68 24.95 -14.80
N LEU C 242 -11.83 25.43 -14.36
CA LEU C 242 -11.87 26.47 -13.35
C LEU C 242 -12.51 26.07 -12.02
N ASP C 243 -11.93 26.53 -10.92
CA ASP C 243 -12.45 26.25 -9.59
C ASP C 243 -13.41 27.38 -9.23
N ARG C 244 -14.66 27.24 -9.65
CA ARG C 244 -15.67 28.26 -9.38
C ARG C 244 -15.71 28.70 -7.93
N ALA C 245 -15.60 27.75 -7.01
CA ALA C 245 -15.66 28.03 -5.58
C ALA C 245 -14.70 29.15 -5.14
N ASN C 246 -13.41 28.83 -5.07
CA ASN C 246 -12.39 29.78 -4.65
C ASN C 246 -12.03 30.74 -5.78
N ASN C 247 -12.95 30.85 -6.74
CA ASN C 247 -12.76 31.72 -7.91
C ASN C 247 -11.32 31.71 -8.40
N VAL C 248 -10.78 30.52 -8.66
CA VAL C 248 -9.41 30.42 -9.14
C VAL C 248 -9.28 29.39 -10.25
N GLU C 249 -8.49 29.75 -11.27
CA GLU C 249 -8.28 28.90 -12.43
C GLU C 249 -7.32 27.76 -12.10
N LEU C 250 -7.72 26.53 -12.44
CA LEU C 250 -6.90 25.37 -12.17
C LEU C 250 -6.15 24.88 -13.41
N GLU A 17 23.35 -3.58 50.81
CA GLU A 17 21.92 -3.59 50.37
C GLU A 17 21.69 -2.57 49.25
N ASP A 18 22.59 -2.58 48.26
CA ASP A 18 22.52 -1.65 47.14
C ASP A 18 21.27 -1.80 46.27
N GLY A 19 20.62 -2.96 46.33
CA GLY A 19 19.43 -3.18 45.53
C GLY A 19 18.31 -2.26 45.98
N PHE A 20 18.42 -1.80 47.23
CA PHE A 20 17.42 -0.91 47.81
C PHE A 20 17.81 0.55 47.66
N THR A 21 18.88 0.83 46.92
CA THR A 21 19.33 2.21 46.74
C THR A 21 18.48 3.00 45.75
N ALA A 22 18.60 4.33 45.84
CA ALA A 22 17.87 5.23 44.95
C ALA A 22 18.24 4.92 43.50
N GLU A 23 19.53 4.99 43.18
CA GLU A 23 20.01 4.72 41.83
C GLU A 23 19.45 3.42 41.25
N HIS A 24 19.58 2.33 42.00
CA HIS A 24 19.09 1.02 41.55
C HIS A 24 17.57 0.89 41.48
N LEU A 25 16.87 1.28 42.54
CA LEU A 25 15.41 1.18 42.56
C LEU A 25 14.77 1.99 41.45
N ALA A 26 15.52 2.89 40.83
CA ALA A 26 14.99 3.72 39.78
C ALA A 26 15.11 3.04 38.41
N ALA A 27 16.30 2.58 38.08
CA ALA A 27 16.54 1.92 36.81
C ALA A 27 15.77 0.60 36.73
N GLU A 28 15.40 0.08 37.89
CA GLU A 28 14.70 -1.18 37.97
C GLU A 28 13.20 -1.02 37.74
N ALA A 29 12.68 0.17 38.04
CA ALA A 29 11.25 0.44 37.90
C ALA A 29 10.86 1.05 36.55
N MSE A 30 11.80 1.10 35.62
CA MSE A 30 11.51 1.67 34.31
C MSE A 30 10.78 0.71 33.37
O MSE A 30 10.93 -0.52 33.48
CB MSE A 30 12.80 2.16 33.64
CG MSE A 30 13.48 3.34 34.36
SE MSE A 30 12.45 5.01 34.33
CE MSE A 30 13.08 5.75 32.65
N ALA A 31 9.98 1.28 32.48
CA ALA A 31 9.22 0.52 31.50
C ALA A 31 9.04 1.40 30.26
N ALA A 32 8.87 0.76 29.10
CA ALA A 32 8.69 1.50 27.85
C ALA A 32 7.37 2.30 27.87
N ASP A 33 6.29 1.66 28.32
CA ASP A 33 4.98 2.31 28.39
C ASP A 33 4.58 2.47 29.86
N MSE A 34 4.94 3.61 30.43
CA MSE A 34 4.65 3.88 31.83
C MSE A 34 3.32 4.60 32.02
O MSE A 34 2.90 4.89 33.14
CB MSE A 34 5.80 4.72 32.41
CG MSE A 34 7.20 4.29 31.91
SE MSE A 34 8.70 5.27 32.73
CE MSE A 34 8.95 4.12 34.23
N ASP A 35 2.65 4.88 30.90
CA ASP A 35 1.40 5.62 30.91
C ASP A 35 0.09 4.84 31.03
N PRO A 36 -1.02 5.56 31.27
CA PRO A 36 -2.30 4.86 31.37
C PRO A 36 -2.80 4.55 29.95
N TRP A 37 -3.91 3.81 29.88
CA TRP A 37 -4.51 3.48 28.59
C TRP A 37 -5.97 3.88 28.65
N LEU A 38 -6.52 4.35 27.53
CA LEU A 38 -7.95 4.69 27.47
C LEU A 38 -8.58 3.34 27.18
N VAL A 39 -9.50 2.91 28.05
CA VAL A 39 -10.04 1.58 27.87
C VAL A 39 -11.55 1.41 27.90
N PHE A 40 -12.00 0.34 27.24
CA PHE A 40 -13.39 -0.03 27.22
C PHE A 40 -13.37 -1.53 27.54
N ASP A 41 -13.79 -1.90 28.75
CA ASP A 41 -13.81 -3.30 29.15
C ASP A 41 -15.23 -3.84 29.19
N ALA A 42 -15.60 -4.59 28.15
CA ALA A 42 -16.94 -5.15 28.05
C ALA A 42 -17.34 -5.96 29.29
N ARG A 43 -16.38 -6.67 29.87
CA ARG A 43 -16.64 -7.48 31.05
C ARG A 43 -17.18 -6.66 32.21
N THR A 44 -17.22 -5.34 32.04
CA THR A 44 -17.69 -4.47 33.11
C THR A 44 -18.68 -3.41 32.65
N THR A 45 -18.47 -2.88 31.46
CA THR A 45 -19.34 -1.83 30.93
C THR A 45 -20.41 -2.38 29.96
N PRO A 46 -21.62 -1.81 30.00
CA PRO A 46 -22.70 -2.27 29.11
C PRO A 46 -22.25 -2.18 27.65
N ALA A 47 -22.80 -3.03 26.80
CA ALA A 47 -22.42 -3.03 25.39
C ALA A 47 -22.87 -1.76 24.68
N THR A 48 -24.06 -1.27 25.00
CA THR A 48 -24.61 -0.08 24.36
C THR A 48 -23.84 1.21 24.70
N GLU A 49 -22.74 1.04 25.41
CA GLU A 49 -21.88 2.14 25.84
C GLU A 49 -20.80 2.52 24.80
N LEU A 50 -20.42 1.57 23.96
CA LEU A 50 -19.37 1.78 22.96
C LEU A 50 -19.47 3.09 22.15
N ASP A 51 -20.66 3.42 21.66
CA ASP A 51 -20.82 4.62 20.86
C ASP A 51 -20.42 5.95 21.53
N ALA A 52 -20.89 6.21 22.75
CA ALA A 52 -20.50 7.45 23.41
C ALA A 52 -19.00 7.43 23.71
N TRP A 53 -18.49 6.26 24.09
CA TRP A 53 -17.07 6.07 24.39
C TRP A 53 -16.23 6.43 23.14
N LEU A 54 -16.63 5.87 22.00
CA LEU A 54 -15.92 6.13 20.75
C LEU A 54 -16.06 7.58 20.33
N ALA A 55 -17.28 8.09 20.41
CA ALA A 55 -17.56 9.46 20.01
C ALA A 55 -16.58 10.42 20.64
N LYS A 56 -16.22 10.15 21.89
CA LYS A 56 -15.30 11.02 22.60
C LYS A 56 -13.82 10.71 22.34
N TYR A 57 -13.47 9.43 22.24
CA TYR A 57 -12.08 9.04 22.06
C TYR A 57 -11.65 8.50 20.70
N PRO A 58 -12.17 9.02 19.59
CA PRO A 58 -11.69 8.43 18.33
C PRO A 58 -10.16 8.41 18.25
N PRO A 59 -9.58 7.32 17.70
CA PRO A 59 -8.11 7.18 17.60
C PRO A 59 -7.34 8.14 16.68
N SER A 60 -7.84 9.37 16.56
CA SER A 60 -7.21 10.41 15.77
C SER A 60 -7.19 11.74 16.56
N GLN A 61 -7.85 11.74 17.71
CA GLN A 61 -7.94 12.94 18.56
C GLN A 61 -7.31 12.76 19.95
N VAL A 62 -6.98 11.53 20.31
CA VAL A 62 -6.39 11.22 21.62
C VAL A 62 -4.90 10.97 21.45
N THR A 63 -4.09 12.01 21.56
CA THR A 63 -2.65 11.90 21.37
C THR A 63 -1.86 11.15 22.44
N ARG A 64 -0.73 10.61 22.02
CA ARG A 64 0.17 9.85 22.88
C ARG A 64 0.62 10.68 24.09
N TYR A 65 0.72 11.99 23.91
CA TYR A 65 1.18 12.83 25.01
C TYR A 65 0.20 13.87 25.57
N GLY A 66 -1.09 13.69 25.28
CA GLY A 66 -2.10 14.60 25.79
C GLY A 66 -1.89 16.05 25.37
N ASP A 67 -1.63 16.27 24.09
CA ASP A 67 -1.39 17.61 23.57
C ASP A 67 -2.71 18.40 23.53
N PRO A 68 -2.61 19.73 23.56
CA PRO A 68 -3.81 20.58 23.54
C PRO A 68 -4.77 20.16 22.40
N GLY A 69 -6.07 20.30 22.65
CA GLY A 69 -7.06 19.92 21.66
C GLY A 69 -7.54 18.50 21.83
N SER A 70 -6.71 17.67 22.46
CA SER A 70 -7.05 16.28 22.70
C SER A 70 -8.11 16.11 23.81
N PRO A 71 -8.98 15.11 23.68
CA PRO A 71 -9.98 14.95 24.74
C PRO A 71 -9.26 14.60 26.05
N ASN A 72 -8.11 13.95 25.94
CA ASN A 72 -7.31 13.55 27.10
C ASN A 72 -6.20 14.56 27.36
N SER A 73 -5.85 14.75 28.63
CA SER A 73 -4.78 15.68 29.01
C SER A 73 -3.63 14.89 29.62
N GLU A 74 -3.82 13.58 29.74
CA GLU A 74 -2.82 12.69 30.31
C GLU A 74 -2.23 11.89 29.15
N PRO A 75 -0.94 11.54 29.21
CA PRO A 75 -0.43 10.76 28.08
C PRO A 75 -1.15 9.42 28.07
N VAL A 76 -1.33 8.85 26.89
CA VAL A 76 -2.02 7.58 26.72
C VAL A 76 -1.17 6.69 25.82
N GLY A 77 -0.84 5.50 26.33
CA GLY A 77 -0.02 4.56 25.58
C GLY A 77 -0.82 3.74 24.58
N TRP A 78 -2.07 3.46 24.93
CA TRP A 78 -2.96 2.68 24.07
C TRP A 78 -4.40 3.07 24.36
N ILE A 79 -5.27 2.68 23.44
CA ILE A 79 -6.72 2.83 23.50
C ILE A 79 -7.08 1.34 23.42
N ALA A 80 -7.94 0.86 24.31
CA ALA A 80 -8.26 -0.55 24.28
C ALA A 80 -9.69 -0.88 24.62
N VAL A 81 -10.16 -1.98 24.02
CA VAL A 81 -11.50 -2.50 24.21
C VAL A 81 -11.36 -3.97 24.57
N TYR A 82 -11.94 -4.38 25.69
CA TYR A 82 -11.87 -5.77 26.13
C TYR A 82 -13.18 -6.52 25.91
N GLY A 83 -13.08 -7.70 25.28
CA GLY A 83 -14.25 -8.51 25.03
C GLY A 83 -14.78 -9.15 26.29
N GLN A 84 -16.10 -9.30 26.37
CA GLN A 84 -16.72 -9.90 27.54
C GLN A 84 -16.04 -11.23 27.90
N GLY A 85 -15.70 -11.38 29.17
CA GLY A 85 -15.05 -12.58 29.62
C GLY A 85 -13.55 -12.57 29.40
N TYR A 86 -13.05 -11.55 28.69
CA TYR A 86 -11.63 -11.43 28.39
C TYR A 86 -10.75 -12.08 29.45
N SER A 87 -10.05 -13.16 29.07
CA SER A 87 -9.18 -13.88 29.99
C SER A 87 -7.82 -14.20 29.38
N PRO A 88 -6.90 -13.23 29.38
CA PRO A 88 -5.56 -13.41 28.83
C PRO A 88 -4.69 -14.35 29.68
N ASN A 89 -4.01 -15.28 29.02
CA ASN A 89 -3.15 -16.24 29.69
C ASN A 89 -1.68 -16.08 29.34
N SER A 90 -0.90 -15.46 30.23
CA SER A 90 0.53 -15.26 29.99
C SER A 90 1.28 -16.55 30.34
N GLY A 91 0.96 -17.60 29.58
CA GLY A 91 1.59 -18.90 29.78
C GLY A 91 3.06 -18.88 30.10
N ASP A 92 3.61 -20.06 30.34
CA ASP A 92 5.01 -20.24 30.68
C ASP A 92 6.01 -19.50 29.82
N VAL A 93 6.04 -18.17 29.94
CA VAL A 93 6.98 -17.36 29.19
C VAL A 93 8.38 -17.58 29.72
N GLN A 94 8.50 -17.69 31.04
CA GLN A 94 9.79 -17.92 31.67
C GLN A 94 10.47 -19.15 31.09
N GLY A 95 9.73 -20.26 31.02
CA GLY A 95 10.29 -21.48 30.47
C GLY A 95 10.66 -21.25 29.02
N LEU A 96 9.75 -20.61 28.29
CA LEU A 96 9.95 -20.28 26.88
C LEU A 96 11.27 -19.55 26.69
N GLN A 97 11.47 -18.49 27.45
CA GLN A 97 12.70 -17.71 27.36
C GLN A 97 13.90 -18.55 27.77
N ALA A 98 13.66 -19.50 28.66
CA ALA A 98 14.74 -20.37 29.11
C ALA A 98 15.09 -21.28 27.95
N ALA A 99 14.07 -21.77 27.26
CA ALA A 99 14.25 -22.65 26.11
C ALA A 99 14.89 -21.92 24.95
N TRP A 100 14.69 -20.61 24.89
CA TRP A 100 15.25 -19.79 23.83
C TRP A 100 16.75 -19.64 23.99
N GLU A 101 17.19 -19.20 25.16
CA GLU A 101 18.62 -19.00 25.41
C GLU A 101 19.40 -20.27 25.08
N ALA A 102 18.73 -21.42 25.18
CA ALA A 102 19.36 -22.71 24.90
C ALA A 102 19.56 -22.94 23.39
N LEU A 103 18.63 -22.45 22.58
CA LEU A 103 18.73 -22.62 21.13
C LEU A 103 19.99 -22.00 20.56
N GLN A 104 20.37 -20.82 21.05
CA GLN A 104 21.57 -20.16 20.58
C GLN A 104 22.75 -21.04 20.94
N THR A 105 22.46 -22.12 21.65
CA THR A 105 23.48 -23.08 22.08
C THR A 105 23.12 -24.46 21.53
N SER A 106 22.33 -24.48 20.46
CA SER A 106 21.90 -25.74 19.85
C SER A 106 22.95 -26.22 18.84
N GLY A 107 22.52 -26.32 17.58
CA GLY A 107 23.39 -26.77 16.53
C GLY A 107 22.60 -27.02 15.26
N ARG A 108 21.35 -26.58 15.29
CA ARG A 108 20.45 -26.72 14.15
C ARG A 108 19.93 -25.36 13.72
N PRO A 109 19.56 -25.21 12.44
CA PRO A 109 19.04 -23.95 11.92
C PRO A 109 17.65 -23.61 12.47
N ILE A 110 17.60 -22.71 13.45
CA ILE A 110 16.34 -22.31 14.05
C ILE A 110 15.34 -21.90 12.96
N THR A 111 14.17 -22.54 12.98
CA THR A 111 13.14 -22.29 11.99
C THR A 111 11.84 -21.77 12.62
N PRO A 112 10.85 -21.43 11.80
CA PRO A 112 9.57 -20.93 12.33
C PRO A 112 8.88 -22.03 13.12
N GLY A 113 8.95 -23.25 12.59
CA GLY A 113 8.33 -24.37 13.27
C GLY A 113 8.91 -24.52 14.66
N THR A 114 10.22 -24.77 14.72
CA THR A 114 10.91 -24.93 15.99
C THR A 114 10.42 -23.91 17.02
N LEU A 115 10.22 -22.67 16.58
CA LEU A 115 9.72 -21.63 17.46
C LEU A 115 8.33 -22.04 17.92
N ARG A 116 7.49 -22.41 16.95
CA ARG A 116 6.14 -22.85 17.26
C ARG A 116 6.20 -23.98 18.27
N GLN A 117 7.26 -24.78 18.18
CA GLN A 117 7.45 -25.89 19.10
C GLN A 117 7.65 -25.34 20.51
N LEU A 118 8.30 -24.19 20.60
CA LEU A 118 8.54 -23.57 21.90
C LEU A 118 7.22 -23.10 22.46
N ALA A 119 6.47 -22.37 21.65
CA ALA A 119 5.18 -21.82 22.04
C ALA A 119 4.14 -22.87 22.40
N ILE A 120 4.08 -23.96 21.65
CA ILE A 120 3.11 -25.02 21.92
C ILE A 120 3.35 -25.63 23.30
N THR A 121 4.59 -25.97 23.59
CA THR A 121 4.99 -26.55 24.87
C THR A 121 4.68 -25.57 25.99
N HIS A 122 5.16 -24.35 25.87
CA HIS A 122 4.97 -23.33 26.89
C HIS A 122 3.62 -22.62 26.87
N HIS A 123 2.71 -23.07 26.02
CA HIS A 123 1.39 -22.45 25.91
C HIS A 123 1.46 -20.94 25.77
N VAL A 124 2.28 -20.48 24.84
CA VAL A 124 2.43 -19.06 24.53
C VAL A 124 2.07 -19.01 23.05
N LEU A 125 0.78 -19.20 22.76
CA LEU A 125 0.29 -19.25 21.38
C LEU A 125 -0.67 -18.15 20.91
N SER A 126 -0.67 -17.00 21.57
CA SER A 126 -1.57 -15.93 21.15
C SER A 126 -0.86 -15.02 20.18
N GLY A 127 -1.63 -14.42 19.29
CA GLY A 127 -1.05 -13.52 18.30
C GLY A 127 -1.95 -12.35 17.97
N LYS A 128 -1.36 -11.37 17.30
CA LYS A 128 -2.08 -10.17 16.94
C LYS A 128 -2.16 -9.93 15.44
N TRP A 129 -3.17 -9.16 15.06
CA TRP A 129 -3.38 -8.74 13.68
C TRP A 129 -2.97 -7.27 13.66
N LEU A 130 -1.95 -6.96 12.87
CA LEU A 130 -1.46 -5.59 12.77
C LEU A 130 -1.85 -4.97 11.44
N MSE A 131 -2.17 -3.68 11.48
CA MSE A 131 -2.55 -2.93 10.30
C MSE A 131 -2.40 -1.46 10.68
O MSE A 131 -2.67 -1.10 11.82
CB MSE A 131 -4.00 -3.23 9.93
CG MSE A 131 -5.00 -2.56 10.84
SE MSE A 131 -6.67 -3.49 10.87
CE MSE A 131 -6.15 -4.89 12.10
N HIS A 132 -1.96 -0.62 9.74
CA HIS A 132 -1.83 0.80 10.06
C HIS A 132 -2.64 1.68 9.12
N LEU A 133 -2.86 2.91 9.57
CA LEU A 133 -3.60 3.92 8.82
C LEU A 133 -3.24 5.30 9.35
N ALA A 134 -3.43 6.33 8.53
CA ALA A 134 -3.14 7.69 8.94
C ALA A 134 -4.38 8.21 9.65
N PRO A 135 -4.22 9.18 10.57
CA PRO A 135 -5.37 9.73 11.30
C PRO A 135 -6.49 10.14 10.36
N GLY A 136 -7.70 10.28 10.91
CA GLY A 136 -8.83 10.67 10.11
C GLY A 136 -9.88 9.60 10.05
N PHE A 137 -10.75 9.70 9.06
CA PHE A 137 -11.85 8.76 8.89
C PHE A 137 -11.47 7.30 8.77
N LYS A 138 -10.74 6.94 7.72
CA LYS A 138 -10.40 5.55 7.52
C LYS A 138 -9.92 4.89 8.81
N LEU A 139 -9.15 5.61 9.60
CA LEU A 139 -8.65 5.09 10.87
C LEU A 139 -9.76 5.19 11.91
N ASP A 140 -10.24 6.41 12.13
CA ASP A 140 -11.32 6.65 13.09
C ASP A 140 -12.58 5.91 12.66
N HIS A 141 -12.45 4.91 11.78
CA HIS A 141 -13.60 4.16 11.31
C HIS A 141 -13.40 2.65 11.39
N ALA A 142 -12.21 2.20 11.05
CA ALA A 142 -11.90 0.78 11.11
C ALA A 142 -11.94 0.33 12.58
N TRP A 143 -11.43 1.20 13.46
CA TRP A 143 -11.42 0.93 14.89
C TRP A 143 -12.84 0.65 15.39
N ALA A 144 -13.78 1.54 15.08
CA ALA A 144 -15.16 1.35 15.54
C ALA A 144 -15.69 -0.04 15.18
N GLY A 145 -15.32 -0.55 14.01
CA GLY A 145 -15.79 -1.86 13.61
C GLY A 145 -15.07 -2.97 14.36
N ILE A 146 -13.75 -2.87 14.42
CA ILE A 146 -12.98 -3.89 15.13
C ILE A 146 -13.37 -4.01 16.62
N ALA A 147 -13.48 -2.87 17.30
CA ALA A 147 -13.85 -2.86 18.72
C ALA A 147 -15.25 -3.44 18.86
N ARG A 148 -16.15 -2.93 18.02
CA ARG A 148 -17.54 -3.37 18.02
C ARG A 148 -17.64 -4.90 18.01
N ALA A 149 -16.86 -5.54 17.13
CA ALA A 149 -16.85 -6.98 17.05
C ALA A 149 -16.34 -7.57 18.38
N VAL A 150 -15.32 -6.91 18.94
CA VAL A 150 -14.76 -7.34 20.21
C VAL A 150 -15.88 -7.43 21.25
N VAL A 151 -16.65 -6.37 21.38
CA VAL A 151 -17.73 -6.34 22.35
C VAL A 151 -18.75 -7.44 22.14
N GLU A 152 -18.95 -7.81 20.87
CA GLU A 152 -19.88 -8.88 20.48
C GLU A 152 -19.24 -10.27 20.56
N GLY A 153 -18.04 -10.34 21.12
CA GLY A 153 -17.37 -11.62 21.23
C GLY A 153 -17.02 -12.26 19.90
N ARG A 154 -16.92 -11.45 18.86
CA ARG A 154 -16.57 -11.93 17.52
C ARG A 154 -15.06 -11.80 17.33
N LEU A 155 -14.45 -11.10 18.29
CA LEU A 155 -13.02 -10.87 18.35
C LEU A 155 -12.73 -10.72 19.84
N GLN A 156 -11.50 -10.98 20.25
CA GLN A 156 -11.16 -10.84 21.65
C GLN A 156 -11.18 -9.36 22.00
N VAL A 157 -10.02 -8.71 21.97
CA VAL A 157 -9.92 -7.30 22.29
C VAL A 157 -8.93 -6.66 21.35
N ALA A 158 -8.90 -5.33 21.36
CA ALA A 158 -7.98 -4.63 20.48
C ALA A 158 -7.33 -3.44 21.20
N LYS A 159 -6.04 -3.27 20.99
CA LYS A 159 -5.30 -2.15 21.58
C LYS A 159 -4.85 -1.25 20.44
N VAL A 160 -5.76 -0.41 19.94
CA VAL A 160 -5.42 0.49 18.84
C VAL A 160 -4.42 1.53 19.36
N SER A 161 -3.51 1.96 18.50
CA SER A 161 -2.47 2.93 18.86
C SER A 161 -2.94 4.38 18.82
N PRO A 162 -2.48 5.19 19.79
CA PRO A 162 -2.92 6.60 19.80
C PRO A 162 -2.13 7.50 18.87
N ARG A 163 -2.71 8.65 18.55
CA ARG A 163 -2.12 9.62 17.65
C ARG A 163 -0.81 10.21 18.14
N ALA A 164 0.10 10.46 17.21
CA ALA A 164 1.41 11.03 17.49
C ALA A 164 1.45 12.51 17.11
N LYS A 165 2.40 13.25 17.68
CA LYS A 165 2.53 14.68 17.41
C LYS A 165 2.64 15.02 15.92
N GLU A 166 3.57 14.38 15.22
CA GLU A 166 3.76 14.63 13.81
C GLU A 166 3.04 13.59 12.96
N GLY A 167 2.34 14.07 11.92
CA GLY A 167 1.59 13.19 11.03
C GLY A 167 1.57 11.75 11.50
N GLY A 168 2.62 11.01 11.19
CA GLY A 168 2.72 9.63 11.61
C GLY A 168 1.60 8.73 11.11
N ARG A 169 1.64 7.49 11.56
CA ARG A 169 0.65 6.48 11.21
C ARG A 169 0.31 5.73 12.48
N GLN A 170 -0.87 5.13 12.52
CA GLN A 170 -1.31 4.41 13.70
C GLN A 170 -1.76 2.97 13.39
N VAL A 171 -1.51 2.08 14.35
CA VAL A 171 -1.86 0.66 14.21
C VAL A 171 -3.06 0.23 15.02
N ILE A 172 -3.84 -0.67 14.46
CA ILE A 172 -4.96 -1.26 15.18
C ILE A 172 -4.39 -2.63 15.53
N CYS A 173 -4.51 -2.99 16.80
CA CYS A 173 -4.00 -4.27 17.28
C CYS A 173 -5.19 -5.15 17.66
N VAL A 174 -5.26 -6.34 17.07
CA VAL A 174 -6.35 -7.31 17.34
C VAL A 174 -5.74 -8.68 17.70
N TYR A 175 -5.92 -9.10 18.95
CA TYR A 175 -5.36 -10.37 19.42
C TYR A 175 -6.25 -11.60 19.26
N THR A 176 -5.61 -12.76 19.13
CA THR A 176 -6.28 -14.07 19.07
C THR A 176 -5.41 -14.96 19.95
N ASP A 177 -6.02 -15.92 20.64
CA ASP A 177 -5.25 -16.78 21.55
C ASP A 177 -4.41 -17.93 20.99
N ASP A 178 -4.79 -18.48 19.85
CA ASP A 178 -4.01 -19.59 19.30
C ASP A 178 -3.68 -19.37 17.83
N PHE A 179 -2.43 -19.01 17.54
CA PHE A 179 -2.02 -18.75 16.16
C PHE A 179 -1.90 -20.01 15.31
N THR A 180 -1.44 -21.10 15.90
CA THR A 180 -1.31 -22.34 15.15
C THR A 180 -2.70 -22.78 14.68
N ASP A 181 -3.73 -22.11 15.17
CA ASP A 181 -5.10 -22.40 14.80
C ASP A 181 -5.45 -21.61 13.53
N ARG A 182 -5.08 -22.15 12.38
CA ARG A 182 -5.33 -21.50 11.09
C ARG A 182 -6.74 -20.97 10.95
N LEU A 183 -7.70 -21.73 11.47
CA LEU A 183 -9.10 -21.35 11.39
C LEU A 183 -9.37 -20.10 12.22
N GLY A 184 -8.96 -20.12 13.48
CA GLY A 184 -9.17 -18.99 14.37
C GLY A 184 -8.57 -17.70 13.85
N VAL A 185 -7.39 -17.80 13.25
CA VAL A 185 -6.74 -16.62 12.70
C VAL A 185 -7.64 -16.01 11.62
N LEU A 186 -8.21 -16.87 10.79
CA LEU A 186 -9.07 -16.41 9.69
C LEU A 186 -10.41 -15.83 10.14
N GLU A 187 -11.00 -16.41 11.18
CA GLU A 187 -12.27 -15.90 11.67
C GLU A 187 -12.06 -14.48 12.17
N ALA A 188 -10.87 -14.21 12.69
CA ALA A 188 -10.54 -12.88 13.18
C ALA A 188 -10.33 -12.00 11.94
N ASP A 189 -9.70 -12.58 10.92
CA ASP A 189 -9.48 -11.88 9.67
C ASP A 189 -10.85 -11.47 9.09
N SER A 190 -11.77 -12.43 9.06
CA SER A 190 -13.11 -12.18 8.54
C SER A 190 -13.80 -11.05 9.28
N ALA A 191 -13.68 -11.05 10.60
CA ALA A 191 -14.31 -10.01 11.40
C ALA A 191 -13.76 -8.65 11.02
N ILE A 192 -12.47 -8.58 10.71
CA ILE A 192 -11.86 -7.31 10.33
C ILE A 192 -12.40 -6.84 8.97
N ARG A 193 -12.42 -7.73 7.98
CA ARG A 193 -12.92 -7.35 6.65
C ARG A 193 -14.39 -6.90 6.68
N ALA A 194 -15.22 -7.59 7.45
CA ALA A 194 -16.63 -7.23 7.53
C ALA A 194 -16.80 -5.83 8.10
N ALA A 195 -15.76 -5.34 8.79
CA ALA A 195 -15.80 -4.00 9.36
C ALA A 195 -15.38 -2.97 8.31
N GLY A 196 -15.17 -3.44 7.08
CA GLY A 196 -14.79 -2.55 6.01
C GLY A 196 -13.31 -2.34 5.77
N ILE A 197 -12.46 -3.09 6.46
CA ILE A 197 -11.01 -2.96 6.29
C ILE A 197 -10.56 -3.84 5.13
N LYS A 198 -9.81 -3.24 4.20
CA LYS A 198 -9.33 -3.95 3.01
C LYS A 198 -7.82 -3.93 2.86
N CYS A 199 -7.11 -3.59 3.93
CA CYS A 199 -5.65 -3.50 3.85
C CYS A 199 -4.91 -4.76 4.27
N LEU A 200 -3.59 -4.67 4.21
CA LEU A 200 -2.71 -5.75 4.60
C LEU A 200 -2.80 -5.94 6.10
N LEU A 201 -3.06 -7.17 6.52
CA LEU A 201 -3.13 -7.50 7.93
C LEU A 201 -2.08 -8.58 8.16
N THR A 202 -0.97 -8.22 8.78
CA THR A 202 0.09 -9.19 9.05
C THR A 202 -0.10 -9.86 10.40
N TYR A 203 0.34 -11.11 10.50
CA TYR A 203 0.20 -11.83 11.75
C TYR A 203 1.55 -12.33 12.23
N LYS A 204 1.82 -12.07 13.51
CA LYS A 204 3.07 -12.44 14.15
C LYS A 204 2.70 -12.92 15.56
N PRO A 205 3.15 -14.14 15.94
CA PRO A 205 2.88 -14.71 17.26
C PRO A 205 3.59 -13.93 18.36
N ASP A 206 3.02 -13.91 19.56
CA ASP A 206 3.64 -13.18 20.66
C ASP A 206 5.06 -13.66 20.91
N VAL A 207 5.33 -14.94 20.64
CA VAL A 207 6.68 -15.48 20.81
C VAL A 207 7.67 -14.57 20.07
N TYR A 208 7.38 -14.27 18.81
CA TYR A 208 8.26 -13.43 18.02
C TYR A 208 8.56 -12.14 18.78
N THR A 209 7.52 -11.44 19.22
CA THR A 209 7.71 -10.19 19.96
C THR A 209 8.42 -10.43 21.29
N TYR A 210 8.11 -11.53 21.96
CA TYR A 210 8.76 -11.84 23.23
C TYR A 210 10.24 -12.15 23.06
N LEU A 211 10.56 -13.05 22.14
CA LEU A 211 11.94 -13.44 21.90
C LEU A 211 12.69 -12.45 20.99
N GLY A 212 12.19 -11.22 20.92
CA GLY A 212 12.82 -10.19 20.11
C GLY A 212 13.05 -10.47 18.64
N ILE A 213 12.11 -11.19 18.02
CA ILE A 213 12.20 -11.49 16.60
C ILE A 213 11.52 -10.36 15.84
N TYR A 214 12.22 -9.24 15.71
CA TYR A 214 11.70 -8.06 15.03
C TYR A 214 12.07 -8.03 13.55
N ARG A 215 11.64 -6.97 12.87
CA ARG A 215 11.91 -6.79 11.44
C ARG A 215 13.32 -7.21 11.02
N ALA A 216 14.32 -6.39 11.34
CA ALA A 216 15.70 -6.71 11.00
C ALA A 216 16.08 -7.95 11.79
N ASN A 217 15.71 -9.11 11.27
CA ASN A 217 15.96 -10.38 11.95
C ASN A 217 17.44 -10.72 12.12
N ARG A 218 17.68 -11.86 12.76
CA ARG A 218 19.02 -12.35 13.05
C ARG A 218 19.22 -13.69 12.36
N TRP A 219 18.15 -14.23 11.79
CA TRP A 219 18.20 -15.51 11.09
C TRP A 219 17.28 -15.45 9.87
N HIS A 220 17.11 -14.25 9.36
CA HIS A 220 16.26 -13.94 8.21
C HIS A 220 14.90 -14.63 8.23
N LEU A 221 14.44 -15.00 9.42
CA LEU A 221 13.13 -15.63 9.55
C LEU A 221 12.14 -14.49 9.41
N CYS A 222 11.13 -14.64 8.56
CA CYS A 222 10.15 -13.57 8.38
C CYS A 222 9.21 -13.50 9.58
N PRO A 223 9.10 -12.32 10.20
CA PRO A 223 8.25 -12.06 11.37
C PRO A 223 6.77 -12.42 11.24
N THR A 224 6.14 -11.95 10.17
CA THR A 224 4.73 -12.22 9.94
C THR A 224 4.54 -13.66 9.48
N LEU A 225 3.34 -14.19 9.66
CA LEU A 225 3.02 -15.55 9.24
C LEU A 225 1.85 -15.58 8.26
N TYR A 226 0.64 -15.46 8.79
CA TYR A 226 -0.56 -15.49 7.96
C TYR A 226 -1.02 -14.07 7.65
N GLU A 227 -0.50 -13.49 6.57
CA GLU A 227 -0.92 -12.13 6.21
C GLU A 227 -2.26 -12.18 5.50
N SER A 228 -2.65 -11.07 4.88
CA SER A 228 -3.93 -10.98 4.18
C SER A 228 -4.12 -9.66 3.43
N ARG A 229 -4.64 -9.76 2.20
CA ARG A 229 -4.91 -8.59 1.37
C ARG A 229 -6.31 -8.84 0.80
N PHE A 230 -7.17 -7.83 0.83
CA PHE A 230 -8.53 -7.98 0.30
C PHE A 230 -8.53 -7.74 -1.21
N GLN A 231 -9.58 -8.17 -1.90
CA GLN A 231 -9.67 -7.99 -3.35
C GLN A 231 -10.98 -7.38 -3.79
N GLY A 238 -12.00 -9.50 -1.95
CA GLY A 238 -11.57 -10.86 -1.67
C GLY A 238 -10.35 -10.95 -0.76
N SER A 239 -10.58 -11.41 0.47
CA SER A 239 -9.49 -11.55 1.45
C SER A 239 -8.48 -12.62 1.04
N ARG A 240 -7.30 -12.18 0.61
CA ARG A 240 -6.23 -13.08 0.22
C ARG A 240 -5.21 -13.23 1.36
N VAL A 241 -5.30 -14.33 2.09
CA VAL A 241 -4.41 -14.60 3.20
C VAL A 241 -3.15 -15.29 2.68
N LEU A 242 -2.20 -14.47 2.22
CA LEU A 242 -0.93 -14.95 1.67
C LEU A 242 -0.10 -15.66 2.72
N ASP A 243 -0.18 -16.99 2.72
CA ASP A 243 0.54 -17.83 3.67
C ASP A 243 2.06 -17.74 3.50
N ARG A 244 2.78 -17.68 4.62
CA ARG A 244 4.23 -17.60 4.58
C ARG A 244 4.89 -18.93 4.92
N ALA A 245 4.09 -19.90 5.37
CA ALA A 245 4.60 -21.22 5.71
C ALA A 245 4.65 -22.12 4.47
N ASN A 246 3.47 -22.48 3.96
CA ASN A 246 3.38 -23.32 2.76
C ASN A 246 3.34 -22.38 1.55
N ASN A 247 2.72 -21.21 1.72
CA ASN A 247 2.62 -20.19 0.69
C ASN A 247 1.56 -20.48 -0.38
N VAL A 248 0.30 -20.29 -0.03
CA VAL A 248 -0.80 -20.51 -0.98
C VAL A 248 -1.96 -19.57 -0.67
N GLU A 249 -2.98 -20.09 0.01
CA GLU A 249 -4.15 -19.29 0.37
C GLU A 249 -5.06 -19.99 1.36
N LEU A 250 -5.59 -19.21 2.31
CA LEU A 250 -6.50 -19.73 3.33
C LEU A 250 -7.92 -19.27 2.99
N GLU B 17 7.54 -6.68 27.63
CA GLU B 17 6.29 -6.14 27.02
C GLU B 17 6.60 -4.95 26.10
N ASP B 18 7.86 -4.52 26.10
CA ASP B 18 8.31 -3.39 25.29
C ASP B 18 8.03 -3.60 23.79
N GLY B 19 8.10 -4.85 23.35
CA GLY B 19 7.83 -5.14 21.97
C GLY B 19 6.34 -5.02 21.74
N PHE B 20 5.62 -4.60 22.78
CA PHE B 20 4.17 -4.44 22.72
C PHE B 20 3.72 -2.99 22.84
N THR B 21 4.66 -2.06 22.86
CA THR B 21 4.32 -0.65 22.98
C THR B 21 3.69 -0.10 21.70
N ALA B 22 2.99 1.02 21.86
CA ALA B 22 2.37 1.66 20.71
C ALA B 22 3.46 2.04 19.71
N GLU B 23 4.44 2.81 20.18
CA GLU B 23 5.53 3.24 19.32
C GLU B 23 6.44 2.08 18.94
N HIS B 24 5.90 0.87 18.94
CA HIS B 24 6.68 -0.30 18.54
C HIS B 24 5.91 -1.16 17.52
N LEU B 25 4.64 -1.43 17.79
CA LEU B 25 3.85 -2.22 16.87
C LEU B 25 3.56 -1.42 15.62
N ALA B 26 3.63 -0.10 15.74
CA ALA B 26 3.41 0.75 14.58
C ALA B 26 4.58 0.46 13.65
N ALA B 27 5.79 0.60 14.17
CA ALA B 27 7.01 0.36 13.41
C ALA B 27 7.05 -1.02 12.79
N GLU B 28 6.54 -2.02 13.50
CA GLU B 28 6.51 -3.39 12.99
C GLU B 28 5.53 -3.48 11.82
N ALA B 29 4.33 -2.93 12.01
CA ALA B 29 3.31 -2.92 10.97
C ALA B 29 3.80 -2.19 9.72
N MSE B 30 4.50 -1.08 9.92
CA MSE B 30 5.01 -0.31 8.80
C MSE B 30 6.14 -1.02 8.08
O MSE B 30 6.12 -1.12 6.85
CB MSE B 30 5.47 1.07 9.28
CG MSE B 30 4.33 1.83 9.94
SE MSE B 30 4.69 3.68 10.21
CE MSE B 30 4.31 4.29 8.40
N ALA B 31 7.12 -1.52 8.82
CA ALA B 31 8.23 -2.21 8.19
C ALA B 31 7.72 -3.33 7.29
N ALA B 32 6.56 -3.88 7.63
CA ALA B 32 5.97 -4.96 6.87
C ALA B 32 5.06 -4.51 5.72
N ASP B 33 4.77 -3.21 5.65
CA ASP B 33 3.92 -2.68 4.60
C ASP B 33 4.68 -2.40 3.30
N MSE B 34 5.09 -3.49 2.65
CA MSE B 34 5.81 -3.43 1.38
C MSE B 34 5.04 -4.30 0.39
O MSE B 34 4.56 -5.37 0.76
CB MSE B 34 7.24 -3.98 1.53
CG MSE B 34 8.18 -3.06 2.29
SE MSE B 34 8.74 -1.51 1.27
CE MSE B 34 10.57 -2.03 0.93
N ASP B 35 4.91 -3.83 -0.84
CA ASP B 35 4.20 -4.62 -1.83
C ASP B 35 5.04 -5.85 -2.16
N PRO B 36 4.38 -6.99 -2.38
CA PRO B 36 5.02 -8.27 -2.68
C PRO B 36 5.76 -8.31 -4.02
N TRP B 37 6.54 -9.37 -4.19
CA TRP B 37 7.33 -9.58 -5.41
C TRP B 37 6.80 -10.75 -6.21
N LEU B 38 7.19 -10.82 -7.48
CA LEU B 38 6.84 -11.93 -8.35
C LEU B 38 8.17 -12.65 -8.25
N VAL B 39 8.18 -13.85 -7.70
CA VAL B 39 9.42 -14.54 -7.48
C VAL B 39 9.58 -15.93 -8.07
N PHE B 40 10.71 -16.18 -8.72
CA PHE B 40 10.98 -17.52 -9.22
C PHE B 40 12.10 -18.06 -8.34
N ASP B 41 11.74 -18.99 -7.46
CA ASP B 41 12.67 -19.59 -6.51
C ASP B 41 13.21 -20.92 -7.04
N ALA B 42 14.46 -20.93 -7.47
CA ALA B 42 15.07 -22.15 -7.97
C ALA B 42 15.18 -23.20 -6.87
N ARG B 43 15.04 -22.79 -5.61
CA ARG B 43 15.12 -23.73 -4.49
C ARG B 43 13.86 -24.56 -4.34
N THR B 44 12.72 -24.00 -4.71
CA THR B 44 11.47 -24.71 -4.57
C THR B 44 10.81 -25.09 -5.88
N THR B 45 11.36 -24.61 -7.00
CA THR B 45 10.78 -24.89 -8.32
C THR B 45 11.82 -25.43 -9.30
N PRO B 46 11.44 -26.42 -10.12
CA PRO B 46 12.36 -27.02 -11.10
C PRO B 46 12.73 -26.04 -12.20
N ALA B 47 13.89 -26.24 -12.79
CA ALA B 47 14.40 -25.38 -13.85
C ALA B 47 13.46 -25.39 -15.06
N THR B 48 13.07 -26.58 -15.50
CA THR B 48 12.19 -26.74 -16.65
C THR B 48 10.99 -25.79 -16.63
N GLU B 49 10.53 -25.42 -15.44
CA GLU B 49 9.39 -24.52 -15.33
C GLU B 49 9.83 -23.07 -15.50
N LEU B 50 11.14 -22.84 -15.56
CA LEU B 50 11.65 -21.49 -15.69
C LEU B 50 11.22 -20.75 -16.94
N ASP B 51 11.74 -21.18 -18.08
CA ASP B 51 11.43 -20.51 -19.34
C ASP B 51 9.92 -20.36 -19.50
N ALA B 52 9.15 -21.22 -18.85
CA ALA B 52 7.71 -21.15 -18.92
C ALA B 52 7.22 -20.07 -17.96
N TRP B 53 7.97 -19.90 -16.87
CA TRP B 53 7.65 -18.90 -15.87
C TRP B 53 7.99 -17.51 -16.39
N LEU B 54 9.07 -17.41 -17.18
CA LEU B 54 9.47 -16.12 -17.74
C LEU B 54 8.51 -15.68 -18.85
N ALA B 55 8.10 -16.59 -19.71
CA ALA B 55 7.20 -16.22 -20.80
C ALA B 55 5.97 -15.48 -20.28
N LYS B 56 5.48 -15.89 -19.11
CA LYS B 56 4.31 -15.27 -18.51
C LYS B 56 4.57 -13.90 -17.90
N TYR B 57 5.70 -13.74 -17.24
CA TYR B 57 5.99 -12.47 -16.60
C TYR B 57 7.11 -11.58 -17.13
N PRO B 58 7.13 -11.29 -18.44
CA PRO B 58 8.21 -10.42 -18.93
C PRO B 58 8.09 -9.06 -18.23
N PRO B 59 9.19 -8.57 -17.63
CA PRO B 59 9.24 -7.29 -16.91
C PRO B 59 8.74 -6.03 -17.57
N SER B 60 8.71 -5.98 -18.90
CA SER B 60 8.24 -4.78 -19.57
C SER B 60 6.71 -4.71 -19.56
N GLN B 61 6.07 -5.70 -18.95
CA GLN B 61 4.62 -5.72 -18.88
C GLN B 61 4.12 -5.75 -17.45
N VAL B 62 4.89 -6.37 -16.56
CA VAL B 62 4.46 -6.43 -15.17
C VAL B 62 4.50 -5.00 -14.68
N THR B 63 3.39 -4.53 -14.10
CA THR B 63 3.36 -3.15 -13.64
C THR B 63 3.50 -3.00 -12.13
N ARG B 64 4.08 -1.87 -11.75
CA ARG B 64 4.32 -1.57 -10.34
C ARG B 64 3.05 -1.65 -9.52
N TYR B 65 1.90 -1.38 -10.14
CA TYR B 65 0.64 -1.39 -9.43
C TYR B 65 -0.48 -2.26 -9.95
N GLY B 66 -0.12 -3.31 -10.70
CA GLY B 66 -1.12 -4.22 -11.23
C GLY B 66 -2.22 -3.55 -12.03
N ASP B 67 -1.83 -2.68 -12.95
CA ASP B 67 -2.78 -1.97 -13.80
C ASP B 67 -3.61 -2.92 -14.65
N PRO B 68 -4.78 -2.45 -15.12
CA PRO B 68 -5.62 -3.30 -15.97
C PRO B 68 -4.79 -3.63 -17.21
N GLY B 69 -4.82 -4.89 -17.64
CA GLY B 69 -4.05 -5.25 -18.81
C GLY B 69 -2.64 -5.75 -18.51
N SER B 70 -2.28 -5.78 -17.22
CA SER B 70 -0.97 -6.26 -16.81
C SER B 70 -1.07 -7.74 -16.49
N PRO B 71 0.06 -8.47 -16.51
CA PRO B 71 -0.03 -9.90 -16.21
C PRO B 71 -0.37 -9.99 -14.72
N ASN B 72 0.00 -8.94 -13.97
CA ASN B 72 -0.25 -8.87 -12.54
C ASN B 72 -1.42 -7.97 -12.21
N SER B 73 -2.33 -8.48 -11.39
CA SER B 73 -3.51 -7.72 -11.02
C SER B 73 -3.27 -6.76 -9.85
N GLU B 74 -2.25 -7.05 -9.06
CA GLU B 74 -1.95 -6.22 -7.90
C GLU B 74 -0.56 -5.58 -7.99
N PRO B 75 -0.28 -4.61 -7.10
CA PRO B 75 1.01 -3.93 -7.08
C PRO B 75 2.19 -4.90 -6.94
N VAL B 76 3.31 -4.56 -7.57
CA VAL B 76 4.51 -5.38 -7.51
C VAL B 76 5.76 -4.52 -7.29
N GLY B 77 6.45 -4.76 -6.19
CA GLY B 77 7.64 -3.99 -5.88
C GLY B 77 8.81 -4.34 -6.78
N TRP B 78 9.08 -5.63 -6.92
CA TRP B 78 10.17 -6.12 -7.74
C TRP B 78 9.83 -7.48 -8.30
N ILE B 79 10.56 -7.86 -9.34
CA ILE B 79 10.42 -9.19 -9.93
C ILE B 79 11.77 -9.80 -9.55
N ALA B 80 11.80 -11.07 -9.17
CA ALA B 80 13.07 -11.64 -8.75
C ALA B 80 13.27 -13.12 -8.95
N VAL B 81 14.54 -13.51 -9.06
CA VAL B 81 14.89 -14.90 -9.21
C VAL B 81 15.99 -15.24 -8.21
N TYR B 82 15.75 -16.28 -7.42
CA TYR B 82 16.74 -16.75 -6.44
C TYR B 82 17.29 -18.08 -6.92
N GLY B 83 18.62 -18.19 -6.94
CA GLY B 83 19.24 -19.42 -7.36
C GLY B 83 19.18 -20.44 -6.24
N GLN B 84 19.13 -21.73 -6.60
CA GLN B 84 19.08 -22.80 -5.61
C GLN B 84 20.06 -22.58 -4.45
N GLY B 85 21.34 -22.60 -4.77
CA GLY B 85 22.37 -22.43 -3.75
C GLY B 85 22.40 -21.04 -3.14
N TYR B 86 21.23 -20.55 -2.74
CA TYR B 86 21.12 -19.22 -2.15
C TYR B 86 20.70 -19.24 -0.69
N SER B 87 21.36 -18.41 0.10
CA SER B 87 21.07 -18.27 1.53
C SER B 87 21.21 -16.79 1.86
N PRO B 88 20.17 -16.18 2.44
CA PRO B 88 20.15 -14.76 2.82
C PRO B 88 21.37 -14.27 3.59
N ASN B 89 21.35 -13.00 3.99
CA ASN B 89 22.46 -12.39 4.70
C ASN B 89 22.41 -12.53 6.22
N SER B 90 21.61 -11.66 6.86
CA SER B 90 21.47 -11.66 8.32
C SER B 90 22.69 -11.04 8.98
N GLY B 91 23.06 -9.84 8.55
CA GLY B 91 24.22 -9.17 9.09
C GLY B 91 23.87 -8.17 10.18
N ASP B 92 24.89 -7.71 10.90
CA ASP B 92 24.74 -6.75 11.98
C ASP B 92 24.21 -5.43 11.42
N VAL B 93 23.04 -5.51 10.80
CA VAL B 93 22.40 -4.35 10.20
C VAL B 93 21.95 -3.33 11.23
N GLN B 94 21.22 -3.79 12.24
CA GLN B 94 20.75 -2.88 13.28
C GLN B 94 21.99 -2.19 13.84
N GLY B 95 23.04 -2.98 14.03
CA GLY B 95 24.28 -2.40 14.53
C GLY B 95 24.87 -1.45 13.51
N LEU B 96 24.87 -1.86 12.24
CA LEU B 96 25.40 -1.04 11.16
C LEU B 96 24.73 0.33 11.13
N GLN B 97 23.40 0.32 11.14
CA GLN B 97 22.63 1.55 11.11
C GLN B 97 22.82 2.38 12.38
N ALA B 98 22.98 1.71 13.52
CA ALA B 98 23.18 2.41 14.78
C ALA B 98 24.49 3.18 14.68
N ALA B 99 25.57 2.46 14.44
CA ALA B 99 26.89 3.06 14.31
C ALA B 99 26.85 4.21 13.31
N TRP B 100 26.00 4.09 12.30
CA TRP B 100 25.88 5.14 11.28
C TRP B 100 25.56 6.47 11.96
N GLU B 101 24.58 6.45 12.85
CA GLU B 101 24.20 7.65 13.58
C GLU B 101 25.43 8.24 14.29
N ALA B 102 26.10 7.40 15.08
CA ALA B 102 27.28 7.81 15.82
C ALA B 102 28.32 8.46 14.92
N LEU B 103 28.59 7.83 13.78
CA LEU B 103 29.59 8.35 12.85
C LEU B 103 29.32 9.78 12.42
N GLN B 104 28.10 10.05 11.98
CA GLN B 104 27.73 11.38 11.54
C GLN B 104 27.88 12.38 12.70
N THR B 105 27.52 11.94 13.91
CA THR B 105 27.62 12.77 15.11
C THR B 105 29.03 13.38 15.16
N SER B 106 29.98 12.59 15.64
CA SER B 106 31.36 13.05 15.71
C SER B 106 31.74 13.40 14.28
N GLY B 107 32.20 14.64 14.08
CA GLY B 107 32.58 15.09 12.76
C GLY B 107 33.75 14.38 12.10
N ARG B 108 34.02 13.15 12.49
CA ARG B 108 35.12 12.39 11.92
C ARG B 108 34.95 12.25 10.41
N PRO B 109 36.05 12.03 9.67
CA PRO B 109 36.01 11.87 8.22
C PRO B 109 35.27 10.63 7.72
N ILE B 110 34.21 10.86 6.95
CA ILE B 110 33.41 9.78 6.38
C ILE B 110 33.83 9.56 4.93
N THR B 111 34.39 8.38 4.64
CA THR B 111 34.87 8.07 3.31
C THR B 111 34.64 6.61 2.93
N PRO B 112 34.98 6.22 1.69
CA PRO B 112 34.80 4.85 1.22
C PRO B 112 35.50 3.86 2.14
N GLY B 113 36.79 4.09 2.34
CA GLY B 113 37.59 3.22 3.19
C GLY B 113 36.95 3.05 4.55
N THR B 114 36.27 4.11 4.99
CA THR B 114 35.58 4.10 6.27
C THR B 114 34.39 3.15 6.14
N LEU B 115 33.54 3.42 5.16
CA LEU B 115 32.37 2.60 4.92
C LEU B 115 32.73 1.14 4.78
N ARG B 116 33.87 0.86 4.16
CA ARG B 116 34.32 -0.52 3.97
C ARG B 116 34.52 -1.17 5.34
N GLN B 117 35.17 -0.43 6.24
CA GLN B 117 35.42 -0.92 7.59
C GLN B 117 34.10 -0.94 8.33
N LEU B 118 33.40 0.19 8.32
CA LEU B 118 32.12 0.30 8.99
C LEU B 118 31.27 -0.91 8.58
N ALA B 119 31.34 -1.27 7.31
CA ALA B 119 30.56 -2.41 6.78
C ALA B 119 31.15 -3.75 7.18
N ILE B 120 32.48 -3.85 7.15
CA ILE B 120 33.15 -5.09 7.53
C ILE B 120 32.90 -5.35 9.01
N THR B 121 33.05 -4.31 9.83
CA THR B 121 32.83 -4.43 11.26
C THR B 121 31.45 -4.99 11.59
N HIS B 122 30.48 -4.76 10.71
CA HIS B 122 29.13 -5.25 10.97
C HIS B 122 28.62 -6.36 10.06
N HIS B 123 29.54 -6.98 9.33
CA HIS B 123 29.21 -8.10 8.45
C HIS B 123 28.13 -7.87 7.38
N VAL B 124 28.00 -6.63 6.91
CA VAL B 124 27.04 -6.29 5.85
C VAL B 124 27.92 -6.06 4.63
N LEU B 125 28.36 -7.16 4.02
CA LEU B 125 29.28 -7.12 2.90
C LEU B 125 28.76 -7.31 1.49
N SER B 126 27.52 -7.77 1.34
CA SER B 126 26.99 -8.01 0.00
C SER B 126 26.73 -6.72 -0.77
N GLY B 127 26.43 -6.89 -2.06
CA GLY B 127 26.16 -5.74 -2.91
C GLY B 127 25.59 -6.15 -4.25
N LYS B 128 25.36 -5.15 -5.09
CA LYS B 128 24.78 -5.48 -6.38
C LYS B 128 25.17 -4.61 -7.59
N TRP B 129 25.38 -5.31 -8.69
CA TRP B 129 25.68 -4.69 -9.97
C TRP B 129 24.33 -4.10 -10.45
N LEU B 130 24.38 -2.86 -10.93
CA LEU B 130 23.18 -2.18 -11.44
C LEU B 130 23.29 -1.83 -12.92
N MSE B 131 22.18 -2.00 -13.63
CA MSE B 131 22.12 -1.73 -15.06
C MSE B 131 20.70 -1.28 -15.37
O MSE B 131 19.74 -1.79 -14.78
CB MSE B 131 22.45 -2.99 -15.86
CG MSE B 131 21.49 -4.13 -15.65
SE MSE B 131 22.39 -5.84 -15.56
CE MSE B 131 23.00 -5.70 -13.73
N HIS B 132 20.58 -0.35 -16.31
CA HIS B 132 19.27 0.19 -16.68
C HIS B 132 18.98 -0.03 -18.15
N LEU B 133 17.82 -0.58 -18.44
CA LEU B 133 17.39 -0.84 -19.81
C LEU B 133 16.05 -0.18 -20.04
N ALA B 134 15.83 0.26 -21.28
CA ALA B 134 14.56 0.89 -21.61
C ALA B 134 13.57 -0.26 -21.71
N PRO B 135 12.37 -0.07 -21.13
CA PRO B 135 11.38 -1.15 -21.21
C PRO B 135 11.18 -1.57 -22.66
N GLY B 136 11.10 -2.87 -22.89
CA GLY B 136 10.93 -3.36 -24.24
C GLY B 136 11.54 -4.75 -24.39
N PHE B 137 11.62 -5.22 -25.63
CA PHE B 137 12.14 -6.55 -25.88
C PHE B 137 13.61 -6.74 -25.48
N LYS B 138 14.37 -5.66 -25.43
CA LYS B 138 15.76 -5.79 -25.03
C LYS B 138 15.89 -5.96 -23.52
N LEU B 139 15.16 -5.13 -22.77
CA LEU B 139 15.18 -5.25 -21.32
C LEU B 139 14.64 -6.64 -20.96
N ASP B 140 13.67 -7.10 -21.74
CA ASP B 140 13.02 -8.39 -21.54
C ASP B 140 13.94 -9.61 -21.62
N HIS B 141 14.77 -9.68 -22.67
CA HIS B 141 15.66 -10.83 -22.76
C HIS B 141 16.83 -10.58 -21.83
N ALA B 142 17.25 -9.32 -21.73
CA ALA B 142 18.35 -8.93 -20.85
C ALA B 142 18.01 -9.46 -19.45
N TRP B 143 16.77 -9.23 -19.03
CA TRP B 143 16.33 -9.70 -17.71
C TRP B 143 16.22 -11.21 -17.75
N ALA B 144 15.87 -11.76 -18.91
CA ALA B 144 15.74 -13.21 -19.10
C ALA B 144 17.09 -13.91 -18.96
N GLY B 145 18.09 -13.42 -19.68
CA GLY B 145 19.42 -14.03 -19.60
C GLY B 145 19.99 -14.02 -18.20
N ILE B 146 19.51 -13.10 -17.37
CA ILE B 146 19.98 -13.00 -15.99
C ILE B 146 19.37 -14.13 -15.17
N ALA B 147 18.08 -14.38 -15.40
CA ALA B 147 17.38 -15.46 -14.72
C ALA B 147 18.03 -16.82 -14.99
N ARG B 148 18.29 -17.10 -16.27
CA ARG B 148 18.90 -18.36 -16.65
C ARG B 148 20.22 -18.55 -15.94
N ALA B 149 21.04 -17.51 -15.95
CA ALA B 149 22.35 -17.55 -15.29
C ALA B 149 22.14 -17.89 -13.80
N VAL B 150 21.15 -17.25 -13.17
CA VAL B 150 20.86 -17.53 -11.77
C VAL B 150 20.44 -18.99 -11.63
N VAL B 151 19.48 -19.41 -12.45
CA VAL B 151 18.99 -20.79 -12.40
C VAL B 151 20.15 -21.74 -12.62
N GLU B 152 20.90 -21.57 -13.71
CA GLU B 152 22.04 -22.44 -13.99
C GLU B 152 23.17 -22.26 -12.96
N GLY B 153 22.88 -21.51 -11.90
CA GLY B 153 23.86 -21.30 -10.84
C GLY B 153 25.13 -20.55 -11.20
N ARG B 154 25.00 -19.30 -11.64
CA ARG B 154 26.19 -18.53 -11.99
C ARG B 154 26.09 -17.11 -11.44
N LEU B 155 24.92 -16.78 -10.90
CA LEU B 155 24.67 -15.48 -10.27
C LEU B 155 23.77 -15.77 -9.09
N GLN B 156 23.95 -15.04 -7.99
CA GLN B 156 23.17 -15.32 -6.79
C GLN B 156 21.67 -15.01 -6.85
N VAL B 157 21.33 -13.74 -7.04
CA VAL B 157 19.93 -13.33 -7.07
C VAL B 157 19.82 -12.01 -7.82
N ALA B 158 18.77 -11.86 -8.63
CA ALA B 158 18.63 -10.62 -9.35
C ALA B 158 17.20 -10.14 -9.31
N LYS B 159 17.04 -8.83 -9.23
CA LYS B 159 15.70 -8.26 -9.19
C LYS B 159 15.55 -7.22 -10.30
N VAL B 160 14.34 -7.08 -10.81
CA VAL B 160 14.06 -6.11 -11.87
C VAL B 160 12.81 -5.28 -11.56
N SER B 161 12.97 -3.96 -11.56
CA SER B 161 11.87 -3.06 -11.27
C SER B 161 10.77 -3.16 -12.31
N PRO B 162 9.50 -3.26 -11.87
CA PRO B 162 8.41 -3.35 -12.86
C PRO B 162 8.26 -2.00 -13.58
N ARG B 163 7.43 -1.96 -14.63
CA ARG B 163 7.24 -0.72 -15.36
C ARG B 163 6.56 0.33 -14.46
N ALA B 164 7.15 1.52 -14.40
CA ALA B 164 6.62 2.61 -13.59
C ALA B 164 5.62 3.43 -14.39
N LYS B 165 4.49 3.77 -13.78
CA LYS B 165 3.45 4.53 -14.46
C LYS B 165 3.97 5.75 -15.21
N GLU B 166 5.10 6.30 -14.76
CA GLU B 166 5.68 7.47 -15.42
C GLU B 166 6.78 6.99 -16.37
N GLY B 167 6.72 5.72 -16.72
CA GLY B 167 7.69 5.13 -17.62
C GLY B 167 9.13 5.38 -17.22
N GLY B 168 10.05 5.09 -18.14
CA GLY B 168 11.46 5.29 -17.86
C GLY B 168 12.20 3.97 -17.73
N ARG B 169 13.53 4.04 -17.88
CA ARG B 169 14.36 2.85 -17.79
C ARG B 169 14.09 2.04 -16.53
N GLN B 170 13.95 0.73 -16.69
CA GLN B 170 13.72 -0.14 -15.55
C GLN B 170 15.09 -0.59 -15.10
N VAL B 171 15.16 -1.16 -13.90
CA VAL B 171 16.46 -1.59 -13.39
C VAL B 171 16.59 -3.08 -13.08
N ILE B 172 17.83 -3.56 -13.22
CA ILE B 172 18.17 -4.93 -12.89
C ILE B 172 19.32 -4.82 -11.92
N CYS B 173 19.29 -5.64 -10.88
CA CYS B 173 20.32 -5.65 -9.86
C CYS B 173 20.81 -7.09 -9.69
N VAL B 174 22.12 -7.30 -9.85
CA VAL B 174 22.70 -8.62 -9.68
C VAL B 174 23.54 -8.61 -8.40
N TYR B 175 23.25 -9.56 -7.52
CA TYR B 175 23.94 -9.68 -6.24
C TYR B 175 25.15 -10.61 -6.19
N THR B 176 26.13 -10.23 -5.38
CA THR B 176 27.31 -11.04 -5.11
C THR B 176 27.35 -11.08 -3.57
N ASP B 177 27.70 -12.23 -3.01
CA ASP B 177 27.68 -12.38 -1.55
C ASP B 177 28.44 -11.34 -0.75
N ASP B 178 29.55 -10.84 -1.31
CA ASP B 178 30.36 -9.86 -0.59
C ASP B 178 31.23 -9.07 -1.56
N PHE B 179 31.19 -7.75 -1.47
CA PHE B 179 31.96 -6.94 -2.39
C PHE B 179 33.47 -7.11 -2.24
N THR B 180 33.88 -8.07 -1.43
CA THR B 180 35.29 -8.35 -1.23
C THR B 180 35.74 -9.50 -2.13
N ASP B 181 34.97 -10.58 -2.23
CA ASP B 181 35.39 -11.67 -3.13
C ASP B 181 35.35 -11.06 -4.53
N ARG B 182 36.42 -10.34 -4.87
CA ARG B 182 36.50 -9.69 -6.16
C ARG B 182 36.38 -10.63 -7.35
N LEU B 183 36.79 -11.89 -7.18
CA LEU B 183 36.66 -12.82 -8.28
C LEU B 183 35.16 -13.07 -8.45
N GLY B 184 34.43 -12.96 -7.35
CA GLY B 184 32.99 -13.15 -7.39
C GLY B 184 32.36 -12.00 -8.17
N VAL B 185 32.93 -10.81 -8.01
CA VAL B 185 32.42 -9.62 -8.68
C VAL B 185 32.64 -9.74 -10.21
N LEU B 186 33.88 -9.95 -10.62
CA LEU B 186 34.19 -10.09 -12.03
C LEU B 186 33.33 -11.15 -12.68
N GLU B 187 33.28 -12.30 -12.03
CA GLU B 187 32.49 -13.42 -12.51
C GLU B 187 31.07 -12.96 -12.79
N ALA B 188 30.46 -12.27 -11.82
CA ALA B 188 29.11 -11.76 -11.99
C ALA B 188 29.06 -10.96 -13.31
N ASP B 189 29.97 -10.00 -13.46
CA ASP B 189 30.07 -9.17 -14.66
C ASP B 189 30.03 -10.10 -15.87
N SER B 190 30.93 -11.08 -15.86
CA SER B 190 31.03 -12.06 -16.94
C SER B 190 29.70 -12.71 -17.32
N ALA B 191 28.92 -13.13 -16.31
CA ALA B 191 27.63 -13.74 -16.57
C ALA B 191 26.65 -12.72 -17.16
N ILE B 192 26.69 -11.50 -16.62
CA ILE B 192 25.81 -10.44 -17.11
C ILE B 192 26.10 -10.11 -18.57
N ARG B 193 27.37 -10.01 -18.93
CA ARG B 193 27.74 -9.70 -20.31
C ARG B 193 27.06 -10.79 -21.10
N ALA B 194 27.61 -11.99 -21.00
CA ALA B 194 27.09 -13.17 -21.66
C ALA B 194 25.55 -13.15 -21.78
N ALA B 195 24.88 -12.42 -20.88
CA ALA B 195 23.44 -12.30 -20.99
C ALA B 195 23.20 -11.22 -22.08
N GLY B 196 24.11 -11.20 -23.06
CA GLY B 196 24.03 -10.25 -24.15
C GLY B 196 23.97 -8.82 -23.68
N ILE B 197 24.04 -8.59 -22.38
CA ILE B 197 23.98 -7.23 -21.86
C ILE B 197 25.26 -6.48 -22.22
N LYS B 198 25.12 -5.23 -22.66
CA LYS B 198 26.28 -4.43 -23.06
C LYS B 198 26.32 -3.04 -22.44
N CYS B 199 25.35 -2.73 -21.60
CA CYS B 199 25.31 -1.42 -20.94
C CYS B 199 26.38 -1.31 -19.86
N LEU B 200 26.50 -0.11 -19.30
CA LEU B 200 27.45 0.18 -18.24
C LEU B 200 26.95 -0.35 -16.90
N LEU B 201 27.41 -1.52 -16.49
CA LEU B 201 26.98 -2.03 -15.20
C LEU B 201 27.54 -1.04 -14.18
N THR B 202 26.91 -0.97 -13.01
CA THR B 202 27.36 -0.07 -11.96
C THR B 202 27.08 -0.68 -10.59
N TYR B 203 28.11 -1.33 -10.03
CA TYR B 203 28.06 -2.03 -8.74
C TYR B 203 27.99 -1.19 -7.47
N LYS B 204 27.02 -1.53 -6.62
CA LYS B 204 26.84 -0.80 -5.37
C LYS B 204 26.81 -1.73 -4.17
N PRO B 205 27.67 -1.49 -3.18
CA PRO B 205 27.65 -2.36 -2.00
C PRO B 205 26.41 -2.09 -1.13
N ASP B 206 25.79 -3.15 -0.60
CA ASP B 206 24.61 -2.95 0.22
C ASP B 206 24.73 -1.93 1.38
N VAL B 207 25.90 -1.80 1.99
CA VAL B 207 26.06 -0.84 3.09
C VAL B 207 25.64 0.57 2.67
N TYR B 208 25.97 0.96 1.44
CA TYR B 208 25.58 2.28 0.94
C TYR B 208 24.06 2.44 0.90
N THR B 209 23.42 1.60 0.10
CA THR B 209 21.97 1.64 -0.06
C THR B 209 21.26 1.52 1.28
N TYR B 210 22.03 1.25 2.33
CA TYR B 210 21.47 1.14 3.68
C TYR B 210 21.59 2.47 4.43
N LEU B 211 22.77 3.09 4.39
CA LEU B 211 22.96 4.35 5.09
C LEU B 211 22.38 5.52 4.30
N GLY B 212 21.75 5.20 3.17
CA GLY B 212 21.14 6.22 2.34
C GLY B 212 22.09 6.93 1.39
N ILE B 213 23.29 6.41 1.24
CA ILE B 213 24.24 7.05 0.34
C ILE B 213 23.83 6.77 -1.11
N TYR B 214 22.94 7.61 -1.63
CA TYR B 214 22.44 7.48 -2.99
C TYR B 214 23.16 8.46 -3.93
N ARG B 215 22.79 8.42 -5.21
CA ARG B 215 23.41 9.27 -6.23
C ARG B 215 23.83 10.63 -5.67
N ALA B 216 23.01 11.19 -4.80
CA ALA B 216 23.34 12.46 -4.17
C ALA B 216 23.27 12.28 -2.66
N ASN B 217 24.43 12.35 -2.01
CA ASN B 217 24.49 12.22 -0.56
C ASN B 217 25.17 13.43 0.05
N ARG B 218 25.06 13.57 1.37
CA ARG B 218 25.63 14.69 2.09
C ARG B 218 27.12 14.89 1.87
N TRP B 219 27.89 13.91 2.32
CA TRP B 219 29.34 13.92 2.23
C TRP B 219 29.91 13.94 0.81
N HIS B 220 29.04 14.09 -0.18
CA HIS B 220 29.48 14.12 -1.57
C HIS B 220 30.29 12.85 -1.82
N LEU B 221 29.82 11.74 -1.29
CA LEU B 221 30.47 10.45 -1.47
C LEU B 221 30.11 9.89 -2.84
N CYS B 222 30.95 9.04 -3.39
CA CYS B 222 30.63 8.43 -4.68
C CYS B 222 29.92 7.14 -4.32
N PRO B 223 28.62 7.08 -4.58
CA PRO B 223 27.86 5.87 -4.26
C PRO B 223 28.23 4.64 -5.10
N THR B 224 29.12 4.84 -6.08
CA THR B 224 29.56 3.73 -6.93
C THR B 224 30.96 3.29 -6.59
N LEU B 225 31.10 2.06 -6.10
CA LEU B 225 32.41 1.53 -5.75
C LEU B 225 33.07 0.93 -7.00
N TYR B 226 32.27 0.32 -7.87
CA TYR B 226 32.80 -0.28 -9.08
C TYR B 226 31.95 0.02 -10.30
N GLU B 227 32.62 0.15 -11.45
CA GLU B 227 31.99 0.44 -12.73
C GLU B 227 32.52 -0.49 -13.80
N SER B 228 31.66 -0.88 -14.73
CA SER B 228 32.05 -1.74 -15.83
C SER B 228 31.53 -1.16 -17.14
N ARG B 229 32.45 -0.77 -18.02
CA ARG B 229 32.11 -0.20 -19.31
C ARG B 229 32.37 -1.27 -20.38
N PHE B 230 31.39 -1.55 -21.22
CA PHE B 230 31.61 -2.56 -22.24
C PHE B 230 32.33 -2.00 -23.46
N GLN B 231 33.17 -2.83 -24.05
CA GLN B 231 33.93 -2.41 -25.22
C GLN B 231 33.58 -3.28 -26.43
N LEU B 232 32.94 -2.67 -27.41
CA LEU B 232 32.50 -3.34 -28.64
C LEU B 232 33.64 -3.74 -29.55
N GLY B 233 33.26 -4.35 -30.68
CA GLY B 233 34.18 -4.80 -31.72
C GLY B 233 35.47 -5.53 -31.36
N GLY B 234 35.69 -5.81 -30.08
CA GLY B 234 36.90 -6.51 -29.69
C GLY B 234 38.19 -6.01 -30.32
N SER B 235 39.06 -5.47 -29.47
CA SER B 235 40.37 -4.91 -29.82
C SER B 235 40.84 -4.36 -28.47
N ALA B 236 40.14 -4.86 -27.46
CA ALA B 236 40.32 -4.53 -26.07
C ALA B 236 39.44 -5.55 -25.34
N ARG B 237 39.64 -5.73 -24.05
CA ARG B 237 38.80 -6.65 -23.27
C ARG B 237 37.34 -6.21 -23.45
N GLY B 238 36.40 -7.12 -23.20
CA GLY B 238 35.01 -6.75 -23.33
C GLY B 238 34.71 -5.72 -22.25
N SER B 239 34.68 -6.20 -21.02
CA SER B 239 34.39 -5.36 -19.86
C SER B 239 35.60 -4.58 -19.32
N ARG B 240 35.36 -3.31 -19.02
CA ARG B 240 36.37 -2.47 -18.42
C ARG B 240 35.82 -2.10 -17.05
N VAL B 241 36.27 -2.83 -16.03
CA VAL B 241 35.81 -2.62 -14.66
C VAL B 241 36.85 -1.91 -13.81
N LEU B 242 36.52 -0.72 -13.34
CA LEU B 242 37.44 0.03 -12.49
C LEU B 242 37.03 -0.05 -11.04
N ASP B 243 37.95 0.26 -10.13
CA ASP B 243 37.68 0.29 -8.69
C ASP B 243 37.77 1.78 -8.42
N ARG B 244 36.69 2.50 -8.70
CA ARG B 244 36.66 3.95 -8.51
C ARG B 244 36.97 4.45 -7.11
N ALA B 245 37.74 3.65 -6.36
CA ALA B 245 38.15 4.00 -5.01
C ALA B 245 39.61 3.62 -4.80
N ASN B 246 40.12 2.68 -5.60
CA ASN B 246 41.49 2.23 -5.45
C ASN B 246 42.37 2.34 -6.69
N ASN B 247 41.88 2.98 -7.75
CA ASN B 247 42.65 3.12 -8.99
C ASN B 247 43.24 1.78 -9.41
N VAL B 248 42.38 0.81 -9.66
CA VAL B 248 42.82 -0.53 -10.05
C VAL B 248 41.89 -1.13 -11.10
N GLU B 249 42.46 -1.54 -12.23
CA GLU B 249 41.63 -2.15 -13.26
C GLU B 249 41.34 -3.56 -12.79
N LEU B 250 40.28 -3.70 -11.99
CA LEU B 250 39.86 -5.00 -11.47
C LEU B 250 39.47 -5.85 -12.66
N THR B 251 39.86 -5.36 -13.83
CA THR B 251 39.60 -6.01 -15.12
C THR B 251 38.23 -5.58 -15.67
N MSE C 30 -39.81 2.11 -1.08
CA MSE C 30 -39.54 2.28 -2.53
C MSE C 30 -38.34 3.18 -2.75
O MSE C 30 -37.60 3.51 -1.82
CB MSE C 30 -40.75 2.90 -3.24
CG MSE C 30 -41.97 1.98 -3.35
SE MSE C 30 -43.41 2.73 -4.41
CE MSE C 30 -44.47 3.49 -2.99
N ALA C 31 -38.13 3.58 -4.01
CA ALA C 31 -37.02 4.44 -4.38
C ALA C 31 -37.28 5.03 -5.77
N ALA C 32 -36.58 6.12 -6.07
CA ALA C 32 -36.72 6.79 -7.36
C ALA C 32 -36.21 5.88 -8.47
N ASP C 33 -35.11 5.17 -8.19
CA ASP C 33 -34.53 4.26 -9.17
C ASP C 33 -34.55 2.85 -8.57
N MSE C 34 -35.60 2.11 -8.91
CA MSE C 34 -35.78 0.76 -8.39
C MSE C 34 -35.49 -0.29 -9.45
O MSE C 34 -35.65 -1.49 -9.20
CB MSE C 34 -37.20 0.59 -7.84
CG MSE C 34 -37.54 1.48 -6.65
SE MSE C 34 -39.34 1.15 -5.93
CE MSE C 34 -40.34 2.28 -7.13
N ASP C 35 -35.08 0.15 -10.64
CA ASP C 35 -34.81 -0.76 -11.74
C ASP C 35 -33.39 -1.31 -11.81
N PRO C 36 -33.13 -2.24 -12.75
CA PRO C 36 -31.79 -2.80 -12.89
C PRO C 36 -30.99 -1.81 -13.71
N TRP C 37 -29.71 -2.11 -13.89
CA TRP C 37 -28.82 -1.29 -14.69
C TRP C 37 -28.04 -2.20 -15.63
N LEU C 38 -27.70 -1.70 -16.83
CA LEU C 38 -26.88 -2.45 -17.77
C LEU C 38 -25.49 -2.15 -17.23
N VAL C 39 -24.78 -3.19 -16.85
CA VAL C 39 -23.48 -2.98 -16.23
C VAL C 39 -22.30 -3.67 -16.86
N PHE C 40 -21.15 -2.99 -16.80
CA PHE C 40 -19.91 -3.57 -17.25
C PHE C 40 -18.83 -3.14 -16.25
N ASP C 41 -18.29 -4.11 -15.53
CA ASP C 41 -17.27 -3.84 -14.54
C ASP C 41 -15.96 -4.48 -14.94
N ALA C 42 -15.00 -3.65 -15.34
CA ALA C 42 -13.70 -4.13 -15.76
C ALA C 42 -12.98 -4.79 -14.58
N ARG C 43 -13.61 -4.78 -13.41
CA ARG C 43 -13.01 -5.41 -12.25
C ARG C 43 -13.25 -6.90 -12.35
N THR C 44 -13.98 -7.33 -13.37
CA THR C 44 -14.29 -8.75 -13.50
C THR C 44 -14.68 -9.28 -14.87
N THR C 45 -14.67 -8.45 -15.91
CA THR C 45 -15.10 -8.91 -17.23
C THR C 45 -14.07 -8.79 -18.37
N PRO C 46 -14.02 -9.80 -19.26
CA PRO C 46 -13.09 -9.83 -20.39
C PRO C 46 -13.17 -8.52 -21.19
N ALA C 47 -12.16 -7.67 -20.97
CA ALA C 47 -12.07 -6.37 -21.62
C ALA C 47 -12.42 -6.41 -23.09
N THR C 48 -11.94 -7.44 -23.79
CA THR C 48 -12.21 -7.54 -25.21
C THR C 48 -13.69 -7.72 -25.50
N GLU C 49 -14.49 -7.81 -24.44
CA GLU C 49 -15.93 -7.99 -24.62
C GLU C 49 -16.62 -6.63 -24.60
N LEU C 50 -15.87 -5.57 -24.34
CA LEU C 50 -16.46 -4.23 -24.29
C LEU C 50 -17.11 -3.73 -25.58
N ASP C 51 -16.33 -3.62 -26.64
CA ASP C 51 -16.84 -3.12 -27.92
C ASP C 51 -18.20 -3.68 -28.35
N ALA C 52 -18.38 -4.98 -28.18
CA ALA C 52 -19.64 -5.65 -28.53
C ALA C 52 -20.75 -5.16 -27.61
N TRP C 53 -20.41 -5.08 -26.33
CA TRP C 53 -21.34 -4.64 -25.31
C TRP C 53 -21.81 -3.21 -25.59
N LEU C 54 -20.88 -2.33 -25.96
CA LEU C 54 -21.24 -0.95 -26.25
C LEU C 54 -22.21 -0.91 -27.42
N ALA C 55 -22.00 -1.86 -28.34
CA ALA C 55 -22.81 -1.97 -29.55
C ALA C 55 -24.19 -2.56 -29.30
N LYS C 56 -24.24 -3.65 -28.53
CA LYS C 56 -25.50 -4.30 -28.25
C LYS C 56 -26.48 -3.39 -27.49
N TYR C 57 -25.94 -2.49 -26.67
CA TYR C 57 -26.78 -1.61 -25.88
C TYR C 57 -26.36 -0.14 -25.92
N PRO C 58 -26.15 0.43 -27.10
CA PRO C 58 -25.76 1.85 -27.01
C PRO C 58 -26.85 2.61 -26.25
N PRO C 59 -26.47 3.65 -25.48
CA PRO C 59 -27.48 4.42 -24.73
C PRO C 59 -28.48 5.14 -25.59
N SER C 60 -27.97 5.83 -26.62
CA SER C 60 -28.85 6.57 -27.51
C SER C 60 -30.06 5.73 -27.94
N GLN C 61 -29.95 4.41 -27.77
CA GLN C 61 -31.05 3.52 -28.14
C GLN C 61 -31.74 2.89 -26.93
N VAL C 62 -30.95 2.60 -25.89
CA VAL C 62 -31.48 2.03 -24.65
C VAL C 62 -32.47 3.02 -24.03
N THR C 63 -33.64 2.53 -23.62
CA THR C 63 -34.66 3.43 -23.05
C THR C 63 -34.92 3.24 -21.55
N ARG C 64 -35.28 4.35 -20.91
CA ARG C 64 -35.55 4.36 -19.47
C ARG C 64 -36.69 3.42 -19.06
N TYR C 65 -37.56 3.05 -20.00
CA TYR C 65 -38.67 2.18 -19.62
C TYR C 65 -38.89 0.91 -20.44
N GLY C 66 -37.93 0.56 -21.27
CA GLY C 66 -38.07 -0.64 -22.06
C GLY C 66 -39.01 -0.54 -23.25
N ASP C 67 -39.06 0.63 -23.88
CA ASP C 67 -39.89 0.86 -25.06
C ASP C 67 -39.77 -0.35 -25.99
N PRO C 68 -40.89 -0.85 -26.53
CA PRO C 68 -40.78 -1.99 -27.45
C PRO C 68 -39.82 -1.63 -28.59
N GLY C 69 -39.31 -2.62 -29.30
CA GLY C 69 -38.39 -2.35 -30.38
C GLY C 69 -37.13 -1.61 -29.97
N SER C 70 -36.67 -1.86 -28.75
CA SER C 70 -35.47 -1.25 -28.20
C SER C 70 -34.56 -2.37 -27.72
N PRO C 71 -33.25 -2.11 -27.59
CA PRO C 71 -32.41 -3.21 -27.12
C PRO C 71 -32.97 -3.82 -25.83
N ASN C 72 -33.31 -2.97 -24.85
CA ASN C 72 -33.87 -3.45 -23.58
C ASN C 72 -35.42 -3.46 -23.57
N SER C 73 -36.02 -4.41 -22.87
CA SER C 73 -37.48 -4.51 -22.79
C SER C 73 -38.00 -4.09 -21.41
N GLU C 74 -37.13 -4.15 -20.40
CA GLU C 74 -37.50 -3.75 -19.05
C GLU C 74 -36.84 -2.40 -18.77
N PRO C 75 -37.38 -1.64 -17.81
CA PRO C 75 -36.83 -0.33 -17.43
C PRO C 75 -35.33 -0.41 -17.12
N VAL C 76 -34.66 0.73 -17.16
CA VAL C 76 -33.24 0.79 -16.88
C VAL C 76 -32.85 2.14 -16.24
N GLY C 77 -32.15 2.07 -15.12
CA GLY C 77 -31.76 3.28 -14.44
C GLY C 77 -30.47 3.87 -14.98
N TRP C 78 -29.48 3.01 -15.24
CA TRP C 78 -28.20 3.47 -15.77
C TRP C 78 -27.43 2.35 -16.44
N ILE C 79 -26.80 2.66 -17.57
CA ILE C 79 -25.94 1.71 -18.24
C ILE C 79 -24.68 2.23 -17.59
N ALA C 80 -23.85 1.36 -17.02
CA ALA C 80 -22.65 1.85 -16.35
C ALA C 80 -21.47 0.90 -16.35
N VAL C 81 -20.27 1.48 -16.24
CA VAL C 81 -19.04 0.68 -16.20
C VAL C 81 -18.20 0.93 -14.95
N TYR C 82 -17.86 -0.16 -14.27
CA TYR C 82 -17.04 -0.09 -13.06
C TYR C 82 -15.62 -0.49 -13.47
N GLY C 83 -14.63 0.31 -13.08
CA GLY C 83 -13.25 0.01 -13.44
C GLY C 83 -12.52 -0.75 -12.34
N GLN C 84 -11.44 -1.44 -12.70
CA GLN C 84 -10.69 -2.20 -11.71
C GLN C 84 -10.38 -1.34 -10.50
N GLY C 85 -10.40 -1.96 -9.33
CA GLY C 85 -10.13 -1.23 -8.11
C GLY C 85 -11.36 -0.53 -7.54
N TYR C 86 -12.39 -0.38 -8.36
CA TYR C 86 -13.60 0.28 -7.91
C TYR C 86 -14.19 -0.45 -6.71
N SER C 87 -14.74 0.30 -5.76
CA SER C 87 -15.35 -0.25 -4.57
C SER C 87 -15.94 0.86 -3.72
N PRO C 88 -16.86 0.53 -2.81
CA PRO C 88 -17.42 1.59 -1.98
C PRO C 88 -16.38 2.17 -1.03
N ASN C 89 -16.04 3.44 -1.23
CA ASN C 89 -15.08 4.15 -0.38
C ASN C 89 -15.93 4.97 0.61
N SER C 90 -17.24 4.84 0.46
CA SER C 90 -18.26 5.51 1.26
C SER C 90 -17.84 6.01 2.67
N GLY C 91 -18.51 7.06 3.12
CA GLY C 91 -18.20 7.67 4.41
C GLY C 91 -19.28 7.69 5.48
N ASP C 92 -19.52 8.86 6.05
CA ASP C 92 -20.50 8.99 7.13
C ASP C 92 -21.64 9.95 6.81
N VAL C 93 -22.56 9.49 5.98
CA VAL C 93 -23.69 10.30 5.57
C VAL C 93 -24.67 10.58 6.70
N GLN C 94 -24.79 9.67 7.65
CA GLN C 94 -25.71 9.89 8.77
C GLN C 94 -25.16 11.09 9.55
N GLY C 95 -23.86 11.07 9.78
CA GLY C 95 -23.24 12.17 10.51
C GLY C 95 -23.34 13.46 9.71
N LEU C 96 -23.23 13.34 8.39
CA LEU C 96 -23.32 14.50 7.53
C LEU C 96 -24.72 15.12 7.57
N GLN C 97 -25.72 14.30 7.28
CA GLN C 97 -27.11 14.75 7.25
C GLN C 97 -27.57 15.30 8.60
N ALA C 98 -26.84 14.94 9.65
CA ALA C 98 -27.14 15.40 11.00
C ALA C 98 -26.52 16.79 11.23
N ALA C 99 -25.30 16.99 10.74
CA ALA C 99 -24.61 18.27 10.87
C ALA C 99 -25.27 19.31 9.98
N TRP C 100 -25.72 18.89 8.80
CA TRP C 100 -26.37 19.82 7.88
C TRP C 100 -27.61 20.43 8.53
N GLU C 101 -28.39 19.60 9.23
CA GLU C 101 -29.59 20.08 9.89
C GLU C 101 -29.23 21.09 10.98
N ALA C 102 -28.28 20.73 11.82
CA ALA C 102 -27.83 21.59 12.90
C ALA C 102 -27.47 22.94 12.32
N LEU C 103 -26.45 22.93 11.47
CA LEU C 103 -25.97 24.12 10.81
C LEU C 103 -27.12 25.04 10.40
N GLN C 104 -28.14 24.46 9.79
CA GLN C 104 -29.30 25.23 9.35
C GLN C 104 -29.94 26.02 10.47
N THR C 105 -29.60 25.70 11.71
CA THR C 105 -30.17 26.41 12.85
C THR C 105 -29.10 27.14 13.64
N SER C 106 -27.85 27.00 13.22
CA SER C 106 -26.75 27.67 13.91
C SER C 106 -26.75 29.16 13.59
N GLY C 107 -25.56 29.71 13.43
CA GLY C 107 -25.42 31.12 13.12
C GLY C 107 -24.36 31.31 12.05
N ARG C 108 -23.40 30.39 12.04
CA ARG C 108 -22.32 30.43 11.06
C ARG C 108 -22.88 30.43 9.65
N PRO C 109 -22.25 31.19 8.73
CA PRO C 109 -22.69 31.30 7.34
C PRO C 109 -22.61 30.00 6.54
N ILE C 110 -23.47 29.87 5.55
CA ILE C 110 -23.49 28.68 4.69
C ILE C 110 -22.74 29.01 3.40
N THR C 111 -21.52 28.52 3.29
CA THR C 111 -20.72 28.79 2.11
C THR C 111 -20.03 27.52 1.59
N PRO C 112 -19.39 27.61 0.40
CA PRO C 112 -18.72 26.44 -0.15
C PRO C 112 -17.71 25.85 0.83
N GLY C 113 -17.11 26.72 1.62
CA GLY C 113 -16.13 26.28 2.60
C GLY C 113 -16.73 25.46 3.74
N THR C 114 -17.93 25.83 4.17
CA THR C 114 -18.57 25.09 5.25
C THR C 114 -18.73 23.65 4.78
N LEU C 115 -19.01 23.47 3.50
CA LEU C 115 -19.18 22.15 2.93
C LEU C 115 -17.86 21.39 2.76
N ARG C 116 -16.82 22.05 2.26
CA ARG C 116 -15.53 21.36 2.09
C ARG C 116 -15.07 20.91 3.48
N GLN C 117 -15.61 21.57 4.51
CA GLN C 117 -15.28 21.25 5.90
C GLN C 117 -16.17 20.10 6.38
N LEU C 118 -17.49 20.27 6.27
CA LEU C 118 -18.40 19.22 6.65
C LEU C 118 -17.96 17.92 5.98
N ALA C 119 -17.85 17.98 4.65
CA ALA C 119 -17.46 16.84 3.82
C ALA C 119 -16.23 16.05 4.30
N ILE C 120 -15.11 16.74 4.44
CA ILE C 120 -13.89 16.09 4.89
C ILE C 120 -14.15 15.41 6.23
N THR C 121 -14.74 16.16 7.16
CA THR C 121 -15.03 15.64 8.48
C THR C 121 -15.75 14.29 8.48
N HIS C 122 -16.63 14.09 7.50
CA HIS C 122 -17.40 12.86 7.42
C HIS C 122 -16.99 11.94 6.27
N HIS C 123 -15.93 12.33 5.58
CA HIS C 123 -15.40 11.56 4.47
C HIS C 123 -16.41 11.25 3.35
N VAL C 124 -17.50 12.01 3.27
CA VAL C 124 -18.49 11.88 2.20
C VAL C 124 -17.81 12.79 1.18
N LEU C 125 -16.78 12.27 0.51
CA LEU C 125 -15.94 13.03 -0.41
C LEU C 125 -16.06 12.73 -1.92
N SER C 126 -17.20 12.20 -2.35
CA SER C 126 -17.35 11.92 -3.77
C SER C 126 -17.82 13.10 -4.60
N GLY C 127 -18.51 12.80 -5.70
CA GLY C 127 -18.99 13.83 -6.60
C GLY C 127 -18.48 13.47 -7.99
N LYS C 128 -18.88 14.21 -9.02
CA LYS C 128 -18.39 13.88 -10.35
C LYS C 128 -18.50 14.97 -11.40
N TRP C 129 -17.92 14.67 -12.56
CA TRP C 129 -17.96 15.55 -13.72
C TRP C 129 -19.25 15.20 -14.45
N LEU C 130 -20.00 16.21 -14.88
CA LEU C 130 -21.24 16.00 -15.61
C LEU C 130 -21.15 16.64 -17.00
N MSE C 131 -21.73 15.97 -17.99
CA MSE C 131 -21.71 16.46 -19.35
C MSE C 131 -23.00 16.02 -20.02
O MSE C 131 -23.54 14.96 -19.69
CB MSE C 131 -20.51 15.91 -20.10
CG MSE C 131 -20.37 14.40 -19.98
SE MSE C 131 -18.69 13.84 -19.21
CE MSE C 131 -19.09 14.06 -17.37
N HIS C 132 -23.48 16.84 -20.96
CA HIS C 132 -24.73 16.54 -21.66
C HIS C 132 -24.57 16.31 -23.15
N LEU C 133 -25.45 15.48 -23.70
CA LEU C 133 -25.42 15.19 -25.12
C LEU C 133 -26.75 14.65 -25.64
N ALA C 134 -27.10 15.07 -26.85
CA ALA C 134 -28.31 14.63 -27.49
C ALA C 134 -28.03 13.21 -27.99
N PRO C 135 -29.07 12.38 -28.11
CA PRO C 135 -28.82 11.01 -28.58
C PRO C 135 -28.17 11.07 -29.98
N GLY C 136 -27.59 9.97 -30.42
CA GLY C 136 -26.95 9.97 -31.71
C GLY C 136 -25.50 9.48 -31.67
N PHE C 137 -24.68 9.99 -32.58
CA PHE C 137 -23.30 9.54 -32.60
C PHE C 137 -22.43 10.22 -31.56
N LYS C 138 -22.60 11.53 -31.35
CA LYS C 138 -21.80 12.23 -30.37
C LYS C 138 -21.88 11.53 -29.01
N LEU C 139 -23.11 11.24 -28.56
CA LEU C 139 -23.28 10.57 -27.28
C LEU C 139 -22.76 9.12 -27.34
N ASP C 140 -23.16 8.36 -28.35
CA ASP C 140 -22.71 6.97 -28.43
C ASP C 140 -21.21 6.85 -28.62
N HIS C 141 -20.62 7.84 -29.28
CA HIS C 141 -19.17 7.83 -29.51
C HIS C 141 -18.51 8.32 -28.22
N ALA C 142 -19.11 9.33 -27.60
CA ALA C 142 -18.57 9.87 -26.36
C ALA C 142 -18.53 8.79 -25.29
N TRP C 143 -19.67 8.14 -25.08
CA TRP C 143 -19.79 7.08 -24.08
C TRP C 143 -18.78 5.98 -24.32
N ALA C 144 -18.66 5.53 -25.57
CA ALA C 144 -17.69 4.49 -25.94
C ALA C 144 -16.29 4.96 -25.56
N GLY C 145 -16.05 6.25 -25.67
CA GLY C 145 -14.76 6.81 -25.31
C GLY C 145 -14.52 6.80 -23.81
N ILE C 146 -15.59 6.99 -23.03
CA ILE C 146 -15.49 6.97 -21.58
C ILE C 146 -15.31 5.52 -21.12
N ALA C 147 -16.25 4.66 -21.47
CA ALA C 147 -16.18 3.25 -21.10
C ALA C 147 -14.75 2.76 -21.34
N ARG C 148 -14.12 3.34 -22.36
CA ARG C 148 -12.75 3.04 -22.74
C ARG C 148 -11.80 3.44 -21.60
N ALA C 149 -11.95 4.67 -21.11
CA ALA C 149 -11.10 5.18 -20.01
C ALA C 149 -11.30 4.48 -18.63
N VAL C 150 -12.48 3.91 -18.40
CA VAL C 150 -12.77 3.21 -17.15
C VAL C 150 -12.14 1.81 -17.18
N VAL C 151 -12.21 1.15 -18.33
CA VAL C 151 -11.62 -0.18 -18.44
C VAL C 151 -10.09 -0.16 -18.45
N GLU C 152 -9.49 0.89 -18.99
CA GLU C 152 -8.03 0.99 -19.01
C GLU C 152 -7.50 1.51 -17.67
N GLY C 153 -8.42 1.85 -16.76
CA GLY C 153 -8.03 2.35 -15.46
C GLY C 153 -7.67 3.83 -15.43
N ARG C 154 -7.99 4.55 -16.51
CA ARG C 154 -7.67 5.96 -16.55
C ARG C 154 -8.77 6.78 -15.89
N LEU C 155 -10.01 6.29 -15.97
CA LEU C 155 -11.14 6.98 -15.32
C LEU C 155 -11.67 6.02 -14.26
N GLN C 156 -11.95 6.56 -13.08
CA GLN C 156 -12.40 5.73 -11.97
C GLN C 156 -13.66 4.94 -12.27
N VAL C 157 -14.81 5.61 -12.23
CA VAL C 157 -16.06 4.91 -12.50
C VAL C 157 -16.89 5.77 -13.47
N ALA C 158 -17.96 5.20 -14.01
CA ALA C 158 -18.82 5.95 -14.94
C ALA C 158 -20.21 5.37 -15.12
N LYS C 159 -20.95 5.98 -16.03
CA LYS C 159 -22.31 5.56 -16.33
C LYS C 159 -22.94 6.48 -17.38
N VAL C 160 -23.82 5.92 -18.19
CA VAL C 160 -24.54 6.70 -19.18
C VAL C 160 -26.01 6.55 -18.76
N SER C 161 -26.89 7.33 -19.35
CA SER C 161 -28.31 7.24 -19.01
C SER C 161 -29.13 6.88 -20.25
N PRO C 162 -30.12 6.00 -20.09
CA PRO C 162 -30.97 5.59 -21.23
C PRO C 162 -31.77 6.73 -21.85
N ARG C 163 -32.22 6.49 -23.07
CA ARG C 163 -33.02 7.45 -23.83
C ARG C 163 -34.39 7.70 -23.20
N ALA C 164 -34.74 8.97 -23.06
CA ALA C 164 -36.03 9.35 -22.49
C ALA C 164 -37.03 9.51 -23.65
N LYS C 165 -38.28 9.12 -23.40
CA LYS C 165 -39.32 9.22 -24.43
C LYS C 165 -39.40 10.60 -25.08
N GLU C 166 -39.06 11.63 -24.31
CA GLU C 166 -39.10 13.00 -24.81
C GLU C 166 -37.84 13.35 -25.59
N GLY C 167 -36.86 12.45 -25.55
CA GLY C 167 -35.61 12.71 -26.22
C GLY C 167 -34.82 13.66 -25.34
N GLY C 168 -34.02 14.55 -25.94
CA GLY C 168 -33.26 15.48 -25.15
C GLY C 168 -31.84 15.00 -24.90
N ARG C 169 -31.12 15.68 -24.02
CA ARG C 169 -29.76 15.27 -23.75
C ARG C 169 -29.61 14.19 -22.68
N GLN C 170 -28.88 13.14 -23.05
CA GLN C 170 -28.62 12.04 -22.13
C GLN C 170 -27.29 12.37 -21.47
N VAL C 171 -27.28 12.37 -20.13
CA VAL C 171 -26.09 12.71 -19.37
C VAL C 171 -25.10 11.56 -19.11
N ILE C 172 -23.81 11.89 -19.15
CA ILE C 172 -22.75 10.93 -18.86
C ILE C 172 -22.14 11.39 -17.52
N CYS C 173 -21.92 10.43 -16.63
CA CYS C 173 -21.35 10.72 -15.32
C CYS C 173 -19.99 10.04 -15.13
N VAL C 174 -19.01 10.82 -14.69
CA VAL C 174 -17.67 10.29 -14.42
C VAL C 174 -17.30 10.75 -13.01
N TYR C 175 -17.38 9.82 -12.06
CA TYR C 175 -17.10 10.07 -10.64
C TYR C 175 -15.62 9.94 -10.27
N THR C 176 -15.19 10.71 -9.28
CA THR C 176 -13.82 10.62 -8.77
C THR C 176 -14.02 10.51 -7.26
N ASP C 177 -13.07 9.93 -6.54
CA ASP C 177 -13.29 9.71 -5.12
C ASP C 177 -13.00 10.82 -4.12
N ASP C 178 -12.22 11.82 -4.52
CA ASP C 178 -11.89 12.91 -3.61
C ASP C 178 -11.80 14.21 -4.40
N PHE C 179 -12.81 15.06 -4.25
CA PHE C 179 -12.81 16.30 -5.00
C PHE C 179 -11.80 17.33 -4.53
N THR C 180 -10.97 16.96 -3.55
CA THR C 180 -9.97 17.89 -3.06
C THR C 180 -8.60 17.62 -3.67
N ASP C 181 -8.49 16.58 -4.48
CA ASP C 181 -7.23 16.30 -5.13
C ASP C 181 -7.24 16.86 -6.55
N ARG C 182 -7.09 18.17 -6.65
CA ARG C 182 -7.11 18.87 -7.92
C ARG C 182 -6.63 18.02 -9.10
N LEU C 183 -5.48 17.37 -8.91
CA LEU C 183 -4.88 16.55 -9.95
C LEU C 183 -5.89 15.53 -10.48
N GLY C 184 -6.29 14.60 -9.62
CA GLY C 184 -7.25 13.58 -10.03
C GLY C 184 -8.49 14.14 -10.70
N VAL C 185 -9.00 15.25 -10.20
CA VAL C 185 -10.15 15.90 -10.79
C VAL C 185 -9.74 16.32 -12.19
N LEU C 186 -8.55 16.93 -12.31
CA LEU C 186 -8.05 17.35 -13.60
C LEU C 186 -7.68 16.16 -14.51
N GLU C 187 -7.08 15.13 -13.93
CA GLU C 187 -6.72 13.94 -14.69
C GLU C 187 -7.97 13.31 -15.30
N ALA C 188 -9.08 13.40 -14.55
CA ALA C 188 -10.34 12.87 -15.03
C ALA C 188 -10.75 13.64 -16.29
N ASP C 189 -10.46 14.95 -16.29
CA ASP C 189 -10.75 15.85 -17.39
C ASP C 189 -9.90 15.52 -18.64
N SER C 190 -8.71 14.95 -18.42
CA SER C 190 -7.85 14.60 -19.54
C SER C 190 -8.40 13.47 -20.38
N ALA C 191 -8.81 12.39 -19.71
CA ALA C 191 -9.35 11.23 -20.40
C ALA C 191 -10.68 11.57 -21.06
N ILE C 192 -11.55 12.26 -20.33
CA ILE C 192 -12.86 12.64 -20.87
C ILE C 192 -12.73 13.38 -22.21
N ARG C 193 -11.78 14.29 -22.33
CA ARG C 193 -11.59 15.01 -23.58
C ARG C 193 -10.98 14.07 -24.61
N ALA C 194 -10.12 13.18 -24.14
CA ALA C 194 -9.46 12.21 -25.00
C ALA C 194 -10.51 11.32 -25.67
N ALA C 195 -11.61 11.10 -24.98
CA ALA C 195 -12.68 10.29 -25.54
C ALA C 195 -13.25 11.04 -26.76
N GLY C 196 -12.75 12.26 -26.96
CA GLY C 196 -13.19 13.07 -28.06
C GLY C 196 -14.17 14.13 -27.64
N ILE C 197 -14.77 13.94 -26.46
CA ILE C 197 -15.74 14.87 -25.92
C ILE C 197 -15.15 16.28 -25.91
N LYS C 198 -15.98 17.29 -26.16
CA LYS C 198 -15.49 18.66 -26.19
C LYS C 198 -16.50 19.68 -25.67
N CYS C 199 -17.51 19.18 -24.97
CA CYS C 199 -18.57 20.00 -24.41
C CYS C 199 -18.23 20.50 -23.03
N LEU C 200 -19.09 21.37 -22.50
CA LEU C 200 -18.89 21.92 -21.17
C LEU C 200 -19.00 20.81 -20.13
N LEU C 201 -18.31 20.99 -19.00
CA LEU C 201 -18.35 20.04 -17.90
C LEU C 201 -18.40 20.80 -16.56
N THR C 202 -19.29 20.38 -15.66
CA THR C 202 -19.39 20.98 -14.34
C THR C 202 -19.18 19.84 -13.34
N TYR C 203 -18.55 20.16 -12.21
CA TYR C 203 -18.26 19.14 -11.22
C TYR C 203 -19.20 19.24 -10.02
N LYS C 204 -20.00 18.18 -9.83
CA LYS C 204 -20.95 18.11 -8.72
C LYS C 204 -20.43 17.23 -7.57
N PRO C 205 -20.40 17.78 -6.34
CA PRO C 205 -19.91 17.05 -5.16
C PRO C 205 -20.99 16.13 -4.58
N ASP C 206 -20.57 15.00 -4.02
CA ASP C 206 -21.54 14.08 -3.43
C ASP C 206 -22.29 14.76 -2.29
N VAL C 207 -21.57 15.55 -1.48
CA VAL C 207 -22.20 16.24 -0.38
C VAL C 207 -23.32 17.19 -0.86
N TYR C 208 -23.10 17.82 -2.01
CA TYR C 208 -24.11 18.71 -2.57
C TYR C 208 -25.41 17.93 -2.83
N THR C 209 -25.28 16.80 -3.51
CA THR C 209 -26.43 15.96 -3.83
C THR C 209 -27.13 15.49 -2.55
N TYR C 210 -26.34 15.10 -1.55
CA TYR C 210 -26.91 14.63 -0.29
C TYR C 210 -27.65 15.76 0.43
N LEU C 211 -27.01 16.92 0.53
CA LEU C 211 -27.61 18.04 1.22
C LEU C 211 -28.60 18.83 0.37
N GLY C 212 -29.20 18.15 -0.61
CA GLY C 212 -30.17 18.78 -1.49
C GLY C 212 -29.77 20.11 -2.06
N ILE C 213 -28.47 20.37 -2.13
CA ILE C 213 -27.96 21.61 -2.68
C ILE C 213 -28.17 21.51 -4.19
N TYR C 214 -29.43 21.47 -4.58
CA TYR C 214 -29.82 21.35 -5.99
C TYR C 214 -29.81 22.70 -6.67
N ARG C 215 -30.42 22.74 -7.85
CA ARG C 215 -30.53 23.97 -8.62
C ARG C 215 -31.68 24.79 -8.02
N ALA C 216 -31.52 26.11 -7.99
CA ALA C 216 -32.54 26.99 -7.44
C ALA C 216 -32.74 26.78 -5.94
N ASN C 217 -31.67 26.39 -5.25
CA ASN C 217 -31.74 26.19 -3.81
C ASN C 217 -31.83 27.58 -3.18
N ARG C 218 -32.64 27.70 -2.15
CA ARG C 218 -32.84 28.98 -1.47
C ARG C 218 -31.67 29.51 -0.67
N TRP C 219 -30.48 28.96 -0.91
CA TRP C 219 -29.30 29.40 -0.19
C TRP C 219 -28.36 30.18 -1.10
N HIS C 220 -28.63 30.13 -2.40
CA HIS C 220 -27.81 30.82 -3.40
C HIS C 220 -26.41 30.23 -3.50
N LEU C 221 -26.28 28.96 -3.15
CA LEU C 221 -25.01 28.28 -3.28
C LEU C 221 -24.97 27.68 -4.69
N CYS C 222 -23.91 27.94 -5.43
CA CYS C 222 -23.84 27.36 -6.76
C CYS C 222 -23.68 25.86 -6.52
N PRO C 223 -24.44 25.04 -7.23
CA PRO C 223 -24.30 23.61 -7.02
C PRO C 223 -23.10 23.01 -7.75
N THR C 224 -22.27 23.88 -8.31
CA THR C 224 -21.09 23.45 -9.06
C THR C 224 -19.79 23.82 -8.35
N LEU C 225 -18.81 22.94 -8.43
CA LEU C 225 -17.51 23.17 -7.79
C LEU C 225 -16.41 23.40 -8.85
N TYR C 226 -16.52 22.70 -9.96
CA TYR C 226 -15.54 22.85 -11.03
C TYR C 226 -16.29 23.00 -12.35
N GLU C 227 -15.64 23.71 -13.27
CA GLU C 227 -16.19 23.97 -14.58
C GLU C 227 -15.06 23.75 -15.60
N SER C 228 -15.31 22.96 -16.62
CA SER C 228 -14.30 22.74 -17.63
C SER C 228 -14.81 23.11 -19.02
N ARG C 229 -14.34 24.26 -19.50
CA ARG C 229 -14.71 24.74 -20.82
C ARG C 229 -13.61 24.29 -21.80
N PHE C 230 -14.01 23.63 -22.88
CA PHE C 230 -13.02 23.21 -23.83
C PHE C 230 -12.76 24.35 -24.82
N GLN C 231 -11.49 24.49 -25.20
CA GLN C 231 -11.08 25.54 -26.10
C GLN C 231 -10.50 24.92 -27.37
N LEU C 232 -11.11 25.24 -28.51
CA LEU C 232 -10.67 24.75 -29.84
C LEU C 232 -9.61 25.72 -30.40
N GLY C 233 -8.74 25.22 -31.27
CA GLY C 233 -7.76 26.12 -31.88
C GLY C 233 -6.27 25.92 -31.66
N GLY C 234 -5.73 26.50 -30.61
CA GLY C 234 -4.30 26.35 -30.35
C GLY C 234 -3.70 27.44 -29.48
N SER C 235 -4.36 28.59 -29.42
CA SER C 235 -3.87 29.71 -28.63
C SER C 235 -4.46 29.75 -27.21
N ALA C 236 -4.64 28.56 -26.63
CA ALA C 236 -5.18 28.40 -25.29
C ALA C 236 -5.18 26.91 -24.96
N ARG C 237 -5.01 26.56 -23.68
CA ARG C 237 -5.04 25.15 -23.30
C ARG C 237 -6.38 24.57 -23.73
N GLY C 238 -6.34 23.44 -24.44
CA GLY C 238 -7.56 22.82 -24.91
C GLY C 238 -8.65 22.75 -23.86
N SER C 239 -8.29 22.70 -22.58
CA SER C 239 -9.28 22.60 -21.52
C SER C 239 -9.06 23.60 -20.37
N ARG C 240 -9.93 24.61 -20.28
CA ARG C 240 -9.85 25.62 -19.22
C ARG C 240 -10.69 25.12 -18.06
N VAL C 241 -10.06 24.89 -16.91
CA VAL C 241 -10.78 24.36 -15.77
C VAL C 241 -10.83 25.33 -14.61
N LEU C 242 -12.02 25.87 -14.36
CA LEU C 242 -12.21 26.81 -13.28
C LEU C 242 -12.53 26.14 -11.95
N ASP C 243 -11.90 26.65 -10.89
CA ASP C 243 -12.13 26.15 -9.55
C ASP C 243 -13.09 27.16 -8.93
N ARG C 244 -14.29 26.72 -8.60
CA ARG C 244 -15.29 27.61 -8.00
C ARG C 244 -15.13 27.70 -6.49
N ALA C 245 -14.19 26.93 -5.94
CA ALA C 245 -13.93 26.92 -4.50
C ALA C 245 -12.85 27.94 -4.14
N ASN C 246 -12.01 28.29 -5.10
CA ASN C 246 -10.94 29.25 -4.89
C ASN C 246 -10.98 30.34 -5.95
N ASN C 247 -11.89 30.19 -6.90
CA ASN C 247 -12.01 31.15 -7.98
C ASN C 247 -10.66 31.23 -8.68
N VAL C 248 -9.99 30.09 -8.77
CA VAL C 248 -8.70 30.03 -9.41
C VAL C 248 -8.77 29.23 -10.72
N GLU C 249 -7.95 29.64 -11.68
CA GLU C 249 -7.89 28.99 -12.99
C GLU C 249 -6.75 27.99 -12.99
N LEU C 250 -6.42 27.44 -14.17
CA LEU C 250 -5.36 26.45 -14.28
C LEU C 250 -4.81 26.35 -15.71
N GLU A 17 23.49 -3.33 50.66
CA GLU A 17 22.07 -3.46 50.20
C GLU A 17 21.78 -2.50 49.06
N ASP A 18 22.69 -2.47 48.08
CA ASP A 18 22.56 -1.59 46.92
C ASP A 18 21.28 -1.76 46.11
N GLY A 19 20.68 -2.94 46.18
CA GLY A 19 19.44 -3.18 45.44
C GLY A 19 18.34 -2.27 45.93
N PHE A 20 18.48 -1.79 47.16
CA PHE A 20 17.50 -0.90 47.76
C PHE A 20 17.87 0.56 47.60
N THR A 21 18.89 0.86 46.81
CA THR A 21 19.31 2.24 46.62
C THR A 21 18.41 2.99 45.64
N ALA A 22 18.44 4.31 45.74
CA ALA A 22 17.64 5.16 44.87
C ALA A 22 17.98 4.92 43.40
N GLU A 23 19.27 4.98 43.05
CA GLU A 23 19.71 4.78 41.67
C GLU A 23 19.22 3.44 41.10
N HIS A 24 19.46 2.36 41.83
CA HIS A 24 19.05 1.03 41.39
C HIS A 24 17.54 0.83 41.27
N LEU A 25 16.75 1.51 42.09
CA LEU A 25 15.30 1.37 42.02
C LEU A 25 14.70 2.27 40.94
N ALA A 26 15.39 3.36 40.63
CA ALA A 26 14.89 4.28 39.62
C ALA A 26 14.97 3.61 38.25
N ALA A 27 15.49 2.38 38.23
CA ALA A 27 15.64 1.64 36.99
C ALA A 27 15.02 0.25 37.07
N GLU A 28 14.81 -0.24 38.29
CA GLU A 28 14.24 -1.57 38.46
C GLU A 28 12.77 -1.65 38.05
N ALA A 29 12.08 -0.52 38.09
CA ALA A 29 10.66 -0.50 37.73
C ALA A 29 10.38 0.31 36.45
N MSE A 30 11.42 0.54 35.66
CA MSE A 30 11.25 1.29 34.42
C MSE A 30 10.57 0.41 33.36
O MSE A 30 10.75 -0.81 33.34
CB MSE A 30 12.60 1.77 33.90
CG MSE A 30 13.28 2.87 34.75
SE MSE A 30 12.39 4.60 34.76
CE MSE A 30 13.01 5.30 33.05
N ALA A 31 9.78 1.05 32.50
CA ALA A 31 9.08 0.37 31.44
C ALA A 31 8.96 1.30 30.24
N ALA A 32 8.81 0.73 29.05
CA ALA A 32 8.69 1.52 27.83
C ALA A 32 7.38 2.32 27.83
N ASP A 33 6.30 1.69 28.32
CA ASP A 33 4.99 2.33 28.39
C ASP A 33 4.58 2.49 29.84
N MSE A 34 4.91 3.63 30.43
CA MSE A 34 4.61 3.90 31.82
C MSE A 34 3.27 4.63 31.98
O MSE A 34 2.83 4.91 33.11
CB MSE A 34 5.75 4.73 32.41
CG MSE A 34 7.14 4.34 31.89
SE MSE A 34 8.65 5.27 32.74
CE MSE A 34 9.17 3.87 33.95
N ASP A 35 2.61 4.89 30.86
CA ASP A 35 1.36 5.64 30.85
C ASP A 35 0.05 4.86 30.98
N PRO A 36 -1.05 5.58 31.22
CA PRO A 36 -2.33 4.88 31.33
C PRO A 36 -2.83 4.54 29.92
N TRP A 37 -3.91 3.77 29.84
CA TRP A 37 -4.50 3.39 28.56
C TRP A 37 -5.97 3.77 28.58
N LEU A 38 -6.45 4.41 27.52
CA LEU A 38 -7.88 4.75 27.45
C LEU A 38 -8.53 3.39 27.18
N VAL A 39 -9.44 2.98 28.05
CA VAL A 39 -10.01 1.65 27.91
C VAL A 39 -11.51 1.51 28.03
N PHE A 40 -12.06 0.57 27.26
CA PHE A 40 -13.47 0.27 27.35
C PHE A 40 -13.50 -1.23 27.66
N ASP A 41 -13.99 -1.58 28.85
CA ASP A 41 -14.03 -2.99 29.23
C ASP A 41 -15.44 -3.58 29.07
N ALA A 42 -15.58 -4.55 28.17
CA ALA A 42 -16.89 -5.17 27.92
C ALA A 42 -17.43 -5.83 29.19
N ARG A 43 -16.57 -6.58 29.88
CA ARG A 43 -16.96 -7.25 31.12
C ARG A 43 -17.44 -6.19 32.09
N THR A 44 -16.73 -5.07 32.12
CA THR A 44 -17.07 -3.96 33.01
C THR A 44 -18.27 -3.18 32.49
N THR A 45 -18.06 -2.34 31.48
CA THR A 45 -19.13 -1.51 30.93
C THR A 45 -20.03 -2.21 29.89
N PRO A 46 -21.36 -1.96 29.96
CA PRO A 46 -22.35 -2.54 29.04
C PRO A 46 -22.26 -1.90 27.66
N ALA A 47 -22.28 -2.74 26.63
CA ALA A 47 -22.19 -2.31 25.23
C ALA A 47 -23.11 -1.16 24.84
N THR A 48 -24.11 -0.88 25.66
CA THR A 48 -25.03 0.21 25.31
C THR A 48 -24.28 1.53 25.40
N GLU A 49 -23.36 1.60 26.36
CA GLU A 49 -22.56 2.80 26.60
C GLU A 49 -21.35 2.93 25.67
N LEU A 50 -21.17 1.96 24.78
CA LEU A 50 -20.05 2.02 23.85
C LEU A 50 -20.05 3.29 22.98
N ASP A 51 -20.80 3.29 21.89
CA ASP A 51 -20.85 4.45 20.99
C ASP A 51 -20.55 5.82 21.62
N ALA A 52 -20.98 6.04 22.86
CA ALA A 52 -20.68 7.33 23.51
C ALA A 52 -19.16 7.42 23.73
N TRP A 53 -18.59 6.37 24.33
CA TRP A 53 -17.15 6.32 24.57
C TRP A 53 -16.46 6.31 23.21
N LEU A 54 -16.99 5.52 22.28
CA LEU A 54 -16.41 5.45 20.97
C LEU A 54 -16.46 6.80 20.27
N ALA A 55 -17.39 7.64 20.70
CA ALA A 55 -17.55 8.97 20.10
C ALA A 55 -16.61 9.97 20.73
N LYS A 56 -16.41 9.84 22.04
CA LYS A 56 -15.55 10.76 22.76
C LYS A 56 -14.05 10.52 22.58
N TYR A 57 -13.65 9.28 22.31
CA TYR A 57 -12.21 9.00 22.20
C TYR A 57 -11.68 8.38 20.91
N PRO A 58 -11.81 9.08 19.78
CA PRO A 58 -11.28 8.47 18.55
C PRO A 58 -9.75 8.59 18.49
N PRO A 59 -9.06 7.61 17.88
CA PRO A 59 -7.59 7.68 17.80
C PRO A 59 -7.03 8.91 17.08
N SER A 60 -7.88 9.60 16.33
CA SER A 60 -7.43 10.80 15.63
C SER A 60 -7.56 12.03 16.55
N GLN A 61 -8.58 12.03 17.39
CA GLN A 61 -8.84 13.12 18.34
C GLN A 61 -8.01 12.93 19.62
N VAL A 62 -7.68 11.67 19.93
CA VAL A 62 -6.90 11.30 21.13
C VAL A 62 -5.41 11.29 20.82
N THR A 63 -4.60 11.81 21.73
CA THR A 63 -3.17 11.87 21.50
C THR A 63 -2.30 11.09 22.48
N ARG A 64 -1.07 10.80 22.05
CA ARG A 64 -0.11 10.07 22.85
C ARG A 64 0.40 10.81 24.07
N TYR A 65 0.59 12.12 23.93
CA TYR A 65 1.11 12.90 25.05
C TYR A 65 0.07 13.82 25.71
N GLY A 66 -1.20 13.70 25.30
CA GLY A 66 -2.23 14.53 25.88
C GLY A 66 -2.09 15.99 25.45
N ASP A 67 -1.77 16.19 24.18
CA ASP A 67 -1.58 17.53 23.62
C ASP A 67 -2.91 18.29 23.53
N PRO A 68 -2.83 19.63 23.51
CA PRO A 68 -4.04 20.47 23.42
C PRO A 68 -5.00 20.00 22.30
N GLY A 69 -6.30 20.23 22.50
CA GLY A 69 -7.28 19.82 21.51
C GLY A 69 -7.79 18.41 21.73
N SER A 70 -6.99 17.61 22.44
CA SER A 70 -7.35 16.23 22.73
C SER A 70 -8.35 16.17 23.88
N PRO A 71 -8.93 14.99 24.14
CA PRO A 71 -9.90 14.82 25.22
C PRO A 71 -9.09 14.55 26.48
N ASN A 72 -8.00 13.79 26.31
CA ASN A 72 -7.10 13.43 27.39
C ASN A 72 -6.13 14.57 27.64
N SER A 73 -5.72 14.77 28.88
CA SER A 73 -4.79 15.85 29.22
C SER A 73 -3.38 15.35 29.44
N GLU A 74 -3.25 14.03 29.66
CA GLU A 74 -1.96 13.39 29.88
C GLU A 74 -1.73 12.35 28.79
N PRO A 75 -0.53 11.74 28.78
CA PRO A 75 -0.19 10.72 27.80
C PRO A 75 -1.04 9.46 27.94
N VAL A 76 -1.25 8.80 26.81
CA VAL A 76 -2.05 7.57 26.74
C VAL A 76 -1.25 6.58 25.89
N GLY A 77 -0.84 5.48 26.53
CA GLY A 77 -0.07 4.47 25.83
C GLY A 77 -0.88 3.79 24.74
N TRP A 78 -2.11 3.46 25.08
CA TRP A 78 -3.03 2.80 24.14
C TRP A 78 -4.45 3.29 24.45
N ILE A 79 -5.34 3.03 23.49
CA ILE A 79 -6.77 3.28 23.57
C ILE A 79 -7.20 1.84 23.32
N ALA A 80 -7.84 1.20 24.30
CA ALA A 80 -8.22 -0.19 24.15
C ALA A 80 -9.62 -0.57 24.58
N VAL A 81 -10.07 -1.68 24.02
CA VAL A 81 -11.39 -2.28 24.28
C VAL A 81 -11.20 -3.76 24.54
N TYR A 82 -11.73 -4.24 25.66
CA TYR A 82 -11.64 -5.66 26.04
C TYR A 82 -13.01 -6.33 25.96
N GLY A 83 -13.03 -7.55 25.44
CA GLY A 83 -14.29 -8.28 25.33
C GLY A 83 -14.48 -9.27 26.46
N GLN A 84 -15.64 -9.92 26.48
CA GLN A 84 -15.91 -10.90 27.52
C GLN A 84 -15.10 -12.15 27.22
N GLY A 85 -14.79 -12.90 28.26
CA GLY A 85 -13.99 -14.10 28.08
C GLY A 85 -12.51 -13.77 28.08
N TYR A 86 -12.20 -12.47 28.12
CA TYR A 86 -10.81 -12.05 28.12
C TYR A 86 -10.11 -12.41 29.42
N SER A 87 -8.97 -13.10 29.29
CA SER A 87 -8.20 -13.51 30.45
C SER A 87 -6.80 -12.93 30.36
N PRO A 88 -6.16 -12.67 31.51
CA PRO A 88 -4.81 -12.10 31.52
C PRO A 88 -3.76 -13.21 31.51
N ASN A 89 -4.05 -14.29 30.79
CA ASN A 89 -3.15 -15.44 30.72
C ASN A 89 -2.00 -15.31 29.74
N SER A 90 -0.92 -16.01 30.06
CA SER A 90 0.29 -16.02 29.24
C SER A 90 0.86 -17.44 29.26
N GLY A 91 1.61 -17.79 28.23
CA GLY A 91 2.20 -19.11 28.19
C GLY A 91 3.25 -19.22 29.27
N ASP A 92 4.32 -19.93 28.96
CA ASP A 92 5.41 -20.10 29.90
C ASP A 92 6.57 -19.24 29.44
N VAL A 93 6.40 -17.92 29.50
CA VAL A 93 7.44 -17.02 29.07
C VAL A 93 8.69 -17.31 29.89
N GLN A 94 8.46 -17.86 31.08
CA GLN A 94 9.54 -18.24 31.98
C GLN A 94 10.47 -19.21 31.28
N GLY A 95 9.97 -20.43 31.06
CA GLY A 95 10.76 -21.46 30.40
C GLY A 95 11.05 -21.11 28.96
N LEU A 96 10.03 -20.58 28.26
CA LEU A 96 10.18 -20.18 26.87
C LEU A 96 11.47 -19.39 26.68
N GLN A 97 11.66 -18.38 27.52
CA GLN A 97 12.85 -17.54 27.43
C GLN A 97 14.10 -18.35 27.77
N ALA A 98 13.93 -19.39 28.58
CA ALA A 98 15.06 -20.22 28.94
C ALA A 98 15.34 -21.14 27.75
N ALA A 99 14.29 -21.75 27.21
CA ALA A 99 14.39 -22.65 26.07
C ALA A 99 15.09 -21.96 24.91
N TRP A 100 14.65 -20.74 24.61
CA TRP A 100 15.23 -19.95 23.53
C TRP A 100 16.65 -19.56 23.89
N GLU A 101 16.87 -19.29 25.17
CA GLU A 101 18.19 -18.90 25.65
C GLU A 101 19.23 -19.99 25.45
N ALA A 102 18.81 -21.24 25.62
CA ALA A 102 19.71 -22.38 25.46
C ALA A 102 19.68 -22.93 24.03
N LEU A 103 19.98 -22.07 23.05
CA LEU A 103 19.97 -22.49 21.65
C LEU A 103 21.00 -21.72 20.82
N GLN A 104 21.14 -20.43 21.08
CA GLN A 104 22.10 -19.61 20.33
C GLN A 104 23.53 -20.12 20.47
N THR A 105 23.91 -20.50 21.68
CA THR A 105 25.24 -21.00 21.95
C THR A 105 25.54 -22.21 21.08
N SER A 106 24.48 -22.81 20.54
CA SER A 106 24.59 -24.00 19.70
C SER A 106 24.82 -23.67 18.22
N GLY A 107 24.44 -22.47 17.82
CA GLY A 107 24.61 -22.10 16.41
C GLY A 107 23.68 -22.94 15.57
N ARG A 108 22.88 -23.77 16.23
CA ARG A 108 21.92 -24.65 15.57
C ARG A 108 21.06 -23.92 14.55
N PRO A 109 20.35 -24.67 13.69
CA PRO A 109 19.50 -24.08 12.66
C PRO A 109 18.22 -23.43 13.20
N ILE A 110 18.32 -22.15 13.55
CA ILE A 110 17.18 -21.41 14.07
C ILE A 110 16.36 -20.92 12.88
N THR A 111 15.18 -21.51 12.72
CA THR A 111 14.29 -21.18 11.62
C THR A 111 12.88 -20.95 12.14
N PRO A 112 11.98 -20.44 11.28
CA PRO A 112 10.60 -20.20 11.72
C PRO A 112 10.04 -21.51 12.24
N GLY A 113 10.66 -22.61 11.79
CA GLY A 113 10.23 -23.93 12.22
C GLY A 113 10.67 -24.23 13.63
N THR A 114 11.97 -24.16 13.89
CA THR A 114 12.48 -24.44 15.22
C THR A 114 12.04 -23.39 16.22
N LEU A 115 11.62 -22.23 15.72
CA LEU A 115 11.15 -21.17 16.59
C LEU A 115 9.65 -21.36 16.74
N ARG A 116 9.05 -22.09 15.80
CA ARG A 116 7.63 -22.38 15.85
C ARG A 116 7.50 -23.41 16.95
N GLN A 117 8.51 -24.25 17.06
CA GLN A 117 8.54 -25.31 18.07
C GLN A 117 8.57 -24.71 19.47
N LEU A 118 9.54 -23.82 19.71
CA LEU A 118 9.67 -23.19 21.01
C LEU A 118 8.36 -22.68 21.58
N ALA A 119 7.69 -21.80 20.84
CA ALA A 119 6.42 -21.24 21.28
C ALA A 119 5.49 -22.34 21.72
N ILE A 120 5.45 -23.41 20.92
CA ILE A 120 4.60 -24.55 21.20
C ILE A 120 5.08 -25.31 22.45
N THR A 121 6.38 -25.25 22.69
CA THR A 121 6.97 -25.94 23.83
C THR A 121 6.48 -25.38 25.15
N HIS A 122 6.14 -24.09 25.18
CA HIS A 122 5.69 -23.48 26.41
C HIS A 122 4.33 -22.81 26.39
N HIS A 123 3.48 -23.24 25.46
CA HIS A 123 2.14 -22.71 25.34
C HIS A 123 2.09 -21.19 25.24
N VAL A 124 3.07 -20.60 24.59
CA VAL A 124 3.12 -19.16 24.38
C VAL A 124 2.82 -18.97 22.90
N LEU A 125 1.53 -19.06 22.55
CA LEU A 125 1.10 -18.97 21.16
C LEU A 125 0.19 -17.76 20.85
N SER A 126 0.26 -16.72 21.67
CA SER A 126 -0.57 -15.56 21.45
C SER A 126 -0.15 -14.86 20.17
N GLY A 127 -1.09 -14.24 19.49
CA GLY A 127 -0.76 -13.57 18.25
C GLY A 127 -1.62 -12.38 17.92
N LYS A 128 -1.05 -11.46 17.17
CA LYS A 128 -1.76 -10.25 16.80
C LYS A 128 -1.78 -9.93 15.32
N TRP A 129 -2.95 -9.46 14.86
CA TRP A 129 -3.16 -9.03 13.49
C TRP A 129 -2.86 -7.52 13.55
N LEU A 130 -1.85 -7.09 12.82
CA LEU A 130 -1.48 -5.68 12.78
C LEU A 130 -1.89 -5.04 11.46
N MSE A 131 -2.14 -3.75 11.52
CA MSE A 131 -2.54 -2.99 10.34
C MSE A 131 -2.41 -1.52 10.71
O MSE A 131 -2.69 -1.15 11.85
CB MSE A 131 -3.99 -3.31 9.98
CG MSE A 131 -4.99 -2.73 10.95
SE MSE A 131 -6.59 -3.78 11.04
CE MSE A 131 -5.94 -5.15 12.23
N HIS A 132 -1.98 -0.68 9.76
CA HIS A 132 -1.88 0.74 10.07
C HIS A 132 -2.69 1.62 9.12
N LEU A 133 -2.95 2.84 9.56
CA LEU A 133 -3.71 3.82 8.79
C LEU A 133 -3.33 5.22 9.27
N ALA A 134 -3.21 6.17 8.34
CA ALA A 134 -2.87 7.54 8.72
C ALA A 134 -4.05 8.11 9.51
N PRO A 135 -3.75 8.90 10.55
CA PRO A 135 -4.81 9.49 11.37
C PRO A 135 -5.85 10.22 10.54
N GLY A 136 -7.12 10.03 10.91
CA GLY A 136 -8.21 10.66 10.20
C GLY A 136 -9.44 9.79 10.18
N PHE A 137 -10.39 10.16 9.33
CA PHE A 137 -11.65 9.44 9.19
C PHE A 137 -11.52 7.92 9.10
N LYS A 138 -10.72 7.46 8.14
CA LYS A 138 -10.58 6.03 7.97
C LYS A 138 -9.94 5.36 9.17
N LEU A 139 -9.15 6.12 9.92
CA LEU A 139 -8.52 5.56 11.10
C LEU A 139 -9.60 5.36 12.16
N ASP A 140 -10.33 6.43 12.47
CA ASP A 140 -11.38 6.37 13.48
C ASP A 140 -12.52 5.44 13.05
N HIS A 141 -12.81 5.38 11.75
CA HIS A 141 -13.91 4.54 11.26
C HIS A 141 -13.57 3.06 11.32
N ALA A 142 -12.32 2.71 11.02
CA ALA A 142 -11.91 1.32 11.07
C ALA A 142 -11.95 0.91 12.56
N TRP A 143 -11.27 1.69 13.39
CA TRP A 143 -11.25 1.42 14.82
C TRP A 143 -12.69 1.33 15.37
N ALA A 144 -13.50 2.37 15.13
CA ALA A 144 -14.87 2.35 15.63
C ALA A 144 -15.54 1.01 15.31
N GLY A 145 -15.36 0.55 14.08
CA GLY A 145 -15.96 -0.70 13.64
C GLY A 145 -15.37 -1.90 14.34
N ILE A 146 -14.12 -1.74 14.80
CA ILE A 146 -13.43 -2.81 15.50
C ILE A 146 -13.81 -2.82 16.99
N ALA A 147 -13.94 -1.64 17.58
CA ALA A 147 -14.32 -1.55 18.99
C ALA A 147 -15.69 -2.18 19.12
N ARG A 148 -16.52 -1.98 18.10
CA ARG A 148 -17.84 -2.56 18.11
C ARG A 148 -17.70 -4.05 17.80
N ALA A 149 -16.64 -4.38 17.05
CA ALA A 149 -16.36 -5.77 16.70
C ALA A 149 -15.66 -6.44 17.87
N VAL A 150 -15.78 -5.83 19.04
CA VAL A 150 -15.19 -6.39 20.25
C VAL A 150 -16.27 -7.10 21.04
N VAL A 151 -17.34 -6.38 21.37
CA VAL A 151 -18.44 -6.92 22.15
C VAL A 151 -19.11 -8.15 21.54
N GLU A 152 -19.48 -8.05 20.26
CA GLU A 152 -20.13 -9.14 19.55
C GLU A 152 -19.40 -10.49 19.60
N GLY A 153 -18.37 -10.59 20.43
CA GLY A 153 -17.64 -11.84 20.54
C GLY A 153 -16.62 -12.06 19.43
N ARG A 154 -17.01 -11.82 18.18
CA ARG A 154 -16.12 -12.02 17.04
C ARG A 154 -14.66 -12.03 17.49
N LEU A 155 -14.15 -10.85 17.83
CA LEU A 155 -12.78 -10.71 18.32
C LEU A 155 -12.92 -10.55 19.84
N GLN A 156 -11.87 -10.89 20.60
CA GLN A 156 -11.96 -10.77 22.05
C GLN A 156 -11.25 -9.56 22.65
N VAL A 157 -10.23 -9.06 21.96
CA VAL A 157 -9.44 -7.92 22.44
C VAL A 157 -8.92 -7.08 21.29
N ALA A 158 -8.93 -5.76 21.47
CA ALA A 158 -8.40 -4.86 20.46
C ALA A 158 -7.91 -3.56 21.11
N LYS A 159 -6.76 -3.09 20.64
CA LYS A 159 -6.18 -1.85 21.14
C LYS A 159 -5.95 -0.98 19.92
N VAL A 160 -5.73 0.31 20.11
CA VAL A 160 -5.47 1.22 19.00
C VAL A 160 -4.70 2.44 19.55
N SER A 161 -3.47 2.60 19.08
CA SER A 161 -2.57 3.67 19.49
C SER A 161 -3.04 5.09 19.15
N PRO A 162 -2.88 6.02 20.11
CA PRO A 162 -3.28 7.42 19.92
C PRO A 162 -2.42 8.16 18.90
N ARG A 163 -2.80 9.39 18.62
CA ARG A 163 -2.10 10.20 17.64
C ARG A 163 -0.76 10.72 18.12
N ALA A 164 0.23 10.63 17.25
CA ALA A 164 1.58 11.10 17.51
C ALA A 164 1.68 12.56 17.08
N LYS A 165 2.48 13.35 17.79
CA LYS A 165 2.64 14.77 17.49
C LYS A 165 2.62 15.10 16.00
N GLU A 166 3.27 14.27 15.19
CA GLU A 166 3.30 14.50 13.75
C GLU A 166 2.44 13.48 13.01
N GLY A 167 2.40 13.60 11.69
CA GLY A 167 1.61 12.69 10.87
C GLY A 167 1.40 11.36 11.55
N GLY A 168 2.44 10.53 11.53
CA GLY A 168 2.36 9.23 12.18
C GLY A 168 1.48 8.20 11.51
N ARG A 169 1.92 6.96 11.55
CA ARG A 169 1.17 5.85 10.95
C ARG A 169 0.63 5.00 12.08
N GLN A 170 -0.48 5.44 12.65
CA GLN A 170 -1.12 4.73 13.76
C GLN A 170 -1.46 3.29 13.42
N VAL A 171 -1.50 2.44 14.45
CA VAL A 171 -1.78 1.02 14.25
C VAL A 171 -2.88 0.43 15.11
N ILE A 172 -3.70 -0.41 14.49
CA ILE A 172 -4.76 -1.10 15.21
C ILE A 172 -4.29 -2.55 15.34
N CYS A 173 -4.35 -3.08 16.56
CA CYS A 173 -3.95 -4.46 16.82
C CYS A 173 -5.10 -5.29 17.36
N VAL A 174 -5.20 -6.52 16.86
CA VAL A 174 -6.24 -7.48 17.26
C VAL A 174 -5.60 -8.83 17.58
N TYR A 175 -5.68 -9.26 18.84
CA TYR A 175 -5.07 -10.51 19.26
C TYR A 175 -5.87 -11.78 18.98
N THR A 176 -5.16 -12.90 18.81
CA THR A 176 -5.77 -14.21 18.62
C THR A 176 -5.05 -15.08 19.64
N ASP A 177 -5.57 -16.27 19.93
CA ASP A 177 -4.94 -17.12 20.94
C ASP A 177 -3.76 -17.97 20.47
N ASP A 178 -3.90 -18.63 19.33
CA ASP A 178 -2.82 -19.46 18.83
C ASP A 178 -2.55 -19.27 17.35
N PHE A 179 -1.31 -18.96 17.00
CA PHE A 179 -0.95 -18.73 15.60
C PHE A 179 -0.87 -20.03 14.80
N THR A 180 -0.82 -21.16 15.50
CA THR A 180 -0.75 -22.45 14.83
C THR A 180 -2.14 -22.86 14.38
N ASP A 181 -3.15 -22.18 14.92
CA ASP A 181 -4.55 -22.45 14.59
C ASP A 181 -4.98 -21.65 13.36
N ARG A 182 -4.76 -22.22 12.18
CA ARG A 182 -5.09 -21.57 10.91
C ARG A 182 -6.52 -21.05 10.83
N LEU A 183 -7.45 -21.83 11.38
CA LEU A 183 -8.86 -21.45 11.35
C LEU A 183 -9.07 -20.17 12.16
N GLY A 184 -8.62 -20.18 13.41
CA GLY A 184 -8.77 -19.03 14.29
C GLY A 184 -8.17 -17.76 13.71
N VAL A 185 -7.00 -17.88 13.10
CA VAL A 185 -6.38 -16.71 12.50
C VAL A 185 -7.33 -16.13 11.45
N LEU A 186 -7.87 -17.00 10.61
CA LEU A 186 -8.78 -16.59 9.54
C LEU A 186 -10.13 -16.07 10.02
N GLU A 187 -10.69 -16.67 11.06
CA GLU A 187 -11.98 -16.19 11.56
C GLU A 187 -11.78 -14.76 12.03
N ALA A 188 -10.53 -14.42 12.36
CA ALA A 188 -10.20 -13.07 12.79
C ALA A 188 -10.17 -12.18 11.54
N ASP A 189 -9.97 -12.81 10.38
CA ASP A 189 -9.97 -12.11 9.10
C ASP A 189 -11.36 -11.60 8.76
N SER A 190 -12.33 -12.50 8.84
CA SER A 190 -13.72 -12.17 8.51
C SER A 190 -14.22 -10.95 9.27
N ALA A 191 -13.96 -10.90 10.57
CA ALA A 191 -14.41 -9.78 11.38
C ALA A 191 -13.78 -8.50 10.84
N ILE A 192 -12.44 -8.45 10.83
CA ILE A 192 -11.77 -7.25 10.34
C ILE A 192 -12.30 -6.85 8.97
N ARG A 193 -12.41 -7.81 8.05
CA ARG A 193 -12.93 -7.49 6.72
C ARG A 193 -14.42 -7.12 6.75
N ALA A 194 -15.20 -7.81 7.57
CA ALA A 194 -16.62 -7.51 7.66
C ALA A 194 -16.81 -6.09 8.16
N ALA A 195 -15.84 -5.58 8.91
CA ALA A 195 -15.93 -4.21 9.43
C ALA A 195 -15.63 -3.24 8.29
N GLY A 196 -15.40 -3.79 7.10
CA GLY A 196 -15.13 -2.97 5.95
C GLY A 196 -13.71 -2.48 5.78
N ILE A 197 -12.74 -3.27 6.25
CA ILE A 197 -11.33 -2.89 6.14
C ILE A 197 -10.69 -3.64 4.96
N LYS A 198 -10.30 -2.86 3.94
CA LYS A 198 -9.70 -3.40 2.73
C LYS A 198 -8.19 -3.30 2.80
N CYS A 199 -7.72 -2.48 3.73
CA CYS A 199 -6.29 -2.25 3.90
C CYS A 199 -5.52 -3.50 4.28
N LEU A 200 -4.20 -3.45 4.09
CA LEU A 200 -3.31 -4.59 4.38
C LEU A 200 -3.15 -4.90 5.87
N LEU A 201 -3.15 -6.20 6.17
CA LEU A 201 -2.98 -6.71 7.52
C LEU A 201 -1.76 -7.62 7.52
N THR A 202 -1.04 -7.64 8.64
CA THR A 202 0.14 -8.50 8.79
C THR A 202 0.13 -9.06 10.20
N TYR A 203 0.11 -10.39 10.30
CA TYR A 203 0.05 -11.09 11.58
C TYR A 203 1.42 -11.43 12.16
N LYS A 204 1.63 -10.98 13.40
CA LYS A 204 2.89 -11.19 14.11
C LYS A 204 2.66 -12.01 15.38
N PRO A 205 3.33 -13.18 15.50
CA PRO A 205 3.23 -14.09 16.66
C PRO A 205 3.85 -13.44 17.90
N ASP A 206 3.09 -13.34 18.99
CA ASP A 206 3.62 -12.73 20.20
C ASP A 206 4.93 -13.37 20.66
N VAL A 207 5.17 -14.61 20.24
CA VAL A 207 6.41 -15.28 20.60
C VAL A 207 7.57 -14.46 20.03
N TYR A 208 7.59 -14.27 18.71
CA TYR A 208 8.66 -13.50 18.08
C TYR A 208 8.80 -12.19 18.85
N THR A 209 7.68 -11.65 19.33
CA THR A 209 7.68 -10.40 20.09
C THR A 209 8.41 -10.57 21.42
N TYR A 210 8.22 -11.70 22.08
CA TYR A 210 8.88 -11.96 23.36
C TYR A 210 10.36 -12.27 23.20
N LEU A 211 10.71 -12.90 22.07
CA LEU A 211 12.09 -13.26 21.83
C LEU A 211 12.86 -12.24 20.98
N GLY A 212 12.41 -10.99 21.03
CA GLY A 212 13.07 -9.93 20.28
C GLY A 212 13.22 -10.13 18.79
N ILE A 213 12.28 -10.87 18.20
CA ILE A 213 12.28 -11.13 16.76
C ILE A 213 11.60 -9.94 16.08
N TYR A 214 12.16 -8.76 16.31
CA TYR A 214 11.61 -7.53 15.74
C TYR A 214 12.08 -7.33 14.31
N ARG A 215 11.92 -6.12 13.79
CA ARG A 215 12.33 -5.79 12.43
C ARG A 215 13.85 -5.72 12.30
N ALA A 216 14.55 -6.38 13.21
CA ALA A 216 16.00 -6.41 13.19
C ALA A 216 16.50 -7.80 13.61
N ASN A 217 15.76 -8.81 13.18
CA ASN A 217 16.09 -10.20 13.49
C ASN A 217 17.58 -10.42 13.30
N ARG A 218 18.25 -10.86 14.37
CA ARG A 218 19.68 -11.14 14.32
C ARG A 218 19.81 -12.45 13.56
N TRP A 219 18.75 -13.25 13.62
CA TRP A 219 18.69 -14.55 12.97
C TRP A 219 17.96 -14.44 11.64
N HIS A 220 17.82 -13.21 11.16
CA HIS A 220 17.14 -12.92 9.89
C HIS A 220 15.91 -13.78 9.61
N LEU A 221 15.09 -14.00 10.63
CA LEU A 221 13.87 -14.78 10.48
C LEU A 221 12.76 -13.83 10.06
N CYS A 222 11.79 -14.33 9.29
CA CYS A 222 10.70 -13.49 8.82
C CYS A 222 9.61 -13.39 9.89
N PRO A 223 9.48 -12.22 10.53
CA PRO A 223 8.51 -11.94 11.59
C PRO A 223 7.05 -12.21 11.24
N THR A 224 6.59 -11.64 10.12
CA THR A 224 5.22 -11.82 9.68
C THR A 224 4.94 -13.27 9.34
N LEU A 225 4.16 -13.93 10.19
CA LEU A 225 3.81 -15.33 9.99
C LEU A 225 2.53 -15.46 9.15
N TYR A 226 1.98 -14.32 8.74
CA TYR A 226 0.77 -14.25 7.92
C TYR A 226 0.48 -12.81 7.49
N GLU A 227 -0.01 -12.63 6.27
CA GLU A 227 -0.38 -11.31 5.77
C GLU A 227 -1.65 -11.40 4.94
N SER A 228 -2.62 -10.56 5.28
CA SER A 228 -3.91 -10.54 4.61
C SER A 228 -4.05 -9.37 3.65
N ARG A 229 -4.25 -9.69 2.38
CA ARG A 229 -4.43 -8.68 1.34
C ARG A 229 -5.82 -8.84 0.75
N PHE A 230 -6.48 -7.73 0.53
CA PHE A 230 -7.83 -7.74 -0.04
C PHE A 230 -7.70 -7.47 -1.55
N GLN A 231 -7.91 -8.50 -2.35
CA GLN A 231 -7.81 -8.41 -3.81
C GLN A 231 -8.87 -7.49 -4.40
N GLY A 238 -11.74 -9.35 -2.17
CA GLY A 238 -11.35 -10.72 -1.86
C GLY A 238 -10.14 -10.82 -0.95
N SER A 239 -10.35 -11.39 0.24
CA SER A 239 -9.28 -11.54 1.23
C SER A 239 -8.43 -12.79 1.00
N ARG A 240 -7.21 -12.59 0.50
CA ARG A 240 -6.28 -13.69 0.25
C ARG A 240 -5.28 -13.75 1.40
N VAL A 241 -5.37 -14.80 2.22
CA VAL A 241 -4.46 -14.97 3.33
C VAL A 241 -3.30 -15.88 2.97
N LEU A 242 -2.18 -15.25 2.63
CA LEU A 242 -0.97 -15.97 2.23
C LEU A 242 -0.16 -16.47 3.41
N ASP A 243 -0.04 -17.80 3.53
CA ASP A 243 0.74 -18.38 4.61
C ASP A 243 2.21 -18.07 4.38
N ARG A 244 2.73 -17.10 5.13
CA ARG A 244 4.11 -16.69 4.99
C ARG A 244 5.06 -17.69 5.66
N ALA A 245 4.59 -18.94 5.80
CA ALA A 245 5.40 -19.99 6.41
C ALA A 245 5.59 -21.14 5.41
N ASN A 246 4.48 -21.73 4.99
CA ASN A 246 4.49 -22.83 4.03
C ASN A 246 4.09 -22.31 2.65
N ASN A 247 3.90 -20.99 2.57
CA ASN A 247 3.51 -20.31 1.35
C ASN A 247 2.35 -21.01 0.66
N VAL A 248 1.16 -20.86 1.23
CA VAL A 248 -0.05 -21.46 0.69
C VAL A 248 -1.24 -20.58 1.05
N GLU A 249 -2.08 -20.27 0.05
CA GLU A 249 -3.25 -19.43 0.25
C GLU A 249 -4.24 -20.03 1.25
N LEU A 250 -5.05 -19.16 1.87
CA LEU A 250 -6.04 -19.59 2.85
C LEU A 250 -7.42 -19.01 2.53
N GLU B 17 8.67 -6.12 27.81
CA GLU B 17 7.44 -5.91 26.97
C GLU B 17 7.62 -4.70 26.06
N ASP B 18 8.88 -4.39 25.75
CA ASP B 18 9.21 -3.27 24.88
C ASP B 18 8.64 -3.46 23.48
N GLY B 19 8.46 -4.72 23.08
CA GLY B 19 7.93 -5.01 21.77
C GLY B 19 6.42 -4.98 21.72
N PHE B 20 5.78 -4.50 22.79
CA PHE B 20 4.33 -4.42 22.85
C PHE B 20 3.82 -2.98 22.89
N THR B 21 4.72 -2.02 22.94
CA THR B 21 4.32 -0.62 23.00
C THR B 21 3.63 -0.18 21.71
N ALA B 22 2.94 0.95 21.79
CA ALA B 22 2.26 1.48 20.63
C ALA B 22 3.31 1.88 19.58
N GLU B 23 4.31 2.65 20.01
CA GLU B 23 5.36 3.10 19.11
C GLU B 23 6.22 1.97 18.56
N HIS B 24 6.09 0.77 19.10
CA HIS B 24 6.87 -0.34 18.57
C HIS B 24 6.08 -1.12 17.52
N LEU B 25 4.81 -1.41 17.81
CA LEU B 25 3.98 -2.16 16.89
C LEU B 25 3.70 -1.33 15.64
N ALA B 26 3.75 -0.02 15.77
CA ALA B 26 3.54 0.84 14.63
C ALA B 26 4.66 0.50 13.67
N ALA B 27 5.87 0.89 14.04
CA ALA B 27 7.07 0.66 13.26
C ALA B 27 7.16 -0.76 12.70
N GLU B 28 6.71 -1.73 13.49
CA GLU B 28 6.74 -3.11 13.08
C GLU B 28 5.70 -3.35 11.98
N ALA B 29 4.52 -2.73 12.13
CA ALA B 29 3.46 -2.85 11.14
C ALA B 29 3.91 -2.19 9.83
N MSE B 30 4.67 -1.11 9.96
CA MSE B 30 5.18 -0.41 8.78
C MSE B 30 6.17 -1.28 8.04
O MSE B 30 5.99 -1.57 6.86
CB MSE B 30 5.85 0.90 9.17
CG MSE B 30 4.89 1.89 9.78
SE MSE B 30 5.56 3.67 9.63
CE MSE B 30 4.97 4.03 7.81
N ALA B 31 7.23 -1.68 8.73
CA ALA B 31 8.25 -2.51 8.11
C ALA B 31 7.63 -3.64 7.29
N ALA B 32 6.49 -4.15 7.75
CA ALA B 32 5.83 -5.24 7.06
C ALA B 32 4.95 -4.80 5.88
N ASP B 33 4.74 -3.49 5.73
CA ASP B 33 3.91 -2.98 4.65
C ASP B 33 4.70 -2.82 3.35
N MSE B 34 5.12 -3.95 2.79
CA MSE B 34 5.86 -3.99 1.53
C MSE B 34 5.03 -4.77 0.54
O MSE B 34 4.42 -5.78 0.90
CB MSE B 34 7.21 -4.69 1.71
CG MSE B 34 8.19 -4.00 2.64
SE MSE B 34 8.87 -2.31 1.96
CE MSE B 34 10.41 -2.95 0.99
N ASP B 35 4.96 -4.32 -0.71
CA ASP B 35 4.20 -5.04 -1.71
C ASP B 35 4.92 -6.36 -2.00
N PRO B 36 4.16 -7.36 -2.48
CA PRO B 36 4.77 -8.66 -2.78
C PRO B 36 5.61 -8.68 -4.05
N TRP B 37 6.51 -9.66 -4.13
CA TRP B 37 7.39 -9.82 -5.28
C TRP B 37 6.89 -10.97 -6.14
N LEU B 38 7.27 -10.95 -7.42
CA LEU B 38 6.93 -12.05 -8.33
C LEU B 38 8.22 -12.83 -8.19
N VAL B 39 8.14 -14.06 -7.73
CA VAL B 39 9.35 -14.81 -7.49
C VAL B 39 9.50 -16.18 -8.14
N PHE B 40 10.74 -16.49 -8.53
CA PHE B 40 11.08 -17.78 -9.08
C PHE B 40 12.36 -18.23 -8.34
N ASP B 41 12.20 -19.18 -7.43
CA ASP B 41 13.32 -19.70 -6.65
C ASP B 41 13.80 -21.03 -7.19
N ALA B 42 15.03 -21.03 -7.69
CA ALA B 42 15.61 -22.25 -8.24
C ALA B 42 15.78 -23.32 -7.15
N ARG B 43 15.29 -23.05 -5.95
CA ARG B 43 15.42 -24.02 -4.85
C ARG B 43 14.13 -24.82 -4.66
N THR B 44 12.99 -24.14 -4.72
CA THR B 44 11.72 -24.82 -4.52
C THR B 44 10.99 -25.14 -5.82
N THR B 45 11.59 -24.76 -6.95
CA THR B 45 10.96 -24.99 -8.25
C THR B 45 11.93 -25.56 -9.29
N PRO B 46 11.47 -26.50 -10.12
CA PRO B 46 12.31 -27.10 -11.16
C PRO B 46 12.65 -26.10 -12.25
N ALA B 47 13.87 -26.21 -12.78
CA ALA B 47 14.35 -25.34 -13.82
C ALA B 47 13.42 -25.33 -15.04
N THR B 48 13.03 -26.52 -15.48
CA THR B 48 12.16 -26.68 -16.63
C THR B 48 10.96 -25.72 -16.63
N GLU B 49 10.51 -25.30 -15.45
CA GLU B 49 9.38 -24.40 -15.36
C GLU B 49 9.81 -22.94 -15.52
N LEU B 50 11.11 -22.71 -15.61
CA LEU B 50 11.62 -21.35 -15.73
C LEU B 50 11.19 -20.60 -16.98
N ASP B 51 11.49 -21.15 -18.14
CA ASP B 51 11.17 -20.48 -19.39
C ASP B 51 9.68 -20.12 -19.54
N ALA B 52 8.79 -20.93 -18.99
CA ALA B 52 7.36 -20.60 -19.09
C ALA B 52 7.15 -19.35 -18.25
N TRP B 53 7.63 -19.41 -17.01
CA TRP B 53 7.53 -18.30 -16.08
C TRP B 53 8.00 -17.00 -16.79
N LEU B 54 9.11 -17.07 -17.52
CA LEU B 54 9.55 -15.88 -18.24
C LEU B 54 8.47 -15.48 -19.27
N ALA B 55 7.83 -16.48 -19.87
CA ALA B 55 6.79 -16.20 -20.86
C ALA B 55 5.48 -15.70 -20.23
N LYS B 56 5.33 -15.82 -18.92
CA LYS B 56 4.12 -15.35 -18.28
C LYS B 56 4.26 -13.96 -17.67
N TYR B 57 5.47 -13.57 -17.28
CA TYR B 57 5.63 -12.25 -16.68
C TYR B 57 6.89 -11.47 -17.09
N PRO B 58 6.92 -10.92 -18.32
CA PRO B 58 8.11 -10.15 -18.73
C PRO B 58 8.08 -8.79 -18.02
N PRO B 59 9.23 -8.33 -17.52
CA PRO B 59 9.31 -7.05 -16.80
C PRO B 59 8.82 -5.78 -17.50
N SER B 60 8.79 -5.78 -18.82
CA SER B 60 8.31 -4.59 -19.53
C SER B 60 6.78 -4.55 -19.54
N GLN B 61 6.15 -5.58 -18.97
CA GLN B 61 4.70 -5.62 -18.92
C GLN B 61 4.17 -5.64 -17.49
N VAL B 62 4.89 -6.32 -16.61
CA VAL B 62 4.44 -6.38 -15.23
C VAL B 62 4.50 -4.96 -14.69
N THR B 63 3.41 -4.49 -14.08
CA THR B 63 3.42 -3.14 -13.57
C THR B 63 3.49 -3.05 -12.07
N ARG B 64 4.04 -1.94 -11.60
CA ARG B 64 4.20 -1.69 -10.18
C ARG B 64 2.91 -1.88 -9.40
N TYR B 65 1.80 -1.47 -10.01
CA TYR B 65 0.50 -1.54 -9.35
C TYR B 65 -0.55 -2.46 -9.92
N GLY B 66 -0.13 -3.46 -10.70
CA GLY B 66 -1.06 -4.40 -11.27
C GLY B 66 -2.20 -3.73 -12.00
N ASP B 67 -1.85 -2.81 -12.89
CA ASP B 67 -2.85 -2.08 -13.67
C ASP B 67 -3.67 -3.01 -14.56
N PRO B 68 -4.83 -2.54 -15.01
CA PRO B 68 -5.66 -3.37 -15.89
C PRO B 68 -4.83 -3.63 -17.14
N GLY B 69 -4.78 -4.88 -17.58
CA GLY B 69 -3.99 -5.18 -18.76
C GLY B 69 -2.62 -5.76 -18.43
N SER B 70 -2.17 -5.59 -17.18
CA SER B 70 -0.87 -6.13 -16.75
C SER B 70 -0.94 -7.65 -16.72
N PRO B 71 0.22 -8.32 -16.78
CA PRO B 71 0.26 -9.79 -16.75
C PRO B 71 -0.26 -10.30 -15.41
N ASN B 72 -0.23 -9.41 -14.42
CA ASN B 72 -0.65 -9.73 -13.04
C ASN B 72 -1.71 -8.75 -12.56
N SER B 73 -2.70 -9.27 -11.84
CA SER B 73 -3.78 -8.43 -11.34
C SER B 73 -3.44 -7.75 -10.02
N GLU B 74 -2.46 -8.30 -9.30
CA GLU B 74 -2.09 -7.72 -8.03
C GLU B 74 -0.69 -7.11 -8.04
N PRO B 75 -0.49 -6.03 -7.27
CA PRO B 75 0.75 -5.26 -7.10
C PRO B 75 2.02 -6.09 -6.85
N VAL B 76 3.08 -5.77 -7.59
CA VAL B 76 4.36 -6.45 -7.45
C VAL B 76 5.48 -5.44 -7.27
N GLY B 77 6.31 -5.65 -6.25
CA GLY B 77 7.41 -4.73 -6.01
C GLY B 77 8.68 -5.09 -6.76
N TRP B 78 9.00 -6.38 -6.82
CA TRP B 78 10.19 -6.86 -7.53
C TRP B 78 9.95 -8.25 -8.08
N ILE B 79 10.52 -8.52 -9.25
CA ILE B 79 10.42 -9.85 -9.84
C ILE B 79 11.80 -10.42 -9.61
N ALA B 80 11.90 -11.69 -9.21
CA ALA B 80 13.22 -12.20 -8.91
C ALA B 80 13.48 -13.68 -9.09
N VAL B 81 14.75 -14.00 -9.27
CA VAL B 81 15.15 -15.38 -9.39
C VAL B 81 16.20 -15.61 -8.32
N TYR B 82 16.15 -16.79 -7.70
CA TYR B 82 17.11 -17.16 -6.67
C TYR B 82 17.88 -18.38 -7.10
N GLY B 83 19.18 -18.39 -6.78
CA GLY B 83 20.00 -19.52 -7.14
C GLY B 83 20.49 -20.23 -5.90
N GLN B 84 21.45 -21.15 -6.09
CA GLN B 84 22.02 -21.91 -4.99
C GLN B 84 23.21 -21.13 -4.42
N GLY B 85 23.65 -20.12 -5.18
CA GLY B 85 24.76 -19.30 -4.74
C GLY B 85 24.27 -18.22 -3.80
N TYR B 86 22.95 -18.17 -3.64
CA TYR B 86 22.32 -17.20 -2.77
C TYR B 86 22.73 -17.42 -1.32
N SER B 87 22.65 -16.35 -0.53
CA SER B 87 22.99 -16.38 0.89
C SER B 87 22.87 -14.98 1.47
N PRO B 88 21.81 -14.72 2.24
CA PRO B 88 21.55 -13.42 2.87
C PRO B 88 22.74 -12.86 3.67
N ASN B 89 22.85 -11.53 3.68
CA ASN B 89 23.94 -10.85 4.38
C ASN B 89 24.14 -11.38 5.79
N SER B 90 23.05 -11.66 6.48
CA SER B 90 23.08 -12.17 7.85
C SER B 90 23.86 -11.29 8.81
N GLY B 91 24.06 -10.02 8.44
CA GLY B 91 24.80 -9.10 9.28
C GLY B 91 23.91 -8.19 10.11
N ASP B 92 24.53 -7.38 10.98
CA ASP B 92 23.81 -6.47 11.86
C ASP B 92 23.53 -5.10 11.26
N VAL B 93 22.38 -4.97 10.62
CA VAL B 93 21.94 -3.74 9.98
C VAL B 93 21.55 -2.69 11.02
N GLN B 94 20.83 -3.13 12.04
CA GLN B 94 20.40 -2.22 13.10
C GLN B 94 21.64 -1.52 13.64
N GLY B 95 22.63 -2.29 14.02
CA GLY B 95 23.85 -1.71 14.54
C GLY B 95 24.53 -0.78 13.54
N LEU B 96 24.59 -1.20 12.28
CA LEU B 96 25.21 -0.38 11.23
C LEU B 96 24.65 1.03 11.23
N GLN B 97 23.33 1.13 11.06
CA GLN B 97 22.66 2.42 11.03
C GLN B 97 22.90 3.22 12.31
N ALA B 98 23.09 2.50 13.42
CA ALA B 98 23.35 3.15 14.70
C ALA B 98 24.71 3.86 14.63
N ALA B 99 25.69 3.16 14.08
CA ALA B 99 27.03 3.71 13.94
C ALA B 99 26.97 4.87 12.94
N TRP B 100 26.28 4.65 11.83
CA TRP B 100 26.14 5.68 10.79
C TRP B 100 25.68 6.95 11.48
N GLU B 101 24.70 6.80 12.36
CA GLU B 101 24.16 7.93 13.10
C GLU B 101 25.26 8.54 13.98
N ALA B 102 25.97 7.68 14.70
CA ALA B 102 27.05 8.09 15.59
C ALA B 102 28.14 8.81 14.81
N LEU B 103 28.47 8.26 13.65
CA LEU B 103 29.52 8.83 12.80
C LEU B 103 29.20 10.25 12.38
N GLN B 104 27.90 10.54 12.25
CA GLN B 104 27.44 11.87 11.85
C GLN B 104 27.36 12.78 13.07
N THR B 105 27.36 12.18 14.26
CA THR B 105 27.30 12.93 15.51
C THR B 105 28.69 13.52 15.76
N SER B 106 29.69 12.88 15.17
CA SER B 106 31.07 13.32 15.30
C SER B 106 31.48 14.04 14.02
N GLY B 107 32.74 14.45 13.95
CA GLY B 107 33.22 15.16 12.77
C GLY B 107 34.18 14.33 11.94
N ARG B 108 34.43 13.10 12.36
CA ARG B 108 35.34 12.21 11.66
C ARG B 108 35.15 12.30 10.14
N PRO B 109 36.25 12.17 9.37
CA PRO B 109 36.22 12.22 7.90
C PRO B 109 35.51 11.04 7.22
N ILE B 110 34.22 11.18 6.99
CA ILE B 110 33.41 10.14 6.37
C ILE B 110 33.82 9.89 4.90
N THR B 111 34.40 8.73 4.64
CA THR B 111 34.88 8.38 3.31
C THR B 111 34.57 6.92 2.99
N PRO B 112 34.93 6.47 1.78
CA PRO B 112 34.68 5.07 1.41
C PRO B 112 35.18 4.12 2.47
N GLY B 113 36.51 4.04 2.61
CA GLY B 113 37.13 3.18 3.59
C GLY B 113 36.51 3.40 4.95
N THR B 114 36.07 4.62 5.19
CA THR B 114 35.43 4.99 6.46
C THR B 114 34.16 4.18 6.64
N LEU B 115 33.36 4.11 5.57
CA LEU B 115 32.11 3.37 5.60
C LEU B 115 32.32 1.92 5.23
N ARG B 116 33.52 1.61 4.72
CA ARG B 116 33.84 0.26 4.33
C ARG B 116 34.17 -0.57 5.56
N GLN B 117 35.00 -0.01 6.44
CA GLN B 117 35.38 -0.72 7.65
C GLN B 117 34.10 -1.08 8.37
N LEU B 118 33.14 -0.16 8.34
CA LEU B 118 31.84 -0.37 8.96
C LEU B 118 31.21 -1.68 8.50
N ALA B 119 30.95 -1.79 7.19
CA ALA B 119 30.34 -2.97 6.60
C ALA B 119 31.10 -4.23 7.00
N ILE B 120 32.41 -4.09 7.18
CA ILE B 120 33.26 -5.19 7.59
C ILE B 120 32.95 -5.49 9.05
N THR B 121 32.97 -4.45 9.88
CA THR B 121 32.68 -4.58 11.29
C THR B 121 31.33 -5.23 11.53
N HIS B 122 30.30 -4.78 10.80
CA HIS B 122 28.97 -5.34 10.97
C HIS B 122 28.66 -6.50 10.05
N HIS B 123 29.68 -6.95 9.33
CA HIS B 123 29.54 -8.09 8.42
C HIS B 123 28.41 -7.95 7.39
N VAL B 124 28.30 -6.78 6.79
CA VAL B 124 27.29 -6.51 5.76
C VAL B 124 28.06 -6.38 4.44
N LEU B 125 28.28 -7.51 3.78
CA LEU B 125 29.05 -7.55 2.54
C LEU B 125 28.23 -7.64 1.24
N SER B 126 27.05 -7.02 1.22
CA SER B 126 26.22 -7.07 0.00
C SER B 126 26.10 -5.75 -0.80
N GLY B 127 26.15 -5.87 -2.12
CA GLY B 127 26.06 -4.69 -2.98
C GLY B 127 25.56 -4.99 -4.38
N LYS B 128 25.15 -3.95 -5.08
CA LYS B 128 24.60 -4.12 -6.42
C LYS B 128 25.51 -3.76 -7.58
N TRP B 129 25.15 -4.30 -8.74
CA TRP B 129 25.79 -4.10 -10.03
C TRP B 129 24.71 -3.40 -10.88
N LEU B 130 24.09 -2.39 -10.26
CA LEU B 130 23.02 -1.61 -10.87
C LEU B 130 23.18 -1.29 -12.35
N MSE B 131 22.15 -1.66 -13.11
CA MSE B 131 22.11 -1.43 -14.55
C MSE B 131 20.70 -1.02 -14.92
O MSE B 131 19.73 -1.56 -14.38
CB MSE B 131 22.46 -2.69 -15.32
CG MSE B 131 21.47 -3.81 -15.07
SE MSE B 131 21.69 -5.23 -16.31
CE MSE B 131 22.90 -6.41 -15.36
N HIS B 132 20.58 -0.10 -15.87
CA HIS B 132 19.28 0.37 -16.28
C HIS B 132 19.07 0.14 -17.76
N LEU B 133 18.60 -1.05 -18.11
CA LEU B 133 18.34 -1.43 -19.50
C LEU B 133 17.30 -0.53 -20.11
N ALA B 134 17.20 -0.60 -21.43
CA ALA B 134 16.25 0.20 -22.19
C ALA B 134 14.94 -0.53 -22.29
N PRO B 135 13.81 0.20 -22.10
CA PRO B 135 12.52 -0.49 -22.18
C PRO B 135 12.29 -1.24 -23.50
N GLY B 136 11.23 -2.03 -23.51
CA GLY B 136 10.91 -2.81 -24.69
C GLY B 136 11.37 -4.23 -24.48
N PHE B 137 11.67 -4.90 -25.57
CA PHE B 137 12.11 -6.27 -25.47
C PHE B 137 13.55 -6.37 -24.98
N LYS B 138 14.33 -5.34 -25.20
CA LYS B 138 15.72 -5.34 -24.74
C LYS B 138 15.78 -5.52 -23.22
N LEU B 139 14.87 -4.85 -22.51
CA LEU B 139 14.82 -4.99 -21.06
C LEU B 139 14.49 -6.44 -20.73
N ASP B 140 13.49 -6.97 -21.44
CA ASP B 140 13.02 -8.34 -21.24
C ASP B 140 14.04 -9.37 -21.65
N HIS B 141 14.80 -9.05 -22.68
CA HIS B 141 15.83 -9.94 -23.17
C HIS B 141 16.94 -10.06 -22.15
N ALA B 142 17.44 -8.91 -21.71
CA ALA B 142 18.52 -8.88 -20.73
C ALA B 142 18.09 -9.59 -19.45
N TRP B 143 16.85 -9.34 -19.04
CA TRP B 143 16.32 -9.95 -17.82
C TRP B 143 16.25 -11.47 -17.92
N ALA B 144 15.82 -11.98 -19.08
CA ALA B 144 15.70 -13.43 -19.27
C ALA B 144 17.03 -14.15 -19.10
N GLY B 145 18.00 -13.86 -19.95
CA GLY B 145 19.30 -14.51 -19.85
C GLY B 145 19.89 -14.45 -18.45
N ILE B 146 19.86 -13.27 -17.83
CA ILE B 146 20.38 -13.12 -16.49
C ILE B 146 19.56 -14.00 -15.54
N ALA B 147 18.26 -14.09 -15.79
CA ALA B 147 17.38 -14.94 -15.00
C ALA B 147 17.81 -16.40 -15.21
N ARG B 148 18.25 -16.71 -16.42
CA ARG B 148 18.68 -18.06 -16.76
C ARG B 148 19.94 -18.40 -16.00
N ALA B 149 20.89 -17.47 -16.00
CA ALA B 149 22.18 -17.64 -15.32
C ALA B 149 22.00 -18.01 -13.83
N VAL B 150 21.19 -17.24 -13.12
CA VAL B 150 20.95 -17.52 -11.71
C VAL B 150 20.53 -18.98 -11.53
N VAL B 151 19.48 -19.38 -12.26
CA VAL B 151 18.97 -20.74 -12.19
C VAL B 151 20.04 -21.76 -12.57
N GLU B 152 21.20 -21.29 -13.01
CA GLU B 152 22.30 -22.19 -13.38
C GLU B 152 23.46 -22.08 -12.39
N GLY B 153 23.29 -21.30 -11.34
CA GLY B 153 24.33 -21.16 -10.35
C GLY B 153 25.42 -20.17 -10.72
N ARG B 154 25.46 -19.75 -11.98
CA ARG B 154 26.48 -18.81 -12.42
C ARG B 154 26.29 -17.46 -11.72
N LEU B 155 25.05 -17.15 -11.34
CA LEU B 155 24.75 -15.92 -10.61
C LEU B 155 24.00 -16.29 -9.35
N GLN B 156 24.10 -15.45 -8.32
CA GLN B 156 23.47 -15.73 -7.04
C GLN B 156 22.00 -15.35 -6.97
N VAL B 157 21.74 -14.07 -7.19
CA VAL B 157 20.38 -13.56 -7.13
C VAL B 157 20.29 -12.33 -8.03
N ALA B 158 19.12 -12.10 -8.60
CA ALA B 158 18.94 -10.96 -9.47
C ALA B 158 17.48 -10.57 -9.44
N LYS B 159 17.20 -9.31 -9.68
CA LYS B 159 15.83 -8.85 -9.68
C LYS B 159 15.66 -7.68 -10.63
N VAL B 160 14.45 -7.49 -11.14
CA VAL B 160 14.16 -6.39 -12.05
C VAL B 160 12.92 -5.61 -11.61
N SER B 161 13.02 -4.28 -11.67
CA SER B 161 11.91 -3.42 -11.28
C SER B 161 10.77 -3.46 -12.31
N PRO B 162 9.52 -3.42 -11.85
CA PRO B 162 8.40 -3.44 -12.80
C PRO B 162 8.26 -2.11 -13.52
N ARG B 163 7.43 -2.06 -14.57
CA ARG B 163 7.24 -0.82 -15.32
C ARG B 163 6.58 0.24 -14.45
N ALA B 164 7.19 1.43 -14.41
CA ALA B 164 6.67 2.56 -13.63
C ALA B 164 5.73 3.41 -14.46
N LYS B 165 4.70 3.94 -13.81
CA LYS B 165 3.71 4.77 -14.50
C LYS B 165 4.35 5.73 -15.49
N GLU B 166 5.58 6.14 -15.21
CA GLU B 166 6.29 7.05 -16.09
C GLU B 166 6.92 6.29 -17.26
N GLY B 167 7.49 5.13 -16.98
CA GLY B 167 8.11 4.35 -18.03
C GLY B 167 9.59 4.65 -18.23
N GLY B 168 10.17 4.10 -19.28
CA GLY B 168 11.58 4.33 -19.57
C GLY B 168 12.49 3.19 -19.13
N ARG B 169 13.62 3.56 -18.53
CA ARG B 169 14.60 2.59 -18.05
C ARG B 169 14.14 1.80 -16.82
N GLN B 170 14.42 0.50 -16.82
CA GLN B 170 14.07 -0.38 -15.70
C GLN B 170 15.37 -0.99 -15.20
N VAL B 171 15.39 -1.33 -13.91
CA VAL B 171 16.61 -1.88 -13.33
C VAL B 171 16.62 -3.39 -13.06
N ILE B 172 17.69 -4.03 -13.54
CA ILE B 172 17.91 -5.45 -13.32
C ILE B 172 19.15 -5.43 -12.42
N CYS B 173 18.94 -5.64 -11.12
CA CYS B 173 20.05 -5.64 -10.17
C CYS B 173 20.53 -7.03 -9.81
N VAL B 174 21.83 -7.25 -9.95
CA VAL B 174 22.46 -8.52 -9.62
C VAL B 174 23.25 -8.31 -8.35
N TYR B 175 22.75 -8.84 -7.24
CA TYR B 175 23.41 -8.68 -5.95
C TYR B 175 24.61 -9.56 -5.73
N THR B 176 25.56 -9.06 -4.95
CA THR B 176 26.75 -9.83 -4.57
C THR B 176 26.84 -9.92 -3.04
N ASP B 177 27.13 -11.11 -2.54
CA ASP B 177 27.22 -11.36 -1.11
C ASP B 177 28.48 -10.89 -0.40
N ASP B 178 29.56 -10.65 -1.15
CA ASP B 178 30.82 -10.21 -0.54
C ASP B 178 31.48 -9.21 -1.49
N PHE B 179 31.24 -7.92 -1.27
CA PHE B 179 31.81 -6.92 -2.16
C PHE B 179 33.33 -6.81 -2.13
N THR B 180 34.00 -7.55 -1.25
CA THR B 180 35.46 -7.46 -1.24
C THR B 180 36.10 -8.62 -1.99
N ASP B 181 35.32 -9.63 -2.36
CA ASP B 181 35.85 -10.75 -3.14
C ASP B 181 35.80 -10.34 -4.61
N ARG B 182 36.81 -9.61 -5.05
CA ARG B 182 36.87 -9.13 -6.42
C ARG B 182 36.68 -10.19 -7.51
N LEU B 183 36.94 -11.46 -7.20
CA LEU B 183 36.76 -12.49 -8.21
C LEU B 183 35.27 -12.79 -8.34
N GLY B 184 34.55 -12.72 -7.22
CA GLY B 184 33.12 -12.96 -7.25
C GLY B 184 32.41 -11.85 -8.01
N VAL B 185 32.79 -10.61 -7.70
CA VAL B 185 32.20 -9.44 -8.34
C VAL B 185 32.47 -9.44 -9.86
N LEU B 186 33.68 -9.83 -10.25
CA LEU B 186 34.06 -9.86 -11.65
C LEU B 186 33.29 -10.94 -12.39
N GLU B 187 33.17 -12.09 -11.77
CA GLU B 187 32.45 -13.20 -12.37
C GLU B 187 30.98 -12.78 -12.46
N ALA B 188 30.54 -11.94 -11.53
CA ALA B 188 29.17 -11.43 -11.56
C ALA B 188 29.04 -10.50 -12.77
N ASP B 189 30.18 -9.95 -13.21
CA ASP B 189 30.22 -9.06 -14.36
C ASP B 189 30.24 -9.96 -15.60
N SER B 190 31.05 -11.01 -15.53
CA SER B 190 31.19 -11.96 -16.63
C SER B 190 29.90 -12.69 -17.00
N ALA B 191 29.13 -13.13 -16.01
CA ALA B 191 27.89 -13.82 -16.28
C ALA B 191 26.89 -12.87 -16.94
N ILE B 192 26.85 -11.64 -16.43
CA ILE B 192 25.95 -10.64 -16.99
C ILE B 192 26.23 -10.40 -18.46
N ARG B 193 27.45 -9.96 -18.79
CA ARG B 193 27.83 -9.67 -20.18
C ARG B 193 27.50 -10.83 -21.10
N ALA B 194 27.48 -12.04 -20.55
CA ALA B 194 27.16 -13.21 -21.36
C ALA B 194 25.65 -13.25 -21.64
N ALA B 195 24.89 -12.41 -20.93
CA ALA B 195 23.46 -12.33 -21.16
C ALA B 195 23.19 -11.24 -22.23
N GLY B 196 24.26 -10.69 -22.79
CA GLY B 196 24.12 -9.70 -23.83
C GLY B 196 23.96 -8.26 -23.37
N ILE B 197 24.17 -8.01 -22.08
CA ILE B 197 24.03 -6.65 -21.57
C ILE B 197 25.35 -5.89 -21.82
N LYS B 198 25.24 -4.80 -22.56
CA LYS B 198 26.42 -4.01 -22.94
C LYS B 198 26.48 -2.62 -22.34
N CYS B 199 25.44 -2.25 -21.61
CA CYS B 199 25.36 -0.95 -20.97
C CYS B 199 26.32 -0.82 -19.80
N LEU B 200 26.47 0.41 -19.32
CA LEU B 200 27.33 0.71 -18.18
C LEU B 200 26.86 -0.11 -16.99
N LEU B 201 27.80 -0.49 -16.14
CA LEU B 201 27.48 -1.26 -14.95
C LEU B 201 28.27 -0.71 -13.76
N THR B 202 27.60 0.09 -12.93
CA THR B 202 28.22 0.65 -11.74
C THR B 202 27.84 -0.24 -10.57
N TYR B 203 28.62 -0.17 -9.48
CA TYR B 203 28.36 -1.01 -8.30
C TYR B 203 28.15 -0.20 -7.02
N LYS B 204 27.01 -0.43 -6.37
CA LYS B 204 26.66 0.27 -5.15
C LYS B 204 26.40 -0.68 -3.99
N PRO B 205 27.17 -0.55 -2.90
CA PRO B 205 26.99 -1.44 -1.75
C PRO B 205 25.78 -1.16 -0.87
N ASP B 206 25.16 -2.23 -0.39
CA ASP B 206 24.01 -2.09 0.49
C ASP B 206 24.29 -1.18 1.69
N VAL B 207 25.54 -1.07 2.10
CA VAL B 207 25.85 -0.21 3.24
C VAL B 207 25.41 1.19 2.84
N TYR B 208 25.86 1.65 1.68
CA TYR B 208 25.46 2.97 1.22
C TYR B 208 23.95 3.03 1.07
N THR B 209 23.39 2.05 0.39
CA THR B 209 21.95 1.97 0.17
C THR B 209 21.20 1.84 1.49
N TYR B 210 21.83 1.20 2.47
CA TYR B 210 21.23 1.03 3.79
C TYR B 210 21.29 2.33 4.57
N LEU B 211 22.16 3.24 4.16
CA LEU B 211 22.28 4.53 4.84
C LEU B 211 21.57 5.59 4.02
N GLY B 212 20.83 5.13 3.01
CA GLY B 212 20.10 6.03 2.14
C GLY B 212 21.02 6.87 1.29
N ILE B 213 22.31 6.60 1.36
CA ILE B 213 23.29 7.32 0.59
C ILE B 213 23.07 7.08 -0.89
N TYR B 214 22.90 8.16 -1.66
CA TYR B 214 22.66 8.05 -3.09
C TYR B 214 23.51 9.03 -3.90
N ARG B 215 23.24 9.13 -5.20
CA ARG B 215 23.99 9.98 -6.11
C ARG B 215 24.42 11.33 -5.52
N ALA B 216 23.49 12.07 -4.96
CA ALA B 216 23.83 13.35 -4.35
C ALA B 216 23.75 13.18 -2.84
N ASN B 217 24.80 13.58 -2.12
CA ASN B 217 24.80 13.45 -0.67
C ASN B 217 25.72 14.45 0.03
N ARG B 218 25.51 14.60 1.34
CA ARG B 218 26.28 15.53 2.16
C ARG B 218 27.79 15.37 2.01
N TRP B 219 28.25 14.17 2.28
CA TRP B 219 29.66 13.81 2.25
C TRP B 219 30.32 13.81 0.87
N HIS B 220 29.51 13.95 -0.18
CA HIS B 220 30.04 13.95 -1.54
C HIS B 220 30.65 12.59 -1.83
N LEU B 221 30.04 11.53 -1.31
CA LEU B 221 30.51 10.19 -1.56
C LEU B 221 29.79 9.61 -2.77
N CYS B 222 30.37 8.58 -3.37
CA CYS B 222 29.74 7.92 -4.49
C CYS B 222 29.62 6.46 -4.08
N PRO B 223 28.38 5.96 -4.00
CA PRO B 223 28.23 4.55 -3.62
C PRO B 223 28.73 3.56 -4.67
N THR B 224 29.55 4.04 -5.60
CA THR B 224 30.08 3.16 -6.65
C THR B 224 31.51 2.66 -6.37
N LEU B 225 31.64 1.40 -6.02
CA LEU B 225 32.95 0.84 -5.77
C LEU B 225 33.56 0.46 -7.12
N TYR B 226 32.87 -0.40 -7.86
CA TYR B 226 33.34 -0.84 -9.16
C TYR B 226 32.51 -0.24 -10.29
N GLU B 227 33.12 -0.25 -11.47
CA GLU B 227 32.55 0.28 -12.70
C GLU B 227 32.83 -0.71 -13.83
N SER B 228 31.84 -0.95 -14.68
CA SER B 228 32.02 -1.86 -15.80
C SER B 228 31.47 -1.23 -17.09
N ARG B 229 32.39 -0.89 -17.99
CA ARG B 229 32.05 -0.30 -19.28
C ARG B 229 32.33 -1.35 -20.34
N PHE B 230 31.34 -1.69 -21.15
CA PHE B 230 31.58 -2.70 -22.17
C PHE B 230 32.35 -2.13 -23.36
N GLN B 231 33.53 -2.67 -23.61
CA GLN B 231 34.32 -2.19 -24.71
C GLN B 231 34.30 -3.21 -25.85
N LEU B 232 33.55 -2.88 -26.89
CA LEU B 232 33.35 -3.76 -28.05
C LEU B 232 33.97 -3.32 -29.37
N GLY B 233 33.61 -4.05 -30.43
CA GLY B 233 34.09 -3.75 -31.77
C GLY B 233 35.01 -4.78 -32.39
N GLY B 234 35.81 -5.44 -31.56
CA GLY B 234 36.73 -6.44 -32.06
C GLY B 234 38.09 -6.40 -31.41
N SER B 235 38.76 -5.26 -31.47
CA SER B 235 40.08 -5.12 -30.88
C SER B 235 40.08 -4.81 -29.38
N ALA B 236 39.04 -5.33 -28.71
CA ALA B 236 38.88 -5.18 -27.27
C ALA B 236 38.05 -6.36 -26.78
N ARG B 237 38.38 -6.87 -25.59
CA ARG B 237 37.68 -8.01 -25.01
C ARG B 237 36.27 -7.72 -24.51
N GLY B 238 36.07 -7.81 -23.21
CA GLY B 238 34.76 -7.54 -22.67
C GLY B 238 34.69 -6.29 -21.84
N SER B 239 34.25 -6.46 -20.60
CA SER B 239 34.08 -5.39 -19.64
C SER B 239 35.38 -4.72 -19.17
N ARG B 240 35.33 -3.40 -19.02
CA ARG B 240 36.45 -2.64 -18.50
C ARG B 240 36.03 -2.36 -17.06
N VAL B 241 36.49 -3.21 -16.15
CA VAL B 241 36.14 -3.09 -14.74
C VAL B 241 37.10 -2.26 -13.92
N LEU B 242 36.63 -1.15 -13.40
CA LEU B 242 37.45 -0.26 -12.59
C LEU B 242 37.05 -0.28 -11.12
N ASP B 243 38.05 -0.19 -10.23
CA ASP B 243 37.82 -0.14 -8.80
C ASP B 243 37.99 1.34 -8.50
N ARG B 244 36.90 2.08 -8.40
CA ARG B 244 37.00 3.51 -8.16
C ARG B 244 37.68 3.90 -6.86
N ALA B 245 37.53 3.07 -5.83
CA ALA B 245 38.17 3.39 -4.55
C ALA B 245 39.69 3.24 -4.63
N ASN B 246 40.15 2.05 -5.01
CA ASN B 246 41.57 1.75 -5.12
C ASN B 246 42.25 2.22 -6.39
N ASN B 247 41.48 2.45 -7.44
CA ASN B 247 42.01 2.87 -8.73
C ASN B 247 42.73 1.70 -9.40
N VAL B 248 42.13 0.52 -9.27
CA VAL B 248 42.68 -0.70 -9.84
C VAL B 248 41.82 -1.15 -11.02
N GLU B 249 42.47 -1.70 -12.05
CA GLU B 249 41.75 -2.17 -13.21
C GLU B 249 41.80 -3.70 -13.24
N LEU B 250 40.67 -4.33 -13.00
CA LEU B 250 40.58 -5.78 -13.04
C LEU B 250 40.40 -6.13 -14.51
N THR B 251 40.86 -5.22 -15.37
CA THR B 251 40.73 -5.34 -16.83
C THR B 251 39.24 -5.27 -17.17
N MSE C 30 -39.70 2.08 -1.03
CA MSE C 30 -39.44 2.27 -2.48
C MSE C 30 -38.26 3.20 -2.70
O MSE C 30 -37.58 3.62 -1.74
CB MSE C 30 -40.67 2.87 -3.18
CG MSE C 30 -41.89 1.95 -3.21
SE MSE C 30 -43.40 2.64 -4.21
CE MSE C 30 -44.39 3.44 -2.75
N ALA C 31 -38.00 3.53 -3.96
CA ALA C 31 -36.92 4.43 -4.33
C ALA C 31 -37.20 5.02 -5.70
N ALA C 32 -36.52 6.12 -6.01
CA ALA C 32 -36.68 6.80 -7.29
C ALA C 32 -36.21 5.89 -8.42
N ASP C 33 -35.15 5.11 -8.14
CA ASP C 33 -34.60 4.19 -9.13
C ASP C 33 -34.65 2.75 -8.60
N MSE C 34 -35.76 2.08 -8.85
CA MSE C 34 -35.97 0.71 -8.41
C MSE C 34 -35.53 -0.28 -9.47
O MSE C 34 -35.55 -1.48 -9.24
CB MSE C 34 -37.46 0.45 -8.11
CG MSE C 34 -37.99 1.00 -6.80
SE MSE C 34 -39.87 0.51 -6.55
CE MSE C 34 -40.68 2.06 -7.33
N ASP C 35 -35.12 0.22 -10.62
CA ASP C 35 -34.74 -0.65 -11.72
C ASP C 35 -33.32 -1.18 -11.77
N PRO C 36 -33.09 -2.19 -12.63
CA PRO C 36 -31.75 -2.75 -12.77
C PRO C 36 -30.92 -1.73 -13.53
N TRP C 37 -29.67 -2.06 -13.78
CA TRP C 37 -28.78 -1.21 -14.54
C TRP C 37 -28.07 -2.08 -15.56
N LEU C 38 -27.69 -1.50 -16.68
CA LEU C 38 -26.92 -2.22 -17.72
C LEU C 38 -25.50 -1.96 -17.25
N VAL C 39 -24.79 -3.03 -16.91
CA VAL C 39 -23.45 -2.88 -16.37
C VAL C 39 -22.32 -3.68 -17.01
N PHE C 40 -21.22 -3.01 -17.31
CA PHE C 40 -20.06 -3.73 -17.79
C PHE C 40 -19.14 -3.72 -16.58
N ASP C 41 -18.93 -4.87 -15.96
CA ASP C 41 -18.08 -4.93 -14.78
C ASP C 41 -16.71 -5.41 -15.23
N ALA C 42 -15.75 -4.50 -15.34
CA ALA C 42 -14.41 -4.85 -15.80
C ALA C 42 -13.62 -5.65 -14.78
N ARG C 43 -14.16 -5.83 -13.58
CA ARG C 43 -13.48 -6.60 -12.55
C ARG C 43 -13.72 -8.09 -12.81
N THR C 44 -14.85 -8.39 -13.44
CA THR C 44 -15.22 -9.76 -13.72
C THR C 44 -15.33 -10.10 -15.20
N THR C 45 -15.16 -9.12 -16.08
CA THR C 45 -15.28 -9.36 -17.52
C THR C 45 -14.03 -8.99 -18.32
N PRO C 46 -13.65 -9.85 -19.29
CA PRO C 46 -12.47 -9.63 -20.13
C PRO C 46 -12.65 -8.36 -20.97
N ALA C 47 -11.69 -7.45 -20.87
CA ALA C 47 -11.72 -6.18 -21.58
C ALA C 47 -11.98 -6.31 -23.06
N THR C 48 -11.37 -7.30 -23.69
CA THR C 48 -11.52 -7.48 -25.12
C THR C 48 -12.90 -7.99 -25.43
N GLU C 49 -13.84 -7.65 -24.57
CA GLU C 49 -15.20 -8.07 -24.75
C GLU C 49 -16.10 -6.87 -24.51
N LEU C 50 -15.46 -5.71 -24.37
CA LEU C 50 -16.18 -4.45 -24.15
C LEU C 50 -16.84 -3.91 -25.42
N ASP C 51 -16.46 -4.41 -26.58
CA ASP C 51 -17.02 -3.93 -27.84
C ASP C 51 -18.42 -4.46 -28.17
N ALA C 52 -18.65 -5.75 -27.97
CA ALA C 52 -19.97 -6.28 -28.29
C ALA C 52 -20.97 -5.67 -27.32
N TRP C 53 -20.47 -5.28 -26.15
CA TRP C 53 -21.30 -4.69 -25.13
C TRP C 53 -21.62 -3.21 -25.43
N LEU C 54 -20.95 -2.66 -26.44
CA LEU C 54 -21.19 -1.28 -26.84
C LEU C 54 -22.02 -1.32 -28.10
N ALA C 55 -21.54 -2.11 -29.06
CA ALA C 55 -22.25 -2.24 -30.32
C ALA C 55 -23.73 -2.46 -29.98
N LYS C 56 -23.96 -3.13 -28.85
CA LYS C 56 -25.30 -3.44 -28.38
C LYS C 56 -26.08 -2.38 -27.61
N TYR C 57 -25.46 -1.79 -26.60
CA TYR C 57 -26.19 -0.84 -25.77
C TYR C 57 -25.87 0.66 -25.84
N PRO C 58 -25.87 1.25 -27.04
CA PRO C 58 -25.57 2.69 -27.03
C PRO C 58 -26.71 3.45 -26.33
N PRO C 59 -26.38 4.38 -25.41
CA PRO C 59 -27.39 5.16 -24.68
C PRO C 59 -28.40 5.93 -25.53
N SER C 60 -28.47 5.57 -26.80
CA SER C 60 -29.39 6.18 -27.75
C SER C 60 -30.40 5.12 -28.20
N GLN C 61 -30.20 3.89 -27.75
CA GLN C 61 -31.08 2.81 -28.13
C GLN C 61 -31.59 2.02 -26.91
N VAL C 62 -30.91 2.15 -25.77
CA VAL C 62 -31.36 1.50 -24.55
C VAL C 62 -32.39 2.46 -23.96
N THR C 63 -33.59 1.99 -23.66
CA THR C 63 -34.61 2.89 -23.12
C THR C 63 -34.84 2.84 -21.63
N ARG C 64 -35.18 4.01 -21.08
CA ARG C 64 -35.45 4.16 -19.66
C ARG C 64 -36.59 3.26 -19.19
N TYR C 65 -37.52 2.93 -20.07
CA TYR C 65 -38.64 2.09 -19.67
C TYR C 65 -38.90 0.83 -20.45
N GLY C 66 -37.91 0.38 -21.23
CA GLY C 66 -38.08 -0.83 -21.99
C GLY C 66 -39.01 -0.70 -23.19
N ASP C 67 -39.05 0.51 -23.77
CA ASP C 67 -39.85 0.80 -24.94
C ASP C 67 -39.80 -0.31 -25.97
N PRO C 68 -40.96 -0.71 -26.53
CA PRO C 68 -40.91 -1.76 -27.53
C PRO C 68 -39.99 -1.24 -28.64
N GLY C 69 -39.18 -2.11 -29.24
CA GLY C 69 -38.29 -1.66 -30.28
C GLY C 69 -36.95 -1.23 -29.71
N SER C 70 -36.82 -1.29 -28.39
CA SER C 70 -35.60 -0.92 -27.69
C SER C 70 -34.97 -2.18 -27.11
N PRO C 71 -33.68 -2.44 -27.41
CA PRO C 71 -33.03 -3.65 -26.89
C PRO C 71 -33.65 -4.19 -25.60
N ASN C 72 -33.64 -3.40 -24.54
CA ASN C 72 -34.26 -3.82 -23.26
C ASN C 72 -35.78 -3.64 -23.28
N SER C 73 -36.49 -4.54 -22.58
CA SER C 73 -37.94 -4.50 -22.50
C SER C 73 -38.40 -3.95 -21.15
N GLU C 74 -37.50 -4.07 -20.18
CA GLU C 74 -37.74 -3.61 -18.82
C GLU C 74 -37.00 -2.29 -18.60
N PRO C 75 -37.39 -1.53 -17.57
CA PRO C 75 -36.75 -0.26 -17.23
C PRO C 75 -35.25 -0.44 -16.98
N VAL C 76 -34.50 0.64 -17.15
CA VAL C 76 -33.06 0.62 -16.93
C VAL C 76 -32.65 1.95 -16.29
N GLY C 77 -31.93 1.86 -15.17
CA GLY C 77 -31.51 3.07 -14.49
C GLY C 77 -30.20 3.67 -14.95
N TRP C 78 -29.22 2.83 -15.30
CA TRP C 78 -27.92 3.37 -15.72
C TRP C 78 -27.06 2.46 -16.60
N ILE C 79 -26.21 3.09 -17.39
CA ILE C 79 -25.26 2.35 -18.18
C ILE C 79 -24.01 2.49 -17.28
N ALA C 80 -23.96 1.64 -16.25
CA ALA C 80 -22.89 1.61 -15.25
C ALA C 80 -21.64 0.91 -15.70
N VAL C 81 -20.52 1.65 -15.67
CA VAL C 81 -19.25 1.05 -16.04
C VAL C 81 -18.27 1.10 -14.85
N TYR C 82 -17.99 -0.07 -14.29
CA TYR C 82 -17.08 -0.15 -13.15
C TYR C 82 -15.71 -0.61 -13.62
N GLY C 83 -14.67 0.10 -13.18
CA GLY C 83 -13.32 -0.24 -13.56
C GLY C 83 -12.68 -1.13 -12.53
N GLN C 84 -11.45 -1.57 -12.75
CA GLN C 84 -10.77 -2.43 -11.79
C GLN C 84 -10.40 -1.60 -10.55
N GLY C 85 -10.42 -2.26 -9.41
CA GLY C 85 -10.11 -1.57 -8.18
C GLY C 85 -11.28 -0.78 -7.64
N TYR C 86 -12.30 -0.58 -8.46
CA TYR C 86 -13.48 0.16 -8.03
C TYR C 86 -14.10 -0.51 -6.81
N SER C 87 -14.45 0.31 -5.82
CA SER C 87 -15.10 -0.19 -4.61
C SER C 87 -15.70 0.98 -3.83
N PRO C 88 -16.81 0.72 -3.12
CA PRO C 88 -17.39 1.82 -2.35
C PRO C 88 -16.42 2.30 -1.26
N ASN C 89 -16.09 3.59 -1.30
CA ASN C 89 -15.20 4.20 -0.31
C ASN C 89 -16.02 5.02 0.68
N SER C 90 -17.34 4.85 0.62
CA SER C 90 -18.30 5.55 1.48
C SER C 90 -17.82 6.08 2.83
N GLY C 91 -18.49 7.14 3.28
CA GLY C 91 -18.16 7.79 4.53
C GLY C 91 -19.27 7.80 5.58
N ASP C 92 -19.51 8.97 6.16
CA ASP C 92 -20.51 9.09 7.22
C ASP C 92 -21.66 10.03 6.89
N VAL C 93 -22.56 9.56 6.04
CA VAL C 93 -23.70 10.36 5.61
C VAL C 93 -24.71 10.61 6.71
N GLN C 94 -24.76 9.74 7.72
CA GLN C 94 -25.69 9.94 8.82
C GLN C 94 -25.25 11.18 9.60
N GLY C 95 -23.95 11.27 9.86
CA GLY C 95 -23.41 12.40 10.58
C GLY C 95 -23.57 13.68 9.77
N LEU C 96 -23.31 13.58 8.47
CA LEU C 96 -23.42 14.72 7.59
C LEU C 96 -24.81 15.34 7.65
N GLN C 97 -25.83 14.49 7.56
CA GLN C 97 -27.23 14.93 7.59
C GLN C 97 -27.52 15.76 8.83
N ALA C 98 -27.16 15.22 10.00
CA ALA C 98 -27.37 15.89 11.27
C ALA C 98 -26.71 17.28 11.25
N ALA C 99 -25.39 17.30 11.15
CA ALA C 99 -24.63 18.56 11.09
C ALA C 99 -25.31 19.52 10.12
N TRP C 100 -25.69 19.02 8.95
CA TRP C 100 -26.33 19.87 7.97
C TRP C 100 -27.58 20.50 8.60
N GLU C 101 -28.36 19.69 9.31
CA GLU C 101 -29.57 20.19 9.95
C GLU C 101 -29.22 21.24 11.00
N ALA C 102 -28.20 20.92 11.81
CA ALA C 102 -27.75 21.84 12.85
C ALA C 102 -27.25 23.10 12.21
N LEU C 103 -26.23 22.95 11.37
CA LEU C 103 -25.61 24.06 10.66
C LEU C 103 -26.64 25.04 10.14
N GLN C 104 -27.85 24.55 9.89
CA GLN C 104 -28.92 25.41 9.39
C GLN C 104 -29.55 26.21 10.51
N THR C 105 -30.27 25.53 11.39
CA THR C 105 -30.92 26.19 12.51
C THR C 105 -29.93 26.99 13.34
N SER C 106 -28.63 26.76 13.12
CA SER C 106 -27.60 27.47 13.85
C SER C 106 -27.65 28.95 13.46
N GLY C 107 -27.86 29.19 12.17
CA GLY C 107 -27.92 30.54 11.67
C GLY C 107 -26.61 30.95 11.02
N ARG C 108 -25.53 30.26 11.39
CA ARG C 108 -24.21 30.56 10.84
C ARG C 108 -24.24 30.57 9.31
N PRO C 109 -23.29 31.29 8.68
CA PRO C 109 -23.21 31.38 7.22
C PRO C 109 -22.93 30.07 6.48
N ILE C 110 -23.73 29.79 5.46
CA ILE C 110 -23.55 28.58 4.67
C ILE C 110 -22.80 28.96 3.39
N THR C 111 -21.61 28.41 3.21
CA THR C 111 -20.82 28.71 2.04
C THR C 111 -20.10 27.46 1.49
N PRO C 112 -19.41 27.60 0.35
CA PRO C 112 -18.71 26.45 -0.21
C PRO C 112 -17.74 25.84 0.80
N GLY C 113 -17.09 26.71 1.57
CA GLY C 113 -16.14 26.25 2.56
C GLY C 113 -16.81 25.55 3.74
N THR C 114 -17.92 26.11 4.22
CA THR C 114 -18.62 25.48 5.33
C THR C 114 -19.01 24.06 4.90
N LEU C 115 -19.60 23.93 3.72
CA LEU C 115 -20.00 22.63 3.22
C LEU C 115 -18.77 21.76 3.00
N ARG C 116 -17.70 22.38 2.50
CA ARG C 116 -16.47 21.66 2.24
C ARG C 116 -15.96 21.00 3.52
N GLN C 117 -15.94 21.76 4.60
CA GLN C 117 -15.48 21.25 5.88
C GLN C 117 -16.40 20.11 6.36
N LEU C 118 -17.70 20.27 6.18
CA LEU C 118 -18.63 19.22 6.54
C LEU C 118 -18.21 17.93 5.83
N ALA C 119 -17.92 18.05 4.53
CA ALA C 119 -17.50 16.90 3.72
C ALA C 119 -16.18 16.26 4.17
N ILE C 120 -15.27 17.08 4.66
CA ILE C 120 -13.99 16.60 5.13
C ILE C 120 -14.19 15.88 6.46
N THR C 121 -15.12 16.37 7.26
CA THR C 121 -15.40 15.78 8.56
C THR C 121 -15.98 14.35 8.50
N HIS C 122 -16.84 14.11 7.51
CA HIS C 122 -17.49 12.81 7.39
C HIS C 122 -16.97 11.96 6.24
N HIS C 123 -15.96 12.47 5.55
CA HIS C 123 -15.36 11.75 4.43
C HIS C 123 -16.33 11.46 3.27
N VAL C 124 -17.47 12.14 3.22
CA VAL C 124 -18.42 11.99 2.12
C VAL C 124 -17.76 12.94 1.12
N LEU C 125 -16.74 12.47 0.42
CA LEU C 125 -15.94 13.30 -0.49
C LEU C 125 -15.97 13.00 -1.99
N SER C 126 -17.09 12.53 -2.51
CA SER C 126 -17.13 12.21 -3.93
C SER C 126 -17.97 13.12 -4.83
N GLY C 127 -17.33 13.63 -5.87
CA GLY C 127 -18.00 14.49 -6.82
C GLY C 127 -18.02 13.83 -8.18
N LYS C 128 -18.73 14.43 -9.14
CA LYS C 128 -18.81 13.84 -10.45
C LYS C 128 -18.72 14.85 -11.59
N TRP C 129 -17.98 14.48 -12.63
CA TRP C 129 -17.87 15.31 -13.82
C TRP C 129 -19.13 14.94 -14.60
N LEU C 130 -19.89 15.95 -15.01
CA LEU C 130 -21.12 15.75 -15.77
C LEU C 130 -21.02 16.38 -17.16
N MSE C 131 -21.87 15.92 -18.07
CA MSE C 131 -21.89 16.45 -19.41
C MSE C 131 -23.16 15.98 -20.10
O MSE C 131 -23.59 14.84 -19.93
CB MSE C 131 -20.66 15.97 -20.19
CG MSE C 131 -20.52 14.47 -20.29
SE MSE C 131 -18.70 13.84 -20.05
CE MSE C 131 -18.69 13.84 -18.11
N HIS C 132 -23.77 16.90 -20.85
CA HIS C 132 -25.02 16.63 -21.56
C HIS C 132 -24.74 16.76 -23.04
N LEU C 133 -24.27 15.68 -23.65
CA LEU C 133 -23.92 15.67 -25.05
C LEU C 133 -25.07 15.49 -26.03
N ALA C 134 -24.87 16.04 -27.23
CA ALA C 134 -25.83 15.95 -28.31
C ALA C 134 -26.17 14.48 -28.52
N PRO C 135 -27.46 14.12 -28.45
CA PRO C 135 -27.93 12.75 -28.63
C PRO C 135 -27.38 12.08 -29.88
N GLY C 136 -27.90 10.89 -30.15
CA GLY C 136 -27.47 10.13 -31.30
C GLY C 136 -26.08 9.52 -31.15
N PHE C 137 -25.52 9.21 -32.32
CA PHE C 137 -24.22 8.61 -32.44
C PHE C 137 -23.09 9.48 -31.87
N LYS C 138 -23.38 10.73 -31.56
CA LYS C 138 -22.34 11.61 -31.01
C LYS C 138 -22.22 11.31 -29.52
N LEU C 139 -23.35 11.19 -28.84
CA LEU C 139 -23.34 10.86 -27.41
C LEU C 139 -22.72 9.46 -27.29
N ASP C 140 -23.02 8.58 -28.25
CA ASP C 140 -22.48 7.23 -28.20
C ASP C 140 -20.96 7.28 -28.25
N HIS C 141 -20.46 8.23 -29.03
CA HIS C 141 -19.02 8.41 -29.18
C HIS C 141 -18.38 8.67 -27.82
N ALA C 142 -18.88 9.69 -27.13
CA ALA C 142 -18.37 10.06 -25.82
C ALA C 142 -18.24 8.83 -24.90
N TRP C 143 -19.24 7.94 -24.98
CA TRP C 143 -19.30 6.71 -24.20
C TRP C 143 -18.50 5.58 -24.85
N ALA C 144 -17.98 5.85 -26.04
CA ALA C 144 -17.18 4.84 -26.71
C ALA C 144 -15.79 4.86 -26.07
N GLY C 145 -15.36 6.05 -25.64
CA GLY C 145 -14.07 6.21 -25.02
C GLY C 145 -14.12 6.34 -23.49
N ILE C 146 -15.20 6.93 -22.98
CA ILE C 146 -15.35 7.03 -21.54
C ILE C 146 -15.30 5.58 -21.04
N ALA C 147 -16.06 4.71 -21.68
CA ALA C 147 -16.08 3.31 -21.31
C ALA C 147 -14.66 2.75 -21.42
N ARG C 148 -13.98 3.13 -22.50
CA ARG C 148 -12.61 2.69 -22.71
C ARG C 148 -11.76 3.18 -21.53
N ALA C 149 -11.88 4.46 -21.20
CA ALA C 149 -11.13 5.01 -20.07
C ALA C 149 -11.38 4.19 -18.78
N VAL C 150 -12.46 3.38 -18.79
CA VAL C 150 -12.79 2.54 -17.65
C VAL C 150 -12.39 1.08 -17.89
N VAL C 151 -12.63 0.57 -19.09
CA VAL C 151 -12.27 -0.81 -19.37
C VAL C 151 -10.79 -0.98 -19.05
N GLU C 152 -10.00 0.00 -19.51
CA GLU C 152 -8.57 -0.01 -19.29
C GLU C 152 -8.29 0.47 -17.90
N GLY C 153 -9.16 1.33 -17.37
CA GLY C 153 -8.99 1.84 -16.02
C GLY C 153 -8.47 3.25 -15.80
N ARG C 154 -8.11 3.95 -16.87
CA ARG C 154 -7.57 5.30 -16.74
C ARG C 154 -8.53 6.25 -16.02
N LEU C 155 -9.81 5.93 -16.05
CA LEU C 155 -10.81 6.72 -15.33
C LEU C 155 -11.32 5.77 -14.26
N GLN C 156 -12.21 6.25 -13.38
CA GLN C 156 -12.70 5.38 -12.32
C GLN C 156 -13.99 4.68 -12.71
N VAL C 157 -15.01 5.46 -13.04
CA VAL C 157 -16.30 4.90 -13.47
C VAL C 157 -17.19 6.03 -13.99
N ALA C 158 -18.00 5.70 -14.99
CA ALA C 158 -18.90 6.68 -15.58
C ALA C 158 -20.23 6.04 -15.90
N LYS C 159 -21.27 6.86 -15.89
CA LYS C 159 -22.60 6.38 -16.24
C LYS C 159 -23.28 7.42 -17.12
N VAL C 160 -24.33 7.01 -17.80
CA VAL C 160 -25.08 7.93 -18.64
C VAL C 160 -26.56 7.64 -18.48
N SER C 161 -27.39 8.61 -18.83
CA SER C 161 -28.82 8.45 -18.75
C SER C 161 -29.32 7.72 -20.01
N PRO C 162 -30.10 6.65 -19.85
CA PRO C 162 -30.63 5.89 -20.98
C PRO C 162 -31.66 6.73 -21.74
N ARG C 163 -32.13 6.24 -22.88
CA ARG C 163 -33.10 6.97 -23.70
C ARG C 163 -34.51 7.08 -23.13
N ALA C 164 -35.09 8.27 -23.24
CA ALA C 164 -36.44 8.52 -22.76
C ALA C 164 -37.43 8.46 -23.93
N LYS C 165 -38.62 7.97 -23.66
CA LYS C 165 -39.67 7.86 -24.68
C LYS C 165 -39.96 9.23 -25.30
N GLU C 166 -39.51 10.29 -24.65
CA GLU C 166 -39.72 11.66 -25.13
C GLU C 166 -38.42 12.21 -25.70
N GLY C 167 -37.47 11.33 -25.97
CA GLY C 167 -36.19 11.77 -26.51
C GLY C 167 -35.62 12.81 -25.59
N GLY C 168 -34.69 13.61 -26.09
CA GLY C 168 -34.10 14.66 -25.27
C GLY C 168 -32.60 14.50 -25.10
N ARG C 169 -32.09 15.01 -23.99
CA ARG C 169 -30.66 14.95 -23.74
C ARG C 169 -30.27 14.00 -22.61
N GLN C 170 -29.10 13.39 -22.74
CA GLN C 170 -28.61 12.47 -21.70
C GLN C 170 -27.44 13.15 -20.97
N VAL C 171 -27.11 12.64 -19.79
CA VAL C 171 -26.04 13.24 -19.00
C VAL C 171 -24.92 12.28 -18.59
N ILE C 172 -23.78 12.28 -19.28
CA ILE C 172 -22.70 11.39 -18.84
C ILE C 172 -22.14 11.96 -17.53
N CYS C 173 -22.05 11.08 -16.53
CA CYS C 173 -21.53 11.39 -15.21
C CYS C 173 -20.28 10.59 -14.96
N VAL C 174 -19.14 11.25 -14.85
CA VAL C 174 -17.89 10.54 -14.57
C VAL C 174 -17.51 10.82 -13.10
N TYR C 175 -17.49 9.76 -12.29
CA TYR C 175 -17.20 9.85 -10.86
C TYR C 175 -15.74 9.73 -10.47
N THR C 176 -15.34 10.54 -9.50
CA THR C 176 -14.00 10.50 -8.93
C THR C 176 -14.36 10.60 -7.45
N ASP C 177 -13.41 10.38 -6.55
CA ASP C 177 -13.79 10.39 -5.14
C ASP C 177 -12.95 11.20 -4.17
N ASP C 178 -12.86 12.49 -4.42
CA ASP C 178 -12.09 13.38 -3.57
C ASP C 178 -12.04 14.75 -4.24
N PHE C 179 -13.17 15.45 -4.19
CA PHE C 179 -13.23 16.77 -4.80
C PHE C 179 -12.30 17.70 -4.04
N THR C 180 -11.28 17.11 -3.44
CA THR C 180 -10.28 17.85 -2.69
C THR C 180 -8.92 17.62 -3.33
N ASP C 181 -8.82 16.63 -4.20
CA ASP C 181 -7.55 16.39 -4.90
C ASP C 181 -7.60 16.95 -6.32
N ARG C 182 -7.20 18.21 -6.47
CA ARG C 182 -7.22 18.88 -7.76
C ARG C 182 -6.71 18.03 -8.92
N LEU C 183 -5.56 17.40 -8.73
CA LEU C 183 -4.95 16.59 -9.78
C LEU C 183 -5.91 15.53 -10.31
N GLY C 184 -6.43 14.70 -9.41
CA GLY C 184 -7.36 13.67 -9.80
C GLY C 184 -8.55 14.21 -10.56
N VAL C 185 -9.08 15.33 -10.10
CA VAL C 185 -10.21 15.97 -10.74
C VAL C 185 -9.76 16.38 -12.15
N LEU C 186 -8.57 16.96 -12.25
CA LEU C 186 -8.04 17.37 -13.55
C LEU C 186 -7.67 16.18 -14.45
N GLU C 187 -7.07 15.14 -13.86
CA GLU C 187 -6.70 13.96 -14.64
C GLU C 187 -7.94 13.34 -15.24
N ALA C 188 -9.06 13.39 -14.51
CA ALA C 188 -10.31 12.85 -15.01
C ALA C 188 -10.72 13.63 -16.27
N ASP C 189 -10.45 14.94 -16.26
CA ASP C 189 -10.75 15.84 -17.37
C ASP C 189 -9.90 15.50 -18.61
N SER C 190 -8.71 14.97 -18.40
CA SER C 190 -7.85 14.62 -19.53
C SER C 190 -8.39 13.46 -20.35
N ALA C 191 -8.79 12.39 -19.66
CA ALA C 191 -9.33 11.23 -20.34
C ALA C 191 -10.65 11.58 -21.03
N ILE C 192 -11.53 12.28 -20.32
CA ILE C 192 -12.81 12.66 -20.89
C ILE C 192 -12.65 13.40 -22.23
N ARG C 193 -11.72 14.36 -22.29
CA ARG C 193 -11.49 15.07 -23.53
C ARG C 193 -10.86 14.12 -24.55
N ALA C 194 -9.99 13.24 -24.07
CA ALA C 194 -9.33 12.26 -24.90
C ALA C 194 -10.36 11.32 -25.51
N ALA C 195 -11.45 11.09 -24.78
CA ALA C 195 -12.50 10.25 -25.30
C ALA C 195 -13.07 10.93 -26.54
N GLY C 196 -12.65 12.18 -26.76
CA GLY C 196 -13.10 12.94 -27.89
C GLY C 196 -14.10 14.02 -27.53
N ILE C 197 -14.68 13.90 -26.34
CA ILE C 197 -15.67 14.86 -25.85
C ILE C 197 -15.10 16.28 -25.86
N LYS C 198 -15.93 17.27 -26.19
CA LYS C 198 -15.45 18.65 -26.23
C LYS C 198 -16.46 19.65 -25.71
N CYS C 199 -17.49 19.14 -25.06
CA CYS C 199 -18.56 19.96 -24.51
C CYS C 199 -18.23 20.43 -23.10
N LEU C 200 -19.04 21.33 -22.58
CA LEU C 200 -18.83 21.84 -21.24
C LEU C 200 -18.88 20.65 -20.27
N LEU C 201 -18.12 20.74 -19.18
CA LEU C 201 -18.09 19.70 -18.16
C LEU C 201 -18.24 20.33 -16.78
N THR C 202 -19.14 19.79 -15.96
CA THR C 202 -19.36 20.31 -14.62
C THR C 202 -19.09 19.24 -13.56
N TYR C 203 -18.63 19.67 -12.39
CA TYR C 203 -18.29 18.75 -11.32
C TYR C 203 -19.09 19.06 -10.06
N LYS C 204 -19.99 18.14 -9.69
CA LYS C 204 -20.83 18.28 -8.49
C LYS C 204 -20.50 17.22 -7.42
N PRO C 205 -20.13 17.67 -6.21
CA PRO C 205 -19.79 16.77 -5.09
C PRO C 205 -21.05 16.08 -4.56
N ASP C 206 -20.90 14.84 -4.10
CA ASP C 206 -22.05 14.11 -3.56
C ASP C 206 -22.60 14.85 -2.35
N VAL C 207 -21.72 15.48 -1.58
CA VAL C 207 -22.16 16.22 -0.40
C VAL C 207 -23.25 17.25 -0.72
N TYR C 208 -23.02 18.14 -1.68
CA TYR C 208 -24.05 19.11 -2.02
C TYR C 208 -25.28 18.35 -2.53
N THR C 209 -25.03 17.17 -3.08
CA THR C 209 -26.07 16.32 -3.63
C THR C 209 -26.85 15.60 -2.52
N TYR C 210 -26.15 15.15 -1.50
CA TYR C 210 -26.78 14.45 -0.38
C TYR C 210 -27.49 15.40 0.57
N LEU C 211 -27.09 16.66 0.58
CA LEU C 211 -27.72 17.63 1.46
C LEU C 211 -28.71 18.53 0.76
N GLY C 212 -29.39 17.99 -0.24
CA GLY C 212 -30.37 18.75 -1.00
C GLY C 212 -29.93 20.16 -1.34
N ILE C 213 -29.08 20.27 -2.35
CA ILE C 213 -28.56 21.55 -2.82
C ILE C 213 -28.45 21.45 -4.34
N TYR C 214 -29.58 21.59 -5.01
CA TYR C 214 -29.63 21.49 -6.46
C TYR C 214 -29.73 22.86 -7.10
N ARG C 215 -30.13 22.88 -8.37
CA ARG C 215 -30.30 24.14 -9.09
C ARG C 215 -31.35 24.93 -8.33
N ALA C 216 -30.99 26.13 -7.90
CA ALA C 216 -31.91 26.98 -7.13
C ALA C 216 -32.08 26.42 -5.72
N ASN C 217 -31.72 27.24 -4.73
CA ASN C 217 -31.83 26.87 -3.33
C ASN C 217 -31.69 28.08 -2.42
N ARG C 218 -32.53 28.10 -1.39
CA ARG C 218 -32.59 29.17 -0.41
C ARG C 218 -31.25 29.79 -0.04
N TRP C 219 -30.20 28.99 -0.12
CA TRP C 219 -28.87 29.43 0.25
C TRP C 219 -28.09 30.16 -0.85
N HIS C 220 -28.55 30.02 -2.08
CA HIS C 220 -27.88 30.63 -3.22
C HIS C 220 -26.49 30.01 -3.39
N LEU C 221 -26.34 28.77 -2.94
CA LEU C 221 -25.09 28.06 -3.10
C LEU C 221 -25.18 27.32 -4.44
N CYS C 222 -24.10 27.35 -5.21
CA CYS C 222 -24.10 26.65 -6.47
C CYS C 222 -23.39 25.31 -6.32
N PRO C 223 -23.91 24.25 -6.96
CA PRO C 223 -23.31 22.92 -6.88
C PRO C 223 -22.01 22.77 -7.68
N THR C 224 -21.82 23.61 -8.68
CA THR C 224 -20.64 23.53 -9.51
C THR C 224 -19.39 24.08 -8.84
N LEU C 225 -18.54 23.19 -8.33
CA LEU C 225 -17.29 23.62 -7.70
C LEU C 225 -16.15 23.59 -8.74
N TYR C 226 -16.46 23.07 -9.93
CA TYR C 226 -15.49 22.99 -11.00
C TYR C 226 -16.22 23.04 -12.33
N GLU C 227 -15.58 23.69 -13.29
CA GLU C 227 -16.15 23.83 -14.63
C GLU C 227 -15.03 23.65 -15.65
N SER C 228 -15.28 22.83 -16.66
CA SER C 228 -14.27 22.65 -17.69
C SER C 228 -14.82 23.04 -19.06
N ARG C 229 -14.42 24.23 -19.50
CA ARG C 229 -14.82 24.75 -20.79
C ARG C 229 -13.70 24.35 -21.78
N PHE C 230 -14.06 23.62 -22.81
CA PHE C 230 -13.05 23.25 -23.78
C PHE C 230 -12.84 24.48 -24.68
N GLN C 231 -11.68 25.10 -24.51
CA GLN C 231 -11.33 26.30 -25.26
C GLN C 231 -10.70 25.87 -26.58
N LEU C 232 -11.40 26.20 -27.67
CA LEU C 232 -11.04 25.89 -29.06
C LEU C 232 -10.00 26.80 -29.74
N GLY C 233 -9.53 26.34 -30.91
CA GLY C 233 -8.59 27.09 -31.71
C GLY C 233 -7.13 26.65 -31.72
N GLY C 234 -6.66 26.13 -30.60
CA GLY C 234 -5.27 25.72 -30.53
C GLY C 234 -4.38 26.89 -30.17
N SER C 235 -4.92 27.80 -29.36
CA SER C 235 -4.18 29.00 -28.92
C SER C 235 -4.45 29.28 -27.44
N ALA C 236 -4.75 28.21 -26.71
CA ALA C 236 -5.03 28.26 -25.27
C ALA C 236 -5.07 26.83 -24.75
N ARG C 237 -5.01 26.65 -23.43
CA ARG C 237 -5.07 25.30 -22.86
C ARG C 237 -6.39 24.66 -23.26
N GLY C 238 -6.29 23.55 -24.01
CA GLY C 238 -7.47 22.84 -24.47
C GLY C 238 -8.61 22.77 -23.48
N SER C 239 -8.32 22.47 -22.22
CA SER C 239 -9.37 22.34 -21.21
C SER C 239 -9.23 23.31 -20.03
N ARG C 240 -9.74 24.54 -20.18
CA ARG C 240 -9.68 25.52 -19.10
C ARG C 240 -10.56 25.00 -17.99
N VAL C 241 -10.01 24.89 -16.80
CA VAL C 241 -10.77 24.37 -15.68
C VAL C 241 -10.87 25.35 -14.54
N LEU C 242 -12.07 25.87 -14.35
CA LEU C 242 -12.31 26.84 -13.29
C LEU C 242 -12.63 26.19 -11.96
N ASP C 243 -11.77 26.46 -10.97
CA ASP C 243 -11.98 25.94 -9.62
C ASP C 243 -12.89 26.98 -8.97
N ARG C 244 -14.17 26.65 -8.82
CA ARG C 244 -15.13 27.57 -8.22
C ARG C 244 -15.00 27.57 -6.70
N ALA C 245 -14.13 26.71 -6.19
CA ALA C 245 -13.90 26.59 -4.75
C ALA C 245 -12.97 27.67 -4.23
N ASN C 246 -12.21 28.28 -5.16
CA ASN C 246 -11.26 29.33 -4.80
C ASN C 246 -11.29 30.45 -5.83
N ASN C 247 -12.29 30.42 -6.70
CA ASN C 247 -12.42 31.42 -7.76
C ASN C 247 -11.08 31.53 -8.46
N VAL C 248 -10.39 30.41 -8.55
CA VAL C 248 -9.09 30.37 -9.19
C VAL C 248 -9.09 29.37 -10.35
N GLU C 249 -8.22 29.64 -11.33
CA GLU C 249 -8.11 28.79 -12.51
C GLU C 249 -7.16 27.63 -12.26
N LEU C 250 -7.62 26.42 -12.50
CA LEU C 250 -6.80 25.23 -12.31
C LEU C 250 -5.99 24.88 -13.55
#